data_7PI5
#
_entry.id   7PI5
#
_cell.length_a   1.00
_cell.length_b   1.00
_cell.length_c   1.00
_cell.angle_alpha   90.00
_cell.angle_beta   90.00
_cell.angle_gamma   90.00
#
_symmetry.space_group_name_H-M   'P 1'
#
loop_
_entity.id
_entity.type
_entity.pdbx_description
1 polymer 'Photosystem II protein D1'
2 polymer 'Photosystem II CP47 reaction center protein'
3 polymer 'Photosystem II reaction center protein Ycf12'
4 polymer 'Photosystem II CP43 reaction center protein'
5 polymer 'Photosystem II D2 protein'
6 polymer 'Cytochrome b559 subunit alpha'
7 polymer 'Cytochrome b559 subunit beta'
8 polymer 'Photosystem II reaction center protein H'
9 polymer 'Photosystem II reaction center protein I'
10 polymer 'Photosystem II reaction center protein J'
11 polymer 'Photosystem II reaction center protein K'
12 polymer 'Photosystem II reaction center protein L'
13 polymer 'Photosystem II reaction center protein M'
14 polymer PsbO
15 polymer PsbP
16 polymer 'Photosystem II reaction center protein T'
17 polymer 'PSII 6.1 kDa protein'
18 polymer 'Hypothetical protein'
19 polymer 'Photosystem II reaction center protein Z'
20 polymer 'LHCII M3'
21 polymer 'Chlorophyll a-b binding protein, chloroplastic'
22 polymer CP29
23 polymer CP26
24 polymer 'LHCII M1'
25 polymer PsbU
26 non-polymer 'CA-MN4-O5 CLUSTER'
27 non-polymer 'FE (II) ION'
28 non-polymer 'CHLORIDE ION'
29 non-polymer 'CHLOROPHYLL A'
30 non-polymer 'PHEOPHYTIN A'
31 non-polymer BETA-CAROTENE
32 non-polymer 1,2-DI-O-ACYL-3-O-[6-DEOXY-6-SULFO-ALPHA-D-GLUCOPYRANOSYL]-SN-GLYCEROL
33 non-polymer 1,2-DISTEAROYL-MONOGALACTOSYL-DIGLYCERIDE
34 non-polymer 'SODIUM ION'
35 non-polymer (1~{S})-3,5,5-trimethyl-4-[(1~{E},3~{E},5~{E},7~{E},9~{E},11~{E},13~{E},15~{E},17~{E})-3,7,12,16-tetramethyl-18-[(4~{S})-2,6,6-trimethyl-4-oxidanyl-cyclohexen-1-yl]octadeca-1,3,5,7,9,11,13,15,17-nonaenyl]cyclohex-3-en-1-ol
36 non-polymer 'DIACYL GLYCEROL'
37 non-polymer GLYCEROL
38 non-polymer 'DIGALACTOSYL DIACYL GLYCEROL (DGDG)'
39 non-polymer 1,2-DIPALMITOYL-PHOSPHATIDYL-GLYCEROLE
40 non-polymer trimethyl-[(2~{R})-1-oxidanyl-1-oxidanylidene-4-[(2~{S})-2-[(1~{S})-1-oxidanyloctadecoxy]-3-[(1~{R})-1-oxidanyloctadecoxy]propoxy]butan-2-yl]azanium
41 non-polymer 'BICARBONATE ION'
42 non-polymer 2,3-DIMETHYL-5-(3,7,11,15,19,23,27,31,35-NONAMETHYL-2,6,10,14,18,22,26,30,34-HEXATRIACONTANONAENYL-2,5-CYCLOHEXADIENE-1,4-DIONE-2,3-DIMETHYL-5-SOLANESYL-1,4-BENZOQUINONE
43 non-polymer 'PROTOPORPHYRIN IX CONTAINING FE'
44 non-polymer (3R)-beta,beta-caroten-3-ol
45 non-polymer 'CHLOROPHYLL B'
46 non-polymer "(3R,3'R,6S)-4,5-DIDEHYDRO-5,6-DIHYDRO-BETA,BETA-CAROTENE-3,3'-DIOL"
47 non-polymer "(3S,5R,6S,3'S,5'R,6'S)-5,6,5',6'-DIEPOXY-5,6,5',6'- TETRAHYDRO-BETA,BETA-CAROTENE-3,3'-DIOL"
48 non-polymer (1R,3R)-6-{(3E,5E,7E,9E,11E,13E,15E,17E)-18-[(1S,4R,6R)-4-HYDROXY-2,2,6-TRIMETHYL-7-OXABICYCLO[4.1.0]HEPT-1-YL]-3,7,12,16-TETRAMETHYLOCTADECA-1,3,5,7,9,11,13,15,17-NONAENYLIDENE}-1,5,5-TRIMETHYLCYCLOHEXANE-1,3-DIOL
49 non-polymer '(2S)-3-{[(R)-(2-aminoethoxy)(hydroxy)phosphoryl]oxy}-2-hydroxypropyl hexadecanoate'
50 non-polymer 1,2-DIACYL-GLYCEROL-3-SN-PHOSPHATE
51 non-polymer SPHINGOSINE
52 water water
#
loop_
_entity_poly.entity_id
_entity_poly.type
_entity_poly.pdbx_seq_one_letter_code
_entity_poly.pdbx_strand_id
1 'polypeptide(L)'
;ENTSLWARFCEWITSTENRLYIGWFGVIMIPTLLTAISVYIIAFIAAPPVDIDGIREPVSGSLLYGNNIITGAVVPTSNA
IGLHFYPIWEAASLDEWLYNGGPYQLVVCHFFLGVCCYMGREWELSYRLGMRPWIAVAYSAPVAAATAVFIIYPIGQGSF
SDGMPLGISGTFNFMIVFQAEHNILMHPFHMFGVAGVFGGSLFSAMHGSLVTSSLIRETTENESANAGYKFGQEEETYNI
VAAHGYFGRLIFQYASFNNSRSLHFFLAVWPVVCIWLTALGISTMAFNLNGFNFNQSVVDSNGRVLNTWADIINRANLGM
EVMHERNAHNFPLDLA
;
A,a
2 'polypeptide(L)'
;GLPWYRVHTVVINDPGRLISVHLMHTALVAGWAGAMTLFEIAVFDPSDPVLNPMWRQGMFVLPFLTRLGVTQSWGGWTIS
GETSSNPGIWSYEGAAASHIVLSGLLFLASVWHWVYWDLELFRDPRTGKTALDLPKIFGIHLFLAGLLCFGFGAFHVTGV
FGPGIWVSDPYGLTGSVQPVAPSWGAEGFDPYNPGGVPAHHIAAGILGVLAGLFHLCVRPSIRLYFGLSMGSIESVLSSS
IAAVFWAAFVVAGTMWYGSAATPIELFGPTRYQWDQGFFQQEIQKRVAQSTSEGLSVSEAWAKIPEKLAFYDYIGNNPAK
GGLFRTGAMNSGDGIAVGWLGHASFKDQEGRELFVRRMPTFFETFPVVLIDKDGVVRADVPFRKAESKYSIEQVGVSVTF
YGGELNGLTFTDPSTVKKYARKAQLGEIFEFDRSTLQSDGVFRSSPRGWFTFGHLSFALLFFFGHIWHGSRTIFRDVFAG
IDED
;
B,b
3 'polypeptide(L)' SLTLILQLVALFAVVAAGPLVVVLLSVRGGNL V,v
4 'polypeptide(L)'
;GRDQETTGFAWWAGNARLINLSGKLLGAHVAHAGLIVFWAGAMNLFEVSHFVPEKPMYEQGLILLPHIATLGYGVGPGGE
VLDTFPYFVSGVLHLISSAVLGFGGVYHSLIGPETLEESYPFFGYVWKDKNKMTNILGYHLIILGCGAWLLVLKALYFGG
VYDTWAPGGGDVRIISNPTTNAAIIFGYIVKSPFGGDGWIVSVDNLEDIIGGHIWIGTLCILGGIWHIYTTPWPWARRAF
VWSGEAYLSYSLAAVSLMGFTACCFAWFNNTAYPSEFYGPTGPEASQAQAFTFLVRDQRLGANVASAQGPTGLGKYLMRS
PTGEIIFGGETMRFWDFRGPWVEPLRGPSGLDLVKLKNDIQPWQERRAAEYMTHAPLGSLNSVGGVATEINAVNFVSPRS
WLATSHFCLGFFFFVGHLWHAGRARAAAAGFEKGIDRVDEPVLSMRPLD
;
C,c
5 'polypeptide(L)'
;IGTYQEKRTWFDDADDWLRQDRFVFVGWSGLLLLPCAYFAVGGWLTGCTFVTSWYTHGLASSYIEGCNFLTAAVSTPANS
LGHSLLFVWGPEAQGDLTRWFQLGGLWAFVALHGAFGLIGFMLRQFEIARSVNLRPYNAIAFSAPIAVFVSVFLIYPLGQ
SGWFFAPSFGVASIFRFILFFQGFHNWTLNPFHMMGVAGVLGAALLCAIHGATVENTLFEDGDGANTFRAFNPTQAEETY
SMVTANRFWSQIFGVAFSNKRWLHFFMLFVPVTGLWMSALGVVGLALNLRAYDFVSQEIRAAEDPEFETFYTKNILLNEG
IRAWMAAQDQPHEKLTLPEEVLPRGNAL
;
D,d
6 'polypeptide(L)' ERPFSDILTSIRYWVIHSITVPSLFIAGWLFVSTGLAYDVFGSPRPNEYFTEDRQDAPLITDRFNALEQVKKLSAQ E,e
7 'polypeptide(L)' IFTVRWLAIHAIAVPTIFFLGAITAMQFIQR F,f
8 'polypeptide(L)' EPGIVTPLGTLLRPLNSEAGKVLPGWGTTVLMAVAILLFAVFLLIILEIYNSSLILDGVTNSWESLA H,h
9 'polypeptide(L)' MLTLKIFVYTVVTFFVGLFIFGFLSNDPSRNPGKG I,i
10 'polypeptide(L)' IGRIPLWLVGTVVGLLAIGLLAIFFYGSYVGLGSSL J,j
11 'polypeptide(L)' KLPEAYAPFSPIVDVLPIIPVLFILLAFVWQASVSFR K,k
12 'polypeptide(L)' MARPNPNKQVVELNRSSLYWGLLLIFVLAVLFSSYIFN L,l
13 'polypeptide(L)' EVNILGLTATALFIIIPTSFLLILYVKTAASE M,m
14 'polypeptide(L)'
;LTYDELQGLTYLQVKGTGIANTCPVVEQGTSNVRELKPGDYKLEKFCMEPTSFTVKEEDAKGREEFVKTKLLTRLTYGLD
GMNGSMKINNDGSVEFREDEGLDYAATTVKLPGGEYVPFLFTIKEFDGKGTLDSFSGDFLVPSYRGSTFLDPKGRGGATG
YDNAIALPAKADADEIQRLNNKSYTPGKGSAVFSVAKVDTETGEIAGVFESIQPSDTEMGAHPAKDIKITGLWYGQLT
;
O,o
15 'polypeptide(L)'
;AYGEGANVFGRVTNKSGFVPYAGDSFALLLPSKWNPSDEKEVDSIVLRYADNFDAVNNVYVIAQDTDKSSIQDYGSPEEF
ISQFGYLLGRQAWAGQTVSEGGFDANKVSSAALLGVATEKDKKGKTYYKFEILSRTADGNEGGRHQLVKATVSNGKLYLL
KVQAGDKRWFKGTDKECLGVLDSFTVV
;
P,p
16 'polypeptide(L)' MEALVYTFLLIGTLGIIFFSIFFREPPRIA T,t
17 'polypeptide(L)' LVDDRMNGDGTGLPFGVNDGILGWVIAGTLGTIWAIYFVSQKDL W,w
18 'polypeptide(L)' SVTPSLKNFLLSLVAGAVVLAAIAGAVTAV X,x
19 'polypeptide(L)' MTSILQIALLGLVLVSFALVVGVPVVFASPNGWTENKGVVFSGLSVWFLLVFAVGVFNSFA Z,z
20 'polypeptide(L)'
;TINQFYGPDRNKWLGPYSTNTPPYLTGEFPGDYGWDTAGLSADPETFKRYRELELIHARWALLGALGMVTPELLQDDDGI
MFGESAIWFKAGAAIFQEGGLNYLGNPSLIHAQNIVATLAVQVVLMGLVEGYRVNGGPAGEGLDPLYPGEAFDPLGLADD
PEAFAELKVKEIKNGRLAMFACLGFFVQAIVTGKGPIENLTDHLANPAENNAFAYATKFTPQ
;
N,n
21 'polypeptide(L)'
;EFYGPDRAKFLGPFSENDTPEYLTGEFPGDYGWDTAGLSADPQTFARYREIELIHARWALLGALGILTPELLSQYAGVQF
GEPVWFKAGAQIFAAGGLNYLGNESLIHAQSIIATLAVQVVLMGLAEAYRANGGSEGFLDDLDTLYPGGAFDPLGLADDP
DTFAELKVKEIKNGRLAMFSCLGFFVQAIVTGKGPVQNLTDHLADPTVNNAFASATKFTPG
;
G,g
22 'polypeptide(L)'
;SLSYLDGHLPGDMGFDPLHLSSPTVSLQIGVDEEDQNQAQNKKGDVEAIFRPEVFGLARFRETEVIHGRWAMLGTLGAIV
GEAATGVSWVDAGKVELDGAQYLGQSLPFSISQLIWIEAILVGGVEVLRNNELDLEKRIYPGGAFDPLNLADEEDEEKSF
RLKTAEIKHGRLAMVAFLGFGIQAAATGEGALGSLAKFTSSL
;
R,r
23 'polypeptide(L)'
;PDLEKWYGPDRKLFLPGGLLDRDDVPEYLNGELAGDYGYDPLGLGKDEEQVEKYRANELLHARWAMLAAAGIIIPEGLQA
NGADIKGGTWFETGAEMLNGGTLNYFAVPFGVVQNPLPLAAVTLIEIVLLGAVEKFRVDGTGPAGFSPGVGKFDSDIFDG
LDKLYPGGPFDPLNLADDPEVFAELQVKEIKNGRLAMIAVLAFAIQSYVTGEGPYANITKHLSDPFGYNLLTVLQGDDRV
PTL
;
S,s
24 'polypeptide(L)'
;SAWYGPDRPLFLGSLSGEPPSYLTGEFPGDYGWDTAGLSADPTTFARYRTIELIHARWALLGALGIITPELLAKNGVPFS
EDGAIWFKAGAEIFKEGGLNYLGNENLIHAQSILATLAVQVIVMGAAEGFRANGEAPGVEGLDPLYPGGPFDPLGLADDP
EAFAELKVKEIKNGRLAMFSCLGFFVQAIVTGKGPIQNLQDHLADPGVNNAFASATKFVPTP
;
Y,y
25 'polypeptide(L)' QRVRTVLDMDDPAKEETVKELRKDINN U,u
#
loop_
_chem_comp.id
_chem_comp.type
_chem_comp.name
_chem_comp.formula
3PH non-polymer 1,2-DIACYL-GLYCEROL-3-SN-PHOSPHATE 'C39 H77 O8 P'
BCR non-polymer BETA-CAROTENE 'C40 H56'
BCT non-polymer 'BICARBONATE ION' 'C H O3 -1'
C7Z non-polymer (1~{S})-3,5,5-trimethyl-4-[(1~{E},3~{E},5~{E},7~{E},9~{E},11~{E},13~{E},15~{E},17~{E})-3,7,12,16-tetramethyl-18-[(4~{S})-2,6,6-trimethyl-4-oxidanyl-cyclohexen-1-yl]octadeca-1,3,5,7,9,11,13,15,17-nonaenyl]cyclohex-3-en-1-ol 'C40 H56 O2'
CHL non-polymer 'CHLOROPHYLL B' 'C55 H70 Mg N4 O6 2'
CL non-polymer 'CHLORIDE ION' 'Cl -1'
CLA non-polymer 'CHLOROPHYLL A' 'C55 H72 Mg N4 O5'
DGA non-polymer 'DIACYL GLYCEROL' 'C39 H76 O5'
DGD saccharide 'DIGALACTOSYL DIACYL GLYCEROL (DGDG)' 'C51 H96 O15'
FE2 non-polymer 'FE (II) ION' 'Fe 2'
GOL non-polymer GLYCEROL 'C3 H8 O3'
HEM non-polymer 'PROTOPORPHYRIN IX CONTAINING FE' 'C34 H32 Fe N4 O4'
LHG non-polymer 1,2-DIPALMITOYL-PHOSPHATIDYL-GLYCEROLE 'C38 H75 O10 P'
LMG non-polymer 1,2-DISTEAROYL-MONOGALACTOSYL-DIGLYCERIDE 'C45 H86 O10'
LMK non-polymer trimethyl-[(2~{R})-1-oxidanyl-1-oxidanylidene-4-[(2~{S})-2-[(1~{S})-1-oxidanyloctadecoxy]-3-[(1~{R})-1-oxidanyloctadecoxy]propoxy]butan-2-yl]azanium 'C46 H94 N O7 1'
LPX non-polymer '(2S)-3-{[(R)-(2-aminoethoxy)(hydroxy)phosphoryl]oxy}-2-hydroxypropyl hexadecanoate' 'C21 H44 N O7 P'
LUT non-polymer (3R,3'R,6S)-4,5-DIDEHYDRO-5,6-DIHYDRO-BETA,BETA-CAROTENE-3,3'-DIOL 'C40 H56 O2'
NA non-polymer 'SODIUM ION' 'Na 1'
NEX non-polymer (1R,3R)-6-{(3E,5E,7E,9E,11E,13E,15E,17E)-18-[(1S,4R,6R)-4-HYDROXY-2,2,6-TRIMETHYL-7-OXABICYCLO[4.1.0]HEPT-1-YL]-3,7,12,16-TETRAMETHYLOCTADECA-1,3,5,7,9,11,13,15,17-NONAENYLIDENE}-1,5,5-TRIMETHYLCYCLOHEXANE-1,3-DIOL 'C40 H56 O4'
OEX non-polymer 'CA-MN4-O5 CLUSTER' 'Ca Mn4 O5'
PHO non-polymer 'PHEOPHYTIN A' 'C55 H74 N4 O5'
PL9 non-polymer 2,3-DIMETHYL-5-(3,7,11,15,19,23,27,31,35-NONAMETHYL-2,6,10,14,18,22,26,30,34-HEXATRIACONTANONAENYL-2,5-CYCLOHEXADIENE-1,4-DIONE-2,3-DIMETHYL-5-SOLANESYL-1,4-BENZOQUINONE 'C53 H80 O2'
RRX non-polymer (3R)-beta,beta-caroten-3-ol 'C40 H56 O'
SPH non-polymer SPHINGOSINE 'C18 H37 N O2'
SQD non-polymer 1,2-DI-O-ACYL-3-O-[6-DEOXY-6-SULFO-ALPHA-D-GLUCOPYRANOSYL]-SN-GLYCEROL 'C41 H78 O12 S'
XAT non-polymer '(3S,5R,6S,3'S,5'R,6'S)-5,6,5',6'-DIEPOXY-5,6,5',6'- TETRAHYDRO-BETA,BETA-CAROTENE-3,3'-DIOL' 'C40 H56 O4'
#
# COMPACT_ATOMS: atom_id res chain seq x y z
N GLU A 1 12.79 10.50 -62.82
CA GLU A 1 11.60 11.05 -62.18
C GLU A 1 11.16 10.19 -60.99
N ASN A 2 12.16 9.60 -60.31
CA ASN A 2 11.98 8.77 -59.12
C ASN A 2 11.06 7.58 -59.40
N THR A 3 11.24 6.95 -60.55
CA THR A 3 10.52 5.72 -60.89
C THR A 3 11.37 4.47 -60.69
N SER A 4 12.62 4.63 -60.25
CA SER A 4 13.52 3.50 -60.04
C SER A 4 13.74 3.28 -58.55
N LEU A 5 14.18 2.06 -58.22
CA LEU A 5 14.25 1.63 -56.83
C LEU A 5 15.25 2.47 -56.04
N TRP A 6 16.45 2.68 -56.57
CA TRP A 6 17.44 3.45 -55.82
C TRP A 6 17.04 4.92 -55.74
N ALA A 7 16.33 5.42 -56.75
CA ALA A 7 15.85 6.80 -56.70
C ALA A 7 14.84 7.00 -55.58
N ARG A 8 13.84 6.12 -55.49
CA ARG A 8 12.87 6.25 -54.40
C ARG A 8 13.49 5.94 -53.05
N PHE A 9 14.47 5.03 -53.00
CA PHE A 9 15.16 4.74 -51.75
C PHE A 9 15.94 5.96 -51.27
N CYS A 10 16.64 6.63 -52.19
CA CYS A 10 17.37 7.85 -51.84
C CYS A 10 16.43 8.97 -51.42
N GLU A 11 15.30 9.11 -52.12
CA GLU A 11 14.35 10.16 -51.76
C GLU A 11 13.63 9.86 -50.45
N TRP A 12 13.55 8.59 -50.04
CA TRP A 12 12.96 8.28 -48.73
C TRP A 12 13.97 8.43 -47.61
N ILE A 13 15.21 8.00 -47.84
CA ILE A 13 16.26 8.11 -46.82
C ILE A 13 16.59 9.58 -46.57
N THR A 14 16.71 10.37 -47.64
CA THR A 14 17.06 11.77 -47.55
C THR A 14 15.89 12.63 -47.05
N SER A 15 14.67 12.10 -47.11
CA SER A 15 13.47 12.87 -46.81
C SER A 15 13.46 13.43 -45.40
N THR A 16 13.08 14.69 -45.28
CA THR A 16 12.93 15.36 -43.99
C THR A 16 11.51 15.24 -43.46
N GLU A 17 10.61 14.57 -44.19
CA GLU A 17 9.24 14.38 -43.72
C GLU A 17 9.11 13.24 -42.73
N ASN A 18 10.16 12.47 -42.51
CA ASN A 18 10.12 11.39 -41.54
C ASN A 18 10.06 11.97 -40.13
N ARG A 19 9.44 11.21 -39.22
CA ARG A 19 9.39 11.61 -37.82
C ARG A 19 10.78 11.71 -37.22
N LEU A 20 11.63 10.73 -37.51
CA LEU A 20 13.04 10.78 -37.15
C LEU A 20 13.84 10.71 -38.44
N TYR A 21 14.72 11.69 -38.63
CA TYR A 21 15.54 11.73 -39.84
C TYR A 21 16.52 10.57 -39.86
N ILE A 22 16.58 9.85 -40.97
CA ILE A 22 17.46 8.71 -41.08
C ILE A 22 18.77 9.13 -41.74
N GLY A 23 18.70 9.49 -43.02
CA GLY A 23 19.87 9.89 -43.74
C GLY A 23 20.87 8.78 -44.03
N TRP A 24 21.88 9.13 -44.83
CA TRP A 24 22.91 8.16 -45.17
C TRP A 24 23.83 7.86 -43.99
N PHE A 25 23.90 8.76 -43.00
CA PHE A 25 24.57 8.40 -41.76
C PHE A 25 23.64 7.60 -40.85
N GLY A 26 22.33 7.77 -41.01
CA GLY A 26 21.39 7.03 -40.19
C GLY A 26 21.25 5.58 -40.62
N VAL A 27 21.53 5.28 -41.89
CA VAL A 27 21.45 3.89 -42.33
C VAL A 27 22.51 3.02 -41.65
N ILE A 28 23.54 3.65 -41.07
CA ILE A 28 24.47 2.94 -40.22
C ILE A 28 24.23 3.22 -38.73
N MET A 29 23.72 4.41 -38.39
CA MET A 29 23.44 4.74 -36.99
C MET A 29 22.37 3.82 -36.42
N ILE A 30 21.28 3.61 -37.15
CA ILE A 30 20.14 2.83 -36.66
C ILE A 30 20.46 1.36 -36.40
N PRO A 31 21.06 0.59 -37.33
CA PRO A 31 21.24 -0.84 -37.01
C PRO A 31 22.30 -1.09 -35.96
N THR A 32 23.41 -0.34 -35.98
CA THR A 32 24.44 -0.52 -34.96
C THR A 32 23.93 -0.16 -33.57
N LEU A 33 23.21 0.96 -33.45
CA LEU A 33 22.72 1.35 -32.14
C LEU A 33 21.58 0.47 -31.68
N LEU A 34 20.76 -0.05 -32.60
CA LEU A 34 19.73 -1.01 -32.19
C LEU A 34 20.35 -2.32 -31.72
N THR A 35 21.41 -2.77 -32.39
CA THR A 35 22.13 -3.96 -31.95
C THR A 35 22.74 -3.75 -30.58
N ALA A 36 23.37 -2.58 -30.37
CA ALA A 36 23.97 -2.28 -29.08
C ALA A 36 22.93 -2.18 -27.98
N ILE A 37 21.77 -1.57 -28.28
CA ILE A 37 20.69 -1.45 -27.30
C ILE A 37 20.18 -2.83 -26.91
N SER A 38 19.94 -3.69 -27.91
CA SER A 38 19.41 -5.02 -27.63
C SER A 38 20.38 -5.85 -26.81
N VAL A 39 21.65 -5.86 -27.20
CA VAL A 39 22.64 -6.67 -26.49
C VAL A 39 22.89 -6.10 -25.09
N TYR A 40 22.92 -4.77 -24.96
CA TYR A 40 23.11 -4.16 -23.65
C TYR A 40 21.97 -4.48 -22.70
N ILE A 41 20.73 -4.41 -23.19
CA ILE A 41 19.58 -4.67 -22.34
C ILE A 41 19.56 -6.15 -21.93
N ILE A 42 19.78 -7.05 -22.88
CA ILE A 42 19.73 -8.47 -22.57
C ILE A 42 20.87 -8.87 -21.64
N ALA A 43 22.06 -8.28 -21.84
CA ALA A 43 23.19 -8.58 -20.97
C ALA A 43 22.98 -8.02 -19.57
N PHE A 44 22.46 -6.79 -19.47
CA PHE A 44 22.17 -6.19 -18.18
C PHE A 44 21.13 -6.97 -17.41
N ILE A 45 20.16 -7.56 -18.12
CA ILE A 45 19.12 -8.32 -17.43
C ILE A 45 19.61 -9.70 -17.02
N ALA A 46 20.21 -10.46 -17.95
CA ALA A 46 20.44 -11.88 -17.68
C ALA A 46 21.79 -12.38 -18.16
N ALA A 47 22.83 -11.54 -18.13
CA ALA A 47 24.12 -12.07 -18.56
C ALA A 47 24.74 -12.94 -17.45
N PRO A 48 25.31 -14.08 -17.81
CA PRO A 48 26.02 -14.90 -16.81
C PRO A 48 27.28 -14.20 -16.36
N PRO A 49 27.86 -14.59 -15.22
CA PRO A 49 29.02 -13.87 -14.68
C PRO A 49 30.21 -13.88 -15.63
N VAL A 50 30.89 -12.74 -15.70
CA VAL A 50 31.94 -12.47 -16.67
C VAL A 50 33.27 -12.40 -15.92
N ASP A 51 34.24 -13.20 -16.37
CA ASP A 51 35.57 -13.18 -15.81
C ASP A 51 36.34 -12.01 -16.43
N ILE A 52 36.40 -10.90 -15.71
CA ILE A 52 37.01 -9.67 -16.24
C ILE A 52 38.52 -9.67 -16.06
N ASP A 53 39.01 -10.11 -14.91
CA ASP A 53 40.43 -9.98 -14.61
C ASP A 53 41.26 -11.12 -15.16
N GLY A 54 40.64 -12.05 -15.88
CA GLY A 54 41.38 -13.14 -16.50
C GLY A 54 42.04 -14.08 -15.54
N ILE A 55 41.54 -14.18 -14.31
CA ILE A 55 42.16 -15.00 -13.28
C ILE A 55 41.15 -16.03 -12.80
N ARG A 56 40.26 -16.44 -13.69
CA ARG A 56 39.16 -17.38 -13.39
C ARG A 56 38.31 -16.87 -12.23
N GLU A 57 37.99 -15.58 -12.27
CA GLU A 57 37.22 -14.91 -11.21
C GLU A 57 36.10 -14.09 -11.84
N PRO A 58 34.88 -14.59 -11.88
CA PRO A 58 33.80 -13.88 -12.57
C PRO A 58 33.05 -12.87 -11.72
N VAL A 59 32.74 -11.72 -12.31
CA VAL A 59 31.91 -10.68 -11.72
C VAL A 59 30.50 -10.84 -12.26
N SER A 60 29.49 -10.65 -11.40
CA SER A 60 28.13 -11.00 -11.80
C SER A 60 27.54 -9.97 -12.77
N GLY A 61 27.36 -8.73 -12.31
CA GLY A 61 26.96 -7.66 -13.21
C GLY A 61 25.52 -7.58 -13.65
N SER A 62 24.81 -8.71 -13.74
CA SER A 62 23.46 -8.72 -14.28
C SER A 62 22.44 -8.97 -13.17
N LEU A 63 21.25 -8.35 -13.34
CA LEU A 63 20.22 -8.35 -12.31
C LEU A 63 19.78 -9.75 -11.93
N LEU A 64 19.58 -10.62 -12.93
CA LEU A 64 19.14 -11.99 -12.65
C LEU A 64 20.18 -12.79 -11.89
N TYR A 65 21.42 -12.33 -11.80
CA TYR A 65 22.44 -13.00 -11.01
C TYR A 65 22.68 -12.30 -9.67
N GLY A 66 21.75 -11.44 -9.25
CA GLY A 66 21.76 -10.97 -7.89
C GLY A 66 22.35 -9.61 -7.58
N ASN A 67 21.95 -8.57 -8.32
CA ASN A 67 22.32 -7.21 -7.97
C ASN A 67 21.27 -6.26 -8.52
N ASN A 68 21.38 -4.99 -8.11
CA ASN A 68 20.37 -3.99 -8.41
C ASN A 68 20.81 -3.09 -9.55
N ILE A 69 20.05 -2.02 -9.79
CA ILE A 69 20.34 -1.10 -10.90
C ILE A 69 21.66 -0.38 -10.69
N ILE A 70 21.92 0.06 -9.46
CA ILE A 70 23.14 0.83 -9.18
C ILE A 70 24.38 -0.02 -9.37
N THR A 71 24.36 -1.25 -8.86
CA THR A 71 25.53 -2.13 -8.94
C THR A 71 25.49 -3.08 -10.13
N GLY A 72 24.43 -3.05 -10.93
CA GLY A 72 24.39 -3.86 -12.13
C GLY A 72 25.11 -3.17 -13.27
N ALA A 73 25.83 -3.97 -14.07
CA ALA A 73 26.61 -3.42 -15.16
C ALA A 73 26.90 -4.50 -16.19
N VAL A 74 27.13 -4.08 -17.42
CA VAL A 74 27.69 -4.95 -18.45
C VAL A 74 29.20 -4.88 -18.31
N VAL A 75 29.81 -6.05 -18.08
CA VAL A 75 31.19 -6.17 -17.62
C VAL A 75 32.15 -6.15 -18.81
N PRO A 76 33.26 -5.43 -18.73
CA PRO A 76 34.26 -5.44 -19.80
C PRO A 76 34.84 -6.82 -20.09
N THR A 77 35.48 -6.92 -21.25
CA THR A 77 35.97 -8.17 -21.81
C THR A 77 37.09 -8.74 -20.92
N SER A 78 37.33 -10.04 -21.05
CA SER A 78 38.30 -10.75 -20.23
C SER A 78 39.71 -10.19 -20.44
N ASN A 79 40.48 -10.20 -19.36
CA ASN A 79 41.86 -9.69 -19.39
C ASN A 79 42.74 -10.57 -20.26
N ALA A 80 42.53 -11.89 -20.22
CA ALA A 80 43.32 -12.81 -21.02
C ALA A 80 43.12 -12.60 -22.51
N ILE A 81 41.95 -12.10 -22.92
CA ILE A 81 41.72 -11.79 -24.32
C ILE A 81 42.57 -10.60 -24.75
N GLY A 82 42.56 -9.53 -23.96
CA GLY A 82 43.18 -8.30 -24.39
C GLY A 82 42.23 -7.53 -25.31
N LEU A 83 42.82 -6.78 -26.24
CA LEU A 83 42.06 -6.05 -27.25
C LEU A 83 42.10 -6.87 -28.54
N HIS A 84 41.58 -8.10 -28.44
CA HIS A 84 41.86 -9.11 -29.46
C HIS A 84 40.68 -9.35 -30.41
N PHE A 85 39.64 -8.51 -30.36
CA PHE A 85 38.47 -8.62 -31.24
C PHE A 85 37.77 -9.96 -31.11
N TYR A 86 37.02 -10.14 -30.04
CA TYR A 86 36.32 -11.38 -29.72
C TYR A 86 34.83 -11.31 -30.05
N PRO A 87 34.40 -11.65 -31.28
CA PRO A 87 32.95 -11.72 -31.55
C PRO A 87 32.39 -13.12 -31.34
N ILE A 88 31.07 -13.26 -31.51
CA ILE A 88 30.38 -14.50 -31.17
C ILE A 88 30.95 -15.67 -31.96
N TRP A 89 31.15 -15.47 -33.26
CA TRP A 89 31.64 -16.56 -34.10
C TRP A 89 33.07 -16.96 -33.77
N GLU A 90 33.85 -16.09 -33.11
CA GLU A 90 35.17 -16.53 -32.70
C GLU A 90 35.16 -17.33 -31.41
N ALA A 91 34.00 -17.46 -30.77
CA ALA A 91 33.87 -18.27 -29.57
C ALA A 91 33.44 -19.69 -29.93
N ALA A 92 33.76 -20.63 -29.05
CA ALA A 92 33.32 -22.00 -29.25
C ALA A 92 31.83 -22.15 -29.01
N SER A 93 31.29 -21.38 -28.07
CA SER A 93 29.88 -21.44 -27.73
C SER A 93 29.46 -20.10 -27.15
N LEU A 94 28.13 -19.91 -27.05
CA LEU A 94 27.60 -18.70 -26.44
C LEU A 94 27.95 -18.63 -24.97
N ASP A 95 28.04 -19.78 -24.28
CA ASP A 95 28.43 -19.77 -22.87
C ASP A 95 29.86 -19.28 -22.70
N GLU A 96 30.77 -19.72 -23.56
CA GLU A 96 32.15 -19.26 -23.52
C GLU A 96 32.24 -17.77 -23.88
N TRP A 97 31.47 -17.35 -24.90
CA TRP A 97 31.44 -15.95 -25.29
C TRP A 97 30.96 -15.06 -24.15
N LEU A 98 29.96 -15.52 -23.41
CA LEU A 98 29.45 -14.76 -22.28
C LEU A 98 30.41 -14.80 -21.10
N TYR A 99 31.14 -15.91 -20.93
CA TYR A 99 32.12 -15.99 -19.86
C TYR A 99 33.31 -15.06 -20.11
N ASN A 100 33.66 -14.83 -21.37
CA ASN A 100 34.86 -14.08 -21.71
C ASN A 100 34.59 -12.59 -22.00
N GLY A 101 33.36 -12.12 -21.85
CA GLY A 101 33.10 -10.69 -21.94
C GLY A 101 32.87 -10.14 -23.33
N GLY A 102 32.44 -10.98 -24.28
CA GLY A 102 32.11 -10.55 -25.62
C GLY A 102 31.00 -9.53 -25.78
N PRO A 103 29.94 -9.56 -24.95
CA PRO A 103 28.94 -8.48 -25.05
C PRO A 103 29.49 -7.09 -24.91
N TYR A 104 30.51 -6.89 -24.09
CA TYR A 104 31.10 -5.56 -23.94
C TYR A 104 31.75 -5.10 -25.24
N GLN A 105 32.52 -5.97 -25.90
CA GLN A 105 33.12 -5.61 -27.17
C GLN A 105 32.06 -5.29 -28.22
N LEU A 106 31.01 -6.11 -28.26
CA LEU A 106 29.94 -5.88 -29.24
C LEU A 106 29.26 -4.52 -29.01
N VAL A 107 28.87 -4.25 -27.76
CA VAL A 107 28.15 -3.02 -27.44
C VAL A 107 29.05 -1.81 -27.64
N VAL A 108 30.32 -1.90 -27.28
CA VAL A 108 31.23 -0.76 -27.39
C VAL A 108 31.54 -0.44 -28.85
N CYS A 109 31.79 -1.46 -29.67
CA CYS A 109 32.04 -1.23 -31.10
C CYS A 109 30.81 -0.63 -31.77
N HIS A 110 29.63 -1.19 -31.50
CA HIS A 110 28.41 -0.66 -32.11
C HIS A 110 28.09 0.73 -31.60
N PHE A 111 28.38 1.02 -30.32
CA PHE A 111 28.12 2.34 -29.77
C PHE A 111 29.06 3.39 -30.35
N PHE A 112 30.32 3.02 -30.58
CA PHE A 112 31.27 3.93 -31.21
C PHE A 112 30.83 4.27 -32.62
N LEU A 113 30.45 3.25 -33.41
CA LEU A 113 29.95 3.50 -34.75
C LEU A 113 28.67 4.33 -34.72
N GLY A 114 27.80 4.06 -33.74
CA GLY A 114 26.56 4.78 -33.64
C GLY A 114 26.73 6.25 -33.30
N VAL A 115 27.65 6.57 -32.38
CA VAL A 115 27.84 7.98 -32.04
C VAL A 115 28.55 8.72 -33.17
N CYS A 116 29.45 8.05 -33.89
CA CYS A 116 30.08 8.68 -35.05
CA CYS A 116 30.08 8.68 -35.05
C CYS A 116 29.03 8.98 -36.12
N CYS A 117 28.15 8.02 -36.40
CA CYS A 117 27.09 8.27 -37.36
C CYS A 117 26.04 9.21 -36.81
N TYR A 118 25.98 9.39 -35.49
CA TYR A 118 25.07 10.39 -34.92
C TYR A 118 25.60 11.79 -35.18
N MET A 119 26.93 12.00 -35.08
CA MET A 119 27.50 13.28 -35.50
C MET A 119 27.23 13.51 -36.98
N GLY A 120 27.43 12.48 -37.79
CA GLY A 120 27.19 12.61 -39.22
C GLY A 120 25.73 12.92 -39.54
N ARG A 121 24.80 12.30 -38.81
CA ARG A 121 23.39 12.56 -39.03
C ARG A 121 22.98 13.95 -38.57
N GLU A 122 23.59 14.44 -37.49
CA GLU A 122 23.36 15.82 -37.07
C GLU A 122 23.79 16.79 -38.16
N TRP A 123 24.98 16.56 -38.75
CA TRP A 123 25.39 17.38 -39.88
C TRP A 123 24.43 17.25 -41.05
N GLU A 124 23.96 16.03 -41.31
CA GLU A 124 23.10 15.80 -42.46
C GLU A 124 21.78 16.54 -42.33
N LEU A 125 21.18 16.51 -41.14
CA LEU A 125 19.94 17.24 -40.96
C LEU A 125 20.18 18.76 -41.00
N SER A 126 21.32 19.21 -40.45
CA SER A 126 21.65 20.63 -40.55
C SER A 126 21.83 21.07 -42.01
N TYR A 127 22.35 20.17 -42.85
CA TYR A 127 22.51 20.49 -44.26
C TYR A 127 21.17 20.48 -44.99
N ARG A 128 20.32 19.49 -44.71
CA ARG A 128 19.03 19.41 -45.39
C ARG A 128 18.07 20.50 -44.95
N LEU A 129 18.25 21.06 -43.75
CA LEU A 129 17.39 22.12 -43.25
C LEU A 129 17.93 23.51 -43.54
N GLY A 130 19.05 23.62 -44.26
CA GLY A 130 19.61 24.92 -44.55
C GLY A 130 20.26 25.60 -43.36
N MET A 131 20.68 24.84 -42.37
CA MET A 131 21.27 25.39 -41.15
C MET A 131 22.79 25.49 -41.28
N ARG A 132 23.39 26.06 -40.25
CA ARG A 132 24.84 26.00 -40.12
C ARG A 132 25.22 24.70 -39.41
N PRO A 133 26.34 24.07 -39.79
CA PRO A 133 26.55 22.64 -39.48
C PRO A 133 27.38 22.32 -38.24
N TRP A 134 27.71 23.30 -37.40
CA TRP A 134 28.67 23.05 -36.33
C TRP A 134 28.04 22.53 -35.04
N ILE A 135 26.76 22.16 -35.08
CA ILE A 135 26.16 21.44 -33.96
C ILE A 135 26.85 20.08 -33.79
N ALA A 136 27.19 19.45 -34.92
CA ALA A 136 27.99 18.22 -34.86
C ALA A 136 29.37 18.47 -34.30
N VAL A 137 29.95 19.64 -34.58
CA VAL A 137 31.25 19.99 -34.01
C VAL A 137 31.14 20.13 -32.49
N ALA A 138 30.04 20.73 -32.01
CA ALA A 138 29.81 20.80 -30.57
C ALA A 138 29.60 19.42 -29.96
N TYR A 139 28.86 18.55 -30.66
CA TYR A 139 28.62 17.18 -30.21
C TYR A 139 29.88 16.31 -30.29
N SER A 140 30.90 16.75 -31.02
CA SER A 140 32.14 15.97 -31.09
C SER A 140 32.84 15.86 -29.74
N ALA A 141 32.50 16.71 -28.75
CA ALA A 141 33.18 16.65 -27.46
C ALA A 141 32.68 15.48 -26.59
N PRO A 142 31.37 15.27 -26.37
CA PRO A 142 30.98 14.04 -25.67
C PRO A 142 31.30 12.77 -26.44
N VAL A 143 31.29 12.83 -27.77
CA VAL A 143 31.70 11.68 -28.57
C VAL A 143 33.17 11.39 -28.33
N ALA A 144 34.00 12.44 -28.28
CA ALA A 144 35.42 12.26 -27.98
C ALA A 144 35.62 11.67 -26.60
N ALA A 145 34.86 12.14 -25.61
CA ALA A 145 35.02 11.64 -24.25
C ALA A 145 34.60 10.18 -24.14
N ALA A 146 33.44 9.84 -24.70
CA ALA A 146 32.98 8.45 -24.67
C ALA A 146 33.90 7.54 -25.45
N THR A 147 34.39 8.00 -26.60
CA THR A 147 35.30 7.21 -27.40
C THR A 147 36.62 6.99 -26.68
N ALA A 148 37.14 8.03 -26.02
CA ALA A 148 38.41 7.92 -25.31
C ALA A 148 38.29 7.02 -24.10
N VAL A 149 37.14 7.02 -23.43
CA VAL A 149 37.01 6.17 -22.25
C VAL A 149 36.67 4.73 -22.65
N PHE A 150 36.09 4.52 -23.83
CA PHE A 150 35.64 3.18 -24.20
C PHE A 150 36.59 2.41 -25.09
N ILE A 151 37.33 3.05 -26.01
CA ILE A 151 38.25 2.34 -26.88
C ILE A 151 39.69 2.82 -26.75
N ILE A 152 39.94 4.14 -26.69
CA ILE A 152 41.34 4.61 -26.68
C ILE A 152 42.04 4.26 -25.38
N TYR A 153 41.37 4.38 -24.23
CA TYR A 153 42.01 3.95 -22.99
C TYR A 153 42.30 2.45 -22.99
N PRO A 154 41.39 1.54 -23.44
CA PRO A 154 41.80 0.14 -23.64
C PRO A 154 42.93 -0.05 -24.65
N ILE A 155 43.00 0.77 -25.72
CA ILE A 155 44.11 0.65 -26.67
C ILE A 155 45.43 1.00 -26.00
N GLY A 156 45.43 2.07 -25.21
CA GLY A 156 46.65 2.46 -24.52
C GLY A 156 47.08 1.45 -23.47
N GLN A 157 46.14 0.96 -22.68
CA GLN A 157 46.49 0.02 -21.63
C GLN A 157 46.67 -1.41 -22.12
N GLY A 158 46.22 -1.73 -23.32
CA GLY A 158 46.43 -3.05 -23.88
C GLY A 158 45.28 -4.02 -23.78
N SER A 159 44.16 -3.65 -23.16
CA SER A 159 43.05 -4.58 -23.04
C SER A 159 41.73 -3.86 -22.84
N PHE A 160 40.68 -4.39 -23.46
CA PHE A 160 39.32 -3.87 -23.32
C PHE A 160 38.79 -4.02 -21.91
N SER A 161 39.44 -4.85 -21.07
CA SER A 161 39.11 -4.90 -19.65
C SER A 161 39.37 -3.57 -18.96
N ASP A 162 40.18 -2.70 -19.55
CA ASP A 162 40.39 -1.37 -19.01
C ASP A 162 39.29 -0.40 -19.40
N GLY A 163 38.36 -0.82 -20.25
CA GLY A 163 37.27 0.06 -20.62
C GLY A 163 36.34 0.32 -19.45
N MET A 164 35.61 1.42 -19.55
CA MET A 164 34.67 1.76 -18.50
C MET A 164 33.51 0.77 -18.52
N PRO A 165 33.23 0.10 -17.40
CA PRO A 165 32.12 -0.86 -17.37
C PRO A 165 30.79 -0.16 -17.62
N LEU A 166 29.93 -0.83 -18.38
CA LEU A 166 28.66 -0.23 -18.77
C LEU A 166 27.70 -0.31 -17.58
N GLY A 167 27.88 0.64 -16.66
CA GLY A 167 27.08 0.66 -15.46
C GLY A 167 27.41 1.86 -14.61
N ILE A 168 27.04 1.78 -13.34
CA ILE A 168 27.22 2.87 -12.38
C ILE A 168 28.33 2.56 -11.38
N SER A 169 28.20 1.46 -10.64
CA SER A 169 29.26 1.03 -9.75
C SER A 169 30.51 0.65 -10.53
N GLY A 170 30.34 0.11 -11.75
CA GLY A 170 31.48 -0.14 -12.60
C GLY A 170 32.17 1.14 -13.04
N THR A 171 31.39 2.19 -13.30
CA THR A 171 31.96 3.49 -13.61
C THR A 171 32.77 4.03 -12.44
N PHE A 172 32.24 3.89 -11.23
CA PHE A 172 32.97 4.33 -10.05
C PHE A 172 34.25 3.53 -9.86
N ASN A 173 34.19 2.22 -10.10
CA ASN A 173 35.38 1.36 -9.99
C ASN A 173 36.45 1.79 -10.98
N PHE A 174 36.04 2.01 -12.24
CA PHE A 174 36.98 2.48 -13.26
C PHE A 174 37.59 3.82 -12.87
N MET A 175 36.77 4.71 -12.31
CA MET A 175 37.23 6.04 -11.95
C MET A 175 38.25 5.99 -10.81
N ILE A 176 37.99 5.14 -9.82
CA ILE A 176 38.89 4.99 -8.68
C ILE A 176 40.21 4.36 -9.12
N VAL A 177 40.16 3.32 -9.95
CA VAL A 177 41.39 2.68 -10.44
C VAL A 177 42.18 3.67 -11.30
N PHE A 178 41.47 4.48 -12.09
CA PHE A 178 42.11 5.50 -12.91
C PHE A 178 42.82 6.53 -12.04
N GLN A 179 42.19 6.94 -10.94
CA GLN A 179 42.85 7.81 -9.97
C GLN A 179 44.12 7.17 -9.43
N ALA A 180 44.02 5.91 -9.01
CA ALA A 180 45.14 5.22 -8.39
C ALA A 180 46.34 5.12 -9.34
N GLU A 181 46.08 4.90 -10.62
CA GLU A 181 47.17 4.63 -11.54
C GLU A 181 47.58 5.82 -12.39
N HIS A 182 46.84 6.93 -12.39
CA HIS A 182 47.21 8.07 -13.21
C HIS A 182 47.19 9.41 -12.51
N ASN A 183 46.60 9.52 -11.32
CA ASN A 183 46.46 10.79 -10.59
C ASN A 183 45.77 11.84 -11.46
N ILE A 184 44.53 11.52 -11.83
CA ILE A 184 43.78 12.35 -12.78
C ILE A 184 43.47 13.71 -12.20
N LEU A 185 43.21 13.80 -10.88
CA LEU A 185 42.93 15.08 -10.25
C LEU A 185 44.11 16.04 -10.35
N MET A 186 45.34 15.51 -10.44
CA MET A 186 46.53 16.31 -10.68
C MET A 186 46.88 16.47 -12.15
N HIS A 187 45.88 16.51 -13.03
CA HIS A 187 46.15 16.71 -14.46
C HIS A 187 45.51 18.03 -14.88
N PRO A 188 46.24 18.93 -15.53
CA PRO A 188 45.65 20.21 -15.95
C PRO A 188 44.50 20.07 -16.93
N PHE A 189 44.51 19.05 -17.79
CA PHE A 189 43.39 18.85 -18.71
C PHE A 189 42.13 18.43 -17.96
N HIS A 190 42.27 17.57 -16.95
CA HIS A 190 41.12 17.22 -16.12
C HIS A 190 40.64 18.42 -15.31
N MET A 191 41.58 19.25 -14.84
CA MET A 191 41.21 20.49 -14.16
C MET A 191 40.43 21.41 -15.09
N PHE A 192 40.85 21.50 -16.35
CA PHE A 192 40.13 22.28 -17.35
C PHE A 192 38.74 21.71 -17.60
N GLY A 193 38.61 20.38 -17.63
CA GLY A 193 37.30 19.78 -17.83
C GLY A 193 36.36 20.02 -16.65
N VAL A 194 36.88 19.93 -15.43
CA VAL A 194 36.08 20.21 -14.24
C VAL A 194 35.65 21.68 -14.23
N ALA A 195 36.58 22.58 -14.54
CA ALA A 195 36.24 23.99 -14.69
C ALA A 195 35.22 24.20 -15.79
N GLY A 196 35.27 23.38 -16.84
CA GLY A 196 34.33 23.51 -17.92
C GLY A 196 32.92 23.09 -17.54
N VAL A 197 32.76 22.00 -16.83
CA VAL A 197 31.41 21.60 -16.41
C VAL A 197 30.88 22.55 -15.34
N PHE A 198 31.74 23.00 -14.41
CA PHE A 198 31.31 23.96 -13.41
C PHE A 198 30.93 25.29 -14.05
N GLY A 199 31.73 25.75 -15.01
CA GLY A 199 31.40 26.98 -15.72
C GLY A 199 30.21 26.82 -16.64
N GLY A 200 30.00 25.62 -17.18
CA GLY A 200 28.81 25.38 -17.99
C GLY A 200 27.55 25.44 -17.16
N SER A 201 27.60 24.87 -15.94
CA SER A 201 26.48 25.00 -15.02
C SER A 201 26.27 26.46 -14.62
N LEU A 202 27.37 27.17 -14.34
CA LEU A 202 27.29 28.59 -14.00
C LEU A 202 26.65 29.39 -15.13
N PHE A 203 27.10 29.16 -16.36
CA PHE A 203 26.64 29.95 -17.50
C PHE A 203 25.24 29.56 -17.91
N SER A 204 24.86 28.30 -17.75
CA SER A 204 23.47 27.92 -17.98
C SER A 204 22.55 28.59 -16.97
N ALA A 205 22.96 28.61 -15.70
CA ALA A 205 22.17 29.31 -14.68
C ALA A 205 22.08 30.80 -14.96
N MET A 206 23.21 31.42 -15.35
CA MET A 206 23.20 32.84 -15.69
C MET A 206 22.34 33.14 -16.91
N HIS A 207 22.44 32.33 -17.96
CA HIS A 207 21.67 32.58 -19.16
C HIS A 207 20.18 32.40 -18.89
N GLY A 208 19.80 31.34 -18.16
CA GLY A 208 18.41 31.16 -17.80
C GLY A 208 17.89 32.27 -16.92
N SER A 209 18.71 32.73 -15.96
CA SER A 209 18.30 33.79 -15.06
C SER A 209 18.12 35.11 -15.80
N LEU A 210 19.04 35.44 -16.70
CA LEU A 210 18.93 36.71 -17.43
C LEU A 210 17.85 36.69 -18.48
N VAL A 211 17.52 35.53 -19.05
CA VAL A 211 16.44 35.52 -20.02
C VAL A 211 15.08 35.46 -19.34
N THR A 212 14.93 34.61 -18.33
CA THR A 212 13.66 34.49 -17.61
C THR A 212 13.39 35.72 -16.74
N SER A 213 14.44 36.43 -16.31
CA SER A 213 14.26 37.67 -15.58
C SER A 213 13.75 38.77 -16.50
N SER A 214 14.32 38.85 -17.71
CA SER A 214 13.99 39.89 -18.66
C SER A 214 12.73 39.49 -19.43
N LEU A 215 11.59 39.72 -18.80
CA LEU A 215 10.29 39.43 -19.39
C LEU A 215 9.39 40.64 -19.26
N ILE A 216 8.24 40.55 -19.93
CA ILE A 216 7.16 41.51 -19.80
C ILE A 216 5.90 40.69 -19.59
N ARG A 217 4.84 41.34 -19.11
CA ARG A 217 3.63 40.62 -18.74
C ARG A 217 2.91 40.15 -19.99
N GLU A 218 3.13 38.88 -20.34
CA GLU A 218 2.34 38.17 -21.33
C GLU A 218 1.74 36.90 -20.77
N THR A 219 2.22 36.43 -19.62
CA THR A 219 1.68 35.26 -18.92
C THR A 219 1.52 35.64 -17.46
N THR A 220 0.27 35.83 -17.03
CA THR A 220 -0.03 36.28 -15.67
C THR A 220 0.07 35.15 -14.65
N GLU A 221 -0.47 35.38 -13.45
CA GLU A 221 -0.52 34.33 -12.44
C GLU A 221 -1.34 33.13 -12.89
N ASN A 222 -2.25 33.31 -13.84
CA ASN A 222 -2.97 32.22 -14.48
C ASN A 222 -2.07 31.59 -15.55
N GLU A 223 -2.65 30.79 -16.44
CA GLU A 223 -1.85 30.11 -17.45
C GLU A 223 -1.31 31.07 -18.50
N SER A 224 -2.04 32.13 -18.84
CA SER A 224 -1.58 33.07 -19.85
C SER A 224 -2.33 34.38 -19.71
N ALA A 225 -1.60 35.48 -19.93
CA ALA A 225 -2.19 36.83 -19.95
C ALA A 225 -2.36 37.24 -21.41
N ASN A 226 -3.39 36.70 -22.04
CA ASN A 226 -3.68 36.97 -23.44
C ASN A 226 -4.74 38.06 -23.62
N ALA A 227 -5.09 38.76 -22.53
CA ALA A 227 -6.14 39.78 -22.57
C ALA A 227 -5.81 40.90 -23.56
N GLY A 228 -4.53 41.23 -23.71
CA GLY A 228 -4.15 42.17 -24.75
C GLY A 228 -4.36 41.60 -26.14
N TYR A 229 -3.95 40.35 -26.35
CA TYR A 229 -4.10 39.68 -27.63
C TYR A 229 -3.87 38.18 -27.43
N LYS A 230 -4.61 37.39 -28.19
CA LYS A 230 -4.52 35.95 -28.13
C LYS A 230 -3.38 35.45 -29.03
N PHE A 231 -3.30 34.14 -29.22
CA PHE A 231 -2.26 33.56 -30.06
C PHE A 231 -2.54 33.84 -31.53
N GLY A 232 -1.49 34.13 -32.29
CA GLY A 232 -1.62 34.39 -33.71
C GLY A 232 -1.08 35.73 -34.14
N GLN A 233 -0.13 36.28 -33.39
CA GLN A 233 0.46 37.57 -33.70
C GLN A 233 1.97 37.47 -33.66
N GLU A 234 2.63 38.30 -34.46
CA GLU A 234 4.08 38.31 -34.59
C GLU A 234 4.75 39.34 -33.68
N GLU A 235 3.99 39.98 -32.80
CA GLU A 235 4.53 41.03 -31.96
C GLU A 235 5.46 40.49 -30.88
N GLU A 236 6.76 40.45 -31.16
CA GLU A 236 7.75 40.05 -30.18
C GLU A 236 8.00 41.19 -29.21
N THR A 237 7.89 40.91 -27.91
CA THR A 237 8.01 41.96 -26.90
C THR A 237 8.73 41.49 -25.65
N TYR A 238 9.57 40.45 -25.73
CA TYR A 238 10.15 39.83 -24.54
C TYR A 238 11.07 40.78 -23.78
N ASN A 239 12.27 41.03 -24.31
CA ASN A 239 13.23 42.04 -23.89
C ASN A 239 14.46 41.92 -24.77
N ILE A 240 15.23 43.01 -24.88
CA ILE A 240 16.47 42.97 -25.66
C ILE A 240 17.66 43.52 -24.86
N VAL A 241 17.41 44.47 -23.95
CA VAL A 241 18.44 45.35 -23.43
C VAL A 241 18.69 45.15 -21.94
N ALA A 242 17.64 44.99 -21.14
CA ALA A 242 17.80 44.99 -19.69
C ALA A 242 18.59 43.80 -19.16
N ALA A 243 18.64 42.69 -19.90
CA ALA A 243 19.48 41.57 -19.49
C ALA A 243 20.95 41.96 -19.51
N HIS A 244 21.40 42.54 -20.62
CA HIS A 244 22.78 43.04 -20.70
C HIS A 244 23.02 44.17 -19.72
N GLY A 245 22.02 45.02 -19.50
CA GLY A 245 22.18 46.09 -18.52
C GLY A 245 22.39 45.57 -17.10
N TYR A 246 21.59 44.56 -16.70
CA TYR A 246 21.74 43.96 -15.39
C TYR A 246 23.09 43.25 -15.27
N PHE A 247 23.50 42.52 -16.31
CA PHE A 247 24.78 41.82 -16.26
C PHE A 247 25.95 42.79 -16.19
N GLY A 248 25.84 43.94 -16.87
CA GLY A 248 26.87 44.95 -16.73
C GLY A 248 26.91 45.56 -15.35
N ARG A 249 25.75 45.96 -14.82
CA ARG A 249 25.69 46.56 -13.50
C ARG A 249 26.04 45.57 -12.39
N LEU A 250 26.05 44.26 -12.69
CA LEU A 250 26.37 43.27 -11.67
C LEU A 250 27.79 43.41 -11.15
N ILE A 251 28.78 43.60 -12.02
CA ILE A 251 30.14 43.69 -11.51
C ILE A 251 30.83 45.00 -11.90
N PHE A 252 31.11 45.21 -13.19
CA PHE A 252 31.87 46.41 -13.57
C PHE A 252 31.49 47.05 -14.90
N GLN A 253 30.38 46.64 -15.53
CA GLN A 253 29.79 47.25 -16.72
C GLN A 253 30.67 47.24 -17.97
N TYR A 254 31.85 46.63 -17.94
CA TYR A 254 32.70 46.55 -19.11
C TYR A 254 32.85 45.14 -19.65
N ALA A 255 32.34 44.13 -18.95
CA ALA A 255 32.31 42.77 -19.48
C ALA A 255 31.16 42.71 -20.49
N SER A 256 31.43 43.20 -21.69
CA SER A 256 30.40 43.42 -22.70
C SER A 256 30.01 42.10 -23.36
N PHE A 257 28.80 41.64 -23.08
CA PHE A 257 28.17 40.53 -23.76
C PHE A 257 26.84 40.98 -24.37
N ASN A 258 26.81 42.22 -24.86
CA ASN A 258 25.61 42.77 -25.46
C ASN A 258 25.25 42.04 -26.75
N ASN A 259 26.24 41.51 -27.46
CA ASN A 259 26.00 40.73 -28.65
C ASN A 259 25.48 39.36 -28.23
N SER A 260 24.22 39.08 -28.56
CA SER A 260 23.62 37.79 -28.23
C SER A 260 24.32 36.65 -28.96
N ARG A 261 24.78 36.89 -30.19
CA ARG A 261 25.53 35.89 -30.93
C ARG A 261 26.86 35.59 -30.26
N SER A 262 27.56 36.62 -29.77
CA SER A 262 28.82 36.39 -29.06
C SER A 262 28.57 35.65 -27.75
N LEU A 263 27.50 36.01 -27.04
CA LEU A 263 27.17 35.34 -25.79
C LEU A 263 26.88 33.86 -26.01
N HIS A 264 26.06 33.55 -27.02
CA HIS A 264 25.73 32.16 -27.29
C HIS A 264 26.91 31.39 -27.85
N PHE A 265 27.79 32.05 -28.61
CA PHE A 265 29.00 31.39 -29.05
C PHE A 265 29.90 31.03 -27.88
N PHE A 266 30.00 31.93 -26.89
CA PHE A 266 30.77 31.62 -25.69
C PHE A 266 30.15 30.45 -24.92
N LEU A 267 28.81 30.46 -24.79
CA LEU A 267 28.10 29.37 -24.13
C LEU A 267 28.35 28.04 -24.85
N ALA A 268 28.46 28.07 -26.17
CA ALA A 268 28.74 26.85 -26.91
C ALA A 268 30.19 26.42 -26.75
N VAL A 269 31.13 27.38 -26.83
CA VAL A 269 32.52 26.99 -26.99
C VAL A 269 33.15 26.59 -25.65
N TRP A 270 32.74 27.21 -24.52
CA TRP A 270 33.47 26.97 -23.27
C TRP A 270 33.36 25.52 -22.79
N PRO A 271 32.17 24.94 -22.56
CA PRO A 271 32.14 23.53 -22.14
C PRO A 271 32.63 22.59 -23.22
N VAL A 272 32.46 22.93 -24.50
CA VAL A 272 32.91 22.04 -25.56
C VAL A 272 34.43 21.94 -25.59
N VAL A 273 35.13 23.09 -25.51
CA VAL A 273 36.58 23.04 -25.55
C VAL A 273 37.12 22.43 -24.26
N CYS A 274 36.43 22.62 -23.13
CA CYS A 274 36.92 22.02 -21.89
C CYS A 274 36.71 20.51 -21.87
N ILE A 275 35.60 20.03 -22.44
CA ILE A 275 35.39 18.59 -22.54
C ILE A 275 36.34 17.98 -23.57
N TRP A 276 36.69 18.74 -24.61
CA TRP A 276 37.76 18.31 -25.52
C TRP A 276 39.07 18.14 -24.75
N LEU A 277 39.38 19.11 -23.89
CA LEU A 277 40.62 19.04 -23.11
C LEU A 277 40.62 17.86 -22.15
N THR A 278 39.52 17.60 -21.46
CA THR A 278 39.52 16.50 -20.50
C THR A 278 39.48 15.14 -21.21
N ALA A 279 38.84 15.05 -22.37
CA ALA A 279 38.87 13.83 -23.16
C ALA A 279 40.28 13.54 -23.65
N LEU A 280 41.00 14.58 -24.09
CA LEU A 280 42.37 14.38 -24.50
C LEU A 280 43.28 14.12 -23.30
N GLY A 281 42.91 14.61 -22.12
CA GLY A 281 43.66 14.25 -20.92
C GLY A 281 43.54 12.77 -20.61
N ILE A 282 42.32 12.23 -20.74
CA ILE A 282 42.12 10.78 -20.60
C ILE A 282 42.91 10.02 -21.66
N SER A 283 42.90 10.53 -22.89
CA SER A 283 43.63 9.89 -23.97
C SER A 283 45.14 9.91 -23.73
N THR A 284 45.65 10.99 -23.14
CA THR A 284 47.07 11.07 -22.83
C THR A 284 47.44 10.14 -21.68
N MET A 285 46.58 10.06 -20.66
CA MET A 285 46.85 9.14 -19.56
C MET A 285 46.68 7.69 -19.99
N ALA A 286 45.99 7.44 -21.10
CA ALA A 286 45.95 6.10 -21.67
C ALA A 286 47.32 5.63 -22.09
N PHE A 287 48.19 6.55 -22.50
CA PHE A 287 49.59 6.25 -22.78
C PHE A 287 50.49 6.61 -21.61
N ASN A 288 49.92 6.58 -20.40
CA ASN A 288 50.65 6.76 -19.13
C ASN A 288 51.36 8.10 -19.05
N LEU A 289 50.70 9.16 -19.52
CA LEU A 289 51.24 10.49 -19.28
C LEU A 289 50.91 11.01 -17.89
N ASN A 290 49.93 10.40 -17.22
CA ASN A 290 49.61 10.59 -15.81
C ASN A 290 49.38 12.03 -15.38
N GLY A 291 49.34 12.27 -14.06
CA GLY A 291 49.12 13.58 -13.50
C GLY A 291 50.37 14.14 -12.86
N PHE A 292 50.20 15.32 -12.23
CA PHE A 292 51.30 15.99 -11.56
C PHE A 292 51.77 15.16 -10.37
N ASN A 293 53.07 14.96 -10.27
CA ASN A 293 53.68 14.16 -9.21
C ASN A 293 54.52 15.08 -8.33
N PHE A 294 53.87 15.71 -7.36
CA PHE A 294 54.53 16.55 -6.36
C PHE A 294 54.67 15.82 -5.03
N ASN A 295 54.82 14.50 -5.08
CA ASN A 295 54.95 13.69 -3.89
C ASN A 295 56.40 13.70 -3.42
N GLN A 296 56.60 14.03 -2.13
CA GLN A 296 57.92 14.25 -1.53
C GLN A 296 58.69 15.33 -2.29
N SER A 297 57.97 16.35 -2.75
CA SER A 297 58.55 17.45 -3.51
C SER A 297 59.02 18.60 -2.63
N VAL A 298 58.60 18.65 -1.37
CA VAL A 298 58.99 19.71 -0.45
C VAL A 298 59.90 19.09 0.61
N VAL A 299 61.15 19.57 0.66
CA VAL A 299 62.13 19.10 1.62
C VAL A 299 62.72 20.31 2.32
N ASP A 300 63.18 20.10 3.56
CA ASP A 300 63.69 21.18 4.39
C ASP A 300 65.20 21.31 4.19
N SER A 301 65.84 22.14 5.03
CA SER A 301 67.27 22.42 4.88
C SER A 301 68.12 21.18 5.11
N ASN A 302 67.67 20.25 5.95
CA ASN A 302 68.37 18.99 6.16
C ASN A 302 67.96 17.92 5.17
N GLY A 303 67.08 18.25 4.22
CA GLY A 303 66.62 17.29 3.25
C GLY A 303 65.52 16.36 3.72
N ARG A 304 65.02 16.54 4.94
CA ARG A 304 63.93 15.71 5.44
C ARG A 304 62.65 16.02 4.68
N VAL A 305 61.89 14.97 4.37
CA VAL A 305 60.69 15.14 3.58
C VAL A 305 59.59 15.76 4.43
N LEU A 306 59.03 16.87 3.96
CA LEU A 306 57.90 17.51 4.61
C LEU A 306 56.62 17.02 3.96
N ASN A 307 55.64 16.65 4.77
CA ASN A 307 54.38 16.18 4.24
C ASN A 307 53.63 17.32 3.55
N THR A 308 52.64 16.95 2.74
CA THR A 308 51.95 17.91 1.89
C THR A 308 50.56 17.35 1.60
N TRP A 309 49.63 18.24 1.21
CA TRP A 309 48.34 17.78 0.71
C TRP A 309 48.51 16.86 -0.49
N ALA A 310 49.49 17.15 -1.34
CA ALA A 310 49.83 16.25 -2.44
C ALA A 310 50.32 14.90 -1.91
N ASP A 311 51.03 14.90 -0.78
CA ASP A 311 51.47 13.66 -0.17
C ASP A 311 50.29 12.87 0.39
N ILE A 312 49.28 13.56 0.94
CA ILE A 312 48.09 12.87 1.42
C ILE A 312 47.31 12.28 0.26
N ILE A 313 47.24 13.02 -0.86
CA ILE A 313 46.63 12.48 -2.07
C ILE A 313 47.42 11.27 -2.56
N ASN A 314 48.74 11.30 -2.43
CA ASN A 314 49.56 10.14 -2.78
C ASN A 314 49.25 8.95 -1.89
N ARG A 315 49.06 9.19 -0.59
CA ARG A 315 48.74 8.10 0.33
C ARG A 315 47.40 7.47 -0.03
N ALA A 316 46.40 8.30 -0.34
CA ALA A 316 45.11 7.77 -0.78
C ALA A 316 45.23 7.03 -2.11
N ASN A 317 46.05 7.55 -3.03
CA ASN A 317 46.23 6.94 -4.34
C ASN A 317 46.89 5.57 -4.23
N LEU A 318 47.92 5.45 -3.39
CA LEU A 318 48.56 4.15 -3.24
C LEU A 318 47.73 3.19 -2.37
N GLY A 319 46.87 3.72 -1.50
CA GLY A 319 45.90 2.86 -0.83
C GLY A 319 44.89 2.28 -1.81
N MET A 320 44.48 3.09 -2.78
CA MET A 320 43.69 2.57 -3.90
C MET A 320 44.49 1.60 -4.76
N GLU A 321 45.78 1.87 -4.93
CA GLU A 321 46.64 1.06 -5.80
C GLU A 321 46.83 -0.35 -5.26
N VAL A 322 47.03 -0.49 -3.95
CA VAL A 322 47.24 -1.82 -3.39
C VAL A 322 45.98 -2.65 -3.31
N MET A 323 44.81 -2.06 -3.56
CA MET A 323 43.53 -2.73 -3.39
C MET A 323 42.81 -3.07 -4.70
N HIS A 324 43.41 -2.62 -5.79
CA HIS A 324 42.82 -2.86 -7.13
C HIS A 324 43.26 -4.24 -7.59
N GLU A 325 42.30 -5.07 -8.01
CA GLU A 325 42.69 -6.35 -8.59
C GLU A 325 43.77 -7.03 -7.75
N ARG A 326 43.39 -7.30 -6.49
CA ARG A 326 44.31 -7.84 -5.50
C ARG A 326 44.85 -9.22 -5.88
N ASN A 327 44.10 -9.96 -6.70
CA ASN A 327 44.53 -11.29 -7.10
C ASN A 327 45.09 -11.35 -8.51
N ALA A 328 45.14 -10.22 -9.23
CA ALA A 328 45.60 -10.25 -10.61
C ALA A 328 47.11 -10.06 -10.73
N HIS A 329 47.71 -9.33 -9.79
CA HIS A 329 49.12 -8.96 -9.88
C HIS A 329 50.02 -10.05 -9.32
N ASN A 330 51.13 -10.30 -10.01
CA ASN A 330 52.17 -11.21 -9.55
C ASN A 330 53.47 -10.48 -9.29
N PHE A 331 53.82 -9.53 -10.17
CA PHE A 331 55.09 -8.83 -10.08
C PHE A 331 54.90 -7.47 -9.40
N PRO A 332 55.94 -6.96 -8.73
CA PRO A 332 55.75 -5.85 -7.77
C PRO A 332 55.13 -4.58 -8.32
N LEU A 333 55.75 -3.94 -9.31
CA LEU A 333 55.21 -2.70 -9.83
C LEU A 333 54.33 -3.01 -11.03
N ASP A 334 53.36 -2.13 -11.27
CA ASP A 334 52.28 -2.37 -12.21
C ASP A 334 52.52 -1.53 -13.47
N LEU A 335 52.65 -2.20 -14.61
CA LEU A 335 53.03 -1.57 -15.86
C LEU A 335 51.94 -1.81 -16.88
N ALA A 336 50.95 -0.91 -16.90
CA ALA A 336 49.81 -0.94 -17.82
C ALA A 336 49.03 -2.26 -17.78
N GLY B 1 -6.07 28.81 -16.47
CA GLY B 1 -5.78 27.75 -15.53
C GLY B 1 -4.59 28.05 -14.64
N LEU B 2 -4.28 27.12 -13.74
CA LEU B 2 -3.18 27.28 -12.82
C LEU B 2 -2.20 26.12 -12.95
N PRO B 3 -0.90 26.38 -12.86
CA PRO B 3 0.06 25.27 -12.81
C PRO B 3 -0.08 24.49 -11.51
N TRP B 4 0.38 23.23 -11.54
CA TRP B 4 0.27 22.37 -10.37
C TRP B 4 1.04 22.92 -9.19
N TYR B 5 2.09 23.71 -9.44
CA TYR B 5 2.87 24.34 -8.38
C TYR B 5 2.34 25.72 -8.01
N ARG B 6 1.09 26.02 -8.34
CA ARG B 6 0.49 27.30 -7.97
C ARG B 6 -0.93 27.13 -7.43
N VAL B 7 -1.39 25.91 -7.23
CA VAL B 7 -2.79 25.66 -6.88
C VAL B 7 -3.15 26.17 -5.49
N HIS B 8 -2.17 26.46 -4.64
CA HIS B 8 -2.46 27.03 -3.33
C HIS B 8 -2.41 28.54 -3.33
N THR B 9 -2.14 29.18 -4.47
CA THR B 9 -2.17 30.63 -4.54
C THR B 9 -3.58 31.18 -4.58
N VAL B 10 -4.60 30.31 -4.64
CA VAL B 10 -5.98 30.77 -4.65
C VAL B 10 -6.40 31.33 -3.30
N VAL B 11 -5.74 30.94 -2.21
CA VAL B 11 -6.11 31.39 -0.88
C VAL B 11 -5.21 32.52 -0.39
N ILE B 12 -4.53 33.23 -1.30
CA ILE B 12 -3.72 34.38 -0.92
C ILE B 12 -4.62 35.53 -0.51
N ASN B 13 -5.52 35.95 -1.40
CA ASN B 13 -6.50 36.99 -1.10
C ASN B 13 -7.79 36.40 -0.58
N ASP B 14 -7.69 35.56 0.44
CA ASP B 14 -8.83 34.88 1.04
C ASP B 14 -8.47 34.48 2.46
N PRO B 15 -8.67 35.36 3.43
CA PRO B 15 -8.32 35.02 4.83
C PRO B 15 -9.13 33.86 5.39
N GLY B 16 -10.40 33.73 5.02
CA GLY B 16 -11.20 32.62 5.54
C GLY B 16 -10.71 31.27 5.05
N ARG B 17 -10.42 31.17 3.75
CA ARG B 17 -9.89 29.92 3.21
C ARG B 17 -8.45 29.70 3.65
N LEU B 18 -7.71 30.77 3.91
CA LEU B 18 -6.36 30.62 4.46
C LEU B 18 -6.41 30.05 5.88
N ILE B 19 -7.37 30.52 6.69
CA ILE B 19 -7.57 29.93 8.01
C ILE B 19 -8.03 28.48 7.87
N SER B 20 -8.84 28.19 6.85
CA SER B 20 -9.29 26.83 6.62
C SER B 20 -8.14 25.89 6.28
N VAL B 21 -7.22 26.33 5.43
CA VAL B 21 -6.10 25.45 5.08
C VAL B 21 -5.08 25.37 6.21
N HIS B 22 -4.97 26.42 7.04
CA HIS B 22 -4.15 26.33 8.23
C HIS B 22 -4.74 25.33 9.21
N LEU B 23 -6.07 25.30 9.34
CA LEU B 23 -6.74 24.34 10.20
C LEU B 23 -6.60 22.92 9.65
N MET B 24 -6.64 22.77 8.32
CA MET B 24 -6.36 21.48 7.69
C MET B 24 -4.96 20.98 8.02
N HIS B 25 -3.95 21.84 7.85
CA HIS B 25 -2.59 21.44 8.15
C HIS B 25 -2.43 21.11 9.63
N THR B 26 -3.03 21.92 10.50
CA THR B 26 -2.95 21.70 11.94
C THR B 26 -3.60 20.39 12.33
N ALA B 27 -4.74 20.07 11.73
CA ALA B 27 -5.41 18.79 11.96
C ALA B 27 -4.55 17.62 11.51
N LEU B 28 -3.92 17.75 10.34
CA LEU B 28 -3.05 16.68 9.85
C LEU B 28 -1.86 16.46 10.78
N VAL B 29 -1.26 17.54 11.27
CA VAL B 29 -0.11 17.42 12.15
C VAL B 29 -0.50 16.80 13.50
N ALA B 30 -1.62 17.22 14.07
CA ALA B 30 -2.07 16.65 15.33
C ALA B 30 -2.47 15.17 15.17
N GLY B 31 -3.13 14.84 14.06
CA GLY B 31 -3.45 13.45 13.80
C GLY B 31 -2.22 12.60 13.61
N TRP B 32 -1.18 13.15 12.96
CA TRP B 32 0.07 12.43 12.85
C TRP B 32 0.69 12.21 14.21
N ALA B 33 0.64 13.22 15.08
CA ALA B 33 1.22 13.07 16.42
C ALA B 33 0.53 11.94 17.19
N GLY B 34 -0.80 11.92 17.14
CA GLY B 34 -1.53 10.85 17.83
C GLY B 34 -1.26 9.47 17.23
N ALA B 35 -1.28 9.37 15.90
CA ALA B 35 -1.06 8.08 15.25
C ALA B 35 0.37 7.58 15.43
N MET B 36 1.35 8.49 15.38
CA MET B 36 2.74 8.11 15.59
C MET B 36 2.96 7.65 17.02
N THR B 37 2.34 8.34 17.99
CA THR B 37 2.44 7.92 19.38
C THR B 37 1.85 6.54 19.59
N LEU B 38 0.69 6.27 18.97
CA LEU B 38 0.08 4.96 19.13
C LEU B 38 0.88 3.86 18.42
N PHE B 39 1.50 4.18 17.28
CA PHE B 39 2.37 3.20 16.63
C PHE B 39 3.58 2.88 17.49
N GLU B 40 4.18 3.89 18.10
CA GLU B 40 5.34 3.67 18.94
C GLU B 40 4.98 2.93 20.23
N ILE B 41 3.76 3.16 20.74
CA ILE B 41 3.30 2.40 21.90
C ILE B 41 3.07 0.94 21.52
N ALA B 42 2.53 0.72 20.32
CA ALA B 42 2.29 -0.64 19.85
C ALA B 42 3.60 -1.41 19.65
N VAL B 43 4.63 -0.75 19.13
CA VAL B 43 5.89 -1.43 18.84
C VAL B 43 6.92 -1.26 19.95
N PHE B 44 6.58 -0.59 21.05
CA PHE B 44 7.51 -0.38 22.13
C PHE B 44 7.58 -1.58 23.06
N ASP B 45 8.78 -1.87 23.55
CA ASP B 45 9.01 -2.97 24.50
C ASP B 45 9.53 -2.40 25.81
N PRO B 46 8.67 -2.24 26.82
CA PRO B 46 9.11 -1.62 28.07
C PRO B 46 9.69 -2.58 29.09
N SER B 47 10.06 -3.79 28.65
CA SER B 47 10.53 -4.80 29.57
C SER B 47 11.86 -4.43 30.23
N ASP B 48 12.81 -3.93 29.44
CA ASP B 48 14.17 -3.64 29.92
C ASP B 48 14.45 -2.15 29.76
N PRO B 49 14.20 -1.34 30.79
CA PRO B 49 14.47 0.10 30.66
C PRO B 49 15.94 0.43 30.62
N VAL B 50 16.79 -0.40 31.21
CA VAL B 50 18.22 -0.08 31.30
C VAL B 50 18.94 -0.47 30.01
N LEU B 51 18.75 -1.71 29.57
CA LEU B 51 19.55 -2.26 28.49
C LEU B 51 18.85 -2.24 27.14
N ASN B 52 17.53 -2.03 27.11
CA ASN B 52 16.78 -1.86 25.87
C ASN B 52 15.89 -0.63 25.98
N PRO B 53 16.47 0.56 26.01
CA PRO B 53 15.68 1.78 26.19
C PRO B 53 15.04 2.22 24.88
N MET B 54 14.25 3.29 24.98
CA MET B 54 13.42 3.73 23.86
C MET B 54 14.25 4.13 22.65
N TRP B 55 15.42 4.76 22.87
CA TRP B 55 16.26 5.16 21.75
C TRP B 55 16.90 3.98 21.07
N ARG B 56 16.97 2.82 21.72
CA ARG B 56 17.42 1.62 21.04
C ARG B 56 16.32 0.98 20.22
N GLN B 57 15.06 1.39 20.41
CA GLN B 57 13.93 0.83 19.70
C GLN B 57 13.41 1.73 18.58
N GLY B 58 14.12 2.82 18.28
CA GLY B 58 13.69 3.71 17.23
C GLY B 58 12.53 4.60 17.59
N MET B 59 12.34 4.87 18.88
CA MET B 59 11.22 5.70 19.33
C MET B 59 11.52 7.16 19.02
N PHE B 60 10.63 7.82 18.29
CA PHE B 60 10.85 9.19 17.86
C PHE B 60 10.09 10.21 18.70
N VAL B 61 8.79 10.01 18.89
CA VAL B 61 7.99 10.99 19.63
C VAL B 61 7.86 10.67 21.12
N LEU B 62 8.15 9.43 21.53
CA LEU B 62 8.16 9.11 22.96
C LEU B 62 9.21 9.89 23.76
N PRO B 63 10.44 10.12 23.27
CA PRO B 63 11.34 11.02 24.04
C PRO B 63 10.78 12.43 24.21
N PHE B 64 10.06 12.96 23.22
CA PHE B 64 9.49 14.30 23.35
C PHE B 64 8.29 14.31 24.27
N LEU B 65 7.50 13.23 24.30
CA LEU B 65 6.45 13.11 25.29
C LEU B 65 7.01 13.03 26.70
N THR B 66 8.03 12.19 26.89
CA THR B 66 8.63 11.99 28.20
C THR B 66 9.29 13.26 28.73
N ARG B 67 9.94 14.01 27.84
CA ARG B 67 10.73 15.18 28.23
C ARG B 67 9.89 16.22 28.97
N LEU B 68 8.59 16.29 28.69
CA LEU B 68 7.73 17.28 29.33
C LEU B 68 6.79 16.68 30.38
N GLY B 69 6.93 15.41 30.71
CA GLY B 69 6.19 14.92 31.86
C GLY B 69 5.51 13.57 31.86
N VAL B 70 5.02 13.06 30.73
CA VAL B 70 4.31 11.79 30.74
C VAL B 70 5.32 10.65 30.78
N THR B 71 5.14 9.73 31.71
CA THR B 71 6.09 8.65 31.88
C THR B 71 5.43 7.27 31.88
N GLN B 72 4.23 7.14 32.43
CA GLN B 72 3.52 5.87 32.48
C GLN B 72 2.38 5.87 31.48
N SER B 73 1.98 4.65 31.10
CA SER B 73 0.95 4.43 30.10
C SER B 73 -0.25 3.73 30.73
N TRP B 74 -1.24 3.42 29.89
CA TRP B 74 -2.43 2.70 30.32
C TRP B 74 -2.17 1.22 30.50
N GLY B 75 -1.05 0.70 30.04
CA GLY B 75 -0.69 -0.68 30.21
C GLY B 75 -0.12 -1.03 31.56
N GLY B 76 0.00 -0.05 32.46
CA GLY B 76 0.50 -0.27 33.79
C GLY B 76 1.99 -0.23 33.95
N TRP B 77 2.74 0.10 32.90
CA TRP B 77 4.18 0.17 32.97
C TRP B 77 4.67 1.61 32.94
N THR B 78 5.94 1.79 33.27
CA THR B 78 6.61 3.08 33.23
C THR B 78 7.98 2.89 32.61
N ILE B 79 8.42 3.88 31.83
CA ILE B 79 9.71 3.80 31.17
C ILE B 79 10.88 3.83 32.14
N SER B 80 10.69 4.38 33.34
CA SER B 80 11.74 4.40 34.34
C SER B 80 11.88 3.08 35.08
N GLY B 81 11.00 2.11 34.80
CA GLY B 81 11.00 0.87 35.52
C GLY B 81 10.29 0.92 36.85
N GLU B 82 9.76 2.08 37.23
CA GLU B 82 9.09 2.24 38.51
C GLU B 82 7.67 1.70 38.44
N THR B 83 7.07 1.54 39.62
CA THR B 83 5.69 1.09 39.71
C THR B 83 4.76 2.23 39.31
N SER B 84 3.82 1.95 38.42
CA SER B 84 2.98 3.00 37.87
C SER B 84 1.89 3.38 38.87
N SER B 85 1.80 4.68 39.16
CA SER B 85 0.69 5.23 39.91
C SER B 85 -0.46 5.49 38.94
N ASN B 86 -1.47 6.22 39.37
CA ASN B 86 -2.57 6.53 38.46
C ASN B 86 -2.10 7.44 37.33
N PRO B 87 -2.21 7.03 36.06
CA PRO B 87 -1.75 7.89 34.97
C PRO B 87 -2.67 9.05 34.70
N GLY B 88 -3.92 8.99 35.16
CA GLY B 88 -4.87 10.02 34.85
C GLY B 88 -5.23 9.93 33.37
N ILE B 89 -5.73 11.04 32.85
CA ILE B 89 -6.03 11.10 31.43
C ILE B 89 -4.76 11.30 30.59
N TRP B 90 -3.68 11.80 31.20
CA TRP B 90 -2.47 12.16 30.47
C TRP B 90 -1.41 11.07 30.60
N SER B 91 -1.64 9.98 29.87
CA SER B 91 -0.64 8.96 29.65
C SER B 91 -0.12 9.12 28.22
N TYR B 92 0.68 8.16 27.75
CA TYR B 92 1.10 8.18 26.35
C TYR B 92 -0.10 8.03 25.43
N GLU B 93 -0.91 6.99 25.66
CA GLU B 93 -2.10 6.76 24.86
C GLU B 93 -3.15 7.83 25.09
N GLY B 94 -3.21 8.39 26.30
CA GLY B 94 -4.14 9.48 26.55
C GLY B 94 -3.77 10.73 25.78
N ALA B 95 -2.49 11.07 25.74
CA ALA B 95 -2.03 12.21 24.95
C ALA B 95 -2.26 11.96 23.46
N ALA B 96 -2.03 10.73 23.01
CA ALA B 96 -2.29 10.40 21.60
C ALA B 96 -3.77 10.54 21.26
N ALA B 97 -4.65 10.03 22.12
CA ALA B 97 -6.09 10.13 21.87
C ALA B 97 -6.56 11.57 21.92
N SER B 98 -5.98 12.38 22.81
CA SER B 98 -6.30 13.80 22.85
C SER B 98 -5.87 14.48 21.56
N HIS B 99 -4.70 14.10 21.02
CA HIS B 99 -4.26 14.66 19.75
C HIS B 99 -5.18 14.26 18.60
N ILE B 100 -5.67 13.02 18.61
CA ILE B 100 -6.59 12.59 17.56
C ILE B 100 -7.93 13.32 17.65
N VAL B 101 -8.46 13.50 18.86
CA VAL B 101 -9.71 14.23 19.03
C VAL B 101 -9.53 15.68 18.63
N LEU B 102 -8.39 16.28 18.98
CA LEU B 102 -8.09 17.64 18.56
C LEU B 102 -7.98 17.73 17.05
N SER B 103 -7.38 16.72 16.42
CA SER B 103 -7.28 16.70 14.96
C SER B 103 -8.65 16.65 14.29
N GLY B 104 -9.56 15.86 14.85
CA GLY B 104 -10.91 15.82 14.31
C GLY B 104 -11.65 17.14 14.48
N LEU B 105 -11.49 17.77 15.64
CA LEU B 105 -12.12 19.07 15.86
C LEU B 105 -11.56 20.13 14.92
N LEU B 106 -10.24 20.12 14.68
CA LEU B 106 -9.64 21.04 13.74
C LEU B 106 -10.09 20.76 12.31
N PHE B 107 -10.31 19.49 11.97
CA PHE B 107 -10.85 19.13 10.67
C PHE B 107 -12.25 19.73 10.47
N LEU B 108 -13.10 19.61 11.49
CA LEU B 108 -14.45 20.17 11.40
C LEU B 108 -14.40 21.70 11.29
N ALA B 109 -13.53 22.33 12.07
CA ALA B 109 -13.39 23.79 11.99
C ALA B 109 -12.86 24.23 10.63
N SER B 110 -11.97 23.44 10.03
CA SER B 110 -11.48 23.73 8.69
C SER B 110 -12.59 23.64 7.67
N VAL B 111 -13.46 22.63 7.78
CA VAL B 111 -14.59 22.51 6.87
C VAL B 111 -15.52 23.72 7.00
N TRP B 112 -15.78 24.13 8.24
CA TRP B 112 -16.63 25.29 8.47
C TRP B 112 -16.01 26.56 7.88
N HIS B 113 -14.71 26.74 8.05
CA HIS B 113 -14.06 27.93 7.53
C HIS B 113 -13.90 27.91 6.02
N TRP B 114 -13.85 26.71 5.42
CA TRP B 114 -13.88 26.62 3.97
C TRP B 114 -15.23 27.03 3.42
N VAL B 115 -16.31 26.57 4.05
CA VAL B 115 -17.64 26.90 3.55
C VAL B 115 -17.96 28.37 3.80
N TYR B 116 -17.68 28.86 5.01
CA TYR B 116 -17.98 30.25 5.39
C TYR B 116 -16.69 31.04 5.36
N TRP B 117 -16.41 31.66 4.21
CA TRP B 117 -15.18 32.40 3.99
C TRP B 117 -15.39 33.90 3.86
N ASP B 118 -16.63 34.36 3.69
CA ASP B 118 -16.95 35.76 3.41
C ASP B 118 -17.34 36.52 4.68
N LEU B 119 -16.69 36.19 5.79
CA LEU B 119 -17.03 36.82 7.07
C LEU B 119 -16.65 38.30 7.07
N GLU B 120 -17.53 39.11 7.67
CA GLU B 120 -17.34 40.56 7.73
C GLU B 120 -16.08 40.92 8.51
N LEU B 121 -15.63 40.03 9.40
CA LEU B 121 -14.38 40.22 10.14
C LEU B 121 -13.19 40.36 9.20
N PHE B 122 -13.24 39.72 8.03
CA PHE B 122 -12.16 39.83 7.06
C PHE B 122 -12.33 41.02 6.12
N ARG B 123 -13.35 41.84 6.30
CA ARG B 123 -13.63 42.96 5.42
C ARG B 123 -13.18 44.27 6.05
N ASP B 124 -12.61 45.13 5.22
CA ASP B 124 -12.20 46.45 5.69
C ASP B 124 -13.45 47.31 5.93
N PRO B 125 -13.55 48.01 7.06
CA PRO B 125 -14.78 48.76 7.34
C PRO B 125 -14.96 50.01 6.48
N ARG B 126 -13.88 50.67 6.06
CA ARG B 126 -14.01 51.93 5.35
C ARG B 126 -13.92 51.80 3.84
N THR B 127 -13.27 50.76 3.32
CA THR B 127 -13.18 50.58 1.88
C THR B 127 -14.09 49.48 1.35
N GLY B 128 -14.48 48.54 2.20
CA GLY B 128 -15.33 47.44 1.79
C GLY B 128 -14.60 46.27 1.19
N LYS B 129 -13.33 46.42 0.85
CA LYS B 129 -12.54 45.34 0.29
C LYS B 129 -12.03 44.42 1.41
N THR B 130 -11.47 43.29 1.01
CA THR B 130 -10.98 42.30 1.95
C THR B 130 -9.53 42.62 2.31
N ALA B 131 -9.26 42.76 3.60
CA ALA B 131 -7.92 43.10 4.07
C ALA B 131 -7.70 42.53 5.46
N LEU B 132 -6.43 42.38 5.82
CA LEU B 132 -6.01 41.91 7.12
C LEU B 132 -5.05 42.92 7.73
N ASP B 133 -5.29 43.30 8.98
CA ASP B 133 -4.40 44.23 9.68
C ASP B 133 -3.26 43.44 10.30
N LEU B 134 -2.29 43.12 9.46
CA LEU B 134 -1.19 42.23 9.86
C LEU B 134 -0.36 42.72 11.05
N PRO B 135 -0.03 44.02 11.22
CA PRO B 135 0.63 44.41 12.49
C PRO B 135 -0.19 44.13 13.73
N LYS B 136 -1.51 44.32 13.68
CA LYS B 136 -2.34 44.04 14.85
C LYS B 136 -2.47 42.54 15.08
N ILE B 137 -2.58 41.76 14.00
CA ILE B 137 -2.61 40.31 14.12
C ILE B 137 -1.32 39.80 14.74
N PHE B 138 -0.18 40.38 14.31
CA PHE B 138 1.10 40.03 14.90
C PHE B 138 1.17 40.40 16.37
N GLY B 139 0.62 41.56 16.74
CA GLY B 139 0.61 41.94 18.14
C GLY B 139 -0.19 40.99 19.01
N ILE B 140 -1.36 40.59 18.52
CA ILE B 140 -2.20 39.63 19.25
C ILE B 140 -1.49 38.28 19.37
N HIS B 141 -0.90 37.82 18.27
CA HIS B 141 -0.23 36.52 18.28
C HIS B 141 1.02 36.54 19.16
N LEU B 142 1.75 37.65 19.17
CA LEU B 142 2.92 37.77 20.03
C LEU B 142 2.51 37.83 21.49
N PHE B 143 1.40 38.50 21.80
CA PHE B 143 0.89 38.50 23.17
C PHE B 143 0.51 37.10 23.62
N LEU B 144 -0.17 36.34 22.75
CA LEU B 144 -0.54 34.96 23.08
C LEU B 144 0.69 34.08 23.25
N ALA B 145 1.69 34.25 22.37
CA ALA B 145 2.90 33.46 22.46
C ALA B 145 3.67 33.78 23.73
N GLY B 146 3.73 35.06 24.11
CA GLY B 146 4.37 35.42 25.36
C GLY B 146 3.65 34.86 26.56
N LEU B 147 2.31 34.88 26.54
CA LEU B 147 1.54 34.30 27.63
C LEU B 147 1.79 32.80 27.75
N LEU B 148 1.81 32.11 26.60
CA LEU B 148 2.05 30.66 26.61
C LEU B 148 3.45 30.33 27.08
N CYS B 149 4.47 31.10 26.63
CA CYS B 149 5.84 30.87 27.05
C CYS B 149 6.01 31.12 28.55
N PHE B 150 5.42 32.21 29.05
CA PHE B 150 5.51 32.51 30.47
C PHE B 150 4.80 31.46 31.30
N GLY B 151 3.63 30.98 30.86
CA GLY B 151 2.93 29.95 31.58
C GLY B 151 3.69 28.64 31.60
N PHE B 152 4.24 28.24 30.45
CA PHE B 152 5.01 27.01 30.36
C PHE B 152 6.27 27.08 31.20
N GLY B 153 6.85 28.27 31.35
CA GLY B 153 8.05 28.38 32.16
C GLY B 153 7.86 28.65 33.63
N ALA B 154 6.70 29.20 34.00
CA ALA B 154 6.45 29.52 35.39
C ALA B 154 5.60 28.48 36.10
N PHE B 155 4.83 27.68 35.35
CA PHE B 155 3.95 26.71 35.99
C PHE B 155 4.28 25.27 35.64
N HIS B 156 4.61 24.98 34.39
CA HIS B 156 4.86 23.59 34.00
C HIS B 156 6.25 23.13 34.43
N VAL B 157 7.29 23.77 33.92
CA VAL B 157 8.65 23.28 34.14
C VAL B 157 9.16 23.55 35.55
N THR B 158 8.64 24.56 36.24
CA THR B 158 9.03 24.80 37.62
C THR B 158 8.29 23.92 38.60
N GLY B 159 7.24 23.23 38.16
CA GLY B 159 6.53 22.30 39.00
C GLY B 159 5.60 22.91 40.02
N VAL B 160 5.36 24.23 39.96
CA VAL B 160 4.41 24.81 40.90
C VAL B 160 2.99 24.39 40.56
N PHE B 161 2.74 24.09 39.29
CA PHE B 161 1.49 23.48 38.86
C PHE B 161 1.70 22.27 37.97
N GLY B 162 2.71 22.32 37.10
CA GLY B 162 3.00 21.22 36.19
C GLY B 162 3.91 20.17 36.82
N PRO B 163 4.34 19.21 36.00
CA PRO B 163 5.18 18.12 36.52
C PRO B 163 6.67 18.44 36.53
N GLY B 164 7.09 19.40 35.73
CA GLY B 164 8.51 19.67 35.54
C GLY B 164 8.99 19.13 34.20
N ILE B 165 10.29 18.87 34.14
CA ILE B 165 10.90 18.30 32.94
C ILE B 165 11.86 17.19 33.36
N TRP B 166 12.41 16.50 32.36
CA TRP B 166 13.32 15.40 32.59
C TRP B 166 14.72 15.93 32.88
N VAL B 167 15.26 15.56 34.05
CA VAL B 167 16.64 15.84 34.39
C VAL B 167 17.28 14.52 34.80
N SER B 168 18.60 14.43 34.61
CA SER B 168 19.25 13.14 34.77
C SER B 168 20.66 13.32 35.31
N ASP B 169 21.33 12.18 35.46
CA ASP B 169 22.76 12.11 35.75
C ASP B 169 23.51 12.67 34.54
N PRO B 170 24.64 13.36 34.75
CA PRO B 170 25.50 13.70 33.60
C PRO B 170 25.97 12.50 32.81
N TYR B 171 26.05 11.32 33.43
CA TYR B 171 26.37 10.08 32.72
C TYR B 171 25.13 9.29 32.33
N GLY B 172 23.94 9.83 32.57
CA GLY B 172 22.72 9.20 32.14
C GLY B 172 22.30 7.97 32.91
N LEU B 173 22.73 7.84 34.16
CA LEU B 173 22.35 6.67 34.94
C LEU B 173 20.96 6.82 35.54
N THR B 174 20.79 7.83 36.40
CA THR B 174 19.54 8.07 37.09
C THR B 174 18.91 9.36 36.57
N GLY B 175 17.66 9.28 36.12
CA GLY B 175 16.98 10.45 35.60
C GLY B 175 15.48 10.27 35.67
N SER B 176 14.78 11.39 35.82
CA SER B 176 13.33 11.37 35.95
C SER B 176 12.78 12.75 35.64
N VAL B 177 11.46 12.82 35.56
CA VAL B 177 10.75 14.08 35.36
C VAL B 177 10.47 14.67 36.74
N GLN B 178 10.95 15.89 36.96
CA GLN B 178 10.76 16.55 38.24
C GLN B 178 10.81 18.06 38.01
N PRO B 179 10.32 18.86 38.97
CA PRO B 179 10.43 20.31 38.84
C PRO B 179 11.88 20.78 38.87
N VAL B 180 12.12 21.89 38.17
CA VAL B 180 13.44 22.48 38.05
C VAL B 180 13.39 23.93 38.52
N ALA B 181 14.27 24.29 39.44
CA ALA B 181 14.36 25.67 39.90
C ALA B 181 15.08 26.52 38.87
N PRO B 182 14.52 27.67 38.48
CA PRO B 182 15.18 28.51 37.47
C PRO B 182 16.49 29.10 37.96
N SER B 183 17.41 29.29 37.01
CA SER B 183 18.73 29.87 37.27
C SER B 183 18.81 31.22 36.58
N TRP B 184 18.86 32.29 37.37
CA TRP B 184 18.86 33.64 36.84
C TRP B 184 20.25 34.21 36.62
N GLY B 185 21.30 33.47 36.98
CA GLY B 185 22.67 33.92 36.78
C GLY B 185 23.19 33.55 35.40
N ALA B 186 24.50 33.73 35.24
CA ALA B 186 25.16 33.37 34.00
C ALA B 186 25.07 31.87 33.73
N GLU B 187 24.98 31.06 34.80
CA GLU B 187 24.76 29.63 34.66
C GLU B 187 23.44 29.32 33.97
N GLY B 188 22.48 30.23 34.01
CA GLY B 188 21.24 30.06 33.27
C GLY B 188 21.45 30.03 31.77
N PHE B 189 22.55 30.61 31.29
CA PHE B 189 22.91 30.52 29.89
C PHE B 189 23.82 29.34 29.60
N ASP B 190 24.08 28.52 30.60
CA ASP B 190 24.76 27.26 30.41
C ASP B 190 23.80 26.32 29.68
N PRO B 191 24.14 25.84 28.48
CA PRO B 191 23.21 24.99 27.73
C PRO B 191 22.83 23.70 28.42
N TYR B 192 23.74 23.12 29.19
CA TYR B 192 23.46 21.86 29.88
C TYR B 192 22.84 22.07 31.25
N ASN B 193 22.72 23.31 31.70
CA ASN B 193 22.06 23.58 32.97
C ASN B 193 20.56 23.47 32.78
N PRO B 194 19.88 22.56 33.48
CA PRO B 194 18.42 22.46 33.33
C PRO B 194 17.67 23.65 33.87
N GLY B 195 18.27 24.44 34.76
CA GLY B 195 17.61 25.61 35.32
C GLY B 195 17.49 26.78 34.38
N GLY B 196 18.22 26.77 33.27
CA GLY B 196 18.14 27.85 32.31
C GLY B 196 16.93 27.82 31.41
N VAL B 197 16.20 26.70 31.39
CA VAL B 197 14.99 26.58 30.57
C VAL B 197 13.81 27.28 31.25
N PRO B 198 13.52 27.08 32.55
CA PRO B 198 12.46 27.90 33.17
C PRO B 198 12.77 29.39 33.21
N ALA B 199 14.03 29.77 33.45
CA ALA B 199 14.39 31.19 33.48
C ALA B 199 14.20 31.83 32.11
N HIS B 200 14.63 31.11 31.06
CA HIS B 200 14.27 31.49 29.70
C HIS B 200 12.79 31.70 29.52
N HIS B 201 11.99 30.69 29.83
CA HIS B 201 10.61 30.75 29.38
C HIS B 201 9.85 31.82 30.14
N ILE B 202 10.23 32.06 31.41
CA ILE B 202 9.66 33.17 32.16
C ILE B 202 10.07 34.51 31.56
N ALA B 203 11.37 34.71 31.32
CA ALA B 203 11.86 36.01 30.85
C ALA B 203 11.40 36.30 29.44
N ALA B 204 11.49 35.32 28.55
CA ALA B 204 11.03 35.46 27.17
C ALA B 204 9.53 35.61 27.10
N GLY B 205 8.77 34.96 27.99
CA GLY B 205 7.34 35.19 28.02
C GLY B 205 6.98 36.60 28.45
N ILE B 206 7.68 37.12 29.46
CA ILE B 206 7.44 38.49 29.90
C ILE B 206 7.77 39.48 28.79
N LEU B 207 8.92 39.27 28.13
CA LEU B 207 9.32 40.15 27.04
C LEU B 207 8.37 40.03 25.85
N GLY B 208 7.87 38.83 25.57
CA GLY B 208 6.91 38.65 24.49
C GLY B 208 5.58 39.31 24.79
N VAL B 209 5.14 39.25 26.04
CA VAL B 209 3.90 39.93 26.44
C VAL B 209 4.07 41.44 26.28
N LEU B 210 5.21 41.98 26.73
CA LEU B 210 5.47 43.41 26.60
C LEU B 210 5.54 43.84 25.13
N ALA B 211 6.21 43.05 24.29
CA ALA B 211 6.31 43.37 22.87
C ALA B 211 4.96 43.23 22.17
N GLY B 212 4.15 42.25 22.58
CA GLY B 212 2.82 42.13 22.01
C GLY B 212 1.93 43.30 22.38
N LEU B 213 2.04 43.78 23.63
CA LEU B 213 1.32 44.99 24.02
C LEU B 213 1.80 46.20 23.23
N PHE B 214 3.11 46.29 22.99
CA PHE B 214 3.65 47.39 22.21
C PHE B 214 3.13 47.35 20.77
N HIS B 215 3.09 46.16 20.17
CA HIS B 215 2.58 46.05 18.80
C HIS B 215 1.07 46.27 18.74
N LEU B 216 0.35 45.93 19.80
CA LEU B 216 -1.07 46.23 19.86
C LEU B 216 -1.30 47.74 19.91
N CYS B 217 -0.48 48.46 20.68
CA CYS B 217 -0.71 49.88 20.90
C CYS B 217 -0.09 50.78 19.84
N VAL B 218 0.98 50.36 19.18
CA VAL B 218 1.77 51.22 18.30
C VAL B 218 1.73 50.68 16.88
N ARG B 219 1.36 51.54 15.92
CA ARG B 219 1.35 51.25 14.50
C ARG B 219 2.75 51.42 13.91
N PRO B 220 3.06 50.72 12.82
CA PRO B 220 4.37 50.92 12.18
C PRO B 220 4.42 52.22 11.40
N SER B 221 5.65 52.61 11.05
CA SER B 221 5.84 53.80 10.24
C SER B 221 5.57 53.50 8.77
N ILE B 222 5.36 54.57 8.00
CA ILE B 222 5.00 54.41 6.59
C ILE B 222 6.19 53.90 5.79
N ARG B 223 7.40 54.40 6.08
CA ARG B 223 8.59 53.98 5.36
C ARG B 223 8.88 52.51 5.59
N LEU B 224 8.76 52.04 6.83
CA LEU B 224 9.00 50.63 7.14
C LEU B 224 7.90 49.75 6.58
N TYR B 225 6.66 50.25 6.60
CA TYR B 225 5.52 49.54 6.03
C TYR B 225 5.72 49.29 4.54
N PHE B 226 6.17 50.30 3.82
CA PHE B 226 6.40 50.12 2.38
C PHE B 226 7.69 49.36 2.11
N GLY B 227 8.71 49.49 2.98
CA GLY B 227 9.94 48.76 2.77
C GLY B 227 9.78 47.26 2.93
N LEU B 228 9.04 46.83 3.95
CA LEU B 228 8.85 45.40 4.19
C LEU B 228 7.55 44.85 3.64
N SER B 229 6.73 45.70 3.01
CA SER B 229 5.44 45.31 2.43
C SER B 229 4.55 44.63 3.47
N MET B 230 4.25 45.38 4.53
CA MET B 230 3.43 44.84 5.61
C MET B 230 1.97 44.65 5.21
N GLY B 231 1.54 45.22 4.08
CA GLY B 231 0.22 44.91 3.56
C GLY B 231 0.16 43.64 2.76
N SER B 232 1.28 42.95 2.60
CA SER B 232 1.38 41.73 1.82
C SER B 232 1.55 40.54 2.73
N ILE B 233 0.75 39.50 2.50
CA ILE B 233 0.84 38.24 3.23
C ILE B 233 2.06 37.43 2.78
N GLU B 234 2.58 37.72 1.59
CA GLU B 234 3.74 37.01 1.08
C GLU B 234 5.00 37.40 1.86
N SER B 235 5.07 38.66 2.29
CA SER B 235 6.23 39.15 3.05
C SER B 235 6.29 38.51 4.43
N VAL B 236 5.16 38.46 5.14
CA VAL B 236 5.13 37.78 6.42
C VAL B 236 5.35 36.28 6.24
N LEU B 237 4.94 35.71 5.10
CA LEU B 237 5.29 34.32 4.83
C LEU B 237 6.80 34.13 4.75
N SER B 238 7.49 35.03 4.04
CA SER B 238 8.94 34.93 3.92
C SER B 238 9.63 35.12 5.28
N SER B 239 9.17 36.09 6.07
CA SER B 239 9.78 36.33 7.39
C SER B 239 9.55 35.16 8.33
N SER B 240 8.34 34.60 8.32
CA SER B 240 8.03 33.47 9.18
C SER B 240 8.86 32.25 8.79
N ILE B 241 9.03 32.01 7.48
CA ILE B 241 9.86 30.89 7.03
C ILE B 241 11.31 31.11 7.45
N ALA B 242 11.77 32.36 7.42
CA ALA B 242 13.13 32.68 7.86
C ALA B 242 13.33 32.33 9.33
N ALA B 243 12.41 32.80 10.19
CA ALA B 243 12.50 32.50 11.62
C ALA B 243 12.38 31.00 11.88
N VAL B 244 11.53 30.32 11.12
CA VAL B 244 11.30 28.90 11.32
C VAL B 244 12.54 28.08 10.95
N PHE B 245 13.22 28.41 9.85
CA PHE B 245 14.43 27.62 9.56
C PHE B 245 15.59 28.02 10.45
N TRP B 246 15.61 29.26 10.97
CA TRP B 246 16.56 29.60 12.03
C TRP B 246 16.37 28.68 13.23
N ALA B 247 15.12 28.54 13.67
CA ALA B 247 14.82 27.68 14.81
C ALA B 247 15.11 26.21 14.50
N ALA B 248 14.91 25.79 13.25
CA ALA B 248 15.23 24.41 12.87
C ALA B 248 16.72 24.15 12.93
N PHE B 249 17.54 25.11 12.47
CA PHE B 249 18.98 24.97 12.59
C PHE B 249 19.40 24.92 14.05
N VAL B 250 18.75 25.73 14.90
CA VAL B 250 19.08 25.74 16.32
C VAL B 250 18.73 24.39 16.98
N VAL B 251 17.54 23.85 16.67
CA VAL B 251 17.16 22.58 17.30
C VAL B 251 18.01 21.44 16.78
N ALA B 252 18.40 21.47 15.50
CA ALA B 252 19.30 20.44 14.99
C ALA B 252 20.66 20.51 15.67
N GLY B 253 21.19 21.72 15.88
CA GLY B 253 22.45 21.86 16.58
C GLY B 253 22.39 21.40 18.02
N THR B 254 21.32 21.76 18.73
CA THR B 254 21.21 21.34 20.13
C THR B 254 20.99 19.83 20.24
N MET B 255 20.23 19.24 19.31
CA MET B 255 20.05 17.79 19.29
C MET B 255 21.36 17.08 19.02
N TRP B 256 22.16 17.59 18.08
CA TRP B 256 23.41 16.91 17.74
C TRP B 256 24.46 17.06 18.82
N TYR B 257 24.64 18.26 19.35
CA TYR B 257 25.68 18.47 20.36
C TYR B 257 25.24 18.13 21.77
N GLY B 258 23.95 17.87 21.99
CA GLY B 258 23.49 17.55 23.33
C GLY B 258 23.24 18.80 24.16
N SER B 259 22.22 18.76 25.01
CA SER B 259 21.89 19.89 25.87
C SER B 259 21.06 19.37 27.04
N ALA B 260 20.65 20.29 27.92
CA ALA B 260 19.77 19.92 29.01
C ALA B 260 18.38 19.55 28.50
N ALA B 261 17.96 20.15 27.39
CA ALA B 261 16.69 19.84 26.75
C ALA B 261 16.77 18.63 25.84
N THR B 262 17.91 17.97 25.76
CA THR B 262 18.10 16.77 24.96
C THR B 262 18.75 15.70 25.84
N PRO B 263 17.97 15.02 26.66
CA PRO B 263 18.55 14.05 27.60
C PRO B 263 19.12 12.83 26.90
N ILE B 264 20.20 12.30 27.49
CA ILE B 264 20.85 11.12 26.96
C ILE B 264 19.95 9.89 27.13
N GLU B 265 19.25 9.81 28.26
CA GLU B 265 18.39 8.66 28.53
C GLU B 265 17.18 8.61 27.61
N LEU B 266 16.88 9.69 26.91
CA LEU B 266 15.75 9.73 25.98
C LEU B 266 16.18 9.69 24.53
N PHE B 267 17.27 10.37 24.16
CA PHE B 267 17.68 10.46 22.77
C PHE B 267 18.93 9.66 22.43
N GLY B 268 19.48 8.92 23.39
CA GLY B 268 20.70 8.18 23.16
C GLY B 268 21.93 9.02 23.45
N PRO B 269 23.09 8.39 23.47
CA PRO B 269 24.33 9.13 23.70
C PRO B 269 24.73 9.99 22.50
N THR B 270 25.84 10.71 22.64
CA THR B 270 26.31 11.64 21.63
C THR B 270 27.58 11.13 20.97
N ARG B 271 27.73 11.44 19.68
CA ARG B 271 28.94 11.09 18.97
C ARG B 271 30.15 11.78 19.57
N TYR B 272 29.97 12.97 20.13
CA TYR B 272 31.06 13.65 20.83
C TYR B 272 31.32 13.01 22.18
N GLN B 273 30.30 12.41 22.79
CA GLN B 273 30.53 11.63 24.00
C GLN B 273 31.35 10.39 23.70
N TRP B 274 31.15 9.79 22.53
CA TRP B 274 31.98 8.65 22.14
C TRP B 274 33.40 9.09 21.79
N ASP B 275 33.52 10.15 21.00
CA ASP B 275 34.83 10.62 20.54
C ASP B 275 35.67 11.13 21.69
N GLN B 276 35.07 11.83 22.64
CA GLN B 276 35.78 12.47 23.73
C GLN B 276 35.99 11.56 24.93
N GLY B 277 35.57 10.30 24.84
CA GLY B 277 35.78 9.35 25.92
C GLY B 277 35.07 9.71 27.22
N PHE B 278 33.83 10.16 27.12
CA PHE B 278 33.09 10.60 28.30
C PHE B 278 32.76 9.43 29.22
N PHE B 279 31.99 8.47 28.71
CA PHE B 279 31.62 7.30 29.51
C PHE B 279 32.83 6.42 29.80
N GLN B 280 33.77 6.32 28.85
CA GLN B 280 34.98 5.54 29.08
C GLN B 280 35.81 6.13 30.21
N GLN B 281 35.97 7.46 30.22
CA GLN B 281 36.71 8.12 31.28
C GLN B 281 36.01 7.96 32.63
N GLU B 282 34.67 8.09 32.65
CA GLU B 282 33.95 7.91 33.90
C GLU B 282 34.06 6.49 34.43
N ILE B 283 33.97 5.50 33.53
CA ILE B 283 34.07 4.10 33.93
C ILE B 283 35.46 3.81 34.48
N GLN B 284 36.50 4.29 33.80
CA GLN B 284 37.86 4.05 34.26
C GLN B 284 38.15 4.78 35.56
N LYS B 285 37.58 5.98 35.74
CA LYS B 285 37.74 6.69 37.00
C LYS B 285 37.05 5.97 38.15
N ARG B 286 35.86 5.41 37.90
CA ARG B 286 35.17 4.63 38.92
C ARG B 286 35.97 3.39 39.30
N VAL B 287 36.51 2.69 38.30
CA VAL B 287 37.30 1.49 38.56
C VAL B 287 38.57 1.84 39.33
N ALA B 288 39.23 2.94 38.96
CA ALA B 288 40.45 3.35 39.66
C ALA B 288 40.16 3.77 41.09
N GLN B 289 39.05 4.50 41.31
CA GLN B 289 38.69 4.91 42.66
C GLN B 289 38.31 3.70 43.52
N SER B 290 37.68 2.70 42.92
CA SER B 290 37.35 1.48 43.66
C SER B 290 38.61 0.70 44.02
N THR B 291 39.50 0.48 43.04
CA THR B 291 40.69 -0.31 43.27
C THR B 291 41.75 0.43 44.08
N SER B 292 41.63 1.75 44.25
CA SER B 292 42.55 2.48 45.10
C SER B 292 42.18 2.43 46.57
N GLU B 293 41.01 1.88 46.90
CA GLU B 293 40.57 1.74 48.28
C GLU B 293 40.65 0.29 48.75
N GLY B 294 41.55 -0.49 48.17
CA GLY B 294 41.72 -1.87 48.56
C GLY B 294 40.60 -2.78 48.10
N LEU B 295 40.41 -2.88 46.79
CA LEU B 295 39.36 -3.70 46.22
C LEU B 295 39.93 -4.47 45.03
N SER B 296 39.63 -5.76 44.98
CA SER B 296 40.13 -6.60 43.89
C SER B 296 39.51 -6.19 42.57
N VAL B 297 40.29 -6.26 41.50
CA VAL B 297 39.75 -5.86 40.20
C VAL B 297 39.12 -7.09 39.53
N SER B 298 38.03 -7.54 40.12
CA SER B 298 37.05 -8.43 39.50
C SER B 298 35.69 -8.00 40.02
N GLU B 299 35.72 -7.37 41.20
CA GLU B 299 34.54 -6.86 41.88
C GLU B 299 34.47 -5.35 41.87
N ALA B 300 35.58 -4.67 41.55
CA ALA B 300 35.52 -3.25 41.26
C ALA B 300 34.80 -3.00 39.94
N TRP B 301 34.94 -3.93 38.99
CA TRP B 301 34.22 -3.84 37.72
C TRP B 301 32.76 -4.24 37.88
N ALA B 302 32.47 -5.17 38.80
CA ALA B 302 31.09 -5.56 39.07
C ALA B 302 30.28 -4.41 39.66
N LYS B 303 30.94 -3.44 40.28
CA LYS B 303 30.26 -2.23 40.75
C LYS B 303 29.85 -1.32 39.59
N ILE B 304 30.41 -1.53 38.41
CA ILE B 304 30.07 -0.71 37.25
C ILE B 304 28.64 -1.05 36.80
N PRO B 305 27.76 -0.06 36.67
CA PRO B 305 26.39 -0.36 36.27
C PRO B 305 26.28 -0.85 34.84
N GLU B 306 25.19 -1.57 34.57
CA GLU B 306 24.93 -2.08 33.22
C GLU B 306 24.68 -0.95 32.23
N LYS B 307 24.10 0.16 32.70
CA LYS B 307 23.73 1.24 31.79
C LYS B 307 24.95 2.01 31.31
N LEU B 308 25.92 2.25 32.20
CA LEU B 308 27.11 3.01 31.82
C LEU B 308 27.96 2.27 30.80
N ALA B 309 28.14 0.96 30.99
CA ALA B 309 28.87 0.16 30.02
C ALA B 309 28.15 0.11 28.68
N PHE B 310 26.81 0.13 28.70
CA PHE B 310 26.05 0.19 27.46
C PHE B 310 26.22 1.53 26.78
N TYR B 311 26.33 2.61 27.56
CA TYR B 311 26.61 3.92 26.98
C TYR B 311 28.00 3.94 26.33
N ASP B 312 28.97 3.26 26.94
CA ASP B 312 30.32 3.19 26.38
C ASP B 312 30.39 2.05 25.36
N TYR B 313 29.76 2.28 24.21
CA TYR B 313 29.68 1.27 23.16
C TYR B 313 29.41 1.98 21.83
N ILE B 314 30.28 1.75 20.84
CA ILE B 314 30.18 2.46 19.56
C ILE B 314 28.92 2.12 18.80
N GLY B 315 28.28 0.98 19.09
CA GLY B 315 27.02 0.66 18.47
C GLY B 315 25.89 1.59 18.88
N ASN B 316 26.05 2.29 20.00
CA ASN B 316 25.11 3.32 20.40
C ASN B 316 25.49 4.69 19.86
N ASN B 317 26.51 4.76 19.02
CA ASN B 317 26.95 6.01 18.43
C ASN B 317 25.90 6.51 17.44
N PRO B 318 25.37 7.72 17.60
CA PRO B 318 24.41 8.24 16.61
C PRO B 318 25.00 8.44 15.23
N ALA B 319 26.28 8.79 15.15
CA ALA B 319 26.95 8.98 13.86
C ALA B 319 27.63 7.70 13.39
N LYS B 320 26.85 6.60 13.39
CA LYS B 320 27.37 5.30 13.01
C LYS B 320 26.45 4.55 12.04
N GLY B 321 25.20 4.95 11.90
CA GLY B 321 24.28 4.26 11.02
C GLY B 321 24.44 4.66 9.57
N GLY B 322 23.38 4.42 8.80
CA GLY B 322 23.39 4.74 7.39
C GLY B 322 22.13 5.46 6.98
N LEU B 323 22.18 6.05 5.79
CA LEU B 323 21.02 6.77 5.27
C LEU B 323 19.86 5.83 5.00
N PHE B 324 20.14 4.64 4.47
CA PHE B 324 19.11 3.67 4.15
C PHE B 324 19.17 2.43 5.04
N ARG B 325 19.91 2.52 6.16
CA ARG B 325 19.84 1.51 7.20
C ARG B 325 18.65 1.90 8.08
N THR B 326 17.47 1.46 7.66
CA THR B 326 16.22 1.92 8.24
C THR B 326 15.85 1.10 9.46
N GLY B 327 15.08 1.70 10.35
CA GLY B 327 14.47 1.02 11.45
C GLY B 327 15.11 1.29 12.79
N ALA B 328 14.80 0.42 13.75
CA ALA B 328 15.28 0.55 15.11
C ALA B 328 16.77 0.20 15.19
N MET B 329 17.37 0.62 16.30
CA MET B 329 18.77 0.29 16.55
C MET B 329 18.92 -1.18 16.93
N ASN B 330 17.88 -1.77 17.54
CA ASN B 330 17.89 -3.19 17.86
C ASN B 330 17.89 -4.03 16.60
N SER B 331 17.19 -3.58 15.56
CA SER B 331 17.13 -4.31 14.29
C SER B 331 18.46 -4.34 13.57
N GLY B 332 19.43 -3.54 13.99
CA GLY B 332 20.75 -3.57 13.40
C GLY B 332 21.64 -4.67 13.96
N ASP B 333 21.85 -4.68 15.27
CA ASP B 333 22.80 -5.61 15.87
C ASP B 333 22.22 -6.34 17.08
N GLY B 334 20.92 -6.61 17.08
CA GLY B 334 20.32 -7.39 18.14
C GLY B 334 19.94 -6.55 19.35
N ILE B 335 19.12 -7.16 20.22
CA ILE B 335 18.74 -6.56 21.48
C ILE B 335 19.77 -6.98 22.53
N ALA B 336 20.34 -6.00 23.23
CA ALA B 336 21.36 -6.31 24.23
C ALA B 336 20.74 -7.04 25.42
N VAL B 337 21.35 -8.15 25.80
CA VAL B 337 20.83 -8.98 26.89
C VAL B 337 21.76 -9.07 28.09
N GLY B 338 23.00 -8.62 27.97
CA GLY B 338 23.90 -8.64 29.10
C GLY B 338 25.29 -8.14 28.72
N TRP B 339 26.02 -7.73 29.75
CA TRP B 339 27.38 -7.21 29.61
C TRP B 339 28.34 -8.35 29.84
N LEU B 340 29.14 -8.68 28.82
CA LEU B 340 30.12 -9.76 28.98
C LEU B 340 31.23 -9.39 29.95
N GLY B 341 31.55 -8.11 30.05
CA GLY B 341 32.57 -7.64 30.96
C GLY B 341 33.64 -6.83 30.24
N HIS B 342 34.60 -6.38 31.03
CA HIS B 342 35.71 -5.59 30.51
C HIS B 342 36.84 -6.54 30.10
N ALA B 343 37.13 -6.57 28.81
CA ALA B 343 38.15 -7.45 28.27
C ALA B 343 39.52 -6.86 28.57
N SER B 344 40.28 -7.52 29.45
CA SER B 344 41.63 -7.12 29.78
C SER B 344 42.60 -8.11 29.14
N PHE B 345 43.58 -7.59 28.41
CA PHE B 345 44.50 -8.40 27.61
C PHE B 345 45.90 -8.31 28.17
N LYS B 346 46.60 -9.45 28.20
CA LYS B 346 47.97 -9.53 28.67
C LYS B 346 48.84 -10.25 27.65
N ASP B 347 50.13 -9.98 27.71
CA ASP B 347 51.09 -10.64 26.84
C ASP B 347 51.57 -11.94 27.48
N GLN B 348 52.55 -12.59 26.84
CA GLN B 348 53.09 -13.84 27.38
C GLN B 348 53.91 -13.58 28.64
N GLU B 349 54.78 -12.56 28.59
CA GLU B 349 55.56 -12.21 29.78
C GLU B 349 54.70 -11.52 30.83
N GLY B 350 53.68 -10.78 30.40
CA GLY B 350 52.76 -10.14 31.32
C GLY B 350 52.84 -8.63 31.39
N ARG B 351 51.96 -7.97 30.65
CA ARG B 351 51.75 -6.53 30.70
C ARG B 351 50.42 -6.23 30.04
N GLU B 352 49.74 -5.20 30.54
CA GLU B 352 48.39 -4.92 30.10
C GLU B 352 48.39 -4.21 28.75
N LEU B 353 47.59 -4.73 27.82
CA LEU B 353 47.41 -4.14 26.50
C LEU B 353 46.01 -3.55 26.40
N PHE B 354 45.85 -2.60 25.48
CA PHE B 354 44.57 -1.93 25.28
C PHE B 354 44.24 -1.93 23.79
N VAL B 355 43.02 -2.33 23.46
CA VAL B 355 42.58 -2.33 22.07
C VAL B 355 42.26 -0.91 21.66
N ARG B 356 42.83 -0.47 20.55
CA ARG B 356 42.57 0.85 20.00
C ARG B 356 41.13 0.91 19.48
N ARG B 357 40.34 1.80 20.08
CA ARG B 357 38.93 1.87 19.75
C ARG B 357 38.68 2.43 18.35
N MET B 358 37.57 2.01 17.76
CA MET B 358 37.20 2.50 16.43
C MET B 358 36.76 3.96 16.50
N PRO B 359 37.31 4.83 15.67
CA PRO B 359 36.80 6.20 15.61
C PRO B 359 35.45 6.25 14.90
N THR B 360 34.83 7.42 14.95
CA THR B 360 33.49 7.58 14.40
C THR B 360 33.49 7.54 12.87
N PHE B 361 34.56 8.04 12.24
CA PHE B 361 34.59 8.12 10.78
C PHE B 361 34.69 6.75 10.13
N PHE B 362 35.22 5.75 10.83
CA PHE B 362 35.60 4.50 10.20
C PHE B 362 34.42 3.53 10.13
N GLU B 363 34.14 3.03 8.92
CA GLU B 363 33.26 1.88 8.80
C GLU B 363 33.94 0.62 9.29
N THR B 364 35.25 0.52 9.07
CA THR B 364 36.05 -0.60 9.54
C THR B 364 37.36 -0.07 10.11
N PHE B 365 37.98 -0.89 10.95
CA PHE B 365 39.19 -0.47 11.62
C PHE B 365 40.08 -1.69 11.86
N PRO B 366 41.38 -1.60 11.61
CA PRO B 366 42.27 -2.70 11.97
C PRO B 366 42.32 -2.90 13.48
N VAL B 367 42.41 -4.14 13.90
CA VAL B 367 42.41 -4.49 15.31
C VAL B 367 43.85 -4.50 15.80
N VAL B 368 44.21 -3.51 16.61
CA VAL B 368 45.53 -3.45 17.21
C VAL B 368 45.38 -3.31 18.72
N LEU B 369 46.35 -3.86 19.45
CA LEU B 369 46.41 -3.85 20.90
C LEU B 369 47.74 -3.23 21.27
N ILE B 370 47.70 -2.02 21.85
CA ILE B 370 48.91 -1.27 22.08
C ILE B 370 49.17 -1.16 23.57
N ASP B 371 50.40 -0.78 23.90
CA ASP B 371 50.88 -0.72 25.27
C ASP B 371 50.37 0.54 25.97
N LYS B 372 50.62 0.61 27.27
CA LYS B 372 50.26 1.78 28.06
C LYS B 372 51.03 3.01 27.60
N ASP B 373 52.30 2.84 27.24
CA ASP B 373 53.10 3.96 26.76
C ASP B 373 52.60 4.47 25.42
N GLY B 374 52.13 3.58 24.55
CA GLY B 374 51.62 4.00 23.26
C GLY B 374 52.32 3.35 22.09
N VAL B 375 52.91 2.18 22.32
CA VAL B 375 53.61 1.43 21.28
C VAL B 375 52.77 0.23 20.91
N VAL B 376 52.66 -0.06 19.62
CA VAL B 376 51.90 -1.22 19.17
C VAL B 376 52.62 -2.49 19.62
N ARG B 377 51.90 -3.34 20.34
CA ARG B 377 52.48 -4.56 20.87
C ARG B 377 51.84 -5.83 20.31
N ALA B 378 50.62 -5.75 19.80
CA ALA B 378 49.97 -6.90 19.19
C ALA B 378 48.92 -6.37 18.22
N ASP B 379 48.47 -7.24 17.32
CA ASP B 379 47.38 -6.90 16.40
C ASP B 379 46.82 -8.16 15.78
N VAL B 380 45.68 -8.02 15.11
CA VAL B 380 45.15 -9.07 14.25
C VAL B 380 45.65 -8.76 12.84
N PRO B 381 46.65 -9.48 12.35
CA PRO B 381 47.31 -9.08 11.11
C PRO B 381 46.45 -9.36 9.87
N PHE B 382 46.86 -8.73 8.78
CA PHE B 382 46.27 -8.94 7.46
C PHE B 382 47.08 -9.92 6.64
N ARG B 383 48.41 -9.76 6.61
CA ARG B 383 49.24 -10.58 5.73
C ARG B 383 49.51 -11.96 6.32
N LYS B 384 49.83 -12.01 7.62
CA LYS B 384 50.08 -13.26 8.37
C LYS B 384 51.19 -14.10 7.75
N ALA B 385 52.17 -13.46 7.12
CA ALA B 385 53.29 -14.17 6.54
C ALA B 385 54.60 -13.65 7.12
N GLU B 386 54.68 -12.33 7.30
CA GLU B 386 55.79 -11.69 7.98
C GLU B 386 55.35 -11.03 9.28
N SER B 387 54.33 -11.59 9.93
CA SER B 387 53.77 -11.00 11.13
C SER B 387 54.77 -11.02 12.29
N LYS B 388 54.98 -9.85 12.88
CA LYS B 388 55.83 -9.70 14.04
C LYS B 388 55.04 -9.20 15.24
N TYR B 389 53.71 -9.09 15.10
CA TYR B 389 52.83 -8.68 16.18
C TYR B 389 51.62 -9.59 16.37
N SER B 390 51.46 -10.66 15.60
CA SER B 390 50.22 -11.45 15.66
C SER B 390 50.03 -12.09 17.04
N ILE B 391 48.76 -12.23 17.44
CA ILE B 391 48.42 -12.74 18.77
C ILE B 391 48.90 -14.17 18.96
N GLU B 392 48.88 -14.97 17.88
CA GLU B 392 49.28 -16.38 17.95
C GLU B 392 50.71 -16.55 18.44
N GLN B 393 51.60 -15.60 18.15
CA GLN B 393 52.97 -15.68 18.61
C GLN B 393 53.30 -14.71 19.73
N VAL B 394 52.55 -13.62 19.87
CA VAL B 394 52.77 -12.70 20.98
C VAL B 394 52.32 -13.35 22.29
N GLY B 395 51.14 -13.98 22.28
CA GLY B 395 50.64 -14.65 23.46
C GLY B 395 49.70 -13.81 24.28
N VAL B 396 48.80 -13.11 23.62
CA VAL B 396 47.84 -12.25 24.30
C VAL B 396 46.67 -13.10 24.78
N SER B 397 46.38 -13.02 26.08
CA SER B 397 45.26 -13.72 26.69
C SER B 397 44.31 -12.71 27.30
N VAL B 398 43.01 -13.00 27.22
CA VAL B 398 41.99 -12.10 27.75
C VAL B 398 41.45 -12.69 29.04
N THR B 399 41.07 -11.82 29.98
CA THR B 399 40.68 -12.27 31.31
C THR B 399 39.20 -12.08 31.61
N PHE B 400 38.65 -10.89 31.37
CA PHE B 400 37.25 -10.49 31.61
C PHE B 400 36.93 -10.40 33.10
N TYR B 401 36.20 -9.34 33.49
CA TYR B 401 35.91 -9.10 34.91
C TYR B 401 34.48 -8.61 35.13
N GLY B 402 33.53 -9.02 34.29
CA GLY B 402 32.20 -8.47 34.39
C GLY B 402 31.07 -9.42 34.73
N GLY B 403 29.93 -9.25 34.08
CA GLY B 403 28.73 -10.00 34.42
C GLY B 403 28.74 -11.48 34.09
N GLU B 404 28.68 -11.83 32.81
CA GLU B 404 28.67 -13.24 32.44
C GLU B 404 30.07 -13.85 32.46
N LEU B 405 31.09 -13.06 32.15
CA LEU B 405 32.47 -13.52 32.09
C LEU B 405 33.24 -12.76 33.16
N ASN B 406 33.38 -13.37 34.35
CA ASN B 406 34.04 -12.72 35.48
C ASN B 406 35.42 -13.24 35.78
N GLY B 407 35.69 -14.51 35.49
CA GLY B 407 37.00 -15.08 35.74
C GLY B 407 37.41 -16.05 34.65
N LEU B 408 36.70 -16.01 33.53
CA LEU B 408 36.96 -16.91 32.41
C LEU B 408 38.14 -16.37 31.62
N THR B 409 39.33 -16.89 31.87
CA THR B 409 40.53 -16.47 31.17
C THR B 409 40.67 -17.30 29.90
N PHE B 410 40.60 -16.63 28.75
CA PHE B 410 40.77 -17.28 27.46
C PHE B 410 42.18 -17.02 26.95
N THR B 411 42.95 -18.09 26.82
CA THR B 411 44.27 -18.05 26.20
C THR B 411 44.24 -18.54 24.76
N ASP B 412 43.10 -19.03 24.29
CA ASP B 412 42.93 -19.48 22.91
C ASP B 412 43.00 -18.28 21.97
N PRO B 413 44.02 -18.18 21.12
CA PRO B 413 44.17 -16.98 20.28
C PRO B 413 43.03 -16.75 19.31
N SER B 414 42.35 -17.81 18.87
CA SER B 414 41.20 -17.63 17.97
C SER B 414 40.07 -16.88 18.66
N THR B 415 39.81 -17.20 19.93
CA THR B 415 38.81 -16.45 20.69
C THR B 415 39.34 -15.09 21.15
N VAL B 416 40.65 -14.98 21.37
CA VAL B 416 41.24 -13.72 21.78
C VAL B 416 41.11 -12.68 20.66
N LYS B 417 41.31 -13.10 19.41
CA LYS B 417 41.13 -12.18 18.28
C LYS B 417 39.69 -11.70 18.18
N LYS B 418 38.73 -12.60 18.37
CA LYS B 418 37.32 -12.22 18.34
C LYS B 418 36.97 -11.27 19.48
N TYR B 419 37.50 -11.53 20.68
CA TYR B 419 37.22 -10.64 21.80
C TYR B 419 37.90 -9.30 21.64
N ALA B 420 39.06 -9.25 20.98
CA ALA B 420 39.69 -7.97 20.69
C ALA B 420 38.88 -7.19 19.65
N ARG B 421 38.35 -7.88 18.64
CA ARG B 421 37.48 -7.24 17.66
C ARG B 421 36.20 -6.72 18.30
N LYS B 422 35.71 -7.42 19.32
CA LYS B 422 34.55 -6.91 20.05
C LYS B 422 34.94 -5.78 20.99
N ALA B 423 36.19 -5.77 21.46
CA ALA B 423 36.67 -4.75 22.38
C ALA B 423 37.00 -3.43 21.69
N GLN B 424 37.30 -3.45 20.39
CA GLN B 424 37.52 -2.18 19.71
C GLN B 424 36.23 -1.38 19.53
N LEU B 425 35.08 -2.03 19.69
CA LEU B 425 33.78 -1.37 19.62
C LEU B 425 33.35 -0.78 20.96
N GLY B 426 34.17 -0.91 22.00
CA GLY B 426 33.81 -0.42 23.31
C GLY B 426 33.67 -1.55 24.31
N GLU B 427 32.61 -1.52 25.11
CA GLU B 427 32.35 -2.59 26.05
C GLU B 427 31.65 -3.73 25.33
N ILE B 428 32.11 -4.96 25.59
CA ILE B 428 31.58 -6.14 24.91
C ILE B 428 30.24 -6.52 25.52
N PHE B 429 29.22 -6.63 24.67
CA PHE B 429 27.88 -6.95 25.11
C PHE B 429 27.35 -8.16 24.34
N GLU B 430 26.49 -8.92 24.99
CA GLU B 430 25.82 -10.05 24.34
C GLU B 430 24.52 -9.56 23.73
N PHE B 431 24.26 -9.98 22.49
CA PHE B 431 23.10 -9.50 21.74
C PHE B 431 22.26 -10.68 21.26
N ASP B 432 20.97 -10.43 21.14
CA ASP B 432 20.02 -11.38 20.58
C ASP B 432 19.63 -10.89 19.20
N ARG B 433 20.03 -11.63 18.17
CA ARG B 433 19.80 -11.26 16.79
C ARG B 433 18.71 -12.08 16.12
N SER B 434 17.97 -12.88 16.88
CA SER B 434 16.91 -13.72 16.33
C SER B 434 15.51 -13.23 16.62
N THR B 435 15.34 -12.34 17.61
CA THR B 435 14.01 -11.84 17.93
C THR B 435 13.48 -10.92 16.83
N LEU B 436 14.31 -10.00 16.36
CA LEU B 436 13.92 -9.06 15.31
C LEU B 436 14.56 -9.39 13.96
N GLN B 437 15.23 -10.54 13.85
CA GLN B 437 15.98 -10.93 12.66
C GLN B 437 16.98 -9.84 12.28
N SER B 438 17.91 -9.60 13.20
CA SER B 438 18.77 -8.42 13.15
C SER B 438 19.74 -8.49 11.98
N ASP B 439 20.20 -7.31 11.58
CA ASP B 439 20.99 -7.15 10.36
C ASP B 439 22.46 -7.49 10.58
N GLY B 440 23.13 -6.74 11.45
CA GLY B 440 24.57 -6.88 11.61
C GLY B 440 25.25 -5.53 11.57
N VAL B 441 24.75 -4.63 10.72
CA VAL B 441 25.30 -3.29 10.57
C VAL B 441 24.62 -2.36 11.57
N PHE B 442 25.36 -1.34 12.02
CA PHE B 442 24.84 -0.44 13.04
C PHE B 442 23.82 0.52 12.44
N ARG B 443 22.79 0.83 13.22
CA ARG B 443 21.77 1.78 12.83
C ARG B 443 22.00 3.11 13.55
N SER B 444 21.20 4.10 13.19
CA SER B 444 21.32 5.44 13.74
C SER B 444 20.33 5.65 14.88
N SER B 445 20.64 6.62 15.71
CA SER B 445 19.80 6.99 16.84
C SER B 445 18.66 7.89 16.38
N PRO B 446 17.59 7.98 17.18
CA PRO B 446 16.58 9.02 16.92
C PRO B 446 17.16 10.42 16.97
N ARG B 447 18.21 10.62 17.77
CA ARG B 447 18.94 11.89 17.77
C ARG B 447 19.51 12.20 16.39
N GLY B 448 20.19 11.22 15.79
CA GLY B 448 20.75 11.42 14.46
C GLY B 448 19.70 11.60 13.40
N TRP B 449 18.60 10.84 13.48
CA TRP B 449 17.53 10.98 12.49
C TRP B 449 16.84 12.34 12.60
N PHE B 450 16.61 12.81 13.84
CA PHE B 450 16.05 14.14 14.06
C PHE B 450 16.95 15.22 13.48
N THR B 451 18.25 15.12 13.76
CA THR B 451 19.18 16.13 13.27
C THR B 451 19.26 16.14 11.75
N PHE B 452 19.28 14.97 11.12
CA PHE B 452 19.36 14.91 9.66
C PHE B 452 18.10 15.49 9.02
N GLY B 453 16.93 15.05 9.50
CA GLY B 453 15.69 15.55 8.94
C GLY B 453 15.54 17.05 9.10
N HIS B 454 15.92 17.57 10.27
CA HIS B 454 15.73 19.00 10.50
C HIS B 454 16.77 19.86 9.82
N LEU B 455 17.99 19.35 9.62
CA LEU B 455 18.96 20.12 8.84
C LEU B 455 18.57 20.16 7.36
N SER B 456 18.08 19.04 6.83
CA SER B 456 17.59 19.03 5.46
C SER B 456 16.40 19.98 5.29
N PHE B 457 15.47 19.93 6.25
CA PHE B 457 14.33 20.85 6.26
C PHE B 457 14.78 22.30 6.38
N ALA B 458 15.84 22.56 7.14
CA ALA B 458 16.33 23.92 7.33
C ALA B 458 16.93 24.48 6.05
N LEU B 459 17.70 23.67 5.30
CA LEU B 459 18.19 24.15 4.02
C LEU B 459 17.05 24.36 3.01
N LEU B 460 16.09 23.43 2.98
CA LEU B 460 14.95 23.58 2.10
C LEU B 460 14.16 24.86 2.42
N PHE B 461 13.99 25.15 3.70
CA PHE B 461 13.27 26.36 4.07
C PHE B 461 14.10 27.62 3.93
N PHE B 462 15.43 27.52 3.92
CA PHE B 462 16.23 28.66 3.51
C PHE B 462 15.93 29.02 2.05
N PHE B 463 15.87 27.99 1.19
CA PHE B 463 15.50 28.23 -0.21
C PHE B 463 14.08 28.80 -0.31
N GLY B 464 13.15 28.26 0.49
CA GLY B 464 11.79 28.76 0.47
C GLY B 464 11.68 30.21 0.91
N HIS B 465 12.44 30.58 1.94
CA HIS B 465 12.46 31.98 2.37
C HIS B 465 13.04 32.88 1.30
N ILE B 466 14.11 32.44 0.64
CA ILE B 466 14.70 33.26 -0.44
C ILE B 466 13.69 33.45 -1.57
N TRP B 467 12.99 32.37 -1.95
CA TRP B 467 12.01 32.45 -3.03
C TRP B 467 10.85 33.36 -2.65
N HIS B 468 10.35 33.27 -1.42
CA HIS B 468 9.21 34.08 -1.02
C HIS B 468 9.61 35.54 -0.80
N GLY B 469 10.81 35.79 -0.30
CA GLY B 469 11.31 37.15 -0.23
C GLY B 469 11.47 37.78 -1.60
N SER B 470 11.92 36.99 -2.56
CA SER B 470 11.97 37.44 -3.95
C SER B 470 10.58 37.78 -4.46
N ARG B 471 9.61 36.90 -4.20
CA ARG B 471 8.25 37.12 -4.68
C ARG B 471 7.58 38.32 -4.04
N THR B 472 7.92 38.65 -2.80
CA THR B 472 7.28 39.80 -2.17
C THR B 472 8.01 41.12 -2.38
N ILE B 473 9.35 41.10 -2.51
CA ILE B 473 10.06 42.33 -2.84
C ILE B 473 9.80 42.71 -4.29
N PHE B 474 9.73 41.71 -5.16
CA PHE B 474 9.57 41.91 -6.60
C PHE B 474 8.14 41.63 -7.05
N ARG B 475 7.17 42.03 -6.22
CA ARG B 475 5.77 41.71 -6.48
C ARG B 475 5.26 42.36 -7.76
N ASP B 476 5.71 43.59 -8.04
CA ASP B 476 5.24 44.28 -9.25
C ASP B 476 5.77 43.63 -10.52
N VAL B 477 7.06 43.29 -10.55
CA VAL B 477 7.61 42.65 -11.74
C VAL B 477 7.21 41.18 -11.82
N PHE B 478 6.83 40.57 -10.70
CA PHE B 478 6.23 39.24 -10.75
C PHE B 478 4.78 39.30 -11.20
N ALA B 479 4.17 40.49 -11.17
CA ALA B 479 2.84 40.73 -11.70
C ALA B 479 2.87 41.33 -13.09
N GLY B 480 3.70 42.34 -13.31
CA GLY B 480 3.85 42.97 -14.62
C GLY B 480 4.19 44.44 -14.50
N ILE B 481 4.85 44.96 -15.53
CA ILE B 481 5.25 46.36 -15.55
C ILE B 481 4.47 47.18 -16.59
N ASP B 482 3.83 46.52 -17.57
CA ASP B 482 2.97 47.15 -18.57
C ASP B 482 3.73 48.20 -19.40
N GLU B 483 4.78 47.74 -20.08
CA GLU B 483 5.57 48.53 -21.02
C GLU B 483 6.15 49.80 -20.39
N ASP B 484 6.61 49.69 -19.16
CA ASP B 484 7.20 50.83 -18.47
C ASP B 484 8.22 50.39 -17.42
N SER C 1 76.35 32.48 -14.16
CA SER C 1 77.37 31.93 -15.05
C SER C 1 77.37 32.66 -16.40
N LEU C 2 78.49 32.54 -17.10
CA LEU C 2 78.62 33.21 -18.40
C LEU C 2 77.73 32.55 -19.45
N THR C 3 77.52 31.24 -19.35
CA THR C 3 76.62 30.56 -20.26
C THR C 3 75.18 31.07 -20.08
N LEU C 4 74.76 31.27 -18.83
CA LEU C 4 73.45 31.84 -18.57
C LEU C 4 73.36 33.28 -19.07
N ILE C 5 74.45 34.03 -18.98
CA ILE C 5 74.47 35.41 -19.47
C ILE C 5 74.28 35.43 -20.98
N LEU C 6 75.01 34.56 -21.70
CA LEU C 6 74.85 34.48 -23.14
C LEU C 6 73.46 34.00 -23.53
N GLN C 7 72.91 33.04 -22.77
CA GLN C 7 71.56 32.55 -23.02
C GLN C 7 70.53 33.67 -22.85
N LEU C 8 70.67 34.47 -21.79
CA LEU C 8 69.74 35.57 -21.57
C LEU C 8 69.87 36.64 -22.64
N VAL C 9 71.11 36.94 -23.06
CA VAL C 9 71.32 37.94 -24.10
C VAL C 9 70.70 37.49 -25.42
N ALA C 10 70.92 36.23 -25.79
CA ALA C 10 70.33 35.70 -27.02
C ALA C 10 68.81 35.65 -26.94
N LEU C 11 68.28 35.29 -25.76
CA LEU C 11 66.83 35.24 -25.57
C LEU C 11 66.21 36.63 -25.70
N PHE C 12 66.81 37.64 -25.09
CA PHE C 12 66.28 38.99 -25.21
C PHE C 12 66.44 39.52 -26.63
N ALA C 13 67.52 39.15 -27.32
CA ALA C 13 67.72 39.59 -28.70
C ALA C 13 66.69 38.98 -29.63
N VAL C 14 66.29 37.73 -29.41
CA VAL C 14 65.29 37.14 -30.30
C VAL C 14 63.87 37.52 -29.88
N VAL C 15 63.64 37.78 -28.59
CA VAL C 15 62.32 38.23 -28.16
C VAL C 15 62.04 39.65 -28.63
N ALA C 16 63.02 40.54 -28.50
CA ALA C 16 62.82 41.92 -28.90
C ALA C 16 62.90 42.12 -30.41
N ALA C 17 63.30 41.11 -31.18
CA ALA C 17 63.48 41.26 -32.62
C ALA C 17 62.16 41.51 -33.34
N GLY C 18 61.11 40.77 -32.99
CA GLY C 18 59.82 40.90 -33.62
C GLY C 18 59.13 42.22 -33.36
N PRO C 19 58.93 42.56 -32.07
CA PRO C 19 58.37 43.88 -31.74
C PRO C 19 59.20 45.04 -32.26
N LEU C 20 60.53 44.89 -32.38
CA LEU C 20 61.32 45.94 -33.01
C LEU C 20 60.93 46.12 -34.47
N VAL C 21 60.68 45.02 -35.17
CA VAL C 21 60.23 45.09 -36.57
C VAL C 21 58.87 45.77 -36.64
N VAL C 22 57.96 45.43 -35.72
CA VAL C 22 56.62 46.02 -35.74
C VAL C 22 56.68 47.52 -35.46
N VAL C 23 57.46 47.94 -34.46
CA VAL C 23 57.53 49.37 -34.17
C VAL C 23 58.29 50.13 -35.26
N LEU C 24 59.26 49.48 -35.92
CA LEU C 24 59.95 50.13 -37.03
C LEU C 24 59.00 50.34 -38.20
N LEU C 25 58.13 49.36 -38.47
CA LEU C 25 57.11 49.53 -39.50
C LEU C 25 56.11 50.60 -39.11
N SER C 26 55.76 50.68 -37.82
CA SER C 26 54.80 51.68 -37.37
C SER C 26 55.35 53.09 -37.50
N VAL C 27 56.63 53.30 -37.17
CA VAL C 27 57.22 54.63 -37.24
C VAL C 27 57.86 54.92 -38.59
N ARG C 28 57.89 53.96 -39.51
CA ARG C 28 58.51 54.18 -40.81
C ARG C 28 57.50 53.96 -41.92
N GLY C 29 56.31 54.55 -41.77
CA GLY C 29 55.31 54.49 -42.82
C GLY C 29 54.11 53.65 -42.51
N GLY C 30 53.98 52.51 -43.18
CA GLY C 30 52.81 51.66 -43.04
C GLY C 30 52.88 50.41 -43.87
N ASN C 31 51.79 50.13 -44.60
CA ASN C 31 51.66 48.95 -45.49
C ASN C 31 51.84 47.65 -44.70
N LEU C 32 51.27 47.60 -43.51
CA LEU C 32 51.27 46.40 -42.70
C LEU C 32 49.86 46.12 -42.20
N GLY D 1 47.39 43.32 -45.72
CA GLY D 1 46.10 42.68 -45.51
C GLY D 1 44.95 43.67 -45.48
N ARG D 2 43.73 43.17 -45.66
CA ARG D 2 42.56 44.02 -45.67
C ARG D 2 41.95 44.11 -44.27
N ASP D 3 40.84 44.82 -44.17
CA ASP D 3 40.08 44.94 -42.94
C ASP D 3 38.89 43.99 -43.00
N GLN D 4 38.02 44.07 -41.99
CA GLN D 4 36.83 43.23 -41.99
C GLN D 4 35.72 43.83 -42.86
N GLU D 5 35.74 45.14 -43.08
CA GLU D 5 34.69 45.79 -43.85
C GLU D 5 34.71 45.39 -45.32
N THR D 6 35.90 45.10 -45.87
CA THR D 6 35.98 44.72 -47.28
C THR D 6 35.97 43.22 -47.50
N THR D 7 36.47 42.43 -46.56
CA THR D 7 36.54 40.98 -46.73
C THR D 7 35.43 40.23 -46.03
N GLY D 8 34.85 40.78 -44.96
CA GLY D 8 33.83 40.09 -44.22
C GLY D 8 34.34 39.11 -43.19
N PHE D 9 35.66 38.94 -43.08
CA PHE D 9 36.27 38.03 -42.12
C PHE D 9 36.95 38.85 -41.04
N ALA D 10 36.72 38.47 -39.78
CA ALA D 10 37.36 39.14 -38.66
C ALA D 10 38.82 38.73 -38.56
N TRP D 11 39.54 39.37 -37.63
CA TRP D 11 40.96 39.12 -37.48
C TRP D 11 41.23 37.67 -37.07
N TRP D 12 40.39 37.10 -36.19
CA TRP D 12 40.51 35.70 -35.79
C TRP D 12 40.09 34.73 -36.90
N ALA D 13 39.80 35.23 -38.10
CA ALA D 13 39.59 34.42 -39.30
C ALA D 13 40.38 35.03 -40.46
N GLY D 14 41.50 35.70 -40.13
CA GLY D 14 42.22 36.47 -41.14
C GLY D 14 42.80 35.64 -42.27
N ASN D 15 43.22 34.41 -41.98
CA ASN D 15 43.74 33.55 -43.05
C ASN D 15 42.67 33.15 -44.05
N ALA D 16 41.38 33.39 -43.74
CA ALA D 16 40.34 33.17 -44.73
C ALA D 16 40.33 34.29 -45.77
N ARG D 17 40.78 35.50 -45.39
CA ARG D 17 40.82 36.64 -46.30
C ARG D 17 41.72 36.38 -47.50
N LEU D 18 42.68 35.48 -47.37
CA LEU D 18 43.59 35.07 -48.42
C LEU D 18 43.20 33.73 -49.05
N ILE D 19 41.92 33.36 -48.99
CA ILE D 19 41.46 32.16 -49.69
C ILE D 19 41.59 32.33 -51.20
N ASN D 20 41.14 33.48 -51.71
CA ASN D 20 41.13 33.74 -53.14
C ASN D 20 42.39 34.46 -53.62
N LEU D 21 43.32 34.78 -52.73
CA LEU D 21 44.57 35.44 -53.08
C LEU D 21 45.64 34.37 -53.18
N SER D 22 45.94 33.96 -54.42
CA SER D 22 46.86 32.84 -54.64
C SER D 22 48.29 33.17 -54.24
N GLY D 23 48.75 34.39 -54.55
CA GLY D 23 50.11 34.75 -54.21
C GLY D 23 50.36 34.84 -52.71
N LYS D 24 49.46 35.51 -51.99
CA LYS D 24 49.59 35.59 -50.53
C LYS D 24 49.40 34.23 -49.89
N LEU D 25 48.50 33.42 -50.44
CA LEU D 25 48.26 32.06 -49.95
C LEU D 25 49.52 31.20 -50.10
N LEU D 26 50.18 31.31 -51.25
CA LEU D 26 51.45 30.63 -51.48
C LEU D 26 52.52 31.13 -50.53
N GLY D 27 52.56 32.44 -50.27
CA GLY D 27 53.51 32.97 -49.31
C GLY D 27 53.30 32.42 -47.91
N ALA D 28 52.02 32.29 -47.52
CA ALA D 28 51.69 31.69 -46.23
C ALA D 28 52.20 30.25 -46.14
N HIS D 29 51.99 29.46 -47.20
CA HIS D 29 52.53 28.10 -47.21
C HIS D 29 54.06 28.05 -47.17
N VAL D 30 54.73 28.92 -47.92
CA VAL D 30 56.18 28.83 -47.97
C VAL D 30 56.79 29.26 -46.64
N ALA D 31 56.24 30.31 -46.02
CA ALA D 31 56.67 30.70 -44.69
C ALA D 31 56.37 29.62 -43.66
N HIS D 32 55.25 28.91 -43.82
CA HIS D 32 54.90 27.85 -42.89
C HIS D 32 55.82 26.64 -43.01
N ALA D 33 56.16 26.26 -44.25
CA ALA D 33 57.11 25.19 -44.45
C ALA D 33 58.47 25.57 -43.90
N GLY D 34 58.84 26.85 -44.03
CA GLY D 34 60.02 27.35 -43.36
C GLY D 34 59.95 27.21 -41.86
N LEU D 35 58.77 27.45 -41.28
CA LEU D 35 58.59 27.26 -39.84
C LEU D 35 58.78 25.81 -39.43
N ILE D 36 58.23 24.87 -40.22
CA ILE D 36 58.34 23.46 -39.90
C ILE D 36 59.79 22.99 -39.96
N VAL D 37 60.49 23.33 -41.04
CA VAL D 37 61.88 22.93 -41.15
C VAL D 37 62.76 23.70 -40.17
N PHE D 38 62.35 24.91 -39.77
CA PHE D 38 63.03 25.63 -38.70
C PHE D 38 62.92 24.89 -37.38
N TRP D 39 61.73 24.36 -37.06
CA TRP D 39 61.62 23.56 -35.85
C TRP D 39 62.47 22.31 -35.94
N ALA D 40 62.49 21.68 -37.11
CA ALA D 40 63.33 20.49 -37.29
C ALA D 40 64.79 20.79 -37.00
N GLY D 41 65.33 21.84 -37.63
CA GLY D 41 66.73 22.19 -37.43
C GLY D 41 67.03 22.66 -36.02
N ALA D 42 66.19 23.54 -35.47
CA ALA D 42 66.43 24.07 -34.13
C ALA D 42 66.33 22.99 -33.07
N MET D 43 65.33 22.10 -33.18
CA MET D 43 65.16 21.05 -32.19
C MET D 43 66.26 20.01 -32.33
N ASN D 44 66.73 19.75 -33.56
CA ASN D 44 67.87 18.86 -33.75
C ASN D 44 69.13 19.43 -33.12
N LEU D 45 69.39 20.72 -33.32
CA LEU D 45 70.56 21.34 -32.70
C LEU D 45 70.44 21.36 -31.17
N PHE D 46 69.23 21.59 -30.67
CA PHE D 46 68.99 21.56 -29.23
C PHE D 46 69.26 20.18 -28.64
N GLU D 47 68.79 19.12 -29.32
CA GLU D 47 69.02 17.77 -28.84
C GLU D 47 70.47 17.35 -28.98
N VAL D 48 71.19 17.89 -29.97
CA VAL D 48 72.62 17.62 -30.08
C VAL D 48 73.38 18.32 -28.97
N SER D 49 73.04 19.57 -28.68
CA SER D 49 73.71 20.31 -27.61
C SER D 49 73.40 19.74 -26.23
N HIS D 50 72.22 19.15 -26.05
CA HIS D 50 71.81 18.55 -24.80
C HIS D 50 72.01 17.03 -24.80
N PHE D 51 73.04 16.56 -25.47
CA PHE D 51 73.29 15.12 -25.66
C PHE D 51 74.39 14.65 -24.73
N VAL D 52 74.10 13.61 -23.96
CA VAL D 52 75.09 12.90 -23.14
C VAL D 52 75.27 11.51 -23.76
N PRO D 53 76.48 11.16 -24.19
CA PRO D 53 76.65 9.93 -25.00
C PRO D 53 76.51 8.62 -24.24
N GLU D 54 76.96 8.56 -22.98
CA GLU D 54 76.95 7.29 -22.27
C GLU D 54 75.55 6.86 -21.87
N LYS D 55 74.65 7.81 -21.67
CA LYS D 55 73.26 7.51 -21.35
C LYS D 55 72.52 7.06 -22.61
N PRO D 56 71.58 6.12 -22.48
CA PRO D 56 70.75 5.74 -23.64
C PRO D 56 69.91 6.92 -24.13
N MET D 57 69.61 6.89 -25.43
CA MET D 57 69.00 8.02 -26.11
C MET D 57 67.60 8.33 -25.61
N TYR D 58 66.85 7.32 -25.18
CA TYR D 58 65.46 7.53 -24.75
C TYR D 58 65.34 8.11 -23.35
N GLU D 59 66.41 8.11 -22.57
CA GLU D 59 66.38 8.65 -21.21
C GLU D 59 66.67 10.14 -21.16
N GLN D 60 66.73 10.81 -22.30
CA GLN D 60 67.13 12.21 -22.37
C GLN D 60 66.05 13.11 -22.96
N GLY D 61 64.86 12.58 -23.21
CA GLY D 61 63.80 13.37 -23.81
C GLY D 61 64.07 13.79 -25.24
N LEU D 62 64.59 12.88 -26.05
CA LEU D 62 64.91 13.15 -27.45
C LEU D 62 63.89 12.45 -28.34
N ILE D 63 63.26 13.21 -29.23
CA ILE D 63 62.19 12.69 -30.06
C ILE D 63 62.62 12.49 -31.51
N LEU D 64 63.50 13.32 -32.05
CA LEU D 64 63.86 13.23 -33.46
C LEU D 64 65.28 12.74 -33.73
N LEU D 65 66.20 12.86 -32.76
CA LEU D 65 67.44 12.11 -32.88
C LEU D 65 67.23 10.62 -33.04
N PRO D 66 66.27 9.96 -32.35
CA PRO D 66 65.93 8.59 -32.74
C PRO D 66 65.42 8.47 -34.17
N HIS D 67 64.78 9.51 -34.71
CA HIS D 67 64.32 9.47 -36.10
C HIS D 67 65.50 9.43 -37.06
N ILE D 68 66.55 10.20 -36.80
CA ILE D 68 67.75 10.05 -37.64
C ILE D 68 68.45 8.72 -37.36
N ALA D 69 68.49 8.31 -36.08
CA ALA D 69 69.20 7.09 -35.69
C ALA D 69 68.59 5.83 -36.28
N THR D 70 67.27 5.84 -36.53
CA THR D 70 66.62 4.70 -37.18
C THR D 70 67.15 4.52 -38.59
N LEU D 71 67.45 5.63 -39.28
CA LEU D 71 68.07 5.58 -40.59
C LEU D 71 69.49 5.06 -40.56
N GLY D 72 70.11 4.95 -39.38
CA GLY D 72 71.45 4.42 -39.27
C GLY D 72 72.55 5.43 -39.42
N TYR D 73 72.25 6.72 -39.39
CA TYR D 73 73.26 7.76 -39.52
C TYR D 73 73.99 7.88 -38.19
N GLY D 74 75.15 7.23 -38.09
CA GLY D 74 75.96 7.32 -36.90
C GLY D 74 75.37 6.60 -35.70
N VAL D 75 75.12 5.30 -35.83
CA VAL D 75 74.80 4.43 -34.70
C VAL D 75 75.57 3.12 -34.87
N GLY D 76 75.80 2.45 -33.75
CA GLY D 76 76.62 1.26 -33.73
C GLY D 76 75.83 -0.03 -33.79
N PRO D 77 76.49 -1.15 -33.45
CA PRO D 77 75.82 -2.45 -33.52
C PRO D 77 75.06 -2.80 -32.25
N GLY D 78 74.80 -1.81 -31.41
CA GLY D 78 73.99 -2.01 -30.22
C GLY D 78 73.18 -0.79 -29.89
N GLY D 79 73.04 0.11 -30.87
CA GLY D 79 72.45 1.41 -30.64
C GLY D 79 73.41 2.46 -30.13
N GLU D 80 74.70 2.15 -30.08
CA GLU D 80 75.69 3.10 -29.59
C GLU D 80 75.89 4.22 -30.59
N VAL D 81 75.85 5.46 -30.10
CA VAL D 81 75.80 6.63 -30.98
C VAL D 81 77.14 6.84 -31.69
N LEU D 82 78.25 6.64 -31.00
CA LEU D 82 79.61 6.84 -31.53
C LEU D 82 79.86 8.29 -31.96
N ASP D 83 79.16 8.77 -32.98
CA ASP D 83 79.33 10.14 -33.46
C ASP D 83 77.97 10.81 -33.66
N THR D 84 77.95 12.13 -33.45
CA THR D 84 76.75 12.94 -33.61
C THR D 84 76.86 13.94 -34.76
N PHE D 85 77.94 13.88 -35.53
CA PHE D 85 78.09 14.79 -36.67
C PHE D 85 77.01 14.65 -37.73
N PRO D 86 76.49 13.46 -38.10
CA PRO D 86 75.32 13.43 -38.98
C PRO D 86 74.12 14.17 -38.42
N TYR D 87 73.90 14.10 -37.11
CA TYR D 87 72.81 14.83 -36.49
C TYR D 87 73.03 16.34 -36.60
N PHE D 88 74.28 16.79 -36.35
CA PHE D 88 74.60 18.20 -36.47
C PHE D 88 74.42 18.70 -37.89
N VAL D 89 74.85 17.89 -38.87
CA VAL D 89 74.72 18.27 -40.28
C VAL D 89 73.25 18.37 -40.67
N SER D 90 72.44 17.41 -40.21
CA SER D 90 71.00 17.46 -40.49
C SER D 90 70.36 18.72 -39.92
N GLY D 91 70.69 19.06 -38.67
CA GLY D 91 70.13 20.26 -38.06
C GLY D 91 70.56 21.54 -38.78
N VAL D 92 71.84 21.64 -39.14
CA VAL D 92 72.33 22.84 -39.82
C VAL D 92 71.69 22.99 -41.20
N LEU D 93 71.58 21.88 -41.95
CA LEU D 93 70.97 21.94 -43.26
C LEU D 93 69.50 22.34 -43.17
N HIS D 94 68.79 21.80 -42.18
CA HIS D 94 67.40 22.19 -41.98
C HIS D 94 67.28 23.67 -41.62
N LEU D 95 68.22 24.19 -40.80
CA LEU D 95 68.17 25.60 -40.43
C LEU D 95 68.44 26.52 -41.62
N ILE D 96 69.40 26.17 -42.47
CA ILE D 96 69.69 27.01 -43.64
C ILE D 96 68.54 26.96 -44.64
N SER D 97 67.97 25.76 -44.85
CA SER D 97 66.78 25.66 -45.69
C SER D 97 65.61 26.43 -45.11
N SER D 98 65.54 26.50 -43.78
CA SER D 98 64.52 27.30 -43.11
C SER D 98 64.72 28.78 -43.41
N ALA D 99 65.96 29.24 -43.42
CA ALA D 99 66.23 30.64 -43.78
C ALA D 99 65.77 30.93 -45.19
N VAL D 100 66.07 30.04 -46.13
CA VAL D 100 65.69 30.24 -47.52
C VAL D 100 64.17 30.25 -47.67
N LEU D 101 63.50 29.26 -47.07
CA LEU D 101 62.05 29.15 -47.18
C LEU D 101 61.34 30.30 -46.46
N GLY D 102 61.89 30.75 -45.34
CA GLY D 102 61.31 31.89 -44.65
C GLY D 102 61.44 33.17 -45.45
N PHE D 103 62.58 33.36 -46.13
CA PHE D 103 62.73 34.51 -47.00
C PHE D 103 61.71 34.46 -48.14
N GLY D 104 61.53 33.29 -48.75
CA GLY D 104 60.55 33.17 -49.83
C GLY D 104 59.12 33.42 -49.36
N GLY D 105 58.76 32.86 -48.21
CA GLY D 105 57.43 33.05 -47.67
C GLY D 105 57.15 34.48 -47.29
N VAL D 106 58.12 35.14 -46.65
CA VAL D 106 57.96 36.56 -46.30
C VAL D 106 57.86 37.40 -47.56
N TYR D 107 58.65 37.08 -48.58
CA TYR D 107 58.62 37.83 -49.83
C TYR D 107 57.26 37.75 -50.50
N HIS D 108 56.71 36.54 -50.65
CA HIS D 108 55.40 36.45 -51.27
C HIS D 108 54.27 36.93 -50.38
N SER D 109 54.44 36.90 -49.06
CA SER D 109 53.40 37.44 -48.20
C SER D 109 53.37 38.96 -48.26
N LEU D 110 54.52 39.61 -48.40
CA LEU D 110 54.58 41.06 -48.33
C LEU D 110 54.54 41.72 -49.71
N ILE D 111 55.54 41.44 -50.55
CA ILE D 111 55.67 42.16 -51.82
C ILE D 111 55.57 41.22 -53.01
N GLY D 112 55.06 40.01 -52.82
CA GLY D 112 54.85 39.10 -53.92
C GLY D 112 53.65 39.53 -54.73
N PRO D 113 53.41 38.86 -55.86
CA PRO D 113 52.19 39.15 -56.64
C PRO D 113 50.95 38.80 -55.83
N GLU D 114 49.93 39.64 -55.96
CA GLU D 114 48.69 39.45 -55.21
C GLU D 114 47.96 38.20 -55.68
N THR D 115 47.80 38.04 -56.99
CA THR D 115 47.13 36.90 -57.57
C THR D 115 47.95 36.46 -58.77
N LEU D 116 47.96 35.15 -59.05
CA LEU D 116 48.96 34.58 -59.95
C LEU D 116 48.50 34.41 -61.40
N GLU D 117 47.20 34.39 -61.69
CA GLU D 117 46.77 34.05 -63.04
C GLU D 117 47.10 35.13 -64.06
N GLU D 118 47.07 36.41 -63.65
CA GLU D 118 47.29 37.49 -64.60
C GLU D 118 48.75 37.64 -65.02
N SER D 119 49.67 36.98 -64.35
CA SER D 119 51.08 37.07 -64.72
C SER D 119 51.74 35.71 -64.89
N TYR D 120 51.36 34.72 -64.10
CA TYR D 120 51.96 33.39 -64.14
C TYR D 120 50.85 32.36 -64.28
N PRO D 121 50.40 32.07 -65.51
CA PRO D 121 49.31 31.11 -65.70
C PRO D 121 49.65 29.69 -65.27
N PHE D 122 50.94 29.33 -65.22
CA PHE D 122 51.29 27.99 -64.76
C PHE D 122 51.04 27.84 -63.26
N PHE D 123 51.27 28.90 -62.50
CA PHE D 123 51.02 28.89 -61.07
C PHE D 123 49.66 29.48 -60.69
N GLY D 124 48.99 30.15 -61.61
CA GLY D 124 47.67 30.67 -61.33
C GLY D 124 46.64 29.56 -61.33
N TYR D 125 45.72 29.63 -60.37
CA TYR D 125 44.71 28.59 -60.23
C TYR D 125 43.47 29.17 -59.58
N VAL D 126 42.31 28.67 -59.99
CA VAL D 126 41.05 28.93 -59.32
C VAL D 126 40.59 27.62 -58.71
N TRP D 127 39.79 27.73 -57.65
CA TRP D 127 39.38 26.53 -56.90
C TRP D 127 38.44 25.63 -57.69
N LYS D 128 37.73 26.18 -58.67
CA LYS D 128 36.78 25.39 -59.46
C LYS D 128 37.43 24.70 -60.66
N ASP D 129 38.70 24.98 -60.94
CA ASP D 129 39.38 24.34 -62.07
C ASP D 129 39.90 22.99 -61.60
N LYS D 130 39.07 21.96 -61.83
CA LYS D 130 39.41 20.61 -61.38
C LYS D 130 40.65 20.09 -62.08
N ASN D 131 40.84 20.45 -63.36
CA ASN D 131 42.04 20.03 -64.08
C ASN D 131 43.30 20.64 -63.47
N LYS D 132 43.24 21.92 -63.10
CA LYS D 132 44.41 22.56 -62.49
C LYS D 132 44.69 22.01 -61.10
N MET D 133 43.64 21.78 -60.31
CA MET D 133 43.84 21.21 -58.98
C MET D 133 44.40 19.80 -59.06
N THR D 134 43.95 19.00 -60.02
CA THR D 134 44.54 17.67 -60.21
C THR D 134 45.96 17.76 -60.73
N ASN D 135 46.29 18.81 -61.50
CA ASN D 135 47.68 19.00 -61.92
C ASN D 135 48.58 19.25 -60.72
N ILE D 136 48.15 20.13 -59.82
CA ILE D 136 48.93 20.43 -58.61
C ILE D 136 49.03 19.18 -57.73
N LEU D 137 47.93 18.45 -57.61
CA LEU D 137 47.93 17.20 -56.85
C LEU D 137 48.89 16.18 -57.45
N GLY D 138 48.96 16.11 -58.78
CA GLY D 138 49.88 15.21 -59.43
C GLY D 138 51.33 15.60 -59.22
N TYR D 139 51.62 16.91 -59.24
CA TYR D 139 52.96 17.39 -58.94
C TYR D 139 53.39 16.98 -57.53
N HIS D 140 52.50 17.19 -56.56
CA HIS D 140 52.82 16.83 -55.18
C HIS D 140 52.91 15.32 -55.00
N LEU D 141 52.11 14.55 -55.74
CA LEU D 141 52.19 13.09 -55.66
C LEU D 141 53.50 12.57 -56.22
N ILE D 142 53.98 13.17 -57.32
CA ILE D 142 55.29 12.81 -57.86
C ILE D 142 56.39 13.16 -56.86
N ILE D 143 56.26 14.31 -56.21
CA ILE D 143 57.26 14.71 -55.21
C ILE D 143 57.28 13.73 -54.03
N LEU D 144 56.09 13.30 -53.57
CA LEU D 144 56.02 12.34 -52.48
C LEU D 144 56.55 10.97 -52.89
N GLY D 145 56.30 10.57 -54.14
CA GLY D 145 56.88 9.33 -54.63
C GLY D 145 58.39 9.37 -54.68
N CYS D 146 58.94 10.51 -55.11
CA CYS D 146 60.39 10.67 -55.08
C CYS D 146 60.92 10.66 -53.65
N GLY D 147 60.16 11.23 -52.72
CA GLY D 147 60.56 11.20 -51.32
C GLY D 147 60.59 9.80 -50.73
N ALA D 148 59.61 8.97 -51.09
CA ALA D 148 59.62 7.58 -50.63
C ALA D 148 60.72 6.78 -51.30
N TRP D 149 60.96 7.01 -52.59
CA TRP D 149 62.05 6.34 -53.28
C TRP D 149 63.41 6.80 -52.78
N LEU D 150 63.49 7.98 -52.17
CA LEU D 150 64.74 8.39 -51.53
C LEU D 150 65.10 7.48 -50.36
N LEU D 151 64.11 7.17 -49.51
CA LEU D 151 64.34 6.22 -48.43
C LEU D 151 64.62 4.82 -48.97
N VAL D 152 63.95 4.45 -50.08
CA VAL D 152 64.24 3.16 -50.72
C VAL D 152 65.69 3.10 -51.18
N LEU D 153 66.16 4.16 -51.83
CA LEU D 153 67.54 4.21 -52.30
C LEU D 153 68.53 4.17 -51.14
N LYS D 154 68.21 4.86 -50.04
CA LYS D 154 69.08 4.81 -48.87
C LYS D 154 69.16 3.41 -48.29
N ALA D 155 68.01 2.73 -48.17
CA ALA D 155 68.01 1.38 -47.61
C ALA D 155 68.68 0.37 -48.51
N LEU D 156 68.57 0.54 -49.83
CA LEU D 156 69.09 -0.45 -50.76
C LEU D 156 70.57 -0.25 -51.10
N TYR D 157 71.00 0.99 -51.32
CA TYR D 157 72.33 1.24 -51.86
C TYR D 157 73.25 2.07 -50.97
N PHE D 158 72.70 2.92 -50.10
CA PHE D 158 73.54 3.80 -49.29
C PHE D 158 73.89 3.20 -47.94
N GLY D 159 73.67 1.91 -47.75
CA GLY D 159 74.13 1.20 -46.56
C GLY D 159 73.55 1.71 -45.26
N GLY D 160 72.25 2.01 -45.23
CA GLY D 160 71.65 2.57 -44.04
C GLY D 160 70.55 1.71 -43.46
N VAL D 161 69.73 2.34 -42.60
CA VAL D 161 68.59 1.78 -41.88
C VAL D 161 69.05 0.73 -40.86
N TYR D 162 68.63 0.93 -39.61
CA TYR D 162 69.03 0.10 -38.49
C TYR D 162 68.00 -1.00 -38.27
N ASP D 163 68.43 -2.25 -38.43
CA ASP D 163 67.57 -3.41 -38.18
C ASP D 163 67.69 -3.80 -36.72
N THR D 164 66.61 -3.61 -35.96
CA THR D 164 66.62 -4.05 -34.57
C THR D 164 66.48 -5.57 -34.47
N TRP D 165 66.04 -6.22 -35.53
CA TRP D 165 65.86 -7.67 -35.54
C TRP D 165 67.10 -8.44 -35.96
N ALA D 166 68.20 -7.73 -36.24
CA ALA D 166 69.45 -8.40 -36.57
C ALA D 166 69.96 -9.16 -35.35
N PRO D 167 70.59 -10.32 -35.54
CA PRO D 167 71.10 -11.09 -34.40
C PRO D 167 72.18 -10.34 -33.65
N GLY D 168 72.18 -10.53 -32.32
CA GLY D 168 73.10 -9.85 -31.45
C GLY D 168 72.57 -8.57 -30.83
N GLY D 169 71.40 -8.09 -31.27
CA GLY D 169 70.82 -6.90 -30.69
C GLY D 169 70.68 -5.73 -31.66
N GLY D 170 70.51 -6.04 -32.95
CA GLY D 170 70.33 -5.02 -33.95
C GLY D 170 71.65 -4.47 -34.47
N ASP D 171 71.60 -3.96 -35.70
CA ASP D 171 72.78 -3.44 -36.38
C ASP D 171 72.30 -2.65 -37.59
N VAL D 172 73.11 -1.71 -38.04
CA VAL D 172 72.80 -1.01 -39.29
C VAL D 172 72.96 -2.01 -40.42
N ARG D 173 71.86 -2.34 -41.10
CA ARG D 173 71.86 -3.40 -42.09
C ARG D 173 71.42 -2.86 -43.43
N ILE D 174 72.29 -2.99 -44.44
CA ILE D 174 71.90 -2.68 -45.80
C ILE D 174 70.96 -3.78 -46.29
N ILE D 175 69.83 -3.38 -46.85
CA ILE D 175 68.73 -4.30 -47.15
C ILE D 175 68.87 -4.80 -48.58
N SER D 176 68.89 -6.12 -48.73
CA SER D 176 68.94 -6.77 -50.02
C SER D 176 67.68 -7.62 -50.19
N ASN D 177 67.11 -7.59 -51.39
CA ASN D 177 65.87 -8.26 -51.76
C ASN D 177 64.71 -7.90 -50.83
N PRO D 178 64.18 -6.68 -50.89
CA PRO D 178 62.97 -6.38 -50.12
C PRO D 178 61.78 -7.12 -50.69
N THR D 179 60.83 -7.45 -49.82
CA THR D 179 59.66 -8.23 -50.21
C THR D 179 58.66 -7.29 -50.88
N THR D 180 58.59 -7.35 -52.22
CA THR D 180 57.69 -6.52 -53.01
C THR D 180 56.46 -7.29 -53.46
N ASN D 181 55.99 -8.24 -52.66
CA ASN D 181 54.83 -9.06 -52.99
C ASN D 181 53.55 -8.27 -52.78
N ALA D 182 52.74 -8.14 -53.85
CA ALA D 182 51.52 -7.34 -53.79
C ALA D 182 50.51 -7.93 -52.81
N ALA D 183 50.38 -9.26 -52.79
CA ALA D 183 49.47 -9.90 -51.85
C ALA D 183 49.90 -9.62 -50.41
N ILE D 184 51.21 -9.63 -50.16
CA ILE D 184 51.73 -9.34 -48.82
C ILE D 184 51.42 -7.90 -48.41
N ILE D 185 51.72 -6.93 -49.27
CA ILE D 185 51.52 -5.52 -48.91
C ILE D 185 50.04 -5.22 -48.71
N PHE D 186 49.20 -5.69 -49.64
CA PHE D 186 47.77 -5.44 -49.51
C PHE D 186 47.19 -6.22 -48.34
N GLY D 187 47.80 -7.34 -47.97
CA GLY D 187 47.42 -8.04 -46.76
C GLY D 187 47.70 -7.22 -45.51
N TYR D 188 48.81 -6.48 -45.48
CA TYR D 188 49.00 -5.57 -44.35
C TYR D 188 47.97 -4.44 -44.37
N ILE D 189 47.62 -3.92 -45.56
CA ILE D 189 46.72 -2.77 -45.54
C ILE D 189 45.25 -3.14 -45.29
N VAL D 190 44.85 -4.40 -45.50
CA VAL D 190 43.44 -4.77 -45.30
C VAL D 190 43.23 -5.63 -44.06
N LYS D 191 44.26 -5.86 -43.25
CA LYS D 191 44.04 -6.71 -42.08
C LYS D 191 43.42 -5.90 -40.94
N SER D 192 42.94 -6.63 -39.93
CA SER D 192 42.18 -6.03 -38.84
C SER D 192 43.05 -5.12 -37.98
N PRO D 193 42.49 -4.04 -37.44
CA PRO D 193 43.26 -3.15 -36.56
C PRO D 193 43.34 -3.59 -35.11
N PHE D 194 42.91 -4.80 -34.77
CA PHE D 194 42.84 -5.22 -33.39
C PHE D 194 44.13 -5.93 -32.98
N GLY D 195 44.11 -6.58 -31.82
CA GLY D 195 45.34 -7.10 -31.23
C GLY D 195 45.98 -8.23 -32.01
N GLY D 196 45.17 -9.15 -32.54
CA GLY D 196 45.72 -10.28 -33.26
C GLY D 196 46.42 -9.90 -34.54
N ASP D 197 45.91 -8.88 -35.23
CA ASP D 197 46.46 -8.46 -36.52
C ASP D 197 47.25 -7.17 -36.43
N GLY D 198 46.66 -6.10 -35.90
CA GLY D 198 47.36 -4.84 -35.74
C GLY D 198 47.31 -3.91 -36.92
N TRP D 199 46.60 -4.28 -37.99
CA TRP D 199 46.50 -3.52 -39.24
C TRP D 199 47.86 -3.21 -39.84
N ILE D 200 48.33 -1.99 -39.61
CA ILE D 200 49.50 -1.49 -40.33
C ILE D 200 50.68 -1.27 -39.38
N VAL D 201 50.44 -1.23 -38.07
CA VAL D 201 51.52 -1.08 -37.09
C VAL D 201 52.36 -2.35 -36.99
N SER D 202 51.76 -3.49 -37.30
CA SER D 202 52.39 -4.79 -37.08
C SER D 202 53.42 -5.17 -38.14
N VAL D 203 53.89 -4.24 -38.96
CA VAL D 203 55.00 -4.56 -39.85
C VAL D 203 56.26 -4.77 -39.01
N ASP D 204 56.92 -5.89 -39.21
CA ASP D 204 57.96 -6.34 -38.29
C ASP D 204 59.33 -6.49 -38.90
N ASN D 205 59.52 -6.16 -40.19
CA ASN D 205 60.84 -6.31 -40.76
C ASN D 205 61.07 -5.26 -41.86
N LEU D 206 62.35 -4.90 -42.01
CA LEU D 206 62.75 -3.90 -42.97
C LEU D 206 62.53 -4.35 -44.41
N GLU D 207 62.53 -5.64 -44.68
CA GLU D 207 62.24 -6.13 -46.02
C GLU D 207 60.83 -5.74 -46.44
N ASP D 208 59.86 -5.97 -45.55
CA ASP D 208 58.48 -5.56 -45.84
C ASP D 208 58.33 -4.05 -45.82
N ILE D 209 59.09 -3.38 -44.95
CA ILE D 209 59.03 -1.91 -44.90
C ILE D 209 59.48 -1.31 -46.23
N ILE D 210 60.61 -1.78 -46.76
CA ILE D 210 61.13 -1.24 -48.00
C ILE D 210 60.32 -1.71 -49.21
N GLY D 211 59.74 -2.92 -49.15
CA GLY D 211 58.83 -3.33 -50.21
C GLY D 211 57.60 -2.45 -50.28
N GLY D 212 57.00 -2.15 -49.12
CA GLY D 212 55.89 -1.23 -49.09
C GLY D 212 56.26 0.18 -49.52
N HIS D 213 57.49 0.60 -49.21
CA HIS D 213 57.95 1.91 -49.64
C HIS D 213 58.15 1.97 -51.14
N ILE D 214 58.67 0.89 -51.74
CA ILE D 214 58.78 0.77 -53.19
C ILE D 214 57.40 0.88 -53.82
N TRP D 215 56.43 0.15 -53.24
CA TRP D 215 55.07 0.18 -53.75
C TRP D 215 54.47 1.57 -53.65
N ILE D 216 54.64 2.25 -52.51
CA ILE D 216 54.01 3.54 -52.32
C ILE D 216 54.68 4.60 -53.20
N GLY D 217 56.00 4.49 -53.42
CA GLY D 217 56.67 5.45 -54.29
C GLY D 217 56.28 5.28 -55.75
N THR D 218 56.25 4.03 -56.22
CA THR D 218 55.84 3.78 -57.60
C THR D 218 54.39 4.15 -57.82
N LEU D 219 53.51 3.82 -56.87
CA LEU D 219 52.11 4.17 -56.98
C LEU D 219 51.91 5.69 -56.96
N CYS D 220 52.66 6.39 -56.11
CA CYS D 220 52.54 7.84 -56.05
C CYS D 220 53.01 8.50 -57.34
N ILE D 221 54.10 8.00 -57.92
CA ILE D 221 54.59 8.57 -59.19
C ILE D 221 53.59 8.31 -60.32
N LEU D 222 53.08 7.07 -60.41
CA LEU D 222 52.11 6.74 -61.45
C LEU D 222 50.82 7.53 -61.28
N GLY D 223 50.35 7.69 -60.05
CA GLY D 223 49.18 8.51 -59.80
C GLY D 223 49.40 9.97 -60.09
N GLY D 224 50.62 10.47 -59.84
CA GLY D 224 50.92 11.84 -60.21
C GLY D 224 50.83 12.07 -61.70
N ILE D 225 51.40 11.14 -62.48
CA ILE D 225 51.28 11.21 -63.94
C ILE D 225 49.81 11.14 -64.35
N TRP D 226 49.05 10.26 -63.69
CA TRP D 226 47.64 10.08 -64.02
C TRP D 226 46.83 11.35 -63.77
N HIS D 227 47.03 12.00 -62.61
CA HIS D 227 46.29 13.23 -62.36
C HIS D 227 46.75 14.39 -63.23
N ILE D 228 48.03 14.43 -63.60
CA ILE D 228 48.46 15.48 -64.51
C ILE D 228 47.79 15.31 -65.87
N TYR D 229 47.62 14.07 -66.32
CA TYR D 229 47.11 13.81 -67.66
C TYR D 229 45.61 13.48 -67.68
N THR D 230 44.88 13.73 -66.60
CA THR D 230 43.45 13.46 -66.58
C THR D 230 42.69 14.62 -65.92
N THR D 231 41.36 14.51 -66.00
CA THR D 231 40.37 15.39 -65.41
C THR D 231 39.39 14.52 -64.63
N PRO D 232 38.92 14.96 -63.46
CA PRO D 232 38.03 14.12 -62.65
C PRO D 232 36.76 13.71 -63.38
N TRP D 233 36.35 12.47 -63.14
CA TRP D 233 35.18 11.91 -63.81
C TRP D 233 33.90 12.57 -63.32
N PRO D 234 32.83 12.52 -64.12
CA PRO D 234 31.55 13.11 -63.69
C PRO D 234 31.00 12.56 -62.39
N TRP D 235 31.22 11.28 -62.08
CA TRP D 235 30.77 10.76 -60.79
C TRP D 235 31.56 11.41 -59.65
N ALA D 236 32.86 11.64 -59.86
CA ALA D 236 33.65 12.35 -58.86
C ALA D 236 33.19 13.81 -58.72
N ARG D 237 32.81 14.43 -59.83
CA ARG D 237 32.29 15.80 -59.77
C ARG D 237 30.97 15.86 -59.02
N ARG D 238 30.13 14.84 -59.21
CA ARG D 238 28.85 14.80 -58.50
C ARG D 238 29.02 14.47 -57.03
N ALA D 239 30.05 13.70 -56.68
CA ALA D 239 30.23 13.29 -55.29
C ALA D 239 30.97 14.36 -54.48
N PHE D 240 31.98 15.00 -55.05
CA PHE D 240 32.82 15.93 -54.30
C PHE D 240 32.32 17.36 -54.43
N VAL D 241 32.68 18.17 -53.43
CA VAL D 241 32.49 19.61 -53.47
C VAL D 241 33.83 20.24 -53.85
N TRP D 242 33.81 21.05 -54.91
CA TRP D 242 35.04 21.55 -55.52
C TRP D 242 35.25 22.99 -55.10
N SER D 243 35.92 23.17 -53.96
CA SER D 243 36.22 24.48 -53.44
C SER D 243 37.44 24.40 -52.54
N GLY D 244 38.10 25.55 -52.39
CA GLY D 244 39.21 25.64 -51.47
C GLY D 244 38.68 25.95 -50.10
N GLU D 245 38.51 24.86 -49.34
CA GLU D 245 37.96 24.73 -48.00
C GLU D 245 37.51 23.28 -47.92
N ALA D 246 36.81 22.83 -48.96
CA ALA D 246 36.50 21.42 -49.11
C ALA D 246 37.77 20.61 -49.32
N TYR D 247 38.68 21.11 -50.17
CA TYR D 247 39.96 20.43 -50.35
C TYR D 247 40.74 20.39 -49.04
N LEU D 248 40.69 21.49 -48.28
CA LEU D 248 41.33 21.55 -46.99
C LEU D 248 40.72 20.54 -46.02
N SER D 249 39.40 20.38 -46.05
CA SER D 249 38.74 19.42 -45.17
C SER D 249 39.12 17.98 -45.52
N TYR D 250 39.25 17.68 -46.81
CA TYR D 250 39.71 16.35 -47.22
C TYR D 250 41.12 16.10 -46.69
N SER D 251 42.00 17.10 -46.84
CA SER D 251 43.35 16.99 -46.32
C SER D 251 43.36 16.84 -44.81
N LEU D 252 42.46 17.55 -44.12
CA LEU D 252 42.38 17.49 -42.67
C LEU D 252 41.97 16.11 -42.18
N ALA D 253 40.96 15.51 -42.82
CA ALA D 253 40.54 14.16 -42.46
C ALA D 253 41.68 13.17 -42.69
N ALA D 254 42.36 13.29 -43.83
CA ALA D 254 43.46 12.38 -44.13
C ALA D 254 44.60 12.51 -43.12
N VAL D 255 44.97 13.74 -42.77
CA VAL D 255 46.10 13.92 -41.87
C VAL D 255 45.70 13.60 -40.43
N SER D 256 44.42 13.71 -40.08
CA SER D 256 43.99 13.26 -38.76
C SER D 256 44.06 11.75 -38.64
N LEU D 257 43.66 11.03 -39.71
CA LEU D 257 43.85 9.59 -39.74
C LEU D 257 45.33 9.23 -39.64
N MET D 258 46.18 9.99 -40.34
CA MET D 258 47.62 9.78 -40.26
C MET D 258 48.15 10.00 -38.85
N GLY D 259 47.62 11.03 -38.16
CA GLY D 259 48.06 11.30 -36.80
C GLY D 259 47.67 10.21 -35.82
N PHE D 260 46.44 9.71 -35.92
CA PHE D 260 46.02 8.58 -35.09
C PHE D 260 46.89 7.35 -35.37
N THR D 261 47.13 7.07 -36.65
CA THR D 261 47.94 5.92 -37.03
C THR D 261 49.36 6.05 -36.53
N ALA D 262 49.96 7.25 -36.61
CA ALA D 262 51.32 7.47 -36.14
C ALA D 262 51.42 7.36 -34.62
N CYS D 263 50.38 7.80 -33.91
CA CYS D 263 50.31 7.55 -32.47
C CYS D 263 50.34 6.05 -32.19
N CYS D 264 49.62 5.27 -33.00
CA CYS D 264 49.64 3.82 -32.81
C CYS D 264 51.01 3.21 -33.15
N PHE D 265 51.68 3.70 -34.20
CA PHE D 265 53.05 3.26 -34.47
C PHE D 265 53.96 3.56 -33.28
N ALA D 266 53.85 4.76 -32.72
CA ALA D 266 54.69 5.15 -31.60
C ALA D 266 54.47 4.26 -30.40
N TRP D 267 53.21 3.92 -30.12
CA TRP D 267 52.93 3.13 -28.92
C TRP D 267 53.27 1.65 -29.11
N PHE D 268 53.07 1.09 -30.30
CA PHE D 268 53.16 -0.36 -30.46
C PHE D 268 54.36 -0.83 -31.27
N ASN D 269 54.74 -0.12 -32.33
CA ASN D 269 55.78 -0.60 -33.23
C ASN D 269 57.15 -0.53 -32.57
N ASN D 270 57.95 -1.57 -32.80
CA ASN D 270 59.35 -1.59 -32.36
C ASN D 270 60.34 -1.85 -33.48
N THR D 271 59.87 -2.04 -34.72
CA THR D 271 60.75 -2.25 -35.87
C THR D 271 61.13 -0.92 -36.51
N ALA D 272 60.13 -0.16 -36.96
CA ALA D 272 60.36 1.17 -37.49
C ALA D 272 60.65 2.19 -36.39
N TYR D 273 60.37 1.83 -35.15
CA TYR D 273 60.68 2.67 -33.99
C TYR D 273 61.49 1.79 -33.03
N PRO D 274 62.80 1.65 -33.26
CA PRO D 274 63.61 0.72 -32.47
C PRO D 274 63.63 1.10 -30.99
N SER D 275 63.61 0.07 -30.15
CA SER D 275 63.57 0.28 -28.70
C SER D 275 64.88 0.83 -28.17
N GLU D 276 66.00 0.55 -28.85
CA GLU D 276 67.29 1.08 -28.44
C GLU D 276 67.37 2.60 -28.55
N PHE D 277 66.51 3.21 -29.34
CA PHE D 277 66.47 4.66 -29.50
C PHE D 277 65.23 5.31 -28.92
N TYR D 278 64.08 4.62 -28.97
CA TYR D 278 62.82 5.19 -28.50
C TYR D 278 62.41 4.70 -27.13
N GLY D 279 63.11 3.72 -26.55
CA GLY D 279 62.70 3.14 -25.31
C GLY D 279 61.74 1.99 -25.53
N PRO D 280 61.40 1.27 -24.47
CA PRO D 280 60.44 0.17 -24.59
C PRO D 280 59.05 0.67 -24.95
N THR D 281 58.31 -0.19 -25.65
CA THR D 281 56.92 0.09 -25.99
C THR D 281 56.03 -0.22 -24.79
N GLY D 282 54.72 -0.21 -25.03
CA GLY D 282 53.75 -0.58 -24.03
C GLY D 282 53.85 -2.05 -23.61
N PRO D 283 53.68 -2.98 -24.58
CA PRO D 283 53.79 -4.42 -24.27
C PRO D 283 55.11 -4.86 -23.62
N GLU D 284 56.23 -4.42 -24.15
CA GLU D 284 57.49 -4.70 -23.48
C GLU D 284 57.66 -3.72 -22.33
N ALA D 285 58.66 -4.02 -21.48
CA ALA D 285 58.92 -3.51 -20.12
C ALA D 285 57.93 -4.11 -19.14
N SER D 286 56.88 -4.75 -19.66
CA SER D 286 55.95 -5.57 -18.91
C SER D 286 56.17 -7.04 -19.23
N GLN D 287 56.30 -7.36 -20.52
CA GLN D 287 56.86 -8.65 -20.90
C GLN D 287 58.29 -8.79 -20.38
N ALA D 288 59.06 -7.69 -20.40
CA ALA D 288 60.40 -7.72 -19.84
C ALA D 288 60.38 -7.94 -18.34
N GLN D 289 59.41 -7.34 -17.63
CA GLN D 289 59.28 -7.59 -16.21
C GLN D 289 58.94 -9.04 -15.92
N ALA D 290 58.03 -9.62 -16.71
CA ALA D 290 57.71 -11.03 -16.57
C ALA D 290 58.87 -11.96 -16.92
N PHE D 291 59.78 -11.53 -17.79
CA PHE D 291 60.93 -12.34 -18.15
C PHE D 291 62.06 -12.27 -17.13
N THR D 292 62.36 -11.05 -16.62
CA THR D 292 63.43 -10.90 -15.63
C THR D 292 63.10 -11.63 -14.34
N PHE D 293 61.84 -11.63 -13.91
CA PHE D 293 61.50 -12.33 -12.67
C PHE D 293 61.53 -13.84 -12.86
N LEU D 294 61.18 -14.32 -14.05
CA LEU D 294 61.33 -15.74 -14.36
C LEU D 294 62.79 -16.16 -14.28
N VAL D 295 63.67 -15.43 -14.96
CA VAL D 295 65.07 -15.82 -14.98
C VAL D 295 65.74 -15.56 -13.62
N ARG D 296 65.17 -14.67 -12.79
CA ARG D 296 65.70 -14.49 -11.44
C ARG D 296 65.30 -15.65 -10.55
N ASP D 297 64.02 -16.00 -10.52
CA ASP D 297 63.51 -17.04 -9.67
C ASP D 297 63.91 -18.45 -10.13
N GLN D 298 64.38 -18.63 -11.35
CA GLN D 298 64.98 -19.91 -11.69
C GLN D 298 66.47 -19.94 -11.37
N ARG D 299 67.12 -18.78 -11.24
CA ARG D 299 68.47 -18.74 -10.70
C ARG D 299 68.50 -18.99 -9.21
N LEU D 300 67.46 -18.53 -8.49
CA LEU D 300 67.38 -18.80 -7.06
C LEU D 300 67.08 -20.26 -6.77
N GLY D 301 66.54 -20.99 -7.74
CA GLY D 301 66.31 -22.42 -7.60
C GLY D 301 64.87 -22.85 -7.75
N ALA D 302 63.91 -21.93 -7.77
CA ALA D 302 62.51 -22.30 -7.88
C ALA D 302 62.18 -22.77 -9.30
N ASN D 303 61.26 -23.72 -9.39
CA ASN D 303 60.81 -24.23 -10.67
C ASN D 303 59.75 -23.31 -11.27
N VAL D 304 60.08 -22.67 -12.39
CA VAL D 304 59.14 -21.75 -13.02
C VAL D 304 58.03 -22.47 -13.76
N ALA D 305 58.21 -23.75 -14.09
CA ALA D 305 57.16 -24.50 -14.76
C ALA D 305 56.04 -24.87 -13.80
N SER D 306 56.36 -25.09 -12.53
CA SER D 306 55.33 -25.36 -11.54
C SER D 306 54.45 -24.14 -11.32
N ALA D 307 55.07 -22.96 -11.14
CA ALA D 307 54.42 -21.65 -11.12
C ALA D 307 53.27 -21.55 -10.12
N GLN D 308 52.04 -21.67 -10.63
CA GLN D 308 50.80 -21.67 -9.83
C GLN D 308 50.72 -20.47 -8.89
N GLY D 309 50.47 -19.28 -9.45
CA GLY D 309 50.31 -18.08 -8.65
C GLY D 309 49.10 -18.12 -7.72
N PRO D 310 48.71 -16.95 -7.20
CA PRO D 310 47.60 -16.91 -6.23
C PRO D 310 46.26 -17.36 -6.80
N THR D 311 46.08 -17.32 -8.12
CA THR D 311 44.84 -17.75 -8.75
C THR D 311 44.97 -19.09 -9.46
N GLY D 312 46.10 -19.76 -9.30
CA GLY D 312 46.30 -21.06 -9.93
C GLY D 312 46.49 -21.05 -11.42
N LEU D 313 46.98 -19.94 -11.97
CA LEU D 313 47.21 -19.84 -13.41
C LEU D 313 48.67 -19.88 -13.80
N GLY D 314 49.56 -19.41 -12.94
CA GLY D 314 50.98 -19.40 -13.24
C GLY D 314 51.64 -18.09 -12.89
N LYS D 315 52.66 -18.15 -12.05
CA LYS D 315 53.39 -16.94 -11.69
C LYS D 315 54.33 -16.49 -12.80
N TYR D 316 54.85 -17.43 -13.59
CA TYR D 316 55.83 -17.12 -14.62
C TYR D 316 55.41 -17.59 -16.01
N LEU D 317 54.73 -18.73 -16.11
CA LEU D 317 54.31 -19.27 -17.39
C LEU D 317 52.85 -19.70 -17.33
N MET D 318 52.09 -19.35 -18.36
CA MET D 318 50.69 -19.76 -18.46
C MET D 318 50.36 -19.99 -19.93
N ARG D 319 49.09 -20.26 -20.20
CA ARG D 319 48.61 -20.51 -21.56
C ARG D 319 47.68 -19.38 -21.98
N SER D 320 47.87 -18.89 -23.21
CA SER D 320 47.02 -17.86 -23.77
C SER D 320 45.68 -18.46 -24.16
N PRO D 321 44.70 -17.63 -24.58
CA PRO D 321 43.47 -18.21 -25.15
C PRO D 321 43.72 -19.15 -26.32
N THR D 322 44.73 -18.89 -27.13
CA THR D 322 45.25 -19.87 -28.05
C THR D 322 46.37 -20.63 -27.34
N GLY D 323 46.62 -21.87 -27.75
CA GLY D 323 47.48 -22.76 -27.01
C GLY D 323 48.95 -22.42 -26.87
N GLU D 324 49.37 -21.22 -27.26
CA GLU D 324 50.76 -20.84 -27.12
C GLU D 324 51.11 -20.56 -25.66
N ILE D 325 52.33 -20.95 -25.27
CA ILE D 325 52.81 -20.72 -23.91
C ILE D 325 53.30 -19.28 -23.81
N ILE D 326 52.77 -18.55 -22.82
CA ILE D 326 53.04 -17.13 -22.65
C ILE D 326 53.49 -16.89 -21.21
N PHE D 327 53.86 -15.64 -20.92
CA PHE D 327 54.29 -15.26 -19.58
C PHE D 327 53.10 -15.23 -18.64
N GLY D 328 53.29 -15.74 -17.43
CA GLY D 328 52.19 -16.07 -16.53
C GLY D 328 51.57 -14.90 -15.80
N GLY D 329 52.20 -13.73 -15.79
CA GLY D 329 51.70 -12.61 -15.03
C GLY D 329 50.45 -11.99 -15.60
N GLU D 330 50.15 -10.77 -15.16
CA GLU D 330 49.02 -10.04 -15.72
C GLU D 330 49.31 -9.58 -17.14
N THR D 331 50.56 -9.65 -17.59
CA THR D 331 50.94 -9.28 -18.94
C THR D 331 50.63 -10.39 -19.95
N MET D 332 49.44 -10.95 -19.83
CA MET D 332 48.85 -11.88 -20.78
C MET D 332 48.01 -11.14 -21.80
N ARG D 333 48.01 -9.82 -21.70
CA ARG D 333 47.37 -8.97 -22.72
C ARG D 333 48.43 -8.75 -23.80
N PHE D 334 49.71 -8.65 -23.43
CA PHE D 334 50.83 -8.42 -24.32
C PHE D 334 51.51 -9.72 -24.73
N TRP D 335 50.75 -10.81 -24.74
CA TRP D 335 51.28 -12.11 -25.12
C TRP D 335 51.66 -12.18 -26.58
N ASP D 336 51.10 -11.30 -27.42
CA ASP D 336 51.40 -11.24 -28.84
C ASP D 336 52.53 -10.27 -29.16
N PHE D 337 53.25 -9.81 -28.14
CA PHE D 337 54.40 -8.94 -28.35
C PHE D 337 55.56 -9.75 -28.92
N ARG D 338 56.26 -9.14 -29.88
CA ARG D 338 57.44 -9.75 -30.50
C ARG D 338 58.60 -8.78 -30.37
N GLY D 339 59.69 -9.26 -29.79
CA GLY D 339 60.87 -8.45 -29.60
C GLY D 339 62.14 -9.16 -30.04
N PRO D 340 63.19 -8.39 -30.31
CA PRO D 340 64.46 -9.01 -30.72
C PRO D 340 65.08 -9.90 -29.66
N TRP D 341 64.80 -9.65 -28.38
CA TRP D 341 65.31 -10.45 -27.29
C TRP D 341 64.33 -11.54 -26.86
N VAL D 342 63.27 -11.75 -27.63
CA VAL D 342 62.25 -12.75 -27.34
C VAL D 342 62.22 -13.85 -28.39
N GLU D 343 62.28 -13.48 -29.67
CA GLU D 343 62.13 -14.46 -30.75
C GLU D 343 63.16 -15.59 -30.76
N PRO D 344 64.47 -15.38 -30.56
CA PRO D 344 65.37 -16.54 -30.44
C PRO D 344 65.05 -17.43 -29.25
N LEU D 345 64.39 -16.88 -28.24
CA LEU D 345 63.90 -17.62 -27.09
C LEU D 345 62.57 -18.31 -27.34
N ARG D 346 61.87 -17.95 -28.42
CA ARG D 346 60.51 -18.40 -28.67
C ARG D 346 60.47 -19.42 -29.79
N GLY D 347 59.58 -20.41 -29.66
CA GLY D 347 59.42 -21.44 -30.65
C GLY D 347 57.99 -21.57 -31.12
N PRO D 348 57.68 -22.66 -31.84
CA PRO D 348 56.32 -22.84 -32.37
C PRO D 348 55.27 -23.09 -31.30
N SER D 349 55.53 -24.04 -30.40
CA SER D 349 54.54 -24.41 -29.40
C SER D 349 54.34 -23.32 -28.36
N GLY D 350 55.37 -22.54 -28.07
CA GLY D 350 55.25 -21.49 -27.07
C GLY D 350 56.56 -20.80 -26.77
N LEU D 351 56.88 -20.64 -25.49
CA LEU D 351 58.08 -19.95 -25.07
C LEU D 351 59.29 -20.88 -24.93
N ASP D 352 59.16 -22.16 -25.26
CA ASP D 352 60.26 -23.13 -25.27
C ASP D 352 60.93 -23.23 -23.90
N LEU D 353 60.20 -23.87 -22.99
CA LEU D 353 60.63 -24.16 -21.61
C LEU D 353 62.09 -24.63 -21.51
N VAL D 354 62.52 -25.45 -22.47
CA VAL D 354 63.92 -25.89 -22.51
C VAL D 354 64.84 -24.69 -22.77
N LYS D 355 64.44 -23.77 -23.64
CA LYS D 355 65.24 -22.57 -23.88
C LYS D 355 65.21 -21.64 -22.67
N LEU D 356 64.06 -21.54 -22.00
CA LEU D 356 63.96 -20.75 -20.78
C LEU D 356 64.82 -21.32 -19.66
N LYS D 357 65.07 -22.64 -19.69
CA LYS D 357 65.92 -23.25 -18.70
C LYS D 357 67.41 -23.17 -19.04
N ASN D 358 67.76 -23.26 -20.33
CA ASN D 358 69.15 -23.34 -20.74
C ASN D 358 69.65 -22.14 -21.53
N ASP D 359 68.99 -21.78 -22.62
CA ASP D 359 69.51 -20.80 -23.58
C ASP D 359 68.90 -19.43 -23.28
N ILE D 360 69.59 -18.66 -22.45
CA ILE D 360 69.28 -17.25 -22.22
C ILE D 360 70.58 -16.46 -22.32
N GLN D 361 70.59 -15.46 -23.20
CA GLN D 361 71.81 -14.73 -23.46
C GLN D 361 71.97 -13.55 -22.50
N PRO D 362 73.22 -13.24 -22.11
CA PRO D 362 73.44 -12.09 -21.21
C PRO D 362 73.01 -10.76 -21.79
N TRP D 363 73.08 -10.58 -23.12
CA TRP D 363 72.60 -9.33 -23.70
C TRP D 363 71.08 -9.21 -23.56
N GLN D 364 70.36 -10.32 -23.70
CA GLN D 364 68.93 -10.32 -23.43
C GLN D 364 68.66 -10.04 -21.95
N GLU D 365 69.50 -10.60 -21.08
CA GLU D 365 69.35 -10.39 -19.63
C GLU D 365 69.50 -8.92 -19.27
N ARG D 366 70.51 -8.25 -19.84
CA ARG D 366 70.72 -6.82 -19.58
C ARG D 366 69.62 -5.98 -20.22
N ARG D 367 69.25 -6.30 -21.46
CA ARG D 367 68.27 -5.51 -22.19
C ARG D 367 66.90 -5.55 -21.53
N ALA D 368 66.48 -6.72 -21.06
CA ALA D 368 65.15 -6.84 -20.45
C ALA D 368 65.07 -6.08 -19.12
N ALA D 369 66.12 -6.14 -18.31
CA ALA D 369 66.11 -5.39 -17.05
C ALA D 369 66.13 -3.89 -17.30
N GLU D 370 66.99 -3.44 -18.22
CA GLU D 370 67.04 -2.01 -18.52
C GLU D 370 65.78 -1.53 -19.22
N TYR D 371 65.03 -2.43 -19.87
CA TYR D 371 63.73 -2.05 -20.39
C TYR D 371 62.69 -1.99 -19.29
N MET D 372 62.75 -2.93 -18.33
CA MET D 372 61.83 -2.94 -17.20
C MET D 372 61.93 -1.67 -16.38
N THR D 373 63.15 -1.19 -16.12
CA THR D 373 63.32 0.05 -15.37
C THR D 373 62.78 1.27 -16.11
N HIS D 374 63.04 1.36 -17.41
CA HIS D 374 62.65 2.53 -18.20
C HIS D 374 61.33 2.32 -18.93
N ALA D 375 60.27 2.10 -18.16
CA ALA D 375 58.95 1.84 -18.72
C ALA D 375 58.36 3.10 -19.34
N PRO D 376 57.36 2.95 -20.27
CA PRO D 376 56.64 4.12 -20.80
C PRO D 376 55.56 4.66 -19.87
N LEU D 377 55.87 4.71 -18.58
CA LEU D 377 55.12 5.46 -17.59
C LEU D 377 55.74 6.85 -17.52
N GLY D 378 55.41 7.63 -16.51
CA GLY D 378 56.26 8.80 -16.35
C GLY D 378 55.78 10.14 -15.82
N SER D 379 54.48 10.43 -15.85
CA SER D 379 53.88 11.71 -15.42
C SER D 379 54.29 12.89 -16.32
N LEU D 380 53.42 13.88 -16.45
CA LEU D 380 53.66 14.94 -17.43
C LEU D 380 54.67 15.98 -16.95
N ASN D 381 54.90 16.07 -15.64
CA ASN D 381 55.93 16.96 -15.10
C ASN D 381 57.25 16.22 -14.84
N SER D 382 57.58 15.27 -15.71
CA SER D 382 58.69 14.32 -15.53
C SER D 382 58.36 13.54 -14.26
N VAL D 383 59.32 13.35 -13.34
CA VAL D 383 59.27 12.47 -12.16
C VAL D 383 59.38 11.06 -12.73
N GLY D 384 59.03 10.02 -11.97
CA GLY D 384 59.47 8.67 -12.27
C GLY D 384 58.55 7.77 -13.06
N GLY D 385 57.91 6.81 -12.39
CA GLY D 385 57.09 5.83 -13.07
C GLY D 385 55.60 6.00 -12.88
N VAL D 386 54.99 5.15 -12.06
CA VAL D 386 53.55 5.22 -11.84
C VAL D 386 53.23 6.46 -11.01
N ALA D 387 51.95 6.85 -11.01
CA ALA D 387 51.52 8.11 -10.41
C ALA D 387 51.76 8.18 -8.91
N THR D 388 51.95 7.05 -8.24
CA THR D 388 52.17 7.04 -6.81
C THR D 388 53.64 7.05 -6.41
N GLU D 389 54.56 7.15 -7.37
CA GLU D 389 55.98 7.15 -7.06
C GLU D 389 56.40 8.49 -6.45
N ILE D 390 57.69 8.63 -6.16
CA ILE D 390 58.25 9.83 -5.57
C ILE D 390 59.25 10.43 -6.55
N ASN D 391 59.76 11.61 -6.18
CA ASN D 391 60.72 12.33 -7.01
C ASN D 391 62.07 11.61 -6.89
N ALA D 392 62.28 10.60 -7.72
CA ALA D 392 63.53 9.86 -7.70
C ALA D 392 64.28 9.94 -9.01
N VAL D 393 63.64 9.60 -10.13
CA VAL D 393 64.30 9.55 -11.43
C VAL D 393 63.57 10.49 -12.37
N ASN D 394 64.32 11.07 -13.31
CA ASN D 394 63.81 12.02 -14.30
C ASN D 394 63.75 11.30 -15.65
N PHE D 395 62.59 10.72 -15.96
CA PHE D 395 62.43 9.99 -17.22
C PHE D 395 60.96 9.86 -17.58
N VAL D 396 60.62 10.28 -18.79
CA VAL D 396 59.35 9.95 -19.44
C VAL D 396 59.68 9.50 -20.85
N SER D 397 58.99 8.47 -21.31
CA SER D 397 59.35 7.83 -22.57
C SER D 397 59.02 8.72 -23.77
N PRO D 398 59.93 8.81 -24.75
CA PRO D 398 59.61 9.52 -25.99
C PRO D 398 58.44 8.91 -26.74
N ARG D 399 58.26 7.58 -26.66
CA ARG D 399 57.09 6.94 -27.22
C ARG D 399 55.82 7.49 -26.62
N SER D 400 55.80 7.65 -25.29
CA SER D 400 54.65 8.24 -24.61
C SER D 400 54.44 9.68 -25.05
N TRP D 401 55.53 10.46 -25.16
CA TRP D 401 55.41 11.87 -25.52
C TRP D 401 54.82 12.04 -26.92
N LEU D 402 55.40 11.40 -27.92
CA LEU D 402 54.96 11.58 -29.29
C LEU D 402 53.86 10.58 -29.68
N ALA D 403 53.33 9.83 -28.72
CA ALA D 403 52.05 9.18 -28.92
C ALA D 403 50.91 10.05 -28.38
N THR D 404 51.10 10.62 -27.19
CA THR D 404 50.08 11.49 -26.60
C THR D 404 49.89 12.75 -27.43
N SER D 405 50.99 13.42 -27.80
CA SER D 405 50.88 14.64 -28.58
C SER D 405 50.27 14.37 -29.95
N HIS D 406 50.65 13.26 -30.57
CA HIS D 406 50.13 12.97 -31.90
C HIS D 406 48.67 12.56 -31.86
N PHE D 407 48.23 11.87 -30.81
CA PHE D 407 46.79 11.60 -30.67
C PHE D 407 46.02 12.89 -30.46
N CYS D 408 46.54 13.81 -29.64
CA CYS D 408 45.86 15.08 -29.42
C CYS D 408 45.74 15.86 -30.72
N LEU D 409 46.83 15.92 -31.49
CA LEU D 409 46.81 16.65 -32.76
C LEU D 409 45.89 15.98 -33.77
N GLY D 410 45.85 14.64 -33.78
CA GLY D 410 44.96 13.93 -34.68
C GLY D 410 43.49 14.18 -34.35
N PHE D 411 43.16 14.20 -33.06
CA PHE D 411 41.77 14.49 -32.69
C PHE D 411 41.39 15.93 -33.02
N PHE D 412 42.28 16.88 -32.73
CA PHE D 412 42.00 18.26 -33.09
C PHE D 412 41.82 18.42 -34.59
N PHE D 413 42.61 17.70 -35.39
CA PHE D 413 42.49 17.83 -36.83
C PHE D 413 41.27 17.10 -37.37
N PHE D 414 40.78 16.07 -36.68
CA PHE D 414 39.48 15.51 -37.04
C PHE D 414 38.37 16.53 -36.76
N VAL D 415 38.46 17.23 -35.63
CA VAL D 415 37.49 18.28 -35.32
C VAL D 415 37.52 19.38 -36.38
N GLY D 416 38.73 19.79 -36.77
CA GLY D 416 38.88 20.77 -37.83
C GLY D 416 38.38 20.31 -39.17
N HIS D 417 38.54 19.01 -39.46
CA HIS D 417 37.95 18.44 -40.67
C HIS D 417 36.43 18.53 -40.64
N LEU D 418 35.83 18.22 -39.49
CA LEU D 418 34.38 18.36 -39.35
C LEU D 418 33.94 19.80 -39.59
N TRP D 419 34.65 20.75 -38.97
CA TRP D 419 34.34 22.17 -39.12
C TRP D 419 34.43 22.61 -40.58
N HIS D 420 35.54 22.29 -41.23
CA HIS D 420 35.76 22.78 -42.58
C HIS D 420 34.91 22.05 -43.61
N ALA D 421 34.65 20.76 -43.40
CA ALA D 421 33.75 20.03 -44.30
C ALA D 421 32.34 20.57 -44.22
N GLY D 422 31.85 20.82 -43.01
CA GLY D 422 30.52 21.40 -42.86
C GLY D 422 30.44 22.79 -43.45
N ARG D 423 31.44 23.63 -43.20
CA ARG D 423 31.39 24.99 -43.72
C ARG D 423 31.54 25.01 -45.23
N ALA D 424 32.34 24.10 -45.81
CA ALA D 424 32.46 24.02 -47.25
C ALA D 424 31.15 23.58 -47.90
N ARG D 425 30.48 22.60 -47.30
CA ARG D 425 29.19 22.17 -47.81
C ARG D 425 28.16 23.30 -47.72
N ALA D 426 28.14 24.02 -46.59
CA ALA D 426 27.21 25.12 -46.42
C ALA D 426 27.51 26.28 -47.37
N ALA D 427 28.79 26.53 -47.65
CA ALA D 427 29.15 27.61 -48.56
C ALA D 427 28.83 27.25 -50.00
N ALA D 428 29.02 25.97 -50.37
CA ALA D 428 28.63 25.54 -51.71
C ALA D 428 27.12 25.56 -51.88
N ALA D 429 26.37 25.25 -50.81
CA ALA D 429 24.92 25.28 -50.88
C ALA D 429 24.35 26.68 -50.73
N GLY D 430 25.14 27.63 -50.24
CA GLY D 430 24.74 29.03 -50.21
C GLY D 430 24.23 29.55 -48.88
N PHE D 431 24.17 28.74 -47.83
CA PHE D 431 23.64 29.20 -46.55
C PHE D 431 24.68 29.09 -45.43
N GLU D 432 25.92 29.48 -45.71
CA GLU D 432 26.94 29.48 -44.67
C GLU D 432 26.87 30.72 -43.78
N LYS D 433 26.03 31.69 -44.13
CA LYS D 433 25.84 32.87 -43.31
C LYS D 433 24.58 32.81 -42.44
N GLY D 434 23.61 32.00 -42.83
CA GLY D 434 22.39 31.88 -42.05
C GLY D 434 21.22 31.55 -42.95
N ILE D 435 20.05 31.59 -42.35
CA ILE D 435 18.77 31.26 -42.99
C ILE D 435 18.19 32.53 -43.59
N ASP D 436 17.55 32.42 -44.76
CA ASP D 436 17.28 33.60 -45.59
C ASP D 436 16.15 34.48 -45.03
N ARG D 437 15.35 33.96 -44.09
CA ARG D 437 14.37 34.68 -43.27
C ARG D 437 13.09 35.11 -44.02
N VAL D 438 13.06 35.00 -45.35
CA VAL D 438 11.81 35.30 -46.06
C VAL D 438 11.33 34.06 -46.78
N ASP D 439 12.26 33.16 -47.13
CA ASP D 439 11.90 31.80 -47.56
C ASP D 439 12.76 30.81 -46.77
N GLU D 440 12.29 30.51 -45.55
CA GLU D 440 13.11 29.51 -44.86
C GLU D 440 12.61 28.11 -45.22
N PRO D 441 13.52 27.13 -45.28
CA PRO D 441 13.13 25.78 -45.72
C PRO D 441 12.10 25.11 -44.82
N VAL D 442 12.04 25.48 -43.53
CA VAL D 442 11.16 24.78 -42.59
C VAL D 442 9.70 25.09 -42.87
N LEU D 443 9.38 26.35 -43.20
CA LEU D 443 7.99 26.69 -43.50
C LEU D 443 7.50 26.07 -44.81
N SER D 444 8.39 25.57 -45.66
CA SER D 444 8.00 24.89 -46.88
C SER D 444 7.83 23.38 -46.68
N MET D 445 7.98 22.89 -45.46
CA MET D 445 7.80 21.48 -45.15
C MET D 445 6.56 21.26 -44.30
N ARG D 446 5.93 20.11 -44.50
CA ARG D 446 4.79 19.74 -43.69
C ARG D 446 5.23 19.48 -42.24
N PRO D 447 4.40 19.80 -41.26
CA PRO D 447 4.76 19.50 -39.87
C PRO D 447 4.84 18.01 -39.61
N LEU D 448 5.70 17.65 -38.67
CA LEU D 448 5.92 16.24 -38.32
C LEU D 448 4.65 15.62 -37.74
N ASP D 449 3.96 16.35 -36.88
CA ASP D 449 2.72 15.86 -36.28
C ASP D 449 1.85 17.03 -35.82
N ILE E 1 6.35 56.92 -1.39
CA ILE E 1 5.54 56.22 -0.39
C ILE E 1 4.09 56.69 -0.49
N GLY E 2 3.57 56.75 -1.71
CA GLY E 2 2.21 57.18 -1.95
C GLY E 2 2.04 58.68 -1.96
N THR E 3 2.89 59.36 -2.75
CA THR E 3 2.98 60.83 -2.90
C THR E 3 2.77 61.58 -1.58
N TYR E 4 3.44 61.11 -0.54
CA TYR E 4 3.41 61.77 0.75
C TYR E 4 4.47 62.88 0.76
N GLN E 5 4.50 63.65 1.85
CA GLN E 5 5.48 64.73 1.99
C GLN E 5 6.91 64.19 2.00
N GLU E 6 7.13 63.05 2.67
CA GLU E 6 8.39 62.31 2.78
C GLU E 6 9.59 63.21 3.06
N LYS E 7 9.61 63.83 4.24
CA LYS E 7 10.70 64.73 4.62
C LYS E 7 12.04 64.00 4.59
N ARG E 8 13.03 64.64 3.97
CA ARG E 8 14.31 63.99 3.73
C ARG E 8 15.12 63.88 5.01
N THR E 9 15.71 62.70 5.21
CA THR E 9 16.58 62.40 6.34
C THR E 9 17.95 61.99 5.80
N TRP E 10 18.82 61.51 6.70
CA TRP E 10 20.13 61.01 6.27
C TRP E 10 19.98 59.76 5.41
N PHE E 11 18.92 58.99 5.65
CA PHE E 11 18.73 57.74 4.92
C PHE E 11 18.51 57.98 3.44
N ASP E 12 17.79 59.06 3.10
CA ASP E 12 17.58 59.38 1.69
C ASP E 12 18.88 59.76 0.99
N ASP E 13 19.74 60.55 1.66
CA ASP E 13 20.99 60.96 1.05
C ASP E 13 21.95 59.78 0.88
N ALA E 14 22.08 58.93 1.92
CA ALA E 14 22.92 57.75 1.80
C ALA E 14 22.35 56.75 0.81
N ASP E 15 21.02 56.67 0.73
CA ASP E 15 20.35 55.84 -0.27
C ASP E 15 20.67 56.29 -1.68
N ASP E 16 20.59 57.60 -1.92
CA ASP E 16 20.90 58.15 -3.24
C ASP E 16 22.37 57.96 -3.58
N TRP E 17 23.25 58.08 -2.60
CA TRP E 17 24.67 57.86 -2.87
C TRP E 17 24.94 56.39 -3.18
N LEU E 18 24.35 55.47 -2.41
CA LEU E 18 24.66 54.06 -2.58
C LEU E 18 24.05 53.47 -3.84
N ARG E 19 22.77 53.74 -4.14
CA ARG E 19 22.21 53.26 -5.39
C ARG E 19 22.45 54.27 -6.52
N GLN E 20 23.73 54.40 -6.87
CA GLN E 20 24.16 55.26 -7.96
C GLN E 20 25.03 54.45 -8.91
N ASP E 21 24.83 54.65 -10.21
CA ASP E 21 25.63 53.94 -11.20
C ASP E 21 27.07 54.47 -11.23
N ARG E 22 28.02 53.56 -11.01
CA ARG E 22 29.44 53.89 -10.98
C ARG E 22 30.21 52.83 -11.77
N PHE E 23 31.55 52.87 -11.70
CA PHE E 23 32.34 51.82 -12.33
C PHE E 23 32.06 50.46 -11.69
N VAL E 24 31.96 50.43 -10.37
CA VAL E 24 31.55 49.25 -9.62
C VAL E 24 30.38 49.64 -8.74
N PHE E 25 29.34 48.81 -8.74
CA PHE E 25 28.17 49.07 -7.91
C PHE E 25 28.49 48.76 -6.45
N VAL E 26 28.01 49.60 -5.55
CA VAL E 26 28.23 49.37 -4.13
C VAL E 26 26.90 49.04 -3.46
N GLY E 27 25.99 50.01 -3.42
CA GLY E 27 24.72 49.81 -2.76
C GLY E 27 24.87 49.59 -1.26
N TRP E 28 23.76 49.19 -0.64
CA TRP E 28 23.79 48.85 0.77
C TRP E 28 24.48 47.51 0.99
N SER E 29 24.30 46.58 0.04
CA SER E 29 24.96 45.28 0.12
C SER E 29 26.47 45.41 0.07
N GLY E 30 26.98 46.49 -0.54
CA GLY E 30 28.40 46.75 -0.56
C GLY E 30 28.98 47.08 0.80
N LEU E 31 28.14 47.40 1.78
CA LEU E 31 28.63 47.56 3.15
C LEU E 31 29.06 46.22 3.74
N LEU E 32 28.60 45.11 3.17
CA LEU E 32 28.95 43.76 3.60
C LEU E 32 29.70 43.00 2.53
N LEU E 33 29.20 43.02 1.29
CA LEU E 33 29.80 42.28 0.19
C LEU E 33 31.23 42.71 -0.08
N LEU E 34 31.46 44.01 -0.28
CA LEU E 34 32.80 44.47 -0.65
C LEU E 34 33.84 44.18 0.42
N PRO E 35 33.67 44.54 1.71
CA PRO E 35 34.72 44.19 2.68
C PRO E 35 34.83 42.70 2.94
N CYS E 36 33.70 41.99 3.03
CA CYS E 36 33.76 40.56 3.33
C CYS E 36 34.43 39.78 2.19
N ALA E 37 34.06 40.06 0.94
CA ALA E 37 34.68 39.40 -0.20
C ALA E 37 36.14 39.77 -0.33
N TYR E 38 36.48 41.05 -0.13
CA TYR E 38 37.87 41.47 -0.23
C TYR E 38 38.73 40.79 0.83
N PHE E 39 38.22 40.68 2.06
CA PHE E 39 38.98 40.05 3.13
C PHE E 39 39.08 38.54 2.92
N ALA E 40 38.03 37.91 2.38
CA ALA E 40 38.10 36.48 2.12
C ALA E 40 39.13 36.15 1.04
N VAL E 41 39.10 36.88 -0.07
CA VAL E 41 40.06 36.64 -1.14
C VAL E 41 41.47 36.99 -0.71
N GLY E 42 41.63 38.09 0.04
CA GLY E 42 42.94 38.45 0.54
C GLY E 42 43.49 37.46 1.55
N GLY E 43 42.63 36.94 2.42
CA GLY E 43 43.06 35.93 3.37
C GLY E 43 43.46 34.63 2.70
N TRP E 44 42.72 34.24 1.66
CA TRP E 44 43.10 33.03 0.92
C TRP E 44 44.42 33.23 0.19
N LEU E 45 44.59 34.37 -0.48
CA LEU E 45 45.84 34.63 -1.20
C LEU E 45 47.01 34.87 -0.25
N THR E 46 46.74 35.22 1.01
CA THR E 46 47.81 35.36 1.99
C THR E 46 48.18 34.02 2.60
N GLY E 47 47.18 33.19 2.92
CA GLY E 47 47.47 31.87 3.45
C GLY E 47 48.13 30.95 2.45
N CYS E 48 47.75 31.06 1.17
CA CYS E 48 48.39 30.29 0.13
C CYS E 48 49.82 30.76 -0.16
N THR E 49 50.21 31.92 0.34
CA THR E 49 51.51 32.52 0.07
C THR E 49 52.44 32.53 1.27
N PHE E 50 51.94 32.81 2.45
CA PHE E 50 52.81 33.02 3.60
C PHE E 50 52.49 32.14 4.79
N VAL E 51 51.23 31.86 5.06
CA VAL E 51 50.84 31.16 6.27
C VAL E 51 51.10 29.67 6.12
N THR E 52 51.86 29.11 7.07
CA THR E 52 52.21 27.71 7.05
C THR E 52 51.07 26.84 7.58
N SER E 53 51.19 25.53 7.33
CA SER E 53 50.27 24.53 7.87
C SER E 53 51.01 23.50 8.71
N TRP E 54 52.26 23.80 9.09
CA TRP E 54 53.07 22.86 9.86
C TRP E 54 52.47 22.61 11.23
N TYR E 55 51.95 23.67 11.86
CA TYR E 55 51.26 23.56 13.14
C TYR E 55 49.77 23.61 12.84
N THR E 56 49.12 22.42 12.92
CA THR E 56 47.72 21.99 12.75
C THR E 56 47.67 20.67 11.98
N HIS E 57 48.26 20.63 10.79
CA HIS E 57 48.25 19.44 9.95
C HIS E 57 49.58 18.75 9.81
N GLY E 58 50.68 19.40 10.18
CA GLY E 58 51.99 18.82 9.97
C GLY E 58 52.40 18.71 8.52
N LEU E 59 52.09 19.73 7.71
CA LEU E 59 52.45 19.72 6.29
C LEU E 59 52.82 21.13 5.86
N ALA E 60 53.15 21.28 4.58
CA ALA E 60 53.50 22.56 4.00
C ALA E 60 52.41 22.95 3.01
N SER E 61 51.83 24.13 3.19
CA SER E 61 50.72 24.58 2.35
C SER E 61 50.86 26.06 2.01
N SER E 62 52.05 26.49 1.63
CA SER E 62 52.27 27.90 1.31
C SER E 62 53.38 28.02 0.28
N TYR E 63 53.40 29.16 -0.40
CA TYR E 63 54.41 29.41 -1.41
C TYR E 63 55.79 29.64 -0.81
N ILE E 64 55.87 30.02 0.48
CA ILE E 64 57.14 30.34 1.10
C ILE E 64 57.87 29.08 1.53
N GLU E 65 57.23 27.92 1.43
CA GLU E 65 57.84 26.65 1.81
C GLU E 65 58.17 25.75 0.63
N GLY E 66 57.63 26.01 -0.55
CA GLY E 66 57.93 25.20 -1.72
C GLY E 66 56.72 24.56 -2.35
N CYS E 67 55.55 25.17 -2.19
CA CYS E 67 54.31 24.64 -2.76
C CYS E 67 53.88 25.44 -3.97
N ASN E 68 53.19 24.77 -4.88
CA ASN E 68 52.68 25.37 -6.10
C ASN E 68 51.33 26.01 -5.85
N PHE E 69 50.74 26.57 -6.91
CA PHE E 69 49.36 27.05 -6.81
C PHE E 69 48.40 25.89 -6.63
N LEU E 70 48.70 24.76 -7.26
CA LEU E 70 47.91 23.54 -7.14
C LEU E 70 48.18 22.80 -5.85
N THR E 71 49.11 23.28 -5.03
CA THR E 71 49.61 22.57 -3.85
C THR E 71 49.42 23.35 -2.56
N ALA E 72 49.66 24.66 -2.58
CA ALA E 72 49.47 25.48 -1.39
C ALA E 72 48.00 25.70 -1.10
N ALA E 73 47.68 25.87 0.18
CA ALA E 73 46.30 26.03 0.60
C ALA E 73 46.22 26.69 1.97
N VAL E 74 45.05 27.24 2.26
CA VAL E 74 44.71 27.74 3.59
C VAL E 74 44.13 26.55 4.34
N SER E 75 44.94 25.96 5.22
CA SER E 75 44.58 24.72 5.90
C SER E 75 43.65 24.98 7.08
N THR E 76 42.83 23.98 7.36
CA THR E 76 41.88 24.04 8.47
C THR E 76 42.63 23.93 9.80
N PRO E 77 42.02 24.37 10.90
CA PRO E 77 42.63 24.19 12.21
C PRO E 77 42.70 22.73 12.62
N ALA E 78 43.37 22.49 13.74
CA ALA E 78 43.49 21.14 14.28
C ALA E 78 42.17 20.69 14.87
N ASN E 79 41.95 19.36 14.83
CA ASN E 79 40.73 18.78 15.39
C ASN E 79 40.63 19.02 16.88
N SER E 80 41.77 19.21 17.55
CA SER E 80 41.79 19.55 18.96
C SER E 80 41.08 20.86 19.25
N LEU E 81 41.07 21.77 18.27
CA LEU E 81 40.34 23.02 18.44
C LEU E 81 38.83 22.82 18.32
N GLY E 82 38.40 21.71 17.73
CA GLY E 82 36.97 21.44 17.60
C GLY E 82 36.31 22.39 16.62
N HIS E 83 35.12 22.85 16.98
CA HIS E 83 34.36 23.81 16.17
C HIS E 83 34.54 25.23 16.69
N SER E 84 35.74 25.54 17.19
CA SER E 84 36.02 26.87 17.71
C SER E 84 36.01 27.89 16.59
N LEU E 85 35.41 29.05 16.86
CA LEU E 85 35.36 30.12 15.86
C LEU E 85 36.73 30.73 15.60
N LEU E 86 37.66 30.61 16.56
CA LEU E 86 39.05 31.04 16.41
C LEU E 86 39.18 32.51 16.03
N PHE E 87 38.61 33.37 16.85
CA PHE E 87 38.80 34.80 16.69
C PHE E 87 40.23 35.16 17.04
N VAL E 88 40.72 36.26 16.47
CA VAL E 88 42.05 36.73 16.84
C VAL E 88 42.07 37.20 18.29
N TRP E 89 40.91 37.60 18.81
CA TRP E 89 40.76 38.00 20.21
C TRP E 89 40.30 36.85 21.09
N GLY E 90 40.06 35.66 20.53
CA GLY E 90 39.51 34.56 21.27
C GLY E 90 40.45 34.00 22.32
N PRO E 91 39.95 33.05 23.12
CA PRO E 91 40.78 32.48 24.20
C PRO E 91 41.96 31.64 23.69
N GLU E 92 41.97 31.28 22.42
CA GLU E 92 43.05 30.50 21.83
C GLU E 92 44.14 31.38 21.23
N ALA E 93 43.75 32.37 20.40
CA ALA E 93 44.73 33.28 19.84
C ALA E 93 45.23 34.28 20.89
N GLN E 94 44.31 34.78 21.73
CA GLN E 94 44.61 35.70 22.83
C GLN E 94 45.28 36.98 22.33
N GLY E 95 44.74 37.54 21.24
CA GLY E 95 45.23 38.80 20.72
C GLY E 95 46.49 38.72 19.90
N ASP E 96 47.03 37.53 19.67
CA ASP E 96 48.28 37.37 18.95
C ASP E 96 47.97 37.11 17.48
N LEU E 97 48.56 37.91 16.59
CA LEU E 97 48.28 37.75 15.16
C LEU E 97 49.16 36.67 14.53
N THR E 98 50.47 36.72 14.79
CA THR E 98 51.38 35.75 14.20
C THR E 98 51.14 34.34 14.72
N ARG E 99 50.44 34.20 15.85
CA ARG E 99 50.04 32.89 16.36
C ARG E 99 48.54 32.69 16.28
N TRP E 100 47.79 33.69 15.82
CA TRP E 100 46.44 33.42 15.31
C TRP E 100 46.55 32.77 13.94
N PHE E 101 47.58 33.13 13.18
CA PHE E 101 48.05 32.28 12.10
C PHE E 101 48.67 31.02 12.70
N GLN E 102 49.03 30.07 11.83
CA GLN E 102 49.62 28.76 12.19
C GLN E 102 48.84 28.01 13.28
N LEU E 103 47.57 28.37 13.48
CA LEU E 103 46.66 27.68 14.38
C LEU E 103 45.33 27.41 13.69
N GLY E 104 45.22 27.71 12.41
CA GLY E 104 43.99 27.53 11.67
C GLY E 104 43.01 28.67 11.81
N GLY E 105 43.40 29.78 12.44
CA GLY E 105 42.50 30.91 12.56
C GLY E 105 42.18 31.57 11.23
N LEU E 106 43.15 31.56 10.30
CA LEU E 106 42.92 32.14 9.00
C LEU E 106 41.87 31.36 8.21
N TRP E 107 41.77 30.05 8.41
CA TRP E 107 40.74 29.27 7.74
C TRP E 107 39.36 29.73 8.18
N ALA E 108 39.17 29.91 9.49
CA ALA E 108 37.88 30.36 10.00
C ALA E 108 37.59 31.80 9.55
N PHE E 109 38.63 32.63 9.49
CA PHE E 109 38.50 33.98 8.97
C PHE E 109 37.97 33.97 7.53
N VAL E 110 38.63 33.20 6.67
CA VAL E 110 38.26 33.13 5.26
C VAL E 110 36.87 32.51 5.10
N ALA E 111 36.56 31.49 5.89
CA ALA E 111 35.26 30.82 5.79
C ALA E 111 34.12 31.73 6.20
N LEU E 112 34.23 32.39 7.35
CA LEU E 112 33.18 33.28 7.81
C LEU E 112 33.03 34.49 6.89
N HIS E 113 34.15 35.07 6.45
CA HIS E 113 34.06 36.22 5.54
C HIS E 113 33.55 35.81 4.17
N GLY E 114 33.86 34.59 3.71
CA GLY E 114 33.30 34.13 2.46
C GLY E 114 31.81 33.86 2.54
N ALA E 115 31.35 33.32 3.67
CA ALA E 115 29.91 33.12 3.86
C ALA E 115 29.16 34.44 3.87
N PHE E 116 29.70 35.44 4.60
CA PHE E 116 29.03 36.72 4.63
C PHE E 116 29.19 37.48 3.31
N GLY E 117 30.27 37.22 2.57
CA GLY E 117 30.40 37.78 1.24
C GLY E 117 29.41 37.17 0.26
N LEU E 118 29.12 35.88 0.40
CA LEU E 118 28.09 35.25 -0.42
C LEU E 118 26.70 35.82 -0.08
N ILE E 119 26.44 36.04 1.20
CA ILE E 119 25.20 36.69 1.62
C ILE E 119 25.09 38.09 0.99
N GLY E 120 26.18 38.86 1.08
CA GLY E 120 26.21 40.17 0.48
C GLY E 120 26.11 40.16 -1.03
N PHE E 121 26.62 39.11 -1.66
CA PHE E 121 26.54 39.03 -3.13
C PHE E 121 25.12 38.73 -3.59
N MET E 122 24.42 37.82 -2.90
CA MET E 122 23.02 37.64 -3.28
C MET E 122 22.18 38.87 -2.94
N LEU E 123 22.53 39.57 -1.86
CA LEU E 123 21.86 40.85 -1.56
C LEU E 123 22.13 41.87 -2.65
N ARG E 124 23.35 41.87 -3.21
CA ARG E 124 23.69 42.76 -4.31
C ARG E 124 22.90 42.42 -5.56
N GLN E 125 22.73 41.12 -5.85
CA GLN E 125 21.91 40.72 -6.98
C GLN E 125 20.47 41.16 -6.81
N PHE E 126 19.94 41.00 -5.58
CA PHE E 126 18.58 41.47 -5.28
C PHE E 126 18.46 42.97 -5.49
N GLU E 127 19.44 43.73 -5.01
CA GLU E 127 19.38 45.19 -5.08
C GLU E 127 19.52 45.69 -6.50
N ILE E 128 20.40 45.08 -7.30
CA ILE E 128 20.55 45.50 -8.69
C ILE E 128 19.32 45.12 -9.49
N ALA E 129 18.75 43.94 -9.24
CA ALA E 129 17.52 43.56 -9.93
C ALA E 129 16.35 44.46 -9.56
N ARG E 130 16.30 44.92 -8.31
CA ARG E 130 15.26 45.87 -7.93
C ARG E 130 15.50 47.24 -8.55
N SER E 131 16.76 47.64 -8.69
CA SER E 131 17.08 48.93 -9.31
C SER E 131 16.71 48.93 -10.80
N VAL E 132 16.99 47.83 -11.50
CA VAL E 132 16.68 47.75 -12.93
C VAL E 132 15.29 47.17 -13.19
N ASN E 133 14.52 46.87 -12.14
CA ASN E 133 13.16 46.34 -12.23
C ASN E 133 13.10 45.03 -13.02
N LEU E 134 13.90 44.06 -12.58
CA LEU E 134 13.93 42.74 -13.19
C LEU E 134 13.75 41.69 -12.10
N ARG E 135 13.26 40.52 -12.51
CA ARG E 135 13.04 39.44 -11.55
C ARG E 135 14.38 38.92 -11.04
N PRO E 136 14.46 38.51 -9.76
CA PRO E 136 15.73 38.05 -9.18
C PRO E 136 16.00 36.56 -9.38
N TYR E 137 15.85 36.10 -10.62
CA TYR E 137 16.19 34.72 -10.92
C TYR E 137 17.68 34.48 -10.82
N ASN E 138 18.50 35.52 -10.95
CA ASN E 138 19.92 35.41 -10.67
C ASN E 138 20.16 35.07 -9.21
N ALA E 139 19.43 35.72 -8.30
CA ALA E 139 19.54 35.40 -6.88
C ALA E 139 19.00 34.01 -6.58
N ILE E 140 17.91 33.62 -7.23
CA ILE E 140 17.36 32.28 -7.04
C ILE E 140 18.35 31.22 -7.51
N ALA E 141 19.05 31.49 -8.62
CA ALA E 141 20.07 30.58 -9.10
C ALA E 141 21.28 30.56 -8.16
N PHE E 142 21.68 31.71 -7.63
CA PHE E 142 22.80 31.78 -6.71
C PHE E 142 22.50 31.19 -5.35
N SER E 143 21.23 30.91 -5.05
CA SER E 143 20.90 30.23 -3.80
C SER E 143 21.54 28.84 -3.71
N ALA E 144 21.80 28.20 -4.86
CA ALA E 144 22.38 26.85 -4.87
C ALA E 144 23.89 26.84 -4.60
N PRO E 145 24.72 27.73 -5.17
CA PRO E 145 26.12 27.78 -4.72
C PRO E 145 26.27 28.11 -3.25
N ILE E 146 25.41 28.98 -2.73
CA ILE E 146 25.47 29.33 -1.31
C ILE E 146 25.07 28.13 -0.47
N ALA E 147 24.07 27.36 -0.92
CA ALA E 147 23.68 26.14 -0.22
C ALA E 147 24.81 25.12 -0.20
N VAL E 148 25.50 24.98 -1.34
CA VAL E 148 26.63 24.06 -1.41
C VAL E 148 27.74 24.51 -0.46
N PHE E 149 28.05 25.81 -0.47
CA PHE E 149 29.10 26.34 0.41
C PHE E 149 28.74 26.13 1.87
N VAL E 150 27.49 26.40 2.24
CA VAL E 150 27.08 26.25 3.64
C VAL E 150 27.15 24.80 4.08
N SER E 151 26.56 23.89 3.27
CA SER E 151 26.53 22.49 3.65
C SER E 151 27.92 21.87 3.66
N VAL E 152 28.84 22.36 2.83
CA VAL E 152 30.16 21.75 2.72
C VAL E 152 31.13 22.33 3.74
N PHE E 153 31.25 23.65 3.81
CA PHE E 153 32.24 24.27 4.68
C PHE E 153 31.72 24.58 6.07
N LEU E 154 30.41 24.50 6.31
CA LEU E 154 29.88 24.74 7.65
C LEU E 154 29.17 23.52 8.21
N ILE E 155 28.16 22.99 7.53
CA ILE E 155 27.29 21.96 8.11
C ILE E 155 28.05 20.64 8.28
N TYR E 156 28.82 20.25 7.27
CA TYR E 156 29.58 19.00 7.38
C TYR E 156 30.63 19.03 8.51
N PRO E 157 31.51 20.04 8.62
CA PRO E 157 32.41 20.04 9.79
C PRO E 157 31.69 20.23 11.11
N LEU E 158 30.57 20.97 11.13
CA LEU E 158 29.81 21.12 12.36
C LEU E 158 29.21 19.79 12.80
N GLY E 159 28.86 18.92 11.85
CA GLY E 159 28.41 17.59 12.21
C GLY E 159 29.54 16.64 12.54
N GLN E 160 30.73 16.89 12.01
CA GLN E 160 31.88 16.04 12.29
C GLN E 160 32.57 16.52 13.57
N SER E 161 33.79 16.02 13.81
CA SER E 161 34.50 16.32 15.05
C SER E 161 34.96 17.77 15.11
N GLY E 162 35.23 18.40 13.98
CA GLY E 162 35.65 19.79 14.00
C GLY E 162 36.01 20.29 12.62
N TRP E 163 36.43 21.56 12.60
CA TRP E 163 36.78 22.25 11.35
C TRP E 163 37.92 21.56 10.62
N PHE E 164 38.72 20.73 11.32
CA PHE E 164 39.78 19.94 10.71
C PHE E 164 39.26 19.09 9.56
N PHE E 165 38.04 18.58 9.69
CA PHE E 165 37.48 17.74 8.64
C PHE E 165 36.76 18.55 7.57
N ALA E 166 36.74 19.87 7.71
CA ALA E 166 36.26 20.76 6.69
C ALA E 166 37.25 20.81 5.53
N PRO E 167 36.82 21.17 4.33
CA PRO E 167 37.77 21.29 3.21
C PRO E 167 38.63 22.54 3.36
N SER E 168 39.94 22.35 3.35
CA SER E 168 40.85 23.47 3.37
C SER E 168 40.80 24.21 2.03
N PHE E 169 40.98 25.53 2.09
CA PHE E 169 40.82 26.37 0.92
C PHE E 169 42.03 26.21 0.00
N GLY E 170 41.90 25.39 -1.03
CA GLY E 170 43.01 25.17 -1.93
C GLY E 170 42.59 24.30 -3.10
N VAL E 171 43.58 23.62 -3.68
CA VAL E 171 43.35 22.70 -4.80
C VAL E 171 43.61 21.26 -4.38
N ALA E 172 44.84 20.95 -3.97
CA ALA E 172 45.15 19.63 -3.43
C ALA E 172 44.40 19.36 -2.13
N SER E 173 44.08 20.42 -1.38
CA SER E 173 43.26 20.26 -0.19
C SER E 173 41.85 19.80 -0.53
N ILE E 174 41.25 20.40 -1.56
CA ILE E 174 39.93 19.96 -2.02
C ILE E 174 39.99 18.54 -2.57
N PHE E 175 41.11 18.20 -3.24
CA PHE E 175 41.23 16.82 -3.73
C PHE E 175 41.38 15.83 -2.57
N ARG E 176 42.07 16.22 -1.50
CA ARG E 176 42.07 15.44 -0.27
C ARG E 176 40.66 15.24 0.25
N PHE E 177 39.88 16.33 0.32
CA PHE E 177 38.52 16.26 0.82
C PHE E 177 37.67 15.32 -0.03
N ILE E 178 37.88 15.36 -1.34
CA ILE E 178 37.14 14.54 -2.28
C ILE E 178 37.49 13.06 -2.10
N LEU E 179 38.79 12.74 -2.00
CA LEU E 179 39.19 11.36 -1.79
C LEU E 179 38.81 10.86 -0.41
N PHE E 180 38.75 11.76 0.58
CA PHE E 180 38.26 11.40 1.90
C PHE E 180 36.80 11.01 1.84
N PHE E 181 36.00 11.75 1.06
CA PHE E 181 34.60 11.37 0.88
C PHE E 181 34.47 10.07 0.11
N GLN E 182 35.39 9.78 -0.80
CA GLN E 182 35.35 8.51 -1.50
C GLN E 182 35.63 7.35 -0.56
N GLY E 183 36.70 7.46 0.23
CA GLY E 183 37.11 6.33 1.05
C GLY E 183 36.27 6.15 2.31
N PHE E 184 35.98 7.25 3.00
CA PHE E 184 35.27 7.19 4.27
C PHE E 184 33.76 7.28 4.13
N HIS E 185 33.26 7.92 3.08
CA HIS E 185 31.83 8.18 2.97
C HIS E 185 31.13 7.44 1.84
N ASN E 186 31.86 6.94 0.84
CA ASN E 186 31.29 6.35 -0.38
C ASN E 186 30.30 7.30 -1.04
N TRP E 187 30.75 8.54 -1.25
CA TRP E 187 29.91 9.63 -1.72
C TRP E 187 29.41 9.41 -3.14
N THR E 188 30.10 8.59 -3.94
CA THR E 188 29.60 8.27 -5.28
C THR E 188 28.32 7.47 -5.22
N LEU E 189 28.20 6.56 -4.25
CA LEU E 189 27.02 5.71 -4.13
C LEU E 189 25.81 6.45 -3.61
N ASN E 190 25.95 7.69 -3.15
CA ASN E 190 24.84 8.44 -2.60
C ASN E 190 23.90 8.92 -3.71
N PRO E 191 22.60 8.61 -3.64
CA PRO E 191 21.68 9.06 -4.70
C PRO E 191 21.57 10.57 -4.82
N PHE E 192 21.72 11.31 -3.72
CA PHE E 192 21.72 12.76 -3.79
C PHE E 192 22.92 13.27 -4.58
N HIS E 193 24.09 12.66 -4.37
CA HIS E 193 25.25 13.03 -5.16
C HIS E 193 25.07 12.64 -6.62
N MET E 194 24.41 11.51 -6.88
CA MET E 194 24.10 11.13 -8.26
C MET E 194 23.19 12.15 -8.92
N MET E 195 22.21 12.66 -8.18
CA MET E 195 21.34 13.72 -8.68
C MET E 195 22.13 15.00 -8.97
N GLY E 196 23.09 15.32 -8.09
CA GLY E 196 23.92 16.50 -8.32
C GLY E 196 24.81 16.37 -9.54
N VAL E 197 25.40 15.18 -9.72
CA VAL E 197 26.21 14.90 -10.91
C VAL E 197 25.36 15.02 -12.17
N ALA E 198 24.14 14.46 -12.13
CA ALA E 198 23.24 14.57 -13.26
C ALA E 198 22.87 16.02 -13.53
N GLY E 199 22.68 16.81 -12.48
CA GLY E 199 22.35 18.22 -12.66
C GLY E 199 23.47 19.01 -13.32
N VAL E 200 24.70 18.81 -12.86
CA VAL E 200 25.84 19.54 -13.45
C VAL E 200 26.11 19.08 -14.88
N LEU E 201 26.08 17.76 -15.13
CA LEU E 201 26.32 17.27 -16.47
C LEU E 201 25.22 17.71 -17.43
N GLY E 202 23.96 17.69 -16.99
CA GLY E 202 22.88 18.18 -17.82
C GLY E 202 22.91 19.68 -18.01
N ALA E 203 23.47 20.42 -17.05
CA ALA E 203 23.59 21.87 -17.21
C ALA E 203 24.64 22.20 -18.25
N ALA E 204 25.79 21.52 -18.21
CA ALA E 204 26.78 21.70 -19.27
C ALA E 204 26.24 21.25 -20.61
N LEU E 205 25.45 20.17 -20.61
CA LEU E 205 24.75 19.70 -21.79
C LEU E 205 23.85 20.78 -22.38
N LEU E 206 23.01 21.39 -21.54
CA LEU E 206 22.10 22.43 -21.99
C LEU E 206 22.84 23.64 -22.50
N CYS E 207 23.94 24.03 -21.82
CA CYS E 207 24.72 25.17 -22.26
C CYS E 207 25.31 24.94 -23.65
N ALA E 208 25.94 23.78 -23.86
CA ALA E 208 26.55 23.47 -25.15
C ALA E 208 25.51 23.37 -26.26
N ILE E 209 24.40 22.67 -26.00
CA ILE E 209 23.37 22.49 -27.02
C ILE E 209 22.72 23.82 -27.37
N HIS E 210 22.39 24.63 -26.36
CA HIS E 210 21.74 25.92 -26.62
C HIS E 210 22.65 26.85 -27.38
N GLY E 211 23.92 26.94 -26.99
CA GLY E 211 24.84 27.80 -27.70
C GLY E 211 25.05 27.37 -29.14
N ALA E 212 25.25 26.06 -29.36
CA ALA E 212 25.45 25.55 -30.71
C ALA E 212 24.22 25.75 -31.58
N THR E 213 23.03 25.49 -31.03
CA THR E 213 21.80 25.63 -31.80
C THR E 213 21.53 27.08 -32.18
N VAL E 214 21.66 27.99 -31.21
CA VAL E 214 21.44 29.40 -31.49
C VAL E 214 22.45 29.92 -32.50
N GLU E 215 23.72 29.53 -32.35
CA GLU E 215 24.75 29.99 -33.26
C GLU E 215 24.70 29.30 -34.61
N ASN E 216 23.94 28.22 -34.75
CA ASN E 216 23.80 27.54 -36.02
C ASN E 216 22.47 27.82 -36.71
N THR E 217 21.56 28.57 -36.08
CA THR E 217 20.32 28.98 -36.73
C THR E 217 20.19 30.50 -36.77
N LEU E 218 21.26 31.21 -37.14
CA LEU E 218 21.40 32.64 -36.85
C LEU E 218 20.75 33.61 -37.83
N PHE E 219 20.20 33.14 -38.96
CA PHE E 219 19.77 33.99 -40.08
C PHE E 219 20.96 34.76 -40.66
N GLU E 220 20.77 35.57 -41.71
CA GLU E 220 21.91 36.35 -42.20
C GLU E 220 22.05 37.66 -41.43
N ASP E 221 21.03 38.52 -41.51
CA ASP E 221 21.03 39.86 -40.90
C ASP E 221 22.24 40.69 -41.34
N GLY E 222 22.68 40.50 -42.57
CA GLY E 222 23.84 41.21 -43.08
C GLY E 222 24.38 40.53 -44.31
N ASP E 223 25.49 41.09 -44.80
CA ASP E 223 26.14 40.60 -46.01
C ASP E 223 27.54 40.06 -45.80
N GLY E 224 28.20 40.37 -44.69
CA GLY E 224 29.53 39.89 -44.45
C GLY E 224 29.57 38.43 -44.02
N ALA E 225 30.77 37.86 -44.10
CA ALA E 225 30.98 36.47 -43.70
C ALA E 225 31.03 36.28 -42.20
N ASN E 226 31.12 37.36 -41.43
CA ASN E 226 31.12 37.29 -39.98
C ASN E 226 29.71 37.63 -39.48
N THR E 227 29.07 36.66 -38.83
CA THR E 227 27.70 36.86 -38.35
C THR E 227 27.62 37.71 -37.10
N PHE E 228 28.74 37.94 -36.40
CA PHE E 228 28.70 38.67 -35.15
C PHE E 228 28.34 40.14 -35.34
N ARG E 229 28.81 40.76 -36.43
CA ARG E 229 28.34 42.10 -36.79
C ARG E 229 26.88 42.12 -37.23
N ALA E 230 26.31 40.97 -37.54
CA ALA E 230 24.92 40.92 -38.01
C ALA E 230 23.91 41.23 -36.92
N PHE E 231 24.28 41.06 -35.65
CA PHE E 231 23.36 41.28 -34.56
C PHE E 231 23.16 42.77 -34.31
N ASN E 232 21.90 43.20 -34.30
CA ASN E 232 21.54 44.59 -34.03
C ASN E 232 20.52 44.59 -32.90
N PRO E 233 20.81 45.22 -31.75
CA PRO E 233 19.82 45.26 -30.66
C PRO E 233 18.63 46.16 -30.94
N THR E 234 18.70 47.04 -31.94
CA THR E 234 17.61 47.97 -32.20
C THR E 234 16.39 47.26 -32.76
N GLN E 235 16.59 46.29 -33.65
CA GLN E 235 15.47 45.59 -34.25
C GLN E 235 14.78 44.68 -33.23
N ALA E 236 13.48 44.51 -33.40
CA ALA E 236 12.67 43.70 -32.49
C ALA E 236 12.52 42.25 -32.94
N GLU E 237 13.15 41.87 -34.05
CA GLU E 237 13.06 40.50 -34.54
C GLU E 237 14.05 39.60 -33.81
N GLU E 238 13.71 38.32 -33.74
CA GLU E 238 14.56 37.37 -33.03
C GLU E 238 15.80 37.04 -33.86
N THR E 239 16.93 36.89 -33.17
CA THR E 239 18.20 36.67 -33.87
C THR E 239 18.39 35.23 -34.33
N TYR E 240 17.52 34.30 -33.94
CA TYR E 240 17.70 32.93 -34.40
C TYR E 240 16.34 32.29 -34.66
N SER E 241 16.36 31.20 -35.44
CA SER E 241 15.14 30.54 -35.92
C SER E 241 14.72 29.46 -34.93
N MET E 242 13.73 29.79 -34.10
CA MET E 242 13.21 28.82 -33.14
C MET E 242 12.49 27.68 -33.84
N VAL E 243 11.80 27.97 -34.95
CA VAL E 243 11.09 26.93 -35.69
C VAL E 243 12.08 25.93 -36.28
N THR E 244 13.15 26.44 -36.90
CA THR E 244 14.16 25.56 -37.48
C THR E 244 14.88 24.77 -36.41
N ALA E 245 15.17 25.41 -35.27
CA ALA E 245 15.81 24.72 -34.16
C ALA E 245 14.92 23.60 -33.62
N ASN E 246 13.62 23.87 -33.49
CA ASN E 246 12.68 22.87 -33.00
C ASN E 246 12.56 21.70 -33.96
N ARG E 247 12.50 21.97 -35.27
CA ARG E 247 12.41 20.87 -36.22
C ARG E 247 13.69 20.05 -36.25
N PHE E 248 14.85 20.71 -36.18
CA PHE E 248 16.12 19.99 -36.17
C PHE E 248 16.22 19.06 -34.97
N TRP E 249 15.97 19.59 -33.77
CA TRP E 249 16.08 18.73 -32.60
C TRP E 249 14.94 17.75 -32.47
N SER E 250 13.80 18.02 -33.12
CA SER E 250 12.70 17.05 -33.12
C SER E 250 13.05 15.85 -33.99
N GLN E 251 13.68 16.08 -35.14
CA GLN E 251 14.06 14.97 -36.00
C GLN E 251 15.39 14.34 -35.61
N ILE E 252 16.19 14.98 -34.76
CA ILE E 252 17.44 14.39 -34.30
C ILE E 252 17.22 13.63 -33.00
N PHE E 253 16.69 14.32 -31.98
CA PHE E 253 16.56 13.75 -30.65
C PHE E 253 15.20 13.14 -30.37
N GLY E 254 14.18 13.49 -31.14
CA GLY E 254 12.84 12.99 -30.88
C GLY E 254 11.97 14.03 -30.21
N VAL E 255 12.56 14.80 -29.29
CA VAL E 255 11.86 15.87 -28.60
C VAL E 255 12.67 17.14 -28.75
N ALA E 256 11.99 18.28 -28.66
CA ALA E 256 12.64 19.57 -28.81
C ALA E 256 11.85 20.62 -28.06
N PHE E 257 12.52 21.72 -27.76
CA PHE E 257 11.88 22.85 -27.11
C PHE E 257 11.04 23.63 -28.11
N SER E 258 9.91 24.13 -27.63
CA SER E 258 9.05 25.01 -28.42
C SER E 258 8.84 26.37 -27.76
N ASN E 259 9.24 26.52 -26.50
CA ASN E 259 9.08 27.76 -25.75
C ASN E 259 10.44 28.23 -25.28
N LYS E 260 10.78 29.48 -25.60
CA LYS E 260 12.02 30.06 -25.09
C LYS E 260 11.97 30.22 -23.58
N ARG E 261 10.79 30.54 -23.04
CA ARG E 261 10.61 30.59 -21.59
C ARG E 261 10.95 29.25 -20.95
N TRP E 262 10.38 28.15 -21.49
CA TRP E 262 10.62 26.84 -20.91
C TRP E 262 12.07 26.40 -21.09
N LEU E 263 12.67 26.72 -22.24
CA LEU E 263 14.07 26.36 -22.47
C LEU E 263 14.99 27.05 -21.47
N HIS E 264 14.82 28.36 -21.30
CA HIS E 264 15.70 29.09 -20.40
C HIS E 264 15.38 28.79 -18.93
N PHE E 265 14.12 28.52 -18.61
CA PHE E 265 13.81 28.10 -17.25
C PHE E 265 14.38 26.72 -16.95
N PHE E 266 14.43 25.83 -17.94
CA PHE E 266 15.07 24.53 -17.73
C PHE E 266 16.57 24.69 -17.54
N MET E 267 17.19 25.58 -18.32
CA MET E 267 18.61 25.89 -18.13
C MET E 267 18.86 26.47 -16.74
N LEU E 268 17.91 27.24 -16.22
CA LEU E 268 17.98 27.73 -14.85
C LEU E 268 17.77 26.61 -13.84
N PHE E 269 16.84 25.71 -14.12
CA PHE E 269 16.35 24.73 -13.15
C PHE E 269 17.36 23.61 -12.89
N VAL E 270 17.99 23.09 -13.96
CA VAL E 270 18.77 21.85 -13.82
C VAL E 270 19.96 21.99 -12.88
N PRO E 271 20.86 22.99 -13.03
CA PRO E 271 22.01 23.04 -12.09
C PRO E 271 21.62 23.42 -10.68
N VAL E 272 20.61 24.28 -10.49
CA VAL E 272 20.18 24.67 -9.17
C VAL E 272 19.63 23.46 -8.41
N THR E 273 18.78 22.68 -9.08
CA THR E 273 18.24 21.47 -8.48
C THR E 273 19.34 20.46 -8.18
N GLY E 274 20.30 20.30 -9.11
CA GLY E 274 21.39 19.37 -8.86
C GLY E 274 22.24 19.75 -7.66
N LEU E 275 22.63 21.02 -7.58
CA LEU E 275 23.41 21.48 -6.43
C LEU E 275 22.63 21.43 -5.13
N TRP E 276 21.31 21.65 -5.18
CA TRP E 276 20.53 21.55 -3.94
C TRP E 276 20.42 20.10 -3.47
N MET E 277 20.27 19.15 -4.39
CA MET E 277 20.27 17.74 -4.00
C MET E 277 21.63 17.32 -3.45
N SER E 278 22.71 17.78 -4.07
CA SER E 278 24.05 17.48 -3.55
C SER E 278 24.25 18.09 -2.18
N ALA E 279 23.69 19.29 -1.96
CA ALA E 279 23.77 19.91 -0.64
C ALA E 279 23.02 19.08 0.40
N LEU E 280 21.84 18.56 0.05
CA LEU E 280 21.11 17.69 0.97
C LEU E 280 21.89 16.41 1.27
N GLY E 281 22.58 15.89 0.26
CA GLY E 281 23.42 14.71 0.48
C GLY E 281 24.57 14.97 1.42
N VAL E 282 25.22 16.13 1.29
CA VAL E 282 26.31 16.47 2.20
C VAL E 282 25.78 16.74 3.61
N VAL E 283 24.57 17.29 3.72
CA VAL E 283 23.90 17.38 5.02
C VAL E 283 23.70 15.99 5.62
N GLY E 284 23.28 15.02 4.80
CA GLY E 284 23.18 13.66 5.29
C GLY E 284 24.50 13.08 5.74
N LEU E 285 25.56 13.38 5.00
CA LEU E 285 26.90 12.88 5.35
C LEU E 285 27.51 13.59 6.54
N ALA E 286 26.97 14.75 6.92
CA ALA E 286 27.49 15.49 8.08
C ALA E 286 27.34 14.68 9.36
N LEU E 287 26.36 13.79 9.42
CA LEU E 287 26.10 12.97 10.60
C LEU E 287 26.46 11.52 10.39
N ASN E 288 27.30 11.24 9.39
CA ASN E 288 27.70 9.89 8.98
C ASN E 288 26.51 9.03 8.58
N LEU E 289 25.41 9.66 8.16
CA LEU E 289 24.26 8.94 7.61
C LEU E 289 24.57 8.74 6.13
N ARG E 290 24.98 7.52 5.79
CA ARG E 290 25.62 7.25 4.52
C ARG E 290 24.84 6.21 3.71
N ALA E 291 24.91 6.35 2.40
CA ALA E 291 24.53 5.26 1.49
C ALA E 291 25.74 4.40 1.18
N TYR E 292 26.41 3.94 2.24
CA TYR E 292 27.69 3.26 2.12
C TYR E 292 27.51 1.85 1.58
N ASP E 293 26.51 1.12 2.06
CA ASP E 293 26.41 -0.30 1.78
C ASP E 293 25.07 -0.67 1.15
N PHE E 294 25.07 -1.85 0.53
CA PHE E 294 23.87 -2.54 0.09
C PHE E 294 23.82 -3.84 0.87
N VAL E 295 22.89 -3.91 1.82
CA VAL E 295 22.87 -4.98 2.82
C VAL E 295 22.68 -6.35 2.17
N SER E 296 21.81 -6.44 1.15
CA SER E 296 21.62 -7.70 0.46
C SER E 296 22.91 -8.17 -0.21
N GLN E 297 23.64 -7.23 -0.82
CA GLN E 297 24.91 -7.57 -1.45
C GLN E 297 25.95 -8.02 -0.43
N GLU E 298 26.02 -7.33 0.71
CA GLU E 298 26.97 -7.72 1.76
C GLU E 298 26.65 -9.09 2.33
N ILE E 299 25.36 -9.38 2.58
CA ILE E 299 24.99 -10.69 3.12
C ILE E 299 25.26 -11.79 2.11
N ARG E 300 24.93 -11.54 0.83
CA ARG E 300 25.16 -12.52 -0.21
C ARG E 300 26.66 -12.78 -0.40
N ALA E 301 27.48 -11.72 -0.31
CA ALA E 301 28.92 -11.90 -0.42
C ALA E 301 29.51 -12.60 0.80
N ALA E 302 28.94 -12.35 1.98
CA ALA E 302 29.42 -13.02 3.19
C ALA E 302 29.11 -14.50 3.16
N GLU E 303 27.93 -14.87 2.69
CA GLU E 303 27.54 -16.28 2.61
C GLU E 303 27.89 -16.92 1.27
N ASP E 304 28.52 -16.18 0.37
CA ASP E 304 28.83 -16.66 -0.97
C ASP E 304 30.24 -16.23 -1.32
N PRO E 305 31.21 -17.15 -1.28
CA PRO E 305 32.62 -16.75 -1.50
C PRO E 305 32.99 -16.50 -2.95
N GLU E 306 32.12 -16.75 -3.92
CA GLU E 306 32.44 -16.45 -5.32
C GLU E 306 31.56 -15.37 -5.93
N PHE E 307 30.68 -14.75 -5.16
CA PHE E 307 29.85 -13.65 -5.66
C PHE E 307 30.56 -12.33 -5.37
N GLU E 308 30.89 -11.60 -6.43
CA GLU E 308 31.40 -10.25 -6.25
C GLU E 308 30.89 -9.36 -7.38
N THR E 309 30.87 -8.07 -7.10
CA THR E 309 30.44 -7.06 -8.06
C THR E 309 31.39 -5.88 -8.01
N PHE E 310 31.15 -4.92 -8.90
CA PHE E 310 31.90 -3.67 -8.87
C PHE E 310 31.64 -2.91 -7.59
N TYR E 311 30.48 -3.12 -6.98
CA TYR E 311 30.19 -2.54 -5.67
C TYR E 311 31.13 -3.11 -4.60
N THR E 312 31.32 -4.42 -4.60
CA THR E 312 32.25 -5.04 -3.65
C THR E 312 33.68 -4.57 -3.91
N LYS E 313 34.05 -4.40 -5.18
CA LYS E 313 35.35 -3.85 -5.51
C LYS E 313 35.51 -2.43 -4.99
N ASN E 314 34.44 -1.62 -5.10
CA ASN E 314 34.47 -0.26 -4.57
C ASN E 314 34.64 -0.25 -3.05
N ILE E 315 33.95 -1.15 -2.35
CA ILE E 315 34.08 -1.22 -0.91
C ILE E 315 35.49 -1.64 -0.51
N LEU E 316 36.06 -2.61 -1.24
CA LEU E 316 37.44 -3.02 -1.01
C LEU E 316 38.43 -1.89 -1.25
N LEU E 317 38.14 -1.03 -2.23
CA LEU E 317 39.00 0.13 -2.47
C LEU E 317 38.84 1.19 -1.39
N ASN E 318 37.61 1.39 -0.89
CA ASN E 318 37.36 2.35 0.17
C ASN E 318 38.08 1.96 1.45
N GLU E 319 38.10 0.67 1.76
CA GLU E 319 38.84 0.19 2.94
C GLU E 319 40.32 0.51 2.82
N GLY E 320 40.89 0.32 1.62
CA GLY E 320 42.28 0.66 1.40
C GLY E 320 42.53 2.16 1.55
N ILE E 321 41.62 2.98 1.04
CA ILE E 321 41.75 4.44 1.19
C ILE E 321 41.80 4.81 2.65
N ARG E 322 40.84 4.31 3.43
CA ARG E 322 40.77 4.64 4.86
C ARG E 322 42.02 4.20 5.60
N ALA E 323 42.41 2.94 5.43
CA ALA E 323 43.51 2.40 6.22
C ALA E 323 44.85 3.01 5.82
N TRP E 324 45.08 3.22 4.52
CA TRP E 324 46.36 3.76 4.09
C TRP E 324 46.42 5.27 4.15
N MET E 325 45.28 5.94 4.37
CA MET E 325 45.25 7.39 4.40
C MET E 325 45.18 7.97 5.80
N ALA E 326 44.53 7.28 6.74
CA ALA E 326 44.24 7.86 8.05
C ALA E 326 45.50 8.18 8.85
N ALA E 327 46.53 7.32 8.76
CA ALA E 327 47.72 7.48 9.60
C ALA E 327 48.43 8.79 9.32
N GLN E 328 48.62 9.14 8.05
CA GLN E 328 49.25 10.40 7.67
C GLN E 328 48.24 11.49 7.39
N ASP E 329 46.95 11.20 7.50
CA ASP E 329 45.89 12.17 7.22
C ASP E 329 45.37 12.83 8.48
N GLN E 330 45.17 12.07 9.56
CA GLN E 330 44.64 12.58 10.82
C GLN E 330 45.71 12.44 11.89
N PRO E 331 46.58 13.45 12.05
CA PRO E 331 47.65 13.33 13.06
C PRO E 331 47.14 13.35 14.50
N HIS E 332 45.97 13.94 14.75
CA HIS E 332 45.39 13.86 16.08
C HIS E 332 44.97 12.43 16.42
N GLU E 333 44.65 11.63 15.39
CA GLU E 333 44.18 10.27 15.63
C GLU E 333 45.33 9.31 15.92
N LYS E 334 46.57 9.72 15.64
CA LYS E 334 47.79 9.05 16.10
C LYS E 334 47.83 7.56 15.73
N LEU E 335 47.72 7.27 14.44
CA LEU E 335 47.75 5.88 13.99
C LEU E 335 49.20 5.48 13.73
N THR E 336 49.77 4.72 14.67
CA THR E 336 51.08 4.10 14.46
C THR E 336 50.92 2.69 13.92
N LEU E 337 50.14 2.57 12.85
CA LEU E 337 49.79 1.26 12.31
C LEU E 337 50.99 0.61 11.63
N PRO E 338 51.27 -0.65 11.89
CA PRO E 338 52.25 -1.37 11.06
C PRO E 338 51.71 -1.57 9.65
N GLU E 339 52.62 -1.72 8.70
CA GLU E 339 52.20 -1.96 7.34
C GLU E 339 51.86 -3.42 7.07
N GLU E 340 52.00 -4.28 8.07
CA GLU E 340 51.60 -5.68 7.96
C GLU E 340 50.18 -5.91 8.46
N VAL E 341 49.51 -4.89 8.99
CA VAL E 341 48.09 -4.99 9.33
C VAL E 341 47.23 -4.25 8.31
N LEU E 342 47.81 -3.36 7.50
CA LEU E 342 47.04 -2.65 6.49
C LEU E 342 46.62 -3.60 5.37
N PRO E 343 45.45 -3.37 4.78
CA PRO E 343 45.02 -4.20 3.66
C PRO E 343 45.89 -3.99 2.43
N ARG E 344 46.59 -5.04 2.03
CA ARG E 344 47.49 -4.99 0.90
C ARG E 344 47.25 -6.23 0.05
N GLY E 345 47.22 -6.03 -1.27
CA GLY E 345 46.94 -7.14 -2.17
C GLY E 345 48.16 -8.00 -2.45
N ASN E 346 48.28 -8.46 -3.70
CA ASN E 346 49.43 -9.24 -4.13
C ASN E 346 50.41 -8.32 -4.84
N ALA E 347 51.69 -8.47 -4.51
CA ALA E 347 52.80 -7.74 -5.13
C ALA E 347 52.70 -6.23 -4.92
N LEU E 348 51.71 -5.60 -5.54
CA LEU E 348 51.46 -4.17 -5.36
C LEU E 348 51.18 -3.81 -3.91
N GLU F 1 35.72 60.95 -19.78
CA GLU F 1 35.16 59.76 -19.16
C GLU F 1 36.24 58.77 -18.74
N ARG F 2 37.41 58.88 -19.40
CA ARG F 2 38.58 58.03 -19.21
C ARG F 2 38.22 56.56 -19.34
N PRO F 3 37.98 56.06 -20.56
CA PRO F 3 37.50 54.68 -20.73
C PRO F 3 38.61 53.63 -20.69
N PHE F 4 39.77 53.99 -20.13
CA PHE F 4 41.01 53.23 -20.01
C PHE F 4 41.77 53.14 -21.33
N SER F 5 41.20 53.63 -22.43
CA SER F 5 41.90 53.68 -23.70
C SER F 5 42.72 54.95 -23.85
N ASP F 6 42.60 55.90 -22.92
CA ASP F 6 43.37 57.12 -22.93
C ASP F 6 44.32 57.26 -21.75
N ILE F 7 44.02 56.60 -20.63
CA ILE F 7 44.92 56.63 -19.48
C ILE F 7 46.20 55.85 -19.79
N LEU F 8 46.05 54.65 -20.34
CA LEU F 8 47.21 53.80 -20.63
C LEU F 8 48.06 54.38 -21.76
N THR F 9 47.44 55.06 -22.72
CA THR F 9 48.22 55.67 -23.81
C THR F 9 48.95 56.92 -23.34
N SER F 10 48.45 57.59 -22.31
CA SER F 10 49.07 58.81 -21.83
C SER F 10 50.36 58.50 -21.06
N ILE F 11 51.33 59.42 -21.17
CA ILE F 11 52.57 59.27 -20.43
C ILE F 11 52.46 59.80 -19.01
N ARG F 12 51.41 60.57 -18.70
CA ARG F 12 51.23 61.03 -17.33
C ARG F 12 50.95 59.86 -16.39
N TYR F 13 50.31 58.80 -16.90
CA TYR F 13 50.09 57.60 -16.11
C TYR F 13 51.38 56.84 -15.87
N TRP F 14 52.31 56.88 -16.82
CA TRP F 14 53.53 56.08 -16.73
C TRP F 14 54.69 56.80 -16.07
N VAL F 15 54.68 58.14 -16.02
CA VAL F 15 55.73 58.84 -15.28
C VAL F 15 55.54 58.69 -13.78
N ILE F 16 54.32 58.41 -13.32
CA ILE F 16 54.06 58.15 -11.92
C ILE F 16 53.98 56.67 -11.60
N HIS F 17 54.14 55.81 -12.61
CA HIS F 17 54.16 54.37 -12.41
C HIS F 17 55.50 53.72 -12.74
N SER F 18 56.45 54.48 -13.29
CA SER F 18 57.77 53.93 -13.55
C SER F 18 58.57 53.71 -12.28
N ILE F 19 58.14 54.28 -11.16
CA ILE F 19 58.83 54.12 -9.89
C ILE F 19 57.91 53.47 -8.86
N THR F 20 56.60 53.60 -9.06
CA THR F 20 55.65 53.07 -8.08
C THR F 20 55.55 51.54 -8.14
N VAL F 21 55.33 51.00 -9.34
CA VAL F 21 55.30 49.54 -9.49
C VAL F 21 56.64 48.88 -9.17
N PRO F 22 57.79 49.37 -9.67
CA PRO F 22 59.06 48.80 -9.20
C PRO F 22 59.30 48.99 -7.72
N SER F 23 58.83 50.09 -7.14
CA SER F 23 58.98 50.29 -5.70
C SER F 23 58.20 49.25 -4.91
N LEU F 24 56.97 48.94 -5.35
CA LEU F 24 56.19 47.90 -4.69
C LEU F 24 56.82 46.52 -4.88
N PHE F 25 57.35 46.25 -6.08
CA PHE F 25 58.03 44.98 -6.33
C PHE F 25 59.25 44.82 -5.43
N ILE F 26 60.05 45.87 -5.31
CA ILE F 26 61.22 45.85 -4.44
C ILE F 26 60.82 45.73 -2.98
N ALA F 27 59.70 46.38 -2.60
CA ALA F 27 59.21 46.27 -1.23
C ALA F 27 58.82 44.84 -0.90
N GLY F 28 58.13 44.15 -1.82
CA GLY F 28 57.83 42.75 -1.60
C GLY F 28 59.08 41.88 -1.57
N TRP F 29 60.05 42.19 -2.43
CA TRP F 29 61.30 41.43 -2.47
C TRP F 29 62.05 41.54 -1.15
N LEU F 30 62.15 42.76 -0.60
CA LEU F 30 62.83 42.93 0.68
C LEU F 30 61.99 42.39 1.84
N PHE F 31 60.66 42.42 1.72
CA PHE F 31 59.81 41.83 2.73
C PHE F 31 60.06 40.33 2.84
N VAL F 32 60.26 39.66 1.71
CA VAL F 32 60.63 38.25 1.75
C VAL F 32 62.07 38.05 2.20
N SER F 33 62.99 38.82 1.61
CA SER F 33 64.42 38.57 1.81
C SER F 33 64.93 38.94 3.19
N THR F 34 64.22 39.81 3.92
CA THR F 34 64.63 40.17 5.26
C THR F 34 64.09 39.23 6.32
N GLY F 35 63.32 38.22 5.94
CA GLY F 35 62.69 37.34 6.90
C GLY F 35 61.46 37.89 7.56
N LEU F 36 61.00 39.08 7.14
CA LEU F 36 59.84 39.70 7.75
C LEU F 36 58.56 38.91 7.47
N ALA F 37 58.48 38.27 6.30
CA ALA F 37 57.32 37.43 6.00
C ALA F 37 57.24 36.24 6.95
N TYR F 38 58.38 35.58 7.19
CA TYR F 38 58.43 34.49 8.16
C TYR F 38 58.08 34.98 9.56
N ASP F 39 58.60 36.16 9.92
CA ASP F 39 58.37 36.69 11.27
C ASP F 39 56.92 37.09 11.49
N VAL F 40 56.27 37.64 10.48
CA VAL F 40 54.90 38.14 10.61
C VAL F 40 53.89 37.01 10.49
N PHE F 41 54.07 36.11 9.53
CA PHE F 41 53.07 35.07 9.31
C PHE F 41 53.42 33.73 9.97
N GLY F 42 54.53 33.66 10.69
CA GLY F 42 54.83 32.51 11.52
C GLY F 42 55.36 31.29 10.81
N SER F 43 55.56 31.35 9.49
CA SER F 43 56.08 30.19 8.78
C SER F 43 57.54 29.93 9.20
N PRO F 44 57.92 28.68 9.40
CA PRO F 44 59.29 28.38 9.80
C PRO F 44 60.25 28.40 8.62
N ARG F 45 61.52 28.67 8.94
CA ARG F 45 62.57 28.57 7.95
C ARG F 45 62.79 27.10 7.59
N PRO F 46 63.46 26.82 6.46
CA PRO F 46 63.79 25.41 6.16
C PRO F 46 64.65 24.72 7.21
N ASN F 47 65.38 25.47 8.04
CA ASN F 47 66.16 24.85 9.11
C ASN F 47 65.41 24.83 10.44
N GLU F 48 64.18 25.32 10.50
CA GLU F 48 63.42 25.44 11.74
C GLU F 48 62.15 24.59 11.70
N TYR F 49 62.21 23.43 11.07
CA TYR F 49 61.05 22.56 11.01
C TYR F 49 61.03 21.56 12.16
N PHE F 50 62.17 20.95 12.46
CA PHE F 50 62.30 19.96 13.52
C PHE F 50 63.34 20.46 14.52
N THR F 51 62.93 20.58 15.78
CA THR F 51 63.84 20.97 16.84
C THR F 51 64.52 19.72 17.40
N GLU F 52 65.25 19.87 18.51
CA GLU F 52 65.96 18.73 19.07
C GLU F 52 65.01 17.79 19.83
N ASP F 53 64.02 18.35 20.51
CA ASP F 53 63.15 17.53 21.36
C ASP F 53 62.21 16.66 20.54
N ARG F 54 61.73 17.18 19.40
CA ARG F 54 60.82 16.42 18.55
C ARG F 54 61.37 16.36 17.13
N GLN F 55 61.28 15.16 16.53
CA GLN F 55 61.74 14.94 15.16
C GLN F 55 60.60 14.49 14.26
N ASP F 56 59.36 14.65 14.71
CA ASP F 56 58.19 14.20 13.95
C ASP F 56 57.27 15.39 13.65
N ALA F 57 56.12 15.08 13.09
CA ALA F 57 55.13 16.11 12.77
C ALA F 57 54.49 16.62 14.06
N PRO F 58 54.51 17.92 14.32
CA PRO F 58 53.92 18.44 15.57
C PRO F 58 52.41 18.36 15.56
N LEU F 59 51.84 18.28 16.76
CA LEU F 59 50.40 18.23 16.96
C LEU F 59 50.00 19.26 18.01
N ILE F 60 48.91 19.97 17.73
CA ILE F 60 48.47 21.04 18.64
C ILE F 60 47.95 20.44 19.94
N THR F 61 47.08 19.41 19.84
CA THR F 61 46.52 18.59 20.93
C THR F 61 46.04 19.35 22.16
N ASP F 62 45.63 20.60 21.99
CA ASP F 62 45.06 21.41 23.07
C ASP F 62 44.32 22.58 22.47
N ARG F 63 43.24 23.00 23.13
CA ARG F 63 42.42 24.10 22.65
C ARG F 63 42.59 25.37 23.49
N PHE F 64 42.35 25.28 24.80
CA PHE F 64 42.35 26.46 25.65
C PHE F 64 43.75 26.94 26.02
N ASN F 65 44.77 26.12 25.81
CA ASN F 65 46.16 26.50 26.02
C ASN F 65 46.95 26.35 24.72
N ALA F 66 46.27 26.53 23.59
CA ALA F 66 46.89 26.34 22.29
C ALA F 66 47.97 27.38 22.02
N LEU F 67 47.77 28.62 22.49
CA LEU F 67 48.79 29.65 22.32
C LEU F 67 50.06 29.29 23.07
N GLU F 68 49.93 28.84 24.31
CA GLU F 68 51.10 28.46 25.09
C GLU F 68 51.78 27.23 24.49
N GLN F 69 51.01 26.26 24.01
CA GLN F 69 51.63 25.07 23.44
C GLN F 69 52.32 25.38 22.11
N VAL F 70 51.73 26.23 21.28
CA VAL F 70 52.40 26.57 20.03
C VAL F 70 53.62 27.44 20.30
N LYS F 71 53.60 28.24 21.37
CA LYS F 71 54.82 28.95 21.77
C LYS F 71 55.90 27.97 22.21
N LYS F 72 55.51 26.89 22.89
CA LYS F 72 56.48 25.91 23.35
C LYS F 72 57.08 25.11 22.19
N LEU F 73 56.26 24.68 21.23
CA LEU F 73 56.74 23.81 20.16
C LEU F 73 56.99 24.52 18.84
N SER F 74 56.97 25.85 18.82
CA SER F 74 57.38 26.57 17.63
C SER F 74 58.87 26.88 17.69
N ALA F 75 59.37 27.61 16.70
CA ALA F 75 60.76 28.00 16.68
C ALA F 75 61.03 29.05 17.74
N GLN F 76 62.04 28.81 18.57
CA GLN F 76 62.36 29.72 19.66
C GLN F 76 63.04 31.00 19.14
N ILE G 1 41.69 62.19 -8.62
CA ILE G 1 40.57 61.28 -8.81
C ILE G 1 40.09 60.78 -7.46
N PHE G 2 40.68 59.67 -7.01
CA PHE G 2 40.38 59.03 -5.73
C PHE G 2 38.90 58.66 -5.61
N THR G 3 38.31 58.22 -6.73
CA THR G 3 36.91 57.83 -6.76
C THR G 3 36.78 56.35 -6.40
N VAL G 4 35.56 55.82 -6.48
CA VAL G 4 35.31 54.44 -6.12
C VAL G 4 36.05 53.50 -7.06
N ARG G 5 36.11 53.86 -8.35
CA ARG G 5 36.88 53.09 -9.31
C ARG G 5 38.35 53.05 -8.93
N TRP G 6 38.91 54.21 -8.56
CA TRP G 6 40.31 54.30 -8.18
C TRP G 6 40.61 53.44 -6.95
N LEU G 7 39.79 53.57 -5.91
CA LEU G 7 40.01 52.78 -4.69
C LEU G 7 39.86 51.29 -4.96
N ALA G 8 38.89 50.89 -5.78
CA ALA G 8 38.68 49.47 -6.07
C ALA G 8 39.87 48.89 -6.84
N ILE G 9 40.28 49.56 -7.92
CA ILE G 9 41.35 48.98 -8.73
C ILE G 9 42.67 49.06 -7.98
N HIS G 10 42.84 50.02 -7.06
CA HIS G 10 44.09 50.06 -6.31
C HIS G 10 44.11 49.00 -5.21
N ALA G 11 42.97 48.76 -4.55
CA ALA G 11 42.89 47.68 -3.59
C ALA G 11 43.07 46.32 -4.26
N ILE G 12 42.79 46.22 -5.56
CA ILE G 12 43.10 44.99 -6.27
C ILE G 12 44.57 44.97 -6.73
N ALA G 13 45.09 46.11 -7.19
CA ALA G 13 46.37 46.14 -7.88
C ALA G 13 47.57 46.17 -6.95
N VAL G 14 47.53 47.01 -5.90
CA VAL G 14 48.70 47.17 -5.03
C VAL G 14 49.09 45.88 -4.31
N PRO G 15 48.18 45.15 -3.63
CA PRO G 15 48.63 43.91 -2.99
C PRO G 15 49.00 42.83 -4.00
N THR G 16 48.42 42.82 -5.20
CA THR G 16 48.84 41.84 -6.19
C THR G 16 50.27 42.09 -6.66
N ILE G 17 50.64 43.35 -6.85
CA ILE G 17 52.01 43.67 -7.24
C ILE G 17 52.98 43.35 -6.10
N PHE G 18 52.60 43.68 -4.86
CA PHE G 18 53.43 43.35 -3.70
C PHE G 18 53.62 41.84 -3.58
N PHE G 19 52.54 41.07 -3.74
CA PHE G 19 52.63 39.63 -3.62
C PHE G 19 53.38 39.01 -4.79
N LEU G 20 53.26 39.59 -5.99
CA LEU G 20 54.03 39.08 -7.13
C LEU G 20 55.52 39.30 -6.93
N GLY G 21 55.90 40.47 -6.40
CA GLY G 21 57.29 40.68 -6.02
C GLY G 21 57.75 39.73 -4.94
N ALA G 22 56.86 39.44 -3.98
CA ALA G 22 57.17 38.48 -2.93
C ALA G 22 57.40 37.09 -3.50
N ILE G 23 56.55 36.65 -4.44
CA ILE G 23 56.68 35.31 -5.00
C ILE G 23 57.93 35.22 -5.88
N THR G 24 58.22 36.29 -6.66
CA THR G 24 59.44 36.31 -7.44
C THR G 24 60.68 36.27 -6.55
N ALA G 25 60.61 36.91 -5.37
CA ALA G 25 61.70 36.78 -4.40
C ALA G 25 61.80 35.36 -3.87
N MET G 26 60.66 34.71 -3.62
CA MET G 26 60.67 33.37 -3.07
C MET G 26 61.10 32.32 -4.08
N GLN G 27 61.10 32.64 -5.38
CA GLN G 27 61.59 31.69 -6.37
C GLN G 27 63.07 31.41 -6.22
N PHE G 28 63.83 32.34 -5.62
CA PHE G 28 65.27 32.18 -5.44
C PHE G 28 65.67 31.74 -4.05
N ILE G 29 64.71 31.47 -3.17
CA ILE G 29 65.02 30.94 -1.85
C ILE G 29 65.33 29.46 -1.98
N GLN G 30 66.49 29.04 -1.51
CA GLN G 30 66.86 27.63 -1.55
C GLN G 30 67.32 27.20 -0.17
N ARG G 31 67.11 25.92 0.12
CA ARG G 31 67.42 25.33 1.41
C ARG G 31 68.93 25.30 1.68
N GLU H 1 -24.20 43.58 -1.55
CA GLU H 1 -22.97 42.92 -1.13
C GLU H 1 -22.68 43.18 0.35
N PRO H 2 -23.39 42.49 1.23
CA PRO H 2 -23.23 42.73 2.68
C PRO H 2 -22.24 41.81 3.40
N GLY H 3 -21.62 40.85 2.70
CA GLY H 3 -20.75 39.91 3.37
C GLY H 3 -21.55 38.96 4.24
N ILE H 4 -20.86 38.37 5.21
CA ILE H 4 -21.48 37.49 6.20
C ILE H 4 -21.24 38.13 7.56
N VAL H 5 -22.30 38.69 8.13
CA VAL H 5 -22.22 39.34 9.45
C VAL H 5 -22.42 38.26 10.50
N THR H 6 -21.44 38.11 11.38
CA THR H 6 -21.39 37.06 12.38
C THR H 6 -21.05 37.64 13.74
N PRO H 7 -21.57 37.05 14.82
CA PRO H 7 -21.36 37.64 16.15
C PRO H 7 -19.91 37.64 16.63
N LEU H 8 -19.19 36.54 16.47
CA LEU H 8 -17.78 36.54 16.85
C LEU H 8 -16.98 37.46 15.96
N GLY H 9 -17.36 37.57 14.68
CA GLY H 9 -16.67 38.48 13.79
C GLY H 9 -16.85 39.94 14.16
N THR H 10 -18.08 40.33 14.53
CA THR H 10 -18.28 41.70 14.98
C THR H 10 -17.75 41.93 16.38
N LEU H 11 -17.50 40.87 17.15
CA LEU H 11 -16.74 41.01 18.39
C LEU H 11 -15.29 41.33 18.10
N LEU H 12 -14.66 40.57 17.21
CA LEU H 12 -13.26 40.74 16.86
C LEU H 12 -13.06 41.77 15.76
N ARG H 13 -14.12 42.47 15.37
CA ARG H 13 -14.02 43.47 14.31
C ARG H 13 -13.04 44.62 14.61
N PRO H 14 -13.02 45.24 15.81
CA PRO H 14 -12.06 46.35 16.01
C PRO H 14 -10.61 45.99 15.78
N LEU H 15 -10.20 44.79 16.17
CA LEU H 15 -8.84 44.33 15.96
C LEU H 15 -8.48 44.18 14.49
N ASN H 16 -9.47 44.18 13.59
CA ASN H 16 -9.22 44.20 12.15
C ASN H 16 -9.82 45.44 11.49
N SER H 17 -10.04 46.51 12.26
CA SER H 17 -10.72 47.68 11.75
C SER H 17 -9.80 48.85 11.44
N GLU H 18 -8.48 48.66 11.50
CA GLU H 18 -7.56 49.75 11.21
C GLU H 18 -6.42 49.31 10.30
N ALA H 19 -6.70 48.42 9.35
CA ALA H 19 -5.69 47.97 8.40
C ALA H 19 -5.23 49.10 7.51
N GLY H 20 -3.91 49.19 7.32
CA GLY H 20 -3.31 50.25 6.54
C GLY H 20 -2.92 51.49 7.33
N LYS H 21 -3.25 51.55 8.62
CA LYS H 21 -2.90 52.70 9.43
C LYS H 21 -1.41 52.68 9.75
N VAL H 22 -0.73 53.78 9.43
CA VAL H 22 0.71 53.91 9.64
C VAL H 22 0.99 55.24 10.32
N LEU H 23 2.22 55.37 10.81
CA LEU H 23 2.76 56.57 11.43
C LEU H 23 3.61 57.34 10.43
N PRO H 24 3.57 58.67 10.44
CA PRO H 24 4.43 59.44 9.54
C PRO H 24 5.88 59.40 9.98
N GLY H 25 6.76 59.67 9.02
CA GLY H 25 8.18 59.64 9.31
C GLY H 25 8.70 58.22 9.48
N TRP H 26 9.81 58.11 10.20
CA TRP H 26 10.45 56.83 10.44
C TRP H 26 9.91 56.11 11.67
N GLY H 27 9.08 56.76 12.47
CA GLY H 27 8.46 56.10 13.61
C GLY H 27 9.48 55.72 14.68
N THR H 28 9.34 54.50 15.19
CA THR H 28 10.22 53.96 16.20
C THR H 28 11.28 53.03 15.62
N THR H 29 11.74 53.33 14.40
CA THR H 29 12.74 52.50 13.74
C THR H 29 14.09 52.57 14.46
N VAL H 30 14.39 53.69 15.11
CA VAL H 30 15.62 53.82 15.88
C VAL H 30 15.61 52.86 17.07
N LEU H 31 14.50 52.82 17.81
CA LEU H 31 14.38 51.89 18.93
C LEU H 31 14.35 50.45 18.43
N MET H 32 13.75 50.22 17.27
CA MET H 32 13.76 48.88 16.68
C MET H 32 15.18 48.43 16.36
N ALA H 33 15.98 49.32 15.78
CA ALA H 33 17.37 48.98 15.46
C ALA H 33 18.20 48.78 16.71
N VAL H 34 17.93 49.57 17.76
CA VAL H 34 18.62 49.39 19.04
C VAL H 34 18.30 48.02 19.62
N ALA H 35 17.02 47.63 19.60
CA ALA H 35 16.62 46.32 20.10
C ALA H 35 17.23 45.19 19.27
N ILE H 36 17.29 45.37 17.95
CA ILE H 36 17.89 44.36 17.08
C ILE H 36 19.38 44.23 17.36
N LEU H 37 20.07 45.35 17.58
CA LEU H 37 21.49 45.30 17.90
C LEU H 37 21.73 44.63 19.25
N LEU H 38 20.89 44.92 20.24
CA LEU H 38 21.01 44.25 21.54
C LEU H 38 20.75 42.76 21.41
N PHE H 39 19.76 42.38 20.59
CA PHE H 39 19.48 40.97 20.33
C PHE H 39 20.67 40.28 19.66
N ALA H 40 21.31 40.97 18.71
CA ALA H 40 22.47 40.40 18.03
C ALA H 40 23.63 40.22 19.00
N VAL H 41 23.86 41.20 19.89
CA VAL H 41 24.92 41.09 20.88
C VAL H 41 24.64 39.91 21.83
N PHE H 42 23.39 39.79 22.27
CA PHE H 42 23.02 38.68 23.17
C PHE H 42 23.16 37.33 22.48
N LEU H 43 22.74 37.25 21.21
CA LEU H 43 22.87 36.00 20.46
C LEU H 43 24.33 35.64 20.27
N LEU H 44 25.20 36.64 20.06
CA LEU H 44 26.62 36.38 19.98
C LEU H 44 27.16 35.90 21.32
N ILE H 45 26.64 36.43 22.43
CA ILE H 45 27.05 36.00 23.76
C ILE H 45 26.74 34.53 23.96
N ILE H 46 25.49 34.13 23.68
CA ILE H 46 25.12 32.73 23.91
C ILE H 46 25.79 31.81 22.89
N LEU H 47 26.02 32.29 21.67
CA LEU H 47 26.74 31.50 20.67
C LEU H 47 28.17 31.22 21.10
N GLU H 48 28.86 32.23 21.63
CA GLU H 48 30.23 32.02 22.06
C GLU H 48 30.31 31.25 23.38
N ILE H 49 29.30 31.35 24.23
CA ILE H 49 29.27 30.51 25.43
C ILE H 49 29.09 29.04 25.05
N TYR H 50 28.16 28.77 24.13
CA TYR H 50 27.89 27.40 23.69
C TYR H 50 29.01 26.85 22.82
N ASN H 51 29.76 27.72 22.16
CA ASN H 51 30.92 27.36 21.35
C ASN H 51 32.19 27.25 22.19
N SER H 52 32.12 27.54 23.49
CA SER H 52 33.26 27.55 24.41
C SER H 52 34.32 28.57 24.00
N SER H 53 33.92 29.60 23.25
CA SER H 53 34.79 30.72 22.94
C SER H 53 34.60 31.86 23.93
N LEU H 54 33.70 31.71 24.90
CA LEU H 54 33.42 32.71 25.92
C LEU H 54 33.31 31.95 27.24
N ILE H 55 34.44 31.82 27.93
CA ILE H 55 34.49 31.12 29.21
C ILE H 55 33.96 32.05 30.29
N LEU H 56 33.01 31.56 31.08
CA LEU H 56 32.47 32.31 32.21
C LEU H 56 32.77 31.56 33.50
N ASP H 57 32.70 32.29 34.61
CA ASP H 57 33.07 31.72 35.91
C ASP H 57 32.10 30.62 36.34
N GLY H 58 30.80 30.83 36.15
CA GLY H 58 29.83 29.85 36.55
C GLY H 58 29.41 28.85 35.49
N VAL H 59 29.79 29.09 34.24
CA VAL H 59 29.40 28.24 33.12
C VAL H 59 30.53 27.25 32.82
N THR H 60 30.19 25.97 32.76
CA THR H 60 31.15 24.92 32.46
C THR H 60 31.04 24.37 31.05
N ASN H 61 29.85 24.46 30.44
CA ASN H 61 29.59 24.03 29.06
C ASN H 61 29.92 22.55 28.85
N SER H 62 29.42 21.72 29.76
CA SER H 62 29.61 20.28 29.68
C SER H 62 28.46 19.60 30.41
N TRP H 63 28.38 18.28 30.26
CA TRP H 63 27.30 17.51 30.89
C TRP H 63 27.41 17.56 32.42
N GLU H 64 28.62 17.76 32.95
CA GLU H 64 28.80 17.95 34.38
C GLU H 64 28.06 19.20 34.89
N SER H 65 27.71 20.11 33.98
CA SER H 65 26.88 21.26 34.31
C SER H 65 25.55 20.85 34.93
N LEU H 66 25.01 19.70 34.52
CA LEU H 66 23.78 19.19 35.12
C LEU H 66 24.05 18.13 36.18
N ALA H 67 25.26 18.12 36.75
CA ALA H 67 25.61 17.22 37.83
C ALA H 67 24.94 17.65 39.14
N MET I 1 28.49 -21.36 -36.32
CA MET I 1 29.06 -20.04 -36.07
C MET I 1 29.61 -19.46 -37.38
N LEU I 2 29.84 -20.34 -38.35
CA LEU I 2 30.28 -19.89 -39.66
C LEU I 2 29.14 -19.20 -40.42
N THR I 3 27.93 -19.75 -40.34
CA THR I 3 26.80 -19.12 -41.00
C THR I 3 26.41 -17.82 -40.30
N LEU I 4 26.65 -17.71 -38.99
CA LEU I 4 26.45 -16.44 -38.31
C LEU I 4 27.42 -15.39 -38.83
N LYS I 5 28.68 -15.79 -39.05
CA LYS I 5 29.65 -14.87 -39.63
C LYS I 5 29.27 -14.47 -41.05
N ILE I 6 28.75 -15.42 -41.84
CA ILE I 6 28.30 -15.12 -43.19
C ILE I 6 27.15 -14.11 -43.17
N PHE I 7 26.18 -14.34 -42.28
CA PHE I 7 25.03 -13.44 -42.18
C PHE I 7 25.45 -12.04 -41.73
N VAL I 8 26.33 -11.96 -40.73
CA VAL I 8 26.77 -10.66 -40.25
C VAL I 8 27.60 -9.93 -41.31
N TYR I 9 28.47 -10.68 -42.03
CA TYR I 9 29.26 -10.07 -43.09
C TYR I 9 28.36 -9.53 -44.20
N THR I 10 27.31 -10.29 -44.56
CA THR I 10 26.36 -9.82 -45.57
C THR I 10 25.64 -8.57 -45.11
N VAL I 11 25.22 -8.53 -43.84
CA VAL I 11 24.49 -7.38 -43.31
C VAL I 11 25.39 -6.13 -43.30
N VAL I 12 26.62 -6.28 -42.82
CA VAL I 12 27.55 -5.15 -42.74
C VAL I 12 27.90 -4.66 -44.13
N THR I 13 28.15 -5.58 -45.07
CA THR I 13 28.47 -5.20 -46.44
C THR I 13 27.30 -4.46 -47.08
N PHE I 14 26.07 -4.93 -46.81
CA PHE I 14 24.88 -4.28 -47.32
C PHE I 14 24.76 -2.85 -46.82
N PHE I 15 24.89 -2.65 -45.51
CA PHE I 15 24.70 -1.31 -44.95
C PHE I 15 25.84 -0.37 -45.35
N VAL I 16 27.07 -0.89 -45.46
CA VAL I 16 28.19 -0.06 -45.89
C VAL I 16 28.04 0.32 -47.35
N GLY I 17 27.54 -0.60 -48.19
CA GLY I 17 27.28 -0.27 -49.58
C GLY I 17 26.20 0.78 -49.72
N LEU I 18 25.15 0.69 -48.91
CA LEU I 18 24.12 1.75 -48.88
C LEU I 18 24.74 3.10 -48.52
N PHE I 19 25.58 3.13 -47.47
CA PHE I 19 26.27 4.36 -47.09
C PHE I 19 27.07 4.94 -48.25
N ILE I 20 27.92 4.12 -48.86
CA ILE I 20 28.86 4.60 -49.87
C ILE I 20 28.12 5.08 -51.11
N PHE I 21 27.19 4.27 -51.61
CA PHE I 21 26.51 4.65 -52.85
C PHE I 21 25.47 5.74 -52.63
N GLY I 22 24.90 5.84 -51.43
CA GLY I 22 24.02 6.95 -51.15
C GLY I 22 24.76 8.27 -51.08
N PHE I 23 25.97 8.27 -50.51
CA PHE I 23 26.76 9.50 -50.55
C PHE I 23 27.34 9.76 -51.93
N LEU I 24 27.50 8.72 -52.76
CA LEU I 24 27.88 8.93 -54.14
C LEU I 24 26.74 9.54 -54.96
N SER I 25 25.50 9.21 -54.61
CA SER I 25 24.33 9.56 -55.44
C SER I 25 23.93 11.02 -55.21
N ASN I 26 24.72 11.93 -55.78
CA ASN I 26 24.40 13.35 -55.90
C ASN I 26 24.14 14.02 -54.55
N ASP I 27 24.90 13.62 -53.53
CA ASP I 27 24.66 14.13 -52.18
C ASP I 27 24.78 15.65 -52.03
N PRO I 28 25.76 16.36 -52.62
CA PRO I 28 25.76 17.83 -52.48
C PRO I 28 24.56 18.53 -53.10
N SER I 29 23.81 17.87 -53.98
CA SER I 29 22.67 18.49 -54.63
C SER I 29 21.41 18.51 -53.77
N ARG I 30 21.40 17.82 -52.62
CA ARG I 30 20.24 17.80 -51.74
C ARG I 30 20.34 18.97 -50.76
N ASN I 31 20.04 20.16 -51.27
CA ASN I 31 20.03 21.38 -50.48
C ASN I 31 18.80 22.20 -50.83
N PRO I 32 18.28 22.98 -49.88
CA PRO I 32 17.10 23.81 -50.19
C PRO I 32 17.46 25.04 -51.01
N GLY I 33 18.71 25.50 -50.89
CA GLY I 33 19.16 26.67 -51.62
C GLY I 33 19.70 26.33 -52.99
N LYS I 34 20.24 27.36 -53.65
CA LYS I 34 20.82 27.19 -54.97
C LYS I 34 22.15 26.47 -54.89
N GLY I 35 22.58 25.94 -56.03
CA GLY I 35 23.87 25.26 -56.12
C GLY I 35 23.93 23.94 -55.35
N ILE J 1 47.56 62.01 -23.98
CA ILE J 1 46.61 61.16 -24.69
C ILE J 1 47.20 60.69 -26.01
N GLY J 2 47.36 59.38 -26.15
CA GLY J 2 47.91 58.83 -27.37
C GLY J 2 49.38 59.06 -27.56
N ARG J 3 50.12 59.37 -26.49
CA ARG J 3 51.55 59.62 -26.62
C ARG J 3 52.31 58.34 -26.93
N ILE J 4 51.92 57.23 -26.30
CA ILE J 4 52.52 55.93 -26.59
C ILE J 4 51.39 54.97 -26.96
N PRO J 5 51.63 54.02 -27.87
CA PRO J 5 50.52 53.21 -28.38
C PRO J 5 49.98 52.22 -27.36
N LEU J 6 48.66 52.04 -27.39
CA LEU J 6 48.00 51.09 -26.50
C LEU J 6 48.42 49.66 -26.80
N TRP J 7 48.62 49.34 -28.09
CA TRP J 7 49.10 48.02 -28.44
C TRP J 7 50.53 47.80 -27.97
N LEU J 8 51.36 48.85 -27.99
CA LEU J 8 52.71 48.74 -27.47
C LEU J 8 52.69 48.53 -25.95
N VAL J 9 51.79 49.23 -25.25
CA VAL J 9 51.65 49.04 -23.80
C VAL J 9 51.20 47.62 -23.50
N GLY J 10 50.21 47.12 -24.25
CA GLY J 10 49.75 45.76 -24.05
C GLY J 10 50.81 44.72 -24.36
N THR J 11 51.63 44.98 -25.39
CA THR J 11 52.72 44.07 -25.72
C THR J 11 53.78 44.04 -24.62
N VAL J 12 54.13 45.20 -24.07
CA VAL J 12 55.10 45.25 -22.98
C VAL J 12 54.56 44.55 -21.74
N VAL J 13 53.29 44.79 -21.41
CA VAL J 13 52.67 44.13 -20.25
C VAL J 13 52.61 42.63 -20.47
N GLY J 14 52.31 42.19 -21.69
CA GLY J 14 52.31 40.77 -21.99
C GLY J 14 53.69 40.15 -21.89
N LEU J 15 54.72 40.87 -22.32
CA LEU J 15 56.09 40.38 -22.16
C LEU J 15 56.46 40.24 -20.69
N LEU J 16 56.07 41.22 -19.86
CA LEU J 16 56.34 41.13 -18.43
C LEU J 16 55.59 39.97 -17.79
N ALA J 17 54.33 39.76 -18.19
CA ALA J 17 53.55 38.65 -17.65
C ALA J 17 54.12 37.31 -18.07
N ILE J 18 54.56 37.19 -19.33
CA ILE J 18 55.16 35.95 -19.80
C ILE J 18 56.48 35.70 -19.09
N GLY J 19 57.26 36.75 -18.84
CA GLY J 19 58.49 36.59 -18.08
C GLY J 19 58.24 36.17 -16.64
N LEU J 20 57.21 36.73 -16.01
CA LEU J 20 56.84 36.33 -14.65
C LEU J 20 56.39 34.88 -14.61
N LEU J 21 55.57 34.46 -15.57
CA LEU J 21 55.13 33.07 -15.60
C LEU J 21 56.30 32.13 -15.88
N ALA J 22 57.23 32.56 -16.74
CA ALA J 22 58.39 31.73 -17.05
C ALA J 22 59.31 31.59 -15.84
N ILE J 23 59.51 32.67 -15.08
CA ILE J 23 60.38 32.57 -13.90
C ILE J 23 59.67 31.81 -12.79
N PHE J 24 58.33 31.85 -12.76
CA PHE J 24 57.58 31.03 -11.81
C PHE J 24 57.73 29.55 -12.14
N PHE J 25 57.67 29.20 -13.44
CA PHE J 25 57.86 27.82 -13.85
C PHE J 25 59.30 27.37 -13.64
N TYR J 26 60.27 28.26 -13.85
CA TYR J 26 61.66 27.93 -13.62
C TYR J 26 61.93 27.71 -12.13
N GLY J 27 61.27 28.48 -11.27
CA GLY J 27 61.44 28.32 -9.84
C GLY J 27 60.84 27.05 -9.27
N SER J 28 60.05 26.32 -10.05
CA SER J 28 59.56 25.02 -9.63
C SER J 28 60.61 23.93 -9.81
N TYR J 29 61.71 24.22 -10.48
CA TYR J 29 62.79 23.27 -10.68
C TYR J 29 64.01 23.54 -9.82
N VAL J 30 64.09 24.70 -9.16
CA VAL J 30 65.22 25.06 -8.31
C VAL J 30 64.68 25.59 -6.98
N GLY J 31 65.55 25.54 -5.96
CA GLY J 31 65.19 26.10 -4.68
C GLY J 31 64.19 25.22 -3.93
N LEU J 32 63.32 25.87 -3.16
CA LEU J 32 62.28 25.15 -2.42
C LEU J 32 61.25 24.57 -3.37
N GLY J 33 60.81 23.35 -3.07
CA GLY J 33 59.86 22.66 -3.91
C GLY J 33 60.46 21.98 -5.13
N SER J 34 61.78 22.01 -5.29
CA SER J 34 62.44 21.40 -6.42
C SER J 34 62.68 19.91 -6.24
N SER J 35 62.44 19.37 -5.04
CA SER J 35 62.59 17.96 -4.72
C SER J 35 64.02 17.46 -4.98
N LEU J 36 65.00 18.28 -4.64
CA LEU J 36 66.40 17.91 -4.80
C LEU J 36 67.27 18.61 -3.76
N LYS K 1 76.84 16.55 -27.28
CA LYS K 1 77.34 17.92 -27.32
C LYS K 1 77.55 18.37 -28.76
N LEU K 2 77.65 19.69 -28.95
CA LEU K 2 77.97 20.25 -30.25
C LEU K 2 79.44 19.95 -30.58
N PRO K 3 79.82 20.02 -31.85
CA PRO K 3 81.24 19.85 -32.19
C PRO K 3 82.11 20.94 -31.57
N GLU K 4 83.41 20.65 -31.51
CA GLU K 4 84.36 21.52 -30.80
C GLU K 4 84.45 22.90 -31.43
N ALA K 5 84.28 22.99 -32.75
CA ALA K 5 84.31 24.28 -33.42
C ALA K 5 83.00 25.05 -33.27
N TYR K 6 81.96 24.41 -32.75
CA TYR K 6 80.65 25.03 -32.58
C TYR K 6 80.18 25.05 -31.13
N ALA K 7 81.09 24.72 -30.20
CA ALA K 7 80.72 24.66 -28.78
C ALA K 7 80.26 26.00 -28.18
N PRO K 8 80.93 27.15 -28.38
CA PRO K 8 80.47 28.37 -27.71
C PRO K 8 79.16 28.95 -28.24
N PHE K 9 78.53 28.33 -29.25
CA PHE K 9 77.27 28.81 -29.78
C PHE K 9 76.07 28.05 -29.19
N SER K 10 76.32 27.15 -28.25
CA SER K 10 75.22 26.44 -27.60
C SER K 10 74.25 27.33 -26.81
N PRO K 11 74.65 28.46 -26.21
CA PRO K 11 73.61 29.38 -25.69
C PRO K 11 72.68 29.90 -26.76
N ILE K 12 73.18 30.15 -27.97
CA ILE K 12 72.31 30.54 -29.07
C ILE K 12 71.43 29.37 -29.49
N VAL K 13 71.98 28.14 -29.40
CA VAL K 13 71.21 26.95 -29.75
C VAL K 13 70.06 26.74 -28.78
N ASP K 14 70.28 26.98 -27.48
CA ASP K 14 69.30 26.66 -26.46
C ASP K 14 68.02 27.50 -26.55
N VAL K 15 68.04 28.61 -27.27
CA VAL K 15 66.88 29.50 -27.35
C VAL K 15 66.10 29.29 -28.65
N LEU K 16 66.74 28.75 -29.69
CA LEU K 16 66.10 28.61 -31.00
C LEU K 16 64.79 27.81 -31.06
N PRO K 17 64.53 26.79 -30.22
CA PRO K 17 63.21 26.13 -30.30
C PRO K 17 62.01 27.04 -30.07
N ILE K 18 62.11 28.07 -29.21
CA ILE K 18 60.94 28.87 -28.86
C ILE K 18 60.56 29.91 -29.91
N ILE K 19 61.34 30.03 -31.00
CA ILE K 19 61.03 31.03 -32.02
C ILE K 19 59.69 30.80 -32.70
N PRO K 20 59.28 29.57 -33.09
CA PRO K 20 57.91 29.40 -33.60
C PRO K 20 56.82 29.77 -32.60
N VAL K 21 57.03 29.55 -31.30
CA VAL K 21 56.07 30.03 -30.31
C VAL K 21 56.02 31.54 -30.32
N LEU K 22 57.19 32.18 -30.48
CA LEU K 22 57.21 33.63 -30.59
C LEU K 22 56.57 34.13 -31.88
N PHE K 23 56.49 33.30 -32.92
CA PHE K 23 55.97 33.76 -34.21
C PHE K 23 54.46 34.01 -34.17
N ILE K 24 53.69 33.12 -33.56
CA ILE K 24 52.24 33.33 -33.49
C ILE K 24 51.91 34.52 -32.59
N LEU K 25 52.69 34.70 -31.52
CA LEU K 25 52.53 35.87 -30.68
C LEU K 25 52.95 37.14 -31.41
N LEU K 26 53.92 37.05 -32.33
CA LEU K 26 54.27 38.17 -33.18
C LEU K 26 53.13 38.52 -34.13
N ALA K 27 52.43 37.50 -34.63
CA ALA K 27 51.23 37.74 -35.43
C ALA K 27 50.18 38.47 -34.61
N PHE K 28 50.01 38.08 -33.35
CA PHE K 28 49.09 38.79 -32.46
C PHE K 28 49.54 40.23 -32.22
N VAL K 29 50.85 40.44 -32.11
CA VAL K 29 51.38 41.80 -31.96
C VAL K 29 51.04 42.65 -33.19
N TRP K 30 51.21 42.07 -34.38
CA TRP K 30 50.89 42.82 -35.60
C TRP K 30 49.40 43.11 -35.70
N GLN K 31 48.56 42.17 -35.25
CA GLN K 31 47.12 42.41 -35.21
C GLN K 31 46.76 43.52 -34.23
N ALA K 32 47.43 43.57 -33.08
CA ALA K 32 47.22 44.68 -32.16
C ALA K 32 47.71 45.99 -32.75
N SER K 33 48.80 45.95 -33.52
CA SER K 33 49.33 47.15 -34.16
C SER K 33 48.38 47.70 -35.21
N VAL K 34 47.69 46.82 -35.94
CA VAL K 34 46.71 47.28 -36.94
C VAL K 34 45.35 47.42 -36.27
N SER K 35 45.32 47.31 -34.93
CA SER K 35 44.13 47.52 -34.09
C SER K 35 43.01 46.53 -34.42
N PHE K 36 43.37 45.32 -34.86
CA PHE K 36 42.43 44.24 -35.16
C PHE K 36 41.37 44.68 -36.16
N ARG K 37 41.80 45.36 -37.21
CA ARG K 37 40.87 45.86 -38.23
C ARG K 37 40.25 44.73 -39.03
N MET L 1 -16.66 37.63 -3.14
CA MET L 1 -17.35 38.64 -2.36
C MET L 1 -18.84 38.33 -2.29
N ALA L 2 -19.23 37.22 -2.88
CA ALA L 2 -20.63 36.79 -2.92
C ALA L 2 -20.73 35.31 -2.58
N ARG L 3 -21.89 34.70 -2.86
CA ARG L 3 -22.06 33.28 -2.61
C ARG L 3 -21.05 32.40 -3.35
N PRO L 4 -20.73 32.60 -4.64
CA PRO L 4 -19.58 31.89 -5.20
C PRO L 4 -18.27 32.55 -4.81
N ASN L 5 -17.18 31.79 -4.98
CA ASN L 5 -15.87 32.27 -4.59
C ASN L 5 -15.16 32.83 -5.81
N PRO L 6 -14.78 34.11 -5.80
CA PRO L 6 -14.04 34.67 -6.95
C PRO L 6 -12.61 34.17 -7.05
N ASN L 7 -12.07 33.54 -6.01
CA ASN L 7 -10.71 33.05 -6.01
C ASN L 7 -10.56 31.67 -6.64
N LYS L 8 -11.66 31.09 -7.12
CA LYS L 8 -11.63 29.75 -7.68
C LYS L 8 -10.87 29.73 -9.01
N GLN L 9 -9.97 28.76 -9.14
CA GLN L 9 -9.17 28.57 -10.34
C GLN L 9 -9.14 27.09 -10.68
N VAL L 10 -8.75 26.79 -11.92
CA VAL L 10 -8.62 25.41 -12.36
C VAL L 10 -7.15 25.11 -12.61
N VAL L 11 -6.83 23.82 -12.70
CA VAL L 11 -5.46 23.35 -12.87
C VAL L 11 -5.28 22.87 -14.29
N GLU L 12 -4.20 23.33 -14.93
CA GLU L 12 -3.88 22.96 -16.30
C GLU L 12 -2.59 22.14 -16.29
N LEU L 13 -2.65 20.94 -16.88
CA LEU L 13 -1.50 20.05 -16.97
C LEU L 13 -1.49 19.45 -18.38
N ASN L 14 -0.64 19.99 -19.25
CA ASN L 14 -0.58 19.50 -20.62
C ASN L 14 0.24 18.21 -20.69
N ARG L 15 0.36 17.68 -21.91
CA ARG L 15 1.03 16.40 -22.09
C ARG L 15 2.53 16.49 -21.84
N SER L 16 3.14 17.64 -22.13
CA SER L 16 4.56 17.80 -21.83
C SER L 16 4.81 17.75 -20.33
N SER L 17 3.95 18.41 -19.53
CA SER L 17 4.08 18.36 -18.09
C SER L 17 3.76 16.97 -17.55
N LEU L 18 2.80 16.29 -18.16
CA LEU L 18 2.51 14.91 -17.76
C LEU L 18 3.68 13.99 -18.02
N TYR L 19 4.32 14.14 -19.18
CA TYR L 19 5.51 13.33 -19.50
C TYR L 19 6.65 13.65 -18.57
N TRP L 20 6.86 14.93 -18.27
CA TRP L 20 7.93 15.31 -17.34
C TRP L 20 7.69 14.78 -15.94
N GLY L 21 6.44 14.84 -15.46
CA GLY L 21 6.14 14.30 -14.15
C GLY L 21 6.28 12.80 -14.07
N LEU L 22 5.80 12.08 -15.09
CA LEU L 22 5.95 10.63 -15.12
C LEU L 22 7.41 10.23 -15.21
N LEU L 23 8.19 10.95 -16.02
CA LEU L 23 9.61 10.66 -16.15
C LEU L 23 10.34 10.93 -14.84
N LEU L 24 10.01 12.03 -14.16
CA LEU L 24 10.64 12.33 -12.88
C LEU L 24 10.30 11.27 -11.84
N ILE L 25 9.04 10.86 -11.78
CA ILE L 25 8.62 9.85 -10.79
C ILE L 25 9.31 8.52 -11.06
N PHE L 26 9.35 8.09 -12.32
CA PHE L 26 9.93 6.80 -12.64
C PHE L 26 11.45 6.81 -12.51
N VAL L 27 12.09 7.93 -12.85
CA VAL L 27 13.54 8.02 -12.70
C VAL L 27 13.92 8.08 -11.21
N LEU L 28 13.12 8.77 -10.40
CA LEU L 28 13.37 8.78 -8.96
C LEU L 28 13.18 7.39 -8.36
N ALA L 29 12.16 6.66 -8.83
CA ALA L 29 11.97 5.29 -8.38
C ALA L 29 13.14 4.40 -8.81
N VAL L 30 13.63 4.57 -10.04
CA VAL L 30 14.77 3.80 -10.53
C VAL L 30 16.00 4.08 -9.67
N LEU L 31 16.24 5.35 -9.35
CA LEU L 31 17.42 5.72 -8.58
C LEU L 31 17.32 5.22 -7.14
N PHE L 32 16.15 5.34 -6.52
CA PHE L 32 16.03 5.09 -5.09
C PHE L 32 15.55 3.69 -4.72
N SER L 33 15.08 2.89 -5.68
CA SER L 33 14.57 1.57 -5.33
C SER L 33 15.70 0.63 -4.92
N SER L 34 16.89 0.81 -5.49
CA SER L 34 18.04 0.00 -5.10
C SER L 34 18.41 0.24 -3.64
N TYR L 35 18.16 1.45 -3.14
CA TYR L 35 18.44 1.78 -1.76
C TYR L 35 17.29 1.45 -0.82
N ILE L 36 16.05 1.52 -1.30
CA ILE L 36 14.91 1.13 -0.47
C ILE L 36 14.92 -0.38 -0.25
N PHE L 37 15.14 -1.15 -1.31
CA PHE L 37 15.25 -2.60 -1.16
C PHE L 37 16.53 -2.97 -0.42
N ASN L 38 17.61 -2.25 -0.68
CA ASN L 38 18.91 -2.41 -0.03
C ASN L 38 19.47 -3.82 -0.15
N GLU M 1 12.74 -14.06 0.52
CA GLU M 1 11.38 -14.24 0.99
C GLU M 1 10.63 -12.91 0.95
N VAL M 2 10.96 -12.10 -0.07
CA VAL M 2 10.24 -10.88 -0.46
C VAL M 2 10.39 -9.76 0.58
N ASN M 3 11.00 -8.65 0.15
CA ASN M 3 11.05 -7.42 0.94
C ASN M 3 9.77 -6.64 0.64
N ILE M 4 8.70 -7.02 1.33
CA ILE M 4 7.39 -6.49 0.97
C ILE M 4 7.18 -5.07 1.49
N LEU M 5 7.93 -4.64 2.52
CA LEU M 5 7.89 -3.23 2.90
C LEU M 5 8.47 -2.35 1.80
N GLY M 6 9.59 -2.78 1.21
CA GLY M 6 10.12 -2.07 0.06
C GLY M 6 9.23 -2.16 -1.16
N LEU M 7 8.57 -3.31 -1.35
CA LEU M 7 7.61 -3.46 -2.44
C LEU M 7 6.46 -2.49 -2.28
N THR M 8 5.91 -2.38 -1.07
CA THR M 8 4.82 -1.45 -0.81
C THR M 8 5.26 0.00 -1.02
N ALA M 9 6.47 0.33 -0.55
CA ALA M 9 6.98 1.70 -0.73
C ALA M 9 7.14 2.05 -2.21
N THR M 10 7.75 1.14 -2.99
CA THR M 10 7.95 1.39 -4.41
C THR M 10 6.63 1.44 -5.16
N ALA M 11 5.71 0.52 -4.84
CA ALA M 11 4.41 0.49 -5.51
C ALA M 11 3.59 1.74 -5.20
N LEU M 12 3.62 2.21 -3.95
CA LEU M 12 2.86 3.41 -3.63
C LEU M 12 3.49 4.65 -4.25
N PHE M 13 4.83 4.75 -4.21
CA PHE M 13 5.52 5.87 -4.83
C PHE M 13 5.34 5.88 -6.35
N ILE M 14 5.05 4.73 -6.95
CA ILE M 14 4.73 4.73 -8.37
C ILE M 14 3.26 5.08 -8.58
N ILE M 15 2.37 4.48 -7.80
CA ILE M 15 0.93 4.55 -8.10
C ILE M 15 0.38 5.94 -7.79
N ILE M 16 0.68 6.48 -6.61
CA ILE M 16 0.01 7.71 -6.16
C ILE M 16 0.35 8.93 -7.03
N PRO M 17 1.63 9.27 -7.31
CA PRO M 17 1.86 10.43 -8.18
C PRO M 17 1.48 10.20 -9.63
N THR M 18 1.63 8.97 -10.15
CA THR M 18 1.21 8.69 -11.52
C THR M 18 -0.30 8.84 -11.66
N SER M 19 -1.07 8.32 -10.71
CA SER M 19 -2.52 8.47 -10.75
C SER M 19 -2.92 9.93 -10.59
N PHE M 20 -2.23 10.67 -9.72
CA PHE M 20 -2.52 12.09 -9.53
C PHE M 20 -2.29 12.88 -10.81
N LEU M 21 -1.14 12.64 -11.46
CA LEU M 21 -0.83 13.35 -12.71
C LEU M 21 -1.76 12.93 -13.84
N LEU M 22 -2.13 11.65 -13.90
CA LEU M 22 -3.04 11.17 -14.93
C LEU M 22 -4.44 11.78 -14.74
N ILE M 23 -4.90 11.89 -13.50
CA ILE M 23 -6.18 12.51 -13.23
C ILE M 23 -6.16 13.98 -13.63
N LEU M 24 -5.07 14.70 -13.30
CA LEU M 24 -4.96 16.08 -13.71
C LEU M 24 -4.94 16.23 -15.23
N TYR M 25 -4.21 15.35 -15.92
CA TYR M 25 -4.15 15.43 -17.38
C TYR M 25 -5.51 15.12 -18.01
N VAL M 26 -6.23 14.14 -17.45
CA VAL M 26 -7.54 13.78 -17.98
C VAL M 26 -8.53 14.92 -17.77
N LYS M 27 -8.54 15.54 -16.59
CA LYS M 27 -9.47 16.64 -16.37
C LYS M 27 -9.06 17.90 -17.12
N THR M 28 -7.78 18.05 -17.46
CA THR M 28 -7.37 19.17 -18.28
C THR M 28 -7.77 18.97 -19.74
N ALA M 29 -7.57 17.76 -20.27
CA ALA M 29 -7.91 17.46 -21.65
C ALA M 29 -9.40 17.35 -21.88
N ALA M 30 -10.18 17.01 -20.84
CA ALA M 30 -11.63 16.88 -21.00
C ALA M 30 -12.27 18.25 -21.21
N SER M 31 -11.84 19.25 -20.47
CA SER M 31 -12.35 20.61 -20.58
C SER M 31 -11.21 21.50 -21.06
N GLU M 32 -11.19 21.78 -22.36
CA GLU M 32 -10.13 22.60 -22.95
C GLU M 32 -10.23 24.05 -22.49
N LEU N 1 49.19 -33.21 -36.97
CA LEU N 1 50.60 -32.94 -37.18
C LEU N 1 51.48 -33.71 -36.21
N THR N 2 52.58 -34.27 -36.72
CA THR N 2 53.54 -34.97 -35.88
C THR N 2 54.51 -33.97 -35.27
N TYR N 3 55.45 -34.48 -34.46
CA TYR N 3 56.44 -33.60 -33.84
C TYR N 3 57.45 -33.08 -34.85
N ASP N 4 57.79 -33.90 -35.85
CA ASP N 4 58.74 -33.46 -36.88
C ASP N 4 58.20 -32.30 -37.70
N GLU N 5 56.93 -32.36 -38.07
CA GLU N 5 56.32 -31.26 -38.81
C GLU N 5 55.88 -30.12 -37.92
N LEU N 6 55.79 -30.33 -36.60
CA LEU N 6 55.50 -29.22 -35.70
C LEU N 6 56.72 -28.33 -35.55
N GLN N 7 57.91 -28.92 -35.49
CA GLN N 7 59.14 -28.14 -35.42
C GLN N 7 59.46 -27.44 -36.74
N GLY N 8 58.91 -27.94 -37.85
CA GLY N 8 59.13 -27.35 -39.16
C GLY N 8 58.32 -26.11 -39.46
N LEU N 9 57.44 -25.70 -38.54
CA LEU N 9 56.64 -24.50 -38.69
C LEU N 9 57.16 -23.41 -37.76
N THR N 10 57.14 -22.18 -38.25
CA THR N 10 57.59 -21.05 -37.45
C THR N 10 56.54 -20.69 -36.39
N TYR N 11 56.93 -19.77 -35.49
CA TYR N 11 56.00 -19.34 -34.45
C TYR N 11 54.84 -18.54 -35.03
N LEU N 12 55.11 -17.75 -36.08
CA LEU N 12 54.05 -16.95 -36.68
C LEU N 12 53.09 -17.80 -37.49
N GLN N 13 53.53 -18.95 -37.98
CA GLN N 13 52.65 -19.81 -38.78
C GLN N 13 51.63 -20.54 -37.92
N VAL N 14 51.96 -20.78 -36.65
CA VAL N 14 51.08 -21.52 -35.74
C VAL N 14 50.44 -20.63 -34.70
N LYS N 15 50.69 -19.32 -34.73
CA LYS N 15 50.11 -18.41 -33.76
C LYS N 15 48.66 -18.10 -34.13
N GLY N 16 47.76 -18.21 -33.15
CA GLY N 16 46.36 -17.93 -33.37
C GLY N 16 45.60 -19.00 -34.12
N THR N 17 46.18 -20.20 -34.29
CA THR N 17 45.54 -21.26 -35.04
C THR N 17 45.14 -22.46 -34.20
N GLY N 18 45.57 -22.52 -32.93
CA GLY N 18 45.24 -23.63 -32.07
C GLY N 18 46.13 -24.84 -32.21
N ILE N 19 47.14 -24.79 -33.08
CA ILE N 19 48.05 -25.91 -33.24
C ILE N 19 48.91 -26.10 -31.99
N ALA N 20 49.27 -24.99 -31.33
CA ALA N 20 50.12 -25.03 -30.15
C ALA N 20 49.47 -25.75 -28.98
N ASN N 21 48.15 -25.86 -28.96
CA ASN N 21 47.45 -26.64 -27.94
C ASN N 21 47.37 -28.11 -28.28
N THR N 22 47.49 -28.47 -29.55
CA THR N 22 47.39 -29.86 -29.98
C THR N 22 48.64 -30.64 -29.57
N CYS N 23 48.44 -31.92 -29.24
CA CYS N 23 49.69 -32.65 -29.04
C CYS N 23 50.10 -33.31 -30.35
N PRO N 24 51.40 -33.46 -30.61
CA PRO N 24 51.82 -34.16 -31.81
C PRO N 24 51.47 -35.63 -31.76
N VAL N 25 51.19 -36.20 -32.94
CA VAL N 25 50.78 -37.58 -33.05
C VAL N 25 51.88 -38.38 -33.74
N VAL N 26 51.70 -39.69 -33.76
CA VAL N 26 52.64 -40.61 -34.40
C VAL N 26 52.00 -41.16 -35.66
N GLU N 27 52.71 -41.02 -36.78
CA GLU N 27 52.20 -41.45 -38.08
C GLU N 27 52.86 -42.72 -38.60
N GLN N 28 54.19 -42.78 -38.57
CA GLN N 28 54.92 -43.92 -39.11
C GLN N 28 55.13 -45.04 -38.09
N GLY N 29 54.59 -44.89 -36.88
CA GLY N 29 54.79 -45.88 -35.85
C GLY N 29 53.96 -47.14 -36.04
N THR N 30 54.17 -48.09 -35.14
CA THR N 30 53.49 -49.38 -35.16
C THR N 30 52.63 -49.54 -33.93
N SER N 31 51.63 -50.42 -34.03
CA SER N 31 50.73 -50.72 -32.92
C SER N 31 51.13 -51.99 -32.18
N ASN N 32 52.36 -52.48 -32.39
CA ASN N 32 52.81 -53.68 -31.70
C ASN N 32 52.98 -53.42 -30.21
N VAL N 33 53.46 -52.23 -29.84
CA VAL N 33 53.54 -51.70 -28.48
C VAL N 33 54.58 -52.47 -27.63
N ARG N 34 55.00 -53.65 -28.08
CA ARG N 34 55.98 -54.46 -27.37
C ARG N 34 57.40 -54.25 -27.90
N GLU N 35 57.68 -53.10 -28.50
CA GLU N 35 58.99 -52.83 -29.08
C GLU N 35 59.97 -52.20 -28.09
N LEU N 36 59.57 -51.99 -26.84
CA LEU N 36 60.42 -51.34 -25.85
C LEU N 36 61.15 -52.41 -25.05
N LYS N 37 62.43 -52.60 -25.35
CA LYS N 37 63.27 -53.58 -24.65
C LYS N 37 63.82 -53.09 -23.30
N PRO N 38 64.55 -51.94 -23.21
CA PRO N 38 65.23 -51.63 -21.94
C PRO N 38 64.35 -50.91 -20.92
N GLY N 39 64.94 -50.59 -19.76
CA GLY N 39 64.24 -49.89 -18.70
C GLY N 39 65.10 -48.76 -18.14
N ASP N 40 64.55 -48.09 -17.12
CA ASP N 40 65.15 -46.90 -16.50
C ASP N 40 65.48 -45.88 -17.58
N TYR N 41 64.44 -45.38 -18.26
CA TYR N 41 64.65 -44.92 -19.62
C TYR N 41 64.48 -43.42 -19.79
N LYS N 42 63.84 -42.72 -18.84
CA LYS N 42 63.79 -41.25 -18.76
C LYS N 42 63.10 -40.63 -19.99
N LEU N 43 61.78 -40.76 -20.00
CA LEU N 43 60.99 -40.10 -21.04
C LEU N 43 60.99 -38.58 -20.84
N GLU N 44 60.83 -37.85 -21.94
CA GLU N 44 60.78 -36.39 -21.91
C GLU N 44 59.75 -35.89 -22.91
N LYS N 45 59.42 -34.59 -22.79
CA LYS N 45 58.42 -33.92 -23.62
C LYS N 45 57.06 -34.63 -23.57
N PHE N 46 56.70 -35.11 -22.39
CA PHE N 46 55.40 -35.70 -22.16
C PHE N 46 54.34 -34.61 -22.25
N CYS N 47 53.27 -34.86 -23.02
CA CYS N 47 52.24 -33.85 -23.22
C CYS N 47 50.88 -34.52 -23.35
N MET N 48 49.88 -33.92 -22.72
CA MET N 48 48.53 -34.48 -22.68
C MET N 48 47.51 -33.43 -23.14
N GLU N 49 46.51 -33.88 -23.88
CA GLU N 49 45.39 -33.01 -24.22
C GLU N 49 44.08 -33.77 -24.05
N PRO N 50 43.08 -33.13 -23.45
CA PRO N 50 41.78 -33.78 -23.29
C PRO N 50 40.96 -33.73 -24.57
N THR N 51 40.01 -34.66 -24.65
CA THR N 51 39.02 -34.67 -25.72
C THR N 51 37.60 -34.54 -25.21
N SER N 52 37.37 -34.71 -23.91
CA SER N 52 36.04 -34.56 -23.33
C SER N 52 36.18 -34.20 -21.86
N PHE N 53 35.24 -33.41 -21.37
CA PHE N 53 35.18 -33.00 -19.96
C PHE N 53 33.80 -33.35 -19.44
N THR N 54 33.72 -34.42 -18.65
CA THR N 54 32.46 -34.88 -18.08
C THR N 54 32.52 -34.80 -16.56
N VAL N 55 31.43 -34.32 -15.97
CA VAL N 55 31.36 -34.07 -14.53
C VAL N 55 30.41 -35.09 -13.91
N LYS N 56 30.85 -35.73 -12.82
CA LYS N 56 29.99 -36.64 -12.09
C LYS N 56 28.84 -35.86 -11.46
N GLU N 57 27.62 -36.35 -11.62
CA GLU N 57 26.45 -35.62 -11.17
C GLU N 57 25.63 -36.54 -10.27
N GLU N 58 25.85 -36.46 -8.96
CA GLU N 58 25.12 -37.28 -8.01
C GLU N 58 23.75 -36.65 -7.78
N ASP N 59 22.69 -37.36 -8.08
CA ASP N 59 21.41 -36.65 -7.86
C ASP N 59 21.01 -36.92 -6.42
N ALA N 60 19.75 -36.75 -6.13
CA ALA N 60 19.13 -37.16 -4.88
C ALA N 60 18.04 -38.21 -5.12
N LYS N 61 18.34 -39.23 -5.93
CA LYS N 61 17.47 -40.39 -6.05
C LYS N 61 18.22 -41.71 -6.16
N GLY N 62 19.55 -41.70 -6.24
CA GLY N 62 20.32 -42.91 -6.11
C GLY N 62 20.81 -43.64 -7.35
N ARG N 63 21.42 -42.94 -8.30
CA ARG N 63 22.13 -43.62 -9.39
C ARG N 63 23.27 -42.75 -9.86
N GLU N 64 24.22 -43.37 -10.55
CA GLU N 64 25.48 -42.76 -10.94
C GLU N 64 25.50 -42.50 -12.44
N GLU N 65 25.89 -41.29 -12.85
CA GLU N 65 25.99 -40.95 -14.26
C GLU N 65 26.93 -39.76 -14.44
N PHE N 66 27.46 -39.64 -15.65
CA PHE N 66 28.26 -38.50 -16.07
C PHE N 66 27.55 -37.78 -17.20
N VAL N 67 27.75 -36.46 -17.28
CA VAL N 67 27.04 -35.63 -18.25
C VAL N 67 28.04 -34.84 -19.08
N LYS N 68 27.72 -34.66 -20.36
CA LYS N 68 28.53 -33.83 -21.25
C LYS N 68 28.38 -32.37 -20.83
N THR N 69 29.49 -31.64 -20.87
CA THR N 69 29.52 -30.25 -20.42
C THR N 69 30.16 -29.38 -21.49
N LYS N 70 30.01 -28.06 -21.33
CA LYS N 70 30.53 -27.08 -22.27
C LYS N 70 31.65 -26.30 -21.63
N LEU N 71 32.74 -26.12 -22.36
CA LEU N 71 33.91 -25.42 -21.83
C LEU N 71 33.76 -23.92 -21.94
N LEU N 72 34.13 -23.23 -20.87
CA LEU N 72 34.08 -21.78 -20.76
C LEU N 72 35.41 -21.13 -21.06
N THR N 73 36.49 -21.72 -20.57
CA THR N 73 37.84 -21.26 -20.85
C THR N 73 38.24 -21.72 -22.25
N ARG N 74 39.05 -20.90 -22.91
CA ARG N 74 39.54 -21.22 -24.24
C ARG N 74 40.68 -22.24 -24.17
N LEU N 75 41.46 -22.36 -25.25
CA LEU N 75 42.42 -23.46 -25.37
C LEU N 75 43.60 -23.31 -24.41
N THR N 76 43.28 -22.98 -23.15
CA THR N 76 44.32 -22.73 -22.12
C THR N 76 44.41 -23.89 -21.12
N TYR N 77 43.58 -24.94 -21.30
CA TYR N 77 43.75 -26.22 -20.58
C TYR N 77 44.75 -26.97 -21.46
N GLY N 78 45.28 -28.14 -21.03
CA GLY N 78 46.25 -28.91 -21.86
C GLY N 78 47.62 -29.06 -21.21
N LEU N 79 48.38 -30.14 -21.44
CA LEU N 79 49.64 -30.42 -20.67
C LEU N 79 50.84 -30.56 -21.60
N ASP N 80 51.93 -29.78 -21.47
CA ASP N 80 53.04 -29.75 -22.42
C ASP N 80 54.34 -29.48 -21.69
N GLY N 81 55.45 -29.92 -22.29
CA GLY N 81 56.77 -29.56 -21.82
C GLY N 81 57.17 -30.11 -20.47
N MET N 82 56.74 -31.34 -20.16
CA MET N 82 57.05 -31.99 -18.89
C MET N 82 57.69 -33.34 -19.14
N ASN N 83 58.53 -33.77 -18.19
CA ASN N 83 59.33 -34.98 -18.35
C ASN N 83 59.22 -35.93 -17.16
N GLY N 84 60.06 -36.96 -17.14
CA GLY N 84 60.04 -37.91 -16.04
C GLY N 84 60.90 -39.12 -16.33
N SER N 85 60.54 -40.24 -15.71
CA SER N 85 61.25 -41.49 -15.88
C SER N 85 60.25 -42.64 -15.99
N MET N 86 60.53 -43.57 -16.89
CA MET N 86 59.72 -44.78 -17.04
C MET N 86 60.62 -46.00 -16.96
N LYS N 87 60.20 -46.98 -16.17
CA LYS N 87 60.92 -48.24 -16.00
C LYS N 87 60.05 -49.34 -16.59
N ILE N 88 60.27 -49.65 -17.86
CA ILE N 88 59.54 -50.69 -18.58
C ILE N 88 60.43 -51.93 -18.68
N ASN N 89 59.85 -53.08 -18.34
CA ASN N 89 60.59 -54.34 -18.31
C ASN N 89 60.29 -55.17 -19.55
N ASN N 90 60.93 -56.33 -19.63
CA ASN N 90 60.75 -57.21 -20.79
C ASN N 90 59.38 -57.87 -20.79
N ASP N 91 58.87 -58.23 -19.60
CA ASP N 91 57.56 -58.86 -19.54
C ASP N 91 56.44 -57.89 -19.85
N GLY N 92 56.64 -56.60 -19.58
CA GLY N 92 55.64 -55.61 -19.90
C GLY N 92 55.29 -54.67 -18.76
N SER N 93 55.87 -54.89 -17.58
CA SER N 93 55.59 -54.04 -16.43
C SER N 93 56.15 -52.65 -16.65
N VAL N 94 55.31 -51.64 -16.45
CA VAL N 94 55.64 -50.25 -16.72
C VAL N 94 55.55 -49.46 -15.42
N GLU N 95 56.62 -48.74 -15.09
CA GLU N 95 56.67 -47.90 -13.89
C GLU N 95 56.77 -46.45 -14.35
N PHE N 96 55.64 -45.76 -14.39
CA PHE N 96 55.58 -44.36 -14.81
C PHE N 96 55.89 -43.43 -13.63
N ARG N 97 56.49 -42.28 -13.95
CA ARG N 97 56.80 -41.27 -12.95
C ARG N 97 57.03 -39.94 -13.65
N GLU N 98 56.38 -38.89 -13.17
CA GLU N 98 56.53 -37.55 -13.71
C GLU N 98 56.95 -36.62 -12.58
N ASP N 99 58.01 -35.84 -12.82
CA ASP N 99 58.59 -35.01 -11.77
C ASP N 99 58.32 -33.52 -11.94
N GLU N 100 58.65 -32.93 -13.09
CA GLU N 100 58.56 -31.49 -13.26
C GLU N 100 58.00 -31.15 -14.64
N GLY N 101 57.67 -29.89 -14.81
CA GLY N 101 57.14 -29.36 -16.06
C GLY N 101 55.80 -28.69 -15.87
N LEU N 102 55.24 -28.22 -16.99
CA LEU N 102 53.91 -27.60 -17.00
C LEU N 102 52.89 -28.73 -16.85
N ASP N 103 52.66 -29.11 -15.60
CA ASP N 103 51.91 -30.31 -15.24
C ASP N 103 50.54 -29.99 -14.62
N TYR N 104 49.96 -28.85 -14.99
CA TYR N 104 48.66 -28.45 -14.49
C TYR N 104 48.06 -27.43 -15.44
N ALA N 105 46.74 -27.25 -15.33
CA ALA N 105 46.03 -26.27 -16.15
C ALA N 105 44.72 -25.93 -15.46
N ALA N 106 44.50 -24.65 -15.19
CA ALA N 106 43.25 -24.20 -14.57
C ALA N 106 42.16 -24.18 -15.64
N THR N 107 41.08 -24.92 -15.39
CA THR N 107 40.02 -25.08 -16.37
C THR N 107 38.66 -24.84 -15.71
N THR N 108 37.82 -24.06 -16.37
CA THR N 108 36.45 -23.82 -15.94
C THR N 108 35.51 -24.38 -16.98
N VAL N 109 34.55 -25.19 -16.54
CA VAL N 109 33.61 -25.84 -17.44
C VAL N 109 32.20 -25.59 -16.90
N LYS N 110 31.21 -25.58 -17.80
CA LYS N 110 29.84 -25.24 -17.45
C LYS N 110 28.96 -26.49 -17.52
N LEU N 111 28.32 -26.79 -16.39
CA LEU N 111 27.36 -27.88 -16.33
C LEU N 111 26.08 -27.50 -17.07
N PRO N 112 25.30 -28.49 -17.50
CA PRO N 112 23.94 -28.19 -17.97
C PRO N 112 23.12 -27.58 -16.85
N GLY N 113 22.30 -26.59 -17.21
CA GLY N 113 21.61 -25.80 -16.22
C GLY N 113 22.33 -24.53 -15.81
N GLY N 114 23.57 -24.34 -16.27
CA GLY N 114 24.25 -23.08 -16.05
C GLY N 114 25.01 -22.97 -14.74
N GLU N 115 25.73 -24.01 -14.34
CA GLU N 115 26.53 -23.98 -13.12
C GLU N 115 28.00 -24.03 -13.48
N TYR N 116 28.77 -23.09 -12.95
CA TYR N 116 30.19 -23.00 -13.25
C TYR N 116 30.96 -24.01 -12.42
N VAL N 117 31.75 -24.86 -13.07
CA VAL N 117 32.56 -25.85 -12.41
C VAL N 117 34.03 -25.59 -12.74
N PRO N 118 34.76 -24.94 -11.84
CA PRO N 118 36.20 -24.80 -12.03
C PRO N 118 36.95 -25.98 -11.44
N PHE N 119 38.08 -26.29 -12.05
CA PHE N 119 38.93 -27.38 -11.55
C PHE N 119 40.34 -27.16 -12.08
N LEU N 120 41.29 -27.82 -11.42
CA LEU N 120 42.70 -27.75 -11.79
C LEU N 120 43.06 -29.09 -12.44
N PHE N 121 43.15 -29.10 -13.76
CA PHE N 121 43.49 -30.31 -14.50
C PHE N 121 44.98 -30.59 -14.30
N THR N 122 45.29 -31.43 -13.32
CA THR N 122 46.66 -31.71 -12.92
C THR N 122 47.01 -33.16 -13.19
N ILE N 123 48.30 -33.40 -13.43
CA ILE N 123 48.84 -34.74 -13.55
C ILE N 123 50.13 -34.79 -12.73
N LYS N 124 50.33 -33.76 -11.91
CA LYS N 124 51.59 -33.61 -11.18
C LYS N 124 51.76 -34.70 -10.12
N GLU N 125 53.00 -35.18 -9.99
CA GLU N 125 53.40 -36.23 -9.05
C GLU N 125 52.58 -37.50 -9.25
N PHE N 126 52.64 -38.01 -10.47
CA PHE N 126 51.87 -39.18 -10.88
C PHE N 126 52.79 -40.38 -11.05
N ASP N 127 52.48 -41.46 -10.35
CA ASP N 127 53.20 -42.72 -10.47
C ASP N 127 52.27 -43.76 -11.08
N GLY N 128 52.69 -44.36 -12.18
CA GLY N 128 51.84 -45.33 -12.86
C GLY N 128 52.43 -46.71 -12.94
N LYS N 129 51.71 -47.71 -12.45
CA LYS N 129 52.14 -49.10 -12.45
C LYS N 129 51.16 -49.95 -13.23
N GLY N 130 51.68 -50.89 -14.01
CA GLY N 130 50.85 -51.77 -14.81
C GLY N 130 51.58 -52.20 -16.06
N THR N 131 50.82 -52.80 -16.97
CA THR N 131 51.37 -53.31 -18.22
C THR N 131 51.30 -52.24 -19.31
N LEU N 132 51.62 -52.63 -20.54
CA LEU N 132 51.52 -51.70 -21.67
C LEU N 132 50.09 -51.36 -22.02
N ASP N 133 49.18 -52.33 -21.87
CA ASP N 133 47.78 -52.10 -22.24
C ASP N 133 47.12 -51.09 -21.30
N SER N 134 47.45 -51.15 -20.01
CA SER N 134 46.82 -50.25 -19.03
C SER N 134 47.70 -50.15 -17.80
N PHE N 135 48.14 -48.94 -17.47
CA PHE N 135 48.81 -48.67 -16.22
C PHE N 135 48.17 -47.44 -15.59
N SER N 136 47.90 -47.51 -14.29
CA SER N 136 47.18 -46.46 -13.59
C SER N 136 47.93 -46.09 -12.32
N GLY N 137 47.40 -45.10 -11.61
CA GLY N 137 48.02 -44.64 -10.38
C GLY N 137 47.32 -43.40 -9.86
N ASP N 138 48.02 -42.67 -9.00
CA ASP N 138 47.47 -41.48 -8.36
C ASP N 138 48.39 -40.30 -8.58
N PHE N 139 47.81 -39.10 -8.62
CA PHE N 139 48.55 -37.87 -8.78
C PHE N 139 48.05 -36.84 -7.77
N LEU N 140 48.96 -35.97 -7.33
CA LEU N 140 48.61 -34.90 -6.41
C LEU N 140 47.78 -33.85 -7.12
N VAL N 141 46.74 -33.37 -6.44
CA VAL N 141 45.85 -32.33 -6.96
C VAL N 141 45.89 -31.16 -6.00
N PRO N 142 46.44 -30.01 -6.40
CA PRO N 142 46.31 -28.80 -5.58
C PRO N 142 44.86 -28.35 -5.53
N SER N 143 44.58 -27.43 -4.59
CA SER N 143 43.21 -26.97 -4.37
C SER N 143 42.64 -26.31 -5.61
N TYR N 144 43.18 -25.14 -5.96
CA TYR N 144 42.84 -24.31 -7.12
C TYR N 144 43.55 -22.98 -6.99
N ARG N 145 43.35 -22.33 -5.85
CA ARG N 145 43.92 -21.03 -5.56
C ARG N 145 44.98 -21.16 -4.46
N GLY N 146 45.92 -20.21 -4.46
CA GLY N 146 46.94 -20.20 -3.44
C GLY N 146 46.41 -19.69 -2.11
N SER N 147 47.28 -19.74 -1.10
CA SER N 147 46.90 -19.28 0.23
C SER N 147 46.79 -17.77 0.32
N THR N 148 47.37 -17.03 -0.62
CA THR N 148 47.27 -15.58 -0.66
C THR N 148 46.09 -15.10 -1.49
N PHE N 149 45.27 -16.00 -2.00
CA PHE N 149 44.08 -15.62 -2.75
C PHE N 149 43.04 -14.98 -1.83
N LEU N 150 42.47 -13.87 -2.28
CA LEU N 150 41.45 -13.15 -1.53
C LEU N 150 40.12 -13.27 -2.25
N ASP N 151 39.07 -13.60 -1.50
CA ASP N 151 37.73 -13.71 -2.06
C ASP N 151 37.12 -12.31 -2.17
N PRO N 152 35.89 -12.19 -2.73
CA PRO N 152 35.17 -10.90 -2.75
C PRO N 152 35.23 -9.99 -1.54
N LYS N 153 35.33 -10.55 -0.33
CA LYS N 153 35.23 -9.75 0.89
C LYS N 153 36.46 -9.96 1.77
N GLY N 154 37.65 -9.83 1.15
CA GLY N 154 38.88 -10.00 1.89
C GLY N 154 39.11 -11.43 2.30
N ARG N 155 38.93 -11.71 3.60
CA ARG N 155 38.94 -13.06 4.17
C ARG N 155 40.24 -13.80 3.86
N GLY N 156 40.24 -14.59 2.79
CA GLY N 156 41.45 -15.21 2.30
C GLY N 156 42.01 -16.29 3.21
N GLY N 157 43.16 -16.80 2.79
CA GLY N 157 43.86 -17.84 3.52
C GLY N 157 45.00 -17.27 4.33
N ALA N 158 46.21 -17.34 3.79
CA ALA N 158 47.36 -16.73 4.45
C ALA N 158 47.15 -15.24 4.66
N THR N 159 46.76 -14.52 3.62
CA THR N 159 46.50 -13.09 3.72
C THR N 159 44.99 -12.84 3.75
N GLY N 160 44.61 -11.67 4.27
CA GLY N 160 43.23 -11.25 4.21
C GLY N 160 42.68 -10.88 5.57
N TYR N 161 41.36 -10.96 5.69
CA TYR N 161 40.62 -10.49 6.85
C TYR N 161 40.15 -11.59 7.79
N ASP N 162 40.04 -12.83 7.28
CA ASP N 162 39.44 -14.01 7.94
C ASP N 162 38.04 -13.74 8.50
N ASN N 163 37.34 -12.72 8.00
CA ASN N 163 35.93 -12.50 8.29
C ASN N 163 35.37 -11.50 7.28
N ALA N 164 34.04 -11.50 7.14
CA ALA N 164 33.33 -10.59 6.23
C ALA N 164 33.19 -9.26 6.95
N ILE N 165 34.06 -8.30 6.61
CA ILE N 165 34.28 -7.12 7.44
C ILE N 165 33.05 -6.22 7.48
N ALA N 166 32.41 -5.98 6.34
CA ALA N 166 31.34 -4.99 6.31
C ALA N 166 30.01 -5.54 6.85
N LEU N 167 30.07 -6.13 8.04
CA LEU N 167 28.96 -6.65 8.83
C LEU N 167 29.48 -6.75 10.27
N PRO N 168 29.38 -5.67 11.06
CA PRO N 168 30.02 -5.67 12.39
C PRO N 168 29.57 -6.76 13.34
N ALA N 169 28.31 -7.21 13.27
CA ALA N 169 27.84 -8.32 14.08
C ALA N 169 28.03 -9.60 13.28
N LYS N 170 29.14 -10.30 13.53
CA LYS N 170 29.52 -11.47 12.74
C LYS N 170 30.30 -12.43 13.64
N ALA N 171 31.04 -13.35 13.01
CA ALA N 171 31.90 -14.32 13.68
C ALA N 171 31.10 -15.22 14.63
N ASP N 172 30.16 -15.94 14.04
CA ASP N 172 29.27 -16.82 14.78
C ASP N 172 29.09 -18.11 13.97
N ALA N 173 28.07 -18.89 14.33
CA ALA N 173 27.77 -20.11 13.61
C ALA N 173 27.24 -19.80 12.21
N ASP N 174 27.30 -20.81 11.34
CA ASP N 174 26.94 -20.79 9.92
C ASP N 174 27.85 -19.91 9.08
N GLU N 175 28.88 -19.29 9.68
CA GLU N 175 29.87 -18.52 8.94
C GLU N 175 31.29 -19.06 9.12
N ILE N 176 31.52 -19.92 10.10
CA ILE N 176 32.83 -20.51 10.33
C ILE N 176 33.26 -21.34 9.12
N GLN N 177 32.29 -22.00 8.48
CA GLN N 177 32.57 -22.74 7.25
C GLN N 177 33.05 -21.83 6.13
N ARG N 178 32.60 -20.58 6.11
CA ARG N 178 32.98 -19.61 5.08
C ARG N 178 34.10 -18.69 5.53
N LEU N 179 34.14 -18.31 6.81
CA LEU N 179 35.11 -17.35 7.29
C LEU N 179 36.34 -18.02 7.89
N ASN N 180 36.12 -18.84 8.92
CA ASN N 180 37.22 -19.35 9.75
C ASN N 180 37.99 -20.49 9.10
N ASN N 181 37.34 -21.33 8.30
CA ASN N 181 38.02 -22.52 7.82
C ASN N 181 39.04 -22.20 6.74
N LYS N 182 38.56 -21.76 5.57
CA LYS N 182 39.39 -21.37 4.42
C LYS N 182 40.44 -22.43 4.10
N SER N 183 39.99 -23.68 4.02
CA SER N 183 40.91 -24.80 3.85
C SER N 183 41.48 -24.84 2.45
N TYR N 184 42.75 -25.23 2.35
CA TYR N 184 43.44 -25.39 1.07
C TYR N 184 44.09 -26.77 0.99
N THR N 185 43.50 -27.76 1.65
CA THR N 185 44.09 -29.09 1.72
C THR N 185 44.11 -29.75 0.35
N PRO N 186 45.25 -30.24 -0.13
CA PRO N 186 45.30 -30.84 -1.46
C PRO N 186 44.52 -32.15 -1.53
N GLY N 187 43.95 -32.40 -2.70
CA GLY N 187 43.28 -33.66 -2.98
C GLY N 187 44.16 -34.57 -3.83
N LYS N 188 43.60 -35.73 -4.15
CA LYS N 188 44.28 -36.71 -4.99
C LYS N 188 43.32 -37.20 -6.07
N GLY N 189 43.88 -37.49 -7.24
CA GLY N 189 43.11 -37.98 -8.35
C GLY N 189 43.75 -39.22 -8.95
N SER N 190 42.92 -40.03 -9.59
CA SER N 190 43.35 -41.29 -10.18
C SER N 190 43.15 -41.24 -11.68
N ALA N 191 44.19 -41.62 -12.43
CA ALA N 191 44.14 -41.66 -13.88
C ALA N 191 44.63 -43.02 -14.37
N VAL N 192 44.08 -43.47 -15.49
CA VAL N 192 44.48 -44.70 -16.13
C VAL N 192 44.96 -44.38 -17.54
N PHE N 193 46.08 -44.98 -17.93
CA PHE N 193 46.69 -44.72 -19.22
C PHE N 193 46.62 -45.96 -20.10
N SER N 194 47.06 -45.80 -21.34
CA SER N 194 47.17 -46.91 -22.28
C SER N 194 48.14 -46.49 -23.38
N VAL N 195 48.96 -47.43 -23.84
CA VAL N 195 49.99 -47.17 -24.84
C VAL N 195 49.57 -47.81 -26.15
N ALA N 196 49.61 -47.02 -27.22
CA ALA N 196 49.34 -47.50 -28.56
C ALA N 196 50.08 -46.60 -29.54
N LYS N 197 50.27 -47.12 -30.77
CA LYS N 197 50.93 -46.40 -31.86
C LYS N 197 52.34 -45.95 -31.45
N VAL N 198 53.20 -46.93 -31.22
CA VAL N 198 54.57 -46.69 -30.77
C VAL N 198 55.48 -46.59 -32.00
N ASP N 199 56.47 -45.69 -31.91
CA ASP N 199 57.51 -45.58 -32.92
C ASP N 199 58.79 -46.16 -32.33
N THR N 200 59.43 -47.06 -33.07
CA THR N 200 60.53 -47.85 -32.54
C THR N 200 61.90 -47.19 -32.75
N GLU N 201 62.18 -46.72 -33.96
CA GLU N 201 63.52 -46.23 -34.28
C GLU N 201 63.86 -44.91 -33.62
N THR N 202 62.88 -44.16 -33.11
CA THR N 202 63.14 -42.89 -32.45
C THR N 202 62.52 -42.77 -31.07
N GLY N 203 61.76 -43.78 -30.62
CA GLY N 203 61.18 -43.70 -29.30
C GLY N 203 60.06 -42.69 -29.16
N GLU N 204 58.89 -43.00 -29.69
CA GLU N 204 57.71 -42.15 -29.51
C GLU N 204 56.52 -43.01 -29.11
N ILE N 205 55.79 -42.58 -28.09
CA ILE N 205 54.56 -43.21 -27.64
C ILE N 205 53.45 -42.18 -27.59
N ALA N 206 52.27 -42.56 -28.10
CA ALA N 206 51.13 -41.64 -28.13
C ALA N 206 49.85 -42.48 -27.98
N GLY N 207 49.39 -42.63 -26.74
CA GLY N 207 48.17 -43.35 -26.44
C GLY N 207 47.04 -42.44 -26.02
N VAL N 208 46.06 -43.02 -25.34
CA VAL N 208 44.92 -42.28 -24.82
C VAL N 208 44.90 -42.44 -23.30
N PHE N 209 44.24 -41.49 -22.63
CA PHE N 209 44.21 -41.48 -21.18
C PHE N 209 42.80 -41.17 -20.69
N GLU N 210 42.53 -41.58 -19.46
CA GLU N 210 41.27 -41.29 -18.78
C GLU N 210 41.59 -40.94 -17.34
N SER N 211 41.22 -39.73 -16.93
CA SER N 211 41.60 -39.20 -15.62
C SER N 211 40.36 -38.84 -14.80
N ILE N 212 40.41 -39.16 -13.51
CA ILE N 212 39.37 -38.80 -12.56
C ILE N 212 40.03 -37.98 -11.45
N GLN N 213 39.50 -36.78 -11.21
CA GLN N 213 40.08 -35.91 -10.18
C GLN N 213 38.96 -35.09 -9.55
N PRO N 214 39.13 -34.67 -8.30
CA PRO N 214 38.11 -33.82 -7.67
C PRO N 214 38.11 -32.42 -8.26
N SER N 215 36.96 -31.77 -8.16
CA SER N 215 36.80 -30.41 -8.65
C SER N 215 37.26 -29.42 -7.58
N ASP N 216 36.94 -28.15 -7.76
CA ASP N 216 37.33 -27.11 -6.82
C ASP N 216 36.29 -26.93 -5.74
N THR N 217 36.76 -26.78 -4.50
CA THR N 217 35.91 -26.48 -3.36
C THR N 217 35.96 -25.00 -2.99
N GLU N 218 36.41 -24.15 -3.92
CA GLU N 218 36.79 -22.77 -3.66
C GLU N 218 37.81 -22.75 -2.52
N MET N 219 37.34 -22.47 -1.31
CA MET N 219 38.15 -22.55 -0.10
C MET N 219 37.48 -23.45 0.93
N GLY N 220 36.82 -24.51 0.45
CA GLY N 220 36.12 -25.42 1.34
C GLY N 220 34.67 -25.09 1.61
N ALA N 221 34.06 -24.22 0.80
CA ALA N 221 32.67 -23.83 1.04
C ALA N 221 31.70 -24.94 0.68
N HIS N 222 31.89 -25.58 -0.46
CA HIS N 222 31.02 -26.65 -0.91
C HIS N 222 31.85 -27.87 -1.26
N PRO N 223 31.29 -29.08 -1.12
CA PRO N 223 32.06 -30.29 -1.43
C PRO N 223 32.41 -30.40 -2.91
N ALA N 224 33.53 -31.06 -3.17
CA ALA N 224 34.05 -31.15 -4.54
C ALA N 224 33.24 -32.13 -5.38
N LYS N 225 33.09 -31.80 -6.64
CA LYS N 225 32.57 -32.73 -7.64
C LYS N 225 33.75 -33.51 -8.22
N ASP N 226 33.44 -34.52 -9.02
CA ASP N 226 34.46 -35.32 -9.68
C ASP N 226 34.39 -35.11 -11.19
N ILE N 227 35.54 -34.82 -11.79
CA ILE N 227 35.66 -34.50 -13.21
C ILE N 227 36.32 -35.69 -13.89
N LYS N 228 35.72 -36.16 -14.97
CA LYS N 228 36.31 -37.23 -15.78
C LYS N 228 36.93 -36.60 -17.02
N ILE N 229 38.23 -36.81 -17.20
CA ILE N 229 38.99 -36.21 -18.29
C ILE N 229 39.48 -37.35 -19.17
N THR N 230 39.04 -37.37 -20.43
CA THR N 230 39.52 -38.33 -21.41
C THR N 230 40.17 -37.57 -22.56
N GLY N 231 41.21 -38.16 -23.13
CA GLY N 231 41.90 -37.51 -24.23
C GLY N 231 43.12 -38.30 -24.65
N LEU N 232 43.95 -37.64 -25.45
CA LEU N 232 45.18 -38.21 -25.98
C LEU N 232 46.38 -37.71 -25.18
N TRP N 233 47.42 -38.53 -25.11
CA TRP N 233 48.68 -38.13 -24.50
C TRP N 233 49.83 -38.56 -25.39
N TYR N 234 50.86 -37.73 -25.45
CA TYR N 234 52.05 -38.01 -26.24
C TYR N 234 53.28 -37.68 -25.41
N GLY N 235 54.36 -38.41 -25.67
CA GLY N 235 55.62 -38.11 -25.03
C GLY N 235 56.79 -38.63 -25.84
N GLN N 236 57.81 -37.79 -26.04
CA GLN N 236 59.04 -38.29 -26.65
C GLN N 236 59.68 -39.30 -25.70
N LEU N 237 60.41 -40.26 -26.26
CA LEU N 237 60.85 -41.38 -25.45
C LEU N 237 62.31 -41.67 -25.80
N THR N 238 63.22 -41.01 -25.08
CA THR N 238 64.66 -41.14 -25.33
C THR N 238 65.44 -41.46 -24.07
N ALA O 1 59.88 34.65 17.22
CA ALA O 1 61.17 34.07 16.86
C ALA O 1 62.17 35.16 16.45
N TYR O 2 63.45 34.81 16.45
CA TYR O 2 64.48 35.75 16.05
C TYR O 2 64.42 36.02 14.56
N GLY O 3 64.75 37.26 14.18
CA GLY O 3 64.66 37.69 12.80
C GLY O 3 65.98 37.58 12.08
N GLU O 4 65.97 36.88 10.95
CA GLU O 4 67.16 36.71 10.12
C GLU O 4 66.74 36.61 8.66
N GLY O 5 67.62 37.08 7.78
CA GLY O 5 67.28 37.23 6.38
C GLY O 5 67.12 35.91 5.65
N ALA O 6 66.27 35.94 4.62
CA ALA O 6 65.97 34.74 3.86
C ALA O 6 67.20 34.29 3.06
N ASN O 7 67.25 32.99 2.79
CA ASN O 7 68.39 32.39 2.08
C ASN O 7 68.24 32.58 0.57
N VAL O 8 68.29 33.84 0.15
CA VAL O 8 68.22 34.20 -1.26
C VAL O 8 69.65 34.33 -1.78
N PHE O 9 69.99 33.52 -2.78
CA PHE O 9 71.33 33.44 -3.36
C PHE O 9 72.37 33.13 -2.29
N GLY O 10 72.16 32.03 -1.56
CA GLY O 10 73.04 31.68 -0.47
C GLY O 10 73.44 30.22 -0.41
N ARG O 11 73.50 29.57 -1.58
CA ARG O 11 73.95 28.19 -1.76
C ARG O 11 73.10 27.17 -0.99
N VAL O 12 73.52 25.91 -1.03
CA VAL O 12 72.80 24.82 -0.37
C VAL O 12 73.76 24.14 0.60
N THR O 13 73.23 23.77 1.78
CA THR O 13 74.04 23.19 2.84
C THR O 13 73.90 21.69 2.97
N ASN O 14 73.11 21.04 2.13
CA ASN O 14 72.94 19.58 2.23
C ASN O 14 72.57 19.02 0.86
N LYS O 15 73.42 18.14 0.34
CA LYS O 15 73.17 17.49 -0.94
C LYS O 15 73.49 16.00 -0.93
N SER O 16 74.17 15.48 0.09
CA SER O 16 74.59 14.08 0.09
C SER O 16 73.41 13.14 0.32
N GLY O 17 72.35 13.60 0.98
CA GLY O 17 71.21 12.75 1.26
C GLY O 17 71.33 11.90 2.50
N PHE O 18 72.34 12.13 3.34
CA PHE O 18 72.53 11.40 4.57
C PHE O 18 72.76 12.36 5.72
N VAL O 19 72.26 12.01 6.89
CA VAL O 19 72.44 12.84 8.09
C VAL O 19 73.15 12.01 9.16
N PRO O 20 74.09 12.60 9.89
CA PRO O 20 74.82 11.82 10.91
C PRO O 20 74.00 11.64 12.18
N TYR O 21 74.06 10.42 12.72
CA TYR O 21 73.41 10.09 13.98
C TYR O 21 74.42 9.41 14.89
N ALA O 22 74.44 9.82 16.15
CA ALA O 22 75.31 9.26 17.17
C ALA O 22 74.46 8.70 18.30
N GLY O 23 74.58 7.41 18.55
CA GLY O 23 73.78 6.77 19.59
C GLY O 23 74.62 6.26 20.75
N ASP O 24 74.16 5.19 21.39
CA ASP O 24 74.86 4.60 22.52
C ASP O 24 76.02 3.77 22.00
N SER O 25 77.21 4.37 21.97
CA SER O 25 78.46 3.75 21.52
C SER O 25 78.39 3.27 20.08
N PHE O 26 77.59 3.93 19.24
CA PHE O 26 77.54 3.64 17.82
C PHE O 26 77.08 4.88 17.07
N ALA O 27 77.54 5.00 15.83
CA ALA O 27 77.18 6.13 14.98
C ALA O 27 76.99 5.62 13.56
N LEU O 28 76.14 6.32 12.81
CA LEU O 28 75.81 5.92 11.45
C LEU O 28 75.28 7.12 10.68
N LEU O 29 74.92 6.88 9.42
CA LEU O 29 74.34 7.90 8.55
C LEU O 29 72.93 7.49 8.17
N LEU O 30 71.94 8.16 8.75
CA LEU O 30 70.56 7.94 8.39
C LEU O 30 70.28 8.50 7.00
N PRO O 31 69.35 7.89 6.26
CA PRO O 31 68.86 8.54 5.03
C PRO O 31 68.12 9.82 5.39
N SER O 32 68.35 10.86 4.59
CA SER O 32 67.77 12.16 4.90
C SER O 32 66.26 12.18 4.70
N LYS O 33 65.75 11.42 3.72
CA LYS O 33 64.33 11.42 3.42
C LYS O 33 63.50 10.64 4.42
N TRP O 34 64.12 9.95 5.36
CA TRP O 34 63.40 9.06 6.27
C TRP O 34 63.05 9.78 7.57
N ASN O 35 62.08 9.24 8.28
CA ASN O 35 61.53 9.81 9.49
C ASN O 35 61.57 8.81 10.63
N PRO O 36 61.72 9.26 11.88
CA PRO O 36 61.77 8.32 13.01
C PRO O 36 60.38 7.79 13.35
N SER O 37 60.31 6.49 13.61
CA SER O 37 59.06 5.83 13.96
C SER O 37 59.23 5.06 15.26
N ASP O 38 58.29 5.26 16.17
CA ASP O 38 58.28 4.60 17.47
C ASP O 38 57.48 3.30 17.35
N GLU O 39 58.03 2.37 16.57
CA GLU O 39 57.41 1.09 16.27
C GLU O 39 58.42 -0.01 16.56
N LYS O 40 58.48 -0.46 17.81
CA LYS O 40 59.44 -1.48 18.19
C LYS O 40 58.86 -2.86 17.88
N GLU O 41 59.49 -3.57 16.93
CA GLU O 41 58.99 -4.85 16.47
C GLU O 41 59.56 -6.04 17.24
N VAL O 42 60.85 -5.98 17.60
CA VAL O 42 61.51 -7.09 18.28
C VAL O 42 62.14 -6.68 19.61
N ASP O 43 61.53 -5.72 20.34
CA ASP O 43 61.83 -5.38 21.73
C ASP O 43 63.09 -4.55 21.91
N SER O 44 64.26 -5.17 21.71
CA SER O 44 65.54 -4.55 22.06
C SER O 44 65.97 -3.44 21.10
N ILE O 45 65.09 -2.96 20.22
CA ILE O 45 65.40 -1.88 19.30
C ILE O 45 65.67 -0.59 20.07
N VAL O 46 66.79 0.06 19.79
CA VAL O 46 67.13 1.35 20.38
C VAL O 46 67.01 2.49 19.39
N LEU O 47 66.77 2.20 18.11
CA LEU O 47 66.68 3.22 17.08
C LEU O 47 65.98 2.63 15.87
N ARG O 48 64.93 3.29 15.39
CA ARG O 48 64.25 2.85 14.18
C ARG O 48 63.85 4.05 13.34
N TYR O 49 64.07 3.93 12.03
CA TYR O 49 63.73 4.94 11.05
C TYR O 49 63.05 4.27 9.86
N ALA O 50 62.05 4.95 9.31
CA ALA O 50 61.30 4.40 8.18
C ALA O 50 61.13 5.48 7.13
N ASP O 51 61.01 5.05 5.88
CA ASP O 51 60.82 5.99 4.78
C ASP O 51 59.46 6.66 4.88
N ASN O 52 59.42 7.93 4.49
CA ASN O 52 58.15 8.66 4.44
C ASN O 52 57.23 8.10 3.35
N PHE O 53 57.81 7.48 2.33
CA PHE O 53 57.01 6.87 1.26
C PHE O 53 56.32 5.61 1.76
N ASP O 54 57.09 4.62 2.21
CA ASP O 54 56.52 3.38 2.71
C ASP O 54 57.32 2.90 3.92
N ALA O 55 56.65 2.20 4.83
CA ALA O 55 57.32 1.67 6.01
C ALA O 55 58.09 0.40 5.74
N VAL O 56 57.98 -0.16 4.53
CA VAL O 56 58.81 -1.31 4.16
C VAL O 56 60.28 -0.91 4.14
N ASN O 57 60.60 0.26 3.60
CA ASN O 57 61.96 0.78 3.60
C ASN O 57 62.24 1.31 5.00
N ASN O 58 62.65 0.42 5.90
CA ASN O 58 62.90 0.78 7.28
C ASN O 58 64.24 0.21 7.74
N VAL O 59 64.81 0.86 8.76
CA VAL O 59 66.07 0.45 9.34
C VAL O 59 65.92 0.46 10.86
N TYR O 60 66.43 -0.58 11.53
CA TYR O 60 66.49 -0.58 12.98
C TYR O 60 67.73 -1.35 13.43
N VAL O 61 68.22 -0.97 14.61
CA VAL O 61 69.43 -1.55 15.18
C VAL O 61 69.10 -2.10 16.56
N ILE O 62 69.68 -3.26 16.88
CA ILE O 62 69.41 -3.98 18.11
C ILE O 62 70.58 -3.76 19.07
N ALA O 63 70.27 -3.47 20.33
CA ALA O 63 71.26 -3.44 21.40
C ALA O 63 70.87 -4.52 22.39
N GLN O 64 71.30 -5.75 22.12
CA GLN O 64 70.94 -6.92 22.91
C GLN O 64 72.14 -7.33 23.75
N ASP O 65 71.92 -7.50 25.06
CA ASP O 65 73.00 -7.83 25.98
C ASP O 65 73.22 -9.35 25.97
N THR O 66 74.21 -9.79 25.21
CA THR O 66 74.60 -11.19 25.14
C THR O 66 76.05 -11.34 25.57
N ASP O 67 76.36 -12.44 26.26
CA ASP O 67 77.69 -12.66 26.85
C ASP O 67 78.40 -13.83 26.17
N LYS O 68 79.02 -13.54 25.02
CA LYS O 68 80.00 -14.41 24.37
C LYS O 68 80.91 -13.58 23.45
N SER O 69 82.06 -13.18 24.03
CA SER O 69 83.12 -12.30 23.55
C SER O 69 82.91 -11.54 22.23
N SER O 70 83.38 -12.11 21.12
CA SER O 70 83.38 -11.45 19.82
C SER O 70 82.56 -12.27 18.83
N ILE O 71 82.16 -11.63 17.73
CA ILE O 71 81.28 -12.27 16.77
C ILE O 71 81.94 -13.47 16.09
N GLN O 72 83.28 -13.49 16.00
CA GLN O 72 83.95 -14.68 15.50
C GLN O 72 83.73 -15.86 16.44
N ASP O 73 83.74 -15.60 17.75
CA ASP O 73 83.35 -16.61 18.74
C ASP O 73 81.89 -16.99 18.64
N TYR O 74 81.09 -16.34 17.80
CA TYR O 74 79.74 -16.80 17.53
C TYR O 74 79.74 -18.01 16.61
N GLY O 75 80.82 -18.23 15.86
CA GLY O 75 80.87 -19.22 14.81
C GLY O 75 80.99 -18.56 13.44
N SER O 76 80.46 -19.23 12.43
CA SER O 76 80.46 -18.73 11.07
C SER O 76 79.34 -17.72 10.87
N PRO O 77 79.46 -16.83 9.87
CA PRO O 77 78.37 -15.87 9.60
C PRO O 77 77.02 -16.51 9.28
N GLU O 78 77.00 -17.64 8.58
CA GLU O 78 75.71 -18.30 8.32
C GLU O 78 75.15 -18.90 9.59
N GLU O 79 76.02 -19.39 10.48
CA GLU O 79 75.58 -19.85 11.79
C GLU O 79 75.08 -18.68 12.64
N PHE O 80 75.63 -17.49 12.41
CA PHE O 80 75.05 -16.29 13.02
C PHE O 80 73.63 -16.09 12.53
N ILE O 81 73.42 -16.23 11.22
CA ILE O 81 72.08 -16.03 10.64
C ILE O 81 71.10 -17.04 11.24
N SER O 82 71.56 -18.26 11.48
CA SER O 82 70.74 -19.34 12.02
C SER O 82 70.02 -18.98 13.32
N GLN O 83 70.69 -18.26 14.22
CA GLN O 83 70.06 -17.85 15.48
C GLN O 83 68.97 -16.82 15.26
N PHE O 84 69.16 -15.90 14.32
CA PHE O 84 68.23 -14.81 14.09
C PHE O 84 67.17 -15.14 13.04
N GLY O 85 66.86 -16.42 12.84
CA GLY O 85 65.81 -16.81 11.92
C GLY O 85 64.43 -16.34 12.34
N TYR O 86 64.24 -16.09 13.64
CA TYR O 86 63.00 -15.50 14.12
C TYR O 86 62.90 -14.01 13.78
N LEU O 87 64.02 -13.38 13.43
CA LEU O 87 64.03 -11.94 13.18
C LEU O 87 63.29 -11.58 11.90
N LEU O 88 63.30 -12.48 10.91
CA LEU O 88 62.67 -12.21 9.61
C LEU O 88 61.21 -12.65 9.62
N GLY O 89 60.45 -12.10 10.56
CA GLY O 89 59.04 -12.38 10.70
C GLY O 89 58.77 -13.83 11.08
N ARG O 90 57.52 -14.24 10.87
CA ARG O 90 57.08 -15.61 11.11
C ARG O 90 55.73 -15.81 10.44
N GLN O 91 55.55 -16.97 9.84
CA GLN O 91 54.29 -17.31 9.20
C GLN O 91 53.25 -17.67 10.25
N ALA O 92 52.19 -16.87 10.35
CA ALA O 92 51.10 -17.12 11.29
C ALA O 92 50.03 -18.03 10.71
N TRP O 93 50.15 -18.43 9.45
CA TRP O 93 49.19 -19.31 8.80
C TRP O 93 49.74 -20.74 8.87
N ALA O 94 49.03 -21.62 9.56
CA ALA O 94 49.46 -22.99 9.78
C ALA O 94 48.50 -23.99 9.16
N GLY O 95 47.97 -23.66 7.99
CA GLY O 95 47.08 -24.54 7.27
C GLY O 95 47.80 -25.31 6.18
N GLN O 96 47.18 -26.38 5.72
CA GLN O 96 47.77 -27.21 4.68
C GLN O 96 47.53 -26.58 3.31
N THR O 97 48.64 -26.31 2.60
CA THR O 97 48.53 -25.80 1.23
C THR O 97 49.83 -26.07 0.46
N VAL O 98 49.76 -27.00 -0.48
CA VAL O 98 50.74 -27.03 -1.57
C VAL O 98 50.14 -26.31 -2.78
N SER O 99 50.13 -24.98 -2.72
CA SER O 99 49.54 -24.22 -3.83
C SER O 99 50.26 -22.90 -4.09
N GLU O 100 51.44 -22.68 -3.52
CA GLU O 100 52.09 -21.38 -3.63
C GLU O 100 53.02 -21.30 -4.85
N GLY O 101 53.88 -22.29 -5.03
CA GLY O 101 54.75 -22.31 -6.18
C GLY O 101 56.03 -21.52 -5.95
N GLY O 102 57.17 -22.17 -6.10
CA GLY O 102 58.44 -21.55 -5.73
C GLY O 102 58.71 -21.57 -4.24
N PHE O 103 57.83 -22.17 -3.46
CA PHE O 103 57.98 -22.30 -2.02
C PHE O 103 57.76 -23.76 -1.64
N ASP O 104 58.38 -24.17 -0.55
CA ASP O 104 58.30 -25.57 -0.13
C ASP O 104 56.89 -25.89 0.38
N ALA O 105 56.68 -27.17 0.65
CA ALA O 105 55.38 -27.66 1.10
C ALA O 105 54.98 -27.02 2.42
N ASN O 106 53.73 -26.56 2.48
CA ASN O 106 53.11 -25.98 3.67
C ASN O 106 53.81 -24.71 4.12
N LYS O 107 54.37 -23.95 3.19
CA LYS O 107 55.10 -22.73 3.51
C LYS O 107 54.58 -21.58 2.66
N VAL O 108 54.70 -20.37 3.21
CA VAL O 108 54.18 -19.17 2.57
C VAL O 108 55.32 -18.20 2.32
N SER O 109 56.38 -18.31 3.12
CA SER O 109 57.50 -17.39 2.99
C SER O 109 58.80 -18.19 2.90
N SER O 110 59.79 -17.58 2.24
CA SER O 110 61.10 -18.18 2.10
C SER O 110 62.15 -17.08 2.23
N ALA O 111 63.36 -17.49 2.60
CA ALA O 111 64.48 -16.57 2.75
C ALA O 111 65.69 -17.16 2.06
N ALA O 112 66.31 -16.40 1.17
CA ALA O 112 67.44 -16.86 0.38
C ALA O 112 68.66 -16.01 0.71
N LEU O 113 69.77 -16.67 1.03
CA LEU O 113 71.02 -15.98 1.34
C LEU O 113 71.70 -15.57 0.03
N LEU O 114 72.07 -14.30 -0.10
CA LEU O 114 72.75 -13.82 -1.29
C LEU O 114 74.21 -13.48 -1.03
N GLY O 115 74.63 -13.40 0.23
CA GLY O 115 76.02 -13.13 0.52
C GLY O 115 76.33 -12.86 1.98
N VAL O 116 77.45 -13.42 2.46
CA VAL O 116 77.94 -13.16 3.80
C VAL O 116 79.36 -12.60 3.67
N ALA O 117 79.79 -11.89 4.70
CA ALA O 117 81.10 -11.24 4.69
C ALA O 117 81.54 -11.02 6.13
N THR O 118 82.78 -10.56 6.29
CA THR O 118 83.37 -10.26 7.59
C THR O 118 84.10 -8.93 7.53
N GLU O 119 83.42 -7.90 7.02
CA GLU O 119 84.05 -6.59 6.80
C GLU O 119 84.52 -5.98 8.10
N LYS O 120 85.72 -5.42 8.07
CA LYS O 120 86.34 -4.73 9.19
C LYS O 120 86.30 -3.23 8.94
N ASP O 121 86.97 -2.48 9.81
CA ASP O 121 87.03 -1.03 9.70
C ASP O 121 88.46 -0.59 10.01
N LYS O 122 88.64 0.71 10.26
CA LYS O 122 89.97 1.24 10.55
C LYS O 122 90.52 0.70 11.86
N LYS O 123 89.66 0.53 12.86
CA LYS O 123 90.04 0.04 14.18
C LYS O 123 90.28 -1.46 14.21
N GLY O 124 89.87 -2.17 13.16
CA GLY O 124 89.96 -3.62 13.17
C GLY O 124 88.77 -4.30 13.78
N LYS O 125 87.70 -3.55 14.07
CA LYS O 125 86.47 -4.13 14.60
C LYS O 125 85.81 -4.98 13.52
N THR O 126 85.39 -6.18 13.89
CA THR O 126 84.78 -7.11 12.95
C THR O 126 83.29 -6.87 12.85
N TYR O 127 82.76 -6.87 11.63
CA TYR O 127 81.34 -6.64 11.35
C TYR O 127 80.84 -7.72 10.39
N TYR O 128 80.05 -8.67 10.88
CA TYR O 128 79.33 -9.56 9.98
C TYR O 128 78.30 -8.84 9.12
N LYS O 129 78.42 -9.01 7.81
CA LYS O 129 77.48 -8.45 6.85
C LYS O 129 76.71 -9.57 6.17
N PHE O 130 75.41 -9.37 6.01
CA PHE O 130 74.53 -10.36 5.40
C PHE O 130 73.58 -9.68 4.44
N GLU O 131 73.29 -10.38 3.34
CA GLU O 131 72.30 -9.94 2.37
C GLU O 131 71.31 -11.08 2.20
N ILE O 132 70.04 -10.80 2.47
CA ILE O 132 69.00 -11.81 2.41
C ILE O 132 67.90 -11.29 1.49
N LEU O 133 67.34 -12.18 0.67
CA LEU O 133 66.18 -11.88 -0.16
C LEU O 133 65.04 -12.71 0.40
N SER O 134 64.08 -12.05 1.04
CA SER O 134 62.93 -12.72 1.62
C SER O 134 61.76 -12.61 0.66
N ARG O 135 61.30 -13.75 0.16
CA ARG O 135 60.17 -13.81 -0.76
C ARG O 135 58.94 -14.34 -0.04
N THR O 136 57.78 -13.90 -0.50
CA THR O 136 56.50 -14.23 0.11
C THR O 136 55.58 -14.75 -0.97
N ALA O 137 54.64 -15.63 -0.59
CA ALA O 137 53.76 -16.30 -1.56
C ALA O 137 52.92 -15.31 -2.35
N ASP O 138 52.62 -14.14 -1.79
CA ASP O 138 51.91 -13.12 -2.55
C ASP O 138 52.81 -12.44 -3.57
N GLY O 139 54.12 -12.44 -3.32
CA GLY O 139 55.07 -11.72 -4.13
C GLY O 139 55.22 -10.26 -3.75
N ASN O 140 54.90 -9.88 -2.51
CA ASN O 140 54.79 -8.50 -2.06
C ASN O 140 56.03 -7.65 -2.32
N GLU O 141 55.87 -6.65 -3.18
CA GLU O 141 56.93 -5.73 -3.59
C GLU O 141 58.14 -6.49 -4.14
N GLY O 142 57.90 -7.64 -4.76
CA GLY O 142 58.97 -8.43 -5.34
C GLY O 142 59.91 -9.05 -4.34
N GLY O 143 59.50 -9.17 -3.09
CA GLY O 143 60.37 -9.60 -2.02
C GLY O 143 60.92 -8.42 -1.26
N ARG O 144 61.79 -8.73 -0.30
CA ARG O 144 62.37 -7.72 0.57
C ARG O 144 63.84 -8.03 0.79
N HIS O 145 64.69 -7.01 0.64
CA HIS O 145 66.11 -7.17 0.89
C HIS O 145 66.40 -6.84 2.35
N GLN O 146 67.00 -7.80 3.06
CA GLN O 146 67.28 -7.69 4.49
C GLN O 146 68.79 -7.58 4.68
N LEU O 147 69.29 -6.35 4.65
CA LEU O 147 70.70 -6.10 4.79
C LEU O 147 71.03 -5.97 6.28
N VAL O 148 71.90 -6.84 6.78
CA VAL O 148 72.17 -6.90 8.22
C VAL O 148 73.67 -6.77 8.46
N LYS O 149 74.06 -5.71 9.17
CA LYS O 149 75.43 -5.54 9.63
C LYS O 149 75.41 -5.65 11.15
N ALA O 150 76.20 -6.58 11.69
CA ALA O 150 76.13 -6.90 13.10
C ALA O 150 77.51 -7.08 13.70
N THR O 151 77.62 -6.73 14.98
CA THR O 151 78.88 -6.80 15.71
C THR O 151 78.59 -6.79 17.20
N VAL O 152 79.62 -7.08 18.00
CA VAL O 152 79.53 -7.02 19.46
C VAL O 152 80.82 -6.37 19.97
N SER O 153 80.69 -5.26 20.70
CA SER O 153 81.87 -4.57 21.22
C SER O 153 82.08 -4.83 22.71
N ASN O 154 81.13 -4.39 23.52
CA ASN O 154 81.04 -4.70 24.93
C ASN O 154 80.12 -5.91 25.06
N GLY O 155 79.58 -6.16 26.24
CA GLY O 155 78.62 -7.24 26.38
C GLY O 155 77.26 -7.00 25.75
N LYS O 156 77.18 -6.10 24.77
CA LYS O 156 75.96 -5.79 24.03
C LYS O 156 76.15 -6.12 22.56
N LEU O 157 75.16 -6.79 21.97
CA LEU O 157 75.18 -7.12 20.55
C LEU O 157 74.57 -5.96 19.77
N TYR O 158 75.28 -5.50 18.75
CA TYR O 158 74.80 -4.43 17.88
C TYR O 158 74.51 -5.04 16.51
N LEU O 159 73.24 -5.01 16.10
CA LEU O 159 72.78 -5.62 14.86
C LEU O 159 71.98 -4.61 14.05
N LEU O 160 72.60 -3.99 13.06
CA LEU O 160 71.86 -3.19 12.10
C LEU O 160 71.03 -4.10 11.21
N LYS O 161 69.83 -3.63 10.83
CA LYS O 161 68.97 -4.39 9.94
C LYS O 161 68.25 -3.40 9.03
N VAL O 162 68.73 -3.27 7.79
CA VAL O 162 68.11 -2.42 6.80
C VAL O 162 67.19 -3.28 5.95
N GLN O 163 65.90 -2.95 5.93
CA GLN O 163 64.91 -3.67 5.15
C GLN O 163 64.47 -2.78 3.99
N ALA O 164 64.57 -3.32 2.78
CA ALA O 164 64.18 -2.59 1.58
C ALA O 164 63.44 -3.53 0.63
N GLY O 165 62.31 -3.06 0.12
CA GLY O 165 61.57 -3.84 -0.85
C GLY O 165 62.24 -3.87 -2.20
N ASP O 166 61.94 -4.91 -2.97
CA ASP O 166 62.54 -5.05 -4.29
C ASP O 166 61.98 -4.02 -5.26
N LYS O 167 60.71 -3.63 -5.10
CA LYS O 167 60.09 -2.64 -5.97
C LYS O 167 60.76 -1.27 -5.87
N ARG O 168 61.48 -1.00 -4.77
CA ARG O 168 62.27 0.20 -4.64
C ARG O 168 63.77 -0.04 -4.83
N TRP O 169 64.21 -1.31 -4.80
CA TRP O 169 65.63 -1.62 -4.87
C TRP O 169 66.23 -1.24 -6.22
N PHE O 170 65.58 -1.62 -7.31
CA PHE O 170 66.05 -1.23 -8.64
C PHE O 170 65.45 0.10 -9.09
N LYS O 171 64.95 0.91 -8.16
CA LYS O 171 64.44 2.24 -8.47
C LYS O 171 65.27 3.34 -7.83
N GLY O 172 66.45 3.02 -7.30
CA GLY O 172 67.35 3.99 -6.74
C GLY O 172 67.55 3.97 -5.23
N THR O 173 67.23 2.86 -4.56
CA THR O 173 67.36 2.77 -3.11
C THR O 173 68.54 1.88 -2.70
N ASP O 174 69.08 1.09 -3.63
CA ASP O 174 70.20 0.19 -3.31
C ASP O 174 71.45 0.96 -2.87
N LYS O 175 71.75 2.07 -3.53
CA LYS O 175 72.91 2.87 -3.14
C LYS O 175 72.71 3.51 -1.78
N GLU O 176 71.50 3.96 -1.47
CA GLU O 176 71.21 4.52 -0.16
C GLU O 176 71.35 3.46 0.94
N CYS O 177 70.84 2.26 0.69
CA CYS O 177 70.96 1.17 1.66
C CYS O 177 72.42 0.76 1.87
N LEU O 178 73.19 0.69 0.79
CA LEU O 178 74.61 0.38 0.91
C LEU O 178 75.37 1.48 1.65
N GLY O 179 74.96 2.74 1.44
CA GLY O 179 75.55 3.83 2.20
C GLY O 179 75.27 3.70 3.68
N VAL O 180 74.04 3.32 4.04
CA VAL O 180 73.71 3.11 5.45
C VAL O 180 74.55 1.97 6.02
N LEU O 181 74.72 0.88 5.25
CA LEU O 181 75.51 -0.24 5.74
C LEU O 181 76.97 0.14 5.98
N ASP O 182 77.63 0.73 4.98
CA ASP O 182 79.05 1.02 5.17
C ASP O 182 79.29 2.29 5.99
N SER O 183 78.23 3.02 6.35
CA SER O 183 78.35 4.11 7.28
C SER O 183 78.09 3.69 8.73
N PHE O 184 77.35 2.59 8.94
CA PHE O 184 77.13 2.12 10.29
C PHE O 184 78.42 1.55 10.89
N THR O 185 78.76 2.03 12.09
CA THR O 185 79.94 1.56 12.78
C THR O 185 79.71 1.70 14.29
N VAL O 186 80.47 0.93 15.05
CA VAL O 186 80.36 0.91 16.51
C VAL O 186 81.71 1.35 17.08
N VAL O 187 81.69 2.42 17.86
CA VAL O 187 82.90 2.94 18.48
C VAL O 187 82.66 3.13 19.98
N MET P 1 9.90 -10.04 -5.13
CA MET P 1 10.80 -10.02 -6.27
C MET P 1 11.83 -8.92 -6.10
N GLU P 2 13.01 -9.10 -6.71
CA GLU P 2 14.02 -8.06 -6.71
C GLU P 2 14.31 -7.54 -8.11
N ALA P 3 14.69 -8.41 -9.05
CA ALA P 3 15.01 -7.97 -10.39
C ALA P 3 13.78 -7.60 -11.20
N LEU P 4 12.62 -8.16 -10.86
CA LEU P 4 11.40 -7.85 -11.59
C LEU P 4 10.99 -6.40 -11.41
N VAL P 5 11.16 -5.85 -10.20
CA VAL P 5 10.83 -4.45 -9.96
C VAL P 5 11.75 -3.54 -10.75
N TYR P 6 13.05 -3.85 -10.78
CA TYR P 6 13.99 -3.05 -11.55
C TYR P 6 13.67 -3.10 -13.04
N THR P 7 13.36 -4.29 -13.56
CA THR P 7 12.98 -4.41 -14.97
C THR P 7 11.71 -3.64 -15.27
N PHE P 8 10.72 -3.71 -14.37
CA PHE P 8 9.47 -2.97 -14.55
C PHE P 8 9.71 -1.48 -14.60
N LEU P 9 10.53 -0.97 -13.68
CA LEU P 9 10.81 0.47 -13.64
C LEU P 9 11.58 0.92 -14.87
N LEU P 10 12.56 0.12 -15.31
CA LEU P 10 13.33 0.48 -16.49
C LEU P 10 12.47 0.49 -17.76
N ILE P 11 11.61 -0.53 -17.93
CA ILE P 11 10.78 -0.55 -19.13
C ILE P 11 9.68 0.49 -19.04
N GLY P 12 9.25 0.87 -17.83
CA GLY P 12 8.31 1.97 -17.70
C GLY P 12 8.93 3.29 -18.11
N THR P 13 10.19 3.53 -17.72
CA THR P 13 10.89 4.73 -18.15
C THR P 13 11.09 4.73 -19.66
N LEU P 14 11.43 3.57 -20.24
CA LEU P 14 11.59 3.48 -21.69
C LEU P 14 10.27 3.73 -22.42
N GLY P 15 9.17 3.21 -21.88
CA GLY P 15 7.87 3.48 -22.48
C GLY P 15 7.48 4.94 -22.39
N ILE P 16 7.84 5.59 -21.28
CA ILE P 16 7.56 7.01 -21.12
C ILE P 16 8.34 7.83 -22.14
N ILE P 17 9.63 7.51 -22.33
CA ILE P 17 10.41 8.29 -23.31
C ILE P 17 9.96 7.98 -24.74
N PHE P 18 9.51 6.74 -25.01
CA PHE P 18 8.97 6.42 -26.32
C PHE P 18 7.71 7.21 -26.63
N PHE P 19 6.80 7.30 -25.64
CA PHE P 19 5.58 8.08 -25.80
C PHE P 19 5.90 9.56 -25.95
N SER P 20 6.91 10.04 -25.22
CA SER P 20 7.31 11.44 -25.34
C SER P 20 7.87 11.74 -26.73
N ILE P 21 8.62 10.80 -27.30
CA ILE P 21 9.17 11.00 -28.64
C ILE P 21 8.07 10.99 -29.69
N PHE P 22 7.20 9.99 -29.65
CA PHE P 22 6.29 9.75 -30.78
C PHE P 22 4.91 10.38 -30.60
N PHE P 23 4.29 10.22 -29.43
CA PHE P 23 2.93 10.69 -29.21
C PHE P 23 2.89 11.98 -28.40
N ARG P 24 3.84 12.88 -28.64
CA ARG P 24 3.86 14.16 -27.97
C ARG P 24 2.79 15.08 -28.53
N GLU P 25 2.56 16.19 -27.85
CA GLU P 25 1.74 17.25 -28.40
C GLU P 25 2.47 17.89 -29.58
N PRO P 26 1.76 18.27 -30.63
CA PRO P 26 2.41 18.94 -31.78
C PRO P 26 2.97 20.29 -31.37
N PRO P 27 4.19 20.61 -31.78
CA PRO P 27 4.81 21.87 -31.36
C PRO P 27 4.16 23.10 -31.97
N ARG P 28 3.46 23.87 -31.14
CA ARG P 28 2.87 25.14 -31.54
C ARG P 28 3.79 26.29 -31.11
N ILE P 29 3.48 27.49 -31.63
CA ILE P 29 4.25 28.73 -31.58
C ILE P 29 5.76 28.47 -31.59
N ALA P 30 6.32 28.45 -32.81
CA ALA P 30 7.74 28.19 -33.06
C ALA P 30 8.21 26.85 -32.48
N LEU Q 1 41.16 -31.94 -28.30
CA LEU Q 1 40.30 -30.76 -28.36
C LEU Q 1 38.87 -31.12 -28.00
N VAL Q 2 38.32 -30.40 -27.02
CA VAL Q 2 36.98 -30.68 -26.52
C VAL Q 2 35.90 -29.91 -27.27
N ASP Q 3 36.27 -28.96 -28.13
CA ASP Q 3 35.30 -28.15 -28.82
C ASP Q 3 35.88 -27.69 -30.15
N ASP Q 4 35.00 -27.23 -31.03
CA ASP Q 4 35.37 -26.82 -32.38
C ASP Q 4 35.31 -25.30 -32.51
N ARG Q 5 36.37 -24.71 -33.06
CA ARG Q 5 36.46 -23.29 -33.32
C ARG Q 5 36.98 -23.09 -34.74
N MET Q 6 36.68 -21.92 -35.31
CA MET Q 6 37.27 -21.61 -36.61
C MET Q 6 38.74 -21.25 -36.49
N ASN Q 7 39.14 -20.67 -35.35
CA ASN Q 7 40.52 -20.26 -35.06
C ASN Q 7 41.05 -19.28 -36.11
N GLY Q 8 40.17 -18.46 -36.68
CA GLY Q 8 40.55 -17.52 -37.71
C GLY Q 8 41.09 -16.21 -37.20
N ASP Q 9 41.12 -16.00 -35.89
CA ASP Q 9 41.62 -14.76 -35.34
C ASP Q 9 43.14 -14.71 -35.46
N GLY Q 10 43.66 -13.49 -35.66
CA GLY Q 10 45.08 -13.37 -35.91
C GLY Q 10 45.40 -13.78 -37.34
N THR Q 11 46.69 -14.09 -37.56
CA THR Q 11 47.26 -14.58 -38.81
C THR Q 11 47.15 -13.61 -39.98
N GLY Q 12 46.64 -12.40 -39.74
CA GLY Q 12 46.54 -11.40 -40.79
C GLY Q 12 45.64 -11.76 -41.95
N LEU Q 13 44.46 -12.29 -41.67
CA LEU Q 13 43.55 -12.70 -42.74
C LEU Q 13 42.97 -11.48 -43.43
N PRO Q 14 42.99 -11.42 -44.76
CA PRO Q 14 42.49 -10.23 -45.48
C PRO Q 14 41.01 -10.01 -45.22
N PHE Q 15 40.69 -8.80 -44.75
CA PHE Q 15 39.34 -8.41 -44.35
C PHE Q 15 38.75 -9.35 -43.31
N GLY Q 16 39.58 -10.10 -42.61
CA GLY Q 16 39.12 -11.06 -41.64
C GLY Q 16 38.46 -12.30 -42.21
N VAL Q 17 38.57 -12.56 -43.51
CA VAL Q 17 37.89 -13.74 -44.05
C VAL Q 17 38.78 -14.96 -43.88
N ASN Q 18 38.16 -16.07 -43.48
CA ASN Q 18 38.85 -17.35 -43.36
C ASN Q 18 38.35 -18.38 -44.34
N ASP Q 19 37.25 -18.12 -45.03
CA ASP Q 19 36.71 -18.97 -46.08
C ASP Q 19 36.43 -18.11 -47.30
N GLY Q 20 36.41 -18.75 -48.47
CA GLY Q 20 36.12 -18.01 -49.69
C GLY Q 20 34.68 -17.53 -49.79
N ILE Q 21 33.77 -18.18 -49.05
CA ILE Q 21 32.36 -17.80 -49.11
C ILE Q 21 32.14 -16.40 -48.56
N LEU Q 22 32.95 -15.98 -47.57
CA LEU Q 22 32.81 -14.64 -47.00
C LEU Q 22 33.21 -13.57 -48.01
N GLY Q 23 34.34 -13.77 -48.70
CA GLY Q 23 34.72 -12.85 -49.74
C GLY Q 23 33.73 -12.84 -50.88
N TRP Q 24 33.16 -14.01 -51.20
CA TRP Q 24 32.17 -14.07 -52.27
C TRP Q 24 30.89 -13.34 -51.91
N VAL Q 25 30.42 -13.46 -50.66
CA VAL Q 25 29.18 -12.76 -50.31
C VAL Q 25 29.44 -11.27 -50.18
N ILE Q 26 30.64 -10.86 -49.75
CA ILE Q 26 30.98 -9.43 -49.72
C ILE Q 26 30.98 -8.86 -51.13
N ALA Q 27 31.64 -9.55 -52.06
CA ALA Q 27 31.69 -9.09 -53.45
C ALA Q 27 30.31 -9.10 -54.08
N GLY Q 28 29.50 -10.13 -53.80
CA GLY Q 28 28.16 -10.20 -54.35
C GLY Q 28 27.25 -9.10 -53.84
N THR Q 29 27.33 -8.79 -52.54
CA THR Q 29 26.51 -7.73 -51.98
C THR Q 29 26.92 -6.37 -52.53
N LEU Q 30 28.24 -6.10 -52.61
CA LEU Q 30 28.71 -4.85 -53.21
C LEU Q 30 28.30 -4.75 -54.67
N GLY Q 31 28.39 -5.86 -55.41
CA GLY Q 31 28.00 -5.84 -56.80
C GLY Q 31 26.52 -5.63 -56.99
N THR Q 32 25.69 -6.20 -56.11
CA THR Q 32 24.25 -6.00 -56.20
C THR Q 32 23.87 -4.56 -55.91
N ILE Q 33 24.47 -3.97 -54.87
CA ILE Q 33 24.16 -2.58 -54.55
C ILE Q 33 24.68 -1.65 -55.65
N TRP Q 34 25.87 -1.94 -56.18
CA TRP Q 34 26.41 -1.13 -57.27
C TRP Q 34 25.57 -1.24 -58.54
N ALA Q 35 25.08 -2.45 -58.84
CA ALA Q 35 24.23 -2.63 -60.02
C ALA Q 35 22.92 -1.88 -59.88
N ILE Q 36 22.30 -1.93 -58.68
CA ILE Q 36 21.06 -1.19 -58.45
C ILE Q 36 21.31 0.30 -58.59
N TYR Q 37 22.40 0.79 -57.99
CA TYR Q 37 22.72 2.22 -58.07
C TYR Q 37 23.02 2.65 -59.50
N PHE Q 38 23.73 1.82 -60.27
CA PHE Q 38 24.11 2.18 -61.62
C PHE Q 38 22.91 2.19 -62.56
N VAL Q 39 22.08 1.15 -62.51
CA VAL Q 39 20.90 1.13 -63.39
C VAL Q 39 19.80 2.06 -62.90
N SER Q 40 19.92 2.59 -61.68
CA SER Q 40 18.91 3.50 -61.15
C SER Q 40 19.50 4.88 -60.82
N GLN Q 41 20.61 5.25 -61.45
CA GLN Q 41 21.24 6.52 -61.17
C GLN Q 41 20.52 7.66 -61.89
N LYS Q 42 20.89 8.89 -61.53
CA LYS Q 42 20.39 10.14 -62.11
C LYS Q 42 18.86 10.26 -61.98
N ASP Q 43 18.28 9.58 -60.98
CA ASP Q 43 16.82 9.50 -60.78
C ASP Q 43 16.11 8.96 -62.02
N LEU Q 44 16.80 8.10 -62.78
CA LEU Q 44 16.32 7.55 -64.05
C LEU Q 44 15.90 8.64 -65.05
N SER R 1 33.56 37.04 38.49
CA SER R 1 34.46 38.11 38.07
C SER R 1 34.36 38.34 36.57
N VAL R 2 35.37 39.00 36.01
CA VAL R 2 35.44 39.28 34.58
C VAL R 2 36.54 38.39 34.01
N THR R 3 36.13 37.35 33.29
CA THR R 3 37.07 36.44 32.66
C THR R 3 37.80 37.16 31.53
N PRO R 4 39.08 36.83 31.30
CA PRO R 4 39.79 37.41 30.15
C PRO R 4 39.11 37.15 28.81
N SER R 5 38.44 36.01 28.65
CA SER R 5 37.66 35.77 27.43
C SER R 5 36.52 36.76 27.31
N LEU R 6 35.85 37.07 28.42
CA LEU R 6 34.77 38.06 28.39
C LEU R 6 35.31 39.45 28.09
N LYS R 7 36.45 39.81 28.69
CA LYS R 7 37.06 41.11 28.42
C LYS R 7 37.45 41.24 26.96
N ASN R 8 38.01 40.17 26.38
CA ASN R 8 38.34 40.17 24.96
C ASN R 8 37.09 40.26 24.10
N PHE R 9 36.00 39.62 24.53
CA PHE R 9 34.75 39.69 23.77
C PHE R 9 34.18 41.09 23.78
N LEU R 10 34.22 41.77 24.92
CA LEU R 10 33.74 43.15 25.00
C LEU R 10 34.63 44.08 24.18
N LEU R 11 35.94 43.85 24.20
CA LEU R 11 36.85 44.62 23.35
C LEU R 11 36.56 44.37 21.88
N SER R 12 36.17 43.14 21.54
CA SER R 12 35.80 42.83 20.15
C SER R 12 34.51 43.53 19.75
N LEU R 13 33.56 43.63 20.69
CA LEU R 13 32.35 44.40 20.41
C LEU R 13 32.67 45.87 20.14
N VAL R 14 33.57 46.43 20.96
CA VAL R 14 33.99 47.82 20.76
C VAL R 14 34.71 47.97 19.41
N ALA R 15 35.56 47.02 19.06
CA ALA R 15 36.27 47.06 17.79
C ALA R 15 35.32 46.93 16.60
N GLY R 16 34.30 46.08 16.73
CA GLY R 16 33.31 45.97 15.68
C GLY R 16 32.50 47.23 15.51
N ALA R 17 32.16 47.89 16.63
CA ALA R 17 31.48 49.18 16.56
C ALA R 17 32.37 50.23 15.89
N VAL R 18 33.67 50.21 16.19
CA VAL R 18 34.61 51.12 15.56
C VAL R 18 34.70 50.86 14.06
N VAL R 19 34.71 49.58 13.67
CA VAL R 19 34.77 49.23 12.25
C VAL R 19 33.52 49.69 11.52
N LEU R 20 32.34 49.49 12.12
CA LEU R 20 31.10 49.95 11.50
C LEU R 20 31.07 51.47 11.39
N ALA R 21 31.58 52.17 12.42
CA ALA R 21 31.65 53.63 12.36
C ALA R 21 32.60 54.08 11.26
N ALA R 22 33.73 53.38 11.08
CA ALA R 22 34.66 53.72 10.02
C ALA R 22 34.05 53.48 8.64
N ILE R 23 33.28 52.39 8.50
CA ILE R 23 32.59 52.14 7.23
C ILE R 23 31.57 53.24 6.95
N ALA R 24 30.83 53.66 7.98
CA ALA R 24 29.86 54.73 7.82
C ALA R 24 30.55 56.04 7.45
N GLY R 25 31.70 56.33 8.05
CA GLY R 25 32.46 57.51 7.68
C GLY R 25 32.96 57.47 6.24
N ALA R 26 33.45 56.29 5.82
CA ALA R 26 33.93 56.13 4.46
C ALA R 26 32.82 56.28 3.43
N VAL R 27 31.62 55.80 3.74
CA VAL R 27 30.52 55.94 2.79
C VAL R 27 29.86 57.31 2.86
N THR R 28 29.98 58.03 3.98
CA THR R 28 29.54 59.42 3.99
C THR R 28 30.55 60.32 3.30
N ALA R 29 31.80 59.89 3.20
CA ALA R 29 32.80 60.59 2.40
C ALA R 29 32.62 60.22 0.94
N VAL R 30 33.60 60.58 0.11
CA VAL R 30 33.60 60.35 -1.35
C VAL R 30 32.36 60.94 -2.02
N MET S 1 92.73 27.11 -36.96
CA MET S 1 91.82 27.16 -38.09
C MET S 1 90.38 27.31 -37.61
N THR S 2 90.11 26.80 -36.41
CA THR S 2 88.78 26.91 -35.83
C THR S 2 88.45 28.33 -35.40
N SER S 3 89.46 29.18 -35.17
CA SER S 3 89.20 30.57 -34.83
C SER S 3 88.57 31.32 -35.99
N ILE S 4 89.06 31.08 -37.21
CA ILE S 4 88.47 31.69 -38.40
C ILE S 4 87.05 31.20 -38.59
N LEU S 5 86.80 29.92 -38.30
CA LEU S 5 85.45 29.38 -38.36
C LEU S 5 84.53 30.06 -37.38
N GLN S 6 85.01 30.29 -36.15
CA GLN S 6 84.18 30.94 -35.14
C GLN S 6 83.88 32.38 -35.50
N ILE S 7 84.87 33.10 -36.05
CA ILE S 7 84.63 34.48 -36.48
C ILE S 7 83.63 34.51 -37.64
N ALA S 8 83.77 33.57 -38.59
CA ALA S 8 82.84 33.51 -39.71
C ALA S 8 81.43 33.16 -39.24
N LEU S 9 81.30 32.26 -38.27
CA LEU S 9 79.99 31.92 -37.75
C LEU S 9 79.36 33.07 -36.99
N LEU S 10 80.16 33.81 -36.22
CA LEU S 10 79.65 34.99 -35.53
C LEU S 10 79.19 36.06 -36.52
N GLY S 11 79.98 36.27 -37.58
CA GLY S 11 79.56 37.19 -38.61
C GLY S 11 78.29 36.73 -39.31
N LEU S 12 78.15 35.42 -39.52
CA LEU S 12 76.93 34.87 -40.09
C LEU S 12 75.73 35.11 -39.18
N VAL S 13 75.93 34.97 -37.87
CA VAL S 13 74.85 35.19 -36.90
C VAL S 13 74.42 36.66 -36.92
N LEU S 14 75.38 37.58 -36.91
CA LEU S 14 75.03 39.01 -36.96
C LEU S 14 74.37 39.39 -38.29
N VAL S 15 74.86 38.85 -39.41
CA VAL S 15 74.27 39.16 -40.70
C VAL S 15 72.85 38.60 -40.79
N SER S 16 72.64 37.39 -40.26
CA SER S 16 71.29 36.81 -40.24
C SER S 16 70.36 37.62 -39.35
N PHE S 17 70.86 38.12 -38.21
CA PHE S 17 70.04 38.97 -37.36
C PHE S 17 69.66 40.27 -38.05
N ALA S 18 70.62 40.89 -38.73
CA ALA S 18 70.34 42.11 -39.49
C ALA S 18 69.34 41.84 -40.60
N LEU S 19 69.45 40.68 -41.26
CA LEU S 19 68.50 40.32 -42.31
C LEU S 19 67.10 40.11 -41.76
N VAL S 20 66.99 39.38 -40.65
CA VAL S 20 65.68 39.11 -40.05
C VAL S 20 65.02 40.42 -39.60
N VAL S 21 65.82 41.35 -39.07
CA VAL S 21 65.27 42.64 -38.68
C VAL S 21 64.88 43.47 -39.89
N GLY S 22 65.71 43.49 -40.93
CA GLY S 22 65.52 44.42 -42.02
C GLY S 22 64.72 44.01 -43.26
N VAL S 23 64.64 42.73 -43.57
CA VAL S 23 63.89 42.30 -44.76
C VAL S 23 62.40 42.61 -44.66
N PRO S 24 61.69 42.33 -43.56
CA PRO S 24 60.31 42.85 -43.47
C PRO S 24 60.23 44.36 -43.45
N VAL S 25 61.24 45.03 -42.85
CA VAL S 25 61.26 46.49 -42.82
C VAL S 25 61.40 47.05 -44.23
N VAL S 26 62.32 46.47 -45.01
CA VAL S 26 62.52 46.92 -46.38
C VAL S 26 61.30 46.60 -47.25
N PHE S 27 60.74 45.40 -47.07
CA PHE S 27 59.63 44.96 -47.92
C PHE S 27 58.37 45.79 -47.67
N ALA S 28 57.98 45.93 -46.41
CA ALA S 28 56.71 46.57 -46.08
C ALA S 28 56.79 48.09 -46.00
N SER S 29 57.97 48.69 -46.20
CA SER S 29 58.06 50.14 -46.18
C SER S 29 57.43 50.72 -47.45
N PRO S 30 56.89 51.95 -47.37
CA PRO S 30 56.38 52.61 -48.58
C PRO S 30 57.52 52.91 -49.54
N ASN S 31 57.43 52.33 -50.74
CA ASN S 31 58.41 52.36 -51.83
C ASN S 31 59.87 52.26 -51.37
N GLY S 32 60.12 51.42 -50.37
CA GLY S 32 61.45 51.24 -49.83
C GLY S 32 62.18 50.05 -50.43
N TRP S 33 61.42 49.07 -50.93
CA TRP S 33 62.04 47.90 -51.54
C TRP S 33 62.67 48.25 -52.89
N THR S 34 62.06 49.17 -53.63
CA THR S 34 62.58 49.54 -54.94
C THR S 34 63.86 50.35 -54.86
N GLU S 35 64.22 50.86 -53.68
CA GLU S 35 65.47 51.59 -53.51
C GLU S 35 66.45 50.90 -52.57
N ASN S 36 66.00 49.94 -51.76
CA ASN S 36 66.87 49.16 -50.91
C ASN S 36 67.26 47.82 -51.54
N LYS S 37 67.07 47.70 -52.86
CA LYS S 37 67.42 46.47 -53.57
C LYS S 37 68.90 46.17 -53.47
N GLY S 38 69.74 47.21 -53.61
CA GLY S 38 71.18 47.00 -53.55
C GLY S 38 71.66 46.51 -52.20
N VAL S 39 71.19 47.15 -51.13
CA VAL S 39 71.63 46.76 -49.79
C VAL S 39 71.07 45.39 -49.41
N VAL S 40 69.84 45.09 -49.82
CA VAL S 40 69.27 43.78 -49.52
C VAL S 40 70.00 42.68 -50.29
N PHE S 41 70.32 42.94 -51.56
CA PHE S 41 71.08 41.97 -52.35
C PHE S 41 72.47 41.75 -51.77
N SER S 42 73.12 42.83 -51.33
CA SER S 42 74.44 42.69 -50.71
C SER S 42 74.36 41.89 -49.42
N GLY S 43 73.32 42.14 -48.61
CA GLY S 43 73.16 41.37 -47.38
C GLY S 43 72.91 39.90 -47.63
N LEU S 44 72.06 39.59 -48.61
CA LEU S 44 71.79 38.19 -48.95
C LEU S 44 73.03 37.51 -49.50
N SER S 45 73.80 38.22 -50.35
CA SER S 45 75.02 37.65 -50.90
C SER S 45 76.07 37.42 -49.81
N VAL S 46 76.17 38.34 -48.85
CA VAL S 46 77.11 38.17 -47.74
C VAL S 46 76.67 37.01 -46.86
N TRP S 47 75.35 36.84 -46.66
CA TRP S 47 74.85 35.73 -45.86
C TRP S 47 75.17 34.38 -46.53
N PHE S 48 74.94 34.29 -47.84
CA PHE S 48 75.24 33.06 -48.57
C PHE S 48 76.75 32.79 -48.59
N LEU S 49 77.55 33.84 -48.76
CA LEU S 49 79.00 33.70 -48.73
C LEU S 49 79.47 33.22 -47.37
N LEU S 50 78.87 33.73 -46.29
CA LEU S 50 79.25 33.29 -44.94
C LEU S 50 78.85 31.85 -44.69
N VAL S 51 77.67 31.45 -45.17
CA VAL S 51 77.24 30.06 -45.03
C VAL S 51 78.21 29.12 -45.76
N PHE S 52 78.55 29.47 -47.00
CA PHE S 52 79.49 28.66 -47.78
C PHE S 52 80.88 28.66 -47.14
N ALA S 53 81.31 29.79 -46.58
CA ALA S 53 82.62 29.87 -45.95
C ALA S 53 82.68 29.01 -44.69
N VAL S 54 81.63 29.03 -43.87
CA VAL S 54 81.59 28.19 -42.68
C VAL S 54 81.58 26.72 -43.07
N GLY S 55 80.81 26.38 -44.11
CA GLY S 55 80.78 25.00 -44.58
C GLY S 55 82.13 24.52 -45.08
N VAL S 56 82.82 25.35 -45.87
CA VAL S 56 84.15 24.99 -46.37
C VAL S 56 85.15 24.89 -45.23
N PHE S 57 85.11 25.84 -44.28
CA PHE S 57 86.06 25.84 -43.18
C PHE S 57 85.79 24.73 -42.18
N ASN S 58 84.61 24.11 -42.22
CA ASN S 58 84.34 22.97 -41.35
C ASN S 58 85.27 21.81 -41.66
N SER S 59 85.59 21.60 -42.95
CA SER S 59 86.47 20.50 -43.34
C SER S 59 87.88 20.70 -42.79
N PHE S 60 88.38 21.93 -42.77
CA PHE S 60 89.74 22.18 -42.29
C PHE S 60 89.82 22.29 -40.78
N ALA S 61 88.75 22.74 -40.13
CA ALA S 61 88.76 22.92 -38.68
C ALA S 61 88.29 21.65 -37.96
N THR T 1 66.52 0.58 -119.68
CA THR T 1 66.08 1.94 -119.44
C THR T 1 64.78 1.97 -118.64
N ILE T 2 64.13 3.14 -118.59
CA ILE T 2 62.89 3.28 -117.84
C ILE T 2 61.78 2.46 -118.48
N ASN T 3 61.73 2.42 -119.82
CA ASN T 3 60.73 1.65 -120.53
C ASN T 3 60.90 0.14 -120.32
N GLN T 4 62.07 -0.30 -119.87
CA GLN T 4 62.28 -1.71 -119.57
C GLN T 4 61.53 -2.16 -118.33
N PHE T 5 61.18 -1.23 -117.44
CA PHE T 5 60.47 -1.59 -116.21
C PHE T 5 59.36 -0.62 -115.83
N TYR T 6 58.92 0.27 -116.72
CA TYR T 6 57.76 1.12 -116.48
C TYR T 6 56.74 1.14 -117.60
N GLY T 7 57.14 0.87 -118.84
CA GLY T 7 56.23 0.92 -119.96
C GLY T 7 55.34 -0.30 -120.02
N PRO T 8 54.43 -0.29 -121.00
CA PRO T 8 53.55 -1.46 -121.20
C PRO T 8 54.31 -2.73 -121.58
N ASP T 9 55.48 -2.59 -122.21
CA ASP T 9 56.31 -3.73 -122.60
C ASP T 9 57.44 -3.98 -121.61
N ARG T 10 57.18 -3.74 -120.33
CA ARG T 10 58.19 -3.96 -119.29
C ARG T 10 58.39 -5.45 -119.04
N ASN T 11 59.49 -5.77 -118.35
CA ASN T 11 59.73 -7.13 -117.93
C ASN T 11 58.73 -7.52 -116.84
N LYS T 12 58.33 -8.80 -116.85
CA LYS T 12 57.28 -9.26 -115.97
C LYS T 12 57.73 -10.42 -115.11
N TRP T 13 56.79 -11.05 -114.42
CA TRP T 13 57.06 -12.20 -113.56
C TRP T 13 57.09 -13.52 -114.32
N LEU T 14 56.96 -13.49 -115.64
CA LEU T 14 57.05 -14.71 -116.44
C LEU T 14 57.83 -14.53 -117.74
N GLY T 15 58.43 -13.36 -117.96
CA GLY T 15 59.19 -13.12 -119.17
C GLY T 15 58.29 -12.95 -120.38
N PRO T 16 58.54 -13.75 -121.43
CA PRO T 16 57.71 -13.68 -122.63
C PRO T 16 56.37 -14.40 -122.50
N TYR T 17 56.13 -15.09 -121.39
CA TYR T 17 54.91 -15.85 -121.17
C TYR T 17 53.97 -15.14 -120.19
N SER T 18 53.86 -13.82 -120.29
CA SER T 18 53.10 -13.01 -119.35
C SER T 18 52.20 -12.03 -120.08
N THR T 19 51.45 -12.51 -121.06
CA THR T 19 50.52 -11.65 -121.80
C THR T 19 49.19 -11.48 -121.09
N ASN T 20 48.98 -12.12 -119.96
CA ASN T 20 47.72 -12.06 -119.21
C ASN T 20 47.83 -11.16 -117.98
N THR T 21 48.55 -10.05 -118.11
CA THR T 21 48.66 -9.10 -117.02
C THR T 21 47.28 -8.50 -116.71
N PRO T 22 46.91 -8.33 -115.44
CA PRO T 22 45.62 -7.74 -115.12
C PRO T 22 45.54 -6.32 -115.62
N PRO T 23 44.34 -5.86 -116.00
CA PRO T 23 44.22 -4.54 -116.63
C PRO T 23 44.51 -3.37 -115.70
N TYR T 24 44.28 -3.52 -114.41
CA TYR T 24 44.56 -2.44 -113.46
C TYR T 24 46.03 -2.40 -113.06
N LEU T 25 46.83 -3.36 -113.48
CA LEU T 25 48.25 -3.45 -113.14
C LEU T 25 49.01 -3.05 -114.40
N THR T 26 49.22 -1.74 -114.56
CA THR T 26 49.69 -1.17 -115.82
C THR T 26 51.17 -0.84 -115.86
N GLY T 27 51.78 -0.47 -114.75
CA GLY T 27 53.16 -0.05 -114.78
C GLY T 27 53.42 1.35 -114.29
N GLU T 28 52.61 1.80 -113.32
CA GLU T 28 52.77 3.13 -112.76
C GLU T 28 53.64 3.12 -111.50
N PHE T 29 53.70 2.00 -110.79
CA PHE T 29 54.36 1.90 -109.50
C PHE T 29 55.63 1.06 -109.59
N PRO T 30 56.58 1.25 -108.65
CA PRO T 30 57.82 0.48 -108.70
C PRO T 30 57.60 -1.02 -108.53
N GLY T 31 58.50 -1.79 -109.11
CA GLY T 31 58.33 -3.23 -109.19
C GLY T 31 57.41 -3.57 -110.32
N ASP T 32 56.20 -4.03 -110.00
CA ASP T 32 55.09 -4.20 -110.94
C ASP T 32 55.48 -5.15 -112.09
N TYR T 33 55.67 -6.41 -111.72
CA TYR T 33 56.01 -7.44 -112.69
C TYR T 33 54.81 -8.28 -113.08
N GLY T 34 53.60 -7.81 -112.82
CA GLY T 34 52.41 -8.50 -113.28
C GLY T 34 52.03 -9.74 -112.49
N TRP T 35 52.63 -9.95 -111.33
CA TRP T 35 52.34 -11.14 -110.52
C TRP T 35 51.19 -10.82 -109.59
N ASP T 36 49.97 -10.99 -110.09
CA ASP T 36 48.76 -10.79 -109.31
C ASP T 36 47.78 -11.94 -109.59
N THR T 37 48.29 -13.17 -109.46
CA THR T 37 47.49 -14.35 -109.78
C THR T 37 46.27 -14.47 -108.88
N ALA T 38 46.41 -14.16 -107.60
CA ALA T 38 45.28 -14.25 -106.68
C ALA T 38 44.21 -13.22 -107.00
N GLY T 39 44.60 -12.06 -107.50
CA GLY T 39 43.64 -11.03 -107.88
C GLY T 39 43.05 -10.26 -106.72
N LEU T 40 43.65 -10.33 -105.53
CA LEU T 40 43.11 -9.72 -104.34
C LEU T 40 43.52 -8.26 -104.16
N SER T 41 44.28 -7.69 -105.10
CA SER T 41 44.61 -6.27 -105.09
C SER T 41 43.77 -5.49 -106.09
N ALA T 42 42.56 -5.99 -106.36
CA ALA T 42 41.73 -5.43 -107.42
C ALA T 42 41.23 -4.04 -107.09
N ASP T 43 40.90 -3.78 -105.83
CA ASP T 43 40.48 -2.44 -105.44
C ASP T 43 41.68 -1.50 -105.42
N PRO T 44 41.58 -0.31 -106.02
CA PRO T 44 42.75 0.60 -106.05
C PRO T 44 43.22 1.05 -104.67
N GLU T 45 42.29 1.30 -103.75
CA GLU T 45 42.68 1.68 -102.39
C GLU T 45 43.37 0.52 -101.67
N THR T 46 42.83 -0.69 -101.83
CA THR T 46 43.46 -1.87 -101.26
C THR T 46 44.84 -2.12 -101.86
N PHE T 47 44.96 -1.91 -103.17
CA PHE T 47 46.25 -2.07 -103.84
C PHE T 47 47.26 -1.06 -103.33
N LYS T 48 46.84 0.20 -103.15
CA LYS T 48 47.72 1.24 -102.64
C LYS T 48 48.20 0.93 -101.22
N ARG T 49 47.28 0.50 -100.37
CA ARG T 49 47.64 0.23 -98.98
C ARG T 49 48.49 -1.04 -98.88
N TYR T 50 48.22 -2.01 -99.75
CA TYR T 50 49.09 -3.18 -99.86
C TYR T 50 50.50 -2.80 -100.28
N ARG T 51 50.64 -1.89 -101.24
CA ARG T 51 51.95 -1.46 -101.70
C ARG T 51 52.69 -0.70 -100.60
N GLU T 52 51.97 0.10 -99.83
CA GLU T 52 52.56 0.80 -98.69
C GLU T 52 53.12 -0.19 -97.66
N LEU T 53 52.28 -1.14 -97.23
CA LEU T 53 52.75 -2.09 -96.23
C LEU T 53 53.76 -3.07 -96.82
N GLU T 54 53.74 -3.28 -98.14
CA GLU T 54 54.76 -4.09 -98.79
C GLU T 54 56.11 -3.41 -98.74
N LEU T 55 56.17 -2.10 -99.00
CA LEU T 55 57.44 -1.40 -98.90
C LEU T 55 57.91 -1.30 -97.46
N ILE T 56 56.99 -1.17 -96.50
CA ILE T 56 57.37 -1.20 -95.10
C ILE T 56 57.98 -2.54 -94.73
N HIS T 57 57.34 -3.63 -95.18
CA HIS T 57 57.89 -4.97 -95.00
C HIS T 57 59.23 -5.12 -95.70
N ALA T 58 59.40 -4.47 -96.85
CA ALA T 58 60.64 -4.56 -97.60
C ALA T 58 61.79 -3.92 -96.84
N ARG T 59 61.57 -2.72 -96.31
CA ARG T 59 62.62 -2.05 -95.54
C ARG T 59 62.93 -2.82 -94.25
N TRP T 60 61.89 -3.32 -93.57
CA TRP T 60 62.11 -4.10 -92.37
C TRP T 60 62.86 -5.39 -92.68
N ALA T 61 62.56 -6.02 -93.80
CA ALA T 61 63.23 -7.25 -94.18
C ALA T 61 64.66 -7.00 -94.63
N LEU T 62 64.94 -5.85 -95.26
CA LEU T 62 66.32 -5.50 -95.58
C LEU T 62 67.15 -5.35 -94.32
N LEU T 63 66.61 -4.60 -93.35
CA LEU T 63 67.32 -4.44 -92.08
C LEU T 63 67.50 -5.77 -91.37
N GLY T 64 66.45 -6.61 -91.34
CA GLY T 64 66.54 -7.89 -90.67
C GLY T 64 67.48 -8.87 -91.34
N ALA T 65 67.45 -8.92 -92.68
CA ALA T 65 68.33 -9.83 -93.41
C ALA T 65 69.78 -9.42 -93.27
N LEU T 66 70.06 -8.12 -93.22
CA LEU T 66 71.44 -7.72 -93.01
C LEU T 66 71.85 -7.89 -91.55
N GLY T 67 70.90 -7.80 -90.61
CA GLY T 67 71.23 -7.89 -89.21
C GLY T 67 71.27 -9.27 -88.58
N MET T 68 70.63 -10.27 -89.19
CA MET T 68 70.70 -11.61 -88.64
C MET T 68 72.08 -12.25 -88.84
N VAL T 69 72.76 -11.91 -89.95
CA VAL T 69 74.02 -12.55 -90.27
C VAL T 69 75.24 -11.76 -89.78
N THR T 70 75.06 -10.49 -89.42
CA THR T 70 76.21 -9.68 -88.99
C THR T 70 76.89 -10.18 -87.72
N PRO T 71 76.20 -10.53 -86.62
CA PRO T 71 76.94 -11.13 -85.50
C PRO T 71 77.58 -12.47 -85.83
N GLU T 72 76.93 -13.27 -86.67
CA GLU T 72 77.53 -14.54 -87.07
C GLU T 72 78.71 -14.34 -88.01
N LEU T 73 78.71 -13.24 -88.77
CA LEU T 73 79.86 -12.93 -89.61
C LEU T 73 81.02 -12.39 -88.78
N LEU T 74 80.72 -11.64 -87.72
CA LEU T 74 81.74 -11.08 -86.84
C LEU T 74 82.18 -12.04 -85.75
N GLN T 75 81.54 -13.21 -85.64
CA GLN T 75 81.94 -14.22 -84.68
C GLN T 75 83.37 -14.68 -84.93
N ASP T 76 84.14 -14.80 -83.86
CA ASP T 76 85.53 -15.21 -83.93
C ASP T 76 85.65 -16.73 -84.03
N ASP T 77 86.86 -17.24 -83.84
CA ASP T 77 87.14 -18.67 -84.07
C ASP T 77 86.46 -19.54 -83.01
N ASP T 78 86.42 -19.10 -81.77
CA ASP T 78 85.88 -19.93 -80.70
C ASP T 78 84.71 -19.29 -79.94
N GLY T 79 84.69 -17.96 -79.83
CA GLY T 79 83.54 -17.33 -79.23
C GLY T 79 83.69 -16.49 -77.97
N ILE T 80 84.82 -15.79 -77.80
CA ILE T 80 84.88 -14.80 -76.73
C ILE T 80 83.95 -13.62 -77.03
N MET T 81 83.93 -13.16 -78.29
CA MET T 81 83.13 -12.00 -78.65
C MET T 81 81.63 -12.25 -78.44
N PHE T 82 81.13 -13.37 -78.95
CA PHE T 82 79.75 -13.78 -78.73
C PHE T 82 79.74 -15.20 -78.19
N GLY T 83 78.90 -15.43 -77.18
CA GLY T 83 78.79 -16.75 -76.60
C GLY T 83 77.80 -17.58 -77.39
N GLU T 84 76.80 -18.13 -76.72
CA GLU T 84 75.77 -18.88 -77.43
C GLU T 84 74.88 -17.97 -78.28
N SER T 85 74.83 -16.68 -77.97
CA SER T 85 73.95 -15.73 -78.63
C SER T 85 74.52 -15.20 -79.94
N ALA T 86 75.52 -15.88 -80.53
CA ALA T 86 76.00 -15.47 -81.84
C ALA T 86 74.97 -15.71 -82.92
N ILE T 87 74.13 -16.73 -82.74
CA ILE T 87 73.09 -17.05 -83.71
C ILE T 87 71.89 -16.13 -83.49
N TRP T 88 71.17 -15.83 -84.59
CA TRP T 88 70.11 -14.84 -84.51
C TRP T 88 68.90 -15.36 -83.74
N PHE T 89 68.55 -16.64 -83.88
CA PHE T 89 67.33 -17.11 -83.23
C PHE T 89 67.53 -17.44 -81.76
N LYS T 90 68.76 -17.37 -81.25
CA LYS T 90 69.01 -17.49 -79.82
C LYS T 90 69.78 -16.29 -79.29
N ALA T 91 69.71 -15.16 -79.99
CA ALA T 91 70.38 -13.94 -79.55
C ALA T 91 69.63 -13.25 -78.42
N GLY T 92 68.30 -13.40 -78.37
CA GLY T 92 67.52 -12.75 -77.33
C GLY T 92 67.89 -13.19 -75.93
N ALA T 93 68.31 -14.44 -75.78
CA ALA T 93 68.75 -14.99 -74.50
C ALA T 93 70.02 -14.31 -74.01
N ALA T 94 70.63 -13.47 -74.85
CA ALA T 94 71.74 -12.63 -74.41
C ALA T 94 71.32 -11.63 -73.34
N ILE T 95 70.03 -11.32 -73.22
CA ILE T 95 69.62 -10.40 -72.16
C ILE T 95 69.61 -11.11 -70.80
N PHE T 96 69.49 -12.44 -70.79
CA PHE T 96 69.36 -13.23 -69.57
C PHE T 96 70.69 -13.77 -69.05
N GLN T 97 71.80 -13.52 -69.73
CA GLN T 97 73.06 -14.04 -69.26
C GLN T 97 73.56 -13.25 -68.05
N GLU T 98 74.53 -13.84 -67.35
CA GLU T 98 75.02 -13.26 -66.10
C GLU T 98 75.70 -11.91 -66.32
N GLY T 99 76.54 -11.81 -67.35
CA GLY T 99 77.19 -10.54 -67.63
C GLY T 99 76.23 -9.48 -68.13
N GLY T 100 75.29 -9.87 -68.98
CA GLY T 100 74.37 -8.95 -69.61
C GLY T 100 74.56 -8.92 -71.11
N LEU T 101 73.70 -8.14 -71.77
CA LEU T 101 73.73 -8.07 -73.23
C LEU T 101 74.75 -7.00 -73.63
N ASN T 102 75.96 -7.44 -73.89
CA ASN T 102 76.98 -6.55 -74.44
C ASN T 102 76.86 -6.52 -75.96
N TYR T 103 77.26 -5.40 -76.56
CA TYR T 103 77.15 -5.27 -78.01
C TYR T 103 78.17 -6.16 -78.71
N LEU T 104 79.46 -5.90 -78.50
CA LEU T 104 80.51 -6.69 -79.13
C LEU T 104 81.34 -7.45 -78.10
N GLY T 105 80.72 -7.87 -77.00
CA GLY T 105 81.38 -8.63 -75.98
C GLY T 105 82.03 -7.82 -74.87
N ASN T 106 82.07 -6.49 -75.00
CA ASN T 106 82.69 -5.72 -73.93
C ASN T 106 81.66 -5.04 -73.03
N PRO T 107 81.94 -4.89 -71.73
CA PRO T 107 80.95 -4.27 -70.82
C PRO T 107 80.74 -2.79 -71.06
N SER T 108 81.64 -2.13 -71.79
CA SER T 108 81.52 -0.68 -71.99
C SER T 108 80.42 -0.30 -72.97
N LEU T 109 79.99 -1.23 -73.82
CA LEU T 109 78.94 -0.97 -74.81
C LEU T 109 77.63 -1.59 -74.35
N ILE T 110 76.56 -0.78 -74.37
CA ILE T 110 75.20 -1.18 -73.99
C ILE T 110 75.20 -1.77 -72.59
N HIS T 111 75.48 -3.08 -72.47
CA HIS T 111 75.50 -3.80 -71.20
C HIS T 111 74.14 -3.69 -70.49
N ALA T 112 73.11 -4.15 -71.19
CA ALA T 112 71.74 -4.07 -70.70
C ALA T 112 71.34 -5.38 -70.04
N GLN T 113 70.54 -5.29 -68.98
CA GLN T 113 70.08 -6.46 -68.24
C GLN T 113 68.57 -6.55 -68.08
N ASN T 114 67.83 -5.45 -68.21
CA ASN T 114 66.39 -5.43 -67.97
C ASN T 114 65.65 -5.55 -69.29
N ILE T 115 65.20 -6.78 -69.59
CA ILE T 115 64.43 -7.02 -70.80
C ILE T 115 63.09 -6.30 -70.75
N VAL T 116 62.49 -6.21 -69.56
CA VAL T 116 61.22 -5.50 -69.41
C VAL T 116 61.39 -4.01 -69.70
N ALA T 117 62.46 -3.41 -69.16
CA ALA T 117 62.72 -1.99 -69.39
C ALA T 117 63.05 -1.71 -70.84
N THR T 118 63.86 -2.57 -71.48
CA THR T 118 64.19 -2.33 -72.89
C THR T 118 62.98 -2.57 -73.78
N LEU T 119 62.05 -3.46 -73.40
CA LEU T 119 60.83 -3.63 -74.18
C LEU T 119 59.90 -2.45 -74.00
N ALA T 120 59.84 -1.88 -72.79
CA ALA T 120 59.04 -0.68 -72.59
C ALA T 120 59.58 0.50 -73.39
N VAL T 121 60.90 0.66 -73.40
CA VAL T 121 61.53 1.71 -74.20
C VAL T 121 61.26 1.48 -75.68
N GLN T 122 61.36 0.23 -76.13
CA GLN T 122 61.04 -0.12 -77.51
C GLN T 122 59.59 0.21 -77.86
N VAL T 123 58.66 -0.14 -76.97
CA VAL T 123 57.24 0.09 -77.23
C VAL T 123 56.95 1.58 -77.36
N VAL T 124 57.49 2.38 -76.43
CA VAL T 124 57.24 3.82 -76.46
C VAL T 124 57.85 4.45 -77.71
N LEU T 125 59.13 4.15 -77.97
CA LEU T 125 59.81 4.77 -79.12
C LEU T 125 59.20 4.33 -80.45
N MET T 126 58.88 3.04 -80.59
CA MET T 126 58.31 2.55 -81.84
C MET T 126 56.89 3.03 -82.04
N GLY T 127 56.10 3.15 -80.96
CA GLY T 127 54.77 3.73 -81.09
C GLY T 127 54.83 5.18 -81.55
N LEU T 128 55.75 5.96 -80.97
CA LEU T 128 55.92 7.33 -81.42
C LEU T 128 56.38 7.40 -82.87
N VAL T 129 57.31 6.54 -83.26
CA VAL T 129 57.83 6.54 -84.62
C VAL T 129 56.75 6.16 -85.62
N GLU T 130 55.95 5.13 -85.32
CA GLU T 130 54.89 4.71 -86.23
C GLU T 130 53.78 5.74 -86.31
N GLY T 131 53.45 6.37 -85.18
CA GLY T 131 52.46 7.44 -85.21
C GLY T 131 52.91 8.63 -86.04
N TYR T 132 54.19 9.00 -85.92
CA TYR T 132 54.73 10.07 -86.76
C TYR T 132 54.78 9.66 -88.22
N ARG T 133 55.02 8.37 -88.49
CA ARG T 133 55.07 7.89 -89.87
C ARG T 133 53.70 7.96 -90.53
N VAL T 134 52.66 7.57 -89.81
CA VAL T 134 51.32 7.56 -90.42
C VAL T 134 50.59 8.90 -90.29
N ASN T 135 51.08 9.83 -89.46
CA ASN T 135 50.44 11.13 -89.32
C ASN T 135 51.34 12.26 -89.75
N GLY T 136 52.54 12.35 -89.20
CA GLY T 136 53.42 13.48 -89.43
C GLY T 136 53.86 14.02 -88.08
N GLY T 137 55.09 14.53 -88.04
CA GLY T 137 55.66 15.02 -86.81
C GLY T 137 56.80 15.97 -87.03
N PRO T 138 57.89 15.81 -86.26
CA PRO T 138 59.05 16.69 -86.41
C PRO T 138 59.71 16.62 -87.78
N ALA T 139 59.59 15.49 -88.47
CA ALA T 139 60.19 15.37 -89.80
C ALA T 139 59.36 16.10 -90.85
N GLY T 140 58.09 15.74 -90.97
CA GLY T 140 57.21 16.37 -91.93
C GLY T 140 55.78 15.87 -91.84
N GLU T 141 54.82 16.78 -92.05
CA GLU T 141 53.40 16.45 -91.90
C GLU T 141 52.72 16.11 -93.22
N GLY T 142 52.90 16.94 -94.24
CA GLY T 142 52.21 16.73 -95.50
C GLY T 142 53.03 15.99 -96.54
N LEU T 143 54.05 15.27 -96.09
CA LEU T 143 54.92 14.55 -97.00
C LEU T 143 54.23 13.30 -97.56
N ASP T 144 54.89 12.69 -98.53
CA ASP T 144 54.42 11.43 -99.10
C ASP T 144 54.52 10.34 -98.04
N PRO T 145 53.44 9.61 -97.75
CA PRO T 145 53.52 8.58 -96.70
C PRO T 145 54.48 7.45 -97.01
N LEU T 146 54.81 7.21 -98.28
CA LEU T 146 55.74 6.15 -98.66
C LEU T 146 57.14 6.66 -98.97
N TYR T 147 57.26 7.86 -99.54
CA TYR T 147 58.56 8.43 -99.91
C TYR T 147 58.64 9.87 -99.43
N PRO T 148 58.86 10.11 -98.13
CA PRO T 148 58.96 11.49 -97.63
C PRO T 148 60.15 12.24 -98.19
N GLY T 149 61.35 11.72 -97.94
CA GLY T 149 62.58 12.20 -98.59
C GLY T 149 62.95 13.66 -98.43
N GLU T 150 62.83 14.20 -97.22
CA GLU T 150 63.35 15.56 -97.00
C GLU T 150 64.26 15.60 -95.78
N ALA T 151 64.01 14.72 -94.81
CA ALA T 151 64.84 14.59 -93.63
C ALA T 151 65.49 13.23 -93.51
N PHE T 152 64.85 12.19 -94.04
CA PHE T 152 65.43 10.86 -94.10
C PHE T 152 66.26 10.63 -95.35
N ASP T 153 66.29 11.60 -96.26
CA ASP T 153 67.13 11.55 -97.45
C ASP T 153 67.87 12.88 -97.56
N PRO T 154 68.91 13.09 -96.77
CA PRO T 154 69.69 14.32 -96.87
C PRO T 154 70.93 14.24 -97.76
N LEU T 155 71.10 13.14 -98.50
CA LEU T 155 72.28 12.95 -99.36
C LEU T 155 71.93 13.11 -100.83
N GLY T 156 70.93 13.92 -101.14
CA GLY T 156 70.54 14.13 -102.52
C GLY T 156 69.82 12.93 -103.10
N LEU T 157 70.42 12.32 -104.13
CA LEU T 157 69.95 11.08 -104.75
C LEU T 157 68.56 11.20 -105.36
N ALA T 158 67.54 11.40 -104.52
CA ALA T 158 66.15 11.47 -104.97
C ALA T 158 65.77 12.89 -105.39
N ASP T 159 66.52 13.41 -106.36
CA ASP T 159 66.25 14.71 -106.96
C ASP T 159 65.98 14.62 -108.45
N ASP T 160 66.78 13.85 -109.18
CA ASP T 160 66.50 13.61 -110.59
C ASP T 160 65.39 12.57 -110.71
N PRO T 161 64.35 12.81 -111.51
CA PRO T 161 63.17 11.93 -111.50
C PRO T 161 63.41 10.52 -112.02
N GLU T 162 64.07 10.39 -113.18
CA GLU T 162 64.35 9.06 -113.72
C GLU T 162 65.31 8.28 -112.82
N ALA T 163 66.30 8.97 -112.24
CA ALA T 163 67.19 8.30 -111.28
C ALA T 163 66.44 7.87 -110.04
N PHE T 164 65.52 8.71 -109.55
CA PHE T 164 64.75 8.37 -108.37
C PHE T 164 63.87 7.15 -108.62
N ALA T 165 63.26 7.08 -109.81
CA ALA T 165 62.44 5.91 -110.16
C ALA T 165 63.30 4.65 -110.29
N GLU T 166 64.48 4.76 -110.90
CA GLU T 166 65.34 3.60 -111.07
C GLU T 166 65.83 3.06 -109.73
N LEU T 167 66.27 3.95 -108.83
CA LEU T 167 66.62 3.48 -107.49
C LEU T 167 65.39 3.04 -106.70
N LYS T 168 64.19 3.54 -107.03
CA LYS T 168 62.99 3.03 -106.36
C LYS T 168 62.77 1.56 -106.69
N VAL T 169 62.90 1.20 -107.97
CA VAL T 169 62.72 -0.21 -108.30
C VAL T 169 63.91 -1.03 -107.81
N LYS T 170 65.09 -0.41 -107.69
CA LYS T 170 66.21 -1.06 -107.02
C LYS T 170 65.86 -1.39 -105.58
N GLU T 171 65.23 -0.43 -104.89
CA GLU T 171 64.83 -0.61 -103.50
C GLU T 171 63.80 -1.72 -103.36
N ILE T 172 62.79 -1.73 -104.23
CA ILE T 172 61.74 -2.74 -104.08
C ILE T 172 62.27 -4.13 -104.44
N LYS T 173 63.19 -4.22 -105.41
CA LYS T 173 63.74 -5.53 -105.75
C LYS T 173 64.66 -6.05 -104.65
N ASN T 174 65.50 -5.18 -104.09
CA ASN T 174 66.35 -5.59 -102.97
C ASN T 174 65.51 -5.95 -101.76
N GLY T 175 64.40 -5.23 -101.53
CA GLY T 175 63.52 -5.56 -100.43
C GLY T 175 62.83 -6.90 -100.61
N ARG T 176 62.40 -7.21 -101.84
CA ARG T 176 61.80 -8.52 -102.09
C ARG T 176 62.82 -9.64 -101.92
N LEU T 177 64.06 -9.42 -102.37
CA LEU T 177 65.11 -10.40 -102.16
C LEU T 177 65.37 -10.61 -100.68
N ALA T 178 65.37 -9.52 -99.91
CA ALA T 178 65.57 -9.63 -98.46
C ALA T 178 64.39 -10.31 -97.78
N MET T 179 63.17 -10.11 -98.26
CA MET T 179 62.02 -10.83 -97.72
C MET T 179 62.16 -12.33 -97.96
N PHE T 180 62.55 -12.70 -99.18
CA PHE T 180 62.77 -14.12 -99.50
C PHE T 180 63.87 -14.70 -98.62
N ALA T 181 64.95 -13.93 -98.41
CA ALA T 181 66.04 -14.38 -97.54
C ALA T 181 65.59 -14.52 -96.09
N CYS T 182 64.74 -13.61 -95.61
CA CYS T 182 64.27 -13.68 -94.23
C CYS T 182 63.34 -14.86 -94.02
N LEU T 183 62.47 -15.14 -95.01
CA LEU T 183 61.63 -16.33 -94.93
C LEU T 183 62.50 -17.58 -94.96
N GLY T 184 63.55 -17.58 -95.77
CA GLY T 184 64.49 -18.69 -95.75
C GLY T 184 65.19 -18.84 -94.41
N PHE T 185 65.55 -17.72 -93.79
CA PHE T 185 66.16 -17.75 -92.46
C PHE T 185 65.20 -18.37 -91.44
N PHE T 186 63.92 -17.99 -91.49
CA PHE T 186 62.93 -18.54 -90.57
C PHE T 186 62.77 -20.04 -90.77
N VAL T 187 62.61 -20.48 -92.02
CA VAL T 187 62.36 -21.90 -92.28
C VAL T 187 63.61 -22.72 -91.98
N GLN T 188 64.80 -22.19 -92.27
CA GLN T 188 66.05 -22.88 -91.93
C GLN T 188 66.22 -22.99 -90.42
N ALA T 189 65.82 -21.94 -89.68
CA ALA T 189 65.86 -22.01 -88.22
C ALA T 189 64.91 -23.06 -87.70
N ILE T 190 63.74 -23.20 -88.32
CA ILE T 190 62.76 -24.17 -87.86
C ILE T 190 63.27 -25.60 -88.04
N VAL T 191 63.84 -25.91 -89.21
CA VAL T 191 64.15 -27.30 -89.53
C VAL T 191 65.57 -27.73 -89.21
N THR T 192 66.51 -26.80 -89.03
CA THR T 192 67.90 -27.19 -88.78
C THR T 192 68.40 -26.85 -87.39
N GLY T 193 67.95 -25.74 -86.81
CA GLY T 193 68.47 -25.35 -85.51
C GLY T 193 69.86 -24.80 -85.55
N LYS T 194 70.32 -24.31 -86.70
CA LYS T 194 71.64 -23.75 -86.86
C LYS T 194 71.54 -22.44 -87.62
N GLY T 195 72.57 -21.61 -87.49
CA GLY T 195 72.61 -20.32 -88.15
C GLY T 195 72.72 -20.43 -89.65
N PRO T 196 72.30 -19.36 -90.35
CA PRO T 196 72.38 -19.39 -91.82
C PRO T 196 73.79 -19.49 -92.37
N ILE T 197 74.76 -18.82 -91.73
CA ILE T 197 76.13 -18.86 -92.22
C ILE T 197 76.74 -20.24 -92.02
N GLU T 198 76.49 -20.87 -90.87
CA GLU T 198 77.01 -22.21 -90.66
C GLU T 198 76.26 -23.24 -91.52
N ASN T 199 74.98 -22.99 -91.82
CA ASN T 199 74.29 -23.84 -92.79
C ASN T 199 74.93 -23.71 -94.16
N LEU T 200 75.34 -22.50 -94.55
CA LEU T 200 76.04 -22.31 -95.81
C LEU T 200 77.37 -23.05 -95.81
N THR T 201 78.09 -23.04 -94.68
CA THR T 201 79.35 -23.77 -94.61
C THR T 201 79.14 -25.28 -94.72
N ASP T 202 78.12 -25.83 -94.05
CA ASP T 202 77.84 -27.26 -94.19
C ASP T 202 77.39 -27.61 -95.60
N HIS T 203 76.63 -26.72 -96.25
CA HIS T 203 76.21 -26.99 -97.62
C HIS T 203 77.38 -26.93 -98.59
N LEU T 204 78.33 -26.02 -98.35
CA LEU T 204 79.52 -25.94 -99.19
C LEU T 204 80.51 -27.05 -98.91
N ALA T 205 80.45 -27.67 -97.72
CA ALA T 205 81.33 -28.79 -97.42
C ALA T 205 81.01 -30.00 -98.29
N ASN T 206 79.73 -30.31 -98.46
CA ASN T 206 79.30 -31.43 -99.29
C ASN T 206 77.86 -31.20 -99.74
N PRO T 207 77.65 -30.61 -100.92
CA PRO T 207 76.27 -30.33 -101.36
C PRO T 207 75.53 -31.54 -101.91
N ALA T 208 76.15 -32.72 -101.92
CA ALA T 208 75.47 -33.90 -102.43
C ALA T 208 74.36 -34.36 -101.49
N GLU T 209 74.56 -34.24 -100.18
CA GLU T 209 73.58 -34.67 -99.21
C GLU T 209 73.23 -33.64 -98.13
N ASN T 210 74.03 -32.58 -97.97
CA ASN T 210 73.72 -31.54 -96.99
C ASN T 210 72.77 -30.52 -97.61
N ASN T 211 71.52 -30.96 -97.75
CA ASN T 211 70.45 -30.14 -98.32
C ASN T 211 69.21 -30.26 -97.43
N ALA T 212 68.13 -29.60 -97.86
CA ALA T 212 66.87 -29.68 -97.13
C ALA T 212 66.31 -31.09 -97.11
N PHE T 213 66.67 -31.90 -98.10
CA PHE T 213 66.27 -33.30 -98.11
C PHE T 213 66.93 -34.10 -97.00
N ALA T 214 68.02 -33.59 -96.41
CA ALA T 214 68.57 -34.21 -95.22
C ALA T 214 67.65 -34.02 -94.01
N TYR T 215 66.76 -33.03 -94.06
CA TYR T 215 65.80 -32.76 -92.99
C TYR T 215 64.37 -32.93 -93.45
N ALA T 216 64.14 -33.68 -94.54
CA ALA T 216 62.79 -33.85 -95.05
C ALA T 216 61.96 -34.79 -94.19
N THR T 217 62.61 -35.70 -93.47
CA THR T 217 61.92 -36.66 -92.63
C THR T 217 61.82 -36.22 -91.17
N LYS T 218 62.20 -34.97 -90.87
CA LYS T 218 62.19 -34.50 -89.50
C LYS T 218 60.77 -34.36 -88.96
N PHE T 219 59.84 -33.87 -89.79
CA PHE T 219 58.47 -33.64 -89.38
C PHE T 219 57.54 -34.79 -89.74
N THR T 220 58.06 -36.01 -89.81
CA THR T 220 57.23 -37.17 -90.10
C THR T 220 56.46 -37.56 -88.85
N PRO T 221 55.13 -37.63 -88.91
CA PRO T 221 54.32 -37.95 -87.71
C PRO T 221 54.38 -39.43 -87.33
N GLN T 222 55.43 -39.78 -86.60
CA GLN T 222 55.60 -41.16 -86.14
C GLN T 222 54.59 -41.50 -85.04
N GLU U 1 17.72 -25.80 -110.80
CA GLU U 1 18.62 -26.91 -110.57
C GLU U 1 20.02 -26.58 -111.07
N PHE U 2 20.88 -26.14 -110.14
CA PHE U 2 22.30 -25.84 -110.32
C PHE U 2 22.57 -24.61 -111.20
N TYR U 3 21.52 -23.97 -111.74
CA TYR U 3 21.68 -22.75 -112.52
C TYR U 3 20.42 -21.91 -112.34
N GLY U 4 20.61 -20.60 -112.29
CA GLY U 4 19.50 -19.69 -112.12
C GLY U 4 19.11 -19.50 -110.68
N PRO U 5 18.15 -18.59 -110.42
CA PRO U 5 17.75 -18.30 -109.04
C PRO U 5 17.15 -19.48 -108.31
N ASP U 6 16.61 -20.47 -109.02
CA ASP U 6 16.10 -21.68 -108.41
C ASP U 6 17.17 -22.77 -108.30
N ARG U 7 18.44 -22.40 -108.32
CA ARG U 7 19.52 -23.36 -108.26
C ARG U 7 19.70 -23.89 -106.83
N ALA U 8 20.46 -24.98 -106.72
CA ALA U 8 20.79 -25.53 -105.41
C ALA U 8 21.76 -24.60 -104.69
N LYS U 9 21.59 -24.49 -103.38
CA LYS U 9 22.37 -23.56 -102.58
C LYS U 9 23.04 -24.29 -101.41
N PHE U 10 23.95 -23.59 -100.74
CA PHE U 10 24.81 -24.19 -99.73
C PHE U 10 24.16 -24.30 -98.36
N LEU U 11 22.92 -23.86 -98.19
CA LEU U 11 22.22 -24.07 -96.92
C LEU U 11 20.77 -24.48 -97.15
N GLY U 12 20.44 -24.95 -98.35
CA GLY U 12 19.09 -25.34 -98.69
C GLY U 12 18.11 -24.21 -98.54
N PRO U 13 16.98 -24.48 -97.88
CA PRO U 13 16.03 -23.39 -97.59
C PRO U 13 16.62 -22.32 -96.70
N PHE U 14 17.60 -22.68 -95.86
CA PHE U 14 18.27 -21.70 -95.02
C PHE U 14 19.07 -20.69 -95.85
N SER U 15 19.37 -20.99 -97.11
CA SER U 15 20.03 -20.05 -97.99
C SER U 15 19.06 -19.38 -98.95
N GLU U 16 17.75 -19.52 -98.71
CA GLU U 16 16.77 -18.99 -99.65
C GLU U 16 16.75 -17.46 -99.65
N ASN U 17 16.73 -16.84 -98.47
CA ASN U 17 16.55 -15.39 -98.40
C ASN U 17 17.88 -14.65 -98.59
N ASP U 18 18.84 -14.87 -97.70
CA ASP U 18 20.09 -14.10 -97.70
C ASP U 18 21.08 -14.76 -98.64
N THR U 19 21.08 -14.30 -99.90
CA THR U 19 22.01 -14.72 -100.91
C THR U 19 22.67 -13.47 -101.50
N PRO U 20 24.00 -13.45 -101.66
CA PRO U 20 24.66 -12.27 -102.23
C PRO U 20 24.18 -11.99 -103.66
N GLU U 21 24.05 -10.70 -103.97
CA GLU U 21 23.51 -10.30 -105.26
C GLU U 21 24.46 -10.59 -106.42
N TYR U 22 25.75 -10.77 -106.14
CA TYR U 22 26.71 -11.09 -107.18
C TYR U 22 26.88 -12.61 -107.36
N LEU U 23 26.19 -13.42 -106.57
CA LEU U 23 26.10 -14.86 -106.81
C LEU U 23 24.87 -15.14 -107.67
N THR U 24 24.95 -14.70 -108.92
CA THR U 24 23.83 -14.83 -109.85
C THR U 24 23.54 -16.30 -110.18
N GLY U 25 24.58 -17.12 -110.27
CA GLY U 25 24.43 -18.50 -110.67
C GLY U 25 24.79 -18.78 -112.11
N GLU U 26 25.31 -17.80 -112.83
CA GLU U 26 25.73 -18.00 -114.21
C GLU U 26 26.94 -18.93 -114.30
N PHE U 27 27.85 -18.83 -113.33
CA PHE U 27 29.09 -19.59 -113.21
C PHE U 27 28.83 -20.95 -112.56
N PRO U 28 29.50 -21.99 -113.05
CA PRO U 28 29.22 -23.35 -112.56
C PRO U 28 29.69 -23.55 -111.13
N GLY U 29 29.08 -24.53 -110.48
CA GLY U 29 29.38 -24.83 -109.09
C GLY U 29 28.98 -23.73 -108.14
N ASP U 30 27.84 -23.09 -108.39
CA ASP U 30 27.38 -21.95 -107.60
C ASP U 30 26.35 -22.43 -106.59
N TYR U 31 26.73 -22.43 -105.31
CA TYR U 31 25.82 -22.71 -104.21
C TYR U 31 25.62 -21.49 -103.33
N GLY U 32 26.15 -20.33 -103.72
CA GLY U 32 25.96 -19.11 -102.97
C GLY U 32 26.74 -19.01 -101.69
N TRP U 33 27.83 -19.77 -101.54
CA TRP U 33 28.64 -19.74 -100.32
C TRP U 33 29.73 -18.68 -100.46
N ASP U 34 29.35 -17.43 -100.20
CA ASP U 34 30.30 -16.33 -100.08
C ASP U 34 29.90 -15.47 -98.89
N THR U 35 29.65 -16.12 -97.75
CA THR U 35 29.21 -15.42 -96.55
C THR U 35 30.31 -14.56 -95.95
N ALA U 36 31.57 -14.79 -96.32
CA ALA U 36 32.66 -13.93 -95.88
C ALA U 36 32.93 -12.77 -96.84
N GLY U 37 32.30 -12.78 -98.01
CA GLY U 37 32.37 -11.66 -98.95
C GLY U 37 33.72 -11.36 -99.57
N LEU U 38 34.46 -12.39 -99.98
CA LEU U 38 35.76 -12.17 -100.62
C LEU U 38 35.64 -11.87 -102.10
N SER U 39 34.48 -12.10 -102.72
CA SER U 39 34.33 -12.06 -104.17
C SER U 39 33.28 -11.06 -104.62
N ALA U 40 33.31 -9.84 -104.05
CA ALA U 40 32.34 -8.82 -104.45
C ALA U 40 32.61 -8.31 -105.87
N ASP U 41 33.88 -8.05 -106.17
CA ASP U 41 34.41 -7.57 -107.44
C ASP U 41 34.52 -8.75 -108.40
N PRO U 42 33.80 -8.75 -109.55
CA PRO U 42 33.83 -9.96 -110.37
C PRO U 42 35.16 -10.28 -111.05
N GLN U 43 36.11 -9.34 -111.13
CA GLN U 43 37.43 -9.74 -111.61
C GLN U 43 38.17 -10.57 -110.56
N THR U 44 38.07 -10.20 -109.27
CA THR U 44 38.68 -11.05 -108.27
C THR U 44 37.86 -12.31 -108.06
N PHE U 45 36.56 -12.28 -108.41
CA PHE U 45 35.77 -13.51 -108.41
C PHE U 45 36.24 -14.45 -109.51
N ALA U 46 36.56 -13.92 -110.69
CA ALA U 46 37.12 -14.73 -111.77
C ALA U 46 38.47 -15.32 -111.37
N ARG U 47 39.32 -14.51 -110.74
CA ARG U 47 40.60 -15.02 -110.27
C ARG U 47 40.39 -16.14 -109.26
N TYR U 48 39.59 -15.88 -108.22
CA TYR U 48 39.32 -16.90 -107.21
C TYR U 48 38.71 -18.17 -107.80
N ARG U 49 37.89 -18.05 -108.86
CA ARG U 49 37.36 -19.29 -109.41
C ARG U 49 38.39 -20.03 -110.25
N GLU U 50 39.34 -19.34 -110.89
CA GLU U 50 40.35 -20.12 -111.62
C GLU U 50 41.33 -20.81 -110.66
N ILE U 51 41.72 -20.14 -109.58
CA ILE U 51 42.46 -20.85 -108.52
C ILE U 51 41.64 -21.99 -107.92
N GLU U 52 40.32 -21.80 -107.76
CA GLU U 52 39.50 -22.87 -107.22
C GLU U 52 39.45 -24.08 -108.14
N LEU U 53 39.31 -23.84 -109.45
CA LEU U 53 39.26 -24.94 -110.41
C LEU U 53 40.60 -25.65 -110.51
N ILE U 54 41.70 -24.90 -110.51
CA ILE U 54 43.02 -25.51 -110.56
C ILE U 54 43.26 -26.37 -109.32
N HIS U 55 42.87 -25.86 -108.14
CA HIS U 55 42.97 -26.66 -106.93
C HIS U 55 42.05 -27.88 -106.96
N ALA U 56 40.87 -27.75 -107.55
CA ALA U 56 39.96 -28.89 -107.63
C ALA U 56 40.56 -30.01 -108.46
N ARG U 57 41.11 -29.67 -109.64
CA ARG U 57 41.73 -30.69 -110.48
C ARG U 57 42.98 -31.26 -109.82
N TRP U 58 43.77 -30.40 -109.17
CA TRP U 58 44.97 -30.86 -108.48
C TRP U 58 44.66 -31.80 -107.33
N ALA U 59 43.59 -31.51 -106.58
CA ALA U 59 43.20 -32.41 -105.51
C ALA U 59 42.52 -33.65 -106.02
N LEU U 60 41.93 -33.63 -107.22
CA LEU U 60 41.47 -34.87 -107.82
C LEU U 60 42.65 -35.78 -108.12
N LEU U 61 43.72 -35.23 -108.70
CA LEU U 61 44.96 -35.98 -108.87
C LEU U 61 45.50 -36.47 -107.54
N GLY U 62 45.52 -35.58 -106.53
CA GLY U 62 46.06 -35.94 -105.24
C GLY U 62 45.28 -37.05 -104.56
N ALA U 63 43.95 -36.92 -104.54
CA ALA U 63 43.11 -37.91 -103.89
C ALA U 63 43.13 -39.25 -104.61
N LEU U 64 43.31 -39.24 -105.94
CA LEU U 64 43.48 -40.53 -106.61
C LEU U 64 44.87 -41.11 -106.36
N GLY U 65 45.87 -40.25 -106.13
CA GLY U 65 47.21 -40.74 -105.87
C GLY U 65 47.49 -41.15 -104.43
N ILE U 66 46.69 -40.66 -103.48
CA ILE U 66 46.87 -41.07 -102.09
C ILE U 66 46.36 -42.49 -101.90
N LEU U 67 45.18 -42.78 -102.45
CA LEU U 67 44.50 -44.05 -102.18
C LEU U 67 45.08 -45.20 -102.98
N THR U 68 45.51 -44.95 -104.22
CA THR U 68 45.85 -46.03 -105.14
C THR U 68 46.99 -46.93 -104.69
N PRO U 69 48.18 -46.45 -104.28
CA PRO U 69 49.23 -47.41 -103.89
C PRO U 69 48.89 -48.21 -102.64
N GLU U 70 48.22 -47.60 -101.66
CA GLU U 70 47.90 -48.31 -100.44
C GLU U 70 46.79 -49.32 -100.66
N LEU U 71 45.80 -48.97 -101.49
CA LEU U 71 44.76 -49.93 -101.86
C LEU U 71 45.32 -51.08 -102.66
N LEU U 72 46.30 -50.80 -103.53
CA LEU U 72 46.96 -51.89 -104.26
C LEU U 72 47.82 -52.75 -103.35
N SER U 73 48.41 -52.16 -102.31
CA SER U 73 49.26 -52.93 -101.42
C SER U 73 48.43 -53.81 -100.48
N GLN U 74 47.28 -53.33 -100.03
CA GLN U 74 46.49 -54.11 -99.09
C GLN U 74 45.47 -55.02 -99.78
N TYR U 75 44.72 -54.48 -100.74
CA TYR U 75 43.63 -55.22 -101.37
C TYR U 75 44.00 -55.86 -102.70
N ALA U 76 45.24 -55.70 -103.16
CA ALA U 76 45.69 -56.38 -104.38
C ALA U 76 46.97 -57.18 -104.19
N GLY U 77 47.69 -56.98 -103.08
CA GLY U 77 48.83 -57.82 -102.76
C GLY U 77 50.17 -57.39 -103.34
N VAL U 78 50.22 -56.34 -104.14
CA VAL U 78 51.49 -55.91 -104.72
C VAL U 78 52.29 -55.18 -103.64
N GLN U 79 53.62 -55.33 -103.71
CA GLN U 79 54.51 -54.70 -102.76
C GLN U 79 55.10 -53.42 -103.33
N PHE U 80 55.37 -52.45 -102.47
CA PHE U 80 55.92 -51.17 -102.84
C PHE U 80 57.06 -50.83 -101.88
N GLY U 81 57.73 -49.71 -102.14
CA GLY U 81 58.70 -49.22 -101.17
C GLY U 81 58.04 -48.81 -99.87
N GLU U 82 56.95 -48.06 -99.97
CA GLU U 82 56.10 -47.70 -98.84
C GLU U 82 54.75 -47.30 -99.42
N PRO U 83 53.65 -47.98 -99.09
CA PRO U 83 52.33 -47.52 -99.56
C PRO U 83 51.78 -46.36 -98.76
N VAL U 84 52.40 -46.03 -97.63
CA VAL U 84 52.02 -44.86 -96.85
C VAL U 84 52.40 -43.61 -97.64
N TRP U 85 51.42 -42.72 -97.83
CA TRP U 85 51.62 -41.58 -98.72
C TRP U 85 52.60 -40.56 -98.13
N PHE U 86 52.54 -40.33 -96.81
CA PHE U 86 53.43 -39.36 -96.21
C PHE U 86 54.79 -39.95 -95.88
N LYS U 87 55.00 -41.23 -96.17
CA LYS U 87 56.31 -41.86 -96.08
C LYS U 87 56.78 -42.37 -97.44
N ALA U 88 56.07 -42.02 -98.52
CA ALA U 88 56.41 -42.43 -99.87
C ALA U 88 57.41 -41.51 -100.54
N GLY U 89 57.85 -40.46 -99.87
CA GLY U 89 58.85 -39.58 -100.43
C GLY U 89 60.25 -40.01 -100.05
N ALA U 90 60.39 -40.61 -98.87
CA ALA U 90 61.69 -41.02 -98.36
C ALA U 90 62.18 -42.33 -98.96
N GLN U 91 61.32 -43.06 -99.69
CA GLN U 91 61.74 -44.33 -100.27
C GLN U 91 62.76 -44.15 -101.39
N ILE U 92 62.90 -42.93 -101.93
CA ILE U 92 63.95 -42.66 -102.90
C ILE U 92 65.31 -42.65 -102.21
N PHE U 93 65.35 -42.48 -100.88
CA PHE U 93 66.60 -42.48 -100.14
C PHE U 93 67.06 -43.86 -99.74
N ALA U 94 66.24 -44.90 -99.97
CA ALA U 94 66.62 -46.25 -99.61
C ALA U 94 67.66 -46.79 -100.58
N ALA U 95 68.27 -47.91 -100.20
CA ALA U 95 69.26 -48.55 -101.07
C ALA U 95 68.62 -49.09 -102.34
N GLY U 96 67.42 -49.65 -102.23
CA GLY U 96 66.73 -50.15 -103.41
C GLY U 96 66.31 -49.05 -104.36
N GLY U 97 65.81 -47.95 -103.84
CA GLY U 97 65.35 -46.84 -104.65
C GLY U 97 63.83 -46.74 -104.67
N LEU U 98 63.34 -46.08 -105.70
CA LEU U 98 61.91 -45.85 -105.90
C LEU U 98 61.45 -46.65 -107.12
N ASN U 99 60.58 -47.63 -106.89
CA ASN U 99 60.08 -48.50 -107.94
C ASN U 99 58.61 -48.24 -108.18
N TYR U 100 58.20 -48.28 -109.45
CA TYR U 100 56.82 -47.96 -109.80
C TYR U 100 55.85 -49.07 -109.37
N LEU U 101 56.24 -50.33 -109.52
CA LEU U 101 55.39 -51.45 -109.11
C LEU U 101 56.10 -52.36 -108.11
N GLY U 102 57.11 -51.85 -107.41
CA GLY U 102 57.94 -52.68 -106.57
C GLY U 102 59.00 -53.45 -107.31
N ASN U 103 59.09 -53.27 -108.63
CA ASN U 103 60.08 -53.96 -109.46
C ASN U 103 61.19 -52.98 -109.82
N GLU U 104 62.43 -53.44 -109.70
CA GLU U 104 63.59 -52.60 -109.99
C GLU U 104 63.76 -52.32 -111.47
N SER U 105 63.01 -52.98 -112.35
CA SER U 105 63.09 -52.74 -113.78
C SER U 105 62.20 -51.59 -114.23
N LEU U 106 61.42 -51.00 -113.34
CA LEU U 106 60.55 -49.88 -113.65
C LEU U 106 60.99 -48.66 -112.85
N ILE U 107 61.17 -47.54 -113.55
CA ILE U 107 61.63 -46.26 -113.00
C ILE U 107 62.99 -46.45 -112.35
N HIS U 108 63.01 -46.95 -111.10
CA HIS U 108 64.24 -47.21 -110.34
C HIS U 108 65.10 -45.94 -110.23
N ALA U 109 64.55 -44.95 -109.55
CA ALA U 109 65.20 -43.65 -109.40
C ALA U 109 66.06 -43.62 -108.14
N GLN U 110 67.19 -42.92 -108.23
CA GLN U 110 68.09 -42.77 -107.11
C GLN U 110 68.61 -41.35 -106.92
N SER U 111 68.21 -40.40 -107.76
CA SER U 111 68.71 -39.03 -107.71
C SER U 111 67.55 -38.07 -107.45
N ILE U 112 67.38 -37.70 -106.18
CA ILE U 112 66.32 -36.76 -105.81
C ILE U 112 66.59 -35.38 -106.42
N ILE U 113 67.85 -34.97 -106.54
CA ILE U 113 68.16 -33.68 -107.13
C ILE U 113 67.82 -33.67 -108.61
N ALA U 114 68.15 -34.76 -109.32
CA ALA U 114 67.85 -34.83 -110.75
C ALA U 114 66.34 -34.90 -111.01
N THR U 115 65.61 -35.69 -110.21
CA THR U 115 64.18 -35.76 -110.44
C THR U 115 63.49 -34.45 -110.06
N LEU U 116 63.99 -33.73 -109.04
CA LEU U 116 63.47 -32.41 -108.74
C LEU U 116 63.76 -31.44 -109.87
N ALA U 117 64.96 -31.50 -110.44
CA ALA U 117 65.31 -30.57 -111.52
C ALA U 117 64.43 -30.79 -112.75
N VAL U 118 64.23 -32.06 -113.14
CA VAL U 118 63.41 -32.32 -114.32
C VAL U 118 61.95 -31.98 -114.03
N GLN U 119 61.48 -32.22 -112.80
CA GLN U 119 60.10 -31.86 -112.46
C GLN U 119 59.91 -30.35 -112.50
N VAL U 120 60.86 -29.59 -111.97
CA VAL U 120 60.77 -28.13 -111.96
C VAL U 120 60.79 -27.59 -113.38
N VAL U 121 61.69 -28.09 -114.24
CA VAL U 121 61.75 -27.50 -115.58
C VAL U 121 60.50 -27.86 -116.40
N LEU U 122 60.05 -29.11 -116.31
CA LEU U 122 58.86 -29.53 -117.07
C LEU U 122 57.62 -28.78 -116.58
N MET U 123 57.43 -28.69 -115.27
CA MET U 123 56.21 -28.06 -114.78
C MET U 123 56.30 -26.54 -114.86
N GLY U 124 57.51 -25.98 -114.85
CA GLY U 124 57.63 -24.56 -115.09
C GLY U 124 57.22 -24.18 -116.50
N LEU U 125 57.68 -24.97 -117.48
CA LEU U 125 57.23 -24.74 -118.85
C LEU U 125 55.73 -24.95 -119.00
N ALA U 126 55.19 -26.01 -118.39
CA ALA U 126 53.76 -26.30 -118.51
C ALA U 126 52.90 -25.22 -117.86
N GLU U 127 53.27 -24.79 -116.65
CA GLU U 127 52.49 -23.78 -115.95
C GLU U 127 52.67 -22.40 -116.56
N ALA U 128 53.84 -22.11 -117.13
CA ALA U 128 54.02 -20.84 -117.83
C ALA U 128 53.20 -20.81 -119.11
N TYR U 129 53.08 -21.95 -119.79
CA TYR U 129 52.22 -22.01 -120.96
C TYR U 129 50.75 -21.88 -120.58
N ARG U 130 50.36 -22.47 -119.45
CA ARG U 130 48.98 -22.37 -118.99
C ARG U 130 48.63 -20.93 -118.59
N ALA U 131 49.52 -20.28 -117.83
CA ALA U 131 49.27 -18.90 -117.39
C ALA U 131 49.25 -17.93 -118.56
N ASN U 132 50.16 -18.13 -119.53
CA ASN U 132 50.18 -17.27 -120.71
C ASN U 132 49.02 -17.57 -121.65
N GLY U 133 48.45 -18.77 -121.57
CA GLY U 133 47.40 -19.16 -122.50
C GLY U 133 47.89 -19.32 -123.92
N GLY U 134 49.12 -19.79 -124.10
CA GLY U 134 49.68 -20.00 -125.41
C GLY U 134 50.17 -18.72 -126.06
N SER U 135 51.04 -18.89 -127.05
CA SER U 135 51.59 -17.76 -127.79
C SER U 135 52.13 -18.25 -129.12
N GLU U 136 52.25 -17.31 -130.07
CA GLU U 136 52.87 -17.52 -131.38
C GLU U 136 52.19 -18.66 -132.15
N GLY U 137 50.90 -18.46 -132.44
CA GLY U 137 50.17 -19.39 -133.28
C GLY U 137 49.60 -20.59 -132.55
N PHE U 138 50.44 -21.43 -131.97
CA PHE U 138 49.98 -22.65 -131.34
C PHE U 138 49.28 -22.32 -130.02
N LEU U 139 48.02 -22.72 -129.91
CA LEU U 139 47.18 -22.51 -128.73
C LEU U 139 47.09 -21.04 -128.31
N ASP U 140 47.15 -20.13 -129.28
CA ASP U 140 47.03 -18.70 -128.99
C ASP U 140 45.58 -18.25 -129.09
N ASP U 141 44.69 -18.97 -128.41
CA ASP U 141 43.26 -18.75 -128.44
C ASP U 141 42.67 -19.24 -127.13
N LEU U 142 41.36 -19.50 -127.14
CA LEU U 142 40.61 -20.17 -126.08
C LEU U 142 40.48 -19.30 -124.83
N ASP U 143 40.00 -19.89 -123.73
CA ASP U 143 39.63 -19.13 -122.54
C ASP U 143 40.53 -19.41 -121.34
N THR U 144 41.64 -20.14 -121.53
CA THR U 144 42.71 -20.48 -120.59
C THR U 144 42.23 -21.03 -119.24
N LEU U 145 40.97 -21.44 -119.17
CA LEU U 145 40.40 -22.13 -118.02
C LEU U 145 39.67 -23.39 -118.42
N TYR U 146 38.98 -23.38 -119.55
CA TYR U 146 38.35 -24.56 -120.14
C TYR U 146 38.80 -24.61 -121.59
N PRO U 147 40.04 -25.08 -121.85
CA PRO U 147 40.59 -24.99 -123.21
C PRO U 147 39.85 -25.81 -124.27
N GLY U 148 39.70 -27.10 -124.07
CA GLY U 148 39.07 -27.90 -125.10
C GLY U 148 40.07 -28.53 -126.06
N GLY U 149 40.31 -27.85 -127.19
CA GLY U 149 41.25 -28.31 -128.20
C GLY U 149 42.63 -28.60 -127.66
N ALA U 150 43.21 -29.72 -128.11
CA ALA U 150 44.48 -30.31 -127.64
C ALA U 150 44.41 -30.75 -126.18
N PHE U 151 43.23 -30.77 -125.58
CA PHE U 151 43.04 -31.25 -124.21
C PHE U 151 41.80 -32.10 -124.05
N ASP U 152 40.98 -32.25 -125.09
CA ASP U 152 39.79 -33.08 -125.04
C ASP U 152 39.80 -34.00 -126.26
N PRO U 153 40.55 -35.11 -126.20
CA PRO U 153 40.58 -36.03 -127.34
C PRO U 153 39.33 -36.88 -127.47
N LEU U 154 38.54 -37.02 -126.41
CA LEU U 154 37.37 -37.89 -126.42
C LEU U 154 36.13 -37.19 -126.97
N GLY U 155 36.20 -35.89 -127.27
CA GLY U 155 35.08 -35.20 -127.87
C GLY U 155 33.94 -34.85 -126.95
N LEU U 156 34.15 -34.91 -125.63
CA LEU U 156 33.08 -34.60 -124.68
C LEU U 156 32.96 -33.12 -124.37
N ALA U 157 33.83 -32.27 -124.92
CA ALA U 157 33.75 -30.84 -124.66
C ALA U 157 32.62 -30.17 -125.42
N ASP U 158 32.06 -30.83 -126.44
CA ASP U 158 30.97 -30.27 -127.22
C ASP U 158 29.65 -30.50 -126.48
N ASP U 159 28.52 -30.18 -127.15
CA ASP U 159 27.16 -30.24 -126.61
C ASP U 159 27.11 -29.42 -125.32
N PRO U 160 27.08 -28.09 -125.41
CA PRO U 160 27.20 -27.24 -124.21
C PRO U 160 26.14 -27.47 -123.14
N ASP U 161 24.94 -27.93 -123.53
CA ASP U 161 23.85 -28.14 -122.58
C ASP U 161 24.22 -29.19 -121.53
N THR U 162 24.84 -30.29 -121.95
CA THR U 162 25.34 -31.28 -120.99
C THR U 162 26.79 -31.02 -120.59
N PHE U 163 27.52 -30.22 -121.37
CA PHE U 163 28.89 -29.86 -121.03
C PHE U 163 28.94 -29.04 -119.75
N ALA U 164 28.01 -28.08 -119.61
CA ALA U 164 27.90 -27.34 -118.36
C ALA U 164 27.49 -28.25 -117.20
N GLU U 165 26.69 -29.29 -117.48
CA GLU U 165 26.27 -30.21 -116.43
C GLU U 165 27.44 -31.01 -115.89
N LEU U 166 28.25 -31.61 -116.78
CA LEU U 166 29.38 -32.33 -116.20
C LEU U 166 30.51 -31.38 -115.80
N LYS U 167 30.45 -30.11 -116.19
CA LYS U 167 31.33 -29.10 -115.58
C LYS U 167 30.97 -28.88 -114.12
N VAL U 168 29.67 -28.80 -113.84
CA VAL U 168 29.20 -28.72 -112.46
C VAL U 168 29.61 -30.00 -111.71
N LYS U 169 29.52 -31.15 -112.38
CA LYS U 169 30.00 -32.39 -111.78
C LYS U 169 31.49 -32.33 -111.45
N GLU U 170 32.27 -31.74 -112.36
CA GLU U 170 33.72 -31.60 -112.15
C GLU U 170 34.01 -30.73 -110.95
N ILE U 171 33.31 -29.60 -110.83
CA ILE U 171 33.55 -28.72 -109.68
C ILE U 171 33.10 -29.39 -108.38
N LYS U 172 31.99 -30.12 -108.42
CA LYS U 172 31.47 -30.77 -107.21
C LYS U 172 32.41 -31.87 -106.71
N ASN U 173 32.81 -32.78 -107.60
CA ASN U 173 33.71 -33.82 -107.12
C ASN U 173 35.15 -33.33 -106.94
N GLY U 174 35.52 -32.19 -107.55
CA GLY U 174 36.77 -31.56 -107.20
C GLY U 174 36.74 -30.98 -105.79
N ARG U 175 35.60 -30.40 -105.39
CA ARG U 175 35.45 -29.95 -104.02
C ARG U 175 35.48 -31.12 -103.05
N LEU U 176 34.86 -32.24 -103.44
CA LEU U 176 34.94 -33.46 -102.64
C LEU U 176 36.39 -33.92 -102.52
N ALA U 177 37.15 -33.83 -103.61
CA ALA U 177 38.56 -34.22 -103.57
C ALA U 177 39.39 -33.31 -102.69
N MET U 178 39.14 -31.99 -102.75
CA MET U 178 39.85 -31.07 -101.86
C MET U 178 39.53 -31.34 -100.39
N PHE U 179 38.26 -31.61 -100.09
CA PHE U 179 37.89 -31.97 -98.72
C PHE U 179 38.56 -33.26 -98.28
N SER U 180 38.59 -34.27 -99.16
CA SER U 180 39.20 -35.54 -98.84
C SER U 180 40.71 -35.41 -98.65
N CYS U 181 41.36 -34.56 -99.44
CA CYS U 181 42.80 -34.41 -99.30
C CYS U 181 43.17 -33.58 -98.08
N LEU U 182 42.32 -32.62 -97.70
CA LEU U 182 42.50 -31.95 -96.41
C LEU U 182 42.34 -32.94 -95.27
N GLY U 183 41.38 -33.87 -95.41
CA GLY U 183 41.25 -34.94 -94.44
C GLY U 183 42.48 -35.83 -94.38
N PHE U 184 43.07 -36.12 -95.54
CA PHE U 184 44.32 -36.89 -95.57
C PHE U 184 45.44 -36.14 -94.84
N PHE U 185 45.56 -34.84 -95.08
CA PHE U 185 46.59 -34.03 -94.44
C PHE U 185 46.41 -34.02 -92.93
N VAL U 186 45.18 -33.85 -92.45
CA VAL U 186 44.95 -33.80 -91.01
C VAL U 186 45.14 -35.18 -90.38
N GLN U 187 44.67 -36.23 -91.06
CA GLN U 187 44.83 -37.59 -90.54
C GLN U 187 46.29 -38.01 -90.47
N ALA U 188 47.13 -37.48 -91.37
CA ALA U 188 48.55 -37.81 -91.34
C ALA U 188 49.21 -37.31 -90.05
N ILE U 189 48.91 -36.07 -89.65
CA ILE U 189 49.50 -35.52 -88.44
C ILE U 189 48.94 -36.19 -87.19
N VAL U 190 47.63 -36.41 -87.16
CA VAL U 190 46.98 -36.91 -85.94
C VAL U 190 47.23 -38.40 -85.76
N THR U 191 46.75 -39.22 -86.70
CA THR U 191 46.86 -40.66 -86.54
C THR U 191 48.25 -41.18 -86.84
N GLY U 192 48.93 -40.61 -87.83
CA GLY U 192 50.22 -41.12 -88.24
C GLY U 192 50.15 -42.40 -89.04
N LYS U 193 49.01 -42.68 -89.67
CA LYS U 193 48.81 -43.88 -90.47
C LYS U 193 48.17 -43.49 -91.80
N GLY U 194 48.17 -44.44 -92.73
CA GLY U 194 47.58 -44.23 -94.04
C GLY U 194 46.07 -44.11 -93.96
N PRO U 195 45.47 -43.48 -94.98
CA PRO U 195 44.02 -43.21 -94.94
C PRO U 195 43.15 -44.47 -94.93
N VAL U 196 43.35 -45.38 -95.90
CA VAL U 196 42.57 -46.60 -95.87
C VAL U 196 43.02 -47.53 -94.75
N GLN U 197 44.23 -47.33 -94.20
CA GLN U 197 44.61 -48.04 -93.00
C GLN U 197 43.75 -47.62 -91.82
N ASN U 198 43.56 -46.31 -91.65
CA ASN U 198 42.63 -45.82 -90.63
C ASN U 198 41.20 -46.24 -90.92
N LEU U 199 40.85 -46.35 -92.21
CA LEU U 199 39.52 -46.85 -92.57
C LEU U 199 39.34 -48.30 -92.13
N THR U 200 40.36 -49.14 -92.34
CA THR U 200 40.27 -50.54 -91.95
C THR U 200 40.27 -50.68 -90.43
N ASP U 201 41.03 -49.84 -89.73
CA ASP U 201 40.94 -49.86 -88.27
C ASP U 201 39.61 -49.32 -87.78
N HIS U 202 38.96 -48.45 -88.57
CA HIS U 202 37.65 -47.94 -88.20
C HIS U 202 36.58 -49.01 -88.35
N LEU U 203 36.70 -49.86 -89.38
CA LEU U 203 35.72 -50.91 -89.60
C LEU U 203 35.80 -52.02 -88.56
N ALA U 204 36.95 -52.18 -87.90
CA ALA U 204 37.07 -53.19 -86.85
C ALA U 204 36.22 -52.84 -85.64
N ASP U 205 36.23 -51.57 -85.24
CA ASP U 205 35.45 -51.12 -84.09
C ASP U 205 35.18 -49.63 -84.21
N PRO U 206 34.05 -49.24 -84.82
CA PRO U 206 33.75 -47.80 -84.96
C PRO U 206 33.37 -47.13 -83.65
N THR U 207 33.03 -47.89 -82.62
CA THR U 207 32.59 -47.30 -81.36
C THR U 207 33.73 -46.61 -80.63
N VAL U 208 34.88 -47.27 -80.54
CA VAL U 208 36.03 -46.75 -79.80
C VAL U 208 37.03 -46.07 -80.73
N ASN U 209 37.43 -46.75 -81.81
CA ASN U 209 38.44 -46.22 -82.71
C ASN U 209 37.82 -45.17 -83.61
N ASN U 210 37.96 -43.90 -83.23
CA ASN U 210 37.48 -42.78 -84.02
C ASN U 210 38.46 -41.63 -83.87
N ALA U 211 38.05 -40.44 -84.32
CA ALA U 211 38.92 -39.27 -84.21
C ALA U 211 38.99 -38.74 -82.79
N PHE U 212 38.00 -39.05 -81.95
CA PHE U 212 37.98 -38.54 -80.59
C PHE U 212 38.96 -39.26 -79.67
N ALA U 213 39.38 -40.48 -80.03
CA ALA U 213 40.37 -41.20 -79.23
C ALA U 213 41.73 -40.50 -79.27
N SER U 214 42.10 -39.98 -80.44
CA SER U 214 43.38 -39.29 -80.61
C SER U 214 43.24 -37.78 -80.42
N ALA U 215 42.09 -37.31 -79.92
CA ALA U 215 41.90 -35.88 -79.69
C ALA U 215 42.69 -35.36 -78.51
N THR U 216 43.21 -36.23 -77.65
CA THR U 216 43.97 -35.82 -76.47
C THR U 216 45.47 -35.76 -76.71
N LYS U 217 45.93 -36.04 -77.93
CA LYS U 217 47.37 -36.12 -78.20
C LYS U 217 48.03 -34.75 -78.33
N PHE U 218 47.28 -33.68 -78.49
CA PHE U 218 47.84 -32.35 -78.69
C PHE U 218 47.67 -31.45 -77.47
N THR U 219 47.37 -32.02 -76.31
CA THR U 219 47.20 -31.20 -75.12
C THR U 219 48.55 -30.64 -74.66
N PRO U 220 48.60 -29.37 -74.25
CA PRO U 220 49.87 -28.80 -73.81
C PRO U 220 50.30 -29.34 -72.46
N GLY U 221 51.61 -29.34 -72.24
CA GLY U 221 52.19 -29.83 -71.00
C GLY U 221 53.13 -28.83 -70.35
N SER V 1 -6.47 69.07 32.92
CA SER V 1 -5.63 70.15 32.42
C SER V 1 -4.86 69.72 31.18
N LEU V 2 -5.50 68.91 30.34
CA LEU V 2 -4.89 68.43 29.11
C LEU V 2 -5.71 68.94 27.92
N SER V 3 -5.01 69.13 26.79
CA SER V 3 -5.64 69.72 25.61
C SER V 3 -6.53 68.74 24.85
N TYR V 4 -6.44 67.43 25.13
CA TYR V 4 -7.20 66.44 24.40
C TYR V 4 -8.37 65.85 25.18
N LEU V 5 -8.34 65.90 26.50
CA LEU V 5 -9.45 65.36 27.29
C LEU V 5 -10.70 66.22 27.15
N ASP V 6 -10.53 67.55 27.26
CA ASP V 6 -11.59 68.54 27.09
C ASP V 6 -12.77 68.36 28.05
N GLY V 7 -12.55 67.68 29.18
CA GLY V 7 -13.57 67.55 30.19
C GLY V 7 -14.76 66.69 29.77
N HIS V 8 -15.91 67.03 30.36
CA HIS V 8 -17.22 66.37 30.15
C HIS V 8 -17.15 64.85 30.32
N LEU V 9 -16.30 64.38 31.22
CA LEU V 9 -16.29 62.99 31.66
C LEU V 9 -15.89 62.97 33.13
N PRO V 10 -16.36 61.98 33.89
CA PRO V 10 -16.00 61.90 35.31
C PRO V 10 -14.53 61.55 35.49
N GLY V 11 -14.03 61.88 36.68
CA GLY V 11 -12.62 61.70 36.97
C GLY V 11 -11.82 62.89 36.49
N ASP V 12 -10.96 62.66 35.48
CA ASP V 12 -10.16 63.69 34.84
C ASP V 12 -9.29 64.44 35.85
N MET V 13 -8.38 63.70 36.48
CA MET V 13 -7.46 64.25 37.45
C MET V 13 -6.19 64.80 36.82
N GLY V 14 -6.10 64.80 35.49
CA GLY V 14 -4.91 65.26 34.80
C GLY V 14 -3.71 64.39 34.99
N PHE V 15 -3.90 63.07 35.00
CA PHE V 15 -2.81 62.10 35.16
C PHE V 15 -2.51 61.51 33.79
N ASP V 16 -1.64 62.18 33.04
CA ASP V 16 -1.23 61.72 31.73
C ASP V 16 0.13 62.31 31.36
N PRO V 17 1.23 61.78 31.92
CA PRO V 17 2.55 62.31 31.57
C PRO V 17 2.93 62.06 30.12
N LEU V 18 2.49 60.96 29.53
CA LEU V 18 2.80 60.62 28.14
C LEU V 18 1.55 60.77 27.28
N HIS V 19 1.67 60.38 26.02
CA HIS V 19 0.57 60.50 25.06
C HIS V 19 -0.33 59.26 25.05
N LEU V 20 -0.84 58.89 26.23
CA LEU V 20 -1.74 57.74 26.31
C LEU V 20 -3.09 58.06 25.68
N SER V 21 -3.66 59.21 26.02
CA SER V 21 -4.93 59.64 25.45
C SER V 21 -4.78 60.71 24.38
N SER V 22 -3.55 61.15 24.11
CA SER V 22 -3.33 62.16 23.08
C SER V 22 -3.47 61.53 21.70
N PRO V 23 -4.31 62.09 20.82
CA PRO V 23 -4.45 61.52 19.48
C PRO V 23 -3.24 61.79 18.62
N THR V 24 -2.43 60.76 18.37
CA THR V 24 -1.27 60.91 17.51
C THR V 24 -1.70 60.99 16.04
N VAL V 25 -0.88 61.69 15.25
CA VAL V 25 -1.16 61.81 13.82
C VAL V 25 -0.93 60.47 13.13
N SER V 26 -1.90 60.07 12.30
CA SER V 26 -1.86 58.79 11.62
C SER V 26 -2.16 58.98 10.14
N LEU V 27 -1.87 57.94 9.36
CA LEU V 27 -1.99 57.99 7.91
C LEU V 27 -2.61 56.67 7.44
N GLN V 28 -3.37 56.74 6.35
CA GLN V 28 -4.04 55.56 5.80
C GLN V 28 -3.38 55.14 4.50
N ILE V 29 -3.13 53.84 4.37
CA ILE V 29 -2.51 53.25 3.18
C ILE V 29 -3.54 52.36 2.50
N GLY V 30 -3.67 52.51 1.18
CA GLY V 30 -4.61 51.69 0.44
C GLY V 30 -4.22 50.22 0.41
N VAL V 31 -5.23 49.37 0.23
CA VAL V 31 -5.00 47.93 0.24
C VAL V 31 -4.26 47.51 -1.04
N ASP V 32 -3.63 46.33 -0.96
CA ASP V 32 -2.89 45.79 -2.09
C ASP V 32 -3.82 44.98 -2.99
N GLU V 33 -3.68 45.20 -4.29
CA GLU V 33 -4.48 44.50 -5.29
C GLU V 33 -3.94 43.08 -5.42
N GLU V 34 -4.46 42.18 -4.60
CA GLU V 34 -3.99 40.80 -4.57
C GLU V 34 -4.78 39.88 -5.48
N ASP V 35 -5.66 40.43 -6.32
CA ASP V 35 -6.39 39.61 -7.28
C ASP V 35 -5.45 39.14 -8.37
N GLN V 36 -5.29 37.82 -8.50
CA GLN V 36 -4.33 37.26 -9.43
C GLN V 36 -4.86 37.16 -10.86
N ASN V 37 -6.10 37.58 -11.11
CA ASN V 37 -6.68 37.60 -12.44
C ASN V 37 -6.59 38.96 -13.09
N GLN V 38 -5.54 39.73 -12.79
CA GLN V 38 -5.32 41.05 -13.34
C GLN V 38 -3.96 41.12 -14.00
N ALA V 39 -3.71 42.23 -14.68
CA ALA V 39 -2.46 42.39 -15.43
C ALA V 39 -1.32 42.82 -14.51
N GLN V 40 -1.43 44.01 -13.90
CA GLN V 40 -0.38 44.56 -13.06
C GLN V 40 -0.94 44.83 -11.67
N ASN V 41 -0.23 44.38 -10.65
CA ASN V 41 -0.63 44.57 -9.26
C ASN V 41 0.42 45.41 -8.54
N LYS V 42 -0.03 46.50 -7.93
CA LYS V 42 0.84 47.41 -7.20
C LYS V 42 0.68 47.20 -5.69
N LYS V 43 1.44 47.98 -4.92
CA LYS V 43 1.41 47.91 -3.47
C LYS V 43 0.48 48.94 -2.84
N GLY V 44 -0.24 49.71 -3.64
CA GLY V 44 -1.16 50.71 -3.13
C GLY V 44 -0.47 52.04 -2.84
N ASP V 45 -1.30 53.04 -2.59
CA ASP V 45 -0.82 54.39 -2.32
C ASP V 45 -1.61 54.96 -1.15
N VAL V 46 -1.47 56.27 -0.93
CA VAL V 46 -2.14 56.96 0.16
C VAL V 46 -3.50 57.45 -0.33
N GLU V 47 -4.54 57.10 0.42
CA GLU V 47 -5.90 57.49 0.07
C GLU V 47 -6.33 58.77 0.77
N ALA V 48 -6.11 58.86 2.08
CA ALA V 48 -6.49 60.04 2.84
C ALA V 48 -5.49 60.24 3.98
N ILE V 49 -5.49 61.45 4.53
CA ILE V 49 -4.58 61.82 5.61
C ILE V 49 -5.40 62.34 6.79
N PHE V 50 -5.04 61.92 7.99
CA PHE V 50 -5.66 62.40 9.22
C PHE V 50 -4.66 63.29 9.95
N ARG V 51 -5.05 64.53 10.22
CA ARG V 51 -4.18 65.50 10.89
C ARG V 51 -4.93 66.11 12.07
N PRO V 52 -4.82 65.48 13.26
CA PRO V 52 -5.50 65.98 14.47
C PRO V 52 -4.87 67.26 15.01
N GLU V 53 -16.59 53.93 17.14
CA GLU V 53 -17.33 52.71 17.46
C GLU V 53 -16.40 51.66 18.05
N VAL V 54 -15.11 51.74 17.73
CA VAL V 54 -14.12 50.85 18.31
C VAL V 54 -14.02 51.08 19.81
N PHE V 55 -13.92 52.35 20.20
CA PHE V 55 -13.98 52.75 21.60
C PHE V 55 -15.28 53.50 21.90
N GLY V 56 -16.35 53.13 21.20
CA GLY V 56 -17.62 53.80 21.36
C GLY V 56 -18.32 53.41 22.64
N LEU V 57 -19.46 54.08 22.87
CA LEU V 57 -20.22 53.88 24.10
C LEU V 57 -20.88 52.50 24.17
N ALA V 58 -21.21 51.89 23.03
CA ALA V 58 -22.01 50.67 23.04
C ALA V 58 -21.28 49.50 23.70
N ARG V 59 -20.03 49.24 23.27
CA ARG V 59 -19.27 48.13 23.85
C ARG V 59 -18.93 48.36 25.31
N PHE V 60 -18.61 49.61 25.69
CA PHE V 60 -18.35 49.92 27.09
C PHE V 60 -19.59 49.77 27.95
N ARG V 61 -20.77 50.16 27.44
CA ARG V 61 -22.02 49.92 28.16
C ARG V 61 -22.24 48.43 28.37
N GLU V 62 -22.00 47.63 27.31
CA GLU V 62 -22.17 46.18 27.41
C GLU V 62 -21.27 45.58 28.49
N THR V 63 -19.98 45.87 28.40
CA THR V 63 -19.03 45.23 29.31
C THR V 63 -19.16 45.78 30.72
N GLU V 64 -19.63 47.03 30.88
CA GLU V 64 -19.82 47.54 32.23
C GLU V 64 -21.04 46.93 32.91
N VAL V 65 -22.13 46.72 32.17
CA VAL V 65 -23.28 46.03 32.75
C VAL V 65 -22.91 44.60 33.11
N ILE V 66 -22.09 43.95 32.28
CA ILE V 66 -21.73 42.56 32.57
C ILE V 66 -20.77 42.46 33.77
N HIS V 67 -19.81 43.39 33.89
CA HIS V 67 -19.04 43.48 35.13
C HIS V 67 -19.90 43.79 36.34
N GLY V 68 -20.92 44.64 36.19
CA GLY V 68 -21.80 44.93 37.33
C GLY V 68 -22.56 43.71 37.79
N ARG V 69 -23.07 42.92 36.84
CA ARG V 69 -23.75 41.68 37.17
C ARG V 69 -22.80 40.69 37.85
N TRP V 70 -21.59 40.54 37.31
CA TRP V 70 -20.60 39.66 37.92
C TRP V 70 -20.21 40.13 39.32
N ALA V 71 -20.08 41.44 39.50
CA ALA V 71 -19.70 42.00 40.79
C ALA V 71 -20.77 41.73 41.84
N MET V 72 -22.03 41.96 41.49
CA MET V 72 -23.11 41.71 42.45
C MET V 72 -23.25 40.22 42.75
N LEU V 73 -23.10 39.37 41.73
CA LEU V 73 -23.18 37.93 41.94
C LEU V 73 -22.06 37.45 42.87
N GLY V 74 -20.84 37.92 42.63
CA GLY V 74 -19.72 37.53 43.48
C GLY V 74 -19.76 38.15 44.86
N THR V 75 -20.36 39.33 44.99
CA THR V 75 -20.50 39.94 46.31
C THR V 75 -21.49 39.17 47.16
N LEU V 76 -22.60 38.74 46.56
CA LEU V 76 -23.52 37.85 47.28
C LEU V 76 -22.83 36.54 47.61
N GLY V 77 -22.02 36.02 46.68
CA GLY V 77 -21.28 34.80 46.96
C GLY V 77 -20.31 34.94 48.11
N ALA V 78 -19.62 36.07 48.20
CA ALA V 78 -18.70 36.31 49.31
C ALA V 78 -19.46 36.42 50.63
N ILE V 79 -20.53 37.23 50.65
CA ILE V 79 -21.27 37.45 51.88
C ILE V 79 -22.02 36.20 52.34
N VAL V 80 -22.26 35.24 51.45
CA VAL V 80 -22.87 33.98 51.87
C VAL V 80 -21.82 32.97 52.27
N GLY V 81 -20.77 32.80 51.46
CA GLY V 81 -19.72 31.84 51.77
C GLY V 81 -19.03 32.15 53.08
N GLU V 82 -18.68 33.41 53.30
CA GLU V 82 -18.36 33.83 54.65
C GLU V 82 -19.63 33.85 55.47
N ALA V 83 -19.57 33.32 56.69
CA ALA V 83 -20.69 33.07 57.59
C ALA V 83 -21.66 32.00 57.05
N ALA V 84 -21.27 31.27 56.01
CA ALA V 84 -21.93 30.02 55.68
C ALA V 84 -21.04 28.80 55.91
N THR V 85 -19.73 28.94 55.73
CA THR V 85 -18.78 27.87 55.97
C THR V 85 -17.68 28.22 56.96
N GLY V 86 -17.47 29.50 57.25
CA GLY V 86 -16.47 29.93 58.20
C GLY V 86 -15.12 30.30 57.60
N VAL V 87 -14.90 30.05 56.31
CA VAL V 87 -13.65 30.41 55.65
C VAL V 87 -13.85 31.71 54.90
N SER V 88 -12.75 32.45 54.74
CA SER V 88 -12.80 33.72 54.02
C SER V 88 -12.86 33.49 52.52
N TRP V 89 -13.31 34.51 51.80
CA TRP V 89 -13.31 34.43 50.34
C TRP V 89 -11.89 34.48 49.79
N VAL V 90 -10.97 35.10 50.53
CA VAL V 90 -9.56 35.10 50.13
C VAL V 90 -8.97 33.70 50.31
N ASP V 91 -9.32 33.05 51.41
CA ASP V 91 -8.83 31.71 51.71
C ASP V 91 -9.72 30.62 51.12
N ALA V 92 -10.75 31.00 50.35
CA ALA V 92 -11.65 30.02 49.76
C ALA V 92 -10.96 29.17 48.70
N GLY V 93 -9.94 29.71 48.05
CA GLY V 93 -9.22 28.95 47.04
C GLY V 93 -8.44 27.78 47.62
N LYS V 94 -7.79 27.98 48.77
CA LYS V 94 -6.99 26.92 49.38
C LYS V 94 -7.87 25.82 49.97
N VAL V 95 -8.95 26.21 50.67
CA VAL V 95 -9.83 25.24 51.29
C VAL V 95 -10.61 24.41 50.29
N GLU V 96 -10.65 24.84 49.02
CA GLU V 96 -11.17 24.00 47.95
C GLU V 96 -10.05 23.33 47.15
N LEU V 97 -8.82 23.86 47.24
CA LEU V 97 -7.68 23.17 46.65
C LEU V 97 -7.43 21.85 47.36
N ASP V 98 -7.52 21.84 48.68
CA ASP V 98 -7.50 20.57 49.42
C ASP V 98 -8.80 20.42 50.21
N GLY V 99 -9.44 19.27 50.03
CA GLY V 99 -10.71 19.01 50.69
C GLY V 99 -11.84 19.86 50.14
N ALA V 100 -12.27 19.58 48.91
CA ALA V 100 -13.36 20.33 48.29
C ALA V 100 -14.64 20.23 49.12
N GLN V 101 -15.27 21.38 49.36
CA GLN V 101 -16.37 21.49 50.29
C GLN V 101 -17.46 22.36 49.71
N TYR V 102 -18.72 22.05 50.02
CA TYR V 102 -19.84 22.89 49.62
C TYR V 102 -20.98 22.67 50.61
N LEU V 103 -21.24 23.66 51.46
CA LEU V 103 -22.33 23.66 52.44
C LEU V 103 -22.26 22.44 53.36
N GLY V 104 -21.05 22.08 53.76
CA GLY V 104 -20.88 20.90 54.59
C GLY V 104 -20.96 19.59 53.85
N GLN V 105 -20.82 19.60 52.53
CA GLN V 105 -20.86 18.39 51.72
C GLN V 105 -19.55 18.25 50.96
N SER V 106 -19.02 17.02 50.93
CA SER V 106 -17.75 16.74 50.27
C SER V 106 -17.99 16.47 48.79
N LEU V 107 -17.21 17.13 47.93
CA LEU V 107 -17.31 16.99 46.49
C LEU V 107 -16.03 16.37 45.94
N PRO V 108 -16.12 15.34 45.10
CA PRO V 108 -14.93 14.63 44.61
C PRO V 108 -14.36 15.20 43.32
N PHE V 109 -13.76 16.38 43.42
CA PHE V 109 -13.14 17.04 42.27
C PHE V 109 -11.70 17.40 42.61
N SER V 110 -10.78 17.03 41.73
CA SER V 110 -9.40 17.46 41.85
C SER V 110 -9.23 18.83 41.21
N ILE V 111 -8.11 19.48 41.50
CA ILE V 111 -7.91 20.85 41.02
C ILE V 111 -7.70 20.88 39.50
N SER V 112 -6.96 19.91 38.95
CA SER V 112 -6.73 19.88 37.51
C SER V 112 -8.02 19.58 36.75
N GLN V 113 -8.82 18.66 37.27
CA GLN V 113 -10.14 18.38 36.71
C GLN V 113 -11.02 19.62 36.77
N LEU V 114 -10.96 20.36 37.88
CA LEU V 114 -11.72 21.59 38.02
C LEU V 114 -11.31 22.62 36.97
N ILE V 115 -10.01 22.80 36.77
CA ILE V 115 -9.52 23.75 35.76
C ILE V 115 -10.03 23.36 34.38
N TRP V 116 -9.91 22.07 34.04
CA TRP V 116 -10.30 21.62 32.71
C TRP V 116 -11.80 21.82 32.46
N ILE V 117 -12.64 21.33 33.37
CA ILE V 117 -14.08 21.41 33.13
C ILE V 117 -14.58 22.84 33.26
N GLU V 118 -13.99 23.64 34.17
CA GLU V 118 -14.40 25.03 34.29
C GLU V 118 -14.05 25.80 33.02
N ALA V 119 -12.84 25.61 32.49
CA ALA V 119 -12.45 26.31 31.27
C ALA V 119 -13.35 25.92 30.11
N ILE V 120 -13.65 24.62 29.96
CA ILE V 120 -14.52 24.17 28.86
C ILE V 120 -15.90 24.79 28.98
N LEU V 121 -16.52 24.69 30.17
CA LEU V 121 -17.89 25.17 30.32
C LEU V 121 -17.99 26.70 30.24
N VAL V 122 -17.02 27.43 30.81
CA VAL V 122 -17.12 28.89 30.73
C VAL V 122 -16.83 29.37 29.31
N GLY V 123 -15.93 28.72 28.58
CA GLY V 123 -15.74 29.07 27.18
C GLY V 123 -16.99 28.83 26.36
N GLY V 124 -17.64 27.68 26.58
CA GLY V 124 -18.88 27.40 25.87
C GLY V 124 -19.99 28.38 26.20
N VAL V 125 -20.15 28.72 27.49
CA VAL V 125 -21.24 29.62 27.85
C VAL V 125 -20.97 31.04 27.38
N GLU V 126 -19.70 31.49 27.36
CA GLU V 126 -19.42 32.83 26.86
C GLU V 126 -19.63 32.89 25.35
N VAL V 127 -19.25 31.83 24.64
CA VAL V 127 -19.50 31.75 23.19
C VAL V 127 -21.00 31.79 22.92
N LEU V 128 -21.79 31.07 23.71
CA LEU V 128 -23.24 31.13 23.56
C LEU V 128 -23.81 32.46 24.04
N ARG V 129 -23.08 33.19 24.88
CA ARG V 129 -23.55 34.49 25.37
C ARG V 129 -23.40 35.57 24.32
N ASN V 130 -22.29 35.59 23.59
CA ASN V 130 -22.08 36.64 22.59
C ASN V 130 -22.45 36.19 21.18
N ASN V 131 -23.45 35.33 21.04
CA ASN V 131 -23.75 34.69 19.76
C ASN V 131 -24.89 35.36 19.00
N GLU V 132 -25.12 36.66 19.21
CA GLU V 132 -26.14 37.35 18.43
C GLU V 132 -25.75 38.82 18.26
N LEU V 133 -26.42 39.48 17.33
CA LEU V 133 -25.98 40.79 16.83
C LEU V 133 -26.59 41.98 17.56
N ASP V 134 -27.78 41.86 18.12
CA ASP V 134 -28.45 43.00 18.72
C ASP V 134 -27.74 43.39 20.01
N LEU V 135 -27.39 44.68 20.13
CA LEU V 135 -26.72 45.15 21.34
C LEU V 135 -27.67 45.15 22.54
N GLU V 136 -28.93 45.55 22.32
CA GLU V 136 -29.89 45.56 23.42
C GLU V 136 -30.28 44.15 23.84
N LYS V 137 -30.33 43.21 22.90
CA LYS V 137 -30.59 41.83 23.27
C LYS V 137 -29.37 41.18 23.91
N ARG V 138 -28.16 41.63 23.55
CA ARG V 138 -26.96 41.10 24.17
C ARG V 138 -26.85 41.57 25.62
N ILE V 139 -27.13 42.84 25.89
CA ILE V 139 -27.15 43.32 27.26
C ILE V 139 -28.31 42.72 28.02
N TYR V 140 -29.50 42.74 27.42
CA TYR V 140 -30.74 42.31 28.07
C TYR V 140 -31.38 41.21 27.22
N PRO V 141 -31.17 39.95 27.55
CA PRO V 141 -31.81 38.86 26.79
C PRO V 141 -33.31 38.84 27.02
N GLY V 142 -34.00 38.20 26.07
CA GLY V 142 -35.45 38.19 26.07
C GLY V 142 -36.13 37.38 27.14
N GLY V 143 -37.41 37.08 26.92
CA GLY V 143 -38.24 36.40 27.91
C GLY V 143 -37.79 35.00 28.24
N ALA V 144 -36.93 34.41 27.41
CA ALA V 144 -36.35 33.11 27.74
C ALA V 144 -35.52 33.19 29.02
N PHE V 145 -34.93 34.34 29.30
CA PHE V 145 -34.28 34.61 30.58
C PHE V 145 -35.16 35.42 31.51
N ASP V 146 -36.39 35.77 31.09
CA ASP V 146 -37.25 36.69 31.81
C ASP V 146 -38.64 36.09 31.99
N PRO V 147 -38.83 35.20 32.97
CA PRO V 147 -40.20 34.75 33.27
C PRO V 147 -41.00 35.74 34.09
N LEU V 148 -40.33 36.65 34.82
CA LEU V 148 -41.05 37.61 35.65
C LEU V 148 -41.69 38.71 34.82
N ASN V 149 -40.97 39.21 33.81
CA ASN V 149 -41.40 40.31 32.94
C ASN V 149 -41.74 41.56 33.77
N LEU V 150 -40.73 42.05 34.49
CA LEU V 150 -40.91 43.18 35.39
C LEU V 150 -40.98 44.51 34.64
N ALA V 151 -39.89 44.87 33.97
CA ALA V 151 -39.78 46.13 33.25
C ALA V 151 -39.22 45.84 31.86
N ASP V 152 -40.11 45.61 30.90
CA ASP V 152 -39.72 45.29 29.54
C ASP V 152 -40.41 46.27 28.59
N GLU V 153 -40.36 45.97 27.31
CA GLU V 153 -40.91 46.80 26.22
C GLU V 153 -42.43 46.93 26.23
N GLU V 154 -43.19 46.44 27.21
CA GLU V 154 -44.64 46.59 27.16
C GLU V 154 -45.11 48.01 27.46
N ASP V 155 -44.29 48.81 28.11
CA ASP V 155 -44.72 50.15 28.49
C ASP V 155 -43.77 51.25 28.04
N GLU V 156 -42.45 51.01 28.11
CA GLU V 156 -41.40 51.98 27.79
C GLU V 156 -41.45 53.22 28.68
N GLU V 157 -41.95 53.10 29.91
CA GLU V 157 -41.69 54.12 30.93
C GLU V 157 -41.10 53.56 32.21
N LYS V 158 -41.24 52.25 32.47
CA LYS V 158 -40.69 51.63 33.65
C LYS V 158 -39.40 50.88 33.38
N SER V 159 -38.97 50.81 32.12
CA SER V 159 -37.72 50.13 31.80
C SER V 159 -36.52 50.95 32.23
N PHE V 160 -36.57 52.27 32.05
CA PHE V 160 -35.45 53.14 32.37
C PHE V 160 -35.57 53.80 33.73
N ARG V 161 -36.61 53.50 34.51
CA ARG V 161 -36.67 54.03 35.87
C ARG V 161 -35.66 53.35 36.77
N LEU V 162 -35.30 52.11 36.47
CA LEU V 162 -34.30 51.38 37.23
C LEU V 162 -33.13 50.94 36.36
N LYS V 163 -33.10 51.33 35.09
CA LYS V 163 -31.90 51.10 34.27
C LYS V 163 -30.72 51.91 34.81
N THR V 164 -31.01 53.08 35.39
CA THR V 164 -29.99 53.79 36.14
C THR V 164 -29.57 52.99 37.37
N ALA V 165 -30.56 52.40 38.07
CA ALA V 165 -30.27 51.59 39.25
C ALA V 165 -29.43 50.38 38.93
N GLU V 166 -29.52 49.87 37.69
CA GLU V 166 -28.66 48.79 37.22
C GLU V 166 -27.20 49.16 37.40
N ILE V 167 -26.78 50.26 36.76
CA ILE V 167 -25.38 50.64 36.79
C ILE V 167 -24.99 51.24 38.13
N LYS V 168 -25.93 51.83 38.89
CA LYS V 168 -25.58 52.31 40.23
C LYS V 168 -25.30 51.14 41.18
N HIS V 169 -26.15 50.11 41.16
CA HIS V 169 -25.90 48.92 41.97
C HIS V 169 -24.64 48.21 41.49
N GLY V 170 -24.42 48.19 40.17
CA GLY V 170 -23.21 47.57 39.64
C GLY V 170 -21.95 48.26 40.11
N ARG V 171 -21.92 49.59 40.03
CA ARG V 171 -20.76 50.35 40.50
C ARG V 171 -20.60 50.25 42.02
N LEU V 172 -21.71 50.19 42.75
CA LEU V 172 -21.65 49.99 44.20
C LEU V 172 -21.01 48.65 44.53
N ALA V 173 -21.36 47.60 43.78
CA ALA V 173 -20.71 46.31 44.02
C ALA V 173 -19.27 46.30 43.54
N MET V 174 -18.95 47.09 42.51
CA MET V 174 -17.55 47.20 42.07
C MET V 174 -16.68 47.82 43.16
N VAL V 175 -17.15 48.93 43.75
CA VAL V 175 -16.36 49.53 44.82
C VAL V 175 -16.43 48.68 46.09
N ALA V 176 -17.51 47.91 46.26
CA ALA V 176 -17.58 46.98 47.39
C ALA V 176 -16.56 45.86 47.25
N PHE V 177 -16.38 45.34 46.03
CA PHE V 177 -15.37 44.31 45.83
C PHE V 177 -13.96 44.90 45.84
N LEU V 178 -13.82 46.16 45.45
CA LEU V 178 -12.52 46.81 45.60
C LEU V 178 -12.18 47.02 47.07
N GLY V 179 -13.19 47.26 47.91
CA GLY V 179 -12.96 47.27 49.34
C GLY V 179 -12.72 45.89 49.92
N PHE V 180 -13.34 44.87 49.31
CA PHE V 180 -13.04 43.49 49.70
C PHE V 180 -11.59 43.16 49.40
N GLY V 181 -11.09 43.59 48.25
CA GLY V 181 -9.67 43.54 47.96
C GLY V 181 -8.94 44.60 48.75
N ILE V 182 -7.62 44.63 48.57
CA ILE V 182 -6.67 45.51 49.27
C ILE V 182 -6.61 45.18 50.76
N GLN V 183 -7.78 45.04 51.40
CA GLN V 183 -7.84 44.55 52.78
C GLN V 183 -7.24 43.15 52.89
N ALA V 184 -7.35 42.34 51.83
CA ALA V 184 -6.67 41.05 51.82
C ALA V 184 -5.15 41.23 51.82
N ALA V 185 -4.67 42.20 51.05
CA ALA V 185 -3.23 42.46 50.99
C ALA V 185 -2.73 43.19 52.24
N ALA V 186 -3.49 44.19 52.71
CA ALA V 186 -3.03 45.02 53.81
C ALA V 186 -3.53 44.53 55.17
N THR V 187 -4.85 44.48 55.36
CA THR V 187 -5.40 44.04 56.64
C THR V 187 -5.29 42.54 56.80
N GLY V 188 -5.30 41.79 55.69
CA GLY V 188 -5.20 40.35 55.75
C GLY V 188 -6.52 39.62 55.82
N GLU V 189 -7.64 40.34 55.90
CA GLU V 189 -8.95 39.73 55.98
C GLU V 189 -9.95 40.62 55.26
N GLY V 190 -10.96 40.00 54.64
CA GLY V 190 -11.93 40.72 53.86
C GLY V 190 -13.35 40.31 54.18
N ALA V 191 -14.28 41.08 53.62
CA ALA V 191 -15.75 40.90 53.72
C ALA V 191 -16.14 40.99 55.20
N LEU V 192 -17.05 40.14 55.67
CA LEU V 192 -17.54 40.24 57.04
C LEU V 192 -16.48 39.85 58.07
N GLY V 193 -15.50 39.01 57.69
CA GLY V 193 -14.42 38.70 58.59
C GLY V 193 -13.55 39.90 58.91
N SER V 194 -13.45 40.84 57.96
CA SER V 194 -12.66 42.05 58.19
C SER V 194 -13.31 42.97 59.21
N LEU V 195 -14.61 42.82 59.47
CA LEU V 195 -15.31 43.67 60.41
C LEU V 195 -15.14 43.23 61.86
N ALA V 196 -14.23 42.30 62.12
CA ALA V 196 -13.94 41.90 63.50
C ALA V 196 -13.26 43.01 64.28
N LYS V 197 -12.68 44.00 63.60
CA LYS V 197 -12.07 45.11 64.33
C LYS V 197 -13.11 46.13 64.78
N PHE V 198 -14.35 46.04 64.30
CA PHE V 198 -15.43 46.84 64.88
C PHE V 198 -15.69 46.44 66.33
N THR V 199 -15.60 45.14 66.65
CA THR V 199 -15.75 44.71 68.02
C THR V 199 -14.63 45.27 68.89
N SER V 200 -13.41 45.35 68.34
CA SER V 200 -12.32 46.03 69.04
C SER V 200 -12.60 47.52 69.19
N SER V 201 -13.16 48.15 68.15
CA SER V 201 -13.49 49.56 68.23
C SER V 201 -14.71 49.82 69.10
N LEU V 202 -15.56 48.81 69.31
CA LEU V 202 -16.75 48.96 70.13
C LEU V 202 -16.68 48.07 71.37
N ASP W 2 56.66 30.84 -77.61
CA ASP W 2 57.65 30.30 -78.53
C ASP W 2 58.86 31.23 -78.63
N LEU W 3 58.68 32.33 -79.37
CA LEU W 3 59.75 33.29 -79.57
C LEU W 3 59.67 34.48 -78.61
N GLU W 4 58.47 34.80 -78.12
CA GLU W 4 58.33 35.91 -77.20
C GLU W 4 58.98 35.62 -75.85
N LYS W 5 59.07 34.35 -75.48
CA LYS W 5 59.69 33.98 -74.21
C LYS W 5 61.18 34.25 -74.18
N TRP W 6 61.83 34.32 -75.35
CA TRP W 6 63.27 34.52 -75.42
C TRP W 6 63.68 35.81 -76.11
N TYR W 7 62.76 36.52 -76.77
CA TYR W 7 63.06 37.77 -77.45
C TYR W 7 62.01 38.81 -77.10
N GLY W 8 62.41 40.07 -77.21
CA GLY W 8 61.52 41.17 -76.93
C GLY W 8 61.63 41.67 -75.51
N PRO W 9 60.86 42.72 -75.18
CA PRO W 9 60.91 43.25 -73.80
C PRO W 9 60.36 42.28 -72.76
N ASP W 10 59.37 41.47 -73.10
CA ASP W 10 58.79 40.52 -72.15
C ASP W 10 59.40 39.13 -72.38
N ARG W 11 60.65 39.00 -71.95
CA ARG W 11 61.41 37.78 -72.09
C ARG W 11 61.92 37.33 -70.71
N LYS W 12 62.40 36.09 -70.66
CA LYS W 12 62.95 35.56 -69.43
C LYS W 12 64.29 36.24 -69.12
N LEU W 13 64.35 36.93 -67.99
CA LEU W 13 65.56 37.60 -67.56
C LEU W 13 66.30 36.74 -66.53
N PHE W 14 67.54 37.15 -66.23
CA PHE W 14 68.35 36.40 -65.27
C PHE W 14 67.86 36.57 -63.83
N LEU W 15 66.92 37.48 -63.58
CA LEU W 15 66.25 37.61 -62.29
C LEU W 15 64.78 37.84 -62.57
N PRO W 16 63.89 37.38 -61.67
CA PRO W 16 62.46 37.49 -61.93
C PRO W 16 61.97 38.93 -61.84
N GLY W 17 60.68 39.10 -62.16
CA GLY W 17 60.10 40.43 -62.21
C GLY W 17 60.03 41.10 -60.84
N GLY W 18 59.65 40.35 -59.81
CA GLY W 18 59.60 40.91 -58.48
C GLY W 18 60.94 41.14 -57.82
N LEU W 19 61.99 40.56 -58.38
CA LEU W 19 63.35 40.78 -57.89
C LEU W 19 64.17 41.67 -58.80
N LEU W 20 63.68 41.97 -60.00
CA LEU W 20 64.39 42.83 -60.94
C LEU W 20 63.35 43.56 -61.79
N ASP W 21 63.39 44.89 -61.76
CA ASP W 21 62.47 45.68 -62.56
C ASP W 21 62.85 45.61 -64.04
N ARG W 22 61.86 45.85 -64.90
CA ARG W 22 62.07 45.73 -66.34
C ARG W 22 62.91 46.86 -66.90
N ASP W 23 63.04 47.98 -66.20
CA ASP W 23 63.88 49.08 -66.65
C ASP W 23 65.29 49.01 -66.08
N ASP W 24 65.59 47.99 -65.26
CA ASP W 24 66.94 47.82 -64.73
C ASP W 24 67.86 47.08 -65.70
N VAL W 25 67.33 46.56 -66.79
CA VAL W 25 68.15 45.91 -67.81
C VAL W 25 68.98 46.98 -68.53
N PRO W 26 70.22 46.71 -68.91
CA PRO W 26 70.97 47.68 -69.71
C PRO W 26 70.30 47.94 -71.06
N GLU W 27 70.47 49.16 -71.55
CA GLU W 27 69.81 49.57 -72.79
C GLU W 27 70.36 48.86 -74.02
N TYR W 28 71.55 48.28 -73.95
CA TYR W 28 72.12 47.56 -75.08
C TYR W 28 71.71 46.10 -75.12
N LEU W 29 70.89 45.65 -74.17
CA LEU W 29 70.34 44.30 -74.15
C LEU W 29 68.82 44.45 -74.20
N ASN W 30 68.27 44.56 -75.42
CA ASN W 30 66.85 44.76 -75.62
C ASN W 30 66.17 43.52 -76.21
N GLY W 31 66.72 42.34 -75.93
CA GLY W 31 66.12 41.10 -76.40
C GLY W 31 66.15 40.89 -77.89
N GLU W 32 67.23 41.28 -78.55
CA GLU W 32 67.39 41.05 -79.99
C GLU W 32 68.38 39.95 -80.32
N LEU W 33 69.18 39.52 -79.35
CA LEU W 33 70.14 38.44 -79.52
C LEU W 33 69.64 37.19 -78.80
N ALA W 34 70.17 36.05 -79.23
CA ALA W 34 69.79 34.78 -78.61
C ALA W 34 70.38 34.69 -77.20
N GLY W 35 69.57 34.16 -76.27
CA GLY W 35 70.02 34.02 -74.90
C GLY W 35 70.11 35.31 -74.12
N ASP W 36 69.36 36.33 -74.51
CA ASP W 36 69.37 37.62 -73.82
C ASP W 36 68.61 37.50 -72.51
N TYR W 37 69.34 37.46 -71.40
CA TYR W 37 68.74 37.44 -70.07
C TYR W 37 68.95 38.75 -69.33
N GLY W 38 69.58 39.75 -69.95
CA GLY W 38 69.86 40.99 -69.27
C GLY W 38 70.91 40.89 -68.19
N TYR W 39 71.77 39.87 -68.27
CA TYR W 39 72.78 39.62 -67.22
C TYR W 39 74.07 40.29 -67.62
N ASP W 40 74.32 41.46 -67.04
CA ASP W 40 75.57 42.19 -67.25
C ASP W 40 75.80 43.15 -66.09
N PRO W 41 76.16 42.64 -64.90
CA PRO W 41 76.37 43.55 -63.76
C PRO W 41 77.60 44.43 -63.91
N LEU W 42 78.62 43.96 -64.62
CA LEU W 42 79.83 44.74 -64.86
C LEU W 42 79.74 45.47 -66.19
N GLY W 43 80.43 46.60 -66.27
CA GLY W 43 80.42 47.39 -67.48
C GLY W 43 81.31 46.81 -68.57
N LEU W 44 80.94 45.64 -69.09
CA LEU W 44 81.70 44.98 -70.14
C LEU W 44 81.02 45.02 -71.50
N GLY W 45 79.69 45.02 -71.53
CA GLY W 45 78.98 45.09 -72.81
C GLY W 45 79.15 46.43 -73.50
N LYS W 46 79.24 47.51 -72.71
CA LYS W 46 79.39 48.88 -73.18
C LYS W 46 78.24 49.30 -74.09
N ASP W 47 78.30 48.94 -75.37
CA ASP W 47 77.26 49.27 -76.33
C ASP W 47 76.89 48.02 -77.14
N GLU W 48 75.94 48.20 -78.05
CA GLU W 48 75.41 47.07 -78.82
C GLU W 48 76.44 46.48 -79.78
N GLU W 49 77.33 47.31 -80.35
CA GLU W 49 78.32 46.75 -81.26
C GLU W 49 79.41 45.98 -80.52
N GLN W 50 79.79 46.44 -79.32
CA GLN W 50 80.71 45.62 -78.52
C GLN W 50 80.05 44.34 -78.05
N VAL W 51 78.74 44.38 -77.76
CA VAL W 51 78.02 43.16 -77.42
C VAL W 51 78.02 42.19 -78.58
N GLU W 52 77.78 42.70 -79.80
CA GLU W 52 77.80 41.84 -80.99
C GLU W 52 79.19 41.29 -81.25
N LYS W 53 80.23 42.09 -81.00
CA LYS W 53 81.60 41.61 -81.19
C LYS W 53 81.97 40.53 -80.19
N TYR W 54 81.54 40.68 -78.94
CA TYR W 54 81.82 39.65 -77.93
C TYR W 54 80.93 38.43 -78.13
N ARG W 55 79.82 38.57 -78.85
CA ARG W 55 78.96 37.42 -79.14
C ARG W 55 79.69 36.37 -79.97
N ALA W 56 80.58 36.81 -80.87
CA ALA W 56 81.37 35.86 -81.64
C ALA W 56 82.28 35.03 -80.75
N ASN W 57 82.96 35.69 -79.80
CA ASN W 57 83.79 34.97 -78.84
C ASN W 57 82.96 34.01 -78.00
N GLU W 58 81.78 34.46 -77.56
CA GLU W 58 80.91 33.61 -76.75
C GLU W 58 80.45 32.39 -77.52
N LEU W 59 80.06 32.56 -78.80
CA LEU W 59 79.56 31.43 -79.57
C LEU W 59 80.68 30.44 -79.91
N LEU W 60 81.86 30.93 -80.28
CA LEU W 60 82.99 30.04 -80.55
C LEU W 60 83.39 29.28 -79.29
N HIS W 61 83.49 29.98 -78.16
CA HIS W 61 83.82 29.30 -76.90
C HIS W 61 82.73 28.32 -76.50
N ALA W 62 81.47 28.63 -76.82
CA ALA W 62 80.36 27.74 -76.49
C ALA W 62 80.44 26.44 -77.27
N ARG W 63 80.65 26.53 -78.58
CA ARG W 63 80.75 25.32 -79.39
C ARG W 63 81.99 24.50 -79.02
N TRP W 64 83.11 25.17 -78.77
CA TRP W 64 84.31 24.47 -78.34
C TRP W 64 84.12 23.82 -76.97
N ALA W 65 83.33 24.46 -76.10
CA ALA W 65 83.06 23.88 -74.77
C ALA W 65 82.13 22.69 -74.87
N MET W 66 81.17 22.69 -75.80
CA MET W 66 80.33 21.52 -76.00
C MET W 66 81.15 20.33 -76.49
N LEU W 67 81.98 20.57 -77.52
CA LEU W 67 82.87 19.53 -78.01
C LEU W 67 83.80 19.04 -76.92
N ALA W 68 84.30 19.96 -76.10
CA ALA W 68 85.13 19.66 -74.94
C ALA W 68 84.40 18.73 -73.99
N ALA W 69 83.29 19.20 -73.40
CA ALA W 69 82.55 18.44 -72.38
C ALA W 69 82.23 17.04 -72.85
N ALA W 70 81.86 16.88 -74.11
CA ALA W 70 81.68 15.53 -74.65
C ALA W 70 83.01 14.76 -74.65
N GLY W 71 84.10 15.41 -75.06
CA GLY W 71 85.40 14.76 -75.14
C GLY W 71 86.04 14.43 -73.81
N ILE W 72 85.63 15.12 -72.73
CA ILE W 72 86.07 14.72 -71.40
C ILE W 72 85.19 13.60 -70.84
N ILE W 73 83.86 13.73 -70.94
CA ILE W 73 82.99 12.77 -70.27
C ILE W 73 83.03 11.40 -70.94
N ILE W 74 82.86 11.35 -72.26
CA ILE W 74 82.64 10.05 -72.92
C ILE W 74 83.83 9.09 -72.84
N PRO W 75 85.07 9.45 -73.20
CA PRO W 75 86.16 8.45 -73.15
C PRO W 75 86.50 7.99 -71.75
N GLU W 76 86.42 8.87 -70.74
CA GLU W 76 86.69 8.45 -69.37
C GLU W 76 85.63 7.47 -68.88
N GLY W 77 84.38 7.71 -69.24
CA GLY W 77 83.32 6.77 -68.90
C GLY W 77 83.52 5.42 -69.56
N LEU W 78 83.95 5.43 -70.82
CA LEU W 78 84.24 4.17 -71.52
C LEU W 78 85.40 3.43 -70.86
N GLN W 79 86.45 4.15 -70.48
CA GLN W 79 87.61 3.54 -69.83
C GLN W 79 87.24 2.95 -68.49
N ALA W 80 86.43 3.66 -67.71
CA ALA W 80 86.03 3.16 -66.40
C ALA W 80 85.05 2.00 -66.51
N ASN W 81 84.25 1.97 -67.58
CA ASN W 81 83.27 0.89 -67.76
C ASN W 81 83.85 -0.34 -68.45
N GLY W 82 85.02 -0.23 -69.08
CA GLY W 82 85.65 -1.44 -69.58
C GLY W 82 86.32 -1.37 -70.93
N ALA W 83 86.21 -0.23 -71.62
CA ALA W 83 86.84 -0.08 -72.92
C ALA W 83 88.35 0.09 -72.77
N ASP W 84 89.08 -0.39 -73.78
CA ASP W 84 90.54 -0.26 -73.81
C ASP W 84 90.88 1.11 -74.39
N ILE W 85 90.86 2.10 -73.51
CA ILE W 85 91.06 3.49 -73.89
C ILE W 85 92.51 3.93 -73.72
N LYS W 86 93.11 3.57 -72.59
CA LYS W 86 94.51 3.90 -72.24
C LYS W 86 94.72 5.42 -72.23
N GLY W 87 94.08 6.06 -71.24
CA GLY W 87 94.19 7.50 -71.11
C GLY W 87 92.86 8.22 -71.21
N GLY W 88 91.78 7.59 -70.74
CA GLY W 88 90.46 8.21 -70.82
C GLY W 88 90.31 9.43 -69.95
N THR W 89 91.07 9.52 -68.87
CA THR W 89 91.01 10.70 -68.00
C THR W 89 91.63 11.89 -68.72
N TRP W 90 90.96 13.03 -68.65
CA TRP W 90 91.25 14.14 -69.56
C TRP W 90 92.52 14.92 -69.21
N PHE W 91 92.89 15.03 -67.94
CA PHE W 91 94.06 15.82 -67.59
C PHE W 91 95.36 15.04 -67.69
N GLU W 92 95.30 13.76 -68.05
CA GLU W 92 96.47 12.91 -68.19
C GLU W 92 96.54 12.20 -69.53
N THR W 93 95.67 12.55 -70.48
CA THR W 93 95.70 11.92 -71.79
C THR W 93 96.89 12.35 -72.62
N GLY W 94 97.51 13.50 -72.31
CA GLY W 94 98.69 13.93 -73.05
C GLY W 94 99.96 13.23 -72.62
N ALA W 95 100.02 12.76 -71.38
CA ALA W 95 101.20 12.07 -70.86
C ALA W 95 101.37 10.66 -71.41
N GLU W 96 100.37 10.11 -72.10
CA GLU W 96 100.47 8.78 -72.69
C GLU W 96 101.12 8.79 -74.07
N MET W 97 101.51 9.97 -74.58
CA MET W 97 102.19 10.08 -75.86
C MET W 97 103.54 10.78 -75.73
N LEU W 98 104.05 10.91 -74.50
CA LEU W 98 105.24 11.72 -74.28
C LEU W 98 106.48 11.10 -74.92
N ASN W 99 106.75 9.83 -74.64
CA ASN W 99 107.96 9.19 -75.14
C ASN W 99 107.72 8.41 -76.44
N GLY W 100 106.93 7.34 -76.37
CA GLY W 100 106.64 6.55 -77.55
C GLY W 100 105.23 6.02 -77.61
N GLY W 101 104.43 6.34 -76.60
CA GLY W 101 103.08 5.83 -76.52
C GLY W 101 102.15 6.51 -77.50
N THR W 102 101.01 5.85 -77.73
CA THR W 102 100.02 6.37 -78.66
C THR W 102 98.64 5.95 -78.16
N LEU W 103 97.66 6.83 -78.32
CA LEU W 103 96.32 6.62 -77.83
C LEU W 103 95.52 5.69 -78.74
N ASN W 104 94.86 4.71 -78.14
CA ASN W 104 93.95 3.83 -78.87
C ASN W 104 92.63 4.54 -79.07
N TYR W 105 92.08 4.46 -80.29
CA TYR W 105 90.82 5.11 -80.61
C TYR W 105 89.68 4.09 -80.51
N PHE W 106 88.59 4.49 -79.88
CA PHE W 106 87.45 3.63 -79.63
C PHE W 106 86.24 4.21 -80.35
N ALA W 107 86.09 3.85 -81.63
CA ALA W 107 84.97 4.31 -82.44
C ALA W 107 83.84 3.31 -82.26
N VAL W 108 82.86 3.67 -81.44
CA VAL W 108 81.80 2.74 -81.04
C VAL W 108 80.91 2.44 -82.24
N PRO W 109 80.36 1.24 -82.36
CA PRO W 109 80.59 0.09 -81.47
C PRO W 109 81.82 -0.74 -81.88
N PHE W 110 82.29 -0.56 -83.11
CA PHE W 110 83.42 -1.32 -83.63
C PHE W 110 84.75 -0.65 -83.29
N GLY W 111 84.95 -0.45 -81.99
CA GLY W 111 86.08 0.31 -81.49
C GLY W 111 87.35 -0.50 -81.35
N VAL W 112 88.25 0.04 -80.53
CA VAL W 112 89.59 -0.48 -80.25
C VAL W 112 90.39 -0.56 -81.53
N VAL W 113 91.10 0.52 -81.87
CA VAL W 113 92.03 0.52 -82.98
C VAL W 113 93.31 1.21 -82.51
N GLN W 114 94.46 0.64 -82.88
CA GLN W 114 95.75 1.19 -82.51
C GLN W 114 96.19 2.17 -83.59
N ASN W 115 96.09 3.46 -83.28
CA ASN W 115 96.48 4.51 -84.20
C ASN W 115 98.01 4.52 -84.31
N PRO W 116 98.58 4.60 -85.51
CA PRO W 116 100.05 4.64 -85.63
C PRO W 116 100.68 6.02 -85.79
N LEU W 117 99.93 7.11 -85.70
CA LEU W 117 100.55 8.44 -85.88
C LEU W 117 101.25 8.87 -84.60
N PRO W 118 102.51 9.30 -84.67
CA PRO W 118 103.22 9.78 -83.48
C PRO W 118 102.76 11.17 -83.07
N LEU W 119 103.27 11.62 -81.93
CA LEU W 119 102.89 12.92 -81.37
C LEU W 119 103.31 14.06 -82.29
N ALA W 120 104.50 13.99 -82.88
CA ALA W 120 104.97 15.06 -83.74
C ALA W 120 104.10 15.21 -84.98
N ALA W 121 103.76 14.08 -85.61
CA ALA W 121 102.90 14.11 -86.80
C ALA W 121 101.50 14.59 -86.44
N VAL W 122 100.97 14.14 -85.29
CA VAL W 122 99.65 14.57 -84.84
C VAL W 122 99.62 16.07 -84.60
N THR W 123 100.64 16.58 -83.91
CA THR W 123 100.70 18.01 -83.63
C THR W 123 100.84 18.83 -84.91
N LEU W 124 101.68 18.38 -85.83
CA LEU W 124 101.88 19.11 -87.09
C LEU W 124 100.59 19.16 -87.90
N ILE W 125 99.92 18.01 -88.04
CA ILE W 125 98.68 18.00 -88.83
C ILE W 125 97.57 18.77 -88.12
N GLU W 126 97.57 18.78 -86.78
CA GLU W 126 96.55 19.53 -86.05
C GLU W 126 96.76 21.03 -86.22
N ILE W 127 97.99 21.51 -86.09
CA ILE W 127 98.27 22.93 -86.29
C ILE W 127 97.95 23.35 -87.73
N VAL W 128 98.32 22.51 -88.70
CA VAL W 128 98.07 22.85 -90.11
C VAL W 128 96.57 22.93 -90.38
N LEU W 129 95.81 21.90 -89.98
CA LEU W 129 94.38 21.89 -90.25
C LEU W 129 93.63 22.96 -89.49
N LEU W 130 93.99 23.19 -88.22
CA LEU W 130 93.30 24.20 -87.43
C LEU W 130 93.62 25.61 -87.90
N GLY W 131 94.88 25.86 -88.30
CA GLY W 131 95.20 27.14 -88.89
C GLY W 131 94.47 27.37 -90.19
N ALA W 132 94.32 26.32 -91.00
CA ALA W 132 93.59 26.43 -92.25
C ALA W 132 92.12 26.77 -92.02
N VAL W 133 91.47 26.07 -91.09
CA VAL W 133 90.04 26.31 -90.86
C VAL W 133 89.83 27.66 -90.19
N GLU W 134 90.72 28.07 -89.28
CA GLU W 134 90.55 29.37 -88.63
C GLU W 134 90.85 30.52 -89.57
N LYS W 135 91.71 30.30 -90.58
CA LYS W 135 91.90 31.32 -91.60
C LYS W 135 90.74 31.35 -92.59
N PHE W 136 90.14 30.20 -92.88
CA PHE W 136 88.97 30.17 -93.74
C PHE W 136 87.76 30.80 -93.06
N ARG W 137 87.66 30.71 -91.73
CA ARG W 137 86.54 31.29 -91.01
C ARG W 137 86.54 32.81 -91.12
N VAL W 138 87.71 33.44 -90.97
CA VAL W 138 87.78 34.90 -91.08
C VAL W 138 87.64 35.35 -92.53
N ASP W 139 88.31 34.66 -93.46
CA ASP W 139 88.28 35.07 -94.86
C ASP W 139 86.97 34.69 -95.54
N GLY W 140 86.30 33.65 -95.08
CA GLY W 140 85.07 33.20 -95.73
C GLY W 140 85.29 32.63 -97.12
N THR W 141 86.30 31.79 -97.31
CA THR W 141 86.59 31.18 -98.60
C THR W 141 86.92 29.71 -98.41
N GLY W 142 86.30 28.85 -99.21
CA GLY W 142 86.56 27.44 -99.18
C GLY W 142 86.62 26.84 -100.57
N PRO W 143 87.75 26.20 -100.90
CA PRO W 143 87.98 25.75 -102.28
C PRO W 143 87.04 24.65 -102.78
N ALA W 144 87.00 23.52 -102.08
CA ALA W 144 86.30 22.34 -102.56
C ALA W 144 84.88 22.30 -101.97
N GLY W 145 84.18 21.20 -102.24
CA GLY W 145 82.79 21.07 -101.82
C GLY W 145 82.35 19.68 -101.42
N PHE W 146 81.24 19.23 -102.01
CA PHE W 146 80.63 17.92 -101.80
C PHE W 146 80.24 17.70 -100.34
N SER W 147 79.26 18.52 -99.90
CA SER W 147 78.56 18.41 -98.63
C SER W 147 77.14 17.90 -98.86
N PRO W 148 76.56 17.19 -97.89
CA PRO W 148 75.17 16.71 -98.06
C PRO W 148 74.14 17.82 -98.15
N GLY W 149 74.46 19.04 -97.71
CA GLY W 149 73.50 20.13 -97.84
C GLY W 149 73.23 20.50 -99.28
N VAL W 150 74.27 20.60 -100.10
CA VAL W 150 74.13 20.89 -101.52
C VAL W 150 75.24 20.15 -102.26
N GLY W 151 74.88 19.48 -103.35
CA GLY W 151 75.81 18.64 -104.08
C GLY W 151 76.93 19.36 -104.77
N LYS W 152 78.14 19.21 -104.24
CA LYS W 152 79.39 19.74 -104.82
C LYS W 152 79.33 21.26 -105.00
N PHE W 153 79.24 21.96 -103.87
CA PHE W 153 79.21 23.42 -103.91
C PHE W 153 80.56 23.99 -104.34
N ASP W 154 80.52 25.08 -105.08
CA ASP W 154 81.73 25.72 -105.57
C ASP W 154 82.34 26.60 -104.49
N SER W 155 83.42 27.29 -104.84
CA SER W 155 84.08 28.18 -103.89
C SER W 155 83.32 29.48 -103.68
N ASP W 156 82.52 29.89 -104.66
CA ASP W 156 81.79 31.16 -104.57
C ASP W 156 80.41 30.98 -103.95
N ILE W 157 80.37 30.34 -102.79
CA ILE W 157 79.12 30.21 -102.04
C ILE W 157 79.25 30.76 -100.62
N PHE W 158 80.44 30.79 -100.03
CA PHE W 158 80.62 31.39 -98.71
C PHE W 158 80.53 32.91 -98.77
N ASP W 159 80.88 33.49 -99.92
CA ASP W 159 80.75 34.94 -100.09
C ASP W 159 79.28 35.31 -100.18
N GLY W 160 78.90 36.38 -99.48
CA GLY W 160 77.53 36.79 -99.38
C GLY W 160 76.74 36.13 -98.27
N LEU W 161 77.33 35.14 -97.59
CA LEU W 161 76.68 34.49 -96.47
C LEU W 161 76.80 35.36 -95.21
N ASP W 162 76.24 34.87 -94.11
CA ASP W 162 76.28 35.58 -92.84
C ASP W 162 77.33 34.93 -91.95
N LYS W 163 78.27 35.74 -91.46
CA LYS W 163 79.27 35.22 -90.54
C LYS W 163 78.62 34.89 -89.20
N LEU W 164 79.25 33.94 -88.49
CA LEU W 164 78.86 33.41 -87.18
C LEU W 164 77.62 32.53 -87.26
N TYR W 165 76.97 32.50 -88.42
CA TYR W 165 75.84 31.63 -88.68
C TYR W 165 75.74 31.32 -90.17
N PRO W 166 76.73 30.65 -90.77
CA PRO W 166 76.70 30.41 -92.22
C PRO W 166 75.87 29.18 -92.58
N GLY W 167 74.74 29.40 -93.24
CA GLY W 167 73.92 28.31 -93.70
C GLY W 167 74.39 27.76 -95.03
N GLY W 168 73.78 26.65 -95.43
CA GLY W 168 74.11 26.02 -96.68
C GLY W 168 74.92 24.75 -96.49
N PRO W 169 76.23 24.84 -96.78
CA PRO W 169 77.11 23.67 -96.60
C PRO W 169 77.23 23.22 -95.15
N PHE W 170 77.02 24.13 -94.19
CA PHE W 170 77.07 23.78 -92.77
C PHE W 170 75.73 23.33 -92.23
N ASP W 171 74.71 23.21 -93.08
CA ASP W 171 73.37 22.79 -92.67
C ASP W 171 72.93 21.62 -93.54
N PRO W 172 73.42 20.41 -93.26
CA PRO W 172 73.02 19.25 -94.08
C PRO W 172 71.59 18.81 -93.84
N LEU W 173 71.06 19.00 -92.64
CA LEU W 173 69.73 18.52 -92.28
C LEU W 173 68.66 19.58 -92.45
N ASN W 174 69.02 20.75 -92.97
CA ASN W 174 68.12 21.91 -93.17
C ASN W 174 67.55 22.27 -91.80
N LEU W 175 66.23 22.21 -91.59
CA LEU W 175 65.53 22.49 -90.33
C LEU W 175 65.95 23.82 -89.67
N ALA W 176 66.43 24.77 -90.48
CA ALA W 176 66.79 26.09 -89.99
C ALA W 176 66.40 27.21 -90.95
N ASP W 177 65.74 26.90 -92.06
CA ASP W 177 65.32 27.97 -92.98
C ASP W 177 64.13 28.75 -92.42
N ASP W 178 63.32 28.13 -91.58
CA ASP W 178 62.22 28.82 -90.93
C ASP W 178 62.80 29.74 -89.85
N PRO W 179 62.61 31.06 -89.94
CA PRO W 179 63.28 31.97 -89.00
C PRO W 179 62.89 31.80 -87.54
N GLU W 180 61.64 31.43 -87.24
CA GLU W 180 61.23 31.33 -85.84
C GLU W 180 61.88 30.13 -85.16
N VAL W 181 61.87 28.96 -85.80
CA VAL W 181 62.52 27.81 -85.20
C VAL W 181 64.04 27.99 -85.26
N PHE W 182 64.54 28.77 -86.23
CA PHE W 182 65.97 29.08 -86.26
C PHE W 182 66.36 29.91 -85.04
N ALA W 183 65.55 30.91 -84.69
CA ALA W 183 65.83 31.73 -83.51
C ALA W 183 65.69 30.92 -82.22
N GLU W 184 64.67 30.07 -82.14
CA GLU W 184 64.50 29.22 -80.96
C GLU W 184 65.68 28.26 -80.80
N LEU W 185 66.13 27.69 -81.91
CA LEU W 185 67.29 26.81 -81.86
C LEU W 185 68.57 27.57 -81.56
N GLN W 186 68.65 28.85 -81.96
CA GLN W 186 69.77 29.69 -81.56
C GLN W 186 69.81 29.88 -80.05
N VAL W 187 68.64 30.13 -79.44
CA VAL W 187 68.57 30.22 -77.99
C VAL W 187 68.97 28.91 -77.34
N LYS W 188 68.51 27.79 -77.92
CA LYS W 188 68.90 26.47 -77.43
C LYS W 188 70.40 26.26 -77.49
N GLU W 189 71.01 26.67 -78.61
CA GLU W 189 72.45 26.51 -78.79
C GLU W 189 73.25 27.34 -77.81
N ILE W 190 72.87 28.61 -77.61
CA ILE W 190 73.63 29.46 -76.70
C ILE W 190 73.45 29.01 -75.25
N LYS W 191 72.26 28.51 -74.89
CA LYS W 191 72.06 28.02 -73.53
C LYS W 191 72.83 26.73 -73.29
N ASN W 192 72.82 25.81 -74.25
CA ASN W 192 73.62 24.60 -74.14
C ASN W 192 75.11 24.92 -74.09
N GLY W 193 75.54 25.94 -74.83
CA GLY W 193 76.93 26.33 -74.80
C GLY W 193 77.35 26.93 -73.47
N ARG W 194 76.49 27.76 -72.87
CA ARG W 194 76.78 28.29 -71.55
C ARG W 194 76.85 27.18 -70.52
N LEU W 195 75.93 26.21 -70.62
CA LEU W 195 75.98 25.04 -69.74
C LEU W 195 77.28 24.26 -69.94
N ALA W 196 77.73 24.12 -71.18
CA ALA W 196 78.96 23.40 -71.45
C ALA W 196 80.19 24.15 -70.92
N MET W 197 80.17 25.48 -71.02
CA MET W 197 81.27 26.28 -70.45
C MET W 197 81.35 26.10 -68.94
N ILE W 198 80.20 26.19 -68.27
CA ILE W 198 80.15 25.99 -66.83
C ILE W 198 80.61 24.58 -66.48
N ALA W 199 80.20 23.60 -67.29
CA ALA W 199 80.59 22.21 -67.05
C ALA W 199 82.08 22.00 -67.23
N VAL W 200 82.70 22.59 -68.25
CA VAL W 200 84.13 22.35 -68.46
C VAL W 200 84.98 23.10 -67.41
N LEU W 201 84.52 24.28 -66.97
CA LEU W 201 85.20 24.93 -65.84
C LEU W 201 85.07 24.08 -64.58
N ALA W 202 83.90 23.46 -64.41
CA ALA W 202 83.71 22.53 -63.30
C ALA W 202 84.63 21.32 -63.42
N PHE W 203 84.81 20.81 -64.65
CA PHE W 203 85.70 19.68 -64.87
C PHE W 203 87.13 20.02 -64.46
N ALA W 204 87.60 21.20 -64.86
CA ALA W 204 88.96 21.62 -64.52
C ALA W 204 89.13 21.79 -63.02
N ILE W 205 88.17 22.46 -62.37
CA ILE W 205 88.30 22.71 -60.94
C ILE W 205 88.16 21.41 -60.14
N GLN W 206 87.24 20.54 -60.55
CA GLN W 206 87.08 19.24 -59.87
C GLN W 206 88.33 18.38 -60.06
N SER W 207 88.93 18.42 -61.24
CA SER W 207 90.16 17.68 -61.47
C SER W 207 91.28 18.18 -60.58
N TYR W 208 91.43 19.51 -60.47
CA TYR W 208 92.46 20.07 -59.61
C TYR W 208 92.21 19.76 -58.13
N VAL W 209 90.94 19.70 -57.71
CA VAL W 209 90.64 19.49 -56.30
C VAL W 209 90.77 18.03 -55.92
N THR W 210 90.14 17.13 -56.69
CA THR W 210 90.06 15.73 -56.31
C THR W 210 91.20 14.88 -56.87
N GLY W 211 91.79 15.26 -58.00
CA GLY W 211 92.82 14.45 -58.60
C GLY W 211 92.32 13.35 -59.52
N GLU W 212 91.03 13.31 -59.80
CA GLU W 212 90.43 12.31 -60.68
C GLU W 212 89.48 13.00 -61.64
N GLY W 213 88.98 12.22 -62.60
CA GLY W 213 88.09 12.74 -63.63
C GLY W 213 86.67 12.94 -63.16
N PRO W 214 85.91 13.74 -63.92
CA PRO W 214 84.51 13.98 -63.55
C PRO W 214 83.62 12.75 -63.59
N TYR W 215 83.91 11.78 -64.47
CA TYR W 215 83.13 10.55 -64.46
C TYR W 215 83.37 9.76 -63.18
N ALA W 216 84.63 9.69 -62.74
CA ALA W 216 84.93 9.07 -61.46
C ALA W 216 84.26 9.82 -60.32
N ASN W 217 84.22 11.15 -60.43
CA ASN W 217 83.57 11.98 -59.42
C ASN W 217 82.08 11.68 -59.31
N ILE W 218 81.38 11.63 -60.46
CA ILE W 218 79.94 11.38 -60.44
C ILE W 218 79.64 9.94 -60.01
N THR W 219 80.46 8.97 -60.43
CA THR W 219 80.20 7.59 -60.04
C THR W 219 80.41 7.39 -58.54
N LYS W 220 81.48 7.97 -57.98
CA LYS W 220 81.70 7.86 -56.55
C LYS W 220 80.67 8.64 -55.75
N HIS W 221 80.20 9.78 -56.29
CA HIS W 221 79.16 10.54 -55.61
C HIS W 221 77.82 9.79 -55.59
N LEU W 222 77.47 9.15 -56.71
CA LEU W 222 76.24 8.36 -56.73
C LEU W 222 76.38 7.10 -55.88
N SER W 223 77.60 6.57 -55.76
CA SER W 223 77.80 5.44 -54.85
C SER W 223 77.65 5.85 -53.40
N ASP W 224 78.17 7.03 -53.04
CA ASP W 224 78.07 7.53 -51.67
C ASP W 224 78.14 9.06 -51.72
N PRO W 225 76.99 9.74 -51.63
CA PRO W 225 77.01 11.21 -51.72
C PRO W 225 77.50 11.88 -50.45
N PHE W 226 77.14 11.32 -49.29
CA PHE W 226 77.64 11.87 -48.04
C PHE W 226 79.09 11.46 -47.79
N GLY W 227 79.49 10.28 -48.25
CA GLY W 227 80.85 9.83 -48.10
C GLY W 227 81.83 10.34 -49.13
N TYR W 228 81.35 11.07 -50.14
CA TYR W 228 82.22 11.60 -51.18
C TYR W 228 81.57 12.84 -51.77
N ASN W 229 82.09 14.01 -51.42
CA ASN W 229 81.65 15.28 -51.98
C ASN W 229 82.78 16.29 -51.78
N LEU W 230 82.48 17.57 -52.00
CA LEU W 230 83.47 18.61 -51.79
C LEU W 230 83.89 18.69 -50.33
N LEU W 231 82.92 18.50 -49.42
CA LEU W 231 83.22 18.49 -47.98
C LEU W 231 84.15 17.35 -47.62
N THR W 232 83.94 16.17 -48.21
CA THR W 232 84.79 15.03 -47.90
C THR W 232 86.18 15.20 -48.47
N VAL W 233 86.28 15.60 -49.75
CA VAL W 233 87.60 15.72 -50.36
C VAL W 233 88.39 16.90 -49.81
N LEU W 234 87.72 17.93 -49.28
CA LEU W 234 88.45 19.02 -48.65
C LEU W 234 88.92 18.64 -47.25
N GLN W 235 88.24 17.71 -46.59
CA GLN W 235 88.58 17.34 -45.23
C GLN W 235 89.88 16.54 -45.17
N GLY W 236 90.04 15.56 -46.06
CA GLY W 236 91.21 14.72 -46.03
C GLY W 236 90.84 13.26 -45.85
N ASP W 237 91.21 12.69 -44.71
CA ASP W 237 90.91 11.29 -44.44
C ASP W 237 89.62 11.10 -43.63
N ASP W 238 89.55 11.66 -42.42
CA ASP W 238 88.36 11.63 -41.58
C ASP W 238 88.61 12.56 -40.39
N ARG W 239 87.66 12.56 -39.46
CA ARG W 239 87.76 13.29 -38.21
C ARG W 239 87.47 12.34 -37.05
N VAL W 240 87.92 12.73 -35.87
CA VAL W 240 87.59 11.97 -34.67
C VAL W 240 86.09 12.06 -34.41
N PRO W 241 85.41 10.96 -34.09
CA PRO W 241 83.97 11.03 -33.86
C PRO W 241 83.62 11.89 -32.66
N THR W 242 82.55 12.66 -32.79
CA THR W 242 82.07 13.55 -31.73
C THR W 242 81.16 12.74 -30.82
N LEU W 243 81.70 12.29 -29.70
CA LEU W 243 80.96 11.46 -28.76
C LEU W 243 80.68 12.21 -27.47
N SER X 1 30.63 9.61 -75.20
CA SER X 1 31.70 10.55 -75.48
C SER X 1 31.91 10.73 -76.98
N ALA X 2 30.79 10.83 -77.70
CA ALA X 2 30.75 11.05 -79.16
C ALA X 2 31.51 9.94 -79.90
N TRP X 3 30.98 8.72 -79.79
CA TRP X 3 31.58 7.57 -80.46
C TRP X 3 31.25 7.51 -81.94
N TYR X 4 30.37 8.38 -82.43
CA TYR X 4 29.98 8.43 -83.83
C TYR X 4 30.34 9.79 -84.40
N GLY X 5 30.00 10.01 -85.67
CA GLY X 5 30.30 11.25 -86.34
C GLY X 5 31.75 11.27 -86.78
N PRO X 6 32.20 12.42 -87.31
CA PRO X 6 33.60 12.52 -87.75
C PRO X 6 34.61 12.67 -86.62
N ASP X 7 34.18 13.10 -85.43
CA ASP X 7 35.09 13.37 -84.32
C ASP X 7 35.14 12.22 -83.32
N ARG X 8 34.95 10.98 -83.77
CA ARG X 8 35.03 9.84 -82.89
C ARG X 8 36.48 9.56 -82.52
N PRO X 9 36.72 8.92 -81.37
CA PRO X 9 38.08 8.49 -81.03
C PRO X 9 38.61 7.51 -82.08
N LEU X 10 39.91 7.63 -82.36
CA LEU X 10 40.54 6.84 -83.42
C LEU X 10 41.47 5.79 -82.81
N PHE X 11 41.98 4.93 -83.69
CA PHE X 11 42.70 3.73 -83.27
C PHE X 11 44.10 4.02 -82.76
N LEU X 12 44.59 5.25 -82.89
CA LEU X 12 45.94 5.56 -82.49
C LEU X 12 46.04 6.89 -81.75
N GLY X 13 44.95 7.65 -81.65
CA GLY X 13 44.94 8.91 -80.94
C GLY X 13 45.22 10.10 -81.83
N SER X 14 45.95 11.08 -81.31
CA SER X 14 46.31 12.26 -82.09
C SER X 14 47.33 11.94 -83.18
N LEU X 15 48.00 10.78 -83.11
CA LEU X 15 48.96 10.36 -84.11
C LEU X 15 48.36 9.45 -85.15
N SER X 16 47.03 9.27 -85.14
CA SER X 16 46.38 8.39 -86.11
C SER X 16 46.36 9.01 -87.50
N GLY X 17 46.00 10.28 -87.59
CA GLY X 17 45.88 10.93 -88.88
C GLY X 17 44.47 10.88 -89.43
N GLU X 18 44.34 10.92 -90.75
CA GLU X 18 43.02 10.88 -91.36
C GLU X 18 42.55 9.43 -91.50
N PRO X 19 41.37 9.10 -91.01
CA PRO X 19 40.84 7.74 -91.16
C PRO X 19 40.43 7.48 -92.60
N PRO X 20 40.23 6.22 -92.98
CA PRO X 20 39.78 5.92 -94.35
C PRO X 20 38.41 6.53 -94.64
N SER X 21 38.18 6.82 -95.93
CA SER X 21 36.97 7.52 -96.34
C SER X 21 35.72 6.73 -96.07
N TYR X 22 35.74 5.41 -96.31
CA TYR X 22 34.56 4.59 -96.10
C TYR X 22 34.27 4.36 -94.62
N LEU X 23 35.25 4.60 -93.75
CA LEU X 23 35.03 4.48 -92.31
C LEU X 23 34.59 5.83 -91.78
N THR X 24 33.30 6.11 -91.94
CA THR X 24 32.72 7.38 -91.55
C THR X 24 32.27 7.42 -90.09
N GLY X 25 32.50 6.35 -89.33
CA GLY X 25 32.05 6.32 -87.96
C GLY X 25 30.57 6.03 -87.78
N GLU X 26 29.90 5.56 -88.83
CA GLU X 26 28.48 5.25 -88.73
C GLU X 26 28.23 4.02 -87.87
N PHE X 27 29.05 3.01 -88.01
CA PHE X 27 28.96 1.71 -87.37
C PHE X 27 29.71 1.70 -86.04
N PRO X 28 29.28 0.87 -85.08
CA PRO X 28 29.93 0.87 -83.77
C PRO X 28 31.36 0.34 -83.81
N GLY X 29 32.18 0.84 -82.89
CA GLY X 29 33.56 0.44 -82.82
C GLY X 29 34.43 0.96 -83.94
N ASP X 30 34.00 2.02 -84.60
CA ASP X 30 34.75 2.57 -85.73
C ASP X 30 35.85 3.48 -85.20
N TYR X 31 37.06 2.94 -85.11
CA TYR X 31 38.23 3.71 -84.77
C TYR X 31 39.08 4.02 -86.00
N GLY X 32 38.69 3.52 -87.17
CA GLY X 32 39.48 3.69 -88.37
C GLY X 32 40.58 2.67 -88.54
N TRP X 33 40.59 1.61 -87.74
CA TRP X 33 41.66 0.61 -87.73
C TRP X 33 41.45 -0.37 -88.89
N ASP X 34 41.88 0.07 -90.07
CA ASP X 34 41.80 -0.75 -91.28
C ASP X 34 43.10 -0.59 -92.08
N THR X 35 44.24 -0.80 -91.42
CA THR X 35 45.54 -0.61 -92.04
C THR X 35 45.88 -1.72 -93.04
N ALA X 36 45.11 -2.80 -93.11
CA ALA X 36 45.31 -3.78 -94.16
C ALA X 36 44.54 -3.40 -95.41
N GLY X 37 43.25 -3.09 -95.27
CA GLY X 37 42.47 -2.57 -96.37
C GLY X 37 41.47 -3.52 -97.00
N LEU X 38 40.92 -4.35 -96.07
CA LEU X 38 39.96 -5.44 -96.39
C LEU X 38 38.54 -4.98 -96.08
N SER X 39 38.26 -3.68 -96.23
CA SER X 39 36.92 -3.12 -96.19
C SER X 39 36.69 -1.98 -97.17
N ALA X 40 37.42 -1.96 -98.29
CA ALA X 40 37.16 -0.95 -99.31
C ALA X 40 35.78 -1.14 -99.93
N ASP X 41 35.41 -2.38 -100.21
CA ASP X 41 34.08 -2.67 -100.74
C ASP X 41 33.06 -2.67 -99.61
N PRO X 42 31.97 -1.92 -99.74
CA PRO X 42 30.96 -1.89 -98.66
C PRO X 42 30.32 -3.23 -98.36
N THR X 43 30.17 -4.11 -99.36
CA THR X 43 29.62 -5.43 -99.11
C THR X 43 30.58 -6.28 -98.27
N THR X 44 31.87 -6.24 -98.63
CA THR X 44 32.88 -6.95 -97.85
C THR X 44 32.98 -6.40 -96.44
N PHE X 45 32.83 -5.08 -96.30
CA PHE X 45 32.82 -4.46 -94.98
C PHE X 45 31.65 -4.95 -94.14
N ALA X 46 30.47 -5.08 -94.75
CA ALA X 46 29.31 -5.58 -94.01
C ALA X 46 29.47 -7.04 -93.60
N ARG X 47 30.00 -7.88 -94.51
CA ARG X 47 30.23 -9.28 -94.18
C ARG X 47 31.26 -9.42 -93.06
N TYR X 48 32.34 -8.64 -93.13
CA TYR X 48 33.34 -8.69 -92.07
C TYR X 48 32.80 -8.11 -90.77
N ARG X 49 31.86 -7.17 -90.84
CA ARG X 49 31.28 -6.60 -89.64
C ARG X 49 30.41 -7.62 -88.91
N THR X 50 29.55 -8.33 -89.66
CA THR X 50 28.74 -9.35 -88.99
C THR X 50 29.59 -10.53 -88.53
N ILE X 51 30.66 -10.85 -89.29
CA ILE X 51 31.60 -11.89 -88.85
C ILE X 51 32.27 -11.48 -87.55
N GLU X 52 32.70 -10.22 -87.45
CA GLU X 52 33.35 -9.71 -86.26
C GLU X 52 32.40 -9.72 -85.06
N LEU X 53 31.13 -9.36 -85.26
CA LEU X 53 30.20 -9.34 -84.14
C LEU X 53 29.86 -10.76 -83.67
N ILE X 54 29.70 -11.70 -84.61
CA ILE X 54 29.45 -13.08 -84.22
C ILE X 54 30.64 -13.64 -83.45
N HIS X 55 31.86 -13.34 -83.94
CA HIS X 55 33.08 -13.74 -83.23
C HIS X 55 33.12 -13.11 -81.85
N ALA X 56 32.72 -11.85 -81.73
CA ALA X 56 32.73 -11.15 -80.45
C ALA X 56 31.81 -11.84 -79.46
N ARG X 57 30.57 -12.13 -79.85
CA ARG X 57 29.62 -12.75 -78.93
C ARG X 57 30.06 -14.17 -78.53
N TRP X 58 30.52 -14.96 -79.51
CA TRP X 58 31.04 -16.28 -79.20
C TRP X 58 32.24 -16.20 -78.29
N ALA X 59 33.03 -15.14 -78.41
CA ALA X 59 34.19 -14.97 -77.56
C ALA X 59 33.84 -14.51 -76.16
N LEU X 60 32.80 -13.69 -76.00
CA LEU X 60 32.33 -13.36 -74.65
C LEU X 60 31.93 -14.64 -73.92
N LEU X 61 31.14 -15.47 -74.61
CA LEU X 61 30.71 -16.74 -74.03
C LEU X 61 31.90 -17.65 -73.74
N GLY X 62 32.84 -17.74 -74.68
CA GLY X 62 34.00 -18.60 -74.50
C GLY X 62 34.91 -18.15 -73.38
N ALA X 63 35.17 -16.84 -73.28
CA ALA X 63 36.02 -16.32 -72.22
C ALA X 63 35.40 -16.56 -70.85
N LEU X 64 34.09 -16.32 -70.72
CA LEU X 64 33.45 -16.59 -69.44
C LEU X 64 33.46 -18.07 -69.11
N GLY X 65 33.24 -18.93 -70.11
CA GLY X 65 33.25 -20.36 -69.88
C GLY X 65 34.62 -20.94 -69.61
N ILE X 66 35.69 -20.25 -70.02
CA ILE X 66 37.03 -20.64 -69.61
C ILE X 66 37.31 -20.19 -68.18
N ILE X 67 36.95 -18.95 -67.85
CA ILE X 67 37.33 -18.41 -66.54
C ILE X 67 36.55 -19.05 -65.40
N THR X 68 35.25 -19.31 -65.57
CA THR X 68 34.43 -19.75 -64.43
C THR X 68 34.81 -21.08 -63.79
N PRO X 69 35.00 -22.20 -64.50
CA PRO X 69 35.15 -23.48 -63.79
C PRO X 69 36.45 -23.61 -63.02
N GLU X 70 37.53 -22.97 -63.46
CA GLU X 70 38.77 -23.06 -62.71
C GLU X 70 38.67 -22.28 -61.40
N LEU X 71 38.01 -21.13 -61.41
CA LEU X 71 37.74 -20.41 -60.17
C LEU X 71 36.83 -21.22 -59.26
N LEU X 72 35.83 -21.89 -59.83
CA LEU X 72 34.95 -22.71 -59.01
C LEU X 72 35.70 -23.87 -58.36
N ALA X 73 36.59 -24.51 -59.12
CA ALA X 73 37.42 -25.59 -58.55
C ALA X 73 38.34 -25.06 -57.47
N LYS X 74 38.91 -23.87 -57.67
CA LYS X 74 39.73 -23.25 -56.64
C LYS X 74 38.90 -22.75 -55.46
N ASN X 75 37.58 -22.69 -55.60
CA ASN X 75 36.70 -22.21 -54.54
C ASN X 75 35.84 -23.31 -53.93
N GLY X 76 36.28 -24.58 -54.04
CA GLY X 76 35.64 -25.67 -53.35
C GLY X 76 34.73 -26.56 -54.18
N VAL X 77 34.39 -26.17 -55.40
CA VAL X 77 33.55 -27.00 -56.25
C VAL X 77 34.36 -28.21 -56.70
N PRO X 78 33.88 -29.44 -56.47
CA PRO X 78 34.74 -30.64 -56.68
C PRO X 78 34.91 -31.03 -58.14
N PHE X 79 35.68 -30.23 -58.87
CA PHE X 79 36.16 -30.64 -60.19
C PHE X 79 37.37 -31.54 -59.96
N SER X 80 37.26 -32.80 -60.38
CA SER X 80 38.13 -33.87 -59.89
C SER X 80 39.61 -33.69 -60.18
N GLU X 81 40.02 -33.77 -61.44
CA GLU X 81 41.45 -33.67 -61.70
C GLU X 81 41.81 -32.70 -62.82
N ASP X 82 41.03 -32.69 -63.91
CA ASP X 82 41.37 -31.87 -65.06
C ASP X 82 40.19 -31.16 -65.69
N GLY X 83 38.99 -31.26 -65.11
CA GLY X 83 37.87 -30.49 -65.61
C GLY X 83 37.93 -29.03 -65.25
N ALA X 84 38.83 -28.66 -64.33
CA ALA X 84 39.00 -27.26 -63.96
C ALA X 84 39.59 -26.44 -65.10
N ILE X 85 40.58 -26.98 -65.81
CA ILE X 85 41.27 -26.25 -66.86
C ILE X 85 40.67 -26.60 -68.22
N TRP X 86 40.40 -25.55 -69.00
CA TRP X 86 39.50 -25.65 -70.15
C TRP X 86 40.02 -26.62 -71.20
N PHE X 87 41.33 -26.58 -71.49
CA PHE X 87 41.87 -27.45 -72.53
C PHE X 87 42.01 -28.89 -72.09
N LYS X 88 41.49 -29.26 -70.92
CA LYS X 88 41.31 -30.65 -70.57
C LYS X 88 39.87 -31.00 -70.22
N ALA X 89 38.95 -30.03 -70.32
CA ALA X 89 37.54 -30.29 -70.00
C ALA X 89 36.95 -31.34 -70.92
N GLY X 90 37.27 -31.27 -72.22
CA GLY X 90 36.84 -32.28 -73.15
C GLY X 90 37.36 -33.67 -72.85
N ALA X 91 38.44 -33.77 -72.08
CA ALA X 91 38.95 -35.07 -71.67
C ALA X 91 38.12 -35.71 -70.57
N GLU X 92 37.15 -34.99 -70.00
CA GLU X 92 36.34 -35.55 -68.93
C GLU X 92 35.35 -36.62 -69.41
N ILE X 93 35.06 -36.66 -70.71
CA ILE X 93 34.01 -37.57 -71.17
C ILE X 93 34.54 -38.99 -71.42
N PHE X 94 35.84 -39.14 -71.61
CA PHE X 94 36.41 -40.46 -71.88
C PHE X 94 36.71 -41.24 -70.61
N LYS X 95 36.41 -40.70 -69.44
CA LYS X 95 36.55 -41.44 -68.19
C LYS X 95 35.24 -42.14 -67.88
N GLU X 96 35.14 -42.72 -66.68
CA GLU X 96 33.92 -43.40 -66.27
C GLU X 96 32.87 -42.42 -65.74
N GLY X 97 33.31 -41.40 -64.99
CA GLY X 97 32.38 -40.45 -64.41
C GLY X 97 31.73 -39.51 -65.42
N GLY X 98 32.40 -39.25 -66.55
CA GLY X 98 31.83 -38.38 -67.55
C GLY X 98 31.80 -36.93 -67.11
N LEU X 99 31.05 -36.12 -67.87
CA LEU X 99 30.85 -34.71 -67.54
C LEU X 99 29.88 -34.61 -66.39
N ASN X 100 30.43 -34.55 -65.18
CA ASN X 100 29.63 -34.30 -63.98
C ASN X 100 29.62 -32.79 -63.74
N TYR X 101 28.47 -32.17 -63.97
CA TYR X 101 28.35 -30.73 -63.86
C TYR X 101 28.50 -30.30 -62.40
N LEU X 102 29.40 -29.33 -62.16
CA LEU X 102 29.69 -28.79 -60.84
C LEU X 102 30.16 -29.87 -59.86
N GLY X 103 30.76 -30.93 -60.38
CA GLY X 103 31.26 -32.01 -59.54
C GLY X 103 30.20 -32.93 -58.98
N ASN X 104 28.93 -32.79 -59.37
CA ASN X 104 27.87 -33.64 -58.88
C ASN X 104 27.68 -34.83 -59.83
N GLU X 105 27.67 -36.04 -59.25
CA GLU X 105 27.62 -37.26 -60.05
C GLU X 105 26.29 -37.39 -60.79
N ASN X 106 25.20 -36.92 -60.20
CA ASN X 106 23.89 -37.03 -60.82
C ASN X 106 23.53 -35.81 -61.68
N LEU X 107 24.49 -34.92 -61.91
CA LEU X 107 24.30 -33.78 -62.80
C LEU X 107 24.96 -34.10 -64.15
N ILE X 108 24.17 -33.99 -65.23
CA ILE X 108 24.57 -34.32 -66.59
C ILE X 108 25.03 -35.78 -66.66
N HIS X 109 26.28 -36.04 -66.28
CA HIS X 109 26.84 -37.40 -66.28
C HIS X 109 26.78 -38.03 -67.67
N ALA X 110 27.50 -37.41 -68.61
CA ALA X 110 27.45 -37.78 -70.02
C ALA X 110 28.72 -38.51 -70.43
N GLN X 111 28.56 -39.58 -71.22
CA GLN X 111 29.70 -40.34 -71.72
C GLN X 111 29.69 -40.61 -73.22
N SER X 112 28.62 -40.32 -73.94
CA SER X 112 28.56 -40.58 -75.39
C SER X 112 28.92 -39.30 -76.13
N ILE X 113 30.21 -39.19 -76.49
CA ILE X 113 30.70 -38.03 -77.22
C ILE X 113 30.06 -37.94 -78.59
N LEU X 114 29.81 -39.10 -79.21
CA LEU X 114 29.16 -39.13 -80.52
C LEU X 114 27.75 -38.55 -80.44
N ALA X 115 26.99 -38.93 -79.41
CA ALA X 115 25.62 -38.45 -79.29
C ALA X 115 25.56 -36.97 -78.91
N THR X 116 26.45 -36.52 -78.02
CA THR X 116 26.40 -35.10 -77.64
C THR X 116 26.88 -34.23 -78.80
N LEU X 117 27.88 -34.69 -79.56
CA LEU X 117 28.29 -33.97 -80.76
C LEU X 117 27.17 -33.95 -81.79
N ALA X 118 26.45 -35.06 -81.94
CA ALA X 118 25.37 -35.13 -82.91
C ALA X 118 24.26 -34.14 -82.57
N VAL X 119 23.79 -34.16 -81.32
CA VAL X 119 22.71 -33.25 -80.94
C VAL X 119 23.17 -31.80 -81.04
N GLN X 120 24.46 -31.53 -80.74
CA GLN X 120 24.98 -30.18 -80.96
C GLN X 120 24.95 -29.81 -82.43
N VAL X 121 25.29 -30.75 -83.33
CA VAL X 121 25.30 -30.44 -84.77
C VAL X 121 23.90 -30.10 -85.27
N ILE X 122 22.90 -30.95 -84.96
CA ILE X 122 21.54 -30.63 -85.43
C ILE X 122 21.01 -29.34 -84.79
N VAL X 123 21.17 -29.17 -83.47
CA VAL X 123 20.61 -28.00 -82.81
C VAL X 123 21.29 -26.72 -83.30
N MET X 124 22.62 -26.71 -83.34
CA MET X 124 23.33 -25.51 -83.74
C MET X 124 23.22 -25.26 -85.24
N GLY X 125 23.07 -26.32 -86.05
CA GLY X 125 22.82 -26.13 -87.46
C GLY X 125 21.48 -25.50 -87.74
N ALA X 126 20.45 -25.92 -86.98
CA ALA X 126 19.16 -25.27 -87.09
C ALA X 126 19.25 -23.80 -86.67
N ALA X 127 19.97 -23.53 -85.58
CA ALA X 127 20.11 -22.16 -85.09
C ALA X 127 20.83 -21.27 -86.09
N GLU X 128 21.95 -21.76 -86.66
CA GLU X 128 22.70 -20.98 -87.64
C GLU X 128 21.96 -20.86 -88.96
N GLY X 129 21.20 -21.88 -89.36
CA GLY X 129 20.39 -21.76 -90.56
C GLY X 129 19.28 -20.74 -90.41
N PHE X 130 18.65 -20.70 -89.24
CA PHE X 130 17.67 -19.66 -88.96
C PHE X 130 18.33 -18.28 -88.93
N ARG X 131 19.53 -18.19 -88.36
CA ARG X 131 20.25 -16.93 -88.32
C ARG X 131 20.66 -16.48 -89.73
N ALA X 132 21.20 -17.40 -90.53
CA ALA X 132 21.64 -17.04 -91.88
C ALA X 132 20.47 -16.68 -92.78
N ASN X 133 19.35 -17.40 -92.64
CA ASN X 133 18.19 -17.12 -93.48
C ASN X 133 17.51 -15.81 -93.07
N GLY X 134 17.63 -15.41 -91.81
CA GLY X 134 16.95 -14.23 -91.32
C GLY X 134 15.48 -14.43 -91.06
N GLU X 135 14.99 -15.67 -91.13
CA GLU X 135 13.58 -16.00 -90.97
C GLU X 135 13.47 -17.32 -90.23
N ALA X 136 12.69 -17.33 -89.16
CA ALA X 136 12.48 -18.50 -88.33
C ALA X 136 11.00 -18.68 -88.09
N PRO X 137 10.54 -19.91 -87.80
CA PRO X 137 9.13 -20.11 -87.43
C PRO X 137 8.76 -19.34 -86.17
N GLY X 138 7.84 -18.39 -86.33
CA GLY X 138 7.46 -17.49 -85.25
C GLY X 138 8.20 -16.16 -85.25
N VAL X 139 9.22 -16.02 -86.09
CA VAL X 139 10.01 -14.78 -86.17
C VAL X 139 9.76 -14.17 -87.54
N GLU X 140 9.38 -12.88 -87.55
CA GLU X 140 9.10 -12.18 -88.79
C GLU X 140 10.41 -11.66 -89.38
N GLY X 141 10.32 -10.79 -90.39
CA GLY X 141 11.50 -10.22 -90.99
C GLY X 141 11.99 -9.01 -90.21
N LEU X 142 13.30 -8.93 -90.00
CA LEU X 142 13.91 -7.92 -89.15
C LEU X 142 15.41 -7.87 -89.44
N ASP X 143 16.13 -7.12 -88.62
CA ASP X 143 17.58 -6.95 -88.80
C ASP X 143 18.30 -8.25 -88.49
N PRO X 144 19.11 -8.78 -89.41
CA PRO X 144 19.81 -10.05 -89.11
C PRO X 144 20.90 -9.90 -88.05
N LEU X 145 21.69 -8.83 -88.11
CA LEU X 145 22.79 -8.68 -87.15
C LEU X 145 22.29 -8.26 -85.78
N TYR X 146 21.28 -7.40 -85.70
CA TYR X 146 20.74 -6.90 -84.44
C TYR X 146 19.25 -7.17 -84.40
N PRO X 147 18.85 -8.43 -84.15
CA PRO X 147 17.42 -8.76 -84.19
C PRO X 147 16.60 -8.16 -83.07
N GLY X 148 16.98 -8.39 -81.82
CA GLY X 148 16.09 -8.03 -80.73
C GLY X 148 14.90 -8.97 -80.71
N GLY X 149 13.74 -8.44 -80.34
CA GLY X 149 12.53 -9.23 -80.28
C GLY X 149 12.60 -10.28 -79.20
N PRO X 150 12.54 -11.56 -79.60
CA PRO X 150 12.72 -12.64 -78.61
C PRO X 150 14.13 -12.73 -78.06
N PHE X 151 15.12 -12.16 -78.76
CA PHE X 151 16.49 -12.17 -78.30
C PHE X 151 16.81 -11.00 -77.37
N ASP X 152 15.91 -10.03 -77.26
CA ASP X 152 16.02 -8.95 -76.29
C ASP X 152 14.72 -8.87 -75.52
N PRO X 153 14.48 -9.84 -74.61
CA PRO X 153 13.21 -9.83 -73.86
C PRO X 153 13.04 -8.61 -72.98
N LEU X 154 14.13 -8.11 -72.38
CA LEU X 154 14.02 -6.93 -71.51
C LEU X 154 13.63 -5.70 -72.30
N GLY X 155 14.01 -5.63 -73.58
CA GLY X 155 13.59 -4.54 -74.43
C GLY X 155 14.12 -3.18 -74.03
N LEU X 156 15.34 -3.12 -73.50
CA LEU X 156 15.95 -1.87 -73.09
C LEU X 156 16.78 -1.24 -74.20
N ALA X 157 16.66 -1.75 -75.42
CA ALA X 157 17.33 -1.21 -76.59
C ALA X 157 16.41 -0.36 -77.45
N ASP X 158 15.26 0.06 -76.90
CA ASP X 158 14.29 0.83 -77.67
C ASP X 158 14.78 2.24 -77.97
N ASP X 159 15.47 2.87 -77.01
CA ASP X 159 15.98 4.21 -77.21
C ASP X 159 17.10 4.21 -78.25
N PRO X 160 17.09 5.13 -79.22
CA PRO X 160 18.14 5.09 -80.26
C PRO X 160 19.52 5.48 -79.75
N GLU X 161 19.62 6.55 -78.96
CA GLU X 161 20.93 6.98 -78.46
C GLU X 161 21.51 5.95 -77.48
N ALA X 162 20.69 5.45 -76.57
CA ALA X 162 21.14 4.40 -75.66
C ALA X 162 21.47 3.12 -76.42
N PHE X 163 20.73 2.82 -77.48
CA PHE X 163 21.02 1.67 -78.32
C PHE X 163 22.38 1.80 -79.00
N ALA X 164 22.69 2.99 -79.52
CA ALA X 164 23.99 3.20 -80.16
C ALA X 164 25.13 3.12 -79.15
N GLU X 165 24.95 3.74 -77.98
CA GLU X 165 25.99 3.67 -76.95
C GLU X 165 26.20 2.25 -76.46
N LEU X 166 25.11 1.49 -76.30
CA LEU X 166 25.25 0.10 -75.90
C LEU X 166 25.83 -0.76 -77.00
N LYS X 167 25.60 -0.38 -78.27
CA LYS X 167 26.25 -1.07 -79.37
C LYS X 167 27.76 -0.88 -79.32
N VAL X 168 28.20 0.34 -79.04
CA VAL X 168 29.63 0.60 -78.86
C VAL X 168 30.18 -0.19 -77.68
N LYS X 169 29.42 -0.23 -76.57
CA LYS X 169 29.81 -1.02 -75.41
C LYS X 169 29.94 -2.50 -75.76
N GLU X 170 28.97 -3.02 -76.54
CA GLU X 170 28.99 -4.43 -76.91
C GLU X 170 30.18 -4.77 -77.80
N ILE X 171 30.47 -3.93 -78.78
CA ILE X 171 31.58 -4.24 -79.68
C ILE X 171 32.92 -4.08 -78.95
N LYS X 172 33.03 -3.14 -78.00
CA LYS X 172 34.29 -2.99 -77.28
C LYS X 172 34.49 -4.12 -76.28
N ASN X 173 33.42 -4.53 -75.57
CA ASN X 173 33.48 -5.71 -74.72
C ASN X 173 33.83 -6.95 -75.54
N GLY X 174 33.27 -7.04 -76.75
CA GLY X 174 33.56 -8.18 -77.61
C GLY X 174 35.01 -8.22 -78.04
N ARG X 175 35.55 -7.07 -78.44
CA ARG X 175 36.95 -7.01 -78.85
C ARG X 175 37.88 -7.36 -77.70
N LEU X 176 37.57 -6.86 -76.49
CA LEU X 176 38.37 -7.20 -75.32
C LEU X 176 38.29 -8.70 -75.01
N ALA X 177 37.09 -9.28 -75.09
CA ALA X 177 36.93 -10.70 -74.79
C ALA X 177 37.62 -11.59 -75.82
N MET X 178 37.63 -11.18 -77.09
CA MET X 178 38.23 -12.02 -78.12
C MET X 178 39.76 -11.84 -78.17
N PHE X 179 40.25 -10.64 -77.80
CA PHE X 179 41.66 -10.48 -77.49
C PHE X 179 42.08 -11.40 -76.35
N SER X 180 41.25 -11.47 -75.29
CA SER X 180 41.52 -12.35 -74.17
C SER X 180 41.42 -13.81 -74.57
N CYS X 181 40.54 -14.15 -75.52
CA CYS X 181 40.42 -15.53 -75.96
C CYS X 181 41.64 -15.98 -76.74
N LEU X 182 42.16 -15.12 -77.62
CA LEU X 182 43.43 -15.45 -78.27
C LEU X 182 44.57 -15.50 -77.24
N GLY X 183 44.48 -14.66 -76.20
CA GLY X 183 45.44 -14.76 -75.11
C GLY X 183 45.37 -16.10 -74.40
N PHE X 184 44.17 -16.62 -74.18
CA PHE X 184 44.01 -17.94 -73.59
C PHE X 184 44.58 -19.02 -74.49
N PHE X 185 44.31 -18.91 -75.80
CA PHE X 185 44.79 -19.92 -76.74
C PHE X 185 46.31 -19.96 -76.80
N VAL X 186 46.95 -18.78 -76.86
CA VAL X 186 48.41 -18.73 -76.89
C VAL X 186 49.00 -19.13 -75.55
N GLN X 187 48.38 -18.69 -74.45
CA GLN X 187 48.90 -18.94 -73.12
C GLN X 187 48.81 -20.41 -72.74
N ALA X 188 47.80 -21.11 -73.26
CA ALA X 188 47.65 -22.53 -72.93
C ALA X 188 48.76 -23.36 -73.54
N ILE X 189 49.06 -23.13 -74.83
CA ILE X 189 50.07 -23.94 -75.51
C ILE X 189 51.47 -23.55 -75.06
N VAL X 190 51.66 -22.33 -74.56
CA VAL X 190 52.97 -21.89 -74.15
C VAL X 190 53.29 -22.36 -72.73
N THR X 191 52.37 -22.15 -71.80
CA THR X 191 52.62 -22.47 -70.40
C THR X 191 52.16 -23.88 -70.04
N GLY X 192 50.94 -24.25 -70.43
CA GLY X 192 50.38 -25.54 -70.07
C GLY X 192 49.48 -25.53 -68.86
N LYS X 193 49.09 -24.35 -68.36
CA LYS X 193 48.20 -24.24 -67.21
C LYS X 193 47.02 -23.37 -67.59
N GLY X 194 46.07 -23.26 -66.67
CA GLY X 194 44.89 -22.44 -66.87
C GLY X 194 45.22 -20.96 -66.79
N PRO X 195 44.30 -20.11 -67.26
CA PRO X 195 44.56 -18.66 -67.19
C PRO X 195 44.57 -18.12 -65.77
N ILE X 196 43.68 -18.61 -64.91
CA ILE X 196 43.70 -18.18 -63.51
C ILE X 196 44.93 -18.71 -62.80
N GLN X 197 45.38 -19.92 -63.15
CA GLN X 197 46.64 -20.42 -62.60
C GLN X 197 47.83 -19.58 -63.05
N ASN X 198 47.82 -19.14 -64.31
CA ASN X 198 48.87 -18.26 -64.80
C ASN X 198 48.84 -16.91 -64.09
N LEU X 199 47.65 -16.39 -63.83
CA LEU X 199 47.52 -15.13 -63.10
C LEU X 199 48.03 -15.27 -61.67
N GLN X 200 47.71 -16.40 -61.02
CA GLN X 200 48.16 -16.63 -59.65
C GLN X 200 49.67 -16.81 -59.59
N ASP X 201 50.25 -17.52 -60.57
CA ASP X 201 51.70 -17.68 -60.61
C ASP X 201 52.39 -16.35 -60.90
N HIS X 202 51.78 -15.52 -61.75
CA HIS X 202 52.36 -14.23 -62.07
C HIS X 202 52.29 -13.27 -60.88
N LEU X 203 51.21 -13.35 -60.10
CA LEU X 203 51.05 -12.46 -58.96
C LEU X 203 51.98 -12.80 -57.81
N ALA X 204 52.55 -14.01 -57.80
CA ALA X 204 53.50 -14.38 -56.76
C ALA X 204 54.80 -13.59 -56.90
N ASP X 205 55.34 -13.53 -58.12
CA ASP X 205 56.54 -12.76 -58.39
C ASP X 205 56.51 -12.36 -59.86
N PRO X 206 56.02 -11.16 -60.19
CA PRO X 206 55.93 -10.75 -61.59
C PRO X 206 57.27 -10.51 -62.27
N GLY X 207 58.36 -10.42 -61.51
CA GLY X 207 59.66 -10.20 -62.12
C GLY X 207 60.13 -11.37 -62.96
N VAL X 208 59.91 -12.59 -62.49
CA VAL X 208 60.35 -13.78 -63.20
C VAL X 208 59.18 -14.56 -63.80
N ASN X 209 57.98 -14.48 -63.21
CA ASN X 209 56.82 -15.21 -63.73
C ASN X 209 56.10 -14.35 -64.76
N ASN X 210 56.76 -14.17 -65.90
CA ASN X 210 56.22 -13.41 -67.01
C ASN X 210 56.26 -14.22 -68.30
N ALA X 211 55.96 -13.60 -69.43
CA ALA X 211 56.00 -14.30 -70.70
C ALA X 211 57.42 -14.59 -71.16
N PHE X 212 58.41 -13.92 -70.58
CA PHE X 212 59.80 -14.14 -70.95
C PHE X 212 60.41 -15.35 -70.24
N ALA X 213 59.72 -15.92 -69.26
CA ALA X 213 60.19 -17.15 -68.65
C ALA X 213 60.06 -18.33 -69.60
N SER X 214 59.11 -18.26 -70.54
CA SER X 214 58.91 -19.30 -71.54
C SER X 214 59.37 -18.85 -72.92
N ALA X 215 60.24 -17.84 -72.99
CA ALA X 215 60.75 -17.38 -74.28
C ALA X 215 61.73 -18.37 -74.89
N THR X 216 62.44 -19.13 -74.04
CA THR X 216 63.40 -20.12 -74.50
C THR X 216 62.82 -21.53 -74.55
N LYS X 217 61.50 -21.66 -74.41
CA LYS X 217 60.89 -22.99 -74.39
C LYS X 217 60.85 -23.60 -75.80
N PHE X 218 60.49 -22.80 -76.80
CA PHE X 218 60.26 -23.30 -78.15
C PHE X 218 61.47 -23.10 -79.06
N VAL X 219 62.67 -22.98 -78.50
CA VAL X 219 63.87 -22.77 -79.33
C VAL X 219 64.15 -24.05 -80.12
N PRO X 220 64.47 -23.95 -81.41
CA PRO X 220 64.81 -25.16 -82.18
C PRO X 220 66.10 -25.79 -81.69
N THR X 221 66.15 -27.12 -81.79
CA THR X 221 67.31 -27.88 -81.36
C THR X 221 67.81 -28.73 -82.53
N PRO X 222 69.08 -28.58 -82.94
CA PRO X 222 69.70 -29.37 -84.02
C PRO X 222 69.70 -30.87 -83.73
N GLN Y 1 41.29 7.82 41.09
CA GLN Y 1 42.30 8.33 42.03
C GLN Y 1 43.55 8.77 41.31
N ARG Y 2 44.27 7.82 40.71
CA ARG Y 2 45.50 8.09 39.99
C ARG Y 2 45.14 8.75 38.67
N VAL Y 3 45.20 10.09 38.64
CA VAL Y 3 44.91 10.83 37.42
C VAL Y 3 45.97 10.56 36.35
N ARG Y 4 47.22 10.35 36.77
CA ARG Y 4 48.29 10.04 35.83
C ARG Y 4 48.07 8.69 35.16
N THR Y 5 47.60 7.70 35.93
CA THR Y 5 47.46 6.35 35.39
C THR Y 5 46.23 6.22 34.49
N VAL Y 6 45.08 6.75 34.91
CA VAL Y 6 43.84 6.59 34.16
C VAL Y 6 43.95 7.22 32.78
N LEU Y 7 44.72 8.31 32.67
CA LEU Y 7 45.06 8.90 31.39
C LEU Y 7 45.81 7.90 30.52
N ASP Y 8 46.86 7.29 31.08
CA ASP Y 8 47.58 6.23 30.39
C ASP Y 8 46.81 4.93 30.33
N MET Y 9 45.69 4.80 31.05
CA MET Y 9 44.86 3.62 30.87
C MET Y 9 43.99 3.74 29.63
N ASP Y 10 43.30 4.87 29.45
CA ASP Y 10 42.34 4.92 28.35
C ASP Y 10 42.84 5.62 27.08
N ASP Y 11 43.90 6.42 27.15
CA ASP Y 11 44.46 6.98 25.92
C ASP Y 11 44.95 5.94 24.90
N PRO Y 12 45.60 4.82 25.27
CA PRO Y 12 45.87 3.80 24.26
C PRO Y 12 44.62 3.27 23.58
N ALA Y 13 43.50 3.21 24.29
CA ALA Y 13 42.23 2.90 23.63
C ALA Y 13 41.70 4.09 22.84
N LYS Y 14 41.78 5.30 23.42
CA LYS Y 14 41.22 6.46 22.74
C LYS Y 14 41.99 7.70 23.15
N GLU Y 15 42.70 8.28 22.20
CA GLU Y 15 43.58 9.43 22.36
C GLU Y 15 42.84 10.77 22.34
N GLU Y 16 41.59 10.80 21.90
CA GLU Y 16 40.78 12.01 21.86
C GLU Y 16 40.01 12.23 23.16
N THR Y 17 40.47 11.63 24.26
CA THR Y 17 39.80 11.76 25.54
C THR Y 17 39.96 13.19 26.05
N VAL Y 18 38.94 13.67 26.77
CA VAL Y 18 38.90 15.06 27.23
C VAL Y 18 40.12 15.37 28.11
N LYS Y 19 40.45 14.48 29.04
CA LYS Y 19 41.56 14.76 29.96
C LYS Y 19 42.91 14.72 29.24
N GLU Y 20 43.04 13.96 28.16
CA GLU Y 20 44.23 14.07 27.33
C GLU Y 20 44.27 15.39 26.56
N LEU Y 21 43.13 15.85 26.06
CA LEU Y 21 43.15 17.08 25.28
C LEU Y 21 43.40 18.30 26.16
N ARG Y 22 42.84 18.33 27.37
CA ARG Y 22 43.04 19.45 28.27
C ARG Y 22 44.32 19.25 29.08
N LYS Y 23 45.00 20.36 29.35
CA LYS Y 23 46.28 20.39 30.08
C LYS Y 23 47.33 19.49 29.41
N ASP Y 24 47.35 19.49 28.08
CA ASP Y 24 48.38 18.76 27.36
C ASP Y 24 49.68 19.56 27.23
N ILE Y 25 49.67 20.81 27.69
CA ILE Y 25 50.88 21.64 27.67
C ILE Y 25 51.91 21.10 28.65
N ASN Y 26 51.48 20.62 29.81
CA ASN Y 26 52.39 20.13 30.83
C ASN Y 26 52.99 18.77 30.47
N ASN Y 27 52.38 18.03 29.55
CA ASN Y 27 52.90 16.74 29.14
C ASN Y 27 54.03 16.93 28.13
N GLU Z 1 -47.75 33.31 23.80
CA GLU Z 1 -47.52 32.41 22.68
C GLU Z 1 -46.24 32.77 21.93
N ASN Z 2 -45.78 34.00 22.14
CA ASN Z 2 -44.54 34.49 21.53
C ASN Z 2 -43.63 35.23 22.49
N THR Z 3 -44.15 35.77 23.60
CA THR Z 3 -43.35 36.50 24.58
C THR Z 3 -43.30 35.78 25.91
N SER Z 4 -43.47 34.46 25.90
CA SER Z 4 -43.49 33.66 27.12
C SER Z 4 -42.49 32.52 27.01
N LEU Z 5 -41.82 32.22 28.14
CA LEU Z 5 -40.72 31.27 28.14
C LEU Z 5 -41.21 29.85 27.86
N TRP Z 6 -42.19 29.37 28.64
CA TRP Z 6 -42.68 28.02 28.42
C TRP Z 6 -43.43 27.91 27.10
N ALA Z 7 -44.04 29.00 26.64
CA ALA Z 7 -44.65 29.01 25.31
C ALA Z 7 -43.59 28.75 24.24
N ARG Z 8 -42.60 29.65 24.14
CA ARG Z 8 -41.54 29.51 23.14
C ARG Z 8 -40.84 28.14 23.23
N PHE Z 9 -40.69 27.62 24.45
CA PHE Z 9 -40.17 26.26 24.60
C PHE Z 9 -41.12 25.22 24.00
N CYS Z 10 -42.43 25.39 24.20
CA CYS Z 10 -43.40 24.41 23.71
C CYS Z 10 -43.50 24.40 22.19
N GLU Z 11 -43.63 25.57 21.57
CA GLU Z 11 -43.61 25.62 20.11
C GLU Z 11 -42.22 25.53 19.50
N TRP Z 12 -41.15 25.42 20.30
CA TRP Z 12 -39.90 24.96 19.71
C TRP Z 12 -39.79 23.44 19.78
N ILE Z 13 -40.27 22.84 20.87
CA ILE Z 13 -40.22 21.40 21.03
C ILE Z 13 -41.15 20.70 20.04
N THR Z 14 -42.37 21.21 19.89
CA THR Z 14 -43.36 20.60 19.02
C THR Z 14 -43.26 21.09 17.58
N SER Z 15 -42.26 21.91 17.27
CA SER Z 15 -42.11 22.44 15.92
C SER Z 15 -41.74 21.35 14.94
N THR Z 16 -42.38 21.38 13.78
CA THR Z 16 -42.09 20.44 12.70
C THR Z 16 -41.04 20.98 11.74
N GLU Z 17 -40.48 22.15 12.01
CA GLU Z 17 -39.45 22.74 11.17
C GLU Z 17 -38.05 22.30 11.58
N ASN Z 18 -37.92 21.52 12.64
CA ASN Z 18 -36.62 21.00 13.04
C ASN Z 18 -36.15 19.94 12.05
N ARG Z 19 -34.83 19.82 11.92
CA ARG Z 19 -34.26 18.79 11.06
C ARG Z 19 -34.62 17.41 11.56
N LEU Z 20 -34.54 17.20 12.88
CA LEU Z 20 -35.01 15.99 13.52
C LEU Z 20 -36.06 16.40 14.54
N TYR Z 21 -37.24 15.80 14.46
CA TYR Z 21 -38.33 16.14 15.37
C TYR Z 21 -37.98 15.71 16.79
N ILE Z 22 -38.18 16.61 17.74
CA ILE Z 22 -37.87 16.30 19.13
C ILE Z 22 -39.12 15.84 19.85
N GLY Z 23 -40.06 16.77 20.06
CA GLY Z 23 -41.29 16.44 20.74
C GLY Z 23 -41.16 16.15 22.22
N TRP Z 24 -42.30 15.94 22.87
CA TRP Z 24 -42.29 15.63 24.29
C TRP Z 24 -41.83 14.21 24.55
N PHE Z 25 -41.91 13.31 23.58
CA PHE Z 25 -41.24 12.04 23.73
C PHE Z 25 -39.76 12.15 23.41
N GLY Z 26 -39.39 13.15 22.60
CA GLY Z 26 -37.99 13.34 22.28
C GLY Z 26 -37.19 13.96 23.41
N VAL Z 27 -37.85 14.75 24.26
CA VAL Z 27 -37.16 15.32 25.41
C VAL Z 27 -36.70 14.25 26.39
N ILE Z 28 -37.26 13.04 26.30
CA ILE Z 28 -36.78 11.90 27.05
C ILE Z 28 -35.96 10.95 26.19
N MET Z 29 -36.25 10.85 24.89
CA MET Z 29 -35.50 9.97 24.00
C MET Z 29 -34.07 10.45 23.83
N ILE Z 30 -33.87 11.75 23.60
CA ILE Z 30 -32.55 12.28 23.29
C ILE Z 30 -31.55 12.13 24.45
N PRO Z 31 -31.86 12.54 25.69
CA PRO Z 31 -30.82 12.41 26.73
C PRO Z 31 -30.49 10.98 27.11
N THR Z 32 -31.50 10.12 27.24
CA THR Z 32 -31.24 8.72 27.58
C THR Z 32 -30.45 8.01 26.48
N LEU Z 33 -30.82 8.23 25.22
CA LEU Z 33 -30.11 7.55 24.14
C LEU Z 33 -28.71 8.13 23.95
N LEU Z 34 -28.53 9.43 24.17
CA LEU Z 34 -27.19 10.00 24.09
C LEU Z 34 -26.31 9.48 25.21
N THR Z 35 -26.87 9.33 26.42
CA THR Z 35 -26.14 8.74 27.53
C THR Z 35 -25.75 7.30 27.23
N ALA Z 36 -26.69 6.52 26.69
CA ALA Z 36 -26.42 5.13 26.34
C ALA Z 36 -25.37 5.03 25.25
N ILE Z 37 -25.44 5.92 24.25
CA ILE Z 37 -24.47 5.91 23.15
C ILE Z 37 -23.07 6.22 23.69
N SER Z 38 -22.96 7.24 24.54
CA SER Z 38 -21.67 7.64 25.08
C SER Z 38 -21.06 6.53 25.94
N VAL Z 39 -21.87 5.97 26.85
CA VAL Z 39 -21.36 4.95 27.75
C VAL Z 39 -21.04 3.67 26.98
N TYR Z 40 -21.86 3.32 25.98
CA TYR Z 40 -21.60 2.13 25.18
C TYR Z 40 -20.32 2.27 24.38
N ILE Z 41 -20.10 3.43 23.75
CA ILE Z 41 -18.89 3.62 22.97
C ILE Z 41 -17.65 3.60 23.86
N ILE Z 42 -17.71 4.31 24.99
CA ILE Z 42 -16.57 4.37 25.89
C ILE Z 42 -16.26 3.00 26.49
N ALA Z 43 -17.31 2.25 26.85
CA ALA Z 43 -17.11 0.91 27.41
C ALA Z 43 -16.57 -0.06 26.36
N PHE Z 44 -17.10 0.00 25.13
CA PHE Z 44 -16.62 -0.85 24.06
C PHE Z 44 -15.17 -0.56 23.72
N ILE Z 45 -14.75 0.70 23.87
CA ILE Z 45 -13.37 1.05 23.55
C ILE Z 45 -12.43 0.65 24.70
N ALA Z 46 -12.75 1.05 25.93
CA ALA Z 46 -11.76 0.97 27.02
C ALA Z 46 -12.35 0.41 28.31
N ALA Z 47 -13.25 -0.56 28.22
CA ALA Z 47 -13.81 -1.12 29.44
C ALA Z 47 -12.88 -2.14 30.05
N PRO Z 48 -12.54 -2.05 31.33
CA PRO Z 48 -11.70 -3.06 31.97
C PRO Z 48 -12.44 -4.38 32.08
N PRO Z 49 -11.72 -5.49 32.30
CA PRO Z 49 -12.39 -6.80 32.40
C PRO Z 49 -13.39 -6.82 33.54
N VAL Z 50 -14.52 -7.47 33.29
CA VAL Z 50 -15.65 -7.49 34.21
C VAL Z 50 -16.05 -8.93 34.50
N ASP Z 51 -16.32 -9.20 35.78
CA ASP Z 51 -16.66 -10.54 36.27
C ASP Z 51 -18.16 -10.75 36.08
N ILE Z 52 -18.51 -11.35 34.94
CA ILE Z 52 -19.92 -11.55 34.59
C ILE Z 52 -20.60 -12.60 35.46
N ASP Z 53 -19.92 -13.70 35.78
CA ASP Z 53 -20.55 -14.84 36.43
C ASP Z 53 -20.48 -14.80 37.94
N GLY Z 54 -19.95 -13.72 38.52
CA GLY Z 54 -19.87 -13.62 39.96
C GLY Z 54 -18.93 -14.63 40.59
N ILE Z 55 -17.92 -15.07 39.85
CA ILE Z 55 -17.02 -16.13 40.31
C ILE Z 55 -15.57 -15.67 40.24
N ARG Z 56 -15.36 -14.35 40.29
CA ARG Z 56 -14.04 -13.72 40.26
C ARG Z 56 -13.24 -14.12 39.03
N GLU Z 57 -13.92 -14.29 37.90
CA GLU Z 57 -13.30 -14.66 36.63
C GLU Z 57 -13.76 -13.67 35.58
N PRO Z 58 -13.04 -12.56 35.42
CA PRO Z 58 -13.48 -11.52 34.49
C PRO Z 58 -13.27 -11.89 33.04
N VAL Z 59 -14.07 -11.27 32.17
CA VAL Z 59 -13.91 -11.36 30.73
C VAL Z 59 -13.71 -9.95 30.19
N SER Z 60 -12.97 -9.85 29.09
CA SER Z 60 -12.49 -8.53 28.66
C SER Z 60 -13.55 -7.73 27.91
N GLY Z 61 -13.93 -8.19 26.72
CA GLY Z 61 -14.97 -7.56 25.94
C GLY Z 61 -14.68 -6.19 25.34
N SER Z 62 -13.49 -5.62 25.58
CA SER Z 62 -13.19 -4.28 25.11
C SER Z 62 -11.91 -4.26 24.29
N LEU Z 63 -11.90 -3.39 23.27
CA LEU Z 63 -10.83 -3.40 22.26
C LEU Z 63 -9.46 -3.15 22.86
N LEU Z 64 -9.34 -2.17 23.74
CA LEU Z 64 -8.04 -1.88 24.35
C LEU Z 64 -7.56 -2.98 25.28
N TYR Z 65 -8.41 -3.94 25.63
CA TYR Z 65 -7.98 -5.09 26.40
C TYR Z 65 -7.80 -6.33 25.54
N GLY Z 66 -7.67 -6.14 24.22
CA GLY Z 66 -7.21 -7.22 23.37
C GLY Z 66 -8.23 -8.05 22.63
N ASN Z 67 -9.18 -7.42 21.95
CA ASN Z 67 -10.09 -8.14 21.07
C ASN Z 67 -10.59 -7.20 19.98
N ASN Z 68 -11.20 -7.79 18.97
CA ASN Z 68 -11.61 -7.09 17.76
C ASN Z 68 -13.09 -6.68 17.82
N ILE Z 69 -13.62 -6.22 16.68
CA ILE Z 69 -15.00 -5.75 16.64
C ILE Z 69 -15.97 -6.92 16.79
N ILE Z 70 -15.64 -8.06 16.18
CA ILE Z 70 -16.52 -9.22 16.23
C ILE Z 70 -16.64 -9.78 17.64
N THR Z 71 -15.51 -9.87 18.35
CA THR Z 71 -15.50 -10.47 19.67
C THR Z 71 -15.55 -9.44 20.81
N GLY Z 72 -15.56 -8.15 20.49
CA GLY Z 72 -15.71 -7.14 21.52
C GLY Z 72 -17.18 -6.95 21.88
N ALA Z 73 -17.43 -6.75 23.16
CA ALA Z 73 -18.80 -6.65 23.64
C ALA Z 73 -18.84 -5.96 24.99
N VAL Z 74 -19.83 -5.09 25.18
CA VAL Z 74 -20.13 -4.58 26.51
C VAL Z 74 -20.79 -5.73 27.27
N VAL Z 75 -20.06 -6.28 28.23
CA VAL Z 75 -20.42 -7.53 28.90
C VAL Z 75 -21.51 -7.26 29.93
N PRO Z 76 -22.47 -8.18 30.12
CA PRO Z 76 -23.53 -7.97 31.11
C PRO Z 76 -23.01 -7.83 32.54
N THR Z 77 -23.95 -7.47 33.41
CA THR Z 77 -23.71 -7.17 34.80
C THR Z 77 -23.33 -8.45 35.55
N SER Z 78 -22.68 -8.30 36.70
CA SER Z 78 -22.22 -9.44 37.48
C SER Z 78 -23.39 -10.27 37.98
N ASN Z 79 -23.16 -11.59 38.07
CA ASN Z 79 -24.17 -12.50 38.61
C ASN Z 79 -24.37 -12.25 40.10
N ALA Z 80 -23.31 -11.86 40.80
CA ALA Z 80 -23.37 -11.56 42.22
C ALA Z 80 -24.31 -10.40 42.49
N ILE Z 81 -24.40 -9.46 41.55
CA ILE Z 81 -25.33 -8.34 41.68
C ILE Z 81 -26.77 -8.83 41.60
N GLY Z 82 -27.07 -9.67 40.63
CA GLY Z 82 -28.46 -9.95 40.34
C GLY Z 82 -29.06 -8.76 39.61
N LEU Z 83 -30.38 -8.63 39.71
CA LEU Z 83 -31.05 -7.47 39.14
C LEU Z 83 -31.29 -6.40 40.20
N HIS Z 84 -30.23 -6.10 40.94
CA HIS Z 84 -30.27 -5.22 42.12
C HIS Z 84 -29.93 -3.78 41.83
N PHE Z 85 -30.07 -3.30 40.62
CA PHE Z 85 -29.93 -1.87 40.31
C PHE Z 85 -28.65 -1.27 40.83
N TYR Z 86 -27.53 -1.54 40.17
CA TYR Z 86 -26.20 -1.07 40.57
C TYR Z 86 -25.73 0.11 39.72
N PRO Z 87 -26.07 1.37 40.10
CA PRO Z 87 -25.50 2.50 39.38
C PRO Z 87 -24.21 2.98 40.00
N ILE Z 88 -23.62 4.04 39.43
CA ILE Z 88 -22.30 4.50 39.86
C ILE Z 88 -22.32 4.92 41.32
N TRP Z 89 -23.38 5.62 41.74
CA TRP Z 89 -23.44 6.07 43.12
C TRP Z 89 -23.65 4.93 44.11
N GLU Z 90 -23.99 3.73 43.66
CA GLU Z 90 -24.03 2.61 44.58
C GLU Z 90 -22.70 1.88 44.67
N ALA Z 91 -21.69 2.36 43.96
CA ALA Z 91 -20.34 1.81 44.03
C ALA Z 91 -19.46 2.69 44.89
N ALA Z 92 -18.40 2.10 45.46
CA ALA Z 92 -17.44 2.89 46.20
C ALA Z 92 -16.42 3.54 45.26
N SER Z 93 -16.23 2.98 44.07
CA SER Z 93 -15.29 3.54 43.11
C SER Z 93 -15.72 3.18 41.70
N LEU Z 94 -15.19 3.95 40.73
CA LEU Z 94 -15.46 3.67 39.33
C LEU Z 94 -14.85 2.34 38.90
N ASP Z 95 -13.69 1.99 39.46
CA ASP Z 95 -13.06 0.71 39.14
C ASP Z 95 -13.93 -0.45 39.62
N GLU Z 96 -14.52 -0.32 40.79
CA GLU Z 96 -15.41 -1.34 41.33
C GLU Z 96 -16.70 -1.43 40.51
N TRP Z 97 -17.25 -0.26 40.14
CA TRP Z 97 -18.44 -0.22 39.30
C TRP Z 97 -18.18 -0.87 37.94
N LEU Z 98 -17.00 -0.68 37.39
CA LEU Z 98 -16.62 -1.28 36.12
C LEU Z 98 -16.38 -2.78 36.25
N TYR Z 99 -15.78 -3.20 37.37
CA TYR Z 99 -15.55 -4.61 37.62
C TYR Z 99 -16.84 -5.38 37.87
N ASN Z 100 -17.90 -4.71 38.29
CA ASN Z 100 -19.15 -5.40 38.59
C ASN Z 100 -20.20 -5.32 37.47
N GLY Z 101 -19.94 -4.58 36.40
CA GLY Z 101 -20.84 -4.59 35.25
C GLY Z 101 -21.88 -3.51 35.21
N GLY Z 102 -21.66 -2.38 35.91
CA GLY Z 102 -22.55 -1.25 35.86
C GLY Z 102 -22.79 -0.60 34.52
N PRO Z 103 -21.78 -0.53 33.62
CA PRO Z 103 -22.06 0.00 32.27
C PRO Z 103 -23.18 -0.71 31.53
N TYR Z 104 -23.28 -2.04 31.69
CA TYR Z 104 -24.35 -2.77 31.03
C TYR Z 104 -25.72 -2.35 31.54
N GLN Z 105 -25.87 -2.22 32.86
CA GLN Z 105 -27.15 -1.78 33.43
C GLN Z 105 -27.49 -0.38 32.97
N LEU Z 106 -26.50 0.52 32.94
CA LEU Z 106 -26.75 1.89 32.53
C LEU Z 106 -27.21 1.94 31.08
N VAL Z 107 -26.48 1.26 30.18
CA VAL Z 107 -26.80 1.28 28.77
C VAL Z 107 -28.14 0.62 28.50
N VAL Z 108 -28.44 -0.48 29.19
CA VAL Z 108 -29.69 -1.20 28.95
C VAL Z 108 -30.90 -0.40 29.43
N CYS Z 109 -30.80 0.20 30.63
CA CYS Z 109 -31.91 1.01 31.13
C CYS Z 109 -32.16 2.22 30.23
N HIS Z 110 -31.08 2.92 29.86
CA HIS Z 110 -31.23 4.09 29.00
C HIS Z 110 -31.71 3.70 27.61
N PHE Z 111 -31.28 2.54 27.09
CA PHE Z 111 -31.71 2.09 25.78
C PHE Z 111 -33.19 1.71 25.78
N PHE Z 112 -33.66 1.07 26.85
CA PHE Z 112 -35.07 0.73 26.95
C PHE Z 112 -35.94 1.98 26.99
N LEU Z 113 -35.55 2.95 27.83
CA LEU Z 113 -36.29 4.22 27.87
C LEU Z 113 -36.23 4.94 26.53
N GLY Z 114 -35.07 4.90 25.87
CA GLY Z 114 -34.91 5.58 24.61
C GLY Z 114 -35.72 4.96 23.48
N VAL Z 115 -35.80 3.64 23.42
CA VAL Z 115 -36.61 3.03 22.35
C VAL Z 115 -38.09 3.21 22.62
N CYS Z 116 -38.51 3.20 23.89
CA CYS Z 116 -39.91 3.48 24.20
CA CYS Z 116 -39.91 3.48 24.20
C CYS Z 116 -40.28 4.90 23.81
N CYS Z 117 -39.41 5.87 24.11
CA CYS Z 117 -39.67 7.23 23.72
C CYS Z 117 -39.48 7.46 22.22
N TYR Z 118 -38.68 6.62 21.55
CA TYR Z 118 -38.59 6.67 20.10
C TYR Z 118 -39.90 6.25 19.46
N MET Z 119 -40.53 5.22 20.00
CA MET Z 119 -41.86 4.81 19.54
C MET Z 119 -42.88 5.92 19.78
N GLY Z 120 -42.84 6.52 20.98
CA GLY Z 120 -43.73 7.63 21.27
C GLY Z 120 -43.49 8.83 20.36
N ARG Z 121 -42.22 9.07 20.00
CA ARG Z 121 -41.88 10.18 19.11
C ARG Z 121 -42.34 9.91 17.69
N GLU Z 122 -42.29 8.63 17.26
CA GLU Z 122 -42.86 8.27 15.97
C GLU Z 122 -44.36 8.56 15.94
N TRP Z 123 -45.06 8.20 17.01
CA TRP Z 123 -46.47 8.56 17.10
C TRP Z 123 -46.66 10.07 17.07
N GLU Z 124 -45.81 10.80 17.79
CA GLU Z 124 -45.98 12.25 17.89
C GLU Z 124 -45.78 12.93 16.55
N LEU Z 125 -44.79 12.50 15.78
CA LEU Z 125 -44.61 13.08 14.45
C LEU Z 125 -45.75 12.70 13.52
N SER Z 126 -46.27 11.47 13.63
CA SER Z 126 -47.42 11.09 12.83
C SER Z 126 -48.63 11.95 13.17
N TYR Z 127 -48.77 12.32 14.46
CA TYR Z 127 -49.87 13.18 14.87
C TYR Z 127 -49.69 14.61 14.37
N ARG Z 128 -48.48 15.14 14.48
CA ARG Z 128 -48.22 16.52 14.06
C ARG Z 128 -48.17 16.69 12.55
N LEU Z 129 -48.04 15.61 11.78
CA LEU Z 129 -48.04 15.70 10.33
C LEU Z 129 -49.38 15.35 9.71
N GLY Z 130 -50.42 15.12 10.52
CA GLY Z 130 -51.69 14.73 9.96
C GLY Z 130 -51.75 13.31 9.45
N MET Z 131 -50.81 12.47 9.89
CA MET Z 131 -50.73 11.08 9.45
C MET Z 131 -51.64 10.19 10.28
N ARG Z 132 -51.58 8.90 10.00
CA ARG Z 132 -52.16 7.82 10.77
C ARG Z 132 -51.10 7.24 11.70
N PRO Z 133 -51.47 6.80 12.89
CA PRO Z 133 -50.50 6.66 13.99
C PRO Z 133 -49.89 5.28 14.20
N TRP Z 134 -50.09 4.32 13.30
CA TRP Z 134 -49.76 2.94 13.61
C TRP Z 134 -48.36 2.53 13.15
N ILE Z 135 -47.54 3.47 12.69
CA ILE Z 135 -46.13 3.17 12.46
C ILE Z 135 -45.45 2.86 13.78
N ALA Z 136 -45.87 3.53 14.86
CA ALA Z 136 -45.38 3.18 16.19
C ALA Z 136 -45.83 1.79 16.61
N VAL Z 137 -47.04 1.40 16.22
CA VAL Z 137 -47.52 0.05 16.52
C VAL Z 137 -46.69 -0.99 15.78
N ALA Z 138 -46.29 -0.67 14.54
CA ALA Z 138 -45.39 -1.57 13.81
C ALA Z 138 -44.01 -1.62 14.47
N TYR Z 139 -43.51 -0.48 14.95
CA TYR Z 139 -42.23 -0.41 15.63
C TYR Z 139 -42.26 -1.07 17.00
N SER Z 140 -43.46 -1.33 17.55
CA SER Z 140 -43.55 -1.97 18.86
C SER Z 140 -42.99 -3.39 18.88
N ALA Z 141 -42.76 -4.02 17.73
CA ALA Z 141 -42.25 -5.38 17.70
C ALA Z 141 -40.75 -5.47 17.95
N PRO Z 142 -39.87 -4.68 17.27
CA PRO Z 142 -38.47 -4.70 17.70
C PRO Z 142 -38.24 -4.17 19.11
N VAL Z 143 -39.07 -3.22 19.57
CA VAL Z 143 -38.97 -2.76 20.95
C VAL Z 143 -39.30 -3.88 21.91
N ALA Z 144 -40.34 -4.66 21.58
CA ALA Z 144 -40.69 -5.82 22.40
C ALA Z 144 -39.57 -6.84 22.43
N ALA Z 145 -38.93 -7.08 21.27
CA ALA Z 145 -37.83 -8.05 21.22
C ALA Z 145 -36.63 -7.57 22.03
N ALA Z 146 -36.28 -6.29 21.91
CA ALA Z 146 -35.17 -5.74 22.69
C ALA Z 146 -35.46 -5.78 24.17
N THR Z 147 -36.70 -5.46 24.56
CA THR Z 147 -37.10 -5.56 25.96
C THR Z 147 -37.03 -6.99 26.46
N ALA Z 148 -37.45 -7.95 25.62
CA ALA Z 148 -37.42 -9.36 26.01
C ALA Z 148 -36.00 -9.85 26.22
N VAL Z 149 -35.05 -9.40 25.38
CA VAL Z 149 -33.69 -9.91 25.50
C VAL Z 149 -32.81 -9.11 26.45
N PHE Z 150 -33.20 -7.89 26.83
CA PHE Z 150 -32.38 -7.06 27.71
C PHE Z 150 -32.96 -6.86 29.09
N ILE Z 151 -34.28 -7.00 29.27
CA ILE Z 151 -34.94 -6.66 30.52
C ILE Z 151 -35.75 -7.85 31.02
N ILE Z 152 -36.61 -8.38 30.16
CA ILE Z 152 -37.59 -9.39 30.58
C ILE Z 152 -36.90 -10.72 30.89
N TYR Z 153 -35.98 -11.14 30.02
CA TYR Z 153 -35.24 -12.39 30.28
C TYR Z 153 -34.37 -12.28 31.54
N PRO Z 154 -33.62 -11.19 31.77
CA PRO Z 154 -32.97 -11.05 33.08
C PRO Z 154 -33.95 -11.02 34.26
N ILE Z 155 -35.15 -10.46 34.08
CA ILE Z 155 -36.13 -10.48 35.17
C ILE Z 155 -36.56 -11.91 35.47
N GLY Z 156 -36.83 -12.69 34.43
CA GLY Z 156 -37.27 -14.06 34.62
C GLY Z 156 -36.19 -14.94 35.21
N GLN Z 157 -34.94 -14.79 34.75
CA GLN Z 157 -33.87 -15.62 35.27
C GLN Z 157 -33.27 -15.08 36.55
N GLY Z 158 -33.59 -13.85 36.94
CA GLY Z 158 -33.15 -13.31 38.20
C GLY Z 158 -31.81 -12.61 38.22
N SER Z 159 -31.18 -12.39 37.06
CA SER Z 159 -29.89 -11.72 37.03
C SER Z 159 -29.67 -11.06 35.68
N PHE Z 160 -29.17 -9.81 35.71
CA PHE Z 160 -28.85 -9.09 34.48
C PHE Z 160 -27.67 -9.72 33.74
N SER Z 161 -26.92 -10.62 34.38
CA SER Z 161 -25.93 -11.42 33.67
C SER Z 161 -26.58 -12.31 32.61
N ASP Z 162 -27.88 -12.57 32.73
CA ASP Z 162 -28.59 -13.31 31.70
C ASP Z 162 -28.98 -12.45 30.51
N GLY Z 163 -28.77 -11.13 30.61
CA GLY Z 163 -29.07 -10.27 29.48
C GLY Z 163 -28.14 -10.53 28.31
N MET Z 164 -28.62 -10.17 27.13
CA MET Z 164 -27.82 -10.36 25.93
C MET Z 164 -26.64 -9.39 25.96
N PRO Z 165 -25.40 -9.87 25.80
CA PRO Z 165 -24.25 -8.97 25.78
C PRO Z 165 -24.32 -8.01 24.61
N LEU Z 166 -23.87 -6.78 24.85
CA LEU Z 166 -23.91 -5.75 23.82
C LEU Z 166 -22.71 -5.94 22.88
N GLY Z 167 -22.85 -6.92 22.01
CA GLY Z 167 -21.81 -7.27 21.08
C GLY Z 167 -22.29 -8.32 20.11
N ILE Z 168 -21.34 -8.95 19.44
CA ILE Z 168 -21.62 -9.94 18.40
C ILE Z 168 -21.34 -11.35 18.90
N SER Z 169 -20.12 -11.63 19.34
CA SER Z 169 -19.81 -12.92 19.94
C SER Z 169 -20.59 -13.13 21.23
N GLY Z 170 -20.86 -12.06 21.97
CA GLY Z 170 -21.72 -12.17 23.15
C GLY Z 170 -23.14 -12.51 22.77
N THR Z 171 -23.63 -11.96 21.66
CA THR Z 171 -24.95 -12.34 21.15
C THR Z 171 -25.00 -13.81 20.80
N PHE Z 172 -23.94 -14.31 20.16
CA PHE Z 172 -23.89 -15.74 19.83
C PHE Z 172 -23.84 -16.60 21.09
N ASN Z 173 -23.11 -16.15 22.11
CA ASN Z 173 -23.05 -16.87 23.38
C ASN Z 173 -24.43 -16.95 24.03
N PHE Z 174 -25.13 -15.82 24.07
CA PHE Z 174 -26.49 -15.77 24.60
C PHE Z 174 -27.40 -16.71 23.83
N MET Z 175 -27.26 -16.73 22.50
CA MET Z 175 -28.03 -17.62 21.66
C MET Z 175 -27.80 -19.10 21.99
N ILE Z 176 -26.53 -19.49 22.11
CA ILE Z 176 -26.21 -20.90 22.31
C ILE Z 176 -26.66 -21.37 23.69
N VAL Z 177 -26.42 -20.55 24.72
CA VAL Z 177 -26.86 -20.92 26.07
C VAL Z 177 -28.38 -20.97 26.14
N PHE Z 178 -29.06 -20.02 25.47
CA PHE Z 178 -30.51 -20.02 25.43
C PHE Z 178 -31.05 -21.28 24.75
N GLN Z 179 -30.40 -21.71 23.66
CA GLN Z 179 -30.72 -22.98 23.04
C GLN Z 179 -30.60 -24.13 24.01
N ALA Z 180 -29.44 -24.21 24.68
CA ALA Z 180 -29.16 -25.32 25.59
C ALA Z 180 -30.20 -25.44 26.70
N GLU Z 181 -30.71 -24.30 27.16
CA GLU Z 181 -31.55 -24.35 28.35
C GLU Z 181 -33.03 -24.15 28.09
N HIS Z 182 -33.43 -23.75 26.89
CA HIS Z 182 -34.85 -23.54 26.62
C HIS Z 182 -35.33 -24.22 25.36
N ASN Z 183 -34.43 -24.73 24.52
CA ASN Z 183 -34.76 -25.39 23.25
C ASN Z 183 -35.62 -24.47 22.39
N ILE Z 184 -35.01 -23.33 22.02
CA ILE Z 184 -35.74 -22.29 21.30
C ILE Z 184 -36.16 -22.75 19.91
N LEU Z 185 -35.35 -23.60 19.27
CA LEU Z 185 -35.68 -24.06 17.91
C LEU Z 185 -36.98 -24.86 17.91
N MET Z 186 -37.24 -25.63 18.96
CA MET Z 186 -38.49 -26.37 19.08
C MET Z 186 -39.57 -25.57 19.81
N HIS Z 187 -39.48 -24.24 19.82
CA HIS Z 187 -40.53 -23.40 20.39
C HIS Z 187 -41.40 -22.85 19.27
N PRO Z 188 -42.72 -23.09 19.31
CA PRO Z 188 -43.59 -22.66 18.20
C PRO Z 188 -43.59 -21.16 17.96
N PHE Z 189 -43.44 -20.35 19.01
CA PHE Z 189 -43.35 -18.90 18.82
C PHE Z 189 -42.08 -18.54 18.06
N HIS Z 190 -40.98 -19.24 18.34
CA HIS Z 190 -39.76 -19.01 17.59
C HIS Z 190 -39.90 -19.49 16.14
N MET Z 191 -40.63 -20.59 15.91
CA MET Z 191 -40.91 -20.99 14.54
C MET Z 191 -41.73 -19.94 13.81
N PHE Z 192 -42.70 -19.34 14.51
CA PHE Z 192 -43.48 -18.25 13.93
C PHE Z 192 -42.59 -17.05 13.60
N GLY Z 193 -41.64 -16.72 14.48
CA GLY Z 193 -40.74 -15.62 14.21
C GLY Z 193 -39.80 -15.89 13.03
N VAL Z 194 -39.28 -17.12 12.95
CA VAL Z 194 -38.42 -17.49 11.82
C VAL Z 194 -39.19 -17.45 10.52
N ALA Z 195 -40.42 -17.99 10.53
CA ALA Z 195 -41.30 -17.88 9.38
C ALA Z 195 -41.61 -16.43 9.06
N GLY Z 196 -41.68 -15.58 10.07
CA GLY Z 196 -41.94 -14.17 9.83
C GLY Z 196 -40.81 -13.44 9.16
N VAL Z 197 -39.57 -13.69 9.58
CA VAL Z 197 -38.45 -13.02 8.91
C VAL Z 197 -38.23 -13.60 7.52
N PHE Z 198 -38.39 -14.93 7.38
CA PHE Z 198 -38.25 -15.55 6.05
C PHE Z 198 -39.33 -15.06 5.10
N GLY Z 199 -40.58 -14.98 5.58
CA GLY Z 199 -41.64 -14.44 4.77
C GLY Z 199 -41.54 -12.95 4.56
N GLY Z 200 -40.93 -12.23 5.51
CA GLY Z 200 -40.69 -10.82 5.30
C GLY Z 200 -39.69 -10.57 4.20
N SER Z 201 -38.61 -11.35 4.16
CA SER Z 201 -37.68 -11.28 3.05
C SER Z 201 -38.34 -11.71 1.74
N LEU Z 202 -39.17 -12.76 1.81
CA LEU Z 202 -39.89 -13.22 0.63
C LEU Z 202 -40.81 -12.13 0.08
N PHE Z 203 -41.63 -11.54 0.94
CA PHE Z 203 -42.59 -10.53 0.51
C PHE Z 203 -41.90 -9.24 0.11
N SER Z 204 -40.78 -8.90 0.75
CA SER Z 204 -40.01 -7.73 0.32
C SER Z 204 -39.46 -7.95 -1.08
N ALA Z 205 -38.92 -9.15 -1.36
CA ALA Z 205 -38.44 -9.44 -2.69
C ALA Z 205 -39.57 -9.44 -3.71
N MET Z 206 -40.72 -10.02 -3.35
CA MET Z 206 -41.87 -10.03 -4.25
C MET Z 206 -42.40 -8.64 -4.53
N HIS Z 207 -42.55 -7.81 -3.50
CA HIS Z 207 -43.04 -6.45 -3.69
C HIS Z 207 -42.05 -5.62 -4.51
N GLY Z 208 -40.76 -5.73 -4.20
CA GLY Z 208 -39.77 -5.01 -4.98
C GLY Z 208 -39.75 -5.45 -6.44
N SER Z 209 -39.89 -6.75 -6.68
CA SER Z 209 -39.91 -7.26 -8.04
C SER Z 209 -41.15 -6.81 -8.79
N LEU Z 210 -42.31 -6.86 -8.16
CA LEU Z 210 -43.54 -6.49 -8.84
C LEU Z 210 -43.63 -4.99 -9.11
N VAL Z 211 -43.10 -4.16 -8.22
CA VAL Z 211 -43.15 -2.73 -8.47
C VAL Z 211 -42.01 -2.28 -9.38
N THR Z 212 -40.83 -2.91 -9.31
CA THR Z 212 -39.72 -2.56 -10.18
C THR Z 212 -39.91 -3.11 -11.59
N SER Z 213 -40.72 -4.17 -11.75
CA SER Z 213 -40.96 -4.73 -13.06
C SER Z 213 -42.10 -4.03 -13.79
N SER Z 214 -43.19 -3.70 -13.08
CA SER Z 214 -44.37 -3.10 -13.69
C SER Z 214 -44.12 -1.60 -13.86
N LEU Z 215 -43.52 -1.27 -15.01
CA LEU Z 215 -43.26 0.11 -15.39
C LEU Z 215 -43.63 0.35 -16.84
N ILE Z 216 -43.91 1.61 -17.14
CA ILE Z 216 -43.94 2.10 -18.50
C ILE Z 216 -42.68 2.93 -18.65
N ARG Z 217 -42.26 3.19 -19.89
CA ARG Z 217 -40.95 3.77 -20.12
C ARG Z 217 -40.89 5.22 -19.65
N GLU Z 218 -40.05 5.46 -18.64
CA GLU Z 218 -39.69 6.80 -18.21
C GLU Z 218 -38.20 6.93 -17.90
N THR Z 219 -37.49 5.82 -17.76
CA THR Z 219 -36.04 5.81 -17.59
C THR Z 219 -35.45 4.86 -18.62
N THR Z 220 -34.61 5.40 -19.50
CA THR Z 220 -34.01 4.63 -20.57
C THR Z 220 -32.74 3.95 -20.07
N GLU Z 221 -31.94 3.44 -21.01
CA GLU Z 221 -30.64 2.86 -20.67
C GLU Z 221 -29.66 3.90 -20.15
N ASN Z 222 -29.93 5.18 -20.39
CA ASN Z 222 -29.20 6.28 -19.77
C ASN Z 222 -29.77 6.54 -18.38
N GLU Z 223 -29.45 7.70 -17.80
CA GLU Z 223 -29.96 8.03 -16.47
C GLU Z 223 -31.47 8.14 -16.44
N SER Z 224 -32.06 8.77 -17.46
CA SER Z 224 -33.51 8.94 -17.49
C SER Z 224 -33.98 9.15 -18.91
N ALA Z 225 -35.20 8.70 -19.19
CA ALA Z 225 -35.85 8.92 -20.49
C ALA Z 225 -36.79 10.12 -20.38
N ASN Z 226 -36.19 11.29 -20.27
CA ASN Z 226 -36.94 12.53 -20.16
C ASN Z 226 -37.28 13.16 -21.50
N ALA Z 227 -36.91 12.49 -22.61
CA ALA Z 227 -37.15 13.05 -23.94
C ALA Z 227 -38.63 13.25 -24.22
N GLY Z 228 -39.49 12.41 -23.63
CA GLY Z 228 -40.91 12.68 -23.72
C GLY Z 228 -41.30 13.96 -22.98
N TYR Z 229 -40.79 14.11 -21.76
CA TYR Z 229 -41.04 15.30 -20.94
C TYR Z 229 -40.05 15.31 -19.79
N LYS Z 230 -39.65 16.51 -19.39
CA LYS Z 230 -38.68 16.69 -18.32
C LYS Z 230 -39.40 16.71 -16.97
N PHE Z 231 -38.67 17.08 -15.92
CA PHE Z 231 -39.26 17.15 -14.58
C PHE Z 231 -40.25 18.30 -14.49
N GLY Z 232 -41.38 18.03 -13.84
CA GLY Z 232 -42.40 19.05 -13.65
C GLY Z 232 -43.76 18.69 -14.19
N GLN Z 233 -44.06 17.40 -14.30
CA GLN Z 233 -45.35 16.93 -14.78
C GLN Z 233 -45.91 15.89 -13.83
N GLU Z 234 -47.23 15.88 -13.68
CA GLU Z 234 -47.92 14.96 -12.79
C GLU Z 234 -48.40 13.70 -13.50
N GLU Z 235 -48.09 13.54 -14.79
CA GLU Z 235 -48.45 12.34 -15.53
C GLU Z 235 -47.66 11.16 -14.95
N GLU Z 236 -48.34 10.32 -14.18
CA GLU Z 236 -47.65 9.30 -13.41
C GLU Z 236 -47.20 8.11 -14.26
N THR Z 237 -46.09 7.53 -13.85
CA THR Z 237 -45.51 6.31 -14.41
C THR Z 237 -46.09 5.15 -13.57
N TYR Z 238 -45.47 3.96 -13.59
CA TYR Z 238 -45.72 2.76 -12.79
C TYR Z 238 -46.92 1.93 -13.28
N ASN Z 239 -47.25 0.88 -12.54
CA ASN Z 239 -48.37 -0.01 -12.83
C ASN Z 239 -48.64 -0.92 -11.63
N ILE Z 240 -49.90 -1.21 -11.37
CA ILE Z 240 -50.24 -2.26 -10.42
C ILE Z 240 -51.32 -3.13 -11.06
N VAL Z 241 -51.67 -2.84 -12.31
CA VAL Z 241 -52.68 -3.63 -13.01
C VAL Z 241 -52.05 -4.87 -13.64
N ALA Z 242 -50.93 -4.70 -14.34
CA ALA Z 242 -50.25 -5.86 -14.93
C ALA Z 242 -49.47 -6.65 -13.88
N ALA Z 243 -49.02 -5.99 -12.80
CA ALA Z 243 -48.30 -6.69 -11.75
C ALA Z 243 -49.20 -7.70 -11.03
N HIS Z 244 -50.46 -7.32 -10.76
CA HIS Z 244 -51.39 -8.24 -10.14
C HIS Z 244 -51.72 -9.40 -11.08
N GLY Z 245 -51.82 -9.12 -12.38
CA GLY Z 245 -52.04 -10.19 -13.34
C GLY Z 245 -50.88 -11.17 -13.39
N TYR Z 246 -49.65 -10.66 -13.33
CA TYR Z 246 -48.47 -11.51 -13.28
C TYR Z 246 -48.47 -12.36 -12.02
N PHE Z 247 -48.78 -11.75 -10.86
CA PHE Z 247 -48.79 -12.49 -9.61
C PHE Z 247 -49.90 -13.55 -9.60
N GLY Z 248 -51.05 -13.24 -10.21
CA GLY Z 248 -52.10 -14.22 -10.31
C GLY Z 248 -51.74 -15.39 -11.21
N ARG Z 249 -51.22 -15.08 -12.41
CA ARG Z 249 -50.80 -16.14 -13.33
C ARG Z 249 -49.62 -16.93 -12.79
N LEU Z 250 -48.90 -16.39 -11.80
CA LEU Z 250 -47.78 -17.10 -11.21
C LEU Z 250 -48.21 -18.39 -10.53
N ILE Z 251 -49.36 -18.40 -9.84
CA ILE Z 251 -49.75 -19.65 -9.20
C ILE Z 251 -51.11 -20.12 -9.70
N PHE Z 252 -52.21 -19.43 -9.34
CA PHE Z 252 -53.51 -19.89 -9.81
C PHE Z 252 -54.54 -18.80 -10.07
N GLN Z 253 -54.17 -17.51 -9.96
CA GLN Z 253 -55.04 -16.37 -10.33
C GLN Z 253 -56.36 -16.34 -9.56
N TYR Z 254 -56.32 -16.70 -8.28
CA TYR Z 254 -57.46 -16.52 -7.40
C TYR Z 254 -57.11 -15.92 -6.05
N ALA Z 255 -55.86 -16.03 -5.60
CA ALA Z 255 -55.39 -15.33 -4.40
C ALA Z 255 -55.20 -13.86 -4.79
N SER Z 256 -56.29 -13.12 -4.76
CA SER Z 256 -56.32 -11.77 -5.31
C SER Z 256 -55.74 -10.76 -4.33
N PHE Z 257 -54.65 -10.12 -4.73
CA PHE Z 257 -54.06 -9.00 -4.00
C PHE Z 257 -54.17 -7.73 -4.84
N ASN Z 258 -55.30 -7.55 -5.53
CA ASN Z 258 -55.50 -6.39 -6.38
C ASN Z 258 -55.62 -5.09 -5.59
N ASN Z 259 -55.95 -5.17 -4.30
CA ASN Z 259 -56.01 -3.98 -3.46
C ASN Z 259 -54.61 -3.67 -2.95
N SER Z 260 -54.06 -2.53 -3.37
CA SER Z 260 -52.73 -2.14 -2.93
C SER Z 260 -52.69 -1.87 -1.43
N ARG Z 261 -53.77 -1.31 -0.88
CA ARG Z 261 -53.85 -1.08 0.55
C ARG Z 261 -53.85 -2.38 1.33
N SER Z 262 -54.60 -3.39 0.85
CA SER Z 262 -54.60 -4.68 1.51
C SER Z 262 -53.25 -5.37 1.40
N LEU Z 263 -52.60 -5.24 0.23
CA LEU Z 263 -51.26 -5.81 0.05
C LEU Z 263 -50.26 -5.19 1.02
N HIS Z 264 -50.28 -3.87 1.14
CA HIS Z 264 -49.35 -3.21 2.05
C HIS Z 264 -49.69 -3.47 3.50
N PHE Z 265 -50.98 -3.63 3.82
CA PHE Z 265 -51.36 -4.02 5.17
C PHE Z 265 -50.82 -5.40 5.51
N PHE Z 266 -50.89 -6.34 4.56
CA PHE Z 266 -50.32 -7.67 4.79
C PHE Z 266 -48.82 -7.60 4.97
N LEU Z 267 -48.14 -6.79 4.14
CA LEU Z 267 -46.69 -6.60 4.27
C LEU Z 267 -46.33 -6.02 5.62
N ALA Z 268 -47.17 -5.15 6.15
CA ALA Z 268 -46.91 -4.57 7.48
C ALA Z 268 -47.20 -5.57 8.57
N VAL Z 269 -48.29 -6.33 8.46
CA VAL Z 269 -48.77 -7.08 9.60
C VAL Z 269 -48.01 -8.39 9.78
N TRP Z 270 -47.58 -9.05 8.69
CA TRP Z 270 -47.01 -10.39 8.84
C TRP Z 270 -45.70 -10.42 9.64
N PRO Z 271 -44.63 -9.68 9.26
CA PRO Z 271 -43.44 -9.73 10.11
C PRO Z 271 -43.63 -9.10 11.47
N VAL Z 272 -44.54 -8.13 11.60
CA VAL Z 272 -44.77 -7.49 12.89
C VAL Z 272 -45.42 -8.47 13.86
N VAL Z 273 -46.46 -9.19 13.42
CA VAL Z 273 -47.10 -10.14 14.33
C VAL Z 273 -46.19 -11.32 14.62
N CYS Z 274 -45.36 -11.71 13.65
CA CYS Z 274 -44.45 -12.83 13.91
C CYS Z 274 -43.32 -12.44 14.86
N ILE Z 275 -42.81 -11.21 14.75
CA ILE Z 275 -41.79 -10.75 15.69
C ILE Z 275 -42.40 -10.53 17.07
N TRP Z 276 -43.67 -10.11 17.13
CA TRP Z 276 -44.40 -10.09 18.39
C TRP Z 276 -44.43 -11.48 19.02
N LEU Z 277 -44.75 -12.49 18.21
CA LEU Z 277 -44.83 -13.86 18.71
C LEU Z 277 -43.49 -14.37 19.19
N THR Z 278 -42.41 -14.11 18.45
CA THR Z 278 -41.10 -14.62 18.88
C THR Z 278 -40.56 -13.84 20.08
N ALA Z 279 -40.87 -12.54 20.18
CA ALA Z 279 -40.48 -11.78 21.37
C ALA Z 279 -41.21 -12.30 22.59
N LEU Z 280 -42.49 -12.62 22.45
CA LEU Z 280 -43.21 -13.20 23.58
C LEU Z 280 -42.78 -14.64 23.85
N GLY Z 281 -42.27 -15.35 22.84
CA GLY Z 281 -41.69 -16.65 23.10
C GLY Z 281 -40.46 -16.55 23.96
N ILE Z 282 -39.61 -15.56 23.68
CA ILE Z 282 -38.47 -15.27 24.54
C ILE Z 282 -38.92 -14.87 25.93
N SER Z 283 -39.96 -14.05 26.02
CA SER Z 283 -40.48 -13.63 27.32
C SER Z 283 -41.09 -14.80 28.09
N THR Z 284 -41.67 -15.78 27.41
CA THR Z 284 -42.20 -16.96 28.10
C THR Z 284 -41.08 -17.88 28.55
N MET Z 285 -40.07 -18.08 27.71
CA MET Z 285 -38.91 -18.87 28.09
C MET Z 285 -38.05 -18.17 29.14
N ALA Z 286 -38.28 -16.87 29.38
CA ALA Z 286 -37.68 -16.21 30.53
C ALA Z 286 -38.18 -16.83 31.83
N PHE Z 287 -39.48 -17.11 31.91
CA PHE Z 287 -40.06 -17.83 33.04
C PHE Z 287 -40.03 -19.33 32.83
N ASN Z 288 -39.10 -19.80 31.99
CA ASN Z 288 -38.79 -21.21 31.79
C ASN Z 288 -39.98 -22.01 31.28
N LEU Z 289 -40.77 -21.40 30.39
CA LEU Z 289 -41.80 -22.18 29.72
C LEU Z 289 -41.21 -23.09 28.64
N ASN Z 290 -40.03 -22.74 28.11
CA ASN Z 290 -39.22 -23.58 27.22
C ASN Z 290 -39.92 -24.04 25.94
N GLY Z 291 -39.22 -24.83 25.13
CA GLY Z 291 -39.76 -25.33 23.89
C GLY Z 291 -40.30 -26.74 24.03
N PHE Z 292 -40.57 -27.35 22.88
CA PHE Z 292 -41.06 -28.72 22.85
C PHE Z 292 -39.98 -29.67 23.32
N ASN Z 293 -40.38 -30.65 24.13
CA ASN Z 293 -39.46 -31.66 24.66
C ASN Z 293 -39.96 -33.03 24.20
N PHE Z 294 -39.39 -33.52 23.10
CA PHE Z 294 -39.74 -34.82 22.55
C PHE Z 294 -38.61 -35.83 22.73
N ASN Z 295 -37.90 -35.76 23.85
CA ASN Z 295 -36.81 -36.69 24.12
C ASN Z 295 -37.36 -38.03 24.57
N GLN Z 296 -36.96 -39.08 23.85
CA GLN Z 296 -37.41 -40.46 24.08
C GLN Z 296 -38.93 -40.58 24.02
N SER Z 297 -39.54 -39.84 23.10
CA SER Z 297 -40.97 -39.99 22.87
C SER Z 297 -41.29 -41.22 22.06
N VAL Z 298 -40.36 -41.67 21.23
CA VAL Z 298 -40.55 -42.82 20.36
C VAL Z 298 -39.90 -44.03 21.03
N VAL Z 299 -40.73 -44.99 21.45
CA VAL Z 299 -40.27 -46.23 22.03
C VAL Z 299 -40.94 -47.37 21.29
N ASP Z 300 -40.28 -48.52 21.27
CA ASP Z 300 -40.78 -49.67 20.52
C ASP Z 300 -41.64 -50.55 21.45
N SER Z 301 -42.03 -51.72 20.95
CA SER Z 301 -42.93 -52.60 21.70
C SER Z 301 -42.31 -53.09 22.99
N ASN Z 302 -41.00 -53.34 23.00
CA ASN Z 302 -40.30 -53.72 24.22
C ASN Z 302 -39.94 -52.53 25.08
N GLY Z 303 -40.10 -51.30 24.59
CA GLY Z 303 -39.81 -50.11 25.34
C GLY Z 303 -38.44 -49.53 25.15
N ARG Z 304 -37.64 -50.08 24.24
CA ARG Z 304 -36.32 -49.52 23.94
C ARG Z 304 -36.47 -48.14 23.32
N VAL Z 305 -35.53 -47.25 23.63
CA VAL Z 305 -35.54 -45.91 23.07
C VAL Z 305 -35.10 -45.98 21.62
N LEU Z 306 -35.99 -45.61 20.71
CA LEU Z 306 -35.61 -45.40 19.33
C LEU Z 306 -35.12 -43.96 19.19
N ASN Z 307 -33.94 -43.80 18.60
CA ASN Z 307 -33.37 -42.47 18.45
C ASN Z 307 -34.22 -41.63 17.52
N THR Z 308 -34.01 -40.32 17.59
CA THR Z 308 -34.88 -39.37 16.91
C THR Z 308 -34.04 -38.14 16.60
N TRP Z 309 -34.46 -37.38 15.58
CA TRP Z 309 -33.82 -36.09 15.31
C TRP Z 309 -33.95 -35.16 16.51
N ALA Z 310 -35.08 -35.22 17.22
CA ALA Z 310 -35.22 -34.50 18.47
C ALA Z 310 -34.22 -34.99 19.51
N ASP Z 311 -33.91 -36.29 19.50
CA ASP Z 311 -32.91 -36.82 20.42
C ASP Z 311 -31.51 -36.32 20.05
N ILE Z 312 -31.22 -36.18 18.75
CA ILE Z 312 -29.93 -35.63 18.33
C ILE Z 312 -29.82 -34.17 18.76
N ILE Z 313 -30.91 -33.42 18.61
CA ILE Z 313 -30.95 -32.05 19.10
C ILE Z 313 -30.74 -32.01 20.61
N ASN Z 314 -31.31 -32.99 21.32
CA ASN Z 314 -31.11 -33.09 22.77
C ASN Z 314 -29.66 -33.35 23.12
N ARG Z 315 -28.97 -34.22 22.35
CA ARG Z 315 -27.56 -34.47 22.59
C ARG Z 315 -26.73 -33.21 22.37
N ALA Z 316 -27.02 -32.47 21.30
CA ALA Z 316 -26.32 -31.21 21.05
C ALA Z 316 -26.61 -30.19 22.15
N ASN Z 317 -27.87 -30.15 22.62
CA ASN Z 317 -28.26 -29.22 23.67
C ASN Z 317 -27.55 -29.52 24.98
N LEU Z 318 -27.43 -30.80 25.35
CA LEU Z 318 -26.74 -31.14 26.59
C LEU Z 318 -25.23 -30.98 26.45
N GLY Z 319 -24.70 -31.14 25.23
CA GLY Z 319 -23.30 -30.80 25.00
C GLY Z 319 -23.04 -29.32 25.18
N MET Z 320 -23.98 -28.49 24.74
CA MET Z 320 -23.91 -27.06 25.05
C MET Z 320 -24.06 -26.82 26.55
N GLU Z 321 -24.92 -27.59 27.21
CA GLU Z 321 -25.23 -27.39 28.62
C GLU Z 321 -24.02 -27.65 29.50
N VAL Z 322 -23.22 -28.67 29.18
CA VAL Z 322 -22.08 -28.98 30.03
C VAL Z 322 -20.94 -27.99 29.83
N MET Z 323 -20.98 -27.21 28.74
CA MET Z 323 -19.91 -26.26 28.49
C MET Z 323 -20.18 -24.89 29.10
N HIS Z 324 -21.45 -24.51 29.13
CA HIS Z 324 -21.85 -23.18 29.62
C HIS Z 324 -21.38 -23.02 31.06
N GLU Z 325 -20.70 -21.92 31.34
CA GLU Z 325 -20.34 -21.65 32.73
C GLU Z 325 -19.69 -22.87 33.38
N ARG Z 326 -18.50 -23.20 32.86
CA ARG Z 326 -17.78 -24.37 33.32
C ARG Z 326 -17.49 -24.31 34.82
N ASN Z 327 -17.34 -23.10 35.38
CA ASN Z 327 -16.92 -22.94 36.77
C ASN Z 327 -17.99 -22.33 37.65
N ALA Z 328 -19.15 -21.97 37.10
CA ALA Z 328 -20.15 -21.21 37.85
C ALA Z 328 -21.18 -22.08 38.55
N HIS Z 329 -21.11 -23.39 38.43
CA HIS Z 329 -22.09 -24.28 39.04
C HIS Z 329 -21.44 -25.11 40.14
N ASN Z 330 -22.12 -25.20 41.29
CA ASN Z 330 -21.66 -26.01 42.41
C ASN Z 330 -22.56 -27.20 42.67
N PHE Z 331 -23.78 -27.19 42.17
CA PHE Z 331 -24.84 -28.15 42.40
C PHE Z 331 -25.32 -28.75 41.07
N PRO Z 332 -25.88 -29.97 41.07
CA PRO Z 332 -26.12 -30.63 39.78
C PRO Z 332 -27.23 -30.02 38.94
N LEU Z 333 -28.39 -29.75 39.53
CA LEU Z 333 -29.55 -29.33 38.76
C LEU Z 333 -29.49 -27.82 38.55
N ASP Z 334 -29.54 -27.41 37.28
CA ASP Z 334 -29.38 -26.00 36.90
C ASP Z 334 -30.74 -25.34 37.04
N LEU Z 335 -30.92 -24.58 38.11
CA LEU Z 335 -32.17 -23.86 38.36
C LEU Z 335 -32.03 -22.34 38.32
N ALA Z 336 -30.93 -21.80 38.85
CA ALA Z 336 -30.69 -20.37 38.79
C ALA Z 336 -29.96 -20.01 37.51
N GLY AA 1 -26.24 10.91 -18.27
CA GLY AA 1 -25.11 10.19 -17.72
C GLY AA 1 -25.37 8.69 -17.59
N LEU AA 2 -24.41 7.97 -17.03
CA LEU AA 2 -24.52 6.54 -16.83
C LEU AA 2 -24.23 6.20 -15.38
N PRO AA 3 -24.89 5.17 -14.84
CA PRO AA 3 -24.54 4.69 -13.50
C PRO AA 3 -23.19 3.99 -13.53
N TRP AA 4 -22.57 3.93 -12.34
CA TRP AA 4 -21.26 3.29 -12.22
C TRP AA 4 -21.30 1.82 -12.61
N TYR AA 5 -22.45 1.18 -12.47
CA TYR AA 5 -22.64 -0.21 -12.85
C TYR AA 5 -23.12 -0.37 -14.28
N ARG AA 6 -22.91 0.65 -15.13
CA ARG AA 6 -23.27 0.57 -16.54
C ARG AA 6 -22.20 1.13 -17.46
N VAL AA 7 -21.06 1.57 -16.91
CA VAL AA 7 -20.05 2.26 -17.69
C VAL AA 7 -19.41 1.38 -18.75
N HIS AA 8 -19.51 0.07 -18.63
CA HIS AA 8 -18.95 -0.84 -19.61
C HIS AA 8 -19.90 -1.12 -20.77
N THR AA 9 -21.12 -0.58 -20.72
CA THR AA 9 -22.07 -0.81 -21.81
C THR AA 9 -21.83 0.08 -23.00
N VAL AA 10 -20.80 0.94 -22.97
CA VAL AA 10 -20.52 1.81 -24.11
C VAL AA 10 -19.96 1.04 -25.29
N VAL AA 11 -19.47 -0.18 -25.08
CA VAL AA 11 -18.86 -0.95 -26.14
C VAL AA 11 -19.76 -2.10 -26.58
N ILE AA 12 -21.07 -2.00 -26.32
CA ILE AA 12 -22.01 -3.02 -26.80
C ILE AA 12 -22.13 -2.95 -28.31
N ASN AA 13 -22.36 -1.75 -28.85
CA ASN AA 13 -22.50 -1.54 -30.28
C ASN AA 13 -21.21 -1.03 -30.91
N ASP AA 14 -20.08 -1.30 -30.27
CA ASP AA 14 -18.76 -0.92 -30.77
C ASP AA 14 -17.90 -2.18 -30.81
N PRO AA 15 -17.89 -2.89 -31.95
CA PRO AA 15 -17.05 -4.10 -32.03
C PRO AA 15 -15.56 -3.84 -31.90
N GLY AA 16 -15.08 -2.71 -32.43
CA GLY AA 16 -13.65 -2.43 -32.34
C GLY AA 16 -13.20 -2.16 -30.91
N ARG AA 17 -13.97 -1.37 -30.17
CA ARG AA 17 -13.64 -1.13 -28.78
C ARG AA 17 -14.00 -2.31 -27.89
N LEU AA 18 -14.92 -3.18 -28.32
CA LEU AA 18 -15.11 -4.46 -27.65
C LEU AA 18 -13.86 -5.33 -27.78
N ILE AA 19 -13.27 -5.36 -28.98
CA ILE AA 19 -12.01 -6.06 -29.16
C ILE AA 19 -10.91 -5.41 -28.33
N SER AA 20 -10.96 -4.08 -28.22
CA SER AA 20 -9.98 -3.36 -27.41
C SER AA 20 -10.08 -3.74 -25.93
N VAL AA 21 -11.29 -3.81 -25.38
CA VAL AA 21 -11.42 -4.14 -23.96
C VAL AA 21 -11.15 -5.63 -23.72
N HIS AA 22 -11.46 -6.49 -24.69
CA HIS AA 22 -11.08 -7.89 -24.58
C HIS AA 22 -9.56 -8.04 -24.59
N LEU AA 23 -8.88 -7.25 -25.43
CA LEU AA 23 -7.43 -7.27 -25.46
C LEU AA 23 -6.85 -6.73 -24.16
N MET AA 24 -7.49 -5.71 -23.57
CA MET AA 24 -7.03 -5.18 -22.29
C MET AA 24 -7.16 -6.21 -21.18
N HIS AA 25 -8.31 -6.89 -21.12
CA HIS AA 25 -8.48 -7.95 -20.12
C HIS AA 25 -7.50 -9.08 -20.34
N THR AA 26 -7.28 -9.46 -21.60
CA THR AA 26 -6.34 -10.52 -21.93
C THR AA 26 -4.91 -10.15 -21.52
N ALA AA 27 -4.54 -8.89 -21.73
CA ALA AA 27 -3.24 -8.40 -21.30
C ALA AA 27 -3.11 -8.44 -19.80
N LEU AA 28 -4.16 -8.04 -19.07
CA LEU AA 28 -4.11 -8.08 -17.62
C LEU AA 28 -3.97 -9.51 -17.11
N VAL AA 29 -4.67 -10.45 -17.72
CA VAL AA 29 -4.61 -11.84 -17.27
C VAL AA 29 -3.24 -12.45 -17.56
N ALA AA 30 -2.67 -12.19 -18.75
CA ALA AA 30 -1.35 -12.69 -19.07
C ALA AA 30 -0.28 -12.06 -18.17
N GLY AA 31 -0.40 -10.77 -17.90
CA GLY AA 31 0.53 -10.12 -16.99
C GLY AA 31 0.44 -10.67 -15.58
N TRP AA 32 -0.78 -10.98 -15.14
CA TRP AA 32 -0.94 -11.62 -13.84
C TRP AA 32 -0.27 -12.98 -13.83
N ALA AA 33 -0.41 -13.75 -14.91
CA ALA AA 33 0.20 -15.07 -14.97
C ALA AA 33 1.72 -14.96 -14.84
N GLY AA 34 2.32 -14.04 -15.59
CA GLY AA 34 3.76 -13.86 -15.51
C GLY AA 34 4.24 -13.38 -14.14
N ALA AA 35 3.54 -12.38 -13.59
CA ALA AA 35 3.94 -11.82 -12.30
C ALA AA 35 3.72 -12.81 -11.17
N MET AA 36 2.63 -13.57 -11.22
CA MET AA 36 2.37 -14.59 -10.21
C MET AA 36 3.42 -15.69 -10.27
N THR AA 37 3.79 -16.12 -11.49
CA THR AA 37 4.83 -17.14 -11.63
C THR AA 37 6.15 -16.65 -11.06
N LEU AA 38 6.51 -15.39 -11.34
CA LEU AA 38 7.76 -14.87 -10.81
C LEU AA 38 7.72 -14.70 -9.29
N PHE AA 39 6.57 -14.34 -8.72
CA PHE AA 39 6.45 -14.28 -7.27
C PHE AA 39 6.61 -15.66 -6.64
N GLU AA 40 5.98 -16.68 -7.23
CA GLU AA 40 6.10 -18.03 -6.68
C GLU AA 40 7.50 -18.59 -6.86
N ILE AA 41 8.19 -18.21 -7.93
CA ILE AA 41 9.58 -18.63 -8.10
C ILE AA 41 10.47 -17.93 -7.06
N ALA AA 42 10.17 -16.66 -6.75
CA ALA AA 42 10.94 -15.93 -5.76
C ALA AA 42 10.75 -16.51 -4.36
N VAL AA 43 9.53 -16.93 -4.03
CA VAL AA 43 9.25 -17.45 -2.68
C VAL AA 43 9.31 -18.97 -2.61
N PHE AA 44 9.66 -19.65 -3.70
CA PHE AA 44 9.71 -21.10 -3.70
C PHE AA 44 11.03 -21.61 -3.12
N ASP AA 45 10.95 -22.72 -2.39
CA ASP AA 45 12.13 -23.37 -1.81
C ASP AA 45 12.26 -24.77 -2.41
N PRO AA 46 13.13 -24.97 -3.41
CA PRO AA 46 13.21 -26.27 -4.08
C PRO AA 46 14.19 -27.24 -3.42
N SER AA 47 14.60 -26.96 -2.18
CA SER AA 47 15.62 -27.78 -1.53
C SER AA 47 15.14 -29.20 -1.25
N ASP AA 48 13.91 -29.35 -0.75
CA ASP AA 48 13.37 -30.65 -0.34
C ASP AA 48 12.14 -30.98 -1.17
N PRO AA 49 12.30 -31.67 -2.30
CA PRO AA 49 11.13 -32.01 -3.11
C PRO AA 49 10.24 -33.07 -2.48
N VAL AA 50 10.76 -33.87 -1.54
CA VAL AA 50 10.00 -34.97 -0.97
C VAL AA 50 9.17 -34.50 0.21
N LEU AA 51 9.81 -33.83 1.17
CA LEU AA 51 9.17 -33.48 2.43
C LEU AA 51 8.65 -32.05 2.46
N ASN AA 52 9.10 -31.19 1.56
CA ASN AA 52 8.61 -29.82 1.45
C ASN AA 52 8.27 -29.51 0.00
N PRO AA 53 7.24 -30.13 -0.55
CA PRO AA 53 6.89 -29.93 -1.96
C PRO AA 53 6.12 -28.63 -2.16
N MET AA 54 5.82 -28.34 -3.42
CA MET AA 54 5.24 -27.05 -3.80
C MET AA 54 3.88 -26.83 -3.16
N TRP AA 55 3.07 -27.89 -3.02
CA TRP AA 55 1.76 -27.72 -2.41
C TRP AA 55 1.86 -27.45 -0.92
N ARG AA 56 3.00 -27.76 -0.29
CA ARG AA 56 3.20 -27.36 1.08
C ARG AA 56 3.66 -25.92 1.21
N GLN AA 57 4.08 -25.30 0.11
CA GLN AA 57 4.58 -23.94 0.14
C GLN AA 57 3.58 -22.92 -0.38
N GLY AA 58 2.33 -23.33 -0.60
CA GLY AA 58 1.32 -22.40 -1.10
C GLY AA 58 1.46 -22.06 -2.56
N MET AA 59 2.12 -22.91 -3.35
CA MET AA 59 2.32 -22.62 -4.76
C MET AA 59 1.01 -22.84 -5.51
N PHE AA 60 0.62 -21.87 -6.32
CA PHE AA 60 -0.65 -21.92 -7.03
C PHE AA 60 -0.49 -22.21 -8.51
N VAL AA 61 0.30 -21.41 -9.24
CA VAL AA 61 0.43 -21.60 -10.68
C VAL AA 61 1.59 -22.52 -11.06
N LEU AA 62 2.53 -22.77 -10.16
CA LEU AA 62 3.57 -23.76 -10.44
C LEU AA 62 3.05 -25.17 -10.68
N PRO AA 63 2.07 -25.70 -9.94
CA PRO AA 63 1.52 -27.01 -10.34
C PRO AA 63 0.89 -27.02 -11.71
N PHE AA 64 0.28 -25.91 -12.16
CA PHE AA 64 -0.32 -25.87 -13.48
C PHE AA 64 0.73 -25.75 -14.56
N LEU AA 65 1.83 -25.04 -14.29
CA LEU AA 65 2.97 -25.02 -15.21
C LEU AA 65 3.58 -26.41 -15.32
N THR AA 66 3.77 -27.06 -14.18
CA THR AA 66 4.39 -28.39 -14.14
C THR AA 66 3.55 -29.43 -14.86
N ARG AA 67 2.23 -29.37 -14.68
CA ARG AA 67 1.32 -30.39 -15.21
C ARG AA 67 1.43 -30.55 -16.71
N LEU AA 68 1.78 -29.48 -17.42
CA LEU AA 68 1.88 -29.51 -18.88
C LEU AA 68 3.31 -29.55 -19.38
N GLY AA 69 4.30 -29.70 -18.51
CA GLY AA 69 5.64 -29.97 -19.02
C GLY AA 69 6.87 -29.30 -18.45
N VAL AA 70 6.78 -28.04 -18.02
CA VAL AA 70 7.98 -27.36 -17.53
C VAL AA 70 8.30 -27.86 -16.12
N THR AA 71 9.56 -28.23 -15.90
CA THR AA 71 9.95 -28.81 -14.62
C THR AA 71 11.16 -28.10 -14.02
N GLN AA 72 12.09 -27.66 -14.87
CA GLN AA 72 13.29 -27.01 -14.40
C GLN AA 72 13.23 -25.51 -14.67
N SER AA 73 14.04 -24.77 -13.93
CA SER AA 73 14.08 -23.31 -13.99
C SER AA 73 15.47 -22.85 -14.41
N TRP AA 74 15.63 -21.52 -14.47
CA TRP AA 74 16.91 -20.92 -14.82
C TRP AA 74 17.91 -20.98 -13.68
N GLY AA 75 17.48 -21.30 -12.47
CA GLY AA 75 18.36 -21.42 -11.33
C GLY AA 75 19.13 -22.72 -11.26
N GLY AA 76 18.93 -23.61 -12.22
CA GLY AA 76 19.64 -24.88 -12.26
C GLY AA 76 19.02 -25.99 -11.47
N TRP AA 77 17.82 -25.80 -10.93
CA TRP AA 77 17.14 -26.84 -10.16
C TRP AA 77 15.91 -27.34 -10.90
N THR AA 78 15.47 -28.53 -10.50
CA THR AA 78 14.26 -29.14 -11.00
C THR AA 78 13.44 -29.63 -9.81
N ILE AA 79 12.11 -29.53 -9.91
CA ILE AA 79 11.23 -29.91 -8.82
C ILE AA 79 11.23 -31.41 -8.54
N SER AA 80 11.72 -32.24 -9.47
CA SER AA 80 11.71 -33.68 -9.27
C SER AA 80 12.87 -34.17 -8.42
N GLY AA 81 13.75 -33.27 -7.98
CA GLY AA 81 14.95 -33.64 -7.27
C GLY AA 81 16.16 -33.80 -8.15
N GLU AA 82 15.96 -33.96 -9.46
CA GLU AA 82 17.06 -34.00 -10.41
C GLU AA 82 17.65 -32.61 -10.55
N THR AA 83 18.95 -32.54 -10.84
CA THR AA 83 19.57 -31.29 -11.20
C THR AA 83 19.32 -31.03 -12.68
N SER AA 84 19.12 -29.77 -13.02
CA SER AA 84 18.54 -29.42 -14.31
C SER AA 84 19.47 -29.68 -15.48
N SER AA 85 18.88 -30.13 -16.58
CA SER AA 85 19.53 -30.13 -17.89
C SER AA 85 19.31 -28.75 -18.51
N ASN AA 86 19.56 -28.61 -19.80
CA ASN AA 86 19.31 -27.32 -20.44
C ASN AA 86 17.83 -26.97 -20.44
N PRO AA 87 17.43 -25.86 -19.81
CA PRO AA 87 16.00 -25.54 -19.75
C PRO AA 87 15.47 -24.92 -21.03
N GLY AA 88 16.34 -24.44 -21.91
CA GLY AA 88 15.89 -23.74 -23.08
C GLY AA 88 15.25 -22.43 -22.68
N ILE AA 89 14.33 -21.98 -23.54
CA ILE AA 89 13.59 -20.76 -23.24
C ILE AA 89 12.39 -21.06 -22.35
N TRP AA 90 11.89 -22.30 -22.34
CA TRP AA 90 10.67 -22.64 -21.64
C TRP AA 90 10.97 -23.26 -20.27
N SER AA 91 11.41 -22.40 -19.37
CA SER AA 91 11.51 -22.71 -17.96
C SER AA 91 10.34 -22.03 -17.25
N TYR AA 92 10.34 -22.06 -15.93
CA TYR AA 92 9.32 -21.33 -15.17
C TYR AA 92 9.43 -19.84 -15.41
N GLU AA 93 10.64 -19.29 -15.22
CA GLU AA 93 10.87 -17.87 -15.46
C GLU AA 93 10.75 -17.52 -16.93
N GLY AA 94 11.13 -18.43 -17.82
CA GLY AA 94 10.96 -18.18 -19.24
C GLY AA 94 9.50 -18.09 -19.65
N ALA AA 95 8.66 -18.98 -19.13
CA ALA AA 95 7.23 -18.91 -19.38
C ALA AA 95 6.62 -17.65 -18.78
N ALA AA 96 7.08 -17.26 -17.59
CA ALA AA 96 6.60 -16.01 -16.99
C ALA AA 96 6.98 -14.79 -17.82
N ALA AA 97 8.22 -14.74 -18.30
CA ALA AA 97 8.66 -13.62 -19.12
C ALA AA 97 7.93 -13.60 -20.46
N SER AA 98 7.65 -14.77 -21.02
CA SER AA 98 6.87 -14.83 -22.25
C SER AA 98 5.45 -14.30 -22.02
N HIS AA 99 4.86 -14.63 -20.87
CA HIS AA 99 3.54 -14.10 -20.54
C HIS AA 99 3.57 -12.59 -20.36
N ILE AA 100 4.64 -12.06 -19.77
CA ILE AA 100 4.75 -10.62 -19.57
C ILE AA 100 4.91 -9.90 -20.92
N VAL AA 101 5.73 -10.44 -21.82
CA VAL AA 101 5.90 -9.84 -23.14
C VAL AA 101 4.59 -9.92 -23.93
N LEU AA 102 3.87 -11.04 -23.80
CA LEU AA 102 2.56 -11.17 -24.43
C LEU AA 102 1.59 -10.15 -23.88
N SER AA 103 1.63 -9.91 -22.57
CA SER AA 103 0.77 -8.91 -21.93
C SER AA 103 1.05 -7.52 -22.49
N GLY AA 104 2.33 -7.17 -22.67
CA GLY AA 104 2.65 -5.88 -23.24
C GLY AA 104 2.19 -5.75 -24.68
N LEU AA 105 2.35 -6.80 -25.48
CA LEU AA 105 1.90 -6.76 -26.86
C LEU AA 105 0.38 -6.64 -26.95
N LEU AA 106 -0.34 -7.35 -26.07
CA LEU AA 106 -1.79 -7.23 -26.04
C LEU AA 106 -2.24 -5.86 -25.56
N PHE AA 107 -1.48 -5.24 -24.65
CA PHE AA 107 -1.77 -3.87 -24.23
C PHE AA 107 -1.66 -2.91 -25.41
N LEU AA 108 -0.59 -3.06 -26.20
CA LEU AA 108 -0.41 -2.19 -27.37
C LEU AA 108 -1.53 -2.41 -28.40
N ALA AA 109 -1.91 -3.68 -28.63
CA ALA AA 109 -3.00 -3.98 -29.54
C ALA AA 109 -4.32 -3.41 -29.04
N SER AA 110 -4.53 -3.43 -27.71
CA SER AA 110 -5.72 -2.84 -27.12
C SER AA 110 -5.77 -1.34 -27.35
N VAL AA 111 -4.62 -0.67 -27.22
CA VAL AA 111 -4.57 0.77 -27.48
C VAL AA 111 -4.89 1.06 -28.95
N TRP AA 112 -4.32 0.25 -29.85
CA TRP AA 112 -4.60 0.44 -31.28
C TRP AA 112 -6.07 0.24 -31.60
N HIS AA 113 -6.71 -0.75 -30.98
CA HIS AA 113 -8.12 -0.97 -31.27
C HIS AA 113 -9.03 0.05 -30.60
N TRP AA 114 -8.60 0.62 -29.48
CA TRP AA 114 -9.35 1.72 -28.89
C TRP AA 114 -9.32 2.94 -29.80
N VAL AA 115 -8.15 3.25 -30.37
CA VAL AA 115 -8.05 4.44 -31.22
C VAL AA 115 -8.71 4.20 -32.57
N TYR AA 116 -8.43 3.07 -33.20
CA TYR AA 116 -8.97 2.75 -34.53
C TYR AA 116 -10.10 1.75 -34.36
N TRP AA 117 -11.30 2.29 -34.09
CA TRP AA 117 -12.49 1.49 -33.86
C TRP AA 117 -13.45 1.49 -35.03
N ASP AA 118 -13.39 2.49 -35.90
CA ASP AA 118 -14.36 2.64 -37.00
C ASP AA 118 -13.85 1.94 -38.26
N LEU AA 119 -13.57 0.65 -38.12
CA LEU AA 119 -13.07 -0.14 -39.23
C LEU AA 119 -14.22 -0.64 -40.09
N GLU AA 120 -14.03 -0.55 -41.41
CA GLU AA 120 -15.05 -0.98 -42.38
C GLU AA 120 -15.39 -2.46 -42.23
N LEU AA 121 -14.46 -3.26 -41.70
CA LEU AA 121 -14.71 -4.67 -41.42
C LEU AA 121 -15.89 -4.86 -40.47
N PHE AA 122 -16.11 -3.92 -39.54
CA PHE AA 122 -17.24 -4.02 -38.63
C PHE AA 122 -18.52 -3.46 -39.21
N ARG AA 123 -18.50 -2.96 -40.45
CA ARG AA 123 -19.67 -2.37 -41.07
C ARG AA 123 -20.33 -3.35 -42.02
N ASP AA 124 -21.67 -3.38 -41.99
CA ASP AA 124 -22.42 -4.25 -42.88
C ASP AA 124 -22.40 -3.67 -44.30
N PRO AA 125 -22.01 -4.45 -45.31
CA PRO AA 125 -22.03 -3.92 -46.68
C PRO AA 125 -23.43 -3.72 -47.22
N ARG AA 126 -24.41 -4.50 -46.74
CA ARG AA 126 -25.76 -4.44 -47.28
C ARG AA 126 -26.49 -3.18 -46.83
N THR AA 127 -26.37 -2.81 -45.56
CA THR AA 127 -27.11 -1.69 -45.00
C THR AA 127 -26.25 -0.50 -44.61
N GLY AA 128 -24.95 -0.69 -44.41
CA GLY AA 128 -24.07 0.39 -44.02
C GLY AA 128 -23.92 0.56 -42.52
N LYS AA 129 -24.80 -0.03 -41.73
CA LYS AA 129 -24.73 0.09 -40.28
C LYS AA 129 -23.75 -0.94 -39.71
N THR AA 130 -23.39 -0.73 -38.45
CA THR AA 130 -22.44 -1.61 -37.78
C THR AA 130 -23.13 -2.90 -37.34
N ALA AA 131 -22.54 -4.03 -37.71
CA ALA AA 131 -23.13 -5.33 -37.38
C ALA AA 131 -22.03 -6.37 -37.32
N LEU AA 132 -22.33 -7.47 -36.62
CA LEU AA 132 -21.44 -8.61 -36.50
C LEU AA 132 -22.19 -9.87 -36.91
N ASP AA 133 -21.58 -10.66 -37.79
CA ASP AA 133 -22.17 -11.93 -38.23
C ASP AA 133 -21.81 -13.00 -37.20
N LEU AA 134 -22.53 -12.95 -36.08
CA LEU AA 134 -22.22 -13.80 -34.93
C LEU AA 134 -22.21 -15.30 -35.21
N PRO AA 135 -23.14 -15.90 -35.97
CA PRO AA 135 -22.97 -17.32 -36.31
C PRO AA 135 -21.69 -17.64 -37.07
N LYS AA 136 -21.27 -16.77 -37.99
CA LYS AA 136 -20.02 -17.01 -38.72
C LYS AA 136 -18.81 -16.82 -37.81
N ILE AA 137 -18.85 -15.83 -36.92
CA ILE AA 137 -17.78 -15.63 -35.95
C ILE AA 137 -17.67 -16.84 -35.04
N PHE AA 138 -18.81 -17.40 -34.64
CA PHE AA 138 -18.82 -18.59 -33.81
C PHE AA 138 -18.24 -19.79 -34.57
N GLY AA 139 -18.57 -19.91 -35.86
CA GLY AA 139 -17.99 -20.98 -36.65
C GLY AA 139 -16.48 -20.89 -36.77
N ILE AA 140 -15.97 -19.67 -36.99
CA ILE AA 140 -14.52 -19.45 -37.08
C ILE AA 140 -13.87 -19.78 -35.74
N HIS AA 141 -14.45 -19.31 -34.65
CA HIS AA 141 -13.87 -19.54 -33.32
C HIS AA 141 -13.93 -21.01 -32.93
N LEU AA 142 -15.01 -21.71 -33.31
CA LEU AA 142 -15.10 -23.14 -33.02
C LEU AA 142 -14.10 -23.93 -33.84
N PHE AA 143 -13.86 -23.52 -35.09
CA PHE AA 143 -12.83 -24.16 -35.90
C PHE AA 143 -11.45 -23.98 -35.28
N LEU AA 144 -11.14 -22.77 -34.82
CA LEU AA 144 -9.85 -22.52 -34.18
C LEU AA 144 -9.71 -23.28 -32.88
N ALA AA 145 -10.78 -23.31 -32.08
CA ALA AA 145 -10.76 -24.03 -30.81
C ALA AA 145 -10.59 -25.53 -31.03
N GLY AA 146 -11.26 -26.09 -32.04
CA GLY AA 146 -11.07 -27.49 -32.36
C GLY AA 146 -9.67 -27.79 -32.85
N LEU AA 147 -9.09 -26.87 -33.63
CA LEU AA 147 -7.71 -27.06 -34.09
C LEU AA 147 -6.74 -27.05 -32.91
N LEU AA 148 -6.93 -26.12 -31.97
CA LEU AA 148 -6.08 -26.06 -30.78
C LEU AA 148 -6.25 -27.31 -29.92
N CYS AA 149 -7.50 -27.77 -29.73
CA CYS AA 149 -7.75 -28.96 -28.94
C CYS AA 149 -7.11 -30.19 -29.58
N PHE AA 150 -7.27 -30.34 -30.90
CA PHE AA 150 -6.67 -31.48 -31.59
C PHE AA 150 -5.15 -31.43 -31.55
N GLY AA 151 -4.56 -30.24 -31.71
CA GLY AA 151 -3.11 -30.13 -31.64
C GLY AA 151 -2.57 -30.43 -30.26
N PHE AA 152 -3.24 -29.91 -29.22
CA PHE AA 152 -2.81 -30.16 -27.86
C PHE AA 152 -2.96 -31.63 -27.49
N GLY AA 153 -3.98 -32.30 -28.02
CA GLY AA 153 -4.18 -33.71 -27.71
C GLY AA 153 -3.39 -34.68 -28.56
N ALA AA 154 -2.98 -34.27 -29.76
CA ALA AA 154 -2.29 -35.18 -30.66
C ALA AA 154 -0.80 -34.93 -30.75
N PHE AA 155 -0.32 -33.77 -30.30
CA PHE AA 155 1.10 -33.46 -30.39
C PHE AA 155 1.76 -33.19 -29.05
N HIS AA 156 1.09 -32.43 -28.16
CA HIS AA 156 1.70 -32.09 -26.89
C HIS AA 156 1.63 -33.24 -25.90
N VAL AA 157 0.42 -33.68 -25.57
CA VAL AA 157 0.26 -34.66 -24.49
C VAL AA 157 0.67 -36.07 -24.90
N THR AA 158 0.64 -36.39 -26.20
CA THR AA 158 1.09 -37.70 -26.65
C THR AA 158 2.60 -37.79 -26.78
N GLY AA 159 3.29 -36.66 -26.74
CA GLY AA 159 4.74 -36.64 -26.78
C GLY AA 159 5.36 -36.83 -28.15
N VAL AA 160 4.57 -36.87 -29.22
CA VAL AA 160 5.16 -37.01 -30.55
C VAL AA 160 5.87 -35.72 -30.93
N PHE AA 161 5.42 -34.58 -30.42
CA PHE AA 161 6.13 -33.32 -30.56
C PHE AA 161 6.32 -32.60 -29.24
N GLY AA 162 5.33 -32.65 -28.35
CA GLY AA 162 5.42 -32.01 -27.06
C GLY AA 162 6.04 -32.88 -26.00
N PRO AA 163 6.03 -32.41 -24.74
CA PRO AA 163 6.64 -33.18 -23.66
C PRO AA 163 5.73 -34.21 -23.01
N GLY AA 164 4.42 -34.02 -23.13
CA GLY AA 164 3.45 -34.85 -22.44
C GLY AA 164 2.88 -34.15 -21.23
N ILE AA 165 2.34 -34.94 -20.31
CA ILE AA 165 1.77 -34.42 -19.08
C ILE AA 165 2.32 -35.19 -17.89
N TRP AA 166 1.95 -34.73 -16.70
CA TRP AA 166 2.44 -35.32 -15.47
C TRP AA 166 1.71 -36.62 -15.18
N VAL AA 167 2.47 -37.71 -15.11
CA VAL AA 167 1.96 -39.02 -14.73
C VAL AA 167 2.72 -39.45 -13.48
N SER AA 168 1.99 -39.93 -12.48
CA SER AA 168 2.60 -40.24 -11.19
C SER AA 168 2.22 -41.66 -10.76
N ASP AA 169 2.72 -42.03 -9.58
CA ASP AA 169 2.36 -43.27 -8.95
C ASP AA 169 0.92 -43.18 -8.43
N PRO AA 170 0.21 -44.31 -8.30
CA PRO AA 170 -1.12 -44.26 -7.68
C PRO AA 170 -1.11 -43.73 -6.26
N TYR AA 171 0.01 -43.87 -5.55
CA TYR AA 171 0.16 -43.31 -4.21
C TYR AA 171 1.04 -42.06 -4.21
N GLY AA 172 1.36 -41.53 -5.39
CA GLY AA 172 2.12 -40.30 -5.52
C GLY AA 172 3.55 -40.36 -5.04
N LEU AA 173 4.24 -41.48 -5.27
CA LEU AA 173 5.63 -41.60 -4.87
C LEU AA 173 6.58 -41.10 -5.97
N THR AA 174 6.47 -41.68 -7.16
CA THR AA 174 7.29 -41.29 -8.30
C THR AA 174 6.40 -40.71 -9.38
N GLY AA 175 6.73 -39.51 -9.83
CA GLY AA 175 5.94 -38.85 -10.87
C GLY AA 175 6.82 -37.96 -11.72
N SER AA 176 6.47 -37.85 -13.00
CA SER AA 176 7.25 -37.06 -13.94
C SER AA 176 6.39 -36.70 -15.13
N VAL AA 177 6.88 -35.74 -15.92
CA VAL AA 177 6.22 -35.36 -17.16
C VAL AA 177 6.64 -36.36 -18.23
N GLN AA 178 5.67 -37.09 -18.77
CA GLN AA 178 5.91 -38.16 -19.72
C GLN AA 178 4.88 -38.08 -20.84
N PRO AA 179 5.21 -38.60 -22.03
CA PRO AA 179 4.20 -38.78 -23.06
C PRO AA 179 3.17 -39.82 -22.65
N VAL AA 180 1.94 -39.63 -23.13
CA VAL AA 180 0.81 -40.47 -22.75
C VAL AA 180 0.15 -41.02 -24.01
N ALA AA 181 0.00 -42.34 -24.06
CA ALA AA 181 -0.72 -42.97 -25.16
C ALA AA 181 -2.23 -42.86 -24.93
N PRO AA 182 -3.00 -42.43 -25.93
CA PRO AA 182 -4.44 -42.27 -25.73
C PRO AA 182 -5.14 -43.61 -25.53
N SER AA 183 -6.23 -43.57 -24.75
CA SER AA 183 -7.05 -44.74 -24.45
C SER AA 183 -8.41 -44.53 -25.13
N TRP AA 184 -8.69 -45.36 -26.13
CA TRP AA 184 -9.90 -45.21 -26.93
C TRP AA 184 -11.05 -46.10 -26.45
N GLY AA 185 -10.84 -46.91 -25.42
CA GLY AA 185 -11.89 -47.75 -24.88
C GLY AA 185 -12.67 -47.03 -23.79
N ALA AA 186 -13.49 -47.82 -23.09
CA ALA AA 186 -14.26 -47.29 -21.96
C ALA AA 186 -13.33 -46.81 -20.85
N GLU AA 187 -12.13 -47.40 -20.74
CA GLU AA 187 -11.13 -46.95 -19.79
C GLU AA 187 -10.70 -45.51 -20.05
N GLY AA 188 -10.86 -45.02 -21.29
CA GLY AA 188 -10.59 -43.63 -21.58
C GLY AA 188 -11.52 -42.67 -20.86
N PHE AA 189 -12.66 -43.16 -20.39
CA PHE AA 189 -13.57 -42.35 -19.59
C PHE AA 189 -13.32 -42.53 -18.10
N ASP AA 190 -12.30 -43.28 -17.74
CA ASP AA 190 -11.85 -43.33 -16.35
C ASP AA 190 -11.22 -41.98 -16.02
N PRO AA 191 -11.74 -41.26 -15.02
CA PRO AA 191 -11.17 -39.94 -14.69
C PRO AA 191 -9.72 -39.98 -14.25
N TYR AA 192 -9.29 -41.07 -13.63
CA TYR AA 192 -7.92 -41.19 -13.16
C TYR AA 192 -7.00 -41.82 -14.19
N ASN AA 193 -7.53 -42.23 -15.34
CA ASN AA 193 -6.68 -42.74 -16.41
C ASN AA 193 -6.04 -41.57 -17.14
N PRO AA 194 -4.71 -41.46 -17.16
CA PRO AA 194 -4.08 -40.38 -17.93
C PRO AA 194 -4.26 -40.51 -19.43
N GLY AA 195 -4.55 -41.71 -19.93
CA GLY AA 195 -4.73 -41.91 -21.35
C GLY AA 195 -6.01 -41.31 -21.90
N GLY AA 196 -6.98 -41.04 -21.03
CA GLY AA 196 -8.23 -40.46 -21.48
C GLY AA 196 -8.17 -39.01 -21.86
N VAL AA 197 -7.10 -38.31 -21.50
CA VAL AA 197 -6.94 -36.89 -21.84
C VAL AA 197 -6.50 -36.71 -23.29
N PRO AA 198 -5.45 -37.41 -23.80
CA PRO AA 198 -5.17 -37.27 -25.24
C PRO AA 198 -6.29 -37.75 -26.14
N ALA AA 199 -6.95 -38.85 -25.77
CA ALA AA 199 -8.05 -39.36 -26.58
C ALA AA 199 -9.22 -38.39 -26.61
N HIS AA 200 -9.55 -37.82 -25.45
CA HIS AA 200 -10.58 -36.78 -25.39
C HIS AA 200 -10.24 -35.59 -26.26
N HIS AA 201 -9.00 -35.10 -26.15
CA HIS AA 201 -8.67 -33.88 -26.87
C HIS AA 201 -8.61 -34.12 -28.38
N ILE AA 202 -8.15 -35.32 -28.80
CA ILE AA 202 -8.14 -35.64 -30.22
C ILE AA 202 -9.57 -35.73 -30.77
N ALA AA 203 -10.43 -36.48 -30.08
CA ALA AA 203 -11.80 -36.65 -30.55
C ALA AA 203 -12.59 -35.34 -30.51
N ALA AA 204 -12.44 -34.58 -29.42
CA ALA AA 204 -13.14 -33.31 -29.30
C ALA AA 204 -12.61 -32.27 -30.27
N GLY AA 205 -11.31 -32.31 -30.59
CA GLY AA 205 -10.78 -31.40 -31.60
C GLY AA 205 -11.29 -31.73 -32.99
N ILE AA 206 -11.37 -33.02 -33.32
CA ILE AA 206 -11.92 -33.43 -34.61
C ILE AA 206 -13.38 -33.01 -34.70
N LEU AA 207 -14.15 -33.25 -33.64
CA LEU AA 207 -15.57 -32.90 -33.65
C LEU AA 207 -15.77 -31.39 -33.67
N GLY AA 208 -14.91 -30.64 -32.98
CA GLY AA 208 -14.99 -29.19 -33.01
C GLY AA 208 -14.64 -28.62 -34.36
N VAL AA 209 -13.66 -29.22 -35.04
CA VAL AA 209 -13.33 -28.81 -36.41
C VAL AA 209 -14.50 -29.07 -37.34
N LEU AA 210 -15.14 -30.24 -37.20
CA LEU AA 210 -16.31 -30.55 -38.02
C LEU AA 210 -17.46 -29.60 -37.75
N ALA AA 211 -17.73 -29.30 -36.48
CA ALA AA 211 -18.82 -28.39 -36.14
C ALA AA 211 -18.50 -26.95 -36.56
N GLY AA 212 -17.24 -26.54 -36.51
CA GLY AA 212 -16.86 -25.23 -36.99
C GLY AA 212 -17.03 -25.11 -38.49
N LEU AA 213 -16.69 -26.17 -39.24
CA LEU AA 213 -16.93 -26.18 -40.67
C LEU AA 213 -18.43 -26.13 -40.96
N PHE AA 214 -19.24 -26.85 -40.18
CA PHE AA 214 -20.68 -26.83 -40.35
C PHE AA 214 -21.25 -25.44 -40.10
N HIS AA 215 -20.78 -24.75 -39.06
CA HIS AA 215 -21.28 -23.41 -38.78
C HIS AA 215 -20.74 -22.39 -39.78
N LEU AA 216 -19.56 -22.65 -40.36
CA LEU AA 216 -19.05 -21.79 -41.41
C LEU AA 216 -19.88 -21.91 -42.68
N CYS AA 217 -20.38 -23.12 -42.95
CA CYS AA 217 -21.10 -23.35 -44.21
C CYS AA 217 -22.61 -23.18 -44.11
N VAL AA 218 -23.20 -23.32 -42.92
CA VAL AA 218 -24.65 -23.38 -42.77
C VAL AA 218 -25.12 -22.23 -41.89
N ARG AA 219 -26.11 -21.48 -42.39
CA ARG AA 219 -26.74 -20.39 -41.67
C ARG AA 219 -27.82 -20.91 -40.73
N PRO AA 220 -28.11 -20.20 -39.64
CA PRO AA 220 -29.19 -20.62 -38.75
C PRO AA 220 -30.56 -20.33 -39.34
N SER AA 221 -31.56 -21.01 -38.79
CA SER AA 221 -32.93 -20.81 -39.21
C SER AA 221 -33.49 -19.52 -38.62
N ILE AA 222 -34.55 -19.00 -39.25
CA ILE AA 222 -35.11 -17.72 -38.82
C ILE AA 222 -35.79 -17.85 -37.46
N ARG AA 223 -36.45 -18.98 -37.20
CA ARG AA 223 -37.13 -19.18 -35.92
C ARG AA 223 -36.12 -19.26 -34.79
N LEU AA 224 -35.03 -19.99 -34.99
CA LEU AA 224 -34.02 -20.13 -33.94
C LEU AA 224 -33.25 -18.83 -33.76
N TYR AA 225 -32.99 -18.11 -34.86
CA TYR AA 225 -32.34 -16.81 -34.80
C TYR AA 225 -33.14 -15.81 -33.99
N PHE AA 226 -34.46 -15.76 -34.22
CA PHE AA 226 -35.29 -14.83 -33.45
C PHE AA 226 -35.54 -15.32 -32.03
N GLY AA 227 -35.60 -16.64 -31.82
CA GLY AA 227 -35.82 -17.14 -30.48
C GLY AA 227 -34.64 -16.92 -29.54
N LEU AA 228 -33.42 -17.12 -30.04
CA LEU AA 228 -32.24 -16.94 -29.21
C LEU AA 228 -31.61 -15.56 -29.33
N SER AA 229 -32.17 -14.69 -30.18
CA SER AA 229 -31.64 -13.35 -30.43
C SER AA 229 -30.18 -13.40 -30.87
N MET AA 230 -29.94 -14.18 -31.94
CA MET AA 230 -28.60 -14.39 -32.45
C MET AA 230 -27.97 -13.13 -33.05
N GLY AA 231 -28.77 -12.11 -33.34
CA GLY AA 231 -28.22 -10.85 -33.78
C GLY AA 231 -27.77 -9.94 -32.67
N SER AA 232 -27.88 -10.38 -31.43
CA SER AA 232 -27.51 -9.59 -30.26
C SER AA 232 -26.29 -10.19 -29.57
N ILE AA 233 -25.42 -9.32 -29.09
CA ILE AA 233 -24.22 -9.73 -28.38
C ILE AA 233 -24.51 -10.06 -26.91
N GLU AA 234 -25.64 -9.60 -26.38
CA GLU AA 234 -25.97 -9.88 -25.00
C GLU AA 234 -26.41 -11.35 -24.83
N SER AA 235 -27.03 -11.91 -25.87
CA SER AA 235 -27.45 -13.31 -25.85
C SER AA 235 -26.25 -14.25 -25.86
N VAL AA 236 -25.28 -14.00 -26.74
CA VAL AA 236 -24.06 -14.79 -26.73
C VAL AA 236 -23.28 -14.55 -25.44
N LEU AA 237 -23.39 -13.36 -24.84
CA LEU AA 237 -22.78 -13.16 -23.52
C LEU AA 237 -23.39 -14.10 -22.48
N SER AA 238 -24.72 -14.19 -22.46
CA SER AA 238 -25.38 -15.08 -21.50
C SER AA 238 -25.01 -16.54 -21.73
N SER AA 239 -25.02 -16.97 -23.00
CA SER AA 239 -24.68 -18.36 -23.31
C SER AA 239 -23.24 -18.69 -22.98
N SER AA 240 -22.31 -17.77 -23.29
CA SER AA 240 -20.91 -17.99 -22.98
C SER AA 240 -20.68 -18.06 -21.48
N ILE AA 241 -21.33 -17.17 -20.71
CA ILE AA 241 -21.21 -17.21 -19.26
C ILE AA 241 -21.76 -18.53 -18.73
N ALA AA 242 -22.84 -19.03 -19.33
CA ALA AA 242 -23.41 -20.32 -18.93
C ALA AA 242 -22.41 -21.45 -19.11
N ALA AA 243 -21.80 -21.53 -20.30
CA ALA AA 243 -20.77 -22.54 -20.54
C ALA AA 243 -19.59 -22.37 -19.61
N VAL AA 244 -19.25 -21.13 -19.28
CA VAL AA 244 -18.09 -20.87 -18.43
C VAL AA 244 -18.32 -21.34 -17.00
N PHE AA 245 -19.50 -21.08 -16.41
CA PHE AA 245 -19.59 -21.60 -15.04
C PHE AA 245 -19.93 -23.08 -15.03
N TRP AA 246 -20.46 -23.64 -16.12
CA TRP AA 246 -20.53 -25.10 -16.23
C TRP AA 246 -19.13 -25.69 -16.13
N ALA AA 247 -18.20 -25.14 -16.91
CA ALA AA 247 -16.81 -25.61 -16.86
C ALA AA 247 -16.17 -25.33 -15.51
N ALA AA 248 -16.55 -24.24 -14.85
CA ALA AA 248 -16.02 -23.94 -13.52
C ALA AA 248 -16.49 -24.96 -12.49
N PHE AA 249 -17.77 -25.34 -12.54
CA PHE AA 249 -18.27 -26.38 -11.65
C PHE AA 249 -17.57 -27.70 -11.92
N VAL AA 250 -17.32 -28.02 -13.19
CA VAL AA 250 -16.65 -29.27 -13.54
C VAL AA 250 -15.20 -29.27 -13.02
N VAL AA 251 -14.47 -28.16 -13.21
CA VAL AA 251 -13.09 -28.15 -12.75
C VAL AA 251 -13.02 -28.13 -11.23
N ALA AA 252 -13.99 -27.50 -10.54
CA ALA AA 252 -14.03 -27.56 -9.09
C ALA AA 252 -14.29 -28.97 -8.60
N GLY AA 253 -15.21 -29.69 -9.26
CA GLY AA 253 -15.48 -31.06 -8.86
C GLY AA 253 -14.29 -31.98 -9.07
N THR AA 254 -13.64 -31.87 -10.23
CA THR AA 254 -12.46 -32.70 -10.47
C THR AA 254 -11.30 -32.30 -9.56
N MET AA 255 -11.22 -31.01 -9.20
CA MET AA 255 -10.23 -30.56 -8.24
C MET AA 255 -10.43 -31.19 -6.88
N TRP AA 256 -11.69 -31.21 -6.41
CA TRP AA 256 -11.96 -31.69 -5.07
C TRP AA 256 -11.88 -33.21 -4.98
N TYR AA 257 -12.32 -33.92 -6.02
CA TYR AA 257 -12.31 -35.37 -5.97
C TYR AA 257 -11.06 -36.01 -6.58
N GLY AA 258 -10.18 -35.23 -7.18
CA GLY AA 258 -8.98 -35.79 -7.78
C GLY AA 258 -9.24 -36.42 -9.12
N SER AA 259 -8.24 -36.39 -9.99
CA SER AA 259 -8.33 -36.98 -11.33
C SER AA 259 -6.92 -37.18 -11.86
N ALA AA 260 -6.83 -37.69 -13.09
CA ALA AA 260 -5.54 -37.82 -13.74
C ALA AA 260 -4.93 -36.47 -14.07
N ALA AA 261 -5.78 -35.47 -14.33
CA ALA AA 261 -5.33 -34.11 -14.56
C ALA AA 261 -5.09 -33.35 -13.26
N THR AA 262 -5.23 -34.00 -12.12
CA THR AA 262 -5.00 -33.39 -10.81
C THR AA 262 -4.04 -34.29 -10.03
N PRO AA 263 -2.74 -34.16 -10.27
CA PRO AA 263 -1.79 -35.03 -9.60
C PRO AA 263 -1.65 -34.71 -8.11
N ILE AA 264 -1.46 -35.76 -7.32
CA ILE AA 264 -1.28 -35.61 -5.88
C ILE AA 264 0.05 -34.92 -5.58
N GLU AA 265 1.10 -35.26 -6.33
CA GLU AA 265 2.41 -34.66 -6.11
C GLU AA 265 2.45 -33.17 -6.43
N LEU AA 266 1.45 -32.66 -7.15
CA LEU AA 266 1.39 -31.26 -7.52
C LEU AA 266 0.37 -30.46 -6.72
N PHE AA 267 -0.79 -31.04 -6.41
CA PHE AA 267 -1.85 -30.31 -5.74
C PHE AA 267 -2.09 -30.78 -4.32
N GLY AA 268 -1.29 -31.70 -3.81
CA GLY AA 268 -1.49 -32.23 -2.48
C GLY AA 268 -2.45 -33.40 -2.47
N PRO AA 269 -2.55 -34.08 -1.33
CA PRO AA 269 -3.50 -35.20 -1.23
C PRO AA 269 -4.95 -34.75 -1.16
N THR AA 270 -5.85 -35.69 -0.94
CA THR AA 270 -7.28 -35.43 -0.97
C THR AA 270 -7.90 -35.76 0.39
N ARG AA 271 -8.92 -34.98 0.75
CA ARG AA 271 -9.66 -35.25 1.98
C ARG AA 271 -10.32 -36.62 1.94
N TYR AA 272 -10.72 -37.07 0.75
CA TYR AA 272 -11.27 -38.41 0.63
C TYR AA 272 -10.19 -39.47 0.75
N GLN AA 273 -8.96 -39.14 0.36
CA GLN AA 273 -7.84 -40.04 0.62
C GLN AA 273 -7.56 -40.16 2.11
N TRP AA 274 -7.74 -39.07 2.86
CA TRP AA 274 -7.58 -39.16 4.31
C TRP AA 274 -8.73 -39.94 4.95
N ASP AA 275 -9.97 -39.63 4.57
CA ASP AA 275 -11.13 -40.28 5.15
C ASP AA 275 -11.18 -41.75 4.83
N GLN AA 276 -10.79 -42.13 3.62
CA GLN AA 276 -10.89 -43.50 3.16
C GLN AA 276 -9.64 -44.32 3.43
N GLY AA 277 -8.66 -43.73 4.11
CA GLY AA 277 -7.47 -44.47 4.51
C GLY AA 277 -6.63 -44.98 3.36
N PHE AA 278 -6.43 -44.15 2.33
CA PHE AA 278 -5.68 -44.57 1.15
C PHE AA 278 -4.21 -44.83 1.49
N PHE AA 279 -3.51 -43.78 1.94
CA PHE AA 279 -2.10 -43.91 2.26
C PHE AA 279 -1.88 -44.78 3.50
N GLN AA 280 -2.79 -44.67 4.48
CA GLN AA 280 -2.69 -45.51 5.67
C GLN AA 280 -2.83 -46.99 5.33
N GLN AA 281 -3.80 -47.32 4.47
CA GLN AA 281 -3.99 -48.71 4.05
C GLN AA 281 -2.80 -49.21 3.25
N GLU AA 282 -2.25 -48.37 2.37
CA GLU AA 282 -1.08 -48.80 1.60
C GLU AA 282 0.15 -48.99 2.49
N ILE AA 283 0.33 -48.10 3.48
CA ILE AA 283 1.45 -48.23 4.40
C ILE AA 283 1.32 -49.51 5.22
N GLN AA 284 0.12 -49.78 5.72
CA GLN AA 284 -0.10 -51.00 6.50
C GLN AA 284 0.05 -52.25 5.65
N LYS AA 285 -0.37 -52.18 4.38
CA LYS AA 285 -0.20 -53.32 3.48
C LYS AA 285 1.27 -53.59 3.20
N ARG AA 286 2.06 -52.54 2.98
CA ARG AA 286 3.49 -52.71 2.76
C ARG AA 286 4.17 -53.29 4.00
N VAL AA 287 3.81 -52.80 5.19
CA VAL AA 287 4.40 -53.30 6.42
C VAL AA 287 4.01 -54.76 6.65
N ALA AA 288 2.74 -55.11 6.38
CA ALA AA 288 2.29 -56.50 6.54
C ALA AA 288 2.98 -57.42 5.54
N GLN AA 289 3.17 -56.97 4.30
CA GLN AA 289 3.84 -57.79 3.30
C GLN AA 289 5.30 -58.01 3.65
N SER AA 290 5.96 -56.98 4.19
CA SER AA 290 7.35 -57.14 4.59
C SER AA 290 7.49 -58.00 5.84
N THR AA 291 6.55 -57.89 6.78
CA THR AA 291 6.66 -58.65 8.02
C THR AA 291 6.29 -60.11 7.81
N SER AA 292 5.33 -60.39 6.93
CA SER AA 292 4.93 -61.77 6.69
C SER AA 292 6.00 -62.56 5.96
N GLU AA 293 6.83 -61.89 5.17
CA GLU AA 293 7.87 -62.54 4.37
C GLU AA 293 9.22 -61.93 4.73
N GLY AA 294 9.89 -62.48 5.73
CA GLY AA 294 11.25 -62.06 6.01
C GLY AA 294 11.44 -60.98 7.05
N LEU AA 295 11.55 -59.74 6.58
CA LEU AA 295 11.96 -58.60 7.41
C LEU AA 295 11.04 -58.40 8.59
N SER AA 296 11.63 -58.20 9.77
CA SER AA 296 10.86 -58.04 10.99
C SER AA 296 10.49 -56.57 11.19
N VAL AA 297 9.91 -56.25 12.35
CA VAL AA 297 9.58 -54.86 12.65
C VAL AA 297 10.85 -54.06 12.90
N SER AA 298 10.69 -52.74 12.89
CA SER AA 298 11.74 -51.72 13.01
C SER AA 298 12.69 -51.70 11.83
N GLU AA 299 12.53 -52.59 10.85
CA GLU AA 299 13.35 -52.58 9.65
C GLU AA 299 12.42 -52.67 8.45
N ALA AA 300 11.24 -53.26 8.65
CA ALA AA 300 10.19 -53.18 7.64
C ALA AA 300 9.63 -51.77 7.55
N TRP AA 301 9.43 -51.13 8.70
CA TRP AA 301 8.96 -49.74 8.73
C TRP AA 301 9.99 -48.80 8.10
N ALA AA 302 11.28 -49.12 8.25
CA ALA AA 302 12.32 -48.36 7.57
C ALA AA 302 12.22 -48.48 6.06
N LYS AA 303 11.57 -49.54 5.55
CA LYS AA 303 11.31 -49.63 4.13
C LYS AA 303 10.22 -48.66 3.66
N ILE AA 304 9.45 -48.12 4.59
CA ILE AA 304 8.38 -47.19 4.22
C ILE AA 304 8.99 -45.88 3.75
N PRO AA 305 8.65 -45.38 2.57
CA PRO AA 305 9.22 -44.12 2.09
C PRO AA 305 8.76 -42.94 2.93
N GLU AA 306 9.60 -41.90 2.93
CA GLU AA 306 9.29 -40.68 3.68
C GLU AA 306 8.10 -39.95 3.08
N LYS AA 307 7.90 -40.04 1.76
CA LYS AA 307 6.83 -39.30 1.10
C LYS AA 307 5.46 -39.90 1.43
N LEU AA 308 5.37 -41.22 1.50
CA LEU AA 308 4.09 -41.87 1.78
C LEU AA 308 3.61 -41.57 3.19
N ALA AA 309 4.52 -41.61 4.17
CA ALA AA 309 4.17 -41.26 5.54
C ALA AA 309 3.76 -39.80 5.65
N PHE AA 310 4.37 -38.93 4.83
CA PHE AA 310 3.96 -37.53 4.81
C PHE AA 310 2.58 -37.37 4.20
N TYR AA 311 2.24 -38.20 3.20
CA TYR AA 311 0.89 -38.17 2.65
C TYR AA 311 -0.14 -38.62 3.68
N ASP AA 312 0.23 -39.60 4.51
CA ASP AA 312 -0.65 -40.08 5.58
C ASP AA 312 -0.52 -39.17 6.81
N TYR AA 313 -1.02 -37.95 6.66
CA TYR AA 313 -0.92 -36.95 7.73
C TYR AA 313 -2.02 -35.92 7.54
N ILE AA 314 -2.84 -35.73 8.57
CA ILE AA 314 -4.03 -34.88 8.46
C ILE AA 314 -3.68 -33.41 8.24
N GLY AA 315 -2.45 -33.01 8.58
CA GLY AA 315 -2.02 -31.65 8.30
C GLY AA 315 -1.90 -31.35 6.83
N ASN AA 316 -1.80 -32.39 5.99
CA ASN AA 316 -1.82 -32.24 4.55
C ASN AA 316 -3.23 -32.31 4.00
N ASN AA 317 -4.22 -32.34 4.87
CA ASN AA 317 -5.61 -32.44 4.46
C ASN AA 317 -6.09 -31.12 3.87
N PRO AA 318 -6.64 -31.11 2.65
CA PRO AA 318 -7.18 -29.87 2.09
C PRO AA 318 -8.44 -29.38 2.79
N ALA AA 319 -9.16 -30.25 3.48
CA ALA AA 319 -10.39 -29.90 4.18
C ALA AA 319 -10.15 -29.68 5.67
N LYS AA 320 -9.00 -29.10 6.01
CA LYS AA 320 -8.62 -28.89 7.39
C LYS AA 320 -8.25 -27.45 7.70
N GLY AA 321 -7.98 -26.63 6.69
CA GLY AA 321 -7.62 -25.24 6.90
C GLY AA 321 -8.82 -24.37 7.22
N GLY AA 322 -8.59 -23.06 7.13
CA GLY AA 322 -9.61 -22.09 7.45
C GLY AA 322 -9.76 -21.06 6.35
N LEU AA 323 -10.86 -20.32 6.43
CA LEU AA 323 -11.14 -19.29 5.42
C LEU AA 323 -10.14 -18.14 5.51
N PHE AA 324 -9.77 -17.74 6.73
CA PHE AA 324 -8.85 -16.63 6.93
C PHE AA 324 -7.52 -17.08 7.51
N ARG AA 325 -7.23 -18.38 7.46
CA ARG AA 325 -5.89 -18.91 7.76
C ARG AA 325 -5.13 -18.80 6.45
N THR AA 326 -4.54 -17.63 6.23
CA THR AA 326 -3.94 -17.30 4.94
C THR AA 326 -2.49 -17.77 4.87
N GLY AA 327 -2.04 -18.03 3.65
CA GLY AA 327 -0.65 -18.31 3.39
C GLY AA 327 -0.38 -19.77 3.07
N ALA AA 328 0.90 -20.11 3.13
CA ALA AA 328 1.37 -21.45 2.82
C ALA AA 328 1.00 -22.43 3.94
N MET AA 329 1.06 -23.71 3.61
CA MET AA 329 0.82 -24.73 4.62
C MET AA 329 2.01 -24.85 5.58
N ASN AA 330 3.22 -24.50 5.12
CA ASN AA 330 4.37 -24.47 6.00
C ASN AA 330 4.21 -23.43 7.09
N SER AA 331 3.60 -22.29 6.76
CA SER AA 331 3.33 -21.25 7.73
C SER AA 331 2.31 -21.67 8.78
N GLY AA 332 1.60 -22.77 8.55
CA GLY AA 332 0.66 -23.28 9.53
C GLY AA 332 1.33 -24.02 10.66
N ASP AA 333 2.01 -25.13 10.36
CA ASP AA 333 2.56 -25.99 11.40
C ASP AA 333 4.02 -26.34 11.11
N GLY AA 334 4.78 -25.42 10.54
CA GLY AA 334 6.21 -25.63 10.35
C GLY AA 334 6.54 -26.39 9.08
N ILE AA 335 7.81 -26.35 8.73
CA ILE AA 335 8.33 -27.11 7.60
C ILE AA 335 8.72 -28.50 8.10
N ALA AA 336 8.22 -29.53 7.45
CA ALA AA 336 8.54 -30.90 7.86
C ALA AA 336 10.00 -31.21 7.59
N VAL AA 337 10.69 -31.71 8.61
CA VAL AA 337 12.12 -32.00 8.49
C VAL AA 337 12.45 -33.48 8.67
N GLY AA 338 11.52 -34.29 9.16
CA GLY AA 338 11.81 -35.70 9.32
C GLY AA 338 10.60 -36.45 9.85
N TRP AA 339 10.62 -37.75 9.62
CA TRP AA 339 9.56 -38.66 10.06
C TRP AA 339 10.03 -39.37 11.33
N LEU AA 340 9.38 -39.06 12.45
CA LEU AA 340 9.78 -39.65 13.73
C LEU AA 340 9.55 -41.16 13.77
N GLY AA 341 8.61 -41.66 13.00
CA GLY AA 341 8.34 -43.07 12.93
C GLY AA 341 6.89 -43.38 13.24
N HIS AA 342 6.58 -44.68 13.23
CA HIS AA 342 5.24 -45.16 13.51
C HIS AA 342 5.10 -45.38 15.02
N ALA AA 343 4.29 -44.54 15.66
CA ALA AA 343 4.05 -44.67 17.10
C ALA AA 343 3.18 -45.89 17.36
N SER AA 344 3.77 -46.94 17.93
CA SER AA 344 3.06 -48.16 18.28
C SER AA 344 2.91 -48.22 19.79
N PHE AA 345 1.69 -48.45 20.26
CA PHE AA 345 1.35 -48.41 21.67
C PHE AA 345 1.00 -49.81 22.16
N LYS AA 346 1.50 -50.17 23.33
CA LYS AA 346 1.23 -51.45 23.96
C LYS AA 346 0.68 -51.24 25.37
N ASP AA 347 -0.12 -52.18 25.83
CA ASP AA 347 -0.67 -52.15 27.18
C ASP AA 347 0.41 -52.57 28.18
N GLN AA 348 0.03 -52.59 29.47
CA GLN AA 348 0.96 -53.03 30.51
C GLN AA 348 1.22 -54.52 30.40
N GLU AA 349 0.16 -55.33 30.25
CA GLU AA 349 0.34 -56.76 30.06
C GLU AA 349 0.81 -57.08 28.64
N GLY AA 350 0.48 -56.24 27.67
CA GLY AA 350 0.96 -56.40 26.32
C GLY AA 350 -0.09 -56.74 25.28
N ARG AA 351 -0.56 -55.72 24.57
CA ARG AA 351 -1.43 -55.83 23.41
C ARG AA 351 -1.44 -54.48 22.72
N GLU AA 352 -1.46 -54.50 21.39
CA GLU AA 352 -1.24 -53.29 20.62
C GLU AA 352 -2.52 -52.47 20.53
N LEU AA 353 -2.47 -51.27 21.09
CA LEU AA 353 -3.56 -50.30 21.03
C LEU AA 353 -3.35 -49.37 19.84
N PHE AA 354 -4.41 -48.69 19.44
CA PHE AA 354 -4.36 -47.80 18.29
C PHE AA 354 -5.10 -46.51 18.59
N VAL AA 355 -4.47 -45.38 18.27
CA VAL AA 355 -5.10 -44.09 18.50
C VAL AA 355 -6.11 -43.83 17.41
N ARG AA 356 -7.33 -43.49 17.78
CA ARG AA 356 -8.37 -43.21 16.81
C ARG AA 356 -8.05 -41.94 16.06
N ARG AA 357 -8.00 -42.02 14.73
CA ARG AA 357 -7.59 -40.88 13.93
C ARG AA 357 -8.69 -39.82 13.87
N MET AA 358 -8.26 -38.58 13.70
CA MET AA 358 -9.16 -37.44 13.65
C MET AA 358 -9.87 -37.39 12.30
N PRO AA 359 -11.19 -37.24 12.28
CA PRO AA 359 -11.89 -36.95 11.03
C PRO AA 359 -11.74 -35.48 10.65
N THR AA 360 -12.16 -35.16 9.43
CA THR AA 360 -12.02 -33.79 8.92
C THR AA 360 -12.99 -32.82 9.58
N PHE AA 361 -14.14 -33.29 10.05
CA PHE AA 361 -15.14 -32.41 10.64
C PHE AA 361 -14.70 -31.80 11.96
N PHE AA 362 -13.76 -32.42 12.65
CA PHE AA 362 -13.43 -32.04 14.01
C PHE AA 362 -12.24 -31.09 14.03
N GLU AA 363 -12.46 -29.89 14.57
CA GLU AA 363 -11.33 -29.00 14.85
C GLU AA 363 -10.42 -29.59 15.91
N THR AA 364 -11.02 -30.25 16.91
CA THR AA 364 -10.28 -31.00 17.91
C THR AA 364 -10.99 -32.31 18.15
N PHE AA 365 -10.23 -33.31 18.59
CA PHE AA 365 -10.76 -34.65 18.81
C PHE AA 365 -10.23 -35.21 20.12
N PRO AA 366 -11.05 -35.96 20.86
CA PRO AA 366 -10.54 -36.65 22.05
C PRO AA 366 -9.50 -37.69 21.69
N VAL AA 367 -8.51 -37.84 22.58
CA VAL AA 367 -7.42 -38.79 22.36
C VAL AA 367 -7.79 -40.10 23.04
N VAL AA 368 -8.16 -41.10 22.24
CA VAL AA 368 -8.47 -42.43 22.76
C VAL AA 368 -7.61 -43.46 22.05
N LEU AA 369 -7.30 -44.53 22.76
CA LEU AA 369 -6.52 -45.66 22.27
C LEU AA 369 -7.37 -46.90 22.45
N ILE AA 370 -7.76 -47.52 21.34
CA ILE AA 370 -8.71 -48.62 21.38
C ILE AA 370 -8.05 -49.89 20.84
N ASP AA 371 -8.70 -51.01 21.12
CA ASP AA 371 -8.16 -52.35 20.94
C ASP AA 371 -8.30 -52.82 19.49
N LYS AA 372 -7.59 -53.91 19.18
CA LYS AA 372 -7.71 -54.58 17.87
C LYS AA 372 -9.14 -55.00 17.59
N ASP AA 373 -9.85 -55.49 18.62
CA ASP AA 373 -11.23 -55.92 18.43
C ASP AA 373 -12.15 -54.73 18.19
N GLY AA 374 -11.87 -53.60 18.81
CA GLY AA 374 -12.68 -52.42 18.62
C GLY AA 374 -13.28 -51.88 19.90
N VAL AA 375 -12.64 -52.17 21.03
CA VAL AA 375 -13.10 -51.76 22.34
C VAL AA 375 -12.12 -50.74 22.92
N VAL AA 376 -12.65 -49.69 23.53
CA VAL AA 376 -11.82 -48.65 24.11
C VAL AA 376 -11.04 -49.22 25.29
N ARG AA 377 -9.72 -49.02 25.27
CA ARG AA 377 -8.84 -49.53 26.32
C ARG AA 377 -8.11 -48.45 27.09
N ALA AA 378 -7.87 -47.28 26.49
CA ALA AA 378 -7.21 -46.19 27.18
C ALA AA 378 -7.62 -44.88 26.53
N ASP AA 379 -7.37 -43.78 27.22
CA ASP AA 379 -7.59 -42.46 26.66
C ASP AA 379 -6.81 -41.43 27.48
N VAL AA 380 -6.76 -40.22 26.94
CA VAL AA 380 -6.30 -39.06 27.71
C VAL AA 380 -7.58 -38.41 28.23
N PRO AA 381 -7.97 -38.70 29.47
CA PRO AA 381 -9.30 -38.29 29.93
C PRO AA 381 -9.36 -36.80 30.24
N PHE AA 382 -10.57 -36.27 30.15
CA PHE AA 382 -10.82 -34.87 30.50
C PHE AA 382 -10.96 -34.71 32.00
N ARG AA 383 -11.75 -35.60 32.62
CA ARG AA 383 -12.05 -35.52 34.04
C ARG AA 383 -10.91 -36.03 34.92
N LYS AA 384 -10.12 -37.00 34.44
CA LYS AA 384 -8.97 -37.57 35.12
C LYS AA 384 -9.22 -37.94 36.58
N ALA AA 385 -10.42 -38.45 36.88
CA ALA AA 385 -10.69 -38.90 38.25
C ALA AA 385 -11.55 -40.15 38.30
N GLU AA 386 -11.65 -40.94 37.24
CA GLU AA 386 -12.58 -42.05 37.19
C GLU AA 386 -12.07 -43.12 36.25
N SER AA 387 -12.74 -44.29 36.30
CA SER AA 387 -12.60 -45.40 35.37
C SER AA 387 -11.20 -45.97 35.23
N LYS AA 388 -11.03 -46.88 34.27
CA LYS AA 388 -9.77 -47.58 34.04
C LYS AA 388 -9.24 -47.30 32.65
N TYR AA 389 -9.26 -46.04 32.21
CA TYR AA 389 -8.79 -45.68 30.88
C TYR AA 389 -7.72 -44.60 30.82
N SER AA 390 -7.37 -43.95 31.92
CA SER AA 390 -6.30 -42.96 31.86
C SER AA 390 -4.96 -43.65 31.61
N ILE AA 391 -4.08 -42.94 30.90
CA ILE AA 391 -2.82 -43.50 30.41
C ILE AA 391 -1.94 -43.96 31.57
N GLU AA 392 -1.88 -43.18 32.64
CA GLU AA 392 -0.99 -43.47 33.76
C GLU AA 392 -1.40 -44.71 34.55
N GLN AA 393 -2.62 -45.20 34.39
CA GLN AA 393 -3.04 -46.43 35.07
C GLN AA 393 -3.23 -47.60 34.12
N VAL AA 394 -3.50 -47.36 32.84
CA VAL AA 394 -3.47 -48.45 31.87
C VAL AA 394 -2.03 -48.90 31.65
N GLY AA 395 -1.11 -47.94 31.53
CA GLY AA 395 0.29 -48.26 31.41
C GLY AA 395 0.74 -48.55 30.00
N VAL AA 396 0.25 -47.76 29.03
CA VAL AA 396 0.64 -47.97 27.65
C VAL AA 396 2.03 -47.40 27.42
N SER AA 397 2.75 -48.00 26.47
CA SER AA 397 4.09 -47.59 26.09
C SER AA 397 4.15 -47.42 24.59
N VAL AA 398 4.85 -46.38 24.15
CA VAL AA 398 5.03 -46.11 22.73
C VAL AA 398 6.45 -46.48 22.33
N THR AA 399 6.60 -47.20 21.22
CA THR AA 399 7.87 -47.80 20.86
C THR AA 399 8.60 -47.07 19.75
N PHE AA 400 7.91 -46.72 18.65
CA PHE AA 400 8.42 -46.05 17.45
C PHE AA 400 9.36 -46.94 16.65
N TYR AA 401 9.22 -46.93 15.31
CA TYR AA 401 9.99 -47.82 14.45
C TYR AA 401 10.49 -47.11 13.19
N GLY AA 402 10.76 -45.80 13.27
CA GLY AA 402 11.13 -45.07 12.07
C GLY AA 402 12.49 -44.39 12.08
N GLY AA 403 12.54 -43.19 11.50
CA GLY AA 403 13.80 -42.51 11.27
C GLY AA 403 14.54 -41.99 12.49
N GLU AA 404 14.03 -40.93 13.12
CA GLU AA 404 14.72 -40.39 14.28
C GLU AA 404 14.49 -41.23 15.53
N LEU AA 405 13.34 -41.88 15.64
CA LEU AA 405 12.99 -42.71 16.80
C LEU AA 405 12.74 -44.11 16.28
N ASN AA 406 13.73 -44.99 16.43
CA ASN AA 406 13.65 -46.35 15.92
C ASN AA 406 13.50 -47.41 17.00
N GLY AA 407 14.03 -47.18 18.19
CA GLY AA 407 13.91 -48.14 19.27
C GLY AA 407 13.74 -47.47 20.62
N LEU AA 408 13.33 -46.20 20.61
CA LEU AA 408 13.19 -45.41 21.83
C LEU AA 408 11.79 -45.65 22.39
N THR AA 409 11.71 -46.46 23.44
CA THR AA 409 10.45 -46.82 24.07
C THR AA 409 10.19 -45.93 25.28
N PHE AA 410 9.03 -45.28 25.30
CA PHE AA 410 8.62 -44.44 26.42
C PHE AA 410 7.37 -45.04 27.05
N THR AA 411 7.40 -45.23 28.37
CA THR AA 411 6.30 -45.87 29.06
C THR AA 411 5.75 -45.08 30.24
N ASP AA 412 6.61 -44.43 31.03
CA ASP AA 412 6.17 -43.76 32.25
C ASP AA 412 5.55 -42.37 32.07
N PRO AA 413 6.24 -41.38 31.44
CA PRO AA 413 5.76 -39.99 31.58
C PRO AA 413 4.65 -39.62 30.61
N SER AA 414 4.30 -38.33 30.61
CA SER AA 414 3.27 -37.78 29.73
C SER AA 414 3.72 -37.67 28.28
N THR AA 415 4.95 -38.07 27.97
CA THR AA 415 5.37 -38.14 26.57
C THR AA 415 4.56 -39.17 25.80
N VAL AA 416 4.07 -40.20 26.48
CA VAL AA 416 3.18 -41.18 25.85
C VAL AA 416 1.88 -40.51 25.44
N LYS AA 417 1.32 -39.67 26.33
CA LYS AA 417 0.10 -38.94 26.00
C LYS AA 417 0.33 -37.94 24.87
N LYS AA 418 1.48 -37.27 24.89
CA LYS AA 418 1.82 -36.33 23.82
C LYS AA 418 1.95 -37.05 22.48
N TYR AA 419 2.60 -38.21 22.47
CA TYR AA 419 2.75 -38.96 21.23
C TYR AA 419 1.42 -39.56 20.77
N ALA AA 420 0.53 -39.90 21.71
CA ALA AA 420 -0.81 -40.35 21.32
C ALA AA 420 -1.60 -39.24 20.67
N ARG AA 421 -1.53 -38.04 21.24
CA ARG AA 421 -2.19 -36.88 20.65
C ARG AA 421 -1.62 -36.55 19.28
N LYS AA 422 -0.30 -36.70 19.10
CA LYS AA 422 0.29 -36.52 17.78
C LYS AA 422 -0.11 -37.64 16.82
N ALA AA 423 -0.33 -38.85 17.35
CA ALA AA 423 -0.71 -39.99 16.53
C ALA AA 423 -2.16 -39.95 16.10
N GLN AA 424 -3.01 -39.18 16.78
CA GLN AA 424 -4.38 -39.02 16.29
C GLN AA 424 -4.43 -38.18 15.02
N LEU AA 425 -3.35 -37.47 14.69
CA LEU AA 425 -3.25 -36.68 13.47
C LEU AA 425 -2.62 -37.46 12.32
N GLY AA 426 -2.33 -38.73 12.51
CA GLY AA 426 -1.70 -39.53 11.48
C GLY AA 426 -0.28 -39.90 11.84
N GLU AA 427 0.61 -39.91 10.86
CA GLU AA 427 2.02 -40.20 11.13
C GLU AA 427 2.68 -39.00 11.79
N ILE AA 428 3.46 -39.27 12.83
CA ILE AA 428 4.11 -38.20 13.59
C ILE AA 428 5.34 -37.72 12.83
N PHE AA 429 5.43 -36.41 12.63
CA PHE AA 429 6.52 -35.80 11.89
C PHE AA 429 7.13 -34.69 12.71
N GLU AA 430 8.43 -34.46 12.48
CA GLU AA 430 9.14 -33.37 13.13
C GLU AA 430 9.02 -32.12 12.27
N PHE AA 431 8.70 -30.99 12.89
CA PHE AA 431 8.45 -29.76 12.17
C PHE AA 431 9.32 -28.63 12.72
N ASP AA 432 9.78 -27.77 11.82
CA ASP AA 432 10.51 -26.56 12.18
C ASP AA 432 9.55 -25.40 12.08
N ARG AA 433 9.21 -24.82 13.24
CA ARG AA 433 8.24 -23.74 13.34
C ARG AA 433 8.89 -22.38 13.56
N SER AA 434 10.21 -22.29 13.44
CA SER AA 434 10.92 -21.03 13.67
C SER AA 434 11.41 -20.35 12.40
N THR AA 435 11.47 -21.06 11.28
CA THR AA 435 11.94 -20.46 10.04
C THR AA 435 10.93 -19.44 9.51
N LEU AA 436 9.65 -19.83 9.46
CA LEU AA 436 8.59 -18.98 8.97
C LEU AA 436 7.72 -18.41 10.08
N GLN AA 437 8.11 -18.61 11.35
CA GLN AA 437 7.32 -18.24 12.52
C GLN AA 437 5.91 -18.81 12.40
N SER AA 438 5.85 -20.13 12.38
CA SER AA 438 4.63 -20.85 12.03
C SER AA 438 3.54 -20.65 13.08
N ASP AA 439 2.30 -20.73 12.61
CA ASP AA 439 1.14 -20.41 13.44
C ASP AA 439 0.84 -21.54 14.44
N GLY AA 440 0.54 -22.72 13.94
CA GLY AA 440 0.12 -23.82 14.79
C GLY AA 440 -1.17 -24.45 14.30
N VAL AA 441 -2.04 -23.63 13.71
CA VAL AA 441 -3.29 -24.10 13.13
C VAL AA 441 -3.03 -24.53 11.69
N PHE AA 442 -3.77 -25.54 11.25
CA PHE AA 442 -3.56 -26.10 9.92
C PHE AA 442 -4.09 -25.18 8.83
N ARG AA 443 -3.36 -25.10 7.73
CA ARG AA 443 -3.75 -24.31 6.58
C ARG AA 443 -4.34 -25.21 5.50
N SER AA 444 -4.85 -24.58 4.45
CA SER AA 444 -5.50 -25.26 3.36
C SER AA 444 -4.53 -25.48 2.20
N SER AA 445 -4.83 -26.49 1.41
CA SER AA 445 -4.05 -26.81 0.23
C SER AA 445 -4.41 -25.89 -0.93
N PRO AA 446 -3.53 -25.77 -1.92
CA PRO AA 446 -3.91 -25.08 -3.16
C PRO AA 446 -5.10 -25.74 -3.85
N ARG AA 447 -5.28 -27.04 -3.67
CA ARG AA 447 -6.46 -27.73 -4.17
C ARG AA 447 -7.73 -27.18 -3.54
N GLY AA 448 -7.71 -27.02 -2.20
CA GLY AA 448 -8.86 -26.46 -1.52
C GLY AA 448 -9.12 -25.01 -1.89
N TRP AA 449 -8.06 -24.21 -2.01
CA TRP AA 449 -8.24 -22.81 -2.40
C TRP AA 449 -8.79 -22.69 -3.81
N PHE AA 450 -8.28 -23.51 -4.73
CA PHE AA 450 -8.77 -23.51 -6.11
C PHE AA 450 -10.24 -23.89 -6.16
N THR AA 451 -10.62 -24.94 -5.41
CA THR AA 451 -12.00 -25.40 -5.40
C THR AA 451 -12.93 -24.35 -4.81
N PHE AA 452 -12.51 -23.68 -3.73
CA PHE AA 452 -13.36 -22.67 -3.11
C PHE AA 452 -13.55 -21.47 -4.02
N GLY AA 453 -12.44 -20.96 -4.59
CA GLY AA 453 -12.54 -19.83 -5.49
C GLY AA 453 -13.39 -20.13 -6.70
N HIS AA 454 -13.24 -21.33 -7.27
CA HIS AA 454 -13.99 -21.67 -8.47
C HIS AA 454 -15.45 -21.96 -8.21
N LEU AA 455 -15.79 -22.53 -7.05
CA LEU AA 455 -17.20 -22.74 -6.75
C LEU AA 455 -17.90 -21.41 -6.46
N SER AA 456 -17.23 -20.50 -5.75
CA SER AA 456 -17.79 -19.17 -5.52
C SER AA 456 -17.98 -18.42 -6.82
N PHE AA 457 -16.96 -18.46 -7.69
CA PHE AA 457 -17.07 -17.83 -9.00
C PHE AA 457 -18.14 -18.50 -9.85
N ALA AA 458 -18.34 -19.81 -9.69
CA ALA AA 458 -19.34 -20.52 -10.47
C ALA AA 458 -20.75 -20.10 -10.09
N LEU AA 459 -21.04 -19.94 -8.79
CA LEU AA 459 -22.36 -19.43 -8.43
C LEU AA 459 -22.54 -17.98 -8.84
N LEU AA 460 -21.49 -17.15 -8.66
CA LEU AA 460 -21.61 -15.75 -9.08
C LEU AA 460 -21.87 -15.66 -10.58
N PHE AA 461 -21.25 -16.54 -11.36
CA PHE AA 461 -21.49 -16.55 -12.80
C PHE AA 461 -22.81 -17.20 -13.17
N PHE AA 462 -23.36 -18.06 -12.32
CA PHE AA 462 -24.75 -18.49 -12.51
C PHE AA 462 -25.70 -17.31 -12.41
N PHE AA 463 -25.49 -16.46 -11.40
CA PHE AA 463 -26.29 -15.25 -11.28
C PHE AA 463 -26.07 -14.32 -12.45
N GLY AA 464 -24.82 -14.18 -12.89
CA GLY AA 464 -24.52 -13.33 -14.03
C GLY AA 464 -25.18 -13.80 -15.31
N HIS AA 465 -25.16 -15.12 -15.54
CA HIS AA 465 -25.84 -15.68 -16.70
C HIS AA 465 -27.34 -15.49 -16.62
N ILE AA 466 -27.93 -15.68 -15.42
CA ILE AA 466 -29.37 -15.49 -15.28
C ILE AA 466 -29.75 -14.04 -15.55
N TRP AA 467 -28.95 -13.09 -15.02
CA TRP AA 467 -29.21 -11.67 -15.25
C TRP AA 467 -29.06 -11.31 -16.73
N HIS AA 468 -28.03 -11.84 -17.39
CA HIS AA 468 -27.80 -11.49 -18.78
C HIS AA 468 -28.81 -12.12 -19.71
N GLY AA 469 -29.23 -13.36 -19.41
CA GLY AA 469 -30.30 -13.98 -20.17
C GLY AA 469 -31.61 -13.24 -19.99
N SER AA 470 -31.87 -12.77 -18.76
CA SER AA 470 -33.02 -11.90 -18.52
C SER AA 470 -32.96 -10.67 -19.40
N ARG AA 471 -31.78 -10.04 -19.45
CA ARG AA 471 -31.63 -8.78 -20.17
C ARG AA 471 -31.73 -8.98 -21.68
N THR AA 472 -31.27 -10.10 -22.20
CA THR AA 472 -31.33 -10.33 -23.64
C THR AA 472 -32.63 -10.93 -24.11
N ILE AA 473 -33.41 -11.58 -23.24
CA ILE AA 473 -34.75 -11.98 -23.66
C ILE AA 473 -35.73 -10.81 -23.51
N PHE AA 474 -35.49 -9.93 -22.55
CA PHE AA 474 -36.43 -8.87 -22.21
C PHE AA 474 -35.91 -7.48 -22.63
N ARG AA 475 -35.27 -7.40 -23.79
CA ARG AA 475 -34.70 -6.14 -24.24
C ARG AA 475 -35.76 -5.07 -24.51
N ASP AA 476 -36.91 -5.47 -25.02
CA ASP AA 476 -37.96 -4.50 -25.34
C ASP AA 476 -38.54 -3.85 -24.08
N VAL AA 477 -38.65 -4.59 -22.98
CA VAL AA 477 -39.17 -4.01 -21.75
C VAL AA 477 -38.08 -3.43 -20.86
N PHE AA 478 -36.82 -3.85 -21.03
CA PHE AA 478 -35.73 -3.20 -20.32
C PHE AA 478 -35.42 -1.82 -20.89
N ALA AA 479 -35.79 -1.56 -22.15
CA ALA AA 479 -35.60 -0.27 -22.77
C ALA AA 479 -36.88 0.56 -22.82
N GLY AA 480 -38.02 -0.05 -23.16
CA GLY AA 480 -39.28 0.66 -23.20
C GLY AA 480 -40.24 0.13 -24.24
N ILE AA 481 -41.52 0.05 -23.87
CA ILE AA 481 -42.56 -0.48 -24.75
C ILE AA 481 -43.44 0.60 -25.36
N ASP AA 482 -43.31 1.86 -24.93
CA ASP AA 482 -43.98 3.02 -25.51
C ASP AA 482 -45.51 2.91 -25.46
N GLU AA 483 -46.02 2.76 -24.23
CA GLU AA 483 -47.45 2.78 -23.93
C GLU AA 483 -48.23 1.72 -24.72
N ASP AA 484 -47.65 0.54 -24.84
CA ASP AA 484 -48.31 -0.56 -25.53
C ASP AA 484 -47.79 -1.92 -25.06
N SER BA 1 -64.88 -46.70 27.11
CA SER BA 1 -65.50 -46.47 28.41
C SER BA 1 -66.77 -45.63 28.26
N LEU BA 2 -67.75 -45.88 29.13
CA LEU BA 2 -69.00 -45.12 29.10
C LEU BA 2 -68.77 -43.66 29.44
N THR BA 3 -67.77 -43.38 30.28
CA THR BA 3 -67.41 -42.00 30.59
C THR BA 3 -66.99 -41.26 29.33
N LEU BA 4 -66.17 -41.90 28.50
CA LEU BA 4 -65.74 -41.29 27.24
C LEU BA 4 -66.90 -41.11 26.28
N ILE BA 5 -67.86 -42.05 26.30
CA ILE BA 5 -69.04 -41.93 25.45
C ILE BA 5 -69.87 -40.72 25.85
N LEU BA 6 -70.07 -40.53 27.15
CA LEU BA 6 -70.81 -39.35 27.60
C LEU BA 6 -70.04 -38.05 27.37
N GLN BA 7 -68.71 -38.08 27.49
CA GLN BA 7 -67.92 -36.90 27.14
C GLN BA 7 -68.09 -36.54 25.67
N LEU BA 8 -68.07 -37.54 24.78
CA LEU BA 8 -68.26 -37.27 23.35
C LEU BA 8 -69.66 -36.77 23.06
N VAL BA 9 -70.69 -37.34 23.70
CA VAL BA 9 -72.05 -36.87 23.40
C VAL BA 9 -72.28 -35.47 23.96
N ALA BA 10 -71.71 -35.15 25.13
CA ALA BA 10 -71.82 -33.78 25.65
C ALA BA 10 -71.05 -32.80 24.78
N LEU BA 11 -69.88 -33.23 24.29
CA LEU BA 11 -69.08 -32.40 23.39
C LEU BA 11 -69.82 -32.12 22.10
N PHE BA 12 -70.46 -33.13 21.52
CA PHE BA 12 -71.22 -32.92 20.28
C PHE BA 12 -72.45 -32.07 20.54
N ALA BA 13 -73.08 -32.22 21.71
CA ALA BA 13 -74.25 -31.39 22.03
C ALA BA 13 -73.86 -29.93 22.19
N VAL BA 14 -72.71 -29.65 22.79
CA VAL BA 14 -72.34 -28.24 22.98
C VAL BA 14 -71.71 -27.66 21.72
N VAL BA 15 -71.01 -28.46 20.92
CA VAL BA 15 -70.45 -27.98 19.66
C VAL BA 15 -71.55 -27.71 18.64
N ALA BA 16 -72.53 -28.61 18.54
CA ALA BA 16 -73.60 -28.44 17.57
C ALA BA 16 -74.66 -27.45 18.02
N ALA BA 17 -74.61 -26.97 19.27
CA ALA BA 17 -75.65 -26.08 19.77
C ALA BA 17 -75.63 -24.72 19.10
N GLY BA 18 -74.44 -24.15 18.90
CA GLY BA 18 -74.30 -22.85 18.29
C GLY BA 18 -74.70 -22.79 16.83
N PRO BA 19 -74.10 -23.64 16.00
CA PRO BA 19 -74.55 -23.74 14.60
C PRO BA 19 -76.02 -24.10 14.46
N LEU BA 20 -76.59 -24.86 15.41
CA LEU BA 20 -78.03 -25.12 15.37
C LEU BA 20 -78.80 -23.82 15.55
N VAL BA 21 -78.35 -22.96 16.46
CA VAL BA 21 -79.00 -21.65 16.65
C VAL BA 21 -78.89 -20.81 15.39
N VAL BA 22 -77.72 -20.82 14.76
CA VAL BA 22 -77.52 -20.02 13.54
C VAL BA 22 -78.39 -20.52 12.40
N VAL BA 23 -78.45 -21.85 12.19
CA VAL BA 23 -79.27 -22.36 11.10
C VAL BA 23 -80.75 -22.22 11.41
N LEU BA 24 -81.15 -22.30 12.68
CA LEU BA 24 -82.55 -22.09 13.03
C LEU BA 24 -82.97 -20.65 12.78
N LEU BA 25 -82.09 -19.70 13.09
CA LEU BA 25 -82.39 -18.30 12.79
C LEU BA 25 -82.35 -18.03 11.30
N SER BA 26 -81.54 -18.77 10.55
CA SER BA 26 -81.49 -18.59 9.10
C SER BA 26 -82.75 -19.12 8.43
N VAL BA 27 -83.27 -20.27 8.89
CA VAL BA 27 -84.44 -20.87 8.26
C VAL BA 27 -85.76 -20.42 8.87
N ARG BA 28 -85.74 -19.74 10.02
CA ARG BA 28 -86.95 -19.29 10.70
C ARG BA 28 -87.09 -17.78 10.66
N GLY BA 29 -86.70 -17.15 9.56
CA GLY BA 29 -86.83 -15.72 9.42
C GLY BA 29 -85.53 -14.99 9.17
N GLY BA 30 -85.09 -14.21 10.15
CA GLY BA 30 -83.90 -13.40 9.97
C GLY BA 30 -83.49 -12.63 11.22
N ASN BA 31 -83.22 -11.33 11.04
CA ASN BA 31 -82.80 -10.42 12.12
C ASN BA 31 -81.53 -10.93 12.80
N LEU BA 32 -80.53 -11.23 11.99
CA LEU BA 32 -79.23 -11.64 12.50
C LEU BA 32 -78.15 -11.16 11.54
N GLY CA 1 -77.73 -6.76 13.52
CA GLY CA 1 -76.69 -5.77 13.44
C GLY CA 1 -76.84 -4.85 12.25
N ARG CA 2 -75.73 -4.29 11.79
CA ARG CA 2 -75.71 -3.39 10.64
C ARG CA 2 -74.63 -3.84 9.66
N ASP CA 3 -74.63 -3.23 8.48
CA ASP CA 3 -73.67 -3.54 7.44
C ASP CA 3 -72.56 -2.51 7.40
N GLN CA 4 -71.60 -2.73 6.50
CA GLN CA 4 -70.49 -1.80 6.34
C GLN CA 4 -70.89 -0.55 5.56
N GLU CA 5 -71.84 -0.69 4.62
CA GLU CA 5 -72.23 0.42 3.77
C GLU CA 5 -72.86 1.58 4.54
N THR CA 6 -73.40 1.32 5.74
CA THR CA 6 -73.97 2.37 6.57
C THR CA 6 -73.05 2.79 7.71
N THR CA 7 -72.49 1.81 8.42
CA THR CA 7 -71.63 2.12 9.57
C THR CA 7 -70.24 2.58 9.15
N GLY CA 8 -69.72 2.05 8.03
CA GLY CA 8 -68.37 2.36 7.61
C GLY CA 8 -67.32 1.44 8.18
N PHE CA 9 -67.68 0.47 9.02
CA PHE CA 9 -66.76 -0.47 9.61
C PHE CA 9 -66.98 -1.85 9.01
N ALA CA 10 -65.88 -2.54 8.70
CA ALA CA 10 -65.96 -3.88 8.15
C ALA CA 10 -66.28 -4.89 9.25
N TRP CA 11 -66.48 -6.15 8.85
CA TRP CA 11 -66.87 -7.19 9.80
C TRP CA 11 -65.77 -7.41 10.85
N TRP CA 12 -64.51 -7.38 10.43
CA TRP CA 12 -63.40 -7.52 11.36
C TRP CA 12 -63.19 -6.29 12.23
N ALA CA 13 -64.07 -5.30 12.14
CA ALA CA 13 -64.13 -4.17 13.06
C ALA CA 13 -65.57 -3.96 13.52
N GLY CA 14 -66.34 -5.05 13.56
CA GLY CA 14 -67.77 -4.93 13.81
C GLY CA 14 -68.14 -4.38 15.17
N ASN CA 15 -67.33 -4.65 16.19
CA ASN CA 15 -67.59 -4.10 17.51
C ASN CA 15 -67.43 -2.59 17.55
N ALA CA 16 -66.80 -1.98 16.53
CA ALA CA 16 -66.79 -0.53 16.45
C ALA CA 16 -68.15 0.02 16.05
N ARG CA 17 -68.96 -0.78 15.32
CA ARG CA 17 -70.28 -0.36 14.90
C ARG CA 17 -71.20 -0.04 16.06
N LEU CA 18 -70.91 -0.57 17.25
CA LEU CA 18 -71.69 -0.31 18.45
C LEU CA 18 -70.97 0.62 19.42
N ILE CA 19 -70.08 1.47 18.90
CA ILE CA 19 -69.46 2.51 19.74
C ILE CA 19 -70.51 3.49 20.23
N ASN CA 20 -71.38 3.95 19.33
CA ASN CA 20 -72.39 4.94 19.65
C ASN CA 20 -73.74 4.34 20.01
N LEU CA 21 -73.83 3.01 20.12
CA LEU CA 21 -75.06 2.33 20.49
C LEU CA 21 -74.93 1.89 21.95
N SER CA 22 -75.58 2.63 22.85
CA SER CA 22 -75.41 2.41 24.28
C SER CA 22 -75.99 1.06 24.71
N GLY CA 23 -77.20 0.73 24.24
CA GLY CA 23 -77.82 -0.52 24.65
C GLY CA 23 -77.09 -1.75 24.15
N LYS CA 24 -76.68 -1.74 22.88
CA LYS CA 24 -75.93 -2.87 22.33
C LYS CA 24 -74.55 -2.95 22.96
N LEU CA 25 -73.94 -1.80 23.25
CA LEU CA 25 -72.64 -1.79 23.94
C LEU CA 25 -72.76 -2.40 25.33
N LEU CA 26 -73.82 -2.05 26.06
CA LEU CA 26 -74.07 -2.63 27.37
C LEU CA 26 -74.33 -4.13 27.27
N GLY CA 27 -75.06 -4.55 26.24
CA GLY CA 27 -75.31 -5.97 26.05
C GLY CA 27 -74.05 -6.76 25.77
N ALA CA 28 -73.16 -6.20 24.95
CA ALA CA 28 -71.87 -6.83 24.70
C ALA CA 28 -71.06 -6.95 25.99
N HIS CA 29 -71.08 -5.90 26.81
CA HIS CA 29 -70.37 -5.93 28.08
C HIS CA 29 -70.94 -6.99 29.03
N VAL CA 30 -72.26 -7.07 29.14
CA VAL CA 30 -72.87 -8.01 30.08
C VAL CA 30 -72.66 -9.45 29.60
N ALA CA 31 -72.74 -9.67 28.28
CA ALA CA 31 -72.46 -11.00 27.74
C ALA CA 31 -71.00 -11.39 27.97
N HIS CA 32 -70.09 -10.42 27.84
CA HIS CA 32 -68.68 -10.70 28.09
C HIS CA 32 -68.42 -11.00 29.57
N ALA CA 33 -69.10 -10.28 30.46
CA ALA CA 33 -68.97 -10.58 31.88
C ALA CA 33 -69.50 -11.97 32.19
N GLY CA 34 -70.59 -12.36 31.52
CA GLY CA 34 -71.06 -13.73 31.61
C GLY CA 34 -70.03 -14.73 31.11
N LEU CA 35 -69.29 -14.37 30.07
CA LEU CA 35 -68.21 -15.23 29.59
C LEU CA 35 -67.12 -15.40 30.64
N ILE CA 36 -66.74 -14.31 31.32
CA ILE CA 36 -65.70 -14.39 32.35
C ILE CA 36 -66.15 -15.28 33.50
N VAL CA 37 -67.37 -15.05 34.00
CA VAL CA 37 -67.85 -15.84 35.13
C VAL CA 37 -68.10 -17.29 34.70
N PHE CA 38 -68.44 -17.52 33.43
CA PHE CA 38 -68.60 -18.87 32.92
C PHE CA 38 -67.27 -19.60 32.90
N TRP CA 39 -66.20 -18.92 32.46
CA TRP CA 39 -64.89 -19.56 32.52
C TRP CA 39 -64.49 -19.86 33.95
N ALA CA 40 -64.77 -18.92 34.87
CA ALA CA 40 -64.44 -19.15 36.27
C ALA CA 40 -65.14 -20.38 36.82
N GLY CA 41 -66.46 -20.48 36.61
CA GLY CA 41 -67.20 -21.63 37.12
C GLY CA 41 -66.83 -22.93 36.43
N ALA CA 42 -66.72 -22.92 35.10
CA ALA CA 42 -66.41 -24.13 34.36
C ALA CA 42 -65.00 -24.63 34.68
N MET CA 43 -64.03 -23.72 34.74
CA MET CA 43 -62.65 -24.12 35.02
C MET CA 43 -62.51 -24.56 36.48
N ASN CA 44 -63.29 -23.94 37.38
CA ASN CA 44 -63.30 -24.39 38.77
C ASN CA 44 -63.85 -25.80 38.90
N LEU CA 45 -64.96 -26.08 38.21
CA LEU CA 45 -65.54 -27.42 38.26
C LEU CA 45 -64.61 -28.44 37.61
N PHE CA 46 -63.92 -28.04 36.53
CA PHE CA 46 -62.95 -28.91 35.88
C PHE CA 46 -61.79 -29.23 36.81
N GLU CA 47 -61.28 -28.23 37.53
CA GLU CA 47 -60.16 -28.45 38.44
C GLU CA 47 -60.60 -29.26 39.66
N VAL CA 48 -61.85 -29.12 40.10
CA VAL CA 48 -62.34 -29.94 41.21
C VAL CA 48 -62.50 -31.39 40.76
N SER CA 49 -63.08 -31.61 39.59
CA SER CA 49 -63.26 -32.97 39.09
C SER CA 49 -61.93 -33.64 38.78
N HIS CA 50 -60.92 -32.87 38.38
CA HIS CA 50 -59.59 -33.40 38.10
C HIS CA 50 -58.63 -33.23 39.27
N PHE CA 51 -59.15 -33.29 40.49
CA PHE CA 51 -58.34 -33.07 41.69
C PHE CA 51 -58.07 -34.39 42.40
N VAL CA 52 -56.78 -34.71 42.58
CA VAL CA 52 -56.35 -35.86 43.36
C VAL CA 52 -55.94 -35.35 44.73
N PRO CA 53 -56.55 -35.84 45.82
CA PRO CA 53 -56.35 -35.18 47.12
C PRO CA 53 -54.98 -35.40 47.74
N GLU CA 54 -54.31 -36.52 47.46
CA GLU CA 54 -53.03 -36.77 48.11
C GLU CA 54 -51.91 -35.89 47.55
N LYS CA 55 -51.97 -35.56 46.27
CA LYS CA 55 -50.96 -34.69 45.69
C LYS CA 55 -51.20 -33.24 46.11
N PRO CA 56 -50.14 -32.43 46.19
CA PRO CA 56 -50.34 -30.99 46.40
C PRO CA 56 -51.01 -30.34 45.22
N MET CA 57 -51.50 -29.11 45.43
CA MET CA 57 -52.38 -28.47 44.46
C MET CA 57 -51.55 -27.71 43.42
N TYR CA 58 -50.46 -28.30 42.95
CA TYR CA 58 -49.71 -27.76 41.83
C TYR CA 58 -49.11 -28.77 40.86
N GLU CA 59 -49.09 -30.06 41.19
CA GLU CA 59 -48.69 -31.08 40.23
C GLU CA 59 -49.82 -31.46 39.28
N GLN CA 60 -50.99 -30.83 39.42
CA GLN CA 60 -52.18 -31.21 38.67
C GLN CA 60 -52.59 -30.16 37.65
N GLY CA 61 -51.79 -29.11 37.47
CA GLY CA 61 -52.14 -28.05 36.55
C GLY CA 61 -53.34 -27.23 36.97
N LEU CA 62 -53.48 -26.97 38.27
CA LEU CA 62 -54.58 -26.18 38.80
C LEU CA 62 -54.05 -24.80 39.16
N ILE CA 63 -54.74 -23.77 38.69
CA ILE CA 63 -54.28 -22.41 38.90
C ILE CA 63 -55.23 -21.59 39.78
N LEU CA 64 -56.53 -21.86 39.75
CA LEU CA 64 -57.47 -21.03 40.49
C LEU CA 64 -57.98 -21.69 41.77
N LEU CA 65 -57.96 -23.01 41.86
CA LEU CA 65 -58.11 -23.65 43.17
C LEU CA 65 -57.08 -23.13 44.18
N PRO CA 66 -55.81 -22.88 43.83
CA PRO CA 66 -54.96 -22.11 44.75
C PRO CA 66 -55.50 -20.73 45.07
N HIS CA 67 -56.20 -20.07 44.14
CA HIS CA 67 -56.76 -18.76 44.44
C HIS CA 67 -57.83 -18.84 45.53
N ILE CA 68 -58.68 -19.85 45.48
CA ILE CA 68 -59.64 -20.01 46.58
C ILE CA 68 -58.92 -20.47 47.85
N ALA CA 69 -57.94 -21.37 47.72
CA ALA CA 69 -57.25 -21.92 48.88
C ALA CA 69 -56.46 -20.87 49.64
N THR CA 70 -55.99 -19.82 48.95
CA THR CA 70 -55.30 -18.73 49.63
C THR CA 70 -56.23 -17.99 50.58
N LEU CA 71 -57.52 -17.90 50.24
CA LEU CA 71 -58.49 -17.25 51.10
C LEU CA 71 -58.80 -18.04 52.37
N GLY CA 72 -58.38 -19.30 52.44
CA GLY CA 72 -58.61 -20.11 53.61
C GLY CA 72 -59.78 -21.07 53.53
N TYR CA 73 -60.39 -21.20 52.35
CA TYR CA 73 -61.54 -22.09 52.18
C TYR CA 73 -61.05 -23.52 52.01
N GLY CA 74 -61.25 -24.34 53.04
CA GLY CA 74 -60.85 -25.73 52.99
C GLY CA 74 -59.35 -25.92 52.86
N VAL CA 75 -58.61 -25.47 53.86
CA VAL CA 75 -57.16 -25.63 53.89
C VAL CA 75 -56.76 -26.03 55.31
N GLY CA 76 -55.99 -27.11 55.42
CA GLY CA 76 -55.53 -27.56 56.71
C GLY CA 76 -54.39 -26.72 57.24
N PRO CA 77 -53.86 -27.12 58.41
CA PRO CA 77 -52.73 -26.40 58.99
C PRO CA 77 -51.50 -26.39 58.10
N GLY CA 78 -50.97 -27.56 57.75
CA GLY CA 78 -49.75 -27.61 56.97
C GLY CA 78 -49.92 -27.20 55.52
N GLY CA 79 -51.13 -27.30 54.98
CA GLY CA 79 -51.36 -26.97 53.59
C GLY CA 79 -52.22 -27.99 52.89
N GLU CA 80 -52.75 -28.95 53.65
CA GLU CA 80 -53.61 -29.98 53.09
C GLU CA 80 -54.98 -29.39 52.72
N VAL CA 81 -55.72 -30.15 51.91
CA VAL CA 81 -56.92 -29.62 51.27
C VAL CA 81 -58.20 -29.86 52.10
N LEU CA 82 -58.21 -30.84 53.00
CA LEU CA 82 -59.33 -31.12 53.90
C LEU CA 82 -60.61 -31.47 53.14
N ASP CA 83 -61.18 -30.51 52.43
CA ASP CA 83 -62.38 -30.74 51.63
C ASP CA 83 -62.39 -29.81 50.42
N THR CA 84 -63.07 -30.27 49.36
CA THR CA 84 -63.21 -29.52 48.13
C THR CA 84 -64.60 -28.92 47.94
N PHE CA 85 -65.45 -29.04 48.96
CA PHE CA 85 -66.79 -28.47 48.87
C PHE CA 85 -66.82 -26.94 48.70
N PRO CA 86 -65.98 -26.13 49.38
CA PRO CA 86 -65.98 -24.68 49.04
C PRO CA 86 -65.61 -24.40 47.60
N TYR CA 87 -64.68 -25.16 47.04
CA TYR CA 87 -64.32 -25.00 45.63
C TYR CA 87 -65.49 -25.35 44.72
N PHE CA 88 -66.19 -26.44 45.04
CA PHE CA 88 -67.35 -26.84 44.25
C PHE CA 88 -68.46 -25.80 44.34
N VAL CA 89 -68.68 -25.25 45.54
CA VAL CA 89 -69.71 -24.23 45.73
C VAL CA 89 -69.38 -22.97 44.93
N SER CA 90 -68.10 -22.57 44.96
CA SER CA 90 -67.67 -21.41 44.18
C SER CA 90 -67.88 -21.63 42.69
N GLY CA 91 -67.53 -22.82 42.19
CA GLY CA 91 -67.73 -23.10 40.78
C GLY CA 91 -69.18 -23.10 40.36
N VAL CA 92 -70.06 -23.70 41.18
CA VAL CA 92 -71.48 -23.78 40.84
C VAL CA 92 -72.11 -22.38 40.90
N LEU CA 93 -71.75 -21.59 41.92
CA LEU CA 93 -72.29 -20.24 42.02
C LEU CA 93 -71.85 -19.38 40.85
N HIS CA 94 -70.59 -19.52 40.42
CA HIS CA 94 -70.13 -18.80 39.25
C HIS CA 94 -70.86 -19.25 37.99
N LEU CA 95 -71.12 -20.56 37.85
CA LEU CA 95 -71.83 -21.04 36.67
C LEU CA 95 -73.26 -20.49 36.59
N ILE CA 96 -73.97 -20.48 37.73
CA ILE CA 96 -75.34 -19.98 37.72
C ILE CA 96 -75.36 -18.46 37.48
N SER CA 97 -74.45 -17.72 38.13
CA SER CA 97 -74.37 -16.29 37.92
C SER CA 97 -74.00 -15.97 36.48
N SER CA 98 -73.17 -16.81 35.86
CA SER CA 98 -72.83 -16.63 34.45
C SER CA 98 -74.02 -16.90 33.56
N ALA CA 99 -74.87 -17.86 33.93
CA ALA CA 99 -76.10 -18.08 33.17
C ALA CA 99 -76.99 -16.84 33.20
N VAL CA 100 -77.12 -16.24 34.38
CA VAL CA 100 -77.94 -15.02 34.51
C VAL CA 100 -77.34 -13.87 33.70
N LEU CA 101 -76.02 -13.68 33.82
CA LEU CA 101 -75.34 -12.61 33.10
C LEU CA 101 -75.39 -12.83 31.59
N GLY CA 102 -75.24 -14.08 31.14
CA GLY CA 102 -75.33 -14.35 29.72
C GLY CA 102 -76.71 -14.12 29.18
N PHE CA 103 -77.75 -14.46 29.94
CA PHE CA 103 -79.12 -14.15 29.53
C PHE CA 103 -79.31 -12.65 29.39
N GLY CA 104 -78.82 -11.87 30.36
CA GLY CA 104 -78.95 -10.42 30.28
C GLY CA 104 -78.18 -9.82 29.12
N GLY CA 105 -76.96 -10.30 28.87
CA GLY CA 105 -76.18 -9.80 27.75
C GLY CA 105 -76.79 -10.14 26.41
N VAL CA 106 -77.30 -11.37 26.27
CA VAL CA 106 -77.97 -11.77 25.03
C VAL CA 106 -79.24 -10.95 24.83
N TYR CA 107 -80.00 -10.71 25.90
CA TYR CA 107 -81.21 -9.91 25.79
C TYR CA 107 -80.90 -8.49 25.33
N HIS CA 108 -79.95 -7.83 26.00
CA HIS CA 108 -79.63 -6.46 25.64
C HIS CA 108 -78.93 -6.35 24.28
N SER CA 109 -78.27 -7.42 23.84
CA SER CA 109 -77.64 -7.41 22.52
C SER CA 109 -78.67 -7.61 21.41
N LEU CA 110 -79.68 -8.45 21.65
CA LEU CA 110 -80.62 -8.79 20.58
C LEU CA 110 -81.87 -7.91 20.59
N ILE CA 111 -82.64 -7.94 21.68
CA ILE CA 111 -83.94 -7.27 21.70
C ILE CA 111 -84.01 -6.16 22.74
N GLY CA 112 -82.88 -5.75 23.30
CA GLY CA 112 -82.86 -4.64 24.20
C GLY CA 112 -83.00 -3.33 23.44
N PRO CA 113 -83.12 -2.23 24.18
CA PRO CA 113 -83.16 -0.92 23.53
C PRO CA 113 -81.86 -0.64 22.78
N GLU CA 114 -82.01 -0.16 21.55
CA GLU CA 114 -80.85 0.13 20.70
C GLU CA 114 -80.01 1.26 21.28
N THR CA 115 -80.66 2.28 21.81
CA THR CA 115 -79.99 3.47 22.34
C THR CA 115 -80.70 3.86 23.63
N LEU CA 116 -79.94 4.16 24.67
CA LEU CA 116 -80.48 4.27 26.03
C LEU CA 116 -80.97 5.67 26.40
N GLU CA 117 -80.60 6.72 25.66
CA GLU CA 117 -80.95 8.07 26.12
C GLU CA 117 -82.43 8.39 25.94
N GLU CA 118 -83.08 7.85 24.91
CA GLU CA 118 -84.45 8.23 24.62
C GLU CA 118 -85.47 7.65 25.59
N SER CA 119 -85.09 6.64 26.38
CA SER CA 119 -86.05 6.01 27.28
C SER CA 119 -85.52 5.88 28.70
N TYR CA 120 -84.20 5.80 28.84
CA TYR CA 120 -83.55 5.59 30.14
C TYR CA 120 -82.45 6.63 30.32
N PRO CA 121 -82.81 7.86 30.70
CA PRO CA 121 -81.80 8.92 30.84
C PRO CA 121 -80.77 8.67 31.92
N PHE CA 122 -81.07 7.82 32.91
CA PHE CA 122 -80.07 7.51 33.93
C PHE CA 122 -78.93 6.70 33.36
N PHE CA 123 -79.23 5.79 32.43
CA PHE CA 123 -78.21 4.94 31.83
C PHE CA 123 -77.70 5.46 30.49
N GLY CA 124 -78.40 6.41 29.88
CA GLY CA 124 -77.92 6.98 28.63
C GLY CA 124 -76.69 7.84 28.85
N TYR CA 125 -75.76 7.78 27.91
CA TYR CA 125 -74.50 8.50 28.04
C TYR CA 125 -73.92 8.77 26.66
N VAL CA 126 -73.51 10.00 26.44
CA VAL CA 126 -72.70 10.33 25.27
C VAL CA 126 -71.26 10.40 25.74
N TRP CA 127 -70.33 10.05 24.85
CA TRP CA 127 -68.94 9.95 25.24
C TRP CA 127 -68.31 11.30 25.57
N LYS CA 128 -68.91 12.39 25.12
CA LYS CA 128 -68.41 13.73 25.41
C LYS CA 128 -68.96 14.32 26.71
N ASP CA 129 -69.85 13.61 27.40
CA ASP CA 129 -70.41 14.09 28.67
C ASP CA 129 -69.47 13.68 29.79
N LYS CA 130 -68.57 14.60 30.15
CA LYS CA 130 -67.55 14.31 31.15
C LYS CA 130 -68.17 14.05 32.52
N ASN CA 131 -69.22 14.80 32.88
CA ASN CA 131 -69.89 14.58 34.16
C ASN CA 131 -70.52 13.19 34.22
N LYS CA 132 -71.16 12.76 33.14
CA LYS CA 132 -71.78 11.43 33.11
C LYS CA 132 -70.73 10.32 33.16
N MET CA 133 -69.62 10.50 32.44
CA MET CA 133 -68.57 9.47 32.46
C MET CA 133 -67.92 9.39 33.83
N THR CA 134 -67.72 10.54 34.51
CA THR CA 134 -67.22 10.48 35.87
C THR CA 134 -68.24 9.90 36.83
N ASN CA 135 -69.54 10.06 36.55
CA ASN CA 135 -70.56 9.42 37.39
C ASN CA 135 -70.48 7.90 37.28
N ILE CA 136 -70.34 7.39 36.05
CA ILE CA 136 -70.22 5.95 35.85
C ILE CA 136 -68.91 5.44 36.47
N LEU CA 137 -67.83 6.19 36.30
CA LEU CA 137 -66.55 5.84 36.90
C LEU CA 137 -66.64 5.84 38.41
N GLY CA 138 -67.40 6.76 39.00
CA GLY CA 138 -67.59 6.78 40.43
C GLY CA 138 -68.38 5.59 40.94
N TYR CA 139 -69.42 5.20 40.19
CA TYR CA 139 -70.18 4.01 40.56
C TYR CA 139 -69.28 2.78 40.56
N HIS CA 140 -68.47 2.62 39.52
CA HIS CA 140 -67.55 1.48 39.45
C HIS CA 140 -66.47 1.55 40.52
N LEU CA 141 -66.01 2.76 40.87
CA LEU CA 141 -65.02 2.91 41.92
C LEU CA 141 -65.58 2.52 43.28
N ILE CA 142 -66.83 2.91 43.57
CA ILE CA 142 -67.47 2.49 44.81
C ILE CA 142 -67.65 0.98 44.84
N ILE CA 143 -68.01 0.39 43.70
CA ILE CA 143 -68.17 -1.06 43.62
C ILE CA 143 -66.84 -1.77 43.89
N LEU CA 144 -65.75 -1.26 43.31
CA LEU CA 144 -64.44 -1.87 43.54
C LEU CA 144 -63.96 -1.66 44.98
N GLY CA 145 -64.28 -0.51 45.58
CA GLY CA 145 -63.95 -0.32 46.99
C GLY CA 145 -64.69 -1.30 47.88
N CYS CA 146 -65.96 -1.57 47.56
CA CYS CA 146 -66.71 -2.58 48.30
C CYS CA 146 -66.12 -3.96 48.08
N GLY CA 147 -65.64 -4.23 46.87
CA GLY CA 147 -65.00 -5.51 46.60
C GLY CA 147 -63.71 -5.71 47.38
N ALA CA 148 -62.92 -4.65 47.53
CA ALA CA 148 -61.70 -4.73 48.34
C ALA CA 148 -62.03 -4.87 49.83
N TRP CA 149 -63.04 -4.13 50.29
CA TRP CA 149 -63.48 -4.26 51.68
C TRP CA 149 -64.09 -5.63 51.95
N LEU CA 150 -64.59 -6.32 50.92
CA LEU CA 150 -65.04 -7.70 51.11
C LEU CA 150 -63.88 -8.63 51.46
N LEU CA 151 -62.73 -8.48 50.78
CA LEU CA 151 -61.55 -9.25 51.15
C LEU CA 151 -61.06 -8.86 52.54
N VAL CA 152 -61.17 -7.57 52.88
CA VAL CA 152 -60.81 -7.12 54.22
C VAL CA 152 -61.70 -7.79 55.27
N LEU CA 153 -63.01 -7.86 55.01
CA LEU CA 153 -63.94 -8.50 55.92
C LEU CA 153 -63.64 -9.99 56.07
N LYS CA 154 -63.32 -10.65 54.95
CA LYS CA 154 -62.95 -12.07 55.01
C LYS CA 154 -61.69 -12.28 55.84
N ALA CA 155 -60.72 -11.39 55.71
CA ALA CA 155 -59.48 -11.51 56.47
C ALA CA 155 -59.69 -11.23 57.94
N LEU CA 156 -60.53 -10.24 58.27
CA LEU CA 156 -60.65 -9.76 59.64
C LEU CA 156 -61.65 -10.55 60.47
N TYR CA 157 -62.85 -10.79 59.94
CA TYR CA 157 -63.94 -11.31 60.76
C TYR CA 157 -64.42 -12.71 60.37
N PHE CA 158 -64.19 -13.15 59.14
CA PHE CA 158 -64.70 -14.44 58.69
C PHE CA 158 -63.66 -15.54 58.79
N GLY CA 159 -62.61 -15.34 59.59
CA GLY CA 159 -61.65 -16.37 59.91
C GLY CA 159 -60.91 -16.97 58.73
N GLY CA 160 -60.40 -16.12 57.84
CA GLY CA 160 -59.79 -16.65 56.64
C GLY CA 160 -58.38 -16.16 56.36
N VAL CA 161 -57.96 -16.36 55.10
CA VAL CA 161 -56.64 -16.05 54.54
C VAL CA 161 -55.56 -16.92 55.17
N TYR CA 162 -54.77 -17.57 54.31
CA TYR CA 162 -53.74 -18.50 54.72
C TYR CA 162 -52.41 -17.79 54.83
N ASP CA 163 -51.75 -17.93 55.99
CA ASP CA 163 -50.46 -17.32 56.24
C ASP CA 163 -49.37 -18.37 56.08
N THR CA 164 -48.43 -18.12 55.16
CA THR CA 164 -47.27 -18.99 55.04
C THR CA 164 -46.29 -18.74 56.17
N TRP CA 165 -46.24 -17.52 56.68
CA TRP CA 165 -45.27 -17.12 57.70
C TRP CA 165 -45.70 -17.50 59.10
N ALA CA 166 -46.86 -18.15 59.25
CA ALA CA 166 -47.23 -18.72 60.54
C ALA CA 166 -46.25 -19.84 60.89
N PRO CA 167 -45.93 -20.03 62.17
CA PRO CA 167 -44.95 -21.06 62.56
C PRO CA 167 -45.45 -22.46 62.23
N GLY CA 168 -44.48 -23.33 61.89
CA GLY CA 168 -44.76 -24.70 61.53
C GLY CA 168 -44.99 -24.95 60.06
N GLY CA 169 -45.05 -23.90 59.24
CA GLY CA 169 -45.27 -24.08 57.82
C GLY CA 169 -46.56 -23.50 57.31
N GLY CA 170 -47.03 -22.42 57.95
CA GLY CA 170 -48.26 -21.78 57.58
C GLY CA 170 -49.47 -22.39 58.25
N ASP CA 171 -50.59 -21.67 58.14
CA ASP CA 171 -51.89 -22.03 58.71
C ASP CA 171 -52.90 -20.99 58.23
N VAL CA 172 -54.16 -21.39 58.16
CA VAL CA 172 -55.21 -20.41 57.86
C VAL CA 172 -55.38 -19.54 59.10
N ARG CA 173 -54.94 -18.29 59.03
CA ARG CA 173 -54.84 -17.45 60.22
C ARG CA 173 -55.72 -16.24 60.08
N ILE CA 174 -56.63 -16.05 61.05
CA ILE CA 174 -57.43 -14.83 61.09
C ILE CA 174 -56.53 -13.67 61.44
N ILE CA 175 -56.65 -12.58 60.69
CA ILE CA 175 -55.71 -11.47 60.74
C ILE CA 175 -56.23 -10.44 61.73
N SER CA 176 -55.41 -10.11 62.72
CA SER CA 176 -55.71 -9.10 63.71
C SER CA 176 -54.67 -7.99 63.60
N ASN CA 177 -55.13 -6.75 63.80
CA ASN CA 177 -54.34 -5.53 63.72
C ASN CA 177 -53.63 -5.41 62.38
N PRO CA 178 -54.34 -5.16 61.28
CA PRO CA 178 -53.66 -4.90 60.01
C PRO CA 178 -52.95 -3.56 60.06
N THR CA 179 -51.81 -3.49 59.38
CA THR CA 179 -50.99 -2.29 59.40
C THR CA 179 -51.57 -1.26 58.43
N THR CA 180 -52.34 -0.31 58.98
CA THR CA 180 -52.90 0.78 58.20
C THR CA 180 -51.99 2.01 58.18
N ASN CA 181 -50.69 1.81 58.35
CA ASN CA 181 -49.75 2.92 58.36
C ASN CA 181 -49.57 3.47 56.95
N ALA CA 182 -49.88 4.76 56.78
CA ALA CA 182 -49.77 5.40 55.48
C ALA CA 182 -48.32 5.41 55.00
N ALA CA 183 -47.38 5.60 55.93
CA ALA CA 183 -45.96 5.58 55.57
C ALA CA 183 -45.57 4.21 55.01
N ILE CA 184 -46.03 3.13 55.63
CA ILE CA 184 -45.69 1.78 55.17
C ILE CA 184 -46.33 1.49 53.82
N ILE CA 185 -47.62 1.80 53.67
CA ILE CA 185 -48.34 1.48 52.44
C ILE CA 185 -47.77 2.28 51.26
N PHE CA 186 -47.58 3.58 51.46
CA PHE CA 186 -47.09 4.37 50.34
C PHE CA 186 -45.59 4.22 50.14
N GLY CA 187 -44.84 3.77 51.14
CA GLY CA 187 -43.45 3.40 50.90
C GLY CA 187 -43.37 2.12 50.12
N TYR CA 188 -44.36 1.23 50.27
CA TYR CA 188 -44.48 0.11 49.35
C TYR CA 188 -44.73 0.59 47.92
N ILE CA 189 -45.61 1.58 47.76
CA ILE CA 189 -45.98 1.95 46.40
C ILE CA 189 -44.95 2.86 45.71
N VAL CA 190 -44.06 3.54 46.44
CA VAL CA 190 -43.12 4.45 45.80
C VAL CA 190 -41.69 3.92 45.78
N LYS CA 191 -41.46 2.67 46.15
CA LYS CA 191 -40.09 2.19 46.22
C LYS CA 191 -39.65 1.53 44.91
N SER CA 192 -38.35 1.22 44.85
CA SER CA 192 -37.71 0.79 43.62
C SER CA 192 -38.24 -0.58 43.16
N PRO CA 193 -38.35 -0.81 41.86
CA PRO CA 193 -38.81 -2.11 41.34
C PRO CA 193 -37.74 -3.15 41.12
N PHE CA 194 -36.52 -2.93 41.60
CA PHE CA 194 -35.41 -3.82 41.27
C PHE CA 194 -35.24 -4.89 42.34
N GLY CA 195 -34.10 -5.61 42.29
CA GLY CA 195 -33.93 -6.80 43.09
C GLY CA 195 -33.86 -6.55 44.58
N GLY CA 196 -33.28 -5.42 44.99
CA GLY CA 196 -33.15 -5.13 46.41
C GLY CA 196 -34.49 -4.95 47.10
N ASP CA 197 -35.44 -4.32 46.44
CA ASP CA 197 -36.74 -4.06 47.02
C ASP CA 197 -37.88 -4.79 46.30
N GLY CA 198 -38.07 -4.53 45.02
CA GLY CA 198 -39.28 -4.93 44.35
C GLY CA 198 -40.32 -3.86 44.64
N TRP CA 199 -40.95 -3.31 43.61
CA TRP CA 199 -41.85 -2.18 43.84
C TRP CA 199 -43.12 -2.62 44.53
N ILE CA 200 -43.91 -3.45 43.85
CA ILE CA 200 -45.17 -3.92 44.42
C ILE CA 200 -45.05 -5.37 44.90
N VAL CA 201 -44.11 -6.14 44.38
CA VAL CA 201 -43.91 -7.52 44.84
C VAL CA 201 -42.89 -7.43 45.96
N SER CA 202 -43.37 -7.00 47.11
CA SER CA 202 -42.54 -6.99 48.31
C SER CA 202 -43.33 -7.31 49.57
N VAL CA 203 -44.62 -7.64 49.46
CA VAL CA 203 -45.44 -7.86 50.65
C VAL CA 203 -45.04 -9.20 51.27
N ASP CA 204 -44.45 -9.14 52.46
CA ASP CA 204 -44.05 -10.33 53.18
C ASP CA 204 -45.02 -10.74 54.26
N ASN CA 205 -46.14 -10.03 54.41
CA ASN CA 205 -47.08 -10.37 55.46
C ASN CA 205 -48.50 -9.92 55.12
N LEU CA 206 -49.45 -10.72 55.58
CA LEU CA 206 -50.86 -10.43 55.38
C LEU CA 206 -51.31 -9.21 56.15
N GLU CA 207 -50.59 -8.80 57.20
CA GLU CA 207 -50.95 -7.56 57.89
C GLU CA 207 -50.77 -6.36 56.97
N ASP CA 208 -49.62 -6.27 56.29
CA ASP CA 208 -49.45 -5.20 55.31
C ASP CA 208 -50.37 -5.38 54.11
N ILE CA 209 -50.64 -6.62 53.71
CA ILE CA 209 -51.55 -6.87 52.59
C ILE CA 209 -52.96 -6.33 52.90
N ILE CA 210 -53.47 -6.64 54.09
CA ILE CA 210 -54.81 -6.21 54.46
C ILE CA 210 -54.86 -4.72 54.80
N GLY CA 211 -53.77 -4.16 55.35
CA GLY CA 211 -53.73 -2.71 55.52
C GLY CA 211 -53.78 -1.97 54.20
N GLY CA 212 -53.03 -2.45 53.20
CA GLY CA 212 -53.12 -1.87 51.88
C GLY CA 212 -54.48 -2.04 51.25
N HIS CA 213 -55.14 -3.16 51.52
CA HIS CA 213 -56.49 -3.36 50.98
C HIS CA 213 -57.50 -2.43 51.66
N ILE CA 214 -57.34 -2.18 52.95
CA ILE CA 214 -58.17 -1.20 53.64
C ILE CA 214 -57.99 0.18 53.02
N TRP CA 215 -56.72 0.55 52.78
CA TRP CA 215 -56.43 1.84 52.15
C TRP CA 215 -57.03 1.93 50.75
N ILE CA 216 -56.89 0.87 49.95
CA ILE CA 216 -57.36 0.92 48.58
C ILE CA 216 -58.89 0.93 48.52
N GLY CA 217 -59.55 0.24 49.47
CA GLY CA 217 -61.00 0.25 49.48
C GLY CA 217 -61.56 1.58 49.91
N THR CA 218 -60.99 2.17 50.97
CA THR CA 218 -61.43 3.48 51.43
C THR CA 218 -61.17 4.54 50.37
N LEU CA 219 -60.00 4.49 49.74
CA LEU CA 219 -59.68 5.46 48.70
C LEU CA 219 -60.59 5.30 47.49
N CYS CA 220 -60.90 4.06 47.10
CA CYS CA 220 -61.79 3.83 45.97
C CYS CA 220 -63.20 4.33 46.25
N ILE CA 221 -63.71 4.11 47.46
CA ILE CA 221 -65.04 4.61 47.81
C ILE CA 221 -65.06 6.14 47.81
N LEU CA 222 -64.03 6.75 48.41
CA LEU CA 222 -63.97 8.21 48.47
C LEU CA 222 -63.82 8.82 47.07
N GLY CA 223 -62.97 8.23 46.23
CA GLY CA 223 -62.83 8.69 44.86
C GLY CA 223 -64.08 8.49 44.04
N GLY CA 224 -64.84 7.42 44.31
CA GLY CA 224 -66.11 7.24 43.64
C GLY CA 224 -67.12 8.32 43.98
N ILE CA 225 -67.21 8.66 45.28
CA ILE CA 225 -68.10 9.75 45.69
C ILE CA 225 -67.62 11.06 45.09
N TRP CA 226 -66.30 11.28 45.06
CA TRP CA 226 -65.73 12.49 44.48
C TRP CA 226 -66.06 12.61 43.00
N HIS CA 227 -65.94 11.53 42.25
CA HIS CA 227 -66.27 11.56 40.83
C HIS CA 227 -67.77 11.70 40.59
N ILE CA 228 -68.59 11.17 41.50
CA ILE CA 228 -70.03 11.36 41.39
C ILE CA 228 -70.38 12.83 41.54
N TYR CA 229 -69.73 13.52 42.49
CA TYR CA 229 -70.11 14.89 42.81
C TYR CA 229 -69.18 15.94 42.21
N THR CA 230 -68.41 15.62 41.18
CA THR CA 230 -67.54 16.60 40.53
C THR CA 230 -67.60 16.45 39.02
N THR CA 231 -66.90 17.35 38.34
CA THR CA 231 -66.75 17.42 36.89
C THR CA 231 -65.27 17.67 36.66
N PRO CA 232 -64.67 17.07 35.62
CA PRO CA 232 -63.23 17.26 35.38
C PRO CA 232 -62.82 18.72 35.20
N TRP CA 233 -61.67 19.06 35.75
CA TRP CA 233 -61.16 20.41 35.72
C TRP CA 233 -60.72 20.79 34.31
N PRO CA 234 -60.63 22.10 34.02
CA PRO CA 234 -60.18 22.53 32.69
C PRO CA 234 -58.79 22.03 32.29
N TRP CA 235 -57.87 21.86 33.24
CA TRP CA 235 -56.57 21.29 32.88
C TRP CA 235 -56.72 19.84 32.45
N ALA CA 236 -57.60 19.08 33.11
CA ALA CA 236 -57.86 17.71 32.69
C ALA CA 236 -58.56 17.68 31.33
N ARG CA 237 -59.44 18.65 31.08
CA ARG CA 237 -60.08 18.74 29.77
C ARG CA 237 -59.08 19.03 28.66
N ARG CA 238 -58.12 19.91 28.94
CA ARG CA 238 -57.09 20.22 27.96
C ARG CA 238 -56.07 19.10 27.81
N ALA CA 239 -55.89 18.27 28.83
CA ALA CA 239 -54.91 17.19 28.77
C ALA CA 239 -55.47 15.92 28.13
N PHE CA 240 -56.73 15.59 28.36
CA PHE CA 240 -57.30 14.34 27.91
C PHE CA 240 -58.12 14.51 26.64
N VAL CA 241 -58.27 13.41 25.91
CA VAL CA 241 -59.18 13.31 24.77
C VAL CA 241 -60.44 12.62 25.25
N TRP CA 242 -61.58 13.25 25.04
CA TRP CA 242 -62.85 12.81 25.64
C TRP CA 242 -63.66 12.09 24.57
N SER CA 243 -63.40 10.80 24.44
CA SER CA 243 -64.12 9.97 23.48
C SER CA 243 -64.09 8.52 23.95
N GLY CA 244 -65.07 7.76 23.47
CA GLY CA 244 -65.10 6.35 23.73
C GLY CA 244 -64.27 5.66 22.67
N GLU CA 245 -63.02 5.41 23.05
CA GLU CA 245 -61.89 4.86 22.31
C GLU CA 245 -60.67 5.38 23.06
N ALA CA 246 -60.67 6.67 23.35
CA ALA CA 246 -59.65 7.23 24.23
C ALA CA 246 -59.80 6.67 25.64
N TYR CA 247 -61.04 6.60 26.14
CA TYR CA 247 -61.25 6.00 27.46
C TYR CA 247 -60.83 4.53 27.45
N LEU CA 248 -61.12 3.84 26.36
CA LEU CA 248 -60.71 2.45 26.19
C LEU CA 248 -59.19 2.33 26.21
N SER CA 249 -58.49 3.25 25.55
CA SER CA 249 -57.03 3.21 25.52
C SER CA 249 -56.43 3.46 26.90
N TYR CA 250 -57.03 4.39 27.67
CA TYR CA 250 -56.58 4.60 29.05
C TYR CA 250 -56.74 3.33 29.86
N SER CA 251 -57.90 2.69 29.75
CA SER CA 251 -58.15 1.44 30.46
C SER CA 251 -57.18 0.35 30.00
N LEU CA 252 -56.87 0.31 28.69
CA LEU CA 252 -55.97 -0.68 28.15
C LEU CA 252 -54.55 -0.51 28.70
N ALA CA 253 -54.06 0.72 28.77
CA ALA CA 253 -52.73 0.97 29.34
C ALA CA 253 -52.68 0.57 30.81
N ALA CA 254 -53.71 0.96 31.57
CA ALA CA 254 -53.74 0.62 32.98
C ALA CA 254 -53.81 -0.89 33.20
N VAL CA 255 -54.62 -1.58 32.40
CA VAL CA 255 -54.79 -3.01 32.60
C VAL CA 255 -53.59 -3.79 32.06
N SER CA 256 -52.84 -3.25 31.11
CA SER CA 256 -51.59 -3.88 30.68
C SER CA 256 -50.52 -3.73 31.75
N LEU CA 257 -50.47 -2.57 32.40
CA LEU CA 257 -49.58 -2.40 33.55
C LEU CA 257 -49.95 -3.40 34.64
N MET CA 258 -51.26 -3.59 34.87
CA MET CA 258 -51.72 -4.58 35.83
C MET CA 258 -51.33 -5.99 35.42
N GLY CA 259 -51.38 -6.30 34.12
CA GLY CA 259 -50.99 -7.63 33.66
C GLY CA 259 -49.52 -7.92 33.88
N PHE CA 260 -48.65 -6.97 33.54
CA PHE CA 260 -47.22 -7.13 33.82
C PHE CA 260 -46.97 -7.25 35.33
N THR CA 261 -47.65 -6.41 36.12
CA THR CA 261 -47.51 -6.43 37.57
C THR CA 261 -47.95 -7.77 38.16
N ALA CA 262 -49.06 -8.34 37.67
CA ALA CA 262 -49.52 -9.64 38.14
C ALA CA 262 -48.57 -10.76 37.72
N CYS CA 263 -47.98 -10.66 36.53
CA CYS CA 263 -46.92 -11.59 36.13
C CYS CA 263 -45.77 -11.57 37.12
N CYS CA 264 -45.38 -10.37 37.57
CA CYS CA 264 -44.30 -10.26 38.54
C CYS CA 264 -44.70 -10.78 39.92
N PHE CA 265 -45.94 -10.52 40.38
CA PHE CA 265 -46.42 -11.18 41.59
C PHE CA 265 -46.32 -12.69 41.48
N ALA CA 266 -46.77 -13.24 40.36
CA ALA CA 266 -46.77 -14.68 40.16
C ALA CA 266 -45.36 -15.24 40.20
N TRP CA 267 -44.41 -14.56 39.59
CA TRP CA 267 -43.05 -15.10 39.55
C TRP CA 267 -42.32 -14.96 40.87
N PHE CA 268 -42.52 -13.88 41.62
CA PHE CA 268 -41.68 -13.63 42.78
C PHE CA 268 -42.37 -13.74 44.14
N ASN CA 269 -43.65 -13.39 44.24
CA ASN CA 269 -44.33 -13.35 45.53
C ASN CA 269 -44.62 -14.75 46.02
N ASN CA 270 -44.30 -15.02 47.30
CA ASN CA 270 -44.66 -16.28 47.94
C ASN CA 270 -45.49 -16.06 49.21
N THR CA 271 -46.11 -14.89 49.34
CA THR CA 271 -46.99 -14.58 50.46
C THR CA 271 -48.46 -14.52 50.04
N ALA CA 272 -48.78 -13.71 49.04
CA ALA CA 272 -50.10 -13.74 48.44
C ALA CA 272 -50.29 -14.94 47.53
N TYR CA 273 -49.21 -15.62 47.18
CA TYR CA 273 -49.23 -16.85 46.39
C TYR CA 273 -48.44 -17.87 47.18
N PRO CA 274 -49.09 -18.59 48.09
CA PRO CA 274 -48.38 -19.56 48.93
C PRO CA 274 -47.69 -20.64 48.12
N SER CA 275 -46.51 -21.05 48.58
CA SER CA 275 -45.75 -22.08 47.88
C SER CA 275 -46.45 -23.43 47.96
N GLU CA 276 -47.20 -23.67 49.04
CA GLU CA 276 -47.92 -24.93 49.19
C GLU CA 276 -49.05 -25.07 48.18
N PHE CA 277 -49.50 -23.98 47.57
CA PHE CA 277 -50.57 -24.02 46.58
C PHE CA 277 -50.10 -23.72 45.17
N TYR CA 278 -49.08 -22.89 45.00
CA TYR CA 278 -48.61 -22.49 43.68
C TYR CA 278 -47.27 -23.11 43.31
N GLY CA 279 -46.66 -23.90 44.19
CA GLY CA 279 -45.34 -24.41 43.93
C GLY CA 279 -44.28 -23.38 44.29
N PRO CA 280 -43.01 -23.74 44.10
CA PRO CA 280 -41.93 -22.78 44.35
C PRO CA 280 -41.94 -21.64 43.35
N THR CA 281 -41.45 -20.50 43.82
CA THR CA 281 -41.16 -19.38 42.94
C THR CA 281 -39.83 -19.62 42.22
N GLY CA 282 -39.40 -18.61 41.46
CA GLY CA 282 -38.12 -18.65 40.80
C GLY CA 282 -36.95 -18.77 41.76
N PRO CA 283 -36.81 -17.81 42.68
CA PRO CA 283 -35.71 -17.90 43.68
C PRO CA 283 -35.72 -19.13 44.56
N GLU CA 284 -36.87 -19.63 44.97
CA GLU CA 284 -36.83 -20.89 45.70
C GLU CA 284 -36.81 -22.05 44.70
N ALA CA 285 -36.49 -23.22 45.26
CA ALA CA 285 -36.00 -24.46 44.65
C ALA CA 285 -34.56 -24.28 44.22
N SER CA 286 -34.16 -23.03 43.99
CA SER CA 286 -32.77 -22.71 43.74
C SER CA 286 -32.06 -22.45 45.06
N GLN CA 287 -32.70 -21.67 45.93
CA GLN CA 287 -32.22 -21.59 47.31
C GLN CA 287 -32.36 -22.93 48.02
N ALA CA 288 -33.42 -23.68 47.69
CA ALA CA 288 -33.64 -24.97 48.32
C ALA CA 288 -32.61 -26.00 47.88
N GLN CA 289 -32.13 -25.92 46.64
CA GLN CA 289 -31.06 -26.80 46.19
C GLN CA 289 -29.80 -26.63 47.03
N ALA CA 290 -29.38 -25.37 47.21
CA ALA CA 290 -28.20 -25.08 48.03
C ALA CA 290 -28.43 -25.47 49.48
N PHE CA 291 -29.63 -25.21 50.01
CA PHE CA 291 -29.91 -25.53 51.41
C PHE CA 291 -29.89 -27.03 51.66
N THR CA 292 -30.58 -27.81 50.81
CA THR CA 292 -30.62 -29.25 50.98
C THR CA 292 -29.26 -29.90 50.72
N PHE CA 293 -28.49 -29.40 49.75
CA PHE CA 293 -27.17 -29.97 49.54
C PHE CA 293 -26.22 -29.61 50.68
N LEU CA 294 -26.38 -28.42 51.27
CA LEU CA 294 -25.61 -28.06 52.46
C LEU CA 294 -25.91 -29.00 53.61
N VAL CA 295 -27.20 -29.23 53.90
CA VAL CA 295 -27.54 -30.06 55.04
C VAL CA 295 -27.20 -31.52 54.77
N ARG CA 296 -27.27 -31.98 53.53
CA ARG CA 296 -26.87 -33.35 53.20
C ARG CA 296 -25.37 -33.54 53.37
N ASP CA 297 -24.57 -32.61 52.82
CA ASP CA 297 -23.13 -32.75 52.89
C ASP CA 297 -22.57 -32.48 54.27
N GLN CA 298 -23.32 -31.80 55.15
CA GLN CA 298 -22.89 -31.75 56.54
C GLN CA 298 -23.44 -32.91 57.36
N ARG CA 299 -24.50 -33.57 56.87
CA ARG CA 299 -24.93 -34.82 57.48
C ARG CA 299 -23.94 -35.93 57.20
N LEU CA 300 -23.31 -35.91 56.03
CA LEU CA 300 -22.23 -36.87 55.75
C LEU CA 300 -21.04 -36.64 56.67
N GLY CA 301 -20.71 -35.38 56.94
CA GLY CA 301 -19.63 -35.07 57.86
C GLY CA 301 -18.77 -33.90 57.47
N ALA CA 302 -18.78 -33.53 56.19
CA ALA CA 302 -17.96 -32.42 55.72
C ALA CA 302 -18.53 -31.09 56.18
N ASN CA 303 -17.68 -30.23 56.70
CA ASN CA 303 -18.11 -28.90 57.14
C ASN CA 303 -18.46 -28.03 55.94
N VAL CA 304 -19.49 -27.20 56.10
CA VAL CA 304 -19.97 -26.37 55.01
C VAL CA 304 -19.49 -24.92 55.11
N ALA CA 305 -19.08 -24.47 56.30
CA ALA CA 305 -18.65 -23.09 56.46
C ALA CA 305 -17.26 -22.85 55.90
N SER CA 306 -16.36 -23.84 56.00
CA SER CA 306 -14.99 -23.71 55.55
C SER CA 306 -14.73 -24.45 54.25
N ALA CA 307 -15.78 -24.80 53.51
CA ALA CA 307 -15.65 -25.51 52.24
C ALA CA 307 -15.78 -24.53 51.09
N GLN CA 308 -14.77 -24.50 50.22
CA GLN CA 308 -14.74 -23.61 49.08
C GLN CA 308 -14.97 -24.38 47.79
N GLY CA 309 -15.52 -23.69 46.79
CA GLY CA 309 -15.81 -24.30 45.52
C GLY CA 309 -14.62 -24.27 44.58
N PRO CA 310 -14.84 -24.62 43.32
CA PRO CA 310 -13.75 -24.56 42.34
C PRO CA 310 -13.21 -23.16 42.11
N THR CA 311 -14.03 -22.13 42.32
CA THR CA 311 -13.59 -20.76 42.16
C THR CA 311 -13.13 -20.13 43.47
N GLY CA 312 -13.14 -20.88 44.57
CA GLY CA 312 -12.69 -20.35 45.85
C GLY CA 312 -13.68 -19.43 46.53
N LEU CA 313 -14.97 -19.56 46.25
CA LEU CA 313 -15.98 -18.71 46.86
C LEU CA 313 -16.87 -19.42 47.86
N GLY CA 314 -16.88 -20.74 47.88
CA GLY CA 314 -17.75 -21.46 48.80
C GLY CA 314 -18.75 -22.34 48.09
N LYS CA 315 -18.61 -23.65 48.29
CA LYS CA 315 -19.55 -24.58 47.67
C LYS CA 315 -20.94 -24.48 48.29
N TYR CA 316 -21.03 -24.09 49.56
CA TYR CA 316 -22.30 -24.04 50.26
C TYR CA 316 -22.63 -22.66 50.82
N LEU CA 317 -21.66 -21.95 51.38
CA LEU CA 317 -21.89 -20.64 51.97
C LEU CA 317 -20.89 -19.63 51.45
N MET CA 318 -21.36 -18.40 51.22
CA MET CA 318 -20.51 -17.30 50.82
C MET CA 318 -21.09 -16.03 51.41
N ARG CA 319 -20.56 -14.89 50.98
CA ARG CA 319 -21.07 -13.60 51.40
C ARG CA 319 -21.74 -12.90 50.23
N SER CA 320 -22.83 -12.20 50.51
CA SER CA 320 -23.55 -11.44 49.51
C SER CA 320 -22.76 -10.19 49.16
N PRO CA 321 -23.22 -9.39 48.18
CA PRO CA 321 -22.60 -8.06 47.97
C PRO CA 321 -22.56 -7.21 49.22
N THR CA 322 -23.61 -7.24 50.02
CA THR CA 322 -23.60 -6.74 51.38
C THR CA 322 -23.16 -7.90 52.28
N GLY CA 323 -22.62 -7.60 53.44
CA GLY CA 323 -21.96 -8.62 54.25
C GLY CA 323 -22.79 -9.75 54.82
N GLU CA 324 -24.03 -9.92 54.33
CA GLU CA 324 -24.87 -11.02 54.78
C GLU CA 324 -24.32 -12.35 54.28
N ILE CA 325 -24.42 -13.38 55.13
CA ILE CA 325 -24.00 -14.73 54.75
C ILE CA 325 -25.13 -15.37 53.95
N ILE CA 326 -24.83 -15.77 52.72
CA ILE CA 326 -25.82 -16.35 51.82
C ILE CA 326 -25.33 -17.70 51.33
N PHE CA 327 -26.15 -18.37 50.52
CA PHE CA 327 -25.80 -19.67 49.98
C PHE CA 327 -24.75 -19.52 48.88
N GLY CA 328 -23.76 -20.40 48.90
CA GLY CA 328 -22.54 -20.24 48.13
C GLY CA 328 -22.59 -20.64 46.67
N GLY CA 329 -23.69 -21.22 46.20
CA GLY CA 329 -23.73 -21.67 44.81
C GLY CA 329 -23.90 -20.56 43.81
N GLU CA 330 -24.44 -20.89 42.64
CA GLU CA 330 -24.79 -19.90 41.65
C GLU CA 330 -26.05 -19.13 42.03
N THR CA 331 -26.69 -19.53 43.13
CA THR CA 331 -27.93 -18.92 43.61
C THR CA 331 -27.67 -17.66 44.41
N MET CA 332 -26.50 -17.05 44.22
CA MET CA 332 -26.15 -15.78 44.82
C MET CA 332 -26.98 -14.64 44.26
N ARG CA 333 -27.62 -14.84 43.09
CA ARG CA 333 -28.53 -13.85 42.55
C ARG CA 333 -29.84 -13.83 43.34
N PHE CA 334 -30.23 -14.97 43.91
CA PHE CA 334 -31.48 -15.14 44.63
C PHE CA 334 -31.29 -15.02 46.13
N TRP CA 335 -30.29 -14.26 46.59
CA TRP CA 335 -30.01 -14.15 48.01
C TRP CA 335 -31.07 -13.32 48.75
N ASP CA 336 -31.94 -12.64 48.02
CA ASP CA 336 -33.02 -11.87 48.62
C ASP CA 336 -34.27 -12.70 48.87
N PHE CA 337 -34.23 -13.99 48.57
CA PHE CA 337 -35.41 -14.83 48.74
C PHE CA 337 -35.74 -14.98 50.22
N ARG CA 338 -37.00 -14.70 50.56
CA ARG CA 338 -37.51 -14.87 51.90
C ARG CA 338 -38.57 -15.95 51.89
N GLY CA 339 -38.37 -16.99 52.68
CA GLY CA 339 -39.30 -18.09 52.74
C GLY CA 339 -39.61 -18.48 54.17
N PRO CA 340 -40.76 -19.12 54.39
CA PRO CA 340 -41.14 -19.54 55.75
C PRO CA 340 -40.19 -20.56 56.34
N TRP CA 341 -39.51 -21.35 55.51
CA TRP CA 341 -38.56 -22.35 55.95
C TRP CA 341 -37.13 -21.82 56.00
N VAL CA 342 -36.94 -20.53 55.74
CA VAL CA 342 -35.62 -19.90 55.75
C VAL CA 342 -35.46 -18.94 56.92
N GLU CA 343 -36.50 -18.12 57.18
CA GLU CA 343 -36.39 -17.08 58.18
C GLU CA 343 -36.08 -17.57 59.61
N PRO CA 344 -36.71 -18.62 60.15
CA PRO CA 344 -36.24 -19.12 61.47
C PRO CA 344 -34.82 -19.64 61.44
N LEU CA 345 -34.32 -20.04 60.26
CA LEU CA 345 -32.93 -20.42 60.10
C LEU CA 345 -32.01 -19.23 59.88
N ARG CA 346 -32.58 -18.06 59.62
CA ARG CA 346 -31.81 -16.86 59.28
C ARG CA 346 -31.74 -15.92 60.46
N GLY CA 347 -30.59 -15.28 60.64
CA GLY CA 347 -30.38 -14.35 61.72
C GLY CA 347 -30.12 -12.93 61.28
N PRO CA 348 -29.61 -12.09 62.19
CA PRO CA 348 -29.36 -10.69 61.84
C PRO CA 348 -28.23 -10.51 60.83
N SER CA 349 -27.10 -11.16 61.06
CA SER CA 349 -25.95 -11.01 60.17
C SER CA 349 -26.14 -11.81 58.88
N GLY CA 350 -26.28 -13.12 59.00
CA GLY CA 350 -26.40 -13.95 57.83
C GLY CA 350 -27.32 -15.15 57.97
N LEU CA 351 -26.83 -16.33 57.60
CA LEU CA 351 -27.64 -17.54 57.61
C LEU CA 351 -27.52 -18.34 58.91
N ASP CA 352 -26.82 -17.81 59.92
CA ASP CA 352 -26.75 -18.39 61.26
C ASP CA 352 -26.20 -19.82 61.22
N LEU CA 353 -24.89 -19.91 60.98
CA LEU CA 353 -24.11 -21.13 60.98
C LEU CA 353 -24.48 -22.11 62.10
N VAL CA 354 -24.65 -21.59 63.32
CA VAL CA 354 -25.03 -22.44 64.44
C VAL CA 354 -26.45 -22.99 64.25
N LYS CA 355 -27.35 -22.20 63.65
CA LYS CA 355 -28.69 -22.70 63.38
C LYS CA 355 -28.68 -23.73 62.27
N LEU CA 356 -27.81 -23.56 61.27
CA LEU CA 356 -27.67 -24.56 60.23
C LEU CA 356 -27.12 -25.87 60.80
N LYS CA 357 -26.21 -25.77 61.77
CA LYS CA 357 -25.62 -26.97 62.35
C LYS CA 357 -26.58 -27.69 63.30
N ASN CA 358 -27.35 -26.93 64.09
CA ASN CA 358 -28.12 -27.56 65.16
C ASN CA 358 -29.62 -27.36 65.07
N ASP CA 359 -30.10 -26.16 64.71
CA ASP CA 359 -31.50 -25.81 64.84
C ASP CA 359 -32.28 -26.00 63.54
N ILE CA 360 -31.92 -27.00 62.74
CA ILE CA 360 -32.69 -27.32 61.55
C ILE CA 360 -33.95 -28.08 61.95
N GLN CA 361 -35.06 -27.79 61.26
CA GLN CA 361 -36.29 -28.47 61.63
C GLN CA 361 -36.60 -29.60 60.65
N PRO CA 362 -37.21 -30.68 61.15
CA PRO CA 362 -37.59 -31.79 60.24
C PRO CA 362 -38.56 -31.39 59.15
N TRP CA 363 -39.48 -30.45 59.41
CA TRP CA 363 -40.38 -30.00 58.35
C TRP CA 363 -39.64 -29.19 57.31
N GLN CA 364 -38.65 -28.39 57.72
CA GLN CA 364 -37.81 -27.70 56.75
C GLN CA 364 -36.98 -28.68 55.92
N GLU CA 365 -36.54 -29.78 56.53
CA GLU CA 365 -35.87 -30.83 55.77
C GLU CA 365 -36.82 -31.50 54.79
N ARG CA 366 -38.04 -31.81 55.23
CA ARG CA 366 -39.05 -32.42 54.37
C ARG CA 366 -39.54 -31.48 53.28
N ARG CA 367 -39.29 -30.18 53.40
CA ARG CA 367 -39.62 -29.26 52.32
C ARG CA 367 -38.54 -29.31 51.24
N ALA CA 368 -38.21 -30.52 50.79
CA ALA CA 368 -37.32 -30.74 49.66
C ALA CA 368 -38.08 -31.09 48.40
N ALA CA 369 -39.41 -31.23 48.49
CA ALA CA 369 -40.24 -31.28 47.29
C ALA CA 369 -40.19 -29.96 46.55
N GLU CA 370 -39.85 -28.88 47.28
CA GLU CA 370 -39.60 -27.58 46.68
C GLU CA 370 -38.49 -27.70 45.66
N TYR CA 371 -37.37 -28.29 46.09
CA TYR CA 371 -36.19 -28.44 45.24
C TYR CA 371 -36.35 -29.55 44.20
N MET CA 372 -36.85 -30.71 44.62
CA MET CA 372 -36.66 -31.99 43.93
C MET CA 372 -37.08 -31.95 42.47
N THR CA 373 -38.37 -31.86 42.24
CA THR CA 373 -38.91 -31.41 40.98
C THR CA 373 -39.43 -30.03 41.36
N HIS CA 374 -40.27 -29.45 40.52
CA HIS CA 374 -41.20 -28.37 40.84
C HIS CA 374 -40.50 -27.02 40.84
N ALA CA 375 -39.19 -27.00 40.59
CA ALA CA 375 -38.54 -25.75 40.23
C ALA CA 375 -39.20 -25.25 38.95
N PRO CA 376 -39.51 -23.94 38.83
CA PRO CA 376 -40.42 -23.51 37.77
C PRO CA 376 -39.88 -23.60 36.35
N LEU CA 377 -39.32 -24.76 36.01
CA LEU CA 377 -38.98 -25.19 34.67
C LEU CA 377 -40.18 -25.97 34.16
N GLY CA 378 -40.03 -26.67 33.04
CA GLY CA 378 -41.11 -27.56 32.69
C GLY CA 378 -41.52 -27.80 31.25
N SER CA 379 -41.03 -26.98 30.31
CA SER CA 379 -41.29 -27.12 28.87
C SER CA 379 -42.76 -26.94 28.49
N LEU CA 380 -43.01 -26.68 27.20
CA LEU CA 380 -44.35 -26.29 26.75
C LEU CA 380 -45.32 -27.46 26.70
N ASN CA 381 -44.84 -28.63 26.28
CA ASN CA 381 -45.66 -29.84 26.19
C ASN CA 381 -45.53 -30.71 27.42
N SER CA 382 -45.38 -30.07 28.58
CA SER CA 382 -45.06 -30.68 29.89
C SER CA 382 -43.67 -31.30 29.75
N VAL CA 383 -43.46 -32.53 30.25
CA VAL CA 383 -42.18 -33.23 30.41
C VAL CA 383 -41.55 -32.53 31.63
N GLY CA 384 -40.26 -32.71 31.90
CA GLY CA 384 -39.72 -32.51 33.23
C GLY CA 384 -39.18 -31.15 33.58
N GLY CA 385 -37.86 -31.00 33.62
CA GLY CA 385 -37.26 -29.75 34.05
C GLY CA 385 -36.64 -28.93 32.93
N VAL CA 386 -35.31 -29.00 32.81
CA VAL CA 386 -34.61 -28.23 31.79
C VAL CA 386 -34.93 -28.79 30.41
N ALA CA 387 -34.59 -28.01 29.37
CA ALA CA 387 -34.92 -28.39 27.99
C ALA CA 387 -34.27 -29.70 27.56
N THR CA 388 -33.19 -30.10 28.22
CA THR CA 388 -32.50 -31.35 27.89
C THR CA 388 -32.97 -32.53 28.73
N GLU CA 389 -34.04 -32.36 29.51
CA GLU CA 389 -34.59 -33.44 30.32
C GLU CA 389 -35.40 -34.39 29.43
N ILE CA 390 -35.57 -35.62 29.89
CA ILE CA 390 -36.28 -36.65 29.16
C ILE CA 390 -37.72 -36.73 29.65
N ASN CA 391 -38.53 -37.50 28.92
CA ASN CA 391 -39.96 -37.66 29.18
C ASN CA 391 -40.16 -38.59 30.37
N ALA CA 392 -40.07 -38.01 31.57
CA ALA CA 392 -40.21 -38.77 32.80
C ALA CA 392 -41.39 -38.32 33.64
N VAL CA 393 -41.48 -37.03 33.96
CA VAL CA 393 -42.51 -36.51 34.86
C VAL CA 393 -43.37 -35.50 34.12
N ASN CA 394 -44.66 -35.50 34.42
CA ASN CA 394 -45.65 -34.61 33.80
C ASN CA 394 -45.86 -33.43 34.74
N PHE CA 395 -45.12 -32.35 34.52
CA PHE CA 395 -45.25 -31.18 35.40
C PHE CA 395 -44.77 -29.93 34.69
N VAL CA 396 -45.55 -28.85 34.78
CA VAL CA 396 -45.08 -27.48 34.57
C VAL CA 396 -45.65 -26.64 35.71
N SER CA 397 -44.88 -25.68 36.19
CA SER CA 397 -45.29 -24.90 37.35
C SER CA 397 -46.48 -23.99 37.03
N PRO CA 398 -47.48 -23.94 37.91
CA PRO CA 398 -48.57 -22.97 37.72
C PRO CA 398 -48.11 -21.52 37.74
N ARG CA 399 -47.08 -21.22 38.53
CA ARG CA 399 -46.48 -19.89 38.51
C ARG CA 399 -45.91 -19.58 37.14
N SER CA 400 -45.23 -20.55 36.54
CA SER CA 400 -44.73 -20.38 35.18
C SER CA 400 -45.87 -20.17 34.20
N TRP CA 401 -46.95 -20.95 34.33
CA TRP CA 401 -48.07 -20.84 33.39
C TRP CA 401 -48.73 -19.46 33.45
N LEU CA 402 -49.12 -19.03 34.64
CA LEU CA 402 -49.84 -17.77 34.76
C LEU CA 402 -48.92 -16.58 34.94
N ALA CA 403 -47.61 -16.77 34.82
CA ALA CA 403 -46.71 -15.65 34.59
C ALA CA 403 -46.46 -15.46 33.10
N THR CA 404 -46.21 -16.55 32.37
CA THR CA 404 -45.97 -16.47 30.93
C THR CA 404 -47.21 -15.97 30.20
N SER CA 405 -48.37 -16.56 30.49
CA SER CA 405 -49.60 -16.13 29.84
C SER CA 405 -49.90 -14.68 30.15
N HIS CA 406 -49.73 -14.28 31.42
CA HIS CA 406 -50.06 -12.93 31.81
C HIS CA 406 -49.10 -11.90 31.24
N PHE CA 407 -47.83 -12.25 31.06
CA PHE CA 407 -46.94 -11.33 30.36
C PHE CA 407 -47.32 -11.21 28.90
N CYS CA 408 -47.70 -12.32 28.26
CA CYS CA 408 -48.09 -12.28 26.85
C CYS CA 408 -49.30 -11.36 26.66
N LEU CA 409 -50.36 -11.61 27.43
CA LEU CA 409 -51.56 -10.78 27.34
C LEU CA 409 -51.33 -9.34 27.82
N GLY CA 410 -50.41 -9.12 28.77
CA GLY CA 410 -50.08 -7.75 29.15
C GLY CA 410 -49.41 -6.98 28.03
N PHE CA 411 -48.49 -7.64 27.31
CA PHE CA 411 -47.84 -6.96 26.19
C PHE CA 411 -48.82 -6.72 25.05
N PHE CA 412 -49.69 -7.71 24.76
CA PHE CA 412 -50.70 -7.48 23.74
C PHE CA 412 -51.61 -6.32 24.11
N PHE CA 413 -51.94 -6.19 25.40
CA PHE CA 413 -52.82 -5.10 25.78
C PHE CA 413 -52.11 -3.76 25.78
N PHE CA 414 -50.79 -3.74 25.99
CA PHE CA 414 -50.04 -2.51 25.76
C PHE CA 414 -50.08 -2.13 24.29
N VAL CA 415 -49.93 -3.11 23.39
CA VAL CA 415 -50.02 -2.84 21.96
C VAL CA 415 -51.40 -2.31 21.58
N GLY CA 416 -52.45 -2.91 22.16
CA GLY CA 416 -53.79 -2.44 21.91
C GLY CA 416 -54.04 -1.04 22.45
N HIS CA 417 -53.41 -0.72 23.58
CA HIS CA 417 -53.47 0.64 24.10
C HIS CA 417 -52.83 1.62 23.13
N LEU CA 418 -51.67 1.25 22.57
CA LEU CA 418 -51.03 2.10 21.58
C LEU CA 418 -51.94 2.32 20.37
N TRP CA 419 -52.53 1.23 19.86
CA TRP CA 419 -53.43 1.32 18.70
C TRP CA 419 -54.61 2.24 18.99
N HIS CA 420 -55.28 2.01 20.12
CA HIS CA 420 -56.49 2.77 20.39
C HIS CA 420 -56.20 4.21 20.80
N ALA CA 421 -55.08 4.46 21.48
CA ALA CA 421 -54.69 5.83 21.80
C ALA CA 421 -54.38 6.62 20.54
N GLY CA 422 -53.63 6.02 19.61
CA GLY CA 422 -53.35 6.68 18.36
C GLY CA 422 -54.59 6.94 17.54
N ARG CA 423 -55.48 5.93 17.44
CA ARG CA 423 -56.69 6.12 16.64
C ARG CA 423 -57.65 7.10 17.29
N ALA CA 424 -57.68 7.16 18.62
CA ALA CA 424 -58.52 8.13 19.30
C ALA CA 424 -58.01 9.55 19.08
N ARG CA 425 -56.68 9.73 19.14
CA ARG CA 425 -56.12 11.05 18.86
C ARG CA 425 -56.38 11.46 17.42
N ALA CA 426 -56.23 10.52 16.48
CA ALA CA 426 -56.50 10.82 15.08
C ALA CA 426 -57.98 11.09 14.83
N ALA CA 427 -58.87 10.43 15.57
CA ALA CA 427 -60.30 10.67 15.45
C ALA CA 427 -60.68 12.04 15.98
N ALA CA 428 -60.12 12.43 17.13
CA ALA CA 428 -60.40 13.75 17.67
C ALA CA 428 -59.79 14.85 16.80
N ALA CA 429 -58.67 14.57 16.15
CA ALA CA 429 -58.06 15.56 15.27
C ALA CA 429 -58.80 15.68 13.95
N GLY CA 430 -59.30 14.57 13.42
CA GLY CA 430 -60.07 14.57 12.19
C GLY CA 430 -59.46 13.82 11.02
N PHE CA 431 -58.32 13.13 11.17
CA PHE CA 431 -57.70 12.42 10.06
C PHE CA 431 -57.51 10.94 10.37
N GLU CA 432 -58.53 10.29 10.93
CA GLU CA 432 -58.47 8.86 11.15
C GLU CA 432 -58.55 8.08 9.86
N LYS CA 433 -59.12 8.66 8.80
CA LYS CA 433 -59.31 7.98 7.53
C LYS CA 433 -58.19 8.25 6.53
N GLY CA 434 -57.37 9.26 6.78
CA GLY CA 434 -56.26 9.55 5.90
C GLY CA 434 -56.08 11.05 5.74
N ILE CA 435 -55.44 11.42 4.64
CA ILE CA 435 -55.09 12.81 4.35
C ILE CA 435 -56.07 13.34 3.32
N ASP CA 436 -56.47 14.61 3.47
CA ASP CA 436 -57.53 15.21 2.67
C ASP CA 436 -57.17 15.39 1.20
N ARG CA 437 -55.89 15.28 0.84
CA ARG CA 437 -55.36 15.18 -0.53
C ARG CA 437 -55.44 16.49 -1.32
N VAL CA 438 -56.13 17.51 -0.80
CA VAL CA 438 -56.16 18.78 -1.51
C VAL CA 438 -55.46 19.83 -0.66
N ASP CA 439 -55.51 19.66 0.66
CA ASP CA 439 -54.73 20.47 1.59
C ASP CA 439 -54.04 19.54 2.59
N GLU CA 440 -52.89 19.01 2.17
CA GLU CA 440 -52.14 18.21 3.13
C GLU CA 440 -51.21 19.13 3.93
N PRO CA 441 -50.98 18.79 5.20
CA PRO CA 441 -50.15 19.69 6.04
C PRO CA 441 -48.72 19.86 5.56
N VAL CA 442 -48.17 18.89 4.83
CA VAL CA 442 -46.76 18.92 4.48
C VAL CA 442 -46.46 20.05 3.49
N LEU CA 443 -47.35 20.29 2.54
CA LEU CA 443 -47.13 21.35 1.55
C LEU CA 443 -47.18 22.74 2.17
N SER CA 444 -47.74 22.87 3.37
CA SER CA 444 -47.75 24.15 4.08
C SER CA 444 -46.54 24.34 4.98
N MET CA 445 -45.60 23.40 4.99
CA MET CA 445 -44.39 23.50 5.79
C MET CA 445 -43.18 23.76 4.91
N ARG CA 446 -42.23 24.51 5.46
CA ARG CA 446 -40.97 24.76 4.79
C ARG CA 446 -40.19 23.45 4.67
N PRO CA 447 -39.48 23.23 3.57
CA PRO CA 447 -38.65 22.02 3.46
C PRO CA 447 -37.52 22.02 4.47
N LEU CA 448 -37.11 20.82 4.87
CA LEU CA 448 -36.06 20.68 5.88
C LEU CA 448 -34.72 21.21 5.38
N ASP CA 449 -34.39 20.95 4.12
CA ASP CA 449 -33.15 21.42 3.55
C ASP CA 449 -33.25 21.53 2.03
N ILE DA 1 -43.24 -14.52 -38.10
CA ILE DA 1 -42.43 -13.65 -37.25
C ILE DA 1 -41.57 -12.72 -38.11
N GLY DA 2 -41.60 -11.44 -37.77
CA GLY DA 2 -40.86 -10.44 -38.53
C GLY DA 2 -41.34 -10.25 -39.95
N THR DA 3 -42.66 -10.25 -40.15
CA THR DA 3 -43.31 -10.10 -41.46
C THR DA 3 -42.83 -11.18 -42.45
N TYR DA 4 -43.15 -12.41 -42.09
CA TYR DA 4 -42.82 -13.58 -42.91
C TYR DA 4 -44.04 -14.48 -42.98
N GLN DA 5 -44.06 -15.34 -44.00
CA GLN DA 5 -45.18 -16.25 -44.20
C GLN DA 5 -45.31 -17.22 -43.04
N GLU DA 6 -44.22 -17.91 -42.70
CA GLU DA 6 -44.11 -18.76 -41.51
C GLU DA 6 -45.20 -19.83 -41.46
N LYS DA 7 -45.08 -20.78 -42.39
CA LYS DA 7 -45.99 -21.92 -42.44
C LYS DA 7 -45.99 -22.68 -41.11
N ARG DA 8 -47.18 -22.96 -40.59
CA ARG DA 8 -47.32 -23.50 -39.26
C ARG DA 8 -46.86 -24.95 -39.18
N THR DA 9 -46.28 -25.31 -38.03
CA THR DA 9 -45.83 -26.64 -37.71
C THR DA 9 -46.51 -27.09 -36.40
N TRP DA 10 -46.03 -28.20 -35.84
CA TRP DA 10 -46.56 -28.67 -34.56
C TRP DA 10 -46.19 -27.73 -33.43
N PHE DA 11 -45.08 -27.01 -33.58
CA PHE DA 11 -44.59 -26.13 -32.52
C PHE DA 11 -45.54 -24.97 -32.28
N ASP DA 12 -46.13 -24.42 -33.35
CA ASP DA 12 -47.06 -23.30 -33.20
C ASP DA 12 -48.31 -23.74 -32.45
N ASP DA 13 -48.84 -24.93 -32.77
CA ASP DA 13 -50.01 -25.43 -32.07
C ASP DA 13 -49.70 -25.75 -30.60
N ALA DA 14 -48.53 -26.35 -30.35
CA ALA DA 14 -48.15 -26.65 -28.97
C ALA DA 14 -47.95 -25.37 -28.16
N ASP DA 15 -47.33 -24.36 -28.77
CA ASP DA 15 -47.14 -23.07 -28.10
C ASP DA 15 -48.46 -22.39 -27.83
N ASP DA 16 -49.40 -22.47 -28.78
CA ASP DA 16 -50.72 -21.88 -28.59
C ASP DA 16 -51.48 -22.57 -27.47
N TRP DA 17 -51.37 -23.90 -27.37
CA TRP DA 17 -52.06 -24.61 -26.30
C TRP DA 17 -51.42 -24.31 -24.95
N LEU DA 18 -50.09 -24.29 -24.88
CA LEU DA 18 -49.41 -24.11 -23.61
C LEU DA 18 -49.53 -22.68 -23.09
N ARG DA 19 -49.50 -21.70 -23.98
CA ARG DA 19 -49.59 -20.30 -23.58
C ARG DA 19 -51.03 -19.82 -23.67
N GLN DA 20 -51.85 -20.32 -22.74
CA GLN DA 20 -53.25 -19.94 -22.64
C GLN DA 20 -53.57 -19.64 -21.18
N ASP DA 21 -54.52 -18.71 -20.98
CA ASP DA 21 -54.99 -18.41 -19.64
C ASP DA 21 -55.91 -19.51 -19.14
N ARG DA 22 -55.57 -20.08 -17.99
CA ARG DA 22 -56.34 -21.18 -17.41
C ARG DA 22 -56.50 -20.97 -15.91
N PHE DA 23 -57.00 -21.98 -15.20
CA PHE DA 23 -56.97 -21.93 -13.75
C PHE DA 23 -55.53 -21.92 -13.24
N VAL DA 24 -54.68 -22.74 -13.85
CA VAL DA 24 -53.25 -22.75 -13.58
C VAL DA 24 -52.51 -22.64 -14.90
N PHE DA 25 -51.48 -21.78 -14.94
CA PHE DA 25 -50.68 -21.63 -16.13
C PHE DA 25 -49.74 -22.81 -16.28
N VAL DA 26 -49.61 -23.33 -17.49
CA VAL DA 26 -48.74 -24.48 -17.71
C VAL DA 26 -47.46 -24.03 -18.40
N GLY DA 27 -47.57 -23.56 -19.65
CA GLY DA 27 -46.40 -23.16 -20.41
C GLY DA 27 -45.44 -24.29 -20.72
N TRP DA 28 -44.35 -23.98 -21.41
CA TRP DA 28 -43.32 -24.99 -21.67
C TRP DA 28 -42.64 -25.41 -20.38
N SER DA 29 -42.40 -24.43 -19.49
CA SER DA 29 -41.79 -24.71 -18.19
C SER DA 29 -42.62 -25.66 -17.33
N GLY DA 30 -43.94 -25.74 -17.58
CA GLY DA 30 -44.76 -26.69 -16.87
C GLY DA 30 -44.50 -28.14 -17.23
N LEU DA 31 -43.79 -28.38 -18.34
CA LEU DA 31 -43.40 -29.75 -18.66
C LEU DA 31 -42.36 -30.29 -17.70
N LEU DA 32 -41.66 -29.40 -16.99
CA LEU DA 32 -40.65 -29.75 -16.00
C LEU DA 32 -41.08 -29.41 -14.58
N LEU DA 33 -41.56 -28.18 -14.38
CA LEU DA 33 -41.89 -27.70 -13.05
C LEU DA 33 -43.03 -28.49 -12.42
N LEU DA 34 -44.13 -28.69 -13.15
CA LEU DA 34 -45.27 -29.39 -12.57
C LEU DA 34 -44.94 -30.82 -12.16
N PRO DA 35 -44.36 -31.69 -13.00
CA PRO DA 35 -44.03 -33.04 -12.50
C PRO DA 35 -42.93 -33.04 -11.45
N CYS DA 36 -41.88 -32.24 -11.63
CA CYS DA 36 -40.79 -32.26 -10.67
C CYS DA 36 -41.22 -31.74 -9.29
N ALA DA 37 -41.96 -30.64 -9.26
CA ALA DA 37 -42.43 -30.08 -8.00
C ALA DA 37 -43.47 -30.98 -7.34
N TYR DA 38 -44.40 -31.53 -8.13
CA TYR DA 38 -45.38 -32.45 -7.57
C TYR DA 38 -44.71 -33.68 -6.96
N PHE DA 39 -43.69 -34.20 -7.64
CA PHE DA 39 -42.99 -35.37 -7.12
C PHE DA 39 -42.15 -35.03 -5.90
N ALA DA 40 -41.57 -33.83 -5.85
CA ALA DA 40 -40.80 -33.43 -4.69
C ALA DA 40 -41.68 -33.29 -3.45
N VAL DA 41 -42.80 -32.57 -3.57
CA VAL DA 41 -43.68 -32.40 -2.42
C VAL DA 41 -44.34 -33.72 -2.03
N GLY DA 42 -44.73 -34.54 -3.02
CA GLY DA 42 -45.32 -35.82 -2.70
C GLY DA 42 -44.33 -36.78 -2.06
N GLY DA 43 -43.08 -36.77 -2.52
CA GLY DA 43 -42.06 -37.60 -1.90
C GLY DA 43 -41.72 -37.16 -0.49
N TRP DA 44 -41.70 -35.85 -0.25
CA TRP DA 44 -41.48 -35.38 1.11
C TRP DA 44 -42.62 -35.75 2.03
N LEU DA 45 -43.87 -35.60 1.56
CA LEU DA 45 -45.01 -35.97 2.38
C LEU DA 45 -45.11 -37.47 2.58
N THR DA 46 -44.62 -38.25 1.63
CA THR DA 46 -44.61 -39.71 1.77
C THR DA 46 -43.52 -40.17 2.73
N GLY DA 47 -42.32 -39.58 2.62
CA GLY DA 47 -41.25 -39.95 3.53
C GLY DA 47 -41.51 -39.52 4.96
N CYS DA 48 -42.16 -38.37 5.15
CA CYS DA 48 -42.52 -37.94 6.49
C CYS DA 48 -43.62 -38.79 7.10
N THR DA 49 -44.33 -39.58 6.28
CA THR DA 49 -45.48 -40.35 6.73
C THR DA 49 -45.18 -41.83 6.88
N PHE DA 50 -44.49 -42.43 5.92
CA PHE DA 50 -44.31 -43.88 5.90
C PHE DA 50 -42.86 -44.34 5.87
N VAL DA 51 -42.00 -43.63 5.15
CA VAL DA 51 -40.62 -44.08 4.95
C VAL DA 51 -39.81 -43.82 6.21
N THR DA 52 -39.21 -44.88 6.74
CA THR DA 52 -38.43 -44.80 7.97
C THR DA 52 -37.01 -44.34 7.70
N SER DA 53 -36.30 -44.04 8.79
CA SER DA 53 -34.88 -43.71 8.75
C SER DA 53 -34.06 -44.64 9.63
N TRP DA 54 -34.64 -45.75 10.07
CA TRP DA 54 -33.95 -46.68 10.96
C TRP DA 54 -32.72 -47.27 10.29
N TYR DA 55 -32.82 -47.54 9.00
CA TYR DA 55 -31.69 -47.97 8.20
C TYR DA 55 -31.21 -46.76 7.42
N THR DA 56 -30.02 -46.24 7.80
CA THR DA 56 -29.17 -45.14 7.31
C THR DA 56 -28.71 -44.28 8.49
N HIS DA 57 -29.67 -43.84 9.32
CA HIS DA 57 -29.33 -42.99 10.47
C HIS DA 57 -29.52 -43.68 11.81
N GLY DA 58 -30.24 -44.79 11.87
CA GLY DA 58 -30.54 -45.42 13.14
C GLY DA 58 -31.48 -44.62 14.01
N LEU DA 59 -32.51 -44.02 13.41
CA LEU DA 59 -33.47 -43.21 14.16
C LEU DA 59 -34.83 -43.28 13.49
N ALA DA 60 -35.86 -42.88 14.22
CA ALA DA 60 -37.22 -42.86 13.72
C ALA DA 60 -37.56 -41.44 13.28
N SER DA 61 -37.97 -41.29 12.01
CA SER DA 61 -38.30 -39.98 11.47
C SER DA 61 -39.52 -40.05 10.56
N SER DA 62 -40.56 -40.76 11.00
CA SER DA 62 -41.77 -40.89 10.20
C SER DA 62 -42.99 -41.01 11.09
N TYR DA 63 -44.17 -40.74 10.51
CA TYR DA 63 -45.41 -40.75 11.27
C TYR DA 63 -45.81 -42.16 11.70
N ILE DA 64 -45.42 -43.18 10.93
CA ILE DA 64 -45.72 -44.57 11.27
C ILE DA 64 -44.93 -45.06 12.48
N GLU DA 65 -43.94 -44.30 12.94
CA GLU DA 65 -43.15 -44.69 14.09
C GLU DA 65 -43.42 -43.89 15.34
N GLY DA 66 -44.09 -42.75 15.24
CA GLY DA 66 -44.41 -41.97 16.42
C GLY DA 66 -43.81 -40.58 16.44
N CYS DA 67 -43.55 -40.04 15.26
CA CYS DA 67 -42.95 -38.72 15.13
C CYS DA 67 -44.01 -37.69 14.73
N ASN DA 68 -43.77 -36.45 15.13
CA ASN DA 68 -44.67 -35.35 14.86
C ASN DA 68 -44.35 -34.71 13.52
N PHE DA 69 -45.08 -33.64 13.18
CA PHE DA 69 -44.76 -32.87 11.99
C PHE DA 69 -43.41 -32.18 12.14
N LEU DA 70 -43.11 -31.68 13.33
CA LEU DA 70 -41.84 -31.05 13.62
C LEU DA 70 -40.72 -32.06 13.81
N THR DA 71 -41.03 -33.35 13.78
CA THR DA 71 -40.09 -34.40 14.12
C THR DA 71 -39.81 -35.36 12.95
N ALA DA 72 -40.84 -35.78 12.23
CA ALA DA 72 -40.65 -36.67 11.09
C ALA DA 72 -39.96 -35.94 9.95
N ALA DA 73 -39.15 -36.69 9.19
CA ALA DA 73 -38.39 -36.07 8.12
C ALA DA 73 -37.97 -37.13 7.10
N VAL DA 74 -37.64 -36.66 5.90
CA VAL DA 74 -37.05 -37.50 4.86
C VAL DA 74 -35.54 -37.43 5.07
N SER DA 75 -34.97 -38.51 5.58
CA SER DA 75 -33.58 -38.52 6.01
C SER DA 75 -32.63 -38.84 4.87
N THR DA 76 -31.41 -38.33 4.99
CA THR DA 76 -30.38 -38.54 4.00
C THR DA 76 -29.88 -39.98 4.02
N PRO DA 77 -29.24 -40.44 2.93
CA PRO DA 77 -28.66 -41.80 2.95
C PRO DA 77 -27.46 -41.93 3.87
N ALA DA 78 -26.94 -43.16 3.98
CA ALA DA 78 -25.80 -43.41 4.84
C ALA DA 78 -24.51 -42.87 4.25
N ASN DA 79 -23.57 -42.52 5.13
CA ASN DA 79 -22.31 -41.92 4.69
C ASN DA 79 -21.49 -42.89 3.86
N SER DA 80 -21.61 -44.19 4.11
CA SER DA 80 -20.91 -45.18 3.31
C SER DA 80 -21.42 -45.20 1.87
N LEU DA 81 -22.64 -44.71 1.63
CA LEU DA 81 -23.11 -44.58 0.27
C LEU DA 81 -22.43 -43.44 -0.47
N GLY DA 82 -21.81 -42.52 0.25
CA GLY DA 82 -21.08 -41.44 -0.39
C GLY DA 82 -22.01 -40.46 -1.10
N HIS DA 83 -21.59 -40.00 -2.27
CA HIS DA 83 -22.39 -39.12 -3.12
C HIS DA 83 -23.09 -39.89 -4.22
N SER DA 84 -23.52 -41.11 -3.93
CA SER DA 84 -24.25 -41.90 -4.91
C SER DA 84 -25.59 -41.23 -5.22
N LEU DA 85 -25.92 -41.18 -6.52
CA LEU DA 85 -27.17 -40.56 -6.93
C LEU DA 85 -28.38 -41.35 -6.48
N LEU DA 86 -28.21 -42.63 -6.17
CA LEU DA 86 -29.22 -43.49 -5.55
C LEU DA 86 -30.48 -43.60 -6.41
N PHE DA 87 -30.29 -43.96 -7.67
CA PHE DA 87 -31.41 -44.25 -8.53
C PHE DA 87 -32.05 -45.57 -8.11
N VAL DA 88 -33.32 -45.73 -8.48
CA VAL DA 88 -34.00 -47.01 -8.24
C VAL DA 88 -33.32 -48.11 -9.04
N TRP DA 89 -33.00 -47.82 -10.30
CA TRP DA 89 -32.29 -48.76 -11.16
C TRP DA 89 -30.80 -48.83 -10.87
N GLY DA 90 -30.28 -47.98 -9.99
CA GLY DA 90 -28.87 -47.91 -9.73
C GLY DA 90 -28.30 -49.15 -9.06
N PRO DA 91 -26.98 -49.23 -8.97
CA PRO DA 91 -26.35 -50.42 -8.37
C PRO DA 91 -26.66 -50.63 -6.90
N GLU DA 92 -27.12 -49.59 -6.20
CA GLU DA 92 -27.45 -49.73 -4.78
C GLU DA 92 -28.82 -50.38 -4.60
N ALA DA 93 -29.87 -49.76 -5.14
CA ALA DA 93 -31.22 -50.29 -4.98
C ALA DA 93 -31.47 -51.50 -5.87
N GLN DA 94 -30.92 -51.47 -7.09
CA GLN DA 94 -31.07 -52.56 -8.08
C GLN DA 94 -32.54 -52.82 -8.41
N GLY DA 95 -33.32 -51.76 -8.61
CA GLY DA 95 -34.69 -51.90 -9.03
C GLY DA 95 -35.66 -52.34 -7.96
N ASP DA 96 -35.29 -52.25 -6.69
CA ASP DA 96 -36.13 -52.72 -5.59
C ASP DA 96 -36.59 -51.48 -4.84
N LEU DA 97 -37.89 -51.19 -4.92
CA LEU DA 97 -38.42 -49.94 -4.38
C LEU DA 97 -38.48 -49.95 -2.86
N THR DA 98 -38.92 -51.05 -2.25
CA THR DA 98 -39.09 -51.07 -0.80
C THR DA 98 -37.76 -51.07 -0.05
N ARG DA 99 -36.68 -51.49 -0.70
CA ARG DA 99 -35.35 -51.31 -0.13
C ARG DA 99 -34.74 -49.98 -0.54
N TRP DA 100 -35.15 -49.43 -1.68
CA TRP DA 100 -34.73 -48.09 -2.08
C TRP DA 100 -35.22 -47.05 -1.10
N PHE DA 101 -36.43 -47.24 -0.57
CA PHE DA 101 -36.91 -46.40 0.52
C PHE DA 101 -36.07 -46.57 1.77
N GLN DA 102 -35.68 -47.82 2.07
CA GLN DA 102 -34.89 -48.10 3.26
C GLN DA 102 -33.44 -47.63 3.12
N LEU DA 103 -32.96 -47.44 1.90
CA LEU DA 103 -31.58 -47.04 1.67
C LEU DA 103 -31.40 -45.53 1.62
N GLY DA 104 -32.46 -44.76 1.85
CA GLY DA 104 -32.36 -43.32 1.79
C GLY DA 104 -32.43 -42.74 0.39
N GLY DA 105 -32.89 -43.52 -0.58
CA GLY DA 105 -33.00 -43.01 -1.94
C GLY DA 105 -34.08 -41.96 -2.12
N LEU DA 106 -35.05 -41.91 -1.21
CA LEU DA 106 -36.09 -40.89 -1.30
C LEU DA 106 -35.52 -39.50 -1.09
N TRP DA 107 -34.46 -39.36 -0.29
CA TRP DA 107 -33.83 -38.07 -0.12
C TRP DA 107 -33.24 -37.57 -1.44
N ALA DA 108 -32.54 -38.44 -2.16
CA ALA DA 108 -31.97 -38.06 -3.45
C ALA DA 108 -33.08 -37.76 -4.46
N PHE DA 109 -34.15 -38.55 -4.42
CA PHE DA 109 -35.31 -38.31 -5.29
C PHE DA 109 -35.88 -36.92 -5.05
N VAL DA 110 -36.16 -36.60 -3.78
CA VAL DA 110 -36.76 -35.31 -3.43
C VAL DA 110 -35.80 -34.17 -3.73
N ALA DA 111 -34.51 -34.35 -3.48
CA ALA DA 111 -33.54 -33.27 -3.71
C ALA DA 111 -33.38 -32.97 -5.18
N LEU DA 112 -33.21 -34.00 -6.02
CA LEU DA 112 -33.05 -33.77 -7.46
C LEU DA 112 -34.33 -33.22 -8.08
N HIS DA 113 -35.49 -33.75 -7.68
CA HIS DA 113 -36.74 -33.24 -8.22
C HIS DA 113 -37.03 -31.82 -7.73
N GLY DA 114 -36.63 -31.49 -6.50
CA GLY DA 114 -36.79 -30.13 -6.02
C GLY DA 114 -35.88 -29.16 -6.73
N ALA DA 115 -34.65 -29.57 -7.03
CA ALA DA 115 -33.75 -28.71 -7.80
C ALA DA 115 -34.30 -28.46 -9.19
N PHE DA 116 -34.78 -29.50 -9.87
CA PHE DA 116 -35.34 -29.31 -11.19
C PHE DA 116 -36.68 -28.58 -11.13
N GLY DA 117 -37.42 -28.70 -10.03
CA GLY DA 117 -38.62 -27.91 -9.84
C GLY DA 117 -38.32 -26.44 -9.66
N LEU DA 118 -37.24 -26.12 -8.95
CA LEU DA 118 -36.82 -24.72 -8.81
C LEU DA 118 -36.39 -24.15 -10.17
N ILE DA 119 -35.67 -24.97 -10.95
CA ILE DA 119 -35.30 -24.57 -12.31
C ILE DA 119 -36.54 -24.28 -13.15
N GLY DA 120 -37.50 -25.22 -13.11
CA GLY DA 120 -38.73 -25.05 -13.86
C GLY DA 120 -39.58 -23.88 -13.38
N PHE DA 121 -39.55 -23.60 -12.07
CA PHE DA 121 -40.33 -22.50 -11.54
C PHE DA 121 -39.75 -21.15 -11.96
N MET DA 122 -38.42 -21.01 -11.95
CA MET DA 122 -37.91 -19.72 -12.36
C MET DA 122 -37.97 -19.57 -13.88
N LEU DA 123 -37.94 -20.69 -14.60
CA LEU DA 123 -38.31 -20.66 -16.03
C LEU DA 123 -39.76 -20.23 -16.22
N ARG DA 124 -40.66 -20.67 -15.35
CA ARG DA 124 -42.06 -20.26 -15.43
C ARG DA 124 -42.21 -18.78 -15.16
N GLN DA 125 -41.43 -18.26 -14.20
CA GLN DA 125 -41.42 -16.83 -13.94
C GLN DA 125 -40.96 -16.06 -15.18
N PHE DA 126 -39.93 -16.56 -15.85
CA PHE DA 126 -39.47 -15.95 -17.10
C PHE DA 126 -40.56 -15.97 -18.16
N GLU DA 127 -41.23 -17.10 -18.30
CA GLU DA 127 -42.25 -17.26 -19.34
C GLU DA 127 -43.46 -16.38 -19.09
N ILE DA 128 -43.91 -16.27 -17.84
CA ILE DA 128 -45.07 -15.44 -17.53
C ILE DA 128 -44.70 -13.97 -17.67
N ALA DA 129 -43.49 -13.58 -17.25
CA ALA DA 129 -43.07 -12.19 -17.43
C ALA DA 129 -42.93 -11.84 -18.91
N ARG DA 130 -42.54 -12.80 -19.75
CA ARG DA 130 -42.50 -12.54 -21.18
C ARG DA 130 -43.89 -12.48 -21.78
N SER DA 131 -44.82 -13.29 -21.27
CA SER DA 131 -46.20 -13.26 -21.78
C SER DA 131 -46.89 -11.94 -21.44
N VAL DA 132 -46.69 -11.43 -20.21
CA VAL DA 132 -47.31 -10.17 -19.82
C VAL DA 132 -46.45 -8.96 -20.12
N ASN DA 133 -45.27 -9.16 -20.74
CA ASN DA 133 -44.35 -8.10 -21.14
C ASN DA 133 -43.91 -7.24 -19.95
N LEU DA 134 -43.32 -7.92 -18.97
CA LEU DA 134 -42.78 -7.26 -17.79
C LEU DA 134 -41.36 -7.75 -17.56
N ARG DA 135 -40.56 -6.93 -16.89
CA ARG DA 135 -39.18 -7.30 -16.62
C ARG DA 135 -39.13 -8.45 -15.62
N PRO DA 136 -38.19 -9.40 -15.78
CA PRO DA 136 -38.14 -10.59 -14.93
C PRO DA 136 -37.39 -10.38 -13.62
N TYR DA 137 -37.71 -9.29 -12.91
CA TYR DA 137 -37.11 -9.04 -11.61
C TYR DA 137 -37.55 -10.05 -10.58
N ASN DA 138 -38.73 -10.67 -10.77
CA ASN DA 138 -39.12 -11.78 -9.91
C ASN DA 138 -38.18 -12.97 -10.07
N ALA DA 139 -37.79 -13.27 -11.30
CA ALA DA 139 -36.82 -14.33 -11.53
C ALA DA 139 -35.46 -13.95 -10.97
N ILE DA 140 -35.04 -12.69 -11.14
CA ILE DA 140 -33.77 -12.25 -10.60
C ILE DA 140 -33.76 -12.36 -9.07
N ALA DA 141 -34.89 -12.06 -8.43
CA ALA DA 141 -35.01 -12.22 -6.99
C ALA DA 141 -35.03 -13.68 -6.58
N PHE DA 142 -35.71 -14.53 -7.36
CA PHE DA 142 -35.77 -15.96 -7.08
C PHE DA 142 -34.46 -16.68 -7.35
N SER DA 143 -33.50 -16.02 -8.01
CA SER DA 143 -32.18 -16.62 -8.20
C SER DA 143 -31.47 -16.88 -6.86
N ALA DA 144 -31.81 -16.11 -5.83
CA ALA DA 144 -31.16 -16.27 -4.51
C ALA DA 144 -31.69 -17.47 -3.73
N PRO DA 145 -33.00 -17.76 -3.68
CA PRO DA 145 -33.42 -19.05 -3.10
C PRO DA 145 -32.84 -20.26 -3.82
N ILE DA 146 -32.72 -20.19 -5.15
CA ILE DA 146 -32.11 -21.29 -5.90
C ILE DA 146 -30.65 -21.44 -5.51
N ALA DA 147 -29.94 -20.32 -5.36
CA ALA DA 147 -28.54 -20.37 -4.95
C ALA DA 147 -28.39 -20.96 -3.55
N VAL DA 148 -29.28 -20.59 -2.63
CA VAL DA 148 -29.23 -21.13 -1.27
C VAL DA 148 -29.50 -22.62 -1.29
N PHE DA 149 -30.51 -23.05 -2.06
CA PHE DA 149 -30.82 -24.47 -2.15
C PHE DA 149 -29.66 -25.27 -2.76
N VAL DA 150 -29.06 -24.73 -3.82
CA VAL DA 150 -27.95 -25.43 -4.47
C VAL DA 150 -26.75 -25.55 -3.55
N SER DA 151 -26.36 -24.44 -2.93
CA SER DA 151 -25.19 -24.45 -2.06
C SER DA 151 -25.40 -25.30 -0.80
N VAL DA 152 -26.63 -25.34 -0.29
CA VAL DA 152 -26.89 -26.05 0.96
C VAL DA 152 -27.12 -27.54 0.72
N PHE DA 153 -28.03 -27.89 -0.20
CA PHE DA 153 -28.41 -29.27 -0.40
C PHE DA 153 -27.58 -29.99 -1.44
N LEU DA 154 -26.78 -29.28 -2.25
CA LEU DA 154 -25.92 -29.93 -3.23
C LEU DA 154 -24.44 -29.67 -2.96
N ILE DA 155 -24.02 -28.40 -2.95
CA ILE DA 155 -22.59 -28.10 -2.92
C ILE DA 155 -21.95 -28.51 -1.60
N TYR DA 156 -22.62 -28.24 -0.47
CA TYR DA 156 -22.06 -28.63 0.81
C TYR DA 156 -21.92 -30.15 0.97
N PRO DA 157 -22.93 -30.99 0.70
CA PRO DA 157 -22.67 -32.43 0.78
C PRO DA 157 -21.71 -32.94 -0.26
N LEU DA 158 -21.65 -32.34 -1.46
CA LEU DA 158 -20.64 -32.77 -2.43
C LEU DA 158 -19.23 -32.42 -1.95
N GLY DA 159 -19.09 -31.35 -1.17
CA GLY DA 159 -17.80 -31.05 -0.59
C GLY DA 159 -17.47 -31.92 0.60
N GLN DA 160 -18.49 -32.38 1.32
CA GLN DA 160 -18.28 -33.21 2.50
C GLN DA 160 -18.15 -34.68 2.09
N SER DA 161 -18.23 -35.57 3.09
CA SER DA 161 -18.03 -37.00 2.84
C SER DA 161 -19.16 -37.61 2.03
N GLY DA 162 -20.39 -37.10 2.16
CA GLY DA 162 -21.48 -37.65 1.39
C GLY DA 162 -22.80 -36.98 1.73
N TRP DA 163 -23.85 -37.45 1.05
CA TRP DA 163 -25.19 -36.91 1.23
C TRP DA 163 -25.68 -37.00 2.67
N PHE DA 164 -25.09 -37.90 3.46
CA PHE DA 164 -25.41 -38.03 4.88
C PHE DA 164 -25.26 -36.70 5.61
N PHE DA 165 -24.30 -35.87 5.23
CA PHE DA 165 -24.11 -34.60 5.91
C PHE DA 165 -24.93 -33.48 5.30
N ALA DA 166 -25.79 -33.79 4.33
CA ALA DA 166 -26.72 -32.84 3.78
C ALA DA 166 -27.90 -32.66 4.73
N PRO DA 167 -28.65 -31.57 4.60
CA PRO DA 167 -29.86 -31.41 5.42
C PRO DA 167 -30.92 -32.42 5.01
N SER DA 168 -31.40 -33.18 5.99
CA SER DA 168 -32.56 -34.02 5.77
C SER DA 168 -33.81 -33.15 5.70
N PHE DA 169 -34.72 -33.51 4.81
CA PHE DA 169 -35.90 -32.68 4.55
C PHE DA 169 -36.87 -32.81 5.71
N GLY DA 170 -36.87 -31.83 6.60
CA GLY DA 170 -37.75 -31.86 7.75
C GLY DA 170 -37.64 -30.60 8.60
N VAL DA 171 -37.97 -30.71 9.88
CA VAL DA 171 -37.92 -29.59 10.82
C VAL DA 171 -36.83 -29.82 11.87
N ALA DA 172 -36.96 -30.89 12.66
CA ALA DA 172 -35.91 -31.25 13.61
C ALA DA 172 -34.62 -31.65 12.88
N SER DA 173 -34.75 -32.17 11.66
CA SER DA 173 -33.58 -32.46 10.85
C SER DA 173 -32.81 -31.20 10.50
N ILE DA 174 -33.53 -30.14 10.10
CA ILE DA 174 -32.91 -28.86 9.81
C ILE DA 174 -32.31 -28.27 11.08
N PHE DA 175 -32.97 -28.47 12.22
CA PHE DA 175 -32.40 -27.99 13.48
C PHE DA 175 -31.11 -28.71 13.82
N ARG DA 176 -31.05 -30.03 13.55
CA ARG DA 176 -29.80 -30.78 13.71
C ARG DA 176 -28.72 -30.21 12.80
N PHE DA 177 -29.08 -29.92 11.55
CA PHE DA 177 -28.11 -29.38 10.59
C PHE DA 177 -27.58 -28.04 11.06
N ILE DA 178 -28.46 -27.21 11.61
CA ILE DA 178 -28.10 -25.89 12.10
C ILE DA 178 -27.16 -26.00 13.31
N LEU DA 179 -27.49 -26.86 14.26
CA LEU DA 179 -26.61 -27.04 15.43
C LEU DA 179 -25.29 -27.69 15.03
N PHE DA 180 -25.30 -28.55 14.01
CA PHE DA 180 -24.07 -29.13 13.49
C PHE DA 180 -23.17 -28.05 12.91
N PHE DA 181 -23.75 -27.10 12.17
CA PHE DA 181 -22.96 -25.98 11.64
C PHE DA 181 -22.46 -25.07 12.75
N GLN DA 182 -23.21 -24.94 13.84
CA GLN DA 182 -22.72 -24.16 14.96
C GLN DA 182 -21.53 -24.84 15.63
N GLY DA 183 -21.66 -26.14 15.93
CA GLY DA 183 -20.63 -26.82 16.69
C GLY DA 183 -19.38 -27.14 15.89
N PHE DA 184 -19.55 -27.50 14.61
CA PHE DA 184 -18.43 -27.97 13.81
C PHE DA 184 -17.83 -26.90 12.90
N HIS DA 185 -18.59 -25.90 12.51
CA HIS DA 185 -18.12 -24.91 11.56
C HIS DA 185 -17.99 -23.50 12.12
N ASN DA 186 -18.60 -23.22 13.27
CA ASN DA 186 -18.69 -21.86 13.84
C ASN DA 186 -19.32 -20.91 12.83
N TRP DA 187 -20.50 -21.30 12.34
CA TRP DA 187 -21.16 -20.61 11.23
C TRP DA 187 -21.62 -19.21 11.59
N THR DA 188 -21.89 -18.93 12.88
CA THR DA 188 -22.23 -17.57 13.28
C THR DA 188 -21.06 -16.62 13.11
N LEU DA 189 -19.84 -17.11 13.29
CA LEU DA 189 -18.64 -16.28 13.17
C LEU DA 189 -18.27 -15.98 11.72
N ASN DA 190 -18.92 -16.62 10.76
CA ASN DA 190 -18.58 -16.41 9.36
C ASN DA 190 -19.14 -15.08 8.86
N PRO DA 191 -18.31 -14.20 8.30
CA PRO DA 191 -18.79 -12.90 7.82
C PRO DA 191 -19.83 -12.99 6.72
N PHE DA 192 -19.76 -14.02 5.87
CA PHE DA 192 -20.78 -14.22 4.86
C PHE DA 192 -22.14 -14.54 5.49
N HIS DA 193 -22.14 -15.37 6.53
CA HIS DA 193 -23.38 -15.64 7.25
C HIS DA 193 -23.89 -14.39 7.96
N MET DA 194 -22.97 -13.57 8.48
CA MET DA 194 -23.36 -12.30 9.09
C MET DA 194 -24.03 -11.38 8.07
N MET DA 195 -23.48 -11.35 6.85
CA MET DA 195 -24.10 -10.58 5.77
C MET DA 195 -25.48 -11.12 5.42
N GLY DA 196 -25.63 -12.45 5.42
CA GLY DA 196 -26.94 -13.03 5.14
C GLY DA 196 -27.96 -12.71 6.21
N VAL DA 197 -27.54 -12.76 7.48
CA VAL DA 197 -28.41 -12.41 8.59
C VAL DA 197 -28.83 -10.95 8.49
N ALA DA 198 -27.88 -10.07 8.17
CA ALA DA 198 -28.18 -8.66 7.98
C ALA DA 198 -29.16 -8.46 6.84
N GLY DA 199 -28.99 -9.20 5.75
CA GLY DA 199 -29.91 -9.08 4.62
C GLY DA 199 -31.32 -9.49 4.96
N VAL DA 200 -31.49 -10.63 5.64
CA VAL DA 200 -32.83 -11.09 6.00
C VAL DA 200 -33.49 -10.15 7.02
N LEU DA 201 -32.74 -9.74 8.05
CA LEU DA 201 -33.31 -8.85 9.05
C LEU DA 201 -33.67 -7.49 8.46
N GLY DA 202 -32.80 -6.96 7.60
CA GLY DA 202 -33.10 -5.71 6.93
C GLY DA 202 -34.26 -5.83 5.96
N ALA DA 203 -34.42 -6.98 5.31
CA ALA DA 203 -35.55 -7.18 4.41
C ALA DA 203 -36.86 -7.24 5.17
N ALA DA 204 -36.88 -7.93 6.31
CA ALA DA 204 -38.08 -7.96 7.14
C ALA DA 204 -38.40 -6.56 7.68
N LEU DA 205 -37.36 -5.83 8.08
CA LEU DA 205 -37.53 -4.45 8.52
C LEU DA 205 -38.11 -3.58 7.41
N LEU DA 206 -37.59 -3.74 6.19
CA LEU DA 206 -38.07 -2.96 5.04
C LEU DA 206 -39.53 -3.29 4.74
N CYS DA 207 -39.90 -4.57 4.80
CA CYS DA 207 -41.27 -4.97 4.57
C CYS DA 207 -42.21 -4.34 5.58
N ALA DA 208 -41.86 -4.43 6.87
CA ALA DA 208 -42.71 -3.87 7.92
C ALA DA 208 -42.81 -2.35 7.81
N ILE DA 209 -41.67 -1.67 7.59
CA ILE DA 209 -41.66 -0.22 7.52
C ILE DA 209 -42.43 0.26 6.29
N HIS DA 210 -42.23 -0.37 5.14
CA HIS DA 210 -42.93 0.05 3.93
C HIS DA 210 -44.43 -0.17 4.05
N GLY DA 211 -44.84 -1.32 4.60
CA GLY DA 211 -46.26 -1.57 4.77
C GLY DA 211 -46.91 -0.59 5.74
N ALA DA 212 -46.25 -0.34 6.88
CA ALA DA 212 -46.79 0.59 7.86
C ALA DA 212 -46.84 2.01 7.32
N THR DA 213 -45.81 2.43 6.59
CA THR DA 213 -45.77 3.78 6.05
C THR DA 213 -46.85 3.99 5.00
N VAL DA 214 -47.02 3.03 4.09
CA VAL DA 214 -48.06 3.15 3.07
C VAL DA 214 -49.44 3.13 3.73
N GLU DA 215 -49.65 2.24 4.70
CA GLU DA 215 -50.94 2.16 5.38
C GLU DA 215 -51.21 3.36 6.27
N ASN DA 216 -50.19 4.13 6.63
CA ASN DA 216 -50.37 5.31 7.45
C ASN DA 216 -50.30 6.61 6.66
N THR DA 217 -50.08 6.55 5.35
CA THR DA 217 -50.17 7.73 4.49
C THR DA 217 -51.24 7.60 3.42
N LEU DA 218 -52.28 6.81 3.69
CA LEU DA 218 -53.21 6.30 2.67
C LEU DA 218 -54.11 7.33 2.00
N PHE DA 219 -54.03 8.63 2.34
CA PHE DA 219 -54.94 9.66 1.84
C PHE DA 219 -56.39 9.38 2.25
N GLU DA 220 -57.33 10.25 1.90
CA GLU DA 220 -58.72 10.01 2.29
C GLU DA 220 -59.40 9.04 1.34
N ASP DA 221 -59.57 9.46 0.07
CA ASP DA 221 -60.13 8.64 -1.02
C ASP DA 221 -61.50 8.05 -0.69
N GLY DA 222 -62.24 8.63 0.22
CA GLY DA 222 -63.54 8.09 0.58
C GLY DA 222 -64.06 8.70 1.86
N ASP DA 223 -65.22 8.20 2.28
CA ASP DA 223 -65.89 8.69 3.48
C ASP DA 223 -66.05 7.65 4.58
N GLY DA 224 -65.94 6.36 4.27
CA GLY DA 224 -66.09 5.35 5.28
C GLY DA 224 -64.89 5.21 6.19
N ALA DA 225 -65.10 4.53 7.32
CA ALA DA 225 -64.03 4.32 8.27
C ALA DA 225 -63.05 3.24 7.84
N ASN DA 226 -63.43 2.40 6.88
CA ASN DA 226 -62.54 1.37 6.34
C ASN DA 226 -61.84 1.95 5.11
N THR DA 227 -60.53 2.13 5.20
CA THR DA 227 -59.76 2.70 4.11
C THR DA 227 -59.53 1.73 2.97
N PHE DA 228 -59.71 0.42 3.22
CA PHE DA 228 -59.42 -0.59 2.21
C PHE DA 228 -60.35 -0.45 1.00
N ARG DA 229 -61.61 -0.12 1.22
CA ARG DA 229 -62.53 0.13 0.12
C ARG DA 229 -62.36 1.51 -0.50
N ALA DA 230 -61.52 2.38 0.08
CA ALA DA 230 -61.24 3.67 -0.52
C ALA DA 230 -60.31 3.57 -1.72
N PHE DA 231 -59.74 2.39 -1.96
CA PHE DA 231 -58.82 2.19 -3.07
C PHE DA 231 -59.55 1.86 -4.36
N ASN DA 232 -59.10 2.49 -5.45
CA ASN DA 232 -59.66 2.26 -6.77
C ASN DA 232 -58.52 1.97 -7.74
N PRO DA 233 -58.47 0.80 -8.37
CA PRO DA 233 -57.40 0.54 -9.35
C PRO DA 233 -57.55 1.32 -10.64
N THR DA 234 -58.74 1.85 -10.93
CA THR DA 234 -58.94 2.57 -12.18
C THR DA 234 -58.26 3.94 -12.17
N GLN DA 235 -58.27 4.63 -11.03
CA GLN DA 235 -57.70 5.97 -10.95
C GLN DA 235 -56.18 5.94 -11.16
N ALA DA 236 -55.67 7.06 -11.70
CA ALA DA 236 -54.27 7.17 -12.06
C ALA DA 236 -53.44 7.92 -11.01
N GLU DA 237 -54.01 8.16 -9.83
CA GLU DA 237 -53.29 8.85 -8.76
C GLU DA 237 -52.73 7.84 -7.77
N GLU DA 238 -51.65 8.25 -7.10
CA GLU DA 238 -51.03 7.39 -6.10
C GLU DA 238 -51.91 7.28 -4.87
N THR DA 239 -51.93 6.09 -4.27
CA THR DA 239 -52.80 5.83 -3.14
C THR DA 239 -52.22 6.29 -1.80
N TYR DA 240 -50.97 6.75 -1.76
CA TYR DA 240 -50.38 7.21 -0.52
C TYR DA 240 -49.49 8.41 -0.79
N SER DA 241 -49.24 9.18 0.29
CA SER DA 241 -48.52 10.45 0.21
C SER DA 241 -47.02 10.20 0.39
N MET DA 242 -46.30 10.17 -0.73
CA MET DA 242 -44.85 9.98 -0.69
C MET DA 242 -44.14 11.17 -0.06
N VAL DA 243 -44.66 12.39 -0.27
CA VAL DA 243 -44.06 13.57 0.34
C VAL DA 243 -44.18 13.53 1.85
N THR DA 244 -45.37 13.18 2.35
CA THR DA 244 -45.59 13.07 3.78
C THR DA 244 -44.74 11.95 4.38
N ALA DA 245 -44.65 10.82 3.68
CA ALA DA 245 -43.82 9.71 4.14
C ALA DA 245 -42.35 10.09 4.22
N ASN DA 246 -41.87 10.80 3.19
CA ASN DA 246 -40.48 11.23 3.16
C ASN DA 246 -40.18 12.21 4.29
N ARG DA 247 -41.07 13.16 4.54
CA ARG DA 247 -40.84 14.11 5.62
C ARG DA 247 -40.88 13.42 6.98
N PHE DA 248 -41.82 12.49 7.17
CA PHE DA 248 -41.91 11.75 8.43
C PHE DA 248 -40.63 10.98 8.70
N TRP DA 249 -40.16 10.20 7.73
CA TRP DA 249 -38.96 9.42 7.98
C TRP DA 249 -37.70 10.27 7.98
N SER DA 250 -37.72 11.44 7.34
CA SER DA 250 -36.56 12.33 7.42
C SER DA 250 -36.45 12.95 8.80
N GLN DA 251 -37.57 13.28 9.43
CA GLN DA 251 -37.51 13.84 10.76
C GLN DA 251 -37.47 12.78 11.87
N ILE DA 252 -37.75 11.52 11.55
CA ILE DA 252 -37.68 10.46 12.55
C ILE DA 252 -36.29 9.81 12.50
N PHE DA 253 -35.92 9.30 11.33
CA PHE DA 253 -34.68 8.54 11.17
C PHE DA 253 -33.50 9.38 10.70
N GLY DA 254 -33.76 10.50 10.05
CA GLY DA 254 -32.68 11.31 9.51
C GLY DA 254 -32.58 11.19 8.01
N VAL DA 255 -32.84 9.98 7.50
CA VAL DA 255 -32.82 9.72 6.07
C VAL DA 255 -34.15 9.09 5.68
N ALA DA 256 -34.54 9.27 4.43
CA ALA DA 256 -35.80 8.75 3.93
C ALA DA 256 -35.68 8.52 2.43
N PHE DA 257 -36.60 7.72 1.91
CA PHE DA 257 -36.66 7.47 0.48
C PHE DA 257 -37.38 8.62 -0.22
N SER DA 258 -36.86 8.99 -1.39
CA SER DA 258 -37.50 9.99 -2.24
C SER DA 258 -37.98 9.43 -3.57
N ASN DA 259 -37.55 8.22 -3.91
CA ASN DA 259 -37.91 7.57 -5.17
C ASN DA 259 -38.54 6.21 -4.88
N LYS DA 260 -39.72 5.97 -5.44
CA LYS DA 260 -40.33 4.65 -5.33
C LYS DA 260 -39.52 3.61 -6.09
N ARG DA 261 -38.89 4.02 -7.20
CA ARG DA 261 -37.98 3.17 -7.94
C ARG DA 261 -36.88 2.63 -7.03
N TRP DA 262 -36.19 3.55 -6.34
CA TRP DA 262 -35.09 3.16 -5.46
C TRP DA 262 -35.59 2.41 -4.24
N LEU DA 263 -36.76 2.77 -3.71
CA LEU DA 263 -37.32 2.06 -2.56
C LEU DA 263 -37.57 0.60 -2.89
N HIS DA 264 -38.25 0.34 -4.00
CA HIS DA 264 -38.58 -1.04 -4.32
C HIS DA 264 -37.38 -1.80 -4.86
N PHE DA 265 -36.44 -1.12 -5.52
CA PHE DA 265 -35.22 -1.81 -5.90
C PHE DA 265 -34.39 -2.19 -4.67
N PHE DA 266 -34.39 -1.34 -3.64
CA PHE DA 266 -33.72 -1.69 -2.40
C PHE DA 266 -34.40 -2.86 -1.70
N MET DA 267 -35.73 -2.88 -1.73
CA MET DA 267 -36.49 -4.00 -1.17
C MET DA 267 -36.18 -5.29 -1.90
N LEU DA 268 -35.95 -5.22 -3.21
CA LEU DA 268 -35.50 -6.39 -3.96
C LEU DA 268 -34.06 -6.73 -3.62
N PHE DA 269 -33.21 -5.72 -3.46
CA PHE DA 269 -31.77 -5.92 -3.40
C PHE DA 269 -31.32 -6.55 -2.10
N VAL DA 270 -31.88 -6.10 -0.97
CA VAL DA 270 -31.36 -6.51 0.34
C VAL DA 270 -31.45 -8.02 0.60
N PRO DA 271 -32.62 -8.68 0.47
CA PRO DA 271 -32.64 -10.13 0.75
C PRO DA 271 -31.89 -10.96 -0.28
N VAL DA 272 -31.90 -10.56 -1.54
CA VAL DA 272 -31.18 -11.32 -2.57
C VAL DA 272 -29.68 -11.26 -2.31
N THR DA 273 -29.15 -10.08 -2.01
CA THR DA 273 -27.73 -9.95 -1.70
C THR DA 273 -27.37 -10.72 -0.44
N GLY DA 274 -28.23 -10.66 0.59
CA GLY DA 274 -27.95 -11.42 1.81
C GLY DA 274 -27.92 -12.92 1.56
N LEU DA 275 -28.90 -13.43 0.83
CA LEU DA 275 -28.94 -14.86 0.55
C LEU DA 275 -27.78 -15.30 -0.34
N TRP DA 276 -27.35 -14.45 -1.27
CA TRP DA 276 -26.20 -14.80 -2.11
C TRP DA 276 -24.91 -14.83 -1.29
N MET DA 277 -24.75 -13.88 -0.36
CA MET DA 277 -23.57 -13.92 0.51
C MET DA 277 -23.58 -15.17 1.40
N SER DA 278 -24.75 -15.53 1.92
CA SER DA 278 -24.83 -16.75 2.72
C SER DA 278 -24.56 -18.00 1.89
N ALA DA 279 -24.97 -18.00 0.61
CA ALA DA 279 -24.66 -19.11 -0.27
C ALA DA 279 -23.15 -19.22 -0.50
N LEU DA 280 -22.48 -18.08 -0.67
CA LEU DA 280 -21.02 -18.11 -0.81
C LEU DA 280 -20.35 -18.62 0.46
N GLY DA 281 -20.90 -18.25 1.62
CA GLY DA 281 -20.36 -18.76 2.88
C GLY DA 281 -20.53 -20.27 3.03
N VAL DA 282 -21.69 -20.80 2.64
CA VAL DA 282 -21.91 -22.24 2.71
C VAL DA 282 -21.01 -22.97 1.71
N VAL DA 283 -20.75 -22.35 0.55
CA VAL DA 283 -19.76 -22.90 -0.38
C VAL DA 283 -18.38 -22.94 0.26
N GLY DA 284 -18.01 -21.89 0.98
CA GLY DA 284 -16.76 -21.92 1.73
C GLY DA 284 -16.72 -23.02 2.77
N LEU DA 285 -17.86 -23.27 3.42
CA LEU DA 285 -17.95 -24.34 4.42
C LEU DA 285 -17.98 -25.72 3.79
N ALA DA 286 -18.30 -25.83 2.50
CA ALA DA 286 -18.35 -27.13 1.83
C ALA DA 286 -17.00 -27.82 1.85
N LEU DA 287 -15.91 -27.06 1.88
CA LEU DA 287 -14.57 -27.60 1.91
C LEU DA 287 -13.92 -27.41 3.28
N ASN DA 288 -14.73 -27.18 4.32
CA ASN DA 288 -14.28 -26.91 5.69
C ASN DA 288 -13.39 -25.67 5.76
N LEU DA 289 -13.52 -24.75 4.81
CA LEU DA 289 -12.83 -23.47 4.87
C LEU DA 289 -13.70 -22.52 5.68
N ARG DA 290 -13.59 -22.67 7.00
CA ARG DA 290 -14.45 -22.00 7.95
C ARG DA 290 -13.69 -20.90 8.68
N ALA DA 291 -14.41 -19.83 9.03
CA ALA DA 291 -13.88 -18.78 9.89
C ALA DA 291 -14.08 -19.17 11.35
N TYR DA 292 -13.47 -20.29 11.72
CA TYR DA 292 -13.70 -20.89 13.03
C TYR DA 292 -12.98 -20.12 14.13
N ASP DA 293 -11.73 -19.72 13.89
CA ASP DA 293 -10.89 -19.21 14.96
C ASP DA 293 -10.36 -17.80 14.67
N PHE DA 294 -9.94 -17.15 15.75
CA PHE DA 294 -9.16 -15.92 15.69
C PHE DA 294 -7.81 -16.25 16.32
N VAL DA 295 -6.77 -16.26 15.48
CA VAL DA 295 -5.46 -16.76 15.89
C VAL DA 295 -4.87 -15.92 17.01
N SER DA 296 -4.98 -14.59 16.91
CA SER DA 296 -4.46 -13.72 17.95
C SER DA 296 -5.14 -13.95 19.28
N GLN DA 297 -6.48 -14.11 19.26
CA GLN DA 297 -7.22 -14.37 20.49
C GLN DA 297 -6.83 -15.70 21.10
N GLU DA 298 -6.67 -16.74 20.28
CA GLU DA 298 -6.35 -18.06 20.82
C GLU DA 298 -4.92 -18.12 21.35
N ILE DA 299 -3.98 -17.43 20.71
CA ILE DA 299 -2.61 -17.38 21.25
C ILE DA 299 -2.59 -16.57 22.55
N ARG DA 300 -3.34 -15.46 22.59
CA ARG DA 300 -3.42 -14.65 23.80
C ARG DA 300 -3.98 -15.45 24.97
N ALA DA 301 -5.06 -16.20 24.73
CA ALA DA 301 -5.64 -17.03 25.77
C ALA DA 301 -4.82 -18.28 26.06
N ALA DA 302 -3.96 -18.71 25.13
CA ALA DA 302 -3.09 -19.83 25.40
C ALA DA 302 -1.96 -19.44 26.33
N GLU DA 303 -1.39 -18.26 26.13
CA GLU DA 303 -0.33 -17.77 27.02
C GLU DA 303 -0.86 -16.99 28.22
N ASP DA 304 -2.16 -16.77 28.31
CA ASP DA 304 -2.75 -16.05 29.44
C ASP DA 304 -3.91 -16.86 30.03
N PRO DA 305 -3.80 -17.32 31.27
CA PRO DA 305 -4.93 -18.01 31.90
C PRO DA 305 -6.03 -17.08 32.35
N GLU DA 306 -5.85 -15.75 32.22
CA GLU DA 306 -6.86 -14.79 32.63
C GLU DA 306 -7.72 -14.31 31.49
N PHE DA 307 -7.19 -14.30 30.26
CA PHE DA 307 -7.86 -13.69 29.12
C PHE DA 307 -9.03 -14.57 28.67
N GLU DA 308 -10.25 -14.06 28.82
CA GLU DA 308 -11.46 -14.74 28.36
C GLU DA 308 -12.33 -13.75 27.61
N THR DA 309 -12.93 -14.21 26.52
CA THR DA 309 -13.94 -13.46 25.78
C THR DA 309 -15.13 -14.35 25.49
N PHE DA 310 -16.22 -13.71 25.04
CA PHE DA 310 -17.39 -14.46 24.62
C PHE DA 310 -17.08 -15.36 23.44
N TYR DA 311 -16.10 -14.97 22.61
CA TYR DA 311 -15.65 -15.84 21.54
C TYR DA 311 -14.99 -17.10 22.07
N THR DA 312 -14.18 -16.97 23.14
CA THR DA 312 -13.60 -18.15 23.77
C THR DA 312 -14.69 -19.03 24.37
N LYS DA 313 -15.72 -18.40 24.94
CA LYS DA 313 -16.87 -19.16 25.46
C LYS DA 313 -17.57 -19.91 24.33
N ASN DA 314 -17.72 -19.27 23.17
CA ASN DA 314 -18.33 -19.92 22.01
C ASN DA 314 -17.49 -21.09 21.52
N ILE DA 315 -16.17 -20.93 21.53
CA ILE DA 315 -15.28 -22.01 21.12
C ILE DA 315 -15.43 -23.20 22.06
N LEU DA 316 -15.48 -22.93 23.36
CA LEU DA 316 -15.70 -23.99 24.35
C LEU DA 316 -17.04 -24.67 24.16
N LEU DA 317 -18.08 -23.92 23.83
CA LEU DA 317 -19.41 -24.49 23.57
C LEU DA 317 -19.39 -25.36 22.31
N ASN DA 318 -18.67 -24.93 21.26
CA ASN DA 318 -18.56 -25.71 20.04
C ASN DA 318 -17.85 -27.04 20.29
N GLU DA 319 -16.84 -27.03 21.15
CA GLU DA 319 -16.16 -28.27 21.51
C GLU DA 319 -17.11 -29.26 22.16
N GLY DA 320 -17.97 -28.78 23.06
CA GLY DA 320 -18.95 -29.65 23.69
C GLY DA 320 -20.00 -30.15 22.72
N ILE DA 321 -20.44 -29.29 21.79
CA ILE DA 321 -21.39 -29.72 20.76
C ILE DA 321 -20.79 -30.87 19.97
N ARG DA 322 -19.56 -30.71 19.49
CA ARG DA 322 -18.89 -31.74 18.71
C ARG DA 322 -18.77 -33.04 19.51
N ALA DA 323 -18.22 -32.94 20.73
CA ALA DA 323 -17.91 -34.13 21.51
C ALA DA 323 -19.16 -34.89 21.94
N TRP DA 324 -20.18 -34.18 22.40
CA TRP DA 324 -21.39 -34.85 22.88
C TRP DA 324 -22.39 -35.13 21.77
N MET DA 325 -22.15 -34.66 20.55
CA MET DA 325 -23.08 -34.88 19.45
C MET DA 325 -22.58 -35.91 18.45
N ALA DA 326 -21.26 -36.08 18.33
CA ALA DA 326 -20.70 -36.93 17.28
C ALA DA 326 -21.08 -38.40 17.45
N ALA DA 327 -21.10 -38.88 18.69
CA ALA DA 327 -21.30 -40.31 18.94
C ALA DA 327 -22.67 -40.78 18.45
N GLN DA 328 -23.71 -40.00 18.71
CA GLN DA 328 -25.05 -40.33 18.23
C GLN DA 328 -25.38 -39.68 16.90
N ASP DA 329 -24.52 -38.79 16.38
CA ASP DA 329 -24.76 -38.11 15.12
C ASP DA 329 -24.21 -38.90 13.95
N GLN DA 330 -23.00 -39.44 14.08
CA GLN DA 330 -22.33 -40.14 13.00
C GLN DA 330 -22.15 -41.60 13.39
N PRO DA 331 -23.12 -42.48 13.09
CA PRO DA 331 -22.95 -43.90 13.44
C PRO DA 331 -21.90 -44.61 12.62
N HIS DA 332 -21.51 -44.06 11.47
CA HIS DA 332 -20.46 -44.68 10.66
C HIS DA 332 -19.11 -44.57 11.34
N GLU DA 333 -18.87 -43.46 12.04
CA GLU DA 333 -17.59 -43.25 12.72
C GLU DA 333 -17.39 -44.21 13.88
N LYS DA 334 -18.47 -44.79 14.42
CA LYS DA 334 -18.42 -45.77 15.51
C LYS DA 334 -17.70 -45.21 16.74
N LEU DA 335 -18.05 -43.98 17.10
CA LEU DA 335 -17.41 -43.29 18.21
C LEU DA 335 -18.02 -43.77 19.52
N THR DA 336 -17.42 -44.81 20.10
CA THR DA 336 -17.82 -45.31 21.42
C THR DA 336 -17.00 -44.64 22.52
N LEU DA 337 -17.02 -43.31 22.54
CA LEU DA 337 -16.23 -42.56 23.49
C LEU DA 337 -16.79 -42.71 24.90
N PRO DA 338 -15.96 -43.01 25.89
CA PRO DA 338 -16.45 -43.05 27.27
C PRO DA 338 -16.77 -41.65 27.77
N GLU DA 339 -17.53 -41.62 28.87
CA GLU DA 339 -18.01 -40.34 29.38
C GLU DA 339 -16.92 -39.49 30.01
N GLU DA 340 -15.81 -40.08 30.44
CA GLU DA 340 -14.80 -39.29 31.13
C GLU DA 340 -13.94 -38.48 30.17
N VAL DA 341 -13.77 -38.92 28.92
CA VAL DA 341 -12.98 -38.15 27.98
C VAL DA 341 -13.82 -37.04 27.35
N LEU DA 342 -15.14 -37.15 27.40
CA LEU DA 342 -16.00 -36.05 27.00
C LEU DA 342 -15.81 -34.89 27.97
N PRO DA 343 -15.78 -33.65 27.48
CA PRO DA 343 -15.52 -32.50 28.36
C PRO DA 343 -16.75 -32.17 29.20
N ARG DA 344 -16.52 -31.74 30.43
CA ARG DA 344 -17.60 -31.28 31.31
C ARG DA 344 -17.17 -30.01 32.03
N GLY DA 345 -18.16 -29.22 32.46
CA GLY DA 345 -17.88 -28.06 33.28
C GLY DA 345 -17.82 -28.48 34.73
N ASN DA 346 -18.45 -27.73 35.63
CA ASN DA 346 -18.56 -28.17 37.02
C ASN DA 346 -20.02 -28.46 37.33
N ALA DA 347 -20.26 -29.65 37.88
CA ALA DA 347 -21.51 -30.11 38.49
C ALA DA 347 -22.65 -30.40 37.50
N LEU DA 348 -22.52 -30.01 36.24
CA LEU DA 348 -23.61 -30.27 35.30
C LEU DA 348 -23.28 -31.45 34.39
N GLU EA 1 -68.95 -20.86 -15.63
CA GLU EA 1 -67.50 -20.86 -15.46
C GLU EA 1 -67.09 -21.65 -14.22
N ARG EA 2 -68.07 -21.89 -13.34
CA ARG EA 2 -67.91 -22.59 -12.06
C ARG EA 2 -66.79 -21.99 -11.23
N PRO EA 3 -67.04 -20.82 -10.59
CA PRO EA 3 -65.95 -20.10 -9.92
C PRO EA 3 -65.58 -20.63 -8.53
N PHE EA 4 -65.92 -21.90 -8.25
CA PHE EA 4 -65.70 -22.65 -7.01
C PHE EA 4 -66.64 -22.25 -5.89
N SER EA 5 -67.57 -21.32 -6.14
CA SER EA 5 -68.59 -20.97 -5.16
C SER EA 5 -69.92 -21.64 -5.44
N ASP EA 6 -70.29 -21.79 -6.71
CA ASP EA 6 -71.56 -22.43 -7.05
C ASP EA 6 -71.49 -23.95 -6.94
N ILE EA 7 -70.33 -24.55 -7.21
CA ILE EA 7 -70.22 -26.00 -7.17
C ILE EA 7 -70.29 -26.51 -5.74
N LEU EA 8 -69.63 -25.83 -4.80
CA LEU EA 8 -69.66 -26.26 -3.40
C LEU EA 8 -71.05 -26.11 -2.81
N THR EA 9 -71.85 -25.16 -3.31
CA THR EA 9 -73.22 -25.00 -2.84
C THR EA 9 -74.16 -26.04 -3.44
N SER EA 10 -73.89 -26.50 -4.65
CA SER EA 10 -74.79 -27.43 -5.33
C SER EA 10 -74.72 -28.82 -4.69
N ILE EA 11 -75.84 -29.53 -4.77
CA ILE EA 11 -75.89 -30.88 -4.22
C ILE EA 11 -75.29 -31.91 -5.17
N ARG EA 12 -75.09 -31.57 -6.44
CA ARG EA 12 -74.45 -32.48 -7.38
C ARG EA 12 -73.02 -32.78 -6.96
N TYR EA 13 -72.34 -31.79 -6.37
CA TYR EA 13 -71.01 -31.99 -5.84
C TYR EA 13 -71.01 -32.97 -4.67
N TRP EA 14 -71.95 -32.80 -3.74
CA TRP EA 14 -71.94 -33.59 -2.52
C TRP EA 14 -72.57 -34.96 -2.67
N VAL EA 15 -73.34 -35.19 -3.74
CA VAL EA 15 -73.84 -36.53 -4.01
C VAL EA 15 -72.69 -37.46 -4.37
N ILE EA 16 -71.79 -37.00 -5.23
CA ILE EA 16 -70.65 -37.80 -5.66
C ILE EA 16 -69.44 -37.67 -4.72
N HIS EA 17 -69.50 -36.78 -3.73
CA HIS EA 17 -68.43 -36.64 -2.76
C HIS EA 17 -68.77 -37.22 -1.41
N SER EA 18 -69.99 -37.73 -1.22
CA SER EA 18 -70.33 -38.46 -0.02
C SER EA 18 -69.84 -39.90 -0.06
N ILE EA 19 -69.28 -40.33 -1.20
CA ILE EA 19 -68.73 -41.65 -1.36
C ILE EA 19 -67.23 -41.62 -1.60
N THR EA 20 -66.75 -40.69 -2.44
CA THR EA 20 -65.34 -40.67 -2.82
C THR EA 20 -64.43 -40.31 -1.66
N VAL EA 21 -64.74 -39.22 -0.95
CA VAL EA 21 -63.94 -38.79 0.20
C VAL EA 21 -63.99 -39.82 1.35
N PRO EA 22 -65.15 -40.32 1.80
CA PRO EA 22 -65.10 -41.38 2.83
C PRO EA 22 -64.44 -42.65 2.35
N SER EA 23 -64.57 -43.00 1.06
CA SER EA 23 -63.92 -44.19 0.54
C SER EA 23 -62.40 -44.03 0.55
N LEU EA 24 -61.90 -42.84 0.23
CA LEU EA 24 -60.46 -42.58 0.31
C LEU EA 24 -59.98 -42.62 1.74
N PHE EA 25 -60.76 -42.08 2.67
CA PHE EA 25 -60.40 -42.12 4.09
C PHE EA 25 -60.32 -43.57 4.59
N ILE EA 26 -61.32 -44.38 4.23
CA ILE EA 26 -61.34 -45.79 4.62
C ILE EA 26 -60.20 -46.55 3.93
N ALA EA 27 -59.88 -46.18 2.69
CA ALA EA 27 -58.78 -46.83 1.98
C ALA EA 27 -57.44 -46.55 2.67
N GLY EA 28 -57.22 -45.31 3.10
CA GLY EA 28 -56.02 -45.01 3.86
C GLY EA 28 -56.00 -45.71 5.20
N TRP EA 29 -57.16 -45.79 5.86
CA TRP EA 29 -57.26 -46.50 7.13
C TRP EA 29 -56.90 -47.96 6.98
N LEU EA 30 -57.41 -48.61 5.94
CA LEU EA 30 -57.11 -50.02 5.72
C LEU EA 30 -55.67 -50.22 5.22
N PHE EA 31 -55.14 -49.24 4.48
CA PHE EA 31 -53.75 -49.28 4.05
C PHE EA 31 -52.81 -49.29 5.23
N VAL EA 32 -53.15 -48.53 6.27
CA VAL EA 32 -52.36 -48.57 7.51
C VAL EA 32 -52.64 -49.84 8.30
N SER EA 33 -53.92 -50.14 8.53
CA SER EA 33 -54.31 -51.21 9.45
C SER EA 33 -54.03 -52.61 8.93
N THR EA 34 -53.79 -52.79 7.64
CA THR EA 34 -53.47 -54.09 7.10
C THR EA 34 -51.97 -54.36 7.03
N GLY EA 35 -51.14 -53.41 7.47
CA GLY EA 35 -49.71 -53.55 7.37
C GLY EA 35 -49.14 -53.31 6.00
N LEU EA 36 -49.98 -52.87 5.05
CA LEU EA 36 -49.51 -52.63 3.69
C LEU EA 36 -48.55 -51.45 3.63
N ALA EA 37 -48.70 -50.47 4.52
CA ALA EA 37 -47.74 -49.37 4.58
C ALA EA 37 -46.36 -49.87 4.99
N TYR EA 38 -46.31 -50.74 6.00
CA TYR EA 38 -45.06 -51.38 6.40
C TYR EA 38 -44.47 -52.21 5.27
N ASP EA 39 -45.31 -52.98 4.56
CA ASP EA 39 -44.81 -53.85 3.51
C ASP EA 39 -44.30 -53.06 2.31
N VAL EA 40 -44.96 -51.94 1.98
CA VAL EA 40 -44.60 -51.18 0.80
C VAL EA 40 -43.42 -50.27 1.05
N PHE EA 41 -43.46 -49.49 2.13
CA PHE EA 41 -42.45 -48.49 2.38
C PHE EA 41 -41.31 -48.96 3.28
N GLY EA 42 -41.35 -50.23 3.72
CA GLY EA 42 -40.23 -50.82 4.41
C GLY EA 42 -40.01 -50.38 5.84
N SER EA 43 -40.94 -49.62 6.42
CA SER EA 43 -40.78 -49.21 7.80
C SER EA 43 -41.00 -50.41 8.72
N PRO EA 44 -40.17 -50.59 9.74
CA PRO EA 44 -40.34 -51.73 10.64
C PRO EA 44 -41.48 -51.53 11.62
N ARG EA 45 -42.08 -52.64 12.01
CA ARG EA 45 -43.11 -52.63 13.04
C ARG EA 45 -42.47 -52.35 14.39
N PRO EA 46 -43.26 -51.94 15.40
CA PRO EA 46 -42.68 -51.70 16.73
C PRO EA 46 -42.03 -52.92 17.36
N ASN EA 47 -42.42 -54.14 16.94
CA ASN EA 47 -41.78 -55.34 17.44
C ASN EA 47 -40.63 -55.81 16.53
N GLU EA 48 -40.35 -55.10 15.44
CA GLU EA 48 -39.37 -55.50 14.45
C GLU EA 48 -38.23 -54.50 14.35
N TYR EA 49 -37.78 -53.97 15.49
CA TYR EA 49 -36.70 -52.99 15.49
C TYR EA 49 -35.34 -53.59 15.82
N PHE EA 50 -35.30 -54.58 16.73
CA PHE EA 50 -34.05 -55.20 17.13
C PHE EA 50 -34.17 -56.71 16.98
N THR EA 51 -33.30 -57.28 16.16
CA THR EA 51 -33.21 -58.72 15.97
C THR EA 51 -32.34 -59.29 17.11
N GLU EA 52 -32.37 -60.61 17.29
CA GLU EA 52 -31.58 -61.21 18.36
C GLU EA 52 -30.08 -61.01 18.19
N ASP EA 53 -29.59 -60.94 16.94
CA ASP EA 53 -28.15 -60.83 16.72
C ASP EA 53 -27.62 -59.45 17.09
N ARG EA 54 -28.31 -58.39 16.66
CA ARG EA 54 -27.87 -57.02 16.94
C ARG EA 54 -28.90 -56.30 17.79
N GLN EA 55 -28.44 -55.67 18.87
CA GLN EA 55 -29.33 -54.97 19.79
C GLN EA 55 -29.04 -53.46 19.81
N ASP EA 56 -28.31 -52.96 18.82
CA ASP EA 56 -27.96 -51.55 18.72
C ASP EA 56 -28.52 -50.96 17.42
N ALA EA 57 -28.15 -49.72 17.15
CA ALA EA 57 -28.59 -49.06 15.93
C ALA EA 57 -27.91 -49.68 14.72
N PRO EA 58 -28.66 -50.03 13.68
CA PRO EA 58 -28.04 -50.63 12.48
C PRO EA 58 -27.21 -49.63 11.71
N LEU EA 59 -26.22 -50.16 10.99
CA LEU EA 59 -25.34 -49.35 10.15
C LEU EA 59 -25.25 -49.98 8.77
N ILE EA 60 -25.30 -49.15 7.74
CA ILE EA 60 -25.29 -49.66 6.37
C ILE EA 60 -23.88 -50.09 5.97
N THR EA 61 -22.89 -49.25 6.24
CA THR EA 61 -21.45 -49.45 6.07
C THR EA 61 -21.01 -50.17 4.77
N ASP EA 62 -21.77 -49.99 3.69
CA ASP EA 62 -21.42 -50.54 2.39
C ASP EA 62 -22.27 -49.86 1.33
N ARG EA 63 -21.75 -49.80 0.11
CA ARG EA 63 -22.42 -49.11 -0.99
C ARG EA 63 -22.85 -50.05 -2.10
N PHE EA 64 -21.91 -50.81 -2.68
CA PHE EA 64 -22.24 -51.62 -3.85
C PHE EA 64 -22.98 -52.91 -3.49
N ASN EA 65 -22.96 -53.33 -2.23
CA ASN EA 65 -23.73 -54.48 -1.77
C ASN EA 65 -24.74 -54.05 -0.72
N ALA EA 66 -25.22 -52.81 -0.84
CA ALA EA 66 -26.15 -52.25 0.13
C ALA EA 66 -27.49 -52.96 0.11
N LEU EA 67 -27.96 -53.38 -1.08
CA LEU EA 67 -29.22 -54.09 -1.19
C LEU EA 67 -29.16 -55.42 -0.46
N GLU EA 68 -28.12 -56.22 -0.74
CA GLU EA 68 -27.94 -57.50 -0.08
C GLU EA 68 -27.78 -57.33 1.42
N GLN EA 69 -27.02 -56.32 1.84
CA GLN EA 69 -26.80 -56.14 3.28
C GLN EA 69 -28.07 -55.70 3.98
N VAL EA 70 -28.84 -54.77 3.39
CA VAL EA 70 -30.05 -54.34 4.06
C VAL EA 70 -31.08 -55.47 4.09
N LYS EA 71 -31.09 -56.34 3.07
CA LYS EA 71 -31.90 -57.55 3.18
C LYS EA 71 -31.39 -58.45 4.30
N LYS EA 72 -30.08 -58.42 4.57
CA LYS EA 72 -29.55 -59.24 5.64
C LYS EA 72 -29.92 -58.70 7.02
N LEU EA 73 -29.81 -57.40 7.26
CA LEU EA 73 -30.05 -56.88 8.60
C LEU EA 73 -31.43 -56.24 8.76
N SER EA 74 -32.33 -56.43 7.80
CA SER EA 74 -33.70 -55.96 7.99
C SER EA 74 -34.46 -56.96 8.85
N ALA EA 75 -35.77 -56.78 8.96
CA ALA EA 75 -36.59 -57.64 9.81
C ALA EA 75 -37.13 -58.84 9.04
N GLN EA 76 -36.22 -59.54 8.35
CA GLN EA 76 -36.52 -60.75 7.57
C GLN EA 76 -37.67 -60.58 6.58
N ILE FA 1 -65.89 -32.86 -17.02
CA ILE FA 1 -64.92 -31.78 -17.07
C ILE FA 1 -63.56 -32.33 -17.46
N PHE FA 2 -62.81 -32.81 -16.45
CA PHE FA 2 -61.49 -33.41 -16.61
C PHE FA 2 -60.52 -32.47 -17.31
N THR FA 3 -60.57 -31.19 -16.95
CA THR FA 3 -59.68 -30.19 -17.52
C THR FA 3 -58.42 -30.07 -16.67
N VAL FA 4 -57.61 -29.06 -16.95
CA VAL FA 4 -56.38 -28.85 -16.20
C VAL FA 4 -56.67 -28.52 -14.74
N ARG FA 5 -57.73 -27.72 -14.52
CA ARG FA 5 -58.15 -27.40 -13.15
C ARG FA 5 -58.58 -28.64 -12.40
N TRP FA 6 -59.36 -29.51 -13.04
CA TRP FA 6 -59.80 -30.76 -12.44
C TRP FA 6 -58.60 -31.64 -12.10
N LEU FA 7 -57.66 -31.79 -13.04
CA LEU FA 7 -56.51 -32.65 -12.82
C LEU FA 7 -55.62 -32.13 -11.69
N ALA FA 8 -55.34 -30.82 -11.67
CA ALA FA 8 -54.49 -30.28 -10.62
C ALA FA 8 -55.16 -30.35 -9.25
N ILE FA 9 -56.44 -29.97 -9.19
CA ILE FA 9 -57.19 -29.99 -7.94
C ILE FA 9 -57.27 -31.39 -7.38
N HIS FA 10 -57.52 -32.39 -8.24
CA HIS FA 10 -57.64 -33.74 -7.74
C HIS FA 10 -56.30 -34.38 -7.44
N ALA FA 11 -55.24 -34.04 -8.19
CA ALA FA 11 -53.91 -34.50 -7.86
C ALA FA 11 -53.42 -33.95 -6.53
N ILE FA 12 -53.95 -32.80 -6.10
CA ILE FA 12 -53.66 -32.34 -4.75
C ILE FA 12 -54.59 -33.00 -3.73
N ALA FA 13 -55.88 -33.08 -4.05
CA ALA FA 13 -56.91 -33.45 -3.07
C ALA FA 13 -56.91 -34.94 -2.74
N VAL FA 14 -56.83 -35.82 -3.75
CA VAL FA 14 -56.97 -37.26 -3.49
C VAL FA 14 -55.86 -37.83 -2.61
N PRO FA 15 -54.56 -37.61 -2.89
CA PRO FA 15 -53.56 -38.17 -1.96
C PRO FA 15 -53.56 -37.50 -0.61
N THR FA 16 -53.97 -36.24 -0.50
CA THR FA 16 -54.05 -35.62 0.83
C THR FA 16 -55.12 -36.27 1.68
N ILE FA 17 -56.28 -36.59 1.09
CA ILE FA 17 -57.33 -37.26 1.84
C ILE FA 17 -56.92 -38.69 2.20
N PHE FA 18 -56.25 -39.38 1.26
CA PHE FA 18 -55.74 -40.72 1.54
C PHE FA 18 -54.73 -40.69 2.70
N PHE FA 19 -53.81 -39.73 2.67
CA PHE FA 19 -52.80 -39.62 3.72
C PHE FA 19 -53.41 -39.19 5.04
N LEU FA 20 -54.44 -38.34 5.01
CA LEU FA 20 -55.10 -37.93 6.25
C LEU FA 20 -55.84 -39.11 6.89
N GLY FA 21 -56.50 -39.94 6.07
CA GLY FA 21 -57.08 -41.16 6.61
C GLY FA 21 -56.04 -42.09 7.17
N ALA FA 22 -54.90 -42.20 6.48
CA ALA FA 22 -53.79 -43.01 6.98
C ALA FA 22 -53.27 -42.49 8.32
N ILE FA 23 -53.15 -41.17 8.46
CA ILE FA 23 -52.63 -40.60 9.70
C ILE FA 23 -53.64 -40.77 10.84
N THR FA 24 -54.93 -40.59 10.54
CA THR FA 24 -55.96 -40.81 11.54
C THR FA 24 -55.96 -42.27 11.99
N ALA FA 25 -55.70 -43.20 11.07
CA ALA FA 25 -55.53 -44.60 11.44
C ALA FA 25 -54.30 -44.81 12.33
N MET FA 26 -53.19 -44.15 12.00
CA MET FA 26 -51.96 -44.27 12.79
C MET FA 26 -52.07 -43.62 14.16
N GLN FA 27 -53.07 -42.77 14.38
CA GLN FA 27 -53.26 -42.17 15.69
C GLN FA 27 -53.64 -43.21 16.74
N PHE FA 28 -54.28 -44.31 16.34
CA PHE FA 28 -54.72 -45.35 17.26
C PHE FA 28 -53.81 -46.57 17.26
N ILE FA 29 -52.65 -46.48 16.64
CA ILE FA 29 -51.67 -47.57 16.68
C ILE FA 29 -50.88 -47.46 17.97
N GLN FA 30 -50.84 -48.56 18.74
CA GLN FA 30 -50.11 -48.60 19.99
C GLN FA 30 -49.14 -49.78 19.96
N ARG FA 31 -47.99 -49.58 20.59
CA ARG FA 31 -46.91 -50.58 20.59
C ARG FA 31 -47.29 -51.85 21.34
N GLU GA 1 -18.54 9.20 -41.95
CA GLU GA 1 -19.43 8.15 -42.43
C GLU GA 1 -18.75 6.99 -43.20
N PRO GA 2 -17.76 7.26 -44.07
CA PRO GA 2 -16.98 6.11 -44.59
C PRO GA 2 -16.05 5.59 -43.51
N GLY GA 3 -16.12 4.28 -43.27
CA GLY GA 3 -15.27 3.67 -42.26
C GLY GA 3 -13.81 3.63 -42.69
N ILE GA 4 -12.96 3.29 -41.73
CA ILE GA 4 -11.52 3.20 -42.00
C ILE GA 4 -11.27 1.99 -42.88
N VAL GA 5 -11.01 2.24 -44.17
CA VAL GA 5 -10.73 1.16 -45.10
C VAL GA 5 -9.36 0.59 -44.78
N THR GA 6 -9.30 -0.73 -44.61
CA THR GA 6 -8.13 -1.38 -44.07
C THR GA 6 -7.79 -2.61 -44.88
N PRO GA 7 -6.49 -2.88 -45.12
CA PRO GA 7 -6.12 -4.11 -45.84
C PRO GA 7 -6.57 -5.40 -45.17
N LEU GA 8 -6.25 -5.58 -43.89
CA LEU GA 8 -6.71 -6.77 -43.19
C LEU GA 8 -8.23 -6.76 -43.02
N GLY GA 9 -8.83 -5.57 -42.91
CA GLY GA 9 -10.28 -5.49 -42.81
C GLY GA 9 -10.99 -5.96 -44.06
N THR GA 10 -10.49 -5.57 -45.24
CA THR GA 10 -11.09 -6.03 -46.47
C THR GA 10 -10.66 -7.46 -46.80
N LEU GA 11 -9.58 -7.94 -46.17
CA LEU GA 11 -9.27 -9.36 -46.24
C LEU GA 11 -10.31 -10.19 -45.50
N LEU GA 12 -10.62 -9.79 -44.27
CA LEU GA 12 -11.56 -10.51 -43.42
C LEU GA 12 -12.99 -10.05 -43.62
N ARG GA 13 -13.23 -9.16 -44.60
CA ARG GA 13 -14.57 -8.65 -44.85
C ARG GA 13 -15.61 -9.71 -45.22
N PRO GA 14 -15.36 -10.70 -46.11
CA PRO GA 14 -16.43 -11.67 -46.43
C PRO GA 14 -16.95 -12.44 -45.24
N LEU GA 15 -16.08 -12.77 -44.28
CA LEU GA 15 -16.50 -13.47 -43.08
C LEU GA 15 -17.46 -12.66 -42.21
N ASN GA 16 -17.56 -11.36 -42.45
CA ASN GA 16 -18.56 -10.53 -41.77
C ASN GA 16 -19.50 -9.85 -42.75
N SER GA 17 -19.65 -10.41 -43.95
CA SER GA 17 -20.40 -9.73 -45.01
C SER GA 17 -21.81 -10.29 -45.20
N GLU GA 18 -22.28 -11.18 -44.33
CA GLU GA 18 -23.62 -11.73 -44.48
C GLU GA 18 -24.34 -11.79 -43.13
N ALA GA 19 -24.17 -10.76 -42.31
CA ALA GA 19 -24.85 -10.69 -41.03
C ALA GA 19 -26.34 -10.54 -41.22
N GLY GA 20 -27.12 -11.33 -40.48
CA GLY GA 20 -28.56 -11.31 -40.59
C GLY GA 20 -29.13 -12.33 -41.55
N LYS GA 21 -28.30 -13.02 -42.33
CA LYS GA 21 -28.80 -14.02 -43.26
C LYS GA 21 -29.26 -15.26 -42.51
N VAL GA 22 -30.48 -15.71 -42.80
CA VAL GA 22 -31.08 -16.85 -42.14
C VAL GA 22 -31.71 -17.76 -43.17
N LEU GA 23 -31.97 -19.01 -42.76
CA LEU GA 23 -32.65 -20.06 -43.49
C LEU GA 23 -34.14 -20.05 -43.16
N PRO GA 24 -35.01 -20.31 -44.13
CA PRO GA 24 -36.45 -20.35 -43.83
C PRO GA 24 -36.83 -21.59 -43.04
N GLY GA 25 -37.96 -21.48 -42.36
CA GLY GA 25 -38.45 -22.60 -41.58
C GLY GA 25 -37.62 -22.86 -40.34
N TRP GA 26 -37.66 -24.11 -39.89
CA TRP GA 26 -36.94 -24.53 -38.70
C TRP GA 26 -35.50 -24.94 -38.99
N GLY GA 27 -35.14 -25.12 -40.26
CA GLY GA 27 -33.77 -25.44 -40.61
C GLY GA 27 -33.34 -26.80 -40.10
N THR GA 28 -32.16 -26.85 -39.48
CA THR GA 28 -31.61 -28.07 -38.92
C THR GA 28 -31.80 -28.17 -37.41
N THR GA 29 -32.90 -27.63 -36.91
CA THR GA 29 -33.18 -27.67 -35.48
C THR GA 29 -33.43 -29.09 -34.99
N VAL GA 30 -33.97 -29.96 -35.85
CA VAL GA 30 -34.20 -31.35 -35.46
C VAL GA 30 -32.86 -32.07 -35.26
N LEU GA 31 -31.92 -31.87 -36.18
CA LEU GA 31 -30.58 -32.45 -36.02
C LEU GA 31 -29.87 -31.86 -34.82
N MET GA 32 -30.07 -30.56 -34.58
CA MET GA 32 -29.53 -29.91 -33.39
C MET GA 32 -30.08 -30.54 -32.11
N ALA GA 33 -31.38 -30.82 -32.07
CA ALA GA 33 -31.99 -31.45 -30.90
C ALA GA 33 -31.50 -32.87 -30.72
N VAL GA 34 -31.30 -33.60 -31.82
CA VAL GA 34 -30.76 -34.95 -31.75
C VAL GA 34 -29.34 -34.93 -31.19
N ALA GA 35 -28.52 -34.00 -31.64
CA ALA GA 35 -27.15 -33.87 -31.13
C ALA GA 35 -27.15 -33.47 -29.66
N ILE GA 36 -28.08 -32.59 -29.26
CA ILE GA 36 -28.16 -32.18 -27.87
C ILE GA 36 -28.59 -33.34 -26.98
N LEU GA 37 -29.54 -34.16 -27.46
CA LEU GA 37 -29.97 -35.32 -26.70
C LEU GA 37 -28.84 -36.34 -26.55
N LEU GA 38 -28.07 -36.55 -27.63
CA LEU GA 38 -26.91 -37.45 -27.55
C LEU GA 38 -25.87 -36.90 -26.59
N PHE GA 39 -25.65 -35.59 -26.60
CA PHE GA 39 -24.71 -34.96 -25.67
C PHE GA 39 -25.17 -35.13 -24.24
N ALA GA 40 -26.47 -34.98 -23.98
CA ALA GA 40 -27.01 -35.17 -22.64
C ALA GA 40 -26.85 -36.61 -22.17
N VAL GA 41 -27.09 -37.56 -23.06
CA VAL GA 41 -26.89 -38.97 -22.73
C VAL GA 41 -25.43 -39.25 -22.41
N PHE GA 42 -24.50 -38.70 -23.21
CA PHE GA 42 -23.08 -38.90 -22.98
C PHE GA 42 -22.64 -38.27 -21.67
N LEU GA 43 -23.15 -37.08 -21.37
CA LEU GA 43 -22.84 -36.42 -20.10
C LEU GA 43 -23.36 -37.23 -18.92
N LEU GA 44 -24.54 -37.84 -19.08
CA LEU GA 44 -25.06 -38.72 -18.05
C LEU GA 44 -24.18 -39.94 -17.86
N ILE GA 45 -23.66 -40.51 -18.96
CA ILE GA 45 -22.77 -41.67 -18.87
C ILE GA 45 -21.50 -41.31 -18.10
N ILE GA 46 -20.86 -40.21 -18.47
CA ILE GA 46 -19.60 -39.87 -17.79
C ILE GA 46 -19.86 -39.43 -16.35
N LEU GA 47 -21.00 -38.78 -16.09
CA LEU GA 47 -21.36 -38.40 -14.73
C LEU GA 47 -21.56 -39.62 -13.84
N GLU GA 48 -22.23 -40.66 -14.35
CA GLU GA 48 -22.45 -41.86 -13.56
C GLU GA 48 -21.19 -42.72 -13.44
N ILE GA 49 -20.32 -42.70 -14.46
CA ILE GA 49 -19.04 -43.39 -14.33
C ILE GA 49 -18.20 -42.73 -13.24
N TYR GA 50 -18.14 -41.40 -13.24
CA TYR GA 50 -17.36 -40.67 -12.26
C TYR GA 50 -18.00 -40.70 -10.88
N ASN GA 51 -19.32 -40.91 -10.82
CA ASN GA 51 -20.07 -41.05 -9.59
C ASN GA 51 -20.10 -42.49 -9.08
N SER GA 52 -19.54 -43.42 -9.84
CA SER GA 52 -19.54 -44.87 -9.54
C SER GA 52 -20.95 -45.43 -9.46
N SER GA 53 -21.89 -44.78 -10.15
CA SER GA 53 -23.24 -45.33 -10.33
C SER GA 53 -23.35 -46.12 -11.62
N LEU GA 54 -22.28 -46.19 -12.40
CA LEU GA 54 -22.23 -46.94 -13.67
C LEU GA 54 -20.91 -47.69 -13.67
N ILE GA 55 -20.92 -48.91 -13.15
CA ILE GA 55 -19.71 -49.73 -13.10
C ILE GA 55 -19.48 -50.33 -14.46
N LEU GA 56 -18.25 -50.22 -14.96
CA LEU GA 56 -17.86 -50.82 -16.23
C LEU GA 56 -16.73 -51.82 -15.99
N ASP GA 57 -16.50 -52.67 -16.99
CA ASP GA 57 -15.51 -53.74 -16.85
C ASP GA 57 -14.10 -53.19 -16.77
N GLY GA 58 -13.75 -52.24 -17.64
CA GLY GA 58 -12.41 -51.69 -17.65
C GLY GA 58 -12.19 -50.47 -16.79
N VAL GA 59 -13.25 -49.84 -16.30
CA VAL GA 59 -13.16 -48.62 -15.53
C VAL GA 59 -13.15 -48.97 -14.05
N THR GA 60 -12.07 -48.60 -13.35
CA THR GA 60 -11.97 -48.85 -11.92
C THR GA 60 -12.44 -47.66 -11.09
N ASN GA 61 -12.36 -46.44 -11.65
CA ASN GA 61 -12.81 -45.20 -11.01
C ASN GA 61 -12.14 -44.99 -9.65
N SER GA 62 -10.82 -45.16 -9.64
CA SER GA 62 -10.03 -44.97 -8.42
C SER GA 62 -8.62 -44.59 -8.81
N TRP GA 63 -7.82 -44.22 -7.81
CA TRP GA 63 -6.44 -43.80 -8.06
C TRP GA 63 -5.57 -44.93 -8.60
N GLU GA 64 -6.02 -46.18 -8.49
CA GLU GA 64 -5.32 -47.30 -9.09
C GLU GA 64 -5.45 -47.33 -10.61
N SER GA 65 -6.35 -46.51 -11.17
CA SER GA 65 -6.55 -46.48 -12.62
C SER GA 65 -5.31 -46.00 -13.36
N LEU GA 66 -4.45 -45.23 -12.70
CA LEU GA 66 -3.19 -44.79 -13.26
C LEU GA 66 -2.01 -45.62 -12.75
N ALA GA 67 -2.29 -46.77 -12.15
CA ALA GA 67 -1.23 -47.66 -11.66
C ALA GA 67 -0.44 -48.28 -12.80
N MET HA 1 -19.62 11.31 45.68
CA MET HA 1 -20.41 10.30 44.98
C MET HA 1 -21.89 10.51 45.26
N LEU HA 2 -22.19 11.09 46.43
CA LEU HA 2 -23.57 11.49 46.72
C LEU HA 2 -24.00 12.65 45.83
N THR HA 3 -23.07 13.56 45.54
CA THR HA 3 -23.40 14.68 44.66
C THR HA 3 -23.66 14.24 43.23
N LEU HA 4 -23.07 13.11 42.81
CA LEU HA 4 -23.42 12.56 41.51
C LEU HA 4 -24.86 12.09 41.50
N LYS HA 5 -25.31 11.46 42.58
CA LYS HA 5 -26.72 11.07 42.70
C LYS HA 5 -27.63 12.28 42.72
N ILE HA 6 -27.21 13.35 43.40
CA ILE HA 6 -28.00 14.58 43.45
C ILE HA 6 -28.13 15.18 42.06
N PHE HA 7 -27.02 15.25 41.32
CA PHE HA 7 -27.04 15.82 39.99
C PHE HA 7 -27.89 14.98 39.03
N VAL HA 8 -27.76 13.65 39.10
CA VAL HA 8 -28.56 12.80 38.23
C VAL HA 8 -30.04 12.89 38.58
N TYR HA 9 -30.36 12.95 39.88
CA TYR HA 9 -31.75 13.10 40.30
C TYR HA 9 -32.33 14.42 39.81
N THR HA 10 -31.55 15.50 39.88
CA THR HA 10 -32.00 16.78 39.36
C THR HA 10 -32.24 16.73 37.86
N VAL HA 11 -31.34 16.08 37.12
CA VAL HA 11 -31.47 15.98 35.67
C VAL HA 11 -32.71 15.17 35.29
N VAL HA 12 -32.89 14.02 35.94
CA VAL HA 12 -34.03 13.16 35.64
C VAL HA 12 -35.34 13.85 36.01
N THR HA 13 -35.38 14.50 37.17
CA THR HA 13 -36.59 15.22 37.58
C THR HA 13 -36.90 16.35 36.61
N PHE HA 14 -35.85 17.03 36.11
CA PHE HA 14 -36.03 18.09 35.12
C PHE HA 14 -36.66 17.55 33.85
N PHE HA 15 -36.10 16.47 33.30
CA PHE HA 15 -36.61 15.96 32.03
C PHE HA 15 -38.00 15.35 32.18
N VAL HA 16 -38.27 14.68 33.30
CA VAL HA 16 -39.61 14.13 33.55
C VAL HA 16 -40.63 15.25 33.73
N GLY HA 17 -40.25 16.33 34.41
CA GLY HA 17 -41.14 17.47 34.55
C GLY HA 17 -41.45 18.13 33.22
N LEU HA 18 -40.44 18.27 32.37
CA LEU HA 18 -40.66 18.76 31.01
C LEU HA 18 -41.62 17.85 30.25
N PHE HA 19 -41.44 16.54 30.35
CA PHE HA 19 -42.32 15.58 29.69
C PHE HA 19 -43.77 15.74 30.14
N ILE HA 20 -43.99 15.73 31.46
CA ILE HA 20 -45.34 15.76 32.02
C ILE HA 20 -46.03 17.08 31.72
N PHE HA 21 -45.34 18.20 31.98
CA PHE HA 21 -46.01 19.49 31.79
C PHE HA 21 -46.13 19.85 30.31
N GLY HA 22 -45.25 19.34 29.46
CA GLY HA 22 -45.43 19.53 28.03
C GLY HA 22 -46.63 18.77 27.50
N PHE HA 23 -46.84 17.55 27.99
CA PHE HA 23 -48.06 16.85 27.57
C PHE HA 23 -49.31 17.43 28.22
N LEU HA 24 -49.17 18.09 29.38
CA LEU HA 24 -50.29 18.84 29.94
C LEU HA 24 -50.62 20.07 29.12
N SER HA 25 -49.60 20.70 28.51
CA SER HA 25 -49.76 22.00 27.85
C SER HA 25 -50.38 21.84 26.46
N ASN HA 26 -51.69 21.54 26.47
CA ASN HA 26 -52.54 21.56 25.27
C ASN HA 26 -52.03 20.68 24.14
N ASP HA 27 -51.61 19.46 24.49
CA ASP HA 27 -51.14 18.53 23.46
C ASP HA 27 -52.19 18.11 22.43
N PRO HA 28 -53.45 17.79 22.78
CA PRO HA 28 -54.41 17.41 21.72
C PRO HA 28 -54.77 18.52 20.75
N SER HA 29 -54.40 19.78 21.03
CA SER HA 29 -54.66 20.87 20.10
C SER HA 29 -53.49 21.14 19.16
N ARG HA 30 -52.40 20.38 19.27
CA ARG HA 30 -51.23 20.57 18.42
C ARG HA 30 -51.34 19.66 17.20
N ASN HA 31 -52.30 19.98 16.34
CA ASN HA 31 -52.59 19.20 15.15
C ASN HA 31 -52.90 20.13 13.99
N PRO HA 32 -52.63 19.70 12.75
CA PRO HA 32 -53.00 20.51 11.59
C PRO HA 32 -54.45 20.27 11.17
N GLY HA 33 -55.00 19.15 11.62
CA GLY HA 33 -56.37 18.82 11.27
C GLY HA 33 -57.37 19.74 11.94
N LYS HA 34 -58.50 19.94 11.26
CA LYS HA 34 -59.56 20.82 11.75
C LYS HA 34 -60.36 20.08 12.81
N GLY HA 35 -59.93 20.22 14.06
CA GLY HA 35 -60.59 19.55 15.17
C GLY HA 35 -59.63 19.19 16.28
N ILE IA 1 -76.81 -25.17 -7.74
CA ILE IA 1 -76.37 -23.80 -7.49
C ILE IA 1 -77.16 -23.19 -6.34
N GLY IA 2 -76.49 -23.00 -5.21
CA GLY IA 2 -77.13 -22.41 -4.05
C GLY IA 2 -78.06 -23.32 -3.31
N ARG IA 3 -77.98 -24.64 -3.53
CA ARG IA 3 -78.87 -25.56 -2.84
C ARG IA 3 -78.49 -25.69 -1.36
N ILE IA 4 -77.22 -25.82 -1.06
CA ILE IA 4 -76.70 -25.88 0.30
C ILE IA 4 -75.90 -24.61 0.54
N PRO IA 5 -76.11 -23.90 1.66
CA PRO IA 5 -75.39 -22.64 1.88
C PRO IA 5 -73.88 -22.82 1.95
N LEU IA 6 -73.16 -21.88 1.33
CA LEU IA 6 -71.71 -21.94 1.31
C LEU IA 6 -71.14 -21.74 2.70
N TRP IA 7 -71.77 -20.90 3.51
CA TRP IA 7 -71.32 -20.72 4.89
C TRP IA 7 -71.54 -22.00 5.70
N LEU IA 8 -72.64 -22.72 5.42
CA LEU IA 8 -72.86 -23.99 6.09
C LEU IA 8 -71.83 -25.03 5.66
N VAL IA 9 -71.47 -25.05 4.38
CA VAL IA 9 -70.45 -25.97 3.88
C VAL IA 9 -69.10 -25.65 4.53
N GLY IA 10 -68.72 -24.38 4.56
CA GLY IA 10 -67.47 -23.98 5.18
C GLY IA 10 -67.45 -24.25 6.67
N THR IA 11 -68.59 -24.08 7.34
CA THR IA 11 -68.70 -24.39 8.77
C THR IA 11 -68.51 -25.88 9.02
N VAL IA 12 -69.14 -26.73 8.21
CA VAL IA 12 -69.01 -28.17 8.38
C VAL IA 12 -67.57 -28.61 8.13
N VAL IA 13 -66.94 -28.04 7.09
CA VAL IA 13 -65.53 -28.34 6.81
C VAL IA 13 -64.65 -27.85 7.96
N GLY IA 14 -65.02 -26.71 8.57
CA GLY IA 14 -64.26 -26.22 9.71
C GLY IA 14 -64.34 -27.12 10.93
N LEU IA 15 -65.55 -27.62 11.24
CA LEU IA 15 -65.66 -28.61 12.32
C LEU IA 15 -64.90 -29.89 12.01
N LEU IA 16 -64.94 -30.34 10.75
CA LEU IA 16 -64.17 -31.55 10.39
C LEU IA 16 -62.67 -31.33 10.55
N ALA IA 17 -62.17 -30.16 10.14
CA ALA IA 17 -60.75 -29.87 10.28
C ALA IA 17 -60.36 -29.72 11.74
N ILE IA 18 -61.19 -29.07 12.54
CA ILE IA 18 -60.92 -28.92 13.97
C ILE IA 18 -60.93 -30.28 14.66
N GLY IA 19 -61.88 -31.14 14.30
CA GLY IA 19 -61.91 -32.47 14.87
C GLY IA 19 -60.72 -33.31 14.46
N LEU IA 20 -60.28 -33.19 13.21
CA LEU IA 20 -59.09 -33.90 12.76
C LEU IA 20 -57.84 -33.43 13.50
N LEU IA 21 -57.72 -32.12 13.71
CA LEU IA 21 -56.61 -31.59 14.48
C LEU IA 21 -56.68 -32.05 15.94
N ALA IA 22 -57.89 -32.17 16.48
CA ALA IA 22 -58.06 -32.68 17.84
C ALA IA 22 -57.64 -34.14 17.94
N ILE IA 23 -57.98 -34.96 16.94
CA ILE IA 23 -57.52 -36.34 16.90
C ILE IA 23 -56.00 -36.40 16.81
N PHE IA 24 -55.40 -35.51 15.99
CA PHE IA 24 -53.95 -35.50 15.84
C PHE IA 24 -53.26 -35.12 17.14
N PHE IA 25 -53.82 -34.16 17.88
CA PHE IA 25 -53.25 -33.77 19.16
C PHE IA 25 -53.49 -34.83 20.24
N TYR IA 26 -54.63 -35.52 20.18
CA TYR IA 26 -54.90 -36.59 21.13
C TYR IA 26 -53.99 -37.79 20.90
N GLY IA 27 -53.63 -38.06 19.64
CA GLY IA 27 -52.73 -39.15 19.34
C GLY IA 27 -51.30 -38.91 19.76
N SER IA 28 -50.94 -37.69 20.13
CA SER IA 28 -49.63 -37.41 20.68
C SER IA 28 -49.51 -37.81 22.15
N TYR IA 29 -50.62 -38.14 22.79
CA TYR IA 29 -50.62 -38.57 24.18
C TYR IA 29 -50.92 -40.06 24.35
N VAL IA 30 -51.27 -40.76 23.27
CA VAL IA 30 -51.58 -42.19 23.33
C VAL IA 30 -50.86 -42.90 22.20
N GLY IA 31 -50.65 -44.21 22.39
CA GLY IA 31 -50.09 -45.03 21.33
C GLY IA 31 -48.63 -44.70 21.05
N LEU IA 32 -48.26 -44.77 19.77
CA LEU IA 32 -46.90 -44.48 19.36
C LEU IA 32 -46.61 -42.99 19.52
N GLY IA 33 -45.39 -42.69 19.94
CA GLY IA 33 -44.99 -41.31 20.15
C GLY IA 33 -45.51 -40.67 21.41
N SER IA 34 -46.12 -41.45 22.29
CA SER IA 34 -46.67 -40.93 23.54
C SER IA 34 -45.67 -40.96 24.69
N SER IA 35 -44.43 -41.39 24.43
CA SER IA 35 -43.35 -41.48 25.42
C SER IA 35 -43.72 -42.39 26.59
N LEU IA 36 -44.53 -43.40 26.34
CA LEU IA 36 -44.95 -44.33 27.38
C LEU IA 36 -45.42 -45.65 26.77
N LYS JA 1 -62.10 -34.61 43.47
CA LYS JA 1 -63.23 -35.07 42.68
C LYS JA 1 -64.50 -34.31 43.06
N LEU JA 2 -65.53 -34.45 42.23
CA LEU JA 2 -66.83 -33.87 42.53
C LEU JA 2 -67.48 -34.66 43.67
N PRO JA 3 -68.44 -34.05 44.38
CA PRO JA 3 -69.16 -34.80 45.41
C PRO JA 3 -69.94 -35.96 44.82
N GLU JA 4 -70.30 -36.91 45.71
CA GLU JA 4 -70.91 -38.17 45.29
C GLU JA 4 -72.25 -37.98 44.57
N ALA JA 5 -72.96 -36.90 44.86
CA ALA JA 5 -74.20 -36.61 44.15
C ALA JA 5 -73.97 -35.97 42.78
N TYR JA 6 -72.72 -35.63 42.47
CA TYR JA 6 -72.38 -34.98 41.20
C TYR JA 6 -71.33 -35.75 40.41
N ALA JA 7 -70.95 -36.94 40.86
CA ALA JA 7 -69.98 -37.75 40.13
C ALA JA 7 -70.42 -38.14 38.71
N PRO JA 8 -71.67 -38.54 38.43
CA PRO JA 8 -72.03 -38.82 37.02
C PRO JA 8 -71.99 -37.61 36.11
N PHE JA 9 -72.01 -36.39 36.64
CA PHE JA 9 -71.97 -35.19 35.83
C PHE JA 9 -70.55 -34.66 35.59
N SER JA 10 -69.55 -35.30 36.19
CA SER JA 10 -68.16 -34.94 35.89
C SER JA 10 -67.76 -35.10 34.42
N PRO JA 11 -68.16 -36.15 33.68
CA PRO JA 11 -67.89 -36.14 32.23
C PRO JA 11 -68.53 -34.98 31.49
N ILE JA 12 -69.70 -34.50 31.94
CA ILE JA 12 -70.28 -33.30 31.36
C ILE JA 12 -69.44 -32.09 31.72
N VAL JA 13 -68.90 -32.06 32.94
CA VAL JA 13 -68.04 -30.97 33.40
C VAL JA 13 -66.75 -30.90 32.57
N ASP JA 14 -66.23 -32.05 32.15
CA ASP JA 14 -64.95 -32.12 31.46
C ASP JA 14 -64.94 -31.38 30.11
N VAL JA 15 -66.11 -31.09 29.55
CA VAL JA 15 -66.19 -30.38 28.27
C VAL JA 15 -66.42 -28.88 28.45
N LEU JA 16 -66.96 -28.47 29.60
CA LEU JA 16 -67.36 -27.08 29.79
C LEU JA 16 -66.29 -25.99 29.63
N PRO JA 17 -64.99 -26.21 29.89
CA PRO JA 17 -64.02 -25.12 29.65
C PRO JA 17 -63.95 -24.61 28.21
N ILE JA 18 -64.16 -25.46 27.20
CA ILE JA 18 -63.94 -25.04 25.81
C ILE JA 18 -65.07 -24.20 25.22
N ILE JA 19 -66.15 -23.98 25.97
CA ILE JA 19 -67.27 -23.19 25.44
C ILE JA 19 -66.90 -21.75 25.09
N PRO JA 20 -66.13 -21.01 25.90
CA PRO JA 20 -65.69 -19.68 25.44
C PRO JA 20 -64.87 -19.72 24.16
N VAL JA 21 -64.05 -20.73 23.93
CA VAL JA 21 -63.38 -20.86 22.64
C VAL JA 21 -64.40 -21.09 21.53
N LEU JA 22 -65.45 -21.85 21.83
CA LEU JA 22 -66.52 -22.05 20.86
C LEU JA 22 -67.32 -20.78 20.59
N PHE JA 23 -67.33 -19.83 21.52
CA PHE JA 23 -68.15 -18.61 21.34
C PHE JA 23 -67.62 -17.70 20.24
N ILE JA 24 -66.31 -17.45 20.20
CA ILE JA 24 -65.77 -16.58 19.16
C ILE JA 24 -65.90 -17.24 17.79
N LEU JA 25 -65.77 -18.57 17.75
CA LEU JA 25 -66.02 -19.30 16.52
C LEU JA 25 -67.49 -19.26 16.13
N LEU JA 26 -68.39 -19.20 17.11
CA LEU JA 26 -69.81 -19.00 16.82
C LEU JA 26 -70.05 -17.64 16.18
N ALA JA 27 -69.34 -16.62 16.67
CA ALA JA 27 -69.40 -15.30 16.06
C ALA JA 27 -68.92 -15.34 14.62
N PHE JA 28 -67.87 -16.12 14.35
CA PHE JA 28 -67.40 -16.27 12.98
C PHE JA 28 -68.42 -17.01 12.11
N VAL JA 29 -69.13 -18.01 12.68
CA VAL JA 29 -70.21 -18.67 11.96
C VAL JA 29 -71.31 -17.69 11.60
N TRP JA 30 -71.68 -16.83 12.55
CA TRP JA 30 -72.72 -15.85 12.29
C TRP JA 30 -72.30 -14.85 11.21
N GLN JA 31 -71.03 -14.44 11.23
CA GLN JA 31 -70.53 -13.58 10.17
C GLN JA 31 -70.55 -14.27 8.81
N ALA JA 32 -70.21 -15.56 8.78
CA ALA JA 32 -70.31 -16.31 7.53
C ALA JA 32 -71.76 -16.42 7.06
N SER JA 33 -72.68 -16.60 8.00
CA SER JA 33 -74.10 -16.73 7.65
C SER JA 33 -74.68 -15.42 7.14
N VAL JA 34 -74.19 -14.28 7.61
CA VAL JA 34 -74.64 -13.00 7.09
C VAL JA 34 -73.76 -12.57 5.91
N SER JA 35 -72.89 -13.50 5.47
CA SER JA 35 -72.03 -13.33 4.30
C SER JA 35 -71.05 -12.15 4.45
N PHE JA 36 -70.65 -11.87 5.69
CA PHE JA 36 -69.65 -10.85 6.02
C PHE JA 36 -70.04 -9.47 5.46
N ARG JA 37 -71.31 -9.11 5.65
CA ARG JA 37 -71.82 -7.85 5.14
C ARG JA 37 -71.20 -6.65 5.84
N MET KA 1 -19.15 6.41 -36.02
CA MET KA 1 -19.69 6.75 -37.33
C MET KA 1 -18.89 7.89 -37.97
N ALA KA 2 -18.06 8.53 -37.15
CA ALA KA 2 -17.24 9.65 -37.61
C ALA KA 2 -15.96 9.64 -36.79
N ARG KA 3 -15.24 10.77 -36.81
CA ARG KA 3 -14.03 10.88 -35.99
C ARG KA 3 -14.31 10.74 -34.48
N PRO KA 4 -15.31 11.40 -33.88
CA PRO KA 4 -15.62 11.09 -32.48
C PRO KA 4 -16.44 9.81 -32.39
N ASN KA 5 -16.46 9.26 -31.18
CA ASN KA 5 -17.17 8.01 -30.92
C ASN KA 5 -18.62 8.32 -30.57
N PRO KA 6 -19.60 7.82 -31.33
CA PRO KA 6 -21.01 8.07 -30.96
C PRO KA 6 -21.43 7.43 -29.66
N ASN KA 7 -20.69 6.44 -29.16
CA ASN KA 7 -21.02 5.73 -27.93
C ASN KA 7 -20.40 6.40 -26.71
N LYS KA 8 -20.01 7.66 -26.81
CA LYS KA 8 -19.39 8.36 -25.69
C LYS KA 8 -20.44 8.73 -24.66
N GLN KA 9 -20.24 8.26 -23.43
CA GLN KA 9 -21.14 8.54 -22.32
C GLN KA 9 -20.32 8.92 -21.11
N VAL KA 10 -20.97 9.63 -20.18
CA VAL KA 10 -20.33 10.03 -18.94
C VAL KA 10 -20.96 9.27 -17.79
N VAL KA 11 -20.21 9.15 -16.70
CA VAL KA 11 -20.65 8.45 -15.50
C VAL KA 11 -21.20 9.47 -14.51
N GLU KA 12 -22.36 9.16 -13.93
CA GLU KA 12 -23.04 10.05 -13.01
C GLU KA 12 -23.12 9.37 -11.64
N LEU KA 13 -22.68 10.08 -10.60
CA LEU KA 13 -22.71 9.59 -9.23
C LEU KA 13 -23.16 10.73 -8.33
N ASN KA 14 -24.38 10.64 -7.81
CA ASN KA 14 -24.89 11.69 -6.93
C ASN KA 14 -24.44 11.44 -5.49
N ARG KA 15 -24.87 12.33 -4.60
CA ARG KA 15 -24.43 12.26 -3.21
C ARG KA 15 -25.02 11.07 -2.48
N SER KA 16 -26.25 10.67 -2.82
CA SER KA 16 -26.83 9.48 -2.20
C SER KA 16 -26.04 8.23 -2.57
N SER KA 17 -25.64 8.12 -3.83
CA SER KA 17 -24.81 6.99 -4.25
C SER KA 17 -23.42 7.06 -3.65
N LEU KA 18 -22.87 8.27 -3.48
CA LEU KA 18 -21.57 8.41 -2.83
C LEU KA 18 -21.65 7.96 -1.37
N TYR KA 19 -22.72 8.36 -0.66
CA TYR KA 19 -22.92 7.94 0.72
C TYR KA 19 -23.10 6.43 0.82
N TRP KA 20 -23.88 5.85 -0.12
CA TRP KA 20 -24.10 4.41 -0.09
C TRP KA 20 -22.81 3.65 -0.37
N GLY KA 21 -22.01 4.12 -1.33
CA GLY KA 21 -20.74 3.45 -1.61
C GLY KA 21 -19.75 3.56 -0.47
N LEU KA 22 -19.63 4.75 0.13
CA LEU KA 22 -18.74 4.92 1.26
C LEU KA 22 -19.19 4.09 2.45
N LEU KA 23 -20.49 4.04 2.71
CA LEU KA 23 -21.02 3.23 3.80
C LEU KA 23 -20.78 1.75 3.55
N LEU KA 24 -20.98 1.30 2.31
CA LEU KA 24 -20.73 -0.11 2.00
C LEU KA 24 -19.27 -0.47 2.17
N ILE KA 25 -18.37 0.41 1.70
CA ILE KA 25 -16.93 0.14 1.81
C ILE KA 25 -16.51 0.10 3.28
N PHE KA 26 -16.98 1.07 4.07
CA PHE KA 26 -16.56 1.13 5.46
C PHE KA 26 -17.19 0.01 6.30
N VAL KA 27 -18.44 -0.36 6.01
CA VAL KA 27 -19.06 -1.46 6.74
C VAL KA 27 -18.41 -2.79 6.37
N LEU KA 28 -18.05 -2.97 5.09
CA LEU KA 28 -17.33 -4.17 4.70
C LEU KA 28 -15.97 -4.24 5.35
N ALA KA 29 -15.28 -3.10 5.46
CA ALA KA 29 -14.01 -3.06 6.17
C ALA KA 29 -14.18 -3.37 7.65
N VAL KA 30 -15.23 -2.83 8.27
CA VAL KA 30 -15.51 -3.11 9.68
C VAL KA 30 -15.75 -4.60 9.89
N LEU KA 31 -16.54 -5.21 9.01
CA LEU KA 31 -16.86 -6.62 9.14
C LEU KA 31 -15.65 -7.51 8.90
N PHE KA 32 -14.83 -7.18 7.90
CA PHE KA 32 -13.78 -8.09 7.46
C PHE KA 32 -12.41 -7.80 8.05
N SER KA 33 -12.19 -6.65 8.68
CA SER KA 33 -10.86 -6.34 9.21
C SER KA 33 -10.52 -7.23 10.40
N SER KA 34 -11.52 -7.62 11.18
CA SER KA 34 -11.31 -8.53 12.29
C SER KA 34 -10.79 -9.88 11.82
N TYR KA 35 -11.18 -10.29 10.61
CA TYR KA 35 -10.73 -11.55 10.04
C TYR KA 35 -9.44 -11.41 9.25
N ILE KA 36 -9.20 -10.25 8.63
CA ILE KA 36 -7.94 -10.03 7.93
C ILE KA 36 -6.79 -9.93 8.92
N PHE KA 37 -6.98 -9.19 10.01
CA PHE KA 37 -5.95 -9.12 11.04
C PHE KA 37 -5.83 -10.44 11.79
N ASN KA 38 -6.95 -11.14 11.98
CA ASN KA 38 -7.03 -12.45 12.63
C ASN KA 38 -6.44 -12.45 14.03
N GLU LA 1 6.09 -6.58 16.43
CA GLU LA 1 4.64 -6.58 16.38
C GLU LA 1 4.14 -6.02 15.06
N VAL LA 2 2.87 -5.60 15.04
CA VAL LA 2 2.18 -4.93 13.93
C VAL LA 2 2.00 -5.88 12.75
N ASN LA 3 0.74 -6.17 12.42
CA ASN LA 3 0.39 -6.96 11.25
C ASN LA 3 0.38 -6.01 10.06
N ILE LA 4 1.54 -5.86 9.41
CA ILE LA 4 1.66 -4.88 8.35
C ILE LA 4 0.92 -5.33 7.09
N LEU LA 5 0.75 -6.65 6.91
CA LEU LA 5 -0.06 -7.14 5.80
C LEU LA 5 -1.53 -6.77 5.98
N GLY LA 6 -2.07 -6.98 7.18
CA GLY LA 6 -3.43 -6.56 7.44
C GLY LA 6 -3.60 -5.06 7.37
N LEU LA 7 -2.59 -4.32 7.83
CA LEU LA 7 -2.63 -2.85 7.75
C LEU LA 7 -2.66 -2.39 6.29
N THR LA 8 -1.80 -2.96 5.45
CA THR LA 8 -1.77 -2.59 4.04
C THR LA 8 -3.06 -2.96 3.34
N ALA LA 9 -3.59 -4.15 3.63
CA ALA LA 9 -4.85 -4.58 3.00
C ALA LA 9 -6.01 -3.68 3.40
N THR LA 10 -6.12 -3.38 4.70
CA THR LA 10 -7.21 -2.52 5.16
C THR LA 10 -7.07 -1.10 4.61
N ALA LA 11 -5.85 -0.56 4.62
CA ALA LA 11 -5.61 0.78 4.11
C ALA LA 11 -5.91 0.88 2.62
N LEU LA 12 -5.52 -0.13 1.84
CA LEU LA 12 -5.80 -0.10 0.41
C LEU LA 12 -7.29 -0.27 0.12
N PHE LA 13 -7.95 -1.20 0.82
CA PHE LA 13 -9.38 -1.40 0.66
C PHE LA 13 -10.19 -0.19 1.11
N ILE LA 14 -9.63 0.65 1.99
CA ILE LA 14 -10.30 1.90 2.31
C ILE LA 14 -9.99 2.96 1.26
N ILE LA 15 -8.72 3.12 0.92
CA ILE LA 15 -8.28 4.27 0.13
C ILE LA 15 -8.77 4.17 -1.31
N ILE LA 16 -8.58 3.02 -1.97
CA ILE LA 16 -8.85 2.93 -3.41
C ILE LA 16 -10.34 3.12 -3.75
N PRO LA 17 -11.30 2.40 -3.14
CA PRO LA 17 -12.70 2.67 -3.52
C PRO LA 17 -13.23 4.01 -3.04
N THR LA 18 -12.77 4.50 -1.88
CA THR LA 18 -13.20 5.81 -1.41
C THR LA 18 -12.70 6.90 -2.35
N SER LA 19 -11.44 6.82 -2.76
CA SER LA 19 -10.91 7.80 -3.71
C SER LA 19 -11.61 7.71 -5.05
N PHE LA 20 -11.91 6.48 -5.50
CA PHE LA 20 -12.63 6.30 -6.77
C PHE LA 20 -14.02 6.93 -6.72
N LEU LA 21 -14.76 6.68 -5.63
CA LEU LA 21 -16.09 7.25 -5.47
C LEU LA 21 -16.04 8.77 -5.31
N LEU LA 22 -15.05 9.28 -4.58
CA LEU LA 22 -14.92 10.71 -4.40
C LEU LA 22 -14.58 11.42 -5.71
N ILE LA 23 -13.73 10.80 -6.53
CA ILE LA 23 -13.40 11.37 -7.83
C ILE LA 23 -14.63 11.38 -8.73
N LEU LA 24 -15.41 10.28 -8.71
CA LEU LA 24 -16.64 10.25 -9.50
C LEU LA 24 -17.63 11.32 -9.03
N TYR LA 25 -17.78 11.48 -7.71
CA TYR LA 25 -18.70 12.49 -7.20
C TYR LA 25 -18.24 13.90 -7.54
N VAL LA 26 -16.93 14.15 -7.47
CA VAL LA 26 -16.40 15.47 -7.79
C VAL LA 26 -16.61 15.80 -9.27
N LYS LA 27 -16.31 14.84 -10.16
CA LYS LA 27 -16.51 15.12 -11.57
C LYS LA 27 -18.00 15.18 -11.95
N THR LA 28 -18.87 14.52 -11.18
CA THR LA 28 -20.30 14.65 -11.43
C THR LA 28 -20.83 15.99 -10.97
N ALA LA 29 -20.40 16.45 -9.79
CA ALA LA 29 -20.86 17.73 -9.26
C ALA LA 29 -20.24 18.91 -9.98
N ALA LA 30 -19.07 18.73 -10.60
CA ALA LA 30 -18.45 19.82 -11.35
C ALA LA 30 -19.23 20.13 -12.62
N SER LA 31 -19.69 19.11 -13.32
CA SER LA 31 -20.46 19.25 -14.55
C SER LA 31 -21.88 18.77 -14.29
N GLU LA 32 -22.78 19.70 -13.98
CA GLU LA 32 -24.16 19.36 -13.70
C GLU LA 32 -24.88 18.83 -14.94
N LEU MA 1 -20.97 -1.09 66.50
CA LEU MA 1 -22.03 -1.76 67.24
C LEU MA 1 -21.50 -2.98 67.98
N THR MA 2 -21.95 -3.18 69.22
CA THR MA 2 -21.52 -4.33 70.00
C THR MA 2 -22.41 -5.52 69.68
N TYR MA 3 -22.00 -6.68 70.20
CA TYR MA 3 -22.74 -7.92 69.96
C TYR MA 3 -24.13 -7.91 70.58
N ASP MA 4 -24.35 -7.08 71.61
CA ASP MA 4 -25.66 -7.04 72.25
C ASP MA 4 -26.73 -6.45 71.34
N GLU MA 5 -26.41 -5.34 70.66
CA GLU MA 5 -27.40 -4.70 69.79
C GLU MA 5 -27.39 -5.24 68.37
N LEU MA 6 -26.41 -6.06 68.00
CA LEU MA 6 -26.50 -6.75 66.71
C LEU MA 6 -27.53 -7.87 66.77
N GLN MA 7 -27.60 -8.57 67.89
CA GLN MA 7 -28.62 -9.60 68.07
C GLN MA 7 -30.01 -9.00 68.26
N GLY MA 8 -30.10 -7.73 68.65
CA GLY MA 8 -31.36 -7.05 68.79
C GLY MA 8 -31.95 -6.51 67.51
N LEU MA 9 -31.24 -6.67 66.39
CA LEU MA 9 -31.72 -6.23 65.09
C LEU MA 9 -32.26 -7.40 64.30
N THR MA 10 -33.32 -7.16 63.54
CA THR MA 10 -33.87 -8.17 62.67
C THR MA 10 -33.00 -8.33 61.43
N TYR MA 11 -33.30 -9.36 60.64
CA TYR MA 11 -32.57 -9.58 59.39
C TYR MA 11 -32.83 -8.46 58.40
N LEU MA 12 -34.08 -7.98 58.32
CA LEU MA 12 -34.42 -6.95 57.35
C LEU MA 12 -33.79 -5.60 57.69
N GLN MA 13 -33.52 -5.34 58.97
CA GLN MA 13 -32.89 -4.08 59.35
C GLN MA 13 -31.43 -4.06 58.98
N VAL MA 14 -30.75 -5.20 59.13
CA VAL MA 14 -29.32 -5.28 58.81
C VAL MA 14 -29.11 -5.41 57.30
N LYS MA 15 -30.09 -5.98 56.59
CA LYS MA 15 -29.95 -6.29 55.18
C LYS MA 15 -29.79 -5.02 54.34
N GLY MA 16 -28.77 -5.01 53.49
CA GLY MA 16 -28.52 -3.90 52.59
C GLY MA 16 -27.87 -2.69 53.20
N THR MA 17 -27.45 -2.76 54.46
CA THR MA 17 -26.88 -1.61 55.15
C THR MA 17 -25.38 -1.71 55.41
N GLY MA 18 -24.77 -2.87 55.16
CA GLY MA 18 -23.36 -3.06 55.41
C GLY MA 18 -23.01 -3.40 56.84
N ILE MA 19 -24.00 -3.49 57.72
CA ILE MA 19 -23.76 -3.82 59.12
C ILE MA 19 -23.28 -5.26 59.27
N ALA MA 20 -23.79 -6.17 58.43
CA ALA MA 20 -23.45 -7.59 58.53
C ALA MA 20 -21.99 -7.89 58.20
N ASN MA 21 -21.27 -6.96 57.57
CA ASN MA 21 -19.86 -7.15 57.28
C ASN MA 21 -18.97 -6.57 58.37
N THR MA 22 -19.53 -5.91 59.37
CA THR MA 22 -18.76 -5.27 60.43
C THR MA 22 -18.66 -6.18 61.64
N CYS MA 23 -17.46 -6.28 62.20
CA CYS MA 23 -17.29 -7.06 63.42
C CYS MA 23 -17.84 -6.26 64.61
N PRO MA 24 -18.29 -6.95 65.66
CA PRO MA 24 -18.73 -6.24 66.87
C PRO MA 24 -17.55 -5.58 67.57
N VAL MA 25 -17.88 -4.57 68.38
CA VAL MA 25 -16.90 -3.86 69.18
C VAL MA 25 -17.25 -4.05 70.65
N VAL MA 26 -16.36 -3.58 71.52
CA VAL MA 26 -16.58 -3.61 72.96
C VAL MA 26 -16.60 -2.16 73.45
N GLU MA 27 -17.67 -1.80 74.14
CA GLU MA 27 -17.84 -0.45 74.67
C GLU MA 27 -17.77 -0.39 76.19
N GLN MA 28 -18.24 -1.41 76.88
CA GLN MA 28 -18.21 -1.45 78.34
C GLN MA 28 -16.95 -2.11 78.89
N GLY MA 29 -16.03 -2.52 78.03
CA GLY MA 29 -14.83 -3.20 78.48
C GLY MA 29 -13.76 -2.24 78.98
N THR MA 30 -12.66 -2.84 79.43
CA THR MA 30 -11.53 -2.10 79.97
C THR MA 30 -10.31 -2.29 79.07
N SER MA 31 -9.43 -1.30 79.06
CA SER MA 31 -8.21 -1.34 78.26
C SER MA 31 -7.02 -1.90 79.02
N ASN MA 32 -7.25 -2.46 80.21
CA ASN MA 32 -6.14 -2.98 81.01
C ASN MA 32 -5.51 -4.21 80.37
N VAL MA 33 -6.29 -5.00 79.63
CA VAL MA 33 -5.86 -6.17 78.85
C VAL MA 33 -5.32 -7.29 79.75
N ARG MA 34 -4.33 -6.98 80.59
CA ARG MA 34 -3.71 -7.97 81.47
C ARG MA 34 -4.65 -8.47 82.57
N GLU MA 35 -5.80 -7.83 82.76
CA GLU MA 35 -6.75 -8.21 83.80
C GLU MA 35 -7.45 -9.54 83.48
N LEU MA 36 -7.35 -10.02 82.24
CA LEU MA 36 -8.04 -11.23 81.80
C LEU MA 36 -7.61 -12.44 82.62
N LYS MA 37 -8.60 -13.22 83.05
CA LYS MA 37 -8.35 -14.36 83.93
C LYS MA 37 -7.65 -15.47 83.17
N PRO MA 38 -6.57 -16.03 83.71
CA PRO MA 38 -5.87 -17.11 83.03
C PRO MA 38 -6.67 -18.41 83.05
N GLY MA 39 -6.31 -19.30 82.14
CA GLY MA 39 -6.93 -20.60 82.06
C GLY MA 39 -7.00 -21.07 80.62
N ASP MA 40 -7.72 -22.16 80.42
CA ASP MA 40 -7.96 -22.73 79.10
C ASP MA 40 -9.33 -22.27 78.62
N TYR MA 41 -9.36 -21.62 77.47
CA TYR MA 41 -10.58 -21.04 76.93
C TYR MA 41 -10.92 -21.66 75.59
N LYS MA 42 -12.20 -21.59 75.24
CA LYS MA 42 -12.74 -22.10 73.98
C LYS MA 42 -13.56 -20.95 73.38
N LEU MA 43 -12.91 -20.05 72.65
CA LEU MA 43 -13.60 -18.88 72.13
C LEU MA 43 -14.41 -19.24 70.90
N GLU MA 44 -15.55 -18.56 70.74
CA GLU MA 44 -16.43 -18.75 69.61
C GLU MA 44 -16.81 -17.39 69.05
N LYS MA 45 -17.41 -17.42 67.85
CA LYS MA 45 -17.80 -16.20 67.12
C LYS MA 45 -16.61 -15.26 66.93
N PHE MA 46 -15.47 -15.84 66.59
CA PHE MA 46 -14.25 -15.07 66.35
C PHE MA 46 -14.42 -14.27 65.07
N CYS MA 47 -14.52 -12.95 65.20
CA CYS MA 47 -14.73 -12.07 64.07
C CYS MA 47 -13.40 -11.45 63.65
N MET MA 48 -13.31 -11.10 62.36
CA MET MA 48 -12.06 -10.58 61.81
C MET MA 48 -12.39 -9.80 60.54
N GLU MA 49 -12.41 -8.47 60.64
CA GLU MA 49 -12.67 -7.66 59.46
C GLU MA 49 -11.49 -6.75 59.15
N PRO MA 50 -11.24 -6.46 57.88
CA PRO MA 50 -10.11 -5.61 57.52
C PRO MA 50 -10.49 -4.13 57.43
N THR MA 51 -9.46 -3.29 57.49
CA THR MA 51 -9.60 -1.86 57.29
C THR MA 51 -8.76 -1.32 56.15
N SER MA 52 -7.77 -2.07 55.69
CA SER MA 52 -6.93 -1.63 54.57
C SER MA 52 -6.39 -2.85 53.85
N PHE MA 53 -6.18 -2.70 52.54
CA PHE MA 53 -5.63 -3.74 51.68
C PHE MA 53 -4.47 -3.15 50.91
N THR MA 54 -3.25 -3.40 51.36
CA THR MA 54 -2.05 -2.90 50.71
C THR MA 54 -1.25 -4.05 50.11
N VAL MA 55 -0.77 -3.85 48.89
CA VAL MA 55 -0.10 -4.88 48.11
C VAL MA 55 1.37 -4.50 47.95
N LYS MA 56 2.25 -5.46 48.18
CA LYS MA 56 3.69 -5.28 48.01
C LYS MA 56 4.07 -5.63 46.58
N GLU MA 57 4.39 -4.62 45.78
CA GLU MA 57 5.03 -4.85 44.50
C GLU MA 57 6.46 -4.34 44.59
N GLU MA 58 7.36 -5.15 44.02
CA GLU MA 58 8.82 -4.83 44.02
C GLU MA 58 9.23 -4.08 42.74
N ASP MA 59 9.75 -2.87 42.93
CA ASP MA 59 10.25 -2.13 41.75
C ASP MA 59 11.54 -2.81 41.31
N ALA MA 60 11.97 -2.53 40.10
CA ALA MA 60 13.25 -3.03 39.57
C ALA MA 60 14.37 -2.02 39.79
N LYS MA 61 14.46 -1.47 41.01
CA LYS MA 61 15.62 -0.67 41.41
C LYS MA 61 16.06 -0.90 42.85
N GLY MA 62 15.34 -1.71 43.62
CA GLY MA 62 15.83 -2.15 44.91
C GLY MA 62 15.41 -1.40 46.18
N ARG MA 63 14.11 -1.22 46.40
CA ARG MA 63 13.65 -0.78 47.72
C ARG MA 63 12.24 -1.32 47.94
N GLU MA 64 11.85 -1.37 49.22
CA GLU MA 64 10.62 -2.00 49.66
C GLU MA 64 9.60 -0.94 50.08
N GLU MA 65 8.41 -0.99 49.48
CA GLU MA 65 7.30 -0.10 49.78
C GLU MA 65 5.98 -0.81 49.48
N PHE MA 66 4.99 -0.56 50.34
CA PHE MA 66 3.61 -0.96 50.12
C PHE MA 66 2.83 0.23 49.57
N VAL MA 67 1.70 -0.05 48.91
CA VAL MA 67 0.87 0.98 48.31
C VAL MA 67 -0.60 0.68 48.63
N LYS MA 68 -1.36 1.73 48.88
CA LYS MA 68 -2.80 1.58 49.05
C LYS MA 68 -3.46 1.25 47.72
N THR MA 69 -4.54 0.48 47.78
CA THR MA 69 -5.20 -0.03 46.59
C THR MA 69 -6.70 0.24 46.67
N LYS MA 70 -7.39 -0.06 45.56
CA LYS MA 70 -8.83 0.12 45.44
C LYS MA 70 -9.50 -1.25 45.32
N LEU MA 71 -10.51 -1.48 46.16
CA LEU MA 71 -11.19 -2.77 46.19
C LEU MA 71 -12.21 -2.88 45.07
N LEU MA 72 -12.18 -4.01 44.37
CA LEU MA 72 -13.10 -4.29 43.27
C LEU MA 72 -14.28 -5.14 43.71
N THR MA 73 -14.06 -6.07 44.62
CA THR MA 73 -15.14 -6.86 45.19
C THR MA 73 -15.79 -6.06 46.32
N ARG MA 74 -17.11 -6.18 46.43
CA ARG MA 74 -17.83 -5.48 47.49
C ARG MA 74 -17.70 -6.22 48.82
N LEU MA 75 -18.58 -5.92 49.77
CA LEU MA 75 -18.37 -6.31 51.16
C LEU MA 75 -18.48 -7.82 51.39
N THR MA 76 -17.50 -8.56 50.86
CA THR MA 76 -17.36 -10.00 51.12
C THR MA 76 -16.05 -10.29 51.83
N TYR MA 77 -15.35 -9.29 52.36
CA TYR MA 77 -13.97 -9.54 52.85
C TYR MA 77 -13.93 -9.92 54.35
N GLY MA 78 -15.03 -9.80 55.12
CA GLY MA 78 -14.95 -10.08 56.53
C GLY MA 78 -14.87 -11.58 56.80
N LEU MA 79 -14.38 -11.86 58.02
CA LEU MA 79 -14.29 -13.25 58.51
C LEU MA 79 -15.29 -13.31 59.67
N ASP MA 80 -16.17 -14.30 59.70
CA ASP MA 80 -17.18 -14.38 60.74
C ASP MA 80 -17.41 -15.84 61.14
N GLY MA 81 -17.86 -16.04 62.38
CA GLY MA 81 -18.30 -17.34 62.82
C GLY MA 81 -17.23 -18.37 63.08
N MET MA 82 -16.00 -17.93 63.34
CA MET MA 82 -14.92 -18.88 63.61
C MET MA 82 -14.83 -19.17 65.11
N ASN MA 83 -14.15 -20.26 65.43
CA ASN MA 83 -13.97 -20.66 66.82
C ASN MA 83 -12.64 -21.40 66.97
N GLY MA 84 -12.18 -21.47 68.21
CA GLY MA 84 -10.91 -22.12 68.52
C GLY MA 84 -10.61 -22.10 70.00
N SER MA 85 -9.34 -22.14 70.37
CA SER MA 85 -8.94 -22.18 71.76
C SER MA 85 -7.90 -21.11 72.06
N MET MA 86 -7.90 -20.65 73.31
CA MET MA 86 -6.87 -19.74 73.83
C MET MA 86 -6.48 -20.20 75.22
N LYS MA 87 -5.27 -20.74 75.35
CA LYS MA 87 -4.72 -21.13 76.65
C LYS MA 87 -3.95 -19.93 77.19
N ILE MA 88 -4.65 -19.07 77.92
CA ILE MA 88 -4.04 -17.88 78.50
C ILE MA 88 -3.44 -18.23 79.84
N ASN MA 89 -2.20 -17.81 80.06
CA ASN MA 89 -1.50 -18.02 81.33
C ASN MA 89 -1.56 -16.74 82.16
N ASN MA 90 -1.08 -16.84 83.40
CA ASN MA 90 -1.11 -15.71 84.32
C ASN MA 90 -0.18 -14.58 83.87
N ASP MA 91 0.97 -14.92 83.30
CA ASP MA 91 1.89 -13.90 82.82
C ASP MA 91 1.38 -13.21 81.56
N GLY MA 92 0.62 -13.93 80.72
CA GLY MA 92 0.05 -13.32 79.54
C GLY MA 92 0.24 -14.13 78.27
N SER MA 93 0.95 -15.25 78.35
CA SER MA 93 1.19 -16.08 77.19
C SER MA 93 -0.11 -16.72 76.70
N VAL MA 94 -0.29 -16.74 75.38
CA VAL MA 94 -1.53 -17.21 74.79
C VAL MA 94 -1.24 -18.39 73.86
N GLU MA 95 -2.29 -19.14 73.56
CA GLU MA 95 -2.25 -20.27 72.64
C GLU MA 95 -3.45 -20.18 71.69
N PHE MA 96 -3.58 -19.01 71.06
CA PHE MA 96 -4.64 -18.81 70.08
C PHE MA 96 -4.51 -19.79 68.92
N ARG MA 97 -5.62 -20.45 68.58
CA ARG MA 97 -5.59 -21.50 67.55
C ARG MA 97 -6.98 -21.58 66.92
N GLU MA 98 -7.14 -20.99 65.74
CA GLU MA 98 -8.40 -21.06 65.02
C GLU MA 98 -8.58 -22.45 64.41
N ASP MA 99 -9.82 -22.95 64.46
CA ASP MA 99 -10.11 -24.30 63.98
C ASP MA 99 -11.03 -24.32 62.77
N GLU MA 100 -12.23 -23.71 62.85
CA GLU MA 100 -13.19 -23.86 61.78
C GLU MA 100 -14.13 -22.65 61.78
N GLY MA 101 -14.59 -22.28 60.59
CA GLY MA 101 -15.51 -21.18 60.41
C GLY MA 101 -15.40 -20.64 58.99
N LEU MA 102 -15.89 -19.41 58.79
CA LEU MA 102 -15.63 -18.70 57.54
C LEU MA 102 -14.25 -18.09 57.63
N ASP MA 103 -13.26 -18.97 57.48
CA ASP MA 103 -11.84 -18.66 57.65
C ASP MA 103 -11.15 -18.27 56.35
N TYR MA 104 -11.92 -17.82 55.36
CA TYR MA 104 -11.37 -17.43 54.07
C TYR MA 104 -12.39 -16.53 53.36
N ALA MA 105 -11.89 -15.78 52.39
CA ALA MA 105 -12.73 -14.90 51.56
C ALA MA 105 -11.96 -14.56 50.31
N ALA MA 106 -12.51 -14.89 49.15
CA ALA MA 106 -11.87 -14.55 47.89
C ALA MA 106 -12.06 -13.06 47.61
N THR MA 107 -10.96 -12.32 47.57
CA THR MA 107 -10.99 -10.87 47.40
C THR MA 107 -10.16 -10.49 46.19
N THR MA 108 -10.71 -9.61 45.36
CA THR MA 108 -10.00 -9.05 44.22
C THR MA 108 -9.81 -7.55 44.47
N VAL MA 109 -8.58 -7.08 44.33
CA VAL MA 109 -8.26 -5.68 44.58
C VAL MA 109 -7.48 -5.17 43.38
N LYS MA 110 -7.56 -3.85 43.13
CA LYS MA 110 -6.95 -3.24 41.96
C LYS MA 110 -5.76 -2.40 42.39
N LEU MA 111 -4.58 -2.74 41.86
CA LEU MA 111 -3.39 -1.94 42.08
C LEU MA 111 -3.48 -0.64 41.29
N PRO MA 112 -2.75 0.40 41.71
CA PRO MA 112 -2.60 1.56 40.84
C PRO MA 112 -1.91 1.17 39.54
N GLY MA 113 -2.42 1.68 38.44
CA GLY MA 113 -2.00 1.26 37.12
C GLY MA 113 -2.98 0.33 36.44
N GLY MA 114 -3.96 -0.21 37.16
CA GLY MA 114 -5.01 -0.99 36.56
C GLY MA 114 -4.79 -2.48 36.51
N GLU MA 115 -3.97 -3.04 37.39
CA GLU MA 115 -3.70 -4.48 37.39
C GLU MA 115 -4.52 -5.15 38.50
N TYR MA 116 -5.26 -6.19 38.13
CA TYR MA 116 -6.13 -6.88 39.07
C TYR MA 116 -5.30 -7.81 39.95
N VAL MA 117 -5.50 -7.71 41.26
CA VAL MA 117 -4.80 -8.59 42.19
C VAL MA 117 -5.82 -9.40 42.98
N PRO MA 118 -6.13 -10.62 42.55
CA PRO MA 118 -6.98 -11.49 43.37
C PRO MA 118 -6.16 -12.17 44.44
N PHE MA 119 -6.81 -12.42 45.58
CA PHE MA 119 -6.17 -13.14 46.66
C PHE MA 119 -7.24 -13.75 47.55
N LEU MA 120 -6.82 -14.70 48.36
CA LEU MA 120 -7.71 -15.43 49.26
C LEU MA 120 -7.34 -15.01 50.68
N PHE MA 121 -8.13 -14.11 51.26
CA PHE MA 121 -7.88 -13.58 52.60
C PHE MA 121 -8.27 -14.65 53.62
N THR MA 122 -7.28 -15.37 54.14
CA THR MA 122 -7.49 -16.48 55.05
C THR MA 122 -6.80 -16.24 56.38
N ILE MA 123 -7.32 -16.88 57.42
CA ILE MA 123 -6.68 -16.95 58.72
C ILE MA 123 -6.77 -18.40 59.19
N LYS MA 124 -7.09 -19.30 58.27
CA LYS MA 124 -7.32 -20.70 58.63
C LYS MA 124 -6.05 -21.40 59.06
N GLU MA 125 -6.20 -22.29 60.05
CA GLU MA 125 -5.11 -23.08 60.64
C GLU MA 125 -3.99 -22.19 61.17
N PHE MA 126 -4.39 -21.18 61.96
CA PHE MA 126 -3.46 -20.19 62.49
C PHE MA 126 -3.21 -20.47 63.96
N ASP MA 127 -1.94 -20.53 64.35
CA ASP MA 127 -1.58 -20.69 65.76
C ASP MA 127 -0.96 -19.39 66.27
N GLY MA 128 -1.25 -19.07 67.52
CA GLY MA 128 -0.77 -17.82 68.09
C GLY MA 128 0.04 -17.99 69.36
N LYS MA 129 1.29 -17.54 69.32
CA LYS MA 129 2.19 -17.61 70.47
C LYS MA 129 2.72 -16.22 70.78
N GLY MA 130 2.64 -15.82 72.03
CA GLY MA 130 3.09 -14.53 72.46
C GLY MA 130 2.26 -14.04 73.63
N THR MA 131 2.52 -12.79 74.02
CA THR MA 131 1.81 -12.19 75.14
C THR MA 131 0.49 -11.59 74.67
N LEU MA 132 -0.23 -10.96 75.61
CA LEU MA 132 -1.49 -10.29 75.27
C LEU MA 132 -1.25 -9.03 74.45
N ASP MA 133 -0.12 -8.36 74.65
CA ASP MA 133 0.16 -7.13 73.90
C ASP MA 133 0.38 -7.42 72.43
N SER MA 134 1.03 -8.54 72.11
CA SER MA 134 1.29 -8.90 70.71
C SER MA 134 1.59 -10.38 70.63
N PHE MA 135 0.83 -11.11 69.81
CA PHE MA 135 1.11 -12.51 69.53
C PHE MA 135 0.94 -12.76 68.05
N SER MA 136 1.84 -13.54 67.46
CA SER MA 136 1.88 -13.78 66.02
C SER MA 136 1.95 -15.28 65.76
N GLY MA 137 2.11 -15.62 64.49
CA GLY MA 137 2.16 -17.03 64.09
C GLY MA 137 2.02 -17.15 62.59
N ASP MA 138 1.68 -18.36 62.15
CA ASP MA 138 1.52 -18.66 60.73
C ASP MA 138 0.18 -19.34 60.49
N PHE MA 139 -0.37 -19.13 59.29
CA PHE MA 139 -1.63 -19.73 58.88
C PHE MA 139 -1.51 -20.30 57.48
N LEU MA 140 -2.35 -21.28 57.19
CA LEU MA 140 -2.36 -21.93 55.88
C LEU MA 140 -3.10 -21.05 54.88
N VAL MA 141 -2.52 -20.90 53.70
CA VAL MA 141 -3.13 -20.17 52.60
C VAL MA 141 -3.39 -21.16 51.47
N PRO MA 142 -4.66 -21.41 51.11
CA PRO MA 142 -4.93 -22.27 49.94
C PRO MA 142 -4.53 -21.59 48.64
N SER MA 143 -4.74 -22.27 47.50
CA SER MA 143 -4.34 -21.73 46.21
C SER MA 143 -5.07 -20.44 45.89
N TYR MA 144 -6.38 -20.56 45.64
CA TYR MA 144 -7.38 -19.54 45.28
C TYR MA 144 -8.47 -20.27 44.49
N ARG MA 145 -8.05 -21.11 43.56
CA ARG MA 145 -8.94 -21.92 42.74
C ARG MA 145 -8.70 -23.39 43.07
N GLY MA 146 -9.76 -24.18 43.00
CA GLY MA 146 -9.64 -25.60 43.16
C GLY MA 146 -9.04 -26.24 41.93
N SER MA 147 -8.70 -27.53 42.05
CA SER MA 147 -8.14 -28.25 40.92
C SER MA 147 -9.17 -28.58 39.85
N THR MA 148 -10.45 -28.38 40.13
CA THR MA 148 -11.52 -28.58 39.16
C THR MA 148 -11.86 -27.30 38.41
N PHE MA 149 -11.14 -26.21 38.67
CA PHE MA 149 -11.35 -24.97 37.96
C PHE MA 149 -10.73 -25.05 36.57
N LEU MA 150 -11.49 -24.63 35.56
CA LEU MA 150 -11.03 -24.64 34.18
C LEU MA 150 -10.73 -23.21 33.75
N ASP MA 151 -9.65 -23.04 32.99
CA ASP MA 151 -9.28 -21.75 32.45
C ASP MA 151 -10.19 -21.40 31.27
N PRO MA 152 -10.07 -20.19 30.71
CA PRO MA 152 -10.83 -19.85 29.50
C PRO MA 152 -10.68 -20.82 28.32
N LYS MA 153 -9.58 -21.55 28.22
CA LYS MA 153 -9.38 -22.55 27.18
C LYS MA 153 -9.71 -23.97 27.60
N GLY MA 154 -10.24 -24.18 28.80
CA GLY MA 154 -10.64 -25.49 29.25
C GLY MA 154 -9.56 -26.32 29.90
N ARG MA 155 -8.32 -25.85 29.91
CA ARG MA 155 -7.24 -26.57 30.56
C ARG MA 155 -7.38 -26.46 32.09
N GLY MA 156 -6.81 -27.43 32.78
CA GLY MA 156 -6.93 -27.44 34.23
C GLY MA 156 -6.00 -28.43 34.88
N GLY MA 157 -6.32 -28.74 36.13
CA GLY MA 157 -5.55 -29.61 37.01
C GLY MA 157 -6.19 -30.98 37.07
N ALA MA 158 -7.02 -31.21 38.10
CA ALA MA 158 -7.70 -32.49 38.24
C ALA MA 158 -8.57 -32.79 37.01
N THR MA 159 -9.31 -31.81 36.53
CA THR MA 159 -10.03 -31.93 35.27
C THR MA 159 -9.59 -30.81 34.34
N GLY MA 160 -9.60 -31.09 33.05
CA GLY MA 160 -9.22 -30.10 32.07
C GLY MA 160 -8.63 -30.73 30.83
N TYR MA 161 -7.93 -29.90 30.06
CA TYR MA 161 -7.35 -30.28 28.79
C TYR MA 161 -5.86 -30.55 28.84
N ASP MA 162 -5.12 -29.82 29.70
CA ASP MA 162 -3.66 -29.80 29.84
C ASP MA 162 -2.93 -29.78 28.50
N ASN MA 163 -3.49 -29.09 27.52
CA ASN MA 163 -2.92 -29.03 26.18
C ASN MA 163 -3.56 -27.86 25.44
N ALA MA 164 -2.78 -27.23 24.57
CA ALA MA 164 -3.30 -26.14 23.74
C ALA MA 164 -4.19 -26.73 22.67
N ILE MA 165 -5.49 -26.79 22.95
CA ILE MA 165 -6.47 -27.39 22.05
C ILE MA 165 -6.71 -26.52 20.83
N ALA MA 166 -6.50 -25.21 20.95
CA ALA MA 166 -6.76 -24.27 19.86
C ALA MA 166 -5.89 -24.54 18.64
N LEU MA 167 -4.71 -25.12 18.85
CA LEU MA 167 -3.75 -25.30 17.78
C LEU MA 167 -2.97 -26.60 17.99
N PRO MA 168 -3.02 -27.53 17.03
CA PRO MA 168 -2.40 -28.84 17.21
C PRO MA 168 -0.89 -28.87 17.01
N ALA MA 169 -0.22 -27.71 16.96
CA ALA MA 169 1.22 -27.67 16.76
C ALA MA 169 1.92 -26.79 17.79
N LYS MA 170 1.40 -26.75 19.01
CA LYS MA 170 2.06 -25.96 20.07
C LYS MA 170 1.81 -26.65 21.42
N ALA MA 171 2.73 -27.53 21.79
CA ALA MA 171 2.75 -28.13 23.13
C ALA MA 171 4.18 -28.33 23.61
N ASP MA 172 5.14 -27.58 23.07
CA ASP MA 172 6.56 -27.83 23.31
C ASP MA 172 6.97 -27.29 24.67
N ALA MA 173 8.29 -27.22 24.90
CA ALA MA 173 8.81 -26.81 26.20
C ALA MA 173 8.82 -25.29 26.35
N ASP MA 174 7.68 -24.66 26.09
CA ASP MA 174 7.46 -23.25 26.38
C ASP MA 174 6.12 -23.00 27.05
N GLU MA 175 5.14 -23.89 26.87
CA GLU MA 175 3.85 -23.81 27.52
C GLU MA 175 3.79 -24.68 28.78
N ILE MA 176 4.94 -25.19 29.22
CA ILE MA 176 5.01 -26.04 30.41
C ILE MA 176 4.54 -25.27 31.64
N GLN MA 177 4.86 -23.98 31.70
CA GLN MA 177 4.38 -23.14 32.80
C GLN MA 177 2.86 -23.01 32.77
N ARG MA 178 2.24 -23.12 31.59
CA ARG MA 178 0.80 -22.95 31.45
C ARG MA 178 0.04 -24.27 31.38
N LEU MA 179 0.61 -25.31 30.77
CA LEU MA 179 -0.08 -26.59 30.62
C LEU MA 179 0.35 -27.63 31.65
N ASN MA 180 1.64 -27.96 31.68
CA ASN MA 180 2.10 -29.15 32.38
C ASN MA 180 2.08 -28.99 33.90
N ASN MA 181 2.44 -27.80 34.40
CA ASN MA 181 2.56 -27.64 35.84
C ASN MA 181 1.20 -27.62 36.53
N LYS MA 182 0.40 -26.59 36.27
CA LYS MA 182 -0.93 -26.41 36.86
C LYS MA 182 -0.92 -26.60 38.38
N SER MA 183 0.01 -25.92 39.05
CA SER MA 183 0.23 -26.16 40.47
C SER MA 183 -0.87 -25.54 41.32
N TYR MA 184 -1.26 -26.28 42.37
CA TYR MA 184 -2.21 -25.78 43.36
C TYR MA 184 -1.63 -25.89 44.77
N THR MA 185 -0.30 -25.88 44.88
CA THR MA 185 0.34 -26.08 46.17
C THR MA 185 0.03 -24.93 47.12
N PRO MA 186 -0.45 -25.20 48.32
CA PRO MA 186 -0.81 -24.10 49.24
C PRO MA 186 0.41 -23.35 49.73
N GLY MA 187 0.22 -22.05 49.95
CA GLY MA 187 1.24 -21.22 50.59
C GLY MA 187 0.93 -21.02 52.06
N LYS MA 188 1.74 -20.19 52.69
CA LYS MA 188 1.54 -19.86 54.09
C LYS MA 188 1.72 -18.36 54.28
N GLY MA 189 1.04 -17.83 55.29
CA GLY MA 189 1.12 -16.42 55.60
C GLY MA 189 1.34 -16.22 57.08
N SER MA 190 1.83 -15.03 57.42
CA SER MA 190 2.12 -14.65 58.80
C SER MA 190 1.22 -13.49 59.20
N ALA MA 191 0.55 -13.62 60.33
CA ALA MA 191 -0.30 -12.58 60.89
C ALA MA 191 0.12 -12.29 62.33
N VAL MA 192 0.07 -11.03 62.71
CA VAL MA 192 0.37 -10.60 64.07
C VAL MA 192 -0.90 -9.97 64.64
N PHE MA 193 -1.24 -10.36 65.87
CA PHE MA 193 -2.44 -9.89 66.55
C PHE MA 193 -2.06 -9.09 67.78
N SER MA 194 -3.06 -8.42 68.35
CA SER MA 194 -2.89 -7.66 69.58
C SER MA 194 -4.23 -7.60 70.28
N VAL MA 195 -4.23 -7.72 71.60
CA VAL MA 195 -5.44 -7.72 72.39
C VAL MA 195 -5.61 -6.34 73.02
N ALA MA 196 -6.76 -5.72 72.76
CA ALA MA 196 -7.12 -4.45 73.38
C ALA MA 196 -8.60 -4.50 73.73
N LYS MA 197 -8.99 -3.65 74.69
CA LYS MA 197 -10.38 -3.52 75.14
C LYS MA 197 -10.95 -4.86 75.60
N VAL MA 198 -10.35 -5.39 76.67
CA VAL MA 198 -10.81 -6.66 77.22
C VAL MA 198 -12.10 -6.44 77.99
N ASP MA 199 -12.94 -7.47 78.05
CA ASP MA 199 -14.15 -7.44 78.86
C ASP MA 199 -14.06 -8.54 79.91
N THR MA 200 -14.42 -8.20 81.14
CA THR MA 200 -14.30 -9.10 82.29
C THR MA 200 -15.56 -9.92 82.53
N GLU MA 201 -16.73 -9.27 82.47
CA GLU MA 201 -17.97 -9.92 82.87
C GLU MA 201 -18.36 -11.06 81.93
N THR MA 202 -18.14 -10.88 80.62
CA THR MA 202 -18.56 -11.88 79.65
C THR MA 202 -17.44 -12.30 78.69
N GLY MA 203 -16.19 -11.90 78.95
CA GLY MA 203 -15.05 -12.38 78.19
C GLY MA 203 -15.03 -12.02 76.71
N GLU MA 204 -15.11 -10.73 76.40
CA GLU MA 204 -15.19 -10.26 75.02
C GLU MA 204 -13.97 -9.40 74.72
N ILE MA 205 -13.09 -9.90 73.85
CA ILE MA 205 -11.86 -9.22 73.47
C ILE MA 205 -12.00 -8.71 72.05
N ALA MA 206 -11.47 -7.51 71.80
CA ALA MA 206 -11.56 -6.91 70.46
C ALA MA 206 -10.33 -6.04 70.22
N GLY MA 207 -9.32 -6.63 69.58
CA GLY MA 207 -8.10 -5.94 69.26
C GLY MA 207 -7.96 -5.66 67.77
N VAL MA 208 -6.72 -5.49 67.35
CA VAL MA 208 -6.39 -5.24 65.94
C VAL MA 208 -5.42 -6.30 65.46
N PHE MA 209 -5.30 -6.41 64.14
CA PHE MA 209 -4.42 -7.40 63.54
C PHE MA 209 -3.72 -6.79 62.33
N GLU MA 210 -2.61 -7.42 61.94
CA GLU MA 210 -1.90 -7.12 60.70
C GLU MA 210 -1.46 -8.44 60.10
N SER MA 211 -1.93 -8.74 58.89
CA SER MA 211 -1.70 -10.03 58.27
C SER MA 211 -0.91 -9.86 56.97
N ILE MA 212 0.04 -10.76 56.76
CA ILE MA 212 0.83 -10.82 55.53
C ILE MA 212 0.60 -12.19 54.91
N GLN MA 213 0.24 -12.21 53.63
CA GLN MA 213 -0.04 -13.47 52.95
C GLN MA 213 0.21 -13.31 51.47
N PRO MA 214 0.56 -14.38 50.77
CA PRO MA 214 0.75 -14.28 49.32
C PRO MA 214 -0.57 -14.10 48.58
N SER MA 215 -0.46 -13.55 47.38
CA SER MA 215 -1.61 -13.33 46.52
C SER MA 215 -1.86 -14.57 45.68
N ASP MA 216 -2.71 -14.46 44.67
CA ASP MA 216 -3.01 -15.57 43.79
C ASP MA 216 -1.95 -15.70 42.70
N THR MA 217 -1.51 -16.93 42.47
CA THR MA 217 -0.63 -17.25 41.36
C THR MA 217 -1.39 -17.65 40.10
N GLU MA 218 -2.67 -17.26 40.03
CA GLU MA 218 -3.61 -17.73 39.01
C GLU MA 218 -3.65 -19.25 38.98
N MET MA 219 -2.87 -19.83 38.07
CA MET MA 219 -2.81 -21.28 37.93
C MET MA 219 -1.39 -21.78 38.14
N GLY MA 220 -0.54 -20.97 38.77
CA GLY MA 220 0.88 -21.21 38.84
C GLY MA 220 1.69 -20.55 37.75
N ALA MA 221 1.06 -19.70 36.94
CA ALA MA 221 1.74 -19.10 35.79
C ALA MA 221 2.76 -18.04 36.21
N HIS MA 222 2.38 -17.16 37.12
CA HIS MA 222 3.28 -16.10 37.56
C HIS MA 222 3.34 -16.07 39.08
N PRO MA 223 4.46 -15.60 39.65
CA PRO MA 223 4.59 -15.59 41.11
C PRO MA 223 3.63 -14.62 41.77
N ALA MA 224 3.36 -14.89 43.04
CA ALA MA 224 2.38 -14.14 43.82
C ALA MA 224 3.02 -12.93 44.49
N LYS MA 225 2.22 -11.88 44.63
CA LYS MA 225 2.60 -10.72 45.40
C LYS MA 225 2.20 -10.93 46.85
N ASP MA 226 2.66 -10.03 47.73
CA ASP MA 226 2.34 -10.09 49.14
C ASP MA 226 1.28 -9.05 49.46
N ILE MA 227 0.23 -9.49 50.16
CA ILE MA 227 -0.88 -8.62 50.54
C ILE MA 227 -0.77 -8.37 52.04
N LYS MA 228 -0.82 -7.11 52.44
CA LYS MA 228 -0.85 -6.72 53.84
C LYS MA 228 -2.28 -6.35 54.21
N ILE MA 229 -2.84 -7.05 55.18
CA ILE MA 229 -4.22 -6.85 55.61
C ILE MA 229 -4.20 -6.39 57.05
N THR MA 230 -4.73 -5.19 57.30
CA THR MA 230 -4.86 -4.64 58.64
C THR MA 230 -6.33 -4.39 58.94
N GLY MA 231 -6.70 -4.57 60.20
CA GLY MA 231 -8.08 -4.35 60.57
C GLY MA 231 -8.33 -4.71 62.02
N LEU MA 232 -9.61 -4.92 62.34
CA LEU MA 232 -10.05 -5.24 63.69
C LEU MA 232 -10.50 -6.68 63.77
N TRP MA 233 -10.32 -7.29 64.94
CA TRP MA 233 -10.81 -8.63 65.20
C TRP MA 233 -11.59 -8.62 66.51
N TYR MA 234 -12.43 -9.64 66.67
CA TYR MA 234 -13.36 -9.70 67.79
C TYR MA 234 -13.54 -11.15 68.21
N GLY MA 235 -13.69 -11.37 69.51
CA GLY MA 235 -13.86 -12.72 70.02
C GLY MA 235 -14.59 -12.71 71.34
N GLN MA 236 -15.24 -13.85 71.64
CA GLN MA 236 -15.98 -14.05 72.88
C GLN MA 236 -15.44 -15.30 73.55
N LEU MA 237 -14.99 -15.16 74.79
CA LEU MA 237 -14.31 -16.24 75.51
C LEU MA 237 -15.29 -16.97 76.43
N THR MA 238 -15.32 -18.29 76.33
CA THR MA 238 -16.10 -19.14 77.23
C THR MA 238 -15.29 -20.35 77.67
N ALA NA 1 -40.79 -58.66 3.60
CA ALA NA 1 -41.14 -59.20 4.91
C ALA NA 1 -42.55 -59.77 4.90
N TYR NA 2 -42.90 -60.49 5.96
CA TYR NA 2 -44.24 -61.07 6.08
C TYR NA 2 -45.26 -59.98 6.36
N GLY NA 3 -46.46 -60.16 5.80
CA GLY NA 3 -47.51 -59.17 5.93
C GLY NA 3 -48.48 -59.45 7.05
N GLU NA 4 -48.51 -58.56 8.04
CA GLU NA 4 -49.41 -58.67 9.18
C GLU NA 4 -50.01 -57.31 9.49
N GLY NA 5 -51.23 -57.32 10.01
CA GLY NA 5 -51.95 -56.08 10.21
C GLY NA 5 -51.41 -55.25 11.36
N ALA NA 6 -51.70 -53.96 11.30
CA ALA NA 6 -51.26 -53.03 12.33
C ALA NA 6 -52.02 -53.26 13.63
N ASN NA 7 -51.47 -52.72 14.72
CA ASN NA 7 -52.02 -52.91 16.06
C ASN NA 7 -53.13 -51.88 16.27
N VAL NA 8 -54.38 -52.32 16.11
CA VAL NA 8 -55.55 -51.51 16.44
C VAL NA 8 -56.42 -52.30 17.42
N PHE NA 9 -56.79 -51.65 18.52
CA PHE NA 9 -57.57 -52.25 19.61
C PHE NA 9 -56.89 -53.51 20.16
N GLY NA 10 -55.57 -53.46 20.29
CA GLY NA 10 -54.81 -54.61 20.72
C GLY NA 10 -53.98 -54.42 21.97
N ARG NA 11 -54.21 -53.28 22.66
CA ARG NA 11 -53.54 -52.92 23.91
C ARG NA 11 -52.02 -52.83 23.77
N VAL NA 12 -51.33 -52.78 24.91
CA VAL NA 12 -49.89 -52.57 24.95
C VAL NA 12 -49.24 -53.78 25.61
N THR NA 13 -48.10 -54.21 25.06
CA THR NA 13 -47.44 -55.44 25.48
C THR NA 13 -46.40 -55.26 26.56
N ASN NA 14 -46.00 -54.03 26.89
CA ASN NA 14 -44.95 -53.82 27.88
C ASN NA 14 -45.17 -52.48 28.57
N LYS NA 15 -45.37 -52.52 29.89
CA LYS NA 15 -45.51 -51.32 30.70
C LYS NA 15 -44.67 -51.32 31.97
N SER NA 16 -44.06 -52.45 32.33
CA SER NA 16 -43.31 -52.53 33.57
C SER NA 16 -41.98 -51.78 33.51
N GLY NA 17 -41.46 -51.52 32.32
CA GLY NA 17 -40.17 -50.86 32.21
C GLY NA 17 -39.00 -51.72 32.61
N PHE NA 18 -39.11 -53.04 32.44
CA PHE NA 18 -38.04 -53.96 32.81
C PHE NA 18 -38.11 -55.16 31.90
N VAL NA 19 -36.99 -55.48 31.24
CA VAL NA 19 -36.91 -56.60 30.31
C VAL NA 19 -35.97 -57.65 30.90
N PRO NA 20 -36.34 -58.93 30.91
CA PRO NA 20 -35.47 -59.94 31.52
C PRO NA 20 -34.26 -60.25 30.64
N TYR NA 21 -33.15 -60.58 31.31
CA TYR NA 21 -31.93 -61.03 30.65
C TYR NA 21 -31.44 -62.28 31.37
N ALA NA 22 -31.16 -63.32 30.60
CA ALA NA 22 -30.62 -64.57 31.10
C ALA NA 22 -29.23 -64.75 30.56
N GLY NA 23 -28.25 -64.95 31.45
CA GLY NA 23 -26.87 -65.08 31.05
C GLY NA 23 -26.22 -66.35 31.55
N ASP NA 24 -24.89 -66.34 31.64
CA ASP NA 24 -24.15 -67.52 32.08
C ASP NA 24 -24.28 -67.68 33.59
N SER NA 25 -25.31 -68.44 34.01
CA SER NA 25 -25.62 -68.72 35.41
C SER NA 25 -25.93 -67.44 36.20
N PHE NA 26 -26.57 -66.47 35.53
CA PHE NA 26 -27.12 -65.32 36.21
C PHE NA 26 -28.27 -64.77 35.38
N ALA NA 27 -29.17 -64.04 36.05
CA ALA NA 27 -30.32 -63.44 35.40
C ALA NA 27 -30.66 -62.14 36.09
N LEU NA 28 -31.14 -61.17 35.32
CA LEU NA 28 -31.45 -59.86 35.89
C LEU NA 28 -32.42 -59.10 34.99
N LEU NA 29 -33.25 -58.25 35.59
CA LEU NA 29 -34.15 -57.39 34.83
C LEU NA 29 -33.45 -56.09 34.47
N LEU NA 30 -33.12 -55.93 33.20
CA LEU NA 30 -32.50 -54.69 32.75
C LEU NA 30 -33.59 -53.63 32.53
N PRO NA 31 -33.23 -52.34 32.66
CA PRO NA 31 -34.20 -51.29 32.34
C PRO NA 31 -34.53 -51.30 30.86
N SER NA 32 -35.81 -51.16 30.55
CA SER NA 32 -36.27 -51.24 29.16
C SER NA 32 -35.79 -50.02 28.37
N LYS NA 33 -35.67 -48.88 29.04
CA LYS NA 33 -35.22 -47.67 28.37
C LYS NA 33 -33.75 -47.77 27.97
N TRP NA 34 -32.96 -48.49 28.77
CA TRP NA 34 -31.51 -48.57 28.57
C TRP NA 34 -31.16 -49.47 27.38
N ASN NA 35 -29.97 -49.25 26.82
CA ASN NA 35 -29.49 -50.02 25.68
C ASN NA 35 -28.10 -50.57 25.95
N PRO NA 36 -27.71 -51.66 25.31
CA PRO NA 36 -26.38 -52.23 25.56
C PRO NA 36 -25.27 -51.36 24.99
N SER NA 37 -24.09 -51.49 25.58
CA SER NA 37 -22.91 -50.75 25.15
C SER NA 37 -21.67 -51.62 25.31
N ASP NA 38 -20.80 -51.59 24.31
CA ASP NA 38 -19.57 -52.40 24.33
C ASP NA 38 -18.40 -51.55 24.82
N GLU NA 39 -18.39 -51.29 26.13
CA GLU NA 39 -17.37 -50.47 26.77
C GLU NA 39 -16.91 -51.16 28.05
N LYS NA 40 -15.95 -52.06 27.94
CA LYS NA 40 -15.49 -52.85 29.08
C LYS NA 40 -14.40 -52.07 29.81
N GLU NA 41 -14.79 -51.38 30.88
CA GLU NA 41 -13.84 -50.69 31.74
C GLU NA 41 -12.92 -51.71 32.42
N VAL NA 42 -13.52 -52.56 33.25
CA VAL NA 42 -12.80 -53.71 33.78
C VAL NA 42 -12.98 -54.90 32.84
N ASP NA 43 -11.92 -55.68 32.67
CA ASP NA 43 -11.97 -56.78 31.72
C ASP NA 43 -12.88 -57.91 32.17
N SER NA 44 -13.20 -57.99 33.47
CA SER NA 44 -14.06 -59.06 33.96
C SER NA 44 -15.53 -58.83 33.63
N ILE NA 45 -15.89 -57.66 33.10
CA ILE NA 45 -17.28 -57.37 32.76
C ILE NA 45 -17.73 -58.28 31.64
N VAL NA 46 -18.88 -58.92 31.84
CA VAL NA 46 -19.48 -59.80 30.84
C VAL NA 46 -20.71 -59.18 30.20
N LEU NA 47 -21.44 -58.35 30.94
CA LEU NA 47 -22.63 -57.66 30.45
C LEU NA 47 -22.55 -56.20 30.87
N ARG NA 48 -22.91 -55.30 29.96
CA ARG NA 48 -22.98 -53.88 30.29
C ARG NA 48 -24.14 -53.23 29.54
N TYR NA 49 -24.97 -52.50 30.27
CA TYR NA 49 -26.08 -51.71 29.74
C TYR NA 49 -25.99 -50.30 30.29
N ALA NA 50 -26.39 -49.32 29.47
CA ALA NA 50 -26.30 -47.93 29.87
C ALA NA 50 -27.53 -47.19 29.38
N ASP NA 51 -27.82 -46.08 30.04
CA ASP NA 51 -28.95 -45.25 29.64
C ASP NA 51 -28.65 -44.54 28.32
N ASN NA 52 -29.67 -44.46 27.47
CA ASN NA 52 -29.54 -43.73 26.21
C ASN NA 52 -29.43 -42.23 26.44
N PHE NA 53 -29.98 -41.73 27.53
CA PHE NA 53 -29.94 -40.31 27.87
C PHE NA 53 -28.55 -39.93 28.37
N ASP NA 54 -28.14 -40.51 29.51
CA ASP NA 54 -26.89 -40.16 30.16
C ASP NA 54 -26.19 -41.44 30.56
N ALA NA 55 -25.02 -41.69 29.99
CA ALA NA 55 -24.32 -42.96 30.17
C ALA NA 55 -23.67 -43.10 31.54
N VAL NA 56 -23.73 -42.07 32.38
CA VAL NA 56 -23.36 -42.26 33.79
C VAL NA 56 -24.32 -43.23 34.45
N ASN NA 57 -25.60 -43.19 34.11
CA ASN NA 57 -26.57 -44.19 34.55
C ASN NA 57 -26.27 -45.46 33.77
N ASN NA 58 -25.46 -46.34 34.35
CA ASN NA 58 -25.06 -47.57 33.68
C ASN NA 58 -25.05 -48.72 34.68
N VAL NA 59 -25.16 -49.93 34.15
CA VAL NA 59 -25.14 -51.15 34.95
C VAL NA 59 -24.20 -52.14 34.27
N TYR NA 60 -23.46 -52.89 35.09
CA TYR NA 60 -22.64 -53.98 34.56
C TYR NA 60 -22.42 -55.03 35.64
N VAL NA 61 -22.17 -56.26 35.19
CA VAL NA 61 -21.84 -57.38 36.05
C VAL NA 61 -20.47 -57.91 35.64
N ILE NA 62 -19.72 -58.39 36.62
CA ILE NA 62 -18.39 -58.95 36.38
C ILE NA 62 -18.43 -60.43 36.74
N ALA NA 63 -17.68 -61.22 35.97
CA ALA NA 63 -17.54 -62.66 36.19
C ALA NA 63 -16.05 -62.91 36.45
N GLN NA 64 -15.65 -62.76 37.71
CA GLN NA 64 -14.26 -62.90 38.11
C GLN NA 64 -14.03 -64.28 38.71
N ASP NA 65 -13.09 -65.02 38.13
CA ASP NA 65 -12.73 -66.32 38.68
C ASP NA 65 -12.07 -66.12 40.04
N THR NA 66 -12.57 -66.83 41.05
CA THR NA 66 -12.19 -66.57 42.43
C THR NA 66 -11.90 -67.88 43.15
N ASP NA 67 -11.30 -67.73 44.34
CA ASP NA 67 -10.86 -68.86 45.16
C ASP NA 67 -11.78 -69.12 46.36
N LYS NA 68 -12.24 -68.06 47.03
CA LYS NA 68 -13.06 -68.21 48.22
C LYS NA 68 -14.40 -68.83 47.88
N SER NA 69 -14.81 -69.82 48.69
CA SER NA 69 -15.97 -70.64 48.38
C SER NA 69 -17.27 -69.86 48.40
N SER NA 70 -17.53 -69.13 49.48
CA SER NA 70 -18.76 -68.36 49.63
C SER NA 70 -18.40 -66.92 49.97
N ILE NA 71 -19.38 -66.03 49.78
CA ILE NA 71 -19.13 -64.60 49.97
C ILE NA 71 -18.82 -64.27 51.43
N GLN NA 72 -19.32 -65.07 52.37
CA GLN NA 72 -18.99 -64.87 53.78
C GLN NA 72 -17.49 -65.09 54.01
N ASP NA 73 -16.88 -65.99 53.25
CA ASP NA 73 -15.45 -66.24 53.34
C ASP NA 73 -14.62 -65.05 52.88
N TYR NA 74 -15.22 -64.04 52.25
CA TYR NA 74 -14.54 -62.79 51.96
C TYR NA 74 -14.44 -61.89 53.19
N GLY NA 75 -14.87 -62.37 54.35
CA GLY NA 75 -14.81 -61.60 55.57
C GLY NA 75 -16.07 -60.79 55.79
N SER NA 76 -15.90 -59.71 56.54
CA SER NA 76 -16.98 -58.76 56.73
C SER NA 76 -17.25 -58.05 55.40
N PRO NA 77 -18.47 -57.62 55.15
CA PRO NA 77 -18.75 -56.87 53.91
C PRO NA 77 -17.93 -55.59 53.77
N GLU NA 78 -17.57 -54.95 54.88
CA GLU NA 78 -16.63 -53.83 54.87
C GLU NA 78 -15.28 -54.28 54.32
N GLU NA 79 -14.80 -55.44 54.78
CA GLU NA 79 -13.55 -56.01 54.30
C GLU NA 79 -13.66 -56.35 52.82
N PHE NA 80 -14.86 -56.72 52.37
CA PHE NA 80 -15.06 -57.02 50.95
C PHE NA 80 -14.97 -55.75 50.10
N ILE NA 81 -15.67 -54.68 50.51
CA ILE NA 81 -15.64 -53.46 49.72
C ILE NA 81 -14.30 -52.74 49.83
N SER NA 82 -13.52 -53.02 50.86
CA SER NA 82 -12.15 -52.51 50.89
C SER NA 82 -11.31 -53.16 49.80
N GLN NA 83 -11.58 -54.44 49.50
CA GLN NA 83 -10.89 -55.12 48.41
C GLN NA 83 -11.31 -54.56 47.07
N PHE NA 84 -12.58 -54.15 46.95
CA PHE NA 84 -13.13 -53.66 45.69
C PHE NA 84 -13.15 -52.13 45.62
N GLY NA 85 -12.13 -51.49 46.16
CA GLY NA 85 -11.95 -50.05 46.04
C GLY NA 85 -11.07 -49.71 44.86
N TYR NA 86 -11.16 -50.54 43.82
CA TYR NA 86 -10.41 -50.38 42.58
C TYR NA 86 -11.28 -50.18 41.35
N LEU NA 87 -12.48 -50.74 41.32
CA LEU NA 87 -13.47 -50.51 40.27
C LEU NA 87 -14.24 -49.20 40.44
N LEU NA 88 -13.85 -48.35 41.38
CA LEU NA 88 -14.38 -46.99 41.46
C LEU NA 88 -13.59 -46.01 40.61
N GLY NA 89 -12.31 -46.29 40.35
CA GLY NA 89 -11.49 -45.41 39.54
C GLY NA 89 -10.60 -44.52 40.37
N ARG NA 90 -9.30 -44.80 40.37
CA ARG NA 90 -8.35 -44.03 41.16
C ARG NA 90 -8.10 -42.70 40.44
N GLN NA 91 -7.76 -41.67 41.23
CA GLN NA 91 -7.60 -40.32 40.68
C GLN NA 91 -6.37 -40.23 39.78
N ALA NA 92 -6.51 -39.58 38.63
CA ALA NA 92 -5.37 -39.44 37.73
C ALA NA 92 -4.57 -38.18 38.02
N TRP NA 93 -4.95 -37.42 39.04
CA TRP NA 93 -4.29 -36.18 39.42
C TRP NA 93 -3.49 -36.42 40.70
N ALA NA 94 -2.23 -36.00 40.69
CA ALA NA 94 -1.34 -36.21 41.83
C ALA NA 94 -0.79 -34.91 42.41
N GLY NA 95 -1.27 -33.76 41.93
CA GLY NA 95 -0.80 -32.50 42.46
C GLY NA 95 -1.36 -32.19 43.83
N GLN NA 96 -0.71 -31.27 44.52
CA GLN NA 96 -1.15 -30.87 45.86
C GLN NA 96 -2.33 -29.92 45.78
N THR NA 97 -3.32 -30.15 46.65
CA THR NA 97 -4.50 -29.29 46.70
C THR NA 97 -5.14 -29.39 48.08
N VAL NA 98 -5.44 -28.24 48.68
CA VAL NA 98 -6.21 -28.18 49.91
C VAL NA 98 -7.41 -27.27 49.65
N SER NA 99 -7.69 -27.04 48.37
CA SER NA 99 -8.71 -26.09 47.96
C SER NA 99 -9.95 -26.73 47.37
N GLU NA 100 -10.14 -28.05 47.52
CA GLU NA 100 -11.30 -28.70 46.94
C GLU NA 100 -12.57 -28.37 47.72
N GLY NA 101 -12.49 -28.40 49.05
CA GLY NA 101 -13.63 -28.07 49.87
C GLY NA 101 -14.44 -29.29 50.24
N GLY NA 102 -14.40 -29.67 51.52
CA GLY NA 102 -15.12 -30.85 51.96
C GLY NA 102 -14.49 -32.16 51.58
N PHE NA 103 -13.17 -32.17 51.34
CA PHE NA 103 -12.45 -33.38 51.00
C PHE NA 103 -11.19 -33.47 51.84
N ASP NA 104 -10.62 -34.67 51.92
CA ASP NA 104 -9.36 -34.88 52.63
C ASP NA 104 -8.24 -34.17 51.90
N ALA NA 105 -7.11 -33.97 52.58
CA ALA NA 105 -5.97 -33.28 51.99
C ALA NA 105 -5.45 -34.05 50.79
N ASN NA 106 -5.18 -33.32 49.70
CA ASN NA 106 -4.61 -33.80 48.44
C ASN NA 106 -5.54 -34.75 47.69
N LYS NA 107 -6.84 -34.72 47.95
CA LYS NA 107 -7.80 -35.64 47.35
C LYS NA 107 -8.89 -34.87 46.61
N VAL NA 108 -9.37 -35.45 45.51
CA VAL NA 108 -10.40 -34.80 44.69
C VAL NA 108 -11.61 -35.72 44.53
N SER NA 109 -11.68 -36.78 45.34
CA SER NA 109 -12.82 -37.69 45.28
C SER NA 109 -12.96 -38.39 46.61
N SER NA 110 -14.20 -38.79 46.92
CA SER NA 110 -14.48 -39.49 48.16
C SER NA 110 -15.65 -40.45 47.96
N ALA NA 111 -15.71 -41.48 48.78
CA ALA NA 111 -16.78 -42.45 48.75
C ALA NA 111 -17.32 -42.65 50.15
N ALA NA 112 -18.65 -42.56 50.29
CA ALA NA 112 -19.31 -42.73 51.58
C ALA NA 112 -20.22 -43.94 51.53
N LEU NA 113 -20.10 -44.81 52.52
CA LEU NA 113 -20.92 -46.02 52.59
C LEU NA 113 -22.25 -45.68 53.25
N LEU NA 114 -23.35 -46.13 52.64
CA LEU NA 114 -24.69 -45.85 53.14
C LEU NA 114 -25.51 -47.12 53.32
N GLY NA 115 -24.93 -48.30 53.09
CA GLY NA 115 -25.67 -49.54 53.21
C GLY NA 115 -24.80 -50.77 53.22
N VAL NA 116 -25.10 -51.70 54.13
CA VAL NA 116 -24.38 -52.96 54.26
C VAL NA 116 -25.36 -54.08 54.60
N ALA NA 117 -25.50 -55.05 53.69
CA ALA NA 117 -26.51 -56.09 53.88
C ALA NA 117 -26.04 -57.47 53.42
N THR NA 118 -26.79 -58.50 53.81
CA THR NA 118 -26.49 -59.90 53.51
C THR NA 118 -27.77 -60.60 53.01
N GLU NA 119 -28.42 -59.99 52.02
CA GLU NA 119 -29.72 -60.44 51.54
C GLU NA 119 -29.62 -61.84 50.93
N LYS NA 120 -30.75 -62.55 50.94
CA LYS NA 120 -30.87 -63.93 50.45
C LYS NA 120 -32.05 -64.01 49.48
N ASP NA 121 -31.98 -64.94 48.52
CA ASP NA 121 -33.10 -65.04 47.59
C ASP NA 121 -33.85 -66.38 47.62
N LYS NA 122 -33.21 -67.46 47.17
CA LYS NA 122 -33.94 -68.71 46.99
C LYS NA 122 -33.22 -69.96 47.49
N LYS NA 123 -31.89 -69.99 47.43
CA LYS NA 123 -31.16 -71.22 47.78
C LYS NA 123 -30.59 -71.18 49.18
N GLY NA 124 -30.07 -70.03 49.59
CA GLY NA 124 -29.44 -69.91 50.88
C GLY NA 124 -28.13 -69.17 50.81
N LYS NA 125 -27.59 -69.03 49.59
CA LYS NA 125 -26.38 -68.26 49.42
C LYS NA 125 -26.67 -66.78 49.61
N THR NA 126 -25.83 -66.11 50.39
CA THR NA 126 -26.09 -64.73 50.75
C THR NA 126 -25.54 -63.77 49.69
N TYR NA 127 -26.18 -62.61 49.62
CA TYR NA 127 -25.83 -61.56 48.66
C TYR NA 127 -25.38 -60.34 49.42
N TYR NA 128 -24.13 -59.93 49.20
CA TYR NA 128 -23.63 -58.69 49.80
C TYR NA 128 -24.17 -57.50 49.03
N LYS NA 129 -24.93 -56.64 49.72
CA LYS NA 129 -25.53 -55.46 49.11
C LYS NA 129 -24.93 -54.19 49.72
N PHE NA 130 -24.64 -53.22 48.85
CA PHE NA 130 -24.00 -51.98 49.27
C PHE NA 130 -24.56 -50.80 48.48
N GLU NA 131 -24.66 -49.66 49.15
CA GLU NA 131 -24.91 -48.37 48.51
C GLU NA 131 -23.76 -47.45 48.86
N ILE NA 132 -23.21 -46.79 47.84
CA ILE NA 132 -22.06 -45.89 48.01
C ILE NA 132 -22.37 -44.58 47.31
N LEU NA 133 -22.16 -43.47 48.03
CA LEU NA 133 -22.28 -42.14 47.45
C LEU NA 133 -20.86 -41.67 47.12
N SER NA 134 -20.55 -41.57 45.84
CA SER NA 134 -19.24 -41.11 45.39
C SER NA 134 -19.33 -39.65 45.02
N ARG NA 135 -18.61 -38.80 45.76
CA ARG NA 135 -18.61 -37.37 45.53
C ARG NA 135 -17.26 -36.98 44.96
N THR NA 136 -17.27 -36.42 43.75
CA THR NA 136 -16.07 -35.96 43.07
C THR NA 136 -15.99 -34.44 43.24
N ALA NA 137 -14.76 -33.92 43.26
CA ALA NA 137 -14.51 -32.51 43.60
C ALA NA 137 -15.20 -31.54 42.65
N ASP NA 138 -15.42 -31.92 41.39
CA ASP NA 138 -16.15 -31.04 40.49
C ASP NA 138 -17.64 -31.03 40.82
N GLY NA 139 -18.13 -32.11 41.43
CA GLY NA 139 -19.53 -32.21 41.77
C GLY NA 139 -20.42 -32.71 40.65
N ASN NA 140 -19.87 -33.41 39.66
CA ASN NA 140 -20.63 -33.87 38.50
C ASN NA 140 -21.79 -34.76 38.90
N GLU NA 141 -22.97 -34.43 38.37
CA GLU NA 141 -24.25 -35.06 38.65
C GLU NA 141 -24.61 -35.00 40.14
N GLY NA 142 -23.94 -34.15 40.92
CA GLY NA 142 -24.12 -34.11 42.36
C GLY NA 142 -23.60 -35.32 43.09
N GLY NA 143 -22.74 -36.10 42.45
CA GLY NA 143 -22.30 -37.39 42.98
C GLY NA 143 -22.90 -38.52 42.19
N ARG NA 144 -22.46 -39.73 42.52
CA ARG NA 144 -22.91 -40.93 41.83
C ARG NA 144 -23.24 -42.01 42.85
N HIS NA 145 -24.37 -42.68 42.66
CA HIS NA 145 -24.81 -43.74 43.56
C HIS NA 145 -24.42 -45.09 42.98
N GLN NA 146 -23.58 -45.82 43.71
CA GLN NA 146 -23.09 -47.13 43.31
C GLN NA 146 -23.81 -48.16 44.15
N LEU NA 147 -24.67 -48.95 43.53
CA LEU NA 147 -25.32 -50.06 44.22
C LEU NA 147 -24.66 -51.36 43.77
N VAL NA 148 -24.15 -52.13 44.73
CA VAL NA 148 -23.36 -53.32 44.46
C VAL NA 148 -24.05 -54.51 45.10
N LYS NA 149 -24.34 -55.53 44.29
CA LYS NA 149 -24.87 -56.81 44.76
C LYS NA 149 -23.91 -57.89 44.31
N ALA NA 150 -23.20 -58.49 45.26
CA ALA NA 150 -22.13 -59.42 44.94
C ALA NA 150 -22.32 -60.76 45.65
N THR NA 151 -21.90 -61.82 44.96
CA THR NA 151 -21.95 -63.19 45.47
C THR NA 151 -21.09 -64.06 44.58
N VAL NA 152 -20.90 -65.31 45.02
CA VAL NA 152 -20.22 -66.34 44.25
C VAL NA 152 -21.05 -67.62 44.34
N SER NA 153 -21.34 -68.22 43.18
CA SER NA 153 -22.14 -69.45 43.15
C SER NA 153 -21.26 -70.69 43.08
N ASN NA 154 -20.53 -70.86 41.97
CA ASN NA 154 -19.69 -72.04 41.84
C ASN NA 154 -18.23 -71.73 42.17
N GLY NA 155 -17.59 -70.93 41.32
CA GLY NA 155 -16.22 -70.50 41.54
C GLY NA 155 -15.94 -69.14 40.95
N LYS NA 156 -17.00 -68.41 40.60
CA LYS NA 156 -16.87 -67.11 39.94
C LYS NA 156 -17.69 -66.09 40.69
N LEU NA 157 -17.06 -64.96 41.03
CA LEU NA 157 -17.75 -63.91 41.76
C LEU NA 157 -18.65 -63.13 40.80
N TYR NA 158 -19.94 -63.04 41.15
CA TYR NA 158 -20.92 -62.31 40.35
C TYR NA 158 -21.28 -61.04 41.10
N LEU NA 159 -20.92 -59.89 40.54
CA LEU NA 159 -21.10 -58.60 41.21
C LEU NA 159 -21.89 -57.66 40.30
N LEU NA 160 -23.14 -57.40 40.67
CA LEU NA 160 -23.92 -56.34 40.02
C LEU NA 160 -23.36 -54.99 40.43
N LYS NA 161 -23.33 -54.05 39.49
CA LYS NA 161 -22.92 -52.68 39.80
C LYS NA 161 -23.73 -51.74 38.89
N VAL NA 162 -24.81 -51.20 39.43
CA VAL NA 162 -25.58 -50.17 38.75
C VAL NA 162 -25.10 -48.82 39.26
N GLN NA 163 -24.95 -47.87 38.33
CA GLN NA 163 -24.50 -46.52 38.62
C GLN NA 163 -25.63 -45.55 38.31
N ALA NA 164 -25.75 -44.52 39.14
CA ALA NA 164 -26.75 -43.49 38.91
C ALA NA 164 -26.22 -42.17 39.45
N GLY NA 165 -26.20 -41.16 38.59
CA GLY NA 165 -25.85 -39.82 39.05
C GLY NA 165 -26.89 -39.32 40.04
N ASP NA 166 -26.42 -38.54 41.01
CA ASP NA 166 -27.31 -38.03 42.05
C ASP NA 166 -28.34 -37.06 41.48
N LYS NA 167 -28.04 -36.47 40.33
CA LYS NA 167 -29.03 -35.65 39.62
C LYS NA 167 -30.21 -36.49 39.18
N ARG NA 168 -29.93 -37.62 38.51
CA ARG NA 168 -30.99 -38.50 38.03
C ARG NA 168 -31.63 -39.29 39.17
N TRP NA 169 -30.84 -39.60 40.20
CA TRP NA 169 -31.34 -40.36 41.35
C TRP NA 169 -32.44 -39.59 42.06
N PHE NA 170 -32.28 -38.28 42.20
CA PHE NA 170 -33.31 -37.45 42.83
C PHE NA 170 -34.52 -37.24 41.92
N LYS NA 171 -34.35 -37.35 40.60
CA LYS NA 171 -35.48 -37.20 39.69
C LYS NA 171 -36.43 -38.39 39.78
N GLY NA 172 -35.89 -39.58 40.02
CA GLY NA 172 -36.75 -40.76 40.03
C GLY NA 172 -36.22 -41.99 39.33
N THR NA 173 -34.93 -42.01 39.01
CA THR NA 173 -34.29 -43.24 38.50
C THR NA 173 -34.00 -44.23 39.62
N ASP NA 174 -34.27 -43.84 40.87
CA ASP NA 174 -34.10 -44.72 42.02
C ASP NA 174 -34.94 -45.98 41.86
N LYS NA 175 -36.14 -45.87 41.30
CA LYS NA 175 -37.01 -47.02 41.12
C LYS NA 175 -36.39 -48.05 40.19
N GLU NA 176 -35.80 -47.59 39.08
CA GLU NA 176 -35.22 -48.53 38.12
C GLU NA 176 -33.91 -49.11 38.64
N CYS NA 177 -33.11 -48.29 39.32
CA CYS NA 177 -31.86 -48.81 39.89
C CYS NA 177 -32.13 -49.86 40.97
N LEU NA 178 -33.10 -49.60 41.86
CA LEU NA 178 -33.47 -50.59 42.86
C LEU NA 178 -34.14 -51.80 42.24
N GLY NA 179 -34.86 -51.63 41.12
CA GLY NA 179 -35.43 -52.78 40.44
C GLY NA 179 -34.36 -53.71 39.90
N VAL NA 180 -33.33 -53.15 39.27
CA VAL NA 180 -32.20 -53.96 38.82
C VAL NA 180 -31.52 -54.63 40.01
N LEU NA 181 -31.37 -53.87 41.11
CA LEU NA 181 -30.71 -54.38 42.30
C LEU NA 181 -31.45 -55.59 42.89
N ASP NA 182 -32.78 -55.50 42.99
CA ASP NA 182 -33.52 -56.62 43.54
C ASP NA 182 -33.73 -57.74 42.52
N SER NA 183 -33.62 -57.46 41.22
CA SER NA 183 -33.82 -58.49 40.22
C SER NA 183 -32.55 -59.24 39.86
N PHE NA 184 -31.38 -58.78 40.31
CA PHE NA 184 -30.16 -59.55 40.09
C PHE NA 184 -30.20 -60.81 40.95
N THR NA 185 -30.57 -61.93 40.32
CA THR NA 185 -30.59 -63.23 40.99
C THR NA 185 -29.65 -64.17 40.24
N VAL NA 186 -28.71 -64.76 40.97
CA VAL NA 186 -27.73 -65.67 40.39
C VAL NA 186 -28.24 -67.09 40.46
N VAL NA 187 -28.65 -67.64 39.31
CA VAL NA 187 -29.19 -68.99 39.25
C VAL NA 187 -28.13 -69.95 38.70
N MET OA 1 -0.96 -1.42 14.57
CA MET OA 1 -1.98 -1.22 15.60
C MET OA 1 -3.11 -2.20 15.36
N GLU OA 2 -3.85 -2.52 16.41
CA GLU OA 2 -5.04 -3.36 16.28
C GLU OA 2 -6.31 -2.61 16.63
N ALA OA 3 -6.41 -2.07 17.85
CA ALA OA 3 -7.62 -1.39 18.27
C ALA OA 3 -7.78 -0.04 17.58
N LEU OA 4 -6.68 0.58 17.17
CA LEU OA 4 -6.76 1.88 16.51
C LEU OA 4 -7.45 1.78 15.16
N VAL OA 5 -7.17 0.70 14.41
CA VAL OA 5 -7.83 0.51 13.12
C VAL OA 5 -9.32 0.30 13.29
N TYR OA 6 -9.72 -0.49 14.29
CA TYR OA 6 -11.13 -0.71 14.57
C TYR OA 6 -11.83 0.58 14.96
N THR OA 7 -11.19 1.37 15.84
CA THR OA 7 -11.78 2.65 16.24
C THR OA 7 -11.90 3.61 15.06
N PHE OA 8 -10.87 3.64 14.20
CA PHE OA 8 -10.90 4.51 13.03
C PHE OA 8 -12.02 4.11 12.07
N LEU OA 9 -12.19 2.81 11.84
CA LEU OA 9 -13.25 2.34 10.94
C LEU OA 9 -14.62 2.63 11.52
N LEU OA 10 -14.80 2.43 12.83
CA LEU OA 10 -16.09 2.70 13.46
C LEU OA 10 -16.44 4.19 13.42
N ILE OA 11 -15.48 5.07 13.72
CA ILE OA 11 -15.78 6.49 13.69
C ILE OA 11 -15.93 6.99 12.26
N GLY OA 12 -15.27 6.33 11.30
CA GLY OA 12 -15.50 6.68 9.90
C GLY OA 12 -16.91 6.33 9.46
N THR OA 13 -17.41 5.17 9.87
CA THR OA 13 -18.79 4.80 9.57
C THR OA 13 -19.77 5.75 10.24
N LEU OA 14 -19.50 6.14 11.48
CA LEU OA 14 -20.36 7.08 12.19
C LEU OA 14 -20.35 8.45 11.52
N GLY OA 15 -19.18 8.90 11.06
CA GLY OA 15 -19.12 10.16 10.33
C GLY OA 15 -19.86 10.10 9.01
N ILE OA 16 -19.81 8.95 8.33
CA ILE OA 16 -20.54 8.79 7.08
C ILE OA 16 -22.04 8.87 7.32
N ILE OA 17 -22.54 8.19 8.35
CA ILE OA 17 -23.97 8.24 8.60
C ILE OA 17 -24.40 9.62 9.11
N PHE OA 18 -23.52 10.33 9.82
CA PHE OA 18 -23.82 11.69 10.25
C PHE OA 18 -23.95 12.62 9.04
N PHE OA 19 -23.01 12.51 8.09
CA PHE OA 19 -23.08 13.31 6.88
C PHE OA 19 -24.30 12.95 6.05
N SER OA 20 -24.66 11.67 6.01
CA SER OA 20 -25.85 11.24 5.28
C SER OA 20 -27.12 11.81 5.91
N ILE OA 21 -27.16 11.90 7.23
CA ILE OA 21 -28.35 12.46 7.89
C ILE OA 21 -28.44 13.96 7.65
N PHE OA 22 -27.35 14.69 7.92
CA PHE OA 22 -27.44 16.15 7.97
C PHE OA 22 -27.09 16.85 6.67
N PHE OA 23 -26.02 16.43 5.99
CA PHE OA 23 -25.56 17.10 4.78
C PHE OA 23 -25.95 16.32 3.53
N ARG OA 24 -27.15 15.76 3.53
CA ARG OA 24 -27.67 15.03 2.40
C ARG OA 24 -28.12 15.98 1.29
N GLU OA 25 -28.31 15.42 0.10
CA GLU OA 25 -28.95 16.16 -0.96
C GLU OA 25 -30.42 16.37 -0.61
N PRO OA 26 -30.97 17.57 -0.80
CA PRO OA 26 -32.39 17.79 -0.48
C PRO OA 26 -33.29 16.96 -1.37
N PRO OA 27 -34.32 16.34 -0.81
CA PRO OA 27 -35.19 15.48 -1.61
C PRO OA 27 -35.98 16.25 -2.65
N ARG OA 28 -36.08 15.67 -3.84
CA ARG OA 28 -36.86 16.20 -4.94
C ARG OA 28 -37.79 15.11 -5.43
N ILE OA 29 -38.75 15.52 -6.28
CA ILE OA 29 -39.91 14.76 -6.79
C ILE OA 29 -40.45 13.79 -5.74
N ALA OA 30 -41.42 14.27 -4.97
CA ALA OA 30 -42.04 13.54 -3.85
C ALA OA 30 -40.99 13.09 -2.82
N LEU PA 1 -14.34 -1.60 57.70
CA LEU PA 1 -14.48 -1.45 56.24
C LEU PA 1 -13.27 -0.74 55.65
N VAL PA 2 -13.00 -1.00 54.37
CA VAL PA 2 -11.84 -0.42 53.69
C VAL PA 2 -12.20 0.80 52.86
N ASP PA 3 -13.48 1.14 52.74
CA ASP PA 3 -13.90 2.28 51.95
C ASP PA 3 -15.25 2.79 52.42
N ASP PA 4 -15.57 4.01 52.00
CA ASP PA 4 -16.88 4.60 52.28
C ASP PA 4 -17.85 4.23 51.17
N ARG PA 5 -19.05 3.78 51.57
CA ARG PA 5 -20.07 3.36 50.62
C ARG PA 5 -21.38 4.05 50.94
N MET PA 6 -22.18 4.25 49.90
CA MET PA 6 -23.50 4.84 50.09
C MET PA 6 -24.41 3.90 50.89
N ASN PA 7 -24.31 2.60 50.62
CA ASN PA 7 -25.07 1.55 51.32
C ASN PA 7 -26.58 1.78 51.23
N GLY PA 8 -27.04 2.35 50.12
CA GLY PA 8 -28.44 2.59 49.90
C GLY PA 8 -29.13 1.60 49.00
N ASP PA 9 -28.40 0.62 48.46
CA ASP PA 9 -29.00 -0.39 47.59
C ASP PA 9 -29.90 -1.30 48.42
N GLY PA 10 -31.18 -1.29 48.12
CA GLY PA 10 -32.14 -2.04 48.91
C GLY PA 10 -32.79 -1.16 49.96
N THR PA 11 -33.27 -1.81 51.02
CA THR PA 11 -33.89 -1.24 52.20
C THR PA 11 -35.18 -0.46 51.91
N GLY PA 12 -35.70 -0.52 50.69
CA GLY PA 12 -36.97 0.09 50.34
C GLY PA 12 -37.05 1.59 50.49
N LEU PA 13 -36.05 2.31 49.99
CA LEU PA 13 -36.02 3.76 50.15
C LEU PA 13 -37.07 4.41 49.26
N PRO PA 14 -37.89 5.32 49.80
CA PRO PA 14 -38.95 5.94 48.99
C PRO PA 14 -38.37 6.77 47.86
N PHE PA 15 -38.78 6.44 46.63
CA PHE PA 15 -38.27 7.04 45.39
C PHE PA 15 -36.75 6.92 45.29
N GLY PA 16 -36.15 5.98 46.03
CA GLY PA 16 -34.73 5.82 46.05
C GLY PA 16 -33.96 6.85 46.84
N VAL PA 17 -34.63 7.75 47.58
CA VAL PA 17 -33.88 8.79 48.28
C VAL PA 17 -33.43 8.25 49.63
N ASN PA 18 -32.19 8.57 50.00
CA ASN PA 18 -31.63 8.21 51.30
C ASN PA 18 -31.26 9.43 52.12
N ASP PA 19 -31.25 10.61 51.53
CA ASP PA 19 -31.02 11.86 52.23
C ASP PA 19 -32.16 12.82 51.87
N GLY PA 20 -32.41 13.78 52.76
CA GLY PA 20 -33.46 14.75 52.50
C GLY PA 20 -33.15 15.68 51.34
N ILE PA 21 -31.87 15.86 51.01
CA ILE PA 21 -31.49 16.75 49.93
C ILE PA 21 -32.00 16.25 48.58
N LEU PA 22 -32.05 14.92 48.38
CA LEU PA 22 -32.57 14.37 47.13
C LEU PA 22 -34.05 14.66 46.97
N GLY PA 23 -34.84 14.43 48.03
CA GLY PA 23 -36.25 14.76 47.97
C GLY PA 23 -36.48 16.24 47.79
N TRP PA 24 -35.64 17.08 48.41
CA TRP PA 24 -35.79 18.51 48.28
C TRP PA 24 -35.46 18.99 46.88
N VAL PA 25 -34.42 18.43 46.24
CA VAL PA 25 -34.11 18.87 44.88
C VAL PA 25 -35.14 18.34 43.90
N ILE PA 26 -35.71 17.16 44.15
CA ILE PA 26 -36.79 16.65 43.30
C ILE PA 26 -37.99 17.59 43.39
N ALA PA 27 -38.39 17.94 44.62
CA ALA PA 27 -39.53 18.82 44.82
C ALA PA 27 -39.26 20.21 44.25
N GLY PA 28 -38.04 20.71 44.42
CA GLY PA 28 -37.72 22.03 43.91
C GLY PA 28 -37.71 22.09 42.39
N THR PA 29 -37.17 21.06 41.74
CA THR PA 29 -37.16 21.03 40.28
C THR PA 29 -38.57 20.90 39.73
N LEU PA 30 -39.38 20.01 40.31
CA LEU PA 30 -40.76 19.86 39.87
C LEU PA 30 -41.56 21.14 40.12
N GLY PA 31 -41.32 21.80 41.26
CA GLY PA 31 -42.01 23.04 41.55
C GLY PA 31 -41.60 24.17 40.64
N THR PA 32 -40.32 24.23 40.26
CA THR PA 32 -39.86 25.26 39.33
C THR PA 32 -40.49 25.07 37.95
N ILE PA 33 -40.52 23.82 37.46
CA ILE PA 33 -41.13 23.55 36.17
C ILE PA 33 -42.63 23.83 36.22
N TRP PA 34 -43.27 23.45 37.33
CA TRP PA 34 -44.71 23.71 37.49
C TRP PA 34 -45.00 25.21 37.56
N ALA PA 35 -44.13 25.98 38.23
CA ALA PA 35 -44.34 27.42 38.33
C ALA PA 35 -44.19 28.08 36.96
N ILE PA 36 -43.18 27.67 36.19
CA ILE PA 36 -42.99 28.21 34.84
C ILE PA 36 -44.20 27.88 33.97
N TYR PA 37 -44.65 26.62 34.03
CA TYR PA 37 -45.82 26.21 33.25
C TYR PA 37 -47.07 26.96 33.69
N PHE PA 38 -47.26 27.15 35.00
CA PHE PA 38 -48.46 27.78 35.52
C PHE PA 38 -48.53 29.26 35.14
N VAL PA 39 -47.43 29.99 35.33
CA VAL PA 39 -47.42 31.38 34.93
C VAL PA 39 -47.32 31.56 33.43
N SER PA 40 -47.08 30.47 32.69
CA SER PA 40 -46.92 30.57 31.24
C SER PA 40 -47.86 29.65 30.48
N GLN PA 41 -48.95 29.21 31.08
CA GLN PA 41 -49.89 28.34 30.38
C GLN PA 41 -50.85 29.16 29.51
N LYS PA 42 -51.73 28.45 28.81
CA LYS PA 42 -52.72 29.03 27.90
C LYS PA 42 -52.07 29.90 26.83
N ASP PA 43 -50.91 29.44 26.33
CA ASP PA 43 -50.14 30.08 25.27
C ASP PA 43 -49.66 31.48 25.65
N LEU PA 44 -50.58 32.41 25.83
CA LEU PA 44 -50.25 33.78 26.21
C LEU PA 44 -49.72 33.85 27.64
N SER QA 1 -17.74 -56.62 -21.07
CA SER QA 1 -19.10 -57.06 -21.35
C SER QA 1 -20.12 -56.01 -20.90
N VAL QA 2 -21.39 -56.37 -20.93
CA VAL QA 2 -22.47 -55.48 -20.51
C VAL QA 2 -22.72 -55.73 -19.03
N THR QA 3 -22.27 -54.79 -18.20
CA THR QA 3 -22.44 -54.88 -16.76
C THR QA 3 -23.92 -54.68 -16.42
N PRO QA 4 -24.41 -55.34 -15.35
CA PRO QA 4 -25.80 -55.10 -14.92
C PRO QA 4 -26.14 -53.65 -14.63
N SER QA 5 -25.19 -52.87 -14.10
CA SER QA 5 -25.45 -51.44 -13.92
C SER QA 5 -25.64 -50.74 -15.25
N LEU QA 6 -24.85 -51.12 -16.27
CA LEU QA 6 -25.04 -50.54 -17.60
C LEU QA 6 -26.37 -50.94 -18.20
N LYS QA 7 -26.77 -52.20 -18.04
CA LYS QA 7 -28.07 -52.64 -18.54
C LYS QA 7 -29.20 -51.91 -17.86
N ASN QA 8 -29.10 -51.71 -16.54
CA ASN QA 8 -30.11 -50.96 -15.81
C ASN QA 8 -30.13 -49.50 -16.24
N PHE QA 9 -28.97 -48.93 -16.56
CA PHE QA 9 -28.93 -47.55 -17.02
C PHE QA 9 -29.55 -47.40 -18.41
N LEU QA 10 -29.32 -48.36 -19.29
CA LEU QA 10 -29.95 -48.32 -20.60
C LEU QA 10 -31.47 -48.49 -20.49
N LEU QA 11 -31.90 -49.37 -19.58
CA LEU QA 11 -33.33 -49.49 -19.29
C LEU QA 11 -33.88 -48.20 -18.72
N SER QA 12 -33.09 -47.50 -17.92
CA SER QA 12 -33.50 -46.20 -17.38
C SER QA 12 -33.64 -45.16 -18.48
N LEU QA 13 -32.73 -45.19 -19.45
CA LEU QA 13 -32.84 -44.29 -20.60
C LEU QA 13 -34.11 -44.57 -21.40
N VAL QA 14 -34.43 -45.85 -21.60
CA VAL QA 14 -35.66 -46.23 -22.29
C VAL QA 14 -36.88 -45.76 -21.49
N ALA QA 15 -36.84 -45.93 -20.16
CA ALA QA 15 -37.94 -45.50 -19.32
C ALA QA 15 -38.12 -43.99 -19.34
N GLY QA 16 -37.01 -43.25 -19.32
CA GLY QA 16 -37.10 -41.80 -19.41
C GLY QA 16 -37.65 -41.33 -20.74
N ALA QA 17 -37.27 -42.01 -21.82
CA ALA QA 17 -37.85 -41.72 -23.12
C ALA QA 17 -39.34 -42.00 -23.13
N VAL QA 18 -39.77 -43.09 -22.47
CA VAL QA 18 -41.18 -43.42 -22.38
C VAL QA 18 -41.95 -42.35 -21.59
N VAL QA 19 -41.35 -41.87 -20.50
CA VAL QA 19 -41.99 -40.83 -19.69
C VAL QA 19 -42.11 -39.53 -20.49
N LEU QA 20 -41.04 -39.15 -21.21
CA LEU QA 20 -41.11 -37.94 -22.02
C LEU QA 20 -42.14 -38.06 -23.13
N ALA QA 21 -42.23 -39.25 -23.75
CA ALA QA 21 -43.25 -39.47 -24.78
C ALA QA 21 -44.66 -39.40 -24.18
N ALA QA 22 -44.82 -39.92 -22.96
CA ALA QA 22 -46.13 -39.86 -22.30
C ALA QA 22 -46.52 -38.44 -21.97
N ILE QA 23 -45.56 -37.63 -21.51
CA ILE QA 23 -45.83 -36.22 -21.23
C ILE QA 23 -46.19 -35.48 -22.52
N ALA QA 24 -45.46 -35.77 -23.61
CA ALA QA 24 -45.78 -35.17 -24.89
C ALA QA 24 -47.17 -35.57 -25.38
N GLY QA 25 -47.54 -36.84 -25.19
CA GLY QA 25 -48.88 -37.27 -25.56
C GLY QA 25 -49.96 -36.60 -24.73
N ALA QA 26 -49.71 -36.45 -23.42
CA ALA QA 26 -50.68 -35.79 -22.55
C ALA QA 26 -50.86 -34.32 -22.92
N VAL QA 27 -49.78 -33.63 -23.30
CA VAL QA 27 -49.92 -32.24 -23.66
C VAL QA 27 -50.43 -32.05 -25.08
N THR QA 28 -50.28 -33.04 -25.96
CA THR QA 28 -50.95 -32.97 -27.26
C THR QA 28 -52.43 -33.28 -27.12
N ALA QA 29 -52.80 -34.06 -26.11
CA ALA QA 29 -54.20 -34.29 -25.78
C ALA QA 29 -54.71 -33.11 -24.96
N VAL QA 30 -55.94 -33.23 -24.45
CA VAL QA 30 -56.64 -32.21 -23.66
C VAL QA 30 -56.82 -30.91 -24.44
N MET RA 1 -82.15 -39.81 48.76
CA MET RA 1 -82.26 -38.37 48.50
C MET RA 1 -81.30 -37.95 47.41
N THR RA 2 -80.26 -38.76 47.20
CA THR RA 2 -79.30 -38.49 46.14
C THR RA 2 -79.92 -38.67 44.76
N SER RA 3 -80.81 -39.66 44.61
CA SER RA 3 -81.47 -39.90 43.33
C SER RA 3 -82.35 -38.73 42.93
N ILE RA 4 -83.06 -38.14 43.90
CA ILE RA 4 -83.89 -36.96 43.62
C ILE RA 4 -83.02 -35.80 43.16
N LEU RA 5 -81.86 -35.63 43.80
CA LEU RA 5 -80.92 -34.59 43.39
C LEU RA 5 -80.41 -34.82 41.97
N GLN RA 6 -80.11 -36.07 41.63
CA GLN RA 6 -79.59 -36.37 40.30
C GLN RA 6 -80.66 -36.15 39.23
N ILE RA 7 -81.90 -36.54 39.49
CA ILE RA 7 -82.98 -36.29 38.54
C ILE RA 7 -83.24 -34.80 38.39
N ALA RA 8 -83.20 -34.05 39.49
CA ALA RA 8 -83.39 -32.61 39.42
C ALA RA 8 -82.27 -31.93 38.64
N LEU RA 9 -81.03 -32.40 38.83
CA LEU RA 9 -79.91 -31.82 38.11
C LEU RA 9 -79.97 -32.16 36.62
N LEU RA 10 -80.39 -33.38 36.29
CA LEU RA 10 -80.55 -33.74 34.88
C LEU RA 10 -81.66 -32.91 34.23
N GLY RA 11 -82.75 -32.70 34.95
CA GLY RA 11 -83.80 -31.83 34.45
C GLY RA 11 -83.33 -30.41 34.26
N LEU RA 12 -82.51 -29.91 35.20
CA LEU RA 12 -81.95 -28.57 35.06
C LEU RA 12 -81.02 -28.49 33.86
N VAL RA 13 -80.24 -29.54 33.61
CA VAL RA 13 -79.32 -29.57 32.46
C VAL RA 13 -80.11 -29.52 31.16
N LEU RA 14 -81.18 -30.32 31.05
CA LEU RA 14 -81.98 -30.29 29.83
C LEU RA 14 -82.73 -28.97 29.67
N VAL RA 15 -83.24 -28.39 30.76
CA VAL RA 15 -83.91 -27.10 30.68
C VAL RA 15 -82.93 -26.00 30.24
N SER RA 16 -81.71 -26.04 30.78
CA SER RA 16 -80.70 -25.07 30.37
C SER RA 16 -80.29 -25.27 28.92
N PHE RA 17 -80.23 -26.52 28.45
CA PHE RA 17 -79.94 -26.79 27.04
C PHE RA 17 -81.03 -26.22 26.14
N ALA RA 18 -82.29 -26.44 26.52
CA ALA RA 18 -83.41 -25.88 25.76
C ALA RA 18 -83.38 -24.37 25.77
N LEU RA 19 -83.01 -23.76 26.91
CA LEU RA 19 -82.94 -22.31 26.99
C LEU RA 19 -81.83 -21.76 26.11
N VAL RA 20 -80.64 -22.38 26.13
CA VAL RA 20 -79.53 -21.93 25.31
C VAL RA 20 -79.87 -22.05 23.83
N VAL RA 21 -80.56 -23.13 23.43
CA VAL RA 21 -80.94 -23.28 22.04
C VAL RA 21 -82.01 -22.27 21.65
N GLY RA 22 -83.00 -22.06 22.51
CA GLY RA 22 -84.18 -21.29 22.13
C GLY RA 22 -84.20 -19.79 22.40
N VAL RA 23 -83.52 -19.32 23.44
CA VAL RA 23 -83.59 -17.90 23.79
C VAL RA 23 -83.03 -16.99 22.69
N PRO RA 24 -81.84 -17.24 22.11
CA PRO RA 24 -81.46 -16.43 20.94
C PRO RA 24 -82.39 -16.63 19.75
N VAL RA 25 -82.91 -17.84 19.56
CA VAL RA 25 -83.82 -18.11 18.46
C VAL RA 25 -85.12 -17.33 18.63
N VAL RA 26 -85.68 -17.35 19.85
CA VAL RA 26 -86.90 -16.61 20.14
C VAL RA 26 -86.66 -15.12 20.02
N PHE RA 27 -85.53 -14.63 20.55
CA PHE RA 27 -85.24 -13.21 20.54
C PHE RA 27 -85.07 -12.67 19.12
N ALA RA 28 -84.23 -13.33 18.32
CA ALA RA 28 -83.93 -12.82 16.99
C ALA RA 28 -84.94 -13.22 15.93
N SER RA 29 -85.97 -13.99 16.29
CA SER RA 29 -86.99 -14.34 15.32
C SER RA 29 -87.83 -13.10 14.96
N PRO RA 30 -88.26 -12.99 13.71
CA PRO RA 30 -89.12 -11.86 13.33
C PRO RA 30 -90.51 -12.01 13.92
N ASN RA 31 -90.88 -11.11 14.83
CA ASN RA 31 -92.17 -11.10 15.52
C ASN RA 31 -92.37 -12.43 16.26
N GLY RA 32 -91.38 -12.80 17.07
CA GLY RA 32 -91.41 -14.05 17.78
C GLY RA 32 -91.30 -13.93 19.30
N TRP RA 33 -90.66 -12.86 19.77
CA TRP RA 33 -90.50 -12.67 21.20
C TRP RA 33 -91.82 -12.32 21.88
N THR RA 34 -92.64 -11.49 21.23
CA THR RA 34 -93.91 -11.11 21.84
C THR RA 34 -94.95 -12.21 21.76
N GLU RA 35 -94.70 -13.29 21.02
CA GLU RA 35 -95.60 -14.43 20.99
C GLU RA 35 -95.04 -15.65 21.72
N ASN RA 36 -93.73 -15.68 21.99
CA ASN RA 36 -93.12 -16.74 22.78
C ASN RA 36 -92.75 -16.27 24.18
N LYS RA 37 -93.34 -15.15 24.62
CA LYS RA 37 -93.06 -14.62 25.95
C LYS RA 37 -93.47 -15.62 27.03
N GLY RA 38 -94.63 -16.25 26.86
CA GLY RA 38 -95.11 -17.19 27.87
C GLY RA 38 -94.23 -18.40 28.03
N VAL RA 39 -93.82 -19.01 26.91
CA VAL RA 39 -93.00 -20.21 26.97
C VAL RA 39 -91.58 -19.87 27.47
N VAL RA 40 -91.05 -18.71 27.07
CA VAL RA 40 -89.72 -18.32 27.54
C VAL RA 40 -89.76 -18.02 29.05
N PHE RA 41 -90.81 -17.32 29.51
CA PHE RA 41 -90.95 -17.04 30.93
C PHE RA 41 -91.11 -18.32 31.74
N SER RA 42 -91.90 -19.27 31.21
CA SER RA 42 -92.06 -20.56 31.87
C SER RA 42 -90.73 -21.32 31.94
N GLY RA 43 -89.96 -21.29 30.86
CA GLY RA 43 -88.67 -21.96 30.85
C GLY RA 43 -87.71 -21.36 31.87
N LEU RA 44 -87.67 -20.03 31.96
CA LEU RA 44 -86.82 -19.37 32.95
C LEU RA 44 -87.29 -19.67 34.36
N SER RA 45 -88.61 -19.72 34.58
CA SER RA 45 -89.14 -20.03 35.91
C SER RA 45 -88.79 -21.44 36.34
N VAL RA 46 -88.94 -22.42 35.44
CA VAL RA 46 -88.55 -23.79 35.78
C VAL RA 46 -87.04 -23.91 35.95
N TRP RA 47 -86.26 -23.12 35.19
CA TRP RA 47 -84.81 -23.14 35.37
C TRP RA 47 -84.42 -22.65 36.76
N PHE RA 48 -85.01 -21.54 37.20
CA PHE RA 48 -84.72 -21.02 38.54
C PHE RA 48 -85.25 -21.96 39.62
N LEU RA 49 -86.41 -22.57 39.39
CA LEU RA 49 -86.96 -23.53 40.34
C LEU RA 49 -86.06 -24.75 40.48
N LEU RA 50 -85.50 -25.23 39.37
CA LEU RA 50 -84.61 -26.38 39.43
C LEU RA 50 -83.29 -26.02 40.08
N VAL RA 51 -82.80 -24.80 39.85
CA VAL RA 51 -81.58 -24.35 40.52
C VAL RA 51 -81.78 -24.32 42.04
N PHE RA 52 -82.89 -23.72 42.48
CA PHE RA 52 -83.18 -23.67 43.90
C PHE RA 52 -83.47 -25.05 44.47
N ALA RA 53 -84.07 -25.94 43.68
CA ALA RA 53 -84.36 -27.30 44.14
C ALA RA 53 -83.07 -28.09 44.35
N VAL RA 54 -82.13 -28.00 43.41
CA VAL RA 54 -80.85 -28.67 43.59
C VAL RA 54 -80.09 -28.06 44.78
N GLY RA 55 -80.21 -26.74 44.95
CA GLY RA 55 -79.56 -26.09 46.09
C GLY RA 55 -80.10 -26.56 47.42
N VAL RA 56 -81.42 -26.68 47.56
CA VAL RA 56 -81.99 -27.13 48.82
C VAL RA 56 -81.88 -28.64 48.99
N PHE RA 57 -81.75 -29.40 47.91
CA PHE RA 57 -81.56 -30.84 48.03
C PHE RA 57 -80.11 -31.22 48.28
N ASN RA 58 -79.18 -30.30 48.05
CA ASN RA 58 -77.78 -30.55 48.39
C ASN RA 58 -77.58 -30.74 49.88
N SER RA 59 -78.36 -30.03 50.69
CA SER RA 59 -78.22 -30.13 52.15
C SER RA 59 -78.72 -31.45 52.69
N PHE RA 60 -79.56 -32.17 51.94
CA PHE RA 60 -80.11 -33.43 52.40
C PHE RA 60 -79.43 -34.65 51.81
N ALA RA 61 -78.77 -34.51 50.66
CA ALA RA 61 -78.10 -35.64 50.02
C ALA RA 61 -76.61 -35.61 50.30
N THR SA 1 -100.73 41.93 83.01
CA THR SA 1 -101.21 41.59 81.68
C THR SA 1 -100.11 41.72 80.64
N ILE SA 2 -100.50 41.94 79.38
CA ILE SA 2 -99.53 42.08 78.30
C ILE SA 2 -98.76 43.39 78.45
N ASN SA 3 -99.44 44.47 78.86
CA ASN SA 3 -98.81 45.76 79.04
C ASN SA 3 -97.80 45.79 80.18
N GLN SA 4 -97.80 44.77 81.04
CA GLN SA 4 -96.83 44.71 82.12
C GLN SA 4 -95.42 44.42 81.63
N PHE SA 5 -95.27 43.78 80.46
CA PHE SA 5 -93.94 43.50 79.94
C PHE SA 5 -93.82 43.78 78.44
N TYR SA 6 -94.69 44.61 77.87
CA TYR SA 6 -94.57 45.01 76.46
C TYR SA 6 -94.76 46.50 76.21
N GLY SA 7 -95.45 47.23 77.08
CA GLY SA 7 -95.70 48.63 76.85
C GLY SA 7 -94.53 49.49 77.24
N PRO SA 8 -94.72 50.81 77.11
CA PRO SA 8 -93.68 51.74 77.56
C PRO SA 8 -93.44 51.72 79.06
N ASP SA 9 -94.42 51.28 79.85
CA ASP SA 9 -94.29 51.16 81.29
C ASP SA 9 -94.01 49.73 81.74
N ARG SA 10 -93.27 48.97 80.93
CA ARG SA 10 -93.00 47.57 81.20
C ARG SA 10 -91.99 47.44 82.34
N ASN SA 11 -91.85 46.20 82.82
CA ASN SA 11 -90.85 45.89 83.83
C ASN SA 11 -89.45 46.04 83.22
N LYS SA 12 -88.56 46.69 83.97
CA LYS SA 12 -87.24 47.04 83.46
C LYS SA 12 -86.15 46.34 84.26
N TRP SA 13 -84.90 46.64 83.88
CA TRP SA 13 -83.73 45.98 84.45
C TRP SA 13 -83.23 46.65 85.73
N LEU SA 14 -83.92 47.69 86.22
CA LEU SA 14 -83.57 48.29 87.50
C LEU SA 14 -84.80 48.61 88.34
N GLY SA 15 -85.97 48.16 87.94
CA GLY SA 15 -87.19 48.47 88.64
C GLY SA 15 -87.69 49.87 88.31
N PRO SA 16 -87.94 50.68 89.34
CA PRO SA 16 -88.39 52.06 89.11
C PRO SA 16 -87.26 53.03 88.78
N TYR SA 17 -86.03 52.54 88.64
CA TYR SA 17 -84.85 53.39 88.46
C TYR SA 17 -84.36 53.41 87.01
N SER SA 18 -85.14 52.88 86.08
CA SER SA 18 -84.73 52.84 84.67
C SER SA 18 -85.39 53.99 83.91
N THR SA 19 -84.95 55.22 84.23
CA THR SA 19 -85.46 56.38 83.53
C THR SA 19 -84.87 56.49 82.14
N ASN SA 20 -83.57 56.25 82.00
CA ASN SA 20 -82.87 56.42 80.72
C ASN SA 20 -82.87 55.12 79.92
N THR SA 21 -84.07 54.70 79.55
CA THR SA 21 -84.20 53.57 78.63
C THR SA 21 -83.76 53.99 77.24
N PRO SA 22 -82.98 53.16 76.54
CA PRO SA 22 -82.56 53.50 75.16
C PRO SA 22 -83.76 53.66 74.25
N PRO SA 23 -83.68 54.60 73.29
CA PRO SA 23 -84.84 54.88 72.43
C PRO SA 23 -85.21 53.74 71.50
N TYR SA 24 -84.28 52.84 71.19
CA TYR SA 24 -84.58 51.70 70.33
C TYR SA 24 -85.15 50.50 71.09
N LEU SA 25 -85.14 50.56 72.42
CA LEU SA 25 -85.72 49.50 73.24
C LEU SA 25 -87.13 49.91 73.68
N THR SA 26 -88.05 49.82 72.73
CA THR SA 26 -89.42 50.27 72.93
C THR SA 26 -90.33 49.19 73.52
N GLY SA 27 -89.80 48.00 73.81
CA GLY SA 27 -90.62 46.94 74.33
C GLY SA 27 -91.37 46.15 73.29
N GLU SA 28 -90.96 46.24 72.03
CA GLU SA 28 -91.65 45.49 70.97
C GLU SA 28 -91.36 44.00 71.07
N PHE SA 29 -90.13 43.63 71.38
CA PHE SA 29 -89.64 42.27 71.39
C PHE SA 29 -89.72 41.65 72.77
N PRO SA 30 -89.77 40.31 72.86
CA PRO SA 30 -89.83 39.66 74.17
C PRO SA 30 -88.62 39.97 75.04
N GLY SA 31 -88.86 40.02 76.36
CA GLY SA 31 -87.85 40.46 77.29
C GLY SA 31 -87.83 41.97 77.32
N ASP SA 32 -86.74 42.56 76.83
CA ASP SA 32 -86.60 44.01 76.63
C ASP SA 32 -86.80 44.78 77.94
N TYR SA 33 -85.88 44.56 78.87
CA TYR SA 33 -85.89 45.25 80.15
C TYR SA 33 -85.11 46.56 80.10
N GLY SA 34 -84.61 46.96 78.94
CA GLY SA 34 -83.87 48.19 78.82
C GLY SA 34 -82.41 48.11 79.20
N TRP SA 35 -81.86 46.90 79.29
CA TRP SA 35 -80.45 46.72 79.67
C TRP SA 35 -79.60 46.78 78.40
N ASP SA 36 -79.13 47.98 78.08
CA ASP SA 36 -78.23 48.21 76.95
C ASP SA 36 -77.09 49.12 77.38
N THR SA 37 -76.45 48.78 78.50
CA THR SA 37 -75.41 49.62 79.05
C THR SA 37 -74.14 49.59 78.20
N ALA SA 38 -74.04 48.66 77.25
CA ALA SA 38 -72.90 48.66 76.33
C ALA SA 38 -73.23 49.30 75.00
N GLY SA 39 -74.51 49.54 74.71
CA GLY SA 39 -74.90 50.20 73.48
C GLY SA 39 -74.67 49.40 72.23
N LEU SA 40 -74.55 48.08 72.35
CA LEU SA 40 -74.26 47.22 71.19
C LEU SA 40 -75.46 47.01 70.29
N SER SA 41 -76.65 47.42 70.71
CA SER SA 41 -77.88 47.22 69.95
C SER SA 41 -78.42 48.53 69.37
N ALA SA 42 -77.53 49.51 69.15
CA ALA SA 42 -77.96 50.77 68.54
C ALA SA 42 -78.41 50.57 67.10
N ASP SA 43 -77.69 49.75 66.36
CA ASP SA 43 -78.06 49.45 64.97
C ASP SA 43 -79.19 48.44 64.97
N PRO SA 44 -80.33 48.73 64.33
CA PRO SA 44 -81.45 47.77 64.34
C PRO SA 44 -81.13 46.41 63.71
N GLU SA 45 -80.29 46.38 62.67
CA GLU SA 45 -79.91 45.08 62.09
C GLU SA 45 -79.04 44.29 63.04
N THR SA 46 -78.08 44.96 63.69
CA THR SA 46 -77.27 44.29 64.70
C THR SA 46 -78.13 43.87 65.89
N PHE SA 47 -79.13 44.67 66.24
CA PHE SA 47 -80.07 44.29 67.29
C PHE SA 47 -80.84 43.02 66.91
N LYS SA 48 -81.29 42.93 65.66
CA LYS SA 48 -82.01 41.75 65.20
C LYS SA 48 -81.13 40.50 65.23
N ARG SA 49 -79.89 40.63 64.74
CA ARG SA 49 -78.97 39.48 64.76
C ARG SA 49 -78.65 39.07 66.18
N TYR SA 50 -78.41 40.04 67.07
CA TYR SA 50 -78.10 39.76 68.46
C TYR SA 50 -79.27 39.08 69.16
N ARG SA 51 -80.49 39.53 68.87
CA ARG SA 51 -81.68 38.92 69.47
C ARG SA 51 -81.89 37.49 68.98
N GLU SA 52 -81.68 37.25 67.68
CA GLU SA 52 -81.83 35.91 67.15
C GLU SA 52 -80.83 34.94 67.76
N LEU SA 53 -79.54 35.34 67.79
CA LEU SA 53 -78.57 34.44 68.39
C LEU SA 53 -78.68 34.39 69.90
N GLU SA 54 -79.28 35.40 70.53
CA GLU SA 54 -79.57 35.33 71.96
C GLU SA 54 -80.62 34.26 72.24
N LEU SA 55 -81.67 34.19 71.42
CA LEU SA 55 -82.67 33.14 71.63
C LEU SA 55 -82.11 31.77 71.30
N ILE SA 56 -81.22 31.68 70.30
CA ILE SA 56 -80.55 30.40 70.02
C ILE SA 56 -79.71 29.96 71.21
N HIS SA 57 -78.96 30.90 71.79
CA HIS SA 57 -78.21 30.63 73.01
C HIS SA 57 -79.13 30.25 74.16
N ALA SA 58 -80.32 30.85 74.21
CA ALA SA 58 -81.28 30.56 75.26
C ALA SA 58 -81.75 29.12 75.20
N ARG SA 59 -82.14 28.67 74.00
CA ARG SA 59 -82.60 27.29 73.86
C ARG SA 59 -81.46 26.30 74.11
N TRP SA 60 -80.26 26.60 73.61
CA TRP SA 60 -79.12 25.73 73.84
C TRP SA 60 -78.76 25.67 75.32
N ALA SA 61 -78.88 26.81 76.03
CA ALA SA 61 -78.56 26.85 77.45
C ALA SA 61 -79.64 26.16 78.28
N LEU SA 62 -80.90 26.22 77.86
CA LEU SA 62 -81.94 25.47 78.56
C LEU SA 62 -81.69 23.98 78.44
N LEU SA 63 -81.34 23.52 77.22
CA LEU SA 63 -80.99 22.12 77.03
C LEU SA 63 -79.77 21.73 77.84
N GLY SA 64 -78.74 22.58 77.86
CA GLY SA 64 -77.53 22.28 78.60
C GLY SA 64 -77.72 22.28 80.10
N ALA SA 65 -78.53 23.22 80.61
CA ALA SA 65 -78.80 23.28 82.04
C ALA SA 65 -79.62 22.09 82.50
N LEU SA 66 -80.56 21.62 81.67
CA LEU SA 66 -81.29 20.43 82.04
C LEU SA 66 -80.44 19.17 81.88
N GLY SA 67 -79.46 19.19 80.97
CA GLY SA 67 -78.66 18.02 80.70
C GLY SA 67 -77.42 17.83 81.56
N MET SA 68 -76.88 18.91 82.13
CA MET SA 68 -75.71 18.75 82.99
C MET SA 68 -76.03 18.17 84.35
N VAL SA 69 -77.28 18.27 84.80
CA VAL SA 69 -77.64 17.81 86.13
C VAL SA 69 -78.51 16.55 86.10
N THR SA 70 -79.09 16.19 84.95
CA THR SA 70 -79.97 15.02 84.92
C THR SA 70 -79.23 13.71 85.22
N PRO SA 71 -78.08 13.39 84.61
CA PRO SA 71 -77.36 12.19 85.06
C PRO SA 71 -76.89 12.24 86.50
N GLU SA 72 -76.49 13.42 86.98
CA GLU SA 72 -76.05 13.53 88.36
C GLU SA 72 -77.23 13.45 89.33
N LEU SA 73 -78.43 13.85 88.90
CA LEU SA 73 -79.62 13.61 89.70
C LEU SA 73 -80.06 12.14 89.63
N LEU SA 74 -79.76 11.45 88.54
CA LEU SA 74 -80.12 10.05 88.40
C LEU SA 74 -79.03 9.10 88.89
N GLN SA 75 -77.93 9.63 89.43
CA GLN SA 75 -76.92 8.82 90.09
C GLN SA 75 -77.53 7.92 91.17
N ASP SA 76 -77.02 6.69 91.26
CA ASP SA 76 -77.44 5.77 92.30
C ASP SA 76 -76.63 6.03 93.57
N ASP SA 77 -76.76 5.12 94.54
CA ASP SA 77 -76.05 5.29 95.80
C ASP SA 77 -74.55 5.06 95.63
N ASP SA 78 -74.17 4.05 94.84
CA ASP SA 78 -72.77 3.73 94.62
C ASP SA 78 -72.31 3.88 93.16
N GLY SA 79 -73.23 3.90 92.20
CA GLY SA 79 -72.85 4.21 90.84
C GLY SA 79 -72.56 3.05 89.90
N ILE SA 80 -73.49 2.10 89.81
CA ILE SA 80 -73.38 1.07 88.77
C ILE SA 80 -73.64 1.70 87.40
N MET SA 81 -74.67 2.53 87.31
CA MET SA 81 -75.08 3.10 86.02
C MET SA 81 -74.02 4.04 85.45
N PHE SA 82 -73.44 4.89 86.29
CA PHE SA 82 -72.41 5.84 85.86
C PHE SA 82 -71.18 5.69 86.74
N GLY SA 83 -70.02 5.72 86.12
CA GLY SA 83 -68.77 5.69 86.87
C GLY SA 83 -68.32 7.10 87.18
N GLU SA 84 -67.15 7.49 86.69
CA GLU SA 84 -66.68 8.85 86.90
C GLU SA 84 -67.33 9.82 85.92
N SER SA 85 -67.94 9.30 84.85
CA SER SA 85 -68.64 10.06 83.83
C SER SA 85 -70.00 10.58 84.27
N ALA SA 86 -70.37 10.33 85.54
CA ALA SA 86 -71.63 10.87 86.06
C ALA SA 86 -71.60 12.39 86.08
N ILE SA 87 -70.44 12.97 86.35
CA ILE SA 87 -70.30 14.42 86.35
C ILE SA 87 -70.35 14.92 84.91
N TRP SA 88 -70.93 16.12 84.73
CA TRP SA 88 -71.15 16.63 83.37
C TRP SA 88 -69.83 16.92 82.65
N PHE SA 89 -68.83 17.45 83.35
CA PHE SA 89 -67.58 17.80 82.70
C PHE SA 89 -66.61 16.62 82.60
N LYS SA 90 -67.06 15.43 82.95
CA LYS SA 90 -66.32 14.21 82.73
C LYS SA 90 -67.12 13.19 81.92
N ALA SA 91 -68.23 13.62 81.32
CA ALA SA 91 -69.08 12.70 80.56
C ALA SA 91 -68.46 12.31 79.23
N GLY SA 92 -67.68 13.22 78.61
CA GLY SA 92 -67.04 12.89 77.35
C GLY SA 92 -66.09 11.73 77.46
N ALA SA 93 -65.38 11.63 78.58
CA ALA SA 93 -64.49 10.49 78.84
C ALA SA 93 -65.24 9.16 78.92
N ALA SA 94 -66.58 9.18 78.94
CA ALA SA 94 -67.36 7.96 78.84
C ALA SA 94 -67.16 7.26 77.51
N ILE SA 95 -66.75 7.98 76.45
CA ILE SA 95 -66.58 7.31 75.16
C ILE SA 95 -65.31 6.46 75.16
N PHE SA 96 -64.35 6.76 76.05
CA PHE SA 96 -63.09 6.06 76.13
C PHE SA 96 -63.10 4.91 77.13
N GLN SA 97 -64.27 4.57 77.67
CA GLN SA 97 -64.37 3.48 78.64
C GLN SA 97 -64.14 2.15 77.95
N GLU SA 98 -63.83 1.13 78.76
CA GLU SA 98 -63.55 -0.20 78.25
C GLU SA 98 -64.79 -0.87 77.67
N GLY SA 99 -65.99 -0.48 78.10
CA GLY SA 99 -67.21 -1.06 77.58
C GLY SA 99 -67.82 -0.21 76.48
N GLY SA 100 -67.78 1.10 76.66
CA GLY SA 100 -68.33 2.05 75.72
C GLY SA 100 -69.15 3.09 76.44
N LEU SA 101 -69.93 3.84 75.68
CA LEU SA 101 -70.79 4.88 76.23
C LEU SA 101 -72.21 4.32 76.26
N ASN SA 102 -72.56 3.69 77.38
CA ASN SA 102 -73.93 3.26 77.60
C ASN SA 102 -74.75 4.45 78.09
N TYR SA 103 -75.98 4.57 77.59
CA TYR SA 103 -76.81 5.71 77.93
C TYR SA 103 -77.15 5.73 79.42
N LEU SA 104 -77.90 4.74 79.88
CA LEU SA 104 -78.28 4.66 81.29
C LEU SA 104 -77.68 3.42 81.94
N GLY SA 105 -76.39 3.17 81.67
CA GLY SA 105 -75.67 2.10 82.31
C GLY SA 105 -75.85 0.73 81.72
N ASN SA 106 -76.69 0.57 80.69
CA ASN SA 106 -76.87 -0.76 80.14
C ASN SA 106 -76.33 -0.87 78.71
N PRO SA 107 -75.74 -2.00 78.34
CA PRO SA 107 -75.19 -2.15 76.99
C PRO SA 107 -76.24 -2.20 75.89
N SER SA 108 -77.53 -2.36 76.22
CA SER SA 108 -78.56 -2.41 75.20
C SER SA 108 -78.89 -1.03 74.64
N LEU SA 109 -78.51 0.04 75.32
CA LEU SA 109 -78.79 1.40 74.89
C LEU SA 109 -77.51 2.06 74.42
N ILE SA 110 -77.55 2.62 73.21
CA ILE SA 110 -76.45 3.32 72.55
C ILE SA 110 -75.23 2.41 72.44
N HIS SA 111 -74.43 2.32 73.52
CA HIS SA 111 -73.22 1.49 73.58
C HIS SA 111 -72.25 1.87 72.46
N ALA SA 112 -71.82 3.13 72.49
CA ALA SA 112 -70.94 3.68 71.46
C ALA SA 112 -69.50 3.71 71.95
N GLN SA 113 -68.57 3.47 71.02
CA GLN SA 113 -67.15 3.48 71.33
C GLN SA 113 -66.29 4.31 70.38
N ASN SA 114 -66.82 4.74 69.24
CA ASN SA 114 -66.05 5.48 68.25
C ASN SA 114 -66.36 6.95 68.37
N ILE SA 115 -65.48 7.69 69.06
CA ILE SA 115 -65.66 9.12 69.23
C ILE SA 115 -65.52 9.84 67.89
N VAL SA 116 -64.63 9.36 67.03
CA VAL SA 116 -64.46 9.97 65.71
C VAL SA 116 -65.72 9.79 64.87
N ALA SA 117 -66.30 8.58 64.89
CA ALA SA 117 -67.52 8.33 64.12
C ALA SA 117 -68.70 9.13 64.65
N THR SA 118 -68.87 9.19 65.98
CA THR SA 118 -69.99 9.97 66.50
C THR SA 118 -69.78 11.47 66.29
N LEU SA 119 -68.52 11.93 66.27
CA LEU SA 119 -68.25 13.32 65.95
C LEU SA 119 -68.58 13.62 64.50
N ALA SA 120 -68.24 12.71 63.58
CA ALA SA 120 -68.56 12.92 62.17
C ALA SA 120 -70.07 12.93 61.94
N VAL SA 121 -70.80 12.02 62.59
CA VAL SA 121 -72.25 12.01 62.48
C VAL SA 121 -72.84 13.30 63.05
N GLN SA 122 -72.29 13.76 64.18
CA GLN SA 122 -72.72 15.02 64.77
C GLN SA 122 -72.49 16.19 63.82
N VAL SA 123 -71.31 16.25 63.21
CA VAL SA 123 -70.98 17.37 62.31
C VAL SA 123 -71.92 17.38 61.11
N VAL SA 124 -72.15 16.22 60.50
CA VAL SA 124 -73.02 16.16 59.32
C VAL SA 124 -74.45 16.53 59.69
N LEU SA 125 -74.98 15.92 60.76
CA LEU SA 125 -76.37 16.17 61.14
C LEU SA 125 -76.58 17.62 61.59
N MET SA 126 -75.67 18.15 62.40
CA MET SA 126 -75.82 19.52 62.88
C MET SA 126 -75.61 20.54 61.77
N GLY SA 127 -74.72 20.26 60.82
CA GLY SA 127 -74.59 21.13 59.67
C GLY SA 127 -75.86 21.18 58.84
N LEU SA 128 -76.48 20.01 58.63
CA LEU SA 128 -77.75 19.97 57.91
C LEU SA 128 -78.84 20.73 58.67
N VAL SA 129 -78.92 20.54 59.99
CA VAL SA 129 -79.94 21.20 60.79
C VAL SA 129 -79.74 22.72 60.79
N GLU SA 130 -78.50 23.19 60.95
CA GLU SA 130 -78.28 24.64 60.97
C GLU SA 130 -78.49 25.26 59.61
N GLY SA 131 -78.15 24.54 58.54
CA GLY SA 131 -78.44 25.03 57.20
C GLY SA 131 -79.93 25.11 56.94
N TYR SA 132 -80.69 24.12 57.42
CA TYR SA 132 -82.15 24.18 57.30
C TYR SA 132 -82.73 25.31 58.15
N ARG SA 133 -82.12 25.59 59.31
CA ARG SA 133 -82.59 26.68 60.16
C ARG SA 133 -82.39 28.03 59.50
N VAL SA 134 -81.25 28.23 58.84
CA VAL SA 134 -80.97 29.54 58.24
C VAL SA 134 -81.50 29.69 56.82
N ASN SA 135 -81.82 28.58 56.13
CA ASN SA 135 -82.35 28.67 54.77
C ASN SA 135 -83.75 28.09 54.67
N GLY SA 136 -83.94 26.85 55.12
CA GLY SA 136 -85.20 26.16 54.93
C GLY SA 136 -84.98 24.74 54.47
N GLY SA 137 -85.98 23.89 54.61
CA GLY SA 137 -85.83 22.50 54.25
C GLY SA 137 -87.09 21.69 54.43
N PRO SA 138 -86.97 20.51 55.05
CA PRO SA 138 -88.14 19.64 55.24
C PRO SA 138 -89.25 20.27 56.06
N ALA SA 139 -88.92 21.14 57.03
CA ALA SA 139 -89.96 21.77 57.82
C ALA SA 139 -90.65 22.89 57.03
N GLY SA 140 -89.91 23.94 56.71
CA GLY SA 140 -90.48 25.05 55.97
C GLY SA 140 -89.39 25.99 55.51
N GLU SA 141 -89.76 26.84 54.55
CA GLU SA 141 -88.82 27.74 53.90
C GLU SA 141 -89.10 29.22 54.19
N GLY SA 142 -90.35 29.65 54.04
CA GLY SA 142 -90.66 31.07 54.19
C GLY SA 142 -91.14 31.45 55.59
N LEU SA 143 -90.86 30.61 56.57
CA LEU SA 143 -91.31 30.86 57.93
C LEU SA 143 -90.40 31.87 58.63
N ASP SA 144 -90.78 32.21 59.87
CA ASP SA 144 -89.98 33.10 60.69
C ASP SA 144 -88.67 32.41 61.05
N PRO SA 145 -87.52 33.04 60.81
CA PRO SA 145 -86.24 32.39 61.18
C PRO SA 145 -86.07 32.17 62.68
N LEU SA 146 -86.84 32.86 63.52
CA LEU SA 146 -86.77 32.66 64.96
C LEU SA 146 -87.96 31.90 65.53
N TYR SA 147 -89.15 32.06 64.97
CA TYR SA 147 -90.36 31.42 65.46
C TYR SA 147 -91.14 30.78 64.32
N PRO SA 148 -90.67 29.62 63.80
CA PRO SA 148 -91.40 28.96 62.69
C PRO SA 148 -92.79 28.50 63.10
N GLY SA 149 -92.86 27.66 64.12
CA GLY SA 149 -94.12 27.28 64.74
C GLY SA 149 -95.14 26.57 63.88
N GLU SA 150 -94.70 25.66 63.03
CA GLU SA 150 -95.68 24.84 62.32
C GLU SA 150 -95.41 23.35 62.46
N ALA SA 151 -94.14 22.94 62.48
CA ALA SA 151 -93.75 21.57 62.72
C ALA SA 151 -93.07 21.37 64.05
N PHE SA 152 -92.42 22.41 64.57
CA PHE SA 152 -91.83 22.41 65.89
C PHE SA 152 -92.82 22.86 66.96
N ASP SA 153 -94.02 23.25 66.54
CA ASP SA 153 -95.11 23.61 67.45
C ASP SA 153 -96.37 22.88 66.98
N PRO SA 154 -96.48 21.58 67.26
CA PRO SA 154 -97.70 20.84 66.88
C PRO SA 154 -98.75 20.70 67.97
N LEU SA 155 -98.49 21.20 69.18
CA LEU SA 155 -99.41 21.08 70.30
C LEU SA 155 -100.21 22.37 70.53
N GLY SA 156 -100.42 23.15 69.48
CA GLY SA 156 -101.16 24.39 69.61
C GLY SA 156 -100.36 25.46 70.32
N LEU SA 157 -100.86 25.92 71.47
CA LEU SA 157 -100.17 26.86 72.36
C LEU SA 157 -99.89 28.21 71.69
N ALA SA 158 -99.04 28.20 70.67
CA ALA SA 158 -98.66 29.43 69.98
C ALA SA 158 -99.66 29.81 68.89
N ASP SA 159 -100.94 29.88 69.24
CA ASP SA 159 -101.99 30.31 68.33
C ASP SA 159 -102.74 31.53 68.84
N ASP SA 160 -103.03 31.57 70.14
CA ASP SA 160 -103.59 32.77 70.75
C ASP SA 160 -102.49 33.82 70.82
N PRO SA 161 -102.72 35.04 70.30
CA PRO SA 161 -101.61 36.01 70.19
C PRO SA 161 -101.03 36.47 71.53
N GLU SA 162 -101.88 36.90 72.46
CA GLU SA 162 -101.36 37.38 73.74
C GLU SA 162 -100.78 36.23 74.58
N ALA SA 163 -101.35 35.03 74.48
CA ALA SA 163 -100.77 33.87 75.16
C ALA SA 163 -99.42 33.52 74.55
N PHE SA 164 -99.28 33.65 73.23
CA PHE SA 164 -98.00 33.39 72.58
C PHE SA 164 -96.96 34.41 73.00
N ALA SA 165 -97.35 35.68 73.12
CA ALA SA 165 -96.40 36.70 73.56
C ALA SA 165 -95.97 36.49 75.02
N GLU SA 166 -96.93 36.15 75.89
CA GLU SA 166 -96.61 35.88 77.29
C GLU SA 166 -95.74 34.64 77.42
N LEU SA 167 -96.01 33.61 76.63
CA LEU SA 167 -95.17 32.42 76.62
C LEU SA 167 -93.79 32.73 76.04
N LYS SA 168 -93.71 33.69 75.11
CA LYS SA 168 -92.43 34.10 74.56
C LYS SA 168 -91.56 34.79 75.60
N VAL SA 169 -92.17 35.67 76.41
CA VAL SA 169 -91.36 36.29 77.45
C VAL SA 169 -91.01 35.28 78.53
N LYS SA 170 -91.89 34.27 78.74
CA LYS SA 170 -91.53 33.15 79.62
C LYS SA 170 -90.31 32.41 79.09
N GLU SA 171 -90.29 32.17 77.77
CA GLU SA 171 -89.18 31.44 77.14
C GLU SA 171 -87.88 32.22 77.25
N ILE SA 172 -87.92 33.52 76.99
CA ILE SA 172 -86.68 34.29 77.03
C ILE SA 172 -86.18 34.45 78.48
N LYS SA 173 -87.09 34.56 79.45
CA LYS SA 173 -86.67 34.65 80.84
C LYS SA 173 -86.07 33.33 81.32
N ASN SA 174 -86.70 32.20 80.96
CA ASN SA 174 -86.15 30.90 81.31
C ASN SA 174 -84.82 30.66 80.63
N GLY SA 175 -84.68 31.10 79.38
CA GLY SA 175 -83.41 30.96 78.68
C GLY SA 175 -82.30 31.80 79.30
N ARG SA 176 -82.63 33.02 79.74
CA ARG SA 176 -81.64 33.84 80.43
C ARG SA 176 -81.21 33.22 81.76
N LEU SA 177 -82.19 32.68 82.51
CA LEU SA 177 -81.86 31.99 83.75
C LEU SA 177 -81.00 30.76 83.48
N ALA SA 178 -81.27 30.05 82.37
CA ALA SA 178 -80.49 28.89 82.03
C ALA SA 178 -79.08 29.26 81.57
N MET SA 179 -78.91 30.38 80.87
CA MET SA 179 -77.56 30.84 80.53
C MET SA 179 -76.78 31.19 81.79
N PHE SA 180 -77.44 31.87 82.72
CA PHE SA 180 -76.81 32.21 84.01
C PHE SA 180 -76.39 30.94 84.75
N ALA SA 181 -77.27 29.94 84.75
CA ALA SA 181 -76.97 28.67 85.40
C ALA SA 181 -75.83 27.93 84.69
N CYS SA 182 -75.79 27.98 83.36
CA CYS SA 182 -74.74 27.30 82.62
C CYS SA 182 -73.38 27.94 82.87
N LEU SA 183 -73.33 29.28 82.90
CA LEU SA 183 -72.08 29.96 83.24
C LEU SA 183 -71.68 29.65 84.68
N GLY SA 184 -72.65 29.55 85.58
CA GLY SA 184 -72.35 29.13 86.94
C GLY SA 184 -71.78 27.73 87.00
N PHE SA 185 -72.33 26.82 86.18
CA PHE SA 185 -71.81 25.46 86.09
C PHE SA 185 -70.37 25.46 85.59
N PHE SA 186 -70.08 26.28 84.57
CA PHE SA 186 -68.73 26.36 84.02
C PHE SA 186 -67.74 26.87 85.06
N VAL SA 187 -68.08 27.97 85.74
CA VAL SA 187 -67.16 28.57 86.70
C VAL SA 187 -67.01 27.67 87.93
N GLN SA 188 -68.09 27.00 88.35
CA GLN SA 188 -67.98 26.05 89.46
C GLN SA 188 -67.11 24.86 89.07
N ALA SA 189 -67.20 24.43 87.82
CA ALA SA 189 -66.31 23.36 87.34
C ALA SA 189 -64.86 23.82 87.36
N ILE SA 190 -64.62 25.10 87.05
CA ILE SA 190 -63.25 25.61 87.00
C ILE SA 190 -62.62 25.61 88.39
N VAL SA 191 -63.32 26.13 89.40
CA VAL SA 191 -62.70 26.38 90.69
C VAL SA 191 -62.88 25.26 91.71
N THR SA 192 -63.85 24.38 91.53
CA THR SA 192 -64.10 23.32 92.52
C THR SA 192 -63.76 21.93 92.02
N GLY SA 193 -63.86 21.66 90.72
CA GLY SA 193 -63.64 20.33 90.23
C GLY SA 193 -64.71 19.34 90.65
N LYS SA 194 -65.92 19.81 90.93
CA LYS SA 194 -67.00 18.98 91.41
C LYS SA 194 -68.28 19.31 90.63
N GLY SA 195 -69.20 18.35 90.62
CA GLY SA 195 -70.47 18.52 89.96
C GLY SA 195 -71.35 19.55 90.64
N PRO SA 196 -72.31 20.12 89.92
CA PRO SA 196 -73.16 21.16 90.52
C PRO SA 196 -74.07 20.67 91.63
N ILE SA 197 -74.65 19.48 91.49
CA ILE SA 197 -75.54 18.98 92.55
C ILE SA 197 -74.74 18.62 93.79
N GLU SA 198 -73.53 18.07 93.64
CA GLU SA 198 -72.73 17.80 94.82
C GLU SA 198 -72.14 19.08 95.41
N ASN SA 199 -71.95 20.12 94.58
CA ASN SA 199 -71.59 21.43 95.13
C ASN SA 199 -72.74 22.00 95.96
N LEU SA 200 -73.98 21.83 95.48
CA LEU SA 200 -75.14 22.26 96.24
C LEU SA 200 -75.28 21.46 97.52
N THR SA 201 -74.99 20.16 97.47
CA THR SA 201 -75.03 19.32 98.67
C THR SA 201 -73.99 19.75 99.68
N ASP SA 202 -72.78 20.07 99.22
CA ASP SA 202 -71.73 20.55 100.10
C ASP SA 202 -72.10 21.90 100.71
N HIS SA 203 -72.74 22.78 99.92
CA HIS SA 203 -73.21 24.06 100.44
C HIS SA 203 -74.30 23.87 101.47
N LEU SA 204 -75.23 22.94 101.23
CA LEU SA 204 -76.32 22.70 102.18
C LEU SA 204 -75.83 21.99 103.43
N ALA SA 205 -74.70 21.28 103.36
CA ALA SA 205 -74.17 20.61 104.55
C ALA SA 205 -73.75 21.62 105.61
N ASN SA 206 -73.06 22.68 105.21
CA ASN SA 206 -72.64 23.73 106.12
C ASN SA 206 -72.36 24.99 105.32
N PRO SA 207 -73.32 25.89 105.15
CA PRO SA 207 -73.11 27.07 104.28
C PRO SA 207 -72.19 28.12 104.87
N ALA SA 208 -71.74 27.96 106.12
CA ALA SA 208 -70.88 28.97 106.74
C ALA SA 208 -69.51 29.03 106.09
N GLU SA 209 -68.97 27.89 105.67
CA GLU SA 209 -67.64 27.85 105.07
C GLU SA 209 -67.61 27.16 103.71
N ASN SA 210 -68.72 26.60 103.25
CA ASN SA 210 -68.76 25.92 101.95
C ASN SA 210 -69.38 26.87 100.93
N ASN SA 211 -68.53 27.74 100.39
CA ASN SA 211 -68.94 28.71 99.38
C ASN SA 211 -67.72 29.12 98.56
N ALA SA 212 -67.93 30.06 97.63
CA ALA SA 212 -66.88 30.48 96.72
C ALA SA 212 -65.72 31.14 97.44
N PHE SA 213 -65.99 31.76 98.61
CA PHE SA 213 -64.92 32.35 99.40
C PHE SA 213 -63.98 31.31 99.97
N ALA SA 214 -64.38 30.04 100.01
CA ALA SA 214 -63.47 28.97 100.38
C ALA SA 214 -62.49 28.64 99.26
N TYR SA 215 -62.79 29.06 98.03
CA TYR SA 215 -61.92 28.80 96.89
C TYR SA 215 -61.34 30.07 96.30
N ALA SA 216 -61.39 31.18 97.03
CA ALA SA 216 -60.86 32.44 96.53
C ALA SA 216 -59.34 32.49 96.53
N THR SA 217 -58.69 31.65 97.32
CA THR SA 217 -57.23 31.61 97.39
C THR SA 217 -56.63 30.66 96.37
N LYS SA 218 -57.47 29.91 95.65
CA LYS SA 218 -56.98 28.88 94.72
C LYS SA 218 -56.18 29.48 93.57
N PHE SA 219 -56.63 30.61 93.02
CA PHE SA 219 -55.98 31.23 91.88
C PHE SA 219 -54.94 32.26 92.27
N THR SA 220 -54.43 32.20 93.49
CA THR SA 220 -53.41 33.14 93.94
C THR SA 220 -52.08 32.81 93.27
N PRO SA 221 -51.42 33.77 92.62
CA PRO SA 221 -50.16 33.46 91.93
C PRO SA 221 -49.00 33.27 92.89
N GLN SA 222 -48.88 32.07 93.44
CA GLN SA 222 -47.80 31.75 94.36
C GLN SA 222 -46.45 31.74 93.64
N GLU TA 1 -55.13 72.37 70.30
CA GLU TA 1 -54.66 71.70 71.52
C GLU TA 1 -55.82 71.13 72.31
N PHE TA 2 -55.99 69.81 72.20
CA PHE TA 2 -56.97 68.97 72.89
C PHE TA 2 -58.41 69.22 72.45
N TYR TA 3 -58.66 70.17 71.56
CA TYR TA 3 -59.98 70.43 71.04
C TYR TA 3 -59.86 70.96 69.62
N GLY TA 4 -60.81 70.58 68.76
CA GLY TA 4 -60.82 71.03 67.39
C GLY TA 4 -59.92 70.20 66.51
N PRO TA 5 -59.96 70.48 65.19
CA PRO TA 5 -59.17 69.67 64.23
C PRO TA 5 -57.67 69.77 64.43
N ASP TA 6 -57.18 70.82 65.09
CA ASP TA 6 -55.76 70.94 65.40
C ASP TA 6 -55.42 70.38 66.77
N ARG TA 7 -56.26 69.50 67.31
CA ARG TA 7 -56.03 68.93 68.63
C ARG TA 7 -54.91 67.89 68.59
N ALA TA 8 -54.47 67.51 69.78
CA ALA TA 8 -53.48 66.44 69.90
C ALA TA 8 -54.11 65.11 69.52
N LYS TA 9 -53.35 64.26 68.83
CA LYS TA 9 -53.86 63.01 68.30
C LYS TA 9 -53.00 61.85 68.74
N PHE TA 10 -53.53 60.64 68.54
CA PHE TA 10 -52.95 59.42 69.10
C PHE TA 10 -51.77 58.87 68.31
N LEU TA 11 -51.36 59.52 67.23
CA LEU TA 11 -50.18 59.06 66.49
C LEU TA 11 -49.24 60.19 66.10
N GLY TA 12 -49.54 61.43 66.48
CA GLY TA 12 -48.72 62.56 66.08
C GLY TA 12 -48.95 62.91 64.62
N PRO TA 13 -47.87 63.17 63.89
CA PRO TA 13 -48.00 63.51 62.46
C PRO TA 13 -48.68 62.42 61.65
N PHE TA 14 -48.44 61.15 62.00
CA PHE TA 14 -49.07 60.03 61.33
C PHE TA 14 -50.58 60.02 61.49
N SER TA 15 -51.13 60.77 62.45
CA SER TA 15 -52.57 60.84 62.62
C SER TA 15 -53.19 62.08 61.97
N GLU TA 16 -52.39 62.90 61.29
CA GLU TA 16 -52.94 64.14 60.72
C GLU TA 16 -53.89 63.85 59.55
N ASN TA 17 -53.56 62.88 58.70
CA ASN TA 17 -54.37 62.64 57.52
C ASN TA 17 -55.58 61.76 57.83
N ASP TA 18 -55.33 60.53 58.27
CA ASP TA 18 -56.40 59.55 58.47
C ASP TA 18 -56.95 59.67 59.89
N THR TA 19 -58.03 60.43 60.02
CA THR TA 19 -58.75 60.59 61.27
C THR TA 19 -60.23 60.30 61.04
N PRO TA 20 -60.88 59.54 61.91
CA PRO TA 20 -62.32 59.26 61.72
C PRO TA 20 -63.15 60.54 61.79
N GLU TA 21 -64.21 60.56 60.98
CA GLU TA 21 -65.04 61.75 60.85
C GLU TA 21 -65.93 62.00 62.07
N TYR TA 22 -66.27 60.95 62.82
CA TYR TA 22 -67.09 61.12 64.01
C TYR TA 22 -66.28 61.56 65.23
N LEU TA 23 -64.96 61.58 65.15
CA LEU TA 23 -64.10 62.10 66.21
C LEU TA 23 -63.70 63.51 65.81
N THR TA 24 -64.59 64.46 66.07
CA THR TA 24 -64.39 65.86 65.72
C THR TA 24 -63.71 66.68 66.81
N GLY TA 25 -63.32 66.05 67.92
CA GLY TA 25 -62.69 66.76 69.00
C GLY TA 25 -63.62 67.53 69.90
N GLU TA 26 -64.90 67.19 69.90
CA GLU TA 26 -65.85 67.90 70.75
C GLU TA 26 -65.70 67.47 72.21
N PHE TA 27 -65.45 66.18 72.45
CA PHE TA 27 -65.38 65.54 73.75
C PHE TA 27 -63.95 65.46 74.26
N PRO TA 28 -63.76 65.47 75.58
CA PRO TA 28 -62.40 65.43 76.13
C PRO TA 28 -61.71 64.11 75.86
N GLY TA 29 -60.37 64.18 75.76
CA GLY TA 29 -59.57 63.01 75.49
C GLY TA 29 -59.62 62.52 74.07
N ASP TA 30 -60.15 63.30 73.14
CA ASP TA 30 -60.28 62.90 71.75
C ASP TA 30 -58.92 62.98 71.08
N TYR TA 31 -58.25 61.83 70.94
CA TYR TA 31 -57.00 61.73 70.21
C TYR TA 31 -57.17 61.03 68.88
N GLY TA 32 -58.40 60.75 68.47
CA GLY TA 32 -58.65 60.13 67.18
C GLY TA 32 -58.31 58.67 67.09
N TRP TA 33 -58.34 57.94 68.20
CA TRP TA 33 -57.98 56.51 68.21
C TRP TA 33 -59.26 55.68 68.16
N ASP TA 34 -59.73 55.42 66.94
CA ASP TA 34 -60.83 54.49 66.70
C ASP TA 34 -60.52 53.61 65.50
N THR TA 35 -59.32 53.01 65.49
CA THR TA 35 -58.90 52.18 64.36
C THR TA 35 -59.81 50.97 64.17
N ALA TA 36 -60.47 50.51 65.23
CA ALA TA 36 -61.41 49.41 65.10
C ALA TA 36 -62.77 49.85 64.58
N GLY TA 37 -63.07 51.13 64.61
CA GLY TA 37 -64.35 51.64 64.14
C GLY TA 37 -65.54 51.19 64.97
N LEU TA 38 -65.42 51.18 66.29
CA LEU TA 38 -66.47 50.69 67.17
C LEU TA 38 -67.45 51.78 67.60
N SER TA 39 -67.20 53.04 67.25
CA SER TA 39 -68.05 54.14 67.70
C SER TA 39 -68.49 55.01 66.53
N ALA TA 40 -68.84 54.37 65.41
CA ALA TA 40 -69.40 55.12 64.29
C ALA TA 40 -70.79 55.63 64.63
N ASP TA 41 -71.57 54.86 65.38
CA ASP TA 41 -72.89 55.31 65.83
C ASP TA 41 -72.74 56.27 67.00
N PRO TA 42 -73.35 57.45 66.93
CA PRO TA 42 -73.25 58.39 68.07
C PRO TA 42 -73.83 57.86 69.37
N GLN TA 43 -74.87 57.04 69.30
CA GLN TA 43 -75.44 56.46 70.52
C GLN TA 43 -74.45 55.57 71.23
N THR TA 44 -73.85 54.61 70.51
CA THR TA 44 -72.84 53.77 71.12
C THR TA 44 -71.56 54.54 71.42
N PHE TA 45 -71.31 55.67 70.74
CA PHE TA 45 -70.15 56.49 71.09
C PHE TA 45 -70.33 57.15 72.45
N ALA TA 46 -71.49 57.77 72.69
CA ALA TA 46 -71.75 58.35 74.01
C ALA TA 46 -71.83 57.27 75.08
N ARG TA 47 -72.35 56.10 74.70
CA ARG TA 47 -72.44 54.98 75.62
C ARG TA 47 -71.06 54.52 76.07
N TYR TA 48 -70.17 54.28 75.09
CA TYR TA 48 -68.79 53.91 75.38
C TYR TA 48 -68.07 55.02 76.12
N ARG TA 49 -68.46 56.29 75.88
CA ARG TA 49 -67.83 57.39 76.59
C ARG TA 49 -68.15 57.37 78.08
N GLU TA 50 -69.41 57.13 78.44
CA GLU TA 50 -69.71 57.07 79.87
C GLU TA 50 -69.10 55.82 80.49
N ILE TA 51 -69.04 54.72 79.73
CA ILE TA 51 -68.33 53.52 80.21
C ILE TA 51 -66.86 53.83 80.49
N GLU TA 52 -66.21 54.52 79.55
CA GLU TA 52 -64.80 54.86 79.69
C GLU TA 52 -64.55 55.80 80.86
N LEU TA 53 -65.44 56.77 81.08
CA LEU TA 53 -65.26 57.69 82.20
C LEU TA 53 -65.45 56.98 83.53
N ILE TA 54 -66.45 56.09 83.63
CA ILE TA 54 -66.64 55.34 84.87
C ILE TA 54 -65.44 54.45 85.13
N HIS TA 55 -64.90 53.80 84.08
CA HIS TA 55 -63.70 53.00 84.22
C HIS TA 55 -62.51 53.84 84.62
N ALA TA 56 -62.42 55.07 84.09
CA ALA TA 56 -61.31 55.96 84.43
C ALA TA 56 -61.36 56.34 85.90
N ARG TA 57 -62.55 56.70 86.40
CA ARG TA 57 -62.69 57.04 87.81
C ARG TA 57 -62.37 55.85 88.71
N TRP TA 58 -62.91 54.67 88.37
CA TRP TA 58 -62.65 53.48 89.17
C TRP TA 58 -61.19 53.08 89.11
N ALA TA 59 -60.53 53.27 87.99
CA ALA TA 59 -59.12 52.93 87.88
C ALA TA 59 -58.23 53.92 88.60
N LEU TA 60 -58.59 55.21 88.63
CA LEU TA 60 -57.84 56.16 89.45
C LEU TA 60 -57.94 55.79 90.92
N LEU TA 61 -59.16 55.46 91.38
CA LEU TA 61 -59.34 55.02 92.76
C LEU TA 61 -58.58 53.73 93.04
N GLY TA 62 -58.63 52.78 92.11
CA GLY TA 62 -57.94 51.51 92.32
C GLY TA 62 -56.43 51.64 92.28
N ALA TA 63 -55.90 52.49 91.41
CA ALA TA 63 -54.46 52.70 91.35
C ALA TA 63 -53.96 53.44 92.57
N LEU TA 64 -54.77 54.34 93.14
CA LEU TA 64 -54.37 54.96 94.40
C LEU TA 64 -54.50 53.99 95.57
N GLY TA 65 -55.43 53.05 95.49
CA GLY TA 65 -55.63 52.10 96.57
C GLY TA 65 -54.74 50.87 96.54
N ILE TA 66 -54.13 50.58 95.40
CA ILE TA 66 -53.24 49.42 95.30
C ILE TA 66 -51.86 49.76 95.83
N LEU TA 67 -51.32 50.91 95.41
CA LEU TA 67 -49.96 51.29 95.78
C LEU TA 67 -49.86 51.82 97.21
N THR TA 68 -50.98 52.27 97.80
CA THR TA 68 -50.91 52.89 99.13
C THR TA 68 -50.47 51.92 100.24
N PRO TA 69 -51.05 50.71 100.39
CA PRO TA 69 -50.57 49.84 101.48
C PRO TA 69 -49.13 49.38 101.33
N GLU TA 70 -48.70 49.07 100.10
CA GLU TA 70 -47.31 48.65 99.92
C GLU TA 70 -46.34 49.82 100.08
N LEU TA 71 -46.74 51.02 99.64
CA LEU TA 71 -45.92 52.21 99.81
C LEU TA 71 -45.95 52.74 101.23
N LEU TA 72 -46.86 52.25 102.07
CA LEU TA 72 -46.83 52.55 103.50
C LEU TA 72 -46.12 51.49 104.30
N SER TA 73 -46.11 50.24 103.83
CA SER TA 73 -45.33 49.21 104.50
C SER TA 73 -43.85 49.33 104.19
N GLN TA 74 -43.52 49.72 102.95
CA GLN TA 74 -42.15 49.97 102.54
C GLN TA 74 -41.92 51.47 102.46
N TYR TA 75 -40.74 51.92 102.94
CA TYR TA 75 -40.29 53.30 103.02
C TYR TA 75 -41.09 54.14 104.00
N ALA TA 76 -42.04 53.56 104.73
CA ALA TA 76 -42.78 54.27 105.75
C ALA TA 76 -42.97 53.51 107.06
N GLY TA 77 -42.72 52.20 107.08
CA GLY TA 77 -42.76 51.41 108.30
C GLY TA 77 -44.11 51.28 108.98
N VAL TA 78 -45.13 50.87 108.23
CA VAL TA 78 -46.47 50.64 108.76
C VAL TA 78 -46.81 49.16 108.57
N GLN TA 79 -47.23 48.51 109.65
CA GLN TA 79 -47.57 47.10 109.61
C GLN TA 79 -49.01 46.89 109.20
N PHE TA 80 -49.23 45.93 108.31
CA PHE TA 80 -50.56 45.58 107.83
C PHE TA 80 -50.78 44.08 108.01
N GLY TA 81 -52.04 43.66 107.82
CA GLY TA 81 -52.31 42.24 107.73
C GLY TA 81 -51.66 41.61 106.51
N GLU TA 82 -51.78 42.29 105.37
CA GLU TA 82 -51.07 41.91 104.15
C GLU TA 82 -50.92 43.16 103.27
N PRO TA 83 -49.69 43.66 103.10
CA PRO TA 83 -49.49 44.88 102.31
C PRO TA 83 -49.70 44.68 100.81
N VAL TA 84 -49.61 43.45 100.32
CA VAL TA 84 -49.75 43.19 98.89
C VAL TA 84 -51.22 43.28 98.50
N TRP TA 85 -51.50 43.94 97.37
CA TRP TA 85 -52.88 44.22 96.98
C TRP TA 85 -53.63 42.95 96.58
N PHE TA 86 -52.97 42.01 95.89
CA PHE TA 86 -53.68 40.82 95.43
C PHE TA 86 -53.73 39.71 96.47
N LYS TA 87 -53.03 39.85 97.60
CA LYS TA 87 -53.21 38.95 98.72
C LYS TA 87 -53.89 39.65 99.90
N ALA TA 88 -54.44 40.85 99.69
CA ALA TA 88 -55.13 41.59 100.73
C ALA TA 88 -56.57 41.12 100.94
N GLY TA 89 -57.12 40.33 100.02
CA GLY TA 89 -58.48 39.84 100.21
C GLY TA 89 -58.58 38.71 101.21
N ALA TA 90 -57.54 37.89 101.31
CA ALA TA 90 -57.56 36.73 102.20
C ALA TA 90 -57.34 37.10 103.66
N GLN TA 91 -56.91 38.35 103.95
CA GLN TA 91 -56.64 38.75 105.33
C GLN TA 91 -57.88 38.82 106.19
N ILE TA 92 -59.08 38.79 105.59
CA ILE TA 92 -60.30 38.74 106.38
C ILE TA 92 -60.54 37.32 106.90
N PHE TA 93 -59.88 36.33 106.31
CA PHE TA 93 -59.95 34.95 106.79
C PHE TA 93 -58.93 34.66 107.89
N ALA TA 94 -58.08 35.62 108.23
CA ALA TA 94 -57.09 35.41 109.26
C ALA TA 94 -57.74 35.37 110.64
N ALA TA 95 -57.00 34.84 111.62
CA ALA TA 95 -57.50 34.74 112.98
C ALA TA 95 -57.71 36.12 113.60
N GLY TA 96 -56.80 37.05 113.36
CA GLY TA 96 -56.95 38.40 113.87
C GLY TA 96 -58.11 39.14 113.23
N GLY TA 97 -58.23 39.04 111.91
CA GLY TA 97 -59.26 39.77 111.18
C GLY TA 97 -58.69 40.74 110.19
N LEU TA 98 -59.48 41.74 109.80
CA LEU TA 98 -59.06 42.76 108.84
C LEU TA 98 -58.91 44.07 109.60
N ASN TA 99 -57.66 44.49 109.81
CA ASN TA 99 -57.35 45.72 110.50
C ASN TA 99 -57.04 46.82 109.49
N TYR TA 100 -57.55 48.03 109.75
CA TYR TA 100 -57.45 49.11 108.78
C TYR TA 100 -56.01 49.59 108.61
N LEU TA 101 -55.27 49.72 109.72
CA LEU TA 101 -53.85 50.10 109.66
C LEU TA 101 -53.01 49.12 110.47
N GLY TA 102 -53.40 47.86 110.51
CA GLY TA 102 -52.77 46.94 111.43
C GLY TA 102 -53.21 47.14 112.87
N ASN TA 103 -54.27 47.91 113.07
CA ASN TA 103 -54.78 48.25 114.39
C ASN TA 103 -56.14 47.63 114.59
N GLU TA 104 -56.34 46.95 115.72
CA GLU TA 104 -57.62 46.32 116.03
C GLU TA 104 -58.69 47.34 116.41
N SER TA 105 -58.30 48.58 116.70
CA SER TA 105 -59.27 49.60 117.05
C SER TA 105 -60.14 50.00 115.86
N LEU TA 106 -59.61 49.90 114.64
CA LEU TA 106 -60.31 50.29 113.44
C LEU TA 106 -60.75 49.07 112.66
N ILE TA 107 -62.00 49.11 112.18
CA ILE TA 107 -62.65 48.06 111.39
C ILE TA 107 -62.73 46.76 112.19
N HIS TA 108 -61.64 45.98 112.19
CA HIS TA 108 -61.58 44.66 112.85
C HIS TA 108 -62.71 43.75 112.35
N ALA TA 109 -62.86 43.69 111.03
CA ALA TA 109 -63.93 42.91 110.42
C ALA TA 109 -63.59 41.42 110.40
N GLN TA 110 -64.60 40.59 110.64
CA GLN TA 110 -64.42 39.14 110.64
C GLN TA 110 -65.56 38.40 109.95
N SER TA 111 -66.38 39.09 109.16
CA SER TA 111 -67.51 38.46 108.47
C SER TA 111 -67.51 38.92 107.01
N ILE TA 112 -66.93 38.08 106.15
CA ILE TA 112 -66.85 38.39 104.73
C ILE TA 112 -68.24 38.42 104.11
N ILE TA 113 -69.15 37.56 104.57
CA ILE TA 113 -70.51 37.53 104.04
C ILE TA 113 -71.24 38.84 104.36
N ALA TA 114 -71.10 39.32 105.60
CA ALA TA 114 -71.79 40.54 105.99
C ALA TA 114 -71.20 41.76 105.29
N THR TA 115 -69.86 41.84 105.20
CA THR TA 115 -69.27 43.00 104.52
C THR TA 115 -69.56 42.97 103.02
N LEU TA 116 -69.62 41.78 102.42
CA LEU TA 116 -70.01 41.68 101.02
C LEU TA 116 -71.46 42.10 100.82
N ALA TA 117 -72.35 41.68 101.72
CA ALA TA 117 -73.77 42.02 101.59
C ALA TA 117 -73.99 43.52 101.73
N VAL TA 118 -73.33 44.17 102.69
CA VAL TA 118 -73.51 45.60 102.86
C VAL TA 118 -72.89 46.36 101.69
N GLN TA 119 -71.77 45.86 101.15
CA GLN TA 119 -71.18 46.49 99.97
C GLN TA 119 -72.10 46.36 98.77
N VAL TA 120 -72.73 45.19 98.59
CA VAL TA 120 -73.64 44.99 97.47
C VAL TA 120 -74.85 45.90 97.58
N VAL TA 121 -75.44 46.02 98.78
CA VAL TA 121 -76.65 46.85 98.88
C VAL TA 121 -76.30 48.33 98.73
N LEU TA 122 -75.18 48.79 99.31
CA LEU TA 122 -74.81 50.19 99.20
C LEU TA 122 -74.42 50.55 97.78
N MET TA 123 -73.57 49.74 97.14
CA MET TA 123 -73.18 50.01 95.76
C MET TA 123 -74.35 49.82 94.80
N GLY TA 124 -75.29 48.93 95.12
CA GLY TA 124 -76.46 48.80 94.28
C GLY TA 124 -77.33 50.04 94.30
N LEU TA 125 -77.57 50.59 95.50
CA LEU TA 125 -78.32 51.83 95.60
C LEU TA 125 -77.59 52.97 94.90
N ALA TA 126 -76.27 53.07 95.10
CA ALA TA 126 -75.50 54.17 94.50
C ALA TA 126 -75.47 54.08 92.98
N GLU TA 127 -75.18 52.88 92.43
CA GLU TA 127 -75.10 52.72 90.99
C GLU TA 127 -76.47 52.81 90.34
N ALA TA 128 -77.52 52.35 91.03
CA ALA TA 128 -78.86 52.49 90.49
C ALA TA 128 -79.29 53.95 90.45
N TYR TA 129 -78.92 54.73 91.47
CA TYR TA 129 -79.21 56.15 91.46
C TYR TA 129 -78.40 56.87 90.38
N ARG TA 130 -77.17 56.42 90.16
CA ARG TA 130 -76.35 57.00 89.09
C ARG TA 130 -76.96 56.72 87.72
N ALA TA 131 -77.43 55.48 87.50
CA ALA TA 131 -78.09 55.15 86.24
C ALA TA 131 -79.44 55.85 86.13
N ASN TA 132 -80.17 55.96 87.24
CA ASN TA 132 -81.44 56.70 87.23
C ASN TA 132 -81.20 58.19 87.03
N GLY TA 133 -80.11 58.71 87.59
CA GLY TA 133 -79.87 60.15 87.56
C GLY TA 133 -80.87 60.91 88.40
N GLY TA 134 -81.19 60.41 89.59
CA GLY TA 134 -82.13 61.04 90.48
C GLY TA 134 -83.51 60.40 90.40
N SER TA 135 -84.28 60.57 91.48
CA SER TA 135 -85.61 60.00 91.55
C SER TA 135 -86.50 60.88 92.42
N GLU TA 136 -87.57 61.40 91.80
CA GLU TA 136 -88.62 62.16 92.49
C GLU TA 136 -88.08 63.40 93.20
N GLY TA 137 -87.38 64.25 92.46
CA GLY TA 137 -86.92 65.52 92.95
C GLY TA 137 -85.57 65.51 93.63
N PHE TA 138 -85.08 64.34 94.05
CA PHE TA 138 -83.76 64.25 94.67
C PHE TA 138 -82.74 64.04 93.56
N LEU TA 139 -82.13 65.14 93.12
CA LEU TA 139 -81.13 65.16 92.05
C LEU TA 139 -81.67 64.58 90.74
N ASP TA 140 -82.97 64.78 90.47
CA ASP TA 140 -83.57 64.38 89.20
C ASP TA 140 -83.27 65.45 88.14
N ASP TA 141 -81.97 65.64 87.91
CA ASP TA 141 -81.42 66.74 87.14
C ASP TA 141 -80.01 66.33 86.72
N LEU TA 142 -79.19 67.33 86.41
CA LEU TA 142 -77.74 67.22 86.29
C LEU TA 142 -77.39 66.53 84.97
N ASP TA 143 -76.15 66.06 84.82
CA ASP TA 143 -75.68 65.56 83.53
C ASP TA 143 -75.51 64.05 83.45
N THR TA 144 -75.49 63.35 84.59
CA THR TA 144 -75.41 61.88 84.74
C THR TA 144 -74.02 61.36 84.37
N LEU TA 145 -73.20 62.21 83.77
CA LEU TA 145 -71.81 61.89 83.45
C LEU TA 145 -70.84 62.92 84.00
N TYR TA 146 -71.20 64.20 83.97
CA TYR TA 146 -70.43 65.28 84.59
C TYR TA 146 -71.38 66.12 85.42
N PRO TA 147 -71.84 65.59 86.57
CA PRO TA 147 -72.88 66.31 87.34
C PRO TA 147 -72.44 67.65 87.91
N GLY TA 148 -71.43 67.66 88.78
CA GLY TA 148 -71.10 68.92 89.42
C GLY TA 148 -71.82 69.09 90.75
N GLY TA 149 -72.97 69.76 90.72
CA GLY TA 149 -73.70 70.04 91.94
C GLY TA 149 -74.07 68.77 92.70
N ALA TA 150 -74.01 68.87 94.03
CA ALA TA 150 -74.13 67.79 95.01
C ALA TA 150 -72.97 66.79 94.94
N PHE TA 151 -71.99 67.04 94.08
CA PHE TA 151 -70.79 66.22 94.00
C PHE TA 151 -69.53 67.03 93.82
N ASP TA 152 -69.62 68.36 93.73
CA ASP TA 152 -68.45 69.23 93.64
C ASP TA 152 -68.59 70.33 94.69
N PRO TA 153 -68.26 70.03 95.95
CA PRO TA 153 -68.33 71.07 96.99
C PRO TA 153 -67.30 72.17 96.79
N LEU TA 154 -66.18 71.88 96.13
CA LEU TA 154 -65.12 72.87 95.94
C LEU TA 154 -65.48 73.92 94.91
N GLY TA 155 -66.58 73.76 94.18
CA GLY TA 155 -67.02 74.75 93.21
C GLY TA 155 -66.11 74.92 92.01
N LEU TA 156 -65.62 73.83 91.44
CA LEU TA 156 -64.78 73.88 90.25
C LEU TA 156 -65.58 73.59 88.98
N ALA TA 157 -66.91 73.56 89.07
CA ALA TA 157 -67.77 73.33 87.92
C ALA TA 157 -68.04 74.60 87.12
N ASP TA 158 -67.52 75.75 87.56
CA ASP TA 158 -67.65 77.01 86.83
C ASP TA 158 -66.60 77.08 85.73
N ASP TA 159 -66.39 78.29 85.16
CA ASP TA 159 -65.38 78.71 84.17
C ASP TA 159 -65.16 77.65 83.10
N PRO TA 160 -66.08 77.54 82.13
CA PRO TA 160 -66.12 76.36 81.24
C PRO TA 160 -64.86 76.10 80.43
N ASP TA 161 -64.03 77.11 80.13
CA ASP TA 161 -62.80 76.86 79.38
C ASP TA 161 -61.83 75.99 80.17
N THR TA 162 -61.41 76.48 81.35
CA THR TA 162 -60.55 75.67 82.20
C THR TA 162 -61.27 74.46 82.77
N PHE TA 163 -62.61 74.49 82.82
CA PHE TA 163 -63.36 73.31 83.21
C PHE TA 163 -63.20 72.19 82.18
N ALA TA 164 -63.27 72.53 80.90
CA ALA TA 164 -63.04 71.53 79.85
C ALA TA 164 -61.58 71.09 79.82
N GLU TA 165 -60.66 72.02 80.10
CA GLU TA 165 -59.26 71.65 80.20
C GLU TA 165 -59.03 70.65 81.34
N LEU TA 166 -59.69 70.89 82.48
CA LEU TA 166 -59.61 69.95 83.60
C LEU TA 166 -60.30 68.63 83.28
N LYS TA 167 -61.35 68.68 82.44
CA LYS TA 167 -61.98 67.43 81.99
C LYS TA 167 -61.01 66.61 81.16
N VAL TA 168 -60.26 67.27 80.27
CA VAL TA 168 -59.23 66.57 79.49
C VAL TA 168 -58.15 66.02 80.42
N LYS TA 169 -57.80 66.79 81.45
CA LYS TA 169 -56.85 66.31 82.47
C LYS TA 169 -57.37 65.05 83.15
N GLU TA 170 -58.66 65.04 83.49
CA GLU TA 170 -59.27 63.89 84.14
C GLU TA 170 -59.28 62.66 83.22
N ILE TA 171 -59.61 62.87 81.93
CA ILE TA 171 -59.63 61.77 80.98
C ILE TA 171 -58.23 61.17 80.82
N LYS TA 172 -57.21 62.03 80.68
CA LYS TA 172 -55.85 61.55 80.51
C LYS TA 172 -55.34 60.83 81.77
N ASN TA 173 -55.62 61.39 82.94
CA ASN TA 173 -55.22 60.74 84.19
C ASN TA 173 -55.92 59.41 84.38
N GLY TA 174 -57.21 59.34 84.02
CA GLY TA 174 -57.93 58.08 84.12
C GLY TA 174 -57.44 57.04 83.14
N ARG TA 175 -57.06 57.46 81.93
CA ARG TA 175 -56.49 56.51 80.97
C ARG TA 175 -55.15 55.99 81.45
N LEU TA 176 -54.32 56.87 82.02
CA LEU TA 176 -53.06 56.42 82.60
C LEU TA 176 -53.29 55.46 83.77
N ALA TA 177 -54.31 55.74 84.58
CA ALA TA 177 -54.63 54.85 85.70
C ALA TA 177 -55.17 53.51 85.22
N MET TA 178 -55.95 53.50 84.14
CA MET TA 178 -56.41 52.24 83.55
C MET TA 178 -55.23 51.43 83.03
N PHE TA 179 -54.28 52.08 82.36
CA PHE TA 179 -53.07 51.41 81.90
C PHE TA 179 -52.27 50.85 83.07
N SER TA 180 -52.14 51.62 84.15
CA SER TA 180 -51.40 51.17 85.32
C SER TA 180 -52.12 50.02 86.02
N CYS TA 181 -53.45 50.04 86.05
CA CYS TA 181 -54.20 48.96 86.67
C CYS TA 181 -54.10 47.68 85.86
N LEU TA 182 -54.11 47.79 84.53
CA LEU TA 182 -53.84 46.63 83.69
C LEU TA 182 -52.44 46.10 83.91
N GLY TA 183 -51.47 47.00 84.11
CA GLY TA 183 -50.13 46.58 84.45
C GLY TA 183 -50.07 45.86 85.78
N PHE TA 184 -50.82 46.34 86.78
CA PHE TA 184 -50.92 45.66 88.07
C PHE TA 184 -51.49 44.27 87.90
N PHE TA 185 -52.56 44.14 87.11
CA PHE TA 185 -53.20 42.85 86.91
C PHE TA 185 -52.26 41.86 86.21
N VAL TA 186 -51.53 42.32 85.20
CA VAL TA 186 -50.63 41.43 84.48
C VAL TA 186 -49.42 41.07 85.35
N GLN TA 187 -48.87 42.05 86.07
CA GLN TA 187 -47.73 41.79 86.95
C GLN TA 187 -48.09 40.87 88.10
N ALA TA 188 -49.35 40.90 88.55
CA ALA TA 188 -49.76 40.05 89.65
C ALA TA 188 -49.70 38.57 89.27
N ILE TA 189 -50.18 38.23 88.07
CA ILE TA 189 -50.21 36.82 87.66
C ILE TA 189 -48.90 36.34 87.05
N VAL TA 190 -48.03 37.25 86.62
CA VAL TA 190 -46.77 36.85 86.00
C VAL TA 190 -45.67 36.71 87.04
N THR TA 191 -45.47 37.73 87.87
CA THR TA 191 -44.41 37.70 88.87
C THR TA 191 -44.86 37.17 90.22
N GLY TA 192 -46.13 37.37 90.57
CA GLY TA 192 -46.60 36.93 91.88
C GLY TA 192 -46.14 37.79 93.02
N LYS TA 193 -45.71 39.02 92.75
CA LYS TA 193 -45.23 39.94 93.77
C LYS TA 193 -45.90 41.30 93.58
N GLY TA 194 -45.89 42.10 94.64
CA GLY TA 194 -46.51 43.40 94.61
C GLY TA 194 -45.81 44.37 93.68
N PRO TA 195 -46.56 45.33 93.12
CA PRO TA 195 -45.97 46.28 92.16
C PRO TA 195 -44.85 47.12 92.73
N VAL TA 196 -44.94 47.52 94.00
CA VAL TA 196 -43.85 48.27 94.61
C VAL TA 196 -42.62 47.37 94.76
N GLN TA 197 -42.82 46.09 95.07
CA GLN TA 197 -41.71 45.16 95.13
C GLN TA 197 -41.09 44.97 93.75
N ASN TA 198 -41.91 44.94 92.70
CA ASN TA 198 -41.39 44.84 91.35
C ASN TA 198 -40.58 46.08 90.97
N LEU TA 199 -41.05 47.26 91.39
CA LEU TA 199 -40.31 48.48 91.15
C LEU TA 199 -38.98 48.48 91.90
N THR TA 200 -38.99 48.01 93.15
CA THR TA 200 -37.77 47.93 93.94
C THR TA 200 -36.78 46.94 93.35
N ASP TA 201 -37.27 45.79 92.87
CA ASP TA 201 -36.41 44.80 92.25
C ASP TA 201 -35.86 45.29 90.92
N HIS TA 202 -36.64 46.07 90.17
CA HIS TA 202 -36.15 46.63 88.92
C HIS TA 202 -35.06 47.66 89.17
N LEU TA 203 -35.20 48.46 90.23
CA LEU TA 203 -34.19 49.46 90.54
C LEU TA 203 -32.90 48.82 91.05
N ALA TA 204 -32.99 47.62 91.63
CA ALA TA 204 -31.79 46.93 92.10
C ALA TA 204 -30.93 46.47 90.93
N ASP TA 205 -31.56 46.00 89.85
CA ASP TA 205 -30.85 45.52 88.67
C ASP TA 205 -31.75 45.60 87.45
N PRO TA 206 -31.78 46.75 86.75
CA PRO TA 206 -32.64 46.87 85.57
C PRO TA 206 -32.24 45.99 84.40
N THR TA 207 -30.99 45.53 84.35
CA THR TA 207 -30.54 44.71 83.22
C THR TA 207 -31.13 43.30 83.29
N VAL TA 208 -31.19 42.71 84.49
CA VAL TA 208 -31.66 41.33 84.66
C VAL TA 208 -33.09 41.30 85.17
N ASN TA 209 -33.40 42.08 86.21
CA ASN TA 209 -34.73 42.08 86.80
C ASN TA 209 -35.66 42.96 85.97
N ASN TA 210 -36.20 42.38 84.90
CA ASN TA 210 -37.15 43.06 84.03
C ASN TA 210 -38.28 42.08 83.72
N ALA TA 211 -39.12 42.44 82.75
CA ALA TA 211 -40.22 41.57 82.36
C ALA TA 211 -39.74 40.32 81.63
N PHE TA 212 -38.59 40.41 80.96
CA PHE TA 212 -38.08 39.28 80.20
C PHE TA 212 -37.46 38.20 81.07
N ALA TA 213 -37.18 38.48 82.34
CA ALA TA 213 -36.64 37.45 83.23
C ALA TA 213 -37.68 36.38 83.52
N SER TA 214 -38.97 36.72 83.44
CA SER TA 214 -40.07 35.78 83.65
C SER TA 214 -40.88 35.57 82.38
N ALA TA 215 -40.26 35.73 81.22
CA ALA TA 215 -40.95 35.56 79.94
C ALA TA 215 -41.16 34.10 79.58
N THR TA 216 -40.46 33.17 80.23
CA THR TA 216 -40.61 31.74 79.98
C THR TA 216 -41.44 31.03 81.04
N LYS TA 217 -42.15 31.78 81.87
CA LYS TA 217 -42.93 31.17 82.94
C LYS TA 217 -44.19 30.48 82.44
N PHE TA 218 -44.67 30.85 81.25
CA PHE TA 218 -45.93 30.32 80.73
C PHE TA 218 -45.75 29.44 79.51
N THR TA 219 -44.54 28.90 79.30
CA THR TA 219 -44.34 28.01 78.17
C THR TA 219 -45.01 26.66 78.44
N PRO TA 220 -45.59 26.03 77.42
CA PRO TA 220 -46.25 24.74 77.63
C PRO TA 220 -45.30 23.56 77.44
N GLY TA 221 -45.55 22.51 78.20
CA GLY TA 221 -44.75 21.31 78.15
C GLY TA 221 -45.52 20.08 77.74
N SER UA 1 -23.83 -30.98 -66.18
CA SER UA 1 -25.18 -31.51 -66.34
C SER UA 1 -26.06 -31.13 -65.15
N LEU UA 2 -25.76 -29.99 -64.53
CA LEU UA 2 -26.51 -29.50 -63.39
C LEU UA 2 -27.15 -28.16 -63.74
N SER UA 3 -28.28 -27.87 -63.11
CA SER UA 3 -29.04 -26.68 -63.41
C SER UA 3 -28.37 -25.41 -62.91
N TYR UA 4 -27.52 -25.50 -61.88
CA TYR UA 4 -26.88 -24.32 -61.31
C TYR UA 4 -25.49 -24.06 -61.86
N LEU UA 5 -24.78 -25.10 -62.32
CA LEU UA 5 -23.46 -24.91 -62.89
C LEU UA 5 -23.54 -24.20 -64.24
N ASP UA 6 -24.45 -24.66 -65.10
CA ASP UA 6 -24.73 -24.08 -66.42
C ASP UA 6 -23.51 -24.05 -67.34
N GLY UA 7 -22.50 -24.89 -67.09
CA GLY UA 7 -21.33 -24.92 -67.92
C GLY UA 7 -20.51 -23.64 -67.85
N HIS UA 8 -19.95 -23.27 -69.01
CA HIS UA 8 -19.12 -22.07 -69.23
C HIS UA 8 -17.99 -21.93 -68.21
N LEU UA 9 -17.43 -23.06 -67.78
CA LEU UA 9 -16.20 -23.06 -66.99
C LEU UA 9 -15.42 -24.32 -67.34
N PRO UA 10 -14.09 -24.27 -67.26
CA PRO UA 10 -13.30 -25.47 -67.53
C PRO UA 10 -13.55 -26.56 -66.49
N GLY UA 11 -13.45 -27.79 -66.93
CA GLY UA 11 -13.76 -28.94 -66.09
C GLY UA 11 -15.23 -29.32 -66.22
N ASP UA 12 -15.94 -29.33 -65.08
CA ASP UA 12 -17.38 -29.62 -65.01
C ASP UA 12 -17.70 -30.98 -65.63
N MET UA 13 -17.18 -32.02 -64.99
CA MET UA 13 -17.42 -33.39 -65.43
C MET UA 13 -18.70 -33.98 -64.87
N GLY UA 14 -19.45 -33.22 -64.07
CA GLY UA 14 -20.69 -33.70 -63.51
C GLY UA 14 -20.52 -34.48 -62.22
N PHE UA 15 -19.89 -33.85 -61.23
CA PHE UA 15 -19.65 -34.47 -59.93
C PHE UA 15 -20.25 -33.56 -58.85
N ASP UA 16 -21.50 -33.84 -58.48
CA ASP UA 16 -22.17 -33.11 -57.41
C ASP UA 16 -23.32 -33.94 -56.86
N PRO UA 17 -23.04 -34.93 -56.00
CA PRO UA 17 -24.13 -35.74 -55.44
C PRO UA 17 -25.01 -34.98 -54.46
N LEU UA 18 -24.47 -33.99 -53.77
CA LEU UA 18 -25.21 -33.20 -52.79
C LEU UA 18 -25.33 -31.76 -53.28
N HIS UA 19 -25.89 -30.90 -52.44
CA HIS UA 19 -26.12 -29.50 -52.78
C HIS UA 19 -24.92 -28.62 -52.44
N LEU UA 20 -23.74 -28.99 -52.94
CA LEU UA 20 -22.55 -28.18 -52.70
C LEU UA 20 -22.60 -26.87 -53.47
N SER UA 21 -22.94 -26.93 -54.75
CA SER UA 21 -23.03 -25.74 -55.59
C SER UA 21 -24.45 -25.27 -55.81
N SER UA 22 -25.43 -25.92 -55.18
CA SER UA 22 -26.82 -25.52 -55.36
C SER UA 22 -27.15 -24.35 -54.46
N PRO UA 23 -27.59 -23.21 -55.01
CA PRO UA 23 -28.01 -22.09 -54.16
C PRO UA 23 -29.28 -22.42 -53.40
N THR UA 24 -29.39 -21.84 -52.20
CA THR UA 24 -30.53 -22.07 -51.33
C THR UA 24 -31.26 -20.76 -51.05
N VAL UA 25 -32.58 -20.88 -50.85
CA VAL UA 25 -33.40 -19.72 -50.54
C VAL UA 25 -33.02 -19.19 -49.15
N SER UA 26 -32.96 -17.87 -49.02
CA SER UA 26 -32.50 -17.25 -47.80
C SER UA 26 -33.33 -15.99 -47.49
N LEU UA 27 -33.30 -15.60 -46.23
CA LEU UA 27 -33.99 -14.41 -45.75
C LEU UA 27 -32.98 -13.49 -45.09
N GLN UA 28 -33.27 -12.20 -45.11
CA GLN UA 28 -32.41 -11.19 -44.50
C GLN UA 28 -33.10 -10.57 -43.29
N ILE UA 29 -32.36 -10.48 -42.19
CA ILE UA 29 -32.84 -9.90 -40.95
C ILE UA 29 -32.13 -8.57 -40.72
N GLY UA 30 -32.90 -7.54 -40.41
CA GLY UA 30 -32.32 -6.23 -40.18
C GLY UA 30 -31.45 -6.20 -38.94
N VAL UA 31 -30.50 -5.27 -38.92
CA VAL UA 31 -29.59 -5.14 -37.80
C VAL UA 31 -30.34 -4.63 -36.57
N ASP UA 32 -29.77 -4.89 -35.40
CA ASP UA 32 -30.40 -4.53 -34.14
C ASP UA 32 -29.97 -3.13 -33.71
N GLU UA 33 -30.95 -2.32 -33.31
CA GLU UA 33 -30.69 -0.96 -32.85
C GLU UA 33 -30.17 -1.02 -31.42
N GLU UA 34 -28.87 -1.27 -31.29
CA GLU UA 34 -28.23 -1.35 -29.99
C GLU UA 34 -27.82 0.02 -29.45
N ASP UA 35 -28.10 1.09 -30.19
CA ASP UA 35 -27.85 2.44 -29.70
C ASP UA 35 -28.77 2.72 -28.53
N GLN UA 36 -28.19 2.89 -27.35
CA GLN UA 36 -28.94 3.04 -26.11
C GLN UA 36 -29.36 4.47 -25.84
N ASN UA 37 -29.12 5.39 -26.77
CA ASN UA 37 -29.56 6.77 -26.64
C ASN UA 37 -31.01 6.98 -27.07
N GLN UA 38 -31.68 5.92 -27.54
CA GLN UA 38 -33.07 5.96 -27.95
C GLN UA 38 -33.95 5.40 -26.83
N ALA UA 39 -35.24 5.28 -27.10
CA ALA UA 39 -36.20 4.80 -26.12
C ALA UA 39 -36.49 3.30 -26.26
N GLN UA 40 -36.97 2.88 -27.42
CA GLN UA 40 -37.37 1.50 -27.65
C GLN UA 40 -36.49 0.88 -28.72
N ASN UA 41 -35.95 -0.32 -28.43
CA ASN UA 41 -35.10 -1.06 -29.34
C ASN UA 41 -35.77 -2.38 -29.68
N LYS UA 42 -35.89 -2.67 -30.98
CA LYS UA 42 -36.54 -3.87 -31.47
C LYS UA 42 -35.61 -4.65 -32.38
N LYS UA 43 -36.05 -5.85 -32.78
CA LYS UA 43 -35.31 -6.69 -33.70
C LYS UA 43 -35.56 -6.33 -35.15
N GLY UA 44 -36.49 -5.42 -35.43
CA GLY UA 44 -36.85 -5.16 -36.81
C GLY UA 44 -37.66 -6.31 -37.37
N ASP UA 45 -37.75 -6.34 -38.70
CA ASP UA 45 -38.48 -7.39 -39.39
C ASP UA 45 -37.63 -7.85 -40.57
N VAL UA 46 -38.21 -8.68 -41.44
CA VAL UA 46 -37.51 -9.13 -42.63
C VAL UA 46 -37.48 -8.00 -43.64
N GLU UA 47 -36.27 -7.62 -44.08
CA GLU UA 47 -36.13 -6.52 -45.02
C GLU UA 47 -36.35 -6.98 -46.46
N ALA UA 48 -35.82 -8.15 -46.82
CA ALA UA 48 -35.96 -8.66 -48.17
C ALA UA 48 -35.83 -10.18 -48.15
N ILE UA 49 -36.17 -10.80 -49.27
CA ILE UA 49 -36.11 -12.25 -49.43
C ILE UA 49 -35.31 -12.57 -50.70
N PHE UA 50 -34.41 -13.55 -50.61
CA PHE UA 50 -33.65 -14.02 -51.76
C PHE UA 50 -34.15 -15.42 -52.08
N ARG UA 51 -34.90 -15.55 -53.19
CA ARG UA 51 -35.55 -16.79 -53.59
C ARG UA 51 -35.08 -17.17 -54.98
N PRO UA 52 -33.96 -17.92 -55.09
CA PRO UA 52 -33.42 -18.35 -56.38
C PRO UA 52 -34.27 -19.45 -57.02
N GLU UA 53 -18.63 -11.08 -55.57
CA GLU UA 53 -17.36 -10.48 -55.19
C GLU UA 53 -16.64 -11.33 -54.15
N VAL UA 54 -17.42 -11.94 -53.25
CA VAL UA 54 -16.85 -12.85 -52.25
C VAL UA 54 -16.22 -14.06 -52.93
N PHE UA 55 -16.93 -14.64 -53.90
CA PHE UA 55 -16.41 -15.73 -54.71
C PHE UA 55 -16.11 -15.28 -56.13
N GLY UA 56 -15.88 -13.99 -56.33
CA GLY UA 56 -15.62 -13.45 -57.66
C GLY UA 56 -14.18 -13.63 -58.09
N LEU UA 57 -13.91 -13.22 -59.33
CA LEU UA 57 -12.59 -13.38 -59.94
C LEU UA 57 -11.53 -12.51 -59.28
N ALA UA 58 -11.93 -11.45 -58.56
CA ALA UA 58 -10.97 -10.48 -58.04
C ALA UA 58 -10.00 -11.10 -57.04
N ARG UA 59 -10.49 -11.92 -56.11
CA ARG UA 59 -9.61 -12.57 -55.14
C ARG UA 59 -9.08 -13.91 -55.63
N PHE UA 60 -9.85 -14.61 -56.47
CA PHE UA 60 -9.39 -15.90 -57.00
C PHE UA 60 -8.20 -15.73 -57.93
N ARG UA 61 -8.17 -14.67 -58.75
CA ARG UA 61 -7.00 -14.39 -59.57
C ARG UA 61 -5.78 -14.13 -58.70
N GLU UA 62 -5.96 -13.38 -57.60
CA GLU UA 62 -4.86 -13.08 -56.69
C GLU UA 62 -4.27 -14.34 -56.09
N THR UA 63 -5.12 -15.18 -55.50
CA THR UA 63 -4.62 -16.36 -54.81
C THR UA 63 -4.08 -17.39 -55.80
N GLU UA 64 -4.64 -17.45 -57.02
CA GLU UA 64 -4.10 -18.36 -58.02
C GLU UA 64 -2.71 -17.93 -58.48
N VAL UA 65 -2.52 -16.62 -58.67
CA VAL UA 65 -1.20 -16.13 -59.08
C VAL UA 65 -0.17 -16.38 -57.98
N ILE UA 66 -0.57 -16.19 -56.71
CA ILE UA 66 0.37 -16.39 -55.62
C ILE UA 66 0.72 -17.87 -55.43
N HIS UA 67 -0.28 -18.77 -55.56
CA HIS UA 67 0.05 -20.20 -55.64
C HIS UA 67 0.92 -20.54 -56.83
N GLY UA 68 0.73 -19.89 -57.97
CA GLY UA 68 1.58 -20.17 -59.13
C GLY UA 68 3.03 -19.78 -58.88
N ARG UA 69 3.24 -18.62 -58.27
CA ARG UA 69 4.58 -18.19 -57.92
C ARG UA 69 5.21 -19.13 -56.91
N TRP UA 70 4.45 -19.53 -55.88
CA TRP UA 70 4.96 -20.48 -54.90
C TRP UA 70 5.28 -21.82 -55.53
N ALA UA 71 4.46 -22.25 -56.49
CA ALA UA 71 4.67 -23.53 -57.17
C ALA UA 71 5.95 -23.53 -57.98
N MET UA 72 6.17 -22.47 -58.76
CA MET UA 72 7.39 -22.39 -59.56
C MET UA 72 8.63 -22.28 -58.66
N LEU UA 73 8.52 -21.49 -57.58
CA LEU UA 73 9.63 -21.38 -56.63
C LEU UA 73 9.95 -22.73 -56.00
N GLY UA 74 8.92 -23.47 -55.60
CA GLY UA 74 9.13 -24.76 -54.97
C GLY UA 74 9.66 -25.81 -55.92
N THR UA 75 9.20 -25.80 -57.17
CA THR UA 75 9.71 -26.82 -58.10
C THR UA 75 11.14 -26.51 -58.53
N LEU UA 76 11.52 -25.23 -58.62
CA LEU UA 76 12.93 -24.91 -58.81
C LEU UA 76 13.75 -25.36 -57.60
N GLY UA 77 13.22 -25.15 -56.40
CA GLY UA 77 13.91 -25.62 -55.20
C GLY UA 77 14.08 -27.13 -55.17
N ALA UA 78 13.06 -27.86 -55.62
CA ALA UA 78 13.14 -29.31 -55.67
C ALA UA 78 14.19 -29.76 -56.68
N ILE UA 79 14.13 -29.22 -57.90
CA ILE UA 79 15.05 -29.66 -58.95
C ILE UA 79 16.49 -29.23 -58.66
N VAL UA 80 16.69 -28.22 -57.81
CA VAL UA 80 18.06 -27.85 -57.43
C VAL UA 80 18.53 -28.68 -56.23
N GLY UA 81 17.71 -28.76 -55.18
CA GLY UA 81 18.09 -29.49 -53.99
C GLY UA 81 18.34 -30.96 -54.25
N GLU UA 82 17.46 -31.60 -55.03
CA GLU UA 82 17.83 -32.89 -55.59
C GLU UA 82 18.86 -32.64 -56.69
N ALA UA 83 19.91 -33.45 -56.68
CA ALA UA 83 21.16 -33.34 -57.45
C ALA UA 83 22.05 -32.21 -56.97
N ALA UA 84 21.63 -31.42 -55.99
CA ALA UA 84 22.55 -30.53 -55.28
C ALA UA 84 22.99 -31.10 -53.95
N THR UA 85 22.19 -31.96 -53.34
CA THR UA 85 22.53 -32.59 -52.06
C THR UA 85 22.45 -34.11 -52.18
N GLY UA 86 21.52 -34.60 -52.99
CA GLY UA 86 21.32 -36.02 -53.17
C GLY UA 86 20.13 -36.58 -52.42
N VAL UA 87 19.58 -35.85 -51.46
CA VAL UA 87 18.41 -36.31 -50.71
C VAL UA 87 17.15 -35.86 -51.44
N SER UA 88 16.12 -36.69 -51.37
CA SER UA 88 14.86 -36.39 -52.05
C SER UA 88 14.12 -35.26 -51.34
N TRP UA 89 13.22 -34.61 -52.08
CA TRP UA 89 12.40 -33.56 -51.48
C TRP UA 89 11.40 -34.13 -50.49
N VAL UA 90 10.93 -35.36 -50.72
CA VAL UA 90 10.05 -36.01 -49.76
C VAL UA 90 10.82 -36.36 -48.48
N ASP UA 91 12.10 -36.71 -48.61
CA ASP UA 91 12.96 -37.02 -47.48
C ASP UA 91 13.73 -35.81 -46.99
N ALA UA 92 13.48 -34.63 -47.56
CA ALA UA 92 14.20 -33.42 -47.16
C ALA UA 92 13.86 -33.00 -45.75
N GLY UA 93 12.67 -33.34 -45.26
CA GLY UA 93 12.29 -32.97 -43.91
C GLY UA 93 13.08 -33.71 -42.85
N LYS UA 94 13.33 -35.00 -43.05
CA LYS UA 94 14.02 -35.79 -42.04
C LYS UA 94 15.51 -35.45 -41.98
N VAL UA 95 16.14 -35.26 -43.13
CA VAL UA 95 17.57 -34.96 -43.17
C VAL UA 95 17.87 -33.58 -42.61
N GLU UA 96 16.86 -32.71 -42.53
CA GLU UA 96 17.00 -31.45 -41.81
C GLU UA 96 16.49 -31.53 -40.38
N LEU UA 97 15.66 -32.52 -40.07
CA LEU UA 97 15.25 -32.75 -38.70
C LEU UA 97 16.43 -33.22 -37.86
N ASP UA 98 17.24 -34.14 -38.40
CA ASP UA 98 18.49 -34.51 -37.76
C ASP UA 98 19.64 -34.20 -38.70
N GLY UA 99 20.60 -33.43 -38.21
CA GLY UA 99 21.73 -32.99 -39.02
C GLY UA 99 21.34 -32.02 -40.11
N ALA UA 100 20.83 -30.84 -39.73
CA ALA UA 100 20.39 -29.85 -40.70
C ALA UA 100 21.57 -29.26 -41.45
N GLN UA 101 21.49 -29.27 -42.77
CA GLN UA 101 22.57 -28.79 -43.63
C GLN UA 101 21.99 -28.03 -44.82
N TYR UA 102 22.83 -27.16 -45.38
CA TYR UA 102 22.49 -26.40 -46.59
C TYR UA 102 23.72 -26.44 -47.49
N LEU UA 103 23.58 -27.11 -48.64
CA LEU UA 103 24.66 -27.30 -49.63
C LEU UA 103 25.88 -27.97 -49.00
N GLY UA 104 25.65 -28.84 -48.02
CA GLY UA 104 26.72 -29.50 -47.31
C GLY UA 104 27.26 -28.75 -46.11
N GLN UA 105 26.83 -27.51 -45.90
CA GLN UA 105 27.30 -26.71 -44.78
C GLN UA 105 26.36 -26.89 -43.59
N SER UA 106 26.94 -27.13 -42.41
CA SER UA 106 26.14 -27.36 -41.21
C SER UA 106 25.63 -26.05 -40.64
N LEU UA 107 24.38 -26.06 -40.18
CA LEU UA 107 23.74 -24.90 -39.56
C LEU UA 107 23.30 -25.26 -38.14
N PRO UA 108 23.52 -24.36 -37.17
CA PRO UA 108 23.21 -24.66 -35.75
C PRO UA 108 21.79 -24.28 -35.38
N PHE UA 109 20.82 -24.99 -35.94
CA PHE UA 109 19.41 -24.72 -35.68
C PHE UA 109 18.71 -26.00 -35.29
N SER UA 110 17.76 -25.89 -34.36
CA SER UA 110 16.91 -27.00 -33.95
C SER UA 110 15.53 -26.84 -34.59
N ILE UA 111 14.74 -27.92 -34.51
CA ILE UA 111 13.43 -27.90 -35.14
C ILE UA 111 12.49 -26.93 -34.43
N SER UA 112 12.59 -26.80 -33.11
CA SER UA 112 11.75 -25.86 -32.38
C SER UA 112 12.10 -24.42 -32.75
N GLN UA 113 13.39 -24.13 -32.87
CA GLN UA 113 13.82 -22.81 -33.35
C GLN UA 113 13.32 -22.56 -34.76
N LEU UA 114 13.36 -23.58 -35.61
CA LEU UA 114 12.86 -23.45 -36.98
C LEU UA 114 11.38 -23.10 -36.98
N ILE UA 115 10.58 -23.80 -36.17
CA ILE UA 115 9.15 -23.48 -36.05
C ILE UA 115 8.96 -22.04 -35.63
N TRP UA 116 9.66 -21.62 -34.57
CA TRP UA 116 9.47 -20.28 -34.02
C TRP UA 116 9.82 -19.20 -35.04
N ILE UA 117 11.07 -19.19 -35.52
CA ILE UA 117 11.50 -18.08 -36.36
C ILE UA 117 10.86 -18.15 -37.73
N GLU UA 118 10.62 -19.35 -38.27
CA GLU UA 118 9.94 -19.46 -39.56
C GLU UA 118 8.53 -18.93 -39.48
N ALA UA 119 7.77 -19.32 -38.44
CA ALA UA 119 6.40 -18.84 -38.31
C ALA UA 119 6.36 -17.33 -38.12
N ILE UA 120 7.26 -16.79 -37.31
CA ILE UA 120 7.29 -15.34 -37.08
C ILE UA 120 7.62 -14.60 -38.37
N LEU UA 121 8.63 -15.08 -39.11
CA LEU UA 121 9.04 -14.39 -40.32
C LEU UA 121 7.99 -14.48 -41.43
N VAL UA 122 7.37 -15.65 -41.61
CA VAL UA 122 6.37 -15.77 -42.66
C VAL UA 122 5.12 -14.98 -42.30
N GLY UA 123 4.74 -14.95 -41.01
CA GLY UA 123 3.62 -14.11 -40.61
C GLY UA 123 3.89 -12.64 -40.87
N GLY UA 124 5.11 -12.19 -40.55
CA GLY UA 124 5.46 -10.80 -40.80
C GLY UA 124 5.45 -10.44 -42.27
N VAL UA 125 6.04 -11.30 -43.11
CA VAL UA 125 6.10 -10.97 -44.53
C VAL UA 125 4.72 -11.08 -45.18
N GLU UA 126 3.84 -11.96 -44.70
CA GLU UA 126 2.49 -12.02 -45.27
C GLU UA 126 1.66 -10.81 -44.84
N VAL UA 127 1.81 -10.39 -43.58
CA VAL UA 127 1.14 -9.18 -43.09
C VAL UA 127 1.61 -7.96 -43.88
N LEU UA 128 2.90 -7.91 -44.20
CA LEU UA 128 3.38 -6.82 -45.03
C LEU UA 128 2.95 -6.98 -46.49
N ARG UA 129 2.72 -8.21 -46.94
CA ARG UA 129 2.34 -8.46 -48.33
C ARG UA 129 0.91 -8.00 -48.61
N ASN UA 130 -0.02 -8.31 -47.71
CA ASN UA 130 -1.40 -7.91 -47.98
C ASN UA 130 -1.73 -6.49 -47.50
N ASN UA 131 -0.73 -5.73 -47.05
CA ASN UA 131 -0.96 -4.45 -46.38
C ASN UA 131 -1.13 -3.28 -47.36
N GLU UA 132 -2.02 -3.44 -48.33
CA GLU UA 132 -2.45 -2.34 -49.19
C GLU UA 132 -3.74 -2.78 -49.90
N LEU UA 133 -4.38 -1.82 -50.57
CA LEU UA 133 -5.75 -2.02 -51.03
C LEU UA 133 -5.89 -2.37 -52.50
N ASP UA 134 -4.97 -1.93 -53.36
CA ASP UA 134 -5.13 -2.13 -54.79
C ASP UA 134 -4.89 -3.60 -55.15
N LEU UA 135 -5.81 -4.19 -55.91
CA LEU UA 135 -5.64 -5.58 -56.31
C LEU UA 135 -4.49 -5.74 -57.31
N GLU UA 136 -4.35 -4.79 -58.23
CA GLU UA 136 -3.27 -4.86 -59.20
C GLU UA 136 -1.91 -4.65 -58.55
N LYS UA 137 -1.84 -3.79 -57.54
CA LYS UA 137 -0.59 -3.60 -56.81
C LYS UA 137 -0.30 -4.77 -55.88
N ARG UA 138 -1.35 -5.43 -55.36
CA ARG UA 138 -1.14 -6.61 -54.53
C ARG UA 138 -0.61 -7.77 -55.34
N ILE UA 139 -1.16 -7.98 -56.54
CA ILE UA 139 -0.63 -9.04 -57.41
C ILE UA 139 0.74 -8.64 -57.93
N TYR UA 140 0.89 -7.39 -58.36
CA TYR UA 140 2.08 -6.91 -59.05
C TYR UA 140 2.62 -5.63 -58.40
N PRO UA 141 3.43 -5.76 -57.37
CA PRO UA 141 4.08 -4.58 -56.79
C PRO UA 141 5.27 -4.13 -57.63
N GLY UA 142 5.71 -2.90 -57.38
CA GLY UA 142 6.90 -2.42 -58.08
C GLY UA 142 8.05 -2.07 -57.15
N GLY UA 143 7.72 -1.56 -55.97
CA GLY UA 143 8.74 -1.07 -55.06
C GLY UA 143 9.63 -2.18 -54.56
N ALA UA 144 10.92 -2.13 -54.93
CA ALA UA 144 11.91 -3.17 -54.63
C ALA UA 144 11.50 -4.52 -55.18
N PHE UA 145 10.70 -4.52 -56.24
CA PHE UA 145 10.26 -5.77 -56.85
C PHE UA 145 10.33 -5.79 -58.36
N ASP UA 146 10.53 -4.64 -59.02
CA ASP UA 146 10.72 -4.59 -60.46
C ASP UA 146 11.89 -3.67 -60.80
N PRO UA 147 13.13 -4.10 -60.51
CA PRO UA 147 14.29 -3.28 -60.90
C PRO UA 147 14.69 -3.44 -62.35
N LEU UA 148 14.04 -4.34 -63.09
CA LEU UA 148 14.37 -4.60 -64.49
C LEU UA 148 13.36 -4.03 -65.47
N ASN UA 149 12.09 -3.90 -65.06
CA ASN UA 149 11.01 -3.31 -65.86
C ASN UA 149 10.85 -4.04 -67.20
N LEU UA 150 10.45 -5.31 -67.09
CA LEU UA 150 10.27 -6.14 -68.30
C LEU UA 150 9.11 -5.64 -69.14
N ALA UA 151 7.90 -5.67 -68.58
CA ALA UA 151 6.70 -5.24 -69.29
C ALA UA 151 5.74 -4.66 -68.26
N ASP UA 152 5.72 -3.33 -68.17
CA ASP UA 152 4.90 -2.62 -67.19
C ASP UA 152 3.99 -1.63 -67.90
N GLU UA 153 3.41 -0.71 -67.15
CA GLU UA 153 2.46 0.28 -67.66
C GLU UA 153 3.09 1.31 -68.63
N GLU UA 154 4.35 1.22 -69.05
CA GLU UA 154 4.89 2.21 -69.98
C GLU UA 154 4.40 2.00 -71.41
N ASP UA 155 3.95 0.79 -71.76
CA ASP UA 155 3.54 0.54 -73.13
C ASP UA 155 2.15 -0.06 -73.27
N GLU UA 156 1.77 -0.96 -72.36
CA GLU UA 156 0.47 -1.67 -72.37
C GLU UA 156 0.24 -2.47 -73.66
N GLU UA 157 1.28 -3.19 -74.11
CA GLU UA 157 1.08 -4.26 -75.08
C GLU UA 157 1.83 -5.54 -74.75
N LYS UA 158 2.89 -5.49 -73.95
CA LYS UA 158 3.64 -6.68 -73.57
C LYS UA 158 3.33 -7.15 -72.15
N SER UA 159 2.65 -6.32 -71.35
CA SER UA 159 2.32 -6.72 -69.98
C SER UA 159 1.27 -7.83 -69.97
N PHE UA 160 0.19 -7.65 -70.72
CA PHE UA 160 -0.86 -8.68 -70.77
C PHE UA 160 -0.56 -9.78 -71.78
N ARG UA 161 0.41 -9.56 -72.67
CA ARG UA 161 0.78 -10.60 -73.62
C ARG UA 161 1.41 -11.80 -72.91
N LEU UA 162 2.28 -11.53 -71.95
CA LEU UA 162 2.89 -12.59 -71.14
C LEU UA 162 2.25 -12.68 -69.76
N LYS UA 163 1.14 -11.99 -69.53
CA LYS UA 163 0.33 -12.26 -68.34
C LYS UA 163 -0.39 -13.59 -68.48
N THR UA 164 -0.63 -14.04 -69.71
CA THR UA 164 -1.09 -15.41 -69.91
C THR UA 164 0.02 -16.40 -69.58
N ALA UA 165 1.27 -16.02 -69.83
CA ALA UA 165 2.41 -16.85 -69.49
C ALA UA 165 2.53 -17.06 -67.99
N GLU UA 166 2.13 -16.03 -67.21
CA GLU UA 166 2.03 -16.12 -65.75
C GLU UA 166 1.28 -17.37 -65.33
N ILE UA 167 -0.01 -17.41 -65.68
CA ILE UA 167 -0.90 -18.47 -65.21
C ILE UA 167 -0.66 -19.77 -65.94
N LYS UA 168 -0.09 -19.74 -67.17
CA LYS UA 168 0.24 -20.99 -67.85
C LYS UA 168 1.46 -21.67 -67.20
N HIS UA 169 2.49 -20.89 -66.89
CA HIS UA 169 3.63 -21.44 -66.16
C HIS UA 169 3.21 -21.86 -64.76
N GLY UA 170 2.32 -21.09 -64.14
CA GLY UA 170 1.79 -21.47 -62.84
C GLY UA 170 1.05 -22.79 -62.89
N ARG UA 171 0.22 -23.00 -63.92
CA ARG UA 171 -0.56 -24.23 -64.03
C ARG UA 171 0.34 -25.43 -64.35
N LEU UA 172 1.37 -25.24 -65.20
CA LEU UA 172 2.28 -26.35 -65.42
C LEU UA 172 3.06 -26.67 -64.15
N ALA UA 173 3.37 -25.65 -63.34
CA ALA UA 173 4.00 -25.92 -62.05
C ALA UA 173 3.03 -26.60 -61.09
N MET UA 174 1.74 -26.29 -61.19
CA MET UA 174 0.73 -26.99 -60.39
C MET UA 174 0.73 -28.47 -60.70
N VAL UA 175 0.64 -28.81 -62.00
CA VAL UA 175 0.58 -30.21 -62.38
C VAL UA 175 1.95 -30.87 -62.15
N ALA UA 176 3.04 -30.10 -62.22
CA ALA UA 176 4.36 -30.65 -61.92
C ALA UA 176 4.49 -31.01 -60.44
N PHE UA 177 4.01 -30.15 -59.55
CA PHE UA 177 4.07 -30.48 -58.13
C PHE UA 177 3.06 -31.57 -57.78
N LEU UA 178 1.93 -31.62 -58.48
CA LEU UA 178 0.97 -32.69 -58.23
C LEU UA 178 1.51 -34.04 -58.72
N GLY UA 179 2.36 -34.01 -59.75
CA GLY UA 179 3.08 -35.20 -60.14
C GLY UA 179 4.24 -35.53 -59.21
N PHE UA 180 4.84 -34.50 -58.61
CA PHE UA 180 5.84 -34.73 -57.56
C PHE UA 180 5.22 -35.43 -56.37
N GLY UA 181 4.02 -35.01 -55.99
CA GLY UA 181 3.23 -35.73 -55.03
C GLY UA 181 2.63 -36.96 -55.68
N ILE UA 182 1.88 -37.73 -54.88
CA ILE UA 182 1.24 -38.99 -55.24
C ILE UA 182 2.27 -40.06 -55.58
N GLN UA 183 3.25 -39.73 -56.43
CA GLN UA 183 4.39 -40.61 -56.65
C GLN UA 183 5.16 -40.86 -55.37
N ALA UA 184 5.23 -39.87 -54.48
CA ALA UA 184 5.86 -40.08 -53.18
C ALA UA 184 5.09 -41.09 -52.35
N ALA UA 185 3.76 -41.07 -52.44
CA ALA UA 185 2.95 -42.03 -51.70
C ALA UA 185 2.95 -43.40 -52.37
N ALA UA 186 2.92 -43.44 -53.70
CA ALA UA 186 2.81 -44.71 -54.42
C ALA UA 186 4.17 -45.26 -54.84
N THR UA 187 4.91 -44.52 -55.67
CA THR UA 187 6.21 -45.00 -56.14
C THR UA 187 7.26 -44.92 -55.04
N GLY UA 188 7.19 -43.88 -54.21
CA GLY UA 188 8.12 -43.68 -53.12
C GLY UA 188 9.21 -42.68 -53.39
N GLU UA 189 9.44 -42.33 -54.66
CA GLU UA 189 10.46 -41.36 -55.03
C GLU UA 189 9.80 -40.22 -55.81
N GLY UA 190 10.41 -39.04 -55.74
CA GLY UA 190 9.87 -37.87 -56.39
C GLY UA 190 10.93 -37.09 -57.12
N ALA UA 191 10.46 -36.25 -58.04
CA ALA UA 191 11.27 -35.34 -58.87
C ALA UA 191 12.27 -36.19 -59.66
N LEU UA 192 13.56 -35.86 -59.66
CA LEU UA 192 14.53 -36.63 -60.44
C LEU UA 192 14.76 -38.01 -59.85
N GLY UA 193 14.57 -38.16 -58.54
CA GLY UA 193 14.71 -39.47 -57.92
C GLY UA 193 13.65 -40.47 -58.36
N SER UA 194 12.50 -39.98 -58.83
CA SER UA 194 11.46 -40.86 -59.35
C SER UA 194 11.80 -41.39 -60.74
N LEU UA 195 12.69 -40.72 -61.46
CA LEU UA 195 13.00 -41.06 -62.84
C LEU UA 195 13.99 -42.21 -62.98
N ALA UA 196 14.26 -42.93 -61.88
CA ALA UA 196 15.27 -43.98 -61.91
C ALA UA 196 14.84 -45.18 -62.73
N LYS UA 197 13.54 -45.40 -62.91
CA LYS UA 197 13.07 -46.55 -63.66
C LYS UA 197 13.05 -46.33 -65.17
N PHE UA 198 13.30 -45.10 -65.64
CA PHE UA 198 13.46 -44.91 -67.08
C PHE UA 198 14.76 -45.50 -67.60
N THR UA 199 15.79 -45.60 -66.74
CA THR UA 199 16.98 -46.34 -67.13
C THR UA 199 16.65 -47.81 -67.34
N SER UA 200 15.74 -48.34 -66.52
CA SER UA 200 15.24 -49.70 -66.73
C SER UA 200 14.41 -49.78 -68.00
N SER UA 201 13.65 -48.72 -68.31
CA SER UA 201 12.87 -48.70 -69.54
C SER UA 201 13.70 -48.38 -70.77
N LEU UA 202 14.92 -47.89 -70.60
CA LEU UA 202 15.79 -47.58 -71.73
C LEU UA 202 17.12 -48.31 -71.61
N PRO VA 1 -94.06 15.09 45.36
CA PRO VA 1 -93.77 15.49 43.98
C PRO VA 1 -93.31 14.32 43.12
N ASP VA 2 -93.19 14.56 41.81
CA ASP VA 2 -92.79 13.54 40.83
C ASP VA 2 -93.72 12.33 40.87
N LEU VA 3 -95.02 12.59 40.75
CA LEU VA 3 -96.01 11.52 40.77
C LEU VA 3 -96.10 10.76 39.45
N GLU VA 4 -95.42 11.24 38.41
CA GLU VA 4 -95.42 10.54 37.13
C GLU VA 4 -94.70 9.21 37.21
N LYS VA 5 -93.81 9.03 38.18
CA LYS VA 5 -93.11 7.76 38.33
C LYS VA 5 -94.02 6.68 38.94
N TRP VA 6 -95.00 7.08 39.74
CA TRP VA 6 -95.85 6.14 40.45
C TRP VA 6 -97.30 6.16 40.00
N TYR VA 7 -97.71 7.12 39.18
CA TYR VA 7 -99.08 7.22 38.72
C TYR VA 7 -99.10 7.50 37.22
N GLY VA 8 -100.25 7.18 36.60
CA GLY VA 8 -100.45 7.45 35.20
C GLY VA 8 -100.22 6.23 34.34
N PRO VA 9 -100.43 6.39 33.02
CA PRO VA 9 -100.18 5.27 32.10
C PRO VA 9 -98.73 4.83 32.07
N ASP VA 10 -97.79 5.75 32.26
CA ASP VA 10 -96.37 5.44 32.32
C ASP VA 10 -95.96 5.55 33.78
N ARG VA 11 -95.65 4.41 34.40
CA ARG VA 11 -95.25 4.36 35.79
C ARG VA 11 -94.37 3.14 36.00
N LYS VA 12 -93.93 2.94 37.23
CA LYS VA 12 -93.12 1.77 37.56
C LYS VA 12 -94.02 0.54 37.65
N LEU VA 13 -93.63 -0.52 36.95
CA LEU VA 13 -94.38 -1.77 36.95
C LEU VA 13 -93.53 -2.88 37.55
N PHE VA 14 -94.16 -4.03 37.77
CA PHE VA 14 -93.47 -5.16 38.38
C PHE VA 14 -92.56 -5.89 37.39
N LEU VA 15 -92.54 -5.49 36.13
CA LEU VA 15 -91.61 -6.00 35.14
C LEU VA 15 -91.24 -4.86 34.20
N PRO VA 16 -90.01 -4.83 33.69
CA PRO VA 16 -89.60 -3.72 32.82
C PRO VA 16 -90.23 -3.77 31.43
N GLY VA 17 -89.88 -2.82 30.58
CA GLY VA 17 -90.50 -2.73 29.27
C GLY VA 17 -90.10 -3.86 28.34
N GLY VA 18 -88.93 -4.46 28.56
CA GLY VA 18 -88.50 -5.58 27.73
C GLY VA 18 -89.18 -6.88 28.05
N LEU VA 19 -89.73 -7.03 29.25
CA LEU VA 19 -90.43 -8.24 29.65
C LEU VA 19 -91.94 -8.09 29.65
N LEU VA 20 -92.45 -6.93 30.08
CA LEU VA 20 -93.88 -6.69 30.12
C LEU VA 20 -94.23 -5.53 29.21
N ASP VA 21 -95.09 -5.78 28.24
CA ASP VA 21 -95.66 -4.70 27.44
C ASP VA 21 -96.68 -3.93 28.26
N ARG VA 22 -96.89 -2.67 27.88
CA ARG VA 22 -97.85 -1.85 28.61
C ARG VA 22 -99.30 -2.28 28.35
N ASP VA 23 -99.55 -3.14 27.37
CA ASP VA 23 -100.86 -3.71 27.16
C ASP VA 23 -101.08 -5.02 27.90
N ASP VA 24 -100.05 -5.54 28.57
CA ASP VA 24 -100.18 -6.75 29.38
C ASP VA 24 -100.67 -6.45 30.79
N VAL VA 25 -100.71 -5.17 31.18
CA VAL VA 25 -101.23 -4.78 32.49
C VAL VA 25 -102.73 -5.06 32.55
N PRO VA 26 -103.25 -5.56 33.67
CA PRO VA 26 -104.71 -5.73 33.78
C PRO VA 26 -105.44 -4.39 33.66
N GLU VA 27 -106.61 -4.44 33.03
CA GLU VA 27 -107.33 -3.21 32.67
C GLU VA 27 -107.89 -2.47 33.88
N TYR VA 28 -108.01 -3.13 35.03
CA TYR VA 28 -108.50 -2.47 36.23
C TYR VA 28 -107.38 -1.80 37.02
N LEU VA 29 -106.15 -1.87 36.54
CA LEU VA 29 -105.00 -1.22 37.16
C LEU VA 29 -104.43 -0.24 36.14
N ASN VA 30 -104.96 0.99 36.12
CA ASN VA 30 -104.52 2.00 35.17
C ASN VA 30 -103.76 3.14 35.84
N GLY VA 31 -103.22 2.92 37.03
CA GLY VA 31 -102.31 3.86 37.65
C GLY VA 31 -102.94 5.04 38.38
N GLU VA 32 -103.84 4.76 39.31
CA GLU VA 32 -104.40 5.80 40.18
C GLU VA 32 -104.37 5.45 41.65
N LEU VA 33 -104.02 4.21 42.01
CA LEU VA 33 -103.83 3.81 43.39
C LEU VA 33 -102.34 3.78 43.71
N ALA VA 34 -102.02 3.97 44.98
CA ALA VA 34 -100.63 3.94 45.41
C ALA VA 34 -100.08 2.52 45.32
N GLY VA 35 -98.85 2.42 44.82
CA GLY VA 35 -98.22 1.13 44.65
C GLY VA 35 -98.73 0.31 43.50
N ASP VA 36 -99.30 0.94 42.48
CA ASP VA 36 -99.82 0.25 41.31
C ASP VA 36 -98.66 -0.13 40.41
N TYR VA 37 -98.29 -1.41 40.44
CA TYR VA 37 -97.26 -1.96 39.57
C TYR VA 37 -97.84 -2.85 38.48
N GLY VA 38 -99.16 -2.94 38.38
CA GLY VA 38 -99.78 -3.83 37.42
C GLY VA 38 -99.49 -5.29 37.66
N TYR VA 39 -99.34 -5.70 38.92
CA TYR VA 39 -98.96 -7.06 39.28
C TYR VA 39 -100.20 -7.80 39.72
N ASP VA 40 -100.70 -8.66 38.84
CA ASP VA 40 -101.85 -9.52 39.14
C ASP VA 40 -101.88 -10.70 38.19
N PRO VA 41 -100.99 -11.68 38.34
CA PRO VA 41 -101.03 -12.86 37.46
C PRO VA 41 -102.30 -13.68 37.61
N LEU VA 42 -102.89 -13.70 38.80
CA LEU VA 42 -104.13 -14.42 39.03
C LEU VA 42 -105.32 -13.47 38.84
N GLY VA 43 -106.51 -14.05 38.75
CA GLY VA 43 -107.72 -13.28 38.55
C GLY VA 43 -108.36 -12.85 39.86
N LEU VA 44 -107.58 -12.21 40.73
CA LEU VA 44 -108.10 -11.76 42.02
C LEU VA 44 -108.59 -10.33 41.99
N GLY VA 45 -108.03 -9.49 41.12
CA GLY VA 45 -108.48 -8.11 41.04
C GLY VA 45 -109.87 -7.96 40.50
N LYS VA 46 -110.21 -8.74 39.47
CA LYS VA 46 -111.52 -8.79 38.82
C LYS VA 46 -111.89 -7.46 38.18
N ASP VA 47 -112.18 -6.44 38.99
CA ASP VA 47 -112.49 -5.11 38.49
C ASP VA 47 -112.04 -4.09 39.51
N GLU VA 48 -112.17 -2.80 39.14
CA GLU VA 48 -111.67 -1.72 39.98
C GLU VA 48 -112.43 -1.62 41.30
N GLU VA 49 -113.69 -2.05 41.34
CA GLU VA 49 -114.44 -2.02 42.59
C GLU VA 49 -113.89 -3.03 43.60
N GLN VA 50 -113.63 -4.26 43.14
CA GLN VA 50 -113.03 -5.26 44.02
C GLN VA 50 -111.59 -4.92 44.36
N VAL VA 51 -110.88 -4.24 43.46
CA VAL VA 51 -109.53 -3.76 43.79
C VAL VA 51 -109.60 -2.72 44.92
N GLU VA 52 -110.56 -1.79 44.82
CA GLU VA 52 -110.71 -0.79 45.87
C GLU VA 52 -111.15 -1.41 47.20
N LYS VA 53 -111.94 -2.49 47.15
CA LYS VA 53 -112.35 -3.13 48.39
C LYS VA 53 -111.23 -3.96 49.00
N TYR VA 54 -110.40 -4.60 48.16
CA TYR VA 54 -109.22 -5.32 48.65
C TYR VA 54 -108.12 -4.38 49.13
N ARG VA 55 -108.13 -3.11 48.66
CA ARG VA 55 -107.13 -2.14 49.10
C ARG VA 55 -107.22 -1.88 50.60
N ALA VA 56 -108.43 -1.90 51.17
CA ALA VA 56 -108.58 -1.71 52.61
C ALA VA 56 -107.90 -2.82 53.39
N ASN VA 57 -108.12 -4.07 52.97
CA ASN VA 57 -107.45 -5.20 53.59
C ASN VA 57 -105.94 -5.11 53.42
N GLU VA 58 -105.49 -4.71 52.23
CA GLU VA 58 -104.05 -4.60 51.98
C GLU VA 58 -103.40 -3.55 52.87
N LEU VA 59 -104.03 -2.38 53.01
CA LEU VA 59 -103.43 -1.32 53.82
C LEU VA 59 -103.49 -1.65 55.30
N LEU VA 60 -104.57 -2.28 55.76
CA LEU VA 60 -104.64 -2.69 57.16
C LEU VA 60 -103.59 -3.73 57.49
N HIS VA 61 -103.45 -4.75 56.62
CA HIS VA 61 -102.39 -5.74 56.80
C HIS VA 61 -101.02 -5.09 56.73
N ALA VA 62 -100.87 -4.08 55.88
CA ALA VA 62 -99.60 -3.38 55.74
C ALA VA 62 -99.20 -2.68 57.02
N ARG VA 63 -100.12 -1.90 57.59
CA ARG VA 63 -99.81 -1.18 58.82
C ARG VA 63 -99.60 -2.13 60.00
N TRP VA 64 -100.43 -3.16 60.10
CA TRP VA 64 -100.26 -4.14 61.17
C TRP VA 64 -98.94 -4.89 61.03
N ALA VA 65 -98.50 -5.14 59.79
CA ALA VA 65 -97.23 -5.82 59.58
C ALA VA 65 -96.05 -4.89 59.85
N MET VA 66 -96.20 -3.59 59.61
CA MET VA 66 -95.15 -2.65 59.98
C MET VA 66 -94.95 -2.64 61.49
N LEU VA 67 -96.05 -2.51 62.22
CA LEU VA 67 -95.99 -2.56 63.69
C LEU VA 67 -95.43 -3.89 64.17
N ALA VA 68 -95.83 -4.98 63.50
CA ALA VA 68 -95.35 -6.31 63.85
C ALA VA 68 -93.85 -6.46 63.63
N ALA VA 69 -93.35 -5.98 62.50
CA ALA VA 69 -91.93 -6.10 62.20
C ALA VA 69 -91.09 -5.31 63.20
N ALA VA 70 -91.53 -4.09 63.52
CA ALA VA 70 -90.80 -3.29 64.51
C ALA VA 70 -90.83 -3.94 65.89
N GLY VA 71 -92.02 -4.41 66.32
CA GLY VA 71 -92.15 -5.06 67.61
C GLY VA 71 -91.62 -6.46 67.68
N ILE VA 72 -91.20 -7.02 66.56
CA ILE VA 72 -90.51 -8.30 66.53
C ILE VA 72 -89.00 -8.10 66.59
N ILE VA 73 -88.48 -7.17 65.80
CA ILE VA 73 -87.03 -6.96 65.76
C ILE VA 73 -86.52 -6.29 67.03
N ILE VA 74 -87.19 -5.22 67.48
CA ILE VA 74 -86.62 -4.38 68.55
C ILE VA 74 -86.47 -5.11 69.89
N PRO VA 75 -87.50 -5.78 70.44
CA PRO VA 75 -87.31 -6.42 71.75
C PRO VA 75 -86.30 -7.56 71.75
N GLU VA 76 -86.24 -8.35 70.68
CA GLU VA 76 -85.26 -9.44 70.62
C GLU VA 76 -83.85 -8.89 70.54
N GLY VA 77 -83.65 -7.82 69.79
CA GLY VA 77 -82.34 -7.18 69.75
C GLY VA 77 -81.94 -6.61 71.09
N LEU VA 78 -82.90 -6.00 71.81
CA LEU VA 78 -82.61 -5.49 73.14
C LEU VA 78 -82.24 -6.60 74.11
N GLN VA 79 -82.98 -7.72 74.06
CA GLN VA 79 -82.68 -8.85 74.94
C GLN VA 79 -81.32 -9.47 74.63
N ALA VA 80 -80.99 -9.60 73.34
CA ALA VA 80 -79.69 -10.14 72.97
C ALA VA 80 -78.56 -9.18 73.28
N ASN VA 81 -78.84 -7.88 73.34
CA ASN VA 81 -77.81 -6.90 73.65
C ASN VA 81 -77.62 -6.68 75.14
N GLY VA 82 -78.62 -6.99 75.97
CA GLY VA 82 -78.41 -6.90 77.41
C GLY VA 82 -79.59 -6.38 78.22
N ALA VA 83 -80.68 -6.04 77.57
CA ALA VA 83 -81.85 -5.55 78.28
C ALA VA 83 -82.57 -6.71 78.97
N ASP VA 84 -83.26 -6.39 80.06
CA ASP VA 84 -84.04 -7.37 80.80
C ASP VA 84 -85.45 -7.50 80.22
N ILE VA 85 -85.49 -7.95 78.96
CA ILE VA 85 -86.77 -8.03 78.23
C ILE VA 85 -87.64 -9.15 78.79
N LYS VA 86 -87.04 -10.32 79.05
CA LYS VA 86 -87.75 -11.51 79.53
C LYS VA 86 -88.82 -11.93 78.51
N GLY VA 87 -88.34 -12.42 77.37
CA GLY VA 87 -89.23 -12.81 76.29
C GLY VA 87 -89.01 -12.04 75.01
N GLY VA 88 -87.76 -11.68 74.73
CA GLY VA 88 -87.46 -10.92 73.53
C GLY VA 88 -87.78 -11.65 72.25
N THR VA 89 -87.62 -12.97 72.23
CA THR VA 89 -87.96 -13.75 71.05
C THR VA 89 -89.46 -13.72 70.82
N TRP VA 90 -89.87 -13.52 69.57
CA TRP VA 90 -91.25 -13.14 69.29
C TRP VA 90 -92.23 -14.31 69.38
N PHE VA 91 -91.81 -15.53 69.07
CA PHE VA 91 -92.75 -16.64 69.08
C PHE VA 91 -92.87 -17.32 70.44
N GLU VA 92 -92.16 -16.83 71.46
CA GLU VA 92 -92.26 -17.38 72.80
C GLU VA 92 -92.54 -16.31 73.85
N THR VA 93 -92.85 -15.08 73.44
CA THR VA 93 -93.16 -14.03 74.41
C THR VA 93 -94.49 -14.26 75.10
N GLY VA 94 -95.40 -15.01 74.50
CA GLY VA 94 -96.64 -15.37 75.16
C GLY VA 94 -96.52 -16.52 76.12
N ALA VA 95 -95.41 -17.27 76.06
CA ALA VA 95 -95.21 -18.40 76.95
C ALA VA 95 -94.83 -17.99 78.37
N GLU VA 96 -94.57 -16.70 78.60
CA GLU VA 96 -94.17 -16.26 79.93
C GLU VA 96 -95.35 -16.24 80.90
N MET VA 97 -96.51 -15.75 80.45
CA MET VA 97 -97.67 -15.65 81.34
C MET VA 97 -98.59 -16.86 81.18
N LEU VA 98 -98.16 -17.98 81.74
CA LEU VA 98 -98.97 -19.18 81.78
C LEU VA 98 -99.37 -19.56 83.20
N ASN VA 99 -98.41 -19.79 84.09
CA ASN VA 99 -98.76 -20.13 85.46
C ASN VA 99 -99.02 -18.88 86.29
N GLY VA 100 -97.98 -18.08 86.51
CA GLY VA 100 -98.12 -16.84 87.25
C GLY VA 100 -97.18 -15.75 86.76
N GLY VA 101 -96.61 -15.95 85.57
CA GLY VA 101 -95.59 -15.05 85.08
C GLY VA 101 -96.12 -13.69 84.70
N THR VA 102 -95.17 -12.77 84.48
CA THR VA 102 -95.45 -11.41 84.04
C THR VA 102 -94.49 -11.03 82.92
N LEU VA 103 -94.45 -9.76 82.56
CA LEU VA 103 -93.56 -9.26 81.52
C LEU VA 103 -92.92 -7.97 81.96
N ASN VA 104 -91.71 -7.71 81.44
CA ASN VA 104 -90.99 -6.47 81.69
C ASN VA 104 -91.09 -5.59 80.44
N TYR VA 105 -91.51 -4.35 80.64
CA TYR VA 105 -91.61 -3.38 79.55
C TYR VA 105 -90.37 -2.51 79.54
N PHE VA 106 -89.67 -2.47 78.42
CA PHE VA 106 -88.46 -1.66 78.28
C PHE VA 106 -88.81 -0.41 77.47
N ALA VA 107 -89.36 0.58 78.18
CA ALA VA 107 -89.68 1.87 77.59
C ALA VA 107 -88.41 2.70 77.53
N VAL VA 108 -87.67 2.54 76.44
CA VAL VA 108 -86.34 3.13 76.30
C VAL VA 108 -86.45 4.65 76.28
N PRO VA 109 -85.46 5.38 76.81
CA PRO VA 109 -84.27 4.85 77.51
C PRO VA 109 -84.48 4.65 79.01
N PHE VA 110 -85.69 4.90 79.50
CA PHE VA 110 -86.00 4.85 80.92
C PHE VA 110 -86.85 3.63 81.28
N GLY VA 111 -86.54 2.50 80.66
CA GLY VA 111 -87.38 1.31 80.75
C GLY VA 111 -87.13 0.42 81.95
N VAL VA 112 -87.25 -0.88 81.70
CA VAL VA 112 -87.21 -1.95 82.71
C VAL VA 112 -88.27 -1.65 83.76
N VAL VA 113 -89.53 -1.87 83.41
CA VAL VA 113 -90.66 -1.67 84.31
C VAL VA 113 -91.37 -3.01 84.43
N GLN VA 114 -91.52 -3.49 85.68
CA GLN VA 114 -92.17 -4.76 85.94
C GLN VA 114 -93.67 -4.57 85.81
N ASN VA 115 -94.23 -4.97 84.68
CA ASN VA 115 -95.66 -4.83 84.44
C ASN VA 115 -96.42 -5.86 85.27
N PRO VA 116 -97.32 -5.45 86.15
CA PRO VA 116 -98.04 -6.41 86.99
C PRO VA 116 -99.37 -6.91 86.42
N LEU VA 117 -99.67 -6.61 85.16
CA LEU VA 117 -100.95 -7.00 84.58
C LEU VA 117 -100.95 -8.48 84.23
N PRO VA 118 -101.88 -9.27 84.76
CA PRO VA 118 -101.95 -10.69 84.38
C PRO VA 118 -102.48 -10.86 82.97
N LEU VA 119 -102.32 -12.07 82.44
CA LEU VA 119 -102.73 -12.33 81.06
C LEU VA 119 -104.25 -12.26 80.88
N ALA VA 120 -105.01 -12.64 81.91
CA ALA VA 120 -106.47 -12.53 81.80
C ALA VA 120 -106.91 -11.08 81.67
N ALA VA 121 -106.35 -10.20 82.50
CA ALA VA 121 -106.66 -8.78 82.41
C ALA VA 121 -106.17 -8.18 81.10
N VAL VA 122 -104.98 -8.58 80.65
CA VAL VA 122 -104.43 -8.08 79.39
C VAL VA 122 -105.32 -8.50 78.22
N THR VA 123 -105.73 -9.76 78.19
CA THR VA 123 -106.60 -10.24 77.12
C THR VA 123 -107.94 -9.53 77.15
N LEU VA 124 -108.50 -9.31 78.35
CA LEU VA 124 -109.79 -8.64 78.46
C LEU VA 124 -109.71 -7.20 77.95
N ILE VA 125 -108.68 -6.46 78.39
CA ILE VA 125 -108.57 -5.05 77.97
C ILE VA 125 -108.22 -4.95 76.48
N GLU VA 126 -107.43 -5.90 75.96
CA GLU VA 126 -107.11 -5.90 74.54
C GLU VA 126 -108.35 -6.19 73.70
N ILE VA 127 -109.15 -7.16 74.13
CA ILE VA 127 -110.38 -7.49 73.40
C ILE VA 127 -111.33 -6.30 73.41
N VAL VA 128 -111.50 -5.66 74.58
CA VAL VA 128 -112.43 -4.54 74.68
C VAL VA 128 -111.97 -3.36 73.82
N LEU VA 129 -110.69 -2.97 73.97
CA LEU VA 129 -110.18 -1.82 73.24
C LEU VA 129 -110.13 -2.06 71.73
N LEU VA 130 -109.72 -3.25 71.31
CA LEU VA 130 -109.64 -3.53 69.89
C LEU VA 130 -111.02 -3.67 69.26
N GLY VA 131 -111.97 -4.27 69.97
CA GLY VA 131 -113.33 -4.31 69.46
C GLY VA 131 -113.93 -2.92 69.33
N ALA VA 132 -113.68 -2.07 70.32
CA ALA VA 132 -114.18 -0.70 70.26
C ALA VA 132 -113.56 0.07 69.10
N VAL VA 133 -112.25 -0.06 68.90
CA VAL VA 133 -111.59 0.69 67.84
C VAL VA 133 -111.96 0.15 66.46
N GLU VA 134 -112.20 -1.16 66.34
CA GLU VA 134 -112.63 -1.69 65.05
C GLU VA 134 -114.08 -1.35 64.76
N LYS VA 135 -114.92 -1.20 65.80
CA LYS VA 135 -116.27 -0.68 65.60
C LYS VA 135 -116.20 0.78 65.17
N PHE VA 136 -115.29 1.55 65.75
CA PHE VA 136 -115.16 2.96 65.39
C PHE VA 136 -114.66 3.12 63.96
N ARG VA 137 -113.74 2.25 63.53
CA ARG VA 137 -113.21 2.34 62.17
C ARG VA 137 -114.25 2.00 61.12
N VAL VA 138 -115.06 0.97 61.37
CA VAL VA 138 -116.05 0.54 60.38
C VAL VA 138 -117.26 1.48 60.36
N ASP VA 139 -117.51 2.22 61.44
CA ASP VA 139 -118.69 3.09 61.50
C ASP VA 139 -118.37 4.58 61.44
N GLY VA 140 -117.12 4.97 61.68
CA GLY VA 140 -116.74 6.37 61.60
C GLY VA 140 -117.35 7.27 62.66
N THR VA 141 -117.35 6.84 63.91
CA THR VA 141 -117.88 7.63 65.02
C THR VA 141 -116.90 7.59 66.19
N GLY VA 142 -116.60 8.75 66.75
CA GLY VA 142 -115.68 8.85 67.86
C GLY VA 142 -116.27 9.56 69.06
N PRO VA 143 -116.06 9.02 70.25
CA PRO VA 143 -116.65 9.60 71.46
C PRO VA 143 -116.04 10.92 71.92
N ALA VA 144 -114.70 10.99 71.96
CA ALA VA 144 -114.04 12.16 72.49
C ALA VA 144 -113.03 12.74 71.51
N GLY VA 145 -112.19 13.67 71.96
CA GLY VA 145 -111.31 14.39 71.07
C GLY VA 145 -109.89 14.50 71.58
N PHE VA 146 -109.32 15.69 71.41
CA PHE VA 146 -107.95 16.07 71.79
C PHE VA 146 -106.88 15.22 71.08
N SER VA 147 -106.80 15.44 69.78
CA SER VA 147 -105.61 15.06 69.03
C SER VA 147 -104.76 16.31 68.75
N PRO VA 148 -103.44 16.19 68.62
CA PRO VA 148 -102.63 17.39 68.34
C PRO VA 148 -102.90 18.02 66.98
N GLY VA 149 -103.56 17.33 66.05
CA GLY VA 149 -103.91 17.95 64.78
C GLY VA 149 -104.88 19.10 64.94
N VAL VA 150 -105.93 18.89 65.72
CA VAL VA 150 -106.87 19.95 66.08
C VAL VA 150 -107.29 19.74 67.53
N GLY VA 151 -107.19 20.81 68.32
CA GLY VA 151 -107.39 20.70 69.76
C GLY VA 151 -108.83 20.42 70.12
N LYS VA 152 -109.08 19.28 70.78
CA LYS VA 152 -110.39 18.88 71.29
C LYS VA 152 -111.45 18.84 70.18
N PHE VA 153 -111.24 17.92 69.24
CA PHE VA 153 -112.18 17.77 68.14
C PHE VA 153 -113.49 17.15 68.63
N ASP VA 154 -114.58 17.56 68.01
CA ASP VA 154 -115.90 17.09 68.39
C ASP VA 154 -116.14 15.69 67.84
N SER VA 155 -117.30 15.12 68.19
CA SER VA 155 -117.64 13.79 67.71
C SER VA 155 -117.97 13.80 66.21
N ASP VA 156 -118.52 14.90 65.71
CA ASP VA 156 -118.91 14.98 64.30
C ASP VA 156 -117.79 15.53 63.42
N ILE VA 157 -116.61 14.92 63.54
CA ILE VA 157 -115.50 15.24 62.65
C ILE VA 157 -115.14 14.05 61.76
N PHE VA 158 -115.44 12.82 62.18
CA PHE VA 158 -115.21 11.66 61.33
C PHE VA 158 -116.27 11.52 60.24
N ASP VA 159 -117.45 12.11 60.45
CA ASP VA 159 -118.46 12.15 59.39
C ASP VA 159 -118.03 13.16 58.33
N GLY VA 160 -118.13 12.75 57.07
CA GLY VA 160 -117.63 13.56 55.98
C GLY VA 160 -116.16 13.36 55.67
N LEU VA 161 -115.47 12.53 56.45
CA LEU VA 161 -114.07 12.21 56.18
C LEU VA 161 -114.00 11.10 55.14
N ASP VA 162 -112.79 10.60 54.88
CA ASP VA 162 -112.59 9.53 53.92
C ASP VA 162 -112.14 8.27 54.65
N LYS VA 163 -112.83 7.17 54.40
CA LYS VA 163 -112.43 5.89 54.96
C LYS VA 163 -111.09 5.45 54.38
N LEU VA 164 -110.32 4.74 55.21
CA LEU VA 164 -109.01 4.14 54.91
C LEU VA 164 -107.92 5.21 54.81
N TYR VA 165 -108.31 6.49 54.80
CA TYR VA 165 -107.38 7.61 54.82
C TYR VA 165 -107.99 8.82 55.50
N PRO VA 166 -108.33 8.75 56.79
CA PRO VA 166 -109.00 9.90 57.44
C PRO VA 166 -107.99 10.92 57.92
N GLY VA 167 -108.02 12.12 57.34
CA GLY VA 167 -107.16 13.19 57.79
C GLY VA 167 -107.72 13.90 59.01
N GLY VA 168 -106.90 14.76 59.59
CA GLY VA 168 -107.31 15.55 60.74
C GLY VA 168 -106.71 15.05 62.04
N PRO VA 169 -107.53 14.40 62.87
CA PRO VA 169 -107.03 13.89 64.16
C PRO VA 169 -105.96 12.83 64.03
N PHE VA 170 -105.96 12.06 62.94
CA PHE VA 170 -104.94 11.05 62.71
C PHE VA 170 -103.66 11.63 62.12
N ASP VA 171 -103.62 12.93 61.87
CA ASP VA 171 -102.44 13.62 61.37
C ASP VA 171 -102.09 14.76 62.31
N PRO VA 172 -101.44 14.45 63.43
CA PRO VA 172 -101.03 15.52 64.36
C PRO VA 172 -99.94 16.42 63.79
N LEU VA 173 -99.08 15.88 62.92
CA LEU VA 173 -97.98 16.64 62.36
C LEU VA 173 -98.36 17.38 61.08
N ASN VA 174 -99.55 17.14 60.55
CA ASN VA 174 -100.07 17.73 59.30
C ASN VA 174 -99.10 17.37 58.18
N LEU VA 175 -98.71 18.33 57.33
CA LEU VA 175 -97.79 18.13 56.20
C LEU VA 175 -98.28 17.04 55.24
N ALA VA 176 -99.61 16.94 55.10
CA ALA VA 176 -100.20 16.00 54.15
C ALA VA 176 -101.40 16.61 53.44
N ASP VA 177 -101.65 17.91 53.61
CA ASP VA 177 -102.76 18.57 52.92
C ASP VA 177 -102.48 18.73 51.43
N ASP VA 178 -101.22 18.81 51.04
CA ASP VA 178 -100.86 18.90 49.63
C ASP VA 178 -101.12 17.56 48.96
N PRO VA 179 -101.94 17.49 47.92
CA PRO VA 179 -102.22 16.20 47.27
C PRO VA 179 -101.00 15.51 46.67
N GLU VA 180 -100.03 16.27 46.17
CA GLU VA 180 -98.85 15.65 45.56
C GLU VA 180 -98.01 14.91 46.59
N VAL VA 181 -97.68 15.57 47.70
CA VAL VA 181 -96.92 14.90 48.75
C VAL VA 181 -97.76 13.83 49.43
N PHE VA 182 -99.09 14.02 49.46
CA PHE VA 182 -99.96 12.98 50.02
C PHE VA 182 -99.92 11.72 49.19
N ALA VA 183 -99.96 11.85 47.85
CA ALA VA 183 -99.90 10.68 46.99
C ALA VA 183 -98.52 10.03 47.02
N GLU VA 184 -97.46 10.83 47.05
CA GLU VA 184 -96.11 10.27 47.13
C GLU VA 184 -95.91 9.52 48.44
N LEU VA 185 -96.37 10.09 49.55
CA LEU VA 185 -96.25 9.41 50.83
C LEU VA 185 -97.18 8.21 50.92
N GLN VA 186 -98.29 8.22 50.18
CA GLN VA 186 -99.14 7.03 50.10
C GLN VA 186 -98.42 5.89 49.41
N VAL VA 187 -97.70 6.19 48.32
CA VAL VA 187 -96.88 5.18 47.66
C VAL VA 187 -95.80 4.68 48.61
N LYS VA 188 -95.17 5.60 49.36
CA LYS VA 188 -94.17 5.22 50.35
C LYS VA 188 -94.76 4.28 51.41
N GLU VA 189 -95.96 4.60 51.90
CA GLU VA 189 -96.61 3.80 52.92
C GLU VA 189 -96.95 2.41 52.42
N ILE VA 190 -97.52 2.31 51.23
CA ILE VA 190 -97.91 0.99 50.74
C ILE VA 190 -96.68 0.14 50.41
N LYS VA 191 -95.60 0.76 49.92
CA LYS VA 191 -94.39 -0.02 49.64
C LYS VA 191 -93.72 -0.48 50.93
N ASN VA 192 -93.68 0.39 51.94
CA ASN VA 192 -93.15 -0.01 53.25
C ASN VA 192 -94.00 -1.11 53.86
N GLY VA 193 -95.31 -1.05 53.68
CA GLY VA 193 -96.18 -2.07 54.22
C GLY VA 193 -96.01 -3.41 53.52
N ARG VA 194 -95.81 -3.39 52.20
CA ARG VA 194 -95.55 -4.63 51.48
C ARG VA 194 -94.23 -5.25 51.92
N LEU VA 195 -93.20 -4.41 52.09
CA LEU VA 195 -91.93 -4.89 52.60
C LEU VA 195 -92.07 -5.47 54.01
N ALA VA 196 -92.87 -4.83 54.85
CA ALA VA 196 -93.08 -5.33 56.20
C ALA VA 196 -93.90 -6.61 56.23
N MET VA 197 -94.87 -6.76 55.31
CA MET VA 197 -95.63 -8.02 55.22
C MET VA 197 -94.71 -9.17 54.84
N ILE VA 198 -93.85 -8.94 53.83
CA ILE VA 198 -92.87 -9.96 53.46
C ILE VA 198 -91.92 -10.24 54.61
N ALA VA 199 -91.56 -9.19 55.36
CA ALA VA 199 -90.67 -9.37 56.51
C ALA VA 199 -91.32 -10.23 57.59
N VAL VA 200 -92.60 -10.01 57.88
CA VAL VA 200 -93.28 -10.78 58.92
C VAL VA 200 -93.44 -12.24 58.48
N LEU VA 201 -93.78 -12.46 57.22
CA LEU VA 201 -93.83 -13.83 56.70
C LEU VA 201 -92.47 -14.50 56.80
N ALA VA 202 -91.41 -13.73 56.49
CA ALA VA 202 -90.05 -14.23 56.63
C ALA VA 202 -89.72 -14.56 58.08
N PHE VA 203 -90.18 -13.73 59.02
CA PHE VA 203 -89.94 -13.98 60.44
C PHE VA 203 -90.58 -15.30 60.86
N ALA VA 204 -91.82 -15.53 60.42
CA ALA VA 204 -92.52 -16.77 60.76
C ALA VA 204 -91.81 -17.99 60.17
N ILE VA 205 -91.42 -17.91 58.89
CA ILE VA 205 -90.76 -19.04 58.24
C ILE VA 205 -89.39 -19.31 58.85
N GLN VA 206 -88.62 -18.24 59.11
CA GLN VA 206 -87.31 -18.39 59.71
C GLN VA 206 -87.39 -18.93 61.13
N SER VA 207 -88.39 -18.49 61.90
CA SER VA 207 -88.57 -19.01 63.25
C SER VA 207 -88.91 -20.50 63.21
N TYR VA 208 -89.81 -20.90 62.29
CA TYR VA 208 -90.17 -22.31 62.20
C TYR VA 208 -89.00 -23.17 61.74
N VAL VA 209 -88.13 -22.64 60.87
CA VAL VA 209 -87.05 -23.44 60.34
C VAL VA 209 -85.88 -23.51 61.32
N THR VA 210 -85.38 -22.35 61.79
CA THR VA 210 -84.18 -22.30 62.60
C THR VA 210 -84.43 -22.41 64.10
N GLY VA 211 -85.67 -22.21 64.56
CA GLY VA 211 -85.93 -22.29 65.98
C GLY VA 211 -85.48 -21.11 66.79
N GLU VA 212 -85.14 -19.98 66.14
CA GLU VA 212 -84.70 -18.79 66.85
C GLU VA 212 -85.25 -17.56 66.15
N GLY VA 213 -85.16 -16.42 66.84
CA GLY VA 213 -85.69 -15.18 66.33
C GLY VA 213 -84.92 -14.60 65.17
N PRO VA 214 -85.54 -13.67 64.44
CA PRO VA 214 -84.84 -13.05 63.29
C PRO VA 214 -83.61 -12.25 63.66
N TYR VA 215 -83.58 -11.62 64.84
CA TYR VA 215 -82.37 -10.91 65.25
C TYR VA 215 -81.22 -11.88 65.46
N ALA VA 216 -81.50 -13.02 66.10
CA ALA VA 216 -80.48 -14.06 66.24
C ALA VA 216 -80.05 -14.58 64.88
N ASN VA 217 -81.01 -14.72 63.96
CA ASN VA 217 -80.71 -15.17 62.61
C ASN VA 217 -79.76 -14.23 61.90
N ILE VA 218 -80.06 -12.93 61.91
CA ILE VA 218 -79.23 -11.96 61.18
C ILE VA 218 -77.87 -11.79 61.85
N THR VA 219 -77.82 -11.80 63.19
CA THR VA 219 -76.54 -11.64 63.85
C THR VA 219 -75.64 -12.84 63.63
N LYS VA 220 -76.20 -14.06 63.67
CA LYS VA 220 -75.40 -15.23 63.38
C LYS VA 220 -74.98 -15.29 61.92
N HIS VA 221 -75.84 -14.82 61.01
CA HIS VA 221 -75.47 -14.80 59.60
C HIS VA 221 -74.34 -13.81 59.33
N LEU VA 222 -74.41 -12.61 59.92
CA LEU VA 222 -73.29 -11.68 59.79
C LEU VA 222 -72.05 -12.15 60.53
N SER VA 223 -72.20 -13.01 61.53
CA SER VA 223 -71.03 -13.63 62.15
C SER VA 223 -70.34 -14.57 61.17
N ASP VA 224 -71.07 -15.58 60.70
CA ASP VA 224 -70.55 -16.49 59.66
C ASP VA 224 -71.60 -16.73 58.57
N PRO VA 225 -71.45 -16.08 57.42
CA PRO VA 225 -72.47 -16.23 56.36
C PRO VA 225 -72.44 -17.59 55.68
N PHE VA 226 -71.25 -18.09 55.36
CA PHE VA 226 -71.16 -19.42 54.77
C PHE VA 226 -71.38 -20.50 55.81
N GLY VA 227 -71.04 -20.23 57.07
CA GLY VA 227 -71.24 -21.16 58.16
C GLY VA 227 -72.61 -21.12 58.79
N TYR VA 228 -73.49 -20.22 58.36
CA TYR VA 228 -74.84 -20.15 58.91
C TYR VA 228 -75.75 -19.53 57.85
N ASN VA 229 -76.54 -20.36 57.18
CA ASN VA 229 -77.52 -19.89 56.22
C ASN VA 229 -78.65 -20.93 56.16
N LEU VA 230 -79.55 -20.77 55.20
CA LEU VA 230 -80.65 -21.71 55.05
C LEU VA 230 -80.14 -23.10 54.70
N LEU VA 231 -79.17 -23.19 53.80
CA LEU VA 231 -78.62 -24.49 53.43
C LEU VA 231 -77.79 -25.10 54.55
N THR VA 232 -77.20 -24.25 55.41
CA THR VA 232 -76.45 -24.77 56.55
C THR VA 232 -77.39 -25.32 57.61
N VAL VA 233 -78.47 -24.60 57.93
CA VAL VA 233 -79.41 -25.10 58.93
C VAL VA 233 -80.26 -26.24 58.39
N LEU VA 234 -80.36 -26.37 57.06
CA LEU VA 234 -81.07 -27.51 56.50
C LEU VA 234 -80.16 -28.74 56.42
N GLN VA 235 -78.84 -28.53 56.35
CA GLN VA 235 -77.90 -29.64 56.28
C GLN VA 235 -77.88 -30.44 57.58
N GLY VA 236 -77.89 -29.74 58.72
CA GLY VA 236 -77.80 -30.42 59.99
C GLY VA 236 -76.45 -30.22 60.65
N ASP VA 237 -75.60 -31.24 60.60
CA ASP VA 237 -74.32 -31.21 61.30
C ASP VA 237 -73.20 -31.70 60.40
N ASP VA 238 -72.01 -31.12 60.61
CA ASP VA 238 -70.74 -31.58 60.07
C ASP VA 238 -70.64 -31.50 58.55
N ARG VA 239 -71.31 -32.41 57.86
CA ARG VA 239 -71.18 -32.63 56.40
C ARG VA 239 -69.71 -32.90 56.03
N VAL VA 240 -69.62 -36.09 55.83
CA VAL VA 240 -68.19 -36.33 55.59
C VAL VA 240 -67.65 -35.33 54.58
N PRO VA 241 -66.47 -34.75 54.86
CA PRO VA 241 -65.85 -33.83 53.91
C PRO VA 241 -65.41 -34.55 52.65
N THR VA 242 -65.88 -34.08 51.50
CA THR VA 242 -65.54 -34.70 50.22
C THR VA 242 -64.12 -34.32 49.83
N LEU VA 243 -63.34 -35.32 49.42
CA LEU VA 243 -61.96 -35.10 49.01
C LEU VA 243 -61.84 -35.08 47.49
N SER WA 1 -64.37 32.01 39.20
CA SER WA 1 -65.64 31.31 39.34
C SER WA 1 -66.70 32.24 39.93
N ALA WA 2 -66.75 33.46 39.40
CA ALA WA 2 -67.71 34.49 39.81
C ALA WA 2 -67.62 34.78 41.30
N TRP WA 3 -66.46 35.31 41.71
CA TRP WA 3 -66.21 35.61 43.11
C TRP WA 3 -66.85 36.90 43.58
N TYR WA 4 -67.45 37.67 42.68
CA TYR WA 4 -68.10 38.93 43.00
C TYR WA 4 -69.56 38.91 42.53
N GLY WA 5 -70.28 39.97 42.86
CA GLY WA 5 -71.66 40.10 42.45
C GLY WA 5 -72.61 39.30 43.30
N PRO WA 6 -73.88 39.22 42.90
CA PRO WA 6 -74.88 38.51 43.68
C PRO WA 6 -74.76 37.00 43.58
N ASP WA 7 -74.23 36.50 42.46
CA ASP WA 7 -74.10 35.07 42.22
C ASP WA 7 -72.80 34.49 42.78
N ARG WA 8 -72.17 35.16 43.74
CA ARG WA 8 -70.94 34.69 44.33
C ARG WA 8 -71.21 33.47 45.21
N PRO WA 9 -70.22 32.59 45.39
CA PRO WA 9 -70.38 31.49 46.34
C PRO WA 9 -70.45 32.02 47.78
N LEU WA 10 -71.24 31.32 48.60
CA LEU WA 10 -71.53 31.80 49.94
C LEU WA 10 -70.93 30.86 50.98
N PHE WA 11 -71.20 31.16 52.26
CA PHE WA 11 -70.50 30.52 53.37
C PHE WA 11 -71.17 29.24 53.85
N LEU WA 12 -72.25 28.80 53.20
CA LEU WA 12 -72.89 27.54 53.56
C LEU WA 12 -73.33 26.75 52.32
N GLY WA 13 -72.91 27.15 51.13
CA GLY WA 13 -73.33 26.45 49.94
C GLY WA 13 -74.78 26.79 49.59
N SER WA 14 -75.55 25.75 49.25
CA SER WA 14 -76.96 25.94 48.92
C SER WA 14 -77.81 26.25 50.14
N LEU WA 15 -77.30 25.98 51.34
CA LEU WA 15 -78.04 26.22 52.58
C LEU WA 15 -77.76 27.59 53.18
N SER WA 16 -77.16 28.50 52.41
CA SER WA 16 -76.80 29.81 52.94
C SER WA 16 -78.02 30.70 53.12
N GLY WA 17 -78.99 30.60 52.22
CA GLY WA 17 -80.12 31.51 52.26
C GLY WA 17 -79.76 32.87 51.68
N GLU WA 18 -80.43 33.89 52.17
CA GLU WA 18 -80.17 35.24 51.67
C GLU WA 18 -79.02 35.87 52.43
N PRO WA 19 -77.98 36.34 51.74
CA PRO WA 19 -76.89 37.04 52.42
C PRO WA 19 -77.35 38.40 52.91
N PRO WA 20 -76.61 39.01 53.85
CA PRO WA 20 -77.00 40.35 54.33
C PRO WA 20 -76.94 41.39 53.22
N SER WA 21 -77.79 42.41 53.36
CA SER WA 21 -77.93 43.43 52.32
C SER WA 21 -76.66 44.25 52.14
N TYR WA 22 -75.92 44.52 53.21
CA TYR WA 22 -74.68 45.29 53.11
C TYR WA 22 -73.52 44.49 52.54
N LEU WA 23 -73.68 43.18 52.38
CA LEU WA 23 -72.66 42.34 51.78
C LEU WA 23 -73.06 42.03 50.34
N THR WA 24 -72.71 42.95 49.45
CA THR WA 24 -73.09 42.87 48.04
C THR WA 24 -72.04 42.19 47.18
N GLY WA 25 -70.96 41.68 47.76
CA GLY WA 25 -69.92 41.07 46.98
C GLY WA 25 -69.02 42.04 46.24
N GLU WA 26 -68.93 43.29 46.72
CA GLU WA 26 -68.07 44.26 46.08
C GLU WA 26 -66.60 44.01 46.42
N PHE WA 27 -66.34 43.56 47.64
CA PHE WA 27 -65.04 43.36 48.26
C PHE WA 27 -64.63 41.89 48.23
N PRO WA 28 -63.33 41.61 48.20
CA PRO WA 28 -62.87 40.22 48.07
C PRO WA 28 -63.18 39.38 49.30
N GLY WA 29 -63.35 38.08 49.07
CA GLY WA 29 -63.64 37.16 50.14
C GLY WA 29 -65.04 37.23 50.69
N ASP WA 30 -65.96 37.88 49.96
CA ASP WA 30 -67.33 38.03 50.43
C ASP WA 30 -68.08 36.72 50.22
N TYR WA 31 -68.35 36.02 51.31
CA TYR WA 31 -69.22 34.85 51.30
C TYR WA 31 -70.53 35.15 52.00
N GLY WA 32 -70.71 36.36 52.53
CA GLY WA 32 -71.89 36.69 53.30
C GLY WA 32 -71.81 36.32 54.77
N TRP WA 33 -70.63 35.95 55.26
CA TRP WA 33 -70.45 35.39 56.59
C TRP WA 33 -70.33 36.53 57.60
N ASP WA 34 -71.48 37.11 57.94
CA ASP WA 34 -71.58 38.14 58.97
C ASP WA 34 -72.83 37.87 59.81
N THR WA 35 -72.95 36.64 60.31
CA THR WA 35 -74.11 36.27 61.12
C THR WA 35 -74.19 37.04 62.44
N ALA WA 36 -73.08 37.62 62.90
CA ALA WA 36 -73.10 38.40 64.13
C ALA WA 36 -73.57 39.83 63.94
N GLY WA 37 -73.72 40.29 62.69
CA GLY WA 37 -74.15 41.65 62.45
C GLY WA 37 -73.11 42.69 62.77
N LEU WA 38 -71.84 42.24 62.56
CA LEU WA 38 -70.59 42.96 62.92
C LEU WA 38 -70.10 43.97 61.87
N SER WA 39 -70.79 44.12 60.75
CA SER WA 39 -70.50 45.08 59.68
C SER WA 39 -71.76 45.67 59.07
N ALA WA 40 -72.79 45.91 59.88
CA ALA WA 40 -73.97 46.60 59.35
C ALA WA 40 -73.67 48.06 59.06
N ASP WA 41 -72.73 48.66 59.79
CA ASP WA 41 -72.29 50.02 59.52
C ASP WA 41 -71.23 50.02 58.43
N PRO WA 42 -71.39 50.80 57.37
CA PRO WA 42 -70.40 50.80 56.27
C PRO WA 42 -69.00 51.23 56.69
N THR WA 43 -68.87 52.19 57.62
CA THR WA 43 -67.55 52.61 58.07
C THR WA 43 -66.89 51.53 58.91
N THR WA 44 -67.66 50.93 59.84
CA THR WA 44 -67.16 49.84 60.65
C THR WA 44 -66.80 48.64 59.79
N PHE WA 45 -67.53 48.42 58.70
CA PHE WA 45 -67.19 47.38 57.74
C PHE WA 45 -65.83 47.64 57.10
N ALA WA 46 -65.55 48.90 56.73
CA ALA WA 46 -64.25 49.23 56.13
C ALA WA 46 -63.12 49.06 57.13
N ARG WA 47 -63.34 49.48 58.38
CA ARG WA 47 -62.31 49.30 59.42
C ARG WA 47 -62.04 47.82 59.68
N TYR WA 48 -63.12 47.01 59.75
CA TYR WA 48 -62.94 45.58 59.93
C TYR WA 48 -62.27 44.94 58.73
N ARG WA 49 -62.52 45.46 57.52
CA ARG WA 49 -61.90 44.92 56.32
C ARG WA 49 -60.40 45.15 56.30
N THR WA 50 -59.98 46.38 56.61
CA THR WA 50 -58.54 46.63 56.63
C THR WA 50 -57.86 45.91 57.80
N ILE WA 51 -58.55 45.79 58.94
CA ILE WA 51 -58.02 45.02 60.07
C ILE WA 51 -57.86 43.56 59.68
N GLU WA 52 -58.85 43.00 58.98
CA GLU WA 52 -58.80 41.61 58.55
C GLU WA 52 -57.67 41.37 57.55
N LEU WA 53 -57.47 42.30 56.62
CA LEU WA 53 -56.40 42.10 55.63
C LEU WA 53 -55.02 42.22 56.27
N ILE WA 54 -54.85 43.16 57.21
CA ILE WA 54 -53.58 43.28 57.91
C ILE WA 54 -53.31 42.01 58.72
N HIS WA 55 -54.34 41.48 59.39
CA HIS WA 55 -54.21 40.23 60.10
C HIS WA 55 -53.90 39.07 59.16
N ALA WA 56 -54.50 39.08 57.97
CA ALA WA 56 -54.27 38.02 57.00
C ALA WA 56 -52.82 37.99 56.55
N ARG WA 57 -52.27 39.16 56.22
CA ARG WA 57 -50.87 39.23 55.79
C ARG WA 57 -49.92 38.86 56.92
N TRP WA 58 -50.19 39.37 58.14
CA TRP WA 58 -49.35 39.04 59.28
C TRP WA 58 -49.41 37.55 59.58
N ALA WA 59 -50.56 36.92 59.40
CA ALA WA 59 -50.70 35.50 59.67
C ALA WA 59 -50.07 34.65 58.57
N LEU WA 60 -50.08 35.11 57.32
CA LEU WA 60 -49.35 34.39 56.28
C LEU WA 60 -47.86 34.38 56.60
N LEU WA 61 -47.32 35.55 56.97
CA LEU WA 61 -45.92 35.62 57.39
C LEU WA 61 -45.66 34.76 58.61
N GLY WA 62 -46.56 34.81 59.60
CA GLY WA 62 -46.36 34.04 60.81
C GLY WA 62 -46.45 32.54 60.60
N ALA WA 63 -47.39 32.10 59.76
CA ALA WA 63 -47.51 30.68 59.46
C ALA WA 63 -46.27 30.17 58.75
N LEU WA 64 -45.78 30.92 57.76
CA LEU WA 64 -44.55 30.49 57.07
C LEU WA 64 -43.36 30.48 58.02
N GLY WA 65 -43.23 31.50 58.87
CA GLY WA 65 -42.13 31.56 59.80
C GLY WA 65 -42.24 30.62 60.99
N ILE WA 66 -43.41 30.03 61.18
CA ILE WA 66 -43.57 28.95 62.16
C ILE WA 66 -43.23 27.60 61.55
N ILE WA 67 -43.67 27.38 60.31
CA ILE WA 67 -43.43 26.09 59.67
C ILE WA 67 -41.96 25.91 59.28
N THR WA 68 -41.31 26.94 58.71
CA THR WA 68 -39.98 26.75 58.13
C THR WA 68 -38.86 26.35 59.10
N PRO WA 69 -38.65 26.98 60.27
CA PRO WA 69 -37.41 26.68 61.00
C PRO WA 69 -37.33 25.27 61.58
N GLU WA 70 -38.44 24.73 62.09
CA GLU WA 70 -38.39 23.35 62.58
C GLU WA 70 -38.35 22.35 61.44
N LEU WA 71 -38.89 22.67 60.27
CA LEU WA 71 -38.67 21.83 59.10
C LEU WA 71 -37.19 21.79 58.73
N LEU WA 72 -36.53 22.94 58.78
CA LEU WA 72 -35.09 22.97 58.51
C LEU WA 72 -34.33 22.19 59.57
N ALA WA 73 -34.74 22.29 60.84
CA ALA WA 73 -34.11 21.53 61.92
C ALA WA 73 -34.27 20.03 61.71
N LYS WA 74 -35.45 19.60 61.27
CA LYS WA 74 -35.67 18.21 60.94
C LYS WA 74 -34.98 17.79 59.63
N ASN WA 75 -34.54 18.76 58.83
CA ASN WA 75 -33.91 18.47 57.55
C ASN WA 75 -32.40 18.77 57.56
N GLY WA 76 -31.78 18.71 58.73
CA GLY WA 76 -30.33 18.77 58.83
C GLY WA 76 -29.73 20.10 59.24
N VAL WA 77 -30.52 21.17 59.24
CA VAL WA 77 -29.98 22.48 59.66
C VAL WA 77 -29.71 22.45 61.16
N PRO WA 78 -28.50 22.84 61.61
CA PRO WA 78 -28.16 22.66 63.03
C PRO WA 78 -28.86 23.62 63.98
N PHE WA 79 -30.19 23.60 64.00
CA PHE WA 79 -30.95 24.35 64.98
C PHE WA 79 -30.88 23.65 66.33
N SER WA 80 -30.87 24.44 67.39
CA SER WA 80 -30.95 23.87 68.72
C SER WA 80 -32.36 23.34 68.98
N GLU WA 81 -32.46 22.41 69.93
CA GLU WA 81 -33.74 21.78 70.22
C GLU WA 81 -34.75 22.79 70.75
N ASP WA 82 -34.30 23.75 71.55
CA ASP WA 82 -35.19 24.78 72.07
C ASP WA 82 -35.58 25.79 70.98
N GLY WA 83 -34.62 26.22 70.17
CA GLY WA 83 -34.86 27.20 69.13
C GLY WA 83 -35.47 26.68 67.87
N ALA WA 84 -35.70 25.36 67.77
CA ALA WA 84 -36.29 24.81 66.56
C ALA WA 84 -37.79 25.11 66.49
N ILE WA 85 -38.49 24.98 67.61
CA ILE WA 85 -39.95 25.12 67.62
C ILE WA 85 -40.31 26.54 68.08
N TRP WA 86 -41.32 27.11 67.40
CA TRP WA 86 -41.54 28.56 67.42
C TRP WA 86 -41.82 29.09 68.81
N PHE WA 87 -42.61 28.39 69.61
CA PHE WA 87 -42.98 28.92 70.91
C PHE WA 87 -41.88 28.77 71.95
N LYS WA 88 -40.69 28.33 71.56
CA LYS WA 88 -39.51 28.53 72.40
C LYS WA 88 -38.38 29.25 71.66
N ALA WA 89 -38.61 29.66 70.41
CA ALA WA 89 -37.57 30.33 69.64
C ALA WA 89 -37.16 31.66 70.29
N GLY WA 90 -38.13 32.36 70.86
CA GLY WA 90 -37.83 33.59 71.59
C GLY WA 90 -36.96 33.38 72.81
N ALA WA 91 -36.92 32.15 73.33
CA ALA WA 91 -36.02 31.85 74.44
C ALA WA 91 -34.57 31.65 73.99
N GLU WA 92 -34.32 31.65 72.68
CA GLU WA 92 -32.96 31.44 72.18
C GLU WA 92 -32.05 32.62 72.48
N ILE WA 93 -32.59 33.85 72.51
CA ILE WA 93 -31.77 35.03 72.75
C ILE WA 93 -31.25 35.09 74.19
N PHE WA 94 -31.86 34.35 75.11
CA PHE WA 94 -31.40 34.32 76.50
C PHE WA 94 -30.21 33.39 76.72
N LYS WA 95 -29.84 32.60 75.72
CA LYS WA 95 -28.73 31.67 75.86
C LYS WA 95 -27.41 32.36 75.57
N GLU WA 96 -26.32 31.69 75.94
CA GLU WA 96 -24.98 32.24 75.73
C GLU WA 96 -24.64 32.33 74.26
N GLY WA 97 -25.10 31.35 73.47
CA GLY WA 97 -24.89 31.38 72.03
C GLY WA 97 -25.73 32.40 71.29
N GLY WA 98 -26.76 32.94 71.94
CA GLY WA 98 -27.57 33.96 71.33
C GLY WA 98 -28.48 33.44 70.23
N LEU WA 99 -29.05 34.39 69.50
CA LEU WA 99 -29.93 34.08 68.37
C LEU WA 99 -29.08 33.86 67.13
N ASN WA 100 -28.90 32.60 66.75
CA ASN WA 100 -28.09 32.23 65.60
C ASN WA 100 -29.01 31.84 64.46
N TYR WA 101 -28.91 32.58 63.35
CA TYR WA 101 -29.74 32.28 62.18
C TYR WA 101 -29.26 30.99 61.53
N LEU WA 102 -30.20 30.07 61.29
CA LEU WA 102 -29.94 28.75 60.71
C LEU WA 102 -28.94 27.94 61.54
N GLY WA 103 -28.91 28.20 62.85
CA GLY WA 103 -27.97 27.53 63.74
C GLY WA 103 -26.52 27.80 63.42
N ASN WA 104 -26.21 29.01 62.94
CA ASN WA 104 -24.87 29.37 62.50
C ASN WA 104 -24.34 30.43 63.46
N GLU WA 105 -23.16 30.17 64.03
CA GLU WA 105 -22.66 30.95 65.16
C GLU WA 105 -22.41 32.42 64.81
N ASN WA 106 -21.78 32.69 63.67
CA ASN WA 106 -21.51 34.08 63.30
C ASN WA 106 -22.59 34.66 62.39
N LEU WA 107 -23.78 34.05 62.37
CA LEU WA 107 -24.96 34.62 61.73
C LEU WA 107 -25.84 35.24 62.79
N ILE WA 108 -26.20 36.51 62.59
CA ILE WA 108 -26.94 37.35 63.53
C ILE WA 108 -26.21 37.42 64.87
N HIS WA 109 -26.29 36.36 65.68
CA HIS WA 109 -25.61 36.27 66.98
C HIS WA 109 -26.01 37.43 67.89
N ALA WA 110 -27.31 37.46 68.23
CA ALA WA 110 -27.88 38.53 69.03
C ALA WA 110 -28.09 38.09 70.47
N GLN WA 111 -27.69 38.94 71.41
CA GLN WA 111 -27.80 38.62 72.83
C GLN WA 111 -28.52 39.67 73.68
N SER WA 112 -28.92 40.80 73.11
CA SER WA 112 -29.57 41.87 73.88
C SER WA 112 -31.01 42.02 73.39
N ILE WA 113 -31.92 41.34 74.10
CA ILE WA 113 -33.35 41.41 73.78
C ILE WA 113 -33.89 42.82 73.98
N LEU WA 114 -33.29 43.58 74.89
CA LEU WA 114 -33.72 44.96 75.13
C LEU WA 114 -33.49 45.81 73.88
N ALA WA 115 -32.28 45.78 73.34
CA ALA WA 115 -31.99 46.55 72.13
C ALA WA 115 -32.72 45.98 70.92
N THR WA 116 -32.91 44.65 70.87
CA THR WA 116 -33.66 44.05 69.77
C THR WA 116 -35.10 44.58 69.74
N LEU WA 117 -35.77 44.55 70.90
CA LEU WA 117 -37.12 45.09 70.96
C LEU WA 117 -37.14 46.59 70.75
N ALA WA 118 -36.11 47.31 71.19
CA ALA WA 118 -36.07 48.76 70.99
C ALA WA 118 -36.03 49.12 69.51
N VAL WA 119 -35.10 48.53 68.77
CA VAL WA 119 -35.01 48.82 67.35
C VAL WA 119 -36.23 48.29 66.61
N GLN WA 120 -36.80 47.17 67.07
CA GLN WA 120 -38.03 46.66 66.46
C GLN WA 120 -39.18 47.63 66.65
N VAL WA 121 -39.29 48.21 67.84
CA VAL WA 121 -40.34 49.19 68.12
C VAL WA 121 -40.16 50.44 67.25
N ILE WA 122 -38.93 50.95 67.12
CA ILE WA 122 -38.72 52.15 66.31
C ILE WA 122 -39.04 51.89 64.84
N VAL WA 123 -38.53 50.78 64.29
CA VAL WA 123 -38.74 50.48 62.87
C VAL WA 123 -40.22 50.20 62.59
N MET WA 124 -40.85 49.37 63.41
CA MET WA 124 -42.25 49.03 63.18
C MET WA 124 -43.15 50.21 63.47
N GLY WA 125 -42.78 51.10 64.39
CA GLY WA 125 -43.56 52.29 64.62
C GLY WA 125 -43.52 53.23 63.43
N ALA WA 126 -42.33 53.40 62.83
CA ALA WA 126 -42.24 54.19 61.61
C ALA WA 126 -43.05 53.57 60.48
N ALA WA 127 -42.96 52.25 60.31
CA ALA WA 127 -43.66 51.58 59.22
C ALA WA 127 -45.18 51.66 59.40
N GLU WA 128 -45.67 51.39 60.61
CA GLU WA 128 -47.11 51.40 60.86
C GLU WA 128 -47.65 52.81 60.89
N GLY WA 129 -46.85 53.80 61.31
CA GLY WA 129 -47.29 55.18 61.24
C GLY WA 129 -47.38 55.66 59.81
N PHE WA 130 -46.44 55.25 58.95
CA PHE WA 130 -46.54 55.57 57.54
C PHE WA 130 -47.75 54.89 56.91
N ARG WA 131 -48.02 53.64 57.31
CA ARG WA 131 -49.20 52.94 56.80
C ARG WA 131 -50.49 53.61 57.26
N ALA WA 132 -50.55 54.01 58.53
CA ALA WA 132 -51.77 54.63 59.05
C ALA WA 132 -51.95 56.05 58.52
N ASN WA 133 -50.85 56.74 58.19
CA ASN WA 133 -50.96 58.10 57.68
C ASN WA 133 -51.49 58.12 56.25
N GLY WA 134 -51.25 57.07 55.48
CA GLY WA 134 -51.64 57.03 54.09
C GLY WA 134 -50.64 57.63 53.14
N GLU WA 135 -49.59 58.26 53.64
CA GLU WA 135 -48.52 58.80 52.81
C GLU WA 135 -47.21 58.71 53.58
N ALA WA 136 -46.12 58.61 52.82
CA ALA WA 136 -44.77 58.49 53.36
C ALA WA 136 -43.85 59.36 52.52
N PRO WA 137 -42.68 59.74 53.04
CA PRO WA 137 -41.69 60.43 52.21
C PRO WA 137 -41.30 59.59 51.00
N GLY WA 138 -41.66 60.09 49.81
CA GLY WA 138 -41.50 59.33 48.59
C GLY WA 138 -42.73 58.57 48.16
N VAL WA 139 -43.82 58.62 48.93
CA VAL WA 139 -45.06 57.93 48.61
C VAL WA 139 -46.18 58.97 48.54
N GLU WA 140 -46.90 58.99 47.43
CA GLU WA 140 -47.97 59.95 47.21
C GLU WA 140 -49.25 59.46 47.89
N GLY WA 141 -50.36 60.15 47.65
CA GLY WA 141 -51.64 59.71 48.15
C GLY WA 141 -52.24 58.67 47.23
N LEU WA 142 -52.65 57.54 47.80
CA LEU WA 142 -53.14 56.41 47.01
C LEU WA 142 -54.02 55.55 47.91
N ASP WA 143 -54.34 54.35 47.43
CA ASP WA 143 -55.19 53.43 48.20
C ASP WA 143 -54.45 52.95 49.45
N PRO WA 144 -55.03 53.10 50.64
CA PRO WA 144 -54.33 52.68 51.84
C PRO WA 144 -54.26 51.17 52.01
N LEU WA 145 -55.35 50.46 51.73
CA LEU WA 145 -55.37 49.01 51.92
C LEU WA 145 -54.61 48.28 50.83
N TYR WA 146 -54.66 48.78 49.59
CA TYR WA 146 -54.01 48.15 48.45
C TYR WA 146 -53.13 49.19 47.76
N PRO WA 147 -51.97 49.52 48.34
CA PRO WA 147 -51.13 50.57 47.75
C PRO WA 147 -50.51 50.21 46.41
N GLY WA 148 -49.78 49.11 46.34
CA GLY WA 148 -49.02 48.85 45.14
C GLY WA 148 -47.84 49.81 45.05
N GLY WA 149 -47.41 50.08 43.82
CA GLY WA 149 -46.29 50.97 43.59
C GLY WA 149 -44.99 50.38 44.09
N PRO WA 150 -44.43 50.98 45.15
CA PRO WA 150 -43.23 50.39 45.77
C PRO WA 150 -43.46 48.99 46.31
N PHE WA 151 -44.67 48.69 46.77
CA PHE WA 151 -45.00 47.39 47.33
C PHE WA 151 -45.41 46.38 46.28
N ASP WA 152 -45.52 46.80 45.01
CA ASP WA 152 -45.78 45.89 43.89
C ASP WA 152 -44.77 46.16 42.79
N PRO WA 153 -43.49 45.80 43.01
CA PRO WA 153 -42.49 46.05 41.97
C PRO WA 153 -42.62 45.11 40.79
N LEU WA 154 -43.11 43.89 41.00
CA LEU WA 154 -43.27 42.94 39.91
C LEU WA 154 -44.43 43.31 38.99
N GLY WA 155 -45.38 44.11 39.49
CA GLY WA 155 -46.46 44.61 38.66
C GLY WA 155 -47.46 43.57 38.22
N LEU WA 156 -48.25 43.04 39.16
CA LEU WA 156 -49.32 42.10 38.84
C LEU WA 156 -50.69 42.67 39.18
N ALA WA 157 -50.79 43.97 39.43
CA ALA WA 157 -52.06 44.62 39.75
C ALA WA 157 -52.55 45.54 38.65
N ASP WA 158 -51.92 45.49 37.47
CA ASP WA 158 -52.32 46.39 36.38
C ASP WA 158 -53.65 45.98 35.77
N ASP WA 159 -53.82 44.68 35.51
CA ASP WA 159 -55.09 44.20 34.97
C ASP WA 159 -56.15 44.23 36.06
N PRO WA 160 -57.30 44.87 35.84
CA PRO WA 160 -58.31 44.96 36.92
C PRO WA 160 -58.95 43.63 37.25
N GLU WA 161 -59.33 42.83 36.25
CA GLU WA 161 -59.97 41.55 36.53
C GLU WA 161 -59.00 40.57 37.19
N ALA WA 162 -57.76 40.51 36.69
CA ALA WA 162 -56.74 39.68 37.33
C ALA WA 162 -56.41 40.19 38.72
N PHE WA 163 -56.43 41.51 38.91
CA PHE WA 163 -56.19 42.08 40.23
C PHE WA 163 -57.27 41.68 41.22
N ALA WA 164 -58.54 41.69 40.78
CA ALA WA 164 -59.63 41.27 41.66
C ALA WA 164 -59.55 39.78 41.97
N GLU WA 165 -59.23 38.96 40.96
CA GLU WA 165 -59.13 37.52 41.19
C GLU WA 165 -57.97 37.19 42.13
N LEU WA 166 -56.84 37.89 41.97
CA LEU WA 166 -55.73 37.73 42.89
C LEU WA 166 -56.05 38.28 44.26
N LYS WA 167 -56.91 39.30 44.34
CA LYS WA 167 -57.37 39.80 45.64
C LYS WA 167 -58.15 38.73 46.39
N VAL WA 168 -59.03 38.02 45.68
CA VAL WA 168 -59.76 36.91 46.29
C VAL WA 168 -58.79 35.81 46.71
N LYS WA 169 -57.79 35.53 45.88
CA LYS WA 169 -56.73 34.58 46.23
C LYS WA 169 -56.03 34.98 47.52
N GLU WA 170 -55.66 36.26 47.63
CA GLU WA 170 -54.92 36.74 48.80
C GLU WA 170 -55.76 36.67 50.06
N ILE WA 171 -57.02 37.08 49.99
CA ILE WA 171 -57.84 37.06 51.20
C ILE WA 171 -58.17 35.62 51.62
N LYS WA 172 -58.33 34.70 50.67
CA LYS WA 172 -58.61 33.32 51.04
C LYS WA 172 -57.36 32.64 51.63
N ASN WA 173 -56.19 32.90 51.04
CA ASN WA 173 -54.95 32.39 51.59
C ASN WA 173 -54.69 32.97 52.98
N GLY WA 174 -54.99 34.25 53.17
CA GLY WA 174 -54.81 34.86 54.47
C GLY WA 174 -55.77 34.32 55.52
N ARG WA 175 -57.02 34.03 55.12
CA ARG WA 175 -57.96 33.42 56.04
C ARG WA 175 -57.52 32.02 56.45
N LEU WA 176 -57.01 31.25 55.48
CA LEU WA 176 -56.46 29.92 55.79
C LEU WA 176 -55.25 30.05 56.71
N ALA WA 177 -54.43 31.08 56.51
CA ALA WA 177 -53.26 31.29 57.35
C ALA WA 177 -53.65 31.70 58.77
N MET WA 178 -54.67 32.55 58.93
CA MET WA 178 -55.15 32.89 60.26
C MET WA 178 -55.73 31.68 60.98
N PHE WA 179 -56.49 30.85 60.24
CA PHE WA 179 -57.01 29.60 60.80
C PHE WA 179 -55.86 28.71 61.26
N SER WA 180 -54.82 28.58 60.45
CA SER WA 180 -53.67 27.75 60.80
C SER WA 180 -52.87 28.36 61.95
N CYS WA 181 -52.81 29.69 62.05
CA CYS WA 181 -52.07 30.31 63.15
C CYS WA 181 -52.79 30.11 64.48
N LEU WA 182 -54.12 30.25 64.49
CA LEU WA 182 -54.84 29.92 65.72
C LEU WA 182 -54.74 28.42 66.03
N GLY WA 183 -54.64 27.59 64.98
CA GLY WA 183 -54.36 26.18 65.20
C GLY WA 183 -53.01 25.94 65.85
N PHE WA 184 -51.98 26.67 65.40
CA PHE WA 184 -50.66 26.60 66.02
C PHE WA 184 -50.72 27.04 67.48
N PHE WA 185 -51.45 28.12 67.74
CA PHE WA 185 -51.54 28.66 69.10
C PHE WA 185 -52.22 27.66 70.03
N VAL WA 186 -53.29 27.01 69.57
CA VAL WA 186 -53.99 26.04 70.40
C VAL WA 186 -53.18 24.76 70.55
N GLN WA 187 -52.55 24.29 69.47
CA GLN WA 187 -51.77 23.06 69.52
C GLN WA 187 -50.55 23.19 70.42
N ALA WA 188 -49.89 24.36 70.39
CA ALA WA 188 -48.75 24.58 71.27
C ALA WA 188 -49.17 24.57 72.73
N ILE WA 189 -50.33 25.17 73.04
CA ILE WA 189 -50.84 25.18 74.40
C ILE WA 189 -51.24 23.78 74.83
N VAL WA 190 -51.94 23.04 73.97
CA VAL WA 190 -52.49 21.75 74.35
C VAL WA 190 -51.42 20.67 74.31
N THR WA 191 -50.75 20.50 73.17
CA THR WA 191 -49.81 19.40 73.01
C THR WA 191 -48.41 19.73 73.49
N GLY WA 192 -48.02 21.00 73.48
CA GLY WA 192 -46.68 21.36 73.90
C GLY WA 192 -45.59 21.00 72.90
N LYS WA 193 -45.95 20.84 71.64
CA LYS WA 193 -44.99 20.49 70.58
C LYS WA 193 -45.22 21.40 69.39
N GLY WA 194 -44.32 21.32 68.42
CA GLY WA 194 -44.44 22.07 67.19
C GLY WA 194 -45.50 21.48 66.28
N PRO WA 195 -46.01 22.28 65.33
CA PRO WA 195 -47.00 21.75 64.38
C PRO WA 195 -46.51 20.60 63.53
N ILE WA 196 -45.27 20.65 63.02
CA ILE WA 196 -44.76 19.53 62.23
C ILE WA 196 -44.53 18.30 63.10
N GLN WA 197 -44.09 18.49 64.34
CA GLN WA 197 -43.97 17.35 65.24
C GLN WA 197 -45.33 16.73 65.55
N ASN WA 198 -46.36 17.57 65.70
CA ASN WA 198 -47.72 17.06 65.90
C ASN WA 198 -48.21 16.32 64.67
N LEU WA 199 -47.88 16.82 63.47
CA LEU WA 199 -48.25 16.13 62.24
C LEU WA 199 -47.54 14.79 62.12
N GLN WA 200 -46.26 14.73 62.51
CA GLN WA 200 -45.50 13.49 62.46
C GLN WA 200 -46.04 12.47 63.47
N ASP WA 201 -46.40 12.93 64.67
CA ASP WA 201 -47.01 12.04 65.65
C ASP WA 201 -48.37 11.56 65.18
N HIS WA 202 -49.14 12.44 64.53
CA HIS WA 202 -50.45 12.06 64.00
C HIS WA 202 -50.32 11.08 62.84
N LEU WA 203 -49.30 11.26 61.99
CA LEU WA 203 -49.11 10.39 60.84
C LEU WA 203 -48.67 8.99 61.23
N ALA WA 204 -48.11 8.82 62.43
CA ALA WA 204 -47.71 7.49 62.89
C ALA WA 204 -48.93 6.60 63.11
N ASP WA 205 -49.94 7.12 63.80
CA ASP WA 205 -51.20 6.41 64.01
C ASP WA 205 -52.31 7.42 64.25
N PRO WA 206 -53.06 7.79 63.21
CA PRO WA 206 -54.11 8.82 63.37
C PRO WA 206 -55.30 8.36 64.18
N GLY WA 207 -55.43 7.06 64.47
CA GLY WA 207 -56.55 6.60 65.27
C GLY WA 207 -56.51 7.09 66.70
N VAL WA 208 -55.33 7.12 67.31
CA VAL WA 208 -55.20 7.53 68.69
C VAL WA 208 -54.37 8.81 68.85
N ASN WA 209 -53.53 9.17 67.90
CA ASN WA 209 -52.72 10.39 68.01
C ASN WA 209 -53.46 11.57 67.38
N ASN WA 210 -54.59 11.92 68.00
CA ASN WA 210 -55.42 13.01 67.54
C ASN WA 210 -55.68 14.02 68.66
N ALA WA 211 -56.58 14.97 68.42
CA ALA WA 211 -56.90 15.97 69.45
C ALA WA 211 -57.70 15.38 70.59
N PHE WA 212 -58.37 14.24 70.38
CA PHE WA 212 -59.15 13.60 71.43
C PHE WA 212 -58.28 12.88 72.46
N ALA WA 213 -57.00 12.64 72.15
CA ALA WA 213 -56.10 12.04 73.13
C ALA WA 213 -55.79 13.02 74.25
N SER WA 214 -55.85 14.31 73.97
CA SER WA 214 -55.59 15.35 74.96
C SER WA 214 -56.87 16.00 75.46
N ALA WA 215 -58.01 15.34 75.30
CA ALA WA 215 -59.27 15.90 75.78
C ALA WA 215 -59.36 15.87 77.30
N THR WA 216 -58.70 14.91 77.94
CA THR WA 216 -58.67 14.79 79.39
C THR WA 216 -57.48 15.51 80.01
N LYS WA 217 -56.74 16.29 79.23
CA LYS WA 217 -55.54 16.94 79.75
C LYS WA 217 -55.87 18.06 80.73
N PHE WA 218 -56.90 18.85 80.43
CA PHE WA 218 -57.21 20.04 81.21
C PHE WA 218 -58.41 19.86 82.13
N VAL WA 219 -58.75 18.63 82.48
CA VAL WA 219 -59.91 18.38 83.34
C VAL WA 219 -59.61 18.91 84.74
N PRO WA 220 -60.55 19.63 85.38
CA PRO WA 220 -60.27 20.16 86.72
C PRO WA 220 -60.32 19.06 87.78
N THR WA 221 -59.39 19.14 88.72
CA THR WA 221 -59.26 18.23 89.85
C THR WA 221 -59.81 18.87 91.11
N PRO WA 222 -60.46 18.11 92.00
CA PRO WA 222 -61.02 18.70 93.23
C PRO WA 222 -60.01 18.75 94.37
N GLN XA 1 -0.47 -59.05 3.21
CA GLN XA 1 -0.61 -60.51 3.20
C GLN XA 1 -1.90 -60.94 3.89
N ARG XA 2 -1.94 -60.79 5.21
CA ARG XA 2 -3.13 -61.13 5.99
C ARG XA 2 -4.17 -60.04 5.79
N VAL XA 3 -5.11 -60.29 4.87
CA VAL XA 3 -6.14 -59.28 4.59
C VAL XA 3 -7.12 -59.18 5.76
N ARG XA 4 -7.25 -60.23 6.56
CA ARG XA 4 -8.12 -60.18 7.73
C ARG XA 4 -7.47 -59.38 8.86
N THR XA 5 -6.16 -59.51 9.03
CA THR XA 5 -5.48 -58.78 10.09
C THR XA 5 -5.33 -57.30 9.74
N VAL XA 6 -4.94 -56.99 8.49
CA VAL XA 6 -4.76 -55.60 8.10
C VAL XA 6 -6.09 -54.85 8.10
N LEU XA 7 -7.20 -55.54 7.77
CA LEU XA 7 -8.52 -54.96 7.89
C LEU XA 7 -8.84 -54.66 9.36
N ASP XA 8 -8.50 -55.59 10.24
CA ASP XA 8 -8.60 -55.34 11.68
C ASP XA 8 -7.50 -54.40 12.18
N MET XA 9 -6.37 -54.31 11.46
CA MET XA 9 -5.32 -53.37 11.83
C MET XA 9 -5.79 -51.94 11.64
N ASP XA 10 -6.48 -51.66 10.53
CA ASP XA 10 -7.04 -50.36 10.26
C ASP XA 10 -8.44 -50.18 10.83
N ASP XA 11 -9.01 -51.24 11.41
CA ASP XA 11 -10.29 -51.11 12.11
C ASP XA 11 -10.30 -50.09 13.25
N PRO XA 12 -9.33 -50.06 14.17
CA PRO XA 12 -9.47 -49.13 15.29
C PRO XA 12 -9.20 -47.68 14.93
N ALA XA 13 -8.18 -47.43 14.09
CA ALA XA 13 -7.78 -46.06 13.81
C ALA XA 13 -8.80 -45.32 12.96
N LYS XA 14 -9.46 -45.99 12.03
CA LYS XA 14 -10.32 -45.28 11.09
C LYS XA 14 -11.43 -46.21 10.60
N GLU XA 15 -12.68 -45.85 10.88
CA GLU XA 15 -13.83 -46.65 10.47
C GLU XA 15 -14.35 -46.33 9.08
N GLU XA 16 -13.78 -45.34 8.40
CA GLU XA 16 -14.28 -44.92 7.09
C GLU XA 16 -13.43 -45.44 5.94
N THR XA 17 -12.57 -46.43 6.18
CA THR XA 17 -11.66 -46.93 5.17
C THR XA 17 -12.41 -47.66 4.06
N VAL XA 18 -11.92 -47.51 2.82
CA VAL XA 18 -12.47 -48.24 1.67
C VAL XA 18 -12.44 -49.74 1.92
N LYS XA 19 -11.32 -50.24 2.46
CA LYS XA 19 -11.14 -51.67 2.70
C LYS XA 19 -12.19 -52.22 3.65
N GLU XA 20 -12.73 -51.37 4.52
CA GLU XA 20 -13.83 -51.74 5.41
C GLU XA 20 -15.18 -51.61 4.73
N LEU XA 21 -15.40 -50.49 4.02
CA LEU XA 21 -16.68 -50.23 3.39
C LEU XA 21 -16.96 -51.13 2.20
N ARG XA 22 -15.96 -51.83 1.67
CA ARG XA 22 -16.18 -52.80 0.61
C ARG XA 22 -16.19 -54.20 1.21
N LYS XA 23 -17.07 -55.05 0.67
CA LYS XA 23 -17.22 -56.44 1.10
C LYS XA 23 -17.53 -56.55 2.59
N ASP XA 24 -18.32 -55.60 3.09
CA ASP XA 24 -18.72 -55.64 4.49
C ASP XA 24 -19.91 -56.56 4.75
N ILE XA 25 -20.48 -57.12 3.68
CA ILE XA 25 -21.60 -58.06 3.84
C ILE XA 25 -21.13 -59.35 4.48
N ASN XA 26 -19.93 -59.81 4.13
CA ASN XA 26 -19.44 -61.09 4.62
C ASN XA 26 -19.04 -61.01 6.10
N ASN XA 27 -18.66 -59.84 6.57
CA ASN XA 27 -18.27 -59.67 7.97
C ASN XA 27 -19.50 -59.69 8.86
O1 OEX YA . 47.45 -1.78 -14.36
CA1 OEX YA . 46.05 -1.31 -16.22
MN1 OEX YA . 46.47 -1.94 -12.86
O2 OEX YA . 45.86 -3.77 -15.93
MN2 OEX YA . 47.50 -3.76 -14.61
O3 OEX YA . 46.00 -3.62 -13.14
MN3 OEX YA . 44.60 -3.93 -14.54
O4 OEX YA . 43.09 -4.18 -15.93
MN4 OEX YA . 42.44 -2.27 -15.51
O5 OEX YA . 44.26 -1.60 -14.09
FE FE2 ZA . 18.52 32.33 -26.23
CL CL AB . 39.47 -3.10 -8.76
CL CL BB . 51.85 -8.98 -13.46
MG CLA CB . 36.00 13.29 -12.85
CHA CLA CB . 35.82 12.43 -16.18
CHB CLA CB . 34.16 16.14 -13.44
CHC CLA CB . 36.19 13.99 -9.63
CHD CLA CB . 37.91 10.36 -12.26
NA CLA CB . 35.07 14.21 -14.62
C1A CLA CB . 35.11 13.72 -15.86
C2A CLA CB . 34.39 14.60 -16.83
C3A CLA CB . 33.92 15.76 -15.95
C4A CLA CB . 34.39 15.37 -14.59
CMA CLA CB . 34.31 17.14 -16.45
CAA CLA CB . 33.13 13.87 -17.29
CBA CLA CB . 32.32 14.68 -18.27
CGA CLA CB . 31.65 13.72 -19.22
O1A CLA CB . 30.72 13.05 -18.82
O2A CLA CB . 32.14 13.63 -20.44
NB CLA CB . 35.28 14.82 -11.71
C1B CLA CB . 34.55 15.90 -12.11
C2B CLA CB . 34.26 16.75 -10.98
C3B CLA CB . 34.84 16.13 -9.90
C4B CLA CB . 35.48 14.92 -10.39
CMB CLA CB . 33.46 18.03 -11.07
CAB CLA CB . 34.90 16.48 -8.45
CBB CLA CB . 34.11 17.55 -7.76
NC CLA CB . 36.82 12.28 -11.20
C1C CLA CB . 36.81 12.77 -9.97
C2C CLA CB . 37.55 11.91 -9.03
C3C CLA CB . 37.98 10.86 -9.78
C4C CLA CB . 37.53 11.11 -11.14
CMC CLA CB . 37.75 12.12 -7.57
CAC CLA CB . 38.77 9.70 -9.27
CBC CLA CB . 37.84 8.67 -8.66
ND CLA CB . 36.73 11.75 -13.86
C1D CLA CB . 37.46 10.65 -13.58
C2D CLA CB . 37.71 9.82 -14.76
C3D CLA CB . 37.07 10.54 -15.77
C4D CLA CB . 36.49 11.68 -15.22
CMD CLA CB . 38.44 8.54 -15.01
CAD CLA CB . 36.79 10.51 -17.18
OBD CLA CB . 36.93 9.53 -17.91
CBD CLA CB . 36.00 11.74 -17.51
CGD CLA CB . 36.75 12.63 -18.45
O1D CLA CB . 37.80 13.15 -18.11
O2D CLA CB . 36.25 12.87 -19.66
CED CLA CB . 36.60 11.91 -20.65
C1 CLA CB . 31.31 13.84 -21.62
C2 CLA CB . 30.06 13.04 -21.94
C3 CLA CB . 30.05 11.71 -22.08
C4 CLA CB . 31.27 10.86 -21.90
C5 CLA CB . 28.79 10.97 -22.41
C6 CLA CB . 28.81 10.74 -23.91
C7 CLA CB . 27.40 10.78 -24.51
C8 CLA CB . 27.32 9.81 -25.68
C9 CLA CB . 27.98 10.41 -26.92
C10 CLA CB . 25.86 9.48 -25.95
C11 CLA CB . 25.20 8.90 -24.71
C12 CLA CB . 24.28 7.74 -25.06
C13 CLA CB . 23.06 7.71 -24.16
C14 CLA CB . 22.71 6.29 -23.77
C15 CLA CB . 21.89 8.39 -24.86
C16 CLA CB . 20.64 8.37 -23.99
C17 CLA CB . 19.40 8.18 -24.85
C18 CLA CB . 18.13 8.33 -24.02
C19 CLA CB . 18.01 7.20 -23.01
C20 CLA CB . 18.09 9.69 -23.32
MG CLA DB . 27.89 8.53 -16.46
CHA CLA DB . 26.02 9.15 -13.63
CHB CLA DB . 25.05 7.70 -18.23
CHC CLA DB . 29.75 8.15 -19.16
CHD CLA DB . 30.81 9.43 -14.67
NA CLA DB . 25.73 8.44 -16.01
C1A CLA DB . 25.17 8.71 -14.82
C2A CLA DB . 23.68 8.54 -14.87
C3A CLA DB . 23.43 8.06 -16.31
C4A CLA DB . 24.79 8.07 -16.91
CMA CLA DB . 22.53 6.85 -16.53
CAA CLA DB . 23.00 9.88 -14.63
CBA CLA DB . 22.77 10.75 -15.88
CGA CLA DB . 23.85 11.79 -16.07
O1A CLA DB . 25.02 11.44 -16.12
O2A CLA DB . 23.51 13.05 -16.18
NB CLA DB . 27.46 8.03 -18.39
C1B CLA DB . 26.27 7.67 -18.93
C2B CLA DB . 26.43 7.28 -20.31
C3B CLA DB . 27.78 7.41 -20.55
C4B CLA DB . 28.40 7.88 -19.33
CMB CLA DB . 25.34 6.81 -21.22
CAB CLA DB . 28.59 7.15 -21.77
CBB CLA DB . 28.11 7.35 -23.19
NC CLA DB . 29.94 8.74 -16.84
C1C CLA DB . 30.49 8.53 -18.02
C2C CLA DB . 31.95 8.71 -18.04
C3C CLA DB . 32.24 9.07 -16.75
C4C CLA DB . 30.99 9.07 -16.00
CMC CLA DB . 32.83 8.56 -19.26
CAC CLA DB . 33.61 9.38 -16.18
CBC CLA DB . 34.44 8.11 -16.14
ND CLA DB . 28.39 9.16 -14.66
C1D CLA DB . 29.55 9.45 -14.00
C2D CLA DB . 29.32 9.77 -12.60
C3D CLA DB . 27.94 9.64 -12.47
C4D CLA DB . 27.40 9.28 -13.70
CMD CLA DB . 30.21 10.15 -11.43
CAD CLA DB . 26.87 9.75 -11.50
OBD CLA DB . 27.00 9.85 -10.30
CBD CLA DB . 25.58 9.49 -12.22
CGD CLA DB . 24.88 8.30 -11.62
O1D CLA DB . 25.52 7.38 -11.13
O2D CLA DB . 23.55 8.25 -11.64
CED CLA DB . 22.93 7.19 -10.92
C1 CLA DB . 22.39 13.45 -17.03
C2 CLA DB . 22.35 13.10 -18.50
C3 CLA DB . 21.24 13.32 -19.22
C4 CLA DB . 19.99 13.89 -18.60
C5 CLA DB . 21.15 12.99 -20.70
C6 CLA DB . 20.33 11.73 -20.88
C7 CLA DB . 21.21 10.49 -20.73
C8 CLA DB . 20.53 9.41 -19.91
C9 CLA DB . 20.19 9.92 -18.51
C10 CLA DB . 21.45 8.20 -19.82
C11 CLA DB . 20.67 6.90 -19.78
C12 CLA DB . 21.55 5.72 -20.20
C13 CLA DB . 20.94 4.41 -19.75
C14 CLA DB . 22.00 3.32 -19.71
C15 CLA DB . 19.80 4.04 -20.70
C16 CLA DB . 20.33 3.64 -22.07
C17 CLA DB . 19.19 3.49 -23.07
C18 CLA DB . 18.49 2.15 -22.92
C19 CLA DB . 17.43 1.97 -24.00
C20 CLA DB . 19.48 0.98 -22.95
MG CLA EB . 36.69 24.23 -6.46
CHA CLA EB . 38.63 23.58 -9.24
CHB CLA EB . 37.45 27.60 -6.66
CHC CLA EB . 34.75 24.75 -3.84
CHD CLA EB . 35.82 20.81 -6.34
NA CLA EB . 37.91 25.49 -7.81
C1A CLA EB . 38.59 25.05 -8.87
C2A CLA EB . 39.30 26.18 -9.59
C3A CLA EB . 38.91 27.40 -8.74
C4A CLA EB . 38.04 26.82 -7.67
CMA CLA EB . 40.00 28.41 -8.37
CAA CLA EB . 38.70 26.42 -10.97
CBA CLA EB . 37.22 26.06 -11.06
CGA CLA EB . 36.51 26.87 -12.11
O1A CLA EB . 37.17 27.44 -12.96
O2A CLA EB . 35.19 26.93 -12.07
NB CLA EB . 36.17 25.91 -5.42
C1B CLA EB . 36.60 27.19 -5.61
C2B CLA EB . 36.03 28.06 -4.61
C3B CLA EB . 35.27 27.23 -3.82
C4B CLA EB . 35.38 25.88 -4.35
CMB CLA EB . 36.23 29.54 -4.47
CAB CLA EB . 34.47 27.60 -2.63
CBB CLA EB . 35.14 28.12 -1.38
NC CLA EB . 35.45 22.98 -5.30
C1C CLA EB . 34.77 23.39 -4.25
C2C CLA EB . 34.07 22.30 -3.55
C3C CLA EB . 34.38 21.18 -4.29
C4C CLA EB . 35.25 21.63 -5.37
CMC CLA EB . 33.20 22.43 -2.32
CAC CLA EB . 33.93 19.77 -4.03
CBC CLA EB . 34.70 19.16 -2.89
ND CLA EB . 37.03 22.58 -7.48
C1D CLA EB . 36.71 21.26 -7.35
C2D CLA EB . 37.38 20.42 -8.33
C3D CLA EB . 38.14 21.34 -9.06
C4D CLA EB . 37.92 22.62 -8.54
CMD CLA EB . 37.39 18.95 -8.61
CAD CLA EB . 39.06 21.44 -10.17
OBD CLA EB . 39.68 20.51 -10.66
CBD CLA EB . 39.38 22.89 -10.37
CGD CLA EB . 40.86 23.11 -10.20
O1D CLA EB . 41.51 22.42 -9.44
O2D CLA EB . 41.47 24.08 -10.89
CED CLA EB . 42.88 24.17 -10.75
C1 CLA EB . 34.41 27.62 -13.10
C2 CLA EB . 34.53 29.11 -13.31
C3 CLA EB . 33.50 29.81 -13.81
C4 CLA EB . 33.62 31.29 -14.03
CHA PHO FB . 24.03 15.06 -27.16
CHB PHO FB . 24.20 12.26 -23.21
CHC PHO FB . 27.54 15.21 -21.15
CHD PHO FB . 27.34 18.18 -25.02
NA PHO FB . 24.22 13.92 -25.03
C1A PHO FB . 23.74 13.99 -26.36
C2A PHO FB . 22.89 12.78 -26.69
C3A PHO FB . 22.74 12.10 -25.30
C4A PHO FB . 23.79 12.81 -24.47
CMA PHO FB . 21.35 12.28 -24.74
CAA PHO FB . 23.52 11.84 -27.69
CBA PHO FB . 22.42 11.09 -28.40
CGA PHO FB . 22.77 9.65 -28.59
O1A PHO FB . 23.89 9.11 -28.59
O2A PHO FB . 21.67 8.88 -28.80
NB PHO FB . 25.84 13.97 -22.47
C1B PHO FB . 25.13 12.78 -22.36
C2B PHO FB . 25.56 12.14 -21.08
C3B PHO FB . 26.50 12.97 -20.49
C4B PHO FB . 26.70 14.16 -21.37
CMB PHO FB . 24.99 10.88 -20.64
CAB PHO FB . 27.22 12.82 -19.26
CBB PHO FB . 27.86 11.71 -18.84
NC PHO FB . 27.23 16.47 -23.23
C1C PHO FB . 27.81 16.30 -22.04
C2C PHO FB . 28.73 17.44 -21.76
C3C PHO FB . 28.67 18.28 -22.84
C4C PHO FB . 27.72 17.68 -23.81
CMC PHO FB . 29.53 17.56 -20.53
CAC PHO FB . 29.41 19.55 -23.06
CBC PHO FB . 30.50 19.44 -24.09
ND PHO FB . 25.89 16.29 -25.80
C1D PHO FB . 26.49 17.56 -25.99
C2D PHO FB . 26.06 18.05 -27.27
C3D PHO FB . 25.14 17.12 -27.78
C4D PHO FB . 25.02 16.07 -26.80
CMD PHO FB . 26.50 19.30 -27.90
CAD PHO FB . 24.24 16.81 -28.88
OBD PHO FB . 24.09 17.41 -29.93
CBD PHO FB . 23.48 15.49 -28.49
CGD PHO FB . 21.99 15.68 -28.51
O1D PHO FB . 21.17 15.26 -29.33
O2D PHO FB . 21.53 16.40 -27.46
CED PHO FB . 20.12 16.34 -27.20
C1 PHO FB . 21.87 7.69 -29.58
C2 PHO FB . 21.85 6.55 -28.61
C3 PHO FB . 20.71 5.99 -28.18
C4 PHO FB . 19.38 6.46 -28.62
C5 PHO FB . 20.72 4.87 -27.22
C6 PHO FB . 22.10 4.24 -27.03
C7 PHO FB . 22.12 3.31 -25.83
C8 PHO FB . 23.42 2.53 -25.74
C9 PHO FB . 23.55 1.58 -26.89
C10 PHO FB . 23.48 1.82 -24.40
C11 PHO FB . 24.75 1.01 -24.21
C12 PHO FB . 26.00 1.88 -24.15
C13 PHO FB . 25.97 2.87 -23.00
C14 PHO FB . 27.19 3.77 -23.07
C15 PHO FB . 25.91 2.16 -21.66
C16 PHO FB . 25.87 3.13 -20.50
C17 PHO FB . 25.93 2.39 -19.18
C18 PHO FB . 26.21 3.29 -17.98
C19 PHO FB . 27.23 4.36 -18.28
C20 PHO FB . 24.93 3.92 -17.46
CHA PHO GB . 28.51 33.83 -9.86
CHB PHO GB . 32.53 31.23 -9.02
CHC PHO GB . 30.07 27.04 -9.60
CHD PHO GB . 25.98 29.55 -10.46
NA PHO GB . 30.36 32.31 -9.44
C1A PHO GB . 29.84 33.63 -9.60
C2A PHO GB . 30.97 34.65 -9.46
C3A PHO GB . 32.21 33.77 -9.15
C4A PHO GB . 31.65 32.35 -9.22
CMA PHO GB . 33.31 33.98 -10.17
CAA PHO GB . 30.77 35.73 -8.40
CBA PHO GB . 31.32 35.32 -7.06
CGA PHO GB . 31.50 36.51 -6.18
O1A PHO GB . 31.95 37.62 -6.47
O2A PHO GB . 31.09 36.28 -4.90
NB PHO GB . 30.97 29.33 -9.33
C1B PHO GB . 32.21 29.91 -9.06
C2B PHO GB . 33.17 28.79 -8.83
C3B PHO GB . 32.48 27.59 -8.99
C4B PHO GB . 31.07 27.92 -9.33
CMB PHO GB . 34.57 29.07 -8.54
CAB PHO GB . 32.90 26.21 -8.94
CBB PHO GB . 33.99 25.70 -8.34
NC PHO GB . 28.19 28.57 -9.96
C1C PHO GB . 28.70 27.35 -9.91
C2C PHO GB . 27.65 26.34 -10.24
C3C PHO GB . 26.48 27.04 -10.47
C4C PHO GB . 26.81 28.48 -10.29
CMC PHO GB . 27.86 24.89 -10.32
CAC PHO GB . 25.16 26.52 -10.84
CBC PHO GB . 24.17 26.50 -9.70
ND PHO GB . 27.52 31.41 -9.72
C1D PHO GB . 26.28 30.92 -10.20
C2D PHO GB . 25.42 32.06 -10.39
C3D PHO GB . 26.22 33.21 -10.20
C4D PHO GB . 27.55 32.75 -9.90
CMD PHO GB . 23.99 32.02 -10.72
CAD PHO GB . 26.22 34.65 -10.21
OBD PHO GB . 25.29 35.45 -10.22
CBD PHO GB . 27.72 35.08 -10.19
CGD PHO GB . 28.07 35.67 -11.53
O1D PHO GB . 27.90 36.82 -11.94
O2D PHO GB . 28.68 34.76 -12.35
CED PHO GB . 29.79 35.23 -13.11
C1 PHO GB . 31.26 37.36 -3.96
C2 PHO GB . 31.78 36.74 -2.72
C3 PHO GB . 33.08 36.45 -2.55
C4 PHO GB . 34.10 36.72 -3.58
C5 PHO GB . 33.56 35.83 -1.28
C6 PHO GB . 33.31 34.33 -1.29
C7 PHO GB . 34.56 33.53 -1.00
C8 PHO GB . 34.39 32.01 -1.01
C9 PHO GB . 32.94 31.56 -0.92
C10 PHO GB . 35.19 31.40 0.15
C11 PHO GB . 36.66 31.77 0.08
C12 PHO GB . 37.33 31.10 -1.10
C13 PHO GB . 38.65 31.77 -1.46
C14 PHO GB . 38.45 33.26 -1.68
C15 PHO GB . 39.25 31.14 -2.71
C16 PHO GB . 39.50 29.66 -2.52
C17 PHO GB . 39.86 29.03 -3.84
C18 PHO GB . 40.36 27.60 -3.68
C19 PHO GB . 40.81 27.05 -5.01
C20 PHO GB . 39.28 26.73 -3.08
MG CLA HB . 27.21 -5.87 -36.71
CHA CLA HB . 29.79 -7.49 -35.10
CHB CLA HB . 29.39 -3.45 -37.88
CHC CLA HB . 24.67 -4.44 -38.25
CHD CLA HB . 24.99 -8.33 -35.50
NA CLA HB . 29.37 -5.49 -36.53
C1A CLA HB . 30.24 -6.24 -35.85
C2A CLA HB . 31.64 -5.71 -35.94
C3A CLA HB . 31.47 -4.44 -36.78
C4A CLA HB . 30.00 -4.43 -37.08
CMA CLA HB . 32.16 -3.16 -36.34
CAA CLA HB . 32.51 -6.64 -36.77
CBA CLA HB . 31.76 -7.26 -37.95
CGA CLA HB . 32.73 -7.93 -38.89
O1A CLA HB . 33.83 -8.25 -38.47
O2A CLA HB . 32.35 -8.18 -40.13
NB CLA HB . 27.06 -4.22 -37.88
C1B CLA HB . 28.04 -3.34 -38.25
C2B CLA HB . 27.49 -2.31 -39.10
C3B CLA HB . 26.15 -2.60 -39.18
C4B CLA HB . 25.90 -3.81 -38.41
CMB CLA HB . 28.24 -1.16 -39.71
CAB CLA HB . 25.10 -1.87 -39.92
CBB CLA HB . 24.81 -0.44 -39.59
NC CLA HB . 25.18 -6.37 -36.93
C1C CLA HB . 24.30 -5.61 -37.57
C2C CLA HB . 22.92 -6.14 -37.47
C3C CLA HB . 23.04 -7.28 -36.73
C4C CLA HB . 24.45 -7.40 -36.39
CMC CLA HB . 21.67 -5.55 -38.08
CAC CLA HB . 21.93 -8.22 -36.33
CBC CLA HB . 21.96 -9.44 -37.22
ND CLA HB . 27.26 -7.50 -35.60
C1D CLA HB . 26.36 -8.42 -35.17
C2D CLA HB . 26.98 -9.44 -34.35
C3D CLA HB . 28.32 -9.07 -34.32
C4D CLA HB . 28.47 -7.91 -35.08
CMD CLA HB . 26.45 -10.66 -33.63
CAD CLA HB . 29.61 -9.46 -33.79
OBD CLA HB . 29.77 -10.23 -32.86
CBD CLA HB . 30.60 -8.45 -34.26
CGD CLA HB . 31.17 -7.71 -33.08
O1D CLA HB . 30.46 -7.01 -32.39
O2D CLA HB . 32.46 -7.82 -32.76
CED CLA HB . 32.74 -7.94 -31.37
C1 CLA HB . 33.12 -7.64 -41.26
C2 CLA HB . 32.47 -6.86 -42.37
C3 CLA HB . 33.07 -6.72 -43.55
C4 CLA HB . 34.42 -7.32 -43.82
C5 CLA HB . 32.45 -5.95 -44.70
C6 CLA HB . 33.44 -4.93 -45.23
C7 CLA HB . 32.75 -3.58 -45.42
C8 CLA HB . 33.20 -2.90 -46.71
C9 CLA HB . 32.96 -3.80 -47.92
C10 CLA HB . 34.66 -2.49 -46.61
C11 CLA HB . 34.88 -1.50 -45.47
C12 CLA HB . 35.60 -0.25 -45.96
C13 CLA HB . 36.96 -0.11 -45.28
C14 CLA HB . 36.82 0.53 -43.90
C15 CLA HB . 37.89 0.71 -46.16
C1 BCR IB . 17.17 1.82 -42.36
C2 BCR IB . 17.72 2.07 -43.76
C3 BCR IB . 18.52 0.90 -44.30
C4 BCR IB . 17.69 -0.37 -44.35
C5 BCR IB . 16.65 -0.43 -43.28
C6 BCR IB . 16.71 0.39 -42.22
C7 BCR IB . 16.27 -0.10 -40.91
C8 BCR IB . 16.93 -1.00 -40.20
C9 BCR IB . 16.56 -1.52 -38.91
C10 BCR IB . 17.19 -2.73 -38.41
C11 BCR IB . 17.78 -3.36 -37.29
C33 BCR IB . 15.53 -1.41 -43.42
C31 BCR IB . 15.98 2.72 -42.09
C32 BCR IB . 18.27 2.08 -41.35
C34 BCR IB . 15.50 -0.84 -38.09
C12 BCR IB . 18.33 -3.92 -36.38
C13 BCR IB . 18.39 -4.67 -35.18
C14 BCR IB . 19.51 -5.41 -35.02
C15 BCR IB . 19.80 -6.26 -33.91
C16 BCR IB . 20.70 -7.03 -33.26
C17 BCR IB . 20.45 -7.70 -32.19
C18 BCR IB . 21.18 -8.71 -31.68
C19 BCR IB . 20.81 -9.39 -30.44
C20 BCR IB . 21.23 -10.03 -29.37
C21 BCR IB . 21.24 -10.72 -28.12
C22 BCR IB . 22.17 -11.59 -27.68
C23 BCR IB . 21.98 -12.18 -26.36
C24 BCR IB . 22.99 -12.98 -25.60
C25 BCR IB . 22.63 -13.50 -24.26
C26 BCR IB . 22.86 -12.71 -23.20
C27 BCR IB . 22.33 -13.03 -21.82
C28 BCR IB . 21.59 -14.36 -21.75
C29 BCR IB . 22.17 -15.40 -22.70
C30 BCR IB . 22.02 -14.90 -24.13
C35 BCR IB . 17.30 -4.64 -34.16
C36 BCR IB . 22.42 -9.15 -32.40
C37 BCR IB . 23.36 -11.93 -28.52
C38 BCR IB . 23.65 -11.44 -23.33
C39 BCR IB . 20.55 -14.89 -24.52
C40 BCR IB . 22.80 -15.85 -25.03
O6 SQD JB . 35.05 38.41 -29.44
C44 SQD JB . 34.87 37.29 -28.62
C45 SQD JB . 33.97 36.24 -29.32
C46 SQD JB . 34.60 35.66 -30.61
O47 SQD JB . 33.89 35.14 -28.43
C7 SQD JB . 33.23 35.34 -27.25
O49 SQD JB . 32.26 36.04 -27.16
C8 SQD JB . 33.89 34.56 -26.14
C9 SQD JB . 35.41 34.58 -26.31
C10 SQD JB . 36.13 33.53 -25.48
C11 SQD JB . 35.78 32.11 -25.95
C12 SQD JB . 36.30 31.05 -24.97
C13 SQD JB . 37.80 30.77 -25.16
C14 SQD JB . 38.56 30.75 -23.83
C15 SQD JB . 38.86 32.17 -23.31
C16 SQD JB . 39.88 32.15 -22.16
C17 SQD JB . 41.17 32.88 -22.53
C18 SQD JB . 41.99 32.09 -23.56
C19 SQD JB . 42.47 30.74 -23.01
O48 SQD JB . 36.00 35.92 -30.56
C23 SQD JB . 36.83 34.91 -30.89
O10 SQD JB . 36.39 33.87 -31.36
C24 SQD JB . 38.28 35.24 -30.64
C25 SQD JB . 39.14 33.97 -30.57
C26 SQD JB . 40.63 34.29 -30.39
C27 SQD JB . 41.42 33.07 -29.88
C28 SQD JB . 42.93 33.36 -29.86
C29 SQD JB . 43.73 32.21 -29.23
C30 SQD JB . 43.62 32.18 -27.70
C31 SQD JB . 44.49 33.24 -27.03
C32 SQD JB . 45.96 32.84 -27.00
C33 SQD JB . 46.83 33.74 -27.89
C34 SQD JB . 48.20 33.10 -28.17
C35 SQD JB . 48.08 31.72 -28.83
C36 SQD JB . 49.44 31.07 -29.05
C37 SQD JB . 50.05 30.57 -27.75
C38 SQD JB . 51.45 30.01 -27.95
C1 SQD JB . 33.85 39.07 -29.74
C2 SQD JB . 33.77 40.33 -28.84
O2 SQD JB . 32.72 40.22 -27.92
C3 SQD JB . 33.57 41.57 -29.74
O3 SQD JB . 34.81 41.79 -30.34
C4 SQD JB . 32.49 41.34 -30.84
O4 SQD JB . 31.25 41.37 -30.21
C5 SQD JB . 32.76 39.98 -31.57
C6 SQD JB . 32.89 40.18 -33.06
O5 SQD JB . 33.97 39.48 -31.07
S SQD JB . 34.54 40.57 -33.69
O7 SQD JB . 34.25 41.13 -34.97
O8 SQD JB . 35.18 39.29 -33.74
O9 SQD JB . 35.11 41.50 -32.77
C1 LMG KB . 37.74 -10.38 -38.13
O1 LMG KB . 37.34 -9.34 -39.03
C2 LMG KB . 36.80 -11.58 -38.26
O2 LMG KB . 35.46 -11.17 -37.95
C3 LMG KB . 37.26 -12.65 -37.27
O3 LMG KB . 36.45 -13.82 -37.40
C4 LMG KB . 38.72 -13.01 -37.53
O4 LMG KB . 38.83 -13.66 -38.81
C5 LMG KB . 39.59 -11.76 -37.50
O5 LMG KB . 41.86 -10.99 -37.54
C6 LMG KB . 41.02 -12.10 -37.88
O6 LMG KB . 39.08 -10.79 -38.41
C7 LMG KB . 38.33 -8.31 -39.01
C8 LMG KB . 37.77 -6.96 -39.48
C9 LMG KB . 38.05 -6.76 -40.96
O7 LMG KB . 36.37 -6.87 -39.20
C10 LMG KB . 36.02 -5.58 -39.01
O9 LMG KB . 36.45 -4.98 -38.04
C11 LMG KB . 35.11 -4.89 -40.00
C12 LMG KB . 34.38 -3.73 -39.34
C13 LMG KB . 33.57 -2.98 -40.39
C14 LMG KB . 33.12 -1.62 -39.89
C15 LMG KB . 32.60 -0.79 -41.05
C16 LMG KB . 32.18 0.60 -40.62
C17 LMG KB . 31.81 1.43 -41.84
C18 LMG KB . 31.37 2.81 -41.43
C19 LMG KB . 31.09 3.74 -42.34
C20 LMG KB . 31.22 3.45 -43.82
C21 LMG KB . 32.59 3.87 -44.31
C22 LMG KB . 32.91 3.72 -45.59
O8 LMG KB . 39.19 -5.92 -41.10
C28 LMG KB . 39.16 -4.88 -41.94
O10 LMG KB . 38.18 -4.71 -42.66
C29 LMG KB . 40.34 -3.94 -42.00
C30 LMG KB . 39.96 -2.67 -42.75
C31 LMG KB . 41.01 -1.57 -42.56
C32 LMG KB . 41.38 -1.41 -41.09
C33 LMG KB . 41.81 0.01 -40.76
C34 LMG KB . 40.60 0.94 -40.71
C35 LMG KB . 40.99 2.34 -40.26
C36 LMG KB . 41.77 2.26 -38.97
C37 LMG KB . 41.71 3.22 -38.06
C38 LMG KB . 40.84 4.45 -38.26
C39 LMG KB . 41.32 5.54 -37.34
C40 LMG KB . 40.56 6.60 -37.07
C41 LMG KB . 39.18 6.74 -37.67
C42 LMG KB . 38.49 7.95 -37.05
C43 LMG KB . 37.21 8.19 -37.31
NA NA LB . 47.91 -7.55 -6.00
MG CLA MB . 21.02 38.42 33.53
CHA CLA MB . 21.31 38.49 36.97
CHB CLA MB . 17.67 39.23 33.75
CHC CLA MB . 20.90 38.49 30.24
CHD CLA MB . 24.45 37.57 33.32
NA CLA MB . 19.61 38.84 35.18
C1A CLA MB . 19.91 38.81 36.48
C2A CLA MB . 18.71 39.11 37.34
C3A CLA MB . 17.59 39.33 36.30
C4A CLA MB . 18.31 39.13 35.00
CMA CLA MB . 16.24 38.66 36.51
CAA CLA MB . 18.86 40.42 38.12
CBA CLA MB . 19.62 41.48 37.33
CGA CLA MB . 19.49 42.82 38.03
O1A CLA MB . 18.63 43.59 37.65
O2A CLA MB . 20.28 43.09 39.04
NB CLA MB . 19.52 38.82 32.20
C1B CLA MB . 18.21 39.09 32.46
C2B CLA MB . 17.48 39.23 31.22
C3B CLA MB . 18.39 39.00 30.22
C4B CLA MB . 19.68 38.75 30.86
CMB CLA MB . 16.01 39.53 31.06
CAB CLA MB . 18.09 39.05 28.77
CBB CLA MB . 18.63 38.07 27.75
NC CLA MB . 22.47 38.15 32.03
C1C CLA MB . 22.18 38.15 30.73
C2C CLA MB . 23.33 37.75 29.88
C3C CLA MB . 24.34 37.52 30.77
C4C CLA MB . 23.79 37.77 32.11
CMC CLA MB . 23.35 37.65 28.38
CAC CLA MB . 25.74 37.09 30.45
CBC CLA MB . 25.80 35.59 30.25
ND CLA MB . 22.55 38.10 34.74
C1D CLA MB . 23.86 37.76 34.59
C2D CLA MB . 24.53 37.64 35.88
C3D CLA MB . 23.53 37.93 36.79
C4D CLA MB . 22.35 38.20 36.10
CMD CLA MB . 25.92 37.29 36.33
CAD CLA MB . 23.28 38.04 38.21
OBD CLA MB . 24.13 38.01 39.09
CBD CLA MB . 21.83 38.38 38.40
CGD CLA MB . 21.17 37.26 39.12
O1D CLA MB . 21.49 36.10 38.91
O2D CLA MB . 20.21 37.50 40.02
CED CLA MB . 20.40 36.90 41.30
C1 CLA MB . 20.99 44.38 39.10
C2 CLA MB . 21.78 44.87 37.91
C3 CLA MB . 22.90 45.60 38.09
C4 CLA MB . 23.40 45.96 39.46
C5 CLA MB . 23.71 46.12 36.93
C6 CLA MB . 23.81 45.05 35.85
C7 CLA MB . 24.91 44.04 36.16
C8 CLA MB . 24.33 42.66 36.44
C9 CLA MB . 25.01 42.02 37.66
C10 CLA MB . 24.50 41.77 35.21
C11 CLA MB . 23.18 41.66 34.45
C12 CLA MB . 23.43 41.56 32.94
C13 CLA MB . 22.40 42.36 32.16
C14 CLA MB . 22.46 43.84 32.54
C15 CLA MB . 21.01 41.79 32.42
C16 CLA MB . 19.91 42.61 31.76
C17 CLA MB . 18.81 42.90 32.77
C18 CLA MB . 17.47 43.20 32.08
C19 CLA MB . 16.31 42.84 32.99
C20 CLA MB . 17.39 44.65 31.65
MG CLA NB . 17.47 33.06 26.12
CHA CLA NB . 18.61 30.73 23.86
CHB CLA NB . 18.82 31.26 28.73
CHC CLA NB . 16.36 35.38 28.20
CHD CLA NB . 15.98 34.85 23.45
NA CLA NB . 18.61 31.19 26.30
C1A CLA NB . 18.97 30.39 25.29
C2A CLA NB . 19.73 29.18 25.77
C3A CLA NB . 19.76 29.38 27.29
C4A CLA NB . 19.03 30.67 27.48
CMA CLA NB . 19.43 28.21 28.22
CAA CLA NB . 21.17 29.23 25.26
CBA CLA NB . 21.93 27.93 25.53
CGA CLA NB . 21.54 26.83 24.56
O1A CLA NB . 20.49 26.24 24.71
O2A CLA NB . 22.38 26.50 23.59
NB CLA NB . 17.57 33.29 28.14
C1B CLA NB . 18.16 32.46 29.06
C2B CLA NB . 18.01 33.00 30.38
C3B CLA NB . 17.30 34.16 30.22
C4B CLA NB . 17.04 34.33 28.80
CMB CLA NB . 18.52 32.36 31.64
CAB CLA NB . 16.85 35.14 31.23
CBB CLA NB . 17.74 35.66 32.33
NC CLA NB . 16.46 34.89 25.85
C1C CLA NB . 16.04 35.64 26.85
C2C CLA NB . 15.22 36.80 26.39
C3C CLA NB . 15.18 36.66 25.03
C4C CLA NB . 15.94 35.46 24.71
CMC CLA NB . 14.60 37.87 27.25
CAC CLA NB . 14.47 37.56 24.05
CBC CLA NB . 13.04 37.11 23.93
ND CLA NB . 17.26 32.91 24.16
C1D CLA NB . 16.72 33.67 23.17
C2D CLA NB . 17.00 33.11 21.84
C3D CLA NB . 17.72 31.96 22.13
C4D CLA NB . 17.88 31.86 23.52
CMD CLA NB . 16.65 33.50 20.43
CAD CLA NB . 18.40 30.84 21.50
OBD CLA NB . 18.51 30.65 20.31
CBD CLA NB . 18.87 29.94 22.60
CGD CLA NB . 18.00 28.72 22.62
O1D CLA NB . 16.84 28.79 22.27
O2D CLA NB . 18.49 27.57 23.05
CED CLA NB . 18.27 26.45 22.20
C1 CLA NB . 22.89 27.50 22.64
C2 CLA NB . 22.01 28.25 21.69
C3 CLA NB . 22.53 28.80 20.57
C4 CLA NB . 23.99 28.69 20.26
C5 CLA NB . 21.69 29.57 19.59
C6 CLA NB . 22.40 30.85 19.18
C7 CLA NB . 21.91 31.34 17.84
C8 CLA NB . 22.81 30.84 16.71
C9 CLA NB . 23.71 31.96 16.22
C10 CLA NB . 21.93 30.31 15.58
C11 CLA NB . 22.76 29.92 14.36
C12 CLA NB . 21.88 29.29 13.29
C13 CLA NB . 21.67 30.26 12.14
C14 CLA NB . 20.61 29.75 11.17
C15 CLA NB . 23.01 30.58 11.48
C16 CLA NB . 23.26 29.80 10.21
C17 CLA NB . 24.14 28.59 10.46
C18 CLA NB . 24.60 27.96 9.15
C19 CLA NB . 25.42 26.69 9.39
C20 CLA NB . 23.42 27.69 8.23
MG CLA OB . 10.28 27.31 23.59
CHA CLA OB . 11.24 24.15 24.62
CHB CLA OB . 13.57 28.22 23.17
CHC CLA OB . 9.24 30.26 22.52
CHD CLA OB . 6.91 26.38 24.07
NA CLA OB . 12.23 26.30 23.85
C1A CLA OB . 12.41 25.05 24.28
C2A CLA OB . 13.87 24.70 24.40
C3A CLA OB . 14.56 26.02 23.98
C4A CLA OB . 13.41 26.91 23.64
CMA CLA OB . 15.68 26.56 24.85
CAA CLA OB . 14.26 23.64 23.37
CBA CLA OB . 13.49 23.74 22.06
CGA CLA OB . 14.32 24.43 21.01
O1A CLA OB . 15.52 24.23 20.97
O2A CLA OB . 13.73 25.23 20.14
NB CLA OB . 11.26 28.98 22.95
C1B CLA OB . 12.60 29.18 22.84
C2B CLA OB . 12.86 30.51 22.35
C3B CLA OB . 11.63 31.08 22.18
C4B CLA OB . 10.63 30.10 22.56
CMB CLA OB . 14.21 31.09 22.11
CAB CLA OB . 11.30 32.45 21.69
CBB CLA OB . 11.89 33.68 22.34
NC CLA OB . 8.38 28.15 23.28
C1C CLA OB . 8.18 29.40 22.87
C2C CLA OB . 6.75 29.77 22.82
C3C CLA OB . 6.10 28.63 23.24
C4C CLA OB . 7.12 27.64 23.52
CMC CLA OB . 6.16 31.09 22.41
CAC CLA OB . 4.61 28.44 23.38
CBC CLA OB . 4.05 27.73 22.17
ND CLA OB . 9.25 25.74 24.20
C1D CLA OB . 7.93 25.43 24.31
C2D CLA OB . 7.74 24.06 24.73
C3D CLA OB . 9.04 23.57 24.85
C4D CLA OB . 9.93 24.58 24.52
CMD CLA OB . 6.53 23.22 25.02
CAD CLA OB . 9.77 22.37 25.19
OBD CLA OB . 9.33 21.24 25.13
CBD CLA OB . 11.23 22.71 25.10
CGD CLA OB . 11.83 22.57 26.47
O1D CLA OB . 11.44 23.26 27.40
O2D CLA OB . 12.79 21.69 26.68
CED CLA OB . 12.51 20.72 27.69
C1 CLA OB . 14.36 26.48 19.73
C2 CLA OB . 13.55 27.74 19.54
C3 CLA OB . 14.01 28.81 18.89
C4 CLA OB . 15.40 28.85 18.32
C5 CLA OB . 13.16 30.05 18.72
C6 CLA OB . 13.55 30.84 17.48
C7 CLA OB . 12.61 32.03 17.30
C8 CLA OB . 13.39 33.33 17.18
C9 CLA OB . 12.70 34.45 17.96
C10 CLA OB . 13.54 33.71 15.72
C11 CLA OB . 14.27 35.04 15.56
C12 CLA OB . 15.68 34.83 15.05
C13 CLA OB . 16.09 35.93 14.08
C14 CLA OB . 15.83 35.49 12.64
C15 CLA OB . 17.56 36.27 14.30
C16 CLA OB . 18.04 37.34 13.32
C17 CLA OB . 18.13 38.70 14.01
C18 CLA OB . 19.42 38.81 14.82
C19 CLA OB . 20.64 38.68 13.94
C20 CLA OB . 19.45 40.12 15.61
MG CLA PB . 9.75 19.56 13.34
CHA CLA PB . 10.33 20.22 16.69
CHB CLA PB . 8.46 16.46 14.11
CHC CLA PB . 9.12 19.10 10.13
CHD CLA PB . 11.10 22.72 12.53
NA CLA PB . 9.40 18.43 15.21
C1A CLA PB . 9.71 18.85 16.44
C2A CLA PB . 9.37 17.82 17.49
C3A CLA PB . 8.79 16.67 16.65
C4A CLA PB . 8.88 17.18 15.24
CMA CLA PB . 9.15 15.23 17.00
CAA CLA PB . 8.30 18.29 18.46
CBA CLA PB . 7.18 19.04 17.75
CGA CLA PB . 6.75 20.20 18.62
O1A CLA PB . 7.24 21.30 18.43
O2A CLA PB . 5.87 19.97 19.57
NB CLA PB . 8.91 18.02 12.29
C1B CLA PB . 8.48 16.82 12.75
C2B CLA PB . 8.03 16.02 11.63
C3B CLA PB . 8.22 16.77 10.52
C4B CLA PB . 8.78 18.04 10.95
CMB CLA PB . 7.47 14.63 11.63
CAB CLA PB . 7.93 16.38 9.12
CBB CLA PB . 6.94 17.13 8.28
NC CLA PB . 10.03 20.74 11.62
C1C CLA PB . 9.70 20.35 10.40
C2C CLA PB . 10.00 21.36 9.36
C3C CLA PB . 10.55 22.40 10.06
C4C CLA PB . 10.56 22.00 11.47
CMC CLA PB . 9.72 21.22 7.89
CAC CLA PB . 11.03 23.71 9.48
CBC CLA PB . 12.35 23.65 8.76
ND CLA PB . 10.53 21.12 14.26
C1D CLA PB . 11.04 22.32 13.88
C2D CLA PB . 11.50 23.10 15.03
C3D CLA PB . 11.22 22.27 16.11
C4D CLA PB . 10.64 21.08 15.64
CMD CLA PB . 12.13 24.44 15.20
CAD CLA PB . 11.33 22.22 17.54
OBD CLA PB . 11.51 23.19 18.25
CBD CLA PB . 10.68 20.94 17.99
CGD CLA PB . 11.63 20.23 18.91
O1D CLA PB . 11.24 19.35 19.67
O2D CLA PB . 12.92 20.56 18.95
CED CLA PB . 13.79 19.68 19.65
C1 CLA PB . 4.49 20.39 19.45
C2 CLA PB . 4.04 21.65 18.75
C3 CLA PB . 3.15 22.47 19.33
C4 CLA PB . 2.60 22.14 20.70
C5 CLA PB . 2.67 23.73 18.66
C6 CLA PB . 2.17 24.76 19.67
C7 CLA PB . 0.68 25.04 19.49
C8 CLA PB . 0.08 25.67 20.74
C9 CLA PB . 0.21 24.74 21.94
C10 CLA PB . -1.38 26.00 20.47
C11 CLA PB . -1.97 26.87 21.57
C12 CLA PB . -2.33 28.25 21.05
C13 CLA PB . -3.34 28.93 21.95
C14 CLA PB . -4.73 28.92 21.32
C15 CLA PB . -2.89 30.35 22.26
C16 CLA PB . -3.85 31.03 23.24
C17 CLA PB . -3.67 30.49 24.64
C18 CLA PB . -4.06 31.54 25.68
C19 CLA PB . -4.80 30.90 26.85
C20 CLA PB . -2.85 32.32 26.15
MG CLA QB . 1.22 18.87 20.42
CHA CLA QB . 3.86 16.65 20.47
CHB CLA QB . 1.05 18.84 23.86
CHC CLA QB . -1.26 21.04 20.26
CHD CLA QB . 1.37 18.89 16.90
NA CLA QB . 2.34 17.86 22.02
C1A CLA QB . 3.34 17.02 21.85
C2A CLA QB . 3.85 16.48 23.15
C3A CLA QB . 2.92 17.14 24.16
C4A CLA QB . 2.05 18.01 23.33
CMA CLA QB . 2.18 16.20 25.08
CAA CLA QB . 5.27 16.99 23.43
CBA CLA QB . 5.46 18.46 23.06
CGA CLA QB . 6.93 18.77 22.99
O1A CLA QB . 7.66 18.41 23.90
O2A CLA QB . 7.42 19.41 21.95
NB CLA QB . 0.07 19.79 21.83
C1B CLA QB . 0.14 19.67 23.19
C2B CLA QB . -0.85 20.52 23.81
C3B CLA QB . -1.50 21.13 22.77
C4B CLA QB . -0.90 20.66 21.54
CMB CLA QB . -1.09 20.67 25.29
CAB CLA QB . -2.62 22.12 22.77
CBB CLA QB . -3.82 22.03 23.66
NC CLA QB . 0.27 19.88 18.84
C1C CLA QB . -0.77 20.68 18.99
C2C CLA QB . -1.33 21.16 17.72
C3C CLA QB . -0.55 20.57 16.77
C4C CLA QB . 0.45 19.76 17.48
CMC CLA QB . -2.50 22.09 17.56
CAC CLA QB . -0.68 20.72 15.28
CBC CLA QB . 0.22 21.84 14.82
ND CLA QB . 2.25 18.02 18.97
C1D CLA QB . 2.30 18.11 17.61
C2D CLA QB . 3.39 17.31 17.05
C3D CLA QB . 3.98 16.75 18.18
C4D CLA QB . 3.30 17.18 19.31
CMD CLA QB . 3.91 17.04 15.68
CAD CLA QB . 5.06 15.89 18.59
OBD CLA QB . 5.87 15.34 17.85
CBD CLA QB . 4.98 15.71 20.07
CGD CLA QB . 4.59 14.29 20.39
O1D CLA QB . 5.29 13.60 21.11
O2D CLA QB . 3.49 13.75 19.86
CED CLA QB . 2.46 13.40 20.78
C1 CLA QB . 8.00 20.74 22.10
C2 CLA QB . 7.28 21.99 21.64
C3 CLA QB . 7.96 23.00 21.08
C4 CLA QB . 9.46 22.92 20.92
C5 CLA QB . 7.28 24.26 20.60
C6 CLA QB . 8.22 25.45 20.69
C7 CLA QB . 7.60 26.70 20.08
C8 CLA QB . 8.62 27.55 19.31
C9 CLA QB . 10.00 27.51 19.97
C10 CLA QB . 8.10 28.98 19.20
C11 CLA QB . 9.14 29.93 18.64
C12 CLA QB . 8.51 31.05 17.82
C13 CLA QB . 7.66 31.95 18.70
C14 CLA QB . 6.49 32.53 17.91
C15 CLA QB . 8.51 33.06 19.29
C16 CLA QB . 7.70 33.90 20.27
C17 CLA QB . 8.46 35.13 20.73
C18 CLA QB . 8.60 35.17 22.25
C19 CLA QB . 9.33 36.43 22.68
C20 CLA QB . 7.25 35.05 22.94
MG CLA RB . 1.24 21.09 30.66
CHA CLA RB . 0.58 17.98 32.02
CHB CLA RB . 2.55 19.61 27.83
CHC CLA RB . 1.70 24.11 29.38
CHD CLA RB . -0.08 22.59 33.57
NA CLA RB . 1.54 19.02 29.96
C1A CLA RB . 1.23 17.92 30.65
C2A CLA RB . 1.63 16.67 29.90
C3A CLA RB . 2.28 17.21 28.65
C4A CLA RB . 2.13 18.69 28.79
CMA CLA RB . 3.64 16.63 28.30
CAA CLA RB . 0.41 15.91 29.40
CBA CLA RB . -0.83 16.76 29.14
CGA CLA RB . -0.97 17.19 27.70
O1A CLA RB . -0.68 18.35 27.43
O2A CLA RB . -1.36 16.35 26.77
NB CLA RB . 2.00 21.75 28.89
C1B CLA RB . 2.48 21.02 27.86
C2B CLA RB . 2.92 21.87 26.79
C3B CLA RB . 2.69 23.15 27.24
C4B CLA RB . 2.10 23.05 28.57
CMB CLA RB . 3.51 21.41 25.49
CAB CLA RB . 2.95 24.44 26.56
CBB CLA RB . 2.38 24.73 25.20
NC CLA RB . 0.84 23.03 31.35
C1C CLA RB . 1.12 24.14 30.67
C2C CLA RB . 0.73 25.37 31.39
C3C CLA RB . 0.20 24.92 32.56
C4C CLA RB . 0.28 23.46 32.54
CMC CLA RB . 0.87 26.78 30.91
CAC CLA RB . -0.36 25.77 33.67
CBC CLA RB . -1.86 25.88 33.52
ND CLA RB . 0.46 20.54 32.39
C1D CLA RB . -0.06 21.18 33.48
C2D CLA RB . -0.54 20.23 34.48
C3D CLA RB . -0.28 19.00 33.90
C4D CLA RB . 0.31 19.19 32.65
CMD CLA RB . -1.17 20.36 35.83
CAD CLA RB . -0.40 17.57 34.13
OBD CLA RB . -0.96 17.05 35.08
CBD CLA RB . 0.11 16.86 32.91
CGD CLA RB . 1.22 15.94 33.34
O1D CLA RB . 1.81 16.16 34.38
O2D CLA RB . 1.56 14.89 32.61
CED CLA RB . 1.40 13.62 33.23
C1 CLA RB . -1.93 16.87 25.52
C2 CLA RB . -3.19 17.71 25.53
C3 CLA RB . -3.85 18.01 24.39
C4 CLA RB . -3.38 17.55 23.05
C5 CLA RB . -5.12 18.83 24.41
C6 CLA RB . -6.16 18.25 23.47
C7 CLA RB . -7.54 18.84 23.75
C8 CLA RB . -8.62 17.76 23.64
C9 CLA RB . -8.97 17.49 22.19
C10 CLA RB . -9.87 18.19 24.40
C11 CLA RB . -10.77 16.98 24.63
C12 CLA RB . -11.00 16.71 26.11
C13 CLA RB . -10.37 15.40 26.59
C14 CLA RB . -8.87 15.56 26.81
C15 CLA RB . -10.68 14.27 25.61
C16 CLA RB . -10.08 12.96 26.09
C17 CLA RB . -9.27 12.30 24.97
C18 CLA RB . -9.67 10.84 24.78
C19 CLA RB . -9.22 10.00 25.96
C20 CLA RB . -11.16 10.69 24.54
MG CLA SB . 9.65 8.12 11.35
CHA CLA SB . 10.49 4.85 12.12
CHB CLA SB . 12.71 9.25 12.47
CHC CLA SB . 8.79 11.19 10.44
CHD CLA SB . 6.53 6.97 10.16
NA CLA SB . 11.44 7.16 12.21
C1A CLA SB . 11.58 5.86 12.45
C2A CLA SB . 12.92 5.57 13.07
C3A CLA SB . 13.57 6.96 13.19
C4A CLA SB . 12.54 7.86 12.60
CMA CLA SB . 14.20 7.35 14.53
CAA CLA SB . 13.74 4.67 12.14
CBA CLA SB . 14.67 5.36 11.15
CGA CLA SB . 13.97 5.72 9.87
O1A CLA SB . 13.23 6.69 9.85
O2A CLA SB . 14.15 4.99 8.79
NB CLA SB . 10.59 9.93 11.43
C1B CLA SB . 11.83 10.20 11.94
C2B CLA SB . 12.10 11.61 11.83
C3B CLA SB . 10.98 12.16 11.25
C4B CLA SB . 10.04 11.07 11.01
CMB CLA SB . 13.36 12.29 12.28
CAB CLA SB . 10.67 13.58 10.90
CBB CLA SB . 11.65 14.55 10.31
NC CLA SB . 7.95 8.94 10.43
C1C CLA SB . 7.81 10.22 10.14
C2C CLA SB . 6.52 10.52 9.47
C3C CLA SB . 5.89 9.32 9.38
C4C CLA SB . 6.78 8.34 10.00
CMC CLA SB . 6.07 11.86 8.99
CAC CLA SB . 4.54 9.04 8.79
CBC CLA SB . 4.68 8.53 7.37
ND CLA SB . 8.68 6.41 11.14
C1D CLA SB . 7.45 6.03 10.67
C2D CLA SB . 7.24 4.60 10.80
C3D CLA SB . 8.43 4.16 11.36
C4D CLA SB . 9.28 5.24 11.57
CMD CLA SB . 6.10 3.69 10.44
CAD CLA SB . 9.09 2.95 11.81
OBD CLA SB . 8.74 1.81 11.54
CBD CLA SB . 10.45 3.33 12.30
CGD CLA SB . 10.62 2.87 13.72
O1D CLA SB . 11.72 2.83 14.25
O2D CLA SB . 9.57 2.47 14.43
CED CLA SB . 9.29 3.22 15.62
C1 CLA SB . 14.87 5.49 7.62
C2 CLA SB . 14.61 6.86 7.03
C3 CLA SB . 14.83 7.13 5.73
C4 CLA SB . 15.33 6.07 4.79
C5 CLA SB . 14.56 8.51 5.17
C6 CLA SB . 14.43 8.51 3.65
C7 CLA SB . 15.43 9.49 3.02
C8 CLA SB . 14.80 10.25 1.86
C9 CLA SB . 13.69 11.18 2.35
C10 CLA SB . 14.27 9.26 0.82
C11 CLA SB . 13.79 9.98 -0.43
C12 CLA SB . 12.54 9.32 -0.98
C13 CLA SB . 12.58 9.24 -2.50
C14 CLA SB . 12.70 10.61 -3.14
C15 CLA SB . 11.32 8.52 -3.00
C16 CLA SB . 11.67 7.33 -3.88
C17 CLA SB . 11.68 6.04 -3.07
C18 CLA SB . 10.76 5.00 -3.67
C19 CLA SB . 11.45 4.19 -4.75
C20 CLA SB . 10.19 4.09 -2.59
MG CLA TB . 17.10 37.28 4.85
CHA CLA TB . 14.34 39.38 4.86
CHB CLA TB . 17.87 38.20 1.64
CHC CLA TB . 19.76 35.32 5.02
CHD CLA TB . 16.31 36.33 8.16
NA CLA TB . 16.21 38.66 3.37
C1A CLA TB . 15.11 39.40 3.55
C2A CLA TB . 14.81 40.22 2.33
C3A CLA TB . 15.92 39.82 1.34
C4A CLA TB . 16.72 38.84 2.13
CMA CLA TB . 15.55 39.51 -0.11
CAA CLA TB . 14.89 41.73 2.63
CBA CLA TB . 16.30 42.34 2.63
CGA CLA TB . 17.04 42.01 3.90
O1A CLA TB . 16.79 42.60 4.94
O2A CLA TB . 17.97 41.05 3.86
NB CLA TB . 18.59 36.83 3.54
C1B CLA TB . 18.74 37.28 2.26
C2B CLA TB . 19.91 36.69 1.68
C3B CLA TB . 20.44 35.86 2.64
C4B CLA TB . 19.58 35.98 3.81
CMB CLA TB . 20.39 36.95 0.27
CAB CLA TB . 21.64 35.00 2.62
CBB CLA TB . 22.02 34.11 1.47
NC CLA TB . 17.94 36.09 6.36
C1C CLA TB . 19.01 35.32 6.21
C2C CLA TB . 19.32 34.50 7.40
C3C CLA TB . 18.35 34.84 8.29
C4C CLA TB . 17.49 35.81 7.64
CMC CLA TB . 20.46 33.53 7.57
CAC CLA TB . 18.16 34.30 9.68
CBC CLA TB . 17.33 33.04 9.58
ND CLA TB . 15.75 37.68 6.22
C1D CLA TB . 15.49 37.26 7.50
C2D CLA TB . 14.29 37.86 8.03
C3D CLA TB . 13.86 38.68 7.00
C4D CLA TB . 14.72 38.57 5.92
CMD CLA TB . 13.58 37.74 9.34
CAD CLA TB . 12.80 39.61 6.68
OBD CLA TB . 11.76 39.73 7.29
CBD CLA TB . 13.10 40.15 5.32
CGD CLA TB . 11.88 39.95 4.47
O1D CLA TB . 10.83 40.52 4.75
O2D CLA TB . 11.89 39.20 3.37
CED CLA TB . 11.21 39.80 2.29
C1 CLA TB . 18.63 40.57 5.06
C2 CLA TB . 19.92 41.17 5.56
C3 CLA TB . 20.97 40.39 5.88
C4 CLA TB . 20.90 38.91 5.75
C5 CLA TB . 22.27 40.97 6.37
C6 CLA TB . 22.79 40.18 7.57
C7 CLA TB . 24.25 40.52 7.87
C8 CLA TB . 24.53 40.47 9.36
C9 CLA TB . 23.62 41.43 10.11
C10 CLA TB . 26.00 40.78 9.62
C11 CLA TB . 26.31 40.80 11.11
C12 CLA TB . 26.87 39.46 11.58
C13 CLA TB . 28.00 39.67 12.59
C14 CLA TB . 29.32 39.93 11.88
C15 CLA TB . 28.10 38.46 13.52
C16 CLA TB . 28.69 37.24 12.83
C17 CLA TB . 28.67 36.03 13.75
C18 CLA TB . 30.01 35.31 13.73
C19 CLA TB . 30.42 34.87 15.13
C20 CLA TB . 29.98 34.11 12.79
MG CLA UB . 9.66 44.29 17.39
CHA CLA UB . 9.13 46.80 15.08
CHB CLA UB . 8.92 41.89 15.02
CHC CLA UB . 10.25 41.97 19.66
CHD CLA UB . 10.50 46.76 19.78
NA CLA UB . 9.09 44.33 15.26
C1A CLA UB . 8.92 45.42 14.51
C2A CLA UB . 8.50 45.07 13.11
C3A CLA UB . 8.40 43.54 13.16
C4A CLA UB . 8.83 43.21 14.55
CMA CLA UB . 7.08 42.94 12.72
CAA CLA UB . 9.56 45.53 12.11
CBA CLA UB . 10.36 44.43 11.40
CGA CLA UB . 11.74 44.94 11.07
O1A CLA UB . 11.88 45.91 10.38
O2A CLA UB . 12.79 44.30 11.56
NB CLA UB . 9.60 42.25 17.35
C1B CLA UB . 9.28 41.43 16.30
C2B CLA UB . 9.36 40.05 16.72
C3B CLA UB . 9.73 40.09 18.04
C4B CLA UB . 9.88 41.49 18.41
CMB CLA UB . 9.08 38.83 15.87
CAB CLA UB . 9.97 38.97 18.98
CBB CLA UB . 10.92 37.83 18.67
NC CLA UB . 10.31 44.35 19.38
C1C CLA UB . 10.46 43.28 20.14
C2C CLA UB . 10.85 43.62 21.52
C3C CLA UB . 10.93 44.97 21.54
C4C CLA UB . 10.59 45.43 20.20
CMC CLA UB . 11.11 42.64 22.63
CAC CLA UB . 11.30 45.85 22.71
CBC CLA UB . 10.05 46.13 23.53
ND CLA UB . 9.80 46.26 17.52
C1D CLA UB . 10.15 47.16 18.48
C2D CLA UB . 10.11 48.53 17.98
C3D CLA UB . 9.71 48.37 16.66
C4D CLA UB . 9.53 47.02 16.39
CMD CLA UB . 10.40 49.87 18.60
CAD CLA UB . 9.41 49.14 15.47
OBD CLA UB . 9.41 50.35 15.35
CBD CLA UB . 8.94 48.16 14.43
CGD CLA UB . 7.48 48.38 14.14
O1D CLA UB . 6.99 47.99 13.09
O2D CLA UB . 6.70 48.98 15.04
CED CLA UB . 5.53 48.28 15.40
C1 CLA UB . 14.06 44.31 10.84
C2 CLA UB . 14.41 43.27 9.80
C3 CLA UB . 15.58 42.61 9.88
C4 CLA UB . 16.57 42.89 10.98
C5 CLA UB . 15.99 41.56 8.88
C6 CLA UB . 16.55 40.34 9.60
C7 CLA UB . 17.78 39.80 8.89
C8 CLA UB . 18.86 39.40 9.89
C9 CLA UB . 19.73 40.60 10.23
C10 CLA UB . 19.70 38.27 9.30
C11 CLA UB . 20.82 37.87 10.26
C12 CLA UB . 21.68 36.77 9.64
C13 CLA UB . 22.93 36.49 10.48
C14 CLA UB . 23.77 35.38 9.85
C15 CLA UB . 22.51 36.12 11.90
C16 CLA UB . 23.71 35.75 12.76
C17 CLA UB . 24.05 36.86 13.74
C18 CLA UB . 24.27 36.31 15.15
C19 CLA UB . 25.30 35.18 15.16
C20 CLA UB . 24.67 37.42 16.11
MG CLA VB . 6.48 38.05 11.96
CHA CLA VB . 4.40 35.66 13.34
CHB CLA VB . 9.25 36.36 13.12
CHC CLA VB . 8.36 40.29 10.47
CHD CLA VB . 3.62 39.83 10.89
NA CLA VB . 6.82 36.19 13.10
C1A CLA VB . 5.88 35.37 13.56
C2A CLA VB . 6.47 34.20 14.31
C3A CLA VB . 7.97 34.47 14.24
C4A CLA VB . 8.04 35.72 13.43
CMA CLA VB . 8.84 34.38 15.49
CAA CLA VB . 6.17 32.91 13.57
CBA CLA VB . 6.77 31.68 14.26
CGA CLA VB . 5.86 30.50 14.03
O1A CLA VB . 5.13 30.50 13.06
O2A CLA VB . 5.89 29.50 14.89
NB CLA VB . 8.50 38.30 11.79
C1B CLA VB . 9.47 37.54 12.38
C2B CLA VB . 10.76 38.10 12.12
C3B CLA VB . 10.54 39.22 11.37
C4B CLA VB . 9.08 39.33 11.17
CMB CLA VB . 12.07 37.55 12.61
CAB CLA VB . 11.63 40.11 10.89
CBB CLA VB . 11.52 41.32 10.00
NC CLA VB . 6.05 39.74 10.79
C1C CLA VB . 6.98 40.54 10.29
C2C CLA VB . 6.41 41.72 9.58
C3C CLA VB . 5.05 41.53 9.67
C4C CLA VB . 4.84 40.31 10.43
CMC CLA VB . 7.18 42.82 8.91
CAC CLA VB . 3.99 42.45 9.11
CBC CLA VB . 3.44 41.86 7.83
ND CLA VB . 4.51 37.90 12.04
C1D CLA VB . 3.46 38.61 11.58
C2D CLA VB . 2.18 37.97 11.89
C3D CLA VB . 2.57 36.82 12.57
C4D CLA VB . 3.96 36.79 12.65
CMD CLA VB . 0.74 38.31 11.62
CAD CLA VB . 2.04 35.65 13.24
OBD CLA VB . 0.87 35.33 13.32
CBD CLA VB . 3.20 34.88 13.82
CGD CLA VB . 3.13 34.93 15.32
O1D CLA VB . 2.63 34.01 15.94
O2D CLA VB . 3.60 35.98 15.98
CED CLA VB . 4.42 35.68 17.11
C1 CLA VB . 4.72 29.14 15.68
C2 CLA VB . 4.12 30.07 16.70
C3 CLA VB . 3.82 29.64 17.93
C4 CLA VB . 4.06 28.21 18.35
C5 CLA VB . 3.23 30.54 18.99
C6 CLA VB . 1.84 30.02 19.36
C7 CLA VB . 0.83 30.28 18.25
C8 CLA VB . 0.59 31.77 18.07
C9 CLA VB . -0.30 32.31 19.18
C10 CLA VB . -0.02 32.06 16.71
C11 CLA VB . 0.69 31.34 15.58
C12 CLA VB . 0.42 32.00 14.25
C13 CLA VB . 0.58 31.04 13.08
C14 CLA VB . 1.87 30.25 13.20
C15 CLA VB . 0.57 31.79 11.76
C16 CLA VB . -0.63 32.72 11.65
C17 CLA VB . -0.89 33.11 10.21
C18 CLA VB . -0.76 34.61 10.01
C19 CLA VB . 0.71 35.03 9.98
C20 CLA VB . -1.46 35.07 8.75
MG CLA WB . 6.50 27.52 -1.34
CHA CLA WB . 5.29 28.28 -4.46
CHB CLA WB . 3.48 28.41 0.10
CHC CLA WB . 7.73 26.71 1.63
CHD CLA WB . 9.55 26.54 -2.81
NA CLA WB . 4.55 28.25 -2.08
C1A CLA WB . 4.26 28.49 -3.36
C2A CLA WB . 2.84 28.95 -3.52
C3A CLA WB . 2.33 29.01 -2.08
C4A CLA WB . 3.50 28.53 -1.29
CMA CLA WB . 1.65 30.29 -1.63
CAA CLA WB . 1.95 27.90 -4.21
CBA CLA WB . 2.56 26.50 -4.27
CGA CLA WB . 1.63 25.38 -3.90
O1A CLA WB . 1.41 25.18 -2.72
O2A CLA WB . 1.11 24.63 -4.84
NB CLA WB . 5.73 27.54 0.55
C1B CLA WB . 4.51 27.96 0.96
C2B CLA WB . 4.39 27.88 2.38
C3B CLA WB . 5.61 27.40 2.83
C4B CLA WB . 6.43 27.19 1.64
CMB CLA WB . 3.16 28.27 3.14
CAB CLA WB . 6.10 27.11 4.20
CBB CLA WB . 5.24 26.79 5.40
NC CLA WB . 8.34 26.75 -0.70
C1C CLA WB . 8.61 26.45 0.56
C2C CLA WB . 9.92 25.80 0.71
C3C CLA WB . 10.43 25.73 -0.55
C4C CLA WB . 9.43 26.35 -1.44
CMC CLA WB . 10.51 25.29 1.99
CAC CLA WB . 11.74 25.14 -0.98
CBC CLA WB . 11.53 23.70 -1.38
ND CLA WB . 7.31 27.38 -3.13
C1D CLA WB . 8.52 27.02 -3.64
C2D CLA WB . 8.57 27.19 -5.08
C3D CLA WB . 7.31 27.68 -5.39
C4D CLA WB . 6.56 27.79 -4.22
CMD CLA WB . 9.64 26.96 -6.12
CAD CLA WB . 6.47 28.13 -6.50
OBD CLA WB . 6.70 27.95 -7.68
CBD CLA WB . 5.15 28.57 -5.93
CGD CLA WB . 4.93 30.04 -6.09
O1D CLA WB . 5.84 30.83 -5.96
O2D CLA WB . 3.71 30.50 -6.36
CED CLA WB . 3.59 31.31 -7.51
C1 CLA WB . 1.12 23.19 -4.69
C2 CLA WB . 2.36 22.45 -4.23
C3 CLA WB . 2.49 21.13 -4.42
C4 CLA WB . 1.40 20.32 -5.08
C5 CLA WB . 3.73 20.40 -3.95
C6 CLA WB . 3.90 19.06 -4.64
C7 CLA WB . 4.14 17.95 -3.62
C8 CLA WB . 5.56 17.99 -3.06
C9 CLA WB . 6.60 18.08 -4.17
C10 CLA WB . 5.82 16.76 -2.20
C11 CLA WB . 4.69 16.51 -1.22
C12 CLA WB . 5.04 17.05 0.17
C13 CLA WB . 4.48 16.18 1.29
C14 CLA WB . 3.07 15.70 1.01
C15 CLA WB . 4.52 16.96 2.60
C16 CLA WB . 5.84 17.68 2.81
C17 CLA WB . 5.71 18.77 3.86
C18 CLA WB . 6.68 18.63 5.04
C19 CLA WB . 7.72 17.55 4.85
C20 CLA WB . 7.34 19.96 5.35
MG CLA XB . 0.57 29.05 5.05
CHA CLA XB . 2.16 29.64 8.06
CHB CLA XB . 0.35 25.70 5.77
CHC CLA XB . -1.03 28.61 2.19
CHD CLA XB . 0.78 32.50 4.33
NA CLA XB . 1.18 27.77 6.73
C1A CLA XB . 1.81 28.19 7.83
C2A CLA XB . 2.13 27.05 8.76
C3A CLA XB . 1.61 25.85 7.97
C4A CLA XB . 0.99 26.44 6.76
CMA CLA XB . 2.64 24.79 7.68
CAA CLA XB . 1.39 27.18 10.09
CBA CLA XB . -0.09 26.76 10.03
CGA CLA XB . -0.89 27.63 10.96
O1A CLA XB . -0.75 28.84 10.91
O2A CLA XB . -1.71 27.06 11.81
NB CLA XB . -0.23 27.41 4.13
C1B CLA XB . -0.23 26.12 4.55
C2B CLA XB . -0.88 25.27 3.59
C3B CLA XB . -1.26 26.11 2.57
C4B CLA XB . -0.84 27.46 2.93
CMB CLA XB . -1.07 23.78 3.71
CAB CLA XB . -1.98 25.83 1.30
CBB CLA XB . -3.15 24.88 1.19
NC CLA XB . -0.10 30.36 3.55
C1C CLA XB . -0.67 29.96 2.42
C2C CLA XB . -0.84 31.06 1.46
C3C CLA XB . -0.35 32.16 2.10
C4C CLA XB . 0.12 31.70 3.39
CMC CLA XB . -1.46 31.00 0.09
CAC CLA XB . -0.29 33.56 1.55
CBC CLA XB . 1.01 33.76 0.79
ND CLA XB . 1.26 30.70 5.88
C1D CLA XB . 1.30 32.01 5.55
C2D CLA XB . 1.93 32.81 6.59
C3D CLA XB . 2.27 31.88 7.55
C4D CLA XB . 1.86 30.62 7.13
CMD CLA XB . 2.23 34.27 6.74
CAD CLA XB . 2.90 31.76 8.85
OBD CLA XB . 3.32 32.66 9.55
CBD CLA XB . 2.88 30.30 9.22
CGD CLA XB . 4.29 29.79 9.35
O1D CLA XB . 4.70 29.40 10.43
O2D CLA XB . 5.11 29.75 8.30
CED CLA XB . 6.05 28.68 8.30
C1 CLA XB . -1.42 27.14 13.23
C2 CLA XB . 0.01 27.21 13.71
C3 CLA XB . 0.45 26.49 14.76
C4 CLA XB . -0.45 25.57 15.52
C5 CLA XB . 1.89 26.58 15.22
C6 CLA XB . 2.57 25.23 15.04
C7 CLA XB . 2.56 24.77 13.59
C8 CLA XB . 3.96 24.43 13.10
C9 CLA XB . 4.39 25.42 12.01
C10 CLA XB . 3.99 23.00 12.57
C11 CLA XB . 3.72 21.99 13.68
C12 CLA XB . 4.75 22.04 14.80
C13 CLA XB . 6.11 21.54 14.34
C14 CLA XB . 6.12 20.02 14.25
C15 CLA XB . 7.22 22.02 15.27
C16 CLA XB . 7.01 23.44 15.78
C17 CLA XB . 8.24 24.29 15.53
C18 CLA XB . 7.84 25.61 14.89
C19 CLA XB . 7.36 26.59 15.95
C20 CLA XB . 8.99 26.20 14.08
MG CLA YB . 3.96 20.31 6.81
CHA CLA YB . 2.42 20.44 3.69
CHB CLA YB . 5.51 23.31 6.23
CHC CLA YB . 5.23 20.14 9.85
CHD CLA YB . 2.34 17.23 7.39
NA CLA YB . 3.98 21.76 5.13
C1A CLA YB . 3.33 21.62 3.97
C2A CLA YB . 3.65 22.76 3.04
C3A CLA YB . 4.64 23.60 3.85
C4A CLA YB . 4.72 22.87 5.15
CMA CLA YB . 5.96 23.90 3.16
CAA CLA YB . 2.40 23.60 2.79
CBA CLA YB . 2.65 24.86 1.96
CGA CLA YB . 2.50 24.59 0.48
O1A CLA YB . 1.55 23.94 0.08
O2A CLA YB . 3.39 25.10 -0.34
NB CLA YB . 5.18 21.54 7.88
C1B CLA YB . 5.73 22.72 7.50
C2B CLA YB . 6.54 23.26 8.56
C3B CLA YB . 6.46 22.35 9.59
C4B CLA YB . 5.59 21.27 9.12
CMB CLA YB . 7.31 24.55 8.51
CAB CLA YB . 7.08 22.32 10.94
CBB CLA YB . 7.47 23.54 11.75
NC CLA YB . 3.75 18.95 8.38
C1C CLA YB . 4.43 19.03 9.52
C2C CLA YB . 4.25 17.83 10.39
C3C CLA YB . 3.40 17.04 9.68
C4C CLA YB . 3.10 17.73 8.44
CMC CLA YB . 4.85 17.58 11.74
CAC CLA YB . 2.89 15.69 10.08
CBC CLA YB . 3.85 14.66 9.57
ND CLA YB . 2.68 19.09 5.89
C1D CLA YB . 2.13 17.88 6.16
C2D CLA YB . 1.33 17.38 5.05
C3D CLA YB . 1.46 18.39 4.09
C4D CLA YB . 2.26 19.40 4.60
CMD CLA YB . 0.53 16.13 4.80
CAD CLA YB . 1.05 18.75 2.76
OBD CLA YB . 0.35 18.08 2.02
CBD CLA YB . 1.51 20.15 2.51
CGD CLA YB . 2.23 20.25 1.19
O1D CLA YB . 3.27 19.65 1.00
O2D CLA YB . 1.74 21.03 0.24
CED CLA YB . 1.48 20.39 -1.01
C1 CLA YB . 4.18 24.27 -1.25
C2 CLA YB . 4.70 22.92 -0.85
C3 CLA YB . 6.02 22.66 -0.87
C4 CLA YB . 7.02 23.70 -1.28
C5 CLA YB . 6.58 21.31 -0.47
C6 CLA YB . 7.77 21.50 0.46
C7 CLA YB . 8.81 20.41 0.22
C8 CLA YB . 9.21 19.73 1.51
C9 CLA YB . 9.81 20.74 2.49
C10 CLA YB . 10.17 18.60 1.22
C11 CLA YB . 9.55 17.56 0.31
C12 CLA YB . 9.86 16.15 0.81
C13 CLA YB . 10.43 15.29 -0.32
C14 CLA YB . 11.73 15.88 -0.84
C15 CLA YB . 9.40 15.17 -1.44
C16 CLA YB . 9.92 14.28 -2.57
C17 CLA YB . 8.83 14.01 -3.60
C18 CLA YB . 9.36 14.19 -5.02
C19 CLA YB . 8.39 13.60 -6.03
C20 CLA YB . 9.66 15.65 -5.33
MG CLA ZB . -4.12 20.68 -2.39
CHA CLA ZB . -6.26 22.14 -4.69
CHB CLA ZB . -5.55 22.48 0.16
CHC CLA ZB . -2.11 19.14 -0.26
CHD CLA ZB . -2.59 18.89 -5.01
NA CLA ZB . -5.75 22.15 -2.25
C1A CLA ZB . -6.48 22.63 -3.27
C2A CLA ZB . -7.50 23.61 -2.78
C3A CLA ZB . -7.19 23.74 -1.30
C4A CLA ZB . -6.12 22.73 -1.08
CMA CLA ZB . -6.89 25.14 -0.83
CAA CLA ZB . -8.96 23.14 -2.74
CBA CLA ZB . -9.48 21.92 -3.49
CGA CLA ZB . -8.89 20.59 -3.06
O1A CLA ZB . -8.90 20.27 -1.88
O2A CLA ZB . -8.36 19.84 -4.01
NB CLA ZB . -3.88 20.79 -0.37
C1B CLA ZB . -4.53 21.58 0.51
C2B CLA ZB . -4.03 21.37 1.85
C3B CLA ZB . -3.05 20.43 1.72
C4B CLA ZB . -2.97 20.08 0.31
CMB CLA ZB . -4.55 22.11 3.06
CAB CLA ZB . -2.15 19.79 2.72
CBB CLA ZB . -1.88 20.30 4.13
NC CLA ZB . -2.65 19.19 -2.59
C1C CLA ZB . -1.92 18.72 -1.59
C2C CLA ZB . -0.90 17.74 -2.03
C3C CLA ZB . -1.08 17.65 -3.38
C4C CLA ZB . -2.17 18.57 -3.72
CMC CLA ZB . 0.08 17.00 -1.18
CAC CLA ZB . -0.31 16.78 -4.33
CBC CLA ZB . -1.09 15.49 -4.54
ND CLA ZB . -4.28 20.50 -4.35
C1D CLA ZB . -3.68 19.76 -5.31
C2D CLA ZB . -4.27 19.97 -6.62
C3D CLA ZB . -5.27 20.90 -6.37
C4D CLA ZB . -5.27 21.21 -5.01
CMD CLA ZB . -4.02 19.42 -7.99
CAD CLA ZB . -6.33 21.65 -7.03
OBD CLA ZB . -6.96 21.18 -7.96
CBD CLA ZB . -7.00 22.48 -5.98
CGD CLA ZB . -7.01 23.93 -6.40
O1D CLA ZB . -7.52 24.80 -5.73
O2D CLA ZB . -6.46 24.29 -7.56
CED CLA ZB . -6.38 25.69 -7.82
C1 CLA ZB . -7.95 18.46 -3.82
C2 CLA ZB . -6.86 18.05 -2.87
C3 CLA ZB . -5.98 17.09 -3.20
C4 CLA ZB . -6.06 16.38 -4.52
C5 CLA ZB . -4.87 16.64 -2.29
C6 CLA ZB . -5.12 15.20 -1.88
C7 CLA ZB . -3.85 14.55 -1.34
C8 CLA ZB . -4.01 13.04 -1.18
C9 CLA ZB . -5.20 12.70 -0.28
C10 CLA ZB . -2.72 12.45 -0.63
C11 CLA ZB . -2.83 10.93 -0.51
C12 CLA ZB . -2.23 10.43 0.81
C13 CLA ZB . -2.67 9.00 1.10
C14 CLA ZB . -3.69 8.98 2.24
C15 CLA ZB . -1.44 8.16 1.44
C16 CLA ZB . -1.84 6.71 1.71
C17 CLA ZB . -0.69 5.94 2.34
C18 CLA ZB . -1.22 4.73 3.11
C19 CLA ZB . -0.13 3.70 3.33
C20 CLA ZB . -1.83 5.17 4.44
MG CLA AC . -6.03 34.77 14.89
CHA CLA AC . -4.55 32.08 13.27
CHB CLA AC . -5.85 33.11 17.91
CHC CLA AC . -7.25 37.46 16.35
CHD CLA AC . -6.19 36.46 11.79
NA CLA AC . -5.27 32.79 15.55
C1A CLA AC . -4.72 31.85 14.76
C2A CLA AC . -4.41 30.60 15.55
C3A CLA AC . -4.83 30.97 16.98
C4A CLA AC . -5.33 32.37 16.83
CMA CLA AC . -5.69 30.02 17.81
CAA CLA AC . -2.93 30.19 15.47
CBA CLA AC . -2.45 29.21 16.54
CGA CLA AC . -3.06 27.83 16.44
O1A CLA AC . -3.71 27.48 15.47
O2A CLA AC . -2.84 26.99 17.44
NB CLA AC . -6.46 35.21 16.84
C1B CLA AC . -6.37 34.41 17.94
C2B CLA AC . -6.88 35.10 19.09
C3B CLA AC . -7.27 36.33 18.64
C4B CLA AC . -7.00 36.38 17.20
CMB CLA AC . -6.95 34.56 20.50
CAB CLA AC . -7.87 37.47 19.38
CBB CLA AC . -9.10 37.30 20.26
NC CLA AC . -6.56 36.68 14.20
C1C CLA AC . -7.15 37.59 14.96
C2C CLA AC . -7.69 38.72 14.18
C3C CLA AC . -7.36 38.43 12.89
C4C CLA AC . -6.66 37.16 12.91
CMC CLA AC . -8.43 39.92 14.71
CAC CLA AC . -7.69 39.27 11.67
CBC CLA AC . -9.07 38.90 11.18
ND CLA AC . -5.52 34.48 13.01
C1D CLA AC . -5.65 35.16 11.84
C2D CLA AC . -5.18 34.39 10.70
C3D CLA AC . -4.75 33.20 11.26
C4D CLA AC . -4.95 33.26 12.64
CMD CLA AC . -5.10 34.66 9.21
CAD CLA AC . -4.17 31.93 10.92
OBD CLA AC . -4.22 31.42 9.81
CBD CLA AC . -3.97 31.17 12.20
CGD CLA AC . -4.73 29.89 12.09
O1D CLA AC . -4.16 28.81 12.10
O2D CLA AC . -6.05 29.89 11.98
CED CLA AC . -6.72 28.92 12.76
C1 CLA AC . -3.58 25.74 17.56
C2 CLA AC . -5.05 25.72 17.90
C3 CLA AC . -5.51 25.01 18.94
C4 CLA AC . -4.60 24.20 19.83
C5 CLA AC . -6.97 24.98 19.30
C6 CLA AC . -7.29 26.23 20.12
C7 CLA AC . -8.79 26.39 20.35
C8 CLA AC . -9.30 27.77 19.93
C9 CLA AC . -8.34 28.88 20.29
C10 CLA AC . -10.65 28.02 20.58
C11 CLA AC . -11.72 27.07 20.03
C12 CLA AC . -12.53 27.73 18.93
C13 CLA AC . -13.07 29.08 19.34
C14 CLA AC . -14.30 28.93 20.23
C15 CLA AC . -13.42 29.90 18.09
C16 CLA AC . -12.78 31.28 18.15
C17 CLA AC . -11.28 31.20 17.96
C18 CLA AC . -10.74 32.47 17.32
C19 CLA AC . -11.06 33.71 18.15
C20 CLA AC . -9.23 32.37 17.10
MG CLA BC . -13.23 30.15 14.40
CHA CLA BC . -16.67 30.42 14.30
CHB CLA BC . -13.45 26.93 15.58
CHC CLA BC . -9.95 29.98 14.30
CHD CLA BC . -13.01 33.47 13.18
NA CLA BC . -14.88 28.78 14.88
C1A CLA BC . -16.19 29.07 14.78
C2A CLA BC . -17.04 27.92 15.23
C3A CLA BC . -16.00 26.87 15.64
C4A CLA BC . -14.70 27.53 15.34
CMA CLA BC . -16.15 26.23 17.01
CAA CLA BC . -17.89 27.34 14.09
CBA CLA BC . -18.91 26.34 14.63
CGA CLA BC . -20.23 27.04 14.89
O1A CLA BC . -20.79 27.60 13.97
O2A CLA BC . -20.76 27.04 16.11
NB CLA BC . -11.91 28.67 14.84
C1B CLA BC . -12.16 27.44 15.35
C2B CLA BC . -10.92 26.76 15.63
C3B CLA BC . -9.94 27.64 15.26
C4B CLA BC . -10.59 28.84 14.77
CMB CLA BC . -10.74 25.38 16.19
CAB CLA BC . -8.47 27.48 15.32
CBB CLA BC . -7.78 27.33 16.65
NC CLA BC . -11.74 31.49 13.78
C1C CLA BC . -10.45 31.23 13.87
C2C CLA BC . -9.60 32.37 13.50
C3C CLA BC . -10.48 33.36 13.15
C4C CLA BC . -11.82 32.80 13.34
CMC CLA BC . -8.10 32.38 13.51
CAC CLA BC . -10.15 34.76 12.71
CBC CLA BC . -9.92 35.63 13.92
ND CLA BC . -14.43 31.62 13.83
C1D CLA BC . -14.28 32.90 13.39
C2D CLA BC . -15.55 33.57 13.21
C3D CLA BC . -16.48 32.59 13.56
C4D CLA BC . -15.79 31.44 13.92
CMD CLA BC . -15.92 34.95 12.77
CAD CLA BC . -17.90 32.35 13.69
OBD CLA BC . -18.78 33.20 13.64
CBD CLA BC . -18.07 30.96 14.23
CGD CLA BC . -18.65 31.05 15.61
O1D CLA BC . -19.83 30.83 15.81
O2D CLA BC . -17.87 31.38 16.63
CED CLA BC . -17.92 30.52 17.77
C1 CLA BC . -19.98 27.45 17.27
C2 CLA BC . -20.04 26.73 18.60
C3 CLA BC . -19.05 26.83 19.49
C4 CLA BC . -19.97 25.94 20.28
C5 CLA BC . -18.25 26.59 20.76
C6 CLA BC . -17.16 25.57 20.50
C7 CLA BC . -16.14 25.53 21.64
C8 CLA BC . -16.02 24.14 22.26
C9 CLA BC . -15.84 23.05 21.18
C10 CLA BC . -17.23 23.84 23.14
C11 CLA BC . -16.82 23.03 24.36
C12 CLA BC . -18.00 22.25 24.93
C13 CLA BC . -18.19 20.92 24.20
C14 CLA BC . -19.67 20.56 24.09
C15 CLA BC . -17.43 19.82 24.92
C16 CLA BC . -17.38 18.54 24.10
C17 CLA BC . -17.87 17.35 24.90
C18 CLA BC . -17.04 17.14 26.16
C19 CLA BC . -17.94 16.96 27.38
C20 CLA BC . -16.08 15.98 26.01
C1 BCR CC . 4.89 2.73 3.64
C2 BCR CC . 6.17 2.14 3.07
C3 BCR CC . 7.38 2.24 3.99
C4 BCR CC . 7.52 3.70 4.41
C5 BCR CC . 6.31 4.11 5.18
C6 BCR CC . 5.09 3.66 4.82
C7 BCR CC . 3.92 4.07 5.62
C8 BCR CC . 3.17 5.14 5.40
C9 BCR CC . 2.01 5.54 6.17
C10 BCR CC . 1.68 6.94 6.30
C11 BCR CC . 1.09 8.07 5.69
C33 BCR CC . 6.50 5.01 6.37
C31 BCR CC . 3.97 1.61 4.11
C32 BCR CC . 4.21 3.51 2.51
C34 BCR CC . 1.15 4.51 6.84
C12 BCR CC . 0.61 9.05 5.17
C13 BCR CC . -0.40 10.01 4.95
C14 BCR CC . -0.10 11.08 4.17
C15 BCR CC . -1.02 12.13 3.90
C16 BCR CC . -1.42 13.14 3.10
C17 BCR CC . -2.46 13.89 3.36
C18 BCR CC . -2.78 15.04 2.74
C19 BCR CC . -3.98 15.80 3.13
C20 BCR CC . -5.05 16.53 2.80
C21 BCR CC . -6.21 17.32 3.01
C22 BCR CC . -6.81 18.13 2.13
C23 BCR CC . -8.00 18.86 2.57
C24 BCR CC . -9.10 19.36 1.71
C25 BCR CC . -10.21 20.08 2.36
C26 BCR CC . -11.15 19.41 3.02
C27 BCR CC . -11.96 20.07 4.10
C28 BCR CC . -12.23 21.55 3.85
C29 BCR CC . -11.68 22.07 2.53
C30 BCR CC . -10.26 21.60 2.25
C35 BCR CC . -1.76 9.86 5.58
C36 BCR CC . -1.92 15.57 1.65
C37 BCR CC . -6.28 18.31 0.74
C38 BCR CC . -11.45 17.96 2.73
C39 BCR CC . -9.27 22.28 3.20
C40 BCR CC . -9.94 21.99 0.82
C1 BCR DC . 8.98 12.10 4.60
C2 BCR DC . 9.62 10.72 4.47
C3 BCR DC . 8.62 9.61 4.14
C4 BCR DC . 7.82 9.93 2.88
C5 BCR DC . 7.41 11.38 2.86
C6 BCR DC . 7.61 12.13 3.95
C7 BCR DC . 6.53 12.96 4.49
C8 BCR DC . 5.42 12.41 4.93
C9 BCR DC . 4.27 13.10 5.47
C10 BCR DC . 3.09 12.37 5.82
C11 BCR DC . 2.04 12.24 6.78
C33 BCR DC . 6.78 11.98 1.63
C31 BCR DC . 9.83 13.14 3.87
C32 BCR DC . 8.84 12.49 6.07
C34 BCR DC . 4.33 14.59 5.67
C12 BCR DC . 1.17 12.07 7.59
C13 BCR DC . -0.07 12.37 8.23
C14 BCR DC . -0.69 11.36 8.89
C15 BCR DC . -1.94 11.48 9.57
C16 BCR DC . -2.78 11.09 10.55
C17 BCR DC . -3.97 11.57 10.71
C18 BCR DC . -5.00 10.97 11.37
C19 BCR DC . -6.33 11.58 11.48
C20 BCR DC . -7.51 11.57 12.08
C21 BCR DC . -8.87 11.86 12.44
C22 BCR DC . -9.75 11.03 13.04
C23 BCR DC . -11.13 11.41 13.36
C24 BCR DC . -11.54 12.39 14.41
C25 BCR DC . -12.96 12.74 14.72
C26 BCR DC . -13.68 13.57 13.95
C27 BCR DC . -14.79 14.39 14.59
C28 BCR DC . -14.52 14.50 16.08
C29 BCR DC . -14.42 13.12 16.74
C30 BCR DC . -13.59 12.11 15.96
C35 BCR DC . -0.65 13.74 8.16
C36 BCR DC . -4.77 9.63 11.99
C37 BCR DC . -9.28 9.64 13.37
C38 BCR DC . -13.47 13.80 12.48
C39 BCR DC . -14.45 10.92 15.55
C40 BCR DC . -12.50 11.65 16.92
C6 C7Z EC . -7.54 23.09 27.46
C17 C7Z EC . -9.74 22.92 28.46
C4 C7Z EC . -5.59 23.94 28.91
C3 C7Z EC . -6.65 23.60 30.15
O3 C7Z EC . -6.18 24.23 31.35
C2 C7Z EC . -7.92 24.03 29.89
C1 C7Z EC . -8.46 23.79 28.35
C5 C7Z EC . -5.97 23.31 27.68
C18 C7Z EC . -4.97 22.33 27.02
C16 C7Z EC . -8.86 25.17 27.74
O23 C7Z EC . -20.80 20.83 3.92
C26 C7Z EC . -20.42 21.82 8.09
C7 C7Z EC . -8.05 22.62 26.04
C8 C7Z EC . -7.70 23.34 24.95
C9 C7Z EC . -8.17 22.95 23.52
C19 C7Z EC . -7.13 22.57 22.47
C10 C7Z EC . -9.46 22.98 23.20
C11 C7Z EC . -9.88 22.60 21.75
C12 C7Z EC . -10.87 23.32 21.17
C13 C7Z EC . -11.34 23.01 19.70
C20 C7Z EC . -10.31 22.59 18.62
C14 C7Z EC . -12.63 23.13 19.37
C15 C7Z EC . -13.12 22.87 17.93
C35 C7Z EC . -14.39 23.16 17.60
C34 C7Z EC . -14.89 22.93 16.17
C33 C7Z EC . -16.18 22.75 15.88
C40 C7Z EC . -17.25 22.75 16.99
C32 C7Z EC . -16.59 22.54 14.40
C31 C7Z EC . -17.85 22.61 13.97
C30 C7Z EC . -18.08 22.37 12.45
C29 C7Z EC . -19.17 22.76 11.79
C39 C7Z EC . -20.30 23.48 12.50
C28 C7Z EC . -19.26 22.45 10.26
C27 C7Z EC . -20.40 22.13 9.65
C21 C7Z EC . -20.83 22.88 7.12
C36 C7Z EC . -22.27 23.30 7.45
C37 C7Z EC . -19.94 24.13 7.25
C22 C7Z EC . -20.77 22.41 5.52
C23 C7Z EC . -21.04 21.09 5.30
C24 C7Z EC . -20.06 20.01 6.22
C25 C7Z EC . -19.74 20.46 7.55
C38 C7Z EC . -19.19 19.40 8.55
O6 SQD FC . -15.12 23.19 -3.31
C44 SQD FC . -15.84 22.03 -2.93
C45 SQD FC . -15.11 21.36 -1.73
C46 SQD FC . -13.59 21.60 -1.77
O47 SQD FC . -15.57 22.02 -0.57
C7 SQD FC . -16.70 21.51 0.02
O49 SQD FC . -17.79 21.91 -0.25
C8 SQD FC . -16.34 20.46 1.01
C9 SQD FC . -17.57 20.06 1.82
C10 SQD FC . -17.24 19.28 3.09
C11 SQD FC . -16.41 18.03 2.78
C12 SQD FC . -15.95 17.34 4.08
C13 SQD FC . -15.94 15.82 3.96
C14 SQD FC . -15.82 15.12 5.32
C15 SQD FC . -16.18 13.64 5.24
C16 SQD FC . -16.26 12.99 6.63
C17 SQD FC . -17.15 11.75 6.65
C18 SQD FC . -16.67 10.70 5.64
C19 SQD FC . -15.42 9.96 6.12
C20 SQD FC . -14.99 8.85 5.14
C21 SQD FC . -14.06 9.40 4.06
C22 SQD FC . -12.67 9.68 4.60
O48 SQD FC . -12.98 20.41 -2.26
C23 SQD FC . -12.49 19.55 -1.32
O10 SQD FC . -12.76 19.69 -0.15
C24 SQD FC . -11.62 18.48 -1.94
C25 SQD FC . -11.29 17.39 -0.91
C26 SQD FC . -9.83 16.92 -1.02
C27 SQD FC . -9.69 15.43 -0.72
C28 SQD FC . -8.51 15.15 0.23
C29 SQD FC . -8.87 14.16 1.34
C30 SQD FC . -7.70 13.81 2.24
C31 SQD FC . -8.12 12.97 3.46
C32 SQD FC . -8.78 13.84 4.55
C33 SQD FC . -7.85 14.03 5.75
C34 SQD FC . -7.51 12.70 6.42
C35 SQD FC . -6.00 12.43 6.43
C36 SQD FC . -5.63 11.28 7.38
C37 SQD FC . -6.05 9.93 6.81
C38 SQD FC . -5.73 8.79 7.78
C1 SQD FC . -15.75 24.37 -2.88
C2 SQD FC . -15.37 25.46 -3.92
O2 SQD FC . -14.02 25.73 -3.85
C3 SQD FC . -16.21 26.73 -3.61
O3 SQD FC . -16.04 27.56 -4.71
C4 SQD FC . -17.71 26.41 -3.42
O4 SQD FC . -18.34 27.57 -3.00
C5 SQD FC . -17.88 25.22 -2.44
C6 SQD FC . -19.33 24.81 -2.35
O5 SQD FC . -17.14 24.14 -2.96
S SQD FC . -20.09 25.02 -0.74
O7 SQD FC . -19.19 25.93 -0.08
O8 SQD FC . -21.36 25.60 -1.07
O9 SQD FC . -20.15 23.73 -0.14
C1 LMG GC . 11.62 -0.70 9.40
O1 LMG GC . 11.90 0.45 8.61
C2 LMG GC . 12.77 -1.69 9.19
O2 LMG GC . 12.83 -2.07 7.81
C3 LMG GC . 12.58 -2.91 10.06
O3 LMG GC . 13.78 -3.71 10.00
C4 LMG GC . 12.30 -2.53 11.51
O4 LMG GC . 13.50 -2.05 12.13
C5 LMG GC . 11.22 -1.47 11.61
O5 LMG GC . 9.90 -0.17 13.15
C6 LMG GC . 11.07 -1.00 13.05
O6 LMG GC . 11.54 -0.36 10.78
C7 LMG GC . 11.14 1.60 8.95
C8 LMG GC . 11.53 2.66 7.92
C9 LMG GC . 10.85 2.32 6.59
O7 LMG GC . 11.30 3.99 8.40
C10 LMG GC . 10.21 4.65 8.00
O9 LMG GC . 9.10 4.27 8.33
C11 LMG GC . 10.35 5.89 7.16
C12 LMG GC . 10.46 7.12 8.07
C13 LMG GC . 10.31 8.39 7.25
C14 LMG GC . 10.94 9.59 7.95
C15 LMG GC . 12.43 9.39 8.17
C16 LMG GC . 13.12 10.67 8.64
C17 LMG GC . 13.57 11.54 7.48
C18 LMG GC . 12.81 12.85 7.50
C19 LMG GC . 13.23 13.89 6.78
C20 LMG GC . 14.47 13.78 5.94
C21 LMG GC . 14.19 14.15 4.51
C22 LMG GC . 13.97 15.42 4.16
C23 LMG GC . 13.68 15.76 2.72
C24 LMG GC . 14.81 15.25 1.85
C25 LMG GC . 16.04 15.72 2.02
O8 LMG GC . 11.57 2.92 5.52
C28 LMG GC . 11.38 2.49 4.28
O10 LMG GC . 10.63 1.55 4.07
C29 LMG GC . 12.10 3.16 3.14
C30 LMG GC . 11.70 4.63 3.06
C31 LMG GC . 10.52 4.81 2.12
C32 LMG GC . 10.33 6.29 1.77
C33 LMG GC . 9.43 6.47 0.57
C34 LMG GC . 7.99 6.05 0.87
C35 LMG GC . 7.08 6.35 -0.32
C36 LMG GC . 5.65 5.98 0.03
CA1 DGA HC . 15.82 45.46 -2.26
CA2 DGA HC . 16.45 44.05 -2.17
CA3 DGA HC . 17.92 44.12 -1.67
CA4 DGA HC . 17.99 44.73 -0.25
CA5 DGA HC . 19.48 44.82 0.19
CA6 DGA HC . 19.59 45.73 1.46
CA7 DGA HC . 20.30 44.95 2.58
CA8 DGA HC . 21.85 45.09 2.40
CA9 DGA HC . 22.45 45.85 3.62
CAA DGA HC . 22.03 45.15 4.94
CBA DGA HC . 23.19 45.20 5.94
CCA DGA HC . 22.64 44.95 7.37
CDA DGA HC . 22.44 46.32 8.10
CEA DGA HC . 23.79 47.10 8.18
CFA DGA HC . 24.60 46.61 9.43
CGA DGA HC . 25.84 45.81 8.96
CHA DGA HC . 26.57 45.22 10.17
CIA DGA HC . 27.76 44.38 9.70
OA1 DGA HC . 16.46 46.38 -2.69
CB1 DGA HC . 13.38 47.07 0.74
CB2 DGA HC . 14.18 45.95 1.46
CB3 DGA HC . 13.58 45.74 2.89
CB4 DGA HC . 14.39 46.57 3.92
CB5 DGA HC . 15.71 45.86 4.26
CB6 DGA HC . 15.82 45.69 5.78
CB7 DGA HC . 17.30 45.69 6.21
CB8 DGA HC . 17.47 44.74 7.40
CB9 DGA HC . 18.94 44.77 7.88
CAB DGA HC . 18.99 45.25 9.33
CBB DGA HC . 19.95 44.34 10.14
CCB DGA HC . 20.70 45.18 11.20
CDB DGA HC . 21.11 43.75 11.65
CEB DGA HC . 21.83 43.82 13.03
CFB DGA HC . 23.35 44.02 12.81
CGB DGA HC . 24.13 43.34 13.96
CHB DGA HC . 25.60 43.81 13.92
CIB DGA HC . 25.64 45.32 14.22
OB1 DGA HC . 13.61 48.22 0.98
OG1 DGA HC . 14.47 45.67 -1.85
CG1 DGA HC . 14.00 47.00 -2.01
CG2 DGA HC . 12.53 47.08 -1.57
OG2 DGA HC . 12.35 46.72 -0.21
CG3 DGA HC . 11.98 48.47 -1.81
OXT DGA HC . 11.10 48.45 -2.91
C1 GOL IC . 0.70 7.07 9.72
O1 GOL IC . -0.61 6.96 10.21
C2 GOL IC . 1.68 7.32 10.88
O2 GOL IC . 1.20 8.37 11.67
C3 GOL IC . 1.80 6.06 11.72
O3 GOL IC . 2.47 5.07 11.00
MG CLA JC . 56.65 6.31 -44.73
CHA CLA JC . 59.17 5.90 -42.38
CHB CLA JC . 54.69 3.97 -43.12
CHC CLA JC . 54.27 6.87 -46.97
CHD CLA JC . 58.67 8.67 -46.39
NA CLA JC . 56.87 5.05 -42.92
C1A CLA JC . 57.94 5.03 -42.12
C2A CLA JC . 57.76 4.05 -40.98
C3A CLA JC . 56.38 3.45 -41.26
C4A CLA JC . 55.93 4.18 -42.49
CMA CLA JC . 56.18 1.95 -41.16
CAA CLA JC . 57.69 4.76 -39.63
CBA CLA JC . 57.16 6.19 -39.68
CGA CLA JC . 55.68 6.26 -39.40
O1A CLA JC . 55.19 5.50 -38.59
O2A CLA JC . 54.94 7.14 -40.04
NB CLA JC . 54.77 5.55 -44.99
C1B CLA JC . 54.15 4.57 -44.27
C2B CLA JC . 52.86 4.28 -44.84
C3B CLA JC . 52.75 5.10 -45.92
C4B CLA JC . 53.97 5.90 -46.01
CMB CLA JC . 51.86 3.28 -44.35
CAB CLA JC . 51.60 5.18 -46.86
CBB CLA JC . 50.78 6.44 -46.98
NC CLA JC . 56.47 7.62 -46.36
C1C CLA JC . 55.43 7.68 -47.16
C2C CLA JC . 55.58 8.67 -48.25
C3C CLA JC . 56.82 9.21 -48.04
C4C CLA JC . 57.38 8.54 -46.87
CMC CLA JC . 54.59 9.02 -49.33
CAC CLA JC . 57.50 10.28 -48.85
CBC CLA JC . 57.42 11.61 -48.13
ND CLA JC . 58.43 7.14 -44.53
C1D CLA JC . 59.17 8.05 -45.22
C2D CLA JC . 60.47 8.27 -44.61
C3D CLA JC . 60.45 7.43 -43.51
C4D CLA JC . 59.23 6.76 -43.47
CMD CLA JC . 61.66 9.12 -44.93
CAD CLA JC . 61.27 7.02 -42.40
OBD CLA JC . 62.48 7.13 -42.35
CBD CLA JC . 60.45 6.04 -41.58
CGD CLA JC . 61.25 4.77 -41.46
O1D CLA JC . 62.25 4.75 -40.76
O2D CLA JC . 60.89 3.66 -42.08
CED CLA JC . 61.16 2.47 -41.34
C1 CLA JC . 53.49 6.98 -40.11
C2 CLA JC . 52.80 6.48 -41.36
C3 CLA JC . 51.57 6.94 -41.67
C4 CLA JC . 50.87 7.94 -40.81
C5 CLA JC . 50.85 6.48 -42.91
C6 CLA JC . 49.32 6.52 -42.75
C7 CLA JC . 48.67 6.81 -44.10
C8 CLA JC . 47.38 6.02 -44.29
C9 CLA JC . 47.54 4.55 -43.92
C10 CLA JC . 46.93 6.15 -45.75
C11 CLA JC . 45.66 6.98 -45.88
C12 CLA JC . 45.93 8.28 -46.62
C13 CLA JC . 44.68 8.99 -47.12
C14 CLA JC . 43.51 8.87 -46.14
C15 CLA JC . 44.29 8.45 -48.49
C16 CLA JC . 44.79 9.37 -49.59
C17 CLA JC . 43.68 9.84 -50.52
C18 CLA JC . 42.88 8.67 -51.09
C19 CLA JC . 41.54 9.13 -51.62
C20 CLA JC . 43.67 7.95 -52.17
MG CLA KC . 54.03 15.55 -36.29
CHA CLA KC . 55.71 12.63 -37.01
CHB CLA KC . 56.80 16.84 -34.69
CHC CLA KC . 52.35 18.34 -35.77
CHD CLA KC . 51.18 14.25 -37.94
NA CLA KC . 56.08 14.83 -35.89
C1A CLA KC . 56.55 13.63 -36.24
C2A CLA KC . 57.98 13.45 -35.80
C3A CLA KC . 58.28 14.77 -35.07
C4A CLA KC . 57.00 15.54 -35.21
CMA CLA KC . 59.00 14.73 -33.73
CAA CLA KC . 58.93 13.31 -36.99
CBA CLA KC . 58.64 14.39 -38.03
CGA CLA KC . 58.91 13.85 -39.41
O1A CLA KC . 60.03 13.49 -39.71
O2A CLA KC . 57.91 13.80 -40.25
NB CLA KC . 54.50 17.32 -35.37
C1B CLA KC . 55.66 17.66 -34.75
C2B CLA KC . 55.54 18.99 -34.20
C3B CLA KC . 54.28 19.40 -34.51
C4B CLA KC . 53.64 18.33 -35.25
CMB CLA KC . 56.60 19.72 -33.44
CAB CLA KC . 53.59 20.67 -34.21
CBB CLA KC . 53.54 21.28 -32.82
NC CLA KC . 52.12 16.22 -36.85
C1C CLA KC . 51.60 17.36 -36.43
C2C CLA KC . 50.15 17.48 -36.71
C3C CLA KC . 49.84 16.33 -37.36
C4C CLA KC . 51.06 15.54 -37.44
CMC CLA KC . 49.26 18.63 -36.37
CAC CLA KC . 48.48 15.95 -37.85
CBC CLA KC . 47.72 15.22 -36.77
ND CLA KC . 53.46 13.91 -37.23
C1D CLA KC . 52.35 13.49 -37.89
C2D CLA KC . 52.53 12.16 -38.48
C3D CLA KC . 53.84 11.84 -38.13
C4D CLA KC . 54.39 12.89 -37.39
CMD CLA KC . 51.65 11.26 -39.29
CAD CLA KC . 54.84 10.82 -38.26
OBD CLA KC . 54.67 9.73 -38.77
CBD CLA KC . 56.05 11.23 -37.49
CGD CLA KC . 56.22 10.32 -36.32
O1D CLA KC . 57.29 10.22 -35.73
O2D CLA KC . 55.21 9.56 -35.90
CED CLA KC . 54.75 9.83 -34.57
C1 CLA KC . 58.15 13.65 -41.68
C2 CLA KC . 58.92 14.64 -42.51
C3 CLA KC . 58.60 14.82 -43.80
C4 CLA KC . 57.48 14.05 -44.44
C5 CLA KC . 59.32 15.79 -44.69
C6 CLA KC . 59.74 15.07 -45.97
C7 CLA KC . 61.24 14.84 -46.00
C8 CLA KC . 61.59 13.35 -46.00
C9 CLA KC . 61.49 12.80 -44.58
C10 CLA KC . 63.00 13.19 -46.58
C11 CLA KC . 63.46 11.75 -46.68
C12 CLA KC . 64.65 11.48 -45.75
C13 CLA KC . 65.74 10.68 -46.44
C14 CLA KC . 65.45 9.18 -46.38
C15 CLA KC . 67.08 11.00 -45.78
C16 CLA KC . 68.21 10.22 -46.42
C17 CLA KC . 69.20 11.14 -47.12
C18 CLA KC . 69.49 10.65 -48.54
C19 CLA KC . 70.44 11.61 -49.25
C20 CLA KC . 70.03 9.24 -48.53
MG CLA LC . 63.13 16.71 -43.35
CHA CLA LC . 63.16 15.28 -40.22
CHB CLA LC . 65.72 14.65 -44.35
CHC CLA LC . 62.93 18.06 -46.35
CHD CLA LC . 60.48 18.79 -42.30
NA CLA LC . 64.33 15.11 -42.40
C1A CLA LC . 64.20 14.68 -41.15
C2A CLA LC . 65.19 13.60 -40.81
C3A CLA LC . 65.97 13.44 -42.12
C4A CLA LC . 65.33 14.45 -43.03
CMA CLA LC . 67.49 13.30 -42.08
CAA CLA LC . 64.51 12.27 -40.54
CBA CLA LC . 63.27 12.05 -41.40
CGA CLA LC . 62.58 10.78 -40.97
O1A CLA LC . 63.03 9.71 -41.34
O2A CLA LC . 61.53 10.87 -40.18
NB CLA LC . 64.16 16.40 -45.09
C1B CLA LC . 65.20 15.55 -45.31
C2B CLA LC . 65.67 15.70 -46.66
C3B CLA LC . 64.88 16.65 -47.23
C4B CLA LC . 63.93 17.10 -46.21
CMB CLA LC . 66.79 14.94 -47.33
CAB CLA LC . 64.98 17.17 -48.61
CBB CLA LC . 63.81 17.08 -49.57
NC CLA LC . 61.86 18.15 -44.21
C1C CLA LC . 61.98 18.58 -45.45
C2C CLA LC . 61.02 19.67 -45.78
C3C CLA LC . 60.30 19.83 -44.63
C4C CLA LC . 60.84 18.88 -43.65
CMC CLA LC . 60.87 20.39 -47.09
CAC CLA LC . 59.18 20.82 -44.40
CBC CLA LC . 57.85 20.11 -44.54
ND CLA LC . 62.04 17.04 -41.74
C1D CLA LC . 61.01 17.86 -41.39
C2D CLA LC . 60.60 17.68 -40.01
C3D CLA LC . 61.45 16.67 -39.56
C4D CLA LC . 62.29 16.29 -40.60
CMD CLA LC . 59.57 18.30 -39.11
CAD CLA LC . 61.76 15.87 -38.39
OBD CLA LC . 61.35 16.07 -37.26
CBD CLA LC . 62.88 14.95 -38.77
CGD CLA LC . 64.06 15.27 -37.92
O1D CLA LC . 64.55 14.40 -37.23
O2D CLA LC . 64.57 16.49 -37.89
CED CLA LC . 65.96 16.60 -38.14
C1 CLA LC . 60.33 10.10 -40.49
C2 CLA LC . 59.59 10.29 -41.79
C3 CLA LC . 58.26 10.15 -41.86
C4 CLA LC . 57.45 9.80 -40.64
C5 CLA LC . 57.51 10.36 -43.16
C6 CLA LC . 56.13 9.70 -43.14
C7 CLA LC . 55.34 10.11 -44.38
C8 CLA LC . 53.93 10.56 -44.01
C9 CLA LC . 52.97 9.37 -44.00
C10 CLA LC . 53.47 11.62 -45.00
C11 CLA LC . 52.47 12.56 -44.36
C12 CLA LC . 53.18 13.73 -43.69
C13 CLA LC . 52.79 13.85 -42.23
C14 CLA LC . 51.28 13.80 -42.04
C15 CLA LC . 53.33 15.16 -41.66
C16 CLA LC . 54.71 14.96 -41.02
C17 CLA LC . 54.82 15.80 -39.75
C18 CLA LC . 55.99 16.78 -39.78
C19 CLA LC . 56.11 17.50 -41.12
C20 CLA LC . 55.85 17.79 -38.65
MG CLA MC . 59.42 19.41 -27.16
CHA CLA MC . 61.68 19.16 -24.56
CHB CLA MC . 58.41 16.15 -26.65
CHC CLA MC . 57.17 19.81 -29.54
CHD CLA MC . 60.49 22.74 -27.69
NA CLA MC . 59.96 17.81 -25.75
C1A CLA MC . 60.88 17.90 -24.79
C2A CLA MC . 61.01 16.62 -24.02
C3A CLA MC . 60.01 15.70 -24.73
C4A CLA MC . 59.40 16.58 -25.76
CMA CLA MC . 60.52 14.35 -25.17
CAA CLA MC . 60.48 16.83 -22.60
CBA CLA MC . 59.20 17.67 -22.56
CGA CLA MC . 58.80 18.09 -21.16
O1A CLA MC . 59.65 18.47 -20.38
O2A CLA MC . 57.53 18.02 -20.81
NB CLA MC . 58.00 18.18 -27.95
C1B CLA MC . 57.75 16.87 -27.66
C2B CLA MC . 56.72 16.36 -28.53
C3B CLA MC . 56.38 17.41 -29.34
C4B CLA MC . 57.20 18.55 -28.96
CMB CLA MC . 56.17 14.96 -28.50
CAB CLA MC . 55.37 17.44 -30.43
CBB CLA MC . 55.37 16.44 -31.56
NC CLA MC . 58.90 21.03 -28.40
C1C CLA MC . 57.93 20.97 -29.30
C2C CLA MC . 57.74 22.25 -30.00
C3C CLA MC . 58.68 23.08 -29.47
C4C CLA MC . 59.41 22.30 -28.46
CMC CLA MC . 56.72 22.56 -31.07
CAC CLA MC . 58.91 24.52 -29.83
CBC CLA MC . 58.36 25.42 -28.76
ND CLA MC . 60.71 20.71 -26.40
C1D CLA MC . 61.09 21.99 -26.65
C2D CLA MC . 62.14 22.44 -25.76
C3D CLA MC . 62.36 21.33 -24.94
C4D CLA MC . 61.51 20.31 -25.34
CMD CLA MC . 62.91 23.73 -25.60
CAD CLA MC . 63.18 20.88 -23.84
OBD CLA MC . 63.82 21.59 -23.10
CBD CLA MC . 62.77 19.46 -23.55
CGD CLA MC . 63.96 18.55 -23.70
O1D CLA MC . 64.01 17.49 -23.10
O2D CLA MC . 64.97 18.88 -24.51
CED CLA MC . 65.43 17.85 -25.38
C1 CLA MC . 56.46 18.46 -21.72
C2 CLA MC . 55.93 19.88 -21.79
C3 CLA MC . 54.62 20.10 -21.68
C4 CLA MC . 53.65 18.98 -21.46
C5 CLA MC . 54.03 21.51 -21.75
C6 CLA MC . 52.58 21.48 -22.22
C7 CLA MC . 52.36 22.43 -23.40
C8 CLA MC . 50.99 22.21 -24.02
C9 CLA MC . 51.00 22.58 -25.50
C10 CLA MC . 49.94 23.00 -23.26
C11 CLA MC . 48.55 22.81 -23.86
C12 CLA MC . 47.71 24.07 -23.69
C13 CLA MC . 46.23 23.73 -23.51
C14 CLA MC . 45.71 22.93 -24.70
C15 CLA MC . 45.42 25.00 -23.29
C16 CLA MC . 45.25 25.79 -24.59
C17 CLA MC . 45.72 27.23 -24.43
C18 CLA MC . 45.51 28.02 -25.71
C19 CLA MC . 44.06 28.44 -25.86
C20 CLA MC . 46.44 29.22 -25.77
MG CLA NC . 34.24 12.52 -43.49
CHA CLA NC . 32.85 14.53 -45.95
CHB CLA NC . 31.77 13.43 -41.27
CHC CLA NC . 35.62 10.51 -41.24
CHD CLA NC . 36.79 11.61 -45.75
NA CLA NC . 32.47 13.83 -43.58
C1A CLA NC . 32.09 14.56 -44.64
C2A CLA NC . 30.85 15.34 -44.33
C3A CLA NC . 30.55 14.99 -42.87
C4A CLA NC . 31.65 14.03 -42.53
CMA CLA NC . 30.24 16.11 -41.89
CAA CLA NC . 29.69 14.85 -45.21
CBA CLA NC . 29.57 13.33 -45.24
CGA CLA NC . 30.04 12.81 -46.57
O1A CLA NC . 29.39 13.10 -47.57
O2A CLA NC . 31.12 12.07 -46.65
NB CLA NC . 33.77 12.04 -41.57
C1B CLA NC . 32.73 12.51 -40.81
C2B CLA NC . 32.78 11.93 -39.49
C3B CLA NC . 33.88 11.12 -39.50
C4B CLA NC . 34.49 11.20 -40.82
CMB CLA NC . 31.82 12.20 -38.36
CAB CLA NC . 34.42 10.28 -38.42
CBB CLA NC . 33.57 9.19 -37.79
NC CLA NC . 35.89 11.20 -43.52
C1C CLA NC . 36.32 10.52 -42.47
C2C CLA NC . 37.56 9.76 -42.73
C3C CLA NC . 37.85 10.06 -44.04
C4C CLA NC . 36.81 10.96 -44.52
CMC CLA NC . 38.30 8.88 -41.77
CAC CLA NC . 39.03 9.55 -44.83
CBC CLA NC . 40.26 10.40 -44.57
ND CLA NC . 34.80 12.93 -45.34
C1D CLA NC . 35.77 12.49 -46.18
C2D CLA NC . 35.61 13.04 -47.52
C3D CLA NC . 34.48 13.82 -47.41
C4D CLA NC . 34.00 13.75 -46.11
CMD CLA NC . 36.38 12.87 -48.80
CAD CLA NC . 33.62 14.68 -48.20
OBD CLA NC . 33.52 14.63 -49.42
CBD CLA NC . 32.55 15.21 -47.29
CGD CLA NC . 32.57 16.71 -47.29
O1D CLA NC . 31.90 17.36 -46.51
O2D CLA NC . 33.30 17.39 -48.17
CED CLA NC . 33.69 18.70 -47.78
C1 CLA NC . 31.20 10.70 -46.15
C2 CLA NC . 31.33 10.37 -44.68
C3 CLA NC . 32.25 9.51 -44.24
C4 CLA NC . 33.22 8.84 -45.17
C5 CLA NC . 32.40 9.17 -42.77
C6 CLA NC . 32.51 7.66 -42.58
C7 CLA NC . 33.30 7.35 -41.31
C8 CLA NC . 32.51 6.43 -40.38
C9 CLA NC . 31.28 7.12 -39.81
C10 CLA NC . 33.41 5.92 -39.27
C11 CLA NC . 34.62 5.18 -39.82
C12 CLA NC . 35.75 5.13 -38.80
C13 CLA NC . 35.85 3.75 -38.15
C14 CLA NC . 37.02 3.69 -37.18
C15 CLA NC . 35.97 2.68 -39.23
C16 CLA NC . 36.00 1.28 -38.60
C17 CLA NC . 37.19 0.48 -39.13
C18 CLA NC . 37.01 -1.00 -38.84
C19 CLA NC . 37.79 -1.85 -39.84
C20 CLA NC . 37.42 -1.34 -37.40
MG CLA OC . 43.79 9.05 -56.92
CHA CLA OC . 40.94 9.09 -58.82
CHB CLA OC . 42.70 11.81 -55.15
CHC CLA OC . 46.54 8.91 -55.11
CHD CLA OC . 44.91 6.22 -58.72
NA CLA OC . 42.00 10.34 -56.95
C1A CLA OC . 40.96 10.19 -57.77
C2A CLA OC . 39.91 11.25 -57.55
C3A CLA OC . 40.51 12.09 -56.42
C4A CLA OC . 41.81 11.39 -56.13
CMA CLA OC . 40.52 13.60 -56.55
CAA CLA OC . 38.59 10.61 -57.09
CBA CLA OC . 38.58 10.23 -55.62
CGA CLA OC . 37.82 8.94 -55.43
O1A CLA OC . 37.88 8.10 -56.31
O2A CLA OC . 37.11 8.78 -54.33
NB CLA OC . 44.50 10.16 -55.37
C1B CLA OC . 43.95 11.26 -54.79
C2B CLA OC . 44.81 11.76 -53.75
C3B CLA OC . 45.90 10.95 -53.75
C4B CLA OC . 45.69 9.94 -54.78
CMB CLA OC . 44.52 12.96 -52.90
CAB CLA OC . 47.12 10.97 -52.90
CBB CLA OC . 47.16 11.35 -51.43
NC CLA OC . 45.43 7.74 -56.89
C1C CLA OC . 46.47 7.88 -56.08
C2C CLA OC . 47.53 6.87 -56.30
C3C CLA OC . 47.04 6.11 -57.32
C4C CLA OC . 45.73 6.66 -57.68
CMC CLA OC . 48.81 6.77 -55.54
CAC CLA OC . 47.73 4.92 -57.94
CBC CLA OC . 47.13 3.63 -57.43
ND CLA OC . 43.19 7.89 -58.40
C1D CLA OC . 43.65 6.79 -59.05
C2D CLA OC . 42.71 6.33 -60.07
C3D CLA OC . 41.67 7.23 -59.96
C4D CLA OC . 41.95 8.15 -58.95
CMD CLA OC . 42.72 5.20 -61.06
CAD CLA OC . 40.37 7.57 -60.52
OBD CLA OC . 39.64 6.80 -61.12
CBD CLA OC . 39.98 8.89 -59.96
CGD CLA OC . 40.37 9.96 -60.95
O1D CLA OC . 41.54 10.21 -61.13
O2D CLA OC . 39.47 10.63 -61.65
CED CLA OC . 39.95 11.03 -62.94
C1 CLA OC . 37.49 7.79 -53.33
C2 CLA OC . 37.73 6.35 -53.71
C3 CLA OC . 37.16 5.34 -53.02
C4 CLA OC . 36.28 5.59 -51.84
C5 CLA OC . 37.39 3.90 -53.41
C6 CLA OC . 38.79 3.47 -53.03
C7 CLA OC . 38.81 2.01 -52.63
C8 CLA OC . 39.52 1.78 -51.30
C9 CLA OC . 39.09 2.78 -50.24
C10 CLA OC . 41.03 1.82 -51.51
C11 CLA OC . 41.63 0.42 -51.41
C12 CLA OC . 42.48 0.26 -50.16
C13 CLA OC . 41.76 -0.45 -49.00
C14 CLA OC . 40.67 -1.40 -49.47
C15 CLA OC . 41.20 0.59 -48.04
C16 CLA OC . 41.77 0.40 -46.64
C17 CLA OC . 42.86 1.42 -46.33
C18 CLA OC . 42.35 2.51 -45.39
C19 CLA OC . 41.78 1.93 -44.11
C20 CLA OC . 43.46 3.53 -45.09
MG CLA PC . 43.48 15.91 -51.72
CHA CLA PC . 46.70 16.91 -51.00
CHB CLA PC . 43.61 13.55 -49.19
CHC CLA PC . 40.39 15.05 -52.46
CHD CLA PC . 43.34 18.35 -54.28
NA CLA PC . 44.99 15.29 -50.22
C1A CLA PC . 46.21 15.80 -50.09
C2A CLA PC . 46.99 15.10 -49.00
C3A CLA PC . 45.99 14.07 -48.47
C4A CLA PC . 44.79 14.30 -49.32
CMA CLA PC . 46.42 12.63 -48.22
CAA CLA PC . 47.42 16.06 -47.88
CBA CLA PC . 48.36 15.39 -46.88
CGA CLA PC . 49.67 14.97 -47.51
O1A CLA PC . 50.14 15.62 -48.43
O2A CLA PC . 50.32 13.93 -47.01
NB CLA PC . 42.20 14.52 -50.94
C1B CLA PC . 42.41 13.63 -49.92
C2B CLA PC . 41.24 12.82 -49.73
C3B CLA PC . 40.35 13.26 -50.67
C4B CLA PC . 40.97 14.33 -51.42
CMB CLA PC . 41.06 11.73 -48.71
CAB CLA PC . 38.98 12.79 -50.94
CBB CLA PC . 38.68 11.33 -51.23
NC CLA PC . 42.07 16.64 -53.08
C1C CLA PC . 40.88 16.09 -53.27
C2C CLA PC . 40.13 16.70 -54.39
C3C CLA PC . 40.98 17.66 -54.87
C4C CLA PC . 42.18 17.61 -54.06
CMC CLA PC . 38.75 16.32 -54.86
CAC CLA PC . 40.74 18.59 -56.04
CBC CLA PC . 41.22 17.90 -57.29
ND CLA PC . 44.63 17.31 -52.51
C1D CLA PC . 44.53 18.23 -53.50
C2D CLA PC . 45.74 19.01 -53.66
C3D CLA PC . 46.58 18.49 -52.68
C4D CLA PC . 45.90 17.48 -52.00
CMD CLA PC . 46.16 20.13 -54.59
CAD CLA PC . 47.90 18.63 -52.12
OBD CLA PC . 48.82 19.22 -52.67
CBD CLA PC . 48.06 17.58 -51.07
CGD CLA PC . 49.08 16.59 -51.57
O1D CLA PC . 50.24 16.64 -51.20
O2D CLA PC . 48.72 15.65 -52.43
CED CLA PC . 49.08 14.31 -52.07
C1 CLA PC . 50.79 12.83 -47.86
C2 CLA PC . 49.85 11.83 -48.48
C3 CLA PC . 50.08 10.51 -48.43
C4 CLA PC . 51.30 9.94 -47.78
C5 CLA PC . 49.13 9.51 -49.03
C6 CLA PC . 49.79 8.60 -50.07
C7 CLA PC . 49.16 7.21 -50.08
C8 CLA PC . 48.52 6.86 -51.41
C9 CLA PC . 47.38 7.82 -51.71
C10 CLA PC . 48.06 5.39 -51.43
C11 CLA PC . 46.64 5.17 -51.94
C12 CLA PC . 46.60 4.54 -53.33
C13 CLA PC . 45.17 4.17 -53.71
C14 CLA PC . 45.14 2.80 -54.38
C15 CLA PC . 44.59 5.28 -54.60
C16 CLA PC . 43.53 4.78 -55.58
C17 CLA PC . 42.13 5.02 -55.04
C18 CLA PC . 41.34 5.96 -55.95
C19 CLA PC . 40.12 5.28 -56.54
C20 CLA PC . 40.96 7.23 -55.19
MG CLA QC . 40.94 26.20 -39.24
CHA CLA QC . 39.05 29.05 -39.39
CHB CLA QC . 42.72 27.16 -42.03
CHC CLA QC . 42.76 23.48 -38.93
CHD CLA QC . 39.14 25.23 -36.34
NA CLA QC . 40.91 27.94 -40.60
C1A CLA QC . 40.09 28.97 -40.49
C2A CLA QC . 40.33 29.99 -41.57
C3A CLA QC . 41.45 29.35 -42.39
C4A CLA QC . 41.73 28.08 -41.66
CMA CLA QC . 41.30 29.29 -43.90
CAA CLA QC . 40.88 31.28 -40.96
CBA CLA QC . 42.00 31.00 -39.97
CGA CLA QC . 42.40 32.20 -39.15
O1A CLA QC . 42.89 33.17 -39.68
O2A CLA QC . 42.19 32.16 -37.85
NB CLA QC . 42.50 25.44 -40.30
C1B CLA QC . 43.06 25.94 -41.43
C2B CLA QC . 44.11 25.07 -41.89
C3B CLA QC . 44.12 24.01 -41.02
C4B CLA QC . 43.09 24.28 -40.02
CMB CLA QC . 44.94 25.33 -43.11
CAB CLA QC . 44.97 22.78 -40.99
CBB CLA QC . 46.39 22.69 -41.49
NC CLA QC . 40.95 24.62 -37.86
C1C CLA QC . 41.81 23.62 -37.91
C2C CLA QC . 41.66 22.67 -36.80
C3C CLA QC . 40.63 23.18 -36.05
C4C CLA QC . 40.18 24.39 -36.73
CMC CLA QC . 42.50 21.45 -36.59
CAC CLA QC . 40.07 22.59 -34.78
CBC CLA QC . 40.81 23.15 -33.59
ND CLA QC . 39.47 26.87 -38.08
C1D CLA QC . 38.82 26.45 -36.97
C2D CLA QC . 37.79 27.40 -36.56
C3D CLA QC . 37.88 28.40 -37.51
C4D CLA QC . 38.90 28.09 -38.41
CMD CLA QC . 36.80 27.43 -35.43
CAD CLA QC . 37.32 29.68 -37.91
OBD CLA QC . 36.28 30.16 -37.48
CBD CLA QC . 37.97 30.10 -39.18
CGD CLA QC . 37.02 29.96 -40.33
O1D CLA QC . 36.14 29.10 -40.31
O2D CLA QC . 37.13 30.76 -41.38
CED CLA QC . 36.35 30.43 -42.53
C1 CLA QC . 43.16 32.74 -36.92
C2 CLA QC . 44.11 31.90 -36.11
C3 CLA QC . 44.16 32.02 -34.78
C4 CLA QC . 43.29 33.01 -34.05
C5 CLA QC . 45.09 31.21 -33.92
C6 CLA QC . 44.31 30.03 -33.33
C7 CLA QC . 44.72 29.77 -31.89
C8 CLA QC . 44.25 28.39 -31.44
C9 CLA QC . 42.73 28.28 -31.46
C10 CLA QC . 44.79 28.09 -30.06
C11 CLA QC . 45.64 26.83 -30.06
C12 CLA QC . 47.06 27.14 -30.54
C13 CLA QC . 48.08 26.68 -29.52
C14 CLA QC . 49.41 27.39 -29.72
C15 CLA QC . 48.26 25.17 -29.60
C16 CLA QC . 48.00 24.53 -28.24
C17 CLA QC . 48.21 23.02 -28.30
C18 CLA QC . 47.09 22.32 -29.05
C19 CLA QC . 47.29 20.82 -29.06
C20 CLA QC . 45.73 22.69 -28.47
MG CLA RC . 46.74 25.39 -45.93
CHA CLA RC . 47.60 22.09 -46.44
CHB CLA RC . 49.32 25.78 -43.67
CHC CLA RC . 45.90 28.57 -45.60
CHD CLA RC . 44.11 25.00 -48.25
NA CLA RC . 48.33 24.09 -45.13
C1A CLA RC . 48.51 22.80 -45.44
C2A CLA RC . 49.67 22.19 -44.70
C3A CLA RC . 50.15 23.36 -43.83
C4A CLA RC . 49.24 24.48 -44.22
CMA CLA RC . 50.33 23.09 -42.34
CAA CLA RC . 50.77 21.80 -45.69
CBA CLA RC . 52.13 21.55 -45.05
CGA CLA RC . 52.03 20.39 -44.08
O1A CLA RC . 52.56 20.49 -42.99
O2A CLA RC . 51.38 19.30 -44.44
NB CLA RC . 47.50 26.94 -44.82
C1B CLA RC . 48.53 26.91 -43.92
C2B CLA RC . 48.67 28.22 -43.31
C3B CLA RC . 47.69 29.00 -43.87
C4B CLA RC . 46.97 28.16 -44.82
CMB CLA RC . 49.70 28.59 -42.28
CAB CLA RC . 47.31 30.43 -43.68
CBB CLA RC . 48.19 31.52 -43.13
NC CLA RC . 45.29 26.61 -46.84
C1C CLA RC . 45.06 27.86 -46.48
C2C CLA RC . 43.85 28.44 -47.09
C3C CLA RC . 43.37 27.42 -47.87
C4C CLA RC . 44.26 26.28 -47.69
CMC CLA RC . 43.33 29.83 -46.90
CAC CLA RC . 42.13 27.46 -48.71
CBC CLA RC . 40.98 27.13 -47.77
ND CLA RC . 45.97 23.99 -47.08
C1D CLA RC . 44.95 23.90 -47.98
C2D CLA RC . 44.86 22.57 -48.57
C3D CLA RC . 45.89 21.88 -47.96
C4D CLA RC . 46.55 22.74 -47.08
CMD CLA RC . 43.95 21.93 -49.59
CAD CLA RC . 46.53 20.59 -47.92
OBD CLA RC . 46.35 19.68 -48.72
CBD CLA RC . 47.63 20.66 -46.91
CGD CLA RC . 47.31 19.73 -45.77
O1D CLA RC . 47.95 18.70 -45.60
O2D CLA RC . 46.33 20.01 -44.92
CED CLA RC . 46.61 19.78 -43.53
C1 CLA RC . 52.04 18.00 -44.37
C2 CLA RC . 53.53 17.88 -44.54
C3 CLA RC . 54.05 17.10 -45.50
C4 CLA RC . 55.52 16.97 -45.68
C5 CLA RC . 53.18 16.32 -46.46
C6 CLA RC . 53.55 16.64 -47.89
C7 CLA RC . 53.16 18.06 -48.29
C8 CLA RC . 52.73 18.14 -49.74
C9 CLA RC . 53.71 17.42 -50.67
C10 CLA RC . 52.60 19.61 -50.16
C11 CLA RC . 51.63 20.36 -49.25
C12 CLA RC . 50.23 20.39 -49.82
C13 CLA RC . 49.86 21.75 -50.41
C14 CLA RC . 50.31 22.87 -49.49
C15 CLA RC . 48.35 21.81 -50.65
C16 CLA RC . 47.86 23.22 -50.97
C17 CLA RC . 47.97 23.50 -52.46
C18 CLA RC . 47.08 24.66 -52.87
C19 CLA RC . 47.40 25.91 -52.05
C20 CLA RC . 47.19 24.93 -54.36
MG CLA SC . 51.68 24.52 -37.54
CHA CLA SC . 49.81 27.44 -37.31
CHB CLA SC . 49.04 22.88 -38.99
CHC CLA SC . 53.61 21.86 -37.85
CHD CLA SC . 54.39 26.26 -36.08
NA CLA SC . 49.63 25.09 -38.10
C1A CLA SC . 49.05 26.28 -37.91
C2A CLA SC . 47.63 26.30 -38.37
C3A CLA SC . 47.41 24.87 -38.83
C4A CLA SC . 48.75 24.22 -38.66
CMA CLA SC . 46.25 24.15 -38.18
CAA CLA SC . 47.54 27.17 -39.62
CBA CLA SC . 46.14 27.29 -40.17
CGA CLA SC . 45.48 28.52 -39.60
O1A CLA SC . 46.14 29.54 -39.47
O2A CLA SC . 44.21 28.48 -39.27
NB CLA SC . 51.37 22.66 -38.31
C1B CLA SC . 50.23 22.15 -38.85
C2B CLA SC . 50.45 20.78 -39.24
C3B CLA SC . 51.75 20.51 -38.89
C4B CLA SC . 52.32 21.71 -38.32
CMB CLA SC . 49.47 19.83 -39.88
CAB CLA SC . 52.51 19.25 -39.07
CBB CLA SC . 52.68 18.59 -40.42
NC CLA SC . 53.69 24.15 -37.11
C1C CLA SC . 54.28 22.96 -37.25
C2C CLA SC . 55.66 22.94 -36.72
C3C CLA SC . 55.84 24.21 -36.27
C4C CLA SC . 54.63 24.95 -36.50
CMC CLA SC . 56.60 21.76 -36.72
CAC CLA SC . 57.06 24.79 -35.61
CBC CLA SC . 57.01 24.42 -34.14
ND CLA SC . 52.10 26.33 -36.85
C1D CLA SC . 53.18 26.95 -36.30
C2D CLA SC . 52.91 28.34 -35.96
C3D CLA SC . 51.59 28.52 -36.36
C4D CLA SC . 51.13 27.32 -36.89
CMD CLA SC . 53.71 29.46 -35.36
CAD CLA SC . 50.55 29.51 -36.41
OBD CLA SC . 50.69 30.71 -36.22
CBD CLA SC . 49.34 28.86 -37.02
CGD CLA SC . 48.21 28.89 -36.04
O1D CLA SC . 47.24 29.60 -36.25
O2D CLA SC . 48.26 28.16 -34.93
CED CLA SC . 47.01 27.63 -34.49
C1 CLA SC . 43.77 28.60 -37.89
C2 CLA SC . 43.77 27.43 -36.94
C3 CLA SC . 42.82 27.33 -36.00
C4 CLA SC . 41.74 28.37 -35.85
C5 CLA SC . 42.75 26.19 -35.02
C6 CLA SC . 44.06 25.40 -35.03
C7 CLA SC . 44.43 24.94 -33.62
C8 CLA SC . 45.35 23.73 -33.69
C9 CLA SC . 44.55 22.44 -33.56
C10 CLA SC . 46.41 23.82 -32.60
C11 CLA SC . 47.74 23.31 -33.11
C12 CLA SC . 48.21 24.14 -34.30
C13 CLA SC . 49.52 23.59 -34.87
C14 CLA SC . 49.38 22.14 -35.28
C15 CLA SC . 50.63 23.74 -33.84
C16 CLA SC . 50.93 25.22 -33.59
C17 CLA SC . 52.36 25.41 -33.10
C18 CLA SC . 52.46 26.52 -32.07
C19 CLA SC . 53.92 26.79 -31.72
C20 CLA SC . 51.78 27.79 -32.57
MG CLA TC . 48.08 35.79 -40.98
CHA CLA TC . 47.08 38.21 -43.23
CHB CLA TC . 50.55 34.72 -43.14
CHC CLA TC . 49.00 33.58 -38.71
CHD CLA TC . 45.57 36.92 -38.76
NA CLA TC . 48.78 36.41 -42.99
C1A CLA TC . 48.27 37.40 -43.73
C2A CLA TC . 48.96 37.51 -45.07
C3A CLA TC . 50.03 36.41 -44.99
C4A CLA TC . 49.79 35.80 -43.63
CMA CLA TC . 50.28 35.49 -46.17
CAA CLA TC . 49.66 38.84 -45.39
CBA CLA TC . 50.00 39.73 -44.20
CGA CLA TC . 49.88 41.17 -44.68
O1A CLA TC . 49.40 41.38 -45.78
O2A CLA TC . 50.29 42.16 -43.92
NB CLA TC . 49.56 34.39 -40.93
C1B CLA TC . 50.46 34.06 -41.91
C2B CLA TC . 51.28 32.96 -41.47
C3B CLA TC . 50.84 32.65 -40.22
C4B CLA TC . 49.74 33.56 -39.89
CMB CLA TC . 52.39 32.32 -42.27
CAB CLA TC . 51.30 31.60 -39.26
CBB CLA TC . 51.56 30.18 -39.67
NC CLA TC . 47.44 35.38 -39.02
C1C CLA TC . 47.93 34.40 -38.28
C2C CLA TC . 47.26 34.26 -36.98
C3C CLA TC . 46.30 35.24 -37.00
C4C CLA TC . 46.42 35.93 -38.27
CMC CLA TC . 47.56 33.27 -35.89
CAC CLA TC . 45.31 35.55 -35.90
CBC CLA TC . 45.89 36.59 -34.97
ND CLA TC . 46.67 37.17 -40.91
C1D CLA TC . 45.71 37.57 -40.01
C2D CLA TC . 44.91 38.68 -40.52
C3D CLA TC . 45.46 38.91 -41.77
C4D CLA TC . 46.50 38.01 -41.99
CMD CLA TC . 43.76 39.49 -39.99
CAD CLA TC . 45.33 39.77 -42.93
OBD CLA TC . 44.78 40.86 -42.93
CBD CLA TC . 46.31 39.28 -43.96
CGD CLA TC . 45.57 38.67 -45.10
O1D CLA TC . 44.72 37.81 -44.90
O2D CLA TC . 45.82 39.04 -46.35
CED CLA TC . 44.70 39.53 -47.09
C1 CLA TC . 51.70 42.32 -43.55
C2 CLA TC . 52.26 41.80 -42.24
C3 CLA TC . 53.41 42.29 -41.77
C4 CLA TC . 54.19 43.32 -42.52
C5 CLA TC . 54.03 41.82 -40.47
C6 CLA TC . 54.83 40.55 -40.70
C7 CLA TC . 56.32 40.79 -40.47
C8 CLA TC . 57.19 39.74 -41.13
C9 CLA TC . 56.72 39.44 -42.55
C10 CLA TC . 57.22 38.48 -40.29
C11 CLA TC . 58.40 38.45 -39.33
C12 CLA TC . 59.72 38.70 -40.06
C13 CLA TC . 60.43 37.40 -40.40
C14 CLA TC . 61.11 36.82 -39.16
C15 CLA TC . 61.44 37.68 -41.50
C16 CLA TC . 62.22 36.43 -41.90
C17 CLA TC . 63.62 36.82 -42.38
C18 CLA TC . 64.07 35.92 -43.53
C19 CLA TC . 65.09 36.65 -44.40
C20 CLA TC . 64.65 34.62 -42.99
MG CLA UC . 54.51 23.00 -55.31
CHA CLA UC . 54.92 22.88 -51.88
CHB CLA UC . 57.12 20.81 -55.75
CHC CLA UC . 53.92 23.09 -58.56
CHD CLA UC . 51.80 25.21 -54.83
NA CLA UC . 55.89 21.92 -53.97
C1A CLA UC . 55.90 22.00 -52.63
C2A CLA UC . 56.98 21.14 -52.03
C3A CLA UC . 57.66 20.52 -53.27
C4A CLA UC . 56.85 21.09 -54.41
CMA CLA UC . 59.18 20.54 -53.39
CAA CLA UC . 56.33 20.06 -51.18
CBA CLA UC . 57.21 18.85 -50.86
CGA CLA UC . 57.96 19.00 -49.56
O1A CLA UC . 58.29 20.12 -49.19
O2A CLA UC . 58.24 17.92 -48.86
NB CLA UC . 55.38 22.07 -56.91
C1B CLA UC . 56.46 21.25 -56.91
C2B CLA UC . 56.80 20.90 -58.27
C3B CLA UC . 55.90 21.56 -59.06
C4B CLA UC . 55.00 22.30 -58.17
CMB CLA UC . 57.95 20.00 -58.66
CAB CLA UC . 55.73 21.61 -60.54
CBB CLA UC . 56.03 20.45 -61.46
NC CLA UC . 53.05 23.95 -56.49
C1C CLA UC . 53.03 23.91 -57.82
C2C CLA UC . 51.99 24.79 -58.41
C3C CLA UC . 51.38 25.37 -57.32
C4C CLA UC . 52.05 24.84 -56.14
CMC CLA UC . 51.69 25.01 -59.87
CAC CLA UC . 50.25 26.36 -57.32
CBC CLA UC . 50.81 27.76 -57.21
ND CLA UC . 53.53 23.85 -53.82
C1D CLA UC . 52.49 24.72 -53.69
C2D CLA UC . 52.21 25.07 -52.32
C3D CLA UC . 53.17 24.34 -51.62
C4D CLA UC . 53.94 23.62 -52.52
CMD CLA UC . 51.19 25.97 -51.69
CAD CLA UC . 53.64 24.06 -50.27
OBD CLA UC . 53.14 24.43 -49.23
CBD CLA UC . 54.81 23.14 -50.39
CGD CLA UC . 56.06 23.84 -49.93
O1D CLA UC . 56.17 25.05 -50.05
O2D CLA UC . 57.05 23.14 -49.42
CED CLA UC . 58.30 23.81 -49.27
C1 CLA UC . 59.49 17.17 -49.08
C2 CLA UC . 59.94 16.73 -50.44
C3 CLA UC . 60.39 15.48 -50.67
C4 CLA UC . 60.45 14.46 -49.58
C5 CLA UC . 60.84 15.02 -52.03
C6 CLA UC . 62.34 15.21 -52.18
C7 CLA UC . 62.67 15.98 -53.46
C8 CLA UC . 62.81 15.02 -54.63
C9 CLA UC . 64.03 14.11 -54.43
C10 CLA UC . 62.93 15.81 -55.93
C11 CLA UC . 61.90 15.34 -56.95
C12 CLA UC . 62.53 15.18 -58.32
C13 CLA UC . 61.47 15.08 -59.41
C14 CLA UC . 61.94 14.19 -60.56
C15 CLA UC . 61.13 16.48 -59.91
C16 CLA UC . 59.64 16.75 -59.80
C17 CLA UC . 58.91 16.32 -61.06
C18 CLA UC . 57.75 17.26 -61.37
C19 CLA UC . 57.39 17.23 -62.85
C20 CLA UC . 56.53 16.95 -60.51
MG CLA VC . 58.99 31.73 -55.60
CHA CLA VC . 58.84 34.37 -57.81
CHB CLA VC . 56.27 30.24 -57.13
CHC CLA VC . 59.21 29.24 -53.44
CHD CLA VC . 61.77 33.25 -54.06
NA CLA VC . 57.68 32.23 -57.31
C1A CLA VC . 57.78 33.33 -58.07
C2A CLA VC . 56.74 33.34 -59.16
C3A CLA VC . 55.94 32.06 -58.90
C4A CLA VC . 56.65 31.46 -57.72
CMA CLA VC . 54.42 32.13 -58.89
CAA CLA VC . 57.44 33.25 -60.52
CBA CLA VC . 57.87 31.85 -60.98
CGA CLA VC . 59.11 31.36 -60.27
O1A CLA VC . 59.21 30.17 -60.03
O2A CLA VC . 60.05 32.21 -59.93
NB CLA VC . 57.92 30.01 -55.33
C1B CLA VC . 56.84 29.57 -56.04
C2B CLA VC . 56.38 28.32 -55.52
C3B CLA VC . 57.21 28.04 -54.47
C4B CLA VC . 58.19 29.13 -54.37
CMB CLA VC . 55.21 27.52 -56.05
CAB CLA VC . 57.22 26.87 -53.55
CBB CLA VC . 55.97 26.36 -52.88
NC CLA VC . 60.34 31.28 -54.05
C1C CLA VC . 60.24 30.21 -53.27
C2C CLA VC . 61.29 30.17 -52.23
C3C CLA VC . 62.05 31.29 -52.46
C4C CLA VC . 61.43 31.98 -53.59
CMC CLA VC . 61.50 29.12 -51.18
CAC CLA VC . 63.26 31.73 -51.69
CBC CLA VC . 64.51 31.40 -52.48
ND CLA VC . 60.11 33.35 -55.80
C1D CLA VC . 61.17 33.90 -55.15
C2D CLA VC . 61.54 35.20 -55.71
C3D CLA VC . 60.63 35.36 -56.75
C4D CLA VC . 59.78 34.26 -56.80
CMD CLA VC . 62.60 36.22 -55.39
CAD CLA VC . 60.25 36.28 -57.79
OBD CLA VC . 60.60 37.45 -57.86
CBD CLA VC . 59.08 35.69 -58.52
CGD CLA VC . 57.87 36.55 -58.34
O1D CLA VC . 57.35 36.68 -57.25
O2D CLA VC . 57.32 37.18 -59.37
CED CLA VC . 56.87 38.51 -59.10
C1 CLA VC . 61.41 31.73 -59.66
C2 CLA VC . 61.83 31.06 -58.38
C3 CLA VC . 62.98 30.36 -58.32
C4 CLA VC . 63.87 30.22 -59.52
C5 CLA VC . 63.44 29.67 -57.04
C6 CLA VC . 64.41 28.53 -57.32
C7 CLA VC . 63.71 27.18 -57.46
C8 CLA VC . 64.68 26.09 -57.91
C9 CLA VC . 64.51 25.80 -59.40
C10 CLA VC . 64.51 24.85 -57.03
C11 CLA VC . 63.61 23.78 -57.65
C12 CLA VC . 62.86 23.01 -56.56
C13 CLA VC . 63.37 21.60 -56.36
C14 CLA VC . 62.26 20.58 -56.62
C15 CLA VC . 63.89 21.47 -54.93
C16 CLA VC . 62.78 21.77 -53.92
C17 CLA VC . 63.36 22.04 -52.54
C18 CLA VC . 63.76 20.74 -51.86
C19 CLA VC . 64.94 20.96 -50.91
C20 CLA VC . 62.57 20.13 -51.13
C1 BCR WC . 77.41 21.82 -43.00
C2 BCR WC . 78.08 21.35 -41.72
C3 BCR WC . 77.75 22.23 -40.52
C4 BCR WC . 78.20 23.65 -40.81
C5 BCR WC . 77.66 24.15 -42.12
C6 BCR WC . 77.49 23.33 -43.16
C7 BCR WC . 77.43 23.92 -44.52
C8 BCR WC . 76.33 24.09 -45.24
C9 BCR WC . 76.27 24.66 -46.57
C10 BCR WC . 75.13 24.45 -47.42
C11 BCR WC . 73.75 24.72 -47.65
C33 BCR WC . 77.33 25.62 -42.24
C31 BCR WC . 75.95 21.38 -42.99
C32 BCR WC . 78.14 21.19 -44.17
C34 BCR WC . 77.44 25.47 -47.06
C12 BCR WC . 72.57 24.90 -47.86
C13 BCR WC . 71.46 25.31 -48.63
C14 BCR WC . 70.21 24.93 -48.25
C15 BCR WC . 69.04 25.27 -48.99
C16 BCR WC . 67.79 25.75 -49.13
C17 BCR WC . 67.14 25.72 -50.26
C18 BCR WC . 65.81 25.58 -50.41
C19 BCR WC . 65.18 25.55 -51.74
C20 BCR WC . 64.13 25.78 -52.52
C21 BCR WC . 63.35 25.82 -53.71
C22 BCR WC . 62.00 25.78 -53.80
C23 BCR WC . 61.37 25.80 -55.13
C24 BCR WC . 59.92 25.97 -55.42
C25 BCR WC . 59.43 25.94 -56.81
C26 BCR WC . 59.74 26.90 -57.67
C27 BCR WC . 59.82 26.61 -59.15
C28 BCR WC . 58.66 25.73 -59.62
C29 BCR WC . 57.76 25.19 -58.50
C30 BCR WC . 58.52 24.78 -57.25
C35 BCR WC . 71.65 26.12 -49.87
C36 BCR WC . 64.94 25.44 -49.20
C37 BCR WC . 61.16 25.71 -52.57
C38 BCR WC . 60.01 28.31 -57.23
C39 BCR WC . 59.33 23.50 -57.44
C40 BCR WC . 57.49 24.57 -56.16
C1 BCR XC . 32.67 10.27 -50.62
C2 BCR XC . 32.00 9.91 -51.94
C3 BCR XC . 30.84 8.94 -51.72
C4 BCR XC . 31.37 7.67 -51.08
C5 BCR XC . 32.15 7.97 -49.83
C6 BCR XC . 32.98 9.04 -49.81
C7 BCR XC . 34.17 8.98 -48.94
C8 BCR XC . 35.25 8.26 -49.24
C9 BCR XC . 36.46 8.17 -48.44
C10 BCR XC . 37.76 8.11 -49.07
C11 BCR XC . 38.90 7.30 -49.21
C33 BCR XC . 31.96 7.11 -48.62
C31 BCR XC . 31.74 11.14 -49.79
C32 BCR XC . 33.95 11.03 -50.91
C34 BCR XC . 36.37 8.11 -46.93
C12 BCR XC . 39.90 6.65 -49.44
C13 BCR XC . 41.06 5.91 -49.10
C14 BCR XC . 41.75 5.29 -50.09
C15 BCR XC . 42.93 4.55 -49.82
C16 BCR XC . 43.89 3.66 -50.15
C17 BCR XC . 44.90 3.39 -49.39
C18 BCR XC . 45.88 2.50 -49.63
C19 BCR XC . 46.96 2.32 -48.67
C20 BCR XC . 48.22 2.03 -48.40
C21 BCR XC . 49.41 1.78 -47.66
C22 BCR XC . 50.47 1.04 -48.03
C23 BCR XC . 51.59 0.89 -47.10
C24 BCR XC . 52.92 0.27 -47.42
C25 BCR XC . 53.96 0.20 -46.39
C26 BCR XC . 54.82 1.22 -46.26
C27 BCR XC . 55.85 1.27 -45.14
C28 BCR XC . 55.93 -0.01 -44.31
C29 BCR XC . 55.49 -1.24 -45.07
C30 BCR XC . 54.06 -1.06 -45.52
C35 BCR XC . 41.52 5.82 -47.67
C36 BCR XC . 45.87 1.69 -50.90
C37 BCR XC . 50.49 0.36 -49.36
C38 BCR XC . 54.82 2.38 -47.19
C39 BCR XC . 53.16 -0.94 -44.31
C40 BCR XC . 53.66 -2.29 -46.33
C1 BCR YC . 68.81 34.84 -35.69
C2 BCR YC . 70.30 34.56 -35.59
C3 BCR YC . 70.59 33.50 -34.54
C4 BCR YC . 69.90 32.19 -34.90
C5 BCR YC . 68.62 32.35 -35.69
C6 BCR YC . 68.04 33.55 -35.89
C7 BCR YC . 66.64 33.58 -36.40
C8 BCR YC . 65.57 34.07 -35.80
C9 BCR YC . 64.22 34.11 -36.34
C10 BCR YC . 63.30 35.20 -36.06
C11 BCR YC . 62.41 35.79 -35.13
C33 BCR YC . 68.01 31.13 -36.31
C31 BCR YC . 68.53 35.70 -36.89
C32 BCR YC . 68.38 35.54 -34.41
C34 BCR YC . 63.75 33.00 -37.24
C12 BCR YC . 61.66 36.34 -34.34
C13 BCR YC . 60.47 36.47 -33.58
C14 BCR YC . 60.47 37.35 -32.54
C15 BCR YC . 59.36 37.60 -31.68
C16 BCR YC . 58.88 37.93 -30.46
C17 BCR YC . 57.62 38.08 -30.20
C18 BCR YC . 57.05 38.09 -28.97
C19 BCR YC . 55.60 38.28 -28.82
C20 BCR YC . 54.53 38.72 -28.14
C21 BCR YC . 53.13 38.93 -27.93
C22 BCR YC . 52.51 39.23 -26.77
C23 BCR YC . 51.05 39.41 -26.85
C24 BCR YC . 50.22 40.28 -25.95
C25 BCR YC . 48.76 40.33 -26.19
C26 BCR YC . 48.29 41.14 -27.15
C27 BCR YC . 47.09 40.72 -27.94
C28 BCR YC . 46.02 40.06 -27.08
C29 BCR YC . 46.37 39.97 -25.60
C30 BCR YC . 47.80 39.49 -25.36
C35 BCR YC . 59.25 35.66 -33.91
C36 BCR YC . 57.89 37.86 -27.77
C37 BCR YC . 53.26 39.37 -25.48
C38 BCR YC . 48.94 42.45 -27.47
C39 BCR YC . 47.95 38.01 -25.71
C40 BCR YC . 48.11 39.72 -23.89
C1 BCR ZC . 74.31 28.40 -34.89
C2 BCR ZC . 74.33 27.03 -34.23
C3 BCR ZC . 75.22 26.02 -34.94
C4 BCR ZC . 74.74 25.91 -36.36
C5 BCR ZC . 74.77 27.24 -37.05
C6 BCR ZC . 74.35 28.34 -36.40
C7 BCR ZC . 73.96 29.55 -37.16
C8 BCR ZC . 72.84 29.69 -37.84
C9 BCR ZC . 72.43 30.87 -38.59
C10 BCR ZC . 71.36 30.79 -39.55
C11 BCR ZC . 69.97 30.93 -39.71
C33 BCR ZC . 75.32 27.31 -38.45
C31 BCR ZC . 75.52 29.22 -34.47
C32 BCR ZC . 73.04 29.12 -34.43
C34 BCR ZC . 73.12 32.17 -38.34
C12 BCR ZC . 68.77 31.03 -39.86
C13 BCR ZC . 67.54 31.71 -40.02
C14 BCR ZC . 66.45 30.94 -40.24
C15 BCR ZC . 65.12 31.44 -40.45
C16 BCR ZC . 63.83 31.17 -40.71
C17 BCR ZC . 62.92 32.07 -40.84
C18 BCR ZC . 61.62 31.88 -41.10
C19 BCR ZC . 60.68 33.00 -41.22
C20 BCR ZC . 59.47 33.47 -40.99
C21 BCR ZC . 58.36 34.37 -40.95
C22 BCR ZC . 57.06 34.05 -40.82
C23 BCR ZC . 56.06 35.13 -40.75
C24 BCR ZC . 54.59 34.98 -40.93
C25 BCR ZC . 53.71 36.16 -40.81
C26 BCR ZC . 53.40 36.86 -41.91
C27 BCR ZC . 52.22 37.79 -41.90
C28 BCR ZC . 51.26 37.35 -40.81
C29 BCR ZC . 51.98 37.47 -39.48
C30 BCR ZC . 53.16 36.51 -39.42
C35 BCR ZC . 67.45 33.21 -39.96
C36 BCR ZC . 61.10 30.47 -41.24
C37 BCR ZC . 56.62 32.62 -40.71
C38 BCR ZC . 54.18 36.76 -43.18
C39 BCR ZC . 52.74 35.21 -38.76
C40 BCR ZC . 54.22 37.21 -38.57
C1A DGD AD . 43.29 -0.42 -32.42
C2A DGD AD . 42.18 -0.12 -33.40
C3A DGD AD . 40.84 -0.12 -32.66
C4A DGD AD . 39.67 -0.09 -33.64
C5A DGD AD . 38.35 0.07 -32.90
C6A DGD AD . 37.17 -0.23 -33.81
C7A DGD AD . 35.85 0.11 -33.13
C8A DGD AD . 34.67 -0.47 -33.88
C9A DGD AD . 34.72 -0.04 -35.33
O1A DGD AD . 43.16 -1.33 -31.61
C1B DGD AD . 45.90 0.72 -35.24
C2B DGD AD . 46.20 1.90 -36.14
C3B DGD AD . 44.91 2.53 -36.64
C4B DGD AD . 44.56 3.80 -35.89
C5B DGD AD . 43.79 3.50 -34.62
C6B DGD AD . 43.26 4.79 -33.99
C7B DGD AD . 42.41 4.50 -32.76
C8B DGD AD . 41.54 5.71 -32.41
C9B DGD AD . 40.64 6.02 -33.58
CAB DGD AD . 39.79 7.05 -33.55
CBB DGD AD . 39.70 7.96 -32.35
CCB DGD AD . 38.75 9.08 -32.65
CDB DGD AD . 37.56 8.82 -33.16
CEB DGD AD . 36.60 9.95 -33.47
CFB DGD AD . 36.21 10.63 -32.18
CGB DGD AD . 35.28 11.60 -32.18
O1B DGD AD . 44.85 0.12 -35.38
O1G DGD AD . 44.52 0.36 -32.43
C1G DGD AD . 45.78 -0.28 -32.21
C2G DGD AD . 46.40 -0.76 -33.52
O2G DGD AD . 46.79 0.35 -34.32
C3G DGD AD . 47.65 -1.57 -33.21
O3G DGD AD . 47.30 -2.72 -32.45
C1D DGD AD . 48.46 -3.36 -31.90
C2D DGD AD . 48.02 -4.52 -31.02
O2D DGD AD . 47.53 -3.98 -29.81
C3D DGD AD . 49.16 -5.46 -30.64
O3D DGD AD . 48.61 -6.71 -30.21
C4D DGD AD . 50.10 -5.72 -31.81
O4D DGD AD . 49.44 -6.53 -32.79
C5D DGD AD . 50.51 -4.39 -32.42
O5D DGD AD . 52.80 -4.93 -32.83
C6D DGD AD . 51.58 -4.59 -33.49
O6D DGD AD . 49.33 -3.79 -32.96
C1E DGD AD . 53.40 -6.10 -33.36
C2E DGD AD . 54.06 -6.87 -32.22
O2E DGD AD . 53.06 -7.25 -31.26
C3E DGD AD . 55.11 -5.99 -31.55
O3E DGD AD . 55.82 -6.78 -30.59
C4E DGD AD . 56.10 -5.45 -32.56
O4E DGD AD . 56.92 -6.53 -33.03
C5E DGD AD . 55.37 -4.82 -33.74
O6E DGD AD . 54.42 -5.73 -34.29
C6E DGD AD . 56.37 -4.45 -34.83
O5E DGD AD . 57.21 -5.58 -35.09
C1A DGD BD . 57.47 24.60 -19.05
C2A DGD BD . 56.48 25.22 -20.01
C3A DGD BD . 55.09 25.16 -19.38
C4A DGD BD . 54.09 26.00 -20.15
C5A DGD BD . 53.76 25.36 -21.50
C6A DGD BD . 52.58 26.10 -22.14
C7A DGD BD . 52.94 27.54 -22.43
C8A DGD BD . 51.70 28.42 -22.45
C9A DGD BD . 50.70 27.89 -23.44
CAA DGD BD . 49.51 28.47 -23.61
CBA DGD BD . 49.11 29.68 -22.82
CCA DGD BD . 49.48 30.94 -23.56
CDA DGD BD . 49.03 32.12 -23.15
CEA DGD BD . 49.40 33.38 -23.89
CFA DGD BD . 48.52 34.51 -23.45
CGA DGD BD . 47.21 34.47 -23.68
O1A DGD BD . 57.39 24.81 -17.85
C1B DGD BD . 59.94 21.99 -21.80
C2B DGD BD . 59.18 22.81 -22.80
C3B DGD BD . 58.34 21.89 -23.67
C4B DGD BD . 58.00 22.57 -24.99
C5B DGD BD . 56.55 22.35 -25.38
C6B DGD BD . 56.19 20.86 -25.44
C7B DGD BD . 54.71 20.70 -25.70
C8B DGD BD . 54.22 19.33 -25.28
C9B DGD BD . 54.46 18.34 -26.39
CAB DGD BD . 54.08 17.07 -26.28
CBB DGD BD . 53.37 16.55 -25.05
CCB DGD BD . 51.87 16.68 -25.19
CDB DGD BD . 51.11 16.46 -24.13
CEB DGD BD . 49.61 16.56 -24.21
CFB DGD BD . 49.02 16.50 -22.82
CGB DGD BD . 49.33 17.42 -21.92
O1B DGD BD . 60.11 20.80 -22.00
O1G DGD BD . 58.55 23.76 -19.55
C1G DGD BD . 58.64 22.40 -19.15
C2G DGD BD . 60.02 21.87 -19.53
O2G DGD BD . 60.47 22.54 -20.70
C3G DGD BD . 61.01 22.11 -18.39
O3G DGD BD . 62.34 22.09 -18.90
C1D DGD BD . 63.09 20.95 -18.49
C2D DGD BD . 63.51 21.07 -17.04
O2D DGD BD . 64.31 22.25 -16.86
C3D DGD BD . 64.32 19.84 -16.64
O3D DGD BD . 64.64 19.89 -15.25
C4D DGD BD . 63.56 18.56 -16.96
O4D DGD BD . 62.45 18.42 -16.07
C5D DGD BD . 63.06 18.57 -18.40
O5D DGD BD . 62.87 16.16 -18.62
C6D DGD BD . 62.14 17.38 -18.66
O6D DGD BD . 62.32 19.76 -18.64
C1E DGD BD . 63.11 15.66 -19.93
C2E DGD BD . 62.25 14.44 -20.22
O2E DGD BD . 60.86 14.77 -20.08
C3E DGD BD . 62.58 13.30 -19.25
O3E DGD BD . 61.94 12.12 -19.72
C4E DGD BD . 64.08 13.05 -19.17
O4E DGD BD . 64.50 12.37 -20.36
C5E DGD BD . 64.86 14.34 -19.01
O6E DGD BD . 64.49 15.28 -20.02
C6E DGD BD . 66.37 14.09 -19.11
O5E DGD BD . 67.06 15.34 -19.07
C1A DGD CD . 53.30 23.86 -11.95
C2A DGD CD . 52.27 24.76 -12.59
C3A DGD CD . 50.96 24.64 -11.81
C4A DGD CD . 49.78 25.01 -12.70
C5A DGD CD . 49.72 24.07 -13.90
C6A DGD CD . 48.58 24.44 -14.83
C7A DGD CD . 47.23 24.28 -14.15
C8A DGD CD . 46.11 24.47 -15.16
C9A DGD CD . 44.78 24.56 -14.44
CAA DGD CD . 43.71 25.00 -15.09
CBA DGD CD . 42.38 25.10 -14.37
CCA DGD CD . 41.55 26.16 -15.05
CDA DGD CD . 40.51 26.69 -14.41
O1A DGD CD . 53.55 23.96 -10.76
C1B DGD CD . 56.08 21.36 -15.80
C2B DGD CD . 54.74 21.04 -16.42
C3B DGD CD . 54.28 22.23 -17.25
C4B DGD CD . 53.14 21.83 -18.18
C5B DGD CD . 51.89 21.44 -17.41
C6B DGD CD . 50.81 22.50 -17.55
C7B DGD CD . 50.14 22.43 -18.92
C8B DGD CD . 49.17 23.58 -19.11
C9B DGD CD . 49.91 24.88 -18.99
CAB DGD CD . 49.38 26.01 -19.45
CBB DGD CD . 50.14 27.31 -19.32
CCB DGD CD . 49.96 27.88 -17.93
CDB DGD CD . 49.02 28.78 -17.65
CEB DGD CD . 48.08 29.29 -18.72
CFB DGD CD . 46.83 28.45 -18.77
CGB DGD CD . 45.89 28.68 -19.68
O1B DGD CD . 57.09 20.84 -16.21
O1G DGD CD . 54.03 22.88 -12.74
C1G DGD CD . 55.43 22.73 -12.56
C2G DGD CD . 55.96 21.66 -13.51
O2G DGD CD . 56.16 22.25 -14.79
C3G DGD CD . 57.29 21.15 -12.95
O3G DGD CD . 57.12 20.87 -11.56
C1D DGD CD . 58.32 20.40 -10.95
C2D DGD CD . 58.11 20.30 -9.45
O2D DGD CD . 57.86 21.60 -8.92
C3D DGD CD . 59.34 19.69 -8.77
O3D DGD CD . 59.04 19.45 -7.40
C4D DGD CD . 59.75 18.40 -9.44
O4D DGD CD . 58.79 17.37 -9.14
C5D DGD CD . 59.87 18.57 -10.95
O5D DGD CD . 61.19 16.57 -10.89
C6D DGD CD . 60.17 17.24 -11.62
O6D DGD CD . 58.64 19.10 -11.47
C1E DGD CD . 61.94 15.66 -11.70
C2E DGD CD . 62.58 14.61 -10.82
O2E DGD CD . 61.59 13.94 -10.05
C3E DGD CD . 63.60 15.25 -9.88
O3E DGD CD . 64.31 14.24 -9.17
C4E DGD CD . 64.59 16.12 -10.65
O4E DGD CD . 65.44 15.28 -11.44
C5E DGD CD . 63.84 17.10 -11.55
O6E DGD CD . 62.95 16.39 -12.40
C6E DGD CD . 64.81 17.92 -12.39
O5E DGD CD . 65.61 17.04 -13.20
C1 LMG DD . 66.92 21.49 -20.40
O1 LMG DD . 66.82 22.61 -21.28
C2 LMG DD . 66.26 20.28 -21.07
O2 LMG DD . 64.87 20.53 -21.23
C3 LMG DD . 66.46 19.04 -20.21
O3 LMG DD . 65.94 17.90 -20.90
C4 LMG DD . 67.94 18.83 -19.93
O4 LMG DD . 68.62 18.51 -21.16
C5 LMG DD . 68.55 20.08 -19.32
O5 LMG DD . 70.31 18.79 -18.31
C6 LMG DD . 70.06 19.92 -19.14
O6 LMG DD . 68.30 21.21 -20.17
C7 LMG DD . 65.94 23.62 -20.80
C8 LMG DD . 66.06 24.83 -21.71
C9 LMG DD . 64.86 24.95 -22.62
O7 LMG DD . 66.18 26.03 -20.93
C10 LMG DD . 67.30 26.69 -21.22
O9 LMG DD . 68.36 26.31 -20.75
C11 LMG DD . 67.25 27.91 -22.11
C12 LMG DD . 67.39 29.17 -21.26
C13 LMG DD . 66.03 29.64 -20.75
C14 LMG DD . 65.12 30.00 -21.92
C15 LMG DD . 63.73 30.40 -21.45
C16 LMG DD . 62.79 30.52 -22.65
C17 LMG DD . 61.34 30.71 -22.21
C18 LMG DD . 60.96 32.17 -22.35
C19 LMG DD . 59.80 32.51 -22.90
C20 LMG DD . 58.85 31.45 -23.42
C21 LMG DD . 57.51 32.07 -23.75
C22 LMG DD . 56.51 31.29 -24.12
C23 LMG DD . 55.16 31.89 -24.46
C24 LMG DD . 54.13 30.78 -24.51
C25 LMG DD . 52.84 31.07 -24.72
O8 LMG DD . 63.67 25.19 -21.88
C28 LMG DD . 62.72 25.96 -22.40
O10 LMG DD . 63.03 26.78 -23.24
C29 LMG DD . 61.28 25.82 -21.95
C30 LMG DD . 60.39 26.81 -22.69
C31 LMG DD . 59.92 26.25 -24.03
C32 LMG DD . 58.40 26.18 -24.10
C33 LMG DD . 57.78 27.55 -24.33
C34 LMG DD . 56.26 27.45 -24.40
C35 LMG DD . 55.81 26.44 -25.44
C36 LMG DD . 54.34 26.63 -25.71
C37 LMG DD . 53.68 25.84 -26.56
C38 LMG DD . 54.39 24.73 -27.30
C39 LMG DD . 53.36 23.92 -28.06
C40 LMG DD . 53.68 22.72 -28.55
C41 LMG DD . 52.65 21.92 -29.29
C42 LMG DD . 53.13 20.50 -29.45
C43 LMG DD . 52.35 19.58 -30.01
C1A DGD ED . 37.07 4.81 -62.85
C2A DGD ED . 38.49 4.32 -63.00
C3A DGD ED . 38.58 2.87 -62.54
C4A DGD ED . 40.03 2.45 -62.30
C5A DGD ED . 40.91 2.67 -63.52
C6A DGD ED . 42.34 2.23 -63.24
C7A DGD ED . 43.31 2.65 -64.34
C8A DGD ED . 43.16 1.79 -65.57
C9A DGD ED . 44.47 1.74 -66.33
CAA DGD ED . 44.91 2.82 -66.98
CBA DGD ED . 46.21 2.77 -67.73
CCA DGD ED . 46.29 3.96 -68.66
CDA DGD ED . 47.39 4.21 -69.37
CEA DGD ED . 48.61 3.32 -69.26
CFA DGD ED . 49.63 3.75 -70.29
CGA DGD ED . 50.06 5.01 -70.33
CHA DGD ED . 51.08 5.44 -71.34
CIA DGD ED . 51.35 6.92 -71.21
O1A DGD ED . 36.60 5.00 -61.74
C1B DGD ED . 37.95 3.65 -67.55
C2B DGD ED . 38.91 2.54 -67.17
C3B DGD ED . 38.40 1.22 -67.75
C4B DGD ED . 39.07 0.02 -67.10
C5B DGD ED . 40.55 -0.07 -67.47
C6B DGD ED . 41.17 -1.36 -66.95
C7B DGD ED . 42.64 -1.44 -67.32
C8B DGD ED . 43.29 -2.74 -66.82
C9B DGD ED . 42.82 -3.89 -67.66
CAB DGD ED . 43.31 -5.12 -67.44
CBB DGD ED . 42.84 -6.28 -68.28
CCB DGD ED . 42.34 -7.38 -67.38
CDB DGD ED . 41.37 -7.12 -66.49
CEB DGD ED . 40.86 -8.19 -65.58
CFB DGD ED . 41.87 -8.49 -64.50
CGB DGD ED . 41.67 -9.46 -63.61
CHB DGD ED . 40.41 -10.29 -63.65
CIB DGD ED . 40.51 -11.41 -62.63
O1B DGD ED . 37.02 3.39 -68.31
O1G DGD ED . 36.25 5.06 -64.02
C1G DGD ED . 36.56 4.46 -65.27
C2G DGD ED . 37.15 5.48 -66.24
O2G DGD ED . 38.14 4.91 -67.10
C3G DGD ED . 36.03 6.15 -67.05
O3G DGD ED . 35.09 6.75 -66.16
C1D DGD ED . 33.79 6.84 -66.74
C2D DGD ED . 32.78 7.28 -65.69
O2D DGD ED . 32.74 6.32 -64.64
C3D DGD ED . 31.40 7.41 -66.31
O3D DGD ED . 30.50 8.00 -65.36
C4D DGD ED . 31.43 8.28 -67.57
O4D DGD ED . 31.64 9.65 -67.21
C5D DGD ED . 32.54 7.82 -68.51
O5D DGD ED . 33.23 10.00 -69.32
C6D DGD ED . 32.64 8.76 -69.71
O6D DGD ED . 33.78 7.79 -67.82
C1E DGD ED . 33.68 10.74 -70.46
C2E DGD ED . 35.20 10.65 -70.58
O2E DGD ED . 35.72 9.77 -69.57
C3E DGD ED . 35.86 12.03 -70.43
O3E DGD ED . 35.57 12.80 -71.60
C4E DGD ED . 35.32 12.74 -69.20
O4E DGD ED . 35.86 14.08 -69.16
C5E DGD ED . 33.79 12.78 -69.19
O6E DGD ED . 33.28 12.10 -70.34
C6E DGD ED . 33.28 14.21 -69.20
O5E DGD ED . 31.85 14.21 -69.35
CA1 DGA FD . 31.53 4.86 -58.80
CA2 DGA FD . 32.93 4.35 -58.35
CA3 DGA FD . 32.86 3.87 -56.87
CA4 DGA FD . 34.21 3.24 -56.44
CA5 DGA FD . 34.61 2.11 -57.43
CA6 DGA FD . 36.09 1.68 -57.15
CA7 DGA FD . 36.19 0.14 -57.11
CA8 DGA FD . 37.41 -0.28 -56.24
CA9 DGA FD . 36.97 -1.32 -55.16
CAA DGA FD . 37.85 -2.59 -55.27
CBA DGA FD . 38.13 -3.16 -53.87
CCA DGA FD . 38.58 -4.64 -54.01
CDA DGA FD . 39.33 -5.10 -52.73
CEA DGA FD . 39.93 -6.52 -52.97
CFA DGA FD . 41.12 -6.77 -51.97
CGA DGA FD . 40.72 -7.83 -50.92
CHA DGA FD . 40.46 -9.19 -51.62
CIA DGA FD . 39.81 -10.16 -50.63
OA1 DGA FD . 31.11 5.91 -58.40
CB1 DGA FD . 31.34 3.56 -62.92
CB2 DGA FD . 31.73 2.07 -62.79
CB3 DGA FD . 33.09 1.95 -62.02
CB4 DGA FD . 32.92 1.00 -60.80
CB5 DGA FD . 33.52 -0.39 -61.13
CB6 DGA FD . 32.47 -1.48 -60.82
CB7 DGA FD . 33.13 -2.60 -60.02
CB8 DGA FD . 33.06 -3.92 -60.81
CB9 DGA FD . 31.64 -4.49 -60.72
CAB DGA FD . 31.71 -6.00 -60.44
CBB DGA FD . 30.38 -6.48 -59.81
CCB DGA FD . 30.69 -7.55 -58.73
CDB DGA FD . 29.40 -8.18 -59.37
CEB DGA FD . 28.83 -9.26 -58.41
CFB DGA FD . 29.79 -10.49 -58.39
CGB DGA FD . 29.04 -11.72 -57.82
CHB DGA FD . 30.03 -12.88 -57.61
CIB DGA FD . 29.30 -14.11 -57.04
OB1 DGA FD . 32.13 4.34 -63.36
OG1 DGA FD . 30.74 4.09 -59.71
CG1 DGA FD . 29.68 4.81 -60.30
CG2 DGA FD . 30.04 5.17 -61.74
OG2 DGA FD . 30.04 4.01 -62.53
CG3 DGA FD . 29.02 6.16 -62.28
OXT DGA FD . 29.50 6.74 -63.47
O1 LHG GD . 53.47 31.33 -69.85
C1 LHG GD . 52.86 30.19 -70.45
C2 LHG GD . 53.86 29.04 -70.50
O2 LHG GD . 53.65 28.26 -71.69
C3 LHG GD . 53.65 28.15 -69.28
O3 LHG GD . 54.92 27.83 -68.70
P LHG GD . 55.68 28.87 -67.74
O4 LHG GD . 56.63 29.68 -68.58
O5 LHG GD . 54.65 29.58 -66.88
O6 LHG GD . 56.55 27.89 -66.80
C4 LHG GD . 56.81 28.23 -65.44
C5 LHG GD . 58.05 27.46 -64.99
C6 LHG GD . 59.16 28.47 -64.73
O7 LHG GD . 57.79 26.69 -63.82
C7 LHG GD . 57.73 25.37 -64.05
O9 LHG GD . 57.65 24.95 -65.19
C8 LHG GD . 57.69 24.41 -62.89
C9 LHG GD . 58.54 23.19 -63.21
C10 LHG GD . 59.63 22.99 -62.17
O8 LHG GD . 60.28 27.86 -64.09
C23 LHG GD . 60.50 28.05 -62.80
O10 LHG GD . 59.55 28.15 -62.05
C24 LHG GD . 61.91 28.13 -62.29
C11 LHG GD . 60.34 21.66 -62.35
C12 LHG GD . 60.91 21.15 -61.03
C13 LHG GD . 62.26 20.46 -61.24
C14 LHG GD . 63.25 20.90 -60.17
C15 LHG GD . 64.70 20.82 -60.66
C16 LHG GD . 65.42 22.12 -60.33
C17 LHG GD . 66.92 22.05 -60.58
C18 LHG GD . 67.61 23.26 -59.95
C19 LHG GD . 68.99 23.49 -60.54
C20 LHG GD . 69.51 24.88 -60.19
C25 LHG GD . 62.81 28.52 -63.46
C26 LHG GD . 64.09 27.68 -63.49
C27 LHG GD . 65.03 28.07 -62.37
C28 LHG GD . 66.47 27.78 -62.76
C29 LHG GD . 67.37 27.67 -61.54
C30 LHG GD . 67.68 29.06 -60.97
C31 LHG GD . 67.84 29.00 -59.46
C32 LHG GD . 68.62 30.20 -58.94
C33 LHG GD . 69.61 29.77 -57.87
C34 LHG GD . 69.45 30.61 -56.60
C35 LHG GD . 68.16 30.26 -55.87
C36 LHG GD . 68.32 30.50 -54.37
C37 LHG GD . 67.68 29.37 -53.56
C38 LHG GD . 68.73 28.35 -53.15
O6 SQD HD . 51.85 19.11 -67.29
C44 SQD HD . 52.66 19.15 -68.44
C45 SQD HD . 54.13 18.92 -68.02
C46 SQD HD . 54.69 20.12 -67.22
O47 SQD HD . 54.11 17.85 -67.09
C7 SQD HD . 54.59 16.64 -67.53
O49 SQD HD . 55.14 16.53 -68.59
C8 SQD HD . 54.31 15.57 -66.53
C9 SQD HD . 55.58 15.22 -65.75
C10 SQD HD . 56.36 14.08 -66.38
C11 SQD HD . 57.65 13.77 -65.60
C12 SQD HD . 57.35 13.54 -64.10
C13 SQD HD . 58.56 12.98 -63.35
C14 SQD HD . 58.46 11.46 -63.11
C15 SQD HD . 59.19 11.03 -61.84
C16 SQD HD . 60.68 10.76 -62.09
C17 SQD HD . 61.43 10.44 -60.80
C18 SQD HD . 62.82 9.83 -61.09
C19 SQD HD . 63.62 9.58 -59.81
C20 SQD HD . 62.87 8.69 -58.83
C21 SQD HD . 63.78 8.23 -57.69
C22 SQD HD . 64.29 9.39 -56.85
O48 SQD HD . 56.09 19.91 -67.06
C23 SQD HD . 56.52 19.61 -65.80
O10 SQD HD . 55.73 19.29 -64.94
C24 SQD HD . 58.01 19.72 -65.67
C25 SQD HD . 58.72 18.44 -66.15
C26 SQD HD . 60.23 18.66 -66.35
C27 SQD HD . 60.92 19.17 -65.07
C28 SQD HD . 60.90 18.13 -63.95
C29 SQD HD . 61.66 16.86 -64.33
C30 SQD HD . 63.18 17.00 -64.14
C31 SQD HD . 63.57 17.23 -62.67
C32 SQD HD . 65.07 17.05 -62.44
C33 SQD HD . 65.37 16.25 -61.16
C34 SQD HD . 65.30 17.13 -59.92
C35 SQD HD . 66.65 17.82 -59.63
C36 SQD HD . 66.62 18.58 -58.30
C37 SQD HD . 67.92 19.35 -58.06
C38 SQD HD . 68.02 19.89 -56.64
C1 SQD HD . 50.57 19.64 -67.51
C2 SQD HD . 50.73 21.17 -67.62
O2 SQD HD . 51.14 21.71 -66.40
C3 SQD HD . 49.37 21.77 -68.03
O3 SQD HD . 49.64 23.09 -68.39
C4 SQD HD . 48.76 21.02 -69.25
O4 SQD HD . 47.46 21.51 -69.45
C5 SQD HD . 48.79 19.49 -69.01
C6 SQD HD . 48.35 18.75 -70.25
O5 SQD HD . 50.13 19.14 -68.75
S SQD HD . 46.78 17.87 -70.10
O7 SQD HD . 46.47 18.03 -68.71
O8 SQD HD . 45.93 18.59 -70.99
O9 SQD HD . 47.05 16.51 -70.48
C4 LMK ID . 82.85 8.69 -44.42
C5 LMK ID . 81.46 7.85 -41.95
C6 LMK ID . 80.73 6.78 -43.96
C7 LMK ID . 79.92 12.95 -43.14
C8 LMK ID . 78.55 13.60 -43.28
C10 LMK ID . 79.37 15.52 -44.46
C1 LMK ID . 81.51 11.61 -44.27
C11 LMK ID . 78.38 15.77 -45.58
C12 LMK ID . 77.70 17.11 -45.43
C2 LMK ID . 81.43 10.43 -43.30
C3 LMK ID . 81.43 9.10 -44.03
C9 LMK ID . 77.70 13.22 -42.08
O1 LMK ID . 80.24 12.26 -44.34
O2 LMK ID . 83.08 9.01 -45.80
O3 LMK ID . 83.81 9.37 -43.61
C13 LMK ID . 76.93 17.50 -46.68
C14 LMK ID . 76.48 18.96 -46.61
C15 LMK ID . 75.87 19.44 -47.92
C28 LMK ID . 75.46 13.20 -42.81
C29 LMK ID . 74.09 13.81 -42.49
C30 LMK ID . 72.96 12.90 -42.93
C31 LMK ID . 71.60 13.58 -42.72
C32 LMK ID . 71.51 14.85 -43.54
C33 LMK ID . 70.10 15.41 -43.55
C34 LMK ID . 69.92 16.46 -44.64
C46 LMK ID . 79.37 8.46 -42.94
N4 LMK ID . 80.76 8.06 -43.23
O10 LMK ID . 75.48 11.83 -42.44
O7 LMK ID . 78.69 15.03 -43.30
O8 LMK ID . 76.47 13.92 -42.10
O9 LMK ID . 80.01 16.75 -44.14
C16 LMK ID . 68.65 17.26 -44.39
C17 LMK ID . 68.34 18.21 -45.56
C18 LMK ID . 67.16 19.08 -45.20
C19 LMK ID . 66.61 19.84 -46.40
C20 LMK ID . 65.42 20.69 -45.97
C21 LMK ID . 64.67 21.24 -47.18
C27 LMK ID . 75.80 20.96 -47.95
C35 LMK ID . 75.17 21.48 -49.24
C36 LMK ID . 73.67 21.19 -49.26
C BCT JD . 17.11 35.30 -26.23
O1 BCT JD . 18.43 35.06 -25.73
O2 BCT JD . 16.71 34.35 -26.89
O3 BCT JD . 16.66 36.42 -25.98
MG CLA KD . 31.47 15.70 -6.87
CHA CLA KD . 30.58 18.13 -4.56
CHB CLA KD . 29.61 17.28 -9.29
CHC CLA KD . 32.46 13.39 -8.99
CHD CLA KD . 33.45 14.18 -4.36
NA CLA KD . 30.22 17.52 -6.95
C1A CLA KD . 29.98 18.35 -5.93
C2A CLA KD . 29.05 19.46 -6.32
C3A CLA KD . 28.74 19.14 -7.76
C4A CLA KD . 29.56 17.93 -8.05
CMA CLA KD . 27.25 19.02 -8.05
CAA CLA KD . 29.84 20.77 -6.30
CBA CLA KD . 28.98 21.95 -6.71
CGA CLA KD . 29.88 23.14 -6.93
O1A CLA KD . 29.53 24.01 -7.69
O2A CLA KD . 31.02 23.21 -6.27
NB CLA KD . 31.09 15.38 -8.85
C1B CLA KD . 30.31 16.12 -9.68
C2B CLA KD . 30.31 15.54 -10.99
C3B CLA KD . 31.11 14.45 -10.92
C4B CLA KD . 31.61 14.34 -9.53
CMB CLA KD . 29.57 16.07 -12.19
CAB CLA KD . 31.37 13.53 -12.07
CBB CLA KD . 32.71 12.90 -12.37
NC CLA KD . 32.80 14.09 -6.71
C1C CLA KD . 32.96 13.19 -7.67
C2C CLA KD . 33.71 12.00 -7.20
C3C CLA KD . 33.98 12.25 -5.89
C4C CLA KD . 33.41 13.55 -5.59
CMC CLA KD . 34.10 10.77 -7.95
CAC CLA KD . 34.71 11.34 -4.94
CBC CLA KD . 33.70 10.57 -4.11
ND CLA KD . 31.95 15.98 -4.97
C1D CLA KD . 32.73 15.36 -4.05
C2D CLA KD . 32.70 16.02 -2.76
C3D CLA KD . 31.85 17.09 -2.97
C4D CLA KD . 31.42 17.07 -4.29
CMD CLA KD . 33.36 15.76 -1.44
CAD CLA KD . 31.27 18.22 -2.30
OBD CLA KD . 31.20 18.33 -1.09
CBD CLA KD . 30.40 18.92 -3.29
CGD CLA KD . 28.94 18.84 -2.93
O1D CLA KD . 28.43 17.76 -2.71
O2D CLA KD . 28.20 19.94 -2.88
CED CLA KD . 27.22 20.00 -1.86
C1 CLA KD . 31.61 24.53 -6.04
C2 CLA KD . 31.37 25.32 -4.78
C3 CLA KD . 30.53 26.36 -4.76
C4 CLA KD . 29.76 26.78 -5.97
C5 CLA KD . 30.30 27.15 -3.49
C6 CLA KD . 30.27 28.65 -3.78
C7 CLA KD . 31.66 29.21 -4.08
C8 CLA KD . 31.61 30.63 -4.64
C9 CLA KD . 30.39 30.89 -5.52
C10 CLA KD . 32.89 30.87 -5.41
C11 CLA KD . 33.45 32.26 -5.12
C12 CLA KD . 34.65 32.56 -6.02
C13 CLA KD . 35.27 33.89 -5.67
C14 CLA KD . 35.09 34.89 -6.80
C15 CLA KD . 36.75 33.70 -5.34
C16 CLA KD . 37.54 33.27 -6.56
C17 CLA KD . 38.79 32.51 -6.18
C18 CLA KD . 39.90 32.73 -7.19
C19 CLA KD . 40.47 34.14 -7.09
C20 CLA KD . 41.00 31.70 -7.03
MG CLA LD . 35.76 41.38 10.44
CHA CLA LD . 36.34 38.55 12.34
CHB CLA LD . 32.47 40.44 9.99
CHC CLA LD . 35.29 44.18 8.77
CHD CLA LD . 39.14 42.32 10.93
NA CLA LD . 34.51 39.68 11.10
C1A CLA LD . 34.92 38.65 11.85
C2A CLA LD . 33.82 37.65 12.09
C3A CLA LD . 32.64 38.26 11.32
C4A CLA LD . 33.21 39.53 10.76
CMA CLA LD . 31.80 37.36 10.43
CAA CLA LD . 33.40 37.59 13.55
CBA CLA LD . 33.41 38.97 14.21
CGA CLA LD . 32.77 38.89 15.57
O1A CLA LD . 32.43 37.80 16.00
O2A CLA LD . 32.59 39.99 16.27
NB CLA LD . 34.13 42.19 9.53
C1B CLA LD . 32.88 41.65 9.42
C2B CLA LD . 32.05 42.53 8.63
C3B CLA LD . 32.85 43.58 8.29
C4B CLA LD . 34.17 43.35 8.86
CMB CLA LD . 30.61 42.32 8.26
CAB CLA LD . 32.46 44.76 7.47
CBB CLA LD . 32.40 46.13 8.10
NC CLA LD . 37.01 42.99 9.94
C1C CLA LD . 36.61 44.06 9.26
C2C CLA LD . 37.69 45.06 9.07
C3C CLA LD . 38.76 44.52 9.70
C4C CLA LD . 38.34 43.23 10.23
CMC CLA LD . 37.59 46.38 8.36
CAC CLA LD . 40.14 45.14 9.81
CBC CLA LD . 40.28 45.84 11.15
ND CLA LD . 37.38 40.72 11.38
C1D CLA LD . 38.67 41.11 11.50
C2D CLA LD . 39.47 40.16 12.27
C3D CLA LD . 38.55 39.16 12.59
C4D CLA LD . 37.30 39.51 12.06
CMD CLA LD . 40.91 40.12 12.68
CAD CLA LD . 38.43 37.90 13.28
OBD CLA LD . 39.35 37.23 13.71
CBD CLA LD . 37.01 37.44 13.14
CGD CLA LD . 36.96 36.16 12.35
O1D CLA LD . 37.03 36.18 11.13
O2D CLA LD . 36.84 34.99 12.96
CED CLA LD . 37.84 34.02 12.65
C1 CLA LD . 31.29 40.67 16.26
C2 CLA LD . 31.10 42.04 15.68
C3 CLA LD . 30.03 42.77 16.01
C4 CLA LD . 28.98 42.27 16.95
C5 CLA LD . 29.78 44.16 15.46
C6 CLA LD . 29.73 45.16 16.60
C7 CLA LD . 28.49 46.04 16.53
C8 CLA LD . 28.30 46.84 17.81
C9 CLA LD . 27.57 46.03 18.86
C10 CLA LD . 27.57 48.14 17.48
C11 CLA LD . 27.28 48.95 18.75
C12 CLA LD . 27.48 50.43 18.49
C13 CLA LD . 26.52 51.29 19.32
C14 CLA LD . 25.46 51.91 18.43
C15 CLA LD . 27.33 52.35 20.08
C16 CLA LD . 26.45 53.44 20.68
C17 CLA LD . 26.20 53.20 22.17
C18 CLA LD . 26.88 54.25 23.02
C19 CLA LD . 26.52 55.67 22.58
C20 CLA LD . 26.56 54.05 24.50
C1 BCR MD . 44.09 41.29 7.28
C2 BCR MD . 43.99 40.70 8.67
C3 BCR MD . 43.31 39.34 8.74
C4 BCR MD . 44.01 38.35 7.81
C5 BCR MD . 44.39 38.97 6.49
C6 BCR MD . 43.99 40.22 6.21
C7 BCR MD . 43.45 40.57 4.87
C8 BCR MD . 44.22 41.08 3.91
C9 BCR MD . 43.77 41.47 2.58
C10 BCR MD . 44.70 41.71 1.50
C11 BCR MD . 45.23 41.14 0.31
C33 BCR MD . 45.21 38.16 5.53
C31 BCR MD . 45.41 42.02 7.12
C32 BCR MD . 42.93 42.25 7.08
C34 BCR MD . 42.30 41.63 2.33
C12 BCR MD . 45.75 40.74 -0.70
C13 BCR MD . 45.81 40.19 -2.02
C14 BCR MD . 46.97 39.62 -2.44
C15 BCR MD . 47.20 39.04 -3.72
C16 BCR MD . 47.91 38.16 -4.45
C17 BCR MD . 47.77 37.99 -5.73
C18 BCR MD . 48.60 37.30 -6.55
C19 BCR MD . 48.41 37.13 -8.01
C20 BCR MD . 48.84 36.42 -9.05
C21 BCR MD . 49.66 35.41 -9.65
C22 BCR MD . 49.66 34.99 -10.93
C23 BCR MD . 48.78 35.54 -11.98
C24 BCR MD . 48.63 35.00 -13.37
C25 BCR MD . 47.74 35.60 -14.38
C26 BCR MD . 46.44 35.29 -14.39
C27 BCR MD . 45.43 36.33 -14.82
C28 BCR MD . 45.90 37.11 -16.04
C29 BCR MD . 47.31 36.74 -16.55
C30 BCR MD . 48.32 36.54 -15.42
C35 BCR MD . 44.61 40.26 -2.92
C36 BCR MD . 49.82 36.67 -5.95
C37 BCR MD . 50.62 33.92 -11.31
C38 BCR MD . 45.94 33.93 -13.97
C39 BCR MD . 48.70 37.87 -14.78
C40 BCR MD . 49.54 35.89 -16.05
C2 PL9 ND . 18.03 23.63 -27.92
C3 PL9 ND . 17.08 22.68 -28.19
C4 PL9 ND . 15.86 23.04 -28.87
C5 PL9 ND . 15.67 24.42 -29.25
C6 PL9 ND . 16.63 25.37 -28.98
C1 PL9 ND . 17.84 25.00 -28.30
C7 PL9 ND . 17.33 21.29 -27.79
C8 PL9 ND . 17.65 21.05 -26.36
C9 PL9 ND . 17.60 19.84 -25.82
C10 PL9 ND . 16.96 18.68 -26.49
C11 PL9 ND . 18.46 19.55 -24.65
C12 PL9 ND . 17.68 18.71 -23.62
C13 PL9 ND . 18.63 18.38 -22.54
C14 PL9 ND . 18.88 17.13 -22.16
C15 PL9 ND . 18.97 16.02 -23.15
C16 PL9 ND . 18.79 16.68 -20.76
C17 PL9 ND . 18.44 17.78 -19.75
C18 PL9 ND . 18.91 17.38 -18.38
C19 PL9 ND . 18.21 16.75 -17.42
C20 PL9 ND . 16.83 16.30 -17.65
C21 PL9 ND . 18.85 16.53 -16.10
C22 PL9 ND . 17.90 16.82 -14.92
C23 PL9 ND . 18.73 17.01 -13.70
C24 PL9 ND . 18.24 17.61 -12.61
C25 PL9 ND . 16.95 18.31 -12.58
C26 PL9 ND . 18.92 17.37 -11.32
C27 PL9 ND . 18.02 16.52 -10.41
C28 PL9 ND . 18.17 15.10 -10.79
C29 PL9 ND . 17.12 14.30 -10.97
C30 PL9 ND . 15.73 14.78 -10.79
C31 PL9 ND . 17.23 12.85 -11.23
C32 PL9 ND . 18.67 12.38 -11.44
C33 PL9 ND . 18.55 10.93 -11.70
C34 PL9 ND . 19.58 10.11 -11.80
C35 PL9 ND . 20.96 10.46 -11.45
C36 PL9 ND . 19.30 8.73 -12.26
C37 PL9 ND . 19.59 8.62 -13.75
C38 PL9 ND . 19.91 7.18 -14.00
C39 PL9 ND . 19.11 6.36 -14.66
C40 PL9 ND . 17.82 6.82 -15.20
C41 PL9 ND . 19.36 4.91 -14.51
C42 PL9 ND . 19.86 4.35 -15.84
C43 PL9 ND . 19.60 2.89 -15.86
C44 PL9 ND . 20.55 1.96 -15.89
C45 PL9 ND . 21.96 2.29 -15.60
C46 PL9 ND . 20.36 0.69 -16.59
C47 PL9 ND . 19.66 0.85 -17.92
C48 PL9 ND . 19.63 -0.50 -18.54
C49 PL9 ND . 18.52 -1.05 -19.00
C50 PL9 ND . 18.55 -2.51 -19.24
C51 PL9 ND . 17.38 -0.30 -19.54
C52 PL9 ND . 14.43 24.75 -29.93
C53 PL9 ND . 16.49 26.78 -29.33
O1 PL9 ND . 15.04 22.15 -29.10
O2 PL9 ND . 18.74 25.80 -28.01
O1 LHG OD . 7.72 27.86 -15.85
C1 LHG OD . 8.67 28.87 -15.49
C2 LHG OD . 8.14 30.25 -15.87
O2 LHG OD . 9.25 31.12 -16.15
C3 LHG OD . 7.31 30.83 -14.73
O3 LHG OD . 7.27 29.91 -13.64
P LHG OD . 7.81 30.31 -12.18
O4 LHG OD . 8.89 31.34 -12.34
O5 LHG OD . 6.63 30.58 -11.29
O6 LHG OD . 8.50 28.93 -11.71
C4 LHG OD . 8.58 28.61 -10.33
C5 LHG OD . 9.66 27.55 -10.13
C6 LHG OD . 10.83 28.26 -9.45
O7 LHG OD . 9.15 26.50 -9.30
C7 LHG OD . 9.49 25.28 -9.74
O9 LHG OD . 10.62 25.07 -10.13
C8 LHG OD . 8.48 24.15 -9.75
C9 LHG OD . 8.82 23.19 -8.61
C10 LHG OD . 9.00 21.76 -9.11
O8 LHG OD . 12.06 27.61 -9.77
C23 LHG OD . 12.85 27.20 -8.78
O10 LHG OD . 12.54 27.45 -7.63
C24 LHG OD . 14.12 26.44 -9.07
C11 LHG OD . 9.99 21.00 -8.22
C12 LHG OD . 10.54 19.76 -8.92
C13 LHG OD . 11.88 19.36 -8.32
C14 LHG OD . 11.98 17.85 -8.08
C15 LHG OD . 13.45 17.43 -8.05
C16 LHG OD . 13.83 16.86 -6.69
C17 LHG OD . 13.25 15.48 -6.48
C25 LHG OD . 14.05 25.10 -8.36
C26 LHG OD . 15.20 24.93 -7.37
C27 LHG OD . 15.28 23.50 -6.87
C28 LHG OD . 15.36 23.45 -5.35
C29 LHG OD . 13.97 23.20 -4.75
C30 LHG OD . 14.03 22.14 -3.66
C31 LHG OD . 13.42 20.82 -4.15
C32 LHG OD . 12.02 20.61 -3.59
C33 LHG OD . 10.95 21.03 -4.59
C34 LHG OD . 9.66 21.43 -3.88
C35 LHG OD . 8.52 21.64 -4.89
C36 LHG OD . 8.00 23.07 -4.84
C37 LHG OD . 6.48 23.07 -4.94
C38 LHG OD . 5.95 24.40 -5.43
O1 LHG PD . 3.57 22.77 -24.15
C1 LHG PD . 4.11 23.90 -23.45
C2 LHG PD . 5.42 23.52 -22.79
O2 LHG PD . 5.45 24.00 -21.45
C3 LHG PD . 6.57 24.12 -23.59
O3 LHG PD . 7.64 23.19 -23.61
P LHG PD . 7.94 22.27 -24.90
O4 LHG PD . 6.64 21.73 -25.44
O5 LHG PD . 8.87 23.04 -25.79
O6 LHG PD . 8.76 21.07 -24.22
C4 LHG PD . 9.00 19.83 -24.88
C5 LHG PD . 9.49 18.87 -23.80
C6 LHG PD . 8.50 17.73 -23.61
O7 LHG PD . 10.79 18.36 -24.12
C7 LHG PD . 11.76 19.08 -23.56
O9 LHG PD . 11.61 19.51 -22.42
C8 LHG PD . 13.02 19.37 -24.33
C9 LHG PD . 13.88 18.11 -24.40
C10 LHG PD . 14.22 17.60 -22.99
O8 LHG PD . 8.86 16.94 -22.48
C23 LHG PD . 9.46 15.78 -22.65
O10 LHG PD . 9.54 15.32 -23.77
C24 LHG PD . 10.05 15.04 -21.47
C11 LHG PD . 14.51 16.12 -23.00
C12 LHG PD . 15.36 15.74 -21.78
C13 LHG PD . 15.88 14.31 -21.88
C14 LHG PD . 15.58 13.53 -20.61
C15 LHG PD . 16.38 12.24 -20.54
C16 LHG PD . 15.48 11.07 -20.19
C17 LHG PD . 16.29 9.85 -19.80
C18 LHG PD . 15.39 8.72 -19.33
C19 LHG PD . 16.10 7.80 -18.35
C20 LHG PD . 16.96 6.77 -19.08
C21 LHG PD . 16.10 5.61 -19.59
C22 LHG PD . 16.03 4.51 -18.56
C25 LHG PD . 10.40 13.63 -21.91
C26 LHG PD . 11.87 13.53 -22.27
C27 LHG PD . 12.10 12.55 -23.42
C28 LHG PD . 13.44 11.83 -23.26
C29 LHG PD . 14.34 12.07 -24.46
C30 LHG PD . 13.96 11.15 -25.61
C31 LHG PD . 14.98 10.03 -25.76
C32 LHG PD . 15.89 10.25 -26.95
C33 LHG PD . 16.57 8.95 -27.38
C34 LHG PD . 16.28 8.60 -28.84
C35 LHG PD . 16.92 9.63 -29.77
C36 LHG PD . 17.67 8.95 -30.91
C37 LHG PD . 16.76 8.74 -32.12
C38 LHG PD . 17.26 7.59 -32.96
O1 LHG QD . 35.19 33.34 -40.85
C1 LHG QD . 33.80 33.09 -40.58
C2 LHG QD . 33.61 31.61 -40.31
O2 LHG QD . 32.42 31.15 -40.97
C3 LHG QD . 33.45 31.36 -38.82
O3 LHG QD . 32.92 32.53 -38.19
P LHG QD . 31.33 32.64 -37.92
O4 LHG QD . 30.86 34.00 -38.37
O5 LHG QD . 30.67 31.40 -38.46
O6 LHG QD . 31.31 32.60 -36.32
C4 LHG QD . 30.29 31.90 -35.62
C5 LHG QD . 30.92 30.79 -34.79
C6 LHG QD . 30.06 29.55 -34.91
O7 LHG QD . 32.23 30.48 -35.28
C7 LHG QD . 33.22 30.96 -34.51
O9 LHG QD . 33.00 31.85 -33.70
C8 LHG QD . 34.62 30.42 -34.70
C9 LHG QD . 35.62 31.36 -34.03
C10 LHG QD . 36.55 30.61 -33.09
O8 LHG QD . 29.76 29.05 -33.61
C23 LHG QD . 29.34 27.81 -33.45
O10 LHG QD . 29.22 27.10 -34.43
C24 LHG QD . 29.02 27.27 -32.08
C11 LHG QD . 37.92 31.26 -33.08
C12 LHG QD . 38.98 30.31 -32.54
C13 LHG QD . 38.60 29.76 -31.16
C25 LHG QD . 30.27 26.56 -31.58
C26 LHG QD . 30.00 25.09 -31.29
C27 LHG QD . 31.31 24.31 -31.34
C28 LHG QD . 32.30 24.86 -30.31
C29 LHG QD . 33.71 24.87 -30.87
C30 LHG QD . 33.81 25.70 -32.14
C31 LHG QD . 35.15 26.42 -32.24
C32 LHG QD . 36.31 25.45 -32.04
C33 LHG QD . 37.42 26.08 -31.21
C34 LHG QD . 38.77 25.43 -31.53
C35 LHG QD . 39.85 25.92 -30.58
C36 LHG QD . 40.83 24.80 -30.24
C37 LHG QD . 41.36 24.94 -28.83
C1 LMG RD . 55.98 28.47 -6.65
O1 LMG RD . 55.31 29.24 -7.65
C2 LMG RD . 56.76 27.34 -7.29
O2 LMG RD . 55.93 26.59 -8.17
C3 LMG RD . 57.30 26.47 -6.17
O3 LMG RD . 58.03 25.36 -6.70
C4 LMG RD . 58.23 27.32 -5.30
O4 LMG RD . 59.40 27.66 -6.04
C5 LMG RD . 57.54 28.59 -4.83
O5 LMG RD . 59.01 28.94 -2.96
C6 LMG RD . 58.55 29.52 -4.18
O6 LMG RD . 56.90 29.28 -5.91
C7 LMG RD . 54.37 30.14 -7.07
C8 LMG RD . 53.06 30.07 -7.84
C9 LMG RD . 52.23 31.30 -7.50
O7 LMG RD . 53.32 30.04 -9.24
C10 LMG RD . 52.87 28.94 -9.88
O9 LMG RD . 52.40 28.01 -9.23
C11 LMG RD . 52.91 28.87 -11.38
C12 LMG RD . 51.50 28.91 -11.93
C13 LMG RD . 50.83 30.24 -11.59
C14 LMG RD . 49.36 30.06 -11.25
C15 LMG RD . 48.51 29.86 -12.50
C16 LMG RD . 47.04 29.67 -12.11
C17 LMG RD . 46.12 29.84 -13.31
C18 LMG RD . 46.48 28.85 -14.39
C19 LMG RD . 45.67 28.68 -15.43
C20 LMG RD . 44.38 29.45 -15.56
C21 LMG RD . 43.73 29.13 -16.88
C22 LMG RD . 42.42 29.30 -17.07
C23 LMG RD . 41.55 29.83 -15.95
C24 LMG RD . 40.09 29.70 -16.36
C25 LMG RD . 39.12 29.98 -15.49
O8 LMG RD . 50.90 31.16 -7.98
C28 LMG RD . 50.00 32.08 -7.66
O10 LMG RD . 50.35 33.03 -6.99
C29 LMG RD . 48.57 31.96 -8.13
C30 LMG RD . 47.77 33.14 -7.58
C31 LMG RD . 46.51 33.41 -8.39
C32 LMG RD . 45.43 32.39 -8.08
C33 LMG RD . 44.11 32.81 -8.72
C34 LMG RD . 44.18 32.69 -10.25
C35 LMG RD . 43.91 31.27 -10.71
C36 LMG RD . 42.45 30.95 -10.56
C37 LMG RD . 41.94 29.83 -11.08
C38 LMG RD . 42.80 28.85 -11.85
CHA HEM SD . 45.89 55.68 -11.81
CHB HEM SD . 48.83 56.66 -8.07
CHC HEM SD . 49.86 51.95 -7.67
CHD HEM SD . 47.14 51.00 -11.58
C1A HEM SD . 46.60 56.36 -10.84
C2A HEM SD . 46.58 57.79 -10.62
C3A HEM SD . 47.40 58.06 -9.60
C4A HEM SD . 47.95 56.81 -9.12
CMA HEM SD . 47.68 59.46 -9.02
CAA HEM SD . 45.78 58.82 -11.44
CBA HEM SD . 46.45 59.03 -12.79
CGA HEM SD . 45.57 59.86 -13.68
O1A HEM SD . 44.45 60.22 -13.25
O2A HEM SD . 45.99 60.16 -14.83
C1B HEM SD . 49.25 55.46 -7.56
C2B HEM SD . 49.78 55.24 -6.23
C3B HEM SD . 50.07 53.96 -6.10
C4B HEM SD . 49.73 53.29 -7.35
CMB HEM SD . 49.97 56.34 -5.16
CAB HEM SD . 50.66 53.38 -4.77
CBB HEM SD . 51.04 52.11 -4.61
C1C HEM SD . 49.32 51.31 -8.76
C2C HEM SD . 49.69 50.00 -9.24
C3C HEM SD . 48.95 49.71 -10.32
C4C HEM SD . 48.07 50.84 -10.57
CMC HEM SD . 50.76 49.08 -8.62
CAC HEM SD . 49.10 48.37 -11.09
CBC HEM SD . 48.38 48.02 -12.16
C1D HEM SD . 46.53 52.17 -11.94
C2D HEM SD . 45.52 52.32 -12.98
C3D HEM SD . 45.17 53.60 -13.03
C4D HEM SD . 45.95 54.32 -12.05
CMD HEM SD . 44.93 51.18 -13.84
CAD HEM SD . 44.12 54.21 -14.00
CBD HEM SD . 42.89 54.70 -13.26
CGD HEM SD . 42.78 56.19 -13.35
O1D HEM SD . 43.71 56.83 -13.89
O2D HEM SD . 41.74 56.74 -12.87
NA HEM SD . 47.45 55.79 -9.91
NB HEM SD . 49.23 54.24 -8.21
NC HEM SD . 48.33 51.80 -9.60
ND HEM SD . 46.77 53.43 -11.40
FE HEM SD . 47.95 53.81 -9.77
C1 RRX TD . 29.48 38.13 34.04
C2 RRX TD . 29.34 38.30 35.68
O2 RRX TD . 12.34 42.32 12.92
C3 RRX TD . 30.24 39.18 36.20
C40 RRX TD . 13.43 39.23 16.51
C30 RRX TD . 13.75 40.65 15.99
C39 RRX TD . 15.27 40.75 15.70
C29 RRX TD . 12.94 40.90 14.58
C28 RRX TD . 13.07 42.19 14.14
C27 RRX TD . 12.49 43.30 15.23
C26 RRX TD . 13.07 43.13 16.53
C38 RRX TD . 13.16 44.32 17.49
C25 RRX TD . 13.39 41.63 17.01
C24 RRX TD . 13.54 41.26 18.52
C23 RRX TD . 14.65 41.63 19.18
C22 RRX TD . 14.88 41.31 20.67
C37 RRX TD . 14.32 40.03 21.30
C21 RRX TD . 15.60 42.20 21.41
C20 RRX TD . 15.93 41.98 22.91
C19 RRX TD . 17.13 41.37 23.12
C18 RRX TD . 17.70 41.05 24.55
C36 RRX TD . 16.84 40.31 25.59
C17 RRX TD . 18.97 41.44 24.81
C16 RRX TD . 19.64 41.19 26.16
C15 RRX TD . 20.99 41.35 26.23
C14 RRX TD . 21.76 41.12 27.56
C13 RRX TD . 23.08 41.40 27.61
C35 RRX TD . 23.82 41.95 26.37
C12 RRX TD . 23.86 41.17 28.94
C11 RRX TD . 25.19 41.41 29.02
C10 RRX TD . 25.89 41.17 30.37
C9 RRX TD . 27.18 40.74 30.43
C34 RRX TD . 27.94 40.46 29.17
C8 RRX TD . 27.85 40.53 31.81
C7 RRX TD . 28.86 39.60 31.97
C6 RRX TD . 29.54 39.41 33.34
C32 RRX TD . 30.81 37.30 33.79
C31 RRX TD . 28.28 37.31 33.49
C5 RRX TD . 30.15 40.66 34.12
C33 RRX TD . 30.81 41.83 33.36
C4 RRX TD . 30.06 40.69 35.56
C1 LMG UD . 30.52 21.84 19.98
O1 LMG UD . 30.35 23.25 19.82
C2 LMG UD . 32.00 21.51 20.12
O2 LMG UD . 32.74 22.02 19.01
C3 LMG UD . 32.17 20.00 20.20
O3 LMG UD . 33.55 19.69 20.42
C4 LMG UD . 31.33 19.43 21.35
O4 LMG UD . 31.94 19.78 22.59
C5 LMG UD . 29.90 19.95 21.30
O5 LMG UD . 29.23 18.12 22.72
C6 LMG UD . 29.16 19.54 22.56
O6 LMG UD . 29.85 21.37 21.16
C7 LMG UD . 28.99 23.63 19.61
C8 LMG UD . 28.90 24.80 18.65
C9 LMG UD . 29.60 24.40 17.34
O7 LMG UD . 27.53 25.10 18.40
C10 LMG UD . 27.25 26.41 18.23
O9 LMG UD . 28.06 27.24 18.61
C11 LMG UD . 25.94 26.84 17.61
C12 LMG UD . 25.04 25.64 17.36
C13 LMG UD . 23.63 26.06 16.94
C14 LMG UD . 23.57 26.50 15.49
C15 LMG UD . 24.21 25.47 14.57
C16 LMG UD . 23.74 25.60 13.13
C17 LMG UD . 24.25 24.42 12.31
C18 LMG UD . 23.96 23.14 13.05
C19 LMG UD . 24.67 22.04 12.82
C20 LMG UD . 24.36 20.78 13.58
C21 LMG UD . 25.28 19.67 13.15
C22 LMG UD . 25.41 19.41 11.85
O8 LMG UD . 29.10 25.13 16.24
C28 LMG UD . 29.57 26.34 15.90
O10 LMG UD . 30.58 26.76 16.43
C29 LMG UD . 28.82 27.16 14.88
C30 LMG UD . 29.45 28.55 14.77
C31 LMG UD . 29.22 29.13 13.38
C32 LMG UD . 27.75 29.11 12.98
C33 LMG UD . 27.56 29.74 11.61
C34 LMG UD . 27.96 31.20 11.64
C35 LMG UD . 28.26 31.75 10.24
C36 LMG UD . 26.99 31.76 9.41
C37 LMG UD . 26.97 32.47 8.28
C38 LMG UD . 25.72 32.50 7.43
C39 LMG UD . 25.52 31.13 6.81
C40 LMG UD . 24.42 30.84 6.11
C41 LMG UD . 23.33 31.86 5.91
C42 LMG UD . 22.21 31.20 5.15
C43 LMG UD . 21.65 30.08 5.61
C1 LMG VD . 68.57 25.09 -14.73
O1 LMG VD . 68.32 24.68 -16.07
C2 LMG VD . 68.52 23.88 -13.81
O2 LMG VD . 67.30 23.91 -13.05
C3 LMG VD . 69.71 23.83 -12.87
O3 LMG VD . 70.87 23.38 -13.59
C4 LMG VD . 70.00 25.19 -12.26
O4 LMG VD . 71.20 25.14 -11.47
C5 LMG VD . 70.14 26.26 -13.35
O5 LMG VD . 71.61 27.87 -14.39
C6 LMG VD . 71.53 26.88 -13.35
O6 LMG VD . 69.87 25.70 -14.64
C7 LMG VD . 68.67 25.67 -17.03
C8 LMG VD . 67.42 26.39 -17.52
C9 LMG VD . 66.24 25.43 -17.60
O7 LMG VD . 67.08 27.47 -16.65
C10 LMG VD . 67.63 28.65 -17.01
O9 LMG VD . 68.19 28.76 -18.08
C11 LMG VD . 67.52 29.83 -16.09
C12 LMG VD . 66.45 30.78 -16.64
C13 LMG VD . 66.18 31.93 -15.67
C14 LMG VD . 64.73 32.37 -15.75
C15 LMG VD . 64.38 32.88 -17.14
C16 LMG VD . 62.88 33.08 -17.28
C17 LMG VD . 62.54 33.91 -18.52
C18 LMG VD . 63.11 35.29 -18.37
C19 LMG VD . 62.75 36.28 -19.18
C20 LMG VD . 61.74 36.05 -20.30
C21 LMG VD . 61.50 37.36 -21.01
C22 LMG VD . 60.64 37.44 -22.03
C23 LMG VD . 59.87 36.23 -22.50
C24 LMG VD . 59.00 36.62 -23.67
O8 LMG VD . 65.40 25.60 -16.47
C28 LMG VD . 64.10 25.85 -16.65
O10 LMG VD . 63.29 25.02 -16.30
C29 LMG VD . 63.68 27.15 -17.27
C30 LMG VD . 62.18 27.11 -17.58
C31 LMG VD . 61.68 28.48 -18.01
C32 LMG VD . 60.83 28.36 -19.27
C33 LMG VD . 59.63 27.45 -19.03
C34 LMG VD . 58.36 28.25 -18.81
C35 LMG VD . 57.95 29.01 -20.06
C36 LMG VD . 56.59 29.63 -19.85
C37 LMG VD . 56.01 30.31 -20.84
C38 LMG VD . 54.66 30.93 -20.64
O1 LHG WD . 1.10 22.70 -14.70
C1 LHG WD . 1.88 22.71 -15.89
C2 LHG WD . 1.30 23.73 -16.88
O2 LHG WD . 1.15 23.11 -18.17
C3 LHG WD . 2.20 24.96 -17.01
O3 LHG WD . 3.38 24.81 -16.22
P LHG WD . 4.81 24.55 -16.91
O4 LHG WD . 4.59 23.99 -18.29
O5 LHG WD . 5.64 25.80 -16.73
O6 LHG WD . 5.38 23.39 -15.95
C4 LHG WD . 6.42 22.51 -16.38
C5 LHG WD . 6.69 21.55 -15.24
C6 LHG WD . 6.52 20.11 -15.74
O7 LHG WD . 8.02 21.72 -14.76
C7 LHG WD . 8.09 22.26 -13.54
O9 LHG WD . 7.12 22.78 -13.02
C8 LHG WD . 9.41 22.21 -12.82
C9 LHG WD . 10.50 22.28 -13.88
C10 LHG WD . 11.25 20.96 -14.09
O8 LHG WD . 5.63 19.41 -14.88
C23 LHG WD . 6.11 18.58 -13.96
O10 LHG WD . 7.32 18.51 -13.79
C24 LHG WD . 5.17 17.72 -13.15
C11 LHG WD . 10.48 19.73 -13.63
C12 LHG WD . 10.61 18.60 -14.64
C13 LHG WD . 12.04 18.05 -14.65
C14 LHG WD . 12.11 16.73 -13.89
C15 LHG WD . 13.47 16.08 -14.07
C16 LHG WD . 13.31 14.68 -14.67
C17 LHG WD . 14.65 14.13 -15.12
C18 LHG WD . 14.45 12.85 -15.92
C19 LHG WD . 15.78 12.31 -16.44
C20 LHG WD . 16.85 12.26 -15.36
C21 LHG WD . 18.11 11.60 -15.87
C22 LHG WD . 19.32 12.14 -15.14
C25 LHG WD . 5.82 17.42 -11.81
C26 LHG WD . 5.07 16.32 -11.06
C27 LHG WD . 5.20 16.51 -9.55
C28 LHG WD . 5.32 15.18 -8.85
C29 LHG WD . 4.82 15.26 -7.41
C30 LHG WD . 3.36 15.66 -7.36
C31 LHG WD . 2.56 14.78 -6.40
C32 LHG WD . 3.29 14.54 -5.09
C33 LHG WD . 2.65 13.42 -4.29
C34 LHG WD . 2.91 13.63 -2.80
C35 LHG WD . 2.34 12.49 -1.96
C36 LHG WD . 1.10 12.94 -1.19
C37 LHG WD . 1.15 12.53 0.28
C38 LHG WD . 1.68 11.12 0.48
MG CHL XD . 59.76 -15.96 -112.98
CHA CHL XD . 58.74 -15.44 -109.73
CHB CHL XD . 58.38 -19.06 -112.88
CHC CHL XD . 60.69 -16.37 -116.09
CHD CHL XD . 61.25 -12.74 -112.91
NA CHL XD . 58.74 -17.02 -111.56
C1A CHL XD . 58.38 -16.66 -110.28
C2A CHL XD . 57.60 -17.76 -109.57
C3A CHL XD . 57.72 -18.93 -110.51
C4A CHL XD . 58.33 -18.32 -111.75
CMA CHL XD . 58.23 -20.26 -110.00
CAA CHL XD . 56.13 -17.36 -109.30
CBA CHL XD . 55.19 -18.51 -108.92
CGA CHL XD . 55.57 -19.22 -107.66
O1A CHL XD . 56.14 -18.73 -106.73
O2A CHL XD . 55.19 -20.49 -107.70
NB CHL XD . 59.54 -17.50 -114.30
C1B CHL XD . 58.93 -18.67 -114.10
C2B CHL XD . 58.97 -19.43 -115.30
C3B CHL XD . 59.63 -18.69 -116.25
C4B CHL XD . 59.99 -17.45 -115.60
CMB CHL XD . 58.40 -20.80 -115.49
CAB CHL XD . 59.86 -19.14 -117.63
CBB CHL XD . 60.56 -18.42 -118.77
NC CHL XD . 60.80 -14.73 -114.26
C1C CHL XD . 61.06 -15.16 -115.52
C2C CHL XD . 61.83 -14.11 -116.19
C3C CHL XD . 61.99 -13.10 -115.29
C4C CHL XD . 61.34 -13.48 -114.06
CMC CHL XD . 62.35 -14.07 -117.54
OMC CHL XD . 62.23 -14.94 -118.38
CAC CHL XD . 62.75 -11.83 -115.51
CBC CHL XD . 61.95 -10.78 -116.24
ND CHL XD . 60.00 -14.39 -111.69
C1D CHL XD . 60.60 -13.17 -111.76
C2D CHL XD . 60.44 -12.48 -110.53
C3D CHL XD . 59.73 -13.32 -109.70
C4D CHL XD . 59.46 -14.49 -110.43
CMD CHL XD . 60.98 -11.12 -110.22
CAD CHL XD . 59.13 -13.48 -108.39
OBD CHL XD . 59.13 -12.69 -107.46
CBD CHL XD . 58.48 -14.85 -108.34
CGD CHL XD . 59.01 -15.69 -107.19
O1D CHL XD . 58.36 -16.40 -106.48
O2D CHL XD . 60.34 -15.54 -107.07
CED CHL XD . 60.97 -16.30 -106.01
C1 CHL XD . 55.45 -21.44 -106.64
C2 CHL XD . 56.38 -22.46 -107.18
C3 CHL XD . 56.07 -23.75 -107.23
C4 CHL XD . 54.78 -24.32 -106.71
C5 CHL XD . 57.01 -24.75 -107.85
C6 CHL XD . 57.00 -26.13 -107.21
C7 CHL XD . 57.86 -26.21 -105.96
C8 CHL XD . 57.98 -27.61 -105.35
C9 CHL XD . 58.39 -28.63 -106.40
C10 CHL XD . 59.05 -27.49 -104.26
C11 CHL XD . 58.96 -28.54 -103.16
C12 CHL XD . 57.63 -28.52 -102.40
C13 CHL XD . 57.69 -29.12 -101.00
C14 CHL XD . 58.50 -30.41 -100.97
C15 CHL XD . 56.36 -29.28 -100.26
C16 CHL XD . 56.48 -29.28 -98.74
C17 CHL XD . 55.13 -29.23 -98.04
C18 CHL XD . 55.17 -29.29 -96.53
C19 CHL XD . 55.73 -30.61 -96.04
C20 CHL XD . 55.95 -28.12 -95.94
MG CLA YD . 54.88 -8.74 -103.72
CHA CLA YD . 53.47 -7.63 -106.65
CHB CLA YD . 52.50 -7.06 -101.88
CHC CLA YD . 56.20 -10.00 -100.99
CHD CLA YD . 57.34 -10.45 -105.62
NA CLA YD . 53.14 -7.47 -104.19
C1A CLA YD . 52.74 -7.14 -105.42
C2A CLA YD . 51.52 -6.26 -105.40
C3A CLA YD . 51.28 -6.07 -103.89
C4A CLA YD . 52.34 -6.91 -103.27
CMA CLA YD . 51.05 -4.65 -103.40
CAA CLA YD . 50.30 -7.01 -105.93
CBA CLA YD . 50.30 -8.50 -105.60
CGA CLA YD . 49.30 -8.82 -104.51
O1A CLA YD . 48.23 -8.26 -104.52
O2A CLA YD . 49.59 -9.71 -103.57
NB CLA YD . 54.41 -8.57 -101.74
C1B CLA YD . 53.44 -7.81 -101.17
C2B CLA YD . 53.53 -7.91 -99.73
C3B CLA YD . 54.58 -8.74 -99.48
C4B CLA YD . 55.12 -9.15 -100.78
CMB CLA YD . 52.63 -7.22 -98.76
CAB CLA YD . 55.14 -9.20 -98.19
CBB CLA YD . 54.28 -9.72 -97.06
NC CLA YD . 56.49 -10.05 -103.37
C1C CLA YD . 56.87 -10.41 -102.16
C2C CLA YD . 58.08 -11.29 -102.18
C3C CLA YD . 58.37 -11.42 -103.50
C4C CLA YD . 57.38 -10.64 -104.24
CMC CLA YD . 58.78 -11.90 -100.99
CAC CLA YD . 59.51 -12.22 -104.08
CBC CLA YD . 59.04 -13.64 -104.29
ND CLA YD . 55.36 -9.03 -105.61
C1D CLA YD . 56.33 -9.70 -106.29
C2D CLA YD . 56.20 -9.55 -107.73
C3D CLA YD . 55.08 -8.73 -107.87
C4D CLA YD . 54.59 -8.44 -106.59
CMD CLA YD . 56.98 -10.05 -108.92
CAD CLA YD . 54.24 -8.08 -108.84
OBD CLA YD . 54.22 -8.34 -110.04
CBD CLA YD . 53.17 -7.34 -108.11
CGD CLA YD . 53.28 -5.87 -108.38
O1D CLA YD . 52.53 -5.34 -109.18
O2D CLA YD . 54.20 -5.14 -107.77
CED CLA YD . 53.75 -3.89 -107.23
C1 CLA YD . 49.24 -9.42 -102.19
C2 CLA YD . 50.21 -9.66 -101.06
C3 CLA YD . 49.78 -10.04 -99.83
C4 CLA YD . 48.32 -10.24 -99.53
C5 CLA YD . 50.72 -10.30 -98.69
C6 CLA YD . 51.54 -11.53 -99.03
C7 CLA YD . 51.65 -12.48 -97.85
C8 CLA YD . 51.01 -13.84 -98.16
C9 CLA YD . 49.50 -13.72 -98.28
C10 CLA YD . 51.39 -14.83 -97.07
C11 CLA YD . 51.89 -16.15 -97.65
C12 CLA YD . 53.04 -15.92 -98.63
C13 CLA YD . 53.50 -17.23 -99.26
C14 CLA YD . 52.32 -17.92 -99.93
C15 CLA YD . 54.17 -18.08 -98.18
C16 CLA YD . 54.15 -19.57 -98.49
C17 CLA YD . 55.37 -20.01 -99.29
C18 CLA YD . 55.97 -21.29 -98.74
C19 CLA YD . 54.93 -22.41 -98.69
C20 CLA YD . 57.17 -21.71 -99.58
MG CLA ZD . 53.78 -9.93 -91.81
CHA CLA ZD . 50.91 -8.02 -91.98
CHB CLA ZD . 52.68 -11.93 -94.38
CHC CLA ZD . 56.61 -11.63 -91.59
CHD CLA ZD . 54.88 -7.91 -89.13
NA CLA ZD . 51.98 -9.99 -93.08
C1A CLA ZD . 50.95 -9.14 -93.01
C2A CLA ZD . 49.87 -9.47 -94.01
C3A CLA ZD . 50.44 -10.71 -94.72
C4A CLA ZD . 51.77 -10.90 -94.04
CMA CLA ZD . 49.52 -11.91 -94.93
CAA CLA ZD . 49.80 -8.37 -95.06
CBA CLA ZD . 48.45 -7.66 -95.11
CGA CLA ZD . 47.34 -8.65 -95.45
O1A CLA ZD . 47.47 -9.39 -96.41
O2A CLA ZD . 46.27 -8.65 -94.69
NB CLA ZD . 54.53 -11.53 -92.84
C1B CLA ZD . 53.95 -12.24 -93.84
C2B CLA ZD . 54.81 -13.31 -94.24
C3B CLA ZD . 55.91 -13.22 -93.44
C4B CLA ZD . 55.72 -12.07 -92.56
CMB CLA ZD . 54.57 -14.35 -95.31
CAB CLA ZD . 57.11 -14.10 -93.47
CBB CLA ZD . 57.47 -14.97 -92.29
NC CLA ZD . 55.50 -9.74 -90.62
C1C CLA ZD . 56.55 -10.55 -90.68
C2C CLA ZD . 57.60 -10.20 -89.70
C3C CLA ZD . 57.10 -9.12 -89.05
C4C CLA ZD . 55.80 -8.83 -89.62
CMC CLA ZD . 58.92 -10.90 -89.48
CAC CLA ZD . 57.77 -8.34 -87.95
CBC CLA ZD . 58.54 -7.22 -88.61
ND CLA ZD . 53.14 -8.38 -90.75
C1D CLA ZD . 53.64 -7.62 -89.74
C2D CLA ZD . 52.75 -6.53 -89.39
C3D CLA ZD . 51.69 -6.69 -90.28
C4D CLA ZD . 51.94 -7.81 -91.09
CMD CLA ZD . 52.79 -5.42 -88.38
CAD CLA ZD . 50.42 -6.11 -90.66
OBD CLA ZD . 50.22 -4.91 -90.63
CBD CLA ZD . 49.82 -7.01 -91.71
CGD CLA ZD . 48.61 -7.64 -91.11
O1D CLA ZD . 47.49 -7.19 -91.36
O2D CLA ZD . 48.70 -8.68 -90.30
CED CLA ZD . 47.63 -9.62 -90.34
C1 CLA ZD . 46.06 -9.70 -93.70
C2 CLA ZD . 45.94 -11.15 -94.09
C3 CLA ZD . 45.05 -11.94 -93.48
C4 CLA ZD . 44.14 -11.41 -92.40
C5 CLA ZD . 44.88 -13.39 -93.82
C6 CLA ZD . 45.38 -14.26 -92.67
C7 CLA ZD . 46.68 -14.96 -93.07
C8 CLA ZD . 47.82 -14.55 -92.14
C9 CLA ZD . 49.16 -15.01 -92.70
C10 CLA ZD . 47.57 -15.12 -90.75
C11 CLA ZD . 48.66 -14.70 -89.77
C12 CLA ZD . 48.14 -14.68 -88.34
C13 CLA ZD . 48.05 -16.09 -87.76
C14 CLA ZD . 46.89 -16.22 -86.80
C15 CLA ZD . 49.37 -16.46 -87.09
C16 CLA ZD . 49.39 -17.92 -86.66
C17 CLA ZD . 50.60 -18.64 -87.26
C18 CLA ZD . 50.81 -20.00 -86.60
C19 CLA ZD . 51.06 -19.86 -85.10
C20 CLA ZD . 49.64 -20.94 -86.88
MG CLA AE . 71.59 -5.66 -85.04
CHA CLA AE . 73.40 -6.74 -82.29
CHB CLA AE . 68.63 -6.32 -83.41
CHC CLA AE . 69.97 -4.51 -87.68
CHD CLA AE . 74.63 -4.99 -86.69
NA CLA AE . 71.04 -6.44 -83.04
C1A CLA AE . 71.90 -6.83 -82.09
C2A CLA AE . 71.17 -7.34 -80.87
C3A CLA AE . 69.70 -7.23 -81.28
C4A CLA AE . 69.76 -6.63 -82.65
CMA CLA AE . 68.81 -8.46 -81.08
CAA CLA AE . 71.43 -6.41 -79.68
CBA CLA AE . 70.63 -5.11 -79.71
CGA CLA AE . 71.46 -3.94 -79.23
O1A CLA AE . 71.80 -3.89 -78.05
O2A CLA AE . 71.82 -3.01 -80.09
NB CLA AE . 69.61 -5.44 -85.47
C1B CLA AE . 68.54 -5.77 -84.70
C2B CLA AE . 67.32 -5.47 -85.40
C3B CLA AE . 67.71 -4.96 -86.61
C4B CLA AE . 69.16 -4.96 -86.63
CMB CLA AE . 65.93 -5.69 -84.86
CAB CLA AE . 66.86 -4.48 -87.73
CBB CLA AE . 65.74 -5.32 -88.30
NC CLA AE . 72.21 -4.81 -86.86
C1C CLA AE . 71.38 -4.42 -87.82
C2C CLA AE . 72.09 -3.88 -89.00
C3C CLA AE . 73.42 -3.98 -88.67
C4C CLA AE . 73.48 -4.58 -87.34
CMC CLA AE . 71.48 -3.33 -90.26
CAC CLA AE . 74.61 -3.58 -89.49
CBC CLA AE . 75.06 -2.19 -89.08
ND CLA AE . 73.53 -5.77 -84.68
C1D CLA AE . 74.68 -5.51 -85.38
C2D CLA AE . 75.87 -5.87 -84.63
C3D CLA AE . 75.36 -6.34 -83.43
C4D CLA AE . 73.97 -6.27 -83.47
CMD CLA AE . 77.35 -5.81 -84.93
CAD CLA AE . 75.78 -6.88 -82.17
OBD CLA AE . 76.82 -7.50 -82.02
CBD CLA AE . 74.55 -7.08 -81.34
CGD CLA AE . 74.51 -8.51 -80.89
O1D CLA AE . 75.18 -8.86 -79.92
O2D CLA AE . 73.77 -9.42 -81.51
CED CLA AE . 73.25 -10.46 -80.68
C1 CLA AE . 72.10 -1.65 -79.65
C2 CLA AE . 71.26 -0.46 -80.06
C3 CLA AE . 71.86 0.69 -80.44
C4 CLA AE . 73.35 0.82 -80.46
C5 CLA AE . 71.08 1.91 -80.86
C6 CLA AE . 71.57 2.42 -82.21
C7 CLA AE . 70.96 3.79 -82.51
C8 CLA AE . 71.09 4.15 -83.99
C9 CLA AE . 71.98 5.39 -84.16
C10 CLA AE . 69.70 4.36 -84.59
C11 CLA AE . 69.73 5.07 -85.94
C12 CLA AE . 68.31 5.35 -86.44
C13 CLA AE . 68.11 6.84 -86.73
C14 CLA AE . 68.37 7.68 -85.48
C15 CLA AE . 66.70 7.04 -87.28
C16 CLA AE . 66.20 8.48 -87.14
C17 CLA AE . 65.85 9.09 -88.49
C18 CLA AE . 66.18 10.59 -88.50
C19 CLA AE . 66.65 11.03 -89.89
C20 CLA AE . 65.00 11.41 -88.02
MG CHL BE . 73.03 0.92 -70.57
CHA CHL BE . 75.03 2.83 -72.58
CHB CHL BE . 75.61 0.62 -68.33
CHC CHL BE . 71.09 -0.87 -68.69
CHD CHL BE . 70.50 1.19 -73.04
NA CHL BE . 74.95 1.63 -70.47
C1A CHL BE . 75.62 2.40 -71.40
C2A CHL BE . 77.06 2.67 -70.97
C3A CHL BE . 77.24 1.80 -69.76
C4A CHL BE . 75.85 1.29 -69.48
CMA CHL BE . 78.44 0.85 -69.69
CAA CHL BE . 77.33 4.15 -70.65
CBA CHL BE . 78.81 4.55 -70.75
CGA CHL BE . 79.00 5.92 -71.33
O1A CHL BE . 79.16 6.16 -72.50
O2A CHL BE . 78.93 6.85 -70.40
NB CHL BE . 73.32 0.05 -68.75
C1B CHL BE . 74.40 0.07 -67.96
C2B CHL BE . 74.10 -0.61 -66.75
C3B CHL BE . 72.81 -1.05 -66.80
C4B CHL BE . 72.30 -0.62 -68.10
CMB CHL BE . 75.06 -0.81 -65.60
CAB CHL BE . 72.12 -1.75 -65.71
CBB CHL BE . 70.70 -2.25 -65.62
NC CHL BE . 71.10 0.28 -70.85
C1C CHL BE . 70.53 -0.50 -69.90
C2C CHL BE . 69.20 -0.88 -70.39
C3C CHL BE . 69.05 -0.30 -71.62
C4C CHL BE . 70.24 0.45 -71.92
CMC CHL BE . 68.19 -1.70 -69.77
OMC CHL BE . 68.28 -2.24 -68.69
CAC CHL BE . 67.85 -0.42 -72.50
CBC CHL BE . 66.82 0.66 -72.24
ND CHL BE . 72.73 1.78 -72.40
C1D CHL BE . 71.69 1.86 -73.27
C2D CHL BE . 72.05 2.65 -74.39
C3D CHL BE . 73.34 3.06 -74.18
C4D CHL BE . 73.75 2.52 -72.94
CMD CHL BE . 71.17 2.95 -75.57
CAD CHL BE . 74.47 3.81 -74.70
OBD CHL BE . 74.52 4.45 -75.74
CBD CHL BE . 75.61 3.67 -73.72
CGD CHL BE . 76.78 3.01 -74.42
O1D CHL BE . 76.83 1.86 -74.76
O2D CHL BE . 77.77 3.89 -74.61
CED CHL BE . 78.97 3.36 -75.24
C1 CHL BE . 78.90 8.26 -70.72
C2 CHL BE . 77.50 8.58 -71.10
C3 CHL BE . 77.11 9.77 -71.53
C4 CHL BE . 78.05 10.94 -71.68
C5 CHL BE . 75.67 10.05 -71.87
C6 CHL BE . 75.31 9.65 -73.30
C7 CHL BE . 75.54 10.77 -74.30
C8 CHL BE . 75.32 10.40 -75.75
C9 CHL BE . 73.98 9.70 -75.96
C10 CHL BE . 75.37 11.72 -76.52
C11 CHL BE . 76.27 11.70 -77.75
C12 CHL BE . 76.45 13.06 -78.41
C13 CHL BE . 77.35 13.04 -79.64
C14 CHL BE . 78.51 12.08 -79.45
C15 CHL BE . 77.81 14.38 -80.22
C16 CHL BE . 77.69 14.47 -81.73
C17 CHL BE . 78.50 15.60 -82.36
C18 CHL BE . 80.00 15.44 -82.36
C19 CHL BE . 80.41 14.13 -83.01
C20 CHL BE . 80.69 16.58 -83.06
MG CHL CE . 66.06 -3.53 -79.66
CHA CHL CE . 67.54 -0.77 -78.29
CHB CHL CE . 64.28 -1.50 -81.74
CHC CHL CE . 64.68 -6.21 -80.96
CHD CHL CE . 67.90 -5.51 -77.37
NA CHL CE . 65.96 -1.50 -79.96
C1A CHL CE . 66.66 -0.51 -79.32
C2A CHL CE . 66.30 0.87 -79.86
C3A CHL CE . 65.14 0.60 -80.78
C4A CHL CE . 65.10 -0.91 -80.84
CMA CHL CE . 63.84 1.39 -80.62
CAA CHL CE . 67.45 1.57 -80.59
CBA CHL CE . 67.20 3.05 -80.89
CGA CHL CE . 67.83 3.98 -79.91
O1A CHL CE . 68.64 3.66 -79.08
O2A CHL CE . 67.39 5.22 -80.06
NB CHL CE . 64.70 -3.81 -81.16
C1B CHL CE . 64.12 -2.86 -81.92
C2B CHL CE . 63.27 -3.50 -82.87
C3B CHL CE . 63.35 -4.85 -82.69
C4B CHL CE . 64.28 -5.05 -81.58
CMB CHL CE . 62.43 -2.79 -83.88
CAB CHL CE . 62.60 -5.81 -83.50
CBB CHL CE . 62.55 -7.31 -83.39
NC CHL CE . 66.27 -5.52 -79.20
C1C CHL CE . 65.56 -6.45 -79.90
C2C CHL CE . 65.91 -7.76 -79.34
C3C CHL CE . 66.80 -7.54 -78.34
C4C CHL CE . 67.05 -6.14 -78.23
CMC CHL CE . 65.47 -9.10 -79.69
OMC CHL CE . 64.69 -9.38 -80.56
CAC CHL CE . 67.44 -8.60 -77.48
CBC CHL CE . 66.75 -8.77 -76.15
ND CHL CE . 67.42 -3.31 -78.15
C1D CHL CE . 68.08 -4.14 -77.32
C2D CHL CE . 68.94 -3.41 -76.47
C3D CHL CE . 68.77 -2.09 -76.81
C4D CHL CE . 67.83 -2.03 -77.84
CMD CHL CE . 69.81 -4.00 -75.39
CAD CHL CE . 69.18 -0.72 -76.52
OBD CHL CE . 69.99 -0.34 -75.71
CBD CHL CE . 68.38 0.19 -77.43
CGD CHL CE . 67.53 1.13 -76.59
O1D CHL CE . 66.51 0.82 -76.04
O2D CHL CE . 68.08 2.34 -76.53
CED CHL CE . 67.37 3.32 -75.74
C1 CHL CE . 67.83 6.32 -79.24
C2 CHL CE . 66.75 6.62 -78.26
C3 CHL CE . 66.78 7.68 -77.46
C4 CHL CE . 67.90 8.69 -77.47
C5 CHL CE . 65.66 7.96 -76.49
C6 CHL CE . 66.11 8.08 -75.04
C7 CHL CE . 66.73 6.78 -74.50
C8 CHL CE . 67.05 6.82 -73.01
C9 CHL CE . 65.78 6.89 -72.17
C10 CHL CE . 67.86 5.55 -72.70
C11 CHL CE . 68.80 5.68 -71.50
C12 CHL CE . 69.59 4.41 -71.21
C13 CHL CE . 70.53 4.51 -70.01
C14 CHL CE . 71.99 4.53 -70.45
C15 CHL CE . 70.29 3.52 -68.87
C16 CHL CE . 71.40 3.46 -67.81
C17 CHL CE . 71.04 2.58 -66.63
C18 CHL CE . 72.10 2.43 -65.56
C19 CHL CE . 72.59 3.77 -65.07
C20 CHL CE . 71.63 1.59 -64.39
MG CHL DE . 62.48 -12.46 -79.81
CHA CHL DE . 63.65 -15.21 -78.13
CHB CHL DE . 62.03 -14.38 -82.61
CHC CHL DE . 61.35 -9.83 -81.36
CHD CHL DE . 63.04 -10.56 -76.87
NA CHL DE . 62.78 -14.44 -80.26
C1A CHL DE . 63.22 -15.45 -79.43
C2A CHL DE . 63.23 -16.81 -80.14
C3A CHL DE . 62.82 -16.46 -81.55
C4A CHL DE . 62.51 -14.99 -81.50
CMA CHL DE . 63.57 -17.03 -82.76
CAA CHL DE . 62.29 -17.85 -79.52
CBA CHL DE . 62.54 -19.28 -79.97
CGA CHL DE . 61.66 -19.74 -81.09
O1A CHL DE . 61.87 -20.71 -81.77
O2A CHL DE . 60.64 -18.93 -81.26
NB CHL DE . 61.79 -12.17 -81.71
C1B CHL DE . 61.70 -13.05 -82.72
C2B CHL DE . 61.20 -12.39 -83.88
C3B CHL DE . 61.00 -11.05 -83.54
C4B CHL DE . 61.37 -10.94 -82.14
CMB CHL DE . 60.96 -13.06 -85.21
CAB CHL DE . 60.50 -9.93 -84.34
CBB CHL DE . 60.06 -9.82 -85.78
NC CHL DE . 62.24 -10.52 -79.18
C1C CHL DE . 61.71 -9.62 -80.03
C2C CHL DE . 61.60 -8.34 -79.32
C3C CHL DE . 62.09 -8.56 -78.06
C4C CHL DE . 62.49 -9.93 -77.95
CMC CHL DE . 61.09 -7.06 -79.76
OMC CHL DE . 60.65 -6.82 -80.87
CAC CHL DE . 62.15 -7.54 -76.95
CBC CHL DE . 63.43 -6.73 -76.98
ND CHL DE . 63.17 -12.72 -77.91
C1D CHL DE . 63.39 -11.90 -76.83
C2D CHL DE . 63.97 -12.64 -75.77
C3D CHL DE . 64.09 -13.92 -76.22
C4D CHL DE . 63.60 -13.97 -77.53
CMD CHL DE . 64.36 -12.07 -74.44
CAD CHL DE . 64.50 -15.28 -75.88
OBD CHL DE . 65.00 -15.68 -74.83
CBD CHL DE . 64.23 -16.16 -77.08
CGD CHL DE . 65.51 -16.88 -77.51
O1D CHL DE . 66.28 -16.49 -78.33
O2D CHL DE . 65.64 -18.02 -76.83
CED CHL DE . 66.81 -18.82 -77.15
C1 CHL DE . 59.63 -19.09 -82.30
C2 CHL DE . 60.27 -18.81 -83.61
C3 CHL DE . 59.77 -19.30 -84.73
C4 CHL DE . 58.53 -20.14 -84.80
C5 CHL DE . 60.44 -19.03 -86.06
C6 CHL DE . 59.55 -18.25 -87.02
C7 CHL DE . 59.25 -16.86 -86.51
C8 CHL DE . 57.97 -16.24 -87.04
C9 CHL DE . 56.75 -17.01 -86.53
C10 CHL DE . 57.98 -14.80 -86.55
C11 CHL DE . 57.56 -13.76 -87.55
C12 CHL DE . 56.05 -13.61 -87.67
C13 CHL DE . 55.35 -13.25 -86.37
C14 CHL DE . 54.04 -14.02 -86.20
C15 CHL DE . 55.18 -11.77 -86.06
C16 CHL DE . 54.72 -11.46 -84.65
C17 CHL DE . 54.59 -9.97 -84.38
C18 CHL DE . 55.86 -9.16 -84.55
C19 CHL DE . 55.60 -7.67 -84.34
C20 CHL DE . 56.95 -9.65 -83.62
MG CHL EE . 60.28 7.67 -89.50
CHA CHL EE . 61.19 4.84 -91.14
CHB CHL EE . 62.54 6.91 -87.01
CHC CHL EE . 59.44 10.41 -88.01
CHD CHL EE . 57.99 8.34 -92.15
NA CHL EE . 61.60 6.15 -89.14
C1A CHL EE . 61.89 5.09 -89.98
C2A CHL EE . 63.02 4.23 -89.42
C3A CHL EE . 63.24 4.77 -88.04
C4A CHL EE . 62.40 6.03 -88.02
CMA CHL EE . 63.22 3.83 -86.85
CAA CHL EE . 64.30 4.30 -90.26
CBA CHL EE . 64.93 5.68 -90.36
CGA CHL EE . 65.46 6.01 -91.72
O1A CHL EE . 65.09 5.50 -92.74
O2A CHL EE . 66.38 6.96 -91.68
NB CHL EE . 60.91 8.50 -87.75
C1B CHL EE . 61.84 8.09 -86.87
C2B CHL EE . 61.96 9.04 -85.83
C3B CHL EE . 61.06 10.08 -86.08
C4B CHL EE . 60.40 9.71 -87.33
CMB CHL EE . 62.91 8.93 -84.66
CAB CHL EE . 60.76 11.31 -85.33
CBB CHL EE . 61.31 11.89 -84.05
NC CHL EE . 58.90 9.10 -90.02
C1C CHL EE . 58.75 10.16 -89.19
C2C CHL EE . 57.75 11.05 -89.79
C3C CHL EE . 57.36 10.45 -90.95
C4C CHL EE . 58.07 9.23 -91.12
CMC CHL EE . 57.23 12.31 -89.32
OMC CHL EE . 57.56 12.87 -88.29
CAC CHL EE . 56.34 11.01 -91.92
CBC CHL EE . 56.96 11.84 -93.01
ND CHL EE . 59.64 6.85 -91.26
C1D CHL EE . 58.73 7.17 -92.23
C2D CHL EE . 58.73 6.18 -93.25
C3D CHL EE . 59.66 5.25 -92.87
C4D CHL EE . 60.22 5.67 -91.65
CMD CHL EE . 57.86 6.21 -94.46
CAD CHL EE . 60.31 4.01 -93.23
OBD CHL EE . 60.11 3.31 -94.21
CBD CHL EE . 61.32 3.68 -92.15
CGD CHL EE . 61.02 2.30 -91.56
O1D CHL EE . 60.17 2.07 -90.74
O2D CHL EE . 61.84 1.39 -92.06
CED CHL EE . 61.66 0.04 -91.57
C1 CHL EE . 67.03 7.47 -92.87
C2 CHL EE . 68.30 8.13 -92.45
C3 CHL EE . 69.43 7.46 -92.32
C4 CHL EE . 69.57 5.99 -92.58
MG CHL FE . 54.34 -1.56 -86.62
CHA CHL FE . 52.78 -1.73 -89.62
CHB CHL FE . 51.75 0.43 -85.45
CHC CHL FE . 55.77 -1.51 -83.75
CHD CHL FE . 56.89 -3.68 -87.94
NA CHL FE . 52.63 -0.76 -87.40
C1A CHL FE . 52.08 -1.06 -88.64
C2A CHL FE . 50.68 -0.53 -88.79
C3A CHL FE . 50.53 0.40 -87.61
C4A CHL FE . 51.71 0.03 -86.74
CMA CHL FE . 50.19 1.87 -87.84
CAA CHL FE . 49.66 -1.68 -88.73
CBA CHL FE . 49.98 -2.78 -87.73
CGA CHL FE . 49.16 -4.04 -87.88
O1A CHL FE . 48.28 -4.19 -88.68
O2A CHL FE . 49.51 -4.94 -86.99
NB CHL FE . 53.83 -0.63 -84.89
C1B CHL FE . 52.77 0.13 -84.56
C2B CHL FE . 52.85 0.50 -83.19
C3B CHL FE . 53.99 -0.10 -82.66
C4B CHL FE . 54.60 -0.80 -83.77
CMB CHL FE . 51.88 1.39 -82.49
CAB CHL FE . 54.51 -0.14 -81.29
CBB CHL FE . 54.05 0.49 -80.00
NC CHL FE . 56.08 -2.45 -86.00
C1C CHL FE . 56.46 -2.23 -84.72
C2C CHL FE . 57.72 -2.94 -84.49
C3C CHL FE . 58.02 -3.56 -85.69
C4C CHL FE . 57.00 -3.26 -86.64
CMC CHL FE . 58.55 -3.00 -83.32
OMC CHL FE . 58.31 -2.47 -82.25
CAC CHL FE . 59.23 -4.42 -85.94
CBC CHL FE . 59.11 -5.80 -85.32
ND CHL FE . 54.85 -2.50 -88.37
C1D CHL FE . 55.85 -3.32 -88.79
C2D CHL FE . 55.62 -3.69 -90.14
C3D CHL FE . 54.45 -3.08 -90.52
C4D CHL FE . 53.98 -2.36 -89.41
CMD CHL FE . 56.50 -4.62 -90.95
CAD CHL FE . 53.48 -2.89 -91.61
OBD CHL FE . 53.52 -3.32 -92.74
CBD CHL FE . 52.37 -2.01 -91.07
CGD CHL FE . 52.22 -0.76 -91.93
O1D CHL FE . 52.94 0.20 -91.88
O2D CHL FE . 51.18 -0.86 -92.74
CED CHL FE . 50.93 0.27 -93.61
C1 CHL FE . 48.83 -6.23 -86.86
C2 CHL FE . 49.82 -7.31 -87.13
C3 CHL FE . 50.39 -7.99 -86.15
C4 CHL FE . 50.12 -7.76 -84.70
C5 CHL FE . 51.41 -9.07 -86.45
C6 CHL FE . 50.95 -10.06 -87.52
C7 CHL FE . 52.05 -11.02 -87.94
C8 CHL FE . 51.68 -12.01 -89.04
C9 CHL FE . 50.89 -11.33 -90.15
C10 CHL FE . 53.02 -12.54 -89.55
C11 CHL FE . 53.09 -14.04 -89.82
C12 CHL FE . 52.50 -14.47 -91.15
C13 CHL FE . 52.75 -15.93 -91.51
C14 CHL FE . 51.79 -16.87 -90.76
C15 CHL FE . 54.20 -16.41 -91.38
C16 CHL FE . 54.39 -17.92 -91.40
C17 CHL FE . 55.85 -18.33 -91.26
C18 CHL FE . 56.12 -19.82 -91.16
C19 CHL FE . 55.61 -20.58 -92.36
C20 CHL FE . 57.59 -20.10 -90.92
MG CLA GE . 65.60 3.44 -98.74
CHA CLA GE . 64.45 6.64 -99.38
CHB CLA GE . 66.73 3.15 -102.00
CHC CLA GE . 66.81 0.47 -97.97
CHD CLA GE . 64.39 3.73 -95.44
NA CLA GE . 65.62 4.75 -100.52
C1A CLA GE . 65.09 5.98 -100.59
C2A CLA GE . 65.24 6.56 -101.96
C3A CLA GE . 65.88 5.44 -102.76
C4A CLA GE . 66.11 4.38 -101.73
CMA CLA GE . 65.13 5.09 -104.03
CAA CLA GE . 66.30 7.67 -102.01
CBA CLA GE . 67.36 7.72 -100.90
CGA CLA GE . 68.34 6.56 -100.84
O1A CLA GE . 68.41 5.91 -99.81
O2A CLA GE . 69.07 6.21 -101.88
NB CLA GE . 66.62 2.04 -99.81
C1B CLA GE . 66.98 2.07 -101.13
C2B CLA GE . 67.67 0.85 -101.48
C3B CLA GE . 67.67 0.10 -100.34
C4B CLA GE . 67.00 0.86 -99.29
CMB CLA GE . 68.22 0.53 -102.84
CAB CLA GE . 68.23 -1.26 -100.12
CBB CLA GE . 69.65 -1.62 -100.52
NC CLA GE . 65.64 2.31 -96.97
C1C CLA GE . 66.17 1.10 -96.88
C2C CLA GE . 66.02 0.52 -95.53
C3C CLA GE . 65.36 1.47 -94.82
C4C CLA GE . 65.12 2.58 -95.73
CMC CLA GE . 66.50 -0.83 -95.05
CAC CLA GE . 64.95 1.39 -93.37
CBC CLA GE . 66.04 2.01 -92.53
ND CLA GE . 64.70 4.78 -97.61
C1D CLA GE . 64.20 4.82 -96.33
C2D CLA GE . 63.50 6.06 -96.05
C3D CLA GE . 63.60 6.76 -97.25
C4D CLA GE . 64.31 5.99 -98.16
CMD CLA GE . 62.77 6.60 -94.85
CAD CLA GE . 63.23 8.01 -97.88
OBD CLA GE . 62.37 8.77 -97.47
CBD CLA GE . 63.86 8.02 -99.24
CGD CLA GE . 62.79 8.24 -100.27
O1D CLA GE . 61.72 7.67 -100.16
O2D CLA GE . 63.01 9.04 -101.30
CED CLA GE . 62.06 10.08 -101.52
C1 CLA GE . 70.05 5.12 -101.72
C2 CLA GE . 71.51 5.40 -101.53
C3 CLA GE . 72.42 4.46 -101.21
C4 CLA GE . 73.87 4.82 -101.05
C5 CLA GE . 72.08 2.99 -100.99
C6 CLA GE . 72.22 2.65 -99.51
C7 CLA GE . 73.37 1.68 -99.23
C8 CLA GE . 73.65 1.55 -97.74
C9 CLA GE . 74.05 2.88 -97.12
C10 CLA GE . 74.75 0.52 -97.50
C11 CLA GE . 75.08 0.37 -96.02
C12 CLA GE . 73.99 -0.39 -95.27
C13 CLA GE . 74.22 -0.36 -93.77
C14 CLA GE . 75.35 -1.31 -93.38
C15 CLA GE . 72.94 -0.71 -93.04
C16 CLA GE . 72.90 -0.06 -91.66
C17 CLA GE . 71.50 0.47 -91.36
C18 CLA GE . 71.56 1.88 -90.78
C19 CLA GE . 72.24 2.84 -91.76
C20 CLA GE . 70.17 2.38 -90.41
MG CLA HE . 69.04 -8.98 -111.78
CHA CLA HE . 68.64 -5.64 -110.95
CHB CLA HE . 69.82 -8.12 -115.02
CHC CLA HE . 69.47 -12.19 -112.43
CHD CLA HE . 68.27 -9.83 -108.43
NA CLA HE . 69.23 -7.08 -112.90
C1A CLA HE . 69.04 -5.85 -112.40
C2A CLA HE . 69.26 -4.78 -113.44
C3A CLA HE . 69.60 -5.60 -114.69
C4A CLA HE . 69.56 -7.02 -114.20
CMA CLA HE . 68.97 -5.23 -116.03
CAA CLA HE . 70.48 -3.93 -113.12
CBA CLA HE . 71.59 -4.73 -112.46
CGA CLA HE . 72.87 -3.93 -112.36
O1A CLA HE . 72.81 -2.73 -112.09
O2A CLA HE . 74.01 -4.55 -112.57
NB CLA HE . 69.57 -9.99 -113.46
C1B CLA HE . 69.82 -9.49 -114.71
C2B CLA HE . 70.11 -10.57 -115.62
C3B CLA HE . 70.01 -11.71 -114.87
C4B CLA HE . 69.66 -11.32 -113.51
CMB CLA HE . 70.45 -10.45 -117.09
CAB CLA HE . 70.20 -13.10 -115.35
CBB CLA HE . 71.37 -13.92 -114.85
NC CLA HE . 68.96 -10.71 -110.60
C1C CLA HE . 69.12 -11.94 -111.08
C2C CLA HE . 68.90 -12.99 -110.06
C3C CLA HE . 68.60 -12.31 -108.92
C4C CLA HE . 68.63 -10.89 -109.27
CMC CLA HE . 69.01 -14.49 -110.26
CAC CLA HE . 68.28 -12.91 -107.58
CBC CLA HE . 69.52 -12.91 -106.70
ND CLA HE . 68.58 -8.08 -110.08
C1D CLA HE . 68.29 -8.47 -108.80
C2D CLA HE . 67.99 -7.34 -107.94
C3D CLA HE . 68.14 -6.25 -108.78
C4D CLA HE . 68.48 -6.70 -110.05
CMD CLA HE . 67.63 -7.20 -106.48
CAD CLA HE . 68.05 -4.79 -108.81
OBD CLA HE . 67.82 -4.07 -107.85
CBD CLA HE . 68.36 -4.34 -110.21
CGD CLA HE . 67.18 -3.61 -110.77
O1D CLA HE . 66.86 -2.52 -110.31
O2D CLA HE . 66.46 -4.11 -111.77
CED CLA HE . 65.97 -3.17 -112.73
C1 CLA HE . 74.68 -5.23 -111.46
C2 CLA HE . 75.21 -4.45 -110.27
C3 CLA HE . 76.00 -5.01 -109.35
C4 CLA HE . 76.38 -6.45 -109.44
MG CLA IE . 72.83 -6.40 -103.24
CHA CLA IE . 72.69 -3.09 -104.26
CHB CLA IE . 72.52 -7.49 -106.49
CHC CLA IE . 73.07 -9.50 -102.13
CHD CLA IE . 73.18 -5.27 -99.90
NA CLA IE . 72.64 -5.41 -105.20
C1A CLA IE . 72.60 -4.09 -105.42
C2A CLA IE . 72.46 -3.76 -106.88
C3A CLA IE . 72.43 -5.16 -107.53
C4A CLA IE . 72.52 -6.09 -106.36
CMA CLA IE . 71.51 -5.46 -108.70
CAA CLA IE . 73.71 -3.04 -107.39
CBA CLA IE . 73.35 -1.95 -108.39
CGA CLA IE . 73.82 -0.61 -107.88
O1A CLA IE . 74.91 -0.53 -107.31
O2A CLA IE . 73.05 0.44 -108.05
NB CLA IE . 72.81 -8.21 -104.17
C1B CLA IE . 72.64 -8.47 -105.50
C2B CLA IE . 72.63 -9.90 -105.71
C3B CLA IE . 72.79 -10.47 -104.48
C4B CLA IE . 72.90 -9.38 -103.50
CMB CLA IE . 72.47 -10.62 -107.02
CAB CLA IE . 72.83 -11.91 -104.16
CBB CLA IE . 74.10 -12.54 -103.62
NC CLA IE . 73.12 -7.24 -101.33
C1C CLA IE . 73.20 -8.54 -101.10
C2C CLA IE . 73.43 -8.87 -99.67
C3C CLA IE . 73.48 -7.65 -99.06
C4C CLA IE . 73.28 -6.65 -100.09
CMC CLA IE . 73.60 -10.24 -99.06
CAC CLA IE . 73.72 -7.40 -97.59
CBC CLA IE . 75.17 -7.08 -97.34
ND CLA IE . 72.94 -4.69 -102.24
C1D CLA IE . 73.06 -4.32 -100.94
C2D CLA IE . 73.04 -2.88 -100.78
C3D CLA IE . 72.89 -2.41 -102.08
C4D CLA IE . 72.83 -3.50 -102.95
CMD CLA IE . 73.12 -1.97 -99.59
CAD CLA IE . 72.78 -1.19 -102.84
OBD CLA IE . 73.03 -0.06 -102.44
CBD CLA IE . 72.66 -1.58 -104.29
CGD CLA IE . 71.35 -1.09 -104.83
O1D CLA IE . 70.30 -1.52 -104.39
O2D CLA IE . 71.32 -0.18 -105.80
CED CLA IE . 70.92 1.13 -105.42
MG CLA JE . 67.15 -21.98 -98.31
CHA CLA JE . 68.59 -24.81 -96.94
CHB CLA JE . 70.18 -21.01 -99.62
CHC CLA JE . 65.63 -19.36 -99.65
CHD CLA JE . 64.03 -23.03 -97.00
NA CLA JE . 69.20 -22.81 -98.30
C1A CLA JE . 69.58 -23.94 -97.70
C2A CLA JE . 71.05 -24.21 -97.89
C3A CLA JE . 71.52 -23.00 -98.73
C4A CLA JE . 70.24 -22.21 -98.90
CMA CLA JE . 72.84 -22.31 -98.39
CAA CLA JE . 71.31 -25.51 -98.65
CBA CLA JE . 71.08 -25.41 -100.16
CGA CLA JE . 69.69 -25.83 -100.56
O1A CLA JE . 69.40 -25.83 -101.73
O2A CLA JE . 68.80 -26.20 -99.65
NB CLA JE . 67.81 -20.43 -99.46
C1B CLA JE . 69.08 -20.17 -99.88
C2B CLA JE . 69.10 -18.94 -100.64
C3B CLA JE . 67.80 -18.49 -100.63
C4B CLA JE . 67.00 -19.44 -99.88
CMB CLA JE . 70.30 -18.30 -101.28
CAB CLA JE . 67.25 -17.26 -101.25
CBB CLA JE . 67.74 -15.89 -100.85
NC CLA JE . 65.15 -21.34 -98.37
C1C CLA JE . 64.74 -20.20 -98.94
C2C CLA JE . 63.30 -19.95 -98.74
C3C CLA JE . 62.86 -21.01 -98.02
C4C CLA JE . 64.02 -21.86 -97.77
CMC CLA JE . 62.50 -18.78 -99.24
CAC CLA JE . 61.45 -21.25 -97.53
CBC CLA JE . 60.74 -22.22 -98.45
ND CLA JE . 66.40 -23.48 -97.26
C1D CLA JE . 65.17 -23.82 -96.78
C2D CLA JE . 65.21 -25.07 -96.02
C3D CLA JE . 66.54 -25.44 -96.10
C4D CLA JE . 67.24 -24.48 -96.83
CMD CLA JE . 64.18 -25.88 -95.31
CAD CLA JE . 67.47 -26.47 -95.67
OBD CLA JE . 67.24 -27.29 -94.79
CBD CLA JE . 68.81 -26.12 -96.20
CGD CLA JE . 69.78 -25.91 -95.07
O1D CLA JE . 69.42 -25.38 -94.04
O2D CLA JE . 71.04 -26.30 -95.20
CED CLA JE . 71.44 -27.39 -94.37
C1 CLA JE . 67.37 -26.19 -100.00
C2 CLA JE . 66.66 -24.94 -100.47
C3 CLA JE . 65.33 -24.82 -100.37
C4 CLA JE . 64.49 -25.90 -99.77
C5 CLA JE . 64.58 -23.59 -100.83
C6 CLA JE . 65.34 -22.88 -101.94
C7 CLA JE . 64.57 -21.64 -102.39
C8 CLA JE . 64.41 -21.58 -103.91
C9 CLA JE . 63.90 -22.92 -104.45
C10 CLA JE . 65.73 -21.19 -104.55
C11 CLA JE . 65.67 -21.28 -106.07
C12 CLA JE . 66.84 -22.08 -106.62
C13 CLA JE . 66.46 -22.81 -107.90
C14 CLA JE . 66.29 -24.31 -107.65
C15 CLA JE . 67.50 -22.56 -108.97
C16 CLA JE . 66.89 -21.79 -110.15
C17 CLA JE . 67.95 -20.93 -110.84
C18 CLA JE . 68.39 -19.76 -109.98
C19 CLA JE . 69.48 -18.95 -110.66
C20 CLA JE . 67.22 -18.87 -109.60
MG CLA KE . 74.04 -24.92 -104.69
CHA CLA KE . 70.96 -26.37 -105.25
CHB CLA KE . 75.63 -27.69 -106.01
CHC CLA KE . 76.93 -23.41 -104.18
CHD CLA KE . 72.40 -22.08 -103.34
NA CLA KE . 73.38 -26.84 -105.56
C1A CLA KE . 72.11 -27.24 -105.70
C2A CLA KE . 72.01 -28.60 -106.31
C3A CLA KE . 73.49 -29.00 -106.53
C4A CLA KE . 74.23 -27.79 -106.01
CMA CLA KE . 73.96 -30.40 -106.16
CAA CLA KE . 71.34 -28.55 -107.69
CBA CLA KE . 71.70 -27.30 -108.48
CGA CLA KE . 72.49 -27.67 -109.72
O1A CLA KE . 72.84 -28.82 -109.88
O2A CLA KE . 72.78 -26.73 -110.60
NB CLA KE . 75.98 -25.46 -105.04
C1B CLA KE . 76.45 -26.63 -105.56
C2B CLA KE . 77.89 -26.60 -105.60
C3B CLA KE . 78.25 -25.39 -105.08
C4B CLA KE . 77.02 -24.68 -104.73
CMB CLA KE . 78.79 -27.71 -106.11
CAB CLA KE . 79.60 -24.83 -104.88
CBB CLA KE . 80.64 -25.54 -104.03
NC CLA KE . 74.57 -23.02 -103.96
C1C CLA KE . 75.82 -22.62 -103.80
C2C CLA KE . 75.92 -21.27 -103.18
C3C CLA KE . 74.61 -20.90 -103.00
C4C CLA KE . 73.79 -22.00 -103.47
CMC CLA KE . 77.17 -20.50 -102.86
CAC CLA KE . 74.12 -19.60 -102.40
CBC CLA KE . 73.98 -19.75 -100.90
ND CLA KE . 72.20 -24.28 -104.34
C1D CLA KE . 71.63 -23.16 -103.82
C2D CLA KE . 70.17 -23.25 -103.81
C3D CLA KE . 69.92 -24.50 -104.38
C4D CLA KE . 71.14 -25.10 -104.69
CMD CLA KE . 69.07 -22.32 -103.37
CAD CLA KE . 68.85 -25.39 -104.75
OBD CLA KE . 67.65 -25.20 -104.56
CBD CLA KE . 69.47 -26.65 -105.27
CGD CLA KE . 69.19 -27.78 -104.32
O1D CLA KE . 69.98 -28.07 -103.44
O2D CLA KE . 68.07 -28.49 -104.42
CED CLA KE . 67.34 -28.69 -103.21
C1 CLA KE . 74.17 -26.44 -110.94
C2 CLA KE . 75.24 -26.38 -109.89
C3 CLA KE . 76.26 -25.52 -110.01
C4 CLA KE . 77.32 -25.47 -108.95
C1 LUT LE . 72.82 -16.89 -97.20
C2 LUT LE . 73.00 -18.20 -96.42
C3 LUT LE . 71.89 -19.21 -96.63
C4 LUT LE . 70.57 -18.55 -96.26
C5 LUT LE . 70.36 -17.36 -97.16
C6 LUT LE . 71.37 -16.58 -97.54
C7 LUT LE . 71.12 -15.36 -98.37
C8 LUT LE . 70.78 -14.18 -97.83
C9 LUT LE . 70.56 -12.99 -98.67
C10 LUT LE . 70.32 -11.83 -98.04
C11 LUT LE . 70.10 -10.57 -98.73
C12 LUT LE . 70.20 -9.49 -97.96
C13 LUT LE . 70.05 -8.11 -98.47
C14 LUT LE . 70.21 -7.11 -97.61
C15 LUT LE . 70.11 -5.71 -98.01
C16 LUT LE . 73.59 -16.97 -98.49
C17 LUT LE . 73.42 -15.81 -96.32
C18 LUT LE . 68.95 -17.11 -97.61
C19 LUT LE . 70.59 -13.06 -100.17
C20 LUT LE . 69.74 -7.85 -99.92
O3 LUT LE . 72.10 -20.31 -95.73
C21 LUT LE . 71.38 6.88 -97.08
C22 LUT LE . 71.29 8.19 -97.84
C23 LUT LE . 70.12 9.03 -97.38
C24 LUT LE . 68.86 8.27 -97.67
C25 LUT LE . 68.88 6.93 -96.96
C26 LUT LE . 70.02 6.21 -96.87
C27 LUT LE . 69.98 4.92 -96.14
C28 LUT LE . 69.88 3.77 -96.81
C29 LUT LE . 69.84 2.47 -96.11
C30 LUT LE . 70.17 1.38 -96.81
C31 LUT LE . 70.20 0.04 -96.25
C32 LUT LE . 70.03 -0.99 -97.09
C33 LUT LE . 70.07 -2.38 -96.61
C34 LUT LE . 70.23 -3.36 -97.51
C35 LUT LE . 70.30 -4.76 -97.12
C36 LUT LE . 71.99 7.14 -95.72
C37 LUT LE . 72.31 5.99 -97.90
C38 LUT LE . 67.60 6.43 -96.37
C39 LUT LE . 69.50 2.38 -94.65
C40 LUT LE . 69.93 -2.68 -95.14
O23 LUT LE . 70.10 10.28 -98.08
C1 LUT ME . 65.58 -10.59 -84.82
C2 LUT ME . 66.73 -11.44 -84.31
C3 LUT ME . 68.04 -10.68 -84.32
C4 LUT ME . 68.34 -10.33 -85.76
C5 LUT ME . 67.22 -9.50 -86.33
C6 LUT ME . 65.94 -9.75 -86.03
C7 LUT ME . 64.82 -9.18 -86.84
C8 LUT ME . 64.50 -9.63 -88.04
C9 LUT ME . 63.37 -9.08 -88.83
C10 LUT ME . 63.07 -9.68 -89.99
C11 LUT ME . 61.97 -9.25 -90.85
C12 LUT ME . 61.58 -10.12 -91.79
C13 LUT ME . 60.47 -9.86 -92.73
C14 LUT ME . 60.16 -10.81 -93.63
C15 LUT ME . 59.06 -10.65 -94.57
C16 LUT ME . 65.17 -9.62 -83.72
C17 LUT ME . 64.42 -11.52 -85.12
C18 LUT ME . 67.61 -8.37 -87.24
C19 LUT ME . 62.59 -7.90 -88.35
C20 LUT ME . 59.71 -8.56 -92.67
O3 LUT ME . 69.08 -11.54 -83.84
C21 LUT ME . 50.43 -13.73 -103.24
C22 LUT ME . 49.35 -13.69 -104.31
C23 LUT ME . 49.93 -13.58 -105.71
C24 LUT ME . 50.62 -12.23 -105.78
C25 LUT ME . 51.69 -12.17 -104.73
C26 LUT ME . 51.68 -12.95 -103.63
C27 LUT ME . 52.99 -13.33 -103.03
C28 LUT ME . 53.31 -12.97 -101.79
C29 LUT ME . 54.57 -13.32 -101.14
C30 LUT ME . 54.72 -13.00 -99.83
C31 LUT ME . 55.90 -13.27 -99.04
C32 LUT ME . 56.26 -12.35 -98.14
C33 LUT ME . 57.42 -12.51 -97.25
C34 LUT ME . 57.60 -11.60 -96.27
C35 LUT ME . 58.71 -11.70 -95.32
C36 LUT ME . 50.81 -15.19 -103.00
C37 LUT ME . 49.82 -13.16 -101.97
C38 LUT ME . 52.83 -11.22 -104.94
C39 LUT ME . 55.66 -14.03 -101.88
C40 LUT ME . 58.37 -13.65 -97.41
O23 LUT ME . 48.90 -13.65 -106.69
C1 XAT NE . 56.59 -16.77 -76.37
C2 XAT NE . 57.10 -18.09 -76.93
C3 XAT NE . 57.65 -17.95 -78.34
C4 XAT NE . 58.93 -17.12 -78.28
C5 XAT NE . 58.64 -15.73 -77.71
C6 XAT NE . 57.51 -15.56 -76.76
C7 XAT NE . 57.43 -14.30 -75.93
C8 XAT NE . 56.73 -13.26 -76.37
C9 XAT NE . 56.65 -12.03 -75.58
C10 XAT NE . 55.90 -11.00 -75.98
C11 XAT NE . 55.74 -9.72 -75.29
C12 XAT NE . 55.03 -8.74 -75.85
C13 XAT NE . 54.61 -7.50 -75.24
C14 XAT NE . 54.19 -6.48 -76.02
C15 XAT NE . 53.66 -5.30 -75.41
C16 XAT NE . 56.51 -16.87 -74.86
C17 XAT NE . 55.19 -16.51 -76.93
C18 XAT NE . 59.75 -14.68 -77.70
C19 XAT NE . 57.42 -11.92 -74.29
C20 XAT NE . 54.65 -7.34 -73.75
O3 XAT NE . 57.96 -19.25 -78.86
O4 XAT NE . 57.37 -15.22 -78.16
C21 XAT NE . 44.87 3.78 -73.90
C22 XAT NE . 43.84 4.87 -73.63
C23 XAT NE . 44.40 5.93 -72.70
C24 XAT NE . 45.49 6.67 -73.45
C25 XAT NE . 46.63 5.73 -73.80
C26 XAT NE . 46.28 4.33 -74.13
C27 XAT NE . 47.24 3.58 -75.04
C28 XAT NE . 47.92 2.53 -74.61
C29 XAT NE . 49.01 1.85 -75.32
C30 XAT NE . 49.40 0.61 -74.97
C31 XAT NE . 50.48 -0.04 -75.71
C32 XAT NE . 50.88 -1.27 -75.40
C33 XAT NE . 51.74 -2.20 -76.16
C34 XAT NE . 52.29 -3.26 -75.55
C35 XAT NE . 53.11 -4.30 -76.13
C36 XAT NE . 44.43 2.99 -75.13
C37 XAT NE . 44.91 2.84 -72.71
C38 XAT NE . 47.90 6.29 -74.43
C39 XAT NE . 49.70 2.55 -76.45
C40 XAT NE . 52.00 -1.95 -77.62
O23 XAT NE . 43.35 6.85 -72.34
O24 XAT NE . 46.88 4.67 -72.88
C1 NEX OE . 59.05 18.04 -78.93
C2 NEX OE . 58.69 19.50 -78.64
C3 NEX OE . 58.94 20.56 -79.73
C4 NEX OE . 59.75 20.07 -80.93
C5 NEX OE . 60.84 19.08 -80.54
C6 NEX OE . 60.17 17.87 -79.93
C7 NEX OE . 60.49 16.72 -80.31
C8 NEX OE . 60.82 15.43 -80.77
C9 NEX OE . 60.77 14.10 -80.13
C10 NEX OE . 61.44 13.15 -80.60
C11 NEX OE . 61.32 11.72 -80.31
C12 NEX OE . 62.05 10.92 -80.77
C13 NEX OE . 61.94 9.44 -80.85
C14 NEX OE . 62.93 8.74 -81.14
C15 NEX OE . 62.98 7.31 -81.48
C16 NEX OE . 57.81 17.29 -79.41
C17 NEX OE . 59.54 17.41 -77.64
C18 NEX OE . 61.63 18.67 -81.78
C19 NEX OE . 59.96 13.90 -78.89
C20 NEX OE . 60.61 8.78 -80.59
O3 NEX OE . 57.66 21.02 -80.20
O4 NEX OE . 61.74 19.65 -79.59
C21 NEX OE . 69.99 -0.76 -85.69
C22 NEX OE . 71.20 -1.67 -85.56
C23 NEX OE . 71.61 -1.85 -84.11
C24 NEX OE . 70.56 -2.68 -83.41
C25 NEX OE . 69.18 -2.04 -83.51
C26 NEX OE . 68.89 -1.10 -84.67
C27 NEX OE . 67.45 -0.88 -85.05
C28 NEX OE . 66.77 0.17 -84.63
C29 NEX OE . 65.47 0.34 -84.98
C30 NEX OE . 64.83 1.34 -84.58
C31 NEX OE . 65.30 2.62 -84.04
C32 NEX OE . 64.57 3.37 -83.50
C33 NEX OE . 64.76 4.80 -83.11
C34 NEX OE . 63.86 5.40 -82.49
C35 NEX OE . 63.89 6.79 -82.03
C36 NEX OE . 69.43 -0.88 -87.10
C37 NEX OE . 70.43 0.68 -85.46
C38 NEX OE . 68.00 -2.69 -82.81
C39 NEX OE . 64.80 -0.67 -85.86
C40 NEX OE . 66.04 5.50 -83.45
O23 NEX OE . 72.87 -2.53 -84.05
O24 NEX OE . 69.21 -0.63 -83.35
O1 LHG PE . 67.18 -7.79 -118.39
C1 LHG PE . 66.55 -9.05 -118.18
C2 LHG PE . 66.77 -9.49 -116.73
O2 LHG PE . 67.15 -10.87 -116.71
C3 LHG PE . 65.49 -9.31 -115.94
O3 LHG PE . 65.51 -10.16 -114.80
P LHG PE . 65.18 -9.57 -113.35
O4 LHG PE . 66.22 -8.54 -113.00
O5 LHG PE . 63.72 -9.19 -113.31
O6 LHG PE . 65.39 -10.84 -112.37
C4 LHG PE . 64.67 -10.89 -111.15
C5 LHG PE . 64.82 -12.24 -110.46
C6 LHG PE . 65.08 -11.97 -108.98
O7 LHG PE . 63.62 -12.99 -110.64
C7 LHG PE . 63.50 -14.11 -109.89
O9 LHG PE . 62.71 -14.12 -108.97
C8 LHG PE . 64.30 -15.35 -110.21
C9 LHG PE . 63.33 -16.52 -110.25
C10 LHG PE . 63.71 -17.59 -109.22
O8 LHG PE . 63.94 -11.36 -108.36
C23 LHG PE . 64.03 -10.17 -107.78
O10 LHG PE . 64.86 -9.37 -108.21
C24 LHG PE . 63.15 -9.83 -106.61
C11 LHG PE . 62.46 -18.33 -108.75
C12 LHG PE . 62.73 -19.16 -107.51
C13 LHG PE . 61.57 -20.11 -107.27
C14 LHG PE . 61.05 -20.06 -105.84
C15 LHG PE . 59.88 -21.02 -105.68
C16 LHG PE . 60.26 -22.23 -104.84
C17 LHG PE . 60.26 -21.89 -103.37
C18 LHG PE . 59.18 -22.67 -102.63
C19 LHG PE . 59.70 -24.04 -102.18
C20 LHG PE . 58.74 -24.67 -101.18
C21 LHG PE . 59.41 -25.82 -100.43
C22 LHG PE . 58.80 -26.01 -99.06
C25 LHG PE . 62.47 -11.12 -106.15
C26 LHG PE . 63.30 -11.80 -105.06
C27 LHG PE . 63.00 -13.29 -105.00
C28 LHG PE . 63.94 -14.07 -105.89
C29 LHG PE . 64.95 -14.87 -105.07
C30 LHG PE . 65.50 -16.04 -105.87
C31 LHG PE . 67.01 -16.15 -105.73
C32 LHG PE . 67.47 -17.56 -106.09
C33 LHG PE . 68.83 -17.89 -105.47
C34 LHG PE . 69.68 -18.67 -106.45
C35 LHG PE . 71.04 -19.01 -105.85
C36 LHG PE . 71.61 -20.27 -106.48
C37 LHG PE . 72.51 -19.94 -107.67
C38 LHG PE . 73.95 -19.81 -107.25
MG CHL QE . 24.81 -27.71 -96.76
CHA CHL QE . 28.15 -27.08 -97.15
CHB CHL QE . 25.08 -26.83 -93.45
CHC CHL QE . 21.64 -28.28 -96.43
CHD CHL QE . 24.68 -28.54 -100.20
NA CHL QE . 26.34 -27.09 -95.54
C1A CHL QE . 27.64 -26.79 -95.91
C2A CHL QE . 28.41 -26.17 -94.76
C3A CHL QE . 27.50 -26.35 -93.57
C4A CHL QE . 26.20 -26.79 -94.21
CMA CHL QE . 28.01 -27.05 -92.31
CAA CHL QE . 28.70 -24.69 -95.06
CBA CHL QE . 29.01 -23.80 -93.85
CGA CHL QE . 30.22 -24.21 -93.09
O1A CHL QE . 31.19 -24.74 -93.56
O2A CHL QE . 30.10 -23.91 -91.81
NB CHL QE . 23.55 -27.58 -95.16
C1B CHL QE . 23.83 -27.20 -93.89
C2B CHL QE . 22.62 -27.23 -93.13
C3B CHL QE . 21.59 -27.64 -93.95
C4B CHL QE . 22.21 -27.86 -95.26
CMB CHL QE . 22.50 -26.89 -91.68
CAB CHL QE . 20.20 -27.76 -93.53
CBB CHL QE . 18.98 -28.16 -94.33
NC CHL QE . 23.42 -28.33 -98.13
C1C CHL QE . 22.13 -28.50 -97.70
C2C CHL QE . 21.36 -28.95 -98.85
C3C CHL QE . 22.23 -29.02 -99.91
C4C CHL QE . 23.53 -28.63 -99.46
CMC CHL QE . 19.95 -29.28 -98.95
OMC CHL QE . 19.15 -29.24 -98.05
CAC CHL QE . 21.87 -29.44 -101.31
CBC CHL QE . 21.33 -28.32 -102.14
ND CHL QE . 26.06 -27.83 -98.37
C1D CHL QE . 25.91 -28.14 -99.69
C2D CHL QE . 27.16 -28.02 -100.36
C3D CHL QE . 28.06 -27.62 -99.41
C4D CHL QE . 27.38 -27.50 -98.20
CMD CHL QE . 27.37 -28.24 -101.83
CAD CHL QE . 29.46 -27.28 -99.16
OBD CHL QE . 30.39 -27.27 -99.95
CBD CHL QE . 29.58 -26.94 -97.69
CGD CHL QE . 30.58 -27.90 -97.04
O1D CHL QE . 30.78 -29.03 -97.41
O2D CHL QE . 31.20 -27.32 -96.03
CED CHL QE . 32.14 -28.16 -95.31
C1 CHL QE . 31.10 -24.27 -90.82
C2 CHL QE . 30.58 -25.43 -90.06
C3 CHL QE . 30.58 -25.46 -88.74
C4 CHL QE . 31.13 -24.36 -87.87
C5 CHL QE . 29.97 -26.63 -87.99
C6 CHL QE . 30.50 -26.82 -86.57
C7 CHL QE . 31.69 -27.74 -86.48
C8 CHL QE . 32.08 -28.13 -85.06
C9 CHL QE . 30.84 -28.53 -84.25
C10 CHL QE . 33.06 -29.30 -85.19
C11 CHL QE . 33.30 -30.10 -83.91
C12 CHL QE . 34.15 -29.37 -82.88
C13 CHL QE . 35.63 -29.68 -82.94
C14 CHL QE . 35.97 -30.92 -82.13
C15 CHL QE . 36.59 -28.54 -82.62
C16 CHL QE . 38.03 -28.81 -82.99
C17 CHL QE . 38.99 -27.74 -82.53
C18 CHL QE . 40.43 -27.95 -82.95
C19 CHL QE . 40.60 -27.80 -84.45
C20 CHL QE . 41.38 -27.03 -82.20
MG CLA RE . 34.99 -22.94 -102.84
CHA CLA RE . 32.19 -21.10 -103.73
CHB CLA RE . 37.05 -20.49 -104.14
CHC CLA RE . 37.57 -24.71 -101.84
CHD CLA RE . 32.85 -25.41 -101.50
NA CLA RE . 34.68 -20.99 -103.83
C1A CLA RE . 33.49 -20.43 -104.10
C2A CLA RE . 33.63 -19.10 -104.78
C3A CLA RE . 35.15 -18.97 -104.94
C4A CLA RE . 35.68 -20.20 -104.26
CMA CLA RE . 35.63 -18.60 -106.32
CAA CLA RE . 33.11 -17.99 -103.85
CBA CLA RE . 34.14 -17.00 -103.29
CGA CLA RE . 34.69 -17.46 -101.96
O1A CLA RE . 34.33 -18.55 -101.54
O2A CLA RE . 35.55 -16.71 -101.30
NB CLA RE . 37.00 -22.64 -102.96
C1B CLA RE . 37.67 -21.61 -103.55
C2B CLA RE . 39.09 -21.82 -103.46
C3B CLA RE . 39.23 -23.03 -102.82
C4B CLA RE . 37.89 -23.52 -102.50
CMB CLA RE . 40.16 -20.91 -104.00
CAB CLA RE . 40.48 -23.75 -102.46
CBB CLA RE . 41.60 -23.08 -101.69
NC CLA RE . 35.18 -24.75 -101.80
C1C CLA RE . 36.34 -25.31 -101.51
C2C CLA RE . 36.18 -26.61 -100.83
C3C CLA RE . 34.83 -26.79 -100.72
C4C CLA RE . 34.21 -25.62 -101.33
CMC CLA RE . 37.27 -27.53 -100.33
CAC CLA RE . 34.14 -27.96 -100.08
CBC CLA RE . 33.79 -27.64 -98.65
ND CLA RE . 33.05 -23.27 -102.60
C1D CLA RE . 32.27 -24.27 -102.09
C2D CLA RE . 30.86 -23.99 -102.24
C3D CLA RE . 30.83 -22.76 -102.89
C4D CLA RE . 32.14 -22.34 -103.09
CMD CLA RE . 29.59 -24.72 -101.87
CAD CLA RE . 29.94 -21.75 -103.42
OBD CLA RE . 28.74 -21.67 -103.18
CBD CLA RE . 30.77 -20.67 -104.03
CGD CLA RE . 30.54 -20.64 -105.51
O1D CLA RE . 29.58 -20.06 -105.97
O2D CLA RE . 31.38 -21.26 -106.33
CED CLA RE . 31.66 -20.58 -107.56
C1 CLA RE . 36.98 -16.91 -101.46
C2 CLA RE . 37.68 -18.20 -101.09
C3 CLA RE . 38.94 -18.20 -100.64
C4 CLA RE . 39.71 -16.92 -100.49
C5 CLA RE . 39.68 -19.47 -100.26
C6 CLA RE . 40.53 -19.26 -99.01
C7 CLA RE . 40.72 -20.54 -98.22
C8 CLA RE . 40.93 -20.25 -96.74
C9 CLA RE . 42.34 -20.64 -96.28
C10 CLA RE . 39.85 -20.92 -95.90
C11 CLA RE . 40.19 -22.37 -95.56
C12 CLA RE . 39.04 -23.04 -94.82
C13 CLA RE . 39.53 -24.14 -93.89
C14 CLA RE . 40.45 -25.11 -94.62
C15 CLA RE . 38.31 -24.80 -93.25
C16 CLA RE . 38.44 -26.31 -93.04
C17 CLA RE . 37.39 -27.07 -93.85
C18 CLA RE . 35.98 -26.67 -93.45
C19 CLA RE . 35.18 -26.16 -94.64
C20 CLA RE . 35.26 -27.84 -92.78
MG CLA SE . 46.73 -23.39 -101.50
CHA CLA SE . 47.01 -20.32 -103.04
CHB CLA SE . 44.29 -22.19 -99.41
CHC CLA SE . 46.50 -26.42 -100.19
CHD CLA SE . 49.25 -24.62 -103.68
NA CLA SE . 45.73 -21.45 -101.24
C1A CLA SE . 45.98 -20.34 -101.94
C2A CLA SE . 45.12 -19.18 -101.49
C3A CLA SE . 44.31 -19.80 -100.34
C4A CLA SE . 44.78 -21.23 -100.31
CMA CLA SE . 44.20 -19.02 -99.04
CAA CLA SE . 44.10 -18.85 -102.57
CBA CLA SE . 44.31 -17.50 -103.24
CGA CLA SE . 44.03 -16.37 -102.28
O1A CLA SE . 42.89 -16.20 -101.88
O2A CLA SE . 45.03 -15.59 -101.92
NB CLA SE . 45.57 -24.19 -100.03
C1B CLA SE . 44.64 -23.54 -99.26
C2B CLA SE . 44.07 -24.48 -98.31
C3B CLA SE . 44.71 -25.67 -98.52
C4B CLA SE . 45.65 -25.47 -99.64
CMB CLA SE . 43.03 -24.19 -97.27
CAB CLA SE . 44.46 -26.93 -97.79
CBB CLA SE . 45.56 -27.75 -97.15
NC CLA SE . 47.65 -25.24 -101.93
C1C CLA SE . 47.44 -26.35 -101.23
C2C CLA SE . 48.29 -27.48 -101.68
C3C CLA SE . 49.03 -26.95 -102.71
C4C CLA SE . 48.64 -25.56 -102.85
CMC CLA SE . 48.32 -28.88 -101.14
CAC CLA SE . 50.06 -27.67 -103.53
CBC CLA SE . 49.35 -28.22 -104.75
ND CLA SE . 47.88 -22.76 -102.98
C1D CLA SE . 48.83 -23.28 -103.80
C2D CLA SE . 49.37 -22.30 -104.74
C3D CLA SE . 48.64 -21.15 -104.43
C4D CLA SE . 47.75 -21.43 -103.39
CMD CLA SE . 50.41 -22.34 -105.82
CAD CLA SE . 48.49 -19.77 -104.83
OBD CLA SE . 48.81 -19.31 -105.90
CBD CLA SE . 47.46 -19.17 -103.92
CGD CLA SE . 48.13 -18.11 -103.08
O1D CLA SE . 47.99 -16.93 -103.34
O2D CLA SE . 48.89 -18.46 -102.03
CED CLA SE . 48.59 -17.81 -100.80
C1 CLA SE . 45.52 -15.64 -100.54
C2 CLA SE . 44.60 -15.32 -99.39
C3 CLA SE . 45.05 -15.35 -98.12
C4 CLA SE . 44.12 -15.04 -97.00
C5 CLA SE . 46.47 -15.71 -97.76
C6 CLA SE . 46.48 -16.83 -96.72
C7 CLA SE . 47.41 -17.95 -97.15
C8 CLA SE . 47.63 -18.97 -96.05
C9 CLA SE . 46.30 -19.51 -95.50
C10 CLA SE . 48.45 -18.35 -94.93
C11 CLA SE . 49.48 -19.33 -94.39
C12 CLA SE . 50.56 -19.62 -95.41
C13 CLA SE . 51.80 -20.22 -94.76
C14 CLA SE . 52.99 -19.29 -94.86
C15 CLA SE . 52.11 -21.58 -95.38
C16 CLA SE . 51.76 -22.71 -94.43
C17 CLA SE . 51.99 -24.07 -95.08
C18 CLA SE . 52.44 -25.10 -94.05
C19 CLA SE . 51.37 -25.28 -92.97
C20 CLA SE . 52.78 -26.43 -94.72
MG CLA TE . 51.17 -41.55 -108.15
CHA CLA TE . 53.59 -43.86 -107.24
CHB CLA TE . 53.16 -38.96 -107.07
CHC CLA TE . 48.86 -39.44 -109.19
CHD CLA TE . 49.15 -44.23 -109.29
NA CLA TE . 53.18 -41.40 -107.25
C1A CLA TE . 53.99 -42.42 -106.95
C2A CLA TE . 55.26 -41.95 -106.31
C3A CLA TE . 55.08 -40.43 -106.25
C4A CLA TE . 53.74 -40.23 -106.88
CMA CLA TE . 55.37 -39.73 -104.93
CAA CLA TE . 56.47 -42.30 -107.19
CBA CLA TE . 56.68 -41.35 -108.37
CGA CLA TE . 56.56 -42.06 -109.70
O1A CLA TE . 57.20 -43.07 -109.89
O2A CLA TE . 55.75 -41.55 -110.60
NB CLA TE . 51.03 -39.52 -108.13
C1B CLA TE . 51.93 -38.62 -107.63
C2B CLA TE . 51.40 -37.28 -107.78
C3B CLA TE . 50.18 -37.44 -108.38
C4B CLA TE . 49.96 -38.85 -108.60
CMB CLA TE . 52.07 -36.00 -107.36
CAB CLA TE . 49.22 -36.38 -108.78
CBB CLA TE . 49.60 -35.30 -109.75
NC CLA TE . 49.33 -41.79 -109.14
C1C CLA TE . 48.51 -40.79 -109.43
C2C CLA TE . 47.23 -41.24 -110.02
C3C CLA TE . 47.34 -42.61 -110.06
C4C CLA TE . 48.65 -42.93 -109.51
CMC CLA TE . 46.08 -40.38 -110.47
CAC CLA TE . 46.30 -43.57 -110.58
CBC CLA TE . 46.62 -43.93 -112.01
ND CLA TE . 51.25 -43.52 -108.30
C1D CLA TE . 50.41 -44.51 -108.73
C2D CLA TE . 50.97 -45.84 -108.51
C3D CLA TE . 52.21 -45.56 -107.94
C4D CLA TE . 52.36 -44.18 -107.81
CMD CLA TE . 50.50 -47.24 -108.77
CAD CLA TE . 53.38 -46.22 -107.41
OBD CLA TE . 53.37 -47.34 -106.92
CBD CLA TE . 54.35 -45.15 -107.01
CGD CLA TE . 54.71 -45.31 -105.56
O1D CLA TE . 55.86 -45.15 -105.19
O2D CLA TE . 53.79 -45.62 -104.64
CED CLA TE . 53.78 -44.83 -103.47
C1 CLA TE . 55.59 -42.18 -111.91
C2 CLA TE . 56.68 -42.20 -112.95
C3 CLA TE . 56.39 -42.12 -114.26
C4 CLA TE . 54.97 -42.02 -114.73
MG CHL UE . 65.22 -44.63 -115.19
CHA CHL UE . 63.17 -46.16 -117.44
CHB CHL UE . 67.18 -47.45 -115.12
CHC CHL UE . 67.10 -43.17 -112.99
CHD CHL UE . 63.03 -41.82 -115.27
NA CHL UE . 65.19 -46.44 -116.15
C1A CHL UE . 64.29 -46.87 -117.09
C2A CHL UE . 64.65 -48.25 -117.64
C3A CHL UE . 65.80 -48.69 -116.75
C4A CHL UE . 66.10 -47.46 -115.95
CMA CHL UE . 65.76 -50.06 -116.08
CAA CHL UE . 65.06 -48.21 -119.12
CBA CHL UE . 65.19 -49.59 -119.78
CGA CHL UE . 64.30 -49.76 -120.97
O1A CHL UE . 63.22 -49.25 -121.10
O2A CHL UE . 64.85 -50.53 -121.88
NB CHL UE . 66.91 -45.23 -114.23
C1B CHL UE . 67.58 -46.40 -114.31
C2B CHL UE . 68.71 -46.35 -113.45
C3B CHL UE . 68.72 -45.14 -112.81
C4B CHL UE . 67.56 -44.41 -113.32
CMB CHL UE . 69.70 -47.46 -113.26
CAB CHL UE . 69.74 -44.73 -111.84
CBB CHL UE . 69.87 -43.44 -111.07
NC CHL UE . 65.06 -42.78 -114.31
C1C CHL UE . 66.02 -42.42 -113.41
C2C CHL UE . 65.68 -41.07 -112.95
C3C CHL UE . 64.53 -40.70 -113.60
C4C CHL UE . 64.14 -41.77 -114.46
CMC CHL UE . 66.34 -40.22 -111.97
OMC CHL UE . 67.36 -40.50 -111.37
CAC CHL UE . 63.81 -39.39 -113.44
CBC CHL UE . 64.16 -38.39 -114.51
ND CHL UE . 63.50 -44.02 -116.12
C1D CHL UE . 62.71 -42.90 -116.08
C2D CHL UE . 61.59 -43.07 -116.93
C3D CHL UE . 61.71 -44.32 -117.48
C4D CHL UE . 62.90 -44.88 -116.98
CMD CHL UE . 60.51 -42.05 -117.14
CAD CHL UE . 61.12 -45.31 -118.37
OBD CHL UE . 60.09 -45.21 -119.03
CBD CHL UE . 62.00 -46.54 -118.36
CGD CHL UE . 61.20 -47.73 -117.85
O1D CHL UE . 60.89 -47.91 -116.71
O2D CHL UE . 60.89 -48.55 -118.85
CED CHL UE . 60.14 -49.73 -118.49
C1 CHL UE . 64.21 -50.87 -123.14
C2 CHL UE . 64.45 -49.76 -124.08
MG CHL VE . 57.29 -36.59 -109.62
CHA CHL VE . 58.40 -37.96 -112.55
CHB CHL VE . 55.64 -34.22 -111.44
CHC CHL VE . 56.13 -35.39 -106.83
CHD CHL VE . 59.23 -39.00 -107.90
NA CHL VE . 57.06 -36.20 -111.61
C1A CHL VE . 57.52 -36.91 -112.69
C2A CHL VE . 57.00 -36.33 -114.01
C3A CHL VE . 56.64 -34.94 -113.60
C4A CHL VE . 56.44 -35.08 -112.10
CMA CHL VE . 55.70 -34.08 -114.43
CAA CHL VE . 55.74 -37.05 -114.50
CBA CHL VE . 55.95 -38.38 -115.21
CGA CHL VE . 55.46 -38.39 -116.63
O1A CHL VE . 54.94 -37.46 -117.19
O2A CHL VE . 55.66 -39.56 -117.19
NB CHL VE . 56.03 -35.05 -109.21
C1B CHL VE . 55.40 -34.23 -110.08
C2B CHL VE . 54.54 -33.36 -109.35
C3B CHL VE . 54.66 -33.66 -108.02
C4B CHL VE . 55.63 -34.75 -107.92
CMB CHL VE . 53.63 -32.34 -109.95
CAB CHL VE . 53.93 -32.95 -106.96
CBB CHL VE . 53.97 -33.18 -105.47
NC CHL VE . 57.66 -37.13 -107.68
C1C CHL VE . 57.05 -36.45 -106.68
C2C CHL VE . 57.51 -37.03 -105.42
C3C CHL VE . 58.37 -38.04 -105.74
C4C CHL VE . 58.48 -38.11 -107.16
CMC CHL VE . 57.18 -36.70 -104.04
OMC CHL VE . 56.43 -35.82 -103.68
CAC CHL VE . 59.07 -38.95 -104.76
CBC CHL VE . 60.38 -38.40 -104.29
ND CHL VE . 58.56 -38.13 -110.02
C1D CHL VE . 59.27 -39.01 -109.28
C2D CHL VE . 60.00 -39.90 -110.13
C3D CHL VE . 59.69 -39.52 -111.41
C4D CHL VE . 58.81 -38.45 -111.34
CMD CHL VE . 60.88 -41.01 -109.65
CAD CHL VE . 59.92 -39.80 -112.83
OBD CHL VE . 60.62 -40.67 -113.32
CBD CHL VE . 59.11 -38.80 -113.62
CGD CHL VE . 60.03 -37.98 -114.53
O1D CHL VE . 61.00 -37.39 -114.17
O2D CHL VE . 59.59 -38.00 -115.78
CED CHL VE . 60.37 -37.25 -116.74
C1 CHL VE . 55.29 -39.86 -118.57
C2 CHL VE . 56.45 -39.55 -119.44
C3 CHL VE . 56.91 -40.41 -120.33
C4 CHL VE . 56.31 -41.76 -120.56
MG CHL WE . 57.32 -34.17 -100.34
CHA CHL WE . 58.63 -35.91 -97.70
CHB CHL WE . 54.50 -33.57 -98.49
CHC CHL WE . 56.11 -32.49 -102.84
CHD CHL WE . 60.26 -34.91 -102.17
NA CHL WE . 56.70 -34.65 -98.44
C1A CHL WE . 57.40 -35.33 -97.46
C2A CHL WE . 56.61 -35.40 -96.15
C3A CHL WE . 55.27 -34.80 -96.51
C4A CHL WE . 55.48 -34.29 -97.91
CMA CHL WE . 53.97 -35.51 -96.17
CAA CHL WE . 57.30 -34.64 -94.99
CBA CHL WE . 57.10 -35.25 -93.60
CGA CHL WE . 55.70 -35.23 -93.11
O1A CHL WE . 54.97 -36.19 -93.04
O2A CHL WE . 55.32 -34.01 -92.76
NB CHL WE . 55.56 -33.18 -100.60
C1B CHL WE . 54.51 -33.04 -99.75
C2B CHL WE . 53.48 -32.29 -100.37
C3B CHL WE . 53.93 -31.96 -101.66
C4B CHL WE . 55.25 -32.54 -101.78
CMB CHL WE . 52.18 -31.92 -99.74
CAB CHL WE . 53.26 -31.22 -102.74
CBB CHL WE . 51.92 -30.55 -102.83
NC CHL WE . 58.09 -33.78 -102.19
C1C CHL WE . 57.37 -33.02 -103.05
C2C CHL WE . 58.17 -32.86 -104.27
C3C CHL WE . 59.34 -33.55 -104.07
C4C CHL WE . 59.30 -34.13 -102.76
CMC CHL WE . 57.87 -32.14 -105.49
OMC CHL WE . 56.85 -31.52 -105.71
CAC CHL WE . 60.47 -33.65 -105.04
CBC CHL WE . 60.29 -34.80 -106.02
ND CHL WE . 59.08 -35.17 -100.10
C1D CHL WE . 60.16 -35.42 -100.88
C2D CHL WE . 61.09 -36.24 -100.19
C3D CHL WE . 60.54 -36.46 -98.94
C4D CHL WE . 59.31 -35.80 -98.89
CMD CHL WE . 62.39 -36.75 -100.73
CAD CHL WE . 60.73 -37.09 -97.65
OBD CHL WE . 61.68 -37.77 -97.27
CBD CHL WE . 59.52 -36.77 -96.80
CGD CHL WE . 58.88 -38.07 -96.31
O1D CHL WE . 58.04 -38.68 -96.89
O2D CHL WE . 59.39 -38.43 -95.13
CED CHL WE . 58.88 -39.66 -94.57
C1 CHL WE . 53.98 -33.71 -92.27
C2 CHL WE . 53.58 -32.39 -92.83
C3 CHL WE . 52.52 -32.26 -93.62
C4 CHL WE . 51.63 -33.39 -94.03
MG CHL XE . 48.36 -27.50 -119.77
CHA CHL XE . 46.51 -28.69 -117.16
CHB CHL XE . 50.52 -30.13 -119.38
CHC CHL XE . 50.08 -26.34 -122.27
CHD CHL XE . 46.07 -24.80 -120.01
NA CHL XE . 48.47 -29.12 -118.51
C1A CHL XE . 47.57 -29.48 -117.53
C2A CHL XE . 47.96 -30.81 -116.88
C3A CHL XE . 49.32 -31.10 -117.47
C4A CHL XE . 49.47 -30.05 -118.54
CMA CHL XE . 50.48 -31.42 -116.53
CAA CHL XE . 46.95 -31.94 -117.19
CBA CHL XE . 46.65 -32.15 -118.66
CGA CHL XE . 46.02 -33.48 -118.96
NB CHL XE . 50.06 -28.16 -120.70
C1B CHL XE . 50.80 -29.25 -120.41
C2B CHL XE . 51.89 -29.30 -121.33
C3B CHL XE . 51.81 -28.23 -122.18
C4B CHL XE . 50.62 -27.49 -121.76
CMB CHL XE . 52.94 -30.37 -121.35
CAB CHL XE . 52.77 -27.95 -123.25
CBB CHL XE . 52.80 -26.80 -124.23
NC CHL XE . 48.09 -25.83 -120.93
C1C CHL XE . 48.97 -25.59 -121.94
C2C CHL XE . 48.54 -24.36 -122.61
C3C CHL XE . 47.39 -23.95 -121.97
C4C CHL XE . 47.11 -24.86 -120.91
CMC CHL XE . 49.12 -23.64 -123.73
OMC CHL XE . 50.12 -23.96 -124.32
CAC CHL XE . 46.58 -22.74 -122.32
CBC CHL XE . 45.38 -23.08 -123.17
ND CHL XE . 46.66 -26.82 -118.86
C1D CHL XE . 45.84 -25.74 -119.01
C2D CHL XE . 44.81 -25.76 -118.04
C3D CHL XE . 45.03 -26.89 -117.29
C4D CHL XE . 46.16 -27.53 -117.80
CMD CHL XE . 43.73 -24.73 -117.90
CAD CHL XE . 44.55 -27.69 -116.18
OBD CHL XE . 43.59 -27.48 -115.46
CBD CHL XE . 45.47 -28.88 -116.04
CGD CHL XE . 46.08 -28.92 -114.64
O1D CHL XE . 46.90 -28.16 -114.23
O2D CHL XE . 45.57 -29.93 -113.93
CED CHL XE . 46.06 -30.07 -112.58
MG CHL YE . 51.77 -23.98 -109.80
CHA CHL YE . 49.05 -22.04 -109.33
CHB CHL YE . 53.23 -21.38 -111.58
CHC CHL YE . 54.39 -25.77 -110.12
CHD CHL YE . 50.12 -26.58 -107.98
NA CHL YE . 51.23 -22.08 -110.36
C1A CHL YE . 50.09 -21.42 -109.96
C2A CHL YE . 50.12 -19.96 -110.38
C3A CHL YE . 51.25 -19.91 -111.36
C4A CHL YE . 51.97 -21.20 -111.11
CMA CHL YE . 50.97 -19.48 -112.81
CAA CHL YE . 50.34 -19.05 -109.16
CBA CHL YE . 51.37 -19.58 -108.15
CGA CHL YE . 51.65 -18.67 -107.00
O1A CHL YE . 51.53 -17.47 -107.00
O2A CHL YE . 52.08 -19.35 -105.94
NB CHL YE . 53.54 -23.60 -110.73
C1B CHL YE . 53.99 -22.52 -111.39
C2B CHL YE . 55.32 -22.77 -111.84
C3B CHL YE . 55.70 -24.02 -111.41
C4B CHL YE . 54.53 -24.55 -110.71
CMB CHL YE . 56.15 -21.82 -112.65
CAB CHL YE . 57.02 -24.61 -111.64
CBB CHL YE . 57.57 -25.94 -111.19
NC CHL YE . 52.14 -25.88 -109.14
C1C CHL YE . 53.36 -26.38 -109.43
C2C CHL YE . 53.44 -27.72 -108.89
C3C CHL YE . 52.21 -27.97 -108.28
C4C CHL YE . 51.41 -26.81 -108.43
CMC CHL YE . 54.62 -28.57 -108.99
OMC CHL YE . 54.76 -29.67 -108.51
CAC CHL YE . 51.79 -29.23 -107.56
CBC CHL YE . 52.47 -29.41 -106.23
ND CHL YE . 50.00 -24.35 -108.86
C1D CHL YE . 49.43 -25.39 -108.19
C2D CHL YE . 48.12 -25.04 -107.76
C3D CHL YE . 47.91 -23.74 -108.20
C4D CHL YE . 49.07 -23.33 -108.86
CMD CHL YE . 47.19 -25.92 -106.98
CAD CHL YE . 46.98 -22.62 -108.23
OBD CHL YE . 45.84 -22.56 -107.79
CBD CHL YE . 47.66 -21.47 -108.94
CGD CHL YE . 46.82 -21.00 -110.12
O1D CHL YE . 46.36 -21.71 -110.97
O2D CHL YE . 46.64 -19.68 -110.07
CED CHL YE . 45.88 -19.11 -111.16
C1 CHL YE . 52.49 -18.74 -104.68
C2 CHL YE . 51.65 -19.31 -103.59
C3 CHL YE . 51.95 -20.43 -102.95
C4 CHL YE . 53.16 -21.27 -103.27
C5 CHL YE . 51.09 -20.94 -101.83
C6 CHL YE . 51.87 -21.61 -100.71
C7 CHL YE . 51.11 -21.63 -99.39
C8 CHL YE . 49.90 -22.55 -99.32
C9 CHL YE . 50.28 -23.98 -99.71
C10 CHL YE . 49.44 -22.48 -97.87
C11 CHL YE . 48.37 -23.48 -97.47
C12 CHL YE . 48.07 -23.45 -95.98
C13 CHL YE . 46.87 -24.29 -95.53
C14 CHL YE . 45.83 -23.42 -94.82
C15 CHL YE . 47.17 -25.58 -94.75
C16 CHL YE . 45.98 -26.18 -94.01
C17 CHL YE . 46.23 -27.57 -93.46
C18 CHL YE . 47.31 -27.71 -92.40
C19 CHL YE . 46.98 -26.89 -91.16
C20 CHL YE . 47.56 -29.16 -92.04
MG CLA ZE . 38.25 -32.28 -116.70
CHA CLA ZE . 37.88 -30.60 -119.68
CHB CLA ZE . 34.87 -32.94 -116.58
CHC CLA ZE . 38.77 -34.00 -113.94
CHD CLA ZE . 41.72 -31.57 -116.82
NA CLA ZE . 36.53 -31.83 -118.00
C1A CLA ZE . 36.58 -31.14 -119.13
C2A CLA ZE . 35.21 -30.97 -119.73
C3A CLA ZE . 34.30 -31.65 -118.71
C4A CLA ZE . 35.26 -32.19 -117.70
CMA CLA ZE . 33.13 -30.81 -118.24
CAA CLA ZE . 35.07 -31.81 -121.00
CBA CLA ZE . 35.97 -33.04 -121.08
CGA CLA ZE . 35.34 -34.31 -120.54
O1A CLA ZE . 34.13 -34.38 -120.43
O2A CLA ZE . 36.12 -35.34 -120.23
NB CLA ZE . 37.01 -33.32 -115.46
C1B CLA ZE . 35.66 -33.48 -115.55
C2B CLA ZE . 35.19 -34.26 -114.43
C3B CLA ZE . 36.29 -34.54 -113.69
C4B CLA ZE . 37.44 -33.94 -114.36
CMB CLA ZE . 33.76 -34.67 -114.15
CAB CLA ZE . 36.38 -35.33 -112.44
CBB CLA ZE . 36.13 -36.81 -112.47
NC CLA ZE . 39.98 -32.76 -115.61
C1C CLA ZE . 39.95 -33.45 -114.48
C2C CLA ZE . 41.28 -33.58 -113.86
C3C CLA ZE . 42.12 -32.91 -114.71
C4C CLA ZE . 41.30 -32.40 -115.79
CMC CLA ZE . 41.56 -34.32 -112.58
CAC CLA ZE . 43.60 -32.73 -114.57
CBC CLA ZE . 44.32 -33.80 -115.36
ND CLA ZE . 39.56 -31.37 -117.88
C1D CLA ZE . 40.90 -31.10 -117.86
C2D CLA ZE . 41.32 -30.30 -119.01
C3D CLA ZE . 40.13 -30.12 -119.71
C4D CLA ZE . 39.09 -30.75 -119.03
CMD CLA ZE . 42.63 -29.74 -119.48
CAD CLA ZE . 39.58 -29.49 -120.89
OBD CLA ZE . 40.23 -29.02 -121.82
CBD CLA ZE . 38.12 -29.82 -120.95
CGD CLA ZE . 37.34 -28.54 -120.91
O1D CLA ZE . 37.60 -27.70 -120.06
O2D CLA ZE . 36.37 -28.32 -121.77
CED CLA ZE . 36.50 -27.17 -122.61
C1 CLA ZE . 35.56 -36.48 -119.51
C2 CLA ZE . 35.91 -36.82 -118.08
C3 CLA ZE . 35.68 -38.05 -117.59
C4 CLA ZE . 35.08 -39.12 -118.46
C5 CLA ZE . 36.02 -38.44 -116.17
C6 CLA ZE . 36.53 -39.88 -116.13
C7 CLA ZE . 37.48 -40.12 -114.96
C8 CLA ZE . 38.75 -40.81 -115.41
C9 CLA ZE . 38.46 -42.05 -116.24
C10 CLA ZE . 39.60 -41.17 -114.20
C11 CLA ZE . 40.94 -41.76 -114.61
C12 CLA ZE . 42.05 -40.70 -114.55
C13 CLA ZE . 43.40 -41.29 -114.94
C14 CLA ZE . 44.54 -40.42 -114.45
C15 CLA ZE . 43.45 -41.48 -116.45
C16 CLA ZE . 43.48 -40.14 -117.19
C17 CLA ZE . 44.38 -40.21 -118.41
C18 CLA ZE . 45.85 -40.07 -118.02
C19 CLA ZE . 46.76 -40.54 -119.15
C20 CLA ZE . 46.17 -38.63 -117.63
MG CLA AF . 24.64 -36.01 -104.41
CHA CLA AF . 25.09 -35.42 -107.79
CHB CLA AF . 21.23 -36.27 -104.86
CHC CLA AF . 24.33 -36.66 -101.18
CHD CLA AF . 28.13 -35.76 -103.96
NA CLA AF . 23.27 -35.88 -106.14
C1A CLA AF . 23.63 -35.64 -107.41
C2A CLA AF . 22.44 -35.60 -108.32
C3A CLA AF . 21.26 -35.85 -107.38
C4A CLA AF . 21.93 -36.02 -106.05
CMA CLA AF . 20.01 -34.99 -107.49
CAA CLA AF . 22.49 -36.75 -109.33
CBA CLA AF . 22.53 -36.23 -110.76
CGA CLA AF . 22.50 -37.41 -111.71
O1A CLA AF . 22.26 -37.21 -112.89
O2A CLA AF . 22.72 -38.62 -111.23
NB CLA AF . 23.03 -36.41 -103.22
C1B CLA AF . 21.71 -36.45 -103.55
C2B CLA AF . 20.92 -36.73 -102.38
C3B CLA AF . 21.81 -36.83 -101.35
C4B CLA AF . 23.14 -36.63 -101.89
CMB CLA AF . 19.41 -36.86 -102.32
CAB CLA AF . 21.53 -37.10 -99.92
CBB CLA AF . 20.88 -38.39 -99.48
NC CLA AF . 26.03 -36.24 -102.84
C1C CLA AF . 25.67 -36.44 -101.58
C2C CLA AF . 26.83 -36.41 -100.65
C3C CLA AF . 27.91 -36.18 -101.46
C4C CLA AF . 27.39 -36.07 -102.82
CMC CLA AF . 26.82 -36.60 -99.15
CAC CLA AF . 29.35 -36.05 -101.03
CBC CLA AF . 30.07 -37.37 -101.21
ND CLA AF . 26.26 -35.70 -105.49
C1D CLA AF . 27.59 -35.60 -105.26
C2D CLA AF . 28.35 -35.30 -106.47
C3D CLA AF . 27.36 -35.24 -107.44
C4D CLA AF . 26.12 -35.47 -106.85
CMD CLA AF . 29.81 -35.11 -106.77
CAD CLA AF . 27.17 -35.01 -108.86
OBD CLA AF . 28.02 -34.60 -109.64
CBD CLA AF . 25.70 -35.12 -109.14
CGD CLA AF . 25.19 -33.82 -109.64
O1D CLA AF . 24.61 -33.06 -108.88
O2D CLA AF . 25.35 -33.44 -110.90
CED CLA AF . 25.72 -32.08 -111.08
MG CLA BF . 32.37 -39.96 -108.74
CHA CLA BF . 29.81 -38.87 -110.81
CHB CLA BF . 34.51 -40.17 -111.41
CHC CLA BF . 34.74 -40.85 -106.63
CHD CLA BF . 30.14 -39.70 -105.99
NA CLA BF . 32.21 -39.56 -110.90
C1A CLA BF . 31.12 -39.14 -111.55
C2A CLA BF . 31.36 -38.99 -113.03
C3A CLA BF . 32.83 -39.41 -113.18
C4A CLA BF . 33.23 -39.74 -111.77
CMA CLA BF . 33.25 -40.35 -114.31
CAA CLA BF . 31.23 -37.54 -113.47
CBA CLA BF . 31.01 -37.44 -114.97
CGA CLA BF . 29.66 -38.00 -115.33
NB CLA BF . 34.33 -40.43 -108.98
C1B CLA BF . 35.04 -40.50 -110.15
C2B CLA BF . 36.38 -40.95 -109.87
C3B CLA BF . 36.43 -41.16 -108.53
C4B CLA BF . 35.12 -40.81 -107.98
CMB CLA BF . 37.48 -41.18 -110.87
CAB CLA BF . 37.59 -41.62 -107.74
CBB CLA BF . 37.55 -42.94 -107.00
NC CLA BF . 32.45 -40.16 -106.64
C1C CLA BF . 33.51 -40.61 -105.99
C2C CLA BF . 33.27 -40.79 -104.54
C3C CLA BF . 31.96 -40.43 -104.36
C4C CLA BF . 31.46 -40.04 -105.68
CMC CLA BF . 34.24 -41.28 -103.50
CAC CLA BF . 31.17 -40.42 -103.07
CBC CLA BF . 30.61 -41.81 -102.82
ND CLA BF . 30.49 -39.42 -108.37
C1D CLA BF . 29.68 -39.37 -107.28
C2D CLA BF . 28.32 -38.97 -107.63
C3D CLA BF . 28.39 -38.78 -109.01
C4D CLA BF . 29.69 -39.04 -109.44
CMD CLA BF . 27.06 -38.77 -106.84
CAD CLA BF . 27.59 -38.39 -110.15
OBD CLA BF . 26.37 -38.27 -110.15
CBD CLA BF . 28.46 -38.47 -111.36
CGD CLA BF . 27.92 -39.56 -112.24
O1D CLA BF . 27.08 -39.32 -113.09
O2D CLA BF . 28.33 -40.82 -112.09
CED CLA BF . 28.62 -41.54 -113.29
MG CLA CF . 38.19 -37.82 -91.61
CHA CLA CF . 39.23 -40.01 -89.14
CHB CLA CF . 36.34 -40.33 -93.11
CHC CLA CF . 37.20 -35.62 -93.87
CHD CLA CF . 40.07 -35.27 -90.05
NA CLA CF . 37.80 -39.96 -91.19
C1A CLA CF . 38.30 -40.65 -90.15
C2A CLA CF . 37.83 -42.08 -90.16
C3A CLA CF . 36.95 -42.14 -91.41
C4A CLA CF . 37.02 -40.75 -91.96
CMA CLA CF . 37.03 -43.35 -92.33
CAA CLA CF . 36.92 -42.36 -88.95
CBA CLA CF . 35.82 -41.32 -88.81
CGA CLA CF . 36.01 -40.48 -87.56
O1A CLA CF . 35.63 -40.92 -86.50
O2A CLA CF . 36.61 -39.31 -87.65
NB CLA CF . 36.96 -37.96 -93.23
C1B CLA CF . 36.31 -39.05 -93.72
C2B CLA CF . 35.57 -38.69 -94.91
C3B CLA CF . 35.83 -37.37 -95.11
C4B CLA CF . 36.72 -36.92 -94.04
CMB CLA CF . 34.71 -39.61 -95.75
CAB CLA CF . 35.35 -36.48 -96.19
CBB CLA CF . 35.62 -36.78 -97.64
NC CLA CF . 38.53 -35.77 -91.88
C1C CLA CF . 38.04 -35.06 -92.89
C2C CLA CF . 38.47 -33.64 -92.85
C3C CLA CF . 39.25 -33.55 -91.74
C4C CLA CF . 39.29 -34.88 -91.13
CMC CLA CF . 38.11 -32.55 -93.82
CAC CLA CF . 39.94 -32.31 -91.24
CBC CLA CF . 39.12 -31.68 -90.14
ND CLA CF . 39.35 -37.58 -90.02
C1D CLA CF . 40.07 -36.56 -89.48
C2D CLA CF . 40.82 -36.99 -88.30
C3D CLA CF . 40.48 -38.33 -88.19
C4D CLA CF . 39.60 -38.67 -89.22
CMD CLA CF . 41.76 -36.31 -87.35
CAD CLA CF . 40.72 -39.50 -87.37
OBD CLA CF . 41.49 -39.58 -86.44
CBD CLA CF . 39.89 -40.62 -87.92
CGD CLA CF . 40.79 -41.75 -88.33
O1D CLA CF . 41.81 -41.54 -88.95
O2D CLA CF . 40.46 -43.00 -88.00
CED CLA CF . 41.30 -43.64 -87.05
C1 CLA CF . 35.86 -38.07 -87.80
C2 CLA CF . 35.45 -37.55 -89.17
C3 CLA CF . 35.53 -36.24 -89.44
C4 CLA CF . 36.03 -35.24 -88.44
C5 CLA CF . 35.14 -35.68 -90.79
C6 CLA CF . 33.91 -34.79 -90.64
C7 CLA CF . 33.06 -34.81 -91.91
C8 CLA CF . 32.08 -35.97 -91.89
C9 CLA CF . 32.24 -36.84 -93.12
C10 CLA CF . 30.65 -35.42 -91.78
C11 CLA CF . 29.88 -36.14 -90.68
C12 CLA CF . 28.96 -37.20 -91.26
C13 CLA CF . 28.63 -38.27 -90.22
C14 CLA CF . 28.26 -39.58 -90.90
C15 CLA CF . 27.50 -37.77 -89.33
C16 CLA CF . 27.57 -38.44 -87.96
C17 CLA CF . 28.56 -37.73 -87.05
C18 CLA CF . 27.86 -36.78 -86.10
C19 CLA CF . 28.28 -37.04 -84.66
C20 CLA CF . 28.14 -35.33 -86.49
MG CLA DF . 30.94 -45.24 -89.96
CHA CLA DF . 30.66 -42.44 -87.94
CHB CLA DF . 29.08 -47.10 -87.73
CHC CLA DF . 31.18 -47.81 -92.02
CHD CLA DF . 32.83 -43.31 -92.25
NA CLA DF . 29.95 -44.84 -88.03
C1A CLA DF . 29.96 -43.67 -87.38
C2A CLA DF . 29.20 -43.74 -86.08
C3A CLA DF . 28.73 -45.21 -86.04
C4A CLA DF . 29.27 -45.77 -87.32
CMA CLA DF . 28.85 -46.01 -84.75
CAA CLA DF . 27.95 -42.87 -86.10
CBA CLA DF . 27.18 -42.98 -87.41
CGA CLA DF . 25.70 -42.93 -87.15
O1A CLA DF . 25.20 -41.90 -86.73
O2A CLA DF . 24.98 -44.02 -87.36
NB CLA DF . 30.24 -47.16 -89.89
C1B CLA DF . 29.52 -47.75 -88.89
C2B CLA DF . 29.27 -49.14 -89.22
C3B CLA DF . 29.87 -49.33 -90.44
C4B CLA DF . 30.47 -48.06 -90.85
CMB CLA DF . 28.53 -50.15 -88.41
CAB CLA DF . 29.91 -50.59 -91.22
CBB CLA DF . 31.18 -51.39 -91.33
NC CLA DF . 31.79 -45.49 -91.87
C1C CLA DF . 31.82 -46.65 -92.52
C2C CLA DF . 32.58 -46.59 -93.78
C3C CLA DF . 33.00 -45.29 -93.85
C4C CLA DF . 32.52 -44.62 -92.65
CMC CLA DF . 32.81 -47.70 -94.78
CAC CLA DF . 33.83 -44.68 -94.95
CBC CLA DF . 32.93 -43.91 -95.91
ND CLA DF . 31.62 -43.39 -90.16
C1D CLA DF . 32.35 -42.70 -91.08
C2D CLA DF . 32.56 -41.31 -90.68
C3D CLA DF . 31.90 -41.23 -89.46
C4D CLA DF . 31.34 -42.48 -89.16
CMD CLA DF . 33.26 -40.13 -91.28
CAD CLA DF . 31.58 -40.30 -88.39
OBD CLA DF . 31.96 -39.15 -88.31
CBD CLA DF . 30.80 -41.06 -87.36
CGD CLA DF . 31.61 -41.10 -86.09
O1D CLA DF . 32.23 -42.11 -85.80
O2D CLA DF . 31.65 -40.05 -85.29
CED CLA DF . 32.94 -39.47 -85.08
C1 CLA DF . 25.09 -44.76 -88.62
C2 CLA DF . 24.86 -44.09 -89.95
C3 CLA DF . 24.45 -44.78 -91.02
C4 CLA DF . 24.21 -46.25 -90.94
C1 LUT EF . 38.13 -42.70 -96.72
C2 LUT EF . 39.25 -43.23 -95.84
C3 LUT EF . 39.63 -42.27 -94.73
C4 LUT EF . 40.12 -40.98 -95.35
C5 LUT EF . 39.06 -40.44 -96.28
C6 LUT EF . 38.35 -41.24 -97.09
C7 LUT EF . 37.73 -40.71 -98.32
C8 LUT EF . 38.43 -40.44 -99.42
C9 LUT EF . 37.75 -39.91 -100.61
C10 LUT EF . 38.48 -39.64 -101.70
C11 LUT EF . 37.89 -39.13 -102.93
C12 LUT EF . 38.65 -39.17 -104.01
C13 LUT EF . 38.19 -38.69 -105.33
C14 LUT EF . 39.02 -38.85 -106.37
C15 LUT EF . 38.65 -38.43 -107.72
C16 LUT EF . 36.81 -42.77 -95.97
C17 LUT EF . 38.05 -43.57 -97.97
C18 LUT EF . 38.82 -38.95 -96.28
C19 LUT EF . 36.26 -39.70 -100.62
C20 LUT EF . 36.85 -38.05 -105.50
O3 LUT EF . 40.71 -42.84 -93.97
C21 LUT EF . 39.47 -37.67 -120.38
C22 LUT EF . 38.62 -37.17 -121.55
C23 LUT EF . 39.21 -35.93 -122.19
C24 LUT EF . 39.23 -34.82 -121.15
C25 LUT EF . 40.06 -35.27 -119.99
C26 LUT EF . 39.91 -36.52 -119.48
C27 LUT EF . 40.58 -36.84 -118.20
C28 LUT EF . 39.92 -36.70 -117.05
C29 LUT EF . 40.57 -37.03 -115.77
C30 LUT EF . 39.78 -37.35 -114.73
C31 LUT EF . 40.31 -37.71 -113.42
C32 LUT EF . 39.56 -37.51 -112.35
C33 LUT EF . 40.04 -37.89 -111.02
C34 LUT EF . 39.15 -38.13 -110.06
C35 LUT EF . 39.53 -38.54 -108.70
C36 LUT EF . 40.74 -38.32 -120.93
C37 LUT EF . 38.67 -38.70 -119.60
C38 LUT EF . 41.08 -34.33 -119.41
C39 LUT EF . 42.06 -37.03 -115.62
C40 LUT EF . 41.51 -38.02 -110.74
O23 LUT EF . 38.42 -35.54 -123.31
C1 LUT FF . 52.13 -36.42 -102.83
C2 LUT FF . 52.33 -37.63 -101.95
C3 LUT FF . 52.09 -38.93 -102.71
C4 LUT FF . 50.65 -38.94 -103.20
C5 LUT FF . 50.29 -37.67 -103.91
C6 LUT FF . 50.82 -36.47 -103.58
C7 LUT FF . 50.17 -35.20 -103.98
C8 LUT FF . 49.07 -34.72 -103.39
C9 LUT FF . 48.49 -33.44 -103.84
C10 LUT FF . 47.42 -32.95 -103.20
C11 LUT FF . 46.78 -31.68 -103.55
C12 LUT FF . 45.94 -31.19 -102.64
C13 LUT FF . 45.18 -29.93 -102.75
C14 LUT FF . 44.29 -29.67 -101.78
C15 LUT FF . 43.48 -28.45 -101.75
C16 LUT FF . 53.25 -36.35 -103.86
C17 LUT FF . 52.20 -35.18 -101.94
C18 LUT FF . 49.29 -37.78 -105.03
C19 LUT FF . 49.09 -32.69 -104.99
C20 LUT FF . 45.42 -28.97 -103.87
O3 LUT FF . 52.28 -40.02 -101.82
C21 LUT FF . 35.84 -19.48 -97.07
C22 LUT FF . 34.87 -18.31 -96.95
C23 LUT FF . 33.43 -18.76 -97.15
C24 LUT FF . 33.29 -19.24 -98.58
C25 LUT FF . 34.26 -20.38 -98.81
C26 LUT FF . 35.38 -20.54 -98.07
C27 LUT FF . 35.90 -21.93 -97.94
C28 LUT FF . 37.10 -22.27 -98.40
C29 LUT FF . 37.64 -23.63 -98.27
C30 LUT FF . 38.91 -23.84 -98.62
C31 LUT FF . 39.57 -25.14 -98.54
C32 LUT FF . 40.34 -25.51 -99.56
C33 LUT FF . 41.08 -26.78 -99.60
C34 LUT FF . 41.96 -26.98 -100.58
C35 LUT FF . 42.75 -28.20 -100.66
C36 LUT FF . 35.99 -20.13 -95.72
C37 LUT FF . 37.18 -18.89 -97.52
C38 LUT FF . 33.95 -21.36 -99.90
C39 LUT FF . 36.78 -24.75 -97.75
C40 LUT FF . 40.87 -27.81 -98.53
O23 LUT FF . 32.53 -17.67 -96.93
C1 XAT GF . 61.32 -29.35 -95.46
C2 XAT GF . 60.64 -29.90 -94.21
C3 XAT GF . 59.22 -30.38 -94.48
C4 XAT GF . 59.30 -31.61 -95.38
C5 XAT GF . 59.93 -31.24 -96.72
C6 XAT GF . 60.95 -30.14 -96.76
C7 XAT GF . 61.83 -30.00 -97.98
C8 XAT GF . 61.46 -29.21 -98.98
C9 XAT GF . 62.32 -29.07 -100.17
C10 XAT GF . 62.01 -28.20 -101.13
C11 XAT GF . 62.76 -27.94 -102.35
C12 XAT GF . 62.30 -27.04 -103.23
C13 XAT GF . 62.94 -26.56 -104.44
C14 XAT GF . 62.20 -25.99 -105.40
C15 XAT GF . 62.83 -25.46 -106.57
C16 XAT GF . 62.83 -29.42 -95.26
C17 XAT GF . 60.90 -27.89 -95.64
C18 XAT GF . 59.89 -32.24 -97.86
C19 XAT GF . 63.54 -29.92 -100.31
C20 XAT GF . 64.43 -26.69 -104.59
O3 XAT GF . 58.60 -30.74 -93.24
O4 XAT GF . 59.56 -29.89 -97.13
C21 XAT GF . 66.28 -15.81 -114.29
C22 XAT GF . 67.14 -15.10 -115.34
C23 XAT GF . 66.69 -15.30 -116.79
C24 XAT GF . 66.61 -16.77 -117.16
C25 XAT GF . 65.81 -17.60 -116.17
C26 XAT GF . 65.55 -17.05 -114.81
C27 XAT GF . 64.39 -17.59 -114.03
C28 XAT GF . 64.58 -18.57 -113.17
C29 XAT GF . 63.54 -19.38 -112.50
C30 XAT GF . 63.89 -20.42 -111.70
C31 XAT GF . 62.84 -21.21 -111.05
C32 XAT GF . 63.16 -22.11 -110.12
C33 XAT GF . 62.29 -22.97 -109.30
C34 XAT GF . 62.84 -23.80 -108.40
C35 XAT GF . 62.17 -24.66 -107.44
C36 XAT GF . 65.25 -14.83 -113.74
C37 XAT GF . 67.19 -16.23 -113.15
C38 XAT GF . 64.78 -18.60 -116.69
C39 XAT GF . 62.10 -19.06 -112.70
C40 XAT GF . 60.80 -22.93 -109.47
O23 XAT GF . 65.43 -14.67 -117.02
O24 XAT GF . 66.53 -18.07 -115.03
C1 NEX HF . 56.03 -26.10 -130.07
C2 NEX HF . 55.72 -25.00 -131.08
C3 NEX HF . 56.83 -24.04 -131.51
C4 NEX HF . 58.17 -24.28 -130.84
C5 NEX HF . 58.01 -24.53 -129.35
C6 NEX HF . 57.20 -25.79 -129.18
C7 NEX HF . 57.50 -26.60 -128.26
C8 NEX HF . 57.84 -27.57 -127.31
C9 NEX HF . 57.79 -27.55 -125.84
C10 NEX HF . 57.59 -28.61 -125.18
C11 NEX HF . 57.43 -28.75 -123.73
C12 NEX HF . 57.05 -29.75 -123.24
C13 NEX HF . 56.85 -30.10 -121.81
C14 NEX HF . 56.38 -31.21 -121.47
C15 NEX HF . 55.98 -31.62 -120.12
C16 NEX HF . 56.33 -27.42 -130.80
C17 NEX HF . 54.81 -26.31 -129.17
C18 NEX HF . 59.37 -24.69 -128.69
C19 NEX HF . 58.02 -26.25 -125.13
C20 NEX HF . 57.23 -29.11 -120.76
O3 NEX HF . 56.99 -24.13 -132.93
O4 NEX HF . 57.34 -23.42 -128.74
C21 NEX HF . 50.76 -39.13 -113.11
C22 NEX HF . 50.70 -40.38 -112.25
C23 NEX HF . 52.09 -40.92 -111.93
C24 NEX HF . 52.78 -39.95 -111.00
C25 NEX HF . 52.85 -38.55 -111.58
C26 NEX HF . 51.82 -38.13 -112.63
C27 NEX HF . 51.55 -36.65 -112.76
C28 NEX HF . 52.01 -35.95 -113.79
C29 NEX HF . 51.76 -34.63 -113.87
C30 NEX HF . 52.18 -33.95 -114.83
C31 NEX HF . 52.71 -34.32 -116.15
C32 NEX HF . 53.28 -33.53 -116.82
C33 NEX HF . 53.91 -33.65 -118.16
C34 NEX HF . 54.61 -32.70 -118.59
C35 NEX HF . 55.28 -32.55 -119.88
C36 NEX HF . 49.39 -38.47 -113.08
C37 NEX HF . 51.09 -39.52 -114.54
C38 NEX HF . 53.55 -37.44 -110.81
C39 NEX HF . 50.94 -33.95 -112.81
C40 NEX HF . 53.73 -34.88 -118.99
O23 NEX HF . 51.98 -42.19 -111.29
O24 NEX HF . 53.14 -38.52 -112.98
O1 LHG IF . 18.30 -32.81 -102.02
C1 LHG IF . 18.87 -32.31 -103.24
C2 LHG IF . 20.20 -33.01 -103.49
O2 LHG IF . 20.65 -33.62 -102.27
C3 LHG IF . 21.23 -31.98 -103.93
O3 LHG IF . 22.42 -32.13 -103.17
P LHG IF . 23.86 -31.98 -103.86
O4 LHG IF . 23.98 -33.03 -104.94
O5 LHG IF . 24.07 -30.53 -104.21
O6 LHG IF . 24.89 -32.35 -102.67
C4 LHG IF . 26.07 -31.57 -102.54
C5 LHG IF . 27.08 -32.22 -101.58
C6 LHG IF . 28.32 -32.52 -102.40
O7 LHG IF . 27.42 -31.30 -100.54
C7 LHG IF . 27.50 -31.88 -99.34
O9 LHG IF . 28.20 -32.87 -99.18
C8 LHG IF . 26.73 -31.32 -98.16
C9 LHG IF . 27.16 -32.06 -96.90
C10 LHG IF . 27.22 -31.12 -95.70
O8 LHG IF . 29.49 -32.07 -101.73
C23 LHG IF . 30.19 -31.05 -102.21
O10 LHG IF . 29.83 -30.51 -103.24
C24 LHG IF . 31.42 -30.57 -101.48
C11 LHG IF . 28.64 -30.64 -95.44
C12 LHG IF . 28.83 -30.29 -93.97
C13 LHG IF . 29.84 -31.22 -93.30
C14 LHG IF . 30.91 -30.41 -92.59
C15 LHG IF . 32.15 -31.26 -92.32
C16 LHG IF . 32.61 -31.14 -90.87
C17 LHG IF . 32.91 -29.69 -90.51
C18 LHG IF . 33.79 -29.62 -89.27
C19 LHG IF . 35.25 -29.82 -89.63
C20 LHG IF . 36.18 -29.24 -88.57
C21 LHG IF . 36.08 -30.02 -87.26
C22 LHG IF . 37.39 -29.95 -86.51
C25 LHG IF . 31.37 -31.05 -100.03
C26 LHG IF . 32.24 -32.27 -99.82
C27 LHG IF . 32.21 -32.73 -98.37
C28 LHG IF . 31.23 -33.88 -98.16
C29 LHG IF . 30.89 -34.02 -96.68
C30 LHG IF . 30.25 -35.37 -96.37
C31 LHG IF . 28.96 -35.19 -95.57
C32 LHG IF . 28.44 -36.54 -95.09
C33 LHG IF . 27.01 -36.45 -94.58
C34 LHG IF . 26.06 -37.23 -95.46
C35 LHG IF . 24.81 -37.66 -94.68
C36 LHG IF . 23.60 -37.82 -95.59
C37 LHG IF . 22.31 -37.63 -94.81
C38 LHG IF . 21.25 -38.61 -95.26
MG CLA JF . -18.18 54.31 34.87
CHA CLA JF . -19.79 56.91 33.25
CHB CLA JF . -17.52 52.77 31.85
CHC CLA JF . -16.61 51.92 36.53
CHD CLA JF . -18.82 55.92 37.96
NA CLA JF . -18.59 54.78 32.75
C1A CLA JF . -19.24 55.86 32.31
C2A CLA JF . -19.35 55.86 30.81
C3A CLA JF . -18.67 54.55 30.41
C4A CLA JF . -18.22 53.99 31.72
CMA CLA JF . -19.38 53.65 29.42
CAA CLA JF . -18.57 57.03 30.19
CBA CLA JF . -17.11 57.09 30.64
CGA CLA JF . -16.18 56.79 29.49
O1A CLA JF . -16.63 56.32 28.46
O2A CLA JF . -14.88 57.04 29.61
NB CLA JF . -17.21 52.61 34.28
C1B CLA JF . -17.05 52.13 33.01
C2B CLA JF . -16.33 50.88 33.05
C3B CLA JF . -16.08 50.65 34.37
C4B CLA JF . -16.64 51.75 35.14
CMB CLA JF . -15.96 50.03 31.86
CAB CLA JF . -15.38 49.49 34.98
CBB CLA JF . -15.87 48.08 34.79
NC CLA JF . -17.71 54.01 36.91
C1C CLA JF . -17.13 52.92 37.37
C2C CLA JF . -17.09 52.88 38.85
C3C CLA JF . -17.69 54.04 39.24
C4C CLA JF . -18.09 54.74 38.02
CMC CLA JF . -16.51 51.81 39.73
CAC CLA JF . -17.93 54.50 40.66
CBC CLA JF . -16.83 55.45 41.09
ND CLA JF . -19.04 55.96 35.54
C1D CLA JF . -19.26 56.53 36.77
C2D CLA JF . -20.00 57.79 36.65
C3D CLA JF . -20.19 57.92 35.28
C4D CLA JF . -19.62 56.83 34.63
CMD CLA JF . -20.49 58.81 37.65
CAD CLA JF . -20.78 58.79 34.30
OBD CLA JF . -21.22 59.92 34.50
CBD CLA JF . -20.64 58.12 32.96
CGD CLA JF . -22.03 57.73 32.54
O1D CLA JF . -22.93 58.54 32.60
O2D CLA JF . -22.30 56.52 32.07
CED CLA JF . -23.04 56.50 30.85
C1 CLA JF . -13.89 56.02 29.30
C2 CLA JF . -13.41 55.00 30.31
C3 CLA JF . -12.28 54.30 30.12
C4 CLA JF . -11.45 54.48 28.88
C5 CLA JF . -11.80 53.29 31.14
C6 CLA JF . -10.28 53.14 31.13
C7 CLA JF . -9.60 54.18 32.04
C8 CLA JF . -8.56 53.57 32.97
C9 CLA JF . -7.65 52.57 32.24
C10 CLA JF . -9.25 52.91 34.16
C11 CLA JF . -8.35 52.85 35.38
C12 CLA JF . -9.04 53.45 36.59
C13 CLA JF . -8.07 54.21 37.49
C14 CLA JF . -8.81 54.93 38.61
C15 CLA JF . -7.27 55.21 36.66
MG CLA KF . -11.71 44.34 34.16
CHA CLA KF . -11.85 45.67 30.98
CHB CLA KF . -12.16 41.16 32.89
CHC CLA KF . -11.49 43.17 37.25
CHD CLA KF . -11.23 47.60 35.43
NA CLA KF . -11.96 43.47 32.14
C1A CLA KF . -11.99 44.16 30.99
C2A CLA KF . -12.19 43.27 29.79
C3A CLA KF . -12.28 41.87 30.44
C4A CLA KF . -12.13 42.16 31.90
CMA CLA KF . -13.30 40.85 29.96
CAA CLA KF . -11.00 43.28 28.83
CBA CLA KF . -9.67 43.47 29.53
CGA CLA KF . -8.85 44.50 28.80
O1A CLA KF . -9.27 44.95 27.74
O2A CLA KF . -7.70 44.89 29.30
NB CLA KF . -11.81 42.46 34.94
C1B CLA KF . -12.01 41.28 34.29
C2B CLA KF . -12.05 40.20 35.24
C3B CLA KF . -11.86 40.77 36.46
C4B CLA KF . -11.71 42.20 36.26
CMB CLA KF . -12.26 38.74 34.89
CAB CLA KF . -11.80 40.15 37.81
CBB CLA KF . -12.83 39.14 38.29
NC CLA KF . -11.35 45.24 36.03
C1C CLA KF . -11.32 44.57 37.18
C2C CLA KF . -11.08 45.46 38.34
C3C CLA KF . -10.97 46.71 37.80
C4C CLA KF . -11.15 46.56 36.36
CMC CLA KF . -10.97 45.05 39.79
CAC CLA KF . -10.72 47.99 38.55
CBC CLA KF . -9.25 48.34 38.49
ND CLA KF . -11.56 46.19 33.49
C1D CLA KF . -11.36 47.43 34.04
C2D CLA KF . -11.32 48.47 33.03
C3D CLA KF . -11.51 47.78 31.85
C4D CLA KF . -11.66 46.42 32.13
CMD CLA KF . -11.15 49.96 33.06
CAD CLA KF . -11.62 47.97 30.41
OBD CLA KF . -11.20 48.94 29.81
CBD CLA KF . -11.90 46.63 29.81
CGD CLA KF . -13.29 46.67 29.27
O1D CLA KF . -14.19 47.16 29.92
O2D CLA KF . -13.57 46.14 28.07
CED CLA KF . -13.87 47.07 27.03
C1 CLA KF . -6.45 44.42 28.72
C2 CLA KF . -6.38 43.03 28.12
C3 CLA KF . -5.34 42.22 28.36
C4 CLA KF . -4.18 42.63 29.23
C5 CLA KF . -5.28 40.83 27.77
C6 CLA KF . -6.48 40.02 28.25
C7 CLA KF . -6.25 39.44 29.63
C8 CLA KF . -5.07 38.47 29.62
C9 CLA KF . -5.37 37.24 28.76
C10 CLA KF . -4.68 38.13 31.06
C11 CLA KF . -5.18 36.77 31.54
C12 CLA KF . -6.49 36.90 32.32
C13 CLA KF . -6.25 37.46 33.71
C14 CLA KF . -6.23 36.35 34.75
C15 CLA KF . -7.34 38.48 34.04
MG CLA LF . -20.29 30.48 45.90
CHA CLA LF . -19.04 28.08 48.06
CHB CLA LF . -17.41 30.36 44.02
CHC CLA LF . -21.62 32.71 43.86
CHD CLA LF . -23.23 30.59 47.84
NA CLA LF . -18.40 29.34 46.01
C1A CLA LF . -18.08 28.43 46.95
C2A CLA LF . -16.71 27.86 46.73
C3A CLA LF . -16.23 28.62 45.47
C4A CLA LF . -17.40 29.48 45.13
CMA CLA LF . -14.86 29.27 45.52
CAA CLA LF . -16.75 26.35 46.44
CBA CLA LF . -17.19 25.97 45.03
CGA CLA LF . -18.66 25.63 44.97
O1A CLA LF . -19.48 26.53 45.03
O2A CLA LF . -19.02 24.37 44.84
NB CLA LF . -19.62 31.38 44.20
C1B CLA LF . -18.42 31.23 43.58
C2B CLA LF . -18.35 32.08 42.41
C3B CLA LF . -19.54 32.75 42.38
C4B CLA LF . -20.33 32.29 43.52
CMB CLA LF . -17.17 32.19 41.47
CAB CLA LF . -20.04 33.76 41.41
CBB CLA LF . -19.22 34.97 41.01
NC CLA LF . -22.17 31.41 45.80
C1C CLA LF . -22.47 32.35 44.92
C2C CLA LF . -23.78 32.98 45.20
C3C CLA LF . -24.24 32.34 46.30
C4C CLA LF . -23.23 31.36 46.68
CMC CLA LF . -24.46 34.09 44.43
CAC CLA LF . -25.55 32.59 47.00
CBC CLA LF . -26.60 31.64 46.48
ND CLA LF . -21.04 29.63 47.51
C1D CLA LF . -22.20 29.71 48.22
C2D CLA LF . -22.21 28.82 49.36
C3D CLA LF . -20.97 28.19 49.30
C4D CLA LF . -20.29 28.68 48.19
CMD CLA LF . -23.20 28.52 50.45
CAD CLA LF . -20.16 27.21 49.97
OBD CLA LF . -20.58 26.39 50.77
CBD CLA LF . -18.87 27.10 49.21
CGD CLA LF . -17.74 27.46 50.11
O1D CLA LF . -17.30 26.66 50.92
O2D CLA LF . -17.18 28.67 50.05
CED CLA LF . -15.77 28.70 50.24
C1 CLA LF . -19.89 23.92 43.76
C2 CLA LF . -21.27 24.47 43.54
C3 CLA LF . -22.26 23.68 43.10
C4 CLA LF . -23.63 24.25 42.89
MG CHL MF . -16.05 27.11 40.15
CHA CHL MF . -18.06 24.32 39.88
CHB CHL MF . -17.65 28.47 37.45
CHC CHL MF . -14.29 29.80 40.57
CHD CHL MF . -14.41 25.54 42.86
NA CHL MF . -17.54 26.48 38.88
C1A CHL MF . -18.28 25.31 38.94
C2A CHL MF . -19.35 25.31 37.86
C3A CHL MF . -19.02 26.48 36.99
C4A CHL MF . -17.97 27.21 37.80
CMA CHL MF . -18.82 26.29 35.49
CAA CHL MF . -20.77 25.41 38.43
CBA CHL MF . -21.88 25.13 37.42
CGA CHL MF . -23.23 25.62 37.86
NB CHL MF . -16.00 28.89 39.15
C1B CHL MF . -16.71 29.27 38.08
C2B CHL MF . -16.36 30.61 37.76
C3B CHL MF . -15.41 31.05 38.65
C4B CHL MF . -15.17 29.92 39.54
CMB CHL MF . -16.93 31.40 36.62
CAB CHL MF . -14.84 32.40 38.68
CBB CHL MF . -13.87 33.00 39.66
NC CHL MF . -14.58 27.55 41.50
C1C CHL MF . -14.00 28.77 41.46
C2C CHL MF . -13.00 28.84 42.50
C3C CHL MF . -13.00 27.61 43.14
C4C CHL MF . -14.01 26.81 42.50
CMC CHL MF . -12.18 30.02 42.80
OMC CHL MF . -11.35 30.12 43.68
CAC CHL MF . -12.13 27.17 44.28
CBC CHL MF . -10.91 26.40 43.83
ND CHL MF . -16.09 25.33 41.15
C1D CHL MF . -15.41 24.81 42.22
C2D CHL MF . -15.90 23.53 42.54
C3D CHL MF . -16.93 23.29 41.66
C4D CHL MF . -17.04 24.40 40.81
CMD CHL MF . -15.39 22.66 43.65
CAD CHL MF . -17.99 22.35 41.30
OBD CHL MF . -18.24 21.27 41.81
CBD CHL MF . -18.79 22.99 40.16
CGD CHL MF . -19.07 22.03 39.00
O1D CHL MF . -19.93 22.18 38.19
O2D CHL MF . -18.27 20.97 39.06
CED CHL MF . -18.65 19.87 38.19
MG CHL NF . -8.35 32.37 42.85
CHA CHL NF . -6.22 31.81 45.47
CHB CHL NF . -8.25 35.72 43.55
CHC CHL NF . -10.28 32.88 40.28
CHD CHL NF . -8.32 28.88 42.24
NA CHL NF . -7.43 33.54 44.27
C1A CHL NF . -6.52 33.14 45.21
C2A CHL NF . -5.93 34.31 45.96
C3A CHL NF . -6.79 35.47 45.53
C4A CHL NF . -7.57 34.90 44.37
CMA CHL NF . -7.50 36.31 46.58
CAA CHL NF . -4.46 34.53 45.57
CBA CHL NF . -3.60 35.14 46.67
CGA CHL NF . -2.34 35.76 46.12
O1A CHL NF . -1.23 35.48 46.47
O2A CHL NF . -2.62 36.68 45.21
NB CHL NF . -9.16 34.06 42.06
C1B CHL NF . -9.00 35.34 42.46
C2B CHL NF . -9.72 36.19 41.56
C3B CHL NF . -10.32 35.42 40.60
C4B CHL NF . -9.96 34.04 40.93
CMB CHL NF . -9.77 37.68 41.66
CAB CHL NF . -11.08 35.96 39.48
CBB CHL NF . -11.69 35.23 38.30
NC CHL NF . -9.17 31.06 41.51
C1C CHL NF . -9.96 31.54 40.51
C2C CHL NF . -10.38 30.41 39.70
C3C CHL NF . -9.81 29.30 40.24
C4C CHL NF . -9.04 29.68 41.40
CMC CHL NF . -11.22 30.35 38.52
OMC CHL NF . -11.76 31.30 38.00
CAC CHL NF . -9.88 27.90 39.69
CBC CHL NF . -11.05 27.12 40.22
ND CHL NF . -7.54 30.67 43.62
C1D CHL NF . -7.60 29.34 43.32
C2D CHL NF . -6.81 28.59 44.24
C3D CHL NF . -6.26 29.50 45.11
C4D CHL NF . -6.71 30.77 44.71
CMD CHL NF . -6.64 27.10 44.23
CAD CHL NF . -5.39 29.70 46.26
OBD CHL NF . -4.82 28.85 46.91
CBD CHL NF . -5.31 31.18 46.52
CGD CHL NF . -5.66 31.49 47.97
O1D CHL NF . -6.57 31.00 48.58
O2D CHL NF . -4.82 32.37 48.49
CED CHL NF . -5.01 32.71 49.88
C1 CHL NF . -1.61 37.45 44.52
C2 CHL NF . -2.04 37.63 43.12
C3 CHL NF . -3.33 37.84 42.82
C4 CHL NF . -3.83 38.03 41.42
MG CLA OF . -26.35 32.99 29.46
CHA CLA OF . -25.54 35.07 32.09
CHB CLA OF . -25.76 30.21 31.40
CHC CLA OF . -27.24 31.12 26.89
CHD CLA OF . -27.01 35.86 27.48
NA CLA OF . -25.73 32.65 31.55
C1A CLA OF . -25.44 33.60 32.45
C2A CLA OF . -25.02 33.01 33.77
C3A CLA OF . -25.07 31.49 33.49
C4A CLA OF . -25.56 31.42 32.08
CMA CLA OF . -23.89 30.62 33.91
CAA CLA OF . -26.06 33.39 34.83
CBA CLA OF . -26.75 32.26 35.60
CGA CLA OF . -28.12 31.96 35.04
O1A CLA OF . -28.81 32.87 34.60
O2A CLA OF . -28.54 30.71 35.05
NB CLA OF . -26.49 30.98 29.20
C1B CLA OF . -26.19 29.99 30.08
C2B CLA OF . -26.38 28.69 29.46
C3B CLA OF . -26.80 28.96 28.19
C4B CLA OF . -26.86 30.42 28.03
CMB CLA OF . -26.15 27.35 30.09
CAB CLA OF . -27.12 27.96 27.15
CBB CLA OF . -28.49 27.84 26.54
NC CLA OF . -27.05 33.42 27.52
C1C CLA OF . -27.37 32.49 26.63
C2C CLA OF . -27.91 33.06 25.37
C3C CLA OF . -27.87 34.42 25.57
C4C CLA OF . -27.31 34.63 26.91
CMC CLA OF . -28.40 32.29 24.17
CAC CLA OF . -28.31 35.51 24.62
CBC CLA OF . -27.34 35.72 23.49
ND CLA OF . -26.34 34.97 29.63
C1D CLA OF . -26.58 36.03 28.82
C2D CLA OF . -26.34 37.30 29.49
C3D CLA OF . -25.94 36.91 30.75
C4D CLA OF . -25.94 35.52 30.83
CMD CLA OF . -26.44 38.75 29.08
CAD CLA OF . -25.51 37.46 32.03
OBD CLA OF . -25.18 38.61 32.23
CBD CLA OF . -25.24 36.30 32.94
CGD CLA OF . -23.80 36.32 33.33
O1D CLA OF . -22.94 36.61 32.53
O2D CLA OF . -23.45 36.01 34.58
CED CLA OF . -22.96 37.09 35.37
C1 CLA OF . -28.57 29.89 33.84
C2 CLA OF . -29.53 30.17 32.70
C3 CLA OF . -29.97 29.19 31.90
C4 CLA OF . -29.52 27.77 32.07
C5 CLA OF . -30.94 29.44 30.76
C6 CLA OF . -30.36 28.91 29.45
C7 CLA OF . -31.47 28.59 28.45
C8 CLA OF . -31.51 29.62 27.33
C9 CLA OF . -32.51 30.72 27.63
C10 CLA OF . -31.86 28.94 26.01
C11 CLA OF . -31.34 29.75 24.82
C12 CLA OF . -32.27 29.62 23.61
C13 CLA OF . -32.23 30.88 22.76
C14 CLA OF . -33.59 31.57 22.73
C15 CLA OF . -31.79 30.52 21.34
MG CLA PF . -15.39 36.31 29.70
CHA CLA PF . -16.31 39.46 28.60
CHB CLA PF . -14.82 35.31 26.46
CHC CLA PF . -14.38 33.39 30.86
CHD CLA PF . -15.98 37.37 33.02
NA CLA PF . -15.53 37.27 27.72
C1A CLA PF . -15.92 38.52 27.47
C2A CLA PF . -15.95 38.81 25.99
C3A CLA PF . -15.51 37.48 25.39
C4A CLA PF . -15.26 36.62 26.58
CMA CLA PF . -16.35 36.84 24.30
CAA CLA PF . -14.90 39.85 25.60
CBA CLA PF . -13.61 39.72 26.40
CGA CLA PF . -12.43 39.29 25.55
O1A CLA PF . -11.41 38.94 26.11
O2A CLA PF . -12.52 39.34 24.23
NB CLA PF . -14.69 34.62 28.81
C1B CLA PF . -14.55 34.37 27.48
C2B CLA PF . -14.08 33.03 27.26
C3B CLA PF . -13.96 32.49 28.51
C4B CLA PF . -14.36 33.52 29.48
CMB CLA PF . -13.80 32.36 25.95
CAB CLA PF . -13.52 31.12 28.82
CBB CLA PF . -12.18 30.89 29.49
NC CLA PF . -15.16 35.53 31.64
C1C CLA PF . -14.80 34.28 31.88
C2C CLA PF . -14.88 33.93 33.31
C3C CLA PF . -15.32 35.08 33.92
C4C CLA PF . -15.50 36.08 32.87
CMC CLA PF . -14.55 32.61 33.95
CAC CLA PF . -15.59 35.27 35.39
CBC CLA PF . -14.40 35.94 36.05
ND CLA PF . -15.97 37.94 30.67
C1D CLA PF . -16.19 38.28 31.97
C2D CLA PF . -16.67 39.65 32.09
C3D CLA PF . -16.72 40.09 30.77
C4D CLA PF . -16.29 39.06 29.94
CMD CLA PF . -17.08 40.54 33.23
CAD CLA PF . -17.04 41.25 29.96
OBD CLA PF . -17.72 42.20 30.33
CBD CLA PF . -16.74 40.91 28.54
CGD CLA PF . -17.97 41.04 27.70
O1D CLA PF . -19.02 40.55 28.07
O2D CLA PF . -17.92 41.68 26.54
CED CLA PF . -18.85 42.75 26.36
C1 CLA PF . -12.48 38.12 23.42
C2 CLA PF . -11.36 37.11 23.51
C3 CLA PF . -11.33 36.04 22.70
C4 CLA PF . -12.40 35.78 21.68
C5 CLA PF . -10.22 35.01 22.76
C6 CLA PF . -10.72 33.70 23.34
C7 CLA PF . -9.55 32.77 23.62
C8 CLA PF . -9.57 32.17 25.02
C9 CLA PF . -10.46 30.93 25.07
C10 CLA PF . -10.01 33.20 26.06
C11 CLA PF . -9.58 32.82 27.47
C12 CLA PF . -8.08 32.59 27.56
C13 CLA PF . -7.33 33.88 27.87
C14 CLA PF . -6.50 34.32 26.67
C15 CLA PF . -6.45 33.68 29.10
MG CLA QF . -31.28 41.36 36.03
CHA CLA QF . -33.26 40.66 33.30
CHB CLA QF . -33.40 43.92 36.96
CHC CLA QF . -29.39 41.86 38.69
CHD CLA QF . -29.14 38.71 35.07
NA CLA QF . -33.16 42.21 35.24
C1A CLA QF . -33.79 41.81 34.14
C2A CLA QF . -35.04 42.62 33.88
C3A CLA QF . -35.02 43.65 35.01
C4A CLA QF . -33.81 43.26 35.80
CMA CLA QF . -35.29 45.10 34.65
CAA CLA QF . -36.32 41.82 34.09
CBA CLA QF . -36.19 40.55 34.93
CGA CLA QF . -36.29 40.80 36.41
O1A CLA QF . -37.35 41.13 36.90
O2A CLA QF . -35.20 40.65 37.16
NB CLA QF . -31.39 42.67 37.58
C1B CLA QF . -32.30 43.68 37.79
C2B CLA QF . -31.96 44.42 38.98
C3B CLA QF . -30.82 43.83 39.46
C4B CLA QF . -30.48 42.73 38.56
CMB CLA QF . -32.71 45.60 39.54
CAB CLA QF . -30.05 44.22 40.66
CBB CLA QF . -30.68 44.18 42.04
NC CLA QF . -29.57 40.41 36.78
C1C CLA QF . -28.93 40.78 37.88
C2C CLA QF . -27.73 39.95 38.14
C3C CLA QF . -27.69 39.06 37.12
C4C CLA QF . -28.84 39.35 36.27
CMC CLA QF . -26.76 40.04 39.29
CAC CLA QF . -26.65 37.98 36.92
CBC CLA QF . -27.17 36.68 37.52
ND CLA QF . -31.15 39.99 34.62
C1D CLA QF . -30.27 38.99 34.28
C2D CLA QF . -30.67 38.31 33.05
C3D CLA QF . -31.84 38.98 32.68
C4D CLA QF . -32.10 39.96 33.62
CMD CLA QF . -30.08 37.18 32.25
CAD CLA QF . -32.87 39.00 31.66
OBD CLA QF . -32.72 38.55 30.54
CBD CLA QF . -33.83 40.08 32.03
CGD CLA QF . -33.80 41.15 30.99
O1D CLA QF . -32.73 41.49 30.50
O2D CLA QF . -34.91 41.77 30.61
CED CLA QF . -35.04 42.11 29.23
C1 CLA QF . -35.27 40.88 38.60
C2 CLA QF . -35.42 42.25 39.20
C3 CLA QF . -35.43 42.41 40.52
C4 CLA QF . -35.58 43.77 41.15
C5 CLA QF . -35.31 41.24 41.48
C6 CLA QF . -34.38 41.57 42.64
C7 CLA QF . -33.61 40.35 43.12
C8 CLA QF . -34.49 39.11 43.23
C9 CLA QF . -35.27 39.10 44.54
C10 CLA QF . -33.62 37.86 43.09
C11 CLA QF . -32.72 37.68 44.31
C12 CLA QF . -32.02 36.33 44.28
C13 CLA QF . -33.03 35.18 44.13
C14 CLA QF . -33.75 34.92 45.44
C15 CLA QF . -32.30 33.94 43.63
MG CLA RF . -27.80 58.20 46.01
CHA CLA RF . -30.30 56.52 44.32
CHB CLA RF . -29.62 61.13 45.90
CHC CLA RF . -25.39 59.66 47.75
CHD CLA RF . -25.95 55.18 46.13
NA CLA RF . -29.77 58.79 45.21
C1A CLA RF . -30.63 57.99 44.56
C2A CLA RF . -31.86 58.73 44.11
C3A CLA RF . -31.61 60.16 44.62
C4A CLA RF . -30.27 60.05 45.28
CMA CLA RF . -31.90 61.34 43.71
CAA CLA RF . -33.12 58.21 44.82
CBA CLA RF . -32.85 57.84 46.27
CGA CLA RF . -34.14 57.37 46.90
O1A CLA RF . -34.97 56.80 46.22
O2A CLA RF . -34.32 57.57 48.20
NB CLA RF . -27.55 60.10 46.72
C1B CLA RF . -28.38 61.18 46.56
C2B CLA RF . -27.78 62.34 47.17
C3B CLA RF . -26.59 61.91 47.68
C4B CLA RF . -26.46 60.49 47.40
CMB CLA RF . -28.35 63.73 47.22
CAB CLA RF . -25.60 62.73 48.42
CBB CLA RF . -24.24 63.02 47.80
NC CLA RF . -26.01 57.51 46.87
C1C CLA RF . -25.13 58.29 47.48
C2C CLA RF . -23.88 57.59 47.85
C3C CLA RF . -24.06 56.31 47.40
C4C CLA RF . -25.39 56.27 46.79
CMC CLA RF . -22.68 58.18 48.56
CAC CLA RF . -23.08 55.18 47.52
CBC CLA RF . -23.42 54.31 48.71
ND CLA RF . -27.98 56.32 45.43
C1D CLA RF . -27.22 55.18 45.50
C2D CLA RF . -27.86 54.05 44.85
C3D CLA RF . -29.07 54.59 44.40
C4D CLA RF . -29.12 55.93 44.75
CMD CLA RF . -27.49 52.61 44.65
CAD CLA RF . -30.27 54.23 43.69
OBD CLA RF . -30.49 53.16 43.13
CBD CLA RF . -31.12 55.47 43.59
CGD CLA RF . -31.27 55.83 42.13
O1D CLA RF . -30.31 56.11 41.45
O2D CLA RF . -32.48 55.84 41.59
CED CLA RF . -32.76 54.79 40.67
C1 CLA RF . -33.53 56.82 49.18
MG CLA SF . -32.37 48.30 47.04
CHA CLA SF . -33.74 51.14 45.60
CHB CLA SF . -34.72 46.32 45.47
CHC CLA SF . -30.91 45.66 48.37
CHD CLA SF . -29.95 50.35 48.62
NA CLA SF . -34.05 48.66 45.66
C1A CLA SF . -34.46 49.86 45.21
C2A CLA SF . -35.66 49.74 44.30
C3A CLA SF . -35.94 48.23 44.30
C4A CLA SF . -34.85 47.68 45.19
CMA CLA SF . -37.36 47.71 44.54
CAA CLA SF . -35.23 50.16 42.89
CBA CLA SF . -36.18 49.73 41.78
CGA CLA SF . -37.11 50.86 41.42
O1A CLA SF . -37.52 50.93 40.27
O2A CLA SF . -37.43 51.75 42.33
NB CLA SF . -32.75 46.30 46.93
C1B CLA SF . -33.76 45.66 46.27
C2B CLA SF . -33.70 44.25 46.51
C3B CLA SF . -32.61 44.07 47.34
C4B CLA SF . -32.02 45.39 47.59
CMB CLA SF . -34.62 43.19 45.98
CAB CLA SF . -32.11 42.79 47.88
CBB CLA SF . -30.76 42.25 47.45
NC CLA SF . -30.66 48.04 48.23
C1C CLA SF . -30.28 46.87 48.73
C2C CLA SF . -29.16 46.98 49.70
C3C CLA SF . -28.88 48.32 49.73
C4C CLA SF . -29.82 48.97 48.82
CMC CLA SF . -28.49 45.86 50.45
CAC CLA SF . -27.82 48.99 50.57
CBC CLA SF . -26.55 49.09 49.76
ND CLA SF . -31.87 50.21 47.15
C1D CLA SF . -30.91 50.95 47.78
C2D CLA SF . -31.04 52.38 47.48
C3D CLA SF . -32.13 52.43 46.63
C4D CLA SF . -32.63 51.14 46.44
CMD CLA SF . -30.28 53.61 47.89
CAD CLA SF . -32.94 53.37 45.89
OBD CLA SF . -33.00 54.55 46.12
CBD CLA SF . -34.03 52.58 45.23
CGD CLA SF . -35.35 53.02 45.80
O1D CLA SF . -35.86 54.07 45.43
O2D CLA SF . -35.96 52.30 46.73
CED CLA SF . -37.37 52.14 46.57
C1 CLA SF . -38.69 51.65 43.07
C2 CLA SF . -39.91 50.99 42.48
C3 CLA SF . -40.98 51.71 42.11
C4 CLA SF . -42.19 51.06 41.53
C5 CLA SF . -41.02 53.22 42.26
C6 CLA SF . -42.02 53.60 43.33
C7 CLA SF . -41.80 55.02 43.82
C8 CLA SF . -40.44 55.16 44.51
C9 CLA SF . -40.36 54.31 45.77
C10 CLA SF . -40.20 56.63 44.84
C11 CLA SF . -39.98 57.46 43.58
C12 CLA SF . -40.93 58.65 43.54
C13 CLA SF . -40.14 59.94 43.32
C14 CLA SF . -40.12 60.80 44.59
C15 CLA SF . -40.76 60.71 42.16
MG CLA TF . -12.62 50.31 52.62
CHA CLA TF . -11.22 49.69 55.71
CHB CLA TF . -15.79 50.32 53.99
CHC CLA TF . -13.84 51.02 49.62
CHD CLA TF . -9.38 50.30 51.21
NA CLA TF . -13.44 50.04 54.65
C1A CLA TF . -12.73 49.80 55.76
C2A CLA TF . -13.62 49.65 56.96
C3A CLA TF . -15.03 49.84 56.39
C4A CLA TF . -14.76 50.08 54.93
CMA CLA TF . -16.16 48.88 56.77
CAA CLA TF . -13.40 50.73 58.02
CBA CLA TF . -12.88 52.06 57.48
CGA CLA TF . -14.01 53.06 57.34
O1A CLA TF . -14.97 52.98 58.09
O2A CLA TF . -13.92 54.01 56.42
NB CLA TF . -14.51 50.63 51.92
C1B CLA TF . -15.70 50.56 52.61
C2B CLA TF . -16.80 50.80 51.72
C3B CLA TF . -16.24 50.99 50.48
C4B CLA TF . -14.80 50.88 50.64
CMB CLA TF . -18.27 50.81 52.08
CAB CLA TF . -16.92 51.28 49.20
CBB CLA TF . -17.75 52.53 49.03
NC CLA TF . -11.75 50.67 50.74
C1C CLA TF . -12.44 50.91 49.63
C2C CLA TF . -11.59 51.04 48.43
C3C CLA TF . -10.31 50.86 48.90
C4C CLA TF . -10.43 50.62 50.34
CMC CLA TF . -12.04 51.31 47.02
CAC CLA TF . -9.04 50.88 48.08
CBC CLA TF . -8.40 52.25 48.20
ND CLA TF . -10.75 50.07 53.20
C1D CLA TF . -9.52 50.09 52.60
C2D CLA TF . -8.45 49.84 53.55
C3D CLA TF . -9.12 49.68 54.75
C4D CLA TF . -10.49 49.82 54.53
CMD CLA TF . -6.94 49.74 53.45
CAD CLA TF . -8.90 49.43 56.16
OBD CLA TF . -7.83 49.27 56.71
CBD CLA TF . -10.25 49.40 56.84
CGD CLA TF . -10.45 48.03 57.41
O1D CLA TF . -9.76 47.65 58.34
O2D CLA TF . -11.36 47.21 56.92
CED CLA TF . -12.08 46.44 57.89
C1 CLA TF . -12.98 55.11 56.60
C1 LUT UF . -17.94 46.59 53.30
C2 LUT UF . -16.70 46.28 54.13
C3 LUT UF . -16.41 44.79 54.29
C4 LUT UF . -17.66 44.17 54.87
C5 LUT UF . -18.73 44.27 53.81
C6 LUT UF . -18.82 45.37 53.05
C7 LUT UF . -19.76 45.44 51.90
C8 LUT UF . -21.05 45.78 52.01
C9 LUT UF . -21.89 45.82 50.79
C10 LUT UF . -22.69 44.79 50.51
C11 LUT UF . -23.55 44.83 49.32
C12 LUT UF . -24.02 43.70 48.78
C13 LUT UF . -24.89 43.78 47.59
C14 LUT UF . -25.15 42.68 46.87
C15 LUT UF . -26.03 42.77 45.71
C16 LUT UF . -17.49 47.13 51.95
C17 LUT UF . -18.75 47.65 54.03
C18 LUT UF . -19.65 43.10 53.65
C19 LUT UF . -21.86 47.03 49.90
C20 LUT UF . -25.50 45.10 47.21
O3 LUT UF . -15.32 44.62 55.20
C21 LUT UF . -35.08 36.82 38.48
C22 LUT UF . -36.06 37.30 37.42
C23 LUT UF . -35.61 36.87 36.03
C24 LUT UF . -34.26 37.53 35.73
C25 LUT UF . -33.29 37.12 36.80
C26 LUT UF . -33.65 37.20 38.09
C27 LUT UF . -32.61 37.23 39.14
C28 LUT UF . -32.05 38.39 39.50
C29 LUT UF . -31.02 38.41 40.56
C30 LUT UF . -30.69 39.58 41.14
C31 LUT UF . -29.71 39.62 42.21
C32 LUT UF . -28.90 40.66 42.38
C33 LUT UF . -27.95 40.61 43.52
C34 LUT UF . -27.47 41.73 44.06
C35 LUT UF . -26.56 41.67 45.20
C36 LUT UF . -35.15 35.31 38.59
C37 LUT UF . -35.44 37.43 39.83
C38 LUT UF . -31.95 36.58 36.40
C39 LUT UF . -30.38 37.12 41.00
C40 LUT UF . -27.54 39.27 44.06
O23 LUT UF . -36.57 37.26 35.04
C1 XAT VF . -15.92 34.99 45.17
C2 XAT VF . -15.36 33.81 45.97
C3 XAT VF . -14.11 33.17 45.38
C4 XAT VF . -13.05 34.25 45.19
C5 XAT VF . -13.52 35.25 44.16
C6 XAT VF . -14.97 35.59 44.08
C7 XAT VF . -15.41 36.86 43.40
C8 XAT VF . -15.57 36.98 42.08
C9 XAT VF . -16.03 38.30 41.59
C10 XAT VF . -15.84 38.71 40.34
C11 XAT VF . -16.30 40.01 39.87
C12 XAT VF . -15.50 40.86 39.21
C13 XAT VF . -15.38 42.27 39.51
C14 XAT VF . -14.81 43.14 38.66
C15 XAT VF . -15.21 44.51 38.75
C16 XAT VF . -16.23 36.10 46.15
C17 XAT VF . -17.23 34.58 44.52
C18 XAT VF . -12.52 36.28 43.64
C19 XAT VF . -16.71 39.24 42.55
C20 XAT VF . -15.89 42.79 40.83
O3 XAT VF . -13.62 32.21 46.30
O4 XAT VF . -14.37 34.62 43.15
C21 XAT VF . -13.31 55.52 34.80
C22 XAT VF . -13.98 56.65 34.05
C23 XAT VF . -15.39 56.92 34.55
C24 XAT VF . -15.26 57.47 35.96
C25 XAT VF . -14.66 56.42 36.88
C26 XAT VF . -13.62 55.52 36.31
C27 XAT VF . -12.69 54.81 37.28
C28 XAT VF . -12.73 53.49 37.33
C29 XAT VF . -12.76 52.59 38.50
C30 XAT VF . -13.21 51.34 38.30
C31 XAT VF . -13.30 50.34 39.35
C32 XAT VF . -14.00 49.23 39.07
C33 XAT VF . -14.03 47.90 39.70
C34 XAT VF . -14.64 46.89 39.04
C35 XAT VF . -14.34 45.48 39.09
C36 XAT VF . -11.80 55.61 34.62
C37 XAT VF . -13.80 54.22 34.19
C38 XAT VF . -14.58 56.69 38.38
C39 XAT VF . -12.30 53.03 39.85
C40 XAT VF . -13.42 47.68 41.05
O23 XAT VF . -16.04 57.87 33.72
O24 XAT VF . -14.97 55.08 36.53
C1 NEX WF . -21.64 22.35 19.92
C2 NEX WF . -21.20 22.65 18.50
C3 NEX WF . -22.29 23.28 17.65
C4 NEX WF . -22.89 24.51 18.32
C5 NEX WF . -23.61 24.09 19.60
C6 NEX WF . -22.60 23.38 20.49
C7 NEX WF . -22.56 23.66 21.73
C8 NEX WF . -22.51 23.99 23.10
C9 NEX WF . -22.89 23.23 24.31
C10 NEX WF . -22.89 23.83 25.41
C11 NEX WF . -23.16 23.32 26.76
C12 NEX WF . -23.31 24.01 27.72
C13 NEX WF . -23.65 23.68 29.12
C14 NEX WF . -23.89 24.59 29.94
C15 NEX WF . -23.48 24.66 31.35
C16 NEX WF . -20.41 22.28 20.81
C17 NEX WF . -22.34 21.00 19.97
C18 NEX WF . -24.15 25.34 20.32
C19 NEX WF . -23.27 21.78 24.26
C20 NEX WF . -23.74 22.25 29.56
O3 NEX WF . -21.73 23.66 16.38
O4 NEX WF . -24.69 23.19 19.28
C21 NEX WF . -23.38 29.85 41.34
C22 NEX WF . -23.47 29.67 42.85
C23 NEX WF . -22.81 28.38 43.32
C24 NEX WF . -21.31 28.52 43.13
C25 NEX WF . -20.98 28.77 41.66
C26 NEX WF . -22.01 29.46 40.77
C27 NEX WF . -21.54 30.09 39.48
C28 NEX WF . -21.65 29.41 38.35
C29 NEX WF . -21.24 29.95 37.19
C30 NEX WF . -21.36 29.28 36.13
C31 NEX WF . -22.27 28.18 35.83
C32 NEX WF . -22.16 27.51 34.86
C33 NEX WF . -23.20 26.73 34.13
C34 NEX WF . -22.88 26.01 33.14
C35 NEX WF . -23.75 25.56 32.06
C36 NEX WF . -23.66 31.30 41.00
C37 NEX WF . -24.45 28.98 40.68
C38 NEX WF . -19.52 28.78 41.21
C39 NEX WF . -20.66 31.33 37.14
C40 NEX WF . -24.63 26.81 34.55
O23 NEX WF . -23.09 28.18 44.71
O24 NEX WF . -21.83 28.04 40.78
MG CHL XF . 69.50 33.34 -61.91
CHA CHL XF . 72.66 33.76 -63.12
CHB CHL XF . 70.60 34.25 -58.80
CHC CHL XF . 66.43 33.05 -60.83
CHD CHL XF . 68.52 32.33 -65.17
NA CHL XF . 71.30 33.90 -61.12
C1A CHL XF . 72.48 34.09 -61.79
C2A CHL XF . 73.57 34.63 -60.87
C3A CHL XF . 72.95 34.50 -59.50
C4A CHL XF . 71.51 34.19 -59.80
CMA CHL XF . 73.69 33.71 -58.41
CAA CHL XF . 73.89 36.10 -61.19
CBA CHL XF . 74.80 36.78 -60.19
CGA CHL XF . 76.25 36.43 -60.36
O1A CHL XF . 76.96 36.83 -61.24
O2A CHL XF . 76.65 35.61 -59.40
NB CHL XF . 68.65 33.62 -60.08
C1B CHL XF . 69.25 34.00 -58.93
C2B CHL XF . 68.27 34.07 -57.90
C3B CHL XF . 67.05 33.74 -58.43
C4B CHL XF . 67.30 33.45 -59.85
CMB CHL XF . 68.53 34.44 -56.48
CAB CHL XF . 65.80 33.74 -57.66
CBB CHL XF . 64.40 33.44 -58.12
NC CHL XF . 67.78 32.77 -62.89
C1C CHL XF . 66.61 32.75 -62.19
C2C CHL XF . 65.57 32.32 -63.12
C3C CHL XF . 66.17 32.08 -64.31
C4C CHL XF . 67.57 32.38 -64.19
CMC CHL XF . 64.14 32.17 -62.94
OMC CHL XF . 63.55 32.38 -61.91
CAC CHL XF . 65.50 31.55 -65.56
CBC CHL XF . 64.90 32.63 -66.41
ND CHL XF . 70.31 33.06 -63.77
C1D CHL XF . 69.84 32.66 -64.98
C2D CHL XF . 70.90 32.64 -65.94
C3D CHL XF . 72.02 33.07 -65.26
C4D CHL XF . 71.65 33.32 -63.93
CMD CHL XF . 70.76 32.25 -67.37
CAD CHL XF . 73.44 33.37 -65.36
OBD CHL XF . 74.16 33.29 -66.34
CBD CHL XF . 73.92 33.82 -63.99
CGD CHL XF . 75.03 32.90 -63.52
O1D CHL XF . 76.10 33.26 -63.11
O2D CHL XF . 74.66 31.63 -63.60
CED CHL XF . 75.64 30.64 -63.18
MG CLA YF . 77.85 35.37 -71.53
CHA CLA YF . 75.32 37.69 -72.00
CHB CLA YF . 79.88 37.07 -73.73
CHC CLA YF . 80.23 33.19 -70.89
CHD CLA YF . 75.75 33.65 -69.26
NA CLA YF . 77.65 37.21 -72.74
C1A CLA YF . 76.57 37.99 -72.80
C2A CLA YF . 76.77 39.14 -73.76
C3A CLA YF . 78.18 38.89 -74.30
C4A CLA YF . 78.62 37.67 -73.56
CMA CLA YF . 78.34 38.93 -75.81
CAA CLA YF . 76.71 40.47 -72.98
CBA CLA YF . 77.95 41.37 -73.05
CGA CLA YF . 78.78 41.20 -71.80
O1A CLA YF . 78.24 40.84 -70.77
O2A CLA YF . 80.08 41.45 -71.86
NB CLA YF . 79.77 35.18 -72.20
C1B CLA YF . 80.43 35.93 -73.13
C2B CLA YF . 81.74 35.38 -73.35
C3B CLA YF . 81.83 34.28 -72.56
C4B CLA YF . 80.57 34.16 -71.83
CMB CLA YF . 82.78 35.94 -74.30
CAB CLA YF . 82.96 33.34 -72.39
CBB CLA YF . 84.32 33.83 -71.95
NC CLA YF . 77.98 33.71 -70.26
C1C CLA YF . 79.05 32.92 -70.18
C2C CLA YF . 78.84 31.77 -69.26
C3C CLA YF . 77.56 31.94 -68.80
C4C CLA YF . 77.04 33.14 -69.43
CMC CLA YF . 79.81 30.68 -68.90
CAC CLA YF . 76.85 31.03 -67.84
CBC CLA YF . 77.05 31.56 -66.44
ND CLA YF . 76.04 35.54 -70.75
C1D CLA YF . 75.26 34.82 -69.89
C2D CLA YF . 73.93 35.38 -69.74
C3D CLA YF . 73.97 36.51 -70.57
C4D CLA YF . 75.23 36.58 -71.16
CMD CLA YF . 72.73 34.99 -68.94
CAD CLA YF . 73.16 37.61 -71.02
OBD CLA YF . 72.07 37.94 -70.58
CBD CLA YF . 73.99 38.42 -71.98
CGD CLA YF . 73.40 38.34 -73.36
O1D CLA YF . 72.83 37.34 -73.74
O2D CLA YF . 73.52 39.38 -74.19
CED CLA YF . 72.57 39.47 -75.24
C1 CLA YF . 81.04 40.40 -72.15
C2 CLA YF . 81.37 39.31 -71.15
C3 CLA YF . 82.61 38.80 -71.07
C4 CLA YF . 83.72 39.28 -71.97
C5 CLA YF . 82.98 37.71 -70.09
C6 CLA YF . 84.22 38.12 -69.32
C7 CLA YF . 84.65 37.01 -68.35
C8 CLA YF . 85.60 37.54 -67.28
C9 CLA YF . 86.80 38.24 -67.89
C10 CLA YF . 86.06 36.40 -66.36
C11 CLA YF . 84.90 35.55 -65.87
C12 CLA YF . 85.26 34.85 -64.55
C13 CLA YF . 85.41 33.34 -64.77
C14 CLA YF . 84.27 32.58 -64.09
C15 CLA YF . 86.76 32.89 -64.23
MG CLA ZF . 89.50 31.52 -73.44
CHA CLA ZF . 88.77 34.88 -73.45
CHB CLA ZF . 91.03 31.79 -76.53
CHC CLA ZF . 90.25 28.30 -73.25
CHD CLA ZF . 87.92 31.24 -70.28
NA CLA ZF . 89.88 33.17 -74.87
C1A CLA ZF . 89.51 34.44 -74.69
C2A CLA ZF . 89.91 35.29 -75.87
C3A CLA ZF . 90.60 34.28 -76.80
C4A CLA ZF . 90.52 33.00 -76.04
CMA CLA ZF . 90.30 34.28 -78.30
CAA CLA ZF . 90.93 36.34 -75.43
CBA CLA ZF . 91.36 37.26 -76.57
CGA CLA ZF . 90.15 37.96 -77.13
O1A CLA ZF . 89.61 38.85 -76.48
O2A CLA ZF . 89.69 37.59 -78.31
NB CLA ZF . 90.49 30.25 -74.69
C1B CLA ZF . 91.02 30.51 -75.91
C2B CLA ZF . 91.59 29.31 -76.47
C3B CLA ZF . 91.36 28.35 -75.54
C4B CLA ZF . 90.67 28.95 -74.42
CMB CLA ZF . 92.28 29.15 -77.80
CAB CLA ZF . 91.73 26.92 -75.60
CBB CLA ZF . 92.90 26.45 -74.76
NC CLA ZF . 89.19 30.03 -71.97
C1C CLA ZF . 89.55 28.77 -72.12
C2C CLA ZF . 89.14 27.92 -70.98
C3C CLA ZF . 88.50 28.77 -70.13
C4C CLA ZF . 88.53 30.08 -70.76
CMC CLA ZF . 89.38 26.44 -70.80
CAC CLA ZF . 87.88 28.43 -68.80
CBC CLA ZF . 88.82 28.79 -67.67
ND CLA ZF . 88.56 32.66 -72.14
C1D CLA ZF . 87.98 32.50 -70.93
C2D CLA ZF . 87.44 33.74 -70.40
C3D CLA ZF . 87.75 34.67 -71.39
C4D CLA ZF . 88.42 34.01 -72.42
CMD CLA ZF . 86.72 34.10 -69.13
CAD CLA ZF . 87.62 36.07 -71.73
OBD CLA ZF . 87.38 36.96 -70.94
CBD CLA ZF . 88.25 36.26 -73.08
CGD CLA ZF . 87.20 36.71 -74.05
O1D CLA ZF . 86.13 36.16 -74.12
O2D CLA ZF . 87.46 37.74 -74.85
CED CLA ZF . 87.02 39.01 -74.37
C1 CLA ZF . 90.20 38.24 -79.52
C2 CLA ZF . 89.93 39.70 -79.80
C3 CLA ZF . 90.26 40.24 -80.99
C4 CLA ZF . 90.00 41.68 -81.28
C5 CLA ZF . 90.92 39.44 -82.09
C6 CLA ZF . 92.41 39.77 -82.11
C7 CLA ZF . 93.05 39.33 -83.42
C8 CLA ZF . 94.54 39.03 -83.22
C9 CLA ZF . 95.39 40.21 -83.71
C10 CLA ZF . 94.90 37.75 -83.97
C11 CLA ZF . 95.93 36.94 -83.20
C12 CLA ZF . 96.62 35.94 -84.12
C13 CLA ZF . 97.05 34.68 -83.38
C14 CLA ZF . 98.25 34.05 -84.07
C15 CLA ZF . 95.86 33.72 -83.29
C16 CLA ZF . 96.28 32.32 -82.88
C17 CLA ZF . 95.77 31.95 -81.50
C18 CLA ZF . 95.61 30.44 -81.34
C19 CLA ZF . 96.89 29.70 -81.75
C20 CLA ZF . 95.21 30.08 -79.92
MG CLA AG . 87.80 13.16 -78.32
CHA CLA AG . 89.76 10.34 -77.91
CHB CLA AG . 90.60 15.17 -78.29
CHC CLA AG . 85.84 15.76 -78.87
CHD CLA AG . 84.94 11.08 -78.36
NA CLA AG . 89.97 12.81 -78.13
C1A CLA AG . 90.56 11.63 -77.97
C2A CLA AG . 92.05 11.75 -77.83
C3A CLA AG . 92.26 13.28 -77.93
C4A CLA AG . 90.88 13.81 -78.14
CMA CLA AG . 93.10 13.91 -76.84
CAA CLA AG . 92.73 11.11 -79.05
CBA CLA AG . 92.10 11.55 -80.38
CGA CLA AG . 92.10 10.41 -81.36
O1A CLA AG . 93.10 9.71 -81.48
O2A CLA AG . 91.02 10.18 -82.08
NB CLA AG . 88.16 15.15 -78.56
C1B CLA AG . 89.35 15.80 -78.49
C2B CLA AG . 89.15 17.21 -78.65
C3B CLA AG . 87.80 17.38 -78.81
C4B CLA AG . 87.20 16.05 -78.75
CMB CLA AG . 90.21 18.27 -78.62
CAB CLA AG . 87.01 18.62 -79.01
CBB CLA AG . 87.14 19.82 -78.10
NC CLA AG . 85.73 13.39 -78.60
C1C CLA AG . 85.13 14.54 -78.82
C2C CLA AG . 83.68 14.41 -79.02
C3C CLA AG . 83.45 13.08 -78.88
C4C CLA AG . 84.73 12.44 -78.61
CMC CLA AG . 82.70 15.52 -79.32
CAC CLA AG . 82.12 12.39 -79.00
CBC CLA AG . 82.00 11.94 -80.44
ND CLA AG . 87.35 11.23 -78.19
C1D CLA AG . 86.21 10.49 -78.19
C2D CLA AG . 86.49 9.07 -78.00
C3D CLA AG . 87.88 9.03 -77.88
C4D CLA AG . 88.38 10.32 -78.01
CMD CLA AG . 85.64 7.83 -77.91
CAD CLA AG . 88.98 8.11 -77.70
OBD CLA AG . 88.88 6.94 -77.36
CBD CLA AG . 90.24 8.91 -77.67
CGD CLA AG . 90.88 8.82 -76.33
O1D CLA AG . 90.20 8.71 -75.32
O2D CLA AG . 92.20 8.85 -76.20
CED CLA AG . 92.77 7.87 -75.34
C1 CLA AG . 91.13 9.87 -83.51
C2 CLA AG . 90.57 10.79 -84.56
C3 CLA AG . 90.22 10.31 -85.77
C4 CLA AG . 90.36 8.85 -86.11
C5 CLA AG . 89.65 11.19 -86.85
C6 CLA AG . 88.18 11.47 -86.57
C7 CLA AG . 87.36 11.42 -87.85
C8 CLA AG . 86.09 12.26 -87.73
C9 CLA AG . 85.02 11.73 -88.67
C10 CLA AG . 86.42 13.71 -88.02
MG CLA BG . 79.64 6.35 -83.88
CHA CLA BG . 79.29 7.76 -80.72
CHB CLA BG . 76.35 5.35 -83.87
CHC CLA BG . 80.08 5.16 -86.93
CHD CLA BG . 83.02 7.39 -83.89
NA CLA BG . 77.96 6.53 -82.45
C1A CLA BG . 78.00 7.11 -81.25
C2A CLA BG . 76.66 7.01 -80.55
C3A CLA BG . 75.79 6.25 -81.55
C4A CLA BG . 76.74 6.02 -82.70
CMA CLA BG . 74.90 5.11 -81.07
CAA CLA BG . 75.97 8.36 -80.28
CBA CLA BG . 76.46 9.53 -81.12
CGA CLA BG . 75.71 9.71 -82.42
O1A CLA BG . 74.82 10.53 -82.46
O2A CLA BG . 76.02 8.99 -83.48
NB CLA BG . 78.40 5.41 -85.20
C1B CLA BG . 77.10 5.05 -85.03
C2B CLA BG . 76.62 4.37 -86.20
C3B CLA BG . 77.68 4.33 -87.05
C4B CLA BG . 78.81 4.99 -86.41
CMB CLA BG . 75.24 3.81 -86.43
CAB CLA BG . 77.71 3.71 -88.41
CBB CLA BG . 77.89 4.58 -89.63
NC CLA BG . 81.27 6.36 -85.23
C1C CLA BG . 81.25 5.78 -86.41
C2C CLA BG . 82.55 5.84 -87.12
C3C CLA BG . 83.36 6.52 -86.26
C4C CLA BG . 82.55 6.83 -85.07
CMC CLA BG . 82.88 5.30 -88.49
CAC CLA BG . 84.80 6.88 -86.49
CBC CLA BG . 84.92 8.30 -86.97
ND CLA BG . 80.90 7.33 -82.71
C1D CLA BG . 82.22 7.67 -82.76
C2D CLA BG . 82.67 8.30 -81.53
C3D CLA BG . 81.52 8.33 -80.75
C4D CLA BG . 80.47 7.75 -81.45
CMD CLA BG . 83.99 8.84 -81.07
CAD CLA BG . 81.04 8.74 -79.45
OBD CLA BG . 81.74 9.07 -78.51
CBD CLA BG . 79.56 8.49 -79.41
CGD CLA BG . 79.24 7.75 -78.13
O1D CLA BG . 79.41 8.30 -77.06
O2D CLA BG . 78.76 6.51 -78.13
CED CLA BG . 77.76 6.27 -77.14
C1 CLA BG . 77.19 9.18 -84.33
C2 CLA BG . 78.52 9.72 -83.88
C3 CLA BG . 79.43 10.20 -84.74
C4 CLA BG . 79.18 10.23 -86.22
C5 CLA BG . 80.76 10.73 -84.28
MG CHL CG . 93.92 15.73 -81.97
CHA CHL CG . 93.59 13.65 -84.63
CHB CHL CG . 92.16 18.16 -83.69
CHC CHL CG . 94.23 17.66 -79.41
CHD CHL CG . 95.81 13.17 -80.36
NA CHL CG . 93.03 15.87 -83.81
C1A CHL CG . 92.95 14.88 -84.76
C2A CHL CG . 92.14 15.33 -85.97
C3A CHL CG . 91.92 16.79 -85.73
C4A CHL CG . 92.41 16.99 -84.31
CMA CHL CG . 92.31 17.81 -86.80
CAA CHL CG . 90.80 14.58 -86.08
CBA CHL CG . 89.95 14.96 -87.29
CGA CHL CG . 90.52 14.48 -88.59
NB CHL CG . 93.27 17.63 -81.62
C1B CHL CG . 92.55 18.46 -82.40
C2B CHL CG . 92.31 19.67 -81.68
C3B CHL CG . 92.87 19.56 -80.45
C4B CHL CG . 93.50 18.24 -80.41
CMB CHL CG . 91.54 20.84 -82.21
CAB CHL CG . 92.77 20.59 -79.40
CBB CHL CG . 93.24 20.51 -77.98
NC CHL CG . 94.89 15.41 -80.18
C1C CHL CG . 94.85 16.42 -79.27
C2C CHL CG . 95.61 15.97 -78.10
C3C CHL CG . 96.07 14.71 -78.39
C4C CHL CG . 95.61 14.34 -79.69
CMC CHL CG . 95.88 16.63 -76.84
OMC CHL CG . 95.50 17.74 -76.54
CAC CHL CG . 96.92 13.86 -77.48
CBC CHL CG . 98.38 14.28 -77.46
ND CHL CG . 94.59 13.83 -82.30
C1D CHL CG . 95.32 12.90 -81.62
C2D CHL CG . 95.47 11.73 -82.40
C3D CHL CG . 94.81 11.97 -83.59
C4D CHL CG . 94.28 13.26 -83.51
CMD CHL CG . 96.21 10.49 -81.98
CAD CHL CG . 94.46 11.43 -84.89
OBD CHL CG . 94.73 10.33 -85.34
CBD CHL CG . 93.67 12.48 -85.62
CGD CHL CG . 94.37 12.85 -86.92
O1D CHL CG . 95.10 13.79 -87.07
O2D CHL CG . 94.08 11.97 -87.88
CED CHL CG . 94.68 12.21 -89.17
MG CHL DG . 97.58 19.49 -73.37
CHA CHL DG . 99.34 17.86 -70.94
CHB CHL DG . 95.53 20.80 -70.95
CHC CHL DG . 95.98 21.12 -75.71
CHD CHL DG . 99.70 18.00 -75.77
NA CHL DG . 97.48 19.35 -71.33
C1A CHL DG . 98.35 18.68 -70.48
C2A CHL DG . 98.00 18.92 -69.02
C3A CHL DG . 96.65 19.63 -69.09
C4A CHL DG . 96.52 19.96 -70.56
CMA CHL DG . 96.21 20.63 -68.02
CAA CHL DG . 99.07 19.75 -68.30
CBA CHL DG . 99.69 20.87 -69.14
NB CHL DG . 96.00 20.79 -73.33
C1B CHL DG . 95.29 21.20 -72.25
C2B CHL DG . 94.27 22.09 -72.70
C3B CHL DG . 94.36 22.22 -74.06
C4B CHL DG . 95.49 21.37 -74.46
CMB CHL DG . 93.27 22.75 -71.81
CAB CHL DG . 93.51 23.10 -74.86
CBB CHL DG . 93.54 23.42 -76.33
NC CHL DG . 97.84 19.53 -75.41
C1C CHL DG . 97.03 20.33 -76.17
C2C CHL DG . 97.43 20.15 -77.56
C3C CHL DG . 98.47 19.25 -77.56
C4C CHL DG . 98.73 18.86 -76.21
CMC CHL DG . 96.94 20.76 -78.77
OMC CHL DG . 96.03 21.57 -78.84
CAC CHL DG . 99.19 18.75 -78.78
CBC CHL DG . 98.53 17.55 -79.41
ND CHL DG . 99.17 18.22 -73.45
C1D CHL DG . 99.92 17.67 -74.44
C2D CHL DG . 100.90 16.79 -73.90
C3D CHL DG . 100.72 16.83 -72.54
C4D CHL DG . 99.66 17.70 -72.28
CMD CHL DG . 101.90 16.02 -74.69
CAD CHL DG . 101.19 16.32 -71.25
OBD CHL DG . 102.10 15.54 -71.03
CBD CHL DG . 100.33 16.97 -70.17
CGD CHL DG . 99.66 15.89 -69.32
O1D CHL DG . 98.75 15.20 -69.69
O2D CHL DG . 100.23 15.81 -68.12
CED CHL DG . 99.68 14.83 -67.22
MG CHL EG . 84.18 26.28 -90.61
CHA CHL EG . 83.14 25.83 -87.40
CHB CHL EG . 85.32 23.03 -90.65
CHC CHL EG . 85.13 26.74 -93.69
CHD CHL EG . 82.95 29.60 -90.42
NA CHL EG . 84.22 24.73 -89.27
C1A CHL EG . 83.67 24.71 -88.01
C2A CHL EG . 83.77 23.32 -87.38
C3A CHL EG . 84.69 22.58 -88.31
C4A CHL EG . 84.78 23.49 -89.50
CMA CHL EG . 85.95 21.93 -87.75
CAA CHL EG . 82.40 22.64 -87.25
CBA CHL EG . 81.65 22.44 -88.57
CGA CHL EG . 80.42 21.60 -88.46
O1A CHL EG . 79.73 21.52 -87.47
O2A CHL EG . 80.16 20.97 -89.58
NB CHL EG . 85.09 25.05 -91.96
C1B CHL EG . 85.46 23.77 -91.81
C2B CHL EG . 86.03 23.32 -93.04
C3B CHL EG . 86.01 24.35 -93.94
C4B CHL EG . 85.40 25.47 -93.24
CMB CHL EG . 86.53 21.92 -93.29
CAB CHL EG . 86.53 24.25 -95.31
CBB CHL EG . 86.57 25.31 -96.38
NC CHL EG . 84.06 27.94 -91.82
C1C CHL EG . 84.53 27.84 -93.09
C2C CHL EG . 84.30 29.14 -93.74
C3C CHL EG . 83.68 29.93 -92.80
C4C CHL EG . 83.52 29.19 -91.60
CMC CHL EG . 84.60 29.59 -95.07
OMC CHL EG . 85.15 28.93 -95.94
CAC CHL EG . 83.24 31.35 -93.03
CBC CHL EG . 81.76 31.46 -93.30
ND CHL EG . 83.27 27.53 -89.28
C1D CHL EG . 82.83 28.82 -89.30
C2D CHL EG . 82.26 29.16 -88.03
C3D CHL EG . 82.37 28.03 -87.26
C4D CHL EG . 82.98 27.03 -88.03
CMD CHL EG . 81.67 30.49 -87.68
CAD CHL EG . 82.09 27.44 -85.96
OBD CHL EG . 81.58 27.98 -84.99
CBD CHL EG . 82.58 26.01 -85.98
CGD CHL EG . 83.62 25.78 -84.90
O1D CHL EG . 84.77 26.08 -84.97
O2D CHL EG . 83.07 25.19 -83.83
CED CHL EG . 83.96 24.91 -82.73
C1 CHL EG . 78.98 20.13 -89.77
C2 CHL EG . 79.44 18.73 -89.95
C3 CHL EG . 79.50 17.87 -88.94
C4 CHL EG . 79.13 18.23 -87.53
C5 CHL EG . 79.95 16.44 -89.15
C6 CHL EG . 81.40 16.19 -88.73
C7 CHL EG . 82.43 16.79 -89.69
C8 CHL EG . 82.95 18.18 -89.30
C9 CHL EG . 83.89 18.11 -88.10
C10 CHL EG . 83.66 18.77 -90.53
C11 CHL EG . 84.53 17.80 -91.32
C12 CHL EG . 85.15 18.42 -92.56
C13 CHL EG . 85.96 17.46 -93.43
C14 CHL EG . 87.24 17.03 -92.73
C15 CHL EG . 86.23 17.89 -94.86
MG CLA FG . 91.48 29.85 -82.65
CHA CLA FG . 89.53 32.63 -81.95
CHB CLA FG . 93.34 31.68 -84.92
CHC CLA FG . 93.34 27.17 -83.15
CHD CLA FG . 89.58 28.01 -80.29
NA CLA FG . 91.47 31.95 -83.36
C1A CLA FG . 90.62 32.90 -82.97
C2A CLA FG . 90.90 34.22 -83.66
C3A CLA FG . 92.08 33.87 -84.59
C4A CLA FG . 92.33 32.43 -84.29
CMA CLA FG . 92.05 34.35 -86.03
CAA CLA FG . 91.44 35.26 -82.67
CBA CLA FG . 92.24 34.61 -81.53
CGA CLA FG . 93.17 35.58 -80.84
O1A CLA FG . 92.89 36.76 -80.77
O2A CLA FG . 94.29 35.09 -80.32
NB CLA FG . 93.10 29.49 -83.83
C1B CLA FG . 93.70 30.32 -84.72
C2B CLA FG . 94.76 29.63 -85.41
C3B CLA FG . 94.75 28.35 -84.91
C4B CLA FG . 93.69 28.29 -83.91
CMB CLA FG . 95.68 30.19 -86.47
CAB CLA FG . 95.63 27.21 -85.25
CBB CLA FG . 97.12 27.29 -85.05
NC CLA FG . 91.50 27.92 -81.80
C1C CLA FG . 92.33 26.96 -82.18
C2C CLA FG . 92.06 25.67 -81.51
C3C CLA FG . 91.00 25.94 -80.68
C4C CLA FG . 90.65 27.34 -80.88
CMC CLA FG . 92.80 24.37 -81.68
CAC CLA FG . 90.32 24.96 -79.77
CBC CLA FG . 90.90 25.09 -78.37
ND CLA FG . 89.96 30.13 -81.40
C1D CLA FG . 89.27 29.38 -80.51
C2D CLA FG . 88.20 30.12 -79.86
C3D CLA FG . 88.33 31.39 -80.43
C4D CLA FG . 89.37 31.38 -81.34
CMD CLA FG . 87.16 29.79 -78.82
CAD CLA FG . 87.74 32.72 -80.40
OBD CLA FG . 86.72 33.04 -79.80
CBD CLA FG . 88.47 33.56 -81.40
CGD CLA FG . 87.53 33.97 -82.48
O1D CLA FG . 86.89 33.14 -83.09
O2D CLA FG . 87.37 35.25 -82.79
CED CLA FG . 86.03 35.74 -82.77
C1 CLA FG . 94.33 34.67 -78.92
C2 CLA FG . 94.40 35.68 -77.80
C3 CLA FG . 94.74 35.34 -76.55
C4 CLA FG . 94.81 36.35 -75.45
C5 CLA FG . 95.07 33.92 -76.15
C6 CLA FG . 93.95 33.38 -75.28
C7 CLA FG . 94.46 32.73 -74.00
C8 CLA FG . 93.29 32.27 -73.14
C9 CLA FG . 92.59 33.44 -72.47
C10 CLA FG . 93.77 31.27 -72.09
C11 CLA FG . 92.61 30.62 -71.36
C12 CLA FG . 92.99 30.24 -69.93
C13 CLA FG . 92.63 28.80 -69.62
C14 CLA FG . 93.05 28.43 -68.20
C15 CLA FG . 93.29 27.86 -70.63
MG CLA GG . 75.32 24.30 -84.02
CHA CLA GG . 74.55 25.83 -87.03
CHB CLA GG . 72.05 24.64 -82.98
CHC CLA GG . 76.11 22.66 -81.27
CHD CLA GG . 78.67 24.03 -85.08
NA CLA GG . 73.47 25.14 -84.90
C1A CLA GG . 73.36 25.74 -86.09
C2A CLA GG . 71.98 26.29 -86.31
C3A CLA GG . 71.27 25.95 -85.01
C4A CLA GG . 72.29 25.20 -84.24
CMA CLA GG . 70.59 27.13 -84.34
CAA CLA GG . 71.23 25.60 -87.44
CBA CLA GG . 71.52 24.10 -87.60
CGA CLA GG . 70.51 23.24 -86.85
O1A CLA GG . 69.45 23.74 -86.56
O2A CLA GG . 70.80 21.99 -86.54
NB CLA GG . 74.24 23.73 -82.39
C1B CLA GG . 72.92 23.95 -82.12
C2B CLA GG . 72.57 23.38 -80.84
C3B CLA GG . 73.72 22.83 -80.36
C4B CLA GG . 74.77 23.07 -81.36
CMB CLA GG . 71.21 23.40 -80.19
CAB CLA GG . 73.91 22.12 -79.09
CBB CLA GG . 73.21 20.81 -78.82
NC CLA GG . 77.09 23.42 -83.33
C1C CLA GG . 77.22 22.84 -82.15
C2C CLA GG . 78.60 22.40 -81.86
C3C CLA GG . 79.30 22.77 -82.98
C4C CLA GG . 78.36 23.41 -83.88
CMC CLA GG . 79.10 21.70 -80.64
CAC CLA GG . 80.78 22.56 -83.21
CBC CLA GG . 80.98 21.30 -84.03
ND CLA GG . 76.41 24.75 -85.60
C1D CLA GG . 77.73 24.64 -85.94
C2D CLA GG . 78.01 25.24 -87.24
C3D CLA GG . 76.76 25.70 -87.64
C4D CLA GG . 75.82 25.40 -86.66
CMD CLA GG . 79.25 25.41 -88.09
CAD CLA GG . 76.09 26.37 -88.74
OBD CLA GG . 76.64 27.04 -89.59
CBD CLA GG . 74.63 26.37 -88.44
CGD CLA GG . 74.11 27.78 -88.51
O1D CLA GG . 74.78 28.68 -88.05
O2D CLA GG . 72.93 28.03 -89.05
CED CLA GG . 72.92 28.91 -90.17
C1 CLA GG . 70.49 21.46 -85.22
C2 CLA GG . 71.54 20.85 -84.30
C3 CLA GG . 71.21 19.85 -83.46
C4 CLA GG . 69.82 19.31 -83.38
C5 CLA GG . 72.23 19.20 -82.54
C6 CLA GG . 72.17 17.69 -82.72
C7 CLA GG . 73.12 16.97 -81.76
C8 CLA GG . 73.47 15.57 -82.28
C9 CLA GG . 73.99 14.70 -81.16
C10 CLA GG . 74.48 15.67 -83.41
C11 CLA GG . 74.76 14.30 -84.03
C12 CLA GG . 74.66 14.34 -85.54
C13 CLA GG . 74.56 12.93 -86.12
C14 CLA GG . 75.95 12.34 -86.36
C15 CLA GG . 73.75 12.96 -87.41
C16 CLA GG . 74.47 13.73 -88.50
C17 CLA GG . 73.96 13.34 -89.89
C18 CLA GG . 74.96 13.72 -90.97
C19 CLA GG . 74.48 13.28 -92.35
C20 CLA GG . 75.24 15.21 -90.95
MG CLA HG . 65.56 24.56 -69.02
CHA CLA HG . 65.41 24.83 -72.47
CHB CLA HG . 62.15 24.87 -68.79
CHC CLA HG . 65.83 24.22 -65.74
CHD CLA HG . 69.08 24.25 -69.26
NA CLA HG . 63.92 24.81 -70.47
C1A CLA HG . 64.05 24.91 -71.79
C2A CLA HG . 62.72 25.08 -72.47
C3A CLA HG . 61.73 25.11 -71.30
C4A CLA HG . 62.62 24.93 -70.11
CMA CLA HG . 60.63 26.16 -71.25
CAA CLA HG . 62.41 23.84 -73.32
CBA CLA HG . 61.20 24.06 -74.23
CGA CLA HG . 60.86 22.76 -74.92
O1A CLA HG . 59.70 22.57 -75.26
O2A CLA HG . 61.80 21.88 -75.16
NB CLA HG . 64.20 24.54 -67.50
C1B CLA HG . 62.85 24.71 -67.58
C2B CLA HG . 62.27 24.67 -66.27
C3B CLA HG . 63.32 24.48 -65.42
C4B CLA HG . 64.53 24.40 -66.21
CMB CLA HG . 60.81 24.80 -65.91
CAB CLA HG . 63.24 24.37 -63.95
CBB CLA HG . 63.61 23.09 -63.26
NC CLA HG . 67.18 24.18 -67.72
C1C CLA HG . 67.07 24.15 -66.41
C2C CLA HG . 68.38 24.02 -65.72
C3C CLA HG . 69.29 23.99 -66.74
C4C CLA HG . 68.53 24.09 -67.98
CMC CLA HG . 68.64 23.94 -64.24
CAC CLA HG . 70.78 23.86 -66.60
CBC CLA HG . 71.16 22.40 -66.62
ND CLA HG . 66.97 24.55 -70.41
C1D CLA HG . 68.32 24.40 -70.44
C2D CLA HG . 68.85 24.43 -71.81
C3D CLA HG . 67.70 24.59 -72.58
C4D CLA HG . 66.59 24.67 -71.73
CMD CLA HG . 70.22 24.30 -72.39
CAD CLA HG . 67.26 24.72 -73.95
OBD CLA HG . 67.93 24.45 -74.93
CBD CLA HG . 65.78 24.89 -73.93
CGD CLA HG . 65.40 26.24 -74.49
O1D CLA HG . 66.16 27.18 -74.39
O2D CLA HG . 64.24 26.40 -75.10
CED CLA HG . 64.22 27.28 -76.23
C1 CLA HG . 61.53 20.44 -74.99
C2 CLA HG . 61.15 19.87 -73.65
C3 CLA HG . 61.25 18.56 -73.39
C4 CLA HG . 61.73 17.59 -74.44
C5 CLA HG . 60.87 17.97 -72.06
C6 CLA HG . 61.95 17.00 -71.57
C7 CLA HG . 63.14 17.74 -70.97
C8 CLA HG . 64.33 16.80 -70.84
C9 CLA HG . 64.72 16.61 -69.37
C10 CLA HG . 65.50 17.34 -71.64
C11 CLA HG . 66.68 16.38 -71.61
C12 CLA HG . 67.74 16.79 -72.64
C13 CLA HG . 68.62 15.61 -73.02
C14 CLA HG . 69.82 15.50 -72.10
C15 CLA HG . 69.06 15.77 -74.47
C16 CLA HG . 69.96 14.61 -74.91
C17 CLA HG . 70.24 14.67 -76.40
C18 CLA HG . 70.71 13.32 -76.91
C19 CLA HG . 71.12 13.40 -78.38
C20 CLA HG . 71.85 12.77 -76.07
MG CLA IG . 70.78 18.84 -74.41
CHA CLA IG . 67.91 20.19 -75.81
CHB CLA IG . 71.90 17.88 -77.53
CHC CLA IG . 73.52 17.69 -72.98
CHD CLA IG . 69.61 19.83 -71.22
NA CLA IG . 70.01 19.02 -76.47
C1A CLA IG . 68.85 19.58 -76.84
C2A CLA IG . 68.63 19.51 -78.32
C3A CLA IG . 69.88 18.76 -78.82
C4A CLA IG . 70.66 18.54 -77.56
CMA CLA IG . 69.74 17.62 -79.81
CAA CLA IG . 68.60 20.89 -78.94
CBA CLA IG . 68.16 20.85 -80.40
CGA CLA IG . 66.74 20.37 -80.49
O1A CLA IG . 65.89 20.92 -79.81
O2A CLA IG . 66.45 19.37 -81.29
NB CLA IG . 72.46 17.94 -75.15
C1B CLA IG . 72.74 17.60 -76.43
C2B CLA IG . 74.00 16.91 -76.49
C3B CLA IG . 74.45 16.86 -75.19
C4B CLA IG . 73.45 17.52 -74.36
CMB CLA IG . 74.68 16.36 -77.72
CAB CLA IG . 75.70 16.27 -74.67
CBB CLA IG . 75.99 14.79 -74.81
NC CLA IG . 71.50 18.86 -72.43
C1C CLA IG . 72.61 18.25 -72.06
C2C CLA IG . 72.78 18.22 -70.58
C3C CLA IG . 71.68 18.87 -70.11
C4C CLA IG . 70.88 19.26 -71.26
CMC CLA IG . 73.92 17.60 -69.81
CAC CLA IG . 71.33 19.12 -68.66
CBC CLA IG . 70.55 17.94 -68.12
ND CLA IG . 69.23 19.77 -73.62
C1D CLA IG . 68.82 20.11 -72.36
C2D CLA IG . 67.52 20.74 -72.35
C3D CLA IG . 67.17 20.78 -73.71
C4D CLA IG . 68.21 20.20 -74.45
CMD CLA IG . 66.63 21.28 -71.27
CAD CLA IG . 66.13 21.20 -74.61
OBD CLA IG . 65.04 21.63 -74.29
CBD CLA IG . 66.54 20.80 -75.99
CGD CLA IG . 65.58 19.75 -76.46
O1D CLA IG . 64.72 19.99 -77.28
O2D CLA IG . 65.64 18.52 -75.94
CED CLA IG . 65.77 17.45 -76.87
MG CLA JG . 80.75 20.58 -59.06
CHA CLA JG . 82.21 18.45 -56.73
CHB CLA JG . 78.26 18.29 -59.71
CHC CLA JG . 79.39 22.77 -61.13
CHD CLA JG . 83.32 22.93 -58.41
NA CLA JG . 80.26 18.57 -58.30
C1A CLA JG . 80.96 17.87 -57.39
C2A CLA JG . 80.33 16.52 -57.15
C3A CLA JG . 79.12 16.51 -58.10
C4A CLA JG . 79.20 17.85 -58.75
CMA CLA JG . 78.83 15.28 -58.94
CAA CLA JG . 79.85 16.37 -55.70
CBA CLA JG . 78.86 17.45 -55.31
CGA CLA JG . 79.51 18.48 -54.41
O1A CLA JG . 80.47 18.17 -53.73
O2A CLA JG . 78.99 19.68 -54.38
NB CLA JG . 79.08 20.54 -60.22
C1B CLA JG . 78.20 19.52 -60.39
C2B CLA JG . 77.19 19.91 -61.35
C3B CLA JG . 77.52 21.16 -61.76
C4B CLA JG . 78.72 21.55 -61.03
CMB CLA JG . 76.01 19.10 -61.84
CAB CLA JG . 76.79 22.00 -62.73
CBB CLA JG . 77.43 22.40 -64.03
NC CLA JG . 81.23 22.56 -59.61
C1C CLA JG . 80.56 23.26 -60.52
C2C CLA JG . 81.17 24.57 -60.81
C3C CLA JG . 82.27 24.61 -60.00
C4C CLA JG . 82.30 23.35 -59.27
CMC CLA JG . 80.68 25.62 -61.77
CAC CLA JG . 83.26 25.74 -59.90
CBC CLA JG . 82.92 26.61 -58.70
ND CLA JG . 82.36 20.76 -57.90
C1D CLA JG . 83.32 21.69 -57.72
C2D CLA JG . 84.32 21.27 -56.76
C3D CLA JG . 83.88 20.01 -56.39
C4D CLA JG . 82.70 19.71 -57.07
CMD CLA JG . 85.57 21.89 -56.20
CAD CLA JG . 84.23 18.91 -55.54
OBD CLA JG . 85.21 18.85 -54.82
CBD CLA JG . 83.12 17.90 -55.61
CGD CLA JG . 83.72 16.52 -55.79
O1D CLA JG . 84.54 16.12 -54.98
O2D CLA JG . 83.38 15.68 -56.76
CED CLA JG . 83.14 14.36 -56.29
C1 CLA JG . 79.24 20.65 -55.44
C2 CLA JG . 80.37 21.67 -55.35
C3 CLA JG . 80.12 22.96 -55.64
C4 CLA JG . 81.19 23.99 -55.55
C5 CLA JG . 78.74 23.44 -56.03
C6 CLA JG . 78.69 23.67 -57.54
C7 CLA JG . 77.56 24.63 -57.90
C8 CLA JG . 76.62 24.04 -58.95
C9 CLA JG . 76.50 24.96 -60.16
C10 CLA JG . 75.26 23.78 -58.32
MG CLA KG . 73.71 15.21 -55.25
CHA CLA KG . 74.89 17.78 -53.28
CHB CLA KG . 72.62 13.51 -52.46
CHC CLA KG . 72.55 12.83 -57.24
CHD CLA KG . 74.84 16.95 -58.12
NA CLA KG . 73.73 15.60 -53.08
C1A CLA KG . 74.25 16.67 -52.49
C2A CLA KG . 74.11 16.60 -50.98
C3A CLA KG . 73.43 15.23 -50.78
C4A CLA KG . 73.23 14.74 -52.17
CMA CLA KG . 74.05 14.25 -49.81
CAA CLA KG . 73.12 17.68 -50.53
CBA CLA KG . 72.73 17.55 -49.07
CGA CLA KG . 71.23 17.69 -48.92
O1A CLA KG . 70.71 17.34 -47.89
O2A CLA KG . 70.53 18.19 -49.92
NB CLA KG . 72.73 13.45 -54.91
C1B CLA KG . 72.38 12.90 -53.71
C2B CLA KG . 71.73 11.64 -53.91
C3B CLA KG . 71.73 11.44 -55.26
C4B CLA KG . 72.35 12.61 -55.88
CMB CLA KG . 71.20 10.74 -52.83
CAB CLA KG . 71.18 10.30 -56.03
CBB CLA KG . 69.75 9.84 -55.86
NC CLA KG . 73.64 14.97 -57.34
C1C CLA KG . 73.15 13.89 -57.95
C2C CLA KG . 73.32 13.93 -59.42
C3C CLA KG . 73.93 15.13 -59.65
C4C CLA KG . 74.14 15.76 -58.35
CMC CLA KG . 72.88 12.90 -60.42
CAC CLA KG . 74.34 15.68 -60.99
CBC CLA KG . 73.26 16.65 -61.44
ND CLA KG . 74.64 16.89 -55.70
C1D CLA KG . 75.02 17.54 -56.84
C2D CLA KG . 75.62 18.83 -56.55
C3D CLA KG . 75.57 18.92 -55.16
C4D CLA KG . 74.97 17.75 -54.67
CMD CLA KG . 76.20 19.95 -57.38
CAD CLA KG . 75.91 19.78 -54.05
OBD CLA KG . 76.22 20.96 -54.13
CBD CLA KG . 75.54 19.07 -52.79
CGD CLA KG . 76.77 18.72 -52.00
O1D CLA KG . 77.41 17.72 -52.26
O2D CLA KG . 77.16 19.51 -51.01
CED CLA KG . 78.43 20.13 -51.17
C1 CLA KG . 69.34 17.50 -50.41
C2 CLA KG . 69.43 16.16 -51.11
C3 CLA KG . 68.58 15.83 -52.10
C4 CLA KG . 67.51 16.78 -52.56
C5 CLA KG . 68.65 14.51 -52.82
C6 CLA KG . 68.78 14.76 -54.31
C7 CLA KG . 68.63 13.46 -55.11
C8 CLA KG . 68.01 13.73 -56.48
C9 CLA KG . 67.48 12.44 -57.10
C10 CLA KG . 69.04 14.38 -57.39
MG CLA LG . 82.88 17.15 -96.80
CHA CLA LG . 85.33 16.53 -99.14
CHB CLA LG . 81.81 13.87 -96.96
CHC CLA LG . 80.63 17.86 -94.47
CHD CLA LG . 83.97 20.52 -96.63
NA CLA LG . 83.51 15.36 -97.92
C1A CLA LG . 84.50 15.30 -98.80
C2A CLA LG . 84.66 13.92 -99.40
C3A CLA LG . 83.54 13.13 -98.70
C4A CLA LG . 82.90 14.16 -97.80
CMA CLA LG . 82.69 12.15 -99.48
CAA CLA LG . 86.00 13.31 -99.00
CBA CLA LG . 86.30 13.52 -97.51
CGA CLA LG . 86.50 12.17 -96.84
O1A CLA LG . 87.57 11.60 -96.94
O2A CLA LG . 85.49 11.64 -96.18
NB CLA LG . 81.45 16.04 -95.85
C1B CLA LG . 81.13 14.73 -96.06
C2B CLA LG . 80.02 14.35 -95.22
C3B CLA LG . 79.70 15.49 -94.53
C4B CLA LG . 80.61 16.54 -94.94
CMB CLA LG . 79.37 13.00 -95.14
CAB CLA LG . 78.63 15.67 -93.52
CBB CLA LG . 78.63 14.89 -92.24
NC CLA LG . 82.43 18.88 -95.67
C1C CLA LG . 81.43 18.97 -94.81
C2C CLA LG . 81.26 20.34 -94.26
C3C CLA LG . 82.25 21.06 -94.86
C4C CLA LG . 82.97 20.15 -95.74
CMC CLA LG . 80.24 20.79 -93.26
CAC CLA LG . 82.55 22.54 -94.66
CBC CLA LG . 81.70 23.36 -95.59
ND CLA LG . 84.25 18.32 -97.62
C1D CLA LG . 84.65 19.62 -97.49
C2D CLA LG . 85.79 19.93 -98.34
C3D CLA LG . 86.04 18.72 -98.97
C4D CLA LG . 85.12 17.77 -98.53
CMD CLA LG . 86.59 21.18 -98.58
CAD CLA LG . 86.93 18.09 -99.94
OBD CLA LG . 88.02 18.52 -100.26
CBD CLA LG . 86.44 16.70 -100.16
CGD CLA LG . 85.86 16.60 -101.53
O1D CLA LG . 85.12 17.47 -101.96
O2D CLA LG . 86.14 15.56 -102.31
CED CLA LG . 86.77 15.86 -103.55
C1 CLA LG . 84.70 12.42 -95.23
C2 CLA LG . 85.32 13.09 -94.03
C3 CLA LG . 84.62 13.31 -92.92
C4 CLA LG . 85.21 13.98 -91.72
C5 CLA LG . 83.16 12.92 -92.80
C1 LUT MG . 78.45 15.83 -64.07
C2 LUT MG . 79.70 15.14 -63.57
C3 LUT MG . 80.43 15.99 -62.54
C4 LUT MG . 80.87 17.28 -63.21
C5 LUT MG . 79.72 17.95 -63.92
C6 LUT MG . 78.75 17.25 -64.51
C7 LUT MG . 77.93 17.87 -65.59
C8 LUT MG . 78.39 18.02 -66.84
C9 LUT MG . 77.52 18.64 -67.86
C10 LUT MG . 77.92 18.58 -69.14
C11 LUT MG . 77.14 19.16 -70.22
C12 LUT MG . 77.65 19.07 -71.44
C13 LUT MG . 76.95 19.60 -72.62
C14 LUT MG . 77.38 19.21 -73.82
C15 LUT MG . 76.76 19.66 -75.05
C16 LUT MG . 77.43 15.93 -62.94
C17 LUT MG . 77.86 15.00 -65.21
C18 LUT MG . 79.69 19.45 -63.93
C19 LUT MG . 76.25 19.33 -67.47
C20 LUT MG . 75.80 20.55 -72.48
O3 LUT MG . 81.59 15.28 -62.09
C21 LUT MG . 74.95 21.06 -87.42
C22 LUT MG . 74.28 21.16 -88.78
C23 LUT MG . 72.88 20.58 -88.71
C24 LUT MG . 73.01 19.09 -88.46
C25 LUT MG . 73.79 18.87 -87.19
C26 LUT MG . 74.85 19.65 -86.87
C27 LUT MG . 75.71 19.24 -85.73
C28 LUT MG . 75.58 19.72 -84.48
C29 LUT MG . 76.46 19.28 -83.39
C30 LUT MG . 75.90 19.16 -82.18
C31 LUT MG . 76.64 18.73 -80.99
C32 LUT MG . 76.34 19.33 -79.85
C33 LUT MG . 77.01 18.95 -78.60
C34 LUT MG . 76.50 19.39 -77.45
C35 LUT MG . 77.10 19.02 -76.17
C36 LUT MG . 74.25 22.08 -86.51
C37 LUT MG . 76.41 21.45 -87.53
C38 LUT MG . 73.33 17.75 -86.30
C39 LUT MG . 77.90 19.01 -83.62
C40 LUT MG . 78.24 18.08 -78.62
O23 LUT MG . 72.15 20.82 -89.92
C1 LUT NG . 91.77 18.12 -74.01
C2 LUT NG . 91.92 16.73 -73.40
C3 LUT NG . 90.91 15.70 -73.90
C4 LUT NG . 89.53 16.26 -73.63
C5 LUT NG . 89.40 17.51 -74.44
C6 LUT NG . 90.33 18.45 -74.41
C7 LUT NG . 90.00 19.83 -74.84
C8 LUT NG . 89.36 20.69 -74.05
C9 LUT NG . 89.04 22.05 -74.50
C10 LUT NG . 88.37 22.85 -73.65
C11 LUT NG . 87.99 24.22 -73.94
C12 LUT NG . 87.13 24.78 -73.09
C13 LUT NG . 86.64 26.16 -73.22
C14 LUT NG . 85.94 26.64 -72.19
C15 LUT NG . 85.40 28.00 -72.14
C16 LUT NG . 92.60 18.21 -75.28
C17 LUT NG . 92.28 19.12 -72.99
C18 LUT NG . 88.18 17.65 -75.31
C19 LUT NG . 89.43 22.54 -75.85
C20 LUT NG . 86.90 26.96 -74.45
O3 LUT NG . 91.07 14.49 -73.17
C21 LUT NG . 80.81 38.34 -65.80
C22 LUT NG . 80.50 39.80 -66.12
C23 LUT NG . 79.14 40.00 -66.78
C24 LUT NG . 79.16 39.22 -68.08
C25 LUT NG . 79.38 37.77 -67.76
C26 LUT NG . 80.33 37.39 -66.89
C27 LUT NG . 80.59 35.94 -66.73
C28 LUT NG . 81.54 35.36 -67.46
C29 LUT NG . 81.88 33.93 -67.37
C30 LUT NG . 82.80 33.46 -68.22
C31 LUT NG . 83.26 32.09 -68.25
C32 LUT NG . 83.48 31.54 -69.45
C33 LUT NG . 83.97 30.16 -69.60
C34 LUT NG . 84.45 29.77 -70.78
C35 LUT NG . 84.99 28.43 -70.96
C36 LUT NG . 80.12 37.95 -64.50
C37 LUT NG . 82.31 38.22 -65.61
C38 LUT NG . 78.47 36.77 -68.41
C39 LUT NG . 81.22 33.05 -66.36
C40 LUT NG . 83.95 29.23 -68.42
O23 LUT NG . 78.95 41.38 -67.06
C1 NEX OG . 93.20 21.81 -103.40
C2 NEX OG . 93.65 21.57 -104.84
C3 NEX OG . 92.72 20.81 -105.79
C4 NEX OG . 91.40 20.35 -105.18
C5 NEX OG . 91.63 19.75 -103.80
C6 NEX OG . 92.17 20.82 -102.90
C7 NEX OG . 91.71 20.96 -101.74
C8 NEX OG . 91.15 21.13 -100.46
C9 NEX OG . 91.61 21.87 -99.26
C10 NEX OG . 91.51 21.34 -98.13
C11 NEX OG . 91.16 21.96 -96.85
C12 NEX OG . 91.34 21.41 -95.81
C13 NEX OG . 90.37 20.87 -94.84
C14 NEX OG . 90.61 20.87 -93.61
C15 NEX OG . 89.69 20.63 -92.51
C16 NEX OG . 92.64 23.24 -103.25
C17 NEX OG . 94.40 21.66 -102.49
C18 NEX OG . 90.31 19.21 -103.25
C19 NEX OG . 92.19 23.23 -99.40
C20 NEX OG . 89.08 20.31 -95.35
O3 NEX OG . 92.43 21.64 -106.92
O4 NEX OG . 92.56 18.67 -103.88
C21 NEX OG . 85.95 15.04 -83.08
C22 NEX OG . 85.79 13.79 -82.23
C23 NEX OG . 86.92 12.79 -82.45
C24 NEX OG . 88.19 13.38 -81.87
C25 NEX OG . 88.52 14.71 -82.53
C26 NEX OG . 87.40 15.55 -83.13
C27 NEX OG . 87.65 17.02 -83.30
C28 NEX OG . 87.93 17.55 -84.49
C29 NEX OG . 88.16 18.87 -84.61
C30 NEX OG . 88.43 19.39 -85.72
C31 NEX OG . 88.53 18.82 -87.07
C32 NEX OG . 88.73 19.49 -88.02
C33 NEX OG . 89.09 19.12 -89.41
C34 NEX OG . 89.14 20.00 -90.32
C35 NEX OG . 89.94 19.97 -91.55
C36 NEX OG . 85.04 16.12 -82.53
C37 NEX OG . 85.51 14.71 -84.51
C38 NEX OG . 89.82 15.43 -82.19
C39 NEX OG . 88.09 19.75 -83.40
C40 NEX OG . 89.41 17.70 -89.75
O23 NEX OG . 86.60 11.57 -81.76
O24 NEX OG . 88.24 14.72 -83.94
O1 LHG PG . 60.19 28.86 -69.27
C1 LHG PG . 60.76 29.07 -67.98
C2 LHG PG . 62.14 28.44 -67.91
O2 LHG PG . 62.29 27.77 -66.66
C3 LHG PG . 63.20 29.53 -68.01
O3 LHG PG . 64.40 29.09 -67.38
P LHG PG . 65.70 28.79 -68.28
O4 LHG PG . 65.40 27.59 -69.14
O5 LHG PG . 66.12 30.08 -68.93
O6 LHG PG . 66.83 28.39 -67.21
C4 LHG PG . 67.84 27.47 -67.60
C5 LHG PG . 69.25 27.99 -67.26
C6 LHG PG . 69.91 28.46 -68.54
O7 LHG PG . 69.16 29.05 -66.32
C7 LHG PG . 70.17 29.00 -65.42
O9 LHG PG . 71.26 29.43 -65.72
C8 LHG PG . 69.95 28.39 -64.06
C9 LHG PG . 71.23 28.51 -63.26
C10 LHG PG . 71.14 29.64 -62.25
O8 LHG PG . 71.13 27.74 -68.73
C23 LHG PG . 72.30 28.35 -68.57
O10 LHG PG . 72.33 29.57 -68.54
C24 LHG PG . 73.57 27.55 -68.44
C11 LHG PG . 71.70 29.21 -60.89
C12 LHG PG . 73.10 29.75 -60.67
C13 LHG PG . 73.86 28.91 -59.65
C14 LHG PG . 75.21 28.47 -60.20
C15 LHG PG . 76.32 29.43 -59.78
C16 LHG PG . 77.65 28.69 -59.66
C17 LHG PG . 78.21 28.33 -61.04
C18 LHG PG . 78.88 29.52 -61.70
C25 LHG PG . 74.20 27.82 -67.08
C26 LHG PG . 73.98 26.63 -66.15
C27 LHG PG . 74.44 26.95 -64.73
C28 LHG PG . 74.59 25.68 -63.89
C29 LHG PG . 73.40 24.74 -64.07
C30 LHG PG . 73.65 23.39 -63.41
C31 LHG PG . 72.43 22.92 -62.64
C32 LHG PG . 72.40 21.41 -62.44
C33 LHG PG . 72.87 20.65 -63.67
C34 LHG PG . 72.03 19.39 -63.90
C35 LHG PG . 72.59 18.53 -65.01
C36 LHG PG . 72.13 17.09 -64.89
C37 LHG PG . 73.23 16.11 -65.31
C38 LHG PG . 72.64 14.84 -65.88
O7 LPX QG . 68.25 6.97 -58.91
C6 LPX QG . 69.24 7.69 -58.95
O6 LPX QG . 70.47 7.17 -58.67
C5 LPX QG . 70.44 5.92 -57.98
C4 LPX QG . 71.84 5.27 -58.11
O5 LPX QG . 71.77 4.19 -58.99
C3 LPX QG . 72.33 4.85 -56.71
O1 LPX QG . 72.73 3.53 -56.78
P1 LPX QG . 74.35 3.18 -56.39
O3 LPX QG . 75.19 3.55 -57.54
O2 LPX QG . 74.28 1.51 -56.26
C1 LPX QG . 75.44 0.77 -56.50
C2 LPX QG . 76.41 1.01 -55.33
N1 LPX QG . 75.87 0.37 -54.13
O4 LPX QG . 74.51 3.68 -54.99
C7 LPX QG . 69.19 9.16 -59.31
C8 LPX QG . 70.03 9.40 -60.57
C9 LPX QG . 69.40 10.47 -61.44
C10 LPX QG . 69.92 10.36 -62.87
C11 LPX QG . 69.04 11.16 -63.83
C12 LPX QG . 67.60 10.63 -63.79
C13 LPX QG . 66.79 11.24 -64.93
C14 LPX QG . 65.35 10.77 -64.84
C15 LPX QG . 64.75 10.64 -66.24
C16 LPX QG . 63.29 10.20 -66.15
C17 LPX QG . 62.43 11.31 -65.58
C18 LPX QG . 62.42 12.50 -66.53
C19 LPX QG . 61.34 13.50 -66.10
C20 LPX QG . 61.09 14.50 -67.22
C21 LPX QG . 60.59 13.80 -68.46
O13 3PH RG . 83.28 0.11 -56.61
P 3PH RG . 82.44 1.33 -56.33
O14 3PH RG . 81.30 0.96 -55.40
O12 3PH RG . 83.29 2.39 -55.67
O11 3PH RG . 81.82 1.93 -57.74
C1 3PH RG . 80.99 1.09 -58.50
C2 3PH RG . 80.35 1.91 -59.61
O21 3PH RG . 78.95 1.78 -59.54
C21 3PH RG . 78.27 2.99 -59.41
O22 3PH RG . 78.04 3.44 -58.34
C22 3PH RG . 77.84 3.76 -60.66
C23 3PH RG . 76.64 4.64 -60.33
C24 3PH RG . 76.13 5.31 -61.60
C25 3PH RG . 74.65 4.97 -61.80
C26 3PH RG . 73.79 6.15 -61.35
C27 3PH RG . 72.79 6.49 -62.46
C28 3PH RG . 71.44 5.86 -62.13
C29 3PH RG . 70.34 6.55 -62.91
C2A 3PH RG . 69.57 5.53 -63.77
C2B 3PH RG . 68.63 4.72 -62.89
C2C 3PH RG . 67.36 5.54 -62.62
C2D 3PH RG . 66.33 4.64 -61.94
C2E 3PH RG . 65.02 5.42 -61.79
C2F 3PH RG . 64.37 5.61 -63.16
C2G 3PH RG . 63.31 6.70 -63.06
C2H 3PH RG . 62.27 6.51 -64.15
C2I 3PH RG . 61.09 7.45 -63.90
C3 3PH RG . 80.83 1.40 -60.97
O31 3PH RG . 80.90 0.01 -60.96
C31 3PH RG . 80.23 -0.60 -62.03
O32 3PH RG . 80.84 -1.18 -62.86
C32 3PH RG . 78.70 -0.51 -62.12
C33 3PH RG . 78.27 -0.61 -63.59
C34 3PH RG . 78.49 0.74 -64.26
C35 3PH RG . 77.41 1.71 -63.81
C36 3PH RG . 77.75 3.12 -64.32
C37 3PH RG . 77.55 3.17 -65.83
C38 3PH RG . 76.18 3.78 -66.14
C39 3PH RG . 76.04 5.15 -65.50
C3A 3PH RG . 76.48 6.23 -66.48
C3B 3PH RG . 75.66 7.49 -66.27
C3C 3PH RG . 74.19 7.20 -66.55
C3D 3PH RG . 73.31 8.30 -65.96
C3E 3PH RG . 71.92 8.25 -66.58
C3F 3PH RG . 71.99 8.70 -68.05
C3G 3PH RG . 70.75 9.52 -68.39
C3H 3PH RG . 69.87 8.73 -69.36
C3I 3PH RG . 68.77 8.01 -68.57
MG CHL SG . 45.81 2.56 -79.53
CHA CHL SG . 44.96 -0.50 -80.78
CHB CHL SG . 49.07 1.95 -80.38
CHC CHL SG . 46.59 5.49 -78.38
CHD CHL SG . 42.41 3.04 -78.67
NA CHL SG . 46.80 1.00 -80.42
C1A CHL SG . 46.27 -0.15 -80.94
C2A CHL SG . 47.32 -0.97 -81.66
C3A CHL SG . 48.62 -0.32 -81.26
C4A CHL SG . 48.16 0.97 -80.64
CMA CHL SG . 49.71 -1.15 -80.59
CAA CHL SG . 47.08 -0.93 -83.18
CBA CHL SG . 48.33 -1.12 -84.05
CGA CHL SG . 48.84 -2.52 -84.04
O1A CHL SG . 48.18 -3.50 -83.87
O2A CHL SG . 50.15 -2.54 -84.22
NB CHL SG . 47.58 3.55 -79.41
C1B CHL SG . 48.81 3.17 -79.81
C2B CHL SG . 49.75 4.21 -79.54
C3B CHL SG . 49.04 5.27 -78.96
C4B CHL SG . 47.66 4.83 -78.89
CMB CHL SG . 51.21 4.14 -79.85
CAB CHL SG . 49.50 6.59 -78.50
CBB CHL SG . 50.86 7.26 -78.48
NC CHL SG . 44.65 4.00 -78.67
C1C CHL SG . 45.25 5.15 -78.26
C2C CHL SG . 44.23 6.00 -77.67
C3C CHL SG . 43.03 5.30 -77.76
C4C CHL SG . 43.30 4.05 -78.39
CMC CHL SG . 44.48 7.31 -77.11
OMC CHL SG . 43.66 8.05 -76.59
CAC CHL SG . 41.67 5.75 -77.28
CBC CHL SG . 41.06 6.77 -78.19
ND CHL SG . 44.03 1.58 -79.65
C1D CHL SG . 42.74 1.84 -79.29
C2D CHL SG . 41.90 0.74 -79.62
C3D CHL SG . 42.71 -0.20 -80.20
C4D CHL SG . 44.01 0.32 -80.22
CMD CHL SG . 40.42 0.70 -79.39
CAD CHL SG . 42.77 -1.53 -80.79
OBD CHL SG . 41.87 -2.32 -80.95
CBD CHL SG . 44.22 -1.79 -81.19
CGD CHL SG . 44.74 -3.03 -80.47
O1D CHL SG . 44.51 -3.32 -79.33
O2D CHL SG . 45.50 -3.76 -81.29
CED CHL SG . 46.09 -4.96 -80.72
C1 CHL SG . 50.93 -3.76 -84.24
C2 CHL SG . 51.50 -3.97 -82.88
C3 CHL SG . 52.76 -4.29 -82.71
C4 CHL SG . 53.73 -4.51 -83.84
C5 CHL SG . 53.33 -4.49 -81.31
C6 CHL SG . 54.81 -4.85 -81.28
C7 CHL SG . 55.35 -4.97 -79.86
C8 CHL SG . 56.85 -5.23 -79.77
C9 CHL SG . 57.34 -5.14 -78.33
C10 CHL SG . 57.08 -6.61 -80.38
C11 CHL SG . 57.19 -7.76 -79.38
C12 CHL SG . 57.59 -9.09 -80.02
C13 CHL SG . 57.85 -10.22 -79.02
C14 CHL SG . 58.68 -9.73 -77.84
C15 CHL SG . 58.42 -11.51 -79.60
C16 CHL SG . 57.59 -12.11 -80.73
C17 CHL SG . 58.18 -13.42 -81.26
C18 CHL SG . 57.41 -14.08 -82.38
C19 CHL SG . 58.07 -15.37 -82.83
C20 CHL SG . 55.96 -14.34 -81.99
MG CLA TG . 38.16 -5.56 -85.89
CHA CLA TG . 37.59 -2.43 -87.24
CHB CLA TG . 36.65 -7.05 -88.62
CHC CLA TG . 38.88 -8.49 -84.58
CHD CLA TG . 39.74 -4.00 -83.13
NA CLA TG . 37.23 -4.84 -87.75
C1A CLA TG . 37.08 -3.56 -88.11
C2A CLA TG . 36.39 -3.42 -89.43
C3A CLA TG . 36.07 -4.86 -89.80
C4A CLA TG . 36.68 -5.65 -88.68
CMA CLA TG . 34.65 -5.17 -90.24
CAA CLA TG . 37.34 -2.90 -90.50
CBA CLA TG . 38.77 -3.44 -90.37
CGA CLA TG . 39.06 -4.48 -91.43
O1A CLA TG . 38.54 -4.36 -92.52
O2A CLA TG . 39.87 -5.49 -91.17
NB CLA TG . 37.83 -7.47 -86.51
C1B CLA TG . 37.18 -7.90 -87.63
C2B CLA TG . 37.12 -9.33 -87.66
C3B CLA TG . 37.75 -9.74 -86.51
C4B CLA TG . 38.19 -8.55 -85.79
CMB CLA TG . 36.48 -10.17 -88.72
CAB CLA TG . 37.96 -11.13 -86.03
CBB CLA TG . 38.66 -12.17 -86.86
NC CLA TG . 39.20 -6.15 -84.16
C1C CLA TG . 39.34 -7.40 -83.79
C2C CLA TG . 40.02 -7.54 -82.47
C3C CLA TG . 40.26 -6.26 -82.09
C4C CLA TG . 39.75 -5.40 -83.14
CMC CLA TG . 40.36 -8.80 -81.73
CAC CLA TG . 40.94 -5.84 -80.81
CBC CLA TG . 42.43 -5.71 -81.04
ND CLA TG . 38.61 -3.74 -85.26
C1D CLA TG . 39.21 -3.19 -84.17
C2D CLA TG . 39.21 -1.74 -84.21
C3D CLA TG . 38.57 -1.45 -85.42
C4D CLA TG . 38.23 -2.65 -86.03
CMD CLA TG . 39.72 -0.67 -83.28
CAD CLA TG . 38.14 -0.36 -86.25
OBD CLA TG . 38.53 0.79 -86.17
CBD CLA TG . 37.48 -0.95 -87.47
CGD CLA TG . 36.04 -0.53 -87.50
O1D CLA TG . 35.69 0.45 -88.13
O2D CLA TG . 35.12 -1.22 -86.83
CED CLA TG . 33.87 -1.42 -87.51
C1 CLA TG . 39.40 -6.88 -91.14
C2 CLA TG . 39.85 -7.83 -90.06
C3 CLA TG . 39.99 -9.16 -90.27
C4 CLA TG . 39.69 -9.77 -91.60
C5 CLA TG . 40.43 -10.12 -89.20
C6 CLA TG . 41.52 -11.05 -89.74
C7 CLA TG . 42.03 -12.00 -88.66
C8 CLA TG . 43.55 -12.19 -88.73
C9 CLA TG . 43.91 -13.53 -89.33
C10 CLA TG . 44.13 -12.07 -87.33
C11 CLA TG . 45.65 -12.04 -87.36
C12 CLA TG . 46.16 -10.63 -87.08
C13 CLA TG . 46.27 -10.36 -85.58
C14 CLA TG . 46.61 -8.89 -85.33
C15 CLA TG . 47.33 -11.29 -84.99
C16 CLA TG . 47.70 -10.90 -83.56
C17 CLA TG . 46.62 -11.33 -82.57
C18 CLA TG . 46.13 -10.13 -81.77
C19 CLA TG . 44.87 -10.49 -80.99
C20 CLA TG . 47.22 -9.62 -80.84
MG CLA UG . 37.85 -17.65 -86.89
CHA CLA UG . 36.34 -17.15 -89.98
CHB CLA UG . 40.37 -15.46 -87.71
CHC CLA UG . 39.11 -18.12 -83.87
CHD CLA UG . 35.23 -19.88 -86.07
NA CLA UG . 38.32 -16.41 -88.66
C1A CLA UG . 37.61 -16.35 -89.79
C2A CLA UG . 38.24 -15.41 -90.80
C3A CLA UG . 39.50 -14.93 -90.05
C4A CLA UG . 39.41 -15.62 -88.73
CMA CLA UG . 40.83 -14.90 -90.78
CAA CLA UG . 37.34 -14.19 -91.00
CBA CLA UG . 36.81 -14.09 -92.43
CGA CLA UG . 37.82 -13.42 -93.32
O1A CLA UG . 38.53 -12.54 -92.84
O2A CLA UG . 37.90 -13.76 -94.58
NB CLA UG . 39.48 -16.89 -85.93
C1B CLA UG . 40.42 -16.04 -86.42
C2B CLA UG . 41.45 -15.83 -85.43
C3B CLA UG . 41.09 -16.59 -84.36
C4B CLA UG . 39.83 -17.26 -84.69
CMB CLA UG . 42.67 -14.97 -85.57
CAB CLA UG . 41.83 -16.71 -83.08
CBB CLA UG . 42.39 -18.03 -82.62
NC CLA UG . 37.23 -18.75 -85.21
C1C CLA UG . 37.90 -18.82 -84.08
C2C CLA UG . 37.27 -19.72 -83.09
C3C CLA UG . 36.14 -20.18 -83.73
C4C CLA UG . 36.13 -19.57 -85.05
CMC CLA UG . 37.74 -20.04 -81.70
CAC CLA UG . 35.09 -21.11 -83.19
CBC CLA UG . 34.02 -20.28 -82.54
ND CLA UG . 36.19 -18.38 -87.70
C1D CLA UG . 35.22 -19.25 -87.34
C2D CLA UG . 34.23 -19.47 -88.38
C3D CLA UG . 34.68 -18.63 -89.40
C4D CLA UG . 35.85 -17.99 -88.99
CMD CLA UG . 33.00 -20.32 -88.51
CAD CLA UG . 34.35 -18.20 -90.74
OBD CLA UG . 33.28 -18.37 -91.29
CBD CLA UG . 35.41 -17.24 -91.17
CGD CLA UG . 36.10 -17.80 -92.38
O1D CLA UG . 35.63 -17.65 -93.49
O2D CLA UG . 37.24 -18.48 -92.27
CED CLA UG . 38.22 -18.22 -93.28
C1 CLA UG . 38.74 -14.90 -94.96
C2 CLA UG . 40.03 -15.16 -94.24
C3 CLA UG . 41.00 -15.92 -94.76
C4 CLA UG . 40.85 -16.57 -96.10
C5 CLA UG . 42.30 -16.18 -94.03
C6 CLA UG . 42.34 -17.63 -93.55
C7 CLA UG . 43.76 -18.03 -93.15
C8 CLA UG . 43.78 -18.57 -91.72
C9 CLA UG . 45.22 -18.67 -91.21
C10 CLA UG . 43.08 -19.91 -91.67
C11 CLA UG . 43.88 -21.00 -92.38
C12 CLA UG . 43.08 -22.30 -92.46
C13 CLA UG . 43.19 -23.09 -91.17
C14 CLA UG . 44.41 -24.01 -91.18
C15 CLA UG . 41.91 -23.90 -90.97
C16 CLA UG . 41.94 -24.66 -89.63
C17 CLA UG . 40.54 -24.82 -89.07
C18 CLA UG . 39.91 -26.14 -89.51
C19 CLA UG . 40.71 -27.33 -89.01
C20 CLA UG . 38.46 -26.22 -89.07
MG CLA VG . 30.58 -23.77 -69.72
CHA CLA VG . 31.00 -26.66 -67.86
CHB CLA VG . 31.40 -25.47 -72.61
CHC CLA VG . 30.01 -21.00 -71.42
CHD CLA VG . 29.75 -22.06 -66.75
NA CLA VG . 31.13 -25.85 -70.22
C1A CLA VG . 31.26 -26.85 -69.34
C2A CLA VG . 31.68 -28.13 -70.01
C3A CLA VG . 31.82 -27.72 -71.48
C4A CLA VG . 31.44 -26.27 -71.46
CMA CLA VG . 33.11 -28.11 -72.20
CAA CLA VG . 30.56 -29.17 -69.95
CBA CLA VG . 29.17 -28.55 -70.12
CGA CLA VG . 28.10 -29.51 -69.69
O1A CLA VG . 28.26 -30.16 -68.67
O2A CLA VG . 27.02 -29.64 -70.43
NB CLA VG . 30.67 -23.30 -71.70
C1B CLA VG . 31.06 -24.11 -72.74
C2B CLA VG . 31.04 -23.36 -73.97
C3B CLA VG . 30.66 -22.10 -73.62
C4B CLA VG . 30.44 -22.08 -72.18
CMB CLA VG . 31.41 -23.90 -75.33
CAB CLA VG . 30.48 -20.90 -74.48
CBB CLA VG . 29.61 -20.93 -75.72
NC CLA VG . 29.93 -21.85 -69.17
C1C CLA VG . 29.80 -20.85 -70.03
C2C CLA VG . 29.40 -19.58 -69.36
C3C CLA VG . 29.31 -19.91 -68.04
C4C CLA VG . 29.65 -21.32 -67.93
CMC CLA VG . 29.14 -18.25 -70.02
CAC CLA VG . 28.94 -18.98 -66.91
CBC CLA VG . 27.47 -19.14 -66.59
ND CLA VG . 30.39 -24.15 -67.79
C1D CLA VG . 30.07 -23.43 -66.68
C2D CLA VG . 30.12 -24.25 -65.47
C3D CLA VG . 30.48 -25.50 -65.94
C4D CLA VG . 30.63 -25.42 -67.32
CMD CLA VG . 29.86 -23.99 -64.01
CAD CLA VG . 30.74 -26.85 -65.51
OBD CLA VG . 30.62 -27.29 -64.38
CBD CLA VG . 31.09 -27.66 -66.72
CGD CLA VG . 32.49 -28.17 -66.61
O1D CLA VG . 33.39 -27.46 -66.19
O2D CLA VG . 32.78 -29.42 -66.96
CED CLA VG . 33.35 -30.25 -65.94
C1 CLA VG . 26.05 -28.55 -70.51
C2 CLA VG . 25.47 -27.92 -69.26
C3 CLA VG . 24.26 -27.34 -69.27
C4 CLA VG . 23.41 -27.28 -70.50
C5 CLA VG . 23.67 -26.71 -68.03
C6 CLA VG . 22.69 -27.66 -67.37
C7 CLA VG . 22.25 -27.16 -66.01
C8 CLA VG . 23.16 -27.69 -64.90
C9 CLA VG . 23.21 -29.21 -64.90
C10 CLA VG . 22.78 -27.16 -63.52
C11 CLA VG . 21.30 -26.84 -63.37
C12 CLA VG . 20.53 -27.99 -62.73
C13 CLA VG . 19.03 -27.83 -62.94
C14 CLA VG . 18.32 -27.66 -61.60
C15 CLA VG . 18.49 -29.04 -63.70
C16 CLA VG . 18.85 -28.97 -65.18
C17 CLA VG . 17.72 -28.36 -66.00
C18 CLA VG . 17.10 -29.40 -66.92
C19 CLA VG . 15.66 -29.70 -66.53
C20 CLA VG . 17.19 -28.96 -68.38
MG CHL WG . 22.34 -37.32 -69.20
CHA CHL WG . 20.37 -35.48 -67.15
CHB CHL WG . 22.23 -39.90 -66.91
CHC CHL WG . 24.17 -39.07 -71.21
CHD CHL WG . 22.43 -34.54 -71.42
NA CHL WG . 21.47 -37.62 -67.38
C1A CHL WG . 20.63 -36.76 -66.72
C2A CHL WG . 20.06 -37.39 -65.47
C3A CHL WG . 20.92 -38.59 -65.26
C4A CHL WG . 21.62 -38.74 -66.58
CMA CHL WG . 21.70 -38.74 -63.96
CAA CHL WG . 18.60 -37.77 -65.73
CBA CHL WG . 17.86 -38.26 -64.50
CGA CHL WG . 16.70 -37.39 -64.14
O1A CHL WG . 16.38 -36.39 -64.71
O2A CHL WG . 16.07 -37.86 -63.08
NB CHL WG . 23.07 -39.21 -69.06
C1B CHL WG . 22.90 -40.14 -68.09
C2B CHL WG . 23.53 -41.35 -68.51
C3B CHL WG . 24.07 -41.17 -69.75
C4B CHL WG . 23.78 -39.78 -70.09
CMB CHL WG . 23.57 -42.62 -67.70
CAB CHL WG . 24.70 -42.23 -70.54
CBB CHL WG . 25.22 -42.19 -71.96
NC CHL WG . 23.15 -36.82 -71.02
C1C CHL WG . 23.93 -37.76 -71.62
C2C CHL WG . 24.44 -37.15 -72.84
C3C CHL WG . 23.93 -35.88 -72.91
C4C CHL WG . 23.12 -35.66 -71.76
CMC CHL WG . 25.36 -37.67 -73.84
OMC CHL WG . 25.85 -38.78 -73.82
CAC CHL WG . 24.18 -34.88 -74.01
CBC CHL WG . 23.18 -35.00 -75.12
ND CHL WG . 21.62 -35.41 -69.35
C1D CHL WG . 21.68 -34.40 -70.26
C2D CHL WG . 20.92 -33.28 -69.82
C3D CHL WG . 20.40 -33.65 -68.60
C4D CHL WG . 20.83 -34.95 -68.33
CMD CHL WG . 20.76 -32.00 -70.57
CAD CHL WG . 19.55 -33.24 -67.49
OBD CHL WG . 18.98 -32.17 -67.33
CBD CHL WG . 19.52 -34.38 -66.50
CGD CHL WG . 20.03 -33.93 -65.13
O1D CHL WG . 21.15 -34.09 -64.74
O2D CHL WG . 19.07 -33.34 -64.44
CED CHL WG . 19.42 -32.89 -63.11
MG CHL XG . 28.05 -28.57 -75.67
CHA CHL XG . 24.93 -29.40 -74.54
CHB CHL XG . 26.63 -26.24 -77.70
CHC CHL XG . 31.06 -27.72 -76.65
CHD CHL XG . 29.37 -31.11 -73.59
NA CHL XG . 26.13 -27.95 -76.04
C1A CHL XG . 24.97 -28.37 -75.43
C2A CHL XG . 23.76 -27.57 -75.93
C3A CHL XG . 24.31 -26.80 -77.09
C4A CHL XG . 25.80 -26.99 -76.96
CMA CHL XG . 23.65 -26.91 -78.46
CAA CHL XG . 23.17 -26.65 -74.85
CBA CHL XG . 21.76 -27.00 -74.40
CGA CHL XG . 20.76 -27.06 -75.52
O1A CHL XG . 20.63 -26.21 -76.37
O2A CHL XG . 20.04 -28.16 -75.48
NB CHL XG . 28.74 -27.17 -76.98
C1B CHL XG . 28.01 -26.30 -77.71
C2B CHL XG . 28.90 -25.49 -78.47
C3B CHL XG . 30.18 -25.85 -78.17
C4B CHL XG . 30.08 -26.95 -77.22
CMB CHL XG . 28.48 -24.43 -79.44
CAB CHL XG . 31.35 -25.15 -78.70
CBB CHL XG . 32.80 -25.36 -78.38
NC CHL XG . 29.89 -29.33 -75.18
C1C CHL XG . 31.01 -28.79 -75.74
C2C CHL XG . 32.16 -29.55 -75.23
C3C CHL XG . 31.65 -30.49 -74.39
C4C CHL XG . 30.24 -30.37 -74.33
CMC CHL XG . 33.58 -29.43 -75.48
OMC CHL XG . 34.09 -28.61 -76.22
CAC CHL XG . 32.46 -31.51 -73.64
CBC CHL XG . 32.60 -32.82 -74.38
ND CHL XG . 27.41 -29.98 -74.35
C1D CHL XG . 27.99 -30.93 -73.58
C2D CHL XG . 27.02 -31.64 -72.83
C3D CHL XG . 25.81 -31.09 -73.16
C4D CHL XG . 26.05 -30.07 -74.10
CMD CHL XG . 27.31 -32.76 -71.88
CAD CHL XG . 24.38 -31.12 -72.94
OBD CHL XG . 23.75 -31.82 -72.17
CBD CHL XG . 23.74 -30.06 -73.82
CGD CHL XG . 22.75 -30.70 -74.78
O1D CHL XG . 22.94 -30.88 -75.95
O2D CHL XG . 21.62 -31.04 -74.15
CED CHL XG . 20.60 -31.66 -74.96
C1 CHL XG . 19.04 -28.48 -76.48
C2 CHL XG . 17.72 -28.54 -75.81
C3 CHL XG . 16.83 -27.55 -75.92
C4 CHL XG . 17.07 -26.31 -76.72
C5 CHL XG . 15.49 -27.64 -75.24
C6 CHL XG . 14.38 -28.15 -76.14
C7 CHL XG . 13.03 -28.23 -75.45
C8 CHL XG . 11.89 -28.74 -76.33
C9 CHL XG . 12.16 -30.16 -76.82
C10 CHL XG . 10.63 -28.69 -75.47
C11 CHL XG . 9.43 -28.01 -76.12
C12 CHL XG . 8.21 -27.93 -75.21
C13 CHL XG . 6.98 -27.27 -75.84
C14 CHL XG . 5.90 -27.01 -74.80
C15 CHL XG . 6.42 -27.92 -77.09
C16 CHL XG . 5.57 -29.18 -76.85
C17 CHL XG . 5.01 -29.82 -78.11
C18 CHL XG . 3.54 -29.58 -78.42
C19 CHL XG . 3.23 -28.14 -78.81
C20 CHL XG . 3.03 -30.54 -79.48
MG CHL YG . 37.35 -29.58 -78.11
CHA CHL YG . 39.70 -31.63 -76.68
CHB CHL YG . 39.67 -27.07 -78.29
CHC CHL YG . 35.08 -27.67 -79.48
CHD CHL YG . 35.03 -32.23 -77.85
NA CHL YG . 39.33 -29.41 -77.60
C1A CHL YG . 40.16 -30.36 -77.03
C2A CHL YG . 41.58 -29.81 -76.83
C3A CHL YG . 41.49 -28.38 -77.29
C4A CHL YG . 40.06 -28.26 -77.77
CMA CHL YG . 42.11 -27.25 -76.49
CAA CHL YG . 42.69 -30.59 -77.57
CBA CHL YG . 44.10 -30.30 -77.09
CGA CHL YG . 44.85 -29.30 -77.94
O1A CHL YG . 44.97 -29.37 -79.12
O2A CHL YG . 45.36 -28.34 -77.19
NB CHL YG . 37.40 -27.66 -78.78
C1B CHL YG . 38.42 -26.77 -78.77
C2B CHL YG . 37.98 -25.53 -79.30
C3B CHL YG . 36.64 -25.68 -79.65
C4B CHL YG . 36.30 -27.04 -79.31
CMB CHL YG . 38.85 -24.32 -79.46
CAB CHL YG . 35.68 -24.71 -80.20
CBB CHL YG . 35.83 -23.27 -80.60
NC CHL YG . 35.39 -29.93 -78.59
C1C CHL YG . 34.66 -28.95 -79.18
C2C CHL YG . 33.32 -29.50 -79.43
C3C CHL YG . 33.32 -30.78 -78.98
C4C CHL YG . 34.62 -31.06 -78.44
CMC CHL YG . 32.16 -28.87 -80.02
OMC CHL YG . 32.09 -27.73 -80.45
CAC CHL YG . 32.18 -31.74 -79.06
CBC CHL YG . 31.23 -31.63 -77.90
ND CHL YG . 37.28 -31.50 -77.45
C1D CHL YG . 36.31 -32.45 -77.36
C2D CHL YG . 36.81 -33.61 -76.73
C3D CHL YG . 38.13 -33.34 -76.44
C4D CHL YG . 38.41 -32.05 -76.88
CMD CHL YG . 36.02 -34.85 -76.46
CAD CHL YG . 39.35 -33.86 -75.85
OBD CHL YG . 39.53 -34.95 -75.32
CBD CHL YG . 40.42 -32.80 -76.00
CGD CHL YG . 41.08 -32.48 -74.66
O1D CHL YG . 40.65 -31.69 -73.86
O2D CHL YG . 42.18 -33.20 -74.49
CED CHL YG . 42.89 -32.97 -73.25
C1 CHL YG . 46.17 -27.25 -77.72
C2 CHL YG . 45.27 -26.30 -78.41
C3 CHL YG . 44.76 -25.23 -77.81
C4 CHL YG . 45.04 -24.88 -76.37
C5 CHL YG . 43.85 -24.28 -78.53
C6 CHL YG . 43.56 -24.72 -79.97
C7 CHL YG . 42.43 -23.94 -80.62
C8 CHL YG . 42.75 -22.48 -80.94
C9 CHL YG . 44.06 -22.36 -81.71
C10 CHL YG . 41.54 -21.99 -81.75
C11 CHL YG . 41.75 -21.88 -83.26
C12 CHL YG . 40.50 -21.57 -84.05
C13 CHL YG . 39.56 -22.75 -84.30
C14 CHL YG . 40.35 -24.00 -84.71
C15 CHL YG . 38.42 -22.46 -85.28
C16 CHL YG . 37.55 -23.66 -85.65
C17 CHL YG . 36.66 -24.15 -84.53
C18 CHL YG . 35.56 -25.11 -84.94
C19 CHL YG . 36.11 -26.34 -85.65
C20 CHL YG . 34.70 -25.51 -83.76
MG CLA ZG . 19.48 -16.80 -83.42
CHA CLA ZG . 22.40 -16.01 -81.76
CHB CLA ZG . 18.96 -19.48 -81.32
CHC CLA ZG . 16.63 -17.40 -85.01
CHD CLA ZG . 20.01 -14.03 -85.55
NA CLA ZG . 20.55 -17.68 -81.70
C1A CLA ZG . 21.70 -17.22 -81.19
C2A CLA ZG . 22.17 -18.08 -80.04
C3A CLA ZG . 21.08 -19.15 -79.94
C4A CLA ZG . 20.13 -18.78 -81.03
CMA CLA ZG . 21.50 -20.61 -79.78
CAA CLA ZG . 22.18 -17.32 -78.72
CBA CLA ZG . 20.99 -16.37 -78.58
CGA CLA ZG . 20.94 -15.86 -77.16
O1A CLA ZG . 21.54 -16.50 -76.30
O2A CLA ZG . 20.26 -14.77 -76.89
NB CLA ZG . 18.02 -18.21 -83.19
C1B CLA ZG . 17.98 -19.24 -82.31
C2B CLA ZG . 16.79 -20.02 -82.51
C3B CLA ZG . 16.15 -19.43 -83.56
C4B CLA ZG . 16.94 -18.28 -83.98
CMB CLA ZG . 16.37 -21.24 -81.74
CAB CLA ZG . 14.87 -19.82 -84.19
CBB CLA ZG . 13.59 -19.83 -83.38
NC CLA ZG . 18.46 -15.83 -84.99
C1C CLA ZG . 17.33 -16.27 -85.52
C2C CLA ZG . 16.90 -15.46 -86.69
C3C CLA ZG . 17.86 -14.50 -86.81
C4C CLA ZG . 18.83 -14.75 -85.75
CMC CLA ZG . 15.67 -15.66 -87.54
CAC CLA ZG . 17.90 -13.41 -87.85
CBC CLA ZG . 17.32 -12.13 -87.28
ND CLA ZG . 20.79 -15.35 -83.67
C1D CLA ZG . 20.95 -14.29 -84.53
C2D CLA ZG . 22.16 -13.54 -84.26
C3D CLA ZG . 22.71 -14.22 -83.18
C4D CLA ZG . 21.89 -15.29 -82.84
CMD CLA ZG . 22.81 -12.33 -84.86
CAD CLA ZG . 23.85 -14.20 -82.28
OBD CLA ZG . 24.75 -13.39 -82.27
CBD CLA ZG . 23.70 -15.36 -81.33
CGD CLA ZG . 24.86 -16.29 -81.53
O1D CLA ZG . 25.17 -16.67 -82.65
O2D CLA ZG . 25.55 -16.73 -80.49
CED CLA ZG . 26.89 -16.23 -80.39
C1 CLA ZG . 20.14 -14.24 -75.53
C2 CLA ZG . 19.62 -15.06 -74.37
C3 CLA ZG . 18.83 -14.53 -73.43
C4 CLA ZG . 18.31 -15.36 -72.29
C5 CLA ZG . 18.38 -13.10 -73.46
MG CHL AH . 28.74 -21.46 -87.37
CHA CHL AH . 29.63 -18.54 -88.86
CHB CHL AH . 26.89 -22.27 -90.17
CHC CHL AH . 28.01 -24.28 -85.99
CHD CHL AH . 30.67 -20.50 -84.54
NA CHL AH . 28.31 -20.56 -89.15
C1A CHL AH . 28.84 -19.36 -89.63
C2A CHL AH . 28.41 -19.09 -91.06
C3A CHL AH . 27.34 -20.13 -91.32
C4A CHL AH . 27.49 -21.06 -90.14
CMA CHL AH . 25.96 -19.68 -91.78
CAA CHL AH . 29.57 -19.21 -92.06
CBA CHL AH . 30.25 -20.57 -92.12
CGA CHL AH . 31.60 -20.54 -92.77
O1A CHL AH . 31.96 -19.72 -93.57
O2A CHL AH . 32.37 -21.53 -92.36
NB CHL AH . 27.60 -23.03 -88.02
C1B CHL AH . 26.94 -23.22 -89.17
C2B CHL AH . 26.35 -24.51 -89.17
C3B CHL AH . 26.66 -25.13 -87.99
C4B CHL AH . 27.47 -24.17 -87.24
CMB CHL AH . 25.51 -25.07 -90.27
CAB CHL AH . 26.29 -26.50 -87.64
CBB CHL AH . 26.61 -27.32 -86.41
NC CHL AH . 29.25 -22.22 -85.54
C1C CHL AH . 28.78 -23.44 -85.20
C2C CHL AH . 29.26 -23.76 -83.86
C3C CHL AH . 30.03 -22.69 -83.46
C4C CHL AH . 30.02 -21.71 -84.51
CMC CHL AH . 29.03 -24.93 -83.04
OMC CHL AH . 28.36 -25.89 -83.35
CAC CHL AH . 30.75 -22.57 -82.15
CBC CHL AH . 32.04 -23.35 -82.12
ND CHL AH . 29.88 -19.90 -86.72
C1D CHL AH . 30.60 -19.61 -85.60
C2D CHL AH . 31.24 -18.34 -85.75
C3D CHL AH . 30.87 -17.88 -86.99
C4D CHL AH . 30.04 -18.84 -87.58
CMD CHL AH . 32.12 -17.70 -84.73
CAD CHL AH . 31.02 -16.80 -87.96
OBD CHL AH . 31.63 -15.75 -87.82
CBD CHL AH . 30.25 -17.17 -89.19
CGD CHL AH . 29.27 -16.06 -89.54
O1D CHL AH . 28.44 -15.62 -88.79
O2D CHL AH . 29.44 -15.64 -90.79
CED CHL AH . 28.58 -14.56 -91.22
C1 CHL AH . 33.74 -21.74 -92.80
C2 CHL AH . 34.63 -21.54 -91.63
C3 CHL AH . 35.08 -22.55 -90.91
C4 CHL AH . 34.75 -23.99 -91.19
C5 CHL AH . 35.95 -22.31 -89.71
C6 CHL AH . 37.35 -21.85 -90.07
C7 CHL AH . 38.17 -21.42 -88.85
C8 CHL AH . 39.59 -20.96 -89.16
C9 CHL AH . 39.60 -19.88 -90.24
C10 CHL AH . 40.13 -20.42 -87.84
C11 CHL AH . 41.52 -19.81 -87.91
C12 CHL AH . 41.98 -19.26 -86.56
C13 CHL AH . 43.37 -18.63 -86.56
C14 CHL AH . 43.67 -17.86 -87.85
C15 CHL AH . 44.53 -19.54 -86.17
C16 CHL AH . 45.30 -19.10 -84.93
C17 CHL AH . 46.33 -20.12 -84.47
C18 CHL AH . 47.16 -19.74 -83.25
C19 CHL AH . 46.27 -19.40 -82.06
C20 CHL AH . 48.14 -20.84 -82.89
MG CLA BH . 24.28 -8.94 -76.88
CHA CLA BH . 21.46 -7.81 -78.51
CHB CLA BH . 24.89 -5.77 -75.65
CHC CLA BH . 26.85 -10.17 -75.21
CHD CLA BH . 23.68 -12.17 -78.20
NA CLA BH . 23.28 -6.98 -77.04
C1A CLA BH . 22.19 -6.72 -77.76
C2A CLA BH . 21.83 -5.25 -77.71
C3A CLA BH . 22.94 -4.66 -76.85
C4A CLA BH . 23.75 -5.85 -76.48
CMA CLA BH . 23.66 -3.44 -77.42
CAA CLA BH . 20.51 -5.02 -76.98
CBA CLA BH . 20.28 -5.96 -75.82
CGA CLA BH . 20.53 -5.24 -74.51
O1A CLA BH . 20.72 -4.04 -74.53
O2A CLA BH . 20.52 -5.91 -73.37
NB CLA BH . 25.65 -8.10 -75.62
C1B CLA BH . 25.77 -6.80 -75.24
C2B CLA BH . 26.90 -6.63 -74.37
C3B CLA BH . 27.46 -7.87 -74.26
C4B CLA BH . 26.64 -8.80 -75.06
CMB CLA BH . 27.36 -5.34 -73.74
CAB CLA BH . 28.64 -8.28 -73.48
CBB CLA BH . 28.74 -8.05 -71.99
NC CLA BH . 25.10 -10.87 -76.69
C1C CLA BH . 26.17 -11.14 -75.96
C2C CLA BH . 26.55 -12.57 -76.05
C3C CLA BH . 25.62 -13.13 -76.87
C4C CLA BH . 24.72 -12.05 -77.28
CMC CLA BH . 27.69 -13.26 -75.36
CAC CLA BH . 25.55 -14.57 -77.30
CBC CLA BH . 24.62 -15.31 -76.37
ND CLA BH . 22.96 -9.86 -78.02
C1D CLA BH . 22.79 -11.11 -78.52
C2D CLA BH . 21.64 -11.21 -79.41
C3D CLA BH . 21.13 -9.91 -79.39
C4D CLA BH . 21.92 -9.12 -78.57
CMD CLA BH . 21.02 -12.32 -80.21
CAD CLA BH . 20.06 -9.10 -79.94
OBD CLA BH . 19.09 -9.52 -80.52
CBD CLA BH . 20.15 -7.76 -79.28
CGD CLA BH . 20.21 -6.70 -80.34
O1D CLA BH . 20.99 -6.81 -81.26
O2D CLA BH . 19.43 -5.63 -80.26
CED CLA BH . 18.56 -5.41 -81.37
C1 CLA BH . 21.44 -5.54 -72.29
C2 CLA BH . 22.88 -5.99 -72.26
C3 CLA BH . 23.57 -6.00 -71.11
C4 CLA BH . 22.96 -5.57 -69.82
C5 CLA BH . 25.01 -6.46 -71.03
C6 CLA BH . 25.05 -7.98 -70.98
C7 CLA BH . 25.80 -8.48 -69.75
C8 CLA BH . 24.93 -9.42 -68.93
C9 CLA BH . 24.07 -8.64 -67.94
C10 CLA BH . 25.81 -10.43 -68.20
C11 CLA BH . 25.06 -11.75 -68.02
C12 CLA BH . 26.01 -12.94 -68.15
C13 CLA BH . 25.54 -14.07 -67.24
C14 CLA BH . 26.74 -14.80 -66.62
C15 CLA BH . 24.65 -15.03 -68.02
C16 CLA BH . 25.44 -15.82 -69.07
C17 CLA BH . 24.78 -15.70 -70.44
C18 CLA BH . 23.98 -16.94 -70.79
C19 CLA BH . 22.50 -16.76 -70.50
C20 CLA BH . 24.18 -17.30 -72.26
MG CLA CH . 37.87 2.24 -71.44
CHA CLA CH . 34.48 2.10 -72.11
CHB CLA CH . 37.63 5.60 -70.69
CHC CLA CH . 41.09 2.22 -70.73
CHD CLA CH . 38.09 -1.22 -72.16
NA CLA CH . 36.23 3.72 -71.38
C1A CLA CH . 34.94 3.48 -71.70
C2A CLA CH . 34.10 4.72 -71.56
C3A CLA CH . 35.13 5.79 -71.15
C4A CLA CH . 36.41 5.01 -71.05
CMA CLA CH . 35.13 7.13 -71.86
CAA CLA CH . 33.08 4.59 -70.44
CBA CLA CH . 33.64 3.78 -69.27
CGA CLA CH . 32.62 3.62 -68.16
O1A CLA CH . 31.43 3.55 -68.43
O2A CLA CH . 33.07 3.54 -66.93
NB CLA CH . 39.15 3.68 -70.80
C1B CLA CH . 38.90 5.01 -70.57
C2B CLA CH . 40.12 5.67 -70.17
C3B CLA CH . 41.08 4.71 -70.20
C4B CLA CH . 40.46 3.46 -70.59
CMB CLA CH . 40.28 7.14 -69.83
CAB CLA CH . 42.52 4.82 -69.89
CBB CLA CH . 43.00 5.27 -68.53
NC CLA CH . 39.33 0.73 -71.39
C1C CLA CH . 40.61 0.96 -71.12
C2C CLA CH . 41.45 -0.24 -71.28
C3C CLA CH . 40.59 -1.23 -71.67
C4C CLA CH . 39.27 -0.60 -71.74
CMC CLA CH . 42.94 -0.34 -71.07
CAC CLA CH . 40.93 -2.67 -71.97
CBC CLA CH . 40.61 -3.52 -70.76
ND CLA CH . 36.69 0.76 -71.97
C1D CLA CH . 36.84 -0.57 -72.27
C2D CLA CH . 35.60 -1.18 -72.68
C3D CLA CH . 34.68 -0.14 -72.62
C4D CLA CH . 35.35 1.01 -72.20
CMD CLA CH . 35.24 -2.58 -73.11
CAD CLA CH . 33.28 0.18 -72.85
OBD CLA CH . 32.40 -0.64 -73.00
CBD CLA CH . 33.07 1.61 -72.47
CGD CLA CH . 32.53 2.41 -73.61
O1D CLA CH . 32.91 2.20 -74.76
O2D CLA CH . 31.62 3.34 -73.39
CED CLA CH . 30.63 3.52 -74.40
C1 CLA CH . 33.82 2.36 -66.51
C2 CLA CH . 33.12 1.11 -66.03
C3 CLA CH . 33.76 0.19 -65.29
C4 CLA CH . 35.20 0.34 -64.92
C5 CLA CH . 33.06 -1.04 -64.79
C6 CLA CH . 33.61 -2.29 -65.49
C7 CLA CH . 33.61 -3.47 -64.53
C8 CLA CH . 32.81 -4.65 -65.06
C9 CLA CH . 31.38 -4.26 -65.38
C10 CLA CH . 32.84 -5.77 -64.03
C11 CLA CH . 33.57 -7.00 -64.55
C12 CLA CH . 35.07 -6.87 -64.32
C13 CLA CH . 35.57 -7.91 -63.32
C14 CLA CH . 37.05 -7.73 -63.05
C15 CLA CH . 35.27 -9.31 -63.83
C16 CLA CH . 34.80 -10.23 -62.71
C17 CLA CH . 34.54 -11.64 -63.24
C18 CLA CH . 34.04 -12.55 -62.13
C19 CLA CH . 33.14 -13.64 -62.69
C20 CLA CH . 35.21 -13.15 -61.37
MG CLA DH . 32.52 -5.56 -68.47
CHA CLA DH . 30.84 -2.60 -69.15
CHB CLA DH . 29.54 -7.28 -68.34
CHC CLA DH . 34.24 -8.33 -67.94
CHD CLA DH . 35.57 -3.78 -68.62
NA CLA DH . 30.40 -5.02 -68.73
C1A CLA DH . 29.92 -3.79 -68.99
C2A CLA DH . 28.40 -3.79 -69.05
C3A CLA DH . 28.05 -5.26 -68.79
C4A CLA DH . 29.39 -5.90 -68.61
CMA CLA DH . 26.96 -5.62 -67.79
CAA CLA DH . 27.86 -3.36 -70.41
CBA CLA DH . 26.37 -3.04 -70.35
CGA CLA DH . 26.10 -1.82 -69.50
O1A CLA DH . 26.92 -0.92 -69.48
O2A CLA DH . 24.98 -1.72 -68.82
NB CLA DH . 31.97 -7.50 -68.20
C1B CLA DH . 30.71 -8.02 -68.15
C2B CLA DH . 30.78 -9.43 -67.86
C3B CLA DH . 32.12 -9.72 -67.75
C4B CLA DH . 32.85 -8.48 -67.96
CMB CLA DH . 29.61 -10.36 -67.71
CAB CLA DH . 32.76 -11.02 -67.45
CBB CLA DH . 32.45 -11.78 -66.19
NC CLA DH . 34.58 -6.00 -68.41
C1C CLA DH . 35.06 -7.18 -68.08
C2C CLA DH . 36.54 -7.18 -67.89
C3C CLA DH . 36.89 -5.89 -68.13
C4C CLA DH . 35.67 -5.16 -68.45
CMC CLA DH . 37.40 -8.34 -67.52
CAC CLA DH . 38.28 -5.30 -68.07
CBC CLA DH . 38.57 -4.84 -66.67
ND CLA DH . 33.15 -3.72 -68.82
C1D CLA DH . 34.36 -3.08 -68.83
C2D CLA DH . 34.23 -1.66 -69.05
C3D CLA DH . 32.86 -1.48 -69.18
C4D CLA DH . 32.23 -2.71 -69.05
CMD CLA DH . 35.21 -0.53 -69.14
CAD CLA DH . 31.86 -0.47 -69.41
OBD CLA DH . 32.03 0.73 -69.34
CBD CLA DH . 30.51 -1.13 -69.38
CGD CLA DH . 29.77 -0.56 -68.21
O1D CLA DH . 29.20 0.51 -68.32
O2D CLA DH . 29.74 -1.20 -67.04
CED CLA DH . 28.49 -1.20 -66.37
C1 CLA DH . 24.93 -2.01 -67.39
C2 CLA DH . 24.43 -3.33 -66.86
C3 CLA DH . 24.41 -3.60 -65.54
C4 CLA DH . 24.89 -2.61 -64.53
C5 CLA DH . 23.91 -4.92 -65.00
C6 CLA DH . 24.97 -5.50 -64.06
C7 CLA DH . 24.46 -6.75 -63.36
C8 CLA DH . 24.57 -7.97 -64.27
C9 CLA DH . 24.06 -9.22 -63.57
C10 CLA DH . 26.02 -8.14 -64.73
C11 CLA DH . 26.92 -8.62 -63.60
C12 CLA DH . 27.91 -9.66 -64.11
C13 CLA DH . 29.27 -9.48 -63.48
C14 CLA DH . 30.01 -8.28 -64.08
C15 CLA DH . 30.09 -10.76 -63.64
C16 CLA DH . 29.45 -11.92 -62.88
C17 CLA DH . 29.29 -13.13 -63.77
C18 CLA DH . 28.76 -14.32 -62.97
C19 CLA DH . 27.29 -14.15 -62.64
C20 CLA DH . 29.00 -15.63 -63.71
MG CLA EH . 48.87 -12.69 -71.75
CHA CLA EH . 51.21 -14.31 -69.79
CHB CLA EH . 47.57 -11.10 -68.97
CHC CLA EH . 46.74 -11.10 -73.73
CHD CLA EH . 50.22 -14.30 -74.60
NA CLA EH . 49.33 -12.68 -69.59
C1A CLA EH . 50.30 -13.40 -69.00
C2A CLA EH . 50.33 -13.17 -67.52
C3A CLA EH . 49.18 -12.18 -67.29
C4A CLA EH . 48.64 -11.97 -68.68
CMA CLA EH . 48.23 -12.39 -66.13
CAA CLA EH . 51.63 -12.45 -67.12
CBA CLA EH . 51.87 -11.17 -67.92
CGA CLA EH . 52.96 -11.36 -68.93
O1A CLA EH . 54.13 -11.23 -68.58
O2A CLA EH . 52.66 -11.68 -70.17
NB CLA EH . 47.39 -11.32 -71.40
C1B CLA EH . 46.98 -10.80 -70.21
C2B CLA EH . 45.87 -9.89 -70.41
C3B CLA EH . 45.65 -9.91 -71.77
C4B CLA EH . 46.62 -10.81 -72.37
CMB CLA EH . 45.17 -9.13 -69.32
CAB CLA EH . 44.65 -9.17 -72.58
CBB CLA EH . 43.21 -8.97 -72.16
NC CLA EH . 48.56 -12.66 -73.83
C1C CLA EH . 47.62 -11.97 -74.44
C2C CLA EH . 47.58 -12.18 -75.90
C3C CLA EH . 48.59 -13.07 -76.13
C4C CLA EH . 49.20 -13.37 -74.83
CMC CLA EH . 46.65 -11.56 -76.89
CAC CLA EH . 49.00 -13.64 -77.47
CBC CLA EH . 50.14 -12.81 -78.03
ND CLA EH . 50.31 -13.95 -72.19
C1D CLA EH . 50.79 -14.55 -73.33
C2D CLA EH . 51.88 -15.47 -73.05
C3D CLA EH . 52.04 -15.36 -71.67
C4D CLA EH . 51.10 -14.46 -71.18
CMD CLA EH . 52.75 -16.36 -73.90
CAD CLA EH . 52.84 -15.86 -70.58
OBD CLA EH . 53.63 -16.78 -70.63
CBD CLA EH . 52.36 -15.18 -69.32
CGD CLA EH . 51.91 -16.20 -68.33
O1D CLA EH . 51.37 -17.23 -68.69
O2D CLA EH . 52.08 -15.99 -67.03
CED CLA EH . 52.97 -16.89 -66.35
C1 CLA EH . 52.88 -10.77 -71.30
C2 CLA EH . 51.73 -10.22 -72.11
C3 CLA EH . 51.68 -10.47 -73.43
C4 CLA EH . 52.71 -11.29 -74.13
C5 CLA EH . 50.56 -9.96 -74.31
C6 CLA EH . 51.02 -8.69 -75.03
C7 CLA EH . 49.97 -7.59 -74.94
C8 CLA EH . 49.46 -7.41 -73.52
C9 CLA EH . 47.97 -7.11 -73.52
C10 CLA EH . 50.26 -6.33 -72.81
C11 CLA EH . 49.87 -4.91 -73.24
C12 CLA EH . 49.51 -4.05 -72.04
C13 CLA EH . 50.55 -4.14 -70.94
C14 CLA EH . 49.89 -4.12 -69.56
C15 CLA EH . 51.56 -3.01 -71.09
C16 CLA EH . 52.88 -3.34 -70.40
C17 CLA EH . 53.93 -3.75 -71.42
C18 CLA EH . 55.16 -2.86 -71.31
C19 CLA EH . 56.37 -3.65 -70.83
C20 CLA EH . 55.46 -2.17 -72.64
MG CLA FH . 51.73 -7.15 -64.42
CHA CLA FH . 53.66 -6.86 -67.27
CHB CLA FH . 54.38 -6.09 -62.47
CHC CLA FH . 49.78 -7.38 -61.77
CHD CLA FH . 49.03 -8.21 -66.43
NA CLA FH . 53.81 -6.52 -64.81
C1A CLA FH . 54.41 -6.47 -66.00
C2A CLA FH . 55.84 -6.02 -65.91
C3A CLA FH . 56.03 -5.81 -64.41
C4A CLA FH . 54.68 -6.15 -63.84
CMA CLA FH . 57.29 -6.34 -63.72
CAA CLA FH . 56.04 -4.67 -66.58
CBA CLA FH . 54.89 -3.70 -66.34
CGA CLA FH . 55.26 -2.35 -66.88
O1A CLA FH . 56.13 -1.70 -66.34
O2A CLA FH . 54.60 -1.89 -67.94
NB CLA FH . 52.03 -6.79 -62.43
C1B CLA FH . 53.17 -6.38 -61.81
C2B CLA FH . 52.94 -6.28 -60.39
C3B CLA FH . 51.65 -6.65 -60.20
C4B CLA FH . 51.08 -6.97 -61.51
CMB CLA FH . 53.95 -5.86 -59.34
CAB CLA FH . 50.92 -6.72 -58.91
CBB CLA FH . 49.74 -5.83 -58.63
NC CLA FH . 49.71 -7.64 -64.15
C1C CLA FH . 49.12 -7.73 -62.97
C2C CLA FH . 47.72 -8.21 -63.06
C3C CLA FH . 47.52 -8.41 -64.39
C4C CLA FH . 48.76 -8.05 -65.07
CMC CLA FH . 46.76 -8.43 -61.92
CAC CLA FH . 46.25 -8.91 -65.03
CBC CLA FH . 45.46 -7.74 -65.57
ND CLA FH . 51.34 -7.48 -66.33
C1D CLA FH . 50.26 -7.89 -67.05
C2D CLA FH . 50.55 -7.96 -68.48
C3D CLA FH . 51.88 -7.55 -68.55
C4D CLA FH . 52.33 -7.27 -67.26
CMD CLA FH . 49.76 -8.34 -69.70
CAD CLA FH . 52.96 -7.32 -69.48
OBD CLA FH . 52.88 -7.40 -70.70
CBD CLA FH . 54.15 -6.89 -68.70
CGD CLA FH . 55.26 -7.91 -68.83
O1D CLA FH . 55.42 -8.75 -67.97
O2D CLA FH . 56.05 -7.91 -69.90
CED CLA FH . 56.18 -9.16 -70.57
C1 CLA FH . 54.01 -0.55 -67.90
C2 CLA FH . 53.33 -0.03 -66.65
C3 CLA FH . 52.21 0.69 -66.73
C4 CLA FH . 51.57 1.01 -68.04
C5 CLA FH . 51.51 1.21 -65.50
C6 CLA FH . 50.04 0.79 -65.51
C7 CLA FH . 49.83 -0.43 -64.62
C8 CLA FH . 48.48 -0.35 -63.89
C9 CLA FH . 47.34 -0.21 -64.88
C10 CLA FH . 48.51 0.81 -62.90
C11 CLA FH . 48.02 0.37 -61.54
C12 CLA FH . 46.86 1.25 -61.05
C13 CLA FH . 45.67 0.40 -60.62
C14 CLA FH . 45.06 -0.32 -61.81
C15 CLA FH . 44.64 1.28 -59.93
C16 CLA FH . 43.45 0.46 -59.44
C17 CLA FH . 42.69 1.19 -58.34
C18 CLA FH . 41.75 0.23 -57.62
C19 CLA FH . 41.06 0.94 -56.45
C20 CLA FH . 40.73 -0.37 -58.58
C1 LUT GH . 43.64 -12.89 -66.92
C2 LUT GH . 44.34 -14.21 -66.62
C3 LUT GH . 45.47 -14.48 -67.60
C4 LUT GH . 44.87 -14.59 -69.00
C5 LUT GH . 44.03 -13.38 -69.32
C6 LUT GH . 43.30 -12.76 -68.39
C7 LUT GH . 42.17 -11.89 -68.78
C8 LUT GH . 41.00 -12.36 -69.20
C9 LUT GH . 39.90 -11.45 -69.56
C10 LUT GH . 38.74 -12.00 -69.93
C11 LUT GH . 37.56 -11.21 -70.30
C12 LUT GH . 36.42 -11.89 -70.32
C13 LUT GH . 35.11 -11.30 -70.65
C14 LUT GH . 34.03 -12.06 -70.46
C15 LUT GH . 32.69 -11.55 -70.72
C16 LUT GH . 44.56 -11.74 -66.55
C17 LUT GH . 42.39 -12.82 -66.05
C18 LUT GH . 44.06 -12.89 -70.74
C19 LUT GH . 40.07 -9.97 -69.49
C20 LUT GH . 35.01 -9.90 -71.17
O3 LUT GH . 46.08 -15.72 -67.26
C21 LUT GH . 20.47 -9.70 -71.58
C22 LUT GH . 19.28 -8.80 -71.84
C23 LUT GH . 18.46 -9.28 -73.03
C24 LUT GH . 19.35 -9.12 -74.25
C25 LUT GH . 20.57 -9.96 -74.08
C26 LUT GH . 21.15 -10.16 -72.87
C27 LUT GH . 22.22 -11.19 -72.78
C28 LUT GH . 23.50 -10.83 -72.64
C29 LUT GH . 24.59 -11.81 -72.54
C30 LUT GH . 25.69 -11.44 -71.88
C31 LUT GH . 26.84 -12.30 -71.70
C32 LUT GH . 28.01 -11.68 -71.54
C33 LUT GH . 29.26 -12.43 -71.33
C34 LUT GH . 30.32 -11.74 -70.88
C35 LUT GH . 31.63 -12.33 -70.62
C36 LUT GH . 20.01 -10.95 -70.85
C37 LUT GH . 21.42 -8.92 -70.68
C38 LUT GH . 21.16 -10.62 -75.30
C39 LUT GH . 24.45 -13.18 -73.13
C40 LUT GH . 29.34 -13.90 -71.59
O23 LUT GH . 17.29 -8.47 -73.18
C1 LUT HH . 35.96 -24.75 -74.97
C2 LUT HH . 36.60 -25.44 -73.78
C3 LUT HH . 35.79 -25.23 -72.51
C4 LUT HH . 35.77 -23.75 -72.22
C5 LUT HH . 35.12 -23.05 -73.38
C6 LUT HH . 35.42 -23.37 -74.65
C7 LUT HH . 35.18 -22.44 -75.77
C8 LUT HH . 35.89 -21.34 -76.01
C9 LUT HH . 35.58 -20.48 -77.17
C10 LUT HH . 36.35 -19.42 -77.43
C11 LUT HH . 36.13 -18.55 -78.58
C12 LUT HH . 37.14 -17.75 -78.91
C13 LUT HH . 37.12 -16.82 -80.06
C14 LUT HH . 38.25 -16.15 -80.31
C15 LUT HH . 38.40 -15.23 -81.44
C16 LUT HH . 34.79 -25.57 -75.46
C17 LUT HH . 37.01 -24.65 -76.07
C18 LUT HH . 34.11 -21.97 -73.08
C19 LUT HH . 34.41 -20.80 -78.06
C20 LUT HH . 35.91 -16.67 -80.91
O3 LUT HH . 36.45 -25.91 -71.42
C21 LUT HH . 44.14 -6.89 -89.21
C22 LUT HH . 44.49 -5.76 -90.17
C23 LUT HH . 44.10 -4.38 -89.66
C24 LUT HH . 42.60 -4.38 -89.49
C25 LUT HH . 42.25 -5.44 -88.47
C26 LUT HH . 42.99 -6.55 -88.28
C27 LUT HH . 42.94 -7.20 -86.94
C28 LUT HH . 42.45 -8.42 -86.79
C29 LUT HH . 42.40 -9.08 -85.47
C30 LUT HH . 41.85 -10.30 -85.38
C31 LUT HH . 41.77 -11.06 -84.13
C32 LUT HH . 40.85 -12.00 -84.03
C33 LUT HH . 40.70 -12.82 -82.81
C34 LUT HH . 39.84 -13.86 -82.83
C35 LUT HH . 39.60 -14.75 -81.69
C36 LUT HH . 45.38 -7.18 -88.38
C37 LUT HH . 43.78 -8.11 -90.04
C38 LUT HH . 41.02 -5.22 -87.65
C39 LUT HH . 43.01 -8.41 -84.27
C40 LUT HH . 41.49 -12.48 -81.58
O23 LUT HH . 44.46 -3.39 -90.62
C1 XAT IH . 41.73 -33.42 -83.32
C2 XAT IH . 42.97 -32.89 -82.62
C3 XAT IH . 42.78 -31.47 -82.10
C4 XAT IH . 41.76 -31.51 -80.97
C5 XAT IH . 40.42 -32.07 -81.45
C6 XAT IH . 40.41 -33.02 -82.59
C7 XAT IH . 39.14 -33.80 -82.89
C8 XAT IH . 38.24 -33.28 -83.72
C9 XAT IH . 37.00 -34.00 -84.02
C10 XAT IH . 36.06 -33.42 -84.77
C11 XAT IH . 34.77 -33.96 -85.17
C12 XAT IH . 33.91 -33.17 -85.82
C13 XAT IH . 32.71 -33.54 -86.54
C14 XAT IH . 31.87 -32.59 -86.98
C15 XAT IH . 30.79 -32.94 -87.85
C16 XAT IH . 41.82 -34.94 -83.39
C17 XAT IH . 41.69 -32.87 -84.74
C18 XAT IH . 39.22 -31.99 -80.53
C19 XAT IH . 36.77 -35.38 -83.49
C20 XAT IH . 32.41 -34.99 -86.81
O3 XAT IH . 44.02 -30.96 -81.61
O4 XAT IH . 40.14 -31.60 -82.81
C21 XAT IH . 22.57 -33.49 -97.47
C22 XAT IH . 21.61 -33.58 -98.66
C23 XAT IH . 20.22 -33.97 -98.16
C24 XAT IH . 19.65 -32.86 -97.26
C25 XAT IH . 20.57 -32.53 -96.09
C26 XAT IH . 22.03 -32.77 -96.21
C27 XAT IH . 22.95 -31.95 -95.32
C28 XAT IH . 23.69 -32.50 -94.39
C29 XAT IH . 24.34 -31.81 -93.26
C30 XAT IH . 25.47 -32.29 -92.72
C31 XAT IH . 26.11 -31.60 -91.60
C32 XAT IH . 27.23 -32.09 -91.08
C33 XAT IH . 28.17 -31.53 -90.08
C34 XAT IH . 29.03 -32.34 -89.46
C35 XAT IH . 30.01 -32.02 -88.44
C36 XAT IH . 24.03 -33.86 -97.60
C37 XAT IH . 23.04 -32.16 -98.06
C38 XAT IH . 20.13 -31.47 -95.08
C39 XAT IH . 23.73 -30.56 -92.71
C40 XAT IH . 28.14 -30.07 -89.76
O23 XAT IH . 19.35 -34.18 -99.27
O24 XAT IH . 21.19 -33.65 -95.47
C1 NEX JH . 8.20 -26.20 -85.93
C2 NEX JH . 6.81 -26.36 -86.57
C3 NEX JH . 5.78 -25.24 -86.40
C4 NEX JH . 6.12 -24.19 -85.36
C5 NEX JH . 6.91 -24.74 -84.17
C6 NEX JH . 8.20 -25.30 -84.72
C7 NEX JH . 9.30 -24.95 -84.23
C8 NEX JH . 10.52 -24.55 -83.69
C9 NEX JH . 11.79 -25.26 -83.42
C10 NEX JH . 12.68 -24.73 -82.72
C11 NEX JH . 14.07 -25.18 -82.54
C12 NEX JH . 14.79 -24.69 -81.74
C13 NEX JH . 16.26 -24.82 -81.55
C14 NEX JH . 16.78 -24.47 -80.47
C15 NEX JH . 18.20 -24.31 -80.17
C16 NEX JH . 9.18 -25.63 -86.97
C17 NEX JH . 8.69 -27.55 -85.48
C18 NEX JH . 7.20 -23.62 -83.17
C19 NEX JH . 12.00 -26.62 -83.99
C20 NEX JH . 17.10 -25.35 -82.66
O3 NEX JH . 5.61 -24.59 -87.67
O4 NEX JH . 6.18 -25.75 -83.51
C21 NEX JH . 25.91 -22.20 -71.76
C22 NEX JH . 26.62 -22.43 -70.44
C23 NEX JH . 26.53 -23.88 -69.98
C24 NEX JH . 27.37 -24.72 -70.92
C25 NEX JH . 26.91 -24.59 -72.37
C26 NEX JH . 26.18 -23.31 -72.79
C27 NEX JH . 26.22 -22.98 -74.26
C28 NEX JH . 25.17 -23.16 -75.06
C29 NEX JH . 25.26 -22.84 -76.36
C30 NEX JH . 24.29 -23.01 -77.14
C31 NEX JH . 22.85 -23.18 -76.88
C32 NEX JH . 22.11 -23.48 -77.73
C33 NEX JH . 20.63 -23.43 -77.82
C34 NEX JH . 20.06 -23.77 -78.88
C35 NEX JH . 18.63 -23.86 -79.17
C36 NEX JH . 26.34 -20.87 -72.34
C37 NEX JH . 24.40 -22.15 -71.50
C38 NEX JH . 27.57 -25.42 -73.45
C39 NEX JH . 26.54 -22.30 -76.92
C40 NEX JH . 19.82 -22.96 -76.64
O23 NEX JH . 27.06 -24.00 -68.66
O24 NEX JH . 25.49 -24.53 -72.50
O1 LHG KH . 38.41 9.62 -73.55
C1 LHG KH . 39.60 8.93 -73.95
C2 LHG KH . 39.51 7.47 -73.49
O2 LHG KH . 40.82 7.01 -73.12
C3 LHG KH . 39.01 6.62 -74.64
O3 LHG KH . 39.71 5.39 -74.65
P LHG KH . 38.97 4.04 -75.11
O4 LHG KH . 37.85 3.76 -74.15
O5 LHG KH . 38.67 4.14 -76.59
O6 LHG KH . 40.09 2.92 -74.91
C4 LHG KH . 40.36 2.01 -75.98
C5 LHG KH . 40.76 0.66 -75.42
C6 LHG KH . 39.48 -0.13 -75.24
O7 LHG KH . 41.59 -0.05 -76.34
C7 LHG KH . 42.77 -0.40 -75.84
O9 LHG KH . 42.84 -0.81 -74.69
C8 LHG KH . 44.01 -0.29 -76.69
C9 LHG KH . 45.25 -0.62 -75.87
C10 LHG KH . 46.42 -1.05 -76.76
O8 LHG KH . 39.70 -1.52 -75.42
C23 LHG KH . 39.14 -2.15 -76.44
O10 LHG KH . 38.55 -1.52 -77.30
C24 LHG KH . 39.25 -3.65 -76.54
C11 LHG KH . 46.62 -2.56 -76.71
C12 LHG KH . 48.09 -2.90 -76.88
C13 LHG KH . 48.31 -4.40 -77.02
C14 LHG KH . 49.12 -4.71 -78.27
C15 LHG KH . 49.29 -6.22 -78.46
C16 LHG KH . 50.74 -6.57 -78.77
C17 LHG KH . 50.84 -7.92 -79.45
C18 LHG KH . 52.10 -8.01 -80.31
C19 LHG KH . 53.21 -8.77 -79.61
C20 LHG KH . 52.89 -10.26 -79.51
C21 LHG KH . 54.15 -11.05 -79.21
C22 LHG KH . 53.81 -12.42 -78.65
C25 LHG KH . 40.10 -4.02 -77.75
C26 LHG KH . 41.59 -3.97 -77.42
C27 LHG KH . 41.90 -4.88 -76.24
C28 LHG KH . 43.02 -4.27 -75.41
C29 LHG KH . 43.65 -5.33 -74.50
C30 LHG KH . 45.06 -4.90 -74.10
C31 LHG KH . 45.20 -4.83 -72.58
C32 LHG KH . 44.68 -3.49 -72.07
C33 LHG KH . 45.81 -2.65 -71.47
C34 LHG KH . 46.51 -1.85 -72.56
C35 LHG KH . 46.88 -0.43 -72.13
C36 LHG KH . 47.27 -0.34 -70.65
C37 LHG KH . 48.75 -0.68 -70.46
C38 LHG KH . 49.63 0.28 -71.23
C1 SPH LH . 41.78 14.11 -70.44
O1 SPH LH . 41.93 15.11 -69.46
C2 SPH LH . 40.93 12.97 -69.88
N2 SPH LH . 39.59 13.45 -69.62
C3 SPH LH . 40.87 11.82 -70.89
O3 SPH LH . 41.47 12.19 -72.10
C4 SPH LH . 41.61 10.61 -70.31
C5 SPH LH . 42.88 10.41 -70.60
C6 SPH LH . 43.61 9.21 -70.02
C7 SPH LH . 45.11 9.48 -70.00
C8 SPH LH . 45.82 8.35 -69.27
C9 SPH LH . 47.20 8.83 -68.82
C10 SPH LH . 48.03 7.63 -68.35
C11 SPH LH . 49.05 8.09 -67.32
C12 SPH LH . 50.05 6.96 -67.08
C13 SPH LH . 49.93 6.47 -65.64
C14 SPH LH . 50.17 4.95 -65.60
C15 SPH LH . 49.60 4.39 -64.30
C16 SPH LH . 48.12 4.69 -64.19
C17 SPH LH . 47.66 4.48 -62.75
C18 SPH LH . 46.14 4.65 -62.67
O1 OEX MH . -28.85 -21.10 33.90
CA1 OEX MH . -29.65 -18.89 33.82
MN1 OEX MH . -27.58 -21.78 32.67
O2 OEX MH . -27.76 -19.59 35.67
MN2 OEX MH . -28.18 -21.47 35.59
O3 OEX MH . -26.83 -21.31 34.31
MN3 OEX MH . -26.24 -19.55 34.48
O4 OEX MH . -25.81 -17.66 34.65
MN4 OEX MH . -26.10 -17.48 32.74
O5 OEX MH . -27.36 -18.84 33.21
FE FE2 NH . -45.51 0.45 -2.89
CL CL OH . -20.87 -19.71 28.71
CL CL PH . -25.29 -23.78 41.51
MG CLA QH . -32.95 -17.16 16.21
CHA CLA QH . -34.17 -14.50 18.01
CHB CLA QH . -34.43 -15.97 13.35
CHC CLA QH . -31.67 -19.73 14.59
CHD CLA QH . -31.45 -18.38 19.19
NA CLA QH . -34.18 -15.41 15.70
C1A CLA QH . -34.56 -14.46 16.55
C2A CLA QH . -35.40 -13.41 15.88
C3A CLA QH . -35.50 -13.93 14.45
C4A CLA QH . -34.65 -15.17 14.47
CMA CLA QH . -36.88 -14.03 13.89
CAA CLA QH . -34.59 -12.12 15.78
CBA CLA QH . -35.24 -10.98 16.54
CGA CLA QH . -35.19 -9.75 15.66
O1A CLA QH . -34.14 -9.44 15.13
O2A CLA QH . -36.29 -9.05 15.53
NB CLA QH . -33.03 -17.75 14.28
C1B CLA QH . -33.69 -17.16 13.23
C2B CLA QH . -33.48 -17.92 12.02
C3B CLA QH . -32.70 -18.99 12.39
C4B CLA QH . -32.43 -18.86 13.82
CMB CLA QH . -34.06 -17.54 10.69
CAB CLA QH . -32.14 -20.13 11.61
CBB CLA QH . -32.07 -20.24 10.11
NC CLA QH . -31.66 -18.72 16.78
C1C CLA QH . -31.31 -19.70 15.96
C2C CLA QH . -30.53 -20.75 16.65
C3C CLA QH . -30.42 -20.32 17.93
C4C CLA QH . -31.14 -19.06 18.01
CMC CLA QH . -29.97 -22.00 16.06
CAC CLA QH . -29.71 -21.04 19.04
CBC CLA QH . -28.22 -20.78 18.98
ND CLA QH . -32.79 -16.66 18.13
C1D CLA QH . -32.18 -17.18 19.24
C2D CLA QH . -32.42 -16.36 20.42
C3D CLA QH . -33.20 -15.33 19.92
C4D CLA QH . -33.41 -15.51 18.56
CMD CLA QH . -32.01 -16.47 21.87
CAD CLA QH . -33.87 -14.11 20.33
OBD CLA QH . -33.68 -13.54 21.39
CBD CLA QH . -34.54 -13.53 19.12
CGD CLA QH . -36.02 -13.50 19.30
O1D CLA QH . -36.67 -14.53 19.39
O2D CLA QH . -36.64 -12.34 19.35
CED CLA QH . -36.70 -11.72 20.63
C1 CLA QH . -36.49 -7.84 16.33
C2 CLA QH . -35.52 -6.69 16.36
C3 CLA QH . -34.51 -6.58 17.23
C4 CLA QH . -34.22 -7.61 18.27
C5 CLA QH . -33.59 -5.39 17.22
C6 CLA QH . -34.26 -4.25 17.99
C7 CLA QH . -33.94 -2.91 17.36
C8 CLA QH . -34.03 -1.80 18.40
C9 CLA QH . -35.48 -1.56 18.82
C10 CLA QH . -33.40 -0.53 17.85
C11 CLA QH . -31.93 -0.74 17.53
C12 CLA QH . -31.15 0.55 17.70
C13 CLA QH . -29.93 0.59 16.79
C14 CLA QH . -28.66 0.64 17.62
C15 CLA QH . -30.04 1.78 15.86
C16 CLA QH . -28.77 1.99 15.05
C17 CLA QH . -28.59 3.46 14.71
C18 CLA QH . -27.85 3.64 13.39
C19 CLA QH . -26.41 3.19 13.50
C20 CLA QH . -28.57 2.92 12.25
MG CLA RH . -28.09 -8.43 16.20
CHA CLA RH . -26.01 -9.28 13.57
CHB CLA RH . -27.28 -5.11 15.85
CHC CLA RH . -30.24 -7.72 18.60
CHD CLA RH . -28.96 -11.84 16.53
NA CLA RH . -26.79 -7.29 14.84
C1A CLA RH . -26.03 -7.79 13.87
C2A CLA RH . -25.28 -6.71 13.14
C3A CLA RH . -25.67 -5.44 13.91
C4A CLA RH . -26.64 -5.94 14.93
CMA CLA RH . -24.55 -4.52 14.36
CAA CLA RH . -25.78 -6.63 11.70
CBA CLA RH . -27.02 -5.78 11.45
CGA CLA RH . -28.30 -6.57 11.44
O1A CLA RH . -28.62 -7.22 12.42
O2A CLA RH . -29.07 -6.55 10.37
NB CLA RH . -28.67 -6.69 17.08
C1B CLA RH . -28.20 -5.43 16.86
C2B CLA RH . -28.82 -4.50 17.77
C3B CLA RH . -29.66 -5.27 18.54
C4B CLA RH . -29.55 -6.63 18.08
CMB CLA RH . -28.54 -3.02 17.81
CAB CLA RH . -30.57 -4.92 19.67
CBB CLA RH . -31.27 -3.58 19.83
NC CLA RH . -29.38 -9.60 17.38
C1C CLA RH . -30.17 -9.10 18.32
C2C CLA RH . -30.95 -10.13 19.04
C3C CLA RH . -30.57 -11.29 18.45
C4C CLA RH . -29.59 -10.96 17.42
CMC CLA RH . -31.94 -9.90 20.14
CAC CLA RH . -31.05 -12.67 18.79
CBC CLA RH . -30.32 -13.18 20.01
ND CLA RH . -27.69 -10.16 15.33
C1D CLA RH . -28.02 -11.47 15.53
C2D CLA RH . -27.32 -12.36 14.63
C3D CLA RH . -26.54 -11.50 13.87
C4D CLA RH . -26.77 -10.19 14.30
CMD CLA RH . -27.30 -13.86 14.42
CAD CLA RH . -25.57 -11.48 12.80
OBD CLA RH . -24.99 -12.44 12.34
CBD CLA RH . -25.21 -10.05 12.54
CGD CLA RH . -23.75 -9.83 12.81
O1D CLA RH . -23.17 -10.52 13.62
O2D CLA RH . -23.09 -8.88 12.15
CED CLA RH . -21.67 -8.91 12.22
C1 CLA RH . -29.41 -5.29 9.71
C2 CLA RH . -30.01 -4.13 10.48
C3 CLA RH . -30.05 -2.90 9.93
C4 CLA RH . -29.49 -2.63 8.56
C5 CLA RH . -30.63 -1.72 10.65
C6 CLA RH . -29.49 -0.82 11.08
C7 CLA RH . -28.95 -1.27 12.44
C8 CLA RH . -27.43 -1.23 12.49
C9 CLA RH . -26.82 -2.05 11.36
C10 CLA RH . -26.97 -1.76 13.84
C11 CLA RH . -25.75 -1.00 14.36
C12 CLA RH . -25.59 -1.21 15.86
C13 CLA RH . -24.16 -0.96 16.29
C14 CLA RH . -23.90 -1.57 17.67
C15 CLA RH . -23.89 0.54 16.28
C16 CLA RH . -24.62 1.24 17.43
C17 CLA RH . -24.68 2.75 17.19
C18 CLA RH . -23.38 3.44 17.59
C19 CLA RH . -23.52 4.95 17.48
C20 CLA RH . -22.95 3.04 19.00
MG CLA SH . -36.92 -24.23 6.43
CHA CLA SH . -38.98 -23.41 9.07
CHB CLA SH . -39.64 -25.16 4.52
CHC CLA SH . -34.85 -24.91 3.95
CHD CLA SH . -34.15 -23.14 8.34
NA CLA SH . -39.10 -24.28 6.74
C1A CLA SH . -39.74 -23.91 7.85
C2A CLA SH . -41.23 -24.06 7.71
C3A CLA SH . -41.38 -24.63 6.30
C4A CLA SH . -39.98 -24.70 5.80
CMA CLA SH . -42.34 -25.81 6.08
CAA CLA SH . -41.92 -22.70 7.71
CBA CLA SH . -41.06 -21.59 7.11
CGA CLA SH . -41.91 -20.46 6.60
O1A CLA SH . -43.09 -20.40 6.92
O2A CLA SH . -41.33 -19.55 5.83
NB CLA SH . -37.20 -24.92 4.53
C1B CLA SH . -38.37 -25.28 3.92
C2B CLA SH . -38.11 -25.77 2.59
C3B CLA SH . -36.75 -25.69 2.45
C4B CLA SH . -36.19 -25.15 3.68
CMB CLA SH . -39.13 -26.26 1.60
CAB CLA SH . -35.93 -26.06 1.28
CBB CLA SH . -35.90 -27.49 0.78
NC CLA SH . -34.84 -24.03 6.18
C1C CLA SH . -34.19 -24.40 5.09
C2C CLA SH . -32.73 -24.22 5.20
C3C CLA SH . -32.55 -23.71 6.45
C4C CLA SH . -33.87 -23.60 7.06
CMC CLA SH . -31.70 -24.55 4.13
CAC CLA SH . -31.24 -23.33 7.11
CBC CLA SH . -30.52 -24.58 7.58
ND CLA SH . -36.55 -23.44 8.20
C1D CLA SH . -35.43 -23.09 8.92
C2D CLA SH . -35.76 -22.71 10.29
C3D CLA SH . -37.14 -22.85 10.33
C4D CLA SH . -37.60 -23.27 9.09
CMD CLA SH . -34.94 -22.27 11.47
CAD CLA SH . -38.28 -22.69 11.21
OBD CLA SH . -38.21 -22.57 12.42
CBD CLA SH . -39.51 -23.00 10.42
CGD CLA SH . -40.25 -24.13 11.05
O1D CLA SH . -39.65 -24.99 11.68
O2D CLA SH . -41.57 -24.22 10.92
CED CLA SH . -42.23 -25.32 11.55
C1 CLA SH . -42.12 -18.62 5.02
C2 CLA SH . -43.21 -19.08 4.08
C3 CLA SH . -43.54 -18.38 3.00
C4 CLA SH . -44.62 -18.88 2.09
CHA PHO TH . -36.73 0.72 13.30
CHB PHO TH . -32.63 -1.77 13.96
CHC PHO TH . -34.96 -6.00 13.04
CHD PHO TH . -39.13 -3.55 12.26
NA PHO TH . -34.81 -0.74 13.46
C1A PHO TH . -35.42 0.54 13.59
C2A PHO TH . -34.38 1.55 14.04
C3A PHO TH . -33.05 0.76 13.94
C4A PHO TH . -33.54 -0.68 13.78
CMA PHO TH . -32.22 1.21 12.77
CAA PHO TH . -34.60 2.06 15.45
CBA PHO TH . -34.12 3.48 15.54
CGA PHO TH . -33.46 3.74 16.86
O1A PHO TH . -33.69 3.23 17.95
O2A PHO TH . -32.49 4.69 16.76
NB PHO TH . -34.11 -3.69 13.44
C1B PHO TH . -32.92 -3.10 13.83
C2B PHO TH . -31.97 -4.22 14.08
C3B PHO TH . -32.60 -5.40 13.83
C4B PHO TH . -34.01 -5.10 13.40
CMB PHO TH . -30.59 -3.96 14.51
CAB PHO TH . -32.13 -6.76 13.90
CBB PHO TH . -31.52 -7.33 14.95
NC PHO TH . -36.88 -4.50 12.73
C1C PHO TH . -36.34 -5.70 12.72
C2C PHO TH . -37.35 -6.73 12.33
C3C PHO TH . -38.53 -6.04 12.10
C4C PHO TH . -38.25 -4.61 12.36
CMC PHO TH . -37.09 -8.16 12.22
CAC PHO TH . -39.84 -6.58 11.69
CBC PHO TH . -40.88 -6.53 12.78
ND PHO TH . -37.54 -1.67 12.74
C1D PHO TH . -38.83 -2.17 12.44
C2D PHO TH . -39.73 -1.05 12.35
C3D PHO TH . -38.97 0.10 12.67
C4D PHO TH . -37.63 -0.34 12.93
CMD PHO TH . -41.15 -1.11 12.03
CAD PHO TH . -39.01 1.54 12.82
OBD PHO TH . -39.94 2.32 12.65
CBD PHO TH . -37.57 1.98 13.29
CGD PHO TH . -37.06 3.04 12.36
O1D PHO TH . -37.05 4.26 12.49
O2D PHO TH . -36.52 2.50 11.22
CED PHO TH . -36.10 3.43 10.21
C1 PHO TH . -32.19 5.42 17.96
C2 PHO TH . -30.92 4.85 18.49
C3 PHO TH . -29.72 5.25 18.06
C4 PHO TH . -29.56 6.28 17.00
C5 PHO TH . -28.46 4.67 18.58
C6 PHO TH . -28.66 3.78 19.80
C7 PHO TH . -27.38 3.03 20.12
C8 PHO TH . -27.51 2.15 21.36
C9 PHO TH . -27.70 3.01 22.58
C10 PHO TH . -26.27 1.27 21.45
C11 PHO TH . -26.17 0.48 22.74
C12 PHO TH . -27.19 -0.63 22.86
C13 PHO TH . -27.20 -1.58 21.68
C14 PHO TH . -28.38 -2.53 21.80
C15 PHO TH . -25.90 -2.36 21.58
C16 PHO TH . -25.90 -3.33 20.42
C17 PHO TH . -24.62 -4.14 20.38
C18 PHO TH . -24.74 -5.45 19.61
C19 PHO TH . -26.09 -6.11 19.79
C20 PHO TH . -24.42 -5.25 18.14
CHA PHO UH . -41.42 -17.99 -4.02
CHB PHO UH . -41.06 -20.77 -0.05
CHC PHO UH . -37.46 -17.98 1.75
CHD PHO UH . -37.71 -15.12 -2.20
NA PHO UH . -41.00 -19.26 -2.01
C1A PHO UH . -41.77 -19.02 -3.18
C2A PHO UH . -42.93 -20.02 -3.26
C3A PHO UH . -42.68 -20.94 -2.03
C4A PHO UH . -41.51 -20.27 -1.33
CMA PHO UH . -43.89 -21.02 -1.14
CAA PHO UH . -43.05 -20.85 -4.52
CBA PHO UH . -41.94 -21.88 -4.61
CGA PHO UH . -42.37 -23.01 -5.49
O1A PHO UH . -43.50 -23.47 -5.69
O2A PHO UH . -41.32 -23.59 -6.14
NB PHO UH . -39.25 -19.18 0.52
C1B PHO UH . -40.06 -20.30 0.72
C2B PHO UH . -39.63 -20.91 2.01
C3B PHO UH . -38.61 -20.12 2.54
C4B PHO UH . -38.36 -19.00 1.59
CMB PHO UH . -40.31 -22.10 2.52
CAB PHO UH . -37.86 -20.21 3.78
CBB PHO UH . -37.65 -21.29 4.55
NC PHO UH . -37.80 -16.76 -0.36
C1C PHO UH . -37.21 -16.91 0.82
C2C PHO UH . -36.25 -15.78 1.04
C3C PHO UH . -36.32 -14.97 -0.06
C4C PHO UH . -37.31 -15.59 -0.97
CMC PHO UH . -35.43 -15.61 2.25
CAC PHO UH . -35.58 -13.72 -0.33
CBC PHO UH . -34.50 -13.84 -1.37
ND PHO UH . -39.59 -16.73 -2.65
C1D PHO UH . -38.77 -15.63 -3.01
C2D PHO UH . -39.19 -15.15 -4.29
C3D PHO UH . -40.23 -16.01 -4.72
C4D PHO UH . -40.42 -17.00 -3.69
CMD PHO UH . -38.63 -14.00 -5.00
CAD PHO UH . -41.15 -16.27 -5.80
OBD PHO UH . -41.36 -15.66 -6.84
CBD PHO UH . -41.90 -17.59 -5.41
CGD PHO UH . -43.38 -17.34 -5.52
O1D PHO UH . -44.08 -17.27 -6.53
O2D PHO UH . -44.00 -17.18 -4.31
CED PHO UH . -45.39 -17.52 -4.27
C1 PHO UH . -41.64 -24.59 -7.13
C2 PHO UH . -40.77 -25.76 -6.84
C3 PHO UH . -41.12 -26.71 -5.96
C4 PHO UH . -42.39 -26.66 -5.19
C5 PHO UH . -40.22 -27.87 -5.69
C6 PHO UH . -39.12 -27.47 -4.73
C7 PHO UH . -39.00 -28.42 -3.55
C8 PHO UH . -37.94 -28.05 -2.52
C9 PHO UH . -36.93 -27.04 -3.03
C10 PHO UH . -37.24 -29.31 -2.05
C11 PHO UH . -38.18 -30.29 -1.40
C12 PHO UH . -38.73 -29.74 -0.10
C13 PHO UH . -40.05 -30.39 0.29
C14 PHO UH . -41.06 -30.25 -0.81
C15 PHO UH . -40.58 -29.79 1.58
C16 PHO UH . -39.57 -29.85 2.71
C17 PHO UH . -40.06 -29.04 3.89
C18 PHO UH . -39.22 -29.27 5.13
C19 PHO UH . -39.83 -28.59 6.33
C20 PHO UH . -37.80 -28.78 4.92
MG CLA VH . -29.95 9.11 33.66
CHA CLA VH . -29.08 6.50 35.75
CHB CLA VH . -33.24 8.08 33.67
CHC CLA VH . -30.67 11.67 31.72
CHD CLA VH . -26.57 10.15 33.66
NA CLA VH . -31.08 7.47 34.61
C1A CLA VH . -30.55 6.54 35.41
C2A CLA VH . -31.59 5.57 35.89
C3A CLA VH . -32.87 6.07 35.20
C4A CLA VH . -32.40 7.27 34.45
CMA CLA VH . -33.78 5.05 34.52
CAA CLA VH . -31.84 5.76 37.38
CBA CLA VH . -31.76 7.22 37.83
CGA CLA VH . -32.39 7.39 39.19
O1A CLA VH . -32.48 6.43 39.92
O2A CLA VH . -32.82 8.59 39.56
NB CLA VH . -31.68 9.77 32.84
C1B CLA VH . -32.93 9.23 32.93
C2B CLA VH . -33.87 10.02 32.18
C3B CLA VH . -33.13 11.03 31.64
C4B CLA VH . -31.75 10.86 32.06
CMB CLA VH . -35.35 9.76 32.05
CAB CLA VH . -33.53 12.15 30.77
CBB CLA VH . -34.37 11.96 29.54
NC CLA VH . -28.83 10.71 32.90
C1C CLA VH . -29.31 11.62 32.08
C2C CLA VH . -28.28 12.57 31.60
C3C CLA VH . -27.13 12.16 32.20
C4C CLA VH . -27.48 10.98 33.00
CMC CLA VH . -28.47 13.74 30.67
CAC CLA VH . -25.77 12.77 32.07
CBC CLA VH . -25.49 13.64 33.27
ND CLA VH . -28.22 8.57 34.45
C1D CLA VH . -26.94 9.01 34.41
C2D CLA VH . -26.04 8.17 35.20
C3D CLA VH . -26.89 7.21 35.72
C4D CLA VH . -28.18 7.44 35.26
CMD CLA VH . -24.57 8.21 35.48
CAD CLA VH . -26.89 6.04 36.55
OBD CLA VH . -25.90 5.39 36.87
CBD CLA VH . -28.31 5.52 36.62
CGD CLA VH . -28.38 4.16 36.02
O1D CLA VH . -28.02 3.96 34.86
O2D CLA VH . -28.82 3.12 36.73
CED CLA VH . -28.13 1.90 36.53
C1 CLA VH . -34.17 8.76 40.08
C2 CLA VH . -35.11 9.82 39.55
C3 CLA VH . -36.17 10.22 40.26
C4 CLA VH . -36.48 9.65 41.61
C5 CLA VH . -37.12 11.28 39.76
C6 CLA VH . -38.55 10.76 39.80
C7 CLA VH . -39.42 11.48 38.78
C8 CLA VH . -40.90 11.42 39.15
C9 CLA VH . -41.15 12.14 40.47
C10 CLA VH . -41.36 9.97 39.23
C11 CLA VH . -41.40 9.33 37.85
C12 CLA VH . -42.80 8.88 37.48
C13 CLA VH . -43.27 7.75 38.38
C14 CLA VH . -42.55 6.45 38.04
C15 CLA VH . -44.79 7.59 38.25
C1 BCR WH . -33.81 18.63 24.38
C2 BCR WH . -35.05 19.24 25.01
C3 BCR WH . -35.00 19.19 26.53
C4 BCR WH . -33.81 19.96 27.06
C5 BCR WH . -32.62 19.93 26.14
C6 BCR WH . -32.56 19.04 25.14
C7 BCR WH . -31.26 18.48 24.73
C8 BCR WH . -30.57 17.63 25.47
C9 BCR WH . -29.29 17.06 25.12
C10 BCR WH . -28.43 16.55 26.17
C11 BCR WH . -27.62 15.48 26.58
C33 BCR WH . -31.52 20.92 26.34
C31 BCR WH . -33.65 19.11 22.95
C32 BCR WH . -33.92 17.11 24.41
C34 BCR WH . -28.84 17.02 23.70
C12 BCR WH . -26.94 14.57 27.00
C13 BCR WH . -25.78 13.77 27.13
C14 BCR WH . -25.69 13.04 28.27
C15 BCR WH . -24.61 12.18 28.61
C16 BCR WH . -24.17 11.17 29.40
C17 BCR WH . -22.97 10.70 29.35
C18 BCR WH . -22.36 9.99 30.32
C19 BCR WH . -20.99 9.49 30.16
C20 BCR WH . -20.12 8.54 30.46
C21 BCR WH . -18.92 7.77 30.52
C22 BCR WH . -18.54 6.95 31.52
C23 BCR WH . -17.26 6.23 31.36
C24 BCR WH . -16.76 5.15 32.25
C25 BCR WH . -15.46 4.53 31.91
C26 BCR WH . -15.45 3.50 31.06
C27 BCR WH . -14.18 3.03 30.40
C28 BCR WH . -12.90 3.58 31.02
C29 BCR WH . -13.08 4.03 32.46
C30 BCR WH . -14.18 5.06 32.56
C35 BCR WH . -24.72 13.71 26.08
C36 BCR WH . -23.09 9.68 31.59
C37 BCR WH . -19.38 6.77 32.74
C38 BCR WH . -16.70 2.77 30.69
C39 BCR WH . -13.75 6.36 31.88
C40 BCR WH . -14.44 5.31 34.03
O6 SQD XH . -59.24 -7.45 3.63
C44 SQD XH . -57.99 -8.09 3.68
C45 SQD XH . -57.03 -7.25 4.54
C46 SQD XH . -57.73 -6.66 5.78
O47 SQD XH . -56.07 -8.17 5.06
C7 SQD XH . -55.05 -8.53 4.24
O49 SQD XH . -54.78 -7.94 3.23
C8 SQD XH . -54.34 -9.75 4.79
C9 SQD XH . -55.29 -10.56 5.64
C10 SQD XH . -54.57 -11.58 6.55
C11 SQD XH . -53.55 -10.88 7.46
C12 SQD XH . -52.46 -11.85 7.93
C13 SQD XH . -52.94 -12.74 9.08
C14 SQD XH . -52.17 -14.07 9.16
C15 SQD XH . -52.68 -15.08 8.14
C16 SQD XH . -52.17 -16.50 8.44
C17 SQD XH . -53.31 -17.49 8.71
C18 SQD XH . -54.10 -17.11 9.96
C19 SQD XH . -53.23 -17.13 11.23
O48 SQD XH . -58.48 -7.70 6.38
C23 SQD XH . -58.28 -7.93 7.71
O10 SQD XH . -57.56 -7.20 8.36
C24 SQD XH . -59.03 -9.13 8.20
C25 SQD XH . -58.42 -9.69 9.49
C26 SQD XH . -59.25 -10.84 10.06
C27 SQD XH . -58.49 -11.63 11.14
C28 SQD XH . -59.40 -12.66 11.83
C29 SQD XH . -58.65 -13.46 12.90
C30 SQD XH . -57.85 -14.63 12.32
C31 SQD XH . -58.69 -15.91 12.22
C32 SQD XH . -59.02 -16.47 13.60
C33 SQD XH . -60.20 -17.46 13.56
C34 SQD XH . -60.38 -18.16 14.90
C35 SQD XH . -60.46 -17.18 16.07
C36 SQD XH . -60.64 -17.90 17.41
C37 SQD XH . -59.49 -18.87 17.69
C38 SQD XH . -59.71 -19.68 18.95
C1 SQD XH . -59.43 -6.73 2.44
C2 SQD XH . -59.57 -7.78 1.30
O2 SQD XH . -58.51 -7.68 0.41
C3 SQD XH . -60.91 -7.54 0.56
O3 SQD XH . -61.90 -7.96 1.46
C4 SQD XH . -61.12 -6.04 0.24
O4 SQD XH . -60.23 -5.71 -0.78
C5 SQD XH . -60.93 -5.19 1.51
C6 SQD XH . -62.19 -4.42 1.84
O5 SQD XH . -60.65 -6.06 2.59
S SQD XH . -63.25 -5.10 3.13
O7 SQD XH . -64.44 -4.32 2.99
O8 SQD XH . -62.50 -4.83 4.32
O9 SQD XH . -63.43 -6.48 2.82
C1 LMG YH . -32.74 3.88 43.51
O1 LMG YH . -33.75 4.67 42.87
C2 LMG YH . -31.54 4.76 43.82
O2 LMG YH . -31.04 5.36 42.62
C3 LMG YH . -30.45 3.94 44.48
O3 LMG YH . -29.38 4.80 44.89
C4 LMG YH . -31.00 3.21 45.71
O4 LMG YH . -31.26 4.15 46.75
C5 LMG YH . -32.27 2.44 45.37
O5 LMG YH . -34.05 1.11 46.31
C6 LMG YH . -32.89 1.88 46.64
O6 LMG YH . -33.22 3.30 44.72
C7 LMG YH . -34.99 3.96 42.82
C8 LMG YH . -35.73 4.24 41.52
C9 LMG YH . -36.85 5.24 41.75
O7 LMG YH . -34.83 4.73 40.53
C10 LMG YH . -35.36 4.61 39.30
O9 LMG YH . -35.80 3.53 38.95
C11 LMG YH . -35.39 5.79 38.36
C12 LMG YH . -36.79 6.02 37.84
C13 LMG YH . -36.81 7.06 36.73
C14 LMG YH . -38.02 6.87 35.83
C15 LMG YH . -38.04 7.89 34.70
C16 LMG YH . -39.15 7.57 33.70
C17 LMG YH . -39.30 8.69 32.69
C18 LMG YH . -40.37 8.35 31.67
C19 LMG YH . -41.63 8.74 31.82
C20 LMG YH . -42.10 9.58 32.99
C21 LMG YH . -43.60 9.69 32.96
C22 LMG YH . -44.25 10.27 33.95
O8 LMG YH . -37.99 4.54 42.24
C28 LMG YH . -39.21 4.86 41.82
O10 LMG YH . -39.37 5.90 41.19
C29 LMG YH . -40.38 3.96 42.11
C30 LMG YH . -41.55 4.29 41.19
C31 LMG YH . -42.45 3.08 40.99
C32 LMG YH . -41.65 1.87 40.53
C33 LMG YH . -42.45 1.00 39.55
C34 LMG YH . -42.84 1.80 38.32
C35 LMG YH . -43.18 0.91 37.13
C36 LMG YH . -44.36 0.03 37.47
C37 LMG YH . -44.95 -0.69 36.53
C38 LMG YH . -44.46 -0.66 35.09
C39 LMG YH . -45.21 -1.69 34.29
C40 LMG YH . -45.16 -1.69 32.96
C41 LMG YH . -44.36 -0.66 32.20
C42 LMG YH . -44.59 -0.84 30.72
C43 LMG YH . -44.01 0.00 29.86
NA NA ZH . -19.63 -26.03 35.38
MG CLA AI . -15.99 -45.16 -27.82
CHA CLA AI . -14.15 -47.86 -28.98
CHB CLA AI . -14.96 -43.25 -30.49
CHC CLA AI . -17.89 -42.72 -26.70
CHD CLA AI . -17.04 -47.15 -25.09
NA CLA AI . -14.70 -45.50 -29.58
C1A CLA AI . -14.06 -46.63 -29.87
C2A CLA AI . -13.24 -46.51 -31.13
C3A CLA AI . -13.50 -45.06 -31.56
C4A CLA AI . -14.43 -44.56 -30.51
CMA CLA AI . -12.33 -44.19 -31.99
CAA CLA AI . -13.76 -47.41 -32.25
CBA CLA AI . -15.28 -47.61 -32.20
CGA CLA AI . -15.85 -47.53 -33.59
O1A CLA AI . -16.46 -46.53 -33.94
O2A CLA AI . -15.67 -48.55 -34.41
NB CLA AI . -16.37 -43.27 -28.50
C1B CLA AI . -15.84 -42.64 -29.58
C2B CLA AI . -16.32 -41.29 -29.66
C3B CLA AI . -17.15 -41.14 -28.57
C4B CLA AI . -17.17 -42.41 -27.85
CMB CLA AI . -15.99 -40.26 -30.70
CAB CLA AI . -17.89 -39.91 -28.23
CBB CLA AI . -17.83 -39.27 -26.86
NC CLA AI . -17.31 -44.99 -26.19
C1C CLA AI . -17.94 -43.86 -25.88
C2C CLA AI . -18.69 -43.96 -24.60
C3C CLA AI . -18.45 -45.24 -24.17
C4C CLA AI . -17.59 -45.87 -25.17
CMC CLA AI . -19.52 -42.88 -23.95
CAC CLA AI . -18.98 -45.87 -22.90
CBC CLA AI . -18.09 -45.51 -21.74
ND CLA AI . -15.74 -47.00 -27.13
C1D CLA AI . -16.18 -47.72 -26.05
C2D CLA AI . -15.63 -49.07 -26.04
C3D CLA AI . -14.86 -49.11 -27.19
C4D CLA AI . -14.93 -47.88 -27.83
CMD CLA AI . -15.75 -50.26 -25.14
CAD CLA AI . -14.00 -49.99 -27.95
OBD CLA AI . -13.92 -51.19 -27.82
CBD CLA AI . -13.48 -49.20 -29.12
CGD CLA AI . -11.99 -49.06 -28.98
O1D CLA AI . -11.47 -49.01 -27.87
O2D CLA AI . -11.21 -48.96 -30.05
CED CLA AI . -10.11 -49.87 -30.09
C1 CLA AI . -16.81 -49.29 -34.93
C2 CLA AI . -17.95 -49.73 -34.03
C3 CLA AI . -18.52 -50.94 -34.16
C4 CLA AI . -18.05 -51.91 -35.20
C5 CLA AI . -19.66 -51.40 -33.28
C6 CLA AI . -19.84 -50.47 -32.08
C7 CLA AI . -19.63 -51.21 -30.78
C8 CLA AI . -18.39 -50.73 -30.05
C9 CLA AI . -17.65 -51.89 -29.39
C10 CLA AI . -18.78 -49.67 -29.02
C11 CLA AI . -18.17 -48.32 -29.36
C12 CLA AI . -19.18 -47.42 -30.07
C13 CLA AI . -18.79 -45.94 -29.96
C14 CLA AI . -19.60 -45.27 -28.86
C15 CLA AI . -19.02 -45.26 -31.30
C16 CLA AI . -18.78 -43.75 -31.21
C17 CLA AI . -19.21 -43.06 -32.51
C18 CLA AI . -18.07 -42.27 -33.13
C19 CLA AI . -17.04 -43.19 -33.78
C20 CLA AI . -18.59 -41.25 -34.14
MG CLA BI . -15.00 -36.32 -23.36
CHA CLA BI . -15.27 -35.06 -20.17
CHB CLA BI . -12.89 -38.81 -22.24
CHC CLA BI . -14.84 -37.47 -26.45
CHD CLA BI . -17.14 -33.75 -24.50
NA CLA BI . -14.16 -36.91 -21.40
C1A CLA BI . -14.38 -36.29 -20.25
C2A CLA BI . -13.64 -36.93 -19.11
C3A CLA BI . -12.90 -38.10 -19.80
C4A CLA BI . -13.31 -37.95 -21.23
CMA CLA BI . -11.42 -38.35 -19.50
CAA CLA BI . -14.62 -37.55 -18.12
CBA CLA BI . -13.96 -38.05 -16.84
CGA CLA BI . -13.64 -36.91 -15.88
O1A CLA BI . -12.65 -36.22 -16.09
O2A CLA BI . -14.41 -36.71 -14.82
NB CLA BI . -14.02 -37.89 -24.21
C1B CLA BI . -13.20 -38.80 -23.62
C2B CLA BI . -12.72 -39.74 -24.59
C3B CLA BI . -13.27 -39.35 -25.78
C4B CLA BI . -14.09 -38.17 -25.52
CMB CLA BI . -11.78 -40.90 -24.31
CAB CLA BI . -13.11 -39.96 -27.12
CBB CLA BI . -13.40 -41.42 -27.36
NC CLA BI . -15.93 -35.77 -25.16
C1C CLA BI . -15.67 -36.33 -26.33
C2C CLA BI . -16.34 -35.66 -27.46
C3C CLA BI . -17.02 -34.63 -26.87
C4C CLA BI . -16.75 -34.69 -25.45
CMC CLA BI . -16.28 -36.03 -28.92
CAC CLA BI . -17.88 -33.59 -27.56
CBC CLA BI . -17.03 -32.44 -28.03
ND CLA BI . -15.99 -34.77 -22.63
C1D CLA BI . -16.84 -33.82 -23.12
C2D CLA BI . -17.34 -32.94 -22.07
C3D CLA BI . -16.72 -33.44 -20.93
C4D CLA BI . -15.92 -34.52 -21.27
CMD CLA BI . -18.27 -31.76 -22.03
CAD CLA BI . -16.61 -33.22 -19.50
OBD CLA BI . -17.23 -32.40 -18.84
CBD CLA BI . -15.59 -34.19 -18.97
CGD CLA BI . -14.35 -33.43 -18.58
O1D CLA BI . -14.05 -32.41 -19.15
O2D CLA BI . -13.57 -33.90 -17.61
CED CLA BI . -13.18 -32.94 -16.62
C1 CLA BI . -15.86 -36.59 -14.91
C2 CLA BI . -16.53 -35.42 -15.60
C3 CLA BI . -17.77 -35.06 -15.25
C4 CLA BI . -18.53 -35.79 -14.17
C5 CLA BI . -18.50 -33.91 -15.89
C6 CLA BI . -19.89 -34.35 -16.30
C7 CLA BI . -20.82 -33.16 -16.46
C8 CLA BI . -21.57 -32.87 -15.16
C9 CLA BI . -23.03 -33.30 -15.28
C10 CLA BI . -21.44 -31.40 -14.83
C11 CLA BI . -22.29 -31.01 -13.63
C12 CLA BI . -22.09 -29.55 -13.27
C13 CLA BI . -23.29 -28.71 -13.71
C14 CLA BI . -22.98 -27.22 -13.64
C15 CLA BI . -24.51 -29.10 -12.87
C16 CLA BI . -24.75 -28.20 -11.66
C17 CLA BI . -24.29 -28.87 -10.38
C18 CLA BI . -24.86 -28.15 -9.15
C19 CLA BI . -24.42 -28.82 -7.87
C20 CLA BI . -24.47 -26.68 -9.18
MG CLA CI . -9.37 -28.83 -22.51
CHA CLA CI . -7.05 -29.68 -20.09
CHB CLA CI . -11.71 -30.88 -21.05
CHC CLA CI . -11.54 -27.86 -24.82
CHD CLA CI . -6.94 -26.77 -24.03
NA CLA CI . -9.41 -30.15 -20.74
C1A CLA CI . -8.38 -30.38 -19.91
C2A CLA CI . -8.73 -31.39 -18.85
C3A CLA CI . -10.18 -31.77 -19.21
C4A CLA CI . -10.47 -30.89 -20.39
CMA CLA CI . -10.57 -33.24 -19.27
CAA CLA CI . -8.77 -30.75 -17.46
CBA CLA CI . -9.24 -29.29 -17.46
CGA CLA CI . -10.70 -29.20 -17.09
O1A CLA CI . -11.13 -29.94 -16.22
O2A CLA CI . -11.47 -28.34 -17.71
NB CLA CI . -11.32 -29.29 -22.87
C1B CLA CI . -12.11 -30.14 -22.17
C2B CLA CI . -13.41 -30.18 -22.77
C3B CLA CI . -13.37 -29.33 -23.84
C4B CLA CI . -12.03 -28.78 -23.88
CMB CLA CI . -14.55 -31.01 -22.26
CAB CLA CI . -14.44 -29.00 -24.81
CBB CLA CI . -15.20 -30.06 -25.55
NC CLA CI . -9.28 -27.48 -24.12
C1C CLA CI . -10.27 -27.25 -24.97
C2C CLA CI . -9.92 -26.32 -26.05
C3C CLA CI . -8.61 -25.98 -25.79
C4C CLA CI . -8.23 -26.73 -24.59
CMC CLA CI . -10.81 -25.83 -27.16
CAC CLA CI . -7.73 -25.06 -26.59
CBC CLA CI . -7.68 -23.70 -25.92
ND CLA CI . -7.49 -28.31 -22.24
C1D CLA CI . -6.61 -27.47 -22.85
C2D CLA CI . -5.35 -27.41 -22.14
C3D CLA CI . -5.52 -28.27 -21.07
C4D CLA CI . -6.81 -28.80 -21.14
CMD CLA CI . -4.07 -26.67 -22.36
CAD CLA CI . -4.84 -28.80 -19.91
OBD CLA CI . -3.92 -28.25 -19.34
CBD CLA CI . -5.79 -29.77 -19.26
CGD CLA CI . -5.18 -31.13 -19.31
O1D CLA CI . -4.96 -31.68 -20.38
O2D CLA CI . -4.84 -31.76 -18.18
CED CLA CI . -3.48 -32.14 -18.07
C1 CLA CI . -12.83 -28.72 -18.12
C2 CLA CI . -13.42 -28.19 -19.40
C3 CLA CI . -14.73 -28.18 -19.64
C4 CLA CI . -15.70 -28.71 -18.63
C5 CLA CI . -15.29 -27.63 -20.94
C6 CLA CI . -16.80 -27.48 -20.93
C7 CLA CI . -17.29 -26.88 -22.24
C8 CLA CI . -18.59 -27.53 -22.69
C9 CLA CI . -18.54 -27.89 -24.17
C10 CLA CI . -19.74 -26.59 -22.40
C11 CLA CI . -21.07 -27.34 -22.33
C12 CLA CI . -22.07 -26.57 -21.49
C13 CLA CI . -23.50 -26.93 -21.86
C14 CLA CI . -24.46 -25.87 -21.33
C15 CLA CI . -23.82 -28.32 -21.31
C16 CLA CI . -25.31 -28.58 -21.14
C17 CLA CI . -25.93 -29.15 -22.41
C18 CLA CI . -26.40 -30.58 -22.21
C19 CLA CI . -27.31 -30.71 -20.98
C20 CLA CI . -27.11 -31.10 -23.45
MG CLA DI . -9.88 -19.70 -13.45
CHA CLA DI . -8.65 -22.65 -14.82
CHB CLA DI . -6.75 -18.87 -12.27
CHC CLA DI . -11.14 -16.87 -12.32
CHD CLA DI . -13.11 -20.55 -14.65
NA CLA DI . -7.88 -20.65 -13.53
C1A CLA DI . -7.59 -21.82 -14.12
C2A CLA DI . -6.13 -22.17 -13.95
C3A CLA DI . -5.58 -20.97 -13.16
C4A CLA DI . -6.78 -20.10 -12.96
CMA CLA DI . -4.59 -21.22 -12.03
CAA CLA DI . -5.39 -22.26 -15.29
CBA CLA DI . -5.79 -21.13 -16.23
CGA CLA DI . -5.83 -21.68 -17.64
O1A CLA DI . -6.88 -22.13 -18.06
O2A CLA DI . -4.74 -21.67 -18.37
NB CLA DI . -9.07 -18.12 -12.47
C1B CLA DI . -7.79 -17.95 -12.03
C2B CLA DI . -7.69 -16.70 -11.31
C3B CLA DI . -8.94 -16.15 -11.34
C4B CLA DI . -9.79 -17.06 -12.07
CMB CLA DI . -6.48 -16.11 -10.66
CAB CLA DI . -9.42 -14.87 -10.76
CBB CLA DI . -9.32 -14.58 -9.28
NC CLA DI . -11.80 -18.84 -13.52
C1C CLA DI . -12.10 -17.67 -12.97
C2C CLA DI . -13.52 -17.30 -13.10
C3C CLA DI . -14.06 -18.35 -13.79
C4C CLA DI . -12.98 -19.30 -14.04
CMC CLA DI . -14.16 -16.04 -12.61
CAC CLA DI . -15.51 -18.48 -14.20
CBC CLA DI . -16.42 -18.91 -13.08
ND CLA DI . -10.75 -21.16 -14.47
C1D CLA DI . -12.02 -21.43 -14.89
C2D CLA DI . -12.08 -22.70 -15.59
C3D CLA DI . -10.79 -23.17 -15.56
C4D CLA DI . -9.98 -22.24 -14.88
CMD CLA DI . -13.18 -23.48 -16.24
CAD CLA DI . -9.96 -24.28 -15.98
OBD CLA DI . -10.28 -25.10 -16.83
CBD CLA DI . -8.55 -23.96 -15.59
CGD CLA DI . -8.00 -25.13 -14.83
O1D CLA DI . -6.80 -25.24 -14.64
O2D CLA DI . -8.81 -26.08 -14.36
CED CLA DI . -8.26 -26.96 -13.39
C1 CLA DI . -4.52 -20.70 -19.43
C2 CLA DI . -5.57 -20.34 -20.45
C3 CLA DI . -5.29 -20.40 -21.77
C4 CLA DI . -3.93 -20.85 -22.24
C5 CLA DI . -6.31 -20.02 -22.81
C6 CLA DI . -5.93 -20.52 -24.21
C7 CLA DI . -5.65 -19.36 -25.15
C8 CLA DI . -5.08 -19.85 -26.47
C9 CLA DI . -3.63 -20.29 -26.31
C10 CLA DI . -5.21 -18.75 -27.51
C11 CLA DI . -4.73 -19.20 -28.89
C12 CLA DI . -5.68 -18.74 -29.98
C13 CLA DI . -5.06 -18.91 -31.36
C14 CLA DI . -4.81 -17.55 -31.99
C15 CLA DI . -5.97 -19.75 -32.24
C16 CLA DI . -5.39 -19.93 -33.63
C17 CLA DI . -4.30 -20.99 -33.64
C18 CLA DI . -4.25 -21.71 -34.98
C19 CLA DI . -2.82 -21.86 -35.47
C20 CLA DI . -4.94 -23.07 -34.89
MG CLA EI . -1.39 -18.98 -20.63
CHA CLA EI . -1.06 -20.39 -17.49
CHB CLA EI . 0.72 -21.36 -21.98
CHC CLA EI . -1.81 -17.59 -23.59
CHD CLA EI . -3.50 -16.53 -19.24
NA CLA EI . -0.27 -20.71 -19.85
C1A CLA EI . -0.26 -21.11 -18.56
C2A CLA EI . 0.63 -22.30 -18.37
C3A CLA EI . 1.19 -22.53 -19.77
C4A CLA EI . 0.51 -21.49 -20.60
CMA CLA EI . 2.70 -22.55 -19.89
CAA CLA EI . -0.18 -23.54 -17.98
CBA CLA EI . -1.47 -23.66 -18.79
CGA CLA EI . -2.39 -24.64 -18.11
O1A CLA EI . -1.96 -25.72 -17.74
O2A CLA EI . -3.65 -24.30 -17.91
NB CLA EI . -0.66 -19.41 -22.48
C1B CLA EI . 0.18 -20.41 -22.87
C2B CLA EI . 0.42 -20.34 -24.29
C3B CLA EI . -0.31 -19.27 -24.73
C4B CLA EI . -0.98 -18.69 -23.57
CMB CLA EI . 1.27 -21.28 -25.09
CAB CLA EI . -0.47 -18.70 -26.09
CBB CLA EI . 0.69 -18.51 -27.05
NC CLA EI . -2.56 -17.39 -21.32
C1C CLA EI . -2.53 -16.94 -22.56
C2C CLA EI . -3.32 -15.71 -22.75
C3C CLA EI . -3.83 -15.46 -21.52
C4C CLA EI . -3.34 -16.49 -20.63
CMC CLA EI . -3.50 -14.96 -24.05
CAC CLA EI . -4.73 -14.30 -21.14
CBC CLA EI . -6.17 -14.76 -21.22
ND CLA EI . -2.12 -18.47 -18.86
C1D CLA EI . -2.98 -17.53 -18.39
C2D CLA EI . -3.24 -17.70 -16.97
C3D CLA EI . -2.49 -18.82 -16.63
C4D CLA EI . -1.83 -19.27 -17.77
CMD CLA EI . -4.08 -16.98 -15.94
CAD CLA EI . -2.14 -19.67 -15.52
OBD CLA EI . -2.73 -19.72 -14.45
CBD CLA EI . -1.15 -20.68 -16.02
CGD CLA EI . 0.17 -20.45 -15.35
O1D CLA EI . 0.72 -21.34 -14.73
O2D CLA EI . 0.75 -19.25 -15.39
CED CLA EI . 1.99 -19.18 -16.09
C1 CLA EI . -4.73 -25.05 -18.56
C2 CLA EI . -5.47 -24.50 -19.75
C3 CLA EI . -6.79 -24.72 -19.88
C4 CLA EI . -7.54 -25.52 -18.86
C5 CLA EI . -7.57 -24.18 -21.06
C6 CLA EI . -8.82 -25.02 -21.31
C7 CLA EI . -9.74 -24.39 -22.35
C8 CLA EI . -11.21 -24.66 -22.06
C9 CLA EI . -11.44 -26.05 -21.49
C10 CLA EI . -12.02 -24.44 -23.35
C11 CLA EI . -13.43 -25.00 -23.25
C12 CLA EI . -14.42 -24.16 -24.07
C13 CLA EI . -14.17 -24.33 -25.56
C14 CLA EI . -14.49 -23.05 -26.31
C15 CLA EI . -15.00 -25.49 -26.09
C16 CLA EI . -14.60 -25.80 -27.54
C17 CLA EI . -15.43 -26.93 -28.12
C18 CLA EI . -14.57 -28.11 -28.53
C19 CLA EI . -15.41 -29.19 -29.21
C20 CLA EI . -13.40 -27.70 -29.41
MG CLA FI . 3.09 -26.80 -25.98
CHA CLA FI . 6.27 -26.79 -24.64
CHB CLA FI . 1.83 -25.38 -23.10
CHC CLA FI . 0.09 -26.74 -27.40
CHD CLA FI . 4.38 -28.30 -28.89
NA CLA FI . 3.94 -26.14 -24.05
C1A CLA FI . 5.22 -26.23 -23.71
C2A CLA FI . 5.44 -25.74 -22.30
C3A CLA FI . 4.04 -25.36 -21.83
C4A CLA FI . 3.20 -25.63 -23.04
CMA CLA FI . 3.62 -25.94 -20.49
CAA CLA FI . 6.21 -24.42 -22.28
CBA CLA FI . 6.05 -23.55 -23.53
CGA CLA FI . 4.97 -22.50 -23.40
O1A CLA FI . 3.91 -22.71 -23.95
O2A CLA FI . 5.17 -21.40 -22.71
NB CLA FI . 1.26 -26.16 -25.36
C1B CLA FI . 0.93 -25.60 -24.15
C2B CLA FI . -0.47 -25.29 -24.13
C3B CLA FI . -0.96 -25.68 -25.34
C4B CLA FI . 0.16 -26.23 -26.11
CMB CLA FI . -1.18 -24.66 -22.95
CAB CLA FI . -2.34 -25.59 -25.86
CBB CLA FI . -3.10 -24.28 -25.89
NC CLA FI . 2.36 -27.38 -27.86
C1C CLA FI . 1.09 -27.27 -28.24
C2C CLA FI . 0.87 -27.75 -29.62
C3C CLA FI . 2.10 -28.16 -30.04
C4C CLA FI . 3.03 -27.95 -28.94
CMC CLA FI . -0.43 -27.75 -30.38
CAC CLA FI . 2.43 -28.74 -31.40
CBC CLA FI . 2.93 -27.64 -32.29
ND CLA FI . 4.83 -27.44 -26.68
C1D CLA FI . 5.27 -27.99 -27.84
C2D CLA FI . 6.70 -28.22 -27.82
C3D CLA FI . 7.09 -27.75 -26.56
C4D CLA FI . 5.96 -27.28 -25.89
CMD CLA FI . 7.70 -28.79 -28.80
CAD CLA FI . 8.24 -27.57 -25.71
OBD CLA FI . 9.40 -27.66 -26.07
CBD CLA FI . 7.78 -26.92 -24.44
CGD CLA FI . 8.13 -27.80 -23.28
O1D CLA FI . 8.31 -29.00 -23.44
O2D CLA FI . 8.28 -27.31 -22.06
CED CLA FI . 9.59 -27.46 -21.49
C1 CLA FI . 4.35 -20.22 -22.98
C2 CLA FI . 4.38 -19.52 -24.32
C3 CLA FI . 3.84 -18.31 -24.51
C4 CLA FI . 3.14 -17.56 -23.41
C5 CLA FI . 3.88 -17.63 -25.87
C6 CLA FI . 4.13 -16.13 -25.73
C7 CLA FI . 4.69 -15.54 -27.02
C8 CLA FI . 5.74 -14.49 -26.72
C9 CLA FI . 5.10 -13.23 -26.18
C10 CLA FI . 6.56 -14.16 -27.96
C11 CLA FI . 7.74 -13.27 -27.56
C12 CLA FI . 9.05 -13.75 -28.15
C13 CLA FI . 10.00 -14.36 -27.12
C14 CLA FI . 9.61 -15.81 -26.80
C15 CLA FI . 10.02 -13.52 -25.84
C16 CLA FI . 11.23 -13.89 -24.99
C17 CLA FI . 10.80 -14.31 -23.58
C18 CLA FI . 11.91 -14.05 -22.58
C19 CLA FI . 13.11 -14.95 -22.83
C20 CLA FI . 12.32 -12.58 -22.57
MG CLA GI . -3.27 -16.27 -4.51
CHA CLA GI . -1.00 -16.82 -1.96
CHB CLA GI . -4.77 -19.30 -3.94
CHC CLA GI . -5.46 -15.56 -6.90
CHD CLA GI . -1.77 -13.12 -5.07
NA CLA GI . -2.95 -17.92 -3.09
C1A CLA GI . -1.99 -17.96 -2.15
C2A CLA GI . -2.06 -19.26 -1.39
C3A CLA GI . -3.21 -20.01 -2.05
C4A CLA GI . -3.69 -19.04 -3.09
CMA CLA GI . -3.02 -21.47 -2.45
CAA CLA GI . -2.37 -18.96 0.09
CBA CLA GI . -3.84 -18.95 0.49
CGA CLA GI . -4.48 -17.61 0.29
O1A CLA GI . -4.76 -17.25 -0.84
O2A CLA GI . -4.71 -16.83 1.33
NB CLA GI . -4.87 -17.26 -5.28
C1B CLA GI . -5.33 -18.51 -4.96
C2B CLA GI . -6.45 -18.86 -5.78
C3B CLA GI . -6.64 -17.79 -6.62
C4B CLA GI . -5.63 -16.80 -6.28
CMB CLA GI . -7.22 -20.15 -5.69
CAB CLA GI . -7.65 -17.57 -7.69
CBB CLA GI . -9.10 -17.95 -7.57
NC CLA GI . -3.57 -14.60 -5.76
C1C CLA GI . -4.55 -14.52 -6.66
C2C CLA GI . -4.55 -13.23 -7.38
C3C CLA GI . -3.50 -12.53 -6.85
C4C CLA GI . -2.89 -13.40 -5.84
CMC CLA GI . -5.52 -12.80 -8.44
CAC CLA GI . -3.05 -11.15 -7.22
CBC CLA GI . -3.62 -10.15 -6.25
ND CLA GI . -1.80 -15.16 -3.77
C1D CLA GI . -1.26 -13.95 -4.05
C2D CLA GI . -0.13 -13.64 -3.17
C3D CLA GI . -0.04 -14.77 -2.37
C4D CLA GI . -1.04 -15.67 -2.74
CMD CLA GI . 0.80 -12.47 -3.04
CAD CLA GI . 0.72 -15.33 -1.28
OBD CLA GI . 1.44 -14.69 -0.53
CBD CLA GI . 0.14 -16.67 -0.96
CGD CLA GI . 1.22 -17.72 -1.10
O1D CLA GI . 1.06 -18.84 -0.67
O2D CLA GI . 2.37 -17.42 -1.71
CED CLA GI . 2.69 -18.20 -2.84
C1 CLA GI . -6.07 -16.57 1.80
C2 CLA GI . -7.20 -16.20 0.88
C3 CLA GI . -8.25 -15.47 1.29
C4 CLA GI . -8.35 -14.96 2.70
C5 CLA GI . -9.38 -15.12 0.34
C6 CLA GI . -10.15 -13.88 0.78
C7 CLA GI . -11.63 -14.21 1.04
C8 CLA GI . -12.55 -13.13 0.49
C9 CLA GI . -12.48 -13.08 -1.03
C10 CLA GI . -12.19 -11.79 1.10
C11 CLA GI . -13.34 -10.80 0.98
C12 CLA GI . -12.83 -9.42 0.55
C13 CLA GI . -13.39 -8.33 1.46
C14 CLA GI . -14.77 -7.88 1.00
C15 CLA GI . -12.42 -7.17 1.50
C16 CLA GI . -12.41 -6.48 2.86
C17 CLA GI . -11.13 -6.82 3.62
C18 CLA GI . -10.40 -5.56 4.06
C19 CLA GI . -10.84 -5.11 5.43
C20 CLA GI . -8.89 -5.77 4.01
MG CLA HI . -30.19 -21.53 -18.75
CHA CLA HI . -30.32 -19.93 -21.81
CHB CLA HI . -33.08 -19.99 -17.74
CHC CLA HI . -29.96 -23.18 -15.88
CHD CLA HI . -27.23 -23.15 -19.80
NA CLA HI . -31.59 -20.10 -19.66
C1A CLA HI . -31.47 -19.57 -20.89
C2A CLA HI . -32.62 -18.64 -21.19
C3A CLA HI . -33.45 -18.66 -19.90
C4A CLA HI . -32.69 -19.62 -19.03
CMA CLA HI . -33.92 -17.33 -19.35
CAA CLA HI . -33.45 -19.17 -22.38
CBA CLA HI . -34.47 -20.24 -22.03
CGA CLA HI . -33.83 -21.60 -21.87
O1A CLA HI . -33.50 -22.23 -22.85
O2A CLA HI . -33.61 -22.06 -20.65
NB CLA HI . -31.33 -21.57 -17.07
C1B CLA HI . -32.47 -20.87 -16.82
C2B CLA HI . -32.96 -21.19 -15.51
C3B CLA HI . -32.06 -22.09 -14.99
C4B CLA HI . -31.04 -22.31 -16.00
CMB CLA HI . -34.20 -20.62 -14.88
CAB CLA HI . -32.05 -22.76 -13.67
CBB CLA HI . -32.03 -21.99 -12.38
NC CLA HI . -28.86 -22.98 -18.00
C1C CLA HI . -28.92 -23.49 -16.78
C2C CLA HI . -27.80 -24.40 -16.47
C3C CLA HI . -27.06 -24.41 -17.62
C4C CLA HI . -27.71 -23.51 -18.56
CMC CLA HI . -27.57 -25.15 -15.20
CAC CLA HI . -25.78 -25.16 -17.86
CBC CLA HI . -24.65 -24.29 -17.38
ND CLA HI . -29.01 -21.60 -20.33
C1D CLA HI . -27.87 -22.26 -20.68
C2D CLA HI . -27.42 -21.91 -21.99
C3D CLA HI . -28.37 -21.01 -22.43
C4D CLA HI . -29.33 -20.82 -21.43
CMD CLA HI . -26.23 -22.33 -22.81
CAD CLA HI . -28.70 -20.20 -23.57
OBD CLA HI . -28.23 -20.33 -24.68
CBD CLA HI . -29.97 -19.47 -23.23
CGD CLA HI . -29.64 -18.01 -23.36
O1D CLA HI . -28.95 -17.61 -24.28
O2D CLA HI . -30.10 -17.11 -22.51
CED CLA HI . -30.91 -16.12 -23.15
C1 CLA HI . -32.92 -23.31 -20.40
C2 CLA HI . -33.69 -24.60 -20.24
C3 CLA HI . -33.55 -25.34 -19.13
C4 CLA HI . -32.61 -24.93 -18.02
C5 CLA HI . -34.31 -26.63 -18.93
C6 CLA HI . -33.40 -27.71 -18.33
C7 CLA HI . -34.13 -29.04 -18.23
C8 CLA HI . -33.14 -30.19 -18.15
C9 CLA HI . -32.24 -30.22 -19.38
C10 CLA HI . -33.88 -31.51 -17.97
C11 CLA HI . -32.90 -32.69 -17.98
C12 CLA HI . -33.23 -33.70 -16.89
C13 CLA HI . -32.51 -35.02 -17.17
C14 CLA HI . -33.33 -36.20 -16.66
C15 CLA HI . -31.12 -34.98 -16.55
C16 CLA HI . -31.17 -35.17 -15.03
C17 CLA HI . -30.00 -36.02 -14.56
C18 CLA HI . -29.43 -35.49 -13.26
C19 CLA HI . -28.77 -36.60 -12.45
C20 CLA HI . -28.43 -34.37 -13.53
MG CLA II . -24.13 -26.86 -32.79
CHA CLA II . -26.93 -25.28 -34.07
CHB CLA II . -23.56 -24.22 -30.64
CHC CLA II . -21.51 -28.49 -31.62
CHD CLA II . -24.77 -29.59 -34.96
NA CLA II . -25.13 -24.95 -32.37
C1A CLA II . -26.23 -24.49 -32.98
C2A CLA II . -26.63 -23.12 -32.46
C3A CLA II . -25.52 -22.83 -31.44
C4A CLA II . -24.68 -24.06 -31.45
CMA CLA II . -24.78 -21.52 -31.61
CAA CLA II . -27.99 -23.23 -31.78
CBA CLA II . -28.04 -22.93 -30.28
CGA CLA II . -29.16 -23.70 -29.62
O1A CLA II . -30.30 -23.51 -29.96
O2A CLA II . -28.86 -24.59 -28.69
NB CLA II . -22.75 -26.43 -31.35
C1B CLA II . -22.66 -25.31 -30.56
C2B CLA II . -21.51 -25.41 -29.69
C3B CLA II . -20.95 -26.63 -29.98
C4B CLA II . -21.75 -27.25 -31.03
CMB CLA II . -21.07 -24.40 -28.66
CAB CLA II . -19.75 -27.27 -29.39
CBB CLA II . -19.53 -27.42 -27.91
NC CLA II . -23.31 -28.75 -33.19
C1C CLA II . -22.21 -29.20 -32.61
C2C CLA II . -21.82 -30.53 -33.12
C3C CLA II . -22.76 -30.84 -34.05
C4C CLA II . -23.68 -29.71 -34.10
CMC CLA II . -20.64 -31.32 -32.66
CAC CLA II . -22.82 -32.09 -34.89
CBC CLA II . -21.94 -31.93 -36.10
ND CLA II . -25.44 -27.40 -34.18
C1D CLA II . -25.65 -28.49 -34.97
C2D CLA II . -26.83 -28.34 -35.81
C3D CLA II . -27.32 -27.09 -35.44
C4D CLA II . -26.49 -26.54 -34.46
CMD CLA II . -27.51 -29.22 -36.82
CAD CLA II . -28.40 -26.16 -35.71
OBD CLA II . -29.29 -26.31 -36.52
CBD CLA II . -28.14 -24.92 -34.90
CGD CLA II . -27.82 -23.77 -35.80
O1D CLA II . -27.95 -22.62 -35.42
O2D CLA II . -27.37 -23.98 -37.03
CED CLA II . -26.17 -23.29 -37.39
C1 CLA II . -29.85 -24.97 -27.69
C2 CLA II . -29.97 -24.29 -26.34
C3 CLA II . -30.00 -25.02 -25.22
C4 CLA II . -29.92 -26.52 -25.26
C5 CLA II . -30.10 -24.39 -23.86
C6 CLA II . -29.16 -25.08 -22.88
C7 CLA II . -29.87 -25.46 -21.59
C8 CLA II . -29.31 -26.74 -21.00
C9 CLA II . -29.81 -27.95 -21.76
C10 CLA II . -29.68 -26.83 -19.52
C11 CLA II . -29.06 -28.07 -18.88
C12 CLA II . -29.13 -27.98 -17.35
C13 CLA II . -29.00 -29.35 -16.71
C14 CLA II . -29.02 -29.23 -15.19
C15 CLA II . -27.72 -30.02 -17.18
C16 CLA II . -27.53 -31.40 -16.54
C17 CLA II . -28.14 -32.49 -17.42
C18 CLA II . -27.08 -33.48 -17.88
C19 CLA II . -26.39 -34.14 -16.69
C20 CLA II . -27.68 -34.52 -18.81
MG CLA JI . -21.65 -19.69 -28.16
CHA CLA JI . -18.29 -18.88 -28.14
CHB CLA JI . -21.12 -22.06 -25.72
CHC CLA JI . -24.88 -20.25 -28.14
CHD CLA JI . -22.15 -17.30 -30.72
NA CLA JI . -19.90 -20.40 -27.01
C1A CLA JI . -18.64 -19.96 -27.15
C2A CLA JI . -17.69 -20.69 -26.22
C3A CLA JI . -18.61 -21.68 -25.50
C4A CLA JI . -19.95 -21.37 -26.08
CMA CLA JI . -18.21 -23.15 -25.40
CAA CLA JI . -17.13 -19.72 -25.19
CBA CLA JI . -16.18 -20.40 -24.21
CGA CLA JI . -15.12 -19.42 -23.79
O1A CLA JI . -15.35 -18.23 -23.82
O2A CLA JI . -13.94 -19.89 -23.39
NB CLA JI . -22.83 -20.95 -27.07
C1B CLA JI . -22.43 -21.88 -26.18
C2B CLA JI . -23.56 -22.65 -25.73
C3B CLA JI . -24.64 -22.16 -26.40
C4B CLA JI . -24.16 -21.06 -27.26
CMB CLA JI . -23.51 -23.78 -24.74
CAB CLA JI . -26.02 -22.70 -26.22
CBB CLA JI . -27.27 -22.25 -26.92
NC CLA JI . -23.26 -18.84 -29.20
C1C CLA JI . -24.51 -19.25 -29.06
C2C CLA JI . -25.45 -18.56 -29.98
C3C CLA JI . -24.65 -17.70 -30.68
C4C CLA JI . -23.29 -17.88 -30.19
CMC CLA JI . -26.93 -18.78 -30.09
CAC CLA JI . -25.10 -16.74 -31.76
CBC CLA JI . -25.23 -15.35 -31.19
ND CLA JI . -20.59 -18.39 -29.22
C1D CLA JI . -20.85 -17.48 -30.20
C2D CLA JI . -19.65 -16.75 -30.59
C3D CLA JI . -18.66 -17.31 -29.79
C4D CLA JI . -19.23 -18.28 -28.97
CMD CLA JI . -19.36 -15.67 -31.59
CAD CLA JI . -17.25 -17.24 -29.48
OBD CLA JI . -16.46 -16.45 -29.97
CBD CLA JI . -16.94 -18.29 -28.46
CGD CLA JI . -16.06 -19.34 -29.07
O1D CLA JI . -14.85 -19.27 -28.97
O2D CLA JI . -16.59 -20.36 -29.74
CED CLA JI . -16.02 -21.64 -29.46
C1 CLA JI . -12.71 -19.62 -24.13
C2 CLA JI . -12.48 -20.14 -25.53
C3 CLA JI . -11.33 -20.75 -25.84
C4 CLA JI . -10.24 -20.95 -24.83
C5 CLA JI . -11.04 -21.29 -27.22
C6 CLA JI . -9.83 -20.57 -27.80
C7 CLA JI . -10.17 -19.15 -28.21
C8 CLA JI . -11.16 -19.14 -29.38
C9 CLA JI . -10.45 -19.46 -30.68
C10 CLA JI . -11.87 -17.79 -29.48
C11 CLA JI . -12.34 -17.28 -28.13
C12 CLA JI . -13.42 -16.22 -28.28
C13 CLA JI . -13.58 -15.38 -27.01
C14 CLA JI . -13.60 -16.25 -25.76
C15 CLA JI . -14.86 -14.57 -27.09
C16 CLA JI . -14.91 -13.68 -28.32
C17 CLA JI . -16.05 -12.67 -28.21
C18 CLA JI . -17.17 -13.01 -29.19
C19 CLA JI . -18.18 -13.95 -28.54
C20 CLA JI . -17.87 -11.76 -29.68
MG CLA KI . -22.19 -8.42 -15.71
CHA CLA KI . -23.92 -5.45 -15.95
CHB CLA KI . -20.56 -7.78 -18.67
CHC CLA KI . -20.53 -11.24 -15.34
CHD CLA KI . -23.84 -9.07 -12.65
NA CLA KI . -22.20 -6.76 -17.18
C1A CLA KI . -22.95 -5.66 -17.10
C2A CLA KI . -22.71 -4.76 -18.29
C3A CLA KI . -21.70 -5.56 -19.12
C4A CLA KI . -21.44 -6.77 -18.28
CMA CLA KI . -22.02 -5.79 -20.59
CAA CLA KI . -21.92 -3.47 -18.03
CBA CLA KI . -21.81 -2.94 -16.61
CGA CLA KI . -20.40 -2.88 -16.11
O1A CLA KI . -19.71 -3.88 -16.16
O2A CLA KI . -19.95 -1.74 -15.62
NB CLA KI . -20.77 -9.35 -16.82
C1B CLA KI . -20.24 -8.97 -18.00
C2B CLA KI . -19.31 -9.95 -18.48
C3B CLA KI . -19.30 -10.94 -17.54
C4B CLA KI . -20.24 -10.54 -16.50
CMB CLA KI . -18.55 -9.83 -19.76
CAB CLA KI . -18.55 -12.23 -17.47
CBB CLA KI . -17.26 -12.55 -18.18
NC CLA KI . -22.19 -9.91 -14.23
C1C CLA KI . -21.39 -10.96 -14.27
C2C CLA KI . -21.49 -11.78 -13.06
C3C CLA KI . -22.43 -11.15 -12.28
C4C CLA KI . -22.86 -9.98 -13.03
CMC CLA KI . -20.70 -13.02 -12.79
CAC CLA KI . -22.90 -11.58 -10.92
CBC CLA KI . -22.08 -10.87 -9.87
ND CLA KI . -23.52 -7.56 -14.52
C1D CLA KI . -24.14 -7.88 -13.35
C2D CLA KI . -25.12 -6.88 -12.97
C3D CLA KI . -25.03 -5.93 -13.99
C4D CLA KI . -24.06 -6.35 -14.91
CMD CLA KI . -26.06 -6.75 -11.81
CAD CLA KI . -25.58 -4.66 -14.43
OBD CLA KI . -26.23 -3.90 -13.76
CBD CLA KI . -24.92 -4.34 -15.74
CGD CLA KI . -25.91 -4.34 -16.86
O1D CLA KI . -26.80 -5.19 -16.91
O2D CLA KI . -25.82 -3.44 -17.84
CED CLA KI . -26.84 -2.44 -17.86
C1 CLA KI . -18.81 -1.70 -14.73
C2 CLA KI . -18.73 -2.56 -13.48
C3 CLA KI . -18.05 -2.14 -12.40
C4 CLA KI . -17.34 -0.82 -12.39
C5 CLA KI . -17.97 -3.02 -11.17
C6 CLA KI . -17.00 -2.47 -10.13
C7 CLA KI . -15.89 -3.47 -9.81
C8 CLA KI . -16.37 -4.60 -8.89
C9 CLA KI . -17.22 -4.09 -7.75
C10 CLA KI . -15.14 -5.33 -8.36
C11 CLA KI . -14.35 -6.00 -9.46
C12 CLA KI . -13.53 -7.16 -8.92
C13 CLA KI . -12.14 -7.29 -9.54
C14 CLA KI . -11.50 -5.93 -9.81
C15 CLA KI . -12.21 -8.13 -10.80
C16 CLA KI . -12.07 -9.61 -10.50
C17 CLA KI . -13.33 -10.37 -10.89
C18 CLA KI . -13.02 -11.56 -11.77
C19 CLA KI . -11.96 -12.46 -11.15
C20 CLA KI . -14.28 -12.34 -12.10
MG CLA LI . -16.93 -9.15 -22.56
CHA CLA LI . -16.31 -12.51 -23.16
CHB CLA LI . -14.15 -8.94 -20.56
CHC CLA LI . -17.56 -5.93 -22.16
CHD CLA LI . -19.77 -9.38 -24.65
NA CLA LI . -15.37 -10.56 -21.92
C1A CLA LI . -15.30 -11.87 -22.25
C2A CLA LI . -14.14 -12.54 -21.57
C3A CLA LI . -13.53 -11.40 -20.74
C4A CLA LI . -14.37 -10.22 -21.09
CMA CLA LI . -13.42 -11.67 -19.26
CAA CLA LI . -13.12 -13.03 -22.59
CBA CLA LI . -12.24 -11.93 -23.19
CGA CLA LI . -11.86 -12.30 -24.60
O1A CLA LI . -12.74 -12.64 -25.39
O2A CLA LI . -10.59 -12.26 -24.95
NB CLA LI . -15.99 -7.67 -21.53
C1B CLA LI . -14.87 -7.75 -20.76
C2B CLA LI . -14.56 -6.47 -20.19
C3B CLA LI . -15.55 -5.63 -20.64
C4B CLA LI . -16.44 -6.41 -21.50
CMB CLA LI . -13.41 -6.16 -19.28
CAB CLA LI . -15.76 -4.18 -20.40
CBB CLA LI . -14.66 -3.15 -20.43
NC CLA LI . -18.40 -7.85 -23.33
C1C CLA LI . -18.50 -6.58 -22.98
C2C CLA LI . -19.71 -5.94 -23.55
C3C CLA LI . -20.31 -6.93 -24.26
C4C CLA LI . -19.49 -8.13 -24.11
CMC CLA LI . -20.16 -4.52 -23.38
CAC CLA LI . -21.59 -6.82 -25.05
CBC CLA LI . -22.75 -7.18 -24.15
ND CLA LI . -17.87 -10.50 -23.66
C1D CLA LI . -18.97 -10.53 -24.45
C2D CLA LI . -19.21 -11.84 -25.02
C3D CLA LI . -18.16 -12.61 -24.51
C4D CLA LI . -17.38 -11.79 -23.70
CMD CLA LI . -20.24 -12.41 -25.94
CAD CLA LI . -17.62 -13.94 -24.53
OBD CLA LI . -18.01 -14.87 -25.21
CBD CLA LI . -16.41 -13.94 -23.65
CGD CLA LI . -16.59 -14.92 -22.52
O1D CLA LI . -15.69 -15.68 -22.20
O2D CLA LI . -17.74 -14.97 -21.85
CED CLA LI . -17.61 -15.27 -20.46
C1 CLA LI . -9.92 -13.48 -25.40
C2 CLA LI . -10.37 -14.84 -24.92
C3 CLA LI . -9.49 -15.76 -24.48
C4 CLA LI . -8.01 -15.47 -24.44
C5 CLA LI . -9.92 -17.11 -24.00
C6 CLA LI . -9.84 -17.17 -22.48
C7 CLA LI . -11.02 -16.45 -21.83
C8 CLA LI . -10.86 -16.28 -20.33
C9 CLA LI . -11.85 -15.26 -19.80
C10 CLA LI . -9.43 -15.87 -19.99
C11 CLA LI . -9.07 -16.24 -18.56
C12 CLA LI . -8.43 -17.63 -18.50
C13 CLA LI . -8.95 -18.37 -17.27
C14 CLA LI . -8.00 -18.18 -16.09
C15 CLA LI . -9.16 -19.85 -17.58
C16 CLA LI . -9.89 -20.06 -18.90
C17 CLA LI . -10.87 -21.22 -18.84
C18 CLA LI . -12.28 -20.83 -19.29
C19 CLA LI . -12.25 -19.84 -20.45
C20 CLA LI . -13.09 -22.06 -19.67
MG CLA MI . -11.51 -11.22 -14.99
CHA CLA MI . -12.71 -7.96 -14.83
CHB CLA MI . -14.57 -12.36 -16.02
CHC CLA MI . -10.20 -14.25 -15.25
CHD CLA MI . -8.37 -10.03 -13.92
NA CLA MI . -13.46 -10.28 -15.40
C1A CLA MI . -13.76 -8.98 -15.25
C2A CLA MI . -15.22 -8.72 -15.53
C3A CLA MI . -15.76 -10.11 -15.85
C4A CLA MI . -14.54 -10.98 -15.77
CMA CLA MI . -16.94 -10.56 -15.02
CAA CLA MI . -15.36 -7.85 -16.78
CBA CLA MI . -16.80 -7.71 -17.26
CGA CLA MI . -17.50 -6.61 -16.51
O1A CLA MI . -16.94 -5.53 -16.37
O2A CLA MI . -18.70 -6.83 -16.03
NB CLA MI . -12.26 -13.02 -15.56
C1B CLA MI . -13.54 -13.32 -15.95
C2B CLA MI . -13.65 -14.72 -16.26
C3B CLA MI . -12.40 -15.25 -16.02
C4B CLA MI . -11.55 -14.15 -15.59
CMB CLA MI . -14.90 -15.42 -16.72
CAB CLA MI . -11.89 -16.64 -16.16
CBB CLA MI . -12.40 -17.67 -17.14
NC CLA MI . -9.58 -11.99 -14.71
C1C CLA MI . -9.28 -13.29 -14.79
C2C CLA MI . -7.90 -13.60 -14.35
C3C CLA MI . -7.40 -12.37 -14.00
C4C CLA MI . -8.44 -11.39 -14.22
CMC CLA MI . -7.22 -14.93 -14.31
CAC CLA MI . -6.02 -12.09 -13.47
CBC CLA MI . -6.07 -12.21 -11.97
ND CLA MI . -10.64 -9.50 -14.51
C1D CLA MI . -9.42 -9.12 -14.06
C2D CLA MI . -9.38 -7.70 -13.75
C3D CLA MI . -10.66 -7.27 -14.06
C4D CLA MI . -11.41 -8.35 -14.50
CMD CLA MI . -8.30 -6.77 -13.23
CAD CLA MI . -11.49 -6.08 -14.07
OBD CLA MI . -11.15 -4.97 -13.73
CBD CLA MI . -12.79 -6.45 -14.71
CGD CLA MI . -13.94 -6.00 -13.88
O1D CLA MI . -14.16 -6.47 -12.78
O2D CLA MI . -14.76 -5.05 -14.34
CED CLA MI . -15.09 -4.02 -13.43
C1 CLA MI . -19.01 -6.65 -14.61
C2 CLA MI . -18.05 -7.07 -13.53
C3 CLA MI . -18.50 -7.75 -12.46
C4 CLA MI . -19.94 -8.12 -12.31
C5 CLA MI . -17.58 -8.19 -11.36
C6 CLA MI . -17.83 -9.66 -11.03
C7 CLA MI . -17.65 -9.92 -9.55
C8 CLA MI . -16.73 -11.11 -9.31
C9 CLA MI . -17.34 -12.37 -9.92
C10 CLA MI . -16.49 -11.28 -7.82
C11 CLA MI . -15.91 -10.02 -7.20
C12 CLA MI . -14.85 -10.36 -6.15
C13 CLA MI . -15.16 -9.70 -4.81
C14 CLA MI . -16.47 -10.23 -4.24
C15 CLA MI . -15.20 -8.18 -4.99
C16 CLA MI . -15.50 -7.49 -3.66
C17 CLA MI . -15.46 -5.97 -3.82
C18 CLA MI . -16.58 -5.31 -3.04
C19 CLA MI . -16.30 -3.83 -2.83
C20 CLA MI . -17.92 -5.52 -3.74
MG CLA NI . -13.51 0.80 -16.58
CHA CLA NI . -14.89 3.64 -18.02
CHB CLA NI . -12.56 -0.38 -19.66
CHC CLA NI . -12.13 -1.81 -15.09
CHD CLA NI . -14.51 1.99 -13.41
NA CLA NI . -13.69 1.54 -18.65
C1A CLA NI . -14.28 2.68 -19.03
C2A CLA NI . -14.22 2.83 -20.52
C3A CLA NI . -13.55 1.54 -20.99
C4A CLA NI . -13.23 0.85 -19.71
CMA CLA NI . -14.31 0.74 -22.02
CAA CLA NI . -13.24 3.88 -21.08
CBA CLA NI . -12.57 4.95 -20.20
CGA CLA NI . -11.66 4.43 -19.13
O1A CLA NI . -10.78 3.63 -19.40
O2A CLA NI . -11.87 4.88 -17.91
NB CLA NI . -12.49 -0.83 -17.27
C1B CLA NI . -12.22 -1.16 -18.55
C2B CLA NI . -11.50 -2.42 -18.61
C3B CLA NI . -11.39 -2.82 -17.30
C4B CLA NI . -12.03 -1.80 -16.48
CMB CLA NI . -11.04 -3.08 -19.88
CAB CLA NI . -10.77 -4.02 -16.68
CBB CLA NI . -10.46 -5.32 -17.38
NC CLA NI . -13.29 0.22 -14.57
C1C CLA NI . -12.72 -0.91 -14.18
C2C CLA NI . -12.76 -1.10 -12.71
C3C CLA NI . -13.42 0.01 -12.25
C4C CLA NI . -13.75 0.82 -13.42
CMC CLA NI . -12.21 -2.25 -11.93
CAC CLA NI . -13.73 0.31 -10.81
CBC CLA NI . -12.64 1.20 -10.26
ND CLA NI . -14.44 2.36 -15.81
C1D CLA NI . -14.80 2.77 -14.56
C2D CLA NI . -15.49 4.05 -14.58
C3D CLA NI . -15.52 4.38 -15.93
C4D CLA NI . -14.90 3.36 -16.66
CMD CLA NI . -16.08 4.93 -13.51
CAD CLA NI . -15.98 5.40 -16.84
OBD CLA NI . -16.26 6.54 -16.51
CBD CLA NI . -15.54 5.01 -18.22
CGD CLA NI . -16.73 5.08 -19.14
O1D CLA NI . -16.64 4.85 -20.34
O2D CLA NI . -17.92 5.43 -18.67
CED CLA NI . -19.03 5.29 -19.56
C1 CLA NI . -10.95 4.68 -16.80
C2 CLA NI . -10.68 3.33 -16.17
C3 CLA NI . -10.61 3.19 -14.84
C4 CLA NI . -10.79 4.36 -13.92
C5 CLA NI . -10.33 1.88 -14.17
C6 CLA NI . -9.02 1.98 -13.40
C7 CLA NI . -8.90 0.90 -12.34
C8 CLA NI . -7.71 1.14 -11.42
C9 CLA NI . -6.42 1.34 -12.20
C10 CLA NI . -7.56 -0.02 -10.44
C11 CLA NI . -6.42 0.23 -9.46
C12 CLA NI . -5.71 -1.06 -9.08
C13 CLA NI . -4.36 -0.78 -8.44
C14 CLA NI . -3.24 -0.89 -9.46
C15 CLA NI . -4.14 -1.72 -7.27
C16 CLA NI . -2.89 -1.32 -6.48
C17 CLA NI . -2.33 -2.49 -5.69
C18 CLA NI . -0.84 -2.31 -5.44
C19 CLA NI . -0.42 -2.92 -4.11
C20 CLA NI . -0.02 -2.89 -6.59
MG CLA OI . -11.94 -12.95 -34.12
CHA CLA OI . -11.62 -12.33 -30.74
CHB CLA OI . -9.17 -15.00 -34.05
CHC CLA OI . -12.43 -13.62 -37.31
CHD CLA OI . -14.80 -10.87 -34.17
NA CLA OI . -10.53 -13.62 -32.55
C1A CLA OI . -10.56 -13.27 -31.26
C2A CLA OI . -9.40 -13.86 -30.51
C3A CLA OI . -8.66 -14.69 -31.58
C4A CLA OI . -9.48 -14.44 -32.80
CMA CLA OI . -7.14 -14.59 -31.74
CAA CLA OI . -9.85 -14.73 -29.33
CBA CLA OI . -8.80 -15.67 -28.75
CGA CLA OI . -7.70 -14.96 -27.99
O1A CLA OI . -7.75 -13.76 -27.77
O2A CLA OI . -6.70 -15.69 -27.54
NB CLA OI . -10.97 -14.14 -35.47
C1B CLA OI . -9.83 -14.87 -35.28
C2B CLA OI . -9.42 -15.48 -36.53
C3B CLA OI . -10.36 -15.08 -37.44
C4B CLA OI . -11.33 -14.23 -36.75
CMB CLA OI . -8.23 -16.37 -36.75
CAB CLA OI . -10.46 -15.40 -38.89
CBB CLA OI . -9.32 -15.13 -39.84
NC CLA OI . -13.42 -12.40 -35.50
C1C CLA OI . -13.37 -12.69 -36.79
C2C CLA OI . -14.35 -11.95 -37.60
C3C CLA OI . -15.03 -11.18 -36.69
C4C CLA OI . -14.44 -11.46 -35.38
CMC CLA OI . -14.56 -12.04 -39.09
CAC CLA OI . -16.14 -10.21 -36.98
CBC CLA OI . -15.55 -8.87 -37.38
ND CLA OI . -13.03 -11.89 -32.86
C1D CLA OI . -14.11 -11.06 -32.96
C2D CLA OI . -14.42 -10.42 -31.69
C3D CLA OI . -13.45 -10.92 -30.83
C4D CLA OI . -12.64 -11.80 -31.54
CMD CLA OI . -15.46 -9.43 -31.24
CAD CLA OI . -12.98 -10.85 -29.46
OBD CLA OI . -13.29 -9.97 -28.67
CBD CLA OI . -11.78 -11.73 -29.34
CGD CLA OI . -10.58 -10.88 -29.05
O1D CLA OI . -10.48 -9.75 -29.49
O2D CLA OI . -9.59 -11.37 -28.31
CED CLA OI . -8.95 -10.45 -27.42
C1 CLA OI . -5.41 -15.09 -27.21
C2 CLA OI . -4.59 -14.34 -28.24
C3 CLA OI . -3.28 -14.61 -28.42
C4 CLA OI . -2.58 -15.65 -27.62
C5 CLA OI . -2.46 -13.88 -29.45
C6 CLA OI . -2.71 -14.48 -30.82
C7 CLA OI . -1.97 -13.70 -31.90
C8 CLA OI . -2.93 -13.13 -32.93
C9 CLA OI . -3.81 -14.21 -33.55
C10 CLA OI . -2.14 -12.40 -34.01
C11 CLA OI . -2.00 -10.92 -33.69
C12 CLA OI . -1.46 -10.16 -34.90
C13 CLA OI . -2.37 -10.34 -36.11
C14 CLA OI . -1.64 -9.99 -37.40
C15 CLA OI . -3.62 -9.49 -35.95
C16 CLA OI . -4.79 -10.08 -36.72
C17 CLA OI . -5.62 -10.99 -35.83
C18 CLA OI . -7.04 -11.16 -36.39
C19 CLA OI . -7.02 -11.93 -37.71
C20 CLA OI . -7.93 -11.87 -35.38
MG CLA PI . -5.86 -6.99 -34.87
CHA CLA PI . -4.32 -4.71 -36.93
CHB CLA PI . -3.00 -7.27 -32.97
CHC CLA PI . -7.49 -9.00 -32.85
CHD CLA PI . -8.81 -6.67 -36.81
NA CLA PI . -3.85 -6.08 -34.92
C1A CLA PI . -3.43 -5.20 -35.82
C2A CLA PI . -1.99 -4.83 -35.61
C3A CLA PI . -1.61 -5.68 -34.40
C4A CLA PI . -2.88 -6.38 -34.05
CMA CLA PI . -0.39 -6.55 -34.58
CAA CLA PI . -1.84 -3.37 -35.22
CBA CLA PI . -0.39 -2.91 -35.40
CGA CLA PI . -0.23 -2.25 -36.74
O1A CLA PI . -0.93 -1.29 -37.00
O2A CLA PI . 0.66 -2.71 -37.61
NB CLA PI . -5.33 -7.97 -33.16
C1B CLA PI . -4.12 -8.00 -32.55
C2B CLA PI . -4.16 -8.90 -31.42
C3B CLA PI . -5.44 -9.39 -31.41
C4B CLA PI . -6.16 -8.79 -32.51
CMB CLA PI . -3.03 -9.21 -30.48
CAB CLA PI . -6.06 -10.35 -30.47
CBB CLA PI . -5.49 -11.73 -30.28
NC CLA PI . -7.84 -7.69 -34.83
C1C CLA PI . -8.28 -8.55 -33.92
C2C CLA PI . -9.66 -8.97 -34.17
C3C CLA PI . -10.04 -8.30 -35.30
C4C CLA PI . -8.89 -7.50 -35.70
CMC CLA PI . -10.42 -9.93 -33.32
CAC CLA PI . -11.38 -8.38 -35.99
CBC CLA PI . -11.43 -9.60 -36.88
ND CLA PI . -6.52 -5.97 -36.43
C1D CLA PI . -7.66 -5.92 -37.17
C2D CLA PI . -7.52 -5.07 -38.33
C3D CLA PI . -6.21 -4.59 -38.22
C4D CLA PI . -5.63 -5.14 -37.08
CMD CLA PI . -8.46 -4.69 -39.45
CAD CLA PI . -5.24 -3.75 -38.89
OBD CLA PI . -5.14 -3.70 -40.09
CBD CLA PI . -3.99 -3.79 -38.08
CGD CLA PI . -2.96 -4.43 -38.95
O1D CLA PI . -2.06 -3.78 -39.44
O2D CLA PI . -3.04 -5.73 -39.23
CED CLA PI . -1.87 -6.52 -38.98
C1 CLA PI . 0.78 -4.15 -37.86
C2 CLA PI . 2.10 -4.89 -37.88
C3 CLA PI . 2.13 -6.22 -37.73
C4 CLA PI . 3.59 -5.98 -37.91
C5 CLA PI . 2.70 -7.61 -37.58
C6 CLA PI . 2.69 -8.02 -36.11
C7 CLA PI . 3.02 -9.50 -35.92
C8 CLA PI . 4.21 -9.75 -35.00
C9 CLA PI . 4.23 -8.80 -33.81
C10 CLA PI . 5.52 -9.67 -35.79
C11 CLA PI . 6.66 -10.37 -35.03
C12 CLA PI . 8.02 -9.85 -35.49
C13 CLA PI . 8.98 -9.70 -34.32
C14 CLA PI . 9.04 -8.25 -33.85
C15 CLA PI . 10.37 -10.20 -34.72
C16 CLA PI . 11.19 -10.60 -33.50
C17 CLA PI . 12.62 -10.96 -33.89
C18 CLA PI . 12.73 -12.41 -34.34
C19 CLA PI . 13.59 -12.53 -35.60
C20 CLA PI . 13.29 -13.29 -33.23
C1 BCR QI . -2.01 -6.63 -0.51
C2 BCR QI . -2.44 -7.02 0.89
C3 BCR QI . -2.45 -8.52 1.15
C4 BCR QI . -3.30 -9.16 0.09
C5 BCR QI . -2.69 -8.91 -1.26
C6 BCR QI . -2.05 -7.76 -1.52
C7 BCR QI . -1.34 -7.60 -2.81
C8 BCR QI . -1.85 -7.06 -3.90
C9 BCR QI . -1.17 -6.90 -5.17
C10 BCR QI . -1.90 -7.04 -6.41
C11 BCR QI . -2.72 -6.39 -7.37
C33 BCR QI . -2.79 -10.01 -2.29
C31 BCR QI . -0.57 -6.10 -0.49
C32 BCR QI . -2.95 -5.52 -0.99
C34 BCR QI . 0.30 -6.59 -5.20
C12 BCR QI . -3.45 -5.88 -8.18
C13 BCR QI . -3.74 -5.21 -9.40
C14 BCR QI . -5.05 -5.02 -9.71
C15 BCR QI . -5.49 -4.37 -10.90
C16 BCR QI . -6.43 -3.69 -11.58
C17 BCR QI . -6.30 -3.33 -12.83
C18 BCR QI . -7.28 -2.87 -13.63
C19 BCR QI . -7.01 -2.49 -15.02
C20 BCR QI . -7.20 -1.70 -16.06
C21 BCR QI . -7.08 -1.22 -17.40
C22 BCR QI . -7.85 -0.31 -18.02
C23 BCR QI . -7.53 0.04 -19.41
C24 BCR QI . -7.94 1.29 -20.12
C25 BCR QI . -7.54 1.48 -21.53
C26 BCR QI . -6.29 1.85 -21.81
C27 BCR QI . -5.69 1.58 -23.17
C28 BCR QI . -6.71 1.51 -24.30
C29 BCR QI . -8.11 1.95 -23.89
C30 BCR QI . -8.58 1.26 -22.62
C35 BCR QI . -2.65 -4.73 -10.30
C36 BCR QI . -8.67 -2.73 -13.09
C37 BCR QI . -9.01 0.33 -17.32
C38 BCR QI . -5.43 2.56 -20.81
C39 BCR QI . -8.83 -0.23 -22.87
C40 BCR QI . -9.87 1.94 -22.20
C1 BCR RI . -9.52 -11.51 -5.27
C2 BCR RI . -8.92 -11.61 -3.87
C3 BCR RI . -7.89 -10.51 -3.54
C4 BCR RI . -8.47 -9.13 -3.79
C5 BCR RI . -9.28 -9.08 -5.05
C6 BCR RI . -9.27 -10.14 -5.86
C7 BCR RI . -9.02 -9.96 -7.30
C8 BCR RI . -7.87 -9.46 -7.72
C9 BCR RI . -7.50 -9.24 -9.10
C10 BCR RI . -6.29 -8.51 -9.40
C11 BCR RI . -5.16 -8.46 -10.25
C33 BCR RI . -10.09 -7.86 -5.40
C31 BCR RI . -11.03 -11.70 -5.21
C32 BCR RI . -8.90 -12.56 -6.17
C34 BCR RI . -8.36 -9.74 -10.20
C12 BCR RI . -4.17 -8.39 -10.93
C13 BCR RI . -3.44 -8.11 -12.12
C14 BCR RI . -2.10 -7.98 -12.00
C15 BCR RI . -1.22 -7.68 -13.09
C16 BCR RI . -0.04 -7.82 -13.72
C17 BCR RI . 0.27 -7.17 -14.80
C18 BCR RI . 1.52 -6.88 -15.23
C19 BCR RI . 1.77 -6.13 -16.48
C20 BCR RI . 2.65 -5.77 -17.39
C21 BCR RI . 3.28 -5.16 -18.52
C22 BCR RI . 4.60 -4.98 -18.72
C23 BCR RI . 5.15 -4.34 -19.92
C24 BCR RI . 5.34 -4.99 -21.25
C25 BCR RI . 5.93 -4.33 -22.44
C26 BCR RI . 5.25 -3.45 -23.19
C27 BCR RI . 5.57 -3.36 -24.67
C28 BCR RI . 6.22 -4.66 -25.11
C29 BCR RI . 7.50 -4.94 -24.32
C30 BCR RI . 7.37 -4.72 -22.82
C35 BCR RI . -4.13 -7.97 -13.44
C36 BCR RI . 2.70 -7.31 -14.42
C37 BCR RI . 5.53 -5.45 -17.66
C38 BCR RI . 4.17 -2.54 -22.70
C39 BCR RI . 8.32 -3.63 -22.33
C40 BCR RI . 7.74 -6.05 -22.17
C6 C7Z SI . 3.75 -18.95 -31.60
C17 C7Z SI . 5.43 -18.20 -33.21
C4 C7Z SI . 2.88 -21.39 -31.75
C3 C7Z SI . 4.22 -21.62 -32.71
O3 C7Z SI . 4.01 -22.79 -33.51
C2 C7Z SI . 4.50 -20.57 -33.56
C1 C7Z SI . 4.14 -19.05 -33.02
C5 C7Z SI . 2.93 -20.17 -30.98
C18 C7Z SI . 2.73 -20.26 -29.45
C16 C7Z SI . 3.03 -18.46 -33.95
O23 C7Z SI . -2.29 7.40 -28.83
C26 C7Z SI . -0.70 3.93 -30.80
C7 C7Z SI . 3.59 -17.52 -30.97
C8 C7Z SI . 2.34 -17.00 -30.83
C9 C7Z SI . 2.04 -15.61 -30.24
C19 C7Z SI . 1.31 -15.51 -28.90
C10 C7Z SI . 2.39 -14.51 -30.89
C11 C7Z SI . 2.05 -13.11 -30.27
C12 C7Z SI . 1.53 -12.19 -31.11
C13 C7Z SI . 1.10 -10.75 -30.65
C20 C7Z SI . 0.25 -10.56 -29.37
C14 C7Z SI . 1.46 -9.68 -31.38
C15 C7Z SI . 1.01 -8.26 -30.96
C35 C7Z SI . 1.41 -7.19 -31.66
C34 C7Z SI . 0.92 -5.79 -31.25
C33 C7Z SI . 1.33 -4.68 -31.89
C40 C7Z SI . 2.35 -4.74 -33.06
C32 C7Z SI . 0.77 -3.31 -31.41
C31 C7Z SI . 1.07 -2.16 -32.03
C30 C7Z SI . 0.42 -0.87 -31.42
C29 C7Z SI . 0.31 0.28 -32.10
C39 C7Z SI . 0.80 0.41 -33.53
C28 C7Z SI . -0.37 1.48 -31.37
C27 C7Z SI . 0.02 2.76 -31.58
C21 C7Z SI . -1.81 4.70 -31.45
C36 C7Z SI . -1.26 5.31 -32.76
C37 C7Z SI . -2.99 3.77 -31.81
C22 C7Z SI . -2.44 5.93 -30.52
C23 C7Z SI . -1.56 6.50 -29.65
C24 C7Z SI . -0.77 5.37 -28.61
C25 C7Z SI . -0.41 4.13 -29.22
C38 C7Z SI . 0.66 3.25 -28.51
O6 SQD TI . -10.68 8.39 -24.48
C44 SQD TI . -9.36 8.79 -24.19
C45 SQD TI . -8.55 7.55 -23.71
C46 SQD TI . -9.43 6.53 -22.99
O47 SQD TI . -8.10 6.91 -24.89
C7 SQD TI . -6.89 7.31 -25.40
O49 SQD TI . -6.81 8.22 -26.18
C8 SQD TI . -5.78 6.48 -24.85
C9 SQD TI . -4.47 6.87 -25.54
C10 SQD TI . -3.35 5.85 -25.31
C11 SQD TI . -3.08 5.63 -23.82
C12 SQD TI . -2.02 4.54 -23.61
C13 SQD TI . -1.17 4.79 -22.36
C14 SQD TI . 0.09 3.93 -22.33
C15 SQD TI . 1.14 4.49 -21.36
C16 SQD TI . 2.47 3.72 -21.46
C17 SQD TI . 3.68 4.61 -21.13
C18 SQD TI . 3.54 5.25 -19.74
C19 SQD TI . 3.78 4.23 -18.61
C20 SQD TI . 3.76 4.90 -17.23
C21 SQD TI . 2.33 5.11 -16.73
C22 SQD TI . 1.74 3.83 -16.18
O48 SQD TI . -9.21 6.67 -21.59
C23 SQD TI . -8.34 5.80 -21.02
O10 SQD TI . -7.64 5.08 -21.70
C24 SQD TI . -8.38 5.85 -19.50
C25 SQD TI . -7.10 5.25 -18.90
C26 SQD TI . -7.42 4.12 -17.92
C27 SQD TI . -6.61 4.25 -16.62
C28 SQD TI . -6.34 2.87 -15.99
C29 SQD TI . -4.90 2.41 -16.20
C30 SQD TI . -4.58 1.11 -15.42
C31 SQD TI . -3.10 0.73 -15.56
C32 SQD TI . -2.77 0.20 -16.96
C33 SQD TI . -2.65 -1.33 -16.98
C34 SQD TI . -1.51 -1.83 -16.09
C35 SQD TI . -1.99 -2.78 -15.00
C36 SQD TI . -0.83 -3.45 -14.27
C37 SQD TI . -0.06 -2.47 -13.40
C38 SQD TI . 1.12 -3.12 -12.70
C1 SQD TI . -10.92 8.31 -25.86
C2 SQD TI . -12.42 8.66 -26.05
O2 SQD TI . -13.23 7.68 -25.50
C3 SQD TI . -12.70 8.78 -27.57
O3 SQD TI . -13.97 9.37 -27.67
C4 SQD TI . -11.66 9.71 -28.27
O4 SQD TI . -11.88 9.64 -29.64
C5 SQD TI . -10.23 9.27 -27.87
C6 SQD TI . -9.21 10.22 -28.43
O5 SQD TI . -10.15 9.32 -26.47
S SQD TI . -8.04 9.50 -29.60
O7 SQD TI . -8.60 8.21 -29.85
O8 SQD TI . -8.11 10.41 -30.71
O9 SQD TI . -6.78 9.47 -28.94
C1 LMG UI . 0.69 -14.62 3.73
O1 LMG UI . -0.67 -14.37 3.37
C2 LMG UI . 0.70 -15.10 5.18
O2 LMG UI . 0.17 -14.07 6.03
C3 LMG UI . 2.12 -15.44 5.61
O3 LMG UI . 2.06 -16.08 6.90
C4 LMG UI . 2.80 -16.37 4.62
O4 LMG UI . 2.26 -17.70 4.74
C5 LMG UI . 2.63 -15.89 3.19
O5 LMG UI . 3.22 -16.35 0.90
C6 LMG UI . 3.17 -16.92 2.21
O6 LMG UI . 1.25 -15.65 2.91
C7 LMG UI . -0.91 -14.33 1.97
C8 LMG UI . -2.41 -14.05 1.84
C9 LMG UI . -2.67 -12.59 2.21
O7 LMG UI . -2.92 -14.47 0.57
C10 LMG UI . -3.06 -13.54 -0.39
O9 LMG UI . -2.09 -12.98 -0.87
C11 LMG UI . -4.44 -13.21 -0.91
C12 LMG UI . -4.77 -14.13 -2.09
C13 LMG UI . -6.06 -13.67 -2.76
C14 LMG UI . -6.73 -14.78 -3.56
C15 LMG UI . -7.15 -15.92 -2.65
C16 LMG UI . -8.06 -16.90 -3.36
C17 LMG UI . -9.52 -16.49 -3.25
C18 LMG UI . -10.13 -16.43 -4.64
C19 LMG UI . -11.44 -16.35 -4.80
C20 LMG UI . -12.37 -16.33 -3.60
C21 LMG UI . -13.46 -15.32 -3.82
C22 LMG UI . -14.45 -15.55 -4.67
C23 LMG UI . -15.53 -14.52 -4.85
C24 LMG UI . -16.14 -14.20 -3.50
C25 LMG UI . -16.79 -15.14 -2.82
O8 LMG UI . -4.04 -12.45 2.58
C28 LMG UI . -4.43 -11.36 3.24
O10 LMG UI . -3.60 -10.54 3.58
C29 LMG UI . -5.89 -11.17 3.56
C30 LMG UI . -6.70 -11.10 2.28
C31 LMG UI . -6.87 -9.67 1.80
C32 LMG UI . -7.87 -9.59 0.66
C33 LMG UI . -8.36 -8.16 0.44
C34 LMG UI . -7.26 -7.26 -0.13
C35 LMG UI . -7.81 -5.88 -0.45
C36 LMG UI . -6.73 -5.02 -1.03
CA1 DGA VI . -39.26 -17.00 -22.56
CA2 DGA VI . -38.49 -17.29 -21.25
CA3 DGA VI . -38.88 -18.69 -20.69
CA4 DGA VI . -38.46 -19.81 -21.68
CA5 DGA VI . -38.89 -21.19 -21.09
CA6 DGA VI . -38.65 -22.29 -22.17
CA7 DGA VI . -37.86 -23.46 -21.53
CA8 DGA VI . -38.85 -24.37 -20.76
CA9 DGA VI . -38.92 -25.77 -21.45
CAA DGA VI . -37.77 -26.66 -20.95
CBA DGA VI . -38.23 -28.12 -20.91
CCA DGA VI . -37.01 -29.03 -20.61
CDA DGA VI . -36.26 -29.35 -21.92
CEA DGA VI . -37.14 -30.25 -22.84
CFA DGA VI . -36.66 -31.74 -22.78
CGA DGA VI . -37.52 -32.52 -21.76
CHA DGA VI . -36.74 -32.74 -20.46
CIA DGA VI . -37.60 -33.52 -19.47
OA1 DGA VI . -40.41 -17.32 -22.67
CB1 DGA VI . -37.42 -17.79 -26.20
CB2 DGA VI . -36.62 -18.63 -25.16
CB3 DGA VI . -35.41 -19.31 -25.86
CB4 DGA VI . -35.83 -20.71 -26.39
CB5 DGA VI . -35.75 -21.75 -25.27
CB6 DGA VI . -34.92 -22.95 -25.76
CB7 DGA VI . -35.24 -24.20 -24.91
CB8 DGA VI . -33.94 -24.96 -24.62
CB9 DGA VI . -34.25 -26.29 -23.92
CAB DGA VI . -33.54 -27.42 -24.67
CBB DGA VI . -33.07 -28.50 -23.68
CCB DGA VI . -33.36 -29.90 -24.27
CDB DGA VI . -32.41 -30.30 -23.09
CEB DGA VI . -31.81 -31.71 -23.37
CFB DGA VI . -32.78 -32.80 -22.83
CGB DGA VI . -32.01 -33.74 -21.86
CHB DGA VI . -32.90 -34.94 -21.49
CIB DGA VI . -32.58 -36.13 -22.42
OB1 DGA VI . -38.11 -18.36 -27.00
OG1 DGA VI . -38.61 -16.31 -23.63
CG1 DGA VI . -39.34 -16.26 -24.84
CG2 DGA VI . -38.48 -15.60 -25.92
OG2 DGA VI . -37.31 -16.36 -26.21
CG3 DGA VI . -39.30 -15.36 -27.18
OXT DGA VI . -38.87 -14.17 -27.80
C1 GOL WI . 0.75 -8.68 -8.42
O1 GOL WI . 1.68 -8.22 -9.34
C2 GOL WI . 0.75 -10.22 -8.41
O2 GOL WI . 0.70 -10.69 -9.72
C3 GOL WI . 2.00 -10.74 -7.71
O3 GOL WI . 1.97 -10.37 -6.36
C1 GOL XI . -27.46 -0.43 -22.92
O1 GOL XI . -26.40 -0.19 -23.80
C2 GOL XI . -27.06 -0.03 -21.50
O2 GOL XI . -28.11 -0.22 -20.61
C3 GOL XI . -26.58 1.42 -21.45
O3 GOL XI . -26.63 1.86 -20.13
MG CLA YI . -56.16 -6.82 45.31
CHA CLA YI . -55.68 -10.13 46.25
CHB CLA YI . -52.76 -6.30 45.19
CHC CLA YI . -56.76 -3.71 44.36
CHD CLA YI . -59.64 -7.36 45.48
NA CLA YI . -54.38 -8.07 45.66
C1A CLA YI . -54.38 -9.36 46.03
C2A CLA YI . -52.98 -9.90 46.17
C3A CLA YI . -52.11 -8.67 45.85
C4A CLA YI . -53.11 -7.61 45.55
CMA CLA YI . -50.92 -8.35 46.75
CAA CLA YI . -52.64 -10.96 45.12
CBA CLA YI . -53.48 -10.89 43.84
CGA CLA YI . -52.81 -10.09 42.76
O1A CLA YI . -51.66 -10.34 42.45
O2A CLA YI . -53.51 -9.16 42.13
NB CLA YI . -54.95 -5.25 44.83
C1B CLA YI . -53.59 -5.20 44.87
C2B CLA YI . -53.13 -3.88 44.52
C3B CLA YI . -54.26 -3.16 44.28
C4B CLA YI . -55.42 -4.04 44.50
CMB CLA YI . -51.70 -3.41 44.44
CAB CLA YI . -54.33 -1.73 43.90
CBB CLA YI . -54.93 -1.28 42.60
NC CLA YI . -57.92 -5.73 44.91
C1C CLA YI . -57.94 -4.46 44.53
C2C CLA YI . -59.31 -3.96 44.30
C3C CLA YI . -60.11 -5.04 44.58
C4C CLA YI . -59.24 -6.13 44.98
CMC CLA YI . -59.72 -2.58 43.85
CAC CLA YI . -61.62 -5.09 44.51
CBC CLA YI . -62.05 -5.80 43.24
ND CLA YI . -57.42 -8.28 45.73
C1D CLA YI . -58.78 -8.43 45.77
C2D CLA YI . -59.17 -9.78 46.15
C3D CLA YI . -57.95 -10.43 46.32
C4D CLA YI . -56.92 -9.52 46.08
CMD CLA YI . -60.48 -10.48 46.34
CAD CLA YI . -57.40 -11.71 46.68
OBD CLA YI . -58.01 -12.63 47.17
CBD CLA YI . -55.90 -11.58 46.63
CGD CLA YI . -55.35 -11.96 47.98
O1D CLA YI . -55.49 -13.09 48.40
O2D CLA YI . -54.68 -11.09 48.73
CED CLA YI . -53.56 -11.66 49.42
C1 CLA YI . -52.80 -8.12 41.38
C2 CLA YI . -52.94 -6.66 41.71
C3 CLA YI . -52.68 -5.74 40.77
C4 CLA YI . -52.24 -6.13 39.39
C5 CLA YI . -52.82 -4.26 41.05
C6 CLA YI . -51.81 -3.44 40.27
C7 CLA YI . -52.36 -2.04 40.04
C8 CLA YI . -51.29 -0.96 40.24
C9 CLA YI . -50.59 -1.13 41.59
C10 CLA YI . -51.93 0.41 40.13
C11 CLA YI . -52.68 0.56 38.82
C12 CLA YI . -53.20 1.99 38.63
C13 CLA YI . -53.53 2.28 37.18
C14 CLA YI . -52.33 2.00 36.28
C15 CLA YI . -53.97 3.73 37.04
C16 CLA YI . -55.26 3.99 37.82
C17 CLA YI . -56.00 5.20 37.27
C18 CLA YI . -55.24 6.50 37.53
C19 CLA YI . -55.85 7.66 36.79
C20 CLA YI . -55.19 6.81 39.02
MG CLA ZI . -56.28 -12.59 33.87
CHA CLA ZI . -55.48 -12.71 37.21
CHB CLA ZI . -57.44 -15.85 33.96
CHC CLA ZI . -57.03 -12.34 30.67
CHD CLA ZI . -55.13 -9.24 33.77
NA CLA ZI . -56.46 -14.15 35.42
C1A CLA ZI . -56.09 -14.01 36.70
C2A CLA ZI . -56.32 -15.28 37.49
C3A CLA ZI . -56.91 -16.23 36.44
C4A CLA ZI . -56.95 -15.39 35.20
CMA CLA ZI . -56.41 -17.66 36.37
CAA CLA ZI . -57.33 -15.11 38.62
CBA CLA ZI . -58.46 -14.14 38.30
CGA CLA ZI . -59.00 -13.56 39.59
O1A CLA ZI . -59.48 -14.30 40.43
O2A CLA ZI . -58.90 -12.27 39.80
NB CLA ZI . -57.11 -13.89 32.53
C1B CLA ZI . -57.53 -15.18 32.72
C2B CLA ZI . -58.04 -15.72 31.48
C3B CLA ZI . -57.92 -14.70 30.57
C4B CLA ZI . -57.32 -13.57 31.25
CMB CLA ZI . -58.60 -17.09 31.27
CAB CLA ZI . -58.28 -14.66 29.13
CBB CLA ZI . -57.88 -15.72 28.14
NC CLA ZI . -56.21 -11.01 32.49
C1C CLA ZI . -56.51 -11.15 31.21
C2C CLA ZI . -56.26 -9.95 30.41
C3C CLA ZI . -55.75 -9.04 31.30
C4C CLA ZI . -55.73 -9.72 32.60
CMC CLA ZI . -56.48 -9.82 28.94
CAC CLA ZI . -55.33 -7.61 31.03
CBC CLA ZI . -54.01 -7.40 30.33
ND CLA ZI . -55.50 -11.25 35.08
C1D CLA ZI . -55.08 -9.95 34.98
C2D CLA ZI . -54.58 -9.46 36.26
C3D CLA ZI . -54.74 -10.53 37.12
C4D CLA ZI . -55.29 -11.60 36.40
CMD CLA ZI . -54.01 -8.14 36.73
CAD CLA ZI . -54.54 -10.94 38.48
OBD CLA ZI . -54.42 -10.18 39.43
CBD CLA ZI . -54.99 -12.37 38.59
CGD CLA ZI . -53.86 -13.25 38.99
O1D CLA ZI . -52.79 -13.23 38.40
O2D CLA ZI . -54.02 -14.07 40.01
CED CLA ZI . -54.03 -13.45 41.30
C1 CLA ZI . -59.94 -11.29 39.50
C2 CLA ZI . -61.37 -11.30 40.00
C3 CLA ZI . -62.06 -10.14 39.96
C4 CLA ZI . -61.42 -8.89 39.43
C5 CLA ZI . -63.49 -9.97 40.41
C6 CLA ZI . -63.76 -10.85 41.62
C7 CLA ZI . -64.29 -10.07 42.83
C8 CLA ZI . -63.67 -10.52 44.17
C9 CLA ZI . -62.97 -11.88 44.05
C10 CLA ZI . -64.73 -10.57 45.25
C11 CLA ZI . -64.14 -10.88 46.62
C12 CLA ZI . -64.65 -12.19 47.21
C13 CLA ZI . -64.13 -12.52 48.61
C14 CLA ZI . -62.74 -11.96 48.87
C15 CLA ZI . -64.13 -14.03 48.79
C16 CLA ZI . -65.38 -14.49 49.50
C17 CLA ZI . -65.54 -13.79 50.84
C18 CLA ZI . -66.97 -13.87 51.34
C19 CLA ZI . -67.11 -13.07 52.64
C20 CLA ZI . -67.96 -13.40 50.30
MG CLA AJ . -65.17 -13.94 41.19
CHA CLA AJ . -62.48 -16.10 41.03
CHB CLA AJ . -65.60 -14.67 44.53
CHC CLA AJ . -67.67 -11.81 41.22
CHD CLA AJ . -64.68 -13.21 37.74
NA CLA AJ . -64.15 -15.24 42.66
C1A CLA AJ . -63.09 -16.02 42.41
C2A CLA AJ . -62.65 -16.78 43.64
C3A CLA AJ . -63.66 -16.31 44.71
C4A CLA AJ . -64.53 -15.35 43.95
CMA CLA AJ . -64.26 -17.32 45.67
CAA CLA AJ . -61.25 -16.38 44.10
CBA CLA AJ . -60.99 -14.89 43.88
CGA CLA AJ . -59.58 -14.55 44.26
O1A CLA AJ . -59.27 -14.54 45.44
O2A CLA AJ . -58.71 -14.28 43.30
NB CLA AJ . -66.44 -13.33 42.65
C1B CLA AJ . -66.49 -13.73 43.95
C2B CLA AJ . -67.57 -13.07 44.63
C3B CLA AJ . -68.15 -12.27 43.70
C4B CLA AJ . -67.42 -12.44 42.44
CMB CLA AJ . -67.98 -13.24 46.07
CAB CLA AJ . -69.33 -11.39 43.91
CBB CLA AJ . -69.28 -9.91 43.63
NC CLA AJ . -65.99 -12.66 39.74
C1C CLA AJ . -67.04 -11.89 39.97
C2C CLA AJ . -67.46 -11.13 38.76
C3C CLA AJ . -66.57 -11.50 37.80
C4C CLA AJ . -65.66 -12.47 38.41
CMC CLA AJ . -68.60 -10.16 38.67
CAC CLA AJ . -66.54 -11.02 36.36
CBC CLA AJ . -65.46 -9.95 36.20
ND CLA AJ . -63.96 -14.45 39.70
C1D CLA AJ . -63.82 -14.13 38.38
C2D CLA AJ . -62.70 -14.85 37.76
C3D CLA AJ . -62.20 -15.61 38.80
C4D CLA AJ . -62.95 -15.36 39.96
CMD CLA AJ . -62.11 -14.89 36.39
CAD CLA AJ . -61.16 -16.57 39.12
OBD CLA AJ . -60.27 -16.94 38.38
CBD CLA AJ . -61.34 -16.96 40.55
CGD CLA AJ . -61.74 -18.39 40.61
O1D CLA AJ . -61.01 -19.20 41.15
O2D CLA AJ . -62.88 -18.82 40.08
CED CLA AJ . -63.66 -19.69 40.89
C1 CLA AJ . -57.93 -13.04 43.32
C2 CLA AJ . -58.57 -11.68 43.16
C3 CLA AJ . -57.97 -10.71 42.46
C4 CLA AJ . -56.64 -10.94 41.80
C5 CLA AJ . -58.58 -9.33 42.30
C6 CLA AJ . -57.50 -8.27 42.14
C7 CLA AJ . -58.13 -6.93 41.78
C8 CLA AJ . -57.54 -6.34 40.51
C9 CLA AJ . -56.36 -5.44 40.82
C10 CLA AJ . -58.63 -5.58 39.78
C11 CLA AJ . -58.39 -5.58 38.28
C12 CLA AJ . -58.81 -6.92 37.65
C13 CLA AJ . -57.77 -7.44 36.66
C14 CLA AJ . -57.13 -6.32 35.87
C15 CLA AJ . -58.43 -8.43 35.72
C16 CLA AJ . -58.82 -9.72 36.43
C17 CLA AJ . -58.84 -10.88 35.45
C18 CLA AJ . -60.18 -11.63 35.42
C19 CLA AJ . -61.38 -10.70 35.54
C20 CLA AJ . -60.27 -12.46 34.15
MG CLA BJ . -55.98 -23.58 31.03
CHA CLA BJ . -55.29 -26.93 31.60
CHB CLA BJ . -53.03 -22.66 32.58
CHC CLA BJ . -56.65 -20.45 30.27
CHD CLA BJ . -59.01 -24.55 29.49
NA CLA BJ . -54.31 -24.65 31.98
C1A CLA BJ . -54.22 -25.98 32.12
C2A CLA BJ . -52.96 -26.38 32.82
C3A CLA BJ . -52.32 -25.03 33.15
C4A CLA BJ . -53.25 -24.04 32.54
CMA CLA BJ . -51.94 -24.82 34.61
CAA CLA BJ . -52.02 -27.07 31.82
CBA CLA BJ . -51.95 -26.34 30.47
CGA CLA BJ . -51.37 -27.17 29.36
O1A CLA BJ . -51.62 -28.36 29.31
O2A CLA BJ . -50.63 -26.59 28.44
NB CLA BJ . -54.99 -21.83 31.35
C1B CLA BJ . -53.84 -21.63 32.04
C2B CLA BJ . -53.54 -20.22 32.11
C3B CLA BJ . -54.57 -19.60 31.45
C4B CLA BJ . -55.47 -20.64 30.98
CMB CLA BJ . -52.33 -19.62 32.78
CAB CLA BJ . -54.81 -18.16 31.20
CBB CLA BJ . -54.69 -17.12 32.29
NC CLA BJ . -57.56 -22.65 30.02
C1C CLA BJ . -57.62 -21.34 29.80
C2C CLA BJ . -58.81 -20.95 29.03
C3C CLA BJ . -59.46 -22.12 28.79
C4C CLA BJ . -58.69 -23.18 29.42
CMC CLA BJ . -59.17 -19.57 28.58
CAC CLA BJ . -60.75 -22.27 28.02
CBC CLA BJ . -60.47 -22.91 26.68
ND CLA BJ . -56.97 -25.24 30.59
C1D CLA BJ . -58.15 -25.55 30.00
C2D CLA BJ . -58.40 -26.98 29.97
C3D CLA BJ . -57.27 -27.51 30.60
C4D CLA BJ . -56.44 -26.46 30.97
CMD CLA BJ . -59.52 -27.84 29.44
CAD CLA BJ . -56.67 -28.75 31.00
OBD CLA BJ . -57.03 -29.87 30.66
CBD CLA BJ . -55.37 -28.43 31.67
CGD CLA BJ . -55.40 -28.94 33.09
O1D CLA BJ . -54.37 -29.18 33.69
O2D CLA BJ . -56.56 -29.14 33.71
CED CLA BJ . -56.65 -28.66 35.05
C1 CLA BJ . -51.00 -25.28 27.88
C2 CLA BJ . -51.56 -25.09 26.49
C3 CLA BJ . -51.02 -24.19 25.65
C4 CLA BJ . -49.82 -23.38 26.05
C5 CLA BJ . -51.57 -23.97 24.25
C6 CLA BJ . -51.05 -22.68 23.62
C7 CLA BJ . -52.18 -21.85 23.02
C8 CLA BJ . -51.66 -20.55 22.43
C9 CLA BJ . -51.94 -19.38 23.37
C10 CLA BJ . -52.28 -20.31 21.06
C11 CLA BJ . -51.85 -18.98 20.47
C12 CLA BJ . -50.63 -19.12 19.56
C13 CLA BJ . -50.75 -18.23 18.34
C14 CLA BJ . -50.98 -16.77 18.75
C15 CLA BJ . -51.85 -18.75 17.44
C16 CLA BJ . -52.32 -17.74 16.39
C17 CLA BJ . -53.59 -18.21 15.71
C18 CLA BJ . -54.77 -17.29 16.01
C19 CLA BJ . -54.74 -16.04 15.13
C20 CLA BJ . -56.10 -18.02 15.87
MG CLA CJ . -49.29 6.12 27.16
CHA CLA CJ . -51.45 8.51 25.85
CHB CLA CJ . -47.52 6.03 24.21
CHC CLA CJ . -47.28 3.88 28.53
CHD CLA CJ . -51.14 6.19 30.16
NA CLA CJ . -49.45 7.15 25.22
C1A CLA CJ . -50.37 8.07 24.89
C2A CLA CJ . -50.17 8.55 23.48
C3A CLA CJ . -48.96 7.75 23.00
C4A CLA CJ . -48.60 6.93 24.19
CMA CLA CJ . -49.03 7.06 21.64
CAA CLA CJ . -49.81 10.03 23.48
CBA CLA CJ . -48.76 10.38 24.52
CGA CLA CJ . -49.40 11.18 25.63
O1A CLA CJ . -49.89 12.26 25.38
O2A CLA CJ . -49.43 10.67 26.85
NB CLA CJ . -47.67 5.12 26.48
C1B CLA CJ . -47.07 5.20 25.25
C2B CLA CJ . -45.94 4.31 25.19
C3B CLA CJ . -45.89 3.71 26.41
C4B CLA CJ . -46.98 4.24 27.21
CMB CLA CJ . -45.04 4.10 24.01
CAB CLA CJ . -44.92 2.71 26.91
CBB CLA CJ . -43.46 3.04 27.00
NC CLA CJ . -49.17 5.25 29.07
C1C CLA CJ . -48.29 4.32 29.41
C2C CLA CJ . -48.47 3.82 30.79
C3C CLA CJ . -49.55 4.53 31.25
C4C CLA CJ . -49.98 5.40 30.18
CMC CLA CJ . -47.66 2.77 31.49
CAC CLA CJ . -50.19 4.42 32.62
CBC CLA CJ . -51.16 3.26 32.66
ND CLA CJ . -50.89 7.02 27.91
C1D CLA CJ . -51.53 7.04 29.11
C2D CLA CJ . -52.60 8.01 29.14
C3D CLA CJ . -52.58 8.57 27.87
C4D CLA CJ . -51.54 7.98 27.13
CMD CLA CJ . -53.60 8.42 30.18
CAD CLA CJ . -53.24 9.56 27.05
OBD CLA CJ . -53.86 10.51 27.50
CBD CLA CJ . -52.55 9.58 25.73
CGD CLA CJ . -53.56 9.38 24.63
O1D CLA CJ . -53.24 9.28 23.46
O2D CLA CJ . -54.86 9.34 24.90
CED CLA CJ . -55.69 8.64 23.98
C1 CLA CJ . -48.21 10.49 27.64
C2 CLA CJ . -47.48 9.17 27.68
C3 CLA CJ . -47.10 8.64 28.85
C4 CLA CJ . -47.41 9.32 30.16
C5 CLA CJ . -46.37 7.34 28.98
C6 CLA CJ . -44.95 7.47 28.45
C7 CLA CJ . -44.19 6.17 28.63
C8 CLA CJ . -42.87 6.39 29.36
C9 CLA CJ . -41.92 7.21 28.51
C10 CLA CJ . -42.26 5.05 29.75
C11 CLA CJ . -42.85 4.54 31.05
C12 CLA CJ . -42.56 3.05 31.25
C13 CLA CJ . -41.35 2.83 32.14
C14 CLA CJ . -41.12 1.35 32.37
C15 CLA CJ . -41.55 3.55 33.48
C16 CLA CJ . -40.25 3.62 34.26
C17 CLA CJ . -40.41 3.00 35.64
C18 CLA CJ . -39.25 3.38 36.56
C19 CLA CJ . -39.76 3.82 37.92
C20 CLA CJ . -38.26 2.22 36.70
MG CLA DJ . -59.23 10.12 40.32
CHA CLA DJ . -59.02 13.40 39.35
CHB CLA DJ . -59.53 9.12 37.03
CHC CLA DJ . -59.33 6.99 41.34
CHD CLA DJ . -58.92 11.14 43.70
NA CLA DJ . -59.26 11.14 38.36
C1A CLA DJ . -59.16 12.46 38.18
C2A CLA DJ . -59.25 12.83 36.72
C3A CLA DJ . -59.44 11.47 36.04
C4A CLA DJ . -59.41 10.50 37.19
CMA CLA DJ . -60.52 11.32 34.99
CAA CLA DJ . -57.95 13.49 36.25
CBA CLA DJ . -56.84 12.49 35.92
CGA CLA DJ . -55.51 13.04 36.34
O1A CLA DJ . -55.44 13.70 37.38
O2A CLA DJ . -54.45 12.81 35.58
NB CLA DJ . -59.39 8.34 39.35
C1B CLA DJ . -59.52 8.12 38.01
C2B CLA DJ . -59.65 6.71 37.76
C3B CLA DJ . -59.60 6.10 38.98
C4B CLA DJ . -59.43 7.16 39.97
CMB CLA DJ . -59.81 6.10 36.40
CAB CLA DJ . -59.68 4.67 39.35
CBB CLA DJ . -59.08 3.54 38.54
NC CLA DJ . -59.10 9.21 42.21
C1C CLA DJ . -59.18 7.91 42.39
C2C CLA DJ . -59.11 7.51 43.82
C3C CLA DJ . -58.96 8.70 44.48
C4C CLA DJ . -58.96 9.75 43.46
CMC CLA DJ . -59.16 6.10 44.33
CAC CLA DJ . -58.83 8.90 45.96
CBC CLA DJ . -57.37 9.10 46.31
ND CLA DJ . -59.03 11.78 41.36
C1D CLA DJ . -58.89 12.12 42.67
C2D CLA DJ . -58.72 13.56 42.85
C3D CLA DJ . -58.77 14.05 41.55
C4D CLA DJ . -58.94 12.97 40.68
CMD CLA DJ . -58.52 14.45 44.04
CAD CLA DJ . -58.70 15.26 40.77
OBD CLA DJ . -58.19 16.31 41.12
CBD CLA DJ . -59.10 14.91 39.38
CGD CLA DJ . -60.57 15.19 39.22
O1D CLA DJ . -61.38 14.60 39.89
O2D CLA DJ . -61.02 16.10 38.38
CED CLA DJ . -62.21 16.74 38.83
C1 CLA DJ . -53.33 12.00 36.05
C2 CLA DJ . -52.67 12.25 37.38
C3 CLA DJ . -51.36 12.51 37.48
C4 CLA DJ . -50.47 12.58 36.28
C5 CLA DJ . -50.69 12.78 38.81
C6 CLA DJ . -50.86 11.57 39.73
C7 CLA DJ . -49.77 11.55 40.78
C8 CLA DJ . -49.04 10.21 40.87
C9 CLA DJ . -48.77 9.60 39.49
C10 CLA DJ . -49.83 9.26 41.75
C11 CLA DJ . -49.09 8.99 43.05
C12 CLA DJ . -48.67 7.53 43.19
C13 CLA DJ . -47.22 7.24 42.77
C14 CLA DJ . -46.31 8.46 42.86
C15 CLA DJ . -47.20 6.67 41.35
C16 CLA DJ . -46.55 5.30 41.34
C17 CLA DJ . -47.56 4.19 41.10
C18 CLA DJ . -47.54 3.71 39.66
C19 CLA DJ . -46.17 3.14 39.30
C20 CLA DJ . -48.63 2.69 39.38
MG CLA EJ . -60.65 5.49 33.25
CHA CLA EJ . -62.40 2.68 34.16
CHB CLA EJ . -57.66 3.94 34.03
CHC CLA EJ . -59.07 8.24 32.34
CHD CLA EJ . -63.71 7.06 32.41
NA CLA EJ . -60.07 3.50 34.01
C1A CLA EJ . -60.90 2.51 34.32
C2A CLA EJ . -60.17 1.30 34.84
C3A CLA EJ . -58.69 1.74 34.78
C4A CLA EJ . -58.79 3.13 34.24
CMA CLA EJ . -57.75 1.50 35.95
CAA CLA EJ . -60.39 0.06 33.98
CBA CLA EJ . -59.81 -1.20 34.62
CGA CLA EJ . -60.47 -1.51 35.94
O1A CLA EJ . -61.64 -1.24 36.15
O2A CLA EJ . -59.74 -2.11 36.88
NB CLA EJ . -58.68 6.00 33.19
C1B CLA EJ . -57.59 5.25 33.55
C2B CLA EJ . -56.39 6.02 33.36
C3B CLA EJ . -56.80 7.23 32.89
C4B CLA EJ . -58.25 7.21 32.78
CMB CLA EJ . -54.99 5.55 33.66
CAB CLA EJ . -56.00 8.42 32.52
CBB CLA EJ . -55.05 9.05 33.52
NC CLA EJ . -61.28 7.32 32.42
C1C CLA EJ . -60.47 8.34 32.18
C2C CLA EJ . -61.18 9.55 31.72
C3C CLA EJ . -62.50 9.18 31.72
C4C CLA EJ . -62.55 7.80 32.17
CMC CLA EJ . -60.56 10.87 31.34
CAC CLA EJ . -63.69 10.03 31.35
CBC CLA EJ . -64.17 10.76 32.58
ND CLA EJ . -62.58 5.09 33.23
C1D CLA EJ . -63.73 5.74 32.90
C2D CLA EJ . -64.91 4.92 33.13
C3D CLA EJ . -64.38 3.73 33.62
C4D CLA EJ . -62.99 3.84 33.67
CMD CLA EJ . -66.39 5.14 32.95
CAD CLA EJ . -64.77 2.43 34.09
OBD CLA EJ . -65.89 2.14 34.45
CBD CLA EJ . -63.52 1.72 34.53
CGD CLA EJ . -63.57 1.58 36.02
O1D CLA EJ . -64.12 0.62 36.53
O2D CLA EJ . -63.03 2.48 36.82
CED CLA EJ . -62.28 2.00 37.91
C1 CLA EJ . -59.71 -1.64 38.26
C2 CLA EJ . -58.94 -0.41 38.67
C3 CLA EJ . -58.15 -0.40 39.76
C4 CLA EJ . -58.00 -1.62 40.63
C5 CLA EJ . -57.36 0.81 40.17
C6 CLA EJ . -57.89 1.45 41.45
C7 CLA EJ . -56.76 2.02 42.30
C8 CLA EJ . -56.90 3.52 42.50
C9 CLA EJ . -56.79 4.26 41.17
C10 CLA EJ . -55.88 3.99 43.55
C11 CLA EJ . -55.05 5.21 43.12
C12 CLA EJ . -55.49 6.49 43.83
C13 CLA EJ . -54.68 7.69 43.34
C14 CLA EJ . -54.15 8.49 44.53
C15 CLA EJ . -55.54 8.51 42.37
C16 CLA EJ . -55.51 10.02 42.63
C17 CLA EJ . -54.61 10.74 41.62
C18 CLA EJ . -55.44 11.64 40.71
C19 CLA EJ . -54.83 13.03 40.59
C20 CLA EJ . -55.59 10.99 39.33
MG CLA FJ . -59.19 -3.69 19.70
CHA CLA FJ . -60.35 -2.79 16.60
CHB CLA FJ . -62.27 -3.01 21.10
CHC CLA FJ . -58.01 -4.64 22.62
CHD CLA FJ . -56.04 -4.41 18.26
NA CLA FJ . -61.14 -2.98 18.95
C1A CLA FJ . -61.41 -2.69 17.68
C2A CLA FJ . -62.83 -2.25 17.50
C3A CLA FJ . -63.38 -2.29 18.93
C4A CLA FJ . -62.22 -2.78 19.73
CMA CLA FJ . -64.14 -1.08 19.43
CAA CLA FJ . -63.59 -3.30 16.68
CBA CLA FJ . -63.29 -4.72 17.18
CGA CLA FJ . -63.78 -5.81 16.26
O1A CLA FJ . -64.98 -5.93 16.05
O2A CLA FJ . -62.89 -6.60 15.71
NB CLA FJ . -60.01 -3.81 21.56
C1B CLA FJ . -61.26 -3.46 21.96
C2B CLA FJ . -61.41 -3.67 23.37
C3B CLA FJ . -60.19 -4.13 23.81
C4B CLA FJ . -59.33 -4.22 22.64
CMB CLA FJ . -62.68 -3.40 24.12
CAB CLA FJ . -59.73 -4.50 25.18
CBB CLA FJ . -60.61 -5.02 26.31
NC CLA FJ . -57.33 -4.44 20.33
C1C CLA FJ . -57.08 -4.78 21.58
C2C CLA FJ . -55.72 -5.31 21.75
C3C CLA FJ . -55.17 -5.27 20.50
C4C CLA FJ . -56.18 -4.71 19.62
CMC CLA FJ . -55.15 -5.79 23.04
CAC CLA FJ . -53.77 -5.70 20.13
CBC CLA FJ . -53.80 -7.16 19.73
ND CLA FJ . -58.32 -3.65 17.93
C1D CLA FJ . -57.08 -3.95 17.42
C2D CLA FJ . -57.01 -3.72 15.99
C3D CLA FJ . -58.30 -3.26 15.68
C4D CLA FJ . -59.06 -3.23 16.85
CMD CLA FJ . -55.92 -3.86 14.96
CAD CLA FJ . -59.11 -2.81 14.58
OBD CLA FJ . -58.71 -2.49 13.47
CBD CLA FJ . -60.44 -2.40 15.14
CGD CLA FJ . -60.57 -0.91 15.12
O1D CLA FJ . -59.58 -0.20 15.22
O2D CLA FJ . -61.77 -0.35 15.01
CED CLA FJ . -61.87 1.03 15.34
C1 CLA FJ . -63.18 -8.02 15.52
C2 CLA FJ . -62.55 -9.09 16.38
C3 CLA FJ . -61.95 -10.14 15.81
C4 CLA FJ . -61.86 -10.30 14.32
C5 CLA FJ . -61.31 -11.24 16.62
C6 CLA FJ . -59.81 -10.94 16.76
C7 CLA FJ . -58.98 -12.19 16.57
C8 CLA FJ . -57.57 -11.98 17.12
C9 CLA FJ . -56.81 -10.94 16.30
C10 CLA FJ . -56.83 -13.31 17.13
C11 CLA FJ . -56.43 -13.70 18.54
C12 CLA FJ . -57.58 -14.44 19.24
C13 CLA FJ . -57.09 -15.72 19.88
C14 CLA FJ . -58.25 -16.55 20.40
C15 CLA FJ . -56.12 -15.38 21.02
C16 CLA FJ . -54.81 -16.14 20.85
C17 CLA FJ . -53.90 -15.90 22.05
C18 CLA FJ . -53.45 -14.44 22.12
C19 CLA FJ . -52.71 -14.16 23.42
C20 CLA FJ . -52.60 -14.07 20.91
MG CLA GJ . -65.13 -2.55 26.22
CHA CLA GJ . -63.61 -2.09 29.29
CHB CLA GJ . -65.25 -5.96 26.72
CHC CLA GJ . -66.70 -2.86 23.33
CHD CLA GJ . -65.06 0.95 25.73
NA CLA GJ . -64.50 -3.91 27.85
C1A CLA GJ . -63.90 -3.54 28.98
C2A CLA GJ . -63.57 -4.72 29.85
C3A CLA GJ . -64.06 -5.89 28.99
C4A CLA GJ . -64.66 -5.25 27.79
CMA CLA GJ . -63.02 -6.96 28.72
CAA CLA GJ . -64.37 -4.67 31.17
CBA CLA GJ . -64.49 -6.01 31.88
CGA CLA GJ . -63.14 -6.55 32.28
O1A CLA GJ . -62.89 -7.73 32.11
O2A CLA GJ . -62.25 -5.72 32.81
NB CLA GJ . -65.87 -4.16 25.19
C1B CLA GJ . -65.81 -5.48 25.53
C2B CLA GJ . -66.41 -6.27 24.48
C3B CLA GJ . -66.82 -5.37 23.52
C4B CLA GJ . -66.46 -4.05 24.01
CMB CLA GJ . -66.53 -7.77 24.49
CAB CLA GJ . -67.49 -5.54 22.20
CBB CLA GJ . -68.23 -6.75 21.71
NC CLA GJ . -65.82 -1.18 24.80
C1C CLA GJ . -66.36 -1.53 23.64
C2C CLA GJ . -66.57 -0.39 22.72
C3C CLA GJ . -66.12 0.68 23.43
C4C CLA GJ . -65.64 0.19 24.71
CMC CLA GJ . -67.18 -0.45 21.35
CAC CLA GJ . -66.08 2.11 22.95
CBC CLA GJ . -64.80 2.24 22.15
ND CLA GJ . -64.52 -0.93 27.17
C1D CLA GJ . -64.54 0.41 26.93
C2D CLA GJ . -63.94 1.16 28.02
C3D CLA GJ . -63.59 0.18 28.94
C4D CLA GJ . -63.94 -1.06 28.41
CMD CLA GJ . -63.70 2.63 28.29
CAD CLA GJ . -62.98 -0.01 30.23
OBD CLA GJ . -62.78 0.87 31.06
CBD CLA GJ . -62.94 -1.48 30.50
CGD CLA GJ . -61.52 -1.98 30.60
O1D CLA GJ . -61.03 -2.23 31.69
O2D CLA GJ . -60.77 -2.15 29.52
CED CLA GJ . -60.02 -3.36 29.47
C1 CLA GJ . -61.71 -6.01 34.14
C2 CLA GJ . -62.58 -6.72 35.16
C3 CLA GJ . -62.82 -6.16 36.35
C4 CLA GJ . -63.67 -6.85 37.37
C5 CLA GJ . -62.26 -4.82 36.73
C6 CLA GJ . -63.39 -3.88 37.16
C7 CLA GJ . -64.32 -3.54 36.00
C8 CLA GJ . -65.28 -2.41 36.33
C9 CLA GJ . -65.72 -2.40 37.79
C10 CLA GJ . -66.50 -2.48 35.41
C11 CLA GJ . -66.08 -2.47 33.95
C12 CLA GJ . -65.83 -1.05 33.44
C13 CLA GJ . -66.80 -0.64 32.33
C14 CLA GJ . -67.10 -1.81 31.40
C15 CLA GJ . -66.20 0.52 31.55
C16 CLA GJ . -67.02 0.88 30.32
C17 CLA GJ . -68.21 1.75 30.70
C18 CLA GJ . -68.79 2.45 29.47
C19 CLA GJ . -69.21 1.43 28.41
C20 CLA GJ . -69.96 3.34 29.87
MG CLA HJ . -62.01 -11.74 26.56
CHA CLA HJ . -62.99 -11.20 23.28
CHB CLA HJ . -60.61 -8.60 26.71
CHC CLA HJ . -61.24 -12.31 29.73
CHD CLA HJ . -63.52 -14.92 26.41
NA CLA HJ . -61.82 -10.06 25.16
C1A CLA HJ . -62.25 -10.03 23.89
C2A CLA HJ . -61.89 -8.75 23.20
C3A CLA HJ . -61.11 -8.01 24.28
C4A CLA HJ . -61.18 -8.91 25.46
CMA CLA HJ . -59.71 -7.60 23.85
CAA CLA HJ . -63.18 -7.96 22.98
CBA CLA HJ . -62.94 -6.64 22.28
CGA CLA HJ . -63.00 -6.86 20.79
O1A CLA HJ . -63.86 -7.60 20.34
O2A CLA HJ . -62.14 -6.23 20.01
NB CLA HJ . -61.08 -10.62 27.99
C1B CLA HJ . -60.57 -9.37 27.89
C2B CLA HJ . -59.98 -8.96 29.15
C3B CLA HJ . -60.17 -10.03 29.99
C4B CLA HJ . -60.86 -11.07 29.24
CMB CLA HJ . -59.33 -7.65 29.45
CAB CLA HJ . -59.77 -10.20 31.42
CBB CLA HJ . -60.03 -9.16 32.48
NC CLA HJ . -62.37 -13.33 27.87
C1C CLA HJ . -61.93 -13.39 29.12
C2C CLA HJ . -62.21 -14.68 29.78
C3C CLA HJ . -62.88 -15.39 28.82
C4C CLA HJ . -62.97 -14.55 27.63
CMC CLA HJ . -61.84 -15.08 31.18
CAC CLA HJ . -63.42 -16.78 28.91
CBC CLA HJ . -62.27 -17.72 28.64
ND CLA HJ . -63.01 -12.85 25.27
C1D CLA HJ . -63.56 -14.09 25.26
C2D CLA HJ . -64.17 -14.42 23.98
C3D CLA HJ . -63.94 -13.28 23.22
C4D CLA HJ . -63.24 -12.36 23.99
CMD CLA HJ . -64.90 -15.60 23.42
CAD CLA HJ . -64.16 -12.72 21.90
OBD CLA HJ . -64.89 -13.20 21.04
CBD CLA HJ . -63.57 -11.36 21.89
CGD CLA HJ . -62.50 -11.26 20.84
O1D CLA HJ . -62.48 -10.33 20.07
O2D CLA HJ . -61.57 -12.21 20.74
CED CLA HJ . -60.26 -11.75 20.44
C1 CLA HJ . -61.20 -6.98 19.19
C2 CLA HJ . -59.87 -7.46 19.73
C3 CLA HJ . -58.81 -7.55 18.91
C4 CLA HJ . -58.89 -7.18 17.45
C5 CLA HJ . -57.46 -8.02 19.39
C6 CLA HJ . -57.64 -9.07 20.48
C7 CLA HJ . -56.34 -9.83 20.72
C8 CLA HJ . -56.24 -10.23 22.19
C9 CLA HJ . -55.07 -9.54 22.87
C10 CLA HJ . -56.08 -11.74 22.29
C11 CLA HJ . -56.75 -12.26 23.56
C12 CLA HJ . -58.23 -11.92 23.56
C13 CLA HJ . -58.85 -12.08 24.94
C14 CLA HJ . -58.06 -11.30 25.98
C15 CLA HJ . -58.92 -13.55 25.32
C16 CLA HJ . -59.74 -14.33 24.30
C17 CLA HJ . -60.22 -15.64 24.90
C18 CLA HJ . -60.46 -16.72 23.84
C19 CLA HJ . -61.17 -17.91 24.46
C20 CLA HJ . -61.26 -16.17 22.66
MG CLA IJ . -69.99 -8.84 17.79
CHA CLA IJ . -72.46 -6.97 16.28
CHB CLA IJ . -71.67 -8.73 20.79
CHC CLA IJ . -67.60 -10.70 19.10
CHD CLA IJ . -68.28 -8.97 14.69
NA CLA IJ . -71.89 -7.96 18.49
C1A CLA IJ . -72.75 -7.25 17.74
C2A CLA IJ . -73.93 -6.77 18.55
C3A CLA IJ . -73.63 -7.35 19.94
C4A CLA IJ . -72.33 -8.05 19.76
CMA CLA IJ . -73.83 -6.48 21.17
CAA CLA IJ . -75.30 -7.27 18.09
CBA CLA IJ . -75.33 -8.57 17.29
CGA CLA IJ . -76.59 -8.56 16.47
O1A CLA IJ . -77.36 -7.62 16.58
O2A CLA IJ . -76.86 -9.54 15.63
NB CLA IJ . -69.69 -9.60 19.66
C1B CLA IJ . -70.45 -9.44 20.77
C2B CLA IJ . -69.84 -10.11 21.89
C3B CLA IJ . -68.69 -10.66 21.41
C4B CLA IJ . -68.62 -10.33 19.98
CMB CLA IJ . -70.40 -10.16 23.30
CAB CLA IJ . -67.65 -11.48 22.09
CBB CLA IJ . -67.09 -11.16 23.45
NC CLA IJ . -68.26 -9.74 17.01
C1C CLA IJ . -67.40 -10.44 17.73
C2C CLA IJ . -66.23 -10.91 16.95
C3C CLA IJ . -66.46 -10.44 15.69
C4C CLA IJ . -67.73 -9.71 15.74
CMC CLA IJ . -65.07 -11.73 17.45
CAC CLA IJ . -65.58 -10.63 14.49
CBC CLA IJ . -65.99 -11.89 13.76
ND CLA IJ . -70.21 -8.19 15.94
C1D CLA IJ . -69.51 -8.27 14.76
C2D CLA IJ . -70.18 -7.57 13.67
C3D CLA IJ . -71.34 -7.08 14.28
C4D CLA IJ . -71.34 -7.45 15.62
CMD CLA IJ . -69.89 -7.34 12.21
CAD CLA IJ . -72.52 -6.30 14.01
OBD CLA IJ . -72.98 -6.09 12.89
CBD CLA IJ . -73.26 -6.14 15.30
CGD CLA IJ . -73.21 -4.70 15.73
O1D CLA IJ . -72.15 -4.12 15.81
O2D CLA IJ . -74.34 -4.04 16.02
CED CLA IJ . -74.57 -2.86 15.26
C1 CLA IJ . -77.41 -10.82 16.09
C2 CLA IJ . -76.55 -12.03 16.33
C3 CLA IJ . -77.10 -13.25 16.45
C4 CLA IJ . -78.59 -13.45 16.37
C5 CLA IJ . -76.29 -14.50 16.70
C6 CLA IJ . -75.86 -14.56 18.16
C7 CLA IJ . -76.63 -15.64 18.91
C8 CLA IJ . -76.66 -15.39 20.42
C9 CLA IJ . -76.82 -13.92 20.75
C10 CLA IJ . -75.41 -15.96 21.07
C11 CLA IJ . -75.32 -17.48 20.92
C12 CLA IJ . -76.32 -18.19 21.83
C13 CLA IJ . -75.99 -18.02 23.31
C14 CLA IJ . -75.29 -19.26 23.84
C15 CLA IJ . -77.28 -17.72 24.06
C16 CLA IJ . -77.10 -17.77 25.58
C17 CLA IJ . -78.34 -18.36 26.24
C18 CLA IJ . -78.67 -17.65 27.53
C19 CLA IJ . -80.03 -18.09 28.07
C20 CLA IJ . -77.58 -17.87 28.57
MG CLA JJ . -72.50 -0.56 35.97
CHA CLA JJ . -70.58 -3.30 35.03
CHB CLA JJ . -72.48 -1.61 39.25
CHC CLA JJ . -74.22 2.14 36.76
CHD CLA JJ . -72.46 0.51 32.61
NA CLA JJ . -71.62 -2.27 37.05
C1A CLA JJ . -70.89 -3.26 36.52
C2A CLA JJ . -70.46 -4.27 37.55
C3A CLA JJ . -71.09 -3.72 38.84
C4A CLA JJ . -71.77 -2.46 38.39
CMA CLA JJ . -71.88 -4.65 39.75
CAA CLA JJ . -68.94 -4.23 37.64
CBA CLA JJ . -68.36 -4.84 38.91
CGA CLA JJ . -67.94 -6.28 38.67
O1A CLA JJ . -68.58 -6.97 37.91
O2A CLA JJ . -66.87 -6.75 39.31
NB CLA JJ . -73.22 0.17 37.73
C1B CLA JJ . -73.16 -0.41 38.97
C2B CLA JJ . -73.87 0.39 39.93
C3B CLA JJ . -74.37 1.46 39.20
C4B CLA JJ . -73.94 1.29 37.82
CMB CLA JJ . -74.02 0.07 41.39
CAB CLA JJ . -75.19 2.62 39.63
CBB CLA JJ . -75.03 3.33 40.96
NC CLA JJ . -73.18 1.10 34.87
C1C CLA JJ . -73.93 2.06 35.37
C2C CLA JJ . -74.40 3.01 34.34
C3C CLA JJ . -73.87 2.54 33.17
C4C CLA JJ . -73.12 1.34 33.52
CMC CLA JJ . -75.27 4.23 34.55
CAC CLA JJ . -74.04 3.11 31.78
CBC CLA JJ . -75.14 2.37 31.06
ND CLA JJ . -71.76 -1.14 34.23
C1D CLA JJ . -71.79 -0.68 32.95
C2D CLA JJ . -71.08 -1.53 32.03
C3D CLA JJ . -70.60 -2.56 32.84
C4D CLA JJ . -71.01 -2.31 34.16
CMD CLA JJ . -70.82 -1.45 30.56
CAD CLA JJ . -69.84 -3.78 32.83
OBD CLA JJ . -69.36 -4.32 31.85
CBD CLA JJ . -69.85 -4.34 34.21
CGD CLA JJ . -70.66 -5.61 34.22
O1D CLA JJ . -71.46 -5.84 33.32
O2D CLA JJ . -70.50 -6.50 35.19
CED CLA JJ . -71.45 -7.55 35.26
C1 CLA JJ . -66.98 -7.38 40.62
C2 CLA JJ . -67.80 -6.79 41.75
C3 CLA JJ . -67.24 -6.47 42.92
C4 CLA JJ . -65.77 -6.67 43.17
C5 CLA JJ . -68.04 -5.87 44.06
C6 CLA JJ . -68.26 -6.89 45.16
C7 CLA JJ . -69.72 -6.91 45.59
C8 CLA JJ . -70.01 -5.78 46.57
C9 CLA JJ . -69.91 -6.26 48.00
C10 CLA JJ . -71.41 -5.22 46.28
C11 CLA JJ . -71.42 -3.70 46.43
C12 CLA JJ . -72.67 -3.22 47.16
C13 CLA JJ . -72.62 -1.72 47.42
C14 CLA JJ . -72.93 -1.41 48.87
C15 CLA JJ . -73.59 -1.00 46.48
C16 CLA JJ . -72.90 0.09 45.69
C17 CLA JJ . -73.57 1.44 45.93
C18 CLA JJ . -73.79 2.20 44.62
C19 CLA JJ . -74.51 3.51 44.86
C20 CLA JJ . -72.48 2.43 43.89
MG CLA KJ . -80.47 -4.87 32.47
CHA CLA KJ . -83.50 -3.65 31.35
CHB CLA KJ . -79.16 -1.68 32.57
CHC CLA KJ . -77.63 -6.15 33.56
CHD CLA KJ . -81.83 -8.13 32.42
NA CLA KJ . -81.24 -2.85 32.02
C1A CLA KJ . -82.46 -2.58 31.58
C2A CLA KJ . -82.65 -1.09 31.38
C3A CLA KJ . -81.27 -0.51 31.73
C4A CLA KJ . -80.49 -1.73 32.13
CMA CLA KJ . -80.64 0.48 30.76
CAA CLA KJ . -83.69 -0.57 32.37
CBA CLA KJ . -83.19 -0.34 33.81
CGA CLA KJ . -83.04 -1.62 34.61
O1A CLA KJ . -82.14 -1.68 35.44
O2A CLA KJ . -83.86 -2.62 34.41
NB CLA KJ . -78.68 -4.04 32.98
C1B CLA KJ . -78.32 -2.73 32.96
C2B CLA KJ . -76.95 -2.57 33.41
C3B CLA KJ . -76.53 -3.85 33.69
C4B CLA KJ . -77.64 -4.77 33.41
CMB CLA KJ . -76.20 -1.28 33.53
CAB CLA KJ . -75.21 -4.33 34.18
CBB CLA KJ . -73.91 -3.89 33.55
NC CLA KJ . -79.86 -6.82 32.98
C1C CLA KJ . -78.64 -7.12 33.41
C2C CLA KJ . -78.50 -8.56 33.74
C3C CLA KJ . -79.73 -9.09 33.46
C4C CLA KJ . -80.56 -8.00 32.97
CMC CLA KJ . -77.28 -9.26 34.26
CAC CLA KJ . -80.14 -10.54 33.62
CBC CLA KJ . -80.98 -10.69 34.87
ND CLA KJ . -82.18 -5.77 32.05
C1D CLA KJ . -82.63 -7.05 32.02
C2D CLA KJ . -84.00 -7.12 31.53
C3D CLA KJ . -84.33 -5.80 31.28
C4D CLA KJ . -83.23 -5.00 31.59
CMD CLA KJ . -84.96 -8.27 31.29
CAD CLA KJ . -85.40 -4.96 30.80
OBD CLA KJ . -86.42 -5.35 30.26
CBD CLA KJ . -84.92 -3.54 30.85
CGD CLA KJ . -84.92 -2.93 29.47
O1D CLA KJ . -84.08 -3.27 28.65
O2D CLA KJ . -85.83 -2.03 29.12
CED CLA KJ . -86.46 -2.24 27.85
C1 CLA KJ . -84.02 -3.66 35.43
C2 CLA KJ . -83.02 -4.76 35.68
C3 CLA KJ . -82.99 -5.44 36.84
C4 CLA KJ . -83.94 -5.10 37.95
C5 CLA KJ . -82.00 -6.56 37.11
C6 CLA KJ . -81.84 -6.85 38.60
C7 CLA KJ . -80.65 -6.11 39.23
C8 CLA KJ . -80.70 -6.18 40.75
C9 CLA KJ . -81.32 -4.90 41.33
C10 CLA KJ . -79.30 -6.46 41.30
C11 CLA KJ . -78.52 -5.21 41.71
C12 CLA KJ . -77.03 -5.37 41.48
C13 CLA KJ . -76.26 -5.67 42.76
C14 CLA KJ . -75.31 -4.52 43.10
C15 CLA KJ . -75.49 -6.97 42.58
C16 CLA KJ . -74.46 -6.86 41.46
C17 CLA KJ . -74.09 -8.22 40.91
C18 CLA KJ . -72.85 -8.78 41.60
C19 CLA KJ . -73.04 -10.23 42.00
C20 CLA KJ . -71.62 -8.61 40.72
C1 BCR LJ . -74.85 -24.76 45.73
C2 BCR LJ . -74.26 -26.13 46.07
C3 BCR LJ . -74.02 -26.96 44.82
C4 BCR LJ . -75.34 -27.19 44.12
C5 BCR LJ . -76.11 -25.91 43.90
C6 BCR LJ . -76.02 -24.91 44.78
C7 BCR LJ . -77.12 -23.91 44.83
C8 BCR LJ . -77.11 -22.70 44.29
C9 BCR LJ . -78.19 -21.74 44.35
C10 BCR LJ . -77.93 -20.33 44.13
C11 BCR LJ . -77.77 -19.29 43.19
C33 BCR LJ . -77.00 -25.81 42.69
C31 BCR LJ . -73.78 -23.88 45.10
C32 BCR LJ . -75.34 -24.14 47.02
C34 BCR LJ . -79.58 -22.20 44.65
C12 BCR LJ . -77.57 -18.38 42.42
C13 BCR LJ . -77.85 -17.11 41.85
C14 BCR LJ . -76.90 -16.54 41.07
C15 BCR LJ . -77.07 -15.24 40.48
C16 BCR LJ . -76.95 -14.37 39.47
C17 BCR LJ . -77.27 -13.12 39.55
C18 BCR LJ . -76.60 -12.07 39.03
C19 BCR LJ . -77.06 -10.69 39.19
C20 BCR LJ . -77.16 -9.46 38.71
C21 BCR LJ . -77.48 -8.07 38.65
C22 BCR LJ . -76.85 -7.12 37.93
C23 BCR LJ . -77.33 -5.72 38.02
C24 BCR LJ . -77.06 -4.64 37.03
C25 BCR LJ . -77.59 -3.29 37.28
C26 BCR LJ . -78.88 -3.03 37.03
C27 BCR LJ . -79.58 -1.86 37.69
C28 BCR LJ . -78.67 -0.63 37.83
C29 BCR LJ . -77.20 -0.84 37.42
C30 BCR LJ . -76.65 -2.21 37.80
C35 BCR LJ . -79.14 -16.40 42.14
C36 BCR LJ . -75.35 -12.33 38.24
C37 BCR LJ . -75.67 -7.46 37.08
C38 BCR LJ . -79.68 -3.87 36.11
C39 BCR LJ . -76.42 -2.35 39.29
C40 BCR LJ . -75.34 -2.36 37.05
C1 BCR MJ . -51.38 12.84 30.30
C2 BCR MJ . -51.73 14.27 30.65
C3 BCR MJ . -50.48 15.13 30.66
C4 BCR MJ . -49.52 14.62 31.72
C5 BCR MJ . -49.26 13.15 31.56
C6 BCR MJ . -50.25 12.34 31.20
C7 BCR MJ . -50.24 10.93 31.67
C8 BCR MJ . -50.51 10.60 32.92
C9 BCR MJ . -50.51 9.25 33.46
C10 BCR MJ . -51.35 8.92 34.60
C11 BCR MJ . -51.34 8.37 35.89
C33 BCR MJ . -47.87 12.64 31.77
C31 BCR MJ . -50.89 12.77 28.86
C32 BCR MJ . -52.60 11.96 30.46
C34 BCR MJ . -49.64 8.19 32.87
C12 BCR MJ . -51.37 7.92 37.02
C13 BCR MJ . -51.23 6.92 38.01
C14 BCR MJ . -51.62 7.26 39.26
C15 BCR MJ . -51.57 6.36 40.37
C16 BCR MJ . -51.68 6.12 41.70
C17 BCR MJ . -51.54 4.96 42.24
C18 BCR MJ . -51.53 4.66 43.55
C19 BCR MJ . -51.34 3.28 44.01
C20 BCR MJ . -51.64 2.31 44.86
C21 BCR MJ . -51.55 1.01 45.43
C22 BCR MJ . -51.66 0.69 46.73
C23 BCR MJ . -51.50 -0.71 47.12
C24 BCR MJ . -51.75 -1.28 48.48
C25 BCR MJ . -51.51 -2.71 48.72
C26 BCR MJ . -52.46 -3.61 48.41
C27 BCR MJ . -52.18 -5.10 48.45
C28 BCR MJ . -50.88 -5.50 49.15
C29 BCR MJ . -50.36 -4.42 50.09
C30 BCR MJ . -50.17 -3.11 49.33
C35 BCR MJ . -50.71 5.56 37.69
C36 BCR MJ . -51.66 5.76 44.56
C37 BCR MJ . -51.93 1.75 47.76
C38 BCR MJ . -53.84 -3.22 48.01
C39 BCR MJ . -49.10 -3.24 48.25
C40 BCR MJ . -49.74 -2.06 50.35
C1 BCR NJ . -75.59 -26.56 28.74
C2 BCR NJ . -76.01 -27.59 29.76
C3 BCR NJ . -74.81 -28.37 30.28
C4 BCR NJ . -73.79 -27.44 30.91
C5 BCR NJ . -73.83 -26.03 30.39
C6 BCR NJ . -74.48 -25.68 29.28
C7 BCR NJ . -74.16 -24.38 28.63
C8 BCR NJ . -73.64 -24.19 27.43
C9 BCR NJ . -73.35 -22.91 26.82
C10 BCR NJ . -73.53 -22.69 25.39
C11 BCR NJ . -72.95 -22.80 24.10
C33 BCR NJ . -73.10 -24.97 31.18
C31 BCR NJ . -76.76 -25.63 28.42
C32 BCR NJ . -75.15 -27.30 27.48
C34 BCR NJ . -72.85 -21.78 27.66
C12 BCR NJ . -72.49 -22.90 22.99
C13 BCR NJ . -71.56 -22.62 21.95
C14 BCR NJ . -71.58 -23.43 20.85
C15 BCR NJ . -70.72 -23.32 19.71
C16 BCR NJ . -70.15 -23.93 18.64
C17 BCR NJ . -69.38 -23.32 17.79
C18 BCR NJ . -68.77 -23.86 16.71
C19 BCR NJ . -67.94 -23.07 15.80
C20 BCR NJ . -67.36 -22.89 14.62
C21 BCR NJ . -66.60 -22.23 13.60
C22 BCR NJ . -65.93 -22.79 12.58
C23 BCR NJ . -65.29 -21.86 11.64
C24 BCR NJ . -65.26 -21.98 10.15
C25 BCR NJ . -64.59 -20.96 9.32
C26 BCR NJ . -65.31 -19.89 8.95
C27 BCR NJ . -64.64 -18.55 8.79
C28 BCR NJ . -63.28 -18.67 8.10
C29 BCR NJ . -62.86 -20.10 7.76
C30 BCR NJ . -63.13 -21.10 8.88
C35 BCR NJ . -70.60 -21.48 22.08
C36 BCR NJ . -68.96 -25.31 16.40
C37 BCR NJ . -65.86 -24.27 12.41
C38 BCR NJ . -66.79 -19.99 8.71
C39 BCR NJ . -62.19 -20.89 10.06
C40 BCR NJ . -62.94 -22.49 8.29
C1 BCR OJ . -73.35 -29.58 36.32
C2 BCR OJ . -72.25 -30.14 37.23
C3 BCR OJ . -72.56 -30.07 38.71
C4 BCR OJ . -72.86 -28.63 39.05
C5 BCR OJ . -74.06 -28.17 38.27
C6 BCR OJ . -74.20 -28.51 36.98
C7 BCR OJ . -75.26 -27.88 36.16
C8 BCR OJ . -75.18 -26.69 35.58
C9 BCR OJ . -76.20 -26.06 34.79
C10 BCR OJ . -76.19 -24.64 34.58
C11 BCR OJ . -75.74 -23.63 33.69
C33 BCR OJ . -75.08 -27.34 38.99
C31 BCR OJ . -74.30 -30.69 35.91
C32 BCR OJ . -72.66 -29.02 35.08
C34 BCR OJ . -77.27 -26.89 34.14
C12 BCR OJ . -75.32 -22.74 33.01
C13 BCR OJ . -75.30 -21.93 31.85
C14 BCR OJ . -74.37 -20.94 31.80
C15 BCR OJ . -74.24 -20.02 30.73
C16 BCR OJ . -73.58 -18.99 30.18
C17 BCR OJ . -73.92 -18.43 29.06
C18 BCR OJ . -73.43 -17.29 28.55
C19 BCR OJ . -73.89 -16.76 27.27
C20 BCR OJ . -73.55 -16.16 26.14
C21 BCR OJ . -73.62 -15.56 24.85
C22 BCR OJ . -72.72 -14.72 24.30
C23 BCR OJ . -72.95 -14.24 22.94
C24 BCR OJ . -72.14 -13.19 22.23
C25 BCR OJ . -72.47 -12.82 20.84
C26 BCR OJ . -73.39 -11.89 20.59
C27 BCR OJ . -73.63 -11.43 19.18
C28 BCR OJ . -72.30 -11.46 18.46
C29 BCR OJ . -71.86 -12.90 18.35
C30 BCR OJ . -71.68 -13.53 19.73
C35 BCR OJ . -76.28 -22.14 30.73
C36 BCR OJ . -72.37 -16.55 29.31
C37 BCR OJ . -71.51 -14.29 25.07
C38 BCR OJ . -74.24 -11.26 21.66
C39 BCR OJ . -70.21 -13.52 20.12
C40 BCR OJ . -72.14 -14.97 19.59
C1A DGD PJ . -38.25 -5.46 37.64
C2A DGD PJ . -38.44 -4.01 37.25
C3A DGD PJ . -38.01 -3.82 35.80
C4A DGD PJ . -37.24 -2.52 35.59
C5A DGD PJ . -36.64 -2.50 34.19
C6A DGD PJ . -35.67 -1.36 33.99
C7A DGD PJ . -36.39 -0.02 33.89
C8A DGD PJ . -35.41 1.12 33.66
C9A DGD PJ . -36.15 2.44 33.71
O1A DGD PJ . -37.14 -5.93 37.72
C1B DGD PJ . -41.88 -5.46 39.60
C2B DGD PJ . -43.22 -5.25 38.95
C3B DGD PJ . -43.24 -3.91 38.23
C4B DGD PJ . -43.70 -4.08 36.79
C5B DGD PJ . -42.72 -4.91 36.00
C6B DGD PJ . -43.02 -4.82 34.50
C7B DGD PJ . -42.08 -5.71 33.71
C8B DGD PJ . -42.37 -5.59 32.22
C9B DGD PJ . -42.02 -4.19 31.75
CAB DGD PJ . -42.14 -3.85 30.46
CBB DGD PJ . -42.61 -4.86 29.46
CCB DGD PJ . -42.82 -4.19 28.12
CDB DGD PJ . -43.34 -2.97 28.07
CEB DGD PJ . -43.55 -2.28 26.74
CFB DGD PJ . -42.39 -2.58 25.82
CGB DGD PJ . -42.49 -2.28 24.54
O1B DGD PJ . -41.16 -4.51 39.81
O1G DGD PJ . -39.39 -6.31 37.92
C1G DGD PJ . -39.34 -7.28 38.97
C2G DGD PJ . -40.09 -6.81 40.22
O2G DGD PJ . -41.48 -6.70 39.94
C3G DGD PJ . -39.89 -7.81 41.34
O3G DGD PJ . -38.51 -7.87 41.68
C1D DGD PJ . -38.22 -8.96 42.58
C2D DGD PJ . -36.72 -9.19 42.57
O2D DGD PJ . -36.38 -9.84 41.34
C3D DGD PJ . -36.24 -10.11 43.70
O3D DGD PJ . -34.82 -9.96 43.86
C4D DGD PJ . -36.93 -9.80 45.01
O4D DGD PJ . -36.46 -8.54 45.51
C5D DGD PJ . -38.43 -9.74 44.79
O5D DGD PJ . -39.29 -10.85 46.70
C6D DGD PJ . -39.16 -9.55 46.11
O6D DGD PJ . -38.69 -8.65 43.89
C1E DGD PJ . -39.22 -10.80 48.12
C2E DGD PJ . -38.56 -12.08 48.59
O2E DGD PJ . -37.27 -12.19 48.00
C3E DGD PJ . -39.41 -13.28 48.18
O3E DGD PJ . -38.87 -14.46 48.78
C4E DGD PJ . -40.85 -13.12 48.64
O4E DGD PJ . -40.92 -13.22 50.06
C5E DGD PJ . -41.40 -11.77 48.20
O6E DGD PJ . -40.55 -10.72 48.66
C6E DGD PJ . -42.78 -11.55 48.79
O5E DGD PJ . -42.77 -11.87 50.18
C1A DGD QJ . -53.95 -29.10 23.06
C2A DGD QJ . -54.42 -27.87 22.33
C3A DGD QJ . -53.29 -27.37 21.44
C4A DGD QJ . -53.77 -26.29 20.48
C5A DGD QJ . -54.10 -25.00 21.23
C6A DGD QJ . -54.48 -23.90 20.24
C7A DGD QJ . -55.77 -24.26 19.51
C8A DGD QJ . -55.78 -23.68 18.11
C9A DGD QJ . -55.44 -22.22 18.13
CAA DGD QJ . -55.43 -21.47 17.03
CBA DGD QJ . -55.76 -22.07 15.68
CCA DGD QJ . -57.24 -21.90 15.40
CDA DGD QJ . -57.73 -22.17 14.18
CEA DGD QJ . -59.20 -22.00 13.93
CFA DGD QJ . -59.46 -22.03 12.43
CGA DGD QJ . -58.91 -21.11 11.65
O1A DGD QJ . -53.43 -30.03 22.45
C1B DGD QJ . -54.84 -28.05 27.39
C2B DGD QJ . -55.66 -27.06 26.62
C3B DGD QJ . -55.06 -25.67 26.75
C4B DGD QJ . -56.08 -24.69 27.33
C5B DGD QJ . -55.76 -23.26 26.96
C6B DGD QJ . -54.42 -22.82 27.50
C7B DGD QJ . -54.00 -21.52 26.82
C8B DGD QJ . -52.57 -21.15 27.20
C9B DGD QJ . -52.56 -20.55 28.58
CAB DGD QJ . -51.42 -20.28 29.21
CBB DGD QJ . -50.08 -20.56 28.58
CCB DGD QJ . -49.58 -19.39 27.78
CDB DGD QJ . -48.51 -19.56 27.01
CEB DGD QJ . -47.96 -18.44 26.17
CFB DGD QJ . -46.85 -18.99 25.31
CGB DGD QJ . -47.08 -20.00 24.49
O1B DGD QJ . -54.24 -27.69 28.38
O1G DGD QJ . -54.11 -29.21 24.50
C1G DGD QJ . -52.99 -29.20 25.36
C2G DGD QJ . -53.42 -29.72 26.73
O2G DGD QJ . -54.76 -29.32 27.00
C3G DGD QJ . -53.34 -31.25 26.73
O3G DGD QJ . -54.23 -31.76 27.72
C1D DGD QJ . -53.55 -32.37 28.81
C2D DGD QJ . -53.03 -33.74 28.43
O2D DGD QJ . -54.12 -34.57 27.99
C3D DGD QJ . -52.37 -34.37 29.64
O3D DGD QJ . -51.81 -35.64 29.28
C4D DGD QJ . -51.27 -33.46 30.19
O4D DGD QJ . -50.17 -33.45 29.28
C5D DGD QJ . -51.77 -32.04 30.38
O5D DGD QJ . -50.11 -31.33 31.99
C6D DGD QJ . -50.60 -31.10 30.67
O6D DGD QJ . -52.43 -31.57 29.21
C1E DGD QJ . -50.80 -30.54 32.95
C2E DGD QJ . -49.83 -29.54 33.58
O2E DGD QJ . -49.28 -28.70 32.56
C3E DGD QJ . -48.70 -30.28 34.27
O3E DGD QJ . -47.96 -29.32 35.04
C4E DGD QJ . -49.23 -31.36 35.21
O4E DGD QJ . -49.81 -30.71 36.34
C5E DGD QJ . -50.27 -32.23 34.53
O6E DGD QJ . -51.30 -31.41 33.97
C6E DGD QJ . -50.90 -33.21 35.51
O5E DGD QJ . -51.92 -33.96 34.84
C1A DGD RJ . -47.44 -31.43 18.59
C2A DGD RJ . -47.89 -30.34 17.66
C3A DGD RJ . -46.77 -30.04 16.66
C4A DGD RJ . -47.02 -28.70 15.99
C5A DGD RJ . -47.10 -27.59 17.04
C6A DGD RJ . -47.40 -26.24 16.41
C7A DGD RJ . -46.27 -25.77 15.52
C8A DGD RJ . -46.54 -24.36 15.00
C9A DGD RJ . -45.52 -23.98 13.97
CAA DGD RJ . -45.74 -22.93 13.19
CBA DGD RJ . -44.72 -22.54 12.15
CCA DGD RJ . -45.38 -21.66 11.12
CDA DGD RJ . -44.80 -21.48 9.94
O1A DGD RJ . -47.08 -32.52 18.16
C1B DGD RJ . -49.02 -30.04 23.54
C2B DGD RJ . -48.61 -28.62 23.20
C3B DGD RJ . -49.77 -27.94 22.47
C4B DGD RJ . -49.57 -26.44 22.43
C5B DGD RJ . -48.30 -26.06 21.68
C6B DGD RJ . -48.61 -25.50 20.29
C7B DGD RJ . -48.95 -24.02 20.39
C8B DGD RJ . -49.28 -23.44 19.02
C9B DGD RJ . -50.45 -24.18 18.43
CAB DGD RJ . -51.19 -23.64 17.47
CBB DGD RJ . -52.36 -24.40 16.90
CCB DGD RJ . -51.88 -25.40 15.88
CDB DGD RJ . -51.87 -25.11 14.58
CEB DGD RJ . -52.33 -23.77 14.05
CFB DGD RJ . -51.16 -22.83 13.96
CGB DGD RJ . -51.35 -21.57 13.54
O1B DGD RJ . -49.26 -30.34 24.71
O1G DGD RJ . -47.43 -31.21 20.03
C1G DGD RJ . -47.98 -32.19 20.89
C2G DGD RJ . -47.96 -31.67 22.32
O2G DGD RJ . -49.16 -30.95 22.58
C3G DGD RJ . -47.86 -32.89 23.25
O3G DGD RJ . -46.83 -33.74 22.77
C1D DGD RJ . -46.68 -34.90 23.58
C2D DGD RJ . -45.66 -35.83 22.95
O2D DGD RJ . -46.12 -36.26 21.67
C3D DGD RJ . -45.44 -37.04 23.84
O3D DGD RJ . -44.38 -37.84 23.30
C4D DGD RJ . -45.07 -36.60 25.25
O4D DGD RJ . -43.78 -35.98 25.23
C5D DGD RJ . -46.10 -35.62 25.79
O5D DGD RJ . -45.35 -36.21 27.98
C6D DGD RJ . -45.68 -35.11 27.15
O6D DGD RJ . -46.23 -34.52 24.88
C1E DGD RJ . -45.61 -35.93 29.36
C2E DGD RJ . -44.76 -36.85 30.22
O2E DGD RJ . -43.37 -36.68 29.90
C3E DGD RJ . -45.15 -38.31 30.00
O3E DGD RJ . -44.45 -39.14 30.92
C4E DGD RJ . -46.65 -38.49 30.19
O4E DGD RJ . -47.00 -38.28 31.56
C5E DGD RJ . -47.42 -37.50 29.31
O6E DGD RJ . -46.99 -36.17 29.62
C6E DGD RJ . -48.92 -37.61 29.50
O5E DGD RJ . -49.24 -37.34 30.87
C1 LMG SJ . -56.74 -33.94 31.43
O1 LMG SJ . -57.97 -33.46 30.87
C2 LMG SJ . -56.05 -32.79 32.17
O2 LMG SJ . -55.68 -31.76 31.26
C3 LMG SJ . -54.82 -33.29 32.91
O3 LMG SJ . -54.27 -32.24 33.70
C4 LMG SJ . -55.17 -34.47 33.80
O4 LMG SJ . -56.01 -34.02 34.86
C5 LMG SJ . -55.89 -35.55 33.00
O5 LMG SJ . -55.22 -37.16 34.64
C6 LMG SJ . -56.35 -36.69 33.90
O6 LMG SJ . -57.04 -34.99 32.35
C7 LMG SJ . -57.92 -33.31 29.46
C8 LMG SJ . -59.32 -32.89 28.99
C9 LMG SJ . -59.30 -31.42 28.54
O7 LMG SJ . -59.76 -33.71 27.92
C10 LMG SJ . -60.88 -34.37 28.24
O9 LMG SJ . -60.81 -35.34 28.98
C11 LMG SJ . -62.21 -33.92 27.69
C12 LMG SJ . -62.62 -34.82 26.53
C13 LMG SJ . -61.93 -34.38 25.25
C14 LMG SJ . -62.38 -32.98 24.87
C15 LMG SJ . -61.75 -32.53 23.56
C16 LMG SJ . -62.29 -31.16 23.15
C17 LMG SJ . -61.67 -30.68 21.84
C18 LMG SJ . -62.76 -30.35 20.86
C19 LMG SJ . -62.85 -29.15 20.31
C20 LMG SJ . -61.86 -28.06 20.64
C21 LMG SJ . -61.96 -26.96 19.62
C22 LMG SJ . -61.05 -25.98 19.61
C23 LMG SJ . -61.14 -24.88 18.59
C24 LMG SJ . -59.86 -24.07 18.62
C25 LMG SJ . -59.64 -23.14 17.70
O8 LMG SJ . -58.56 -31.26 27.34
C28 LMG SJ . -59.00 -30.41 26.43
O10 LMG SJ . -60.20 -30.15 26.39
C29 LMG SJ . -58.05 -29.79 25.42
C30 LMG SJ . -58.81 -28.87 24.46
C31 LMG SJ . -58.96 -27.47 25.02
C32 LMG SJ . -58.27 -26.44 24.14
C33 LMG SJ . -59.12 -26.08 22.92
C34 LMG SJ . -58.47 -24.98 22.10
C35 LMG SJ . -58.16 -23.75 22.94
C36 LMG SJ . -57.80 -22.60 22.05
C37 LMG SJ . -57.48 -21.41 22.56
C38 LMG SJ . -57.46 -21.17 24.06
C39 LMG SJ . -56.90 -19.81 24.35
C40 LMG SJ . -56.64 -19.45 25.60
C41 LMG SJ . -56.08 -18.07 25.89
C42 LMG SJ . -55.45 -18.08 27.26
C43 LMG SJ . -54.70 -17.04 27.66
C1A DGD TJ . -56.77 19.72 41.72
C2A DGD TJ . -57.31 18.95 42.91
C3A DGD TJ . -56.26 18.95 44.02
C4A DGD TJ . -56.50 17.82 45.01
C5A DGD TJ . -57.82 17.98 45.76
C6A DGD TJ . -57.98 16.87 46.79
C7A DGD TJ . -59.32 16.92 47.51
C8A DGD TJ . -59.39 18.11 48.47
C9A DGD TJ . -60.39 17.82 49.57
CAA DGD TJ . -61.67 17.69 49.27
CBA DGD TJ . -62.68 17.40 50.36
CCA DGD TJ . -64.07 17.67 49.84
CDA DGD TJ . -65.15 17.42 50.58
CEA DGD TJ . -65.03 16.83 51.96
CFA DGD TJ . -66.34 17.00 52.70
CGA DGD TJ . -67.47 16.60 52.13
CHA DGD TJ . -68.78 16.76 52.87
CIA DGD TJ . -69.93 16.34 51.96
O1A DGD TJ . -55.75 19.34 41.15
C1B DGD TJ . -59.02 22.66 44.58
C2B DGD TJ . -58.36 21.91 45.71
C3B DGD TJ . -57.70 22.93 46.65
C4B DGD TJ . -56.85 22.25 47.72
C5B DGD TJ . -57.72 21.54 48.75
C6B DGD TJ . -56.89 20.99 49.90
C7B DGD TJ . -57.78 20.31 50.93
C8B DGD TJ . -56.99 19.76 52.10
C9B DGD TJ . -56.34 20.89 52.86
CAB DGD TJ . -56.16 20.79 54.18
CBB DGD TJ . -55.51 21.90 54.96
CCB DGD TJ . -54.05 21.59 55.15
CDB DGD TJ . -53.20 21.66 54.13
CEB DGD TJ . -51.74 21.35 54.31
CFB DGD TJ . -51.52 19.86 54.14
CGB DGD TJ . -50.34 19.30 54.38
CHB DGD TJ . -49.17 20.13 54.86
CIB DGD TJ . -48.00 19.22 55.19
O1B DGD TJ . -58.91 23.88 44.52
O1G DGD TJ . -57.45 20.91 41.23
C1G DGD TJ . -57.81 21.95 42.14
C2G DGD TJ . -59.34 22.02 42.28
O2G DGD TJ . -59.76 21.99 43.66
C3G DGD TJ . -59.86 23.25 41.55
O3G DGD TJ . -59.49 23.17 40.18
C1D DGD TJ . -59.37 24.47 39.58
C2D DGD TJ . -58.67 24.33 38.23
O2D DGD TJ . -57.39 23.73 38.41
C3D DGD TJ . -58.51 25.70 37.61
O3D DGD TJ . -57.99 25.57 36.28
C4D DGD TJ . -59.84 26.46 37.56
O4D DGD TJ . -60.66 25.93 36.51
C5D DGD TJ . -60.59 26.39 38.88
O5D DGD TJ . -62.82 25.93 38.09
C6D DGD TJ . -62.00 26.92 38.71
O6D DGD TJ . -60.66 25.03 39.35
C1E DGD TJ . -64.20 26.28 38.15
C2E DGD TJ . -64.94 25.34 39.11
O2E DGD TJ . -64.01 24.61 39.89
C3E DGD TJ . -65.85 24.37 38.35
O3E DGD TJ . -67.05 25.05 37.94
C4E DGD TJ . -65.15 23.79 37.13
O4E DGD TJ . -66.06 22.95 36.41
C5E DGD TJ . -64.63 24.90 36.23
O6E DGD TJ . -64.78 26.18 36.85
C6E DGD TJ . -65.34 24.92 34.89
O5E DGD TJ . -64.91 26.05 34.12
CA1 DGA UJ . -51.89 20.47 36.67
CA2 DGA UJ . -52.10 19.30 37.68
CA3 DGA UJ . -51.08 18.17 37.38
CA4 DGA UJ . -51.18 17.06 38.47
CA5 DGA UJ . -51.01 17.70 39.89
CA6 DGA UJ . -51.08 16.58 40.98
CA7 DGA UJ . -50.03 16.87 42.08
CA8 DGA UJ . -49.83 15.60 42.95
CA9 DGA UJ . -48.30 15.32 43.13
CAA DGA UJ . -48.04 14.82 44.58
CBA DGA UJ . -46.90 13.80 44.60
CCA DGA UJ . -46.43 13.58 46.07
CDA DGA UJ . -45.47 12.36 46.15
CEA DGA UJ . -45.10 12.11 47.65
CFA DGA UJ . -44.45 10.68 47.80
CGA DGA UJ . -42.93 10.83 48.03
CHA DGA UJ . -42.66 11.46 49.41
CIA DGA UJ . -41.21 11.94 49.49
OA1 DGA UJ . -51.99 20.28 35.50
CB1 DGA UJ . -53.50 23.82 39.03
CB2 DGA UJ . -52.61 23.73 40.29
CB3 DGA UJ . -52.74 22.30 40.91
CB4 DGA UJ . -51.32 21.63 40.97
CB5 DGA UJ . -50.84 21.58 42.43
CB6 DGA UJ . -49.45 22.21 42.52
CB7 DGA UJ . -48.57 21.41 43.50
CB8 DGA UJ . -48.20 22.29 44.70
CB9 DGA UJ . -47.16 23.33 44.28
CAB DGA UJ . -46.01 23.37 45.31
CBB DGA UJ . -44.76 24.00 44.67
CCB DGA UJ . -43.53 23.10 44.96
CDB DGA UJ . -42.82 24.49 44.92
CEB DGA UJ . -41.28 24.29 45.04
CFB DGA UJ . -40.94 23.80 46.46
CGB DGA UJ . -39.45 24.10 46.78
CHB DGA UJ . -39.07 23.44 48.11
CIB DGA UJ . -37.62 23.83 48.50
OB1 DGA UJ . -54.65 23.49 39.08
OG1 DGA UJ . -51.57 21.78 37.14
CG1 DGA UJ . -51.91 22.82 36.23
CG2 DGA UJ . -53.22 23.48 36.68
OG2 DGA UJ . -52.96 24.31 37.79
CG3 DGA UJ . -53.77 24.32 35.55
OXT DGA UJ . -54.66 25.28 36.07
O1 LHG VJ . -86.16 1.00 34.20
C1 LHG VJ . -86.04 1.85 35.34
C2 LHG VJ . -85.69 3.27 34.90
O2 LHG VJ . -84.39 3.27 34.29
C3 LHG VJ . -85.66 4.18 36.12
O3 LHG VJ . -84.29 4.49 36.36
P LHG VJ . -83.82 5.66 37.36
O4 LHG VJ . -83.72 6.96 36.59
O5 LHG VJ . -84.64 5.58 38.62
O6 LHG VJ . -82.34 5.11 37.65
C4 LHG VJ . -81.86 4.91 38.97
C5 LHG VJ . -81.58 3.42 39.21
C6 LHG VJ . -82.30 2.55 38.18
O7 LHG VJ . -80.18 3.14 39.14
C7 LHG VJ . -79.63 2.89 40.35
O9 LHG VJ . -80.02 3.50 41.33
C8 LHG VJ . -78.52 1.88 40.47
C9 LHG VJ . -78.10 1.74 41.92
C10 LHG VJ . -77.61 0.33 42.22
O8 LHG VJ . -83.25 1.74 38.84
C23 LHG VJ . -83.14 0.41 38.77
O10 LHG VJ . -83.04 -0.12 37.68
C24 LHG VJ . -83.12 -0.41 40.03
C11 LHG VJ . -78.19 -0.19 43.52
C12 LHG VJ . -77.40 -1.38 44.06
C13 LHG VJ . -78.14 -2.02 45.23
C14 LHG VJ . -78.35 -3.51 45.01
C15 LHG VJ . -79.53 -4.04 45.81
C16 LHG VJ . -80.34 -5.03 44.98
C17 LHG VJ . -81.55 -5.55 45.77
C18 LHG VJ . -82.12 -6.80 45.10
C19 LHG VJ . -83.54 -7.09 45.58
C20 LHG VJ . -84.16 -8.25 44.82
C25 LHG VJ . -84.22 -1.47 40.00
C26 LHG VJ . -85.04 -1.42 41.28
C27 LHG VJ . -84.86 -2.67 42.12
C28 LHG VJ . -85.01 -3.93 41.28
C29 LHG VJ . -85.39 -5.12 42.15
C30 LHG VJ . -86.04 -6.21 41.29
C31 LHG VJ . -85.23 -7.50 41.33
C32 LHG VJ . -85.94 -8.60 40.56
C33 LHG VJ . -85.45 -9.97 40.98
C34 LHG VJ . -85.04 -10.80 39.77
C35 LHG VJ . -83.76 -10.26 39.15
C36 LHG VJ . -83.04 -11.33 38.35
C37 LHG VJ . -81.56 -11.41 38.75
C38 LHG VJ . -81.32 -12.55 39.70
O6 SQD WJ . -75.54 10.23 41.83
C44 SQD WJ . -76.53 10.50 42.79
C45 SQD WJ . -76.87 9.18 43.53
C46 SQD WJ . -77.35 8.09 42.55
O47 SQD WJ . -75.63 8.69 44.04
C7 SQD WJ . -75.30 9.07 45.31
O49 SQD WJ . -76.07 9.65 46.02
C8 SQD WJ . -73.90 8.65 45.64
C9 SQD WJ . -73.92 7.53 46.68
C10 SQD WJ . -72.55 7.31 47.34
C11 SQD WJ . -72.60 6.22 48.41
C12 SQD WJ . -72.49 4.82 47.80
C13 SQD WJ . -72.09 3.76 48.83
C14 SQD WJ . -70.80 4.13 49.58
C15 SQD WJ . -69.97 2.89 49.96
C16 SQD WJ . -70.73 1.98 50.94
C17 SQD WJ . -69.88 0.80 51.41
C18 SQD WJ . -70.65 -0.12 52.36
C19 SQD WJ . -70.07 -1.53 52.40
C20 SQD WJ . -68.58 -1.54 52.76
C21 SQD WJ . -68.06 -2.96 53.00
C22 SQD WJ . -68.23 -3.84 51.78
O48 SQD WJ . -77.97 7.06 43.33
C23 SQD WJ . -77.36 5.85 43.32
O10 SQD WJ . -76.28 5.70 42.78
C24 SQD WJ . -78.17 4.80 44.05
C25 SQD WJ . -78.04 4.93 45.57
C26 SQD WJ . -79.01 4.00 46.30
C27 SQD WJ . -78.79 2.53 45.94
C28 SQD WJ . -77.56 1.94 46.67
C29 SQD WJ . -77.84 1.65 48.15
C30 SQD WJ . -78.30 0.20 48.38
C31 SQD WJ . -77.11 -0.76 48.56
C32 SQD WJ . -77.59 -2.18 48.91
C33 SQD WJ . -76.42 -3.12 49.20
C34 SQD WJ . -76.17 -4.10 48.03
C35 SQD WJ . -76.99 -5.39 48.19
C36 SQD WJ . -76.80 -6.31 46.97
C37 SQD WJ . -77.83 -7.44 46.96
C38 SQD WJ . -77.86 -8.18 45.63
C1 SQD WJ . -75.55 11.15 40.77
C2 SQD WJ . -76.81 10.86 39.93
O2 SQD WJ . -76.72 9.61 39.31
C3 SQD WJ . -76.96 11.97 38.86
O3 SQD WJ . -78.24 11.82 38.34
C4 SQD WJ . -76.82 13.39 39.48
O4 SQD WJ . -76.78 14.31 38.44
C5 SQD WJ . -75.56 13.45 40.39
C6 SQD WJ . -75.51 14.77 41.12
O5 SQD WJ . -75.68 12.43 41.35
S SQD WJ . -74.19 15.89 40.59
O7 SQD WJ . -73.52 15.12 39.58
O8 SQD WJ . -74.92 17.02 40.08
O9 SQD WJ . -73.39 16.14 41.73
C4 LMK XJ . -69.78 -25.09 58.63
C5 LMK XJ . -67.14 -25.78 57.45
C6 LMK XJ . -67.42 -23.49 58.10
C7 LMK XJ . -70.39 -24.85 53.49
C8 LMK XJ . -70.15 -23.74 52.47
C10 LMK XJ . -72.44 -23.52 51.87
C1 LMK XJ . -71.15 -25.35 55.66
C11 LMK XJ . -72.80 -22.08 51.50
C12 LMK XJ . -73.33 -22.00 50.08
C2 LMK XJ . -69.80 -25.75 56.21
C3 LMK XJ . -69.31 -24.72 57.22
C9 LMK XJ . -68.75 -23.95 51.89
O1 LMK XJ . -70.98 -24.32 54.68
O2 LMK XJ . -70.94 -24.35 58.97
O3 LMK XJ . -70.08 -26.50 58.69
C13 LMK XJ . -74.01 -20.68 49.82
C14 LMK XJ . -74.90 -20.77 48.58
C15 LMK XJ . -75.65 -19.47 48.32
C28 LMK XJ . -68.08 -21.96 50.81
C29 LMK XJ . -67.72 -21.39 49.43
C30 LMK XJ . -66.94 -20.09 49.53
C31 LMK XJ . -66.71 -19.49 48.15
C32 LMK XJ . -68.01 -19.01 47.52
C33 LMK XJ . -67.75 -18.22 46.25
C34 LMK XJ . -68.97 -17.42 45.82
C46 LMK XJ . -67.47 -24.09 55.80
N4 LMK XJ . -67.84 -24.53 57.15
O10 LMK XJ . -66.91 -22.01 51.63
O7 LMK XJ . -71.12 -23.81 51.43
O8 LMK XJ . -68.63 -23.26 50.65
O9 LMK XJ . -73.35 -24.40 51.22
C16 LMK XJ . -68.80 -16.92 44.39
C17 LMK XJ . -69.94 -16.01 43.96
C18 LMK XJ . -69.77 -15.67 42.49
C19 LMK XJ . -70.71 -14.55 42.03
C20 LMK XJ . -70.41 -14.19 40.58
C21 LMK XJ . -71.20 -12.95 40.14
C27 LMK XJ . -76.78 -19.71 47.33
C35 LMK XJ . -77.56 -18.43 47.03
C36 LMK XJ . -76.74 -17.47 46.19
C BCT YJ . -46.87 1.23 -5.69
O1 BCT YJ . -47.16 -0.02 -5.05
O2 BCT YJ . -46.55 2.08 -4.88
O3 BCT YJ . -47.13 1.26 -6.90
MG CLA ZJ . -29.09 -18.78 9.54
CHA CLA ZJ . -28.92 -20.39 6.48
CHB CLA ZJ . -30.71 -16.12 8.09
CHC CLA ZJ . -29.27 -17.41 12.53
CHD CLA ZJ . -27.52 -21.60 10.98
NA CLA ZJ . -29.77 -18.28 7.50
C1A CLA ZJ . -29.61 -19.03 6.42
C2A CLA ZJ . -30.15 -18.38 5.18
C3A CLA ZJ . -30.64 -17.04 5.71
C4A CLA ZJ . -30.39 -17.13 7.18
CMA CLA ZJ . -30.01 -15.85 5.00
CAA CLA ZJ . -31.36 -19.18 4.70
CBA CLA ZJ . -32.19 -18.43 3.67
CGA CLA ZJ . -33.46 -19.20 3.41
O1A CLA ZJ . -34.43 -18.60 2.97
O2A CLA ZJ . -33.51 -20.49 3.67
NB CLA ZJ . -29.88 -17.03 10.21
C1B CLA ZJ . -30.50 -16.06 9.49
C2B CLA ZJ . -30.90 -14.98 10.34
C3B CLA ZJ . -30.49 -15.33 11.60
C4B CLA ZJ . -29.83 -16.65 11.50
CMB CLA ZJ . -31.61 -13.71 9.94
CAB CLA ZJ . -30.68 -14.50 12.81
CBB CLA ZJ . -31.22 -15.03 14.11
NC CLA ZJ . -28.54 -19.43 11.46
C1C CLA ZJ . -28.61 -18.66 12.53
C2C CLA ZJ . -27.91 -19.26 13.70
C3C CLA ZJ . -27.44 -20.45 13.25
C4C CLA ZJ . -27.83 -20.55 11.85
CMC CLA ZJ . -27.77 -18.71 15.08
CAC CLA ZJ . -26.64 -21.46 14.05
CBC CLA ZJ . -25.17 -21.45 13.67
ND CLA ZJ . -28.38 -20.55 8.99
C1D CLA ZJ . -27.77 -21.59 9.60
C2D CLA ZJ . -27.42 -22.64 8.67
C3D CLA ZJ . -27.87 -22.17 7.45
C4D CLA ZJ . -28.45 -20.91 7.66
CMD CLA ZJ . -26.76 -23.98 8.82
CAD CLA ZJ . -27.95 -22.50 6.06
OBD CLA ZJ . -27.32 -23.39 5.52
CBD CLA ZJ . -28.61 -21.35 5.35
CGD CLA ZJ . -27.66 -20.65 4.43
O1D CLA ZJ . -26.56 -20.31 4.82
O2D CLA ZJ . -28.03 -20.35 3.19
CED CLA ZJ . -27.05 -20.50 2.18
C1 CLA ZJ . -34.52 -21.28 2.99
C2 CLA ZJ . -34.20 -22.15 1.79
C3 CLA ZJ . -34.46 -21.75 0.54
C4 CLA ZJ . -35.06 -20.40 0.26
C5 CLA ZJ . -34.15 -22.63 -0.65
C6 CLA ZJ . -35.31 -22.65 -1.63
C7 CLA ZJ . -36.49 -23.46 -1.08
C8 CLA ZJ . -37.77 -23.25 -1.89
C9 CLA ZJ . -37.92 -21.83 -2.41
C10 CLA ZJ . -38.95 -23.62 -1.01
C11 CLA ZJ . -40.08 -24.22 -1.84
C12 CLA ZJ . -41.29 -24.52 -0.97
C13 CLA ZJ . -42.25 -25.45 -1.68
C14 CLA ZJ . -43.48 -24.69 -2.16
C15 CLA ZJ . -42.63 -26.61 -0.76
C16 CLA ZJ . -43.52 -26.14 0.39
C17 CLA ZJ . -43.18 -26.88 1.68
C18 CLA ZJ . -44.43 -27.50 2.30
C19 CLA ZJ . -44.97 -28.62 1.43
C20 CLA ZJ . -44.15 -27.99 3.70
MG CLA AK . -38.20 -38.83 -12.79
CHA CLA AK . -35.43 -40.08 -11.13
CHB CLA AK . -36.37 -36.12 -13.88
CHC CLA AK . -40.87 -37.80 -14.45
CHD CLA AK . -40.06 -41.62 -11.68
NA CLA AK . -36.11 -38.15 -12.55
C1A CLA AK . -35.16 -38.79 -11.86
C2A CLA AK . -33.85 -38.03 -11.88
C3A CLA AK . -34.19 -36.80 -12.72
C4A CLA AK . -35.64 -37.01 -13.08
CMA CLA AK . -33.74 -35.43 -12.24
CAA CLA AK . -32.77 -38.80 -12.64
CBA CLA AK . -33.32 -39.51 -13.87
CGA CLA AK . -32.18 -40.07 -14.68
O1A CLA AK . -31.06 -40.05 -14.21
O2A CLA AK . -32.41 -40.60 -15.86
NB CLA AK . -38.56 -37.22 -13.98
C1B CLA AK . -37.71 -36.19 -14.29
C2B CLA AK . -38.39 -35.23 -15.12
C3B CLA AK . -39.66 -35.71 -15.27
C4B CLA AK . -39.75 -36.98 -14.54
CMB CLA AK . -37.83 -33.96 -15.68
CAB CLA AK . -40.76 -35.08 -16.04
CBB CLA AK . -41.30 -35.72 -17.29
NC CLA AK . -40.14 -39.61 -13.05
C1C CLA AK . -41.09 -39.02 -13.77
C2C CLA AK . -42.37 -39.79 -13.76
C3C CLA AK . -42.10 -40.87 -12.98
C4C CLA AK . -40.71 -40.76 -12.54
CMC CLA AK . -43.66 -39.42 -14.45
CAC CLA AK . -43.06 -41.98 -12.64
CBC CLA AK . -42.85 -43.15 -13.58
ND CLA AK . -37.93 -40.47 -11.72
C1D CLA AK . -38.69 -41.52 -11.31
C2D CLA AK . -37.96 -42.44 -10.46
C3D CLA AK . -36.69 -41.87 -10.40
C4D CLA AK . -36.68 -40.70 -11.16
CMD CLA AK . -38.32 -43.72 -9.76
CAD CLA AK . -35.37 -42.07 -9.83
OBD CLA AK . -35.09 -42.88 -8.98
CBD CLA AK . -34.52 -40.91 -10.25
CGD CLA AK . -34.15 -40.10 -9.04
O1D CLA AK . -34.99 -39.45 -8.45
O2D CLA AK . -32.90 -40.10 -8.57
CED CLA AK . -32.75 -40.45 -7.21
C1 CLA AK . -32.31 -39.79 -17.07
C2 CLA AK . -33.43 -39.70 -18.08
C3 CLA AK . -33.19 -39.32 -19.34
C4 CLA AK . -31.81 -38.94 -19.80
C5 CLA AK . -34.28 -39.22 -20.38
C6 CLA AK . -33.95 -40.17 -21.53
C7 CLA AK . -34.19 -39.51 -22.90
C8 CLA AK . -33.97 -40.52 -24.02
C9 CLA AK . -32.49 -40.82 -24.19
C10 CLA AK . -34.57 -39.98 -25.32
C11 CLA AK . -34.25 -40.88 -26.50
C12 CLA AK . -35.50 -41.27 -27.27
C13 CLA AK . -35.31 -41.17 -28.78
C14 CLA AK . -35.85 -39.83 -29.29
C15 CLA AK . -36.00 -42.34 -29.46
C16 CLA AK . -35.97 -42.22 -30.98
C17 CLA AK . -34.70 -42.84 -31.57
C18 CLA AK . -35.01 -44.16 -32.27
C19 CLA AK . -36.02 -43.97 -33.39
C20 CLA AK . -33.74 -44.81 -32.79
C1 BCR BK . -43.84 -42.01 -6.68
C2 BCR BK . -42.59 -42.86 -6.86
C3 BCR BK . -41.32 -42.21 -6.30
C4 BCR BK . -41.49 -41.89 -4.83
C5 BCR BK . -42.85 -41.31 -4.52
C6 BCR BK . -43.68 -41.03 -5.53
C7 BCR BK . -44.44 -39.76 -5.56
C8 BCR BK . -45.69 -39.66 -5.12
C9 BCR BK . -46.51 -38.45 -5.13
C10 BCR BK . -47.71 -38.36 -4.35
C11 BCR BK . -48.28 -37.79 -3.19
C33 BCR BK . -43.23 -41.09 -3.08
C31 BCR BK . -45.03 -42.92 -6.37
C32 BCR BK . -44.09 -41.22 -7.95
C34 BCR BK . -46.09 -37.29 -5.98
C12 BCR BK . -48.80 -37.34 -2.19
C13 BCR BK . -49.27 -36.33 -1.31
C14 BCR BK . -49.55 -36.69 -0.04
C15 BCR BK . -50.04 -35.83 1.00
C16 BCR BK . -50.14 -35.60 2.33
C17 BCR BK . -50.76 -34.58 2.85
C18 BCR BK . -51.12 -34.43 4.14
C19 BCR BK . -51.81 -33.26 4.70
C20 BCR BK . -52.11 -32.64 5.85
C21 BCR BK . -52.11 -32.52 7.27
C22 BCR BK . -52.55 -31.48 8.01
C23 BCR BK . -53.14 -30.27 7.44
C24 BCR BK . -53.56 -29.05 8.22
C25 BCR BK . -54.16 -27.87 7.56
C26 BCR BK . -53.36 -26.92 7.06
C27 BCR BK . -53.79 -26.19 5.81
C28 BCR BK . -55.27 -25.84 5.82
C29 BCR BK . -56.02 -26.30 7.07
C30 BCR BK . -55.67 -27.72 7.49
C35 BCR BK . -49.49 -34.92 -1.79
C36 BCR BK . -50.78 -35.54 5.09
C37 BCR BK . -52.43 -31.59 9.50
C38 BCR BK . -52.06 -26.55 7.70
C39 BCR BK . -56.27 -28.74 6.52
C40 BCR BK . -56.25 -27.93 8.88
C2 PL9 CK . -40.31 4.07 3.84
C3 PL9 CK . -39.41 5.10 3.89
C4 PL9 CK . -39.63 6.28 3.09
C5 PL9 CK . -40.79 6.33 2.25
C6 PL9 CK . -41.69 5.29 2.22
C1 PL9 CK . -41.47 4.13 3.02
C7 PL9 CK . -38.24 5.00 4.76
C8 PL9 CK . -37.65 3.65 4.94
C9 PL9 CK . -36.68 3.42 5.82
C10 PL9 CK . -36.04 4.48 6.62
C11 PL9 CK . -36.09 2.05 5.91
C12 PL9 CK . -34.55 2.14 5.85
C13 PL9 CK . -34.02 0.77 6.01
C14 PL9 CK . -33.08 0.46 6.91
C15 PL9 CK . -32.98 1.16 8.21
C16 PL9 CK . -32.22 -0.74 6.79
C17 PL9 CK . -32.17 -1.36 5.38
C18 PL9 CK . -31.31 -2.59 5.41
C19 PL9 CK . -30.01 -2.67 5.06
C20 PL9 CK . -29.21 -1.48 4.78
C21 PL9 CK . -29.36 -4.01 5.05
C22 PL9 CK . -28.37 -4.17 3.87
C23 PL9 CK . -28.03 -5.62 3.77
C24 PL9 CK . -27.53 -6.13 2.65
C25 PL9 CK . -27.41 -5.39 1.38
C26 PL9 CK . -27.06 -7.54 2.67
C27 PL9 CK . -25.55 -7.59 2.43
C28 PL9 CK . -24.86 -7.16 3.67
C29 PL9 CK . -23.86 -6.28 3.67
C30 PL9 CK . -23.36 -5.69 2.41
C31 PL9 CK . -23.09 -5.92 4.86
C32 PL9 CK . -23.63 -6.51 6.15
C33 PL9 CK . -22.77 -5.97 7.21
C34 PL9 CK . -22.70 -6.46 8.44
C35 PL9 CK . -23.32 -7.72 8.87
C36 PL9 CK . -21.90 -5.71 9.42
C37 PL9 CK . -22.81 -4.83 10.25
C38 PL9 CK . -22.14 -4.70 11.58
C39 PL9 CK . -21.55 -3.60 11.99
C40 PL9 CK . -21.62 -2.35 11.21
C41 PL9 CK . -20.58 -3.71 13.11
C42 PL9 CK . -21.14 -3.00 14.33
C43 PL9 CK . -20.02 -2.62 15.21
C44 PL9 CK . -19.98 -2.85 16.52
C45 PL9 CK . -20.88 -3.82 17.17
C46 PL9 CK . -19.27 -1.96 17.44
C47 PL9 CK . -20.09 -0.73 17.79
C48 PL9 CK . -19.30 0.00 18.80
C49 PL9 CK . -18.83 1.23 18.62
C50 PL9 CK . -17.84 1.72 19.58
C51 PL9 CK . -19.33 2.17 17.59
C52 PL9 CK . -40.98 7.54 1.45
C53 PL9 CK . -42.89 5.29 1.39
O1 PL9 CK . -38.80 7.18 3.16
O2 PL9 CK . -42.22 3.14 3.04
O1 LHG DK . -31.83 0.68 -9.76
C1 LHG DK . -33.22 1.01 -9.88
C2 LHG DK . -33.75 0.60 -11.25
O2 LHG DK . -34.49 -0.62 -11.13
C3 LHG DK . -32.58 0.39 -12.21
O3 LHG DK . -31.74 -0.65 -11.70
P LHG DK . -31.16 -1.80 -12.65
O4 LHG DK . -32.29 -2.58 -13.25
O5 LHG DK . -30.09 -1.21 -13.53
O6 LHG DK . -30.44 -2.73 -11.55
C4 LHG DK . -29.13 -3.24 -11.76
C5 LHG DK . -28.76 -4.06 -10.54
C6 LHG DK . -29.33 -5.46 -10.75
O7 LHG DK . -27.33 -4.12 -10.43
C7 LHG DK . -26.89 -3.98 -9.18
O9 LHG DK . -27.40 -4.62 -8.28
C8 LHG DK . -25.75 -3.04 -8.86
C9 LHG DK . -24.58 -3.85 -8.32
C10 LHG DK . -24.09 -3.36 -6.97
O8 LHG DK . -29.81 -6.00 -9.53
C23 LHG DK . -29.29 -7.11 -9.06
O10 LHG DK . -28.44 -7.69 -9.72
C24 LHG DK . -29.70 -7.69 -7.72
C11 LHG DK . -23.48 -4.50 -6.16
C12 LHG DK . -23.31 -4.13 -4.69
C13 LHG DK . -23.31 -5.39 -3.83
C14 LHG DK . -22.14 -5.41 -2.85
C15 LHG DK . -22.47 -6.29 -1.64
C16 LHG DK . -21.59 -7.53 -1.60
C17 LHG DK . -20.17 -7.19 -1.19
C25 LHG DK . -28.46 -7.78 -6.85
C26 LHG DK . -28.16 -9.23 -6.47
C27 LHG DK . -26.97 -9.30 -5.51
C28 LHG DK . -26.02 -10.43 -5.89
C29 LHG DK . -24.89 -9.90 -6.76
C30 LHG DK . -23.57 -10.59 -6.43
C31 LHG DK . -22.63 -9.66 -5.70
C32 LHG DK . -21.55 -9.09 -6.62
C33 LHG DK . -21.92 -7.71 -7.15
C34 LHG DK . -21.24 -7.43 -8.48
C35 LHG DK . -21.45 -5.98 -8.92
C36 LHG DK . -22.13 -5.90 -10.27
C37 LHG DK . -21.43 -4.88 -11.16
C38 LHG DK . -22.35 -4.35 -12.25
O1 LHG EK . -31.08 11.00 -5.23
C1 LHG EK . -31.60 9.99 -6.10
C2 LHG EK . -31.58 8.64 -5.38
O2 LHG EK . -31.10 7.62 -6.25
C3 LHG EK . -32.99 8.32 -4.91
O3 LHG EK . -32.90 7.74 -3.62
P LHG EK . -33.21 8.59 -2.29
O4 LHG EK . -32.67 9.98 -2.45
O5 LHG EK . -34.66 8.36 -1.95
O6 LHG EK . -32.31 7.79 -1.22
C4 LHG EK . -32.05 8.28 0.08
C5 LHG EK . -31.04 7.31 0.69
C6 LHG EK . -29.69 7.98 0.85
O7 LHG EK . -31.49 6.81 1.95
C7 LHG EK . -32.03 5.59 1.84
O9 LHG EK . -31.57 4.79 1.04
C8 LHG EK . -33.21 5.21 2.71
C9 LHG EK . -32.73 4.94 4.13
C10 LHG EK . -31.75 3.77 4.16
O8 LHG EK . -28.72 7.01 1.22
C23 LHG EK . -28.05 7.13 2.36
O10 LHG EK . -28.11 8.17 2.98
C24 LHG EK . -27.22 5.98 2.87
C11 LHG EK . -30.91 3.81 5.43
C12 LHG EK . -30.23 2.46 5.66
C13 LHG EK . -29.63 2.37 7.07
C14 LHG EK . -28.19 1.92 7.00
C15 LHG EK . -27.67 1.53 8.38
C16 LHG EK . -26.31 2.14 8.64
C17 LHG EK . -25.61 1.45 9.80
C18 LHG EK . -24.19 1.98 9.98
C19 LHG EK . -23.31 0.94 10.65
C20 LHG EK . -23.44 0.98 12.16
C21 LHG EK . -22.58 2.10 12.76
C22 LHG EK . -21.20 1.57 13.10
C25 LHG EK . -26.74 6.30 4.28
C26 LHG EK . -27.63 5.65 5.34
C27 LHG EK . -27.64 6.47 6.61
C28 LHG EK . -27.72 5.55 7.83
C29 LHG EK . -29.01 5.75 8.60
C30 LHG EK . -28.95 7.00 9.45
C31 LHG EK . -28.64 6.65 10.91
C32 LHG EK . -29.87 6.85 11.79
C33 LHG EK . -29.46 7.05 13.24
C34 LHG EK . -30.15 8.26 13.85
C35 LHG EK . -31.64 8.01 14.01
C36 LHG EK . -32.15 8.50 15.36
C37 LHG EK . -32.47 9.99 15.31
C38 LHG EK . -32.31 10.62 16.67
O1 LHG FK . -62.42 1.37 10.51
C1 LHG FK . -61.61 0.30 11.01
C2 LHG FK . -60.52 0.87 11.89
O2 LHG FK . -60.41 2.28 11.67
C3 LHG FK . -59.18 0.22 11.55
O3 LHG FK . -59.16 -0.11 10.16
P LHG FK . -58.50 0.91 9.11
O4 LHG FK . -59.50 1.22 8.03
O5 LHG FK . -57.86 2.04 9.89
O6 LHG FK . -57.33 0.01 8.48
C4 LHG FK . -56.01 0.17 8.96
C5 LHG FK . -55.20 -1.07 8.62
C6 LHG FK . -53.88 -0.61 8.02
O7 LHG FK . -54.98 -1.86 9.80
C7 LHG FK . -55.85 -2.88 9.89
O9 LHG FK . -56.22 -3.46 8.87
C8 LHG FK . -56.39 -3.30 11.23
C9 LHG FK . -57.24 -4.55 11.07
C10 LHG FK . -56.61 -5.75 11.76
O8 LHG FK . -52.76 -1.25 8.64
C23 LHG FK . -52.08 -0.62 9.61
O10 LHG FK . -52.69 -0.13 10.54
C24 LHG FK . -50.58 -0.55 9.57
C11 LHG FK . -57.70 -6.73 12.22
C12 LHG FK . -57.18 -7.66 13.31
C13 LHG FK . -55.91 -8.39 12.86
C25 LHG FK . -50.00 -1.77 10.27
C26 LHG FK . -49.40 -1.39 11.63
C27 LHG FK . -48.79 -2.59 12.36
C28 LHG FK . -49.40 -3.93 11.97
C29 LHG FK . -50.18 -4.54 13.12
C30 LHG FK . -51.56 -3.91 13.24
C31 LHG FK . -52.62 -4.95 13.57
C32 LHG FK . -52.26 -5.72 14.84
C33 LHG FK . -52.76 -7.16 14.76
C34 LHG FK . -53.08 -7.68 16.15
C35 LHG FK . -53.41 -9.18 16.11
C36 LHG FK . -52.86 -9.89 17.34
C37 LHG FK . -52.42 -11.31 17.00
C1 LMG GK . -48.58 -37.82 15.06
O1 LMG GK . -49.40 -36.76 14.56
C2 LMG GK . -48.58 -37.79 16.58
O2 LMG GK . -48.14 -36.52 17.05
C3 LMG GK . -47.65 -38.89 17.08
O3 LMG GK . -47.60 -38.91 18.50
C4 LMG GK . -48.12 -40.24 16.55
O4 LMG GK . -49.37 -40.58 17.18
C5 LMG GK . -48.31 -40.21 15.05
O5 LMG GK . -48.09 -42.58 14.82
C6 LMG GK . -48.98 -41.49 14.58
O6 LMG GK . -49.12 -39.09 14.66
C7 LMG GK . -49.40 -36.74 13.14
C8 LMG GK . -49.05 -35.35 12.65
C9 LMG GK . -49.24 -35.29 11.15
O7 LMG GK . -49.91 -34.40 13.28
C10 LMG GK . -49.27 -33.38 13.89
O9 LMG GK . -48.06 -33.30 13.81
C11 LMG GK . -50.06 -32.36 14.67
C12 LMG GK . -49.91 -30.99 14.01
C13 LMG GK . -50.48 -31.01 12.59
C14 LMG GK . -49.52 -30.37 11.59
C15 LMG GK . -49.66 -28.85 11.57
C16 LMG GK . -48.65 -28.24 10.60
C17 LMG GK . -48.93 -26.77 10.33
C18 LMG GK . -49.05 -26.01 11.64
C19 LMG GK . -49.15 -24.69 11.66
C20 LMG GK . -49.14 -23.89 10.38
C21 LMG GK . -49.40 -22.43 10.70
C22 LMG GK . -48.98 -21.47 9.87
C23 LMG GK . -48.22 -21.80 8.61
C24 LMG GK . -47.62 -20.54 8.04
C25 LMG GK . -46.76 -20.60 7.02
O8 LMG GK . -48.87 -34.00 10.65
C28 LMG GK . -48.95 -33.78 9.34
O10 LMG GK . -49.43 -34.64 8.63
C29 LMG GK . -48.47 -32.49 8.73
C30 LMG GK . -48.48 -32.63 7.22
C31 LMG GK . -48.63 -31.29 6.51
C32 LMG GK . -47.30 -30.56 6.41
C33 LMG GK . -47.38 -29.46 5.38
C34 LMG GK . -48.37 -28.38 5.79
C35 LMG GK . -47.75 -27.40 6.78
C36 LMG GK . -46.59 -26.70 6.13
C37 LMG GK . -45.96 -25.69 6.72
C38 LMG GK . -46.39 -25.20 8.08
CHA HEM HK . -65.00 -32.19 -8.77
CHB HEM HK . -64.84 -37.03 -9.09
CHC HEM HK . -62.28 -37.17 -4.98
CHD HEM HK . -62.65 -32.36 -4.53
C1A HEM HK . -65.24 -33.49 -9.17
C2A HEM HK . -66.12 -33.90 -10.25
C3A HEM HK . -66.08 -35.23 -10.34
C4A HEM HK . -65.16 -35.71 -9.33
CMA HEM HK . -66.86 -36.09 -11.34
CAA HEM HK . -66.97 -32.95 -11.12
CBA HEM HK . -68.17 -32.48 -10.31
CGA HEM HK . -68.74 -31.21 -10.90
O1A HEM HK . -68.21 -30.73 -11.93
O2A HEM HK . -69.73 -30.68 -10.33
C1B HEM HK . -64.06 -37.49 -8.05
C2B HEM HK . -63.56 -38.83 -7.91
C3B HEM HK . -62.84 -38.90 -6.78
C4B HEM HK . -62.87 -37.58 -6.15
CMB HEM HK . -63.80 -39.99 -8.89
CAB HEM HK . -62.16 -40.21 -6.31
CBB HEM HK . -61.45 -40.35 -5.19
C1C HEM HK . -62.22 -35.90 -4.46
C2C HEM HK . -61.71 -35.54 -3.15
C3C HEM HK . -61.80 -34.22 -3.00
C4C HEM HK . -62.38 -33.67 -4.23
CMC HEM HK . -61.16 -36.53 -2.11
CAC HEM HK . -61.35 -33.50 -1.70
CBC HEM HK . -61.42 -32.18 -1.49
C1D HEM HK . -63.24 -31.89 -5.68
C2D HEM HK . -63.32 -30.51 -6.10
C3D HEM HK . -63.96 -30.46 -7.26
C4D HEM HK . -64.32 -31.82 -7.63
CMD HEM HK . -62.76 -29.29 -5.33
CAD HEM HK . -64.27 -29.21 -8.10
CBD HEM HK . -63.22 -29.06 -9.19
CGD HEM HK . -63.83 -28.36 -10.38
O1D HEM HK . -65.07 -28.17 -10.40
O2D HEM HK . -63.07 -28.00 -11.32
NA HEM HK . -64.66 -34.62 -8.64
NB HEM HK . -63.63 -36.76 -6.96
NC HEM HK . -62.61 -34.73 -5.09
ND HEM HK . -63.86 -32.67 -6.64
FE HEM HK . -63.73 -34.72 -6.79
C1 RRX IK . -19.47 -51.12 -23.06
C2 RRX IK . -18.59 -52.19 -23.96
O2 RRX IK . -26.57 -25.02 -28.22
C3 RRX IK . -19.27 -53.34 -24.20
C40 RRX IK . -22.90 -27.81 -26.68
C30 RRX IK . -24.33 -27.90 -27.29
C39 RRX IK . -25.24 -28.67 -26.31
C29 RRX IK . -24.92 -26.38 -27.45
C28 RRX IK . -26.13 -26.37 -28.11
C27 RRX IK . -26.03 -27.03 -29.62
C26 RRX IK . -25.45 -28.34 -29.62
C38 RRX IK . -25.70 -29.28 -30.79
C25 RRX IK . -24.27 -28.61 -28.55
C24 RRX IK . -23.22 -29.74 -28.77
C23 RRX IK . -23.61 -31.03 -28.60
C22 RRX IK . -22.64 -32.22 -28.79
C37 RRX IK . -21.16 -32.08 -28.41
C21 RRX IK . -23.15 -33.38 -29.29
C20 RRX IK . -22.30 -34.65 -29.49
C19 RRX IK . -22.31 -35.51 -28.42
C18 RRX IK . -21.54 -36.87 -28.38
C36 RRX IK . -20.02 -36.92 -28.63
C17 RRX IK . -22.27 -37.98 -28.12
C16 RRX IK . -21.65 -39.38 -28.03
C15 RRX IK . -22.23 -40.28 -27.18
C14 RRX IK . -21.67 -41.72 -27.05
C13 RRX IK . -22.45 -42.69 -26.54
C35 RRX IK . -23.92 -42.39 -26.13
C12 RRX IK . -21.89 -44.13 -26.41
C11 RRX IK . -22.64 -45.14 -25.90
C10 RRX IK . -22.02 -46.54 -25.82
C9 RRX IK . -22.33 -47.40 -24.81
C34 RRX IK . -23.30 -46.99 -23.76
C8 RRX IK . -21.68 -48.81 -24.80
C7 RRX IK . -21.43 -49.46 -23.61
C6 RRX IK . -20.79 -50.88 -23.63
C32 RRX IK . -19.60 -51.73 -21.60
C31 RRX IK . -18.71 -49.77 -22.97
C5 RRX IK . -21.51 -52.07 -24.39
C33 RRX IK . -23.04 -52.14 -24.52
C4 RRX IK . -20.67 -53.06 -25.04
C1 LMG JK . -17.10 -38.82 -5.22
O1 LMG JK . -18.13 -38.83 -6.22
C2 LMG JK . -17.42 -39.82 -4.11
O2 LMG JK . -18.68 -39.54 -3.52
C3 LMG JK . -16.34 -39.75 -3.05
O3 LMG JK . -16.59 -40.75 -2.05
C4 LMG JK . -14.96 -39.96 -3.65
O4 LMG JK . -14.81 -41.34 -4.02
C5 LMG JK . -14.75 -39.09 -4.87
O5 LMG JK . -12.38 -39.46 -4.66
C6 LMG JK . -13.46 -39.49 -5.59
O6 LMG JK . -15.85 -39.19 -5.79
C7 LMG JK . -17.83 -37.95 -7.30
C8 LMG JK . -19.12 -37.36 -7.87
C9 LMG JK . -19.90 -36.71 -6.72
O7 LMG JK . -18.78 -36.39 -8.87
C10 LMG JK . -19.65 -36.32 -9.90
O9 LMG JK . -20.34 -37.28 -10.16
C11 LMG JK . -19.76 -35.04 -10.71
C12 LMG JK . -18.71 -34.03 -10.28
C13 LMG JK . -18.56 -32.89 -11.29
C14 LMG JK . -19.64 -31.82 -11.11
C15 LMG JK . -19.71 -31.37 -9.66
C16 LMG JK . -20.43 -30.04 -9.51
C17 LMG JK . -20.35 -29.57 -8.05
C18 LMG JK . -18.93 -29.68 -7.57
C19 LMG JK . -18.65 -29.79 -6.28
C20 LMG JK . -17.21 -29.90 -5.84
C21 LMG JK . -17.16 -30.02 -4.33
C22 LMG JK . -17.82 -29.15 -3.58
O8 LMG JK . -20.79 -35.70 -7.20
C28 LMG JK . -22.01 -36.00 -7.63
O10 LMG JK . -22.49 -37.09 -7.40
C29 LMG JK . -22.80 -34.94 -8.37
C30 LMG JK . -24.21 -35.46 -8.61
C31 LMG JK . -25.21 -34.30 -8.72
C32 LMG JK . -24.84 -33.37 -9.87
C33 LMG JK . -25.88 -32.26 -9.98
C34 LMG JK . -27.25 -32.84 -10.28
C35 LMG JK . -28.35 -31.88 -9.84
C36 LMG JK . -28.22 -30.58 -10.58
C37 LMG JK . -28.97 -29.53 -10.23
C38 LMG JK . -28.83 -28.23 -10.97
C39 LMG JK . -29.35 -27.10 -10.11
C40 LMG JK . -29.04 -25.83 -10.37
C41 LMG JK . -28.15 -25.49 -11.55
C42 LMG JK . -27.66 -24.07 -11.41
C43 LMG JK . -26.76 -23.77 -10.46
O13 3PH KK . -15.99 10.01 45.45
P 3PH KK . -15.56 9.51 44.09
O14 3PH KK . -15.40 8.01 44.14
O12 3PH KK . -14.24 10.15 43.72
O11 3PH KK . -16.70 9.91 42.97
C1 3PH KK . -16.31 10.10 41.64
C2 3PH KK . -17.54 10.17 40.74
O21 3PH KK . -17.15 10.20 39.40
C21 3PH KK . -18.16 9.83 38.50
O22 3PH KK . -18.76 8.83 38.68
C22 3PH KK . -18.48 10.71 37.30
C23 3PH KK . -19.35 9.95 36.32
C24 3PH KK . -19.33 10.65 34.96
C25 3PH KK . -20.75 10.74 34.40
C26 3PH KK . -21.32 12.14 34.64
C27 3PH KK . -20.75 13.11 33.59
C28 3PH KK . -21.65 13.11 32.35
C29 3PH KK . -20.88 13.73 31.19
C2A 3PH KK . -21.86 14.38 30.20
C2B 3PH KK . -22.60 15.51 30.89
C2C 3PH KK . -23.77 15.97 30.03
C2D 3PH KK . -24.71 16.83 30.86
C2E 3PH KK . -26.02 17.06 30.10
C2F 3PH KK . -27.12 17.36 31.11
C2G 3PH KK . -27.95 18.54 30.61
C2H 3PH KK . -28.78 19.09 31.77
C2I 3PH KK . -29.78 20.11 31.25
C3 3PH KK . -18.36 11.42 41.07
O31 3PH KK . -17.99 12.48 40.23
C31 3PH KK . -18.91 13.53 40.20
O32 3PH KK . -18.78 14.44 40.97
C32 3PH KK . -20.08 13.53 39.23
C33 3PH KK . -20.24 14.89 38.58
C34 3PH KK . -21.37 15.66 39.27
C35 3PH KK . -21.55 17.02 38.59
C36 3PH KK . -21.65 18.10 39.67
C37 3PH KK . -22.72 19.13 39.27
C38 3PH KK . -22.33 19.82 37.97
C39 3PH KK . -23.51 20.66 37.48
C3A 3PH KK . -23.19 21.24 36.09
C3B 3PH KK . -24.46 21.29 35.26
C3C 3PH KK . -25.44 22.28 35.86
C3D 3PH KK . -26.68 22.40 34.97
C3E 3PH KK . -27.68 21.32 35.34
C3F 3PH KK . -28.99 21.56 34.59
C3G 3PH KK . -30.07 20.62 35.12
C3H 3PH KK . -30.93 21.35 36.15
C3I 3PH KK . -31.70 22.47 35.47
C1 LMG LK . -56.82 -39.86 27.59
O1 LMG LK . -57.00 -38.65 28.34
C2 LMG LK . -55.54 -40.55 28.05
O2 LMG LK . -54.47 -40.20 27.16
C3 LMG LK . -55.70 -42.06 28.10
O3 LMG LK . -56.30 -42.44 29.36
C4 LMG LK . -56.57 -42.59 26.96
O4 LMG LK . -56.74 -44.01 27.10
C5 LMG LK . -57.93 -41.89 26.95
O5 LMG LK . -60.17 -42.05 27.78
C6 LMG LK . -59.04 -42.82 27.37
O6 LMG LK . -57.92 -40.75 27.81
C7 LMG LK . -58.33 -38.16 28.26
C8 LMG LK . -58.43 -37.05 27.22
C9 LMG LK . -57.18 -36.19 27.30
O7 LMG LK . -58.56 -37.60 25.90
C10 LMG LK . -59.82 -37.94 25.57
O9 LMG LK . -60.76 -37.50 26.22
C11 LMG LK . -60.06 -38.84 24.39
C12 LMG LK . -60.77 -38.02 23.31
C13 LMG LK . -60.75 -38.73 21.97
C14 LMG LK . -60.45 -37.73 20.85
C15 LMG LK . -61.56 -36.70 20.74
C16 LMG LK . -61.10 -35.50 19.92
C17 LMG LK . -62.28 -34.66 19.45
C18 LMG LK . -63.07 -35.43 18.40
C19 LMG LK . -63.94 -34.79 17.62
C20 LMG LK . -64.17 -33.31 17.74
C21 LMG LK . -65.22 -32.87 16.75
C22 LMG LK . -65.52 -31.59 16.59
C23 LMG LK . -64.82 -30.52 17.40
C24 LMG LK . -65.34 -29.16 16.99
O8 LMG LK . -56.37 -36.36 26.13
C28 LMG LK . -56.20 -35.35 25.28
O10 LMG LK . -55.16 -34.72 25.30
C29 LMG LK . -57.30 -34.99 24.30
C30 LMG LK . -57.05 -33.61 23.73
C31 LMG LK . -57.97 -33.34 22.54
C32 LMG LK . -58.14 -31.85 22.29
C33 LMG LK . -56.79 -31.16 22.15
C34 LMG LK . -56.66 -30.48 20.79
C35 LMG LK . -57.61 -29.31 20.63
C36 LMG LK . -57.34 -28.66 19.30
C37 LMG LK . -58.02 -27.57 18.94
C38 LMG LK . -57.76 -26.91 17.62
O1 LHG MK . -24.42 5.84 -10.32
C1 LHG MK . -25.52 6.24 -9.51
C2 LHG MK . -26.50 7.07 -10.34
O2 LHG MK . -26.76 8.31 -9.67
C3 LHG MK . -27.82 6.33 -10.55
O3 LHG MK . -27.75 5.01 -9.99
P LHG MK . -28.65 4.61 -8.71
O4 LHG MK . -28.97 5.87 -7.94
O5 LHG MK . -29.75 3.69 -9.17
O6 LHG MK . -27.55 3.76 -7.88
C4 LHG MK . -27.70 3.48 -6.49
C5 LHG MK . -26.48 2.67 -6.08
C6 LHG MK . -25.74 3.40 -4.96
O7 LHG MK . -26.88 1.40 -5.60
C7 LHG MK . -26.54 0.39 -6.42
O9 LHG MK . -26.08 0.60 -7.52
C8 LHG MK . -26.77 -1.02 -5.94
C9 LHG MK . -27.91 -0.97 -4.93
C10 LHG MK . -27.49 -1.17 -3.48
O8 LHG MK . -24.35 3.49 -5.30
C23 LHG MK . -23.48 2.63 -4.76
O10 LHG MK . -23.89 1.74 -4.06
C24 LHG MK . -22.01 2.79 -5.02
C11 LHG MK . -26.01 -0.89 -3.21
C12 LHG MK . -25.84 -0.03 -1.97
C13 LHG MK . -26.25 -0.81 -0.73
C14 LHG MK . -25.02 -1.34 -0.01
C15 LHG MK . -25.41 -1.95 1.34
C16 LHG MK . -24.63 -1.27 2.45
C17 LHG MK . -25.16 -1.67 3.82
C18 LHG MK . -24.52 -0.81 4.90
C19 LHG MK . -25.09 -1.13 6.28
C20 LHG MK . -25.08 -2.62 6.56
C21 LHG MK . -25.47 -2.88 8.01
C22 LHG MK . -26.09 -4.26 8.15
C25 LHG MK . -21.33 1.43 -4.86
C26 LHG MK . -19.81 1.58 -4.80
C27 LHG MK . -19.13 0.38 -5.43
C28 LHG MK . -17.88 -0.01 -4.64
C29 LHG MK . -16.85 -0.68 -5.54
C30 LHG MK . -16.38 0.26 -6.64
C31 LHG MK . -14.87 0.24 -6.81
C32 LHG MK . -14.32 -1.18 -6.80
C33 LHG MK . -12.80 -1.19 -6.62
C34 LHG MK . -12.21 -2.45 -7.24
C35 LHG MK . -10.70 -2.52 -7.05
C36 LHG MK . -9.96 -2.25 -8.35
C37 LHG MK . -8.89 -3.31 -8.62
C38 LHG MK . -8.09 -3.67 -7.40
MG CHL NK . -82.27 44.14 88.40
CHA CHL NK . -80.18 42.46 86.27
CHB CHL NK . -79.54 45.61 89.84
CHC CHL NK . -84.28 45.76 90.38
CHD CHL NK . -85.00 42.49 86.87
NA CHL NK . -80.25 44.04 88.09
C1A CHL NK . -79.57 43.34 87.13
C2A CHL NK . -78.07 43.64 87.16
C3A CHL NK . -77.89 44.41 88.44
C4A CHL NK . -79.31 44.72 88.84
CMA CHL NK . -76.90 43.92 89.48
CAA CHL NK . -77.65 44.45 85.91
CBA CHL NK . -76.32 45.18 86.03
CGA CHL NK . -75.13 44.26 86.13
O1A CHL NK . -75.08 43.17 85.66
O2A CHL NK . -74.16 44.82 86.82
NB CHL NK . -81.94 45.50 89.89
C1B CHL NK . -80.77 46.01 90.33
C2B CHL NK . -81.04 46.95 91.36
C3B CHL NK . -82.39 47.03 91.55
C4B CHL NK . -82.97 46.08 90.59
CMB CHL NK . -80.00 47.72 92.11
CAB CHL NK . -83.06 47.90 92.52
CBB CHL NK . -84.52 48.08 92.81
NC CHL NK . -84.31 44.10 88.56
C1C CHL NK . -84.91 44.89 89.50
C2C CHL NK . -86.35 44.65 89.42
C3C CHL NK . -86.54 43.72 88.43
C4C CHL NK . -85.26 43.37 87.89
CMC CHL NK . -87.44 45.23 90.19
OMC CHL NK . -87.32 46.05 91.07
CAC CHL NK . -87.86 43.14 88.02
CBC CHL NK . -88.59 43.99 87.04
ND CHL NK . -82.62 42.78 86.92
C1D CHL NK . -83.73 42.20 86.38
C2D CHL NK . -83.35 41.31 85.34
C3D CHL NK . -81.99 41.36 85.26
C4D CHL NK . -81.54 42.28 86.24
CMD CHL NK . -84.31 40.50 84.51
CAD CHL NK . -80.80 40.86 84.58
OBD CHL NK . -80.75 40.05 83.68
CBD CHL NK . -79.59 41.54 85.19
CGD CHL NK . -78.60 40.51 85.73
O1D CHL NK . -77.41 40.60 85.64
O2D CHL NK . -79.23 39.51 86.31
CED CHL NK . -78.38 38.45 86.84
C1 CHL NK . -72.92 44.12 87.11
C2 CHL NK . -73.00 43.63 88.50
C3 CHL NK . -72.08 43.92 89.41
C4 CHL NK . -70.87 44.76 89.11
C5 CHL NK . -72.22 43.45 90.84
C6 CHL NK . -71.07 43.81 91.76
C7 CHL NK . -70.05 42.68 91.94
C8 CHL NK . -68.90 43.01 92.88
C9 CHL NK . -69.37 43.06 94.34
C10 CHL NK . -67.82 41.96 92.66
C11 CHL NK . -67.99 40.67 93.46
C12 CHL NK . -66.76 40.31 94.28
C13 CHL NK . -65.77 39.35 93.61
C14 CHL NK . -64.92 38.64 94.65
C15 CHL NK . -64.90 39.89 92.47
C16 CHL NK . -63.98 38.86 91.82
C17 CHL NK . -63.17 39.43 90.68
C18 CHL NK . -62.25 38.46 89.95
C19 CHL NK . -61.24 37.84 90.89
C20 CHL NK . -63.05 37.38 89.24
MG CLA OK . -79.31 39.60 77.06
CHA CLA OK . -81.10 42.51 76.60
CHB CLA OK . -78.32 39.64 73.75
CHC CLA OK . -77.47 36.94 77.66
CHD CLA OK . -80.32 39.59 80.45
NA CLA OK . -79.64 40.93 75.34
C1A CLA OK . -80.40 42.04 75.35
C2A CLA OK . -80.44 42.69 74.00
C3A CLA OK . -79.60 41.76 73.13
C4A CLA OK . -79.14 40.72 74.10
CMA CLA OK . -80.20 41.33 71.81
CAA CLA OK . -79.73 44.04 74.00
CBA CLA OK . -78.47 44.05 74.88
CGA CLA OK . -77.24 44.10 74.00
O1A CLA OK . -77.33 44.56 72.89
O2A CLA OK . -76.09 43.64 74.45
NB CLA OK . -78.07 38.47 75.90
C1B CLA OK . -77.83 38.60 74.56
C2B CLA OK . -76.97 37.53 74.13
C3B CLA OK . -76.74 36.76 75.23
C4B CLA OK . -77.45 37.38 76.35
CMB CLA OK . -76.49 37.34 72.71
CAB CLA OK . -75.92 35.53 75.35
CBB CLA OK . -74.51 35.43 74.82
NC CLA OK . -78.94 38.46 78.79
C1C CLA OK . -78.16 37.39 78.81
C2C CLA OK . -78.09 36.75 80.15
C3C CLA OK . -78.90 37.54 80.93
C4C CLA OK . -79.43 38.58 80.07
CMC CLA OK . -77.31 35.54 80.57
CAC CLA OK . -79.19 37.32 82.40
CBC CLA OK . -78.13 38.06 83.19
ND CLA OK . -80.38 40.70 78.30
C1D CLA OK . -80.76 40.63 79.61
C2D CLA OK . -81.67 41.72 79.98
C3D CLA OK . -81.79 42.44 78.80
C4D CLA OK . -81.02 41.82 77.81
CMD CLA OK . -82.37 42.11 81.25
CAD CLA OK . -82.42 43.61 78.23
OBD CLA OK . -83.00 44.48 78.86
CBD CLA OK . -81.98 43.72 76.80
CGD CLA OK . -83.17 43.64 75.90
O1D CLA OK . -83.60 44.64 75.35
O2D CLA OK . -83.78 42.47 75.67
CED CLA OK . -84.13 42.18 74.33
C1 CLA OK . -75.28 42.75 73.62
C2 CLA OK . -74.99 41.32 74.01
C3 CLA OK . -73.95 40.66 73.49
C4 CLA OK . -73.03 41.26 72.49
C5 CLA OK . -73.63 39.23 73.87
C6 CLA OK . -73.29 39.18 75.35
C7 CLA OK . -71.96 38.47 75.60
C8 CLA OK . -70.91 39.43 76.13
C9 CLA OK . -70.37 40.33 75.02
C10 CLA OK . -69.76 38.66 76.78
C11 CLA OK . -70.11 38.22 78.19
C12 CLA OK . -70.71 39.34 79.03
C13 CLA OK . -70.53 39.08 80.52
C14 CLA OK . -69.05 39.13 80.89
C15 CLA OK . -71.14 37.72 80.87
C16 CLA OK . -70.88 37.36 82.33
C17 CLA OK . -71.91 38.02 83.23
C18 CLA OK . -72.53 36.99 84.18
C19 CLA OK . -72.85 37.62 85.53
C20 CLA OK . -73.77 36.37 83.56
MG CLA PK . -71.14 31.81 73.03
CHA CLA PK . -71.23 33.52 70.04
CHB CLA PK . -70.77 34.75 74.77
CHC CLA PK . -71.14 30.04 75.82
CHD CLA PK . -71.51 28.79 71.23
NA CLA PK . -71.02 33.94 72.48
C1A CLA PK . -71.07 34.43 71.24
C2A CLA PK . -70.95 35.92 71.23
C3A CLA PK . -70.78 36.27 72.71
C4A CLA PK . -70.86 34.93 73.39
CMA CLA PK . -69.66 37.22 73.09
CAA CLA PK . -72.31 36.51 70.85
CBA CLA PK . -72.27 37.26 69.53
CGA CLA PK . -72.75 38.66 69.77
O1A CLA PK . -73.83 38.84 70.31
O2A CLA PK . -71.98 39.66 69.38
NB CLA PK . -70.99 32.32 75.00
C1B CLA PK . -70.83 33.56 75.53
C2B CLA PK . -70.73 33.47 76.97
C3B CLA PK . -70.82 32.14 77.25
C4B CLA PK . -71.00 31.43 76.00
CMB CLA PK . -70.54 34.59 77.95
CAB CLA PK . -70.79 31.52 78.59
CBB CLA PK . -69.70 30.55 78.97
NC CLA PK . -71.41 29.77 73.46
C1C CLA PK . -71.32 29.25 74.68
C2C CLA PK . -71.45 27.77 74.69
C3C CLA PK . -71.61 27.46 73.37
C4C CLA PK . -71.58 28.69 72.61
CMC CLA PK . -71.41 26.85 75.87
CAC CLA PK . -71.81 26.09 72.77
CBC CLA PK . -73.30 25.85 72.76
ND CLA PK . -71.32 31.19 71.16
C1D CLA PK . -71.48 30.00 70.52
C2D CLA PK . -71.59 30.16 69.08
C3D CLA PK . -71.49 31.54 68.90
C4D CLA PK . -71.33 32.14 70.15
CMD CLA PK . -71.76 29.20 67.93
CAD CLA PK . -71.50 32.55 67.89
OBD CLA PK . -72.12 32.45 66.86
CBD CLA PK . -71.28 33.88 68.56
CGD CLA PK . -70.00 34.47 68.07
O1D CLA PK . -69.80 35.67 68.13
O2D CLA PK . -69.03 33.70 67.56
CED CLA PK . -67.70 34.13 67.83
C1 CLA PK . -70.54 39.46 69.30
C2 CLA PK . -69.59 39.85 70.41
C3 CLA PK . -68.35 39.33 70.46
C4 CLA PK . -67.89 38.34 69.43
C5 CLA PK . -67.39 39.71 71.56
C6 CLA PK . -65.95 39.39 71.21
C7 CLA PK . -65.19 38.87 72.42
C8 CLA PK . -65.37 37.36 72.58
C9 CLA PK . -66.00 37.04 73.93
C10 CLA PK . -64.01 36.69 72.42
C11 CLA PK . -64.08 35.20 72.76
C12 CLA PK . -63.49 34.35 71.64
C13 CLA PK . -62.19 33.69 72.08
C14 CLA PK . -61.23 33.52 70.92
C15 CLA PK . -62.51 32.35 72.73
C16 CLA PK . -61.25 31.67 73.26
C17 CLA PK . -60.72 32.39 74.49
C18 CLA PK . -59.99 31.44 75.43
C19 CLA PK . -58.91 30.64 74.70
C20 CLA PK . -59.39 32.19 76.61
MG CLA QK . -78.12 14.60 77.84
CHA CLA QK . -76.76 11.50 78.57
CHB CLA QK . -75.36 15.41 75.94
CHC CLA QK . -79.59 17.45 77.07
CHD CLA QK . -80.94 13.75 79.80
NA CLA QK . -76.24 13.57 77.29
C1A CLA QK . -75.87 12.36 77.68
C2A CLA QK . -74.51 11.99 77.15
C3A CLA QK . -74.10 13.25 76.38
C4A CLA QK . -75.30 14.14 76.52
CMA CLA QK . -72.74 13.84 76.70
CAA CLA QK . -74.62 10.81 76.17
CBA CLA QK . -75.10 11.20 74.76
CGA CLA QK . -76.00 10.13 74.17
O1A CLA QK . -75.52 9.09 73.79
O2A CLA QK . -77.29 10.38 74.09
NB CLA QK . -77.57 16.17 76.68
C1B CLA QK . -76.41 16.37 76.00
C2B CLA QK . -76.41 17.65 75.35
C3B CLA QK . -77.61 18.22 75.68
C4B CLA QK . -78.33 17.27 76.52
CMB CLA QK . -75.30 18.21 74.51
CAB CLA QK . -78.15 19.54 75.29
CBB CLA QK . -78.26 19.96 73.84
NC CLA QK . -79.99 15.44 78.32
C1C CLA QK . -80.38 16.63 77.91
C2C CLA QK . -81.72 17.02 78.44
C3C CLA QK . -82.10 15.94 79.20
C4C CLA QK . -81.01 14.97 79.12
CMC CLA QK . -82.47 18.29 78.18
CAC CLA QK . -83.38 15.79 79.97
CBC CLA QK . -84.35 14.94 79.16
ND CLA QK . -78.79 13.08 78.91
C1D CLA QK . -79.89 12.82 79.67
C2D CLA QK . -79.81 11.51 80.32
C3D CLA QK . -78.60 11.02 79.87
C4D CLA QK . -77.99 11.95 79.05
CMD CLA QK . -80.71 10.74 81.25
CAD CLA QK . -77.74 9.86 80.00
OBD CLA QK . -77.74 9.11 80.96
CBD CLA QK . -76.55 10.09 79.10
CGD CLA QK . -75.31 9.96 79.92
O1D CLA QK . -74.78 8.87 80.06
O2D CLA QK . -74.76 11.02 80.51
CED CLA QK . -73.34 11.00 80.60
C1 CLA QK . -78.15 9.57 73.22
C2 CLA QK . -78.77 10.11 71.96
C3 CLA QK . -80.07 9.88 71.71
C4 CLA QK . -80.94 9.11 72.65
C5 CLA QK . -80.75 10.40 70.46
C6 CLA QK . -82.04 11.14 70.81
C7 CLA QK . -82.68 11.71 69.55
C8 CLA QK . -83.93 12.52 69.85
C9 CLA QK . -85.19 11.72 69.52
C10 CLA QK . -83.87 13.84 69.07
C11 CLA QK . -85.22 14.55 68.99
C12 CLA QK . -85.14 15.78 68.09
C13 CLA QK . -86.18 15.72 66.97
C14 CLA QK . -85.99 14.47 66.11
C15 CLA QK . -86.08 17.00 66.12
C16 CLA QK . -86.92 16.90 64.86
C17 CLA QK . -87.60 18.21 64.52
C18 CLA QK . -88.78 17.99 63.57
C19 CLA QK . -90.05 18.60 64.14
C20 CLA QK . -88.49 18.54 62.18
MG CHL RK . -74.92 1.96 68.47
CHA CHL RK . -78.29 1.73 68.99
CHB CHL RK . -74.60 -1.32 69.37
CHC CHL RK . -71.72 2.22 67.93
CHD CHL RK . -75.39 5.39 67.73
NA CHL RK . -76.22 0.48 69.03
C1A CHL RK . -77.59 0.56 69.18
C2A CHL RK . -78.17 -0.77 69.62
C3A CHL RK . -76.97 -1.58 70.00
C4A CHL RK . -75.82 -0.76 69.45
CMA CHL RK . -76.86 -2.12 71.42
CAA CHL RK . -79.01 -1.45 68.52
CBA CHL RK . -79.69 -2.75 68.95
CGA CHL RK . -81.18 -2.72 68.80
O1A CHL RK . -81.92 -2.13 69.54
O2A CHL RK . -81.57 -3.42 67.75
NB CHL RK . -73.39 0.61 68.59
C1B CHL RK . -73.45 -0.70 68.91
C2B CHL RK . -72.15 -1.25 68.78
C3B CHL RK . -71.29 -0.28 68.35
C4B CHL RK . -72.11 0.94 68.25
CMB CHL RK . -71.79 -2.68 69.05
CAB CHL RK . -69.88 -0.49 68.04
CBB CHL RK . -68.86 0.49 67.50
NC CHL RK . -73.77 3.58 67.92
C1C CHL RK . -72.43 3.40 67.81
C2C CHL RK . -71.86 4.71 67.48
C3C CHL RK . -72.90 5.59 67.43
C4C CHL RK . -74.12 4.89 67.70
CMC CHL RK . -70.48 5.10 67.28
OMC CHL RK . -69.52 4.35 67.32
CAC CHL RK . -72.79 7.07 67.14
CBC CHL RK . -72.84 7.39 65.67
ND CHL RK . -76.43 3.34 68.35
C1D CHL RK . -76.52 4.65 68.02
C2D CHL RK . -77.87 5.08 68.08
C3D CHL RK . -78.61 3.98 68.44
C4D CHL RK . -77.71 2.91 68.61
CMD CHL RK . -78.35 6.47 67.78
CAD CHL RK . -79.93 3.47 68.75
OBD CHL RK . -81.00 4.06 68.72
CBD CHL RK . -79.79 2.01 69.13
CGD CHL RK . -80.29 1.82 70.57
O1D CHL RK . -79.77 2.29 71.54
O2D CHL RK . -81.38 1.06 70.59
CED CHL RK . -81.94 0.79 71.89
C1 CHL RK . -82.97 -3.54 67.37
C2 CHL RK . -83.34 -2.31 66.62
C3 CHL RK . -83.09 -2.19 65.31
C4 CHL RK . -82.46 -3.27 64.48
C5 CHL RK . -83.45 -0.93 64.58
C6 CHL RK . -84.44 -0.04 65.32
C7 CHL RK . -84.59 1.34 64.68
C8 CHL RK . -85.55 2.28 65.42
C9 CHL RK . -85.37 3.72 64.95
C10 CHL RK . -86.96 1.77 65.14
C11 CHL RK . -88.08 2.70 65.61
C12 CHL RK . -89.47 2.17 65.31
C13 CHL RK . -90.62 3.07 65.74
C14 CHL RK . -91.96 2.58 65.23
C15 CHL RK . -90.41 4.58 65.50
C16 CHL RK . -91.27 5.20 64.40
C17 CHL RK . -90.93 6.67 64.14
C18 CHL RK . -91.85 7.40 63.19
C19 CHL RK . -93.27 7.46 63.73
C20 CHL RK . -91.83 6.82 61.79
MG CHL SK . -74.02 13.94 70.94
CHA CHL SK . -75.73 11.46 69.36
CHB CHL SK . -75.84 16.25 69.15
CHC CHL SK . -72.43 16.30 72.52
CHD CHL SK . -72.16 11.43 72.62
NA CHL SK . -75.52 13.86 69.53
C1A CHL SK . -76.13 12.74 69.04
C2A CHL SK . -77.24 13.10 68.05
C3A CHL SK . -77.07 14.56 67.83
C4A CHL SK . -76.07 14.95 68.90
CMA CHL SK . -76.91 15.11 66.42
CAA CHL SK . -78.64 12.77 68.59
CBA CHL SK . -79.75 12.87 67.56
CGA CHL SK . -80.07 11.55 66.91
O1A CHL SK . -79.67 10.49 67.30
O2A CHL SK . -80.85 11.70 65.87
NB CHL SK . -74.14 15.98 70.86
C1B CHL SK . -74.95 16.74 70.09
C2B CHL SK . -74.71 18.11 70.39
C3B CHL SK . -73.74 18.19 71.35
C4B CHL SK . -73.37 16.80 71.65
CMB CHL SK . -75.38 19.27 69.72
CAB CHL SK . -73.23 19.46 71.86
CBB CHL SK . -72.15 19.70 72.85
NC CHL SK . -72.52 13.84 72.34
C1C CHL SK . -72.03 15.00 72.85
C2C CHL SK . -70.99 14.61 73.82
C3C CHL SK . -70.92 13.25 73.81
C4C CHL SK . -71.90 12.75 72.88
CMC CHL SK . -70.15 15.41 74.68
OMC CHL SK . -70.17 16.62 74.75
CAC CHL SK . -69.98 12.41 74.63
CBC CHL SK . -68.76 11.98 73.87
ND CHL SK . -73.89 11.91 71.04
C1D CHL SK . -73.12 11.01 71.72
C2D CHL SK . -73.50 9.69 71.38
C3D CHL SK . -74.51 9.81 70.47
C4D CHL SK . -74.74 11.18 70.25
CMD CHL SK . -72.85 8.45 71.92
CAD CHL SK . -75.45 9.10 69.62
OBD CHL SK . -75.61 7.89 69.54
CBD CHL SK . -76.25 10.12 68.84
CGD CHL SK . -76.00 9.92 67.34
O1D CHL SK . -75.02 10.27 66.76
O2D CHL SK . -77.03 9.32 66.77
CED CHL SK . -76.91 9.07 65.34
C1 CHL SK . -81.28 10.58 65.03
C2 CHL SK . -80.52 10.64 63.76
C3 CHL SK . -80.99 10.14 62.63
C4 CHL SK . -82.31 9.44 62.50
C5 CHL SK . -80.19 10.25 61.35
C6 CHL SK . -79.60 8.93 60.88
C7 CHL SK . -78.57 8.36 61.84
C8 CHL SK . -77.83 7.12 61.33
C9 CHL SK . -77.00 7.44 60.09
C10 CHL SK . -76.95 6.62 62.48
C11 CHL SK . -76.97 5.11 62.69
C12 CHL SK . -76.07 4.65 63.82
C13 CHL SK . -76.06 3.15 64.06
C14 CHL SK . -77.17 2.71 65.00
C15 CHL SK . -74.71 2.51 64.45
C16 CHL SK . -74.78 1.03 64.80
C17 CHL SK . -73.42 0.37 64.90
C18 CHL SK . -73.42 -1.11 65.23
C19 CHL SK . -74.35 -1.89 64.33
C20 CHL SK . -72.02 -1.70 65.18
MG CHL TK . -66.41 17.87 75.40
CHA CHL TK . -64.12 16.35 77.44
CHB CHL TK . -66.51 20.54 77.51
CHC CHL TK . -68.62 19.27 73.42
CHD CHL TK . -66.23 15.06 73.27
NA CHL TK . -65.47 18.34 77.15
C1A CHL TK . -64.49 17.63 77.83
C2A CHL TK . -63.97 18.40 79.05
C3A CHL TK . -64.82 19.66 79.05
C4A CHL TK . -65.66 19.53 77.81
CMA CHL TK . -65.43 20.21 80.33
CAA CHL TK . -62.47 18.71 78.97
CBA CHL TK . -61.84 19.26 80.26
CGA CHL TK . -61.73 20.77 80.27
O1A CHL TK . -61.47 21.43 81.23
O2A CHL TK . -61.98 21.27 79.07
NB CHL TK . -67.41 19.65 75.48
C1B CHL TK . -67.36 20.60 76.42
C2B CHL TK . -68.25 21.65 76.11
C3B CHL TK . -68.90 21.30 74.93
C4B CHL TK . -68.33 20.02 74.53
CMB CHL TK . -68.45 22.89 76.94
CAB CHL TK . -69.95 21.98 74.16
CBB CHL TK . -70.67 23.28 74.40
NC CHL TK . -67.26 17.24 73.63
C1C CHL TK . -68.15 18.05 72.99
C2C CHL TK . -68.53 17.37 71.76
C3C CHL TK . -67.86 16.18 71.73
C4C CHL TK . -67.06 16.08 72.91
CMC CHL TK . -69.43 17.78 70.69
OMC CHL TK . -70.05 18.83 70.67
CAC CHL TK . -67.93 15.15 70.64
CBC CHL TK . -69.07 14.18 70.81
ND CHL TK . -65.44 16.09 75.29
C1D CHL TK . -65.46 15.04 74.43
C2D CHL TK . -64.59 14.01 74.89
C3D CHL TK . -64.05 14.47 76.07
C4D CHL TK . -64.58 15.74 76.30
CMD CHL TK . -64.35 12.70 74.19
CAD CHL TK . -63.16 14.16 77.17
OBD CHL TK . -62.51 13.14 77.36
CBD CHL TK . -63.16 15.35 78.11
CGD CHL TK . -63.56 14.95 79.51
O1D CHL TK . -64.69 14.96 79.94
O2D CHL TK . -62.50 14.58 80.22
CED CHL TK . -62.75 14.17 81.59
C1 CHL TK . -62.17 22.68 78.80
C2 CHL TK . -63.38 23.13 79.53
C3 CHL TK . -63.31 24.10 80.43
C4 CHL TK . -62.05 24.85 80.74
C5 CHL TK . -64.51 24.46 81.27
C6 CHL TK . -65.15 25.77 80.85
C7 CHL TK . -65.90 25.67 79.52
C8 CHL TK . -66.37 26.99 78.95
C9 CHL TK . -65.19 27.90 78.61
C10 CHL TK . -67.18 26.61 77.71
C11 CHL TK . -67.93 27.76 77.04
C12 CHL TK . -67.35 28.15 75.68
C13 CHL TK . -66.97 26.96 74.80
C14 CHL TK . -65.51 27.04 74.35
C15 CHL TK . -67.92 26.62 73.64
C16 CHL TK . -67.41 26.98 72.24
C17 CHL TK . -68.34 26.55 71.11
C18 CHL TK . -68.04 25.22 70.43
C19 CHL TK . -66.57 25.10 70.04
C20 CHL TK . -68.49 24.00 71.23
MG CHL UK . -84.68 22.99 63.28
CHA CHL UK . -84.14 24.14 66.42
CHB CHL UK . -83.80 19.81 64.33
CHC CHL UK . -85.28 21.93 60.31
CHD CHL UK . -85.60 26.32 62.36
NA CHL UK . -84.07 22.14 65.04
C1A CHL UK . -83.99 22.77 66.27
C2A CHL UK . -83.68 21.79 67.38
C3A CHL UK . -83.30 20.53 66.65
C4A CHL UK . -83.74 20.83 65.23
CMA CHL UK . -81.94 19.88 66.92
CAA CHL UK . -84.86 21.58 68.33
CBA CHL UK . -86.10 20.95 67.68
CGA CHL UK . -87.39 21.34 68.34
O1A CHL UK . -87.53 22.26 69.09
O2A CHL UK . -88.37 20.53 67.99
NB CHL UK . -84.54 21.13 62.46
C1B CHL UK . -84.18 19.96 63.01
C2B CHL UK . -84.26 18.93 62.04
C3B CHL UK . -84.69 19.52 60.83
C4B CHL UK . -84.85 20.94 61.14
CMB CHL UK . -83.95 17.48 62.28
CAB CHL UK . -84.93 18.94 59.51
CBB CHL UK . -84.82 17.53 58.97
NC CHL UK . -85.31 24.01 61.62
C1C CHL UK . -85.49 23.29 60.47
C2C CHL UK . -85.95 24.21 59.44
C3C CHL UK . -86.05 25.44 60.03
C4C CHL UK . -85.65 25.33 61.40
CMC CHL UK . -86.27 23.97 58.05
OMC CHL UK . -86.20 22.90 57.49
CAC CHL UK . -86.52 26.71 59.37
CBC CHL UK . -87.97 26.99 59.60
ND CHL UK . -84.85 24.86 64.09
C1D CHL UK . -85.21 26.10 63.66
C2D CHL UK . -85.12 27.04 64.73
C3D CHL UK . -84.70 26.32 65.83
C4D CHL UK . -84.54 24.99 65.42
CMD CHL UK . -85.44 28.50 64.63
CAD CHL UK . -84.36 26.39 67.24
OBD CHL UK . -84.36 27.37 67.97
CBD CHL UK . -83.97 25.00 67.69
CGD CHL UK . -82.56 25.00 68.25
O1D CHL UK . -81.55 25.12 67.60
O2D CHL UK . -82.58 24.86 69.58
CED CHL UK . -81.30 24.83 70.23
C1 CHL UK . -89.73 20.68 68.47
C2 CHL UK . -90.30 19.33 68.69
C3 CHL UK . -90.14 18.68 69.83
C4 CHL UK . -89.39 19.23 71.01
MG CHL VK . -74.04 26.42 65.21
CHA CHL VK . -75.05 29.68 65.49
CHB CHL VK . -73.68 26.87 61.82
CHC CHL VK . -73.01 23.36 64.97
CHD CHL VK . -74.49 26.06 68.71
NA CHL VK . -74.31 28.00 63.92
C1A CHL VK . -74.69 29.29 64.21
C2A CHL VK . -74.72 30.17 62.95
C3A CHL VK . -74.52 29.17 61.83
C4A CHL VK . -74.15 27.90 62.55
CMA CHL VK . -75.48 29.13 60.65
CAA CHL VK . -73.68 31.29 62.76
CBA CHL VK . -72.72 31.58 63.91
CGA CHL VK . -71.46 30.77 63.93
O1A CHL VK . -71.32 29.71 63.38
O2A CHL VK . -70.51 31.38 64.64
NB CHL VK . -73.44 25.30 63.62
C1B CHL VK . -73.31 25.63 62.33
C2B CHL VK . -72.77 24.54 61.59
C3B CHL VK . -72.55 23.50 62.50
C4B CHL VK . -72.99 24.02 63.77
CMB CHL VK . -72.54 24.53 60.11
CAB CHL VK . -71.94 22.18 62.31
CBB CHL VK . -71.40 21.45 61.10
NC CHL VK . -73.82 24.96 66.64
C1C CHL VK . -73.40 23.73 66.24
C2C CHL VK . -73.37 22.88 67.41
C3C CHL VK . -73.77 23.65 68.48
C4C CHL VK . -74.06 24.97 67.99
CMC CHL VK . -73.02 21.47 67.53
OMC CHL VK . -72.66 20.75 66.63
CAC CHL VK . -73.86 23.21 69.91
CBC CHL VK . -72.51 23.06 70.57
ND CHL VK . -74.64 27.54 66.81
C1D CHL VK . -74.76 27.31 68.15
C2D CHL VK . -75.19 28.51 68.80
C3D CHL VK . -75.34 29.45 67.81
C4D CHL VK . -74.98 28.85 66.59
CMD CHL VK . -75.40 28.66 70.28
CAD CHL VK . -75.69 30.83 67.51
OBD CHL VK . -76.09 31.69 68.28
CBD CHL VK . -75.52 31.05 66.02
CGD CHL VK . -76.81 31.58 65.39
O1D CHL VK . -77.82 30.96 65.27
O2D CHL VK . -76.65 32.84 65.01
CED CHL VK . -77.81 33.47 64.41
C1 CHL VK . -69.16 30.85 64.82
C2 CHL VK . -68.96 30.57 66.25
C3 CHL VK . -67.97 29.81 66.70
C4 CHL VK . -66.93 29.18 65.81
C5 CHL VK . -67.87 29.45 68.17
C6 CHL VK . -67.49 30.62 69.08
C7 CHL VK . -67.57 30.26 70.56
C8 CHL VK . -67.23 31.40 71.53
C9 CHL VK . -67.96 32.69 71.16
C10 CHL VK . -67.66 30.88 72.90
C11 CHL VK . -66.89 31.45 74.10
C12 CHL VK . -67.50 32.70 74.73
C13 CHL VK . -66.87 33.13 76.05
C14 CHL VK . -65.46 33.66 75.86
C15 CHL VK . -66.96 32.11 77.19
C16 CHL VK . -66.09 32.42 78.41
C17 CHL VK . -66.24 31.38 79.51
C18 CHL VK . -65.35 31.54 80.72
C19 CHL VK . -65.56 32.86 81.43
C20 CHL VK . -65.54 30.39 81.70
MG CLA WK . -89.36 26.70 72.89
CHA CLA WK . -91.30 27.43 70.13
CHB CLA WK . -91.57 28.36 74.96
CHC CLA WK . -87.50 25.80 75.47
CHD CLA WK . -87.07 25.05 70.75
NA CLA WK . -91.25 27.78 72.60
C1A CLA WK . -91.87 27.98 71.43
C2A CLA WK . -93.11 28.81 71.60
C3A CLA WK . -93.13 29.12 73.09
C4A CLA WK . -91.93 28.38 73.60
CMA CLA WK . -93.27 30.59 73.43
CAA CLA WK . -94.39 28.00 71.35
CBA CLA WK . -94.30 26.47 71.43
CGA CLA WK . -94.06 25.92 72.83
O1A CLA WK . -92.97 25.42 73.09
O2A CLA WK . -94.98 26.03 73.76
NB CLA WK . -89.52 27.02 74.90
C1B CLA WK . -90.47 27.73 75.57
C2B CLA WK . -90.18 27.74 76.99
C3B CLA WK . -89.02 27.02 77.12
C4B CLA WK . -88.61 26.57 75.79
CMB CLA WK . -90.98 28.41 78.07
CAB CLA WK . -88.25 26.70 78.35
CBB CLA WK . -88.89 26.03 79.55
NC CLA WK . -87.61 25.55 73.08
C1C CLA WK . -86.99 25.32 74.24
C2C CLA WK . -85.75 24.54 74.08
C3C CLA WK . -85.67 24.30 72.74
C4C CLA WK . -86.83 24.94 72.12
CMC CLA WK . -84.81 24.09 75.15
CAC CLA WK . -84.59 23.53 72.02
CBC CLA WK . -85.02 22.08 71.94
ND CLA WK . -89.16 26.27 70.97
C1D CLA WK . -88.22 25.65 70.19
C2D CLA WK . -88.55 25.73 68.78
C3D CLA WK . -89.76 26.41 68.76
C4D CLA WK . -90.10 26.73 70.08
CMD CLA WK . -87.88 25.23 67.52
CAD CLA WK . -90.78 26.92 67.88
OBD CLA WK . -90.75 26.90 66.65
CBD CLA WK . -91.87 27.50 68.73
CGD CLA WK . -92.11 28.92 68.34
O1D CLA WK . -91.18 29.62 68.02
O2D CLA WK . -93.34 29.42 68.36
CED CLA WK . -93.84 29.99 67.16
C1 CLA WK . -94.59 25.81 75.15
C2 CLA WK . -94.52 24.45 75.78
C3 CLA WK . -93.76 24.23 76.86
C4 CLA WK . -92.91 25.32 77.46
C5 CLA WK . -93.66 22.88 77.54
C6 CLA WK . -92.18 22.50 77.68
C7 CLA WK . -91.89 21.83 79.01
C8 CLA WK . -91.05 20.58 78.80
C9 CLA WK . -91.82 19.52 78.04
C10 CLA WK . -90.57 20.06 80.15
C11 CLA WK . -89.78 18.77 80.00
C12 CLA WK . -88.41 19.01 79.38
C13 CLA WK . -87.92 17.78 78.64
C14 CLA WK . -87.74 16.61 79.61
C15 CLA WK . -86.62 18.09 77.92
C16 CLA WK . -86.35 17.08 76.82
C17 CLA WK . -86.77 17.63 75.46
C18 CLA WK . -85.77 17.21 74.38
C19 CLA WK . -86.23 15.94 73.67
C20 CLA WK . -85.57 18.34 73.38
MG CLA XK . -90.49 35.95 88.47
CHA CLA XK . -92.18 35.06 85.59
CHB CLA XK . -93.21 37.74 89.59
CHC CLA XK . -88.80 36.65 91.23
CHD CLA XK . -87.69 34.10 87.32
NA CLA XK . -92.51 36.37 87.69
C1A CLA XK . -93.00 35.93 86.53
C2A CLA XK . -94.41 36.42 86.30
C3A CLA XK . -94.69 37.26 87.56
C4A CLA XK . -93.42 37.13 88.34
CMA CLA XK . -95.36 38.62 87.43
CAA CLA XK . -95.39 35.24 86.20
CBA CLA XK . -96.02 34.80 87.52
CGA CLA XK . -95.88 33.31 87.69
O1A CLA XK . -96.35 32.56 86.84
O2A CLA XK . -95.27 32.84 88.77
NB CLA XK . -90.94 37.02 90.14
C1B CLA XK . -92.08 37.70 90.43
C2B CLA XK . -91.97 38.36 91.71
C3B CLA XK . -90.72 38.06 92.16
C4B CLA XK . -90.08 37.20 91.16
CMB CLA XK . -93.00 39.22 92.39
CAB CLA XK . -90.10 38.49 93.43
CBB CLA XK . -89.81 37.49 94.52
NC CLA XK . -88.58 35.39 89.20
C1C CLA XK . -88.06 35.84 90.33
C2C CLA XK . -86.67 35.40 90.54
C3C CLA XK . -86.38 34.65 89.44
C4C CLA XK . -87.58 34.65 88.61
CMC CLA XK . -85.78 35.71 91.71
CAC CLA XK . -85.08 33.95 89.15
CBC CLA XK . -85.17 32.49 89.56
ND CLA XK . -89.96 34.86 86.91
C1D CLA XK . -88.86 34.14 86.53
C2D CLA XK . -89.05 33.47 85.25
C3D CLA XK . -90.35 33.85 84.89
C4D CLA XK . -90.88 34.66 85.89
CMD CLA XK . -88.19 32.58 84.39
CAD CLA XK . -91.34 33.67 83.85
OBD CLA XK . -91.30 32.84 82.96
CBD CLA XK . -92.52 34.51 84.21
CGD CLA XK . -92.68 35.62 83.22
O1D CLA XK . -92.93 35.37 82.05
O2D CLA XK . -92.56 36.89 83.58
CED CLA XK . -93.48 37.80 82.97
C1 CLA XK . -94.60 31.55 88.78
C2 CLA XK . -95.38 30.24 88.73
C3 CLA XK . -94.84 29.10 89.19
C4 CLA XK . -93.46 29.07 89.77
MG CLA YK . -89.47 26.89 85.04
CHA CLA YK . -92.33 28.69 84.28
CHB CLA YK . -90.21 24.59 82.58
CHC CLA YK . -86.68 25.31 85.79
CHD CLA YK . -88.71 29.28 87.54
NA CLA YK . -91.10 26.65 83.56
C1A CLA YK . -92.14 27.46 83.41
C2A CLA YK . -93.08 27.00 82.31
C3A CLA YK . -92.38 25.70 81.82
C4A CLA YK . -91.16 25.62 82.68
CMA CLA YK . -93.21 24.44 81.59
CAA CLA YK . -93.12 28.02 81.18
CBA CLA YK . -94.02 27.62 80.03
CGA CLA YK . -95.43 27.34 80.50
O1A CLA YK . -96.05 28.22 81.10
O2A CLA YK . -95.96 26.16 80.26
NB CLA YK . -88.58 25.22 84.29
C1B CLA YK . -89.04 24.37 83.32
C2B CLA YK . -88.12 23.28 83.15
C3B CLA YK . -87.12 23.48 84.06
C4B CLA YK . -87.43 24.72 84.78
CMB CLA YK . -88.24 22.14 82.19
CAB CLA YK . -85.94 22.63 84.29
CBB CLA YK . -85.68 21.96 85.62
NC CLA YK . -87.90 27.29 86.38
C1C CLA YK . -86.89 26.47 86.58
C2C CLA YK . -86.01 26.87 87.70
C3C CLA YK . -86.59 28.03 88.17
C4C CLA YK . -87.77 28.27 87.34
CMC CLA YK . -84.78 26.18 88.20
CAC CLA YK . -86.12 28.89 89.32
CBC CLA YK . -86.68 28.33 90.62
ND CLA YK . -90.22 28.57 85.78
C1D CLA YK . -89.88 29.44 86.77
C2D CLA YK . -90.87 30.51 86.92
C3D CLA YK . -91.81 30.19 85.95
C4D CLA YK . -91.41 29.05 85.27
CMD CLA YK . -91.00 31.69 87.84
CAD CLA YK . -93.06 30.65 85.39
OBD CLA YK . -93.63 31.70 85.65
CBD CLA YK . -93.47 29.68 84.32
CGD CLA YK . -94.72 28.98 84.73
O1D CLA YK . -95.59 28.74 83.91
O2D CLA YK . -94.90 28.59 85.99
CED CLA YK . -95.23 27.20 86.17
MG CLA ZK . -72.88 29.81 91.82
CHA CLA ZK . -70.85 28.34 94.21
CHB CLA ZK . -75.70 28.64 93.42
CHC CLA ZK . -74.70 31.33 89.52
CHD CLA ZK . -69.97 31.03 90.21
NA CLA ZK . -73.26 28.61 93.64
C1A CLA ZK . -72.33 28.11 94.45
C2A CLA ZK . -72.94 27.36 95.61
C3A CLA ZK . -74.46 27.48 95.32
C4A CLA ZK . -74.50 28.28 94.06
CMA CLA ZK . -75.36 26.26 95.52
CAA CLA ZK . -72.61 28.04 96.95
CBA CLA ZK . -73.40 29.30 97.28
CGA CLA ZK . -72.96 30.51 96.47
O1A CLA ZK . -73.82 31.32 96.16
O2A CLA ZK . -71.69 30.66 96.11
NB CLA ZK . -74.88 29.97 91.53
C1B CLA ZK . -75.89 29.40 92.25
C2B CLA ZK . -77.17 29.73 91.66
C3B CLA ZK . -76.87 30.48 90.55
C4B CLA ZK . -75.42 30.63 90.48
CMB CLA ZK . -78.53 29.30 92.16
CAB CLA ZK . -77.80 31.09 89.57
CBB CLA ZK . -78.71 30.22 88.73
NC CLA ZK . -72.41 31.05 90.18
C1C CLA ZK . -73.31 31.52 89.34
C2C CLA ZK . -72.70 32.28 88.21
C3C CLA ZK . -71.36 32.22 88.44
C4C CLA ZK . -71.19 31.43 89.67
CMC CLA ZK . -73.41 32.97 87.07
CAC CLA ZK . -70.28 32.82 87.60
CBC CLA ZK . -69.82 34.13 88.20
ND CLA ZK . -70.91 29.77 92.05
C1D CLA ZK . -69.83 30.26 91.38
C2D CLA ZK . -68.58 29.90 92.03
C3D CLA ZK . -68.98 29.15 93.12
C4D CLA ZK . -70.38 29.08 93.12
CMD CLA ZK . -67.13 30.18 91.72
CAD CLA ZK . -68.47 28.41 94.26
OBD CLA ZK . -67.31 28.06 94.41
CBD CLA ZK . -69.65 27.88 95.01
CGD CLA ZK . -69.60 26.38 95.06
O1D CLA ZK . -69.17 25.74 94.13
O2D CLA ZK . -70.05 25.74 96.14
CED CLA ZK . -69.10 24.95 96.85
C1 CLA ZK . -71.18 31.89 95.47
C2 CLA ZK . -71.82 32.55 94.27
C3 CLA ZK . -71.12 33.20 93.33
C4 CLA ZK . -69.62 33.32 93.39
C5 CLA ZK . -71.78 33.85 92.14
C6 CLA ZK . -73.13 34.39 92.55
C7 CLA ZK . -74.06 34.53 91.35
C8 CLA ZK . -75.25 35.43 91.68
C9 CLA ZK . -74.75 36.79 92.15
C10 CLA ZK . -76.11 34.75 92.74
C11 CLA ZK . -77.17 35.69 93.31
C12 CLA ZK . -77.08 35.75 94.83
C13 CLA ZK . -77.75 37.00 95.37
C14 CLA ZK . -77.11 37.43 96.69
C15 CLA ZK . -79.23 36.75 95.54
C16 CLA ZK . -80.06 37.90 95.01
C17 CLA ZK . -81.53 37.74 95.39
C18 CLA ZK . -82.15 36.57 94.65
C19 CLA ZK . -83.31 35.97 95.45
C20 CLA ZK . -82.59 36.96 93.25
MG CLA AL . -77.89 29.86 100.42
CHA CLA AL . -75.77 32.52 99.84
CHB CLA AL . -77.28 30.06 103.81
CHC CLA AL . -80.00 27.36 100.86
CHD CLA AL . -78.50 29.67 96.94
NA CLA AL . -76.66 31.16 101.73
C1A CLA AL . -75.89 32.17 101.31
C2A CLA AL . -75.17 32.84 102.46
C3A CLA AL . -75.66 32.03 103.68
C4A CLA AL . -76.58 31.02 103.07
CMA CLA AL . -74.66 31.58 104.73
CAA CLA AL . -75.59 34.29 102.70
CBA CLA AL . -76.90 34.77 102.06
CGA CLA AL . -78.12 34.29 102.80
O1A CLA AL . -78.17 34.41 104.02
O2A CLA AL . -79.10 33.75 102.09
NB CLA AL . -78.54 28.87 102.08
C1B CLA AL . -78.18 29.06 103.38
C2B CLA AL . -78.86 28.11 104.23
C3B CLA AL . -79.63 27.35 103.39
C4B CLA AL . -79.41 27.85 102.03
CMB CLA AL . -78.74 28.00 105.73
CAB CLA AL . -80.52 26.22 103.71
CBB CLA AL . -80.05 25.02 104.47
NC CLA AL . -79.12 28.75 99.13
C1C CLA AL . -79.88 27.74 99.51
C2C CLA AL . -80.55 27.06 98.37
C3C CLA AL . -80.15 27.77 97.27
C4C CLA AL . -79.25 28.81 97.76
CMC CLA AL . -81.50 25.89 98.44
CAC CLA AL . -80.54 27.52 95.84
CBC CLA AL . -79.56 26.56 95.20
ND CLA AL . -77.34 30.77 98.76
C1D CLA AL . -77.63 30.67 97.43
C2D CLA AL . -76.94 31.67 96.64
C3D CLA AL . -76.22 32.39 97.59
C4D CLA AL . -76.47 31.84 98.85
CMD CLA AL . -76.89 32.00 95.16
CAD CLA AL . -75.30 33.50 97.72
OBD CLA AL . -74.73 34.07 96.81
CBD CLA AL . -74.92 33.58 99.18
CGD CLA AL . -73.47 33.21 99.33
O1D CLA AL . -73.11 32.07 99.19
O2D CLA AL . -72.56 34.14 99.61
CED CLA AL . -71.49 34.27 98.69
C1 CLA AL . -80.36 33.35 102.71
C2 CLA AL . -80.45 32.23 103.72
C3 CLA AL . -81.53 31.46 103.80
C4 CLA AL . -81.60 30.37 104.81
C1 LUT BL . -78.02 24.30 91.15
C2 LUT BL . -76.82 23.93 92.01
C3 LUT BL . -75.72 24.98 92.10
C4 LUT BL . -75.36 25.43 90.70
C5 LUT BL . -76.58 26.04 90.07
C6 LUT BL . -77.79 25.51 90.24
C7 LUT BL . -78.98 26.11 89.57
C8 LUT BL . -79.35 25.72 88.36
C9 LUT BL . -80.52 26.29 87.67
C10 LUT BL . -80.88 25.72 86.50
C11 LUT BL . -82.01 26.14 85.70
C12 LUT BL . -82.23 25.39 84.63
C13 LUT BL . -83.34 25.62 83.69
C14 LUT BL . -83.64 24.63 82.84
C15 LUT BL . -84.74 24.71 81.90
C16 LUT BL . -79.20 24.61 92.06
C17 LUT BL . -78.35 23.07 90.31
C18 LUT BL . -76.38 27.27 89.23
C19 LUT BL . -81.28 27.45 88.23
C20 LUT BL . -84.11 26.91 83.70
O3 LUT BL . -74.57 24.37 92.68
C21 LUT BL . -93.20 20.74 73.23
C22 LUT BL . -94.54 21.27 72.72
C23 LUT BL . -94.41 21.70 71.28
C24 LUT BL . -93.48 22.89 71.22
C25 LUT BL . -92.14 22.51 71.81
C26 LUT BL . -92.07 21.72 72.91
C27 LUT BL . -90.75 21.48 73.55
C28 LUT BL . -90.32 22.26 74.54
C29 LUT BL . -89.02 22.02 75.20
C30 LUT BL . -88.84 22.54 76.43
C31 LUT BL . -87.61 22.37 77.20
C32 LUT BL . -87.27 23.31 78.06
C33 LUT BL . -86.06 23.18 78.89
C34 LUT BL . -85.99 23.87 80.03
C35 LUT BL . -84.87 23.79 80.94
C36 LUT BL . -92.87 19.44 72.52
C37 LUT BL . -93.31 20.49 74.73
C38 LUT BL . -90.89 23.01 71.14
C39 LUT BL . -87.95 21.21 74.53
C40 LUT BL . -84.95 22.26 78.48
O23 LUT BL . -95.69 22.08 70.74
C1 LUT CL . -71.91 19.29 77.68
C2 LUT CL . -71.52 18.00 78.41
C3 LUT CL . -72.67 17.08 78.77
C4 LUT CL . -73.73 17.91 79.46
C5 LUT CL . -74.24 18.93 78.48
C6 LUT CL . -73.39 19.61 77.71
C7 LUT CL . -73.86 20.72 76.83
C8 LUT CL . -74.05 21.96 77.32
C9 LUT CL . -74.47 23.13 76.54
C10 LUT CL . -74.52 24.30 77.20
C11 LUT CL . -74.88 25.57 76.60
C12 LUT CL . -74.63 26.65 77.34
C13 LUT CL . -74.89 28.03 76.89
C14 LUT CL . -74.62 29.04 77.73
C15 LUT CL . -74.81 30.44 77.36
C16 LUT CL . -71.49 19.17 76.23
C17 LUT CL . -71.10 20.41 78.32
C18 LUT CL . -75.72 19.13 78.42
C19 LUT CL . -74.81 23.03 75.08
C20 LUT CL . -75.43 28.30 75.51
O3 LUT CL . -72.18 16.10 79.70
C21 LUT CL . -73.56 43.01 78.23
C22 LUT CL . -73.71 44.52 78.05
C23 LUT CL . -75.03 45.09 78.53
C24 LUT CL . -76.13 44.38 77.79
C25 LUT CL . -76.07 42.92 78.12
C26 LUT CL . -74.91 42.28 78.37
C27 LUT CL . -74.94 41.02 79.15
C28 LUT CL . -74.56 39.89 78.57
C29 LUT CL . -74.53 38.59 79.27
C30 LUT CL . -74.08 37.53 78.56
C31 LUT CL . -73.96 36.17 79.08
C32 LUT CL . -74.34 35.16 78.30
C33 LUT CL . -74.23 33.76 78.72
C34 LUT CL . -74.45 32.80 77.82
C35 LUT CL . -74.32 31.38 78.15
C36 LUT CL . -72.73 42.77 79.49
C37 LUT CL . -72.83 42.49 77.01
C38 LUT CL . -77.36 42.16 78.18
C39 LUT CL . -74.97 38.44 80.69
C40 LUT CL . -73.84 33.42 80.13
O23 LUT CL . -75.07 46.48 78.23
C1 XAT DL . -58.83 20.02 73.63
C2 XAT DL . -58.44 20.19 75.08
C3 XAT DL . -59.59 20.76 75.91
C4 XAT DL . -60.69 19.71 76.00
C5 XAT DL . -61.18 19.30 74.62
C6 XAT DL . -60.25 19.41 73.45
C7 XAT DL . -60.58 18.67 72.18
C8 XAT DL . -61.27 19.27 71.22
C9 XAT DL . -61.57 18.53 69.99
C10 XAT DL . -62.21 19.12 68.97
C11 XAT DL . -62.59 18.52 67.71
C12 XAT DL . -63.22 19.25 66.79
C13 XAT DL . -63.42 18.94 65.39
C14 XAT DL . -64.38 19.57 64.69
C15 XAT DL . -64.53 19.30 63.29
C16 XAT DL . -57.81 19.09 72.96
C17 XAT DL . -58.78 21.37 72.94
C18 XAT DL . -62.36 18.34 74.50
C19 XAT DL . -61.19 17.09 69.87
C20 XAT DL . -62.55 17.93 64.73
O3 XAT DL . -59.13 21.06 77.22
O4 XAT DL . -61.27 20.43 73.70
C21 XAT DL . -65.94 22.50 51.01
C22 XAT DL . -66.11 22.79 49.53
C23 XAT DL . -66.69 21.59 48.79
C24 XAT DL . -68.11 21.40 49.28
C25 XAT DL . -68.14 21.08 50.77
C26 XAT DL . -67.10 21.72 51.62
C27 XAT DL . -67.46 21.96 53.07
C28 XAT DL . -66.91 21.25 54.05
C29 XAT DL . -67.18 21.43 55.49
C30 XAT DL . -66.59 20.66 56.42
C31 XAT DL . -66.90 20.90 57.82
C32 XAT DL . -66.15 20.38 58.80
C33 XAT DL . -66.25 20.60 60.25
C34 XAT DL . -65.42 19.94 61.09
C35 XAT DL . -65.39 20.01 62.53
C36 XAT DL . -65.77 23.82 51.75
C37 XAT DL . -64.67 21.68 51.20
C38 XAT DL . -69.46 20.72 51.43
C39 XAT DL . -68.12 22.52 55.90
C40 XAT DL . -67.28 21.53 60.81
O23 XAT DL . -66.69 21.84 47.39
O24 XAT DL . -67.03 20.35 51.27
C1 NEX EL . -84.91 13.91 51.12
C2 NEX EL . -85.55 13.63 49.76
C3 NEX EL . -87.02 13.99 49.52
C4 NEX EL . -87.77 14.42 50.77
C5 NEX EL . -87.36 13.64 52.01
C6 NEX EL . -85.91 13.94 52.25
C7 NEX EL . -85.52 14.24 53.41
C8 NEX EL . -85.09 14.65 54.68
C9 NEX EL . -83.81 14.51 55.40
C10 NEX EL . -83.76 14.70 56.64
C11 NEX EL . -82.57 14.86 57.48
C12 NEX EL . -82.63 14.90 58.66
C13 NEX EL . -81.62 15.28 59.67
C14 NEX EL . -81.77 14.98 60.87
C15 NEX EL . -81.00 15.43 62.03
C16 NEX EL . -84.19 15.24 51.08
C17 NEX EL . -83.90 12.81 51.42
C18 NEX EL . -88.21 14.09 53.20
C19 NEX EL . -82.56 14.19 54.64
C20 NEX EL . -80.40 16.04 59.23
O3 NEX EL . -87.08 15.04 48.55
O4 NEX EL . -87.57 12.23 51.80
C21 NEX EL . -81.14 15.32 73.67
C22 NEX EL . -80.98 14.58 74.99
C23 NEX EL . -80.25 13.26 74.82
C24 NEX EL . -78.80 13.56 74.48
C25 NEX EL . -78.69 14.41 73.22
C26 NEX EL . -79.87 15.30 72.82
C27 NEX EL . -79.58 16.48 71.92
C28 NEX EL . -79.73 16.40 70.59
C29 NEX EL . -79.47 17.46 69.83
C30 NEX EL . -79.61 17.41 68.58
C31 NEX EL . -80.35 16.46 67.73
C32 NEX EL . -80.21 16.44 66.56
C33 NEX EL . -81.02 15.80 65.50
C34 NEX EL . -80.69 15.90 64.30
C35 NEX EL . -81.36 15.29 63.14
C36 NEX EL . -81.53 16.76 73.96
C37 NEX EL . -82.26 14.66 72.88
C38 NEX EL . -77.31 14.73 72.66
C39 NEX EL . -79.01 18.75 70.45
C40 NEX EL . -82.25 15.02 65.88
O23 NEX EL . -80.30 12.53 76.05
O24 NEX EL . -79.62 14.03 72.21
O1 LHG FL . -94.40 41.54 88.84
C1 LHG FL . -93.20 42.21 89.25
C2 LHG FL . -92.06 41.21 89.34
O2 LHG FL . -91.32 41.43 90.54
C3 LHG FL . -91.14 41.39 88.14
O3 LHG FL . -89.95 40.63 88.35
P LHG FL . -89.35 39.73 87.16
O4 LHG FL . -90.31 38.60 86.89
O5 LHG FL . -88.93 40.64 86.03
O6 LHG FL . -88.01 39.10 87.82
C4 LHG FL . -86.95 38.73 86.95
C5 LHG FL . -85.70 38.35 87.75
C6 LHG FL . -85.20 37.03 87.17
O7 LHG FL . -84.74 39.38 87.59
C7 LHG FL . -83.52 39.12 88.11
O9 LHG FL . -82.59 38.92 87.34
C8 LHG FL . -83.27 39.11 89.59
C9 LHG FL . -82.10 40.04 89.87
C10 LHG FL . -80.94 39.31 90.52
O8 LHG FL . -84.57 37.26 85.91
C23 LHG FL . -85.02 36.67 84.80
O10 LHG FL . -86.18 36.32 84.74
C24 LHG FL . -84.06 36.42 83.67
C11 LHG FL . -79.62 39.94 90.09
C12 LHG FL . -78.42 39.06 90.46
C13 LHG FL . -77.15 39.89 90.39
C14 LHG FL . -76.04 39.20 89.60
C15 LHG FL . -74.88 40.17 89.39
C16 LHG FL . -73.61 39.68 90.06
C17 LHG FL . -73.01 38.50 89.30
C18 LHG FL . -71.54 38.74 89.00
C19 LHG FL . -70.66 38.23 90.14
C20 LHG FL . -69.21 38.12 89.70
C21 LHG FL . -68.34 37.55 90.81
C22 LHG FL . -67.10 36.91 90.24
C25 LHG FL . -82.65 36.77 84.14
C26 LHG FL . -81.96 35.55 84.73
C27 LHG FL . -80.78 35.94 85.60
C28 LHG FL . -81.15 35.98 87.07
C29 LHG FL . -80.54 34.82 87.84
C30 LHG FL . -80.48 35.13 89.33
C31 LHG FL . -81.08 34.00 90.16
C32 LHG FL . -80.67 34.13 91.62
C33 LHG FL . -80.77 32.80 92.34
C34 LHG FL . -81.35 32.98 93.74
C35 LHG FL . -81.46 31.66 94.48
C36 LHG FL . -81.34 31.87 95.99
C37 LHG FL . -82.71 31.99 96.64
C38 LHG FL . -83.16 30.67 97.21
MG CHL GL . -48.86 57.84 70.46
CHA CHL GL . -51.03 55.77 72.07
CHB CHL GL . -47.63 55.14 68.74
CHC CHL GL . -46.84 59.85 68.91
CHD CHL GL . -50.26 60.54 72.31
NA CHL GL . -49.26 55.83 70.43
C1A CHL GL . -50.26 55.18 71.11
C2A CHL GL . -50.36 53.72 70.68
C3A CHL GL . -49.11 53.51 69.85
C4A CHL GL . -48.61 54.93 69.65
CMA CHL GL . -48.14 52.40 70.20
CAA CHL GL . -51.65 53.50 69.87
CBA CHL GL . -51.67 52.28 68.95
CGA CHL GL . -51.52 50.97 69.66
O1A CHL GL . -51.94 50.73 70.76
O2A CHL GL . -50.87 50.11 68.91
NB CHL GL . -47.43 57.53 69.04
C1B CHL GL . -47.07 56.38 68.44
C2B CHL GL . -46.04 56.65 67.49
C3B CHL GL . -45.79 57.99 67.50
C4B CHL GL . -46.69 58.56 68.51
CMB CHL GL . -45.38 55.62 66.63
CAB CHL GL . -44.80 58.65 66.64
CBB CHL GL . -44.45 60.11 66.53
NC CHL GL . -48.61 59.88 70.63
C1C CHL GL . -47.67 60.47 69.84
C2C CHL GL . -47.69 61.90 70.15
C3C CHL GL . -48.65 62.08 71.11
C4C CHL GL . -49.24 60.81 71.42
CMC CHL GL . -46.89 62.98 69.61
OMC CHL GL . -46.03 62.87 68.76
CAC CHL GL . -49.03 63.39 71.74
CBC CHL GL . -50.03 64.15 70.95
ND CHL GL . -50.29 58.19 71.88
C1D CHL GL . -50.78 59.28 72.53
C2D CHL GL . -51.81 58.89 73.43
C3D CHL GL . -51.95 57.54 73.29
C4D CHL GL . -51.01 57.11 72.34
CMD CHL GL . -52.60 59.83 74.30
CAD CHL GL . -52.66 56.35 73.75
OBD CHL GL . -53.55 56.27 74.57
CBD CHL GL . -52.08 55.16 73.01
CGD CHL GL . -51.48 54.19 74.02
O1D CHL GL . -50.96 54.52 75.06
O2D CHL GL . -51.61 52.93 73.62
CED CHL GL . -51.04 51.93 74.48
C1 CHL GL . -50.54 48.76 69.37
C2 CHL GL . -49.06 48.71 69.55
C3 CHL GL . -48.33 47.72 69.05
C4 CHL GL . -48.91 46.56 68.29
C5 CHL GL . -46.83 47.74 69.19
C6 CHL GL . -46.17 46.37 69.18
C7 CHL GL . -46.12 45.72 70.56
C8 CHL GL . -45.07 44.63 70.71
C9 CHL GL . -43.70 45.13 70.22
C10 CHL GL . -45.04 44.25 72.18
C11 CHL GL . -43.75 43.57 72.65
C12 CHL GL . -43.65 42.10 72.24
C13 CHL GL . -44.32 41.11 73.19
C14 CHL GL . -43.27 40.28 73.94
C15 CHL GL . -45.40 40.22 72.60
C16 CHL GL . -46.10 39.32 73.60
C17 CHL GL . -47.15 38.41 72.98
C18 CHL GL . -47.96 37.58 73.95
C19 CHL GL . -48.80 38.44 74.86
C20 CHL GL . -48.82 36.56 73.21
MG CLA HL . -60.26 54.74 75.28
CHA CLA HL . -60.75 56.95 72.66
CHB CLA HL . -63.60 53.92 75.27
CHC CLA HL . -59.64 52.58 77.70
CHD CLA HL . -56.81 55.59 75.24
NA CLA HL . -62.01 55.35 74.08
C1A CLA HL . -62.01 56.24 73.09
C2A CLA HL . -63.40 56.43 72.51
C3A CLA HL . -64.26 55.51 73.40
C4A CLA HL . -63.26 54.87 74.30
CMA CLA HL . -65.50 56.12 73.99
CAA CLA HL . -63.45 56.00 71.05
CBA CLA HL . -64.23 54.72 70.73
CGA CLA HL . -63.31 53.52 70.76
O1A CLA HL . -62.11 53.70 70.90
O2A CLA HL . -63.82 52.30 70.64
NB CLA HL . -61.43 53.44 76.32
C1B CLA HL . -62.77 53.25 76.20
C2B CLA HL . -63.22 52.28 77.16
C3B CLA HL . -62.09 51.91 77.85
C4B CLA HL . -60.97 52.66 77.29
CMB CLA HL . -64.64 51.80 77.34
CAB CLA HL . -61.96 50.93 78.95
CBB CLA HL . -62.48 49.51 78.84
NC CLA HL . -58.50 54.15 76.27
C1C CLA HL . -58.48 53.26 77.26
C2C CLA HL . -57.12 53.08 77.82
C3C CLA HL . -56.33 53.91 77.09
C4C CLA HL . -57.20 54.59 76.14
CMC CLA HL . -56.69 52.14 78.92
CAC CLA HL . -54.84 54.11 77.26
CBC CLA HL . -54.10 53.20 76.31
ND CLA HL . -59.01 55.92 74.27
C1D CLA HL . -57.68 56.21 74.32
C2D CLA HL . -57.31 57.21 73.34
C3D CLA HL . -58.51 57.50 72.69
C4D CLA HL . -59.52 56.71 73.26
CMD CLA HL . -56.02 57.89 72.97
CAD CLA HL . -59.09 58.31 71.65
OBD CLA HL . -58.46 58.86 70.76
CBD CLA HL . -60.56 58.01 71.59
CGD CLA HL . -61.34 59.25 71.93
O1D CLA HL . -61.71 60.00 71.04
O2D CLA HL . -61.65 59.54 73.18
CED CLA HL . -62.97 60.02 73.40
C1 CLA HL . -64.32 51.58 71.80
C2 CLA HL . -63.43 51.03 72.89
C3 CLA HL . -63.72 49.88 73.51
C4 CLA HL . -64.96 49.10 73.14
C5 CLA HL . -62.86 49.29 74.60
C6 CLA HL . -62.88 47.77 74.56
C7 CLA HL . -61.66 47.14 75.25
C8 CLA HL . -61.15 45.94 74.47
C9 CLA HL . -61.27 44.65 75.28
C10 CLA HL . -59.72 46.17 74.02
C11 CLA HL . -58.72 45.90 75.13
C12 CLA HL . -57.29 46.12 74.64
C13 CLA HL . -56.28 45.41 75.53
C14 CLA HL . -56.51 45.73 77.00
C15 CLA HL . -54.88 45.77 75.02
C16 CLA HL . -53.83 45.95 76.13
C17 CLA HL . -53.35 47.40 76.20
C18 CLA HL . -52.56 47.79 74.96
C19 CLA HL . -53.23 48.95 74.24
C20 CLA HL . -51.12 48.13 75.31
MG CLA IL . -64.41 46.03 82.19
CHA CLA IL . -67.48 46.41 80.63
CHB CLA IL . -62.82 45.98 79.14
CHC CLA IL . -61.54 45.83 83.81
CHD CLA IL . -66.08 46.09 85.32
NA CLA IL . -65.06 46.20 80.08
C1A CLA IL . -66.32 46.33 79.66
C2A CLA IL . -66.40 46.38 78.16
C3A CLA IL . -64.95 46.22 77.74
C4A CLA IL . -64.21 46.14 79.04
CMA CLA IL . -64.63 45.23 76.63
CAA CLA IL . -66.81 47.79 77.73
CBA CLA IL . -68.18 47.85 77.08
CGA CLA IL . -68.16 47.23 75.70
O1A CLA IL . -67.33 47.62 74.89
O2A CLA IL . -69.04 46.30 75.43
NB CLA IL . -62.47 45.93 81.57
C1B CLA IL . -62.00 45.89 80.29
C2B CLA IL . -60.56 45.76 80.31
C3B CLA IL . -60.21 45.70 81.63
C4B CLA IL . -61.44 45.83 82.42
CMB CLA IL . -59.65 45.67 79.12
CAB CLA IL . -58.83 45.58 82.15
CBB CLA IL . -58.44 44.47 83.10
NC CLA IL . -63.89 46.05 84.23
C1C CLA IL . -62.65 45.90 84.68
C2C CLA IL . -62.58 45.83 86.15
C3C CLA IL . -63.88 45.94 86.55
C4C CLA IL . -64.69 46.08 85.36
CMC CLA IL . -61.34 45.66 86.99
CAC CLA IL . -64.40 45.93 87.97
CBC CLA IL . -64.34 47.32 88.54
ND CLA IL . -66.26 46.21 82.90
C1D CLA IL . -66.84 46.22 84.13
C2D CLA IL . -68.28 46.34 84.04
C3D CLA IL . -68.52 46.42 82.68
C4D CLA IL . -67.30 46.35 82.01
CMD CLA IL . -69.41 46.39 85.06
CAD CLA IL . -69.58 46.56 81.72
OBD CLA IL . -70.68 47.06 81.95
CBD CLA IL . -68.96 46.49 80.36
CGD CLA IL . -69.45 45.25 79.69
O1D CLA IL . -70.42 45.27 78.97
O2D CLA IL . -68.84 44.08 79.91
CED CLA IL . -68.55 43.30 78.75
C1 CLA IL . -68.60 44.95 75.14
C2 CLA IL . -67.78 44.66 73.90
C3 CLA IL . -67.22 43.46 73.72
C4 CLA IL . -66.41 43.18 72.50
C5 CLA IL . -67.35 42.35 74.73
C6 CLA IL . -65.98 41.99 75.30
C7 CLA IL . -65.96 40.54 75.77
C8 CLA IL . -65.02 40.36 76.95
C9 CLA IL . -63.60 40.81 76.60
C10 CLA IL . -65.03 38.89 77.36
C11 CLA IL . -64.46 38.70 78.76
C12 CLA IL . -65.56 38.37 79.76
C13 CLA IL . -65.45 36.93 80.24
C14 CLA IL . -66.77 36.20 80.11
C15 CLA IL . -64.95 36.92 81.68
C16 CLA IL . -63.45 36.71 81.74
C17 CLA IL . -62.83 37.49 82.90
C18 CLA IL . -61.82 36.63 83.65
C19 CLA IL . -60.65 36.24 82.75
C20 CLA IL . -61.32 37.34 84.91
MG CLA JL . -58.02 51.01 100.17
CHA CLA JL . -57.02 49.01 102.82
CHB CLA JL . -60.12 48.52 99.03
CHC CLA JL . -59.02 53.05 97.77
CHD CLA JL . -55.88 53.55 101.36
NA CLA JL . -58.54 48.97 100.85
C1A CLA JL . -58.03 48.33 101.91
C2A CLA JL . -58.58 46.93 102.03
C3A CLA JL . -59.50 46.82 100.83
C4A CLA JL . -59.41 48.16 100.18
CMA CLA JL . -59.32 45.60 99.93
CAA CLA JL . -59.40 46.76 103.32
CBA CLA JL . -60.75 47.48 103.30
CGA CLA JL . -60.74 48.61 104.29
O1A CLA JL . -59.73 49.27 104.43
O2A CLA JL . -61.84 48.86 104.99
NB CLA JL . -59.36 50.82 98.65
C1B CLA JL . -60.11 49.73 98.32
C2B CLA JL . -60.90 50.02 97.14
C3B CLA JL . -60.58 51.29 96.78
C4B CLA JL . -59.60 51.79 97.75
CMB CLA JL . -61.85 49.07 96.47
CAB CLA JL . -61.09 52.09 95.65
CBB CLA JL . -61.01 51.56 94.23
NC CLA JL . -57.58 53.00 99.70
C1C CLA JL . -58.05 53.63 98.63
C2C CLA JL . -57.46 54.98 98.45
C3C CLA JL . -56.59 55.12 99.49
C4C CLA JL . -56.67 53.88 100.26
CMC CLA JL . -57.77 55.97 97.34
CAC CLA JL . -55.72 56.31 99.78
CBC CLA JL . -56.41 57.20 100.81
ND CLA JL . -56.77 51.32 101.67
C1D CLA JL . -55.94 52.33 102.07
C2D CLA JL . -55.16 51.96 103.24
C3D CLA JL . -55.59 50.67 103.51
C4D CLA JL . -56.55 50.30 102.58
CMD CLA JL . -54.11 52.66 104.07
CAD CLA JL . -55.38 49.58 104.44
OBD CLA JL . -54.34 49.39 105.04
CBD CLA JL . -56.35 48.49 104.08
CGD CLA JL . -55.63 47.20 103.85
O1D CLA JL . -56.14 46.14 104.18
O2D CLA JL . -54.41 47.17 103.30
CED CLA JL . -54.19 46.15 102.34
C1 CLA JL . -62.61 50.07 104.75
C2 CLA JL . -61.98 51.45 104.83
C3 CLA JL . -62.68 52.54 105.18
C4 CLA JL . -64.15 52.44 105.50
MG CHL KL . -66.68 46.83 113.11
CHA CHL KL . -66.27 50.09 114.00
CHB CHL KL . -65.85 45.89 116.33
CHC CHL KL . -67.03 43.75 112.22
CHD CHL KL . -67.43 47.95 109.81
NA CHL KL . -66.18 47.82 114.84
C1A CHL KL . -66.14 49.18 115.03
C2A CHL KL . -65.86 49.53 116.48
C3A CHL KL . -65.51 48.21 117.12
C4A CHL KL . -65.86 47.21 116.04
CMA CHL KL . -64.22 48.05 117.92
CAA CHL KL . -67.06 50.20 117.16
CBA CHL KL . -66.79 50.75 118.56
CGA CHL KL . -66.85 52.24 118.64
O1A CHL KL . -66.70 52.98 117.71
O2A CHL KL . -67.08 52.65 119.87
NB CHL KL . -66.48 45.09 114.15
C1B CHL KL . -66.15 44.87 115.44
C2B CHL KL . -66.15 43.47 115.70
C3B CHL KL . -66.49 42.81 114.54
C4B CHL KL . -66.70 43.86 113.55
CMB CHL KL . -65.83 42.83 117.02
CAB CHL KL . -66.63 41.37 114.43
CBB CHL KL . -67.04 40.53 113.23
NC CHL KL . -67.17 46.02 111.31
C1C CHL KL . -67.25 44.66 111.21
C2C CHL KL . -67.61 44.34 109.83
C3C CHL KL . -67.73 45.53 109.16
C4C CHL KL . -67.45 46.60 110.08
CMC CHL KL . -67.80 43.06 109.19
OMC CHL KL . -67.69 41.98 109.73
CAC CHL KL . -68.12 45.69 107.73
CBC CHL KL . -69.61 45.79 107.53
ND CHL KL . -66.86 48.56 112.05
C1D CHL KL . -67.14 48.90 110.76
C2D CHL KL . -67.08 50.32 110.60
C3D CHL KL . -66.74 50.83 111.84
C4D CHL KL . -66.61 49.74 112.72
CMD CHL KL . -67.35 51.05 109.32
CAD CHL KL . -66.44 52.03 112.59
OBD CHL KL . -66.45 53.18 112.20
CBD CHL KL . -66.11 51.62 114.01
CGD CHL KL . -64.70 52.07 114.36
O1D CHL KL . -63.75 51.96 113.64
O2D CHL KL . -64.66 52.58 115.58
CED CHL KL . -63.36 53.05 116.03
C1 CHL KL . -67.17 54.06 120.22
C2 CHL KL . -68.52 54.30 120.82
MG CHL LL . -64.86 47.00 100.58
CHA CHL LL . -66.23 48.68 103.21
CHB CHL LL . -66.55 49.08 98.44
CHC CHL LL . -63.45 45.45 98.11
CHD CHL LL . -63.25 44.87 102.92
NA CHL LL . -66.15 48.58 100.79
C1A CHL LL . -66.55 49.19 101.97
C2A CHL LL . -67.41 50.41 101.70
C3A CHL LL . -67.72 50.31 100.23
C4A CHL LL . -66.77 49.25 99.76
CMA CHL LL . -69.18 50.30 99.77
CAA CHL LL . -66.65 51.73 102.00
CBA CHL LL . -67.10 52.48 103.24
CGA CHL LL . -68.06 53.60 102.96
O1A CHL LL . -68.68 53.74 101.94
O2A CHL LL . -68.15 54.41 104.00
NB CHL LL . -65.00 47.25 98.57
C1B CHL LL . -65.71 48.15 97.86
C2B CHL LL . -65.45 47.97 96.48
C3B CHL LL . -64.54 46.91 96.36
C4B CHL LL . -64.27 46.47 97.71
CMB CHL LL . -66.08 48.77 95.38
CAB CHL LL . -63.87 46.33 95.20
CBB CHL LL . -63.97 46.61 93.71
NC CHL LL . -63.57 45.41 100.56
C1C CHL LL . -63.13 44.95 99.36
C2C CHL LL . -62.23 43.81 99.63
C3C CHL LL . -62.19 43.66 100.98
C4C CHL LL . -63.03 44.66 101.58
CMC CHL LL . -61.46 42.98 98.74
OMC CHL LL . -61.44 43.06 97.52
CAC CHL LL . -61.39 42.63 101.72
CBC CHL LL . -62.14 41.33 101.90
ND CHL LL . -64.71 46.73 102.60
C1D CHL LL . -64.07 45.88 103.43
C2D CHL LL . -64.35 46.18 104.78
C3D CHL LL . -65.19 47.27 104.76
C4D CHL LL . -65.41 47.60 103.41
CMD CHL LL . -63.82 45.42 105.97
CAD CHL LL . -65.95 48.22 105.56
OBD CHL LL . -66.02 48.28 106.78
CBD CHL LL . -66.65 49.17 104.61
CGD CHL LL . -68.15 49.11 104.85
O1D CHL LL . -68.92 48.40 104.28
O2D CHL LL . -68.51 49.99 105.79
CED CHL LL . -69.92 50.03 106.12
C1 CHL LL . -69.03 55.58 104.03
C2 CHL LL . -70.41 55.12 104.34
C3 CHL LL . -70.79 54.78 105.56
C4 CHL LL . -69.90 54.83 106.77
MG CHL ML . -61.26 40.02 95.49
CHA CHL ML . -59.22 37.50 96.54
CHB CHL ML . -59.27 40.42 92.72
CHC CHL ML . -63.23 42.41 94.50
CHD CHL ML . -63.20 39.53 98.41
NA CHL ML . -59.57 39.10 94.77
C1A CHL ML . -58.89 38.02 95.30
C2A CHL ML . -57.75 37.57 94.40
C3A CHL ML . -57.71 38.63 93.33
C4A CHL ML . -58.94 39.46 93.61
CMA CHL ML . -56.41 39.32 92.96
CAA CHL ML . -57.94 36.17 93.81
CBA CHL ML . -56.65 35.45 93.40
CGA CHL ML . -56.08 35.87 92.08
O1A CHL ML . -54.92 36.05 91.85
O2A CHL ML . -57.03 36.03 91.18
NB CHL ML . -61.24 41.21 93.84
C1B CHL ML . -60.36 41.26 92.82
C2B CHL ML . -60.74 42.27 91.90
C3B CHL ML . -61.88 42.88 92.41
C4B CHL ML . -62.18 42.19 93.65
CMB CHL ML . -60.00 42.59 90.63
CAB CHL ML . -62.67 44.02 91.91
CBB CHL ML . -62.53 44.87 90.68
NC CHL ML . -62.94 40.81 96.36
C1C CHL ML . -63.60 41.82 95.71
C2C CHL ML . -64.76 42.17 96.51
C3C CHL ML . -64.74 41.36 97.62
C4C CHL ML . -63.60 40.50 97.52
CMC CHL ML . -65.80 43.15 96.28
OMC CHL ML . -65.86 43.89 95.32
CAC CHL ML . -65.76 41.34 98.72
CBC CHL ML . -65.44 42.32 99.81
ND CHL ML . -61.29 38.83 97.14
C1D CHL ML . -62.09 38.72 98.25
C2D CHL ML . -61.60 37.70 99.11
C3D CHL ML . -60.48 37.19 98.49
C4D CHL ML . -60.30 37.88 97.28
CMD CHL ML . -62.22 37.30 100.41
CAD CHL ML . -59.39 36.22 98.58
OBD CHL ML . -59.18 35.41 99.46
CBD CHL ML . -58.54 36.37 97.34
CGD CHL ML . -57.11 36.70 97.74
O1D CHL ML . -56.66 37.80 97.86
O2D CHL ML . -56.41 35.58 97.93
CED CHL ML . -55.03 35.76 98.33
C1 CHL ML . -56.74 36.46 89.81
C2 CHL ML . -57.50 37.71 89.57
C3 CHL ML . -56.90 38.84 89.18
C4 CHL ML . -55.42 38.97 88.98
MG CHL NL . -72.99 58.94 92.47
CHA CHL NL . -69.76 58.44 91.46
CHB CHL NL . -72.22 57.56 95.50
CHC CHL NL . -76.07 59.48 93.40
CHD CHL NL . -73.65 60.34 89.29
NA CHL NL . -71.29 58.15 93.32
C1A CHL NL . -70.03 58.07 92.77
C2A CHL NL . -69.02 57.50 93.76
C3A CHL NL . -69.87 57.05 94.92
C4A CHL NL . -71.23 57.61 94.58
CMA CHL NL . -69.74 55.63 95.47
CAA CHL NL . -67.95 58.51 94.19
CBA CHL NL . -68.51 59.84 94.72
CGA CHL NL . -67.58 60.52 95.68
NB CHL NL . -73.98 58.56 94.21
C1B CHL NL . -73.52 58.02 95.35
C2B CHL NL . -74.56 57.99 96.31
C3B CHL NL . -75.69 58.53 95.75
C4B CHL NL . -75.31 58.90 94.39
CMB CHL NL . -74.43 57.46 97.71
CAB CHL NL . -76.97 58.67 96.45
CBB CHL NL . -78.27 59.25 95.95
NC CHL NL . -74.58 59.77 91.47
C1C CHL NL . -75.77 59.87 92.11
C2C CHL NL . -76.72 60.48 91.17
C3C CHL NL . -76.02 60.73 90.02
C4C CHL NL . -74.67 60.28 90.20
CMC CHL NL . -78.12 60.80 91.33
OMC CHL NL . -78.79 60.60 92.33
CAC CHL NL . -76.58 61.37 88.78
CBC CHL NL . -76.31 62.85 88.71
ND CHL NL . -72.03 59.34 90.72
C1D CHL NL . -72.36 59.88 89.52
C2D CHL NL . -71.25 59.90 88.64
C3D CHL NL . -70.20 59.34 89.35
C4D CHL NL . -70.69 59.00 90.62
CMD CHL NL . -71.25 60.42 87.25
CAD CHL NL . -68.81 58.96 89.31
OBD CHL NL . -68.01 59.08 88.39
CBD CHL NL . -68.46 58.37 90.66
CGD CHL NL . -67.90 56.96 90.50
O1D CHL NL . -68.53 56.01 90.13
O2D CHL NL . -66.61 56.92 90.81
CED CHL NL . -65.97 55.63 90.69
MG CHL OL . -71.32 48.66 88.46
CHA CHL OL . -70.90 49.74 85.31
CHB CHL OL . -74.77 48.65 87.94
CHC CHL OL . -71.67 47.45 91.38
CHD CHL OL . -67.75 48.69 88.82
NA CHL OL . -72.59 49.14 86.94
C1A CHL OL . -72.21 49.47 85.66
C2A CHL OL . -73.39 49.53 84.71
C3A CHL OL . -74.57 49.59 85.65
C4A CHL OL . -73.97 49.12 86.96
CMA CHL OL . -75.49 50.80 85.63
CAA CHL OL . -73.43 48.33 83.75
CBA CHL OL . -73.22 46.97 84.42
CGA CHL OL . -73.07 45.81 83.47
O1A CHL OL . -73.62 45.71 82.42
O2A CHL OL . -72.26 44.89 83.97
NB CHL OL . -73.00 48.17 89.49
C1B CHL OL . -74.32 48.20 89.16
C2B CHL OL . -75.07 47.67 90.23
C3B CHL OL . -74.22 47.26 91.22
C4B CHL OL . -72.88 47.61 90.75
CMB CHL OL . -76.57 47.57 90.27
CAB CHL OL . -74.61 46.55 92.43
CBB CHL OL . -73.77 45.97 93.54
NC CHL OL . -69.90 48.21 89.86
C1C CHL OL . -70.36 47.72 91.04
C2C CHL OL . -69.22 47.43 91.89
C3C CHL OL . -68.08 47.75 91.14
C4C CHL OL . -68.52 48.25 89.87
CMC CHL OL . -69.31 46.94 93.25
OMC CHL OL . -68.38 46.69 94.00
CAC CHL OL . -66.65 47.52 91.55
CBC CHL OL . -65.87 48.79 91.71
ND CHL OL . -69.63 49.14 87.43
C1D CHL OL . -68.29 49.15 87.64
C2D CHL OL . -67.61 49.61 86.48
C3D CHL OL . -68.59 49.87 85.55
C4D CHL OL . -69.82 49.58 86.14
CMD CHL OL . -66.12 49.76 86.34
CAD CHL OL . -68.85 50.28 84.18
OBD CHL OL . -68.06 50.62 83.32
CBD CHL OL . -70.33 50.21 83.97
CGD CHL OL . -70.85 51.59 83.59
O1D CHL OL . -70.63 52.60 84.21
O2D CHL OL . -71.60 51.53 82.51
CED CHL OL . -72.19 52.79 82.09
C1 CHL OL . -71.98 43.61 83.34
C2 CHL OL . -70.55 43.58 82.97
C3 CHL OL . -69.62 42.95 83.68
C4 CHL OL . -69.91 42.20 84.96
C5 CHL OL . -68.18 42.93 83.25
C6 CHL OL . -67.54 41.56 83.30
C7 CHL OL . -66.44 41.37 82.27
C8 CHL OL . -65.17 42.19 82.47
C9 CHL OL . -64.58 41.95 83.86
C10 CHL OL . -64.23 41.71 81.37
C11 CHL OL . -62.76 42.07 81.55
C12 CHL OL . -61.86 41.38 80.52
C13 CHL OL . -60.42 41.84 80.51
C14 CHL OL . -59.88 41.91 79.09
C15 CHL OL . -59.43 41.12 81.44
C16 CHL OL . -57.97 41.49 81.24
C17 CHL OL . -57.03 40.91 82.29
C18 CHL OL . -56.87 39.39 82.31
C19 CHL OL . -56.28 38.88 81.02
C20 CHL OL . -56.05 38.94 83.50
MG CLA PL . -63.30 63.78 89.21
CHA CLA PL . -66.00 65.89 88.81
CHB CLA PL . -61.23 66.04 87.63
CHC CLA PL . -60.78 61.74 89.76
CHD CLA PL . -65.45 61.45 90.79
NA CLA PL . -63.57 65.78 88.31
C1A CLA PL . -64.71 66.46 88.24
C2A CLA PL . -64.54 67.77 87.52
C3A CLA PL . -63.05 67.75 87.13
C4A CLA PL . -62.56 66.47 87.72
CMA CLA PL . -62.71 68.09 85.69
CAA CLA PL . -64.75 68.97 88.44
CBA CLA PL . -64.50 68.71 89.92
CGA CLA PL . -63.06 69.00 90.31
O1A CLA PL . -62.42 69.80 89.64
O2A CLA PL . -62.54 68.42 91.37
NB CLA PL . -61.31 63.88 88.77
C1B CLA PL . -60.64 64.86 88.12
C2B CLA PL . -59.25 64.51 87.99
C3B CLA PL . -59.13 63.29 88.59
C4B CLA PL . -60.45 62.91 89.08
CMB CLA PL . -58.18 65.34 87.32
CAB CLA PL . -57.92 62.44 88.75
CBB CLA PL . -56.67 62.97 89.41
NC CLA PL . -63.13 61.94 90.19
C1C CLA PL . -62.00 61.26 90.28
C2C CLA PL . -62.16 59.95 90.97
C3C CLA PL . -63.49 59.91 91.30
C4C CLA PL . -64.09 61.14 90.81
CMC CLA PL . -61.09 58.94 91.25
CAC CLA PL . -64.19 58.78 92.02
CBC CLA PL . -64.35 59.14 93.48
ND CLA PL . -65.21 63.61 89.73
C1D CLA PL . -65.99 62.67 90.33
C2D CLA PL . -67.38 63.08 90.40
C3D CLA PL . -67.38 64.34 89.80
C4D CLA PL . -66.07 64.64 89.41
CMD CLA PL . -68.65 62.45 90.93
CAD CLA PL . -68.25 65.44 89.45
OBD CLA PL . -69.35 65.63 89.92
CBD CLA PL . -67.38 66.52 88.86
CGD CLA PL . -67.82 66.85 87.48
O1D CLA PL . -68.12 65.95 86.71
O2D CLA PL . -67.85 68.10 87.07
CED CLA PL . -69.05 68.55 86.44
C1 CLA PL . -61.10 68.56 91.64
C2 CLA PL . -60.15 67.38 91.59
C3 CLA PL . -58.95 67.48 92.17
C4 CLA PL . -58.50 68.74 92.86
C5 CLA PL . -57.95 66.34 92.16
C6 CLA PL . -57.30 66.22 93.54
C7 CLA PL . -56.81 64.81 93.83
C8 CLA PL . -57.12 64.41 95.26
C9 CLA PL . -56.49 65.37 96.26
C10 CLA PL . -56.64 62.98 95.49
C11 CLA PL . -57.04 62.49 96.88
C12 CLA PL . -57.88 61.22 96.77
C13 CLA PL . -58.45 60.83 98.14
C14 CLA PL . -59.07 59.44 98.09
C15 CLA PL . -59.48 61.87 98.58
C16 CLA PL . -60.68 61.89 97.64
C17 CLA PL . -61.93 62.40 98.36
C18 CLA PL . -62.93 61.27 98.59
C19 CLA PL . -64.15 61.78 99.36
C20 CLA PL . -63.33 60.61 97.28
MG CLA QL . -47.83 64.79 79.30
CHA CLA QL . -50.45 66.78 80.36
CHB CLA QL . -46.42 67.47 77.64
CHC CLA QL . -45.32 62.83 78.44
CHD CLA QL . -49.26 62.08 81.06
NA CLA QL . -48.35 66.92 79.03
C1A CLA QL . -49.44 67.53 79.53
C2A CLA QL . -49.50 68.98 79.12
C3A CLA QL . -48.24 69.15 78.26
C4A CLA QL . -47.61 67.78 78.30
CMA CLA QL . -48.32 69.90 76.94
CAA CLA QL . -49.35 69.88 80.34
CBA CLA QL . -50.57 70.77 80.52
CGA CLA QL . -50.50 71.46 81.86
O1A CLA QL . -51.20 72.43 82.07
O2A CLA QL . -49.68 70.99 82.78
NB CLA QL . -46.13 65.10 78.22
C1B CLA QL . -45.71 66.24 77.59
C2B CLA QL . -44.47 66.01 76.90
C3B CLA QL . -44.18 64.68 77.12
C4B CLA QL . -45.25 64.13 77.96
CMB CLA QL . -43.69 66.99 76.09
CAB CLA QL . -43.02 63.91 76.65
CBB CLA QL . -41.62 64.28 77.05
NC CLA QL . -47.34 62.80 79.73
C1C CLA QL . -46.29 62.16 79.22
C2C CLA QL . -46.26 60.72 79.56
C3C CLA QL . -47.37 60.54 80.33
C4C CLA QL . -48.04 61.82 80.43
CMC CLA QL . -45.21 59.72 79.16
CAC CLA QL . -47.82 59.23 80.94
CBC CLA QL . -47.31 59.15 82.36
ND CLA QL . -49.40 64.42 80.44
C1D CLA QL . -49.91 63.32 81.09
C2D CLA QL . -51.17 63.62 81.75
C3D CLA QL . -51.37 64.97 81.46
C4D CLA QL . -50.31 65.43 80.68
CMD CLA QL . -52.14 62.81 82.57
CAD CLA QL . -52.30 66.05 81.68
OBD CLA QL . -53.26 66.02 82.42
CBD CLA QL . -51.74 67.27 81.01
CGD CLA QL . -52.67 67.75 79.94
O1D CLA QL . -52.66 67.25 78.83
O2D CLA QL . -53.54 68.73 80.18
CED CLA QL . -54.83 68.56 79.58
MG CLA RL . -51.17 63.52 88.43
CHA CLA RL . -51.98 66.51 86.90
CHB CLA RL . -53.49 64.11 90.91
CHC CLA RL . -50.37 60.59 89.74
CHD CLA RL . -48.79 62.92 85.86
NA CLA RL . -52.61 65.14 88.87
C1A CLA RL . -52.78 66.24 88.14
C2A CLA RL . -53.83 67.14 88.76
C3A CLA RL . -54.27 66.36 90.01
C4A CLA RL . -53.42 65.13 89.94
CMA CLA RL . -54.41 67.10 91.33
CAA CLA RL . -55.05 67.26 87.84
CBA CLA RL . -55.86 68.50 88.18
CGA CLA RL . -55.07 69.74 87.85
NB CLA RL . -51.83 62.50 90.07
C1B CLA RL . -52.77 62.90 90.98
C2B CLA RL . -52.89 61.90 92.02
C3B CLA RL . -52.00 60.91 91.68
C4B CLA RL . -51.34 61.31 90.44
CMB CLA RL . -53.80 61.95 93.21
CAB CLA RL . -51.75 59.66 92.42
CBB CLA RL . -50.40 59.39 93.05
NC CLA RL . -49.86 61.97 87.84
C1C CLA RL . -49.65 60.88 88.57
C2C CLA RL . -48.57 60.03 88.01
C3C CLA RL . -48.16 60.69 86.88
C4C CLA RL . -48.97 61.89 86.79
CMC CLA RL . -48.07 58.72 88.58
CAC CLA RL . -47.08 60.26 85.93
CBC CLA RL . -45.73 60.70 86.44
ND CLA RL . -50.51 64.38 86.78
C1D CLA RL . -49.57 64.11 85.83
C2D CLA RL . -49.44 65.18 84.85
C3D CLA RL . -50.39 66.11 85.28
C4D CLA RL . -51.02 65.61 86.42
CMD CLA RL . -48.57 65.39 83.64
CAD CLA RL . -50.95 67.40 84.94
OBD CLA RL . -50.55 68.14 84.07
CBD CLA RL . -51.99 67.71 85.97
CGD CLA RL . -51.57 68.95 86.70
O1D CLA RL . -51.90 70.05 86.31
O2D CLA RL . -50.81 68.86 87.79
CED CLA RL . -51.16 69.72 88.88
MG CLA SL . -45.30 47.10 83.63
CHA CLA SL . -42.83 44.98 84.80
CHB CLA SL . -43.67 49.82 84.98
CHC CLA SL . -47.66 49.04 82.38
CHD CLA SL . -46.93 44.31 82.19
NA CLA SL . -43.43 47.40 84.77
C1A CLA SL . -42.58 46.44 85.14
C2A CLA SL . -41.41 46.98 85.91
C3A CLA SL . -41.70 48.48 85.95
C4A CLA SL . -43.01 48.61 85.20
CMA CLA SL . -41.46 49.27 87.24
CAA CLA SL . -40.11 46.80 85.11
CBA CLA SL . -40.25 47.25 83.67
CGA CLA SL . -40.13 46.06 82.74
O1A CLA SL . -39.02 45.65 82.46
O2A CLA SL . -41.21 45.50 82.24
NB CLA SL . -45.61 49.12 83.67
C1B CLA SL . -44.87 50.08 84.28
C2B CLA SL . -45.48 51.38 84.10
C3B CLA SL . -46.61 51.13 83.36
C4B CLA SL . -46.67 49.70 83.10
CMB CLA SL . -44.98 52.69 84.62
CAB CLA SL . -47.63 52.09 82.89
CBB CLA SL . -47.26 53.29 82.04
NC CLA SL . -46.98 46.74 82.41
C1C CLA SL . -47.84 47.68 82.04
C2C CLA SL . -48.97 47.13 81.25
C3C CLA SL . -48.73 45.80 81.19
C4C CLA SL . -47.49 45.55 81.92
CMC CLA SL . -50.12 47.91 80.66
CAC CLA SL . -49.59 44.77 80.49
CBC CLA SL . -49.02 44.49 79.12
ND CLA SL . -45.04 45.15 83.45
C1D CLA SL . -45.72 44.11 82.90
C2D CLA SL . -45.08 42.82 83.17
C3D CLA SL . -43.95 43.18 83.90
C4D CLA SL . -43.94 44.57 84.07
CMD CLA SL . -45.39 41.39 82.82
CAD CLA SL . -42.80 42.62 84.56
OBD CLA SL . -42.64 41.44 84.85
CBD CLA SL . -42.01 43.75 85.13
CGD CLA SL . -41.90 43.58 86.62
O1D CLA SL . -42.84 43.15 87.28
O2D CLA SL . -40.77 43.90 87.24
CED CLA SL . -40.00 42.80 87.75
C1 CLA SL . -41.82 45.93 80.99
C2 CLA SL . -42.77 47.10 80.91
C3 CLA SL . -43.89 47.03 80.17
C4 CLA SL . -44.25 45.80 79.40
C5 CLA SL . -44.85 48.18 80.07
C6 CLA SL . -44.88 48.68 78.63
C7 CLA SL . -45.32 50.15 78.57
C8 CLA SL . -44.16 51.08 78.90
C9 CLA SL . -44.48 51.93 80.13
C10 CLA SL . -43.84 51.97 77.71
C11 CLA SL . -42.57 51.55 76.99
C12 CLA SL . -41.42 51.31 77.96
C13 CLA SL . -40.24 52.25 77.72
C14 CLA SL . -40.48 53.61 78.38
C15 CLA SL . -39.96 52.40 76.23
C16 CLA SL . -38.51 52.05 75.91
C17 CLA SL . -38.27 50.55 76.07
C18 CLA SL . -37.63 49.96 74.82
C19 CLA SL . -37.15 48.53 75.08
C20 CLA SL . -38.60 50.01 73.64
MG CLA TL . -36.31 51.75 83.73
CHA CLA TL . -37.01 49.87 80.91
CHB CLA TL . -32.93 51.51 83.11
CHC CLA TL . -35.78 53.63 86.39
CHD CLA TL . -39.79 51.99 84.35
NA CLA TL . -35.07 50.80 82.17
C1A CLA TL . -35.53 50.09 81.13
C2A CLA TL . -34.39 49.58 80.27
C3A CLA TL . -33.14 50.09 80.99
C4A CLA TL . -33.71 50.84 82.16
CMA CLA TL . -31.95 49.17 81.20
CAA CLA TL . -34.42 50.21 78.87
CBA CLA TL . -34.81 51.68 78.92
CGA CLA TL . -33.76 52.50 78.19
O1A CLA TL . -33.68 52.44 76.98
O2A CLA TL . -32.95 53.28 78.90
NB CLA TL . -34.62 52.47 84.60
C1B CLA TL . -33.32 52.25 84.24
C2B CLA TL . -32.43 52.91 85.16
C3B CLA TL . -33.24 53.50 86.09
C4B CLA TL . -34.62 53.22 85.72
CMB CLA TL . -30.93 52.93 85.12
CAB CLA TL . -32.81 54.31 87.25
CBB CLA TL . -33.06 53.85 88.67
NC CLA TL . -37.58 52.73 85.09
C1C CLA TL . -37.15 53.40 86.15
C2C CLA TL . -38.25 53.88 87.03
C3C CLA TL . -39.38 53.43 86.40
C4C CLA TL . -38.96 52.71 85.21
CMC CLA TL . -38.13 54.67 88.30
CAC CLA TL . -40.80 53.63 86.89
CBC CLA TL . -41.43 54.79 86.15
ND CLA TL . -38.01 51.14 82.93
C1D CLA TL . -39.35 51.27 83.21
C2D CLA TL . -40.19 50.59 82.24
C3D CLA TL . -39.26 50.04 81.34
C4D CLA TL . -37.97 50.38 81.77
CMD CLA TL . -41.66 50.40 82.06
CAD CLA TL . -39.17 49.25 80.14
OBD CLA TL . -40.10 48.71 79.57
CBD CLA TL . -37.72 49.07 79.83
CGD CLA TL . -37.36 47.63 79.94
O1D CLA TL . -37.03 47.15 81.01
O2D CLA TL . -37.41 46.84 78.88
CED CLA TL . -38.27 45.71 78.97
C1 CLA TL . -33.47 54.25 79.85
C2 CLA TL . -34.53 55.25 79.45
C3 CLA TL . -34.58 56.48 79.99
C4 CLA TL . -33.56 56.91 81.01
C1 LUT UL . -44.93 51.61 89.11
C2 LUT UL . -44.59 50.31 89.84
C3 LUT UL . -44.74 49.08 88.94
C4 LUT UL . -46.18 48.99 88.48
C5 LUT UL . -46.62 50.29 87.85
C6 LUT UL . -46.21 51.48 88.32
C7 LUT UL . -46.98 52.71 88.02
C8 LUT UL . -48.13 53.02 88.63
C9 LUT UL . -48.83 54.26 88.29
C10 LUT UL . -50.01 54.52 88.87
C11 LUT UL . -50.77 55.73 88.59
C12 LUT UL . -51.72 56.03 89.47
C13 LUT UL . -52.57 57.22 89.36
C14 LUT UL . -53.40 57.49 90.39
C15 LUT UL . -54.28 58.65 90.39
C16 LUT UL . -43.81 51.95 88.13
C17 LUT UL . -45.03 52.71 90.16
C18 LUT UL . -47.55 50.20 86.67
C19 LUT UL . -48.22 55.24 87.32
C20 LUT UL . -52.54 58.09 88.13
O3 LUT UL . -44.42 47.92 89.70
C21 LUT UL . -62.59 66.92 95.17
C22 LUT UL . -63.25 68.27 94.95
C23 LUT UL . -64.74 68.11 94.70
C24 LUT UL . -64.92 67.36 93.39
C25 LUT UL . -64.24 66.01 93.52
C26 LUT UL . -63.06 65.88 94.16
C27 LUT UL . -62.44 64.52 94.22
C28 LUT UL . -61.49 64.17 93.35
C29 LUT UL . -60.87 62.84 93.44
C30 LUT UL . -59.61 62.71 93.00
C31 LUT UL . -58.88 61.45 93.04
C32 LUT UL . -58.01 61.20 92.06
C33 LUT UL . -57.22 59.96 92.08
C34 LUT UL . -56.09 59.91 91.33
C35 LUT UL . -55.23 58.75 91.31
C36 LUT UL . -62.97 66.41 96.55
C37 LUT UL . -61.08 67.12 95.12
C38 LUT UL . -64.94 64.82 92.93
C39 LUT UL . -61.61 61.68 94.03
C40 LUT UL . -57.64 58.78 92.90
O23 LUT UL . -65.36 69.40 94.60
C1 LUT VL . -59.03 45.70 95.09
C2 LUT VL . -57.83 45.08 95.77
C3 LUT VL . -57.21 46.00 96.81
C4 LUT VL . -56.77 47.29 96.14
C5 LUT VL . -57.89 47.88 95.31
C6 LUT VL . -58.75 47.11 94.63
C7 LUT VL . -59.44 47.61 93.42
C8 LUT VL . -58.83 47.86 92.26
C9 LUT VL . -59.60 48.33 91.09
C10 LUT VL . -58.98 48.51 89.91
C11 LUT VL . -59.71 48.95 88.71
C12 LUT VL . -59.10 48.74 87.55
C13 LUT VL . -59.71 49.11 86.24
C14 LUT VL . -58.94 48.99 85.14
C15 LUT VL . -59.45 49.30 83.81
C16 LUT VL . -60.20 45.75 96.07
C17 LUT VL . -59.39 44.83 93.91
C18 LUT VL . -58.02 49.38 95.29
C19 LUT VL . -61.07 48.63 91.23
C20 LUT VL . -61.12 49.58 86.15
O3 LUT VL . -56.05 45.36 97.35
C21 LUT VL . -59.58 49.41 71.04
C22 LUT VL . -59.79 49.77 69.58
C23 LUT VL . -58.94 50.95 69.16
C24 LUT VL . -59.45 52.16 69.93
C25 LUT VL . -59.32 51.89 71.41
C26 LUT VL . -59.27 50.63 71.91
C27 LUT VL . -58.50 50.44 73.17
C28 LUT VL . -59.09 50.00 74.29
C29 LUT VL . -58.34 49.79 75.53
C30 LUT VL . -58.97 49.26 76.58
C31 LUT VL . -58.33 49.01 77.87
C32 LUT VL . -58.99 49.30 78.99
C33 LUT VL . -58.43 49.05 80.33
C34 LUT VL . -59.23 49.18 81.39
C35 LUT VL . -58.74 48.93 82.75
C36 LUT VL . -58.41 48.45 71.13
C37 LUT VL . -60.85 48.73 71.53
C38 LUT VL . -59.25 53.05 72.35
C39 LUT VL . -56.88 50.16 75.62
C40 LUT VL . -56.99 48.64 80.48
O23 LUT VL . -59.07 51.20 67.76
C1 XAT WL . -63.63 32.76 92.68
C2 XAT WL . -62.24 32.35 92.23
C3 XAT WL . -61.42 33.53 91.73
C4 XAT WL . -61.11 34.42 92.93
C5 XAT WL . -62.40 34.94 93.55
C6 XAT WL . -63.65 34.12 93.44
C7 XAT WL . -64.84 34.46 94.31
C8 XAT WL . -65.79 35.27 93.85
C9 XAT WL . -66.96 35.61 94.67
C10 XAT WL . -67.93 36.40 94.20
C11 XAT WL . -69.14 36.82 94.90
C12 XAT WL . -70.06 37.59 94.28
C13 XAT WL . -71.42 37.85 94.70
C14 XAT WL . -72.13 38.86 94.17
C15 XAT WL . -73.48 39.09 94.57
C16 XAT WL . -64.19 31.68 93.59
C17 XAT WL . -64.53 32.88 91.45
C18 XAT WL . -62.32 36.01 94.62
C19 XAT WL . -67.08 35.07 96.07
C20 XAT WL . -72.05 36.97 95.75
O3 XAT WL . -60.20 33.07 91.17
O4 XAT WL . -63.40 35.23 92.53
C21 XAT WL . -85.98 40.97 92.61
C22 XAT WL . -87.48 40.90 92.92
C23 XAT WL . -88.10 42.16 93.50
C24 XAT WL . -87.37 42.65 94.74
C25 XAT WL . -85.86 42.72 94.59
C26 XAT WL . -85.22 41.98 93.46
C27 XAT WL . -83.84 42.41 93.02
C28 XAT WL . -82.77 41.81 93.51
C29 XAT WL . -81.35 42.06 93.17
C30 XAT WL . -80.36 41.50 93.87
C31 XAT WL . -78.96 41.75 93.50
C32 XAT WL . -77.97 41.01 93.99
C33 XAT WL . -76.51 41.10 93.72
C34 XAT WL . -75.68 40.18 94.24
C35 XAT WL . -74.24 40.05 94.01
C36 XAT WL . -85.79 41.30 91.14
C37 XAT WL . -85.39 39.59 92.87
C38 XAT WL . -85.11 43.93 95.13
C39 XAT WL . -81.03 42.94 91.99
C40 XAT WL . -75.97 42.23 92.89
O23 XAT WL . -88.10 43.20 92.52
O24 XAT WL . -85.17 41.49 94.80
C1 NEX XL . -84.19 59.88 98.72
C2 NEX XL . -85.65 60.20 98.38
C3 NEX XL . -86.74 59.89 99.41
C4 NEX XL . -86.28 59.03 100.59
C5 NEX XL . -85.25 57.97 100.19
C6 NEX XL . -84.04 58.71 99.67
C7 NEX XL . -82.89 58.39 100.06
C8 NEX XL . -81.60 58.05 100.50
C9 NEX XL . -80.72 56.90 100.20
C10 NEX XL . -79.51 56.93 100.49
C11 NEX XL . -78.47 55.94 100.16
C12 NEX XL . -77.34 56.09 100.45
C13 NEX XL . -76.15 55.33 100.00
C14 NEX XL . -75.01 55.51 100.51
C15 NEX XL . -73.77 54.83 100.11
C16 NEX XL . -83.50 61.09 99.33
C17 NEX XL . -83.47 59.50 97.44
C18 NEX XL . -84.87 57.14 101.40
C19 NEX XL . -81.31 55.68 99.53
C20 NEX XL . -76.28 54.33 98.89
O3 NEX XL . -87.24 61.13 99.93
O4 NEX XL . -85.78 57.11 99.19
C21 NEX XL . -62.24 54.53 100.08
C22 NEX XL . -60.87 54.31 100.73
C23 NEX XL . -60.93 53.33 101.89
C24 NEX XL . -61.24 51.95 101.34
C25 NEX XL . -62.58 51.96 100.59
C26 NEX XL . -63.06 53.25 99.94
C27 NEX XL . -64.01 53.11 98.78
C28 NEX XL . -65.32 53.35 98.91
C29 NEX XL . -66.12 53.21 97.84
C30 NEX XL . -67.35 53.43 97.91
C31 NEX XL . -68.14 54.21 98.88
C32 NEX XL . -69.32 54.10 98.92
C33 NEX XL . -70.34 54.99 99.56
C34 NEX XL . -71.54 54.63 99.56
C35 NEX XL . -72.70 55.28 100.18
C36 NEX XL . -62.02 55.15 98.71
C37 NEX XL . -63.02 55.52 100.94
C38 NEX XL . -63.14 50.64 100.05
C39 NEX XL . -65.54 52.78 96.52
C40 NEX XL . -69.94 56.28 100.18
O23 NEX XL . -59.66 53.29 102.53
O24 NEX XL . -63.57 52.78 101.19
O1 LHG YL . -45.61 66.81 72.17
C1 LHG YL . -46.87 67.33 72.60
C2 LHG YL . -47.16 66.82 74.01
O2 LHG YL . -46.26 65.76 74.31
C3 LHG YL . -48.59 66.30 74.08
O3 LHG YL . -48.56 64.96 74.57
P LHG YL . -49.71 64.45 75.57
O4 LHG YL . -49.65 65.29 76.82
O5 LHG YL . -50.99 64.33 74.81
O6 LHG YL . -49.22 62.96 75.96
C4 LHG YL . -50.19 61.93 76.11
C5 LHG YL . -49.60 60.71 76.77
C6 LHG YL . -50.38 60.49 78.07
O7 LHG YL . -49.77 59.56 75.95
C7 LHG YL . -48.68 58.76 75.91
O9 LHG YL . -48.15 58.41 76.94
C8 LHG YL . -48.11 58.31 74.59
C9 LHG YL . -47.15 57.16 74.83
C10 LHG YL . -47.77 55.83 74.43
O8 LHG YL . -50.96 59.19 78.08
C23 LHG YL . -52.28 59.06 78.05
O10 LHG YL . -52.98 60.05 78.06
C24 LHG YL . -52.90 57.68 78.03
C11 LHG YL . -46.79 54.69 74.67
C12 LHG YL . -47.11 53.47 73.82
C13 LHG YL . -46.54 52.22 74.49
C14 LHG YL . -47.45 51.01 74.29
C15 LHG YL . -47.38 50.09 75.50
C16 LHG YL . -46.75 48.74 75.15
C17 LHG YL . -47.57 48.00 74.09
C18 LHG YL . -47.30 46.51 74.15
C19 LHG YL . -48.12 45.87 75.27
C20 LHG YL . -48.25 44.36 75.08
C21 LHG YL . -46.91 43.66 75.35
C22 LHG YL . -47.14 42.23 75.79
C25 LHG YL . -51.80 56.65 77.76
C26 LHG YL . -51.35 55.99 79.05
C27 LHG YL . -50.19 55.03 78.81
C28 LHG YL . -48.86 55.68 79.15
C29 LHG YL . -47.70 54.81 78.64
C30 LHG YL . -46.36 55.32 79.14
C31 LHG YL . -45.35 55.42 78.02
C32 LHG YL . -43.98 55.87 78.53
C33 LHG YL . -43.03 56.18 77.39
C34 LHG YL . -42.70 57.66 77.33
C35 LHG YL . -41.42 57.91 76.52
C36 LHG YL . -41.41 59.31 75.92
C37 LHG YL . -40.51 59.35 74.68
C38 LHG YL . -39.75 60.65 74.61
C1 LUT ZL . 8.26 -34.48 -64.09
C2 LUT ZL . 8.44 -35.89 -63.53
C3 LUT ZL . 9.35 -35.95 -62.31
C4 LUT ZL . 10.67 -35.36 -62.75
C5 LUT ZL . 10.45 -33.89 -63.00
C6 LUT ZL . 9.31 -33.49 -63.61
C7 LUT ZL . 9.02 -32.05 -63.81
C8 LUT ZL . 9.50 -31.32 -64.81
C9 LUT ZL . 9.15 -29.89 -64.91
C10 LUT ZL . 10.05 -28.95 -64.61
C11 LUT ZL . 9.72 -27.54 -64.73
C12 LUT ZL . 10.31 -26.63 -63.96
C13 LUT ZL . 9.96 -25.21 -64.14
C14 LUT ZL . 10.28 -24.30 -63.19
C15 LUT ZL . 9.94 -22.90 -63.40
C16 LUT ZL . 6.90 -33.96 -63.68
C17 LUT ZL . 8.33 -34.57 -65.61
C18 LUT ZL . 11.51 -32.95 -62.53
C19 LUT ZL . 7.78 -29.50 -65.37
C20 LUT ZL . 9.26 -24.77 -65.39
O3 LUT ZL . 9.53 -37.30 -61.91
C21 LUT ZL . 13.79 -10.65 -61.64
C22 LUT ZL . 13.18 -9.39 -62.25
C23 LUT ZL . 12.47 -8.57 -61.20
C24 LUT ZL . 11.32 -9.39 -60.62
C25 LUT ZL . 11.88 -10.67 -60.08
C26 LUT ZL . 12.70 -11.39 -60.87
C27 LUT ZL . 12.81 -12.85 -60.67
C28 LUT ZL . 11.94 -13.66 -61.26
C29 LUT ZL . 12.04 -15.12 -61.10
C30 LUT ZL . 11.43 -15.92 -61.97
C31 LUT ZL . 11.55 -17.37 -61.84
C32 LUT ZL . 10.61 -18.20 -62.28
C33 LUT ZL . 10.86 -19.64 -62.09
C34 LUT ZL . 10.28 -20.56 -62.89
C35 LUT ZL . 10.58 -21.97 -62.69
C36 LUT ZL . 14.89 -10.27 -60.67
C37 LUT ZL . 14.37 -11.53 -62.74
C38 LUT ZL . 11.54 -11.13 -58.69
C39 LUT ZL . 12.84 -15.68 -59.97
C40 LUT ZL . 11.79 -20.08 -61.00
O23 LUT ZL . 11.99 -7.34 -61.74
C1 XAT AM . 10.01 -28.09 -51.65
C2 XAT AM . 10.97 -28.96 -50.85
C3 XAT AM . 10.65 -29.06 -49.37
C4 XAT AM . 9.28 -29.69 -49.22
C5 XAT AM . 8.21 -28.83 -49.88
C6 XAT AM . 8.56 -27.98 -51.05
C7 XAT AM . 7.48 -27.48 -51.96
C8 XAT AM . 6.72 -26.40 -51.73
C9 XAT AM . 5.72 -26.06 -52.75
C10 XAT AM . 4.54 -25.50 -52.45
C11 XAT AM . 3.54 -25.16 -53.47
C12 XAT AM . 2.28 -25.59 -53.38
C13 XAT AM . 1.48 -26.06 -54.49
C14 XAT AM . 0.17 -26.36 -54.35
C15 XAT AM . -0.67 -26.20 -55.49
C16 XAT AM . 9.89 -28.71 -53.04
C17 XAT AM . 10.60 -26.70 -51.79
C18 XAT AM . 6.76 -29.22 -49.70
C19 XAT AM . 6.00 -26.39 -54.19
C20 XAT AM . 2.11 -26.26 -55.82
O3 XAT AM . 11.62 -29.92 -48.76
O4 XAT AM . 8.49 -27.41 -49.71
C21 XAT AM . -11.26 -25.22 -60.63
C22 XAT AM . -12.27 -24.30 -61.31
C23 XAT AM . -12.46 -24.49 -62.81
C24 XAT AM . -11.12 -24.46 -63.55
C25 XAT AM . -10.13 -25.48 -63.00
C26 XAT AM . -10.30 -25.93 -61.59
C27 XAT AM . -9.67 -27.25 -61.20
C28 XAT AM . -8.72 -27.26 -60.28
C29 XAT AM . -7.43 -27.98 -60.23
C30 XAT AM . -6.52 -27.56 -59.35
C31 XAT AM . -5.21 -28.16 -59.18
C32 XAT AM . -4.37 -27.51 -58.37
C33 XAT AM . -3.02 -27.82 -57.86
C34 XAT AM . -2.51 -27.04 -56.89
C35 XAT AM . -1.34 -27.23 -56.07
C36 XAT AM . -12.01 -26.27 -59.83
C37 XAT AM . -10.45 -24.36 -59.66
C38 XAT AM . -9.47 -26.46 -63.96
C39 XAT AM . -7.16 -29.15 -61.14
C40 XAT AM . -2.24 -28.98 -58.40
O23 XAT AM . -13.14 -25.72 -63.08
O24 XAT AM . -9.27 -25.00 -61.97
C1 NEX BM . 6.62 -3.67 -36.32
C2 NEX BM . 5.38 -2.96 -35.78
C3 NEX BM . 4.91 -1.74 -36.56
C4 NEX BM . 4.82 -2.05 -38.06
C5 NEX BM . 6.20 -2.40 -38.58
C6 NEX BM . 6.72 -3.60 -37.82
C7 NEX BM . 7.21 -4.58 -38.46
C8 NEX BM . 7.72 -5.67 -39.17
C9 NEX BM . 9.01 -6.40 -39.11
C10 NEX BM . 9.29 -7.26 -39.99
C11 NEX BM . 10.51 -8.04 -40.19
C12 NEX BM . 10.67 -8.74 -41.12
C13 NEX BM . 11.83 -9.52 -41.59
C14 NEX BM . 11.77 -10.14 -42.68
C15 NEX BM . 12.33 -11.45 -43.02
C16 NEX BM . 6.57 -5.13 -35.87
C17 NEX BM . 7.85 -3.02 -35.71
C18 NEX BM . 6.10 -2.71 -40.08
C19 NEX BM . 9.97 -6.11 -38.01
C20 NEX BM . 13.08 -9.56 -40.77
O3 NEX BM . 3.62 -1.33 -36.10
O4 NEX BM . 7.09 -1.30 -38.41
C21 NEX BM . 14.84 -19.38 -50.76
C22 NEX BM . 15.91 -20.32 -51.29
C23 NEX BM . 16.79 -20.88 -50.18
C24 NEX BM . 15.95 -21.82 -49.33
C25 NEX BM . 14.77 -21.08 -48.72
C26 NEX BM . 14.21 -19.87 -49.46
C27 NEX BM . 12.81 -19.40 -49.10
C28 NEX BM . 12.65 -18.44 -48.19
C29 NEX BM . 11.42 -18.01 -47.86
C30 NEX BM . 11.30 -17.11 -47.00
C31 NEX BM . 12.23 -16.05 -46.60
C32 NEX BM . 12.04 -15.36 -45.67
C33 NEX BM . 12.48 -13.95 -45.44
C34 NEX BM . 12.23 -13.37 -44.35
C35 NEX BM . 12.26 -11.93 -44.10
C36 NEX BM . 13.75 -19.22 -51.82
C37 NEX BM . 15.48 -18.02 -50.51
C38 NEX BM . 13.88 -21.78 -47.70
C39 NEX BM . 10.20 -18.58 -48.52
C40 NEX BM . 13.23 -13.23 -46.51
O23 NEX BM . 17.89 -21.60 -50.75
O24 NEX BM . 15.10 -19.75 -48.35
MG CLA CM . -7.69 -22.60 -63.19
CHA CLA CM . -9.60 -20.54 -65.20
CHB CLA CM . -8.53 -20.76 -60.40
CHC CLA CM . -5.91 -24.70 -61.37
CHD CLA CM . -6.86 -24.52 -66.07
NA CLA CM . -8.95 -20.84 -62.81
C1A CLA CM . -9.63 -20.15 -63.74
C2A CLA CM . -10.36 -18.98 -63.14
C3A CLA CM . -9.98 -19.07 -61.64
C4A CLA CM . -9.11 -20.29 -61.59
CMA CLA CM . -9.51 -17.81 -60.95
CAA CLA CM . -11.88 -19.11 -63.25
CBA CLA CM . -12.40 -20.43 -62.68
CGA CLA CM . -13.36 -20.17 -61.55
O1A CLA CM . -13.14 -19.26 -60.76
O2A CLA CM . -14.43 -20.93 -61.42
NB CLA CM . -7.29 -22.72 -61.20
C1B CLA CM . -7.69 -21.88 -60.20
C2B CLA CM . -7.13 -22.30 -58.94
C3B CLA CM . -6.39 -23.42 -59.24
C4B CLA CM . -6.51 -23.66 -60.66
CMB CLA CM . -7.34 -21.64 -57.60
CAB CLA CM . -5.60 -24.27 -58.31
CBB CLA CM . -4.49 -23.69 -57.46
NC CLA CM . -6.62 -24.37 -63.64
C1C CLA CM . -5.91 -25.04 -62.74
C2C CLA CM . -5.15 -26.17 -63.34
C3C CLA CM . -5.46 -26.12 -64.67
C4C CLA CM . -6.37 -24.99 -64.85
CMC CLA CM . -4.25 -27.15 -62.63
CAC CLA CM . -4.94 -27.04 -65.75
CBC CLA CM . -5.97 -28.13 -66.02
ND CLA CM . -8.07 -22.63 -65.14
C1D CLA CM . -7.72 -23.39 -66.21
C2D CLA CM . -8.29 -22.90 -67.45
C3D CLA CM . -9.03 -21.79 -67.04
C4D CLA CM . -8.89 -21.64 -65.66
CMD CLA CM . -8.23 -23.34 -68.89
CAD CLA CM . -9.89 -20.74 -67.55
OBD CLA CM . -10.26 -20.61 -68.69
CBD CLA CM . -10.25 -19.86 -66.39
CGD CLA CM . -9.62 -18.51 -66.60
O1D CLA CM . -10.23 -17.64 -67.18
O2D CLA CM . -8.39 -18.27 -66.18
CED CLA CM . -8.19 -17.05 -65.47
C1 CLA CM . -14.88 -21.33 -60.08
C2 CLA CM . -13.92 -21.94 -59.08
C3 CLA CM . -14.37 -22.68 -58.05
C4 CLA CM . -15.83 -22.95 -57.86
C5 CLA CM . -13.43 -23.30 -57.04
C6 CLA CM . -13.78 -24.77 -56.84
C7 CLA CM . -12.65 -25.53 -56.16
C8 CLA CM . -12.94 -27.03 -56.12
C9 CLA CM . -13.83 -27.38 -54.93
C10 CLA CM . -11.62 -27.80 -56.05
C11 CLA CM . -11.78 -29.20 -56.63
C12 CLA CM . -10.70 -29.49 -57.67
C13 CLA CM . -10.59 -30.98 -57.97
C14 CLA CM . -9.55 -31.23 -59.06
C15 CLA CM . -11.95 -31.52 -58.38
MG CLA DM . -4.42 -24.76 -51.61
CHA CLA DM . -7.12 -22.60 -51.59
CHB CLA DM . -2.87 -22.94 -49.13
CHC CLA DM . -1.96 -26.97 -51.64
CHD CLA DM . -6.04 -26.64 -54.15
NA CLA DM . -4.93 -22.96 -50.45
C1A CLA DM . -6.05 -22.23 -50.58
C2A CLA DM . -6.06 -21.05 -49.64
C3A CLA DM . -4.73 -21.20 -48.90
C4A CLA DM . -4.12 -22.42 -49.51
CMA CLA DM . -3.86 -19.98 -48.60
CAA CLA DM . -7.19 -21.14 -48.61
CBA CLA DM . -7.45 -22.58 -48.17
CGA CLA DM . -8.94 -22.86 -48.25
O1A CLA DM . -9.69 -21.98 -48.62
O2A CLA DM . -9.38 -24.06 -47.91
NB CLA DM . -2.69 -24.93 -50.54
C1B CLA DM . -2.20 -24.08 -49.60
C2B CLA DM . -0.91 -24.54 -49.16
C3B CLA DM . -0.66 -25.68 -49.89
C4B CLA DM . -1.80 -25.92 -50.76
CMB CLA DM . -0.02 -23.88 -48.13
CAB CLA DM . 0.53 -26.57 -49.84
CBB CLA DM . 1.92 -26.04 -50.08
NC CLA DM . -4.09 -26.54 -52.68
C1C CLA DM . -3.00 -27.29 -52.55
C2C CLA DM . -2.98 -28.47 -53.46
C3C CLA DM . -4.17 -28.37 -54.14
C4C CLA DM . -4.84 -27.16 -53.66
CMC CLA DM . -1.91 -29.53 -53.57
CAC CLA DM . -4.67 -29.33 -55.20
CBC CLA DM . -5.62 -30.32 -54.58
ND CLA DM . -6.12 -24.74 -52.65
C1D CLA DM . -6.68 -25.49 -53.63
C2D CLA DM . -7.97 -24.96 -54.05
C3D CLA DM . -8.13 -23.83 -53.25
C4D CLA DM . -7.01 -23.72 -52.41
CMD CLA DM . -9.01 -25.38 -55.06
CAD CLA DM . -9.05 -22.76 -52.97
OBD CLA DM . -10.21 -22.71 -53.31
CBD CLA DM . -8.42 -21.89 -51.91
CGD CLA DM . -8.12 -20.54 -52.51
O1D CLA DM . -7.52 -20.45 -53.57
O2D CLA DM . -8.51 -19.44 -51.88
CED CLA DM . -9.60 -18.73 -52.46
C1 CLA DM . -10.07 -24.25 -46.63
C2 CLA DM . -9.57 -23.56 -45.39
C3 CLA DM . -9.57 -24.19 -44.21
C4 CLA DM . -10.05 -25.61 -44.05
C5 CLA DM . -9.08 -23.52 -42.94
C6 CLA DM . -7.66 -22.98 -43.16
C7 CLA DM . -6.63 -24.09 -43.28
C8 CLA DM . -6.48 -24.86 -41.97
C9 CLA DM . -6.10 -23.93 -40.82
C10 CLA DM . -5.48 -26.01 -42.17
C11 CLA DM . -4.10 -25.77 -41.55
C12 CLA DM . -3.09 -25.27 -42.58
C13 CLA DM . -2.42 -26.43 -43.31
C14 CLA DM . -1.14 -26.87 -42.61
C15 CLA DM . -2.13 -26.01 -44.75
MG CLA EM . 15.61 -24.89 -51.07
CHA CLA EM . 17.90 -26.90 -49.41
CHB CLA EM . 13.26 -25.47 -48.63
CHC CLA EM . 13.56 -22.86 -52.68
CHD CLA EM . 18.04 -24.31 -53.56
NA CLA EM . 15.56 -26.06 -49.20
C1A CLA EM . 16.57 -26.79 -48.71
C2A CLA EM . 16.18 -27.48 -47.42
C3A CLA EM . 14.72 -27.03 -47.23
C4A CLA EM . 14.48 -26.13 -48.40
CMA CLA EM . 13.70 -28.12 -46.96
CAA CLA EM . 17.04 -26.99 -46.25
CBA CLA EM . 16.66 -25.62 -45.69
CGA CLA EM . 17.55 -24.53 -46.22
O1A CLA EM . 17.45 -24.19 -47.39
O2A CLA EM . 18.42 -23.96 -45.41
NB CLA EM . 13.71 -24.25 -50.70
C1B CLA EM . 12.88 -24.61 -49.68
C2B CLA EM . 11.61 -23.97 -49.83
C3B CLA EM . 11.71 -23.23 -50.98
C4B CLA EM . 13.04 -23.42 -51.52
CMB CLA EM . 10.44 -24.10 -48.90
CAB CLA EM . 10.70 -22.37 -51.64
CBB CLA EM . 9.29 -22.85 -51.94
NC CLA EM . 15.81 -23.70 -52.79
C1C CLA EM . 14.81 -22.99 -53.31
C2C CLA EM . 15.18 -22.38 -54.62
C3C CLA EM . 16.47 -22.78 -54.83
C4C CLA EM . 16.85 -23.60 -53.69
CMC CLA EM . 14.32 -21.53 -55.50
CAC CLA EM . 17.33 -22.44 -56.02
CBC CLA EM . 18.20 -21.25 -55.69
ND CLA EM . 17.48 -25.40 -51.48
C1D CLA EM . 18.37 -25.14 -52.47
C2D CLA EM . 19.64 -25.81 -52.27
C3D CLA EM . 19.44 -26.51 -51.08
C4D CLA EM . 18.15 -26.24 -50.62
CMD CLA EM . 20.93 -25.89 -53.04
CAD CLA EM . 20.12 -27.38 -50.14
OBD CLA EM . 21.33 -27.46 -50.04
CBD CLA EM . 19.14 -27.68 -49.04
CGD CLA EM . 18.88 -29.15 -48.99
O1D CLA EM . 19.58 -29.87 -48.31
O2D CLA EM . 17.87 -29.68 -49.68
CED CLA EM . 17.15 -30.72 -49.02
C1 CLA EM . 18.44 -22.51 -45.18
C2 CLA EM . 18.67 -21.53 -46.30
C3 CLA EM . 19.38 -20.41 -46.10
C4 CLA EM . 19.59 -19.45 -47.23
MG CHL FM . 12.60 -23.17 -43.96
CHA CHL FM . 15.19 -21.24 -42.88
CHB CHL FM . 10.88 -20.32 -44.79
CHC CHL FM . 10.25 -25.04 -45.14
CHD CHL FM . 14.45 -26.03 -42.93
NA CHL FM . 12.97 -21.16 -43.84
C1A CHL FM . 14.13 -20.55 -43.43
C2A CHL FM . 14.04 -19.04 -43.59
C3A CHL FM . 12.60 -18.79 -43.90
C4A CHL FM . 12.08 -20.18 -44.20
CMA CHL FM . 11.78 -17.83 -43.03
CAA CHL FM . 14.98 -18.52 -44.70
CBA CHL FM . 15.05 -17.00 -44.81
CGA CHL FM . 16.29 -16.51 -45.47
NB CHL FM . 10.83 -22.72 -44.86
C1B CHL FM . 10.28 -21.52 -45.13
C2B CHL FM . 9.03 -21.72 -45.78
C3B CHL FM . 8.82 -23.07 -45.92
C4B CHL FM . 9.99 -23.72 -45.32
CMB CHL FM . 8.11 -20.63 -46.23
CAB CHL FM . 7.67 -23.67 -46.61
CBB CHL FM . 7.38 -25.11 -46.92
NC CHL FM . 12.41 -25.20 -44.00
C1C CHL FM . 11.30 -25.73 -44.58
C2C CHL FM . 11.39 -27.18 -44.48
C3C CHL FM . 12.56 -27.46 -43.79
C4C CHL FM . 13.21 -26.22 -43.51
CMC CHL FM . 10.45 -28.11 -45.09
OMC CHL FM . 10.53 -29.32 -45.10
CAC CHL FM . 13.07 -28.82 -43.38
CBC CHL FM . 12.81 -29.12 -41.92
ND CHL FM . 14.37 -23.64 -43.08
C1D CHL FM . 15.01 -24.79 -42.70
C2D CHL FM . 16.28 -24.49 -42.13
C3D CHL FM . 16.40 -23.12 -42.18
C4D CHL FM . 15.22 -22.61 -42.75
CMD CHL FM . 17.27 -25.51 -41.63
CAD CHL FM . 17.26 -21.99 -41.88
OBD CHL FM . 18.36 -21.99 -41.36
CBD CHL FM . 16.54 -20.73 -42.34
CGD CHL FM . 16.44 -19.72 -41.19
O1D CHL FM . 15.43 -19.47 -40.60
O2D CHL FM . 17.62 -19.17 -40.95
CED CHL FM . 17.66 -18.17 -39.90
MG CHL GM . 7.22 -31.34 -44.29
CHA CHL GM . 8.18 -34.56 -43.55
CHB CHL GM . 5.28 -32.55 -46.82
CHC CHL GM . 6.27 -28.27 -44.91
CHD CHL GM . 9.35 -30.24 -41.71
NA CHL GM . 6.82 -33.21 -45.03
C1A CHL GM . 7.27 -34.45 -44.58
C2A CHL GM . 6.67 -35.59 -45.39
C3A CHL GM . 5.94 -34.89 -46.51
C4A CHL GM . 6.02 -33.44 -46.12
CMA CHL GM . 6.19 -35.30 -47.96
CAA CHL GM . 5.74 -36.52 -44.58
CBA CHL GM . 4.40 -35.91 -44.20
CGA CHL GM . 4.27 -35.61 -42.74
O1A CHL GM . 3.87 -36.37 -41.90
O2A CHL GM . 4.64 -34.36 -42.47
NB CHL GM . 5.94 -30.53 -45.65
C1B CHL GM . 5.22 -31.18 -46.60
C2B CHL GM . 4.44 -30.23 -47.31
C3B CHL GM . 4.69 -28.98 -46.80
C4B CHL GM . 5.66 -29.19 -45.73
CMB CHL GM . 3.51 -30.55 -48.44
CAB CHL GM . 4.05 -27.75 -47.27
CBB CHL GM . 4.19 -26.34 -46.77
NC CHL GM . 7.75 -29.56 -43.43
C1C CHL GM . 7.19 -28.40 -43.88
C2C CHL GM . 7.78 -27.31 -43.11
C3C CHL GM . 8.68 -27.87 -42.26
C4C CHL GM . 8.66 -29.29 -42.43
CMC CHL GM . 7.50 -25.89 -43.14
OMC CHL GM . 6.70 -25.33 -43.87
CAC CHL GM . 9.65 -27.10 -41.39
CBC CHL GM . 9.32 -27.20 -39.94
ND CHL GM . 8.50 -32.13 -42.91
C1D CHL GM . 9.27 -31.60 -41.93
C2D CHL GM . 9.94 -32.63 -41.22
C3D CHL GM . 9.56 -33.81 -41.82
C4D CHL GM . 8.67 -33.49 -42.85
CMD CHL GM . 10.86 -32.43 -40.05
CAD CHL GM . 9.71 -35.26 -41.82
OBD CHL GM . 10.39 -35.95 -41.08
CBD CHL GM . 8.84 -35.81 -42.93
CGD CHL GM . 9.68 -36.62 -43.91
O1D CHL GM . 10.73 -36.26 -44.38
O2D CHL GM . 9.11 -37.80 -44.17
CED CHL GM . 9.83 -38.66 -45.08
C1 CHL GM . 4.58 -33.78 -41.14
C2 CHL GM . 5.41 -32.55 -41.14
C3 CHL GM . 4.99 -31.41 -41.65
C4 CHL GM . 3.64 -31.22 -42.28
MG CLA HM . 7.13 -9.42 -50.03
CHA CLA HM . 6.86 -12.20 -52.07
CHB CLA HM . 9.75 -10.87 -48.31
CHC CLA HM . 7.36 -6.66 -48.23
CHD CLA HM . 4.46 -7.94 -51.82
NA CLA HM . 8.22 -11.33 -50.17
C1A CLA HM . 7.97 -12.32 -51.04
C2A CLA HM . 8.90 -13.50 -50.83
C3A CLA HM . 9.75 -13.05 -49.62
C4A CLA HM . 9.23 -11.68 -49.34
CMA CLA HM . 9.99 -14.02 -48.48
CAA CLA HM . 9.76 -13.70 -52.08
CBA CLA HM . 11.27 -13.42 -51.94
CGA CLA HM . 11.62 -12.03 -52.41
O1A CLA HM . 10.92 -11.49 -53.25
O2A CLA HM . 12.68 -11.44 -51.89
NB CLA HM . 8.37 -8.86 -48.52
C1B CLA HM . 9.36 -9.57 -47.92
C2B CLA HM . 9.96 -8.81 -46.86
C3B CLA HM . 9.28 -7.62 -46.84
C4B CLA HM . 8.28 -7.67 -47.89
CMB CLA HM . 11.08 -9.22 -45.95
CAB CLA HM . 9.51 -6.50 -45.90
CBB CLA HM . 10.00 -5.15 -46.40
NC CLA HM . 6.10 -7.59 -50.04
C1C CLA HM . 6.36 -6.59 -49.21
C2C CLA HM . 5.51 -5.40 -49.46
C3C CLA HM . 4.70 -5.77 -50.49
C4C CLA HM . 5.07 -7.14 -50.85
CMC CLA HM . 5.58 -4.09 -48.70
CAC CLA HM . 3.64 -4.94 -51.18
CBC CLA HM . 2.41 -4.76 -50.32
ND CLA HM . 5.94 -9.85 -51.55
C1D CLA HM . 4.89 -9.23 -52.19
C2D CLA HM . 4.33 -10.06 -53.23
C3D CLA HM . 5.10 -11.22 -53.17
C4D CLA HM . 6.06 -11.08 -52.17
CMD CLA HM . 3.20 -9.91 -54.22
CAD CLA HM . 5.26 -12.51 -53.79
OBD CLA HM . 4.48 -13.03 -54.58
CBD CLA HM . 6.40 -13.20 -53.12
CGD CLA HM . 5.93 -14.47 -52.47
O1D CLA HM . 4.85 -14.51 -51.89
O2D CLA HM . 6.67 -15.56 -52.53
CED CLA HM . 6.17 -16.62 -53.35
C1 CLA HM . 12.55 -10.37 -50.89
C2 CLA HM . 12.10 -8.97 -51.26
C3 CLA HM . 12.51 -7.91 -50.55
C4 CLA HM . 13.43 -8.05 -49.37
C5 CLA HM . 12.08 -6.50 -50.88
C6 CLA HM . 11.44 -5.85 -49.66
C7 CLA HM . 11.63 -4.33 -49.67
C8 CLA HM . 10.29 -3.60 -49.57
C9 CLA HM . 9.36 -3.97 -50.70
C10 CLA HM . 10.52 -2.10 -49.51
C11 CLA HM . 9.31 -1.39 -48.90
C12 CLA HM . 8.72 -0.37 -49.87
C13 CLA HM . 7.20 -0.50 -49.93
C14 CLA HM . 6.64 0.26 -51.14
C15 CLA HM . 6.59 0.01 -48.64
MG CLA IM . 0.03 -17.56 -46.44
CHA CLA IM . -2.32 -16.76 -48.86
CHB CLA IM . -1.49 -15.42 -44.21
CHC CLA IM . 2.24 -18.48 -44.16
CHD CLA IM . 1.57 -19.76 -48.74
NA CLA IM . -1.73 -16.23 -46.51
C1A CLA IM . -2.54 -16.04 -47.55
C2A CLA IM . -3.60 -15.01 -47.25
C3A CLA IM . -3.28 -14.61 -45.81
C4A CLA IM . -2.10 -15.47 -45.47
CMA CLA IM . -3.12 -13.14 -45.46
CAA CLA IM . -5.00 -15.63 -47.24
CBA CLA IM . -5.02 -17.02 -46.59
CGA CLA IM . -5.89 -17.08 -45.36
O1A CLA IM . -5.91 -18.11 -44.71
O2A CLA IM . -6.63 -16.03 -45.00
NB CLA IM . 0.31 -17.03 -44.49
C1B CLA IM . -0.38 -16.13 -43.75
C2B CLA IM . 0.18 -16.04 -42.42
C3B CLA IM . 1.24 -16.90 -42.42
C4B CLA IM . 1.31 -17.53 -43.74
CMB CLA IM . -0.29 -15.15 -41.30
CAB CLA IM . 2.17 -17.18 -41.30
CBB CLA IM . 1.69 -17.82 -40.02
NC CLA IM . 1.61 -18.94 -46.44
C1C CLA IM . 2.42 -19.12 -45.41
C2C CLA IM . 3.54 -20.04 -45.71
C3C CLA IM . 3.31 -20.42 -47.01
C4C CLA IM . 2.12 -19.73 -47.46
CMC CLA IM . 4.63 -20.48 -44.78
CAC CLA IM . 4.17 -21.36 -47.82
CBC CLA IM . 3.57 -22.75 -47.81
ND CLA IM . -0.23 -18.19 -48.29
C1D CLA IM . 0.43 -19.03 -49.15
C2D CLA IM . -0.19 -19.03 -50.47
C3D CLA IM . -1.25 -18.15 -50.34
C4D CLA IM . -1.27 -17.66 -49.04
CMD CLA IM . 0.11 -19.73 -51.77
CAD CLA IM . -2.34 -17.57 -51.09
OBD CLA IM . -2.41 -17.52 -52.30
CBD CLA IM . -3.10 -16.68 -50.15
CGD CLA IM . -3.11 -15.28 -50.67
O1D CLA IM . -2.08 -14.77 -51.08
O2D CLA IM . -4.23 -14.57 -50.67
CED CLA IM . -4.57 -13.94 -51.89
C1 CLA IM . -6.31 -15.25 -43.81
C2 CLA IM . -6.15 -15.84 -42.43
C3 CLA IM . -5.95 -15.05 -41.37
C4 CLA IM . -5.87 -13.56 -41.49
C5 CLA IM . -5.78 -15.61 -39.97
C6 CLA IM . -4.70 -16.69 -39.97
C7 CLA IM . -3.49 -16.24 -39.18
C8 CLA IM . -2.55 -17.40 -38.86
C9 CLA IM . -1.29 -16.90 -38.16
C10 CLA IM . -2.23 -18.16 -40.14
C11 CLA IM . -1.58 -19.52 -39.87
C12 CLA IM . -2.36 -20.33 -38.84
C13 CLA IM . -3.37 -21.26 -39.50
C14 CLA IM . -4.78 -20.96 -38.99
C15 CLA IM . -2.99 -22.71 -39.23
MG CLA JM . 7.36 -12.67 -61.68
CHA CLA JM . 7.21 -9.26 -61.18
CHB CLA JM . 6.89 -12.24 -65.07
CHC CLA JM . 7.67 -15.92 -62.03
CHD CLA JM . 7.88 -13.07 -58.19
NA CLA JM . 7.09 -10.93 -63.02
C1A CLA JM . 7.05 -9.65 -62.64
C2A CLA JM . 6.83 -8.74 -63.81
C3A CLA JM . 6.70 -9.70 -64.99
C4A CLA JM . 6.91 -11.04 -64.36
CMA CLA JM . 5.52 -9.43 -65.91
CAA CLA JM . 8.06 -7.87 -64.13
CBA CLA JM . 9.39 -8.32 -63.51
CGA CLA JM . 10.02 -9.53 -64.17
O1A CLA JM . 10.27 -9.49 -65.36
O2A CLA JM . 10.31 -10.61 -63.47
NB CLA JM . 7.31 -13.89 -63.30
C1B CLA JM . 7.05 -13.57 -64.60
C2B CLA JM . 7.02 -14.76 -65.41
C3B CLA JM . 7.23 -15.79 -64.54
C4B CLA JM . 7.41 -15.23 -63.21
CMB CLA JM . 6.76 -14.83 -66.89
CAB CLA JM . 7.29 -17.24 -64.84
CBB CLA JM . 8.26 -17.80 -65.86
NC CLA JM . 7.74 -14.23 -60.33
C1C CLA JM . 7.81 -15.51 -60.69
C2C CLA JM . 8.04 -16.41 -59.53
C3C CLA JM . 8.12 -15.57 -58.46
C4C CLA JM . 7.92 -14.21 -58.96
CMC CLA JM . 8.19 -17.90 -59.55
CAC CLA JM . 8.34 -15.97 -57.02
CBC CLA JM . 9.82 -15.82 -56.69
ND CLA JM . 7.56 -11.55 -60.06
C1D CLA JM . 7.70 -11.77 -58.72
C2D CLA JM . 7.62 -10.54 -57.94
C3D CLA JM . 7.44 -9.56 -58.92
C4D CLA JM . 7.40 -10.18 -60.17
CMD CLA JM . 7.70 -10.21 -56.47
CAD CLA JM . 7.24 -8.15 -59.08
OBD CLA JM . 6.64 -7.49 -58.26
CBD CLA JM . 7.22 -7.88 -60.55
CGD CLA JM . 5.95 -7.19 -60.92
O1D CLA JM . 4.88 -7.60 -60.52
O2D CLA JM . 5.98 -6.13 -61.74
CED CLA JM . 4.96 -5.14 -61.58
C1 CLA JM . 11.01 -11.71 -64.13
C2 CLA JM . 10.32 -12.64 -65.10
C3 CLA JM . 11.04 -13.32 -66.01
C4 CLA JM . 10.37 -14.24 -66.98
C5 CLA JM . 12.54 -13.18 -66.12
C6 CLA JM . 13.17 -14.46 -66.67
C7 CLA JM . 13.63 -15.36 -65.52
C8 CLA JM . 14.68 -14.63 -64.71
C9 CLA JM . 16.03 -14.63 -65.43
C10 CLA JM . 14.77 -15.26 -63.32
C11 CLA JM . 15.55 -16.56 -63.33
C12 CLA JM . 16.25 -16.79 -62.00
C13 CLA JM . 17.04 -15.57 -61.55
C14 CLA JM . 18.32 -15.42 -62.37
C15 CLA JM . 17.35 -15.69 -60.06
MG CLA KM . 0.75 -24.76 -75.78
CHA CLA KM . 1.94 -21.52 -75.40
CHB CLA KM . -0.12 -24.10 -79.04
CHC CLA KM . -0.23 -27.90 -76.04
CHD CLA KM . 1.66 -25.40 -72.41
NA CLA KM . 0.90 -23.00 -77.11
C1A CLA KM . 1.41 -21.81 -76.79
C2A CLA KM . 1.32 -20.83 -77.94
C3A CLA KM . 0.67 -21.68 -79.05
C4A CLA KM . 0.46 -23.01 -78.39
CMA CLA KM . -0.45 -21.06 -79.89
CAA CLA KM . 2.71 -20.43 -78.44
CBA CLA KM . 3.70 -21.59 -78.39
CGA CLA KM . 5.01 -21.17 -79.02
O1A CLA KM . 5.31 -19.98 -79.02
O2A CLA KM . 5.80 -22.09 -79.53
NB CLA KM . -0.04 -25.83 -77.31
C1B CLA KM . -0.36 -25.41 -78.56
C2B CLA KM . -0.95 -26.49 -79.31
C3B CLA KM . -0.99 -27.55 -78.45
C4B CLA KM . -0.40 -27.12 -77.18
CMB CLA KM . -1.45 -26.45 -80.73
CAB CLA KM . -1.52 -28.91 -78.72
CBB CLA KM . -2.74 -29.42 -78.00
NC CLA KM . 0.80 -26.40 -74.45
C1C CLA KM . 0.27 -27.58 -74.75
C2C CLA KM . 0.27 -28.51 -73.60
C3C CLA KM . 0.84 -27.80 -72.58
C4C CLA KM . 1.16 -26.48 -73.13
CMC CLA KM . -0.24 -29.93 -73.57
CAC CLA KM . 1.07 -28.27 -71.17
CBC CLA KM . 2.49 -28.74 -71.01
ND CLA KM . 1.58 -23.81 -74.24
C1D CLA KM . 1.92 -24.12 -72.96
C2D CLA KM . 2.51 -22.99 -72.26
C3D CLA KM . 2.52 -21.99 -73.23
C4D CLA KM . 1.97 -22.49 -74.40
CMD CLA KM . 3.06 -22.78 -70.88
CAD CLA KM . 2.91 -20.61 -73.43
OBD CLA KM . 3.59 -19.94 -72.68
CBD CLA KM . 2.53 -20.25 -74.84
CGD CLA KM . 1.51 -19.15 -74.80
O1D CLA KM . 0.34 -19.38 -74.64
O2D CLA KM . 1.91 -17.89 -74.97
CED CLA KM . 1.97 -17.10 -73.79
C1 CLA KM . 6.85 -22.69 -78.72
MG CLA LM . 9.78 -20.45 -71.44
CHA CLA LM . 7.80 -18.80 -73.74
CHB CLA LM . 11.42 -17.51 -70.66
CHC CLA LM . 11.55 -22.12 -69.20
CHD CLA LM . 8.08 -23.46 -72.22
NA CLA LM . 9.63 -18.35 -72.11
C1A CLA LM . 8.78 -17.89 -73.03
C2A CLA LM . 8.95 -16.40 -73.25
C3A CLA LM . 10.10 -16.05 -72.29
C4A CLA LM . 10.41 -17.36 -71.63
CMA CLA LM . 11.27 -15.18 -72.77
CAA CLA LM . 7.68 -15.67 -72.81
CBA CLA LM . 7.79 -14.15 -72.84
CGA CLA LM . 7.16 -13.59 -74.09
O1A CLA LM . 6.54 -12.54 -74.02
O2A CLA LM . 7.28 -14.24 -75.24
NB CLA LM . 11.24 -19.90 -70.12
C1B CLA LM . 11.81 -18.67 -69.96
C2B CLA LM . 12.85 -18.74 -68.97
C3B CLA LM . 12.88 -20.04 -68.55
C4B CLA LM . 11.86 -20.77 -69.30
CMB CLA LM . 13.72 -17.62 -68.49
CAB CLA LM . 13.78 -20.64 -67.55
CBB CLA LM . 13.23 -21.19 -66.25
NC CLA LM . 9.77 -22.45 -70.76
C1C CLA LM . 10.62 -22.94 -69.88
C2C CLA LM . 10.50 -24.41 -69.71
C3C CLA LM . 9.49 -24.76 -70.55
C4C CLA LM . 9.04 -23.54 -71.21
CMC CLA LM . 11.32 -25.29 -68.79
CAC CLA LM . 8.96 -26.16 -70.77
CBC CLA LM . 7.72 -26.36 -69.92
ND CLA LM . 8.33 -21.08 -72.62
C1D CLA LM . 7.71 -22.26 -72.88
C2D CLA LM . 6.67 -22.13 -73.89
C3D CLA LM . 6.72 -20.77 -74.21
C4D CLA LM . 7.71 -20.16 -73.45
CMD CLA LM . 5.70 -23.08 -74.55
CAD CLA LM . 6.09 -19.79 -75.07
OBD CLA LM . 5.53 -20.06 -76.11
CBD CLA LM . 6.81 -18.49 -74.83
CGD CLA LM . 7.52 -18.13 -76.09
O1D CLA LM . 6.92 -17.61 -77.02
O2D CLA LM . 8.82 -18.38 -76.23
CED CLA LM . 9.61 -17.33 -76.78
C1 CLA LM . 8.26 -13.79 -76.24
C2 CLA LM . 8.92 -12.43 -76.17
C3 CLA LM . 8.78 -11.53 -77.15
C4 CLA LM . 9.45 -10.19 -77.06
C5 CLA LM . 7.96 -11.77 -78.40
C6 CLA LM . 8.84 -12.26 -79.55
C7 CLA LM . 8.01 -12.96 -80.61
C8 CLA LM . 7.62 -14.38 -80.19
C9 CLA LM . 8.82 -15.17 -79.69
C10 CLA LM . 6.97 -15.10 -81.36
C11 CLA LM . 5.48 -14.80 -81.49
C12 CLA LM . 5.18 -14.08 -82.79
C13 CLA LM . 3.74 -14.31 -83.22
C14 CLA LM . 3.66 -15.20 -84.46
C15 CLA LM . 3.05 -12.97 -83.46
MG CLA MM . 2.87 -38.29 -63.61
CHA CLA MM . 4.45 -41.34 -63.33
CHB CLA MM . 5.17 -37.26 -65.97
CHC CLA MM . 1.21 -35.44 -63.89
CHD CLA MM . 0.50 -39.36 -61.21
NA CLA MM . 4.63 -39.20 -64.58
C1A CLA MM . 5.11 -40.43 -64.34
C2A CLA MM . 6.33 -40.72 -65.18
C3A CLA MM . 6.53 -39.41 -65.96
C4A CLA MM . 5.39 -38.56 -65.50
CMA CLA MM . 7.91 -38.77 -66.04
CAA CLA MM . 6.09 -41.85 -66.17
CBA CLA MM . 4.64 -42.09 -66.60
CGA CLA MM . 4.29 -41.32 -67.86
O1A CLA MM . 5.17 -41.02 -68.63
O2A CLA MM . 3.03 -41.01 -68.08
NB CLA MM . 3.14 -36.62 -64.76
C1B CLA MM . 4.15 -36.35 -65.63
C2B CLA MM . 4.00 -35.02 -66.18
C3B CLA MM . 2.89 -34.52 -65.58
C4B CLA MM . 2.35 -35.54 -64.68
CMB CLA MM . 4.91 -34.34 -67.17
CAB CLA MM . 2.29 -33.18 -65.78
CBB CLA MM . 1.70 -32.80 -67.12
NC CLA MM . 1.11 -37.54 -62.72
C1C CLA MM . 0.61 -36.34 -62.97
C2C CLA MM . -0.59 -36.05 -62.16
C3C CLA MM . -0.80 -37.18 -61.43
C4C CLA MM . 0.27 -38.10 -61.78
CMC CLA MM . -1.41 -34.79 -62.19
CAC CLA MM . -1.91 -37.42 -60.44
CBC CLA MM . -3.01 -38.20 -61.09
ND CLA MM . 2.48 -39.88 -62.51
C1D CLA MM . 1.53 -40.24 -61.60
C2D CLA MM . 1.74 -41.61 -61.11
C3D CLA MM . 2.87 -42.02 -61.79
C4D CLA MM . 3.30 -40.99 -62.62
CMD CLA MM . 1.02 -42.50 -60.13
CAD CLA MM . 3.76 -43.15 -61.95
OBD CLA MM . 3.55 -44.29 -61.59
CBD CLA MM . 4.87 -42.72 -62.86
CGD CLA MM . 6.12 -42.64 -62.04
O1D CLA MM . 6.44 -43.58 -61.34
O2D CLA MM . 6.90 -41.56 -62.06
CED CLA MM . 8.29 -41.80 -62.29
C1 CLA MM . 2.00 -42.05 -68.03
MG CHL NM . -90.09 -7.61 39.98
CHA CHL NM . -92.53 -8.91 41.99
CHB CHL NM . -89.45 -10.74 38.80
CHC CHL NM . -87.83 -6.31 37.99
CHD CHL NM . -90.80 -4.44 41.38
NA CHL NM . -90.86 -9.46 40.34
C1A CHL NM . -91.92 -9.81 41.15
C2A CHL NM . -92.26 -11.29 41.03
C3A CHL NM . -91.10 -11.85 40.27
C4A CHL NM . -90.39 -10.62 39.76
CMA CHL NM . -90.26 -13.00 40.85
CAA CHL NM . -93.58 -11.49 40.30
CBA CHL NM . -93.77 -12.86 39.64
CGA CHL NM . -94.38 -13.89 40.55
O1A CHL NM . -95.54 -14.23 40.52
O2A CHL NM . -93.49 -14.38 41.39
NB CHL NM . -88.83 -8.42 38.58
C1B CHL NM . -88.73 -9.72 38.23
C2B CHL NM . -87.75 -9.83 37.21
C3B CHL NM . -87.25 -8.59 36.93
C4B CHL NM . -87.96 -7.67 37.83
CMB CHL NM . -87.33 -11.11 36.55
CAB CHL NM . -86.23 -8.34 35.92
CBB CHL NM . -85.61 -7.06 35.48
NC CHL NM . -89.45 -5.67 39.77
C1C CHL NM . -88.48 -5.39 38.83
C2C CHL NM . -88.23 -3.96 38.91
C3C CHL NM . -89.04 -3.45 39.89
C4C CHL NM . -89.82 -4.53 40.42
CMC CHL NM . -87.36 -3.11 38.13
OMC CHL NM . -86.63 -3.49 37.25
CAC CHL NM . -89.08 -2.03 40.36
CBC CHL NM . -90.03 -1.17 39.57
ND CHL NM . -91.32 -6.76 41.37
C1D CHL NM . -91.52 -5.51 41.85
C2D CHL NM . -92.56 -5.51 42.84
C3D CHL NM . -92.98 -6.82 42.92
C4D CHL NM . -92.22 -7.57 42.02
CMD CHL NM . -93.04 -4.32 43.59
CAD CHL NM . -93.90 -7.74 43.57
OBD CHL NM . -94.75 -7.49 44.42
CBD CHL NM . -93.65 -9.12 43.01
CGD CHL NM . -93.24 -10.05 44.16
O1D CHL NM . -93.62 -11.17 44.30
O2D CHL NM . -92.41 -9.42 44.98
CED CHL NM . -91.96 -10.18 46.13
MG CLA OM . -101.02 -6.50 46.96
CHA CLA OM . -101.66 -4.93 43.94
CHB CLA OM . -104.37 -6.53 47.71
CHC CLA OM . -100.30 -8.12 49.75
CHD CLA OM . -97.59 -6.49 46.14
NA CLA OM . -102.85 -5.82 45.93
C1A CLA OM . -102.90 -5.21 44.74
C2A CLA OM . -104.32 -4.83 44.39
C3A CLA OM . -105.12 -5.29 45.61
C4A CLA OM . -104.08 -5.94 46.47
CMA CLA OM . -106.00 -4.24 46.24
CAA CLA OM . -104.76 -5.57 43.11
CBA CLA OM . -105.66 -6.79 43.31
CGA CLA OM . -104.81 -8.03 43.54
O1A CLA OM . -103.62 -7.97 43.33
O2A CLA OM . -105.40 -9.13 43.97
NB CLA OM . -102.16 -7.22 48.48
C1B CLA OM . -103.51 -7.13 48.64
C2B CLA OM . -103.90 -7.73 49.89
C3B CLA OM . -102.74 -8.17 50.47
C4B CLA OM . -101.64 -7.84 49.55
CMB CLA OM . -105.31 -7.81 50.43
CAB CLA OM . -102.55 -8.86 51.77
CBB CLA OM . -103.27 -10.14 52.08
NC CLA OM . -99.24 -7.25 47.78
C1C CLA OM . -99.16 -7.82 48.97
C2C CLA OM . -97.76 -8.13 49.36
C3C CLA OM . -97.02 -7.68 48.31
C4C CLA OM . -97.94 -7.13 47.33
CMC CLA OM . -97.28 -8.78 50.63
CAC CLA OM . -95.52 -7.73 48.17
CBC CLA OM . -95.19 -8.98 47.37
ND CLA OM . -99.84 -5.93 45.47
C1D CLA OM . -98.50 -5.93 45.23
C2D CLA OM . -98.16 -5.27 43.98
C3D CLA OM . -99.40 -4.88 43.48
C4D CLA OM . -100.39 -5.30 44.38
CMD CLA OM . -96.87 -4.99 43.26
CAD CLA OM . -100.04 -4.21 42.36
OBD CLA OM . -99.50 -3.96 41.30
CBD CLA OM . -101.51 -4.19 42.63
CGD CLA OM . -101.98 -2.79 42.84
O1D CLA OM . -101.28 -1.96 43.39
O2D CLA OM . -103.21 -2.43 42.46
CED CLA OM . -103.45 -1.04 42.27
C1 CLA OM . -105.62 -9.35 45.39
C2 CLA OM . -104.59 -10.00 46.28
C3 CLA OM . -104.95 -10.82 47.28
C4 CLA OM . -106.39 -11.13 47.57
C5 CLA OM . -103.94 -11.48 48.19
C6 CLA OM . -104.16 -12.99 48.21
C7 CLA OM . -103.07 -13.68 49.00
C8 CLA OM . -103.10 -15.20 48.84
C9 CLA OM . -104.42 -15.77 49.33
C10 CLA OM . -101.93 -15.83 49.58
C11 CLA OM . -100.60 -15.30 49.05
C12 CLA OM . -99.55 -16.41 48.98
C13 CLA OM . -98.91 -16.67 50.34
C14 CLA OM . -97.99 -15.52 50.74
C15 CLA OM . -98.14 -17.98 50.30
MG CLA PM . -105.06 -12.14 57.48
CHA CLA PM . -106.69 -12.24 54.44
CHB CLA PM . -107.97 -11.13 59.06
CHC CLA PM . -103.43 -12.20 60.34
CHD CLA PM . -102.09 -13.17 55.85
NA CLA PM . -107.14 -11.73 56.84
C1A CLA PM . -107.60 -11.83 55.59
C2A CLA PM . -109.07 -11.46 55.49
C3A CLA PM . -109.42 -11.11 56.95
C4A CLA PM . -108.12 -11.33 57.68
CMA CLA PM . -110.25 -9.88 57.26
CAA CLA PM . -109.89 -12.68 55.06
CBA CLA PM . -111.38 -12.36 54.89
CGA CLA PM . -111.56 -11.27 53.88
O1A CLA PM . -111.34 -11.50 52.70
O2A CLA PM . -111.94 -10.07 54.30
NB CLA PM . -105.62 -11.74 59.40
C1B CLA PM . -106.83 -11.31 59.86
C2B CLA PM . -106.76 -11.10 61.29
C3B CLA PM . -105.48 -11.41 61.63
C4B CLA PM . -104.76 -11.81 60.42
CMB CLA PM . -107.86 -10.64 62.19
CAB CLA PM . -104.87 -11.35 62.97
CBB CLA PM . -104.57 -12.65 63.70
NC CLA PM . -103.10 -12.66 58.02
C1C CLA PM . -102.62 -12.57 59.25
C2C CLA PM . -101.18 -12.92 59.33
C3C CLA PM . -100.82 -13.21 58.05
C4C CLA PM . -102.02 -13.04 57.23
CMC CLA PM . -100.32 -12.94 60.57
CAC CLA PM . -99.45 -13.63 57.57
CBC CLA PM . -99.38 -15.12 57.36
ND CLA PM . -104.44 -12.60 55.66
C1D CLA PM . -103.28 -13.01 55.10
C2D CLA PM . -103.41 -13.22 53.66
C3D CLA PM . -104.74 -12.92 53.42
C4D CLA PM . -105.36 -12.56 54.62
CMD CLA PM . -102.44 -13.66 52.59
CAD CLA PM . -105.72 -12.85 52.37
OBD CLA PM . -105.61 -13.34 51.25
CBD CLA PM . -107.01 -12.38 52.97
CGD CLA PM . -107.38 -11.04 52.42
O1D CLA PM . -106.56 -10.13 52.41
O2D CLA PM . -108.60 -10.82 51.96
CED CLA PM . -108.71 -10.71 50.53
C1 CLA PM . -113.33 -9.84 54.69
C2 CLA PM . -114.47 -10.01 53.72
C3 CLA PM . -115.64 -9.37 53.89
C4 CLA PM . -116.76 -9.54 52.92
C5 CLA PM . -115.88 -8.44 55.06
C6 CLA PM . -117.22 -8.76 55.71
C7 CLA PM . -117.31 -8.21 57.13
C8 CLA PM . -117.68 -9.30 58.13
C9 CLA PM . -119.00 -9.97 57.76
C10 CLA PM . -117.74 -8.71 59.54
C11 CLA PM . -117.65 -9.80 60.59
C12 CLA PM . -116.96 -9.30 61.86
C13 CLA PM . -116.28 -10.44 62.60
C14 CLA PM . -117.08 -10.86 63.82
C15 CLA PM . -114.87 -10.02 62.99
C16 CLA PM . -113.93 -11.22 63.05
C17 CLA PM . -112.48 -10.78 63.20
C18 CLA PM . -112.03 -10.86 64.65
C19 CLA PM . -112.32 -12.23 65.25
C20 CLA PM . -110.55 -10.51 64.78
MG CLA QM . -94.27 -4.32 71.15
CHA CLA QM . -93.00 -5.40 74.17
CHB CLA QM . -96.93 -6.49 71.43
CHC CLA QM . -95.46 -3.12 68.31
CHD CLA QM . -91.54 -2.08 70.87
NA CLA QM . -94.93 -5.79 72.64
C1A CLA QM . -94.29 -6.09 73.77
C2A CLA QM . -95.00 -7.17 74.55
C3A CLA QM . -96.19 -7.50 73.66
C4A CLA QM . -96.04 -6.55 72.51
CMA CLA QM . -96.44 -8.95 73.32
CAA CLA QM . -95.56 -6.63 75.87
CBA CLA QM . -96.05 -5.19 75.71
CGA CLA QM . -96.30 -4.54 77.05
O1A CLA QM . -95.61 -4.84 78.02
O2A CLA QM . -97.28 -3.65 77.13
NB CLA QM . -95.94 -4.73 70.06
C1B CLA QM . -96.90 -5.66 70.30
C2B CLA QM . -97.87 -5.65 69.23
C3B CLA QM . -97.44 -4.70 68.36
C4B CLA QM . -96.22 -4.13 68.89
CMB CLA QM . -99.09 -6.52 69.13
CAB CLA QM . -98.08 -4.28 67.08
CBB CLA QM . -98.31 -5.28 65.97
NC CLA QM . -93.62 -2.82 69.82
C1C CLA QM . -94.27 -2.48 68.72
C2C CLA QM . -93.61 -1.40 67.97
C3C CLA QM . -92.51 -1.09 68.72
C4C CLA QM . -92.52 -2.00 69.88
CMC CLA QM . -94.09 -0.77 66.69
CAC CLA QM . -91.49 -0.03 68.41
CBC CLA QM . -91.97 1.28 69.02
ND CLA QM . -92.67 -3.78 72.17
C1D CLA QM . -91.63 -2.91 72.01
C2D CLA QM . -90.67 -2.99 73.11
C3D CLA QM . -91.21 -3.96 73.94
C4D CLA QM . -92.40 -4.42 73.37
CMD CLA QM . -89.38 -2.29 73.44
CAD CLA QM . -90.99 -4.67 75.19
OBD CLA QM . -90.14 -4.38 76.02
CBD CLA QM . -92.13 -5.62 75.39
CGD CLA QM . -91.64 -7.02 75.40
O1D CLA QM . -90.71 -7.37 74.69
O2D CLA QM . -92.23 -7.94 76.17
CED CLA QM . -91.37 -8.78 76.91
C1 CLA QM . -97.06 -2.35 77.76
C2 CLA QM . -97.84 -1.15 77.30
C3 CLA QM . -97.71 0.04 77.90
C4 CLA QM . -96.79 0.25 79.06
C5 CLA QM . -98.47 1.25 77.43
C6 CLA QM . -98.11 1.58 75.99
C7 CLA QM . -98.33 3.06 75.69
C8 CLA QM . -98.41 3.31 74.19
C9 CLA QM . -97.99 4.74 73.88
C10 CLA QM . -99.83 3.04 73.71
MG CLA RM . -89.30 6.12 73.55
CHA CLA RM . -88.28 3.83 71.13
CHB CLA RM . -87.08 8.45 72.37
CHC CLA RM . -90.46 8.23 75.81
CHD CLA RM . -91.60 3.71 74.77
NA CLA RM . -87.82 6.16 71.91
C1A CLA RM . -87.55 5.17 71.06
C2A CLA RM . -86.46 5.56 70.09
C3A CLA RM . -86.10 6.99 70.53
C4A CLA RM . -87.04 7.24 71.66
CMA CLA RM . -84.63 7.40 70.65
CAA CLA RM . -86.91 5.62 68.63
CBA CLA RM . -88.41 5.79 68.39
CGA CLA RM . -88.85 7.24 68.39
O1A CLA RM . -88.09 8.08 67.93
O2A CLA RM . -90.03 7.58 68.87
NB CLA RM . -88.84 8.05 74.00
C1B CLA RM . -87.88 8.84 73.45
C2B CLA RM . -87.86 10.12 74.11
C3B CLA RM . -88.81 10.04 75.09
C4B CLA RM . -89.43 8.72 75.00
CMB CLA RM . -86.95 11.27 73.80
CAB CLA RM . -89.21 11.07 76.08
CBB CLA RM . -89.74 12.41 75.63
NC CLA RM . -90.83 6.01 75.00
C1C CLA RM . -91.11 6.99 75.85
C2C CLA RM . -92.17 6.63 76.82
C3C CLA RM . -92.52 5.35 76.48
C4C CLA RM . -91.68 4.97 75.35
CMC CLA RM . -92.74 7.48 77.91
CAC CLA RM . -93.57 4.49 77.15
CBC CLA RM . -94.84 4.52 76.34
ND CLA RM . -89.89 4.28 73.13
C1D CLA RM . -90.77 3.38 73.67
C2D CLA RM . -90.71 2.10 73.00
C3D CLA RM . -89.74 2.27 72.02
C4D CLA RM . -89.25 3.58 72.11
CMD CLA RM . -91.43 0.79 73.19
CAD CLA RM . -89.06 1.59 70.95
OBD CLA RM . -88.98 0.38 70.84
CBD CLA RM . -88.19 2.60 70.25
CGD CLA RM . -86.82 1.99 70.06
O1D CLA RM . -86.68 1.04 69.31
O2D CLA RM . -85.73 2.45 70.67
CED CLA RM . -84.54 2.44 69.87
C1 CLA RM . -90.57 7.03 70.12
C2 CLA RM . -91.45 5.80 70.15
C3 CLA RM . -92.47 5.70 71.02
C4 CLA RM . -92.79 6.79 71.99
C5 CLA RM . -93.34 4.47 71.08
MG CHL SM . -100.90 -6.68 74.23
CHA CHL SM . -100.93 -4.17 76.52
CHB CHL SM . -102.72 -4.68 72.08
CHC CHL SM . -100.79 -9.05 72.06
CHD CHL SM . -99.06 -8.65 76.58
NA CHL SM . -101.67 -4.77 74.29
C1A CHL SM . -101.54 -3.86 75.31
C2A CHL SM . -102.19 -2.53 74.95
C3A CHL SM . -102.91 -2.81 73.67
C4A CHL SM . -102.43 -4.19 73.30
CMA CHL SM . -104.40 -2.48 73.54
CAA CHL SM . -101.18 -1.38 74.78
CBA CHL SM . -101.81 -0.03 74.45
CGA CHL SM . -102.31 0.72 75.65
NB CHL SM . -101.65 -6.81 72.34
C1B CHL SM . -102.35 -5.93 71.62
C2B CHL SM . -102.63 -6.48 70.34
C3B CHL SM . -102.07 -7.73 70.29
C4B CHL SM . -101.46 -7.94 71.59
CMB CHL SM . -103.39 -5.80 69.24
CAB CHL SM . -102.06 -8.58 69.09
CBB CHL SM . -101.35 -9.89 68.88
NC CHL SM . -100.05 -8.55 74.36
C1C CHL SM . -100.17 -9.34 73.27
C2C CHL SM . -99.53 -10.61 73.60
C3C CHL SM . -99.05 -10.50 74.87
C4C CHL SM . -99.38 -9.21 75.37
CMC CHL SM . -99.32 -11.80 72.78
OMC CHL SM . -99.71 -11.95 71.65
CAC CHL SM . -98.32 -11.58 75.64
CBC CHL SM . -99.24 -12.67 76.16
ND CHL SM . -100.12 -6.55 76.12
C1D CHL SM . -99.42 -7.36 76.96
C2D CHL SM . -99.16 -6.69 78.18
C3D CHL SM . -99.73 -5.44 78.06
C4D CHL SM . -100.32 -5.36 76.80
CMD CHL SM . -98.39 -7.26 79.34
CAD CHL SM . -99.98 -4.16 78.73
OBD CHL SM . -99.63 -3.82 79.84
CBD CHL SM . -100.75 -3.29 77.78
CGD CHL SM . -102.08 -2.86 78.40
O1D CHL SM . -103.13 -3.42 78.23
O2D CHL SM . -101.92 -1.76 79.13
CED CHL SM . -103.11 -1.25 79.77
MG CHL TM . -100.02 -15.88 70.43
CHA CHL TM . -98.27 -18.52 71.74
CHB CHL TM . -98.54 -16.46 67.40
CHC CHL TM . -101.77 -13.40 69.18
CHD CHL TM . -101.40 -15.35 73.63
NA CHL TM . -98.66 -17.25 69.72
C1A CHL TM . -98.10 -18.31 70.39
C2A CHL TM . -97.25 -19.18 69.47
C3A CHL TM . -97.15 -18.34 68.20
C4A CHL TM . -98.18 -17.25 68.43
CMA CHL TM . -97.00 -18.99 66.82
CAA CHL TM . -97.87 -20.56 69.22
CBA CHL TM . -99.39 -20.56 69.10
NB CHL TM . -100.14 -15.06 68.56
C1B CHL TM . -99.46 -15.43 67.45
C2B CHL TM . -99.86 -14.59 66.38
C3B CHL TM . -100.80 -13.70 66.83
C4B CHL TM . -100.97 -14.01 68.25
CMB CHL TM . -99.33 -14.67 64.97
CAB CHL TM . -101.46 -12.71 65.97
CBB CHL TM . -102.55 -11.72 66.31
NC CHL TM . -101.36 -14.60 71.31
C1C CHL TM . -101.97 -13.63 70.54
C2C CHL TM . -102.85 -12.89 71.44
C3C CHL TM . -102.73 -13.43 72.68
C4C CHL TM . -101.79 -14.52 72.62
CMC CHL TM . -103.75 -11.77 71.17
OMC CHL TM . -103.91 -11.24 70.08
CAC CHL TM . -103.45 -12.98 73.91
CBC CHL TM . -102.68 -11.93 74.69
ND CHL TM . -99.92 -16.67 72.30
C1D CHL TM . -100.50 -16.39 73.51
C2D CHL TM . -100.05 -17.30 74.49
C3D CHL TM . -99.17 -18.15 73.86
C4D CHL TM . -99.10 -17.75 72.52
CMD CHL TM . -100.49 -17.30 75.93
CAD CHL TM . -98.28 -19.29 74.02
OBD CHL TM . -98.06 -19.93 75.03
CBD CHL TM . -97.66 -19.58 72.67
CGD CHL TM . -96.14 -19.48 72.78
O1D CHL TM . -95.52 -18.46 72.87
O2D CHL TM . -95.59 -20.69 72.73
CED CHL TM . -94.14 -20.73 72.82
MG CHL UM . -108.70 4.61 64.21
CHA CHL UM . -106.05 3.04 62.76
CHB CHL UM . -107.07 4.48 67.23
CHC CHL UM . -111.23 6.18 65.56
CHD CHL UM . -110.26 4.70 61.03
NA CHL UM . -106.90 3.88 64.86
C1A CHL UM . -105.90 3.32 64.09
C2A CHL UM . -104.65 3.03 64.93
C3A CHL UM . -105.12 3.24 66.34
C4A CHL UM . -106.47 3.91 66.16
CMA CHL UM . -104.96 2.12 67.36
CAA CHL UM . -103.47 3.94 64.57
CBA CHL UM . -103.71 5.43 64.78
CGA CHL UM . -102.54 6.28 64.40
O1A CHL UM . -102.02 6.31 63.32
O2A CHL UM . -102.13 7.03 65.42
NB CHL UM . -109.09 5.22 66.12
C1B CHL UM . -108.30 5.11 67.21
C2B CHL UM . -108.95 5.73 68.31
C3B CHL UM . -110.16 6.22 67.89
C4B CHL UM . -110.24 5.89 66.47
CMB CHL UM . -108.38 5.83 69.70
CAB CHL UM . -111.11 6.93 68.75
CBB CHL UM . -112.44 7.52 68.42
NC CHL UM . -110.45 5.29 63.40
C1C CHL UM . -111.36 5.92 64.20
C2C CHL UM . -112.50 6.30 63.36
C3C CHL UM . -112.20 5.89 62.09
C4C CHL UM . -110.92 5.25 62.11
CMC CHL UM . -113.72 6.99 63.70
OMC CHL UM . -114.04 7.37 64.81
CAC CHL UM . -113.07 6.08 60.89
CBC CHL UM . -112.64 7.25 60.04
ND CHL UM . -108.34 4.02 62.30
C1D CHL UM . -109.02 4.10 61.12
C2D CHL UM . -108.25 3.49 60.08
C3D CHL UM . -107.08 3.05 60.67
C4D CHL UM . -107.15 3.39 62.03
CMD CHL UM . -108.67 3.39 58.64
CAD CHL UM . -105.81 2.39 60.44
OBD CHL UM . -105.36 1.93 59.41
CBD CHL UM . -105.08 2.34 61.79
CGD CHL UM . -104.76 0.89 62.16
O1D CHL UM . -105.56 0.10 62.60
O2D CHL UM . -103.49 0.62 61.93
CED CHL UM . -103.05 -0.72 62.25
C1 CHL UM . -101.01 7.94 65.32
C2 CHL UM . -100.52 8.21 66.70
C3 CHL UM . -99.65 7.42 67.31
C4 CHL UM . -99.05 6.19 66.68
C5 CHL UM . -99.20 7.71 68.72
C6 CHL UM . -99.83 6.79 69.77
C7 CHL UM . -101.30 7.09 70.04
C8 CHL UM . -102.30 6.27 69.22
C9 CHL UM . -102.10 4.77 69.42
C10 CHL UM . -103.70 6.71 69.65
C11 CHL UM . -103.95 6.66 71.16
C12 CHL UM . -105.34 7.13 71.56
C13 CHL UM . -105.60 7.17 73.07
C14 CHL UM . -105.18 5.86 73.74
C15 CHL UM . -106.98 7.61 73.52
MG CLA VM . -109.93 -6.80 63.09
CHA CLA VM . -110.58 -6.49 59.70
CHB CLA VM . -113.30 -6.81 63.79
CHC CLA VM . -109.18 -7.24 66.28
CHD CLA VM . -106.47 -6.81 62.35
NA CLA VM . -111.78 -6.68 61.89
C1A CLA VM . -111.84 -6.56 60.55
C2A CLA VM . -113.26 -6.50 60.06
C3A CLA VM . -114.08 -6.58 61.36
C4A CLA VM . -113.02 -6.70 62.41
CMA CLA VM . -115.25 -5.63 61.58
CAA CLA VM . -113.64 -7.75 59.25
CBA CLA VM . -112.90 -8.99 59.75
CGA CLA VM . -113.40 -10.26 59.09
O1A CLA VM . -113.92 -10.20 57.99
O2A CLA VM . -113.25 -11.39 59.76
NB CLA VM . -111.06 -7.01 64.77
C1B CLA VM . -112.42 -6.94 64.88
C2B CLA VM . -112.81 -7.06 66.26
C3B CLA VM . -111.64 -7.17 66.96
C4B CLA VM . -110.54 -7.15 66.00
CMB CLA VM . -114.21 -7.03 66.83
CAB CLA VM . -111.49 -7.31 68.43
CBB CLA VM . -110.93 -8.57 69.05
NC CLA VM . -108.12 -7.03 64.13
C1C CLA VM . -108.03 -7.16 65.45
C2C CLA VM . -106.64 -7.21 65.94
C3C CLA VM . -105.88 -7.11 64.81
C4C CLA VM . -106.81 -6.98 63.69
CMC CLA VM . -106.18 -7.36 67.37
CAC CLA VM . -104.37 -7.10 64.75
CBC CLA VM . -103.83 -8.46 64.42
ND CLA VM . -108.74 -6.69 61.51
C1D CLA VM . -107.39 -6.70 61.29
C2D CLA VM . -107.07 -6.55 59.88
C3D CLA VM . -108.32 -6.48 59.27
C4D CLA VM . -109.30 -6.56 60.25
CMD CLA VM . -105.78 -6.51 59.11
CAD CLA VM . -108.95 -6.34 57.98
OBD CLA VM . -108.39 -6.38 56.90
CBD CLA VM . -110.44 -6.39 58.20
CGD CLA VM . -111.12 -5.16 57.66
O1D CLA VM . -111.21 -4.15 58.33
O2D CLA VM . -111.63 -5.17 56.44
CED CLA VM . -111.27 -4.08 55.59
C1 CLA VM . -112.14 -12.28 59.46
C2 CLA VM . -112.22 -13.29 58.34
C3 CLA VM . -111.41 -14.35 58.29
C4 CLA VM . -111.51 -15.33 57.15
C5 CLA VM . -110.36 -14.63 59.34
C6 CLA VM . -109.20 -15.45 58.79
C7 CLA VM . -107.88 -14.69 58.89
C8 CLA VM . -106.81 -15.17 57.91
C9 CLA VM . -107.39 -15.67 56.59
C10 CLA VM . -105.95 -16.25 58.57
C11 CLA VM . -104.65 -15.64 59.10
C12 CLA VM . -103.46 -16.56 58.82
C13 CLA VM . -102.45 -16.51 59.95
C14 CLA VM . -101.25 -17.42 59.64
C15 CLA VM . -103.11 -16.93 61.25
MG CLA WM . -99.49 6.02 58.07
CHA CLA WM . -101.95 8.41 57.63
CHB CLA WM . -97.60 7.45 55.57
CHC CLA WM . -97.14 3.81 58.71
CHD CLA WM . -101.49 4.53 60.59
NA CLA WM . -99.72 7.75 56.72
C1A CLA WM . -100.78 8.57 56.67
C2A CLA WM . -100.64 9.59 55.59
C3A CLA WM . -99.32 9.22 54.93
C4A CLA WM . -98.83 8.09 55.78
CMA CLA WM . -99.42 9.01 53.44
CAA CLA WM . -100.43 11.01 56.13
CBA CLA WM . -99.78 11.03 57.50
CGA CLA WM . -98.31 11.43 57.51
O1A CLA WM . -97.47 10.64 57.11
O2A CLA WM . -98.00 12.63 57.99
NB CLA WM . -97.65 5.68 57.27
C1B CLA WM . -97.04 6.36 56.26
C2B CLA WM . -95.75 5.77 55.98
C3B CLA WM . -95.63 4.74 56.86
C4B CLA WM . -96.85 4.70 57.68
CMB CLA WM . -94.76 6.20 54.94
CAB CLA WM . -94.49 3.82 57.01
CBB CLA WM . -93.16 4.32 57.50
NC CLA WM . -99.31 4.47 59.47
C1C CLA WM . -98.28 3.64 59.53
C2C CLA WM . -98.45 2.57 60.54
C3C CLA WM . -99.69 2.82 61.08
C4C CLA WM . -100.21 3.99 60.41
CMC CLA WM . -97.50 1.46 60.88
CAC CLA WM . -100.36 2.02 62.17
CBC CLA WM . -100.12 2.67 63.51
ND CLA WM . -101.24 6.31 58.96
C1D CLA WM . -101.97 5.68 59.92
C2D CLA WM . -103.27 6.32 60.13
C3D CLA WM . -103.24 7.37 59.23
C4D CLA WM . -102.02 7.36 58.54
CMD CLA WM . -104.44 6.05 61.04
CAD CLA WM . -104.02 8.49 58.76
OBD CLA WM . -105.23 8.58 58.88
CBD CLA WM . -103.18 9.27 57.80
CGD CLA WM . -103.92 9.43 56.51
O1D CLA WM . -104.56 8.51 56.06
O2D CLA WM . -103.84 10.58 55.84
CED CLA WM . -105.08 11.18 55.48
C1 CLA WM . -96.91 13.46 57.47
C2 CLA WM . -95.49 12.97 57.25
C3 CLA WM . -94.42 13.60 57.76
C4 CLA WM . -94.55 14.83 58.60
C5 CLA WM . -93.02 13.10 57.51
C6 CLA WM . -92.33 12.72 58.83
C7 CLA WM . -91.35 11.56 58.60
C8 CLA WM . -89.95 11.92 59.09
C9 CLA WM . -89.06 12.30 57.91
C10 CLA WM . -89.36 10.74 59.85
C11 CLA WM . -89.18 11.07 61.32
C12 CLA WM . -90.47 10.80 62.11
C13 CLA WM . -90.76 11.89 63.14
C14 CLA WM . -92.16 11.70 63.71
C15 CLA WM . -90.59 13.27 62.52
C16 CLA WM . -90.90 14.39 63.49
C17 CLA WM . -89.91 14.46 64.65
C18 CLA WM . -90.64 14.43 65.99
C19 CLA WM . -89.66 14.30 67.14
C20 CLA WM . -91.52 15.65 66.15
MG CLA XM . -86.58 1.51 46.66
CHA CLA XM . -88.70 4.06 47.70
CHB CLA XM . -85.15 3.60 44.33
CHC CLA XM . -84.58 -0.96 45.81
CHD CLA XM . -88.06 -0.62 49.06
NA CLA XM . -86.88 3.62 46.06
C1A CLA XM . -87.76 4.47 46.59
C2A CLA XM . -87.68 5.82 45.93
C3A CLA XM . -86.59 5.63 44.87
C4A CLA XM . -86.17 4.22 45.08
CMA CLA XM . -86.82 6.14 43.45
CAA CLA XM . -87.15 6.82 46.96
CBA CLA XM . -87.29 8.27 46.49
CGA CLA XM . -86.73 9.18 47.56
O1A CLA XM . -86.37 10.30 47.25
O2A CLA XM . -86.67 8.74 48.80
NB CLA XM . -85.10 1.35 45.29
C1B CLA XM . -84.66 2.28 44.41
C2B CLA XM . -83.61 1.74 43.59
C3B CLA XM . -83.44 0.46 44.01
C4B CLA XM . -84.40 0.22 45.09
CMB CLA XM . -82.87 2.45 42.50
CAB CLA XM . -82.47 -0.52 43.45
CBB CLA XM . -81.48 -1.25 44.32
NC CLA XM . -86.29 -0.44 47.40
C1C CLA XM . -85.45 -1.30 46.86
C2C CLA XM . -85.54 -2.65 47.46
C3C CLA XM . -86.50 -2.52 48.42
C4C CLA XM . -86.97 -1.14 48.37
CMC CLA XM . -84.74 -3.88 47.09
CAC CLA XM . -87.00 -3.61 49.34
CBC CLA XM . -86.14 -3.59 50.58
ND CLA XM . -88.01 1.58 48.04
C1D CLA XM . -88.51 0.72 48.97
C2D CLA XM . -89.55 1.34 49.77
C3D CLA XM . -89.61 2.64 49.27
C4D CLA XM . -88.68 2.77 48.23
CMD CLA XM . -90.42 0.86 50.90
CAD CLA XM . -90.30 3.89 49.45
OBD CLA XM . -90.95 4.19 50.43
CBD CLA XM . -89.75 4.86 48.44
CGD CLA XM . -90.82 5.33 47.50
O1D CLA XM . -91.76 4.61 47.22
O2D CLA XM . -90.74 6.53 46.93
CED CLA XM . -91.98 7.20 46.69
C1 CLA XM . -85.40 8.78 49.52
C2 CLA XM . -84.19 8.02 49.01
C3 CLA XM . -83.11 7.84 49.78
C4 CLA XM . -83.04 8.39 51.17
C5 CLA XM . -81.89 7.09 49.28
C6 CLA XM . -81.34 6.19 50.37
C7 CLA XM . -82.08 4.87 50.43
C8 CLA XM . -82.03 4.27 51.83
C9 CLA XM . -81.69 2.79 51.79
C10 CLA XM . -83.37 4.52 52.52
C11 CLA XM . -83.41 3.89 53.91
C12 CLA XM . -84.53 4.48 54.75
C13 CLA XM . -84.38 4.10 56.21
C14 CLA XM . -84.41 2.59 56.39
C15 CLA XM . -85.48 4.77 57.03
C16 CLA XM . -85.35 4.43 58.50
C17 CLA XM . -86.28 5.28 59.34
C18 CLA XM . -85.98 5.12 60.84
C19 CLA XM . -86.95 5.95 61.68
C20 CLA XM . -86.01 3.65 61.25
MG CLA YM . -88.10 2.82 55.74
CHA CLA YM . -88.54 5.45 53.53
CHB CLA YM . -89.80 4.53 58.21
CHC CLA YM . -87.71 0.21 57.71
CHD CLA YM . -86.36 1.09 53.20
NA CLA YM . -89.09 4.79 55.88
C1A CLA YM . -89.17 5.70 54.90
C2A CLA YM . -89.90 6.94 55.35
C3A CLA YM . -90.26 6.62 56.81
C4A CLA YM . -89.70 5.24 57.00
CMA CLA YM . -90.02 7.65 57.91
CAA CLA YM . -91.18 7.14 54.55
CBA CLA YM . -91.82 8.49 54.84
CGA CLA YM . -90.91 9.61 54.41
O1A CLA YM . -90.39 9.56 53.32
O2A CLA YM . -90.69 10.61 55.25
NB CLA YM . -88.68 2.42 57.65
C1B CLA YM . -89.34 3.24 58.53
C2B CLA YM . -89.48 2.59 59.80
C3B CLA YM . -88.88 1.36 59.65
C4B CLA YM . -88.38 1.28 58.29
CMB CLA YM . -90.14 3.17 61.02
CAB CLA YM . -88.72 0.27 60.64
CBB CLA YM . -88.10 0.50 61.99
NC CLA YM . -87.29 0.90 55.45
C1C CLA YM . -87.12 0.03 56.44
C2C CLA YM . -86.26 -1.11 56.06
C3C CLA YM . -85.93 -0.87 54.76
C4C CLA YM . -86.57 0.39 54.39
CMC CLA YM . -85.86 -2.27 56.93
CAC CLA YM . -85.05 -1.71 53.88
CBC CLA YM . -83.61 -1.27 54.05
ND CLA YM . -87.57 3.07 53.85
C1D CLA YM . -86.86 2.38 52.93
C2D CLA YM . -86.68 3.11 51.69
C3D CLA YM . -87.34 4.31 51.94
C4D CLA YM . -87.88 4.28 53.22
CMD CLA YM . -85.99 2.82 50.39
CAD CLA YM . -87.69 5.58 51.33
OBD CLA YM . -87.19 6.03 50.30
CBD CLA YM . -88.47 6.38 52.33
CGD CLA YM . -87.64 7.59 52.66
O1D CLA YM . -87.75 8.60 51.98
O2D CLA YM . -86.80 7.58 53.68
CED CLA YM . -86.74 8.77 54.47
MG CLA ZM . -84.91 -15.07 54.72
CHA CLA ZM . -82.72 -17.31 56.25
CHB CLA ZM . -82.63 -12.51 55.08
CHC CLA ZM . -87.01 -13.09 53.11
CHD CLA ZM . -87.25 -17.70 54.38
NA CLA ZM . -82.87 -14.90 55.57
C1A CLA ZM . -82.17 -15.89 56.14
C2A CLA ZM . -80.84 -15.39 56.64
C3A CLA ZM . -80.85 -13.90 56.27
C4A CLA ZM . -82.19 -13.73 55.61
CMA CLA ZM . -80.39 -12.86 57.29
CAA CLA ZM . -79.69 -16.07 55.91
CBA CLA ZM . -79.82 -15.97 54.39
CGA CLA ZM . -80.20 -17.30 53.79
O1A CLA ZM . -79.91 -18.33 54.36
O2A CLA ZM . -80.81 -17.29 52.62
NB CLA ZM . -84.83 -13.11 54.17
C1B CLA ZM . -83.85 -12.20 54.43
C2B CLA ZM . -84.22 -10.91 53.91
C3B CLA ZM . -85.46 -11.08 53.36
C4B CLA ZM . -85.83 -12.49 53.53
CMB CLA ZM . -83.43 -9.63 53.97
CAB CLA ZM . -86.29 -10.05 52.69
CBB CLA ZM . -87.60 -9.60 53.29
NC CLA ZM . -86.79 -15.37 53.82
C1C CLA ZM . -87.51 -14.40 53.26
C2C CLA ZM . -88.85 -14.85 52.82
C3C CLA ZM . -88.89 -16.18 53.17
C4C CLA ZM . -87.61 -16.48 53.80
CMC CLA ZM . -89.91 -14.03 52.15
CAC CLA ZM . -90.04 -17.12 52.96
CBC CLA ZM . -89.81 -17.94 51.70
ND CLA ZM . -85.05 -17.00 55.13
C1D CLA ZM . -86.01 -17.97 54.99
C2D CLA ZM . -85.60 -19.24 55.56
C3D CLA ZM . -84.32 -18.96 56.04
C4D CLA ZM . -84.01 -17.63 55.79
CMD CLA ZM . -86.25 -20.58 55.68
CAD CLA ZM . -83.22 -19.60 56.72
OBD CLA ZM . -83.25 -20.70 57.25
CBD CLA ZM . -82.09 -18.61 56.75
CGD CLA ZM . -81.47 -18.62 58.13
O1D CLA ZM . -80.97 -19.65 58.55
O2D CLA ZM . -81.39 -17.57 58.92
CED CLA ZM . -80.12 -17.43 59.56
C1 CLA ZM . -82.17 -16.78 52.48
C2 CLA ZM . -83.35 -17.69 52.28
C3 CLA ZM . -84.28 -17.37 51.36
C4 CLA ZM . -85.47 -18.24 51.13
C5 CLA ZM . -84.17 -16.12 50.51
C6 CLA ZM . -85.49 -15.35 50.51
C7 CLA ZM . -85.59 -14.47 49.28
C8 CLA ZM . -85.60 -12.99 49.65
C9 CLA ZM . -86.98 -12.38 49.44
C10 CLA ZM . -84.55 -12.24 48.84
MG CLA AN . -75.99 -12.31 52.87
CHA CLA AN . -77.17 -14.98 51.02
CHB CLA AN . -72.74 -13.34 52.38
CHC CLA AN . -74.97 -9.67 54.59
CHD CLA AN . -79.33 -11.25 53.34
NA CLA AN . -75.03 -13.98 51.80
C1A CLA AN . -75.65 -14.95 51.14
C2A CLA AN . -74.69 -15.95 50.56
C3A CLA AN . -73.34 -15.41 51.05
C4A CLA AN . -73.70 -14.17 51.78
CMA CLA AN . -72.43 -16.36 51.80
CAA CLA AN . -74.75 -15.88 49.03
CBA CLA AN . -73.43 -16.10 48.30
CGA CLA AN . -73.41 -15.19 47.09
O1A CLA AN . -74.44 -15.01 46.47
O2A CLA AN . -72.28 -14.62 46.70
NB CLA AN . -74.15 -11.61 53.39
C1B CLA AN . -72.93 -12.16 53.12
C2B CLA AN . -71.88 -11.36 53.69
C3B CLA AN . -72.53 -10.33 54.32
C4B CLA AN . -73.96 -10.50 54.12
CMB CLA AN . -70.40 -11.63 53.62
CAB CLA AN . -71.92 -9.20 55.07
CBB CLA AN . -70.91 -8.27 54.44
NC CLA AN . -76.99 -10.68 53.76
C1C CLA AN . -76.37 -9.73 54.44
C2C CLA AN . -77.31 -8.75 55.04
C3C CLA AN . -78.54 -9.20 54.65
C4C CLA AN . -78.33 -10.40 53.85
CMC CLA AN . -76.97 -7.54 55.87
CAC CLA AN . -79.86 -8.56 54.97
CBC CLA AN . -80.26 -7.69 53.80
ND CLA AN . -77.82 -12.88 52.38
C1D CLA AN . -79.09 -12.41 52.58
C2D CLA AN . -80.09 -13.25 51.92
C3D CLA AN . -79.33 -14.24 51.32
C4D CLA AN . -77.98 -14.01 51.60
CMD CLA AN . -81.58 -13.21 51.80
CAD CLA AN . -79.44 -15.44 50.51
OBD CLA AN . -80.42 -15.76 49.86
CBD CLA AN . -78.06 -15.99 50.33
CGD CLA AN . -77.90 -17.33 51.00
O1D CLA AN . -77.56 -17.40 52.15
O2D CLA AN . -78.13 -18.45 50.32
CED CLA AN . -78.88 -19.46 50.99
C1 CLA AN . -71.38 -13.90 47.61
C2 CLA AN . -71.85 -12.99 48.72
C3 CLA AN . -71.46 -11.70 48.78
C4 CLA AN . -70.55 -11.11 47.76
C5 CLA AN . -71.91 -10.78 49.90
C6 CLA AN . -73.16 -10.02 49.49
C7 CLA AN . -73.62 -9.12 50.63
C8 CLA AN . -75.04 -8.60 50.39
C9 CLA AN . -75.42 -7.57 51.46
C10 CLA AN . -76.02 -9.76 50.38
MG CLA BN . -105.87 11.21 71.91
CHA CLA BN . -107.94 11.41 74.67
CHB CLA BN . -103.28 12.60 73.69
CHC CLA BN . -103.97 10.86 69.24
CHD CLA BN . -108.55 9.76 70.11
NA CLA BN . -105.60 11.92 73.98
C1A CLA BN . -106.54 11.92 74.94
C2A CLA BN . -106.03 12.50 76.24
C3A CLA BN . -104.57 12.87 75.88
C4A CLA BN . -104.45 12.46 74.45
CMA CLA BN . -104.00 14.21 76.34
CAA CLA BN . -105.95 11.45 77.35
CBA CLA BN . -105.79 10.01 76.85
CGA CLA BN . -104.47 9.41 77.27
O1A CLA BN . -104.48 8.39 77.95
O2A CLA BN . -103.34 9.98 76.89
NB CLA BN . -103.93 11.65 71.53
C1B CLA BN . -103.02 12.25 72.35
C2B CLA BN . -101.77 12.44 71.66
C3B CLA BN . -101.98 11.95 70.40
C4B CLA BN . -103.35 11.45 70.33
CMB CLA BN . -100.52 13.07 72.21
CAB CLA BN . -101.04 11.88 69.25
CBB CLA BN . -99.70 11.21 69.35
NC CLA BN . -106.19 10.37 70.01
C1C CLA BN . -105.28 10.38 69.04
C2C CLA BN . -105.81 9.86 67.76
C3C CLA BN . -107.10 9.52 68.03
C4C CLA BN . -107.34 9.85 69.44
CMC CLA BN . -105.06 9.72 66.46
CAC CLA BN . -108.11 8.94 67.08
CBC CLA BN . -108.85 10.05 66.38
ND CLA BN . -107.77 10.69 72.19
C1D CLA BN . -108.75 10.10 71.46
C2D CLA BN . -109.97 9.91 72.23
C3D CLA BN . -109.64 10.42 73.49
C4D CLA BN . -108.32 10.88 73.45
CMD CLA BN . -111.32 9.31 71.93
CAD CLA BN . -110.18 10.64 74.81
OBD CLA BN . -111.07 9.98 75.31
CBD CLA BN . -109.14 11.38 75.59
CGD CLA BN . -109.61 12.78 75.84
O1D CLA BN . -110.08 13.45 74.94
O2D CLA BN . -109.50 13.32 77.05
CED CLA BN . -110.73 13.74 77.65
C1 CLA BN . -102.72 9.62 75.63
C2 CLA BN . -102.55 8.19 75.19
C3 CLA BN . -101.57 7.83 74.35
C4 CLA BN . -101.40 6.40 73.92
C5 CLA BN . -100.59 8.82 73.78
C1 LUT CN . -83.57 -8.86 58.53
C2 LUT CN . -83.38 -9.92 59.61
C3 LUT CN . -83.66 -11.30 59.07
C4 LUT CN . -85.12 -11.37 58.65
C5 LUT CN . -85.47 -10.25 57.72
C6 LUT CN . -84.90 -9.03 57.82
C7 LUT CN . -85.55 -7.85 57.20
C8 LUT CN . -86.60 -7.24 57.75
C9 LUT CN . -87.21 -6.07 57.12
C10 LUT CN . -88.13 -5.38 57.82
C11 LUT CN . -88.82 -4.20 57.32
C12 LUT CN . -89.67 -3.64 58.16
C13 LUT CN . -90.42 -2.42 57.83
C14 LUT CN . -91.04 -1.81 58.84
C15 LUT CN . -91.79 -0.57 58.67
C16 LUT CN . -82.46 -8.98 57.51
C17 LUT CN . -83.47 -7.50 59.21
C18 LUT CN . -86.48 -10.53 56.65
C19 LUT CN . -86.83 -5.65 55.73
C20 LUT CN . -90.49 -1.90 56.44
O3 LUT CN . -83.45 -12.25 60.12
C21 LUT CN . -98.92 9.18 61.39
C22 LUT CN . -99.42 10.62 61.36
C23 LUT CN . -98.22 11.54 61.43
C24 LUT CN . -97.67 11.44 62.83
C25 LUT CN . -97.31 10.00 63.15
C26 LUT CN . -97.95 8.96 62.56
C27 LUT CN . -97.44 7.58 62.85
C28 LUT CN . -96.53 6.95 62.11
C29 LUT CN . -96.03 5.60 62.41
C30 LUT CN . -95.07 5.12 61.61
C31 LUT CN . -94.45 3.82 61.77
C32 LUT CN . -94.15 3.12 60.68
C33 LUT CN . -93.48 1.82 60.80
C34 LUT CN . -92.84 1.33 59.73
C35 LUT CN . -92.13 0.07 59.78
C36 LUT CN . -98.26 8.95 60.04
C37 LUT CN . -100.09 8.24 61.54
C38 LUT CN . -96.25 9.77 64.18
C39 LUT CN . -96.56 4.79 63.56
C40 LUT CN . -93.50 1.07 62.11
O23 LUT CN . -98.57 12.90 61.12
C1 LUT DN . -97.23 -10.68 68.79
C2 LUT DN . -95.94 -11.36 69.24
C3 LUT DN . -94.84 -10.33 69.55
C4 LUT DN . -94.55 -9.54 68.29
C5 LUT DN . -95.81 -8.98 67.73
C6 LUT DN . -96.94 -9.68 67.69
C7 LUT DN . -97.92 -9.45 66.60
C8 LUT DN . -97.71 -9.88 65.36
C9 LUT DN . -98.72 -9.63 64.30
C10 LUT DN . -98.41 -9.96 63.05
C11 LUT DN . -99.29 -9.76 61.90
C12 LUT DN . -98.70 -9.74 60.70
C13 LUT DN . -99.45 -9.59 59.45
C14 LUT DN . -98.83 -9.90 58.31
C15 LUT DN . -99.49 -9.83 57.01
C16 LUT DN . -97.84 -9.91 69.95
C17 LUT DN . -98.20 -11.75 68.30
C18 LUT DN . -95.78 -7.57 67.23
C19 LUT DN . -100.04 -9.01 64.62
C20 LUT DN . -100.87 -9.11 59.45
O3 LUT DN . -93.65 -11.02 69.92
C21 LUT DN . -100.89 -13.30 44.63
C22 LUT DN . -101.68 -13.23 43.32
C23 LUT DN . -101.59 -11.89 42.62
C24 LUT DN . -102.06 -10.83 43.57
C25 LUT DN . -101.13 -10.82 44.76
C26 LUT DN . -100.72 -11.96 45.34
C27 LUT DN . -99.73 -11.88 46.44
C28 LUT DN . -100.15 -11.98 47.70
C29 LUT DN . -99.27 -11.93 48.87
C30 LUT DN . -99.84 -11.90 50.08
C31 LUT DN . -99.13 -11.87 51.35
C32 LUT DN . -99.58 -11.09 52.33
C33 LUT DN . -98.91 -11.07 53.64
C34 LUT DN . -99.54 -10.49 54.68
C35 LUT DN . -98.93 -10.47 56.00
C36 LUT DN . -99.49 -13.85 44.34
C37 LUT DN . -101.62 -14.28 45.54
C38 LUT DN . -100.66 -9.49 45.26
C39 LUT DN . -97.77 -11.95 48.71
C40 LUT DN . -97.58 -11.72 53.81
O23 LUT DN . -102.47 -11.92 41.49
C1 NEX EN . -117.73 7.66 77.26
C2 NEX EN . -118.62 8.43 78.25
C3 NEX EN . -118.35 9.93 78.44
C4 NEX EN . -117.05 10.45 77.82
C5 NEX EN . -115.91 9.44 77.91
C6 NEX EN . -116.34 8.21 77.14
C7 NEX EN . -115.53 7.68 76.35
C8 NEX EN . -114.64 7.12 75.41
C9 NEX EN . -114.35 5.71 75.05
C10 NEX EN . -113.17 5.35 74.90
C11 NEX EN . -112.61 4.29 74.04
C12 NEX EN . -111.54 3.84 74.22
C13 NEX EN . -110.28 4.07 73.48
C14 NEX EN . -109.44 3.16 73.34
C15 NEX EN . -108.32 3.07 72.39
C16 NEX EN . -118.38 7.63 75.88
C17 NEX EN . -117.58 6.23 77.77
C18 NEX EN . -114.66 10.05 77.30
C19 NEX EN . -115.49 4.76 74.85
C20 NEX EN . -110.03 5.44 72.92
O3 NEX EN . -119.46 10.65 77.86
O4 NEX EN . -115.64 9.10 79.26
C21 NEX EN . -97.48 -0.10 70.53
C22 NEX EN . -96.04 -0.33 70.96
C23 NEX EN . -95.93 -0.65 72.45
C24 NEX EN . -96.54 -2.02 72.71
C25 NEX EN . -98.00 -2.07 72.25
C26 NEX EN . -98.45 -1.13 71.13
C27 NEX EN . -99.66 -1.55 70.34
C28 NEX EN . -100.83 -0.94 70.50
C29 NEX EN . -101.90 -1.33 69.78
C30 NEX EN . -103.01 -0.77 69.92
C31 NEX EN . -103.41 0.35 70.79
C32 NEX EN . -104.53 0.73 70.85
C33 NEX EN . -105.15 1.72 71.77
C34 NEX EN . -106.34 2.06 71.61
C35 NEX EN . -107.29 2.53 72.63
C36 NEX EN . -97.54 -0.17 69.01
C37 NEX EN . -97.91 1.29 70.98
C38 NEX EN . -98.81 -3.33 72.48
C39 NEX EN . -101.78 -2.45 68.78
C40 NEX EN . -104.34 2.29 72.89
O23 NEX EN . -94.55 -0.67 72.84
O24 NEX EN . -98.73 -0.88 72.50
O1 LHG FN . -86.02 3.87 39.51
C1 LHG FN . -87.15 3.78 40.37
C2 LHG FN . -86.98 2.58 41.30
O2 LHG FN . -85.94 1.74 40.79
C3 LHG FN . -88.28 1.80 41.33
O3 LHG FN . -88.09 0.59 42.05
P LHG FN . -89.00 0.26 43.34
O4 LHG FN . -88.61 1.21 44.43
O5 LHG FN . -90.43 0.18 42.88
O6 LHG FN . -88.53 -1.22 43.75
C4 LHG FN . -88.45 -1.58 45.13
C5 LHG FN . -89.38 -2.73 45.47
C6 LHG FN . -90.72 -2.15 45.91
O7 LHG FN . -89.55 -3.58 44.35
C7 LHG FN . -89.47 -4.87 44.68
O9 LHG FN . -90.39 -5.38 45.31
C8 LHG FN . -88.26 -5.69 44.32
C9 LHG FN . -88.51 -7.14 44.70
C10 LHG FN . -88.70 -8.03 43.47
O8 LHG FN . -90.89 -2.36 47.30
C23 LHG FN . -91.80 -3.23 47.71
O10 LHG FN . -92.81 -3.39 47.04
C24 LHG FN . -91.59 -4.02 48.97
C11 LHG FN . -87.94 -9.33 43.64
C12 LHG FN . -88.83 -10.43 44.20
C13 LHG FN . -88.01 -11.51 44.91
C14 LHG FN . -88.69 -11.96 46.19
C15 LHG FN . -89.68 -13.08 45.93
C16 LHG FN . -89.72 -14.07 47.09
C17 LHG FN . -90.41 -13.46 48.31
C18 LHG FN . -91.91 -13.35 48.10
C25 LHG FN . -91.41 -5.49 48.60
C26 LHG FN . -89.98 -5.96 48.89
C27 LHG FN . -89.69 -7.25 48.14
C28 LHG FN . -88.59 -8.07 48.82
C29 LHG FN . -87.33 -7.24 48.98
C30 LHG FN . -86.22 -8.02 49.68
C31 LHG FN . -84.88 -7.74 49.02
C32 LHG FN . -83.76 -7.57 50.03
C33 LHG FN . -84.20 -6.77 51.26
C34 LHG FN . -83.11 -5.81 51.71
C35 LHG FN . -83.56 -5.05 52.96
C36 LHG FN . -82.38 -4.72 53.86
C37 LHG FN . -82.74 -4.90 55.33
C38 LHG FN . -81.96 -3.94 56.19
O7 LPX GN . -70.37 -4.93 56.35
C6 LPX GN . -71.35 -5.56 56.73
O6 LPX GN . -71.27 -6.28 57.88
C5 LPX GN . -69.94 -6.65 58.26
C4 LPX GN . -69.95 -6.89 59.80
O5 LPX GN . -69.13 -5.96 60.42
C3 LPX GN . -69.50 -8.35 60.05
O1 LPX GN . -68.83 -8.37 61.25
P1 LPX GN . -68.95 -9.77 62.21
O3 LPX GN . -70.28 -9.78 62.83
O2 LPX GN . -67.77 -9.48 63.37
C1 LPX GN . -67.94 -10.02 64.63
C2 LPX GN . -67.85 -11.55 64.52
N1 LPX GN . -66.51 -11.91 64.06
O4 LPX GN . -68.38 -10.85 61.33
C7 LPX GN . -72.66 -5.58 55.99
C8 LPX GN . -73.72 -4.88 56.85
C9 LPX GN . -74.66 -4.04 55.98
C10 LPX GN . -75.60 -3.24 56.86
C11 LPX GN . -76.16 -2.04 56.10
C12 LPX GN . -75.02 -1.13 55.65
C13 LPX GN . -75.59 0.17 55.08
C14 LPX GN . -74.49 0.98 54.43
C15 LPX GN . -74.94 2.43 54.23
C16 LPX GN . -73.90 3.20 53.43
C17 LPX GN . -74.18 3.09 51.94
C18 LPX GN . -75.43 3.88 51.58
C19 LPX GN . -75.59 3.94 50.06
C20 LPX GN . -76.74 4.88 49.69
C21 LPX GN . -76.43 6.29 50.14
O13 3PH HN . -76.34 -14.29 68.38
P 3PH HN . -75.01 -14.96 68.58
O14 3PH HN . -74.48 -14.59 69.95
O12 3PH HN . -75.17 -16.46 68.49
O11 3PH HN . -73.95 -14.44 67.41
C1 3PH HN . -72.92 -13.56 67.77
C2 3PH HN . -73.35 -12.12 67.49
O21 3PH HN . -72.24 -11.36 67.11
C21 3PH HN . -72.43 -10.65 65.91
O22 3PH HN . -72.09 -11.12 64.89
C22 3PH HN . -73.08 -9.27 65.94
C23 3PH HN . -72.40 -8.37 64.92
C24 3PH HN . -73.30 -8.22 63.70
C25 3PH HN . -73.02 -6.87 63.05
C26 3PH HN . -74.31 -6.31 62.44
C27 3PH HN . -74.08 -4.85 62.05
C28 3PH HN . -73.85 -4.77 60.55
C29 3PH HN . -72.60 -3.95 60.27
C2A 3PH HN . -72.80 -2.51 60.71
C2B 3PH HN . -71.49 -1.74 60.55
C2C 3PH HN . -71.15 -1.64 59.06
C2D 3PH HN . -69.71 -1.16 58.90
C2E 3PH HN . -69.50 -0.64 57.48
C2F 3PH HN . -70.33 0.64 57.30
C2G 3PH HN . -70.13 1.15 55.87
C2H 3PH HN . -70.55 2.63 55.81
C2I 3PH HN . -70.22 3.19 54.43
C3 3PH HN . -73.96 -11.52 68.75
O31 3PH HN . -73.13 -10.50 69.24
C31 3PH HN . -73.46 -10.08 70.54
O32 3PH HN . -72.65 -10.15 71.39
C32 3PH HN . -74.86 -9.55 70.84
C33 3PH HN . -75.13 -8.30 70.00
C34 3PH HN . -73.93 -7.35 70.09
C35 3PH HN . -73.60 -6.79 68.71
C36 3PH HN . -74.86 -6.22 68.07
C37 3PH HN . -74.50 -5.01 67.20
C38 3PH HN . -75.80 -4.33 66.78
C39 3PH HN . -76.39 -5.07 65.58
C3A 3PH HN . -77.50 -4.23 64.96
C3B 3PH HN . -77.51 -4.42 63.45
C3C 3PH HN . -77.82 -3.08 62.78
C3D 3PH HN . -77.36 -3.12 61.33
C3E 3PH HN . -77.23 -1.69 60.80
C3F 3PH HN . -78.61 -1.04 60.78
C3G 3PH HN . -78.67 0.02 59.68
C3H 3PH HN . -78.70 1.42 60.29
C3I 3PH HN . -77.30 2.01 60.32
MG CHL IN . -68.87 26.33 54.58
CHA CHL IN . -67.05 28.26 56.74
CHB CHL IN . -70.49 24.95 57.24
CHC CHL IN . -70.62 24.52 52.50
CHD CHL IN . -67.08 27.79 51.92
NA CHL IN . -68.78 26.60 56.61
C1A CHL IN . -68.02 27.48 57.32
C2A CHL IN . -68.32 27.42 58.81
C3A CHL IN . -69.19 26.19 58.93
C4A CHL IN . -69.52 25.86 57.50
CMA CHL IN . -68.79 25.07 59.89
CAA CHL IN . -69.03 28.71 59.27
CBA CHL IN . -69.89 28.57 60.51
CGA CHL IN . -69.13 28.23 61.76
O1A CHL IN . -68.02 28.63 62.01
O2A CHL IN . -69.84 27.47 62.57
NB CHL IN . -70.36 24.95 54.85
C1B CHL IN . -70.91 24.53 55.99
C2B CHL IN . -71.94 23.59 55.71
C3B CHL IN . -71.99 23.43 54.31
C4B CHL IN . -70.97 24.32 53.80
CMB CHL IN . -72.78 22.89 56.74
CAB CHL IN . -72.85 22.60 53.48
CBB CHL IN . -73.96 21.61 53.79
NC CHL IN . -68.83 26.21 52.53
C1C CHL IN . -69.67 25.35 51.90
C2C CHL IN . -69.41 25.43 50.48
C3C CHL IN . -68.39 26.36 50.31
C4C CHL IN . -68.03 26.85 51.61
CMC CHL IN . -70.10 24.65 49.47
OMC CHL IN . -69.92 24.69 48.26
CAC CHL IN . -67.75 26.80 49.03
CBC CHL IN . -68.27 28.09 48.53
ND CHL IN . -67.41 27.72 54.29
C1D CHL IN . -66.77 28.23 53.20
C2D CHL IN . -65.80 29.19 53.61
C3D CHL IN . -65.86 29.24 54.98
C4D CHL IN . -66.86 28.34 55.39
CMD CHL IN . -64.91 29.97 52.68
CAD CHL IN . -65.31 29.83 56.19
OBD CHL IN . -64.42 30.67 56.27
CBD CHL IN . -66.03 29.23 57.37
CGD CHL IN . -65.04 28.52 58.29
O1D CHL IN . -64.13 27.84 57.92
O2D CHL IN . -65.33 28.76 59.57
CED CHL IN . -64.46 28.12 60.53
C1 CHL IN . -69.42 27.10 63.90
C2 CHL IN . -68.97 25.69 63.86
C3 CHL IN . -69.09 24.90 64.92
C4 CHL IN . -69.67 25.36 66.23
C5 CHL IN . -68.59 23.48 64.87
C6 CHL IN . -69.20 22.59 65.95
C7 CHL IN . -68.73 21.15 65.85
C8 CHL IN . -69.28 20.23 66.93
C9 CHL IN . -68.92 18.76 66.65
C10 CHL IN . -68.67 20.71 68.25
C11 CHL IN . -67.30 20.17 68.58
C12 CHL IN . -66.81 20.54 69.97
C13 CHL IN . -65.53 19.84 70.42
C14 CHL IN . -65.55 18.36 70.05
C15 CHL IN . -65.13 20.05 71.87
C16 CHL IN . -65.10 21.50 72.33
C17 CHL IN . -64.74 21.65 73.80
C18 CHL IN . -64.66 23.08 74.31
C19 CHL IN . -64.36 23.11 75.80
C20 CHL IN . -63.65 23.89 73.54
MG CLA JN . -63.37 37.25 58.33
CHA CLA JN . -66.05 38.02 56.28
CHB CLA JN . -63.28 40.50 59.48
CHC CLA JN . -60.92 36.36 60.34
CHD CLA JN . -63.53 33.91 57.15
NA CLA JN . -64.55 39.08 57.95
C1A CLA JN . -65.56 39.19 57.09
C2A CLA JN . -66.10 40.59 57.04
C3A CLA JN . -65.19 41.34 58.01
C4A CLA JN . -64.29 40.27 58.53
CMA CLA JN . -64.59 42.62 57.48
CAA CLA JN . -67.52 40.66 57.61
CBA CLA JN . -67.72 39.77 58.83
CGA CLA JN . -67.84 40.63 60.07
O1A CLA JN . -68.39 41.71 59.98
O2A CLA JN . -67.36 40.21 61.22
NB CLA JN . -62.28 38.27 59.71
C1B CLA JN . -62.36 39.60 60.03
C2B CLA JN . -61.36 39.92 61.01
C3B CLA JN . -60.68 38.75 61.25
C4B CLA JN . -61.28 37.71 60.42
CMB CLA JN . -61.13 41.29 61.61
CAB CLA JN . -59.55 38.51 62.17
CBB CLA JN . -59.57 38.93 63.63
NC CLA JN . -62.40 35.42 58.72
C1C CLA JN . -61.39 35.29 59.56
C2C CLA JN . -60.85 33.91 59.58
C3C CLA JN . -61.62 33.23 58.68
C4C CLA JN . -62.58 34.18 58.15
CMC CLA JN . -59.72 33.37 60.40
CAC CLA JN . -61.47 31.78 58.31
CBC CLA JN . -62.43 30.94 59.15
ND CLA JN . -64.46 36.15 57.09
C1D CLA JN . -64.44 34.86 56.65
C2D CLA JN . -65.45 34.63 55.62
C3D CLA JN . -66.07 35.87 55.49
C4D CLA JN . -65.47 36.76 56.37
CMD CLA JN . -65.85 33.42 54.81
CAD CLA JN . -67.11 36.55 54.75
OBD CLA JN . -67.51 36.22 53.66
CBD CLA JN . -67.17 37.96 55.27
CGD CLA JN . -66.91 38.90 54.13
O1D CLA JN . -67.84 39.37 53.50
O2D CLA JN . -65.68 39.26 53.80
CED CLA JN . -65.49 40.60 53.35
C1 CLA JN . -66.17 40.82 61.80
C2 CLA JN . -65.06 39.99 62.41
C3 CLA JN . -64.57 40.28 63.63
C4 CLA JN . -65.09 41.44 64.44
C5 CLA JN . -63.47 39.45 64.27
C6 CLA JN . -63.89 39.03 65.68
C7 CLA JN . -62.82 38.15 66.31
C8 CLA JN . -63.41 37.20 67.36
C9 CLA JN . -62.75 37.42 68.72
C10 CLA JN . -63.25 35.78 66.85
C11 CLA JN . -63.28 34.73 67.96
C12 CLA JN . -64.03 33.47 67.54
C13 CLA JN . -63.56 32.97 66.18
C14 CLA JN . -64.65 32.15 65.50
C15 CLA JN . -62.26 32.17 66.34
C16 CLA JN . -62.50 30.76 66.87
C17 CLA JN . -61.62 29.75 66.15
C18 CLA JN . -61.83 29.80 64.64
C19 CLA JN . -60.51 29.94 63.89
C20 CLA JN . -62.60 28.57 64.16
MG CLA KN . -55.81 40.31 67.08
CHA CLA KN . -57.15 43.51 67.09
CHB CLA KN . -58.95 38.94 67.28
CHC CLA KN . -54.40 37.33 66.98
CHD CLA KN . -52.59 41.75 66.89
NA CLA KN . -57.86 41.12 67.16
C1A CLA KN . -58.20 42.41 67.16
C2A CLA KN . -59.69 42.60 67.24
C3A CLA KN . -60.22 41.16 67.32
C4A CLA KN . -58.96 40.34 67.24
CMA CLA KN . -61.26 40.80 68.37
CAA CLA KN . -60.20 43.17 65.92
CBA CLA KN . -60.80 44.56 66.07
CGA CLA KN . -62.29 44.45 66.25
O1A CLA KN . -62.90 43.55 65.68
O2A CLA KN . -62.90 45.34 67.02
NB CLA KN . -56.56 38.41 67.11
C1B CLA KN . -57.87 38.04 67.22
C2B CLA KN . -57.96 36.60 67.26
C3B CLA KN . -56.69 36.13 67.17
C4B CLA KN . -55.80 37.30 67.08
CMB CLA KN . -59.23 35.77 67.37
CAB CLA KN . -56.37 34.67 67.19
CBB CLA KN . -55.06 34.02 66.79
NC CLA KN . -53.84 39.65 66.86
C1C CLA KN . -53.47 38.37 66.87
C2C CLA KN . -52.00 38.20 66.75
C3C CLA KN . -51.52 39.47 66.67
C4C CLA KN . -52.67 40.36 66.76
CMC CLA KN . -51.24 36.90 66.72
CAC CLA KN . -50.10 39.91 66.53
CBC CLA KN . -49.78 39.92 65.06
ND CLA KN . -54.98 42.10 67.02
C1D CLA KN . -53.71 42.60 66.93
C2D CLA KN . -53.68 44.05 66.90
C3D CLA KN . -55.03 44.39 66.97
C4D CLA KN . -55.79 43.22 67.02
CMD CLA KN . -52.59 45.08 66.84
CAD CLA KN . -55.91 45.54 66.99
OBD CLA KN . -55.60 46.66 66.64
CBD CLA KN . -57.31 45.02 67.07
CGD CLA KN . -57.95 45.54 68.33
O1D CLA KN . -58.47 46.64 68.32
O2D CLA KN . -57.96 44.83 69.44
CED CLA KN . -59.17 44.87 70.19
C1 CLA KN . -62.75 45.24 68.47
C2 CLA KN . -62.88 43.89 69.14
C3 CLA KN . -63.01 43.77 70.46
C4 CLA KN . -63.05 44.96 71.37
C5 CLA KN . -63.13 42.42 71.12
C6 CLA KN . -61.93 42.16 72.01
C7 CLA KN . -62.17 40.91 72.86
C8 CLA KN . -60.87 40.29 73.32
C9 CLA KN . -61.03 38.79 73.53
C10 CLA KN . -60.42 40.99 74.60
C11 CLA KN . -59.24 40.28 75.25
C12 CLA KN . -58.23 41.29 75.78
C13 CLA KN . -56.94 40.59 76.18
C14 CLA KN . -57.15 39.71 77.40
C15 CLA KN . -55.86 41.63 76.42
C16 CLA KN . -54.49 40.97 76.56
C17 CLA KN . -53.59 41.31 75.38
C18 CLA KN . -52.26 41.88 75.87
C19 CLA KN . -51.50 40.85 76.71
C20 CLA KN . -51.42 42.35 74.69
MG CLA LN . -38.60 33.87 60.77
CHA CLA LN . -35.77 32.76 62.40
CHB CLA LN . -39.51 35.71 63.54
CHC CLA LN . -41.19 35.00 59.07
CHD CLA LN . -37.67 31.94 57.96
NA CLA LN . -37.74 34.23 62.77
C1A CLA LN . -36.61 33.69 63.24
C2A CLA LN . -36.33 34.11 64.66
C3A CLA LN . -37.54 35.00 64.98
C4A CLA LN . -38.32 35.01 63.71
CMA CLA LN . -38.29 34.73 66.27
CAA CLA LN . -35.08 34.99 64.73
CBA CLA LN . -34.97 35.94 63.53
CGA CLA LN . -33.55 36.42 63.38
O1A CLA LN . -32.63 35.62 63.48
O2A CLA LN . -33.34 37.70 63.14
NB CLA LN . -40.11 35.17 61.23
C1B CLA LN . -40.35 35.80 62.41
C2B CLA LN . -41.57 36.58 62.32
C3B CLA LN . -42.03 36.36 61.05
C4B CLA LN . -41.09 35.47 60.38
CMB CLA LN . -42.15 37.41 63.43
CAB CLA LN . -43.25 36.87 60.37
CBB CLA LN . -43.74 38.30 60.50
NC CLA LN . -39.29 33.55 58.82
C1C CLA LN . -40.39 34.10 58.32
C2C CLA LN . -40.68 33.67 56.94
C3C CLA LN . -39.66 32.82 56.63
C4C CLA LN . -38.80 32.74 57.81
CMC CLA LN . -41.84 34.11 56.08
CAC CLA LN . -39.46 32.09 55.33
CBC CLA LN . -38.47 32.84 54.47
ND CLA LN . -37.15 32.65 60.21
C1D CLA LN . -36.83 31.93 59.11
C2D CLA LN . -35.59 31.18 59.27
C3D CLA LN . -35.19 31.51 60.55
C4D CLA LN . -36.12 32.39 61.11
CMD CLA LN . -34.80 30.26 58.39
CAD CLA LN . -34.13 31.27 61.51
OBD CLA LN . -33.01 30.90 61.22
CBD CLA LN . -34.48 32.04 62.76
CGD CLA LN . -34.72 31.10 63.90
O1D CLA LN . -35.26 30.02 63.73
O2D CLA LN . -34.35 31.45 65.13
CED CLA LN . -33.20 30.80 65.65
C1 CLA LN . -33.79 38.31 61.90
C2 CLA LN . -33.37 37.75 60.55
C3 CLA LN . -33.12 38.55 59.52
C4 CLA LN . -33.23 40.04 59.63
C5 CLA LN . -32.69 38.01 58.17
C6 CLA LN . -31.17 37.93 58.12
C7 CLA LN . -30.70 37.14 56.91
C8 CLA LN . -30.04 35.82 57.34
C9 CLA LN . -28.96 36.04 58.39
C10 CLA LN . -29.51 35.05 56.14
C11 CLA LN . -28.88 35.94 55.07
C12 CLA LN . -27.36 35.89 55.10
C13 CLA LN . -26.77 37.28 54.87
C14 CLA LN . -25.52 37.18 53.99
C15 CLA LN . -26.46 37.94 56.20
C16 CLA LN . -27.46 39.05 56.51
C17 CLA LN . -27.46 40.12 55.44
C18 CLA LN . -27.07 41.48 56.01
C19 CLA LN . -25.92 42.10 55.23
C20 CLA LN . -28.28 42.42 56.06
MG CHL MN . -25.39 41.33 65.70
CHA CHL MN . -24.53 40.77 62.45
CHB CHL MN . -22.30 40.18 66.66
CHC CHL MN . -26.23 41.90 68.78
CHD CHL MN . -28.59 42.33 64.55
NA CHL MN . -23.72 40.63 64.73
C1A CHL MN . -23.54 40.51 63.37
C2A CHL MN . -22.15 40.00 63.04
C3A CHL MN . -21.62 39.55 64.36
C4A CHL MN . -22.60 40.13 65.35
CMA CHL MN . -21.16 38.09 64.53
CAA CHL MN . -21.28 41.11 62.44
CBA CHL MN . -20.23 40.61 61.47
CGA CHL MN . -20.34 41.25 60.11
O1A CHL MN . -21.37 41.48 59.54
O2A CHL MN . -19.15 41.54 59.62
NB CHL MN . -24.38 41.11 67.46
C1B CHL MN . -23.11 40.67 67.67
C2B CHL MN . -22.83 40.77 69.05
C3B CHL MN . -23.92 41.27 69.71
C4B CHL MN . -24.93 41.48 68.67
CMB CHL MN . -21.53 40.38 69.70
CAB CHL MN . -23.98 41.55 71.14
CBB CHL MN . -25.11 42.16 71.96
NC CHL MN . -27.15 42.01 66.50
C1C CHL MN . -27.24 42.13 67.85
C2C CHL MN . -28.60 42.56 68.15
C3C CHL MN . -29.25 42.67 66.96
C4C CHL MN . -28.35 42.33 65.91
CMC CHL MN . -29.24 42.82 69.42
OMC CHL MN . -28.71 42.74 70.52
CAC CHL MN . -30.69 43.09 66.78
CBC CHL MN . -30.82 44.51 66.33
ND CHL MN . -26.43 41.53 63.95
C1D CHL MN . -27.65 41.97 63.60
C2D CHL MN . -27.81 41.96 62.19
C3D CHL MN . -26.62 41.50 61.69
C4D CHL MN . -25.78 41.24 62.78
CMD CHL MN . -29.03 42.40 61.44
CAD CHL MN . -25.87 41.15 60.48
OBD CHL MN . -26.23 41.25 59.32
CBD CHL MN . -24.51 40.65 60.91
CGD CHL MN . -24.30 39.23 60.40
O1D CHL MN . -24.59 38.24 61.01
O2D CHL MN . -23.76 39.24 59.19
CED CHL MN . -23.51 37.95 58.60
MG CHL NN . -37.60 40.58 64.97
CHA CHL NN . -34.90 41.88 63.34
CHB CHL NN . -39.63 42.66 63.16
CHC CHL NN . -40.16 39.25 66.48
CHD CHL NN . -35.36 38.57 66.86
NA CHL NN . -37.30 42.00 63.52
C1A CHL NN . -36.12 42.37 62.93
C2A CHL NN . -36.33 43.39 61.82
C3A CHL NN . -37.78 43.79 61.98
C4A CHL NN . -38.31 42.76 62.95
CMA CHL NN . -38.16 45.25 62.13
CAA CHL NN . -36.06 42.82 60.42
CBA CHL NN . -34.91 43.48 59.68
CGA CHL NN . -35.21 44.87 59.20
O1A CHL NN . -35.98 45.13 58.32
O2A CHL NN . -34.53 45.76 59.89
NB CHL NN . -39.61 40.91 64.82
C1B CHL NN . -40.26 41.79 64.02
C2B CHL NN . -41.66 41.64 64.24
C3B CHL NN . -41.86 40.65 65.16
C4B CHL NN . -40.53 40.19 65.55
CMB CHL NN . -42.72 42.46 63.58
CAB CHL NN . -43.20 40.18 65.56
CBB CHL NN . -43.56 39.05 66.48
NC CHL NN . -37.70 39.15 66.43
C1C CHL NN . -38.93 38.77 66.91
C2C CHL NN . -38.69 37.77 67.95
C3C CHL NN . -37.35 37.60 68.04
C4C CHL NN . -36.70 38.45 67.09
CMC CHL NN . -39.61 37.01 68.77
OMC CHL NN . -40.82 37.10 68.74
CAC CHL NN . -36.66 36.67 68.99
CBC CHL NN . -36.33 37.32 70.31
ND CHL NN . -35.60 40.23 65.15
C1D CHL NN . -34.81 39.43 65.92
C2D CHL NN . -33.44 39.62 65.58
C3D CHL NN . -33.43 40.55 64.58
C4D CHL NN . -34.76 40.93 64.33
CMD CHL NN . -32.29 38.90 66.22
CAD CHL NN . -32.59 41.32 63.68
OBD CHL NN . -31.38 41.26 63.55
CBD CHL NN . -33.48 42.22 62.87
CGD CHL NN . -33.11 43.68 63.11
O1D CHL NN . -33.77 44.47 63.73
O2D CHL NN . -31.95 43.97 62.53
CED CHL NN . -31.49 45.34 62.67
C1 CHL NN . -34.66 47.20 59.65
C2 CHL NN . -33.54 47.62 58.76
C3 CHL NN . -33.74 48.02 57.51
C4 CHL NN . -35.09 48.09 56.87
C5 CHL NN . -32.59 48.43 56.65
C6 CHL NN . -32.31 49.93 56.69
C7 CHL NN . -31.12 50.35 55.83
C8 CHL NN . -30.82 51.83 55.84
C9 CHL NN . -30.51 52.34 57.24
C10 CHL NN . -29.63 52.04 54.89
C11 CHL NN . -29.88 53.01 53.75
C12 CHL NN . -28.66 53.19 52.84
C13 CHL NN . -28.86 54.18 51.69
C14 CHL NN . -27.77 54.03 50.65
C15 CHL NN . -29.08 55.64 52.09
C16 CHL NN . -28.03 56.21 53.02
C17 CHL NN . -28.26 57.67 53.43
C18 CHL NN . -27.55 58.75 52.61
C19 CHL NN . -28.17 59.03 51.26
C20 CHL NN . -27.41 60.04 53.40
MG CHL ON . -42.60 36.42 72.18
CHA CHL ON . -41.47 34.21 74.53
CHB CHL ON . -45.41 34.50 71.78
CHC CHL ON . -43.65 38.53 69.93
CHD CHL ON . -39.63 38.28 72.63
NA CHL ON . -43.31 34.70 73.03
C1A CHL ON . -42.73 33.94 74.03
C2A CHL ON . -43.62 32.77 74.45
C3A CHL ON . -44.78 32.84 73.47
C4A CHL ON . -44.51 34.10 72.70
CMA CHL ON . -45.24 31.58 72.74
CAA CHL ON . -44.10 32.82 75.91
CBA CHL ON . -44.69 31.52 76.44
CGA CHL ON . -46.18 31.47 76.41
O1A CHL ON . -46.90 32.36 76.79
O2A CHL ON . -46.63 30.32 75.96
NB CHL ON . -44.30 36.49 71.05
C1B CHL ON . -45.32 35.63 70.99
C2B CHL ON . -46.25 36.04 70.00
C3B CHL ON . -45.74 37.21 69.43
C4B CHL ON . -44.51 37.48 70.12
CMB CHL ON . -47.53 35.32 69.67
CAB CHL ON . -46.25 38.03 68.33
CBB CHL ON . -47.48 37.92 67.48
NC CHL ON . -41.75 38.14 71.45
C1C CHL ON . -42.44 38.88 70.52
C2C CHL ON . -41.63 40.06 70.21
C3C CHL ON . -40.50 39.97 70.99
C4C CHL ON . -40.57 38.77 71.77
CMC CHL ON . -41.86 41.16 69.31
OMC CHL ON . -42.85 41.29 68.60
CAC CHL ON . -39.38 40.97 71.02
CBC CHL ON . -38.33 40.70 69.98
ND CHL ON . -40.90 36.36 73.30
C1D CHL ON . -39.77 37.11 73.37
C2D CHL ON . -38.85 36.52 74.27
C3D CHL ON . -39.46 35.39 74.75
C4D CHL ON . -40.72 35.30 74.15
CMD CHL ON . -37.49 37.06 74.60
CAD CHL ON . -39.32 34.24 75.64
OBD CHL ON . -38.38 33.93 76.34
CBD CHL ON . -40.61 33.43 75.54
CGD CHL ON . -40.32 31.99 75.13
O1D CHL ON . -39.96 31.65 74.05
O2D CHL ON . -40.52 31.16 76.15
CED CHL ON . -40.27 29.77 75.89
C1 CHL ON . -48.03 30.00 75.84
C2 CHL ON . -48.55 30.68 74.63
C3 CHL ON . -48.45 30.17 73.42
C4 CHL ON . -47.81 28.85 73.12
C5 CHL ON . -48.97 30.91 72.21
C6 CHL ON . -50.22 31.73 72.53
C7 CHL ON . -50.43 32.89 71.57
C8 CHL ON . -51.65 33.75 71.89
C9 CHL ON . -51.69 34.14 73.37
C10 CHL ON . -51.58 34.98 71.00
C11 CHL ON . -52.81 35.86 71.06
C12 CHL ON . -52.72 37.14 70.23
C13 CHL ON . -51.86 38.25 70.83
C14 CHL ON . -52.04 38.37 72.34
C15 CHL ON . -52.02 39.61 70.16
C16 CHL ON . -51.12 40.72 70.67
C17 CHL ON . -49.68 40.58 70.25
C18 CHL ON . -48.82 41.81 70.43
C19 CHL ON . -48.73 42.24 71.88
C20 CHL ON . -47.44 41.63 69.83
MG CLA PN . -46.25 49.87 54.43
CHA CLA PN . -47.15 46.60 54.97
CHB CLA PN . -42.96 49.16 55.21
CHC CLA PN . -45.49 53.02 53.76
CHD CLA PN . -49.62 50.61 53.62
NA CLA PN . -45.14 48.06 55.02
C1A CLA PN . -45.67 46.85 55.19
C2A CLA PN . -44.64 45.84 55.63
C3A CLA PN . -43.36 46.68 55.71
C4A CLA PN . -43.82 48.04 55.29
CMA CLA PN . -42.45 46.54 56.92
CAA CLA PN . -44.40 44.76 54.58
CBA CLA PN . -44.56 45.29 53.15
CGA CLA PN . -43.88 44.34 52.19
O1A CLA PN . -43.33 43.35 52.66
O2A CLA PN . -43.88 44.63 50.91
NB CLA PN . -44.50 50.93 54.46
C1B CLA PN . -43.26 50.48 54.83
C2B CLA PN . -42.31 51.57 54.75
C3B CLA PN . -43.03 52.65 54.35
C4B CLA PN . -44.42 52.23 54.17
CMB CLA PN . -40.84 51.49 55.07
CAB CLA PN . -42.56 54.03 54.11
CBB CLA PN . -41.52 54.31 53.05
NC CLA PN . -47.36 51.53 53.75
C1C CLA PN . -46.86 52.74 53.58
C2C CLA PN . -47.87 53.75 53.21
C3C CLA PN . -49.04 53.04 53.15
C4C CLA PN . -48.71 51.65 53.50
CMC CLA PN . -47.66 55.20 52.93
CAC CLA PN . -50.41 53.58 52.82
CBC CLA PN . -50.70 53.37 51.35
ND CLA PN . -47.99 48.95 54.30
C1D CLA PN . -49.26 49.28 53.97
C2D CLA PN . -50.17 48.14 54.06
C3D CLA PN . -49.33 47.11 54.44
C4D CLA PN . -48.03 47.59 54.58
CMD CLA PN . -51.64 47.95 53.81
CAD CLA PN . -49.34 45.70 54.76
OBD CLA PN . -50.27 44.93 54.60
CBD CLA PN . -47.94 45.30 55.11
CGD CLA PN . -47.90 44.82 56.53
O1D CLA PN . -48.45 45.46 57.42
O2D CLA PN . -47.28 43.69 56.83
CED CLA PN . -48.10 42.62 57.28
C1 CLA PN . -43.88 43.62 49.86
C2 CLA PN . -42.78 42.60 49.72
C3 CLA PN . -42.13 42.41 48.57
C4 CLA PN . -41.04 41.40 48.43
C5 CLA PN . -42.45 43.21 47.32
MG CHL QN . -49.68 47.55 64.65
CHA CHL QN . -52.94 47.54 63.72
CHB CHL QN . -49.92 50.95 65.25
CHC CHL QN . -46.62 47.51 65.64
CHD CHL QN . -49.58 44.04 63.98
NA CHL QN . -51.14 48.97 64.49
C1A CHL QN . -52.46 48.75 64.17
C2A CHL QN . -53.29 50.02 64.32
C3A CHL QN . -52.27 51.10 64.49
C4A CHL QN . -50.99 50.32 64.74
CMA CHL QN . -52.25 52.29 63.54
CAA CHL QN . -54.26 49.95 65.52
CBA CHL QN . -53.60 49.73 66.88
CGA CHL QN . -54.53 49.28 67.95
O1A CHL QN . -55.72 49.52 67.98
O2A CHL QN . -53.90 48.57 68.87
NB CHL QN . -48.46 49.04 65.33
C1B CHL QN . -48.70 50.34 65.53
C2B CHL QN . -47.54 50.95 66.08
C3B CHL QN . -46.58 49.99 66.24
C4B CHL QN . -47.18 48.76 65.73
CMB CHL QN . -47.40 52.40 66.42
CAB CHL QN . -45.26 50.22 66.84
CBB CHL QN . -44.15 49.24 67.12
NC CHL QN . -48.35 45.99 64.75
C1C CHL QN . -47.09 46.28 65.21
C2C CHL QN . -46.33 45.04 65.18
C3C CHL QN . -47.17 44.06 64.72
C4C CHL QN . -48.44 44.65 64.44
CMC CHL QN . -44.95 44.80 65.56
OMC CHL QN . -44.17 45.63 65.97
CAC CHL QN . -46.83 42.61 64.55
CBC CHL QN . -46.80 41.85 65.87
ND CHL QN . -50.89 46.05 63.97
C1D CHL QN . -50.78 44.71 63.75
C2D CHL QN . -52.01 44.19 63.28
C3D CHL QN . -52.88 45.25 63.24
C4D CHL QN . -52.19 46.38 63.67
CMD CHL QN . -52.27 42.75 62.95
CAD CHL QN . -54.25 45.67 62.95
OBD CHL QN . -55.17 45.00 62.54
CBD CHL QN . -54.35 47.15 63.24
CGD CHL QN . -54.82 47.91 62.01
O1D CHL QN . -54.31 47.84 60.92
O2D CHL QN . -55.88 48.65 62.29
CED CHL QN . -56.43 49.42 61.18
C1 CHL QN . -54.56 48.01 70.03
C2 CHL QN . -54.48 46.52 69.94
C3 CHL QN . -53.55 45.82 70.60
C4 CHL QN . -52.52 46.45 71.49
C5 CHL QN . -53.48 44.32 70.48
C6 CHL QN . -54.72 43.62 71.00
C7 CHL QN . -54.65 42.10 70.83
C8 CHL QN . -55.88 41.34 71.33
C9 CHL QN . -57.14 41.77 70.59
C10 CHL QN . -55.57 39.86 71.13
C11 CHL QN . -56.79 38.95 71.17
C12 CHL QN . -56.46 37.47 70.95
C13 CHL QN . -57.67 36.52 70.81
C14 CHL QN . -58.99 37.27 70.77
C15 CHL QN . -57.74 35.34 71.78
C16 CHL QN . -56.80 34.19 71.48
C17 CHL QN . -57.10 32.93 72.28
C18 CHL QN . -56.13 31.78 72.13
C19 CHL QN . -55.85 31.44 70.67
C20 CHL QN . -54.83 32.03 72.86
MG CLA RN . -49.88 40.62 49.09
CHA CLA RN . -50.30 43.55 47.30
CHB CLA RN . -51.57 38.85 46.67
CHC CLA RN . -49.27 37.86 50.80
CHD CLA RN . -48.22 42.47 51.60
NA CLA RN . -50.84 41.12 47.16
C1A CLA RN . -50.93 42.34 46.63
C2A CLA RN . -51.72 42.33 45.35
C3A CLA RN . -52.13 40.86 45.22
C4A CLA RN . -51.48 40.22 46.39
CMA CLA RN . -53.61 40.61 45.00
CAA CLA RN . -50.88 42.68 44.13
CBA CLA RN . -49.44 42.19 44.23
CGA CLA RN . -49.25 40.95 43.39
O1A CLA RN . -50.13 40.60 42.63
O2A CLA RN . -48.13 40.25 43.50
NB CLA RN . -50.34 38.66 48.77
C1B CLA RN . -51.05 38.11 47.74
C2B CLA RN . -51.18 36.68 47.94
C3B CLA RN . -50.53 36.42 49.12
C4B CLA RN . -50.00 37.68 49.62
CMB CLA RN . -51.89 35.72 47.03
CAB CLA RN . -50.35 35.12 49.80
CBB CLA RN . -49.71 33.94 49.10
NC CLA RN . -48.84 40.22 50.87
C1C CLA RN . -48.75 39.03 51.42
C2C CLA RN . -48.03 39.04 52.71
C3C CLA RN . -47.71 40.36 52.91
C4C CLA RN . -48.23 41.09 51.76
CMC CLA RN . -47.72 37.87 53.60
CAC CLA RN . -46.97 40.92 54.08
CBC CLA RN . -45.52 41.12 53.71
ND CLA RN . -49.34 42.48 49.45
C1D CLA RN . -48.71 43.15 50.45
C2D CLA RN . -48.64 44.59 50.21
C3D CLA RN . -49.26 44.73 48.98
C4D CLA RN . -49.67 43.47 48.54
CMD CLA RN . -48.07 45.75 50.97
CAD CLA RN . -49.64 45.71 47.99
OBD CLA RN . -49.28 46.87 47.98
CBD CLA RN . -50.18 44.98 46.81
CGD CLA RN . -51.52 45.52 46.46
O1D CLA RN . -52.37 45.65 47.31
O2D CLA RN . -51.80 45.85 45.20
CED CLA RN . -52.25 47.17 44.95
C1 CLA RN . -48.16 38.80 43.34
C2 CLA RN . -48.50 37.87 44.48
C3 CLA RN . -48.19 36.56 44.40
C4 CLA RN . -47.52 35.97 43.20
C5 CLA RN . -48.51 35.60 45.51
C6 CLA RN . -47.49 35.79 46.62
C7 CLA RN . -46.79 34.47 46.96
C8 CLA RN . -45.28 34.57 46.75
C9 CLA RN . -44.92 34.23 45.30
C10 CLA RN . -44.56 33.66 47.71
C11 CLA RN . -43.27 34.31 48.21
C12 CLA RN . -42.93 33.84 49.63
C13 CLA RN . -41.43 33.69 49.79
C14 CLA RN . -41.09 32.48 50.66
C15 CLA RN . -40.84 34.97 50.39
C16 CLA RN . -41.25 35.17 51.84
C17 CLA RN . -41.94 36.52 52.04
C18 CLA RN . -40.94 37.65 52.21
C19 CLA RN . -41.00 38.62 51.04
C20 CLA RN . -41.17 38.38 53.53
MG CLA SN . -60.24 25.90 47.16
CHA CLA SN . -59.05 28.68 45.49
CHB CLA SN . -62.02 24.91 44.37
CHC CLA SN . -61.26 23.24 48.84
CHD CLA SN . -58.38 26.89 50.00
NA CLA SN . -60.52 26.70 45.12
C1A CLA SN . -59.97 27.81 44.63
C2A CLA SN . -60.39 28.07 43.21
C3A CLA SN . -61.34 26.88 42.92
C4A CLA SN . -61.30 26.10 44.19
CMA CLA SN . -62.68 27.16 42.27
CAA CLA SN . -59.22 27.95 42.24
CBA CLA SN . -58.21 26.90 42.70
CGA CLA SN . -57.08 26.73 41.72
O1A CLA SN . -56.68 27.69 41.08
O2A CLA SN . -56.55 25.54 41.62
NB CLA SN . -61.44 24.32 46.67
C1B CLA SN . -62.10 24.08 45.51
C2B CLA SN . -62.86 22.87 45.60
C3B CLA SN . -62.65 22.40 46.88
C4B CLA SN . -61.74 23.34 47.53
CMB CLA SN . -63.72 22.26 44.52
CAB CLA SN . -63.17 21.18 47.53
CBB CLA SN . -63.02 19.81 46.91
NC CLA SN . -59.82 25.15 49.08
C1C CLA SN . -60.39 24.07 49.59
C2C CLA SN . -60.04 23.83 51.00
C3C CLA SN . -59.19 24.86 51.31
C4C CLA SN . -59.07 25.68 50.11
CMC CLA SN . -60.50 22.70 51.88
CAC CLA SN . -58.54 25.11 52.65
CBC CLA SN . -57.15 24.50 52.64
ND CLA SN . -59.02 27.35 47.70
C1D CLA SN . -58.33 27.69 48.83
C2D CLA SN . -57.59 28.94 48.67
C3D CLA SN . -57.88 29.31 47.36
C4D CLA SN . -58.73 28.36 46.80
CMD CLA SN . -56.69 29.74 49.57
CAD CLA SN . -57.62 30.34 46.38
OBD CLA SN . -56.72 31.16 46.46
CBD CLA SN . -58.32 29.95 45.12
CGD CLA SN . -59.31 31.01 44.70
O1D CLA SN . -60.28 31.26 45.40
O2D CLA SN . -59.16 31.67 43.56
CED CLA SN . -59.65 33.00 43.55
C1 CLA SN . -55.86 24.97 42.77
C2 CLA SN . -54.40 25.29 43.04
C3 CLA SN . -53.63 24.46 43.74
C4 CLA SN . -54.16 23.16 44.30
C5 CLA SN . -52.18 24.76 44.02
C6 CLA SN . -52.03 25.36 45.41
C7 CLA SN . -50.96 24.62 46.21
C8 CLA SN . -49.95 25.59 46.82
C9 CLA SN . -49.46 26.62 45.82
C10 CLA SN . -48.79 24.78 47.38
C11 CLA SN . -48.72 24.90 48.90
C12 CLA SN . -49.03 23.56 49.57
C13 CLA SN . -47.77 22.92 50.13
C14 CLA SN . -48.09 21.58 50.78
C15 CLA SN . -47.11 23.85 51.13
C16 CLA SN . -45.59 23.88 50.93
C17 CLA SN . -44.89 24.35 52.21
C18 CLA SN . -43.39 24.12 52.13
C19 CLA SN . -42.62 25.37 52.51
C20 CLA SN . -42.98 22.93 52.99
MG CLA TN . -51.02 28.51 48.47
CHA CLA TN . -52.62 29.59 45.60
CHB CLA TN . -48.43 30.69 47.92
CHC CLA TN . -49.65 27.47 51.30
CHD CLA TN . -53.71 26.27 49.04
NA CLA TN . -50.55 30.01 46.93
C1A CLA TN . -51.31 30.31 45.86
C2A CLA TN . -50.65 31.34 44.99
C3A CLA TN . -49.34 31.65 45.74
C4A CLA TN . -49.43 30.76 46.94
CMA CLA TN . -48.03 31.69 44.98
CAA CLA TN . -51.47 32.61 44.83
CBA CLA TN . -50.96 33.51 43.70
CGA CLA TN . -51.02 32.83 42.35
O1A CLA TN . -51.90 32.03 42.10
O2A CLA TN . -50.12 33.15 41.43
NB CLA TN . -49.31 29.02 49.46
C1B CLA TN . -48.36 29.91 49.08
C2B CLA TN . -47.28 29.92 50.03
C3B CLA TN . -47.63 29.00 50.98
C4B CLA TN . -48.93 28.44 50.60
CMB CLA TN . -46.03 30.76 49.97
CAB CLA TN . -46.89 28.60 52.19
CBB CLA TN . -45.56 27.90 52.05
NC CLA TN . -51.64 27.17 49.98
C1C CLA TN . -50.87 26.82 51.01
C2C CLA TN . -51.44 25.69 51.79
C3C CLA TN . -52.60 25.40 51.15
C4C CLA TN . -52.72 26.32 50.03
CMC CLA TN . -50.84 25.04 53.00
CAC CLA TN . -53.59 24.31 51.52
CBC CLA TN . -53.24 23.04 50.79
ND CLA TN . -52.75 28.01 47.64
C1D CLA TN . -53.73 27.11 47.90
C2D CLA TN . -54.75 27.10 46.87
C3D CLA TN . -54.31 28.07 45.97
C4D CLA TN . -53.12 28.62 46.45
CMD CLA TN . -56.00 26.30 46.64
CAD CLA TN . -54.66 28.73 44.74
OBD CLA TN . -55.52 28.37 43.97
CBD CLA TN . -53.58 29.72 44.43
CGD CLA TN . -52.92 29.24 43.16
O1D CLA TN . -53.40 29.54 42.07
O2D CLA TN . -51.83 28.49 43.19
CED CLA TN . -50.80 28.83 42.27
C1 CLA TN . -49.13 32.16 41.00
C2 CLA TN . -47.69 32.24 41.46
C3 CLA TN . -46.80 31.31 41.11
C4 CLA TN . -47.18 30.13 40.26
C5 CLA TN . -45.36 31.37 41.55
C6 CLA TN . -44.96 30.04 42.17
C7 CLA TN . -43.56 30.12 42.79
C8 CLA TN . -43.56 30.95 44.07
C9 CLA TN . -42.16 31.05 44.65
C10 CLA TN . -44.54 30.33 45.06
C11 CLA TN . -44.02 29.02 45.64
C12 CLA TN . -44.30 28.95 47.14
C13 CLA TN . -44.42 27.52 47.62
C14 CLA TN . -45.88 27.11 47.78
C15 CLA TN . -43.67 27.35 48.93
C16 CLA TN . -42.17 27.56 48.72
C17 CLA TN . -41.61 28.59 49.69
C18 CLA TN . -40.40 28.03 50.43
C19 CLA TN . -39.25 27.79 49.46
C20 CLA TN . -39.97 28.96 51.56
MG CLA UN . -55.35 21.18 64.39
CHA CLA UN . -54.18 18.49 66.21
CHB CLA UN . -54.19 19.77 61.46
CHC CLA UN . -56.60 23.77 62.75
CHD CLA UN . -56.54 22.61 67.40
NA CLA UN . -54.30 19.31 63.86
C1A CLA UN . -53.91 18.37 64.72
C2A CLA UN . -53.23 17.22 64.03
C3A CLA UN . -53.24 17.66 62.56
C4A CLA UN . -53.94 18.99 62.60
CMA CLA UN . -51.99 17.46 61.70
CAA CLA UN . -54.09 15.97 64.15
CBA CLA UN . -55.52 16.17 63.64
CGA CLA UN . -56.52 16.22 64.77
O1A CLA UN . -57.01 15.18 65.16
O2A CLA UN . -56.83 17.37 65.34
NB CLA UN . -55.40 21.68 62.42
C1B CLA UN . -54.85 21.01 61.36
C2B CLA UN . -55.09 21.74 60.13
C3B CLA UN . -55.77 22.87 60.52
C4B CLA UN . -55.95 22.82 61.96
CMB CLA UN . -54.65 21.30 58.76
CAB CLA UN . -56.28 23.99 59.69
CBB CLA UN . -55.47 24.66 58.59
NC CLA UN . -56.45 22.88 64.98
C1C CLA UN . -56.84 23.83 64.15
C2C CLA UN . -57.55 24.93 64.84
C3C CLA UN . -57.55 24.57 66.15
C4C CLA UN . -56.85 23.30 66.23
CMC CLA UN . -58.16 26.17 64.22
CAC CLA UN . -58.16 25.33 67.29
CBC CLA UN . -59.53 24.77 67.61
ND CLA UN . -55.43 20.75 66.32
C1D CLA UN . -55.88 21.36 67.45
C2D CLA UN . -55.58 20.59 68.65
C3D CLA UN . -54.92 19.47 68.15
C4D CLA UN . -54.83 19.57 66.77
CMD CLA UN . -55.86 20.79 70.12
CAD CLA UN . -54.30 18.24 68.58
OBD CLA UN . -54.13 17.87 69.72
CBD CLA UN . -53.83 17.53 67.34
CGD CLA UN . -52.34 17.31 67.41
O1D CLA UN . -51.60 18.20 67.76
O2D CLA UN . -51.84 16.13 67.09
CED CLA UN . -51.19 15.41 68.14
C1 CLA UN . -58.18 17.93 65.31
C2 CLA UN . -58.49 19.20 64.55
C3 CLA UN . -59.14 20.22 65.15
C4 CLA UN . -59.55 20.15 66.60
C5 CLA UN . -59.46 21.50 64.43
C6 CLA UN . -60.91 21.48 63.98
C7 CLA UN . -61.04 22.02 62.56
C8 CLA UN . -60.19 21.21 61.59
C9 CLA UN . -59.74 22.05 60.40
C10 CLA UN . -60.95 19.96 61.16
C11 CLA UN . -61.99 20.24 60.07
C12 CLA UN . -61.75 19.37 58.83
C13 CLA UN . -61.59 17.91 59.19
C14 CLA UN . -60.52 17.24 58.34
C15 CLA UN . -62.94 17.20 59.03
C16 CLA UN . -62.86 15.76 59.51
C17 CLA UN . -63.31 15.65 60.96
C18 CLA UN . -64.63 14.88 61.05
C19 CLA UN . -64.55 13.81 62.14
C20 CLA UN . -65.80 15.84 61.29
MG CLA VN . -56.20 13.15 59.45
CHA CLA VN . -58.93 13.89 61.44
CHB CLA VN . -57.03 9.79 59.49
CHC CLA VN . -53.64 12.58 57.46
CHD CLA VN . -55.38 16.58 59.42
NA CLA VN . -57.82 11.94 60.36
C1A CLA VN . -58.81 12.41 61.12
C2A CLA VN . -59.72 11.31 61.61
C3A CLA VN . -59.09 10.05 60.99
C4A CLA VN . -57.91 10.59 60.23
CMA CLA VN . -58.90 8.81 61.85
CAA CLA VN . -61.13 11.44 61.04
CBA CLA VN . -61.14 11.86 59.57
CGA CLA VN . -62.50 11.58 58.99
O1A CLA VN . -62.88 10.43 58.90
O2A CLA VN . -63.25 12.60 58.61
NB CLA VN . -55.45 11.46 58.60
C1B CLA VN . -55.90 10.17 58.74
C2B CLA VN . -55.05 9.27 58.00
C3B CLA VN . -54.09 10.07 57.43
C4B CLA VN . -54.36 11.45 57.82
CMB CLA VN . -55.19 7.78 57.88
CAB CLA VN . -52.97 9.63 56.57
CBB CLA VN . -52.88 10.07 55.12
NC CLA VN . -54.78 14.39 58.53
C1C CLA VN . -53.78 13.93 57.78
C2C CLA VN . -52.86 15.01 57.35
C3C CLA VN . -53.39 16.15 57.89
C4C CLA VN . -54.59 15.75 58.63
CMC CLA VN . -51.63 14.87 56.49
CAC CLA VN . -52.84 17.55 57.76
CBC CLA VN . -53.61 18.29 56.68
ND CLA VN . -56.88 14.85 60.19
C1D CLA VN . -56.52 16.16 60.13
C2D CLA VN . -57.43 17.02 60.87
C3D CLA VN . -58.37 16.11 61.38
C4D CLA VN . -58.02 14.83 60.97
CMD CLA VN . -57.52 18.50 61.14
CAD CLA VN . -59.56 16.05 62.19
OBD CLA VN . -60.26 17.00 62.52
CBD CLA VN . -59.96 14.60 62.30
CGD CLA VN . -59.88 14.14 63.72
O1D CLA VN . -58.98 13.40 64.09
O2D CLA VN . -60.79 14.54 64.61
CED CLA VN . -60.29 14.92 65.89
C1 CLA VN . -63.84 12.61 57.28
C2 CLA VN . -63.08 12.04 56.10
C3 CLA VN . -63.10 12.65 54.90
C4 CLA VN . -63.86 13.92 54.67
C5 CLA VN . -62.35 12.09 53.71
C6 CLA VN . -61.40 13.14 53.17
C7 CLA VN . -59.97 12.88 53.63
C8 CLA VN . -58.96 13.22 52.55
C9 CLA VN . -59.14 14.66 52.06
C10 CLA VN . -59.08 12.24 51.40
C11 CLA VN . -57.70 11.88 50.84
C12 CLA VN . -57.67 12.05 49.32
C13 CLA VN . -56.45 12.84 48.87
C14 CLA VN . -56.37 14.19 49.57
C15 CLA VN . -56.47 12.99 47.35
C16 CLA VN . -55.34 13.89 46.87
C17 CLA VN . -54.55 13.24 45.74
C18 CLA VN . -53.07 13.58 45.83
C19 CLA VN . -52.30 12.99 44.64
C20 CLA VN . -52.84 15.08 45.90
C1 LUT WN . -50.01 21.40 59.60
C2 LUT WN . -49.52 20.71 60.87
C3 LUT WN . -50.46 20.80 62.05
C4 LUT WN . -50.75 22.27 62.32
C5 LUT WN . -51.38 22.89 61.09
C6 LUT WN . -50.93 22.58 59.86
C7 LUT WN . -51.37 23.39 58.69
C8 LUT WN . -50.83 24.58 58.40
C9 LUT WN . -51.26 25.36 57.23
C10 LUT WN . -50.62 26.51 57.00
C11 LUT WN . -50.92 27.39 55.89
C12 LUT WN . -50.01 28.33 55.70
C13 LUT WN . -50.09 29.34 54.62
C14 LUT WN . -49.00 30.08 54.42
C15 LUT WN . -48.92 31.08 53.37
C16 LUT WN . -50.77 20.40 58.74
C17 LUT WN . -48.76 21.84 58.86
C18 LUT WN . -52.52 23.83 61.31
C19 LUT WN . -52.39 24.88 56.35
C20 LUT WN . -51.33 29.52 53.80
O3 LUT WN . -49.80 20.26 63.19
C21 LUT WN . -44.48 39.50 45.41
C22 LUT WN . -44.62 40.37 44.16
C23 LUT WN . -44.69 41.85 44.48
C24 LUT WN . -45.95 42.06 45.29
C25 LUT WN . -45.89 41.26 46.55
C26 LUT WN . -45.27 40.04 46.59
C27 LUT WN . -45.02 39.46 47.94
C28 LUT WN . -45.75 38.43 48.36
C29 LUT WN . -45.55 37.78 49.67
C30 LUT WN . -46.03 36.54 49.79
C31 LUT WN . -45.94 35.73 50.99
C32 LUT WN . -46.91 34.83 51.15
C33 LUT WN . -46.94 33.91 52.30
C34 LUT WN . -47.77 32.87 52.25
C35 LUT WN . -47.86 31.88 53.32
C36 LUT WN . -43.01 39.48 45.82
C37 LUT WN . -44.91 38.10 45.03
C38 LUT WN . -46.51 41.84 47.78
C39 LUT WN . -44.86 38.48 50.80
C40 LUT WN . -46.05 34.13 53.48
O23 LUT WN . -44.76 42.61 43.27
C1 LUT XN . -43.41 34.25 66.50
C2 LUT XN . -42.47 33.13 66.95
C3 LUT XN . -41.50 32.71 65.86
C4 LUT XN . -42.30 32.24 64.67
C5 LUT XN . -43.19 33.36 64.20
C6 LUT XN . -43.84 34.14 65.07
C7 LUT XN . -45.00 34.98 64.65
C8 LUT XN . -46.21 34.50 64.35
C9 LUT XN . -47.29 35.41 63.97
C10 LUT XN . -48.52 34.92 63.75
C11 LUT XN . -49.65 35.78 63.40
C12 LUT XN . -50.85 35.22 63.55
C13 LUT XN . -52.11 35.94 63.28
C14 LUT XN . -53.26 35.26 63.40
C15 LUT XN . -54.56 35.87 63.21
C16 LUT XN . -42.70 35.59 66.66
C17 LUT XN . -44.61 34.21 67.44
C18 LUT XN . -43.28 33.57 62.72
C19 LUT XN . -47.03 36.88 63.85
C20 LUT XN . -52.11 37.39 62.92
O3 LUT XN . -40.72 31.61 66.35
C21 LUT XN . -67.39 35.86 63.85
C22 LUT XN . -68.81 36.35 63.64
C23 LUT XN . -69.30 36.15 62.22
C24 LUT XN . -68.42 37.01 61.33
C25 LUT XN . -66.99 36.57 61.48
C26 LUT XN . -66.51 36.02 62.62
C27 LUT XN . -65.26 35.20 62.54
C28 LUT XN . -64.13 35.61 63.11
C29 LUT XN . -62.89 34.83 63.08
C30 LUT XN . -61.80 35.36 63.64
C31 LUT XN . -60.49 34.70 63.70
C32 LUT XN . -59.40 35.43 63.47
C33 LUT XN . -58.04 34.87 63.54
C34 LUT XN . -56.99 35.69 63.49
C35 LUT XN . -55.63 35.17 63.59
C36 LUT XN . -67.43 34.37 64.17
C37 LUT XN . -66.82 36.62 65.04
C38 LUT XN . -66.09 36.72 60.30
C39 LUT XN . -62.86 33.47 62.45
C40 LUT XN . -57.85 33.39 63.67
O23 LUT XN . -70.66 36.57 62.09
C1 XAT YN . -45.14 38.12 79.67
C2 XAT YN . -45.70 36.72 79.84
C3 XAT YN . -46.25 36.15 78.53
C4 XAT YN . -45.08 35.93 77.58
C5 XAT YN . -44.39 37.25 77.28
C6 XAT YN . -44.41 38.33 78.31
C7 XAT YN . -43.48 39.51 78.15
C8 XAT YN . -43.88 40.59 77.49
C9 XAT YN . -42.98 41.74 77.33
C10 XAT YN . -43.41 42.84 76.68
C11 XAT YN . -42.63 44.05 76.45
C12 XAT YN . -43.19 45.08 75.79
C13 XAT YN . -42.64 46.41 75.58
C14 XAT YN . -43.19 47.21 74.64
C15 XAT YN . -42.69 48.54 74.44
C16 XAT YN . -44.17 38.40 80.81
C17 XAT YN . -46.30 39.12 79.76
C18 XAT YN . -43.32 37.29 76.19
C19 XAT YN . -41.61 41.69 77.88
C20 XAT YN . -41.47 46.88 76.38
O3 XAT YN . -46.91 34.91 78.78
O4 XAT YN . -45.36 38.33 77.20
C21 XAT YN . -44.45 61.14 73.80
C22 XAT YN . -44.58 62.66 73.72
C23 XAT YN . -43.41 63.23 72.93
C24 XAT YN . -43.47 62.75 71.48
C25 XAT YN . -43.47 61.23 71.37
C26 XAT YN . -44.02 60.42 72.51
C27 XAT YN . -44.50 59.01 72.20
C28 XAT YN . -43.76 57.95 72.48
C29 XAT YN . -44.11 56.56 72.16
C30 XAT YN . -43.27 55.54 72.44
C31 XAT YN . -43.67 54.18 72.11
C32 XAT YN . -43.16 53.13 72.77
C33 XAT YN . -43.51 51.70 72.65
C34 XAT YN . -42.96 50.79 73.47
C35 XAT YN . -43.27 49.37 73.56
C36 XAT YN . -44.96 60.34 74.99
C37 XAT YN . -45.92 61.07 73.38
C38 XAT YN . -43.45 60.58 69.99
C39 XAT YN . -45.43 56.28 71.52
C40 XAT YN . -44.49 51.25 71.59
O23 XAT YN . -43.45 64.66 72.96
O24 XAT YN . -42.62 60.57 72.30
C1 NEX ZN . -36.32 60.78 55.43
C2 NEX ZN . -35.93 62.18 54.94
C3 NEX ZN . -36.30 62.57 53.50
C4 NEX ZN . -36.60 61.41 52.56
C5 NEX ZN . -35.92 60.10 52.94
C6 NEX ZN . -36.38 59.76 54.32
C7 NEX ZN . -36.87 58.63 54.58
C8 NEX ZN . -37.48 57.39 54.82
C9 NEX ZN . -37.39 56.48 55.98
C10 NEX ZN . -37.69 55.27 55.86
C11 NEX ZN . -37.79 54.23 56.89
C12 NEX ZN . -37.94 53.09 56.64
C13 NEX ZN . -38.24 51.94 57.52
C14 NEX ZN . -38.13 50.77 57.09
C15 NEX ZN . -38.67 49.56 57.70
C16 NEX ZN . -37.68 60.83 56.12
C17 NEX ZN . -35.28 60.31 56.44
C18 NEX ZN . -36.33 59.00 51.96
C19 NEX ZN . -36.95 56.99 57.32
C20 NEX ZN . -38.70 52.19 58.91
O3 NEX ZN . -37.44 63.43 53.54
O4 NEX ZN . -34.49 60.22 52.89
C21 NEX ZN . -38.60 38.06 57.71
C22 NEX ZN . -38.01 36.67 57.80
C23 NEX ZN . -36.72 36.64 58.60
C24 NEX ZN . -37.04 36.91 60.06
C25 NEX ZN . -37.79 38.22 60.23
C26 NEX ZN . -38.59 38.78 59.05
C27 NEX ZN . -39.72 39.74 59.40
C28 NEX ZN . -39.59 41.05 59.23
C29 NEX ZN . -40.60 41.87 59.55
C30 NEX ZN . -40.50 43.11 59.40
C31 NEX ZN . -39.63 43.90 58.52
C32 NEX ZN . -39.52 45.07 58.64
C33 NEX ZN . -39.02 46.08 57.68
C34 NEX ZN . -39.01 47.29 58.02
C35 NEX ZN . -38.60 48.47 57.25
C36 NEX ZN . -40.02 37.98 57.18
C37 NEX ZN . -37.77 38.88 56.73
C38 NEX ZN . -38.17 38.68 61.64
C39 NEX ZN . -41.88 41.32 60.09
C40 NEX ZN . -38.56 45.68 56.32
O23 NEX ZN . -36.12 35.34 58.49
O24 NEX ZN . -37.30 39.28 59.41
O1 LHG AO . -67.12 25.39 43.35
C1 LHG AO . -67.20 25.24 44.77
C2 LHG AO . -65.79 25.23 45.35
O2 LHG AO . -65.72 24.19 46.35
C3 LHG AO . -65.51 26.56 46.03
O3 LHG AO . -64.99 26.30 47.33
P LHG AO . -64.03 27.37 48.05
O4 LHG AO . -62.83 27.60 47.18
O5 LHG AO . -64.88 28.54 48.49
O6 LHG AO . -63.55 26.58 49.37
C4 LHG AO . -63.88 27.08 50.65
C5 LHG AO . -62.73 26.82 51.61
C6 LHG AO . -61.61 27.77 51.21
O7 LHG AO . -63.11 27.11 52.96
C7 LHG AO . -63.28 26.00 53.69
O9 LHG AO . -62.43 25.12 53.67
C8 LHG AO . -64.52 25.85 54.54
C9 LHG AO . -64.54 24.51 55.24
C10 LHG AO . -65.15 24.63 56.63
O8 LHG AO . -60.76 28.02 52.33
C23 LHG AO . -60.55 29.27 52.72
O10 LHG AO . -60.99 30.20 52.06
C24 LHG AO . -59.80 29.53 54.00
C11 LHG AO . -64.10 24.45 57.72
C12 LHG AO . -64.68 23.69 58.91
C13 LHG AO . -63.81 23.82 60.15
C14 LHG AO . -64.64 24.35 61.31
C15 LHG AO . -63.80 24.51 62.57
C16 LHG AO . -64.48 23.85 63.76
C17 LHG AO . -64.02 24.49 65.07
C18 LHG AO . -65.04 24.24 66.17
C19 LHG AO . -64.62 23.11 67.10
C20 LHG AO . -63.37 23.48 67.88
C21 LHG AO . -63.25 22.63 69.14
C22 LHG AO . -61.85 22.70 69.71
C25 LHG AO . -60.80 30.02 55.05
C26 LHG AO . -61.49 28.84 55.73
C27 LHG AO . -60.56 28.16 56.71
C28 LHG AO . -61.06 26.76 57.04
C29 LHG AO . -59.97 25.71 56.83
C30 LHG AO . -60.35 24.43 57.56
C31 LHG AO . -59.84 23.20 56.82
C32 LHG AO . -60.66 22.99 55.54
C33 LHG AO . -61.08 21.54 55.38
C34 LHG AO . -62.54 21.38 55.80
C35 LHG AO . -63.33 20.49 54.84
C36 LHG AO . -62.54 19.27 54.38
C37 LHG AO . -62.64 18.15 55.42
C38 LHG AO . -64.03 17.57 55.47
C1 SPH BO . -69.35 23.74 41.41
O1 SPH BO . -68.70 24.99 41.41
C2 SPH BO . -68.31 22.63 41.39
N2 SPH BO . -67.14 23.05 42.14
C3 SPH BO . -68.90 21.37 42.01
O3 SPH BO . -69.35 20.52 41.00
C4 SPH BO . -67.83 20.66 42.83
C5 SPH BO . -68.07 20.37 44.10
C6 SPH BO . -66.99 19.65 44.92
C7 SPH BO . -67.66 18.67 45.88
C8 SPH BO . -66.62 17.66 46.35
C9 SPH BO . -67.27 16.29 46.48
C10 SPH BO . -67.18 15.83 47.94
C11 SPH BO . -66.96 14.31 47.96
C12 SPH BO . -66.36 13.90 49.31
C13 SPH BO . -65.28 12.85 49.09
C14 SPH BO . -64.33 12.85 50.28
C15 SPH BO . -62.97 12.30 49.86
C16 SPH BO . -62.39 13.14 48.73
C17 SPH BO . -61.21 12.39 48.11
C18 SPH BO . -60.63 13.21 46.96
C1 GOL CO . -57.44 6.72 72.46
O1 GOL CO . -57.79 5.90 73.55
C2 GOL CO . -58.05 8.10 72.64
O2 GOL CO . -57.59 8.65 73.85
C3 GOL CO . -57.64 9.01 71.49
O3 GOL CO . -58.41 8.68 70.36
#